data_3J9K
#
_entry.id   3J9K
#
_cell.length_a   1.000
_cell.length_b   1.000
_cell.length_c   1.000
_cell.angle_alpha   90.00
_cell.angle_beta   90.00
_cell.angle_gamma   90.00
#
_symmetry.space_group_name_H-M   'P 1'
#
loop_
_entity.id
_entity.type
_entity.pdbx_description
1 polymer 'Apaf-1 related killer DARK'
2 polymer 'Caspase Nc'
3 non-polymer "ADENOSINE-5'-DIPHOSPHATE"
#
loop_
_entity_poly.entity_id
_entity_poly.type
_entity_poly.pdbx_seq_one_letter_code
_entity_poly.pdbx_strand_id
1 'polypeptide(L)'
;MDFETGEHQYQYKDILSVFEDAFVDNFDCKDVQDMPKSILSKEEIDHIIMSKDAVSGTLRLFWTLLSKQEEMVQKFVEEV
LRINYKFLMSPIKTEQRQPSMMTRMYIEQRDRLYNDNQVFAKYNVSRLQPYLKLRQALLELRPAKNVLIDGVLGSGKTWV
ALDVCLSYKVQCKMDFKIFWLNLKNCNSPETVLEMLQKLLYQIDPNWTSRSDHSSNIKLRIHSIQAELRRLLKSKPYENC
LLVLLNVQNAKAWNAFNLSCKILLTTRFKQVTDFLSAATTTHISLDHHSMTLTPDEVKSLLLKYLDCRPQDLPREVLTTN
PRRLSIIAESIRDGLATWDNWKHVNCDKLTTIIESSLNVLEPAEYRKMFDRLSVFPPSAHIPTILLSLIWFDVIKSDVMV
VVNKLHKYSLVEKQPKESTISIPSIYLELKVKLENEYALHRSIVDHYNIPKTFDSDDLIPPYLDQYFYSHIGHHLKNIEH
PERMTLFRMVFLDFRFLEQKIRHDSTAWNASGSILNTLQQLKFYKPYICDNDPKYERLVNAILDFLPKIEENLICSKYTD
LLRIALMAEDEAIFEEAHKQVQR(UNK)(UNK)(UNK)(UNK)(UNK)(UNK)(UNK)(UNK)(UNK)(UNK)(UNK)
(UNK)(UNK)(UNK)(UNK)(UNK)(UNK)(UNK)(UNK)(UNK)(UNK)(UNK)(UNK)(UNK)(UNK)(UNK)(UNK)
(UNK)(UNK)(UNK)(UNK)(UNK)(UNK)(UNK)(UNK)(UNK)(UNK)(UNK)(UNK)(UNK)(UNK)(UNK)(UNK)
(UNK)(UNK)(UNK)(UNK)(UNK)(UNK)(UNK)(UNK)(UNK)(UNK)(UNK)(UNK)(UNK)(UNK)(UNK)(UNK)
(UNK)(UNK)(UNK)(UNK)(UNK)(UNK)(UNK)(UNK)(UNK)(UNK)(UNK)(UNK)(UNK)(UNK)(UNK)(UNK)
(UNK)(UNK)(UNK)(UNK)(UNK)(UNK)(UNK)(UNK)(UNK)(UNK)(UNK)(UNK)(UNK)(UNK)(UNK)(UNK)
(UNK)(UNK)(UNK)(UNK)(UNK)(UNK)(UNK)(UNK)(UNK)(UNK)(UNK)(UNK)(UNK)(UNK)(UNK)(UNK)
(UNK)(UNK)(UNK)(UNK)(UNK)(UNK)(UNK)(UNK)(UNK)(UNK)(UNK)(UNK)(UNK)(UNK)(UNK)(UNK)
(UNK)(UNK)(UNK)(UNK)(UNK)(UNK)(UNK)(UNK)(UNK)(UNK)(UNK)(UNK)(UNK)(UNK)(UNK)(UNK)
(UNK)(UNK)(UNK)(UNK)(UNK)(UNK)(UNK)(UNK)(UNK)(UNK)(UNK)(UNK)(UNK)(UNK)(UNK)(UNK)
(UNK)(UNK)(UNK)(UNK)(UNK)(UNK)(UNK)(UNK)(UNK)(UNK)(UNK)(UNK)(UNK)(UNK)(UNK)(UNK)
(UNK)(UNK)(UNK)(UNK)(UNK)(UNK)(UNK)(UNK)(UNK)(UNK)(UNK)(UNK)(UNK)(UNK)(UNK)(UNK)
(UNK)(UNK)(UNK)(UNK)(UNK)(UNK)(UNK)(UNK)(UNK)(UNK)(UNK)(UNK)(UNK)(UNK)(UNK)(UNK)
(UNK)(UNK)(UNK)(UNK)(UNK)(UNK)(UNK)(UNK)(UNK)(UNK)(UNK)(UNK)(UNK)(UNK)(UNK)(UNK)
(UNK)(UNK)(UNK)(UNK)(UNK)(UNK)(UNK)(UNK)(UNK)(UNK)(UNK)(UNK)(UNK)(UNK)(UNK)(UNK)
(UNK)(UNK)(UNK)(UNK)(UNK)(UNK)(UNK)(UNK)(UNK)(UNK)(UNK)(UNK)(UNK)(UNK)(UNK)(UNK)
(UNK)(UNK)(UNK)(UNK)(UNK)(UNK)(UNK)(UNK)(UNK)(UNK)(UNK)(UNK)(UNK)(UNK)(UNK)(UNK)
(UNK)(UNK)(UNK)(UNK)(UNK)(UNK)(UNK)(UNK)(UNK)(UNK)(UNK)(UNK)(UNK)(UNK)(UNK)(UNK)
(UNK)(UNK)(UNK)(UNK)(UNK)(UNK)(UNK)(UNK)(UNK)(UNK)(UNK)(UNK)(UNK)(UNK)(UNK)(UNK)
(UNK)(UNK)(UNK)(UNK)(UNK)(UNK)(UNK)(UNK)(UNK)(UNK)(UNK)(UNK)(UNK)(UNK)(UNK)(UNK)
(UNK)(UNK)(UNK)(UNK)(UNK)(UNK)(UNK)(UNK)(UNK)(UNK)(UNK)(UNK)(UNK)(UNK)(UNK)(UNK)
(UNK)(UNK)(UNK)(UNK)(UNK)(UNK)(UNK)(UNK)(UNK)(UNK)(UNK)(UNK)(UNK)(UNK)(UNK)(UNK)
(UNK)(UNK)(UNK)(UNK)(UNK)(UNK)(UNK)(UNK)(UNK)(UNK)(UNK)(UNK)(UNK)(UNK)(UNK)(UNK)
(UNK)(UNK)(UNK)(UNK)(UNK)(UNK)(UNK)(UNK)(UNK)(UNK)(UNK)(UNK)(UNK)(UNK)(UNK)(UNK)
(UNK)(UNK)(UNK)(UNK)(UNK)(UNK)(UNK)(UNK)(UNK)(UNK)(UNK)(UNK)(UNK)(UNK)(UNK)(UNK)
(UNK)(UNK)(UNK)(UNK)(UNK)(UNK)(UNK)(UNK)(UNK)(UNK)(UNK)(UNK)(UNK)(UNK)(UNK)(UNK)
(UNK)(UNK)(UNK)(UNK)(UNK)(UNK)(UNK)(UNK)(UNK)(UNK)(UNK)(UNK)(UNK)(UNK)(UNK)(UNK)
(UNK)(UNK)(UNK)(UNK)(UNK)(UNK)(UNK)(UNK)(UNK)(UNK)(UNK)(UNK)(UNK)(UNK)(UNK)(UNK)
(UNK)(UNK)(UNK)(UNK)(UNK)(UNK)(UNK)(UNK)(UNK)(UNK)(UNK)(UNK)(UNK)(UNK)(UNK)(UNK)
(UNK)(UNK)(UNK)(UNK)(UNK)(UNK)(UNK)(UNK)(UNK)(UNK)(UNK)(UNK)(UNK)(UNK)(UNK)(UNK)
(UNK)(UNK)(UNK)(UNK)(UNK)(UNK)(UNK)(UNK)(UNK)(UNK)(UNK)(UNK)(UNK)(UNK)(UNK)(UNK)
(UNK)(UNK)(UNK)(UNK)(UNK)(UNK)(UNK)(UNK)(UNK)(UNK)(UNK)(UNK)(UNK)(UNK)(UNK)(UNK)
(UNK)(UNK)(UNK)(UNK)(UNK)(UNK)(UNK)(UNK)(UNK)(UNK)(UNK)(UNK)
;
A,C,E,G,I,K,M,O,Q,S,U,W,Y,a,c,e
2 'polypeptide(L)'
;MQPPELEIGMPKRHREHIRKNLNILVEWTNYERLAMECVQQGILTVQMLRNTQDLNGKPFNMDEKDVRVEQHRRLLLKIT
QRGPTAYNLLINALRNINCLDAAVLLESVDESDSRPPFISLNERRTSRKSADIVDTPSPEASEGPCVSKLRNEPLGALTP
YVGVVDGPEVKKSKKIHGGDSAILGTYKMQSRFNRGVLLMVNIMDYPDQNRRRIGAEKDSKSLIHLFQELNFTIFPYGNV
NQDQFFKLLTMVTSSSYVQNTECFVMVLMTHGNSVEGKEKVEFCDGSVVDMQKIKDHFQTAKCPYLVNKPKVLMFPFCRG
DEYDLGHPKNQGNLMEPVYTAQEEKWPDTQTEGIPSPSTNVPSLADTLVCYANTPGYVTHRDLDTGSWYIQKFCQVMADH
AHDTDLEDILKKTSEAVGNKRTKKGSMQTGAYDNLGFNKKLYFNPGFFNE
;
B,D,F,H,J,L,N,P,R,T,V,X,Z,b,d,f
#
loop_
_chem_comp.id
_chem_comp.type
_chem_comp.name
_chem_comp.formula
ADP non-polymer ADENOSINE-5'-DIPHOSPHATE 'C10 H15 N5 O10 P2'
#
# COMPACT_ATOMS: atom_id res chain seq x y z
N TYR A 10 49.66 -9.67 14.58
CA TYR A 10 49.99 -10.93 13.93
C TYR A 10 51.39 -10.89 13.32
N GLN A 11 52.25 -11.78 13.80
CA GLN A 11 53.62 -11.84 13.31
C GLN A 11 53.74 -12.81 12.14
N TYR A 12 54.98 -13.20 11.81
CA TYR A 12 55.23 -14.12 10.71
C TYR A 12 55.39 -15.54 11.23
N LYS A 13 55.52 -15.69 12.54
CA LYS A 13 55.69 -17.00 13.17
C LYS A 13 54.36 -17.72 13.28
N ASP A 14 53.26 -17.01 13.00
CA ASP A 14 51.94 -17.58 13.08
C ASP A 14 51.27 -17.63 11.71
N ILE A 15 51.53 -16.61 10.90
CA ILE A 15 50.96 -16.53 9.55
C ILE A 15 51.71 -17.50 8.62
N LEU A 16 52.67 -18.25 9.15
CA LEU A 16 53.43 -19.18 8.33
C LEU A 16 52.73 -20.53 8.20
N SER A 17 52.28 -21.08 9.32
CA SER A 17 51.66 -22.39 9.31
C SER A 17 50.33 -22.35 8.56
N VAL A 18 49.84 -21.14 8.29
CA VAL A 18 48.58 -20.93 7.59
C VAL A 18 48.60 -21.46 6.16
N PHE A 19 49.63 -21.12 5.39
CA PHE A 19 49.73 -21.62 4.03
C PHE A 19 50.76 -22.74 3.93
N GLU A 20 50.53 -23.80 4.70
CA GLU A 20 51.42 -24.94 4.68
C GLU A 20 51.03 -25.92 3.56
N ASP A 21 49.81 -25.83 3.07
CA ASP A 21 49.38 -26.72 1.97
C ASP A 21 50.14 -26.35 0.71
N ALA A 22 50.56 -25.10 0.62
CA ALA A 22 51.25 -24.62 -0.56
C ALA A 22 52.74 -24.92 -0.43
N PHE A 23 53.26 -24.76 0.77
CA PHE A 23 54.67 -24.94 1.04
C PHE A 23 55.14 -26.37 0.75
N VAL A 24 54.20 -27.26 0.42
CA VAL A 24 54.54 -28.64 0.08
C VAL A 24 54.39 -28.86 -1.43
N ASP A 25 53.72 -27.91 -2.07
CA ASP A 25 53.49 -27.94 -3.51
C ASP A 25 54.71 -27.42 -4.24
N ASN A 26 55.02 -26.16 -3.98
CA ASN A 26 56.01 -25.46 -4.79
C ASN A 26 57.26 -25.01 -4.04
N PHE A 27 57.62 -25.70 -2.97
CA PHE A 27 58.80 -25.33 -2.21
C PHE A 27 59.59 -26.53 -1.68
N ASP A 28 60.90 -26.51 -1.93
CA ASP A 28 61.82 -27.27 -1.12
C ASP A 28 63.14 -26.51 -1.02
N CYS A 29 63.74 -26.57 0.16
CA CYS A 29 64.95 -25.82 0.46
C CYS A 29 66.18 -26.24 -0.34
N LYS A 30 65.98 -27.11 -1.32
CA LYS A 30 67.06 -27.50 -2.22
C LYS A 30 67.58 -26.24 -2.92
N ASP A 31 66.71 -25.24 -3.03
CA ASP A 31 67.10 -23.96 -3.59
C ASP A 31 67.55 -23.01 -2.48
N VAL A 32 67.15 -23.31 -1.25
CA VAL A 32 67.52 -22.50 -0.10
C VAL A 32 68.84 -22.97 0.51
N GLN A 33 69.90 -22.91 -0.28
CA GLN A 33 71.22 -23.34 0.18
C GLN A 33 72.18 -22.16 0.25
N ASP A 34 71.65 -20.98 0.52
CA ASP A 34 72.47 -19.77 0.61
C ASP A 34 71.71 -18.66 1.33
N MET A 35 71.66 -18.73 2.65
CA MET A 35 70.96 -17.73 3.46
C MET A 35 71.81 -17.36 4.66
N PRO A 36 71.34 -16.42 5.52
CA PRO A 36 72.11 -16.25 6.74
C PRO A 36 72.11 -17.48 7.64
N LYS A 37 73.29 -17.92 8.07
CA LYS A 37 73.41 -19.03 9.02
C LYS A 37 72.68 -18.69 10.31
N SER A 38 72.43 -17.40 10.51
CA SER A 38 71.64 -16.93 11.63
C SER A 38 70.19 -17.40 11.56
N ILE A 39 69.77 -17.88 10.40
CA ILE A 39 68.37 -18.12 10.14
C ILE A 39 68.11 -19.60 10.25
N LEU A 40 68.95 -20.37 9.58
CA LEU A 40 68.87 -21.82 9.71
C LEU A 40 70.25 -22.41 9.94
N SER A 41 70.33 -23.48 10.73
CA SER A 41 71.63 -24.10 11.01
C SER A 41 72.18 -24.83 9.78
N LYS A 42 73.44 -24.57 9.43
CA LYS A 42 74.03 -25.22 8.29
C LYS A 42 73.75 -26.69 8.47
N GLU A 43 73.82 -27.15 9.71
CA GLU A 43 73.55 -28.54 10.03
C GLU A 43 72.05 -28.78 10.18
N GLU A 44 71.34 -27.76 10.65
CA GLU A 44 69.89 -27.85 10.82
C GLU A 44 69.19 -27.85 9.46
N ILE A 45 69.82 -27.21 8.50
CA ILE A 45 69.32 -27.11 7.14
C ILE A 45 69.50 -28.44 6.42
N ASP A 46 70.64 -29.08 6.63
CA ASP A 46 70.82 -30.36 5.96
C ASP A 46 69.78 -31.28 6.53
N HIS A 47 69.51 -31.06 7.82
CA HIS A 47 68.50 -31.77 8.57
C HIS A 47 67.16 -31.63 7.87
N ILE A 48 66.79 -30.40 7.55
CA ILE A 48 65.56 -30.09 6.86
C ILE A 48 65.64 -30.56 5.42
N ILE A 49 66.70 -30.18 4.72
CA ILE A 49 66.87 -30.66 3.37
C ILE A 49 67.00 -32.17 3.44
N MET A 50 67.12 -32.64 4.66
CA MET A 50 67.56 -33.97 4.93
C MET A 50 66.57 -34.86 4.22
N SER A 51 65.34 -34.37 4.25
CA SER A 51 64.37 -34.55 3.20
C SER A 51 63.99 -35.96 2.78
N LYS A 52 63.62 -36.77 3.76
CA LYS A 52 63.12 -38.07 3.43
C LYS A 52 61.85 -37.86 2.63
N ASP A 53 61.02 -36.89 3.02
CA ASP A 53 59.76 -36.64 2.32
C ASP A 53 59.40 -35.18 2.07
N ALA A 54 58.72 -34.94 0.97
CA ALA A 54 58.36 -33.59 0.63
C ALA A 54 57.49 -33.07 1.75
N VAL A 55 56.62 -33.90 2.29
CA VAL A 55 55.74 -33.40 3.35
C VAL A 55 56.54 -33.31 4.64
N SER A 56 57.30 -34.35 4.92
CA SER A 56 58.06 -34.37 6.16
C SER A 56 59.13 -33.28 6.15
N GLY A 57 59.81 -33.11 5.02
CA GLY A 57 60.89 -32.14 4.94
C GLY A 57 60.39 -30.73 5.16
N THR A 58 59.27 -30.43 4.53
CA THR A 58 58.68 -29.09 4.60
C THR A 58 58.20 -28.88 6.03
N LEU A 59 57.62 -29.92 6.61
CA LEU A 59 57.08 -29.81 7.95
C LEU A 59 58.29 -29.56 8.85
N ARG A 60 59.37 -30.25 8.51
CA ARG A 60 60.61 -30.19 9.25
C ARG A 60 61.15 -28.78 9.19
N LEU A 61 60.94 -28.08 8.08
CA LEU A 61 61.39 -26.73 8.05
C LEU A 61 60.51 -25.82 8.87
N PHE A 62 59.20 -25.97 8.81
CA PHE A 62 58.44 -25.02 9.62
C PHE A 62 58.69 -25.29 11.10
N TRP A 63 58.76 -26.56 11.47
CA TRP A 63 58.95 -26.87 12.88
C TRP A 63 60.25 -26.32 13.43
N THR A 64 61.36 -26.57 12.75
CA THR A 64 62.62 -26.08 13.29
C THR A 64 62.66 -24.56 13.29
N LEU A 65 62.17 -23.94 12.22
CA LEU A 65 62.24 -22.49 12.08
C LEU A 65 61.35 -21.75 13.07
N LEU A 66 60.19 -22.32 13.36
CA LEU A 66 59.21 -21.69 14.27
C LEU A 66 59.87 -21.41 15.64
N SER A 67 60.93 -22.17 15.87
CA SER A 67 61.72 -22.15 17.09
C SER A 67 62.58 -20.87 17.32
N LYS A 68 62.79 -20.11 16.23
CA LYS A 68 63.63 -18.90 16.24
C LYS A 68 62.85 -17.62 16.52
N GLN A 69 63.53 -16.48 16.60
CA GLN A 69 62.87 -15.22 16.95
C GLN A 69 62.16 -14.56 15.77
N GLU A 70 61.34 -13.55 16.02
CA GLU A 70 60.66 -12.87 14.94
C GLU A 70 61.51 -12.31 13.80
N GLU A 71 62.60 -11.66 14.15
CA GLU A 71 63.43 -11.15 13.10
C GLU A 71 63.97 -12.32 12.33
N MET A 72 64.29 -13.36 13.10
CA MET A 72 64.99 -14.53 12.57
C MET A 72 64.23 -15.07 11.38
N VAL A 73 62.93 -15.27 11.55
CA VAL A 73 62.12 -15.71 10.44
C VAL A 73 62.07 -14.71 9.29
N GLN A 74 61.80 -13.46 9.62
CA GLN A 74 61.46 -12.44 8.66
C GLN A 74 62.57 -12.25 7.69
N LYS A 75 63.78 -12.34 8.19
CA LYS A 75 64.87 -12.27 7.28
C LYS A 75 64.62 -13.41 6.32
N PHE A 76 64.16 -14.54 6.86
CA PHE A 76 63.81 -15.66 6.01
C PHE A 76 62.65 -15.35 5.07
N VAL A 77 61.60 -14.72 5.57
CA VAL A 77 60.45 -14.44 4.74
C VAL A 77 60.79 -13.39 3.73
N GLU A 78 61.81 -12.61 3.99
CA GLU A 78 62.12 -11.49 3.13
C GLU A 78 63.30 -11.78 2.27
N GLU A 79 64.48 -11.67 2.84
CA GLU A 79 65.67 -11.72 2.04
C GLU A 79 65.92 -13.04 1.34
N VAL A 80 65.72 -14.15 2.05
CA VAL A 80 66.01 -15.48 1.51
C VAL A 80 64.99 -16.01 0.51
N LEU A 81 63.71 -15.83 0.82
CA LEU A 81 62.64 -16.42 0.02
C LEU A 81 62.16 -15.50 -1.08
N ARG A 82 62.89 -14.41 -1.32
CA ARG A 82 62.50 -13.49 -2.37
C ARG A 82 63.37 -13.63 -3.61
N ILE A 83 64.44 -14.38 -3.48
CA ILE A 83 65.32 -14.52 -4.61
C ILE A 83 64.56 -15.28 -5.66
N ASN A 84 64.02 -16.43 -5.30
CA ASN A 84 63.39 -17.29 -6.29
C ASN A 84 61.90 -17.54 -6.10
N TYR A 85 61.51 -17.80 -4.86
CA TYR A 85 60.14 -18.15 -4.56
C TYR A 85 59.36 -16.90 -4.34
N LYS A 86 59.18 -16.15 -5.39
CA LYS A 86 58.51 -14.88 -5.27
C LYS A 86 57.12 -15.16 -4.79
N PHE A 87 56.44 -16.10 -5.43
CA PHE A 87 55.01 -16.18 -5.30
C PHE A 87 54.66 -16.43 -3.87
N LEU A 88 55.41 -17.26 -3.17
CA LEU A 88 55.04 -17.57 -1.82
C LEU A 88 55.05 -16.30 -1.05
N MET A 89 56.10 -15.54 -1.26
CA MET A 89 56.34 -14.40 -0.43
C MET A 89 55.15 -13.50 -0.61
N SER A 90 54.70 -13.40 -1.84
CA SER A 90 53.62 -12.50 -2.12
C SER A 90 52.43 -12.92 -1.33
N PRO A 91 52.18 -14.31 -1.23
CA PRO A 91 51.02 -14.62 -0.39
C PRO A 91 51.35 -14.20 1.00
N ILE A 92 52.56 -14.50 1.46
CA ILE A 92 52.82 -14.24 2.87
C ILE A 92 52.72 -12.75 3.22
N LYS A 93 53.35 -11.94 2.40
CA LYS A 93 53.41 -10.56 2.78
C LYS A 93 51.98 -10.21 3.08
N THR A 94 51.08 -10.81 2.34
CA THR A 94 49.73 -10.44 2.50
C THR A 94 49.38 -10.80 3.89
N GLU A 95 49.85 -11.94 4.39
CA GLU A 95 49.34 -12.39 5.67
C GLU A 95 49.66 -11.45 6.90
N GLN A 96 50.93 -11.22 7.22
CA GLN A 96 51.30 -10.32 8.33
C GLN A 96 50.59 -8.99 8.30
N ARG A 97 50.43 -8.45 7.10
CA ARG A 97 49.56 -7.32 6.96
C ARG A 97 48.15 -7.77 7.06
N GLN A 98 47.89 -9.04 6.78
CA GLN A 98 46.51 -9.49 6.79
C GLN A 98 46.06 -10.84 7.29
N PRO A 99 45.02 -10.78 8.07
CA PRO A 99 44.44 -12.03 8.51
C PRO A 99 43.02 -12.29 8.00
N SER A 100 42.82 -13.40 7.28
CA SER A 100 41.49 -13.74 6.77
C SER A 100 40.67 -14.24 7.95
N MET A 101 39.33 -14.19 7.84
CA MET A 101 38.56 -14.60 9.01
C MET A 101 39.08 -15.95 9.49
N MET A 102 39.29 -16.89 8.57
CA MET A 102 39.78 -18.21 8.94
C MET A 102 41.18 -18.18 9.57
N THR A 103 42.11 -17.51 8.92
CA THR A 103 43.45 -17.59 9.42
C THR A 103 43.47 -17.03 10.79
N ARG A 104 43.05 -15.79 10.90
CA ARG A 104 43.06 -15.25 12.21
C ARG A 104 42.15 -16.15 13.00
N MET A 105 41.12 -16.70 12.38
CA MET A 105 40.15 -17.45 13.12
C MET A 105 40.88 -18.58 13.79
N TYR A 106 41.77 -19.24 13.07
CA TYR A 106 42.55 -20.30 13.69
C TYR A 106 43.50 -19.70 14.69
N ILE A 107 44.13 -18.66 14.21
CA ILE A 107 45.39 -18.24 14.76
C ILE A 107 45.16 -17.94 16.19
N GLU A 108 43.97 -17.49 16.52
CA GLU A 108 43.61 -17.42 17.90
C GLU A 108 43.55 -18.77 18.57
N GLN A 109 43.00 -19.80 17.92
CA GLN A 109 42.84 -21.06 18.62
C GLN A 109 44.22 -21.56 18.98
N ARG A 110 45.14 -21.45 18.06
CA ARG A 110 46.44 -22.02 18.36
C ARG A 110 46.88 -21.43 19.69
N ASP A 111 46.69 -20.12 19.84
CA ASP A 111 47.14 -19.44 21.03
C ASP A 111 46.36 -20.04 22.18
N ARG A 112 45.09 -20.29 21.90
CA ARG A 112 44.22 -20.80 22.92
C ARG A 112 44.80 -22.16 23.33
N LEU A 113 45.23 -22.99 22.39
CA LEU A 113 45.74 -24.31 22.74
C LEU A 113 47.08 -24.24 23.51
N TYR A 114 47.97 -23.30 23.17
CA TYR A 114 49.21 -23.20 23.91
C TYR A 114 48.86 -22.87 25.35
N ASN A 115 47.95 -21.90 25.47
CA ASN A 115 47.53 -21.37 26.74
C ASN A 115 46.78 -22.23 27.69
N ASP A 116 45.78 -22.96 27.23
CA ASP A 116 45.14 -23.89 28.13
C ASP A 116 46.15 -24.96 28.49
N ASN A 117 46.88 -25.39 27.49
CA ASN A 117 47.81 -26.47 27.69
C ASN A 117 49.08 -25.78 27.45
N GLN A 118 50.02 -25.91 28.40
CA GLN A 118 51.19 -25.07 28.44
C GLN A 118 52.55 -25.71 28.27
N VAL A 119 52.89 -26.61 29.18
CA VAL A 119 54.24 -27.07 29.43
C VAL A 119 54.62 -27.66 28.13
N PHE A 120 53.57 -27.89 27.36
CA PHE A 120 53.73 -28.18 25.97
C PHE A 120 54.20 -26.92 25.31
N ALA A 121 53.69 -25.79 25.70
CA ALA A 121 54.01 -24.63 24.91
C ALA A 121 55.50 -24.52 24.84
N LYS A 122 56.11 -24.78 25.98
CA LYS A 122 57.47 -24.46 26.36
C LYS A 122 58.35 -25.70 26.37
N TYR A 123 57.75 -26.87 26.18
CA TYR A 123 58.52 -28.10 26.29
C TYR A 123 58.30 -29.11 25.16
N ASN A 124 57.52 -28.75 24.14
CA ASN A 124 57.24 -29.63 23.00
C ASN A 124 58.49 -30.10 22.24
N VAL A 125 58.39 -31.19 21.49
CA VAL A 125 59.48 -31.58 20.61
C VAL A 125 59.01 -31.96 19.20
N SER A 126 59.73 -31.47 18.20
CA SER A 126 59.51 -31.86 16.82
C SER A 126 59.48 -33.38 16.74
N ARG A 127 58.33 -33.93 16.38
CA ARG A 127 58.17 -35.37 16.30
C ARG A 127 57.47 -35.75 14.99
N LEU A 128 58.21 -36.29 14.02
CA LEU A 128 57.60 -36.56 12.70
C LEU A 128 56.61 -37.70 12.64
N GLN A 129 57.14 -38.88 12.95
CA GLN A 129 56.53 -40.17 12.69
C GLN A 129 55.10 -40.21 13.15
N PRO A 130 54.88 -40.02 14.45
CA PRO A 130 53.50 -40.11 14.91
C PRO A 130 52.66 -38.93 14.50
N TYR A 131 53.31 -37.78 14.35
CA TYR A 131 52.64 -36.55 13.99
C TYR A 131 51.97 -36.68 12.63
N LEU A 132 52.71 -37.23 11.67
CA LEU A 132 52.22 -37.42 10.32
C LEU A 132 51.24 -38.58 10.24
N LYS A 133 51.45 -39.62 11.05
CA LYS A 133 50.54 -40.77 10.99
C LYS A 133 49.18 -40.28 11.47
N LEU A 134 49.22 -39.56 12.59
CA LEU A 134 48.01 -39.07 13.23
C LEU A 134 47.28 -38.01 12.41
N ARG A 135 48.03 -37.16 11.72
CA ARG A 135 47.44 -36.08 10.94
C ARG A 135 46.83 -36.64 9.67
N GLN A 136 47.33 -37.80 9.25
CA GLN A 136 46.84 -38.47 8.08
C GLN A 136 45.53 -39.16 8.45
N ALA A 137 45.55 -39.86 9.58
CA ALA A 137 44.39 -40.63 10.03
C ALA A 137 43.22 -39.70 10.37
N LEU A 138 43.64 -38.62 10.99
CA LEU A 138 42.76 -37.61 11.51
C LEU A 138 41.91 -37.01 10.41
N LEU A 139 42.55 -36.64 9.31
CA LEU A 139 41.83 -35.96 8.23
C LEU A 139 40.73 -36.84 7.65
N GLU A 140 41.02 -38.10 7.35
CA GLU A 140 39.98 -38.88 6.69
C GLU A 140 38.83 -39.05 7.65
N LEU A 141 39.16 -39.11 8.94
CA LEU A 141 38.23 -39.47 10.02
C LEU A 141 36.86 -38.83 9.87
N ARG A 142 35.84 -39.67 9.72
CA ARG A 142 34.50 -39.20 9.33
C ARG A 142 33.74 -38.53 10.48
N PRO A 143 32.57 -37.96 10.20
CA PRO A 143 31.82 -37.32 11.29
C PRO A 143 31.37 -38.27 12.40
N ALA A 144 31.46 -39.59 12.19
CA ALA A 144 31.09 -40.49 13.26
C ALA A 144 32.12 -41.58 13.50
N LYS A 145 33.38 -41.35 13.11
CA LYS A 145 34.37 -42.39 13.37
C LYS A 145 35.29 -42.06 14.55
N ASN A 146 36.27 -42.88 14.84
CA ASN A 146 37.14 -42.48 15.92
C ASN A 146 38.50 -43.08 15.87
N VAL A 147 39.46 -42.18 15.80
CA VAL A 147 40.88 -42.42 15.62
C VAL A 147 41.58 -42.50 16.97
N LEU A 148 41.90 -43.71 17.41
CA LEU A 148 42.51 -43.92 18.72
C LEU A 148 44.03 -44.06 18.64
N ILE A 149 44.69 -43.73 19.74
CA ILE A 149 46.13 -43.85 19.84
C ILE A 149 46.53 -44.36 21.23
N ASP A 150 47.32 -45.43 21.26
CA ASP A 150 47.72 -46.05 22.52
C ASP A 150 49.15 -46.57 22.52
N GLY A 151 49.88 -46.22 23.57
CA GLY A 151 51.24 -46.68 23.82
C GLY A 151 51.51 -46.89 25.29
N VAL A 152 52.79 -47.09 25.61
CA VAL A 152 53.27 -47.31 26.97
C VAL A 152 53.00 -46.08 27.84
N LEU A 153 52.90 -46.22 29.16
CA LEU A 153 52.66 -45.03 29.97
C LEU A 153 53.79 -44.05 29.76
N GLY A 154 53.42 -42.81 29.47
CA GLY A 154 54.41 -41.77 29.32
C GLY A 154 54.98 -41.89 27.93
N SER A 155 54.13 -42.11 26.93
CA SER A 155 54.66 -42.23 25.58
C SER A 155 54.69 -40.98 24.73
N GLY A 156 53.93 -39.96 25.11
CA GLY A 156 53.89 -38.73 24.36
C GLY A 156 52.62 -38.81 23.54
N LYS A 157 51.68 -39.64 23.99
CA LYS A 157 50.42 -39.82 23.29
C LYS A 157 49.63 -38.52 23.18
N THR A 158 49.52 -37.80 24.30
CA THR A 158 48.77 -36.57 24.33
C THR A 158 49.56 -35.46 23.64
N TRP A 159 50.86 -35.39 23.85
CA TRP A 159 51.66 -34.36 23.18
C TRP A 159 51.56 -34.55 21.66
N VAL A 160 51.75 -35.77 21.15
CA VAL A 160 51.69 -35.96 19.69
C VAL A 160 50.33 -35.47 19.22
N ALA A 161 49.30 -35.83 20.00
CA ALA A 161 47.93 -35.49 19.63
C ALA A 161 47.78 -33.96 19.60
N LEU A 162 48.35 -33.31 20.61
CA LEU A 162 48.23 -31.89 20.71
C LEU A 162 48.91 -31.28 19.50
N ASP A 163 50.11 -31.75 19.19
CA ASP A 163 50.89 -31.15 18.12
C ASP A 163 50.13 -31.27 16.81
N VAL A 164 49.52 -32.42 16.59
CA VAL A 164 48.79 -32.63 15.35
C VAL A 164 47.61 -31.66 15.33
N CYS A 165 46.92 -31.58 16.45
CA CYS A 165 45.72 -30.82 16.51
C CYS A 165 46.01 -29.35 16.76
N LEU A 166 47.24 -28.99 17.01
CA LEU A 166 47.53 -27.62 16.89
C LEU A 166 47.35 -27.33 15.42
N SER A 167 48.07 -28.13 14.64
CA SER A 167 48.28 -27.92 13.21
C SER A 167 47.15 -27.45 12.31
N TYR A 168 47.37 -26.34 11.62
CA TYR A 168 46.27 -25.70 10.94
C TYR A 168 45.50 -26.65 10.05
N LYS A 169 46.23 -27.40 9.23
CA LYS A 169 45.62 -28.30 8.25
C LYS A 169 44.60 -29.24 8.90
N VAL A 170 44.91 -29.65 10.10
CA VAL A 170 44.09 -30.56 10.86
C VAL A 170 43.21 -29.81 11.79
N GLN A 171 43.13 -28.52 11.65
CA GLN A 171 42.12 -27.85 12.39
C GLN A 171 40.98 -27.50 11.53
N CYS A 172 41.26 -26.68 10.50
CA CYS A 172 40.23 -26.16 9.61
C CYS A 172 39.30 -27.29 9.17
N LYS A 173 39.89 -28.47 9.01
CA LYS A 173 39.13 -29.65 8.65
C LYS A 173 38.13 -29.96 9.75
N MET A 174 38.49 -29.59 10.98
CA MET A 174 37.57 -29.75 12.08
C MET A 174 37.03 -28.44 12.53
N ASP A 175 37.28 -27.43 11.74
CA ASP A 175 36.60 -26.15 11.92
C ASP A 175 36.71 -25.63 13.32
N PHE A 176 37.87 -25.78 13.90
CA PHE A 176 38.21 -25.00 15.03
C PHE A 176 37.26 -25.23 16.18
N LYS A 177 36.84 -26.47 16.37
CA LYS A 177 36.03 -26.80 17.53
C LYS A 177 36.54 -28.08 18.18
N ILE A 178 37.75 -28.04 18.75
CA ILE A 178 38.26 -29.26 19.37
C ILE A 178 38.18 -29.25 20.87
N PHE A 179 37.39 -30.16 21.40
CA PHE A 179 37.16 -30.19 22.82
C PHE A 179 38.04 -31.24 23.41
N TRP A 180 38.90 -30.79 24.28
CA TRP A 180 39.84 -31.64 24.99
C TRP A 180 39.38 -31.94 26.39
N LEU A 181 39.32 -33.22 26.72
CA LEU A 181 38.98 -33.59 28.09
C LEU A 181 39.84 -34.74 28.56
N ASN A 182 40.24 -34.77 29.82
CA ASN A 182 41.04 -35.90 30.29
C ASN A 182 40.21 -36.87 31.11
N LEU A 183 39.95 -38.07 30.62
CA LEU A 183 39.13 -38.96 31.43
C LEU A 183 39.94 -39.40 32.64
N LYS A 184 40.28 -38.62 33.64
CA LYS A 184 40.89 -39.41 34.71
C LYS A 184 39.76 -39.95 35.48
N ASN A 185 39.99 -40.90 36.33
CA ASN A 185 38.97 -41.06 37.28
C ASN A 185 37.78 -40.87 36.40
N CYS A 186 37.55 -41.85 35.53
CA CYS A 186 36.43 -41.81 34.61
C CYS A 186 35.63 -43.10 34.63
N ASN A 187 36.23 -44.14 35.22
CA ASN A 187 35.58 -45.44 35.31
C ASN A 187 34.56 -45.50 36.44
N SER A 188 33.64 -44.54 36.45
CA SER A 188 32.61 -44.48 37.47
C SER A 188 31.40 -43.67 36.98
N PRO A 189 30.15 -44.15 37.41
CA PRO A 189 29.03 -43.34 36.91
C PRO A 189 29.18 -41.86 37.28
N GLU A 190 30.12 -41.58 38.19
CA GLU A 190 30.37 -40.21 38.63
C GLU A 190 31.19 -39.44 37.59
N THR A 191 31.85 -40.18 36.71
CA THR A 191 32.67 -39.55 35.67
C THR A 191 31.82 -39.01 34.54
N VAL A 192 30.96 -39.87 33.99
CA VAL A 192 30.08 -39.47 32.89
C VAL A 192 29.43 -38.12 33.15
N LEU A 193 28.62 -38.04 34.20
CA LEU A 193 27.94 -36.81 34.57
C LEU A 193 28.92 -35.64 34.65
N GLU A 194 29.85 -35.73 35.60
CA GLU A 194 30.84 -34.69 35.80
C GLU A 194 31.43 -34.22 34.47
N MET A 195 32.00 -35.16 33.72
CA MET A 195 32.61 -34.85 32.43
C MET A 195 31.59 -34.43 31.38
N LEU A 196 30.49 -35.16 31.31
CA LEU A 196 29.44 -34.88 30.33
C LEU A 196 28.86 -33.53 30.69
N GLN A 197 29.07 -33.14 31.93
CA GLN A 197 28.67 -31.83 32.38
C GLN A 197 29.73 -30.92 31.80
N LYS A 198 31.00 -31.32 31.91
CA LYS A 198 32.05 -30.44 31.36
C LYS A 198 31.97 -30.24 29.84
N LEU A 199 31.58 -31.27 29.09
CA LEU A 199 31.52 -31.19 27.64
C LEU A 199 30.41 -30.24 27.19
N LEU A 200 29.30 -30.26 27.92
CA LEU A 200 28.18 -29.37 27.62
C LEU A 200 28.68 -27.97 27.93
N TYR A 201 29.28 -27.83 29.11
CA TYR A 201 30.02 -26.64 29.47
C TYR A 201 30.84 -26.06 28.31
N GLN A 202 31.70 -26.85 27.63
CA GLN A 202 32.56 -26.18 26.70
C GLN A 202 31.67 -25.70 25.64
N ILE A 203 30.98 -26.60 24.94
CA ILE A 203 30.07 -26.21 23.87
C ILE A 203 29.36 -24.89 24.13
N ASP A 204 28.57 -24.86 25.20
CA ASP A 204 27.82 -23.65 25.56
C ASP A 204 27.41 -23.71 27.02
N PRO A 205 27.19 -22.55 27.64
CA PRO A 205 26.77 -22.50 29.04
C PRO A 205 25.26 -22.35 29.18
N ASN A 206 24.52 -23.42 28.90
CA ASN A 206 23.07 -23.36 29.02
C ASN A 206 22.45 -24.75 29.13
N TRP A 207 21.92 -25.08 30.30
CA TRP A 207 21.22 -26.35 30.41
C TRP A 207 20.02 -26.35 31.32
N THR A 208 18.93 -26.90 30.80
CA THR A 208 17.68 -26.97 31.55
C THR A 208 17.87 -28.19 32.43
N SER A 209 18.51 -27.96 33.55
CA SER A 209 18.89 -29.05 34.42
C SER A 209 17.71 -29.44 35.28
N ARG A 210 16.54 -28.95 34.88
CA ARG A 210 15.29 -29.34 35.52
C ARG A 210 14.97 -30.80 35.20
N SER A 211 15.63 -31.36 34.20
CA SER A 211 15.39 -32.74 33.84
C SER A 211 16.01 -33.62 34.93
N ASP A 212 16.75 -33.01 35.84
CA ASP A 212 17.46 -33.79 36.83
C ASP A 212 16.50 -34.52 37.74
N HIS A 213 16.69 -35.82 37.79
CA HIS A 213 15.86 -36.75 38.47
C HIS A 213 16.95 -37.56 39.09
N SER A 214 16.87 -37.76 40.40
CA SER A 214 18.00 -38.25 41.18
C SER A 214 17.91 -39.73 41.56
N SER A 215 16.99 -40.44 40.93
CA SER A 215 16.86 -41.87 41.14
C SER A 215 18.04 -42.56 40.47
N ASN A 216 18.47 -41.98 39.35
CA ASN A 216 19.61 -42.50 38.62
C ASN A 216 20.58 -41.41 38.17
N ILE A 217 21.73 -41.34 38.87
CA ILE A 217 22.84 -40.59 38.38
C ILE A 217 23.14 -41.28 37.06
N LYS A 218 22.50 -42.41 36.83
CA LYS A 218 22.76 -43.17 35.62
C LYS A 218 21.78 -42.84 34.53
N LEU A 219 20.50 -42.91 34.85
CA LEU A 219 19.45 -42.57 33.89
C LEU A 219 19.57 -41.12 33.44
N ARG A 220 20.01 -40.26 34.35
CA ARG A 220 20.19 -38.85 34.04
C ARG A 220 21.37 -38.73 33.12
N ILE A 221 22.31 -39.64 33.29
CA ILE A 221 23.53 -39.60 32.54
C ILE A 221 23.12 -39.69 31.10
N HIS A 222 22.12 -40.52 30.84
CA HIS A 222 21.66 -40.64 29.50
C HIS A 222 21.11 -39.32 29.01
N SER A 223 20.37 -38.63 29.86
CA SER A 223 19.72 -37.42 29.40
C SER A 223 20.80 -36.48 28.95
N ILE A 224 21.84 -36.36 29.75
CA ILE A 224 22.84 -35.34 29.42
C ILE A 224 23.28 -35.66 27.97
N GLN A 225 23.46 -36.95 27.69
CA GLN A 225 23.87 -37.39 26.36
C GLN A 225 22.82 -37.01 25.32
N ALA A 226 21.55 -37.21 25.66
CA ALA A 226 20.45 -36.87 24.76
C ALA A 226 20.54 -35.41 24.33
N GLU A 227 20.79 -34.53 25.29
CA GLU A 227 20.92 -33.10 25.01
C GLU A 227 22.17 -32.81 24.21
N LEU A 228 23.25 -33.52 24.54
CA LEU A 228 24.52 -33.34 23.84
C LEU A 228 24.41 -33.77 22.38
N ARG A 229 23.74 -34.91 22.16
CA ARG A 229 23.55 -35.42 20.81
C ARG A 229 22.74 -34.44 19.97
N ARG A 230 21.74 -33.82 20.58
CA ARG A 230 20.91 -32.86 19.90
C ARG A 230 21.74 -31.67 19.44
N LEU A 231 22.57 -31.14 20.34
CA LEU A 231 23.37 -29.96 20.01
C LEU A 231 24.50 -30.16 18.98
N LEU A 232 25.19 -31.30 18.98
CA LEU A 232 26.27 -31.46 18.00
C LEU A 232 25.84 -31.48 16.53
N LYS A 233 24.78 -32.17 16.18
CA LYS A 233 24.47 -32.14 14.79
C LYS A 233 23.76 -30.83 14.65
N SER A 234 24.34 -29.82 15.26
CA SER A 234 23.89 -28.46 15.06
C SER A 234 24.74 -27.99 13.93
N LYS A 235 24.58 -26.75 13.51
CA LYS A 235 25.44 -26.22 12.49
C LYS A 235 26.66 -25.50 12.99
N PRO A 236 26.68 -25.20 14.37
CA PRO A 236 27.90 -24.49 14.79
C PRO A 236 29.05 -25.42 14.55
N TYR A 237 28.78 -26.68 14.86
CA TYR A 237 29.78 -27.70 14.69
C TYR A 237 29.56 -28.41 13.39
N GLU A 238 28.48 -29.15 13.28
CA GLU A 238 28.29 -29.99 12.10
C GLU A 238 29.37 -31.00 12.26
N ASN A 239 30.57 -30.46 12.40
CA ASN A 239 31.68 -31.40 12.57
C ASN A 239 32.88 -30.84 13.39
N CYS A 240 33.37 -31.54 14.40
CA CYS A 240 34.43 -31.04 15.26
C CYS A 240 35.02 -32.22 15.94
N LEU A 241 36.16 -32.10 16.58
CA LEU A 241 36.79 -33.26 17.18
C LEU A 241 36.95 -33.16 18.66
N LEU A 242 36.33 -34.10 19.36
CA LEU A 242 36.34 -34.37 20.79
C LEU A 242 37.42 -35.39 21.11
N VAL A 243 38.57 -34.91 21.59
CA VAL A 243 39.72 -35.78 21.85
C VAL A 243 39.80 -36.15 23.34
N LEU A 244 39.34 -37.34 23.61
CA LEU A 244 39.23 -37.78 24.95
C LEU A 244 40.68 -37.93 25.17
N LEU A 245 41.13 -37.96 26.39
CA LEU A 245 42.52 -38.17 26.61
C LEU A 245 42.57 -39.21 27.68
N ASN A 246 43.50 -40.12 27.63
CA ASN A 246 43.60 -41.05 28.72
C ASN A 246 42.28 -41.78 28.97
N VAL A 247 41.62 -42.23 27.93
CA VAL A 247 40.38 -42.97 28.14
C VAL A 247 40.72 -44.19 28.99
N GLN A 248 39.95 -44.40 30.04
CA GLN A 248 40.21 -45.48 31.01
C GLN A 248 39.98 -46.97 30.69
N ASN A 249 38.81 -47.33 30.20
CA ASN A 249 38.52 -48.73 29.90
C ASN A 249 37.54 -48.72 28.76
N ALA A 250 36.84 -49.82 28.48
CA ALA A 250 35.82 -49.60 27.48
C ALA A 250 34.68 -48.79 28.01
N LYS A 251 34.29 -49.02 29.26
CA LYS A 251 32.95 -48.66 29.67
C LYS A 251 32.65 -47.20 29.46
N ALA A 252 33.60 -46.33 29.80
CA ALA A 252 33.32 -44.91 29.75
C ALA A 252 32.97 -44.57 28.34
N TRP A 253 33.71 -45.15 27.42
CA TRP A 253 33.62 -44.68 26.08
C TRP A 253 32.17 -44.87 25.58
N ASN A 254 31.57 -46.05 25.76
CA ASN A 254 30.26 -46.30 25.29
C ASN A 254 29.49 -45.07 25.75
N ALA A 255 29.87 -44.54 26.89
CA ALA A 255 29.27 -43.33 27.40
C ALA A 255 29.54 -42.19 26.48
N PHE A 256 30.73 -42.15 25.92
CA PHE A 256 31.18 -40.94 25.29
C PHE A 256 31.10 -40.77 23.81
N ASN A 257 30.45 -41.68 23.10
CA ASN A 257 30.40 -41.57 21.64
C ASN A 257 29.20 -40.78 21.18
N LEU A 258 29.43 -39.60 20.63
CA LEU A 258 28.33 -38.75 20.24
C LEU A 258 28.26 -38.52 18.75
N SER A 259 28.79 -39.43 17.96
CA SER A 259 28.76 -39.08 16.56
C SER A 259 29.63 -37.84 16.45
N CYS A 260 30.70 -37.84 17.20
CA CYS A 260 31.59 -36.72 17.24
C CYS A 260 32.85 -37.26 16.71
N LYS A 261 33.50 -36.57 15.83
CA LYS A 261 34.77 -37.08 15.37
C LYS A 261 35.60 -37.02 16.63
N ILE A 262 35.60 -38.07 17.43
CA ILE A 262 36.49 -38.04 18.58
C ILE A 262 37.75 -38.85 18.27
N LEU A 263 38.87 -38.52 18.91
CA LEU A 263 40.08 -39.33 18.82
C LEU A 263 40.59 -39.56 20.23
N LEU A 264 40.65 -40.81 20.65
CA LEU A 264 40.93 -41.14 22.04
C LEU A 264 42.30 -41.77 22.20
N THR A 265 43.09 -41.20 23.10
CA THR A 265 44.40 -41.71 23.37
C THR A 265 44.37 -42.40 24.73
N THR A 266 44.80 -43.66 24.78
CA THR A 266 44.73 -44.41 26.04
C THR A 266 45.96 -45.28 26.30
N ARG A 267 46.31 -45.41 27.57
CA ARG A 267 47.40 -46.26 28.01
C ARG A 267 47.24 -47.77 28.25
N PHE A 268 46.04 -48.37 28.16
CA PHE A 268 46.08 -49.85 28.15
C PHE A 268 45.34 -50.64 27.05
N LYS A 269 45.67 -51.93 27.06
CA LYS A 269 45.47 -52.82 25.93
C LYS A 269 44.03 -53.29 25.79
N GLN A 270 43.27 -53.15 26.87
CA GLN A 270 41.85 -53.51 26.85
C GLN A 270 41.08 -52.49 26.01
N VAL A 271 41.52 -51.24 26.07
CA VAL A 271 40.90 -50.18 25.28
C VAL A 271 41.14 -50.34 23.76
N THR A 272 42.43 -50.43 23.45
CA THR A 272 42.90 -50.48 22.08
C THR A 272 42.66 -51.90 21.70
N ASP A 273 42.48 -52.71 22.74
CA ASP A 273 41.94 -54.03 22.62
C ASP A 273 40.44 -53.91 22.44
N PHE A 274 39.85 -52.75 22.75
CA PHE A 274 38.43 -52.66 22.47
C PHE A 274 37.92 -52.35 21.09
N LEU A 275 38.47 -51.33 20.45
CA LEU A 275 37.83 -50.80 19.26
C LEU A 275 38.42 -51.30 17.97
N SER A 276 37.65 -52.17 17.35
CA SER A 276 38.12 -52.86 16.19
C SER A 276 38.36 -51.86 15.11
N ALA A 277 39.42 -52.08 14.34
CA ALA A 277 39.69 -51.26 13.19
C ALA A 277 38.52 -51.52 12.29
N ALA A 278 38.22 -50.58 11.41
CA ALA A 278 37.02 -50.61 10.57
C ALA A 278 35.91 -50.07 11.37
N THR A 279 36.24 -49.68 12.59
CA THR A 279 35.72 -48.47 13.23
C THR A 279 36.69 -47.56 13.94
N THR A 280 37.98 -47.69 13.71
CA THR A 280 38.84 -46.67 14.29
C THR A 280 40.23 -46.91 13.75
N THR A 281 41.28 -46.17 14.10
CA THR A 281 42.48 -46.69 13.56
C THR A 281 43.43 -46.47 14.67
N HIS A 282 44.40 -47.35 14.85
CA HIS A 282 45.37 -47.08 15.88
C HIS A 282 46.69 -46.63 15.30
N ILE A 283 47.05 -45.41 15.62
CA ILE A 283 48.41 -44.98 15.62
C ILE A 283 48.88 -45.67 16.85
N SER A 284 49.98 -46.39 16.82
CA SER A 284 50.50 -46.96 18.05
C SER A 284 51.69 -46.13 18.37
N LEU A 285 51.59 -45.36 19.44
CA LEU A 285 52.61 -44.42 19.78
C LEU A 285 53.91 -45.04 20.15
N ASP A 286 53.86 -46.17 20.85
CA ASP A 286 55.04 -46.81 21.43
C ASP A 286 55.60 -47.88 20.54
N HIS A 287 55.13 -47.91 19.32
CA HIS A 287 55.52 -48.91 18.36
C HIS A 287 56.84 -48.51 17.75
N HIS A 288 57.13 -49.18 16.67
CA HIS A 288 58.39 -49.37 15.97
C HIS A 288 59.08 -48.16 15.42
N SER A 289 58.33 -47.29 14.81
CA SER A 289 58.95 -46.18 14.11
C SER A 289 58.65 -44.89 14.81
N MET A 290 57.61 -44.92 15.61
CA MET A 290 57.24 -43.76 16.37
C MET A 290 58.35 -43.47 17.35
N THR A 291 58.97 -44.51 17.86
CA THR A 291 59.84 -44.28 19.01
C THR A 291 60.65 -43.06 18.67
N LEU A 292 60.84 -42.17 19.64
CA LEU A 292 61.38 -40.89 19.31
C LEU A 292 62.64 -41.11 18.56
N THR A 293 62.84 -40.27 17.56
CA THR A 293 63.89 -40.38 16.54
C THR A 293 65.29 -40.36 17.15
N PRO A 294 66.13 -41.35 16.77
CA PRO A 294 67.40 -41.72 17.42
C PRO A 294 68.24 -40.54 17.93
N ASP A 295 68.15 -39.39 17.27
CA ASP A 295 68.87 -38.20 17.69
C ASP A 295 67.92 -37.17 18.28
N GLU A 296 66.63 -37.39 18.08
CA GLU A 296 65.63 -36.50 18.65
C GLU A 296 65.39 -36.90 20.10
N VAL A 297 66.02 -37.98 20.56
CA VAL A 297 66.01 -38.22 21.99
C VAL A 297 66.93 -37.19 22.59
N LYS A 298 68.06 -36.96 21.92
CA LYS A 298 69.02 -35.96 22.38
C LYS A 298 68.41 -34.58 22.22
N SER A 299 67.45 -34.48 21.31
CA SER A 299 66.71 -33.26 21.06
C SER A 299 65.89 -32.89 22.25
N LEU A 300 65.11 -33.86 22.69
CA LEU A 300 64.15 -33.61 23.75
C LEU A 300 64.98 -33.31 24.98
N LEU A 301 66.05 -34.07 25.16
CA LEU A 301 66.74 -33.89 26.39
C LEU A 301 67.11 -32.45 26.35
N LEU A 302 67.38 -31.91 25.19
CA LEU A 302 67.76 -30.52 25.27
C LEU A 302 66.77 -29.56 25.93
N LYS A 303 65.53 -29.54 25.43
CA LYS A 303 64.54 -28.55 25.84
C LYS A 303 64.73 -28.18 27.30
N TYR A 304 64.47 -29.14 28.17
CA TYR A 304 64.61 -28.94 29.61
C TYR A 304 66.06 -28.60 29.84
N LEU A 305 66.91 -29.24 29.06
CA LEU A 305 68.33 -29.08 29.26
C LEU A 305 68.83 -27.68 29.01
N ASP A 306 68.33 -27.05 27.96
CA ASP A 306 68.81 -25.73 27.56
C ASP A 306 70.29 -25.57 27.16
N CYS A 307 70.87 -26.52 26.44
CA CYS A 307 72.11 -26.21 25.72
C CYS A 307 72.44 -27.11 24.56
N ARG A 308 73.22 -26.59 23.63
CA ARG A 308 73.92 -27.38 22.63
C ARG A 308 75.08 -28.26 23.03
N PRO A 309 76.00 -27.82 23.89
CA PRO A 309 77.25 -28.56 23.80
C PRO A 309 77.24 -29.77 24.75
N GLN A 310 76.60 -29.60 25.90
CA GLN A 310 76.52 -30.67 26.88
C GLN A 310 75.62 -31.81 26.40
N ASP A 311 74.69 -31.48 25.50
CA ASP A 311 73.78 -32.47 24.95
C ASP A 311 74.51 -33.74 24.55
N LEU A 312 75.74 -33.58 24.07
CA LEU A 312 76.56 -34.72 23.65
C LEU A 312 77.21 -35.39 24.85
N PRO A 313 77.36 -34.64 25.93
CA PRO A 313 77.97 -35.17 27.15
C PRO A 313 76.99 -36.02 27.94
N ARG A 314 75.84 -36.30 27.33
CA ARG A 314 74.82 -37.11 27.97
C ARG A 314 74.44 -38.31 27.11
N GLU A 315 75.45 -39.05 26.65
CA GLU A 315 75.23 -40.22 25.81
C GLU A 315 74.72 -41.39 26.64
N VAL A 316 73.50 -41.83 26.32
CA VAL A 316 72.89 -42.95 27.02
C VAL A 316 71.83 -43.64 26.17
N LEU A 317 70.85 -44.26 26.82
CA LEU A 317 69.78 -44.95 26.12
C LEU A 317 68.44 -44.72 26.82
N THR A 318 67.43 -44.36 26.04
CA THR A 318 66.10 -44.11 26.59
C THR A 318 65.16 -43.72 25.45
N THR A 319 63.88 -44.09 25.55
CA THR A 319 62.95 -43.77 24.47
C THR A 319 61.58 -43.31 24.99
N ASN A 320 61.40 -43.27 26.31
CA ASN A 320 60.12 -42.85 26.86
C ASN A 320 60.13 -41.37 27.20
N PRO A 321 59.31 -40.56 26.51
CA PRO A 321 59.38 -39.13 26.76
C PRO A 321 59.11 -38.83 28.23
N ARG A 322 58.27 -39.62 28.91
CA ARG A 322 58.02 -39.31 30.29
C ARG A 322 59.29 -39.59 31.09
N ARG A 323 59.93 -40.73 30.81
CA ARG A 323 61.12 -41.05 31.57
C ARG A 323 62.22 -40.09 31.21
N LEU A 324 62.27 -39.74 29.93
CA LEU A 324 63.29 -38.85 29.44
C LEU A 324 63.19 -37.51 30.10
N SER A 325 61.96 -37.00 30.19
CA SER A 325 61.82 -35.66 30.70
C SER A 325 61.86 -35.57 32.20
N ILE A 326 61.40 -36.60 32.90
CA ILE A 326 61.56 -36.58 34.35
C ILE A 326 63.05 -36.59 34.67
N ILE A 327 63.79 -37.42 33.93
CA ILE A 327 65.22 -37.51 34.14
C ILE A 327 65.92 -36.24 33.79
N ALA A 328 65.54 -35.72 32.63
CA ALA A 328 66.15 -34.53 32.07
C ALA A 328 65.92 -33.34 33.04
N GLU A 329 64.69 -33.25 33.54
CA GLU A 329 64.32 -32.20 34.45
C GLU A 329 65.17 -32.32 35.70
N SER A 330 65.31 -33.55 36.15
CA SER A 330 66.03 -33.77 37.39
C SER A 330 67.50 -33.37 37.23
N ILE A 331 68.09 -33.73 36.10
CA ILE A 331 69.49 -33.36 35.91
C ILE A 331 69.75 -31.84 35.78
N ARG A 332 68.87 -31.10 35.11
CA ARG A 332 69.08 -29.65 34.99
C ARG A 332 69.00 -29.01 36.38
N ASP A 333 68.00 -29.46 37.12
CA ASP A 333 67.72 -29.06 38.49
C ASP A 333 67.77 -30.23 39.47
N ALA A 336 72.36 -33.59 38.66
CA ALA A 336 73.62 -34.32 38.64
C ALA A 336 73.50 -35.59 37.78
N THR A 337 74.28 -35.69 36.71
CA THR A 337 73.95 -36.64 35.65
C THR A 337 73.98 -38.14 35.97
N TRP A 338 75.08 -38.59 36.55
CA TRP A 338 75.21 -39.99 36.96
C TRP A 338 74.30 -40.36 38.09
N ASP A 339 74.31 -39.56 39.14
CA ASP A 339 73.67 -40.06 40.34
C ASP A 339 72.21 -40.22 40.06
N ASN A 340 71.69 -39.12 39.51
CA ASN A 340 70.29 -38.89 39.24
C ASN A 340 69.66 -39.83 38.21
N TRP A 341 70.38 -40.17 37.13
CA TRP A 341 69.82 -40.98 36.03
C TRP A 341 69.29 -42.23 36.69
N LYS A 342 69.92 -42.64 37.78
CA LYS A 342 69.46 -43.83 38.53
C LYS A 342 68.85 -43.57 39.92
N HIS A 343 69.71 -43.28 40.90
CA HIS A 343 69.40 -43.29 42.31
C HIS A 343 68.62 -42.01 42.48
N VAL A 344 68.74 -41.18 41.45
CA VAL A 344 67.95 -39.98 41.36
C VAL A 344 66.54 -40.43 41.06
N ASN A 345 65.55 -39.82 41.69
CA ASN A 345 64.17 -40.17 41.43
C ASN A 345 63.79 -41.48 42.09
N CYS A 346 64.67 -41.97 42.95
CA CYS A 346 64.28 -43.04 43.81
C CYS A 346 62.85 -42.81 44.21
N ASP A 347 62.56 -41.51 44.18
CA ASP A 347 61.38 -40.94 44.81
C ASP A 347 60.38 -40.45 43.78
N LYS A 348 60.66 -40.50 42.46
CA LYS A 348 59.64 -40.06 41.54
C LYS A 348 59.25 -41.07 40.45
N LEU A 349 60.21 -41.52 39.65
CA LEU A 349 59.93 -42.40 38.54
C LEU A 349 59.36 -43.72 39.03
N THR A 350 59.73 -44.07 40.25
CA THR A 350 59.27 -45.27 40.89
C THR A 350 57.78 -45.11 41.14
N THR A 351 57.36 -43.95 41.65
CA THR A 351 55.93 -43.75 41.94
C THR A 351 55.12 -43.77 40.67
N ILE A 352 55.68 -43.23 39.60
CA ILE A 352 54.99 -43.19 38.31
C ILE A 352 54.68 -44.60 37.80
N ILE A 353 55.66 -45.49 37.94
CA ILE A 353 55.50 -46.87 37.49
C ILE A 353 54.97 -47.76 38.61
N GLU A 354 54.29 -47.14 39.57
CA GLU A 354 53.72 -47.87 40.69
C GLU A 354 52.24 -47.56 40.88
N SER A 355 51.87 -46.29 40.68
CA SER A 355 50.49 -45.86 40.82
C SER A 355 49.56 -46.70 39.94
N SER A 356 50.15 -47.54 39.10
CA SER A 356 49.38 -48.40 38.20
C SER A 356 49.12 -49.77 38.84
N LEU A 357 49.69 -49.97 40.03
CA LEU A 357 49.52 -51.24 40.74
C LEU A 357 48.21 -51.26 41.50
N ASN A 358 47.70 -50.12 41.91
CA ASN A 358 46.43 -50.19 42.58
C ASN A 358 45.36 -50.75 41.67
N VAL A 359 45.43 -50.44 40.38
CA VAL A 359 44.30 -50.71 39.48
C VAL A 359 43.93 -52.17 39.33
N LEU A 360 44.94 -53.03 39.22
CA LEU A 360 44.73 -54.49 39.16
C LEU A 360 44.65 -55.08 40.56
N GLU A 361 43.58 -55.80 40.87
CA GLU A 361 43.39 -56.35 42.21
C GLU A 361 44.71 -56.79 42.86
N PRO A 362 44.91 -56.39 44.11
CA PRO A 362 46.10 -56.78 44.84
C PRO A 362 46.22 -58.21 45.25
N ALA A 363 45.11 -58.85 45.62
CA ALA A 363 45.13 -60.22 46.11
C ALA A 363 45.74 -61.20 45.12
N GLU A 364 45.46 -61.00 43.83
CA GLU A 364 45.94 -61.91 42.80
C GLU A 364 46.82 -61.23 41.76
N TYR A 365 46.50 -59.98 41.42
CA TYR A 365 47.24 -59.26 40.39
C TYR A 365 48.57 -58.71 40.91
N ARG A 366 48.49 -57.66 41.73
CA ARG A 366 49.69 -57.01 42.25
C ARG A 366 50.77 -57.99 42.69
N LYS A 367 50.42 -58.88 43.60
CA LYS A 367 51.37 -59.84 44.15
C LYS A 367 52.12 -60.71 43.15
N MET A 368 51.38 -61.32 42.23
CA MET A 368 52.03 -62.19 41.28
C MET A 368 53.13 -61.37 40.68
N PHE A 369 52.74 -60.34 39.94
CA PHE A 369 53.70 -59.62 39.15
C PHE A 369 54.97 -59.41 39.97
N ASP A 370 54.81 -59.20 41.28
CA ASP A 370 55.90 -58.84 42.16
C ASP A 370 56.95 -59.93 42.09
N ARG A 371 56.47 -61.14 41.82
CA ARG A 371 57.28 -62.33 41.77
C ARG A 371 58.26 -62.28 40.60
N LEU A 372 57.94 -61.53 39.57
CA LEU A 372 58.77 -61.54 38.38
C LEU A 372 60.16 -61.02 38.74
N SER A 373 60.26 -60.49 39.93
CA SER A 373 61.50 -59.87 40.31
C SER A 373 62.57 -60.93 40.18
N VAL A 374 62.18 -62.20 40.28
CA VAL A 374 63.10 -63.33 40.20
C VAL A 374 63.86 -63.41 38.89
N PHE A 375 63.17 -63.15 37.79
CA PHE A 375 63.72 -63.32 36.43
C PHE A 375 64.51 -62.14 35.87
N PRO A 376 65.31 -62.44 34.84
CA PRO A 376 66.31 -61.51 34.35
C PRO A 376 65.59 -60.25 33.93
N PRO A 377 66.30 -59.06 34.13
CA PRO A 377 65.43 -57.88 34.16
C PRO A 377 64.61 -57.68 32.90
N SER A 378 65.20 -57.96 31.75
CA SER A 378 64.43 -57.82 30.52
C SER A 378 64.55 -59.15 29.83
N ALA A 379 63.82 -60.07 30.41
CA ALA A 379 63.89 -61.48 30.08
C ALA A 379 62.50 -62.09 29.93
N HIS A 380 62.47 -63.38 29.67
CA HIS A 380 61.23 -64.08 29.36
C HIS A 380 60.86 -65.06 30.47
N ILE A 381 59.70 -65.68 30.33
CA ILE A 381 59.28 -66.66 31.32
C ILE A 381 58.27 -67.69 30.79
N PRO A 382 58.69 -68.95 30.74
CA PRO A 382 57.90 -70.10 30.30
C PRO A 382 56.67 -70.30 31.14
N THR A 383 55.65 -70.94 30.59
CA THR A 383 54.43 -71.05 31.36
C THR A 383 54.61 -71.85 32.65
N ILE A 384 55.36 -72.94 32.54
CA ILE A 384 55.59 -73.83 33.68
C ILE A 384 56.25 -73.15 34.88
N LEU A 385 57.23 -72.29 34.60
CA LEU A 385 57.94 -71.54 35.64
C LEU A 385 57.08 -70.51 36.37
N LEU A 386 56.22 -69.81 35.64
CA LEU A 386 55.39 -68.77 36.22
C LEU A 386 54.37 -69.37 37.18
N SER A 387 53.97 -70.62 36.93
CA SER A 387 52.92 -71.20 37.73
C SER A 387 53.36 -71.29 39.18
N LEU A 388 54.56 -71.80 39.39
CA LEU A 388 55.00 -72.09 40.73
C LEU A 388 55.04 -70.81 41.55
N ILE A 389 55.39 -69.71 40.90
CA ILE A 389 55.71 -68.48 41.60
C ILE A 389 54.55 -67.88 42.42
N SER A 396 44.64 -74.06 34.49
CA SER A 396 44.53 -72.94 33.56
C SER A 396 44.54 -71.61 34.30
N ASP A 397 44.44 -71.66 35.63
CA ASP A 397 44.38 -70.44 36.41
C ASP A 397 45.53 -69.47 36.17
N VAL A 398 46.77 -69.95 36.15
CA VAL A 398 47.89 -69.02 35.93
C VAL A 398 47.83 -68.35 34.57
N MET A 399 47.39 -69.11 33.58
CA MET A 399 47.28 -68.63 32.21
C MET A 399 46.28 -67.49 32.11
N VAL A 400 45.16 -67.62 32.80
CA VAL A 400 44.17 -66.57 32.78
C VAL A 400 44.64 -65.41 33.62
N VAL A 401 45.17 -65.69 34.82
CA VAL A 401 45.52 -64.59 35.70
C VAL A 401 46.60 -63.73 35.05
N VAL A 402 47.58 -64.34 34.37
CA VAL A 402 48.54 -63.51 33.67
C VAL A 402 47.83 -62.80 32.53
N ASN A 403 46.85 -63.48 31.91
CA ASN A 403 46.25 -62.93 30.69
C ASN A 403 45.60 -61.58 31.03
N LYS A 404 44.96 -61.56 32.18
CA LYS A 404 44.41 -60.35 32.71
C LYS A 404 45.55 -59.39 32.95
N LEU A 405 46.62 -59.89 33.52
CA LEU A 405 47.72 -59.01 33.78
C LEU A 405 48.26 -58.54 32.45
N HIS A 406 48.00 -59.34 31.42
CA HIS A 406 48.66 -59.08 30.17
C HIS A 406 48.33 -57.69 29.83
N LYS A 407 47.07 -57.35 30.04
CA LYS A 407 46.52 -56.06 29.71
C LYS A 407 46.94 -54.95 30.66
N TYR A 408 46.76 -55.11 31.97
CA TYR A 408 47.02 -53.94 32.81
C TYR A 408 48.50 -53.55 32.99
N SER A 409 49.36 -54.49 33.36
CA SER A 409 50.76 -54.18 33.64
C SER A 409 51.70 -54.77 32.62
N LEU A 410 53.00 -54.62 32.84
CA LEU A 410 53.93 -54.89 31.76
C LEU A 410 53.77 -56.27 31.07
N VAL A 411 53.98 -57.38 31.77
CA VAL A 411 53.23 -58.65 31.68
C VAL A 411 53.06 -59.25 30.27
N GLU A 412 54.01 -59.07 29.37
CA GLU A 412 53.58 -59.02 27.98
C GLU A 412 53.49 -60.40 27.47
N LYS A 413 52.29 -60.93 27.41
CA LYS A 413 52.08 -62.29 26.97
C LYS A 413 52.53 -62.35 25.54
N GLN A 414 52.88 -63.54 25.10
CA GLN A 414 53.37 -63.71 23.75
C GLN A 414 53.16 -65.09 23.20
N PRO A 415 53.48 -65.26 21.92
CA PRO A 415 53.28 -66.55 21.25
C PRO A 415 53.92 -67.88 21.58
N SER A 418 54.74 -70.85 24.32
CA SER A 418 53.82 -69.91 24.94
C SER A 418 54.51 -69.12 26.05
N THR A 419 55.80 -68.88 25.88
CA THR A 419 56.57 -68.14 26.87
C THR A 419 56.05 -66.71 27.01
N ILE A 420 56.65 -65.95 27.94
CA ILE A 420 56.17 -64.63 28.26
C ILE A 420 57.40 -63.76 28.34
N SER A 421 57.26 -62.48 27.98
CA SER A 421 58.37 -61.53 28.08
C SER A 421 57.77 -60.29 28.72
N ILE A 422 58.18 -60.02 29.95
CA ILE A 422 57.72 -58.81 30.65
C ILE A 422 58.38 -57.50 30.25
N PRO A 423 57.68 -56.40 30.47
CA PRO A 423 58.12 -55.10 30.02
C PRO A 423 58.83 -54.37 31.14
N SER A 424 60.06 -53.98 30.87
CA SER A 424 61.04 -53.64 31.87
C SER A 424 60.67 -52.48 32.76
N ILE A 425 60.10 -51.45 32.17
CA ILE A 425 60.15 -50.12 32.74
C ILE A 425 59.53 -50.11 34.13
N TYR A 426 58.48 -50.90 34.29
CA TYR A 426 57.98 -51.31 35.60
C TYR A 426 58.39 -52.75 35.92
N LEU A 427 59.04 -53.40 34.96
CA LEU A 427 59.49 -54.77 35.14
C LEU A 427 60.73 -54.83 36.04
N GLU A 428 61.79 -54.16 35.62
CA GLU A 428 63.04 -54.13 36.40
C GLU A 428 63.01 -53.25 37.64
N LEU A 429 62.56 -52.01 37.48
CA LEU A 429 62.70 -51.00 38.52
C LEU A 429 61.67 -51.08 39.63
N LYS A 430 60.39 -50.96 39.27
CA LYS A 430 59.36 -50.83 40.28
C LYS A 430 59.54 -51.84 41.40
N VAL A 431 59.62 -53.09 40.93
CA VAL A 431 59.66 -54.25 41.78
C VAL A 431 60.92 -54.40 42.63
N LYS A 432 62.08 -54.11 42.04
CA LYS A 432 63.36 -54.33 42.71
C LYS A 432 63.43 -53.63 44.05
N LEU A 433 62.96 -52.39 44.08
CA LEU A 433 62.99 -51.59 45.29
C LEU A 433 62.07 -52.16 46.36
N GLU A 434 60.86 -52.53 45.99
CA GLU A 434 59.92 -53.00 47.01
C GLU A 434 59.84 -54.51 46.98
N ASN A 435 60.32 -55.14 48.03
CA ASN A 435 60.23 -56.58 48.06
C ASN A 435 60.26 -57.00 49.53
N GLU A 436 59.88 -58.23 49.82
CA GLU A 436 59.85 -58.73 51.18
C GLU A 436 60.56 -60.04 51.03
N TYR A 437 60.85 -60.77 52.10
CA TYR A 437 61.68 -61.91 51.82
C TYR A 437 60.74 -63.08 51.51
N ALA A 438 60.05 -62.92 50.40
CA ALA A 438 59.32 -63.97 49.72
C ALA A 438 60.35 -64.75 48.91
N LEU A 439 61.43 -64.04 48.59
CA LEU A 439 62.48 -64.53 47.71
C LEU A 439 62.93 -65.94 48.04
N HIS A 440 63.14 -66.24 49.32
CA HIS A 440 63.70 -67.55 49.65
C HIS A 440 62.83 -68.62 49.01
N ARG A 441 61.52 -68.46 49.15
CA ARG A 441 60.61 -69.46 48.62
C ARG A 441 60.70 -69.49 47.09
N SER A 442 60.78 -68.32 46.47
CA SER A 442 60.81 -68.26 45.00
C SER A 442 62.07 -68.92 44.44
N ILE A 443 63.21 -68.56 45.03
CA ILE A 443 64.49 -69.05 44.58
C ILE A 443 64.55 -70.56 44.80
N VAL A 444 64.02 -71.01 45.94
CA VAL A 444 64.07 -72.44 46.26
C VAL A 444 63.21 -73.11 45.19
N ASP A 445 62.14 -72.43 44.78
CA ASP A 445 61.23 -72.99 43.79
C ASP A 445 62.07 -73.22 42.53
N HIS A 446 62.94 -72.25 42.23
CA HIS A 446 63.79 -72.36 41.05
C HIS A 446 64.65 -73.59 41.25
N TYR A 447 65.14 -73.85 42.46
CA TYR A 447 65.93 -75.06 42.60
C TYR A 447 65.09 -76.26 42.25
N ASN A 448 63.84 -76.26 42.73
CA ASN A 448 62.96 -77.40 42.54
C ASN A 448 62.65 -77.69 41.07
N ILE A 449 62.43 -76.67 40.27
CA ILE A 449 62.04 -76.92 38.88
C ILE A 449 63.13 -77.66 38.07
N PRO A 450 64.42 -77.23 38.05
CA PRO A 450 65.29 -78.17 37.34
C PRO A 450 65.43 -79.51 38.05
N LYS A 451 65.15 -79.55 39.34
CA LYS A 451 65.22 -80.81 40.05
C LYS A 451 64.20 -81.72 39.39
N THR A 452 63.00 -81.19 39.17
CA THR A 452 61.93 -81.99 38.57
C THR A 452 62.34 -82.40 37.15
N PHE A 453 62.84 -81.44 36.38
CA PHE A 453 63.29 -81.72 35.02
C PHE A 453 64.48 -82.66 35.14
N ASP A 454 64.38 -83.85 34.55
CA ASP A 454 65.50 -84.77 34.62
C ASP A 454 65.36 -85.85 33.57
N SER A 455 66.44 -86.12 32.87
CA SER A 455 66.48 -87.21 31.91
C SER A 455 67.52 -88.18 32.43
N ASP A 456 67.50 -89.41 31.95
CA ASP A 456 68.41 -90.43 32.46
C ASP A 456 69.84 -89.93 32.26
N ASP A 457 70.15 -89.50 31.03
CA ASP A 457 71.47 -88.99 30.75
C ASP A 457 71.56 -87.49 30.98
N LEU A 458 72.69 -86.93 30.54
CA LEU A 458 73.09 -85.55 30.81
C LEU A 458 72.34 -84.46 30.04
N ILE A 459 71.40 -84.86 29.19
CA ILE A 459 70.62 -83.91 28.40
C ILE A 459 69.33 -83.54 29.11
N PRO A 460 69.14 -82.16 29.34
CA PRO A 460 67.88 -81.86 30.02
C PRO A 460 66.80 -81.36 29.05
N PRO A 461 65.58 -81.15 29.52
CA PRO A 461 64.52 -80.67 28.65
C PRO A 461 64.35 -79.16 28.73
N TYR A 462 65.23 -78.43 28.06
CA TYR A 462 65.36 -77.00 28.27
C TYR A 462 64.46 -76.19 27.34
N LEU A 463 63.52 -75.44 27.93
CA LEU A 463 62.74 -74.50 27.16
C LEU A 463 63.77 -73.51 26.66
N ASP A 464 63.62 -73.12 25.42
CA ASP A 464 64.69 -72.80 24.50
C ASP A 464 65.63 -71.69 24.95
N GLN A 465 65.07 -70.61 25.46
CA GLN A 465 65.90 -69.49 25.84
C GLN A 465 66.01 -69.36 27.35
N TYR A 466 64.86 -69.36 28.00
CA TYR A 466 64.87 -69.02 29.42
C TYR A 466 65.82 -69.85 30.20
N PHE A 467 65.67 -71.15 30.07
CA PHE A 467 66.41 -72.05 30.90
C PHE A 467 67.89 -71.84 30.70
N TYR A 468 68.32 -71.73 29.46
CA TYR A 468 69.74 -71.63 29.17
C TYR A 468 70.37 -70.41 29.84
N SER A 469 69.76 -69.24 29.68
CA SER A 469 70.30 -68.01 30.27
C SER A 469 70.14 -67.94 31.80
N HIS A 470 68.88 -68.07 32.21
CA HIS A 470 68.42 -67.84 33.57
C HIS A 470 68.89 -68.87 34.60
N ILE A 471 69.01 -70.12 34.16
CA ILE A 471 69.21 -71.24 35.10
C ILE A 471 70.43 -70.93 35.94
N GLY A 472 71.51 -70.49 35.31
CA GLY A 472 72.73 -70.25 36.03
C GLY A 472 72.54 -69.16 37.06
N HIS A 473 71.79 -68.12 36.71
CA HIS A 473 71.60 -66.99 37.62
C HIS A 473 70.90 -67.45 38.89
N HIS A 474 69.81 -68.20 38.68
CA HIS A 474 69.01 -68.66 39.79
C HIS A 474 69.83 -69.62 40.63
N LEU A 475 70.61 -70.43 39.94
CA LEU A 475 71.47 -71.43 40.57
C LEU A 475 72.49 -70.75 41.46
N LYS A 476 73.06 -69.66 40.94
CA LYS A 476 74.09 -68.94 41.65
C LYS A 476 73.48 -68.48 42.94
N ASN A 477 72.25 -67.97 42.85
CA ASN A 477 71.61 -67.50 44.07
C ASN A 477 71.36 -68.65 45.05
N ILE A 478 70.88 -69.80 44.56
CA ILE A 478 70.50 -70.87 45.49
C ILE A 478 71.67 -71.51 46.27
N GLU A 479 72.71 -71.98 45.55
CA GLU A 479 73.89 -72.69 46.08
C GLU A 479 74.89 -73.17 45.02
N HIS A 480 76.06 -73.62 45.49
CA HIS A 480 77.13 -74.19 44.65
C HIS A 480 76.87 -75.57 44.00
N PRO A 481 76.44 -76.59 44.78
CA PRO A 481 76.42 -77.95 44.21
C PRO A 481 75.67 -78.04 42.89
N GLU A 482 74.51 -77.41 42.79
CA GLU A 482 73.73 -77.46 41.58
C GLU A 482 74.52 -76.79 40.49
N ARG A 483 75.15 -75.68 40.87
CA ARG A 483 75.87 -74.85 39.93
C ARG A 483 76.89 -75.72 39.25
N MET A 484 77.54 -76.54 40.08
CA MET A 484 78.62 -77.39 39.62
C MET A 484 78.14 -78.33 38.52
N THR A 485 77.03 -79.03 38.75
CA THR A 485 76.54 -79.99 37.76
C THR A 485 75.91 -79.34 36.51
N LEU A 486 75.01 -78.37 36.71
CA LEU A 486 74.26 -77.75 35.61
C LEU A 486 75.13 -76.97 34.65
N PHE A 487 76.04 -76.16 35.20
CA PHE A 487 76.89 -75.33 34.36
C PHE A 487 77.66 -76.25 33.48
N ARG A 488 77.91 -77.46 33.97
CA ARG A 488 78.46 -78.46 33.10
C ARG A 488 79.86 -77.98 32.76
N MET A 489 80.45 -77.38 33.78
CA MET A 489 81.87 -77.13 33.79
C MET A 489 82.37 -78.54 34.06
N VAL A 490 81.64 -79.21 34.93
CA VAL A 490 81.82 -80.63 35.25
C VAL A 490 81.48 -81.40 33.98
N PHE A 491 80.32 -81.08 33.39
CA PHE A 491 79.78 -81.89 32.30
C PHE A 491 79.93 -81.31 30.90
N LEU A 492 80.28 -82.20 29.99
CA LEU A 492 80.79 -81.84 28.69
C LEU A 492 79.55 -81.64 27.84
N ASP A 493 78.43 -82.18 28.32
CA ASP A 493 77.14 -82.07 27.63
C ASP A 493 76.66 -80.62 27.44
N PHE A 494 76.85 -79.68 28.36
CA PHE A 494 76.31 -78.34 28.09
C PHE A 494 77.22 -77.56 27.22
N ARG A 495 78.45 -78.03 27.09
CA ARG A 495 79.28 -77.49 26.06
C ARG A 495 78.48 -77.67 24.78
N PHE A 496 78.12 -78.93 24.56
CA PHE A 496 77.23 -79.33 23.47
C PHE A 496 75.97 -78.51 23.40
N LEU A 497 75.07 -78.68 24.37
CA LEU A 497 73.73 -78.21 24.12
C LEU A 497 73.67 -76.70 24.13
N GLU A 498 74.30 -76.07 25.12
CA GLU A 498 74.20 -74.63 25.20
C GLU A 498 74.74 -74.04 23.91
N GLN A 499 75.92 -74.54 23.50
CA GLN A 499 76.57 -73.99 22.34
C GLN A 499 75.73 -74.18 21.08
N LYS A 500 75.30 -75.41 20.75
CA LYS A 500 74.58 -75.52 19.47
C LYS A 500 73.18 -74.90 19.50
N ILE A 501 72.40 -75.03 20.58
CA ILE A 501 71.06 -74.41 20.48
C ILE A 501 71.24 -72.90 20.40
N ARG A 502 72.15 -72.30 21.18
CA ARG A 502 72.22 -70.85 21.04
C ARG A 502 73.14 -70.45 19.89
N HIS A 503 72.84 -71.09 18.76
CA HIS A 503 73.35 -70.79 17.43
C HIS A 503 72.37 -69.90 16.69
N ASN A 516 75.47 -66.07 21.09
CA ASN A 516 76.27 -67.24 20.73
C ASN A 516 77.19 -67.66 21.87
N THR A 517 78.45 -67.90 21.54
CA THR A 517 79.45 -68.30 22.51
C THR A 517 79.59 -67.19 23.56
N LEU A 518 79.37 -65.96 23.12
CA LEU A 518 79.59 -64.77 23.94
C LEU A 518 78.87 -64.84 25.27
N GLN A 519 77.59 -65.21 25.20
CA GLN A 519 76.75 -65.29 26.40
C GLN A 519 77.19 -66.44 27.27
N GLN A 520 77.56 -67.54 26.63
CA GLN A 520 77.95 -68.76 27.31
C GLN A 520 79.15 -68.34 28.20
N LEU A 521 80.10 -67.61 27.58
CA LEU A 521 81.30 -67.14 28.27
C LEU A 521 80.87 -66.23 29.40
N LYS A 522 79.81 -65.47 29.14
CA LYS A 522 79.30 -64.54 30.12
C LYS A 522 78.84 -65.35 31.32
N PHE A 523 78.19 -66.49 31.10
CA PHE A 523 77.69 -67.24 32.23
C PHE A 523 78.88 -67.72 33.02
N TYR A 524 79.88 -68.25 32.33
CA TYR A 524 80.98 -68.83 33.08
C TYR A 524 81.69 -67.82 33.96
N LYS A 525 82.00 -66.62 33.46
CA LYS A 525 82.82 -65.73 34.28
C LYS A 525 82.20 -65.20 35.63
N PRO A 526 81.02 -64.54 35.63
CA PRO A 526 80.59 -64.11 36.98
C PRO A 526 80.10 -65.23 37.92
N TYR A 527 79.60 -66.31 37.34
CA TYR A 527 79.01 -67.39 38.14
C TYR A 527 80.01 -68.23 38.94
N ILE A 528 81.29 -68.27 38.52
CA ILE A 528 82.22 -69.23 39.14
C ILE A 528 82.30 -69.07 40.65
N CYS A 529 82.07 -67.85 41.15
CA CYS A 529 82.30 -67.51 42.55
C CYS A 529 81.56 -68.44 43.50
N ASP A 530 80.43 -68.97 43.06
CA ASP A 530 79.64 -69.83 43.91
C ASP A 530 80.45 -71.05 44.32
N ASP A 532 83.54 -76.03 44.79
CA ASP A 532 84.62 -75.47 45.59
C ASP A 532 85.72 -74.92 44.66
N PRO A 533 86.88 -74.49 45.20
CA PRO A 533 87.94 -74.03 44.28
C PRO A 533 88.56 -75.06 43.32
N LYS A 534 88.76 -76.31 43.74
CA LYS A 534 89.45 -77.30 42.91
C LYS A 534 88.70 -77.47 41.58
N TYR A 535 87.39 -77.64 41.72
CA TYR A 535 86.53 -77.79 40.57
C TYR A 535 86.60 -76.44 39.86
N GLU A 536 86.72 -75.36 40.61
CA GLU A 536 86.72 -74.01 40.04
C GLU A 536 87.82 -73.82 39.00
N ARG A 537 89.04 -74.17 39.37
CA ARG A 537 90.20 -73.96 38.50
C ARG A 537 89.85 -74.79 37.29
N LEU A 538 89.26 -75.94 37.57
CA LEU A 538 88.93 -76.84 36.48
C LEU A 538 87.93 -76.14 35.51
N VAL A 539 86.89 -75.51 36.04
CA VAL A 539 85.88 -74.88 35.18
C VAL A 539 86.50 -73.79 34.33
N ASN A 540 87.45 -73.05 34.90
CA ASN A 540 88.02 -72.00 34.06
C ASN A 540 88.79 -72.68 32.93
N ALA A 541 89.40 -73.81 33.28
CA ALA A 541 90.20 -74.58 32.33
C ALA A 541 89.33 -75.00 31.13
N ILE A 542 88.13 -75.49 31.44
CA ILE A 542 87.17 -75.97 30.43
C ILE A 542 86.73 -74.76 29.61
N LEU A 543 86.60 -73.64 30.32
CA LEU A 543 86.09 -72.40 29.76
C LEU A 543 87.01 -71.90 28.67
N ASP A 544 88.32 -71.93 28.88
CA ASP A 544 89.20 -71.42 27.82
C ASP A 544 89.05 -72.30 26.60
N PHE A 545 88.88 -73.60 26.83
CA PHE A 545 88.77 -74.55 25.74
C PHE A 545 87.54 -74.32 24.87
N LEU A 546 86.46 -73.94 25.54
CA LEU A 546 85.18 -73.75 24.89
C LEU A 546 85.12 -72.66 23.77
N PRO A 547 85.51 -71.39 24.02
CA PRO A 547 85.54 -70.52 22.84
C PRO A 547 86.63 -70.91 21.86
N LYS A 548 87.61 -71.68 22.32
CA LYS A 548 88.74 -72.08 21.49
C LYS A 548 88.27 -72.86 20.29
N ILE A 549 87.35 -73.79 20.51
CA ILE A 549 86.82 -74.61 19.41
C ILE A 549 85.29 -74.50 19.34
N SER A 556 78.34 -81.43 14.45
CA SER A 556 79.17 -82.59 14.80
C SER A 556 78.55 -83.83 15.58
N LYS A 557 78.25 -85.01 14.94
CA LYS A 557 77.70 -86.37 15.50
C LYS A 557 78.44 -86.57 16.81
N TYR A 558 77.71 -87.03 17.81
CA TYR A 558 77.83 -86.86 19.19
C TYR A 558 79.35 -86.75 19.72
N THR A 559 80.08 -87.56 19.06
CA THR A 559 81.52 -87.76 19.11
C THR A 559 82.59 -86.62 19.20
N ASP A 560 82.50 -85.61 18.38
CA ASP A 560 83.56 -84.64 18.25
C ASP A 560 83.79 -84.03 19.62
N LEU A 561 82.70 -83.77 20.35
CA LEU A 561 82.78 -83.09 21.63
C LEU A 561 83.69 -83.90 22.57
N LEU A 562 83.49 -85.21 22.63
CA LEU A 562 84.22 -86.04 23.57
C LEU A 562 85.69 -86.10 23.14
N ARG A 563 85.92 -86.15 21.82
CA ARG A 563 87.30 -86.21 21.38
C ARG A 563 88.08 -84.93 21.64
N ILE A 564 87.45 -83.78 21.45
CA ILE A 564 88.17 -82.54 21.74
C ILE A 564 88.37 -82.51 23.26
N ALA A 565 87.41 -83.07 24.01
CA ALA A 565 87.51 -83.08 25.47
C ALA A 565 88.80 -83.81 25.85
N LEU A 566 89.17 -84.79 25.03
CA LEU A 566 90.32 -85.66 25.32
C LEU A 566 91.66 -84.94 25.46
N MET A 567 91.81 -83.77 24.85
CA MET A 567 93.14 -83.12 24.79
C MET A 567 93.79 -82.88 26.15
N ALA A 568 93.07 -82.32 27.12
CA ALA A 568 93.74 -82.07 28.39
C ALA A 568 93.20 -83.03 29.44
N GLU A 569 94.14 -83.79 30.00
CA GLU A 569 93.85 -84.87 30.95
C GLU A 569 93.33 -84.38 32.30
N ASP A 570 93.78 -83.19 32.70
CA ASP A 570 93.47 -82.65 34.03
C ASP A 570 92.01 -82.32 34.33
N GLU A 571 91.14 -82.32 33.32
CA GLU A 571 89.82 -81.75 33.54
C GLU A 571 88.63 -82.71 33.65
N ALA A 572 87.61 -82.23 34.36
CA ALA A 572 86.34 -82.93 34.60
C ALA A 572 85.57 -83.07 33.31
N ILE A 573 85.70 -82.08 32.42
CA ILE A 573 85.02 -82.12 31.15
C ILE A 573 85.41 -83.42 30.49
N PHE A 574 86.68 -83.82 30.52
CA PHE A 574 87.01 -85.08 29.88
C PHE A 574 86.32 -86.29 30.54
N GLU A 575 86.30 -86.31 31.88
CA GLU A 575 85.69 -87.43 32.60
C GLU A 575 84.22 -87.56 32.26
N GLU A 576 83.57 -86.42 32.19
CA GLU A 576 82.16 -86.37 31.85
C GLU A 576 81.99 -86.82 30.43
N ALA A 577 82.93 -86.41 29.58
CA ALA A 577 82.89 -86.72 28.17
C ALA A 577 82.90 -88.22 28.04
N HIS A 578 83.72 -88.85 28.87
CA HIS A 578 83.84 -90.29 28.83
C HIS A 578 82.51 -90.87 29.28
N LYS A 579 81.87 -90.26 30.29
CA LYS A 579 80.61 -90.83 30.76
C LYS A 579 79.55 -90.77 29.66
N GLN A 580 79.41 -89.59 29.05
CA GLN A 580 78.40 -89.37 28.02
C GLN A 580 78.64 -90.22 26.76
N VAL A 581 79.89 -90.57 26.43
CA VAL A 581 80.07 -91.57 25.36
C VAL A 581 79.63 -92.94 25.87
N GLN A 582 79.93 -93.22 27.14
CA GLN A 582 79.49 -94.48 27.75
C GLN A 582 77.97 -94.67 27.60
N ARG A 583 77.20 -93.62 27.88
CA ARG A 583 75.78 -93.64 27.55
C ARG A 583 75.48 -92.70 26.38
N UNK A 584 90.66 -71.52 14.82
CA UNK A 584 90.97 -70.09 14.78
C UNK A 584 90.49 -69.45 16.07
N UNK A 585 91.25 -68.50 16.57
CA UNK A 585 90.92 -67.81 17.79
C UNK A 585 89.48 -67.26 17.77
N UNK A 586 89.00 -66.83 16.61
CA UNK A 586 87.65 -66.30 16.52
C UNK A 586 86.97 -66.52 15.17
N UNK A 587 85.67 -66.76 15.21
CA UNK A 587 84.90 -66.98 13.99
C UNK A 587 83.56 -66.23 14.05
N UNK A 588 83.39 -65.30 13.12
CA UNK A 588 82.22 -64.44 13.05
C UNK A 588 81.29 -64.76 11.89
N UNK A 589 79.99 -64.80 12.17
CA UNK A 589 78.98 -65.10 11.16
C UNK A 589 77.91 -64.00 11.14
N UNK A 590 78.16 -62.87 10.42
CA UNK A 590 77.23 -61.75 10.33
C UNK A 590 76.57 -61.49 8.97
N UNK A 591 76.85 -62.34 7.99
CA UNK A 591 76.26 -62.14 6.67
C UNK A 591 75.33 -63.30 6.36
N UNK A 592 74.46 -63.09 5.38
CA UNK A 592 73.53 -64.13 4.94
C UNK A 592 73.93 -64.65 3.56
N UNK A 593 76.83 -64.97 1.69
CA UNK A 593 78.28 -64.98 1.67
C UNK A 593 78.88 -63.66 2.15
N UNK A 594 79.99 -63.74 2.89
CA UNK A 594 80.69 -62.57 3.39
C UNK A 594 81.80 -62.30 2.39
N UNK A 595 81.85 -61.11 1.83
CA UNK A 595 82.90 -60.86 0.86
C UNK A 595 84.15 -60.24 1.44
N UNK A 596 83.99 -59.33 2.38
CA UNK A 596 85.13 -58.66 3.00
C UNK A 596 84.80 -58.34 4.44
N UNK A 597 85.84 -58.18 5.25
CA UNK A 597 85.69 -57.85 6.67
C UNK A 597 87.01 -57.23 7.10
N UNK A 598 86.98 -56.39 8.14
CA UNK A 598 88.21 -55.75 8.60
C UNK A 598 88.10 -55.20 10.03
N UNK A 599 89.25 -54.91 10.63
CA UNK A 599 89.33 -54.40 11.99
C UNK A 599 89.24 -52.87 12.05
N UNK A 600 88.80 -52.37 13.20
CA UNK A 600 88.73 -50.93 13.40
C UNK A 600 90.19 -50.55 13.64
N UNK A 601 90.53 -49.28 13.52
CA UNK A 601 91.91 -48.87 13.72
C UNK A 601 92.49 -49.26 15.07
N UNK A 602 91.66 -49.38 16.10
CA UNK A 602 92.16 -49.78 17.41
C UNK A 602 91.98 -51.29 17.60
N UNK A 603 91.50 -51.96 16.55
CA UNK A 603 91.29 -53.40 16.63
C UNK A 603 90.13 -53.87 17.51
N UNK A 604 89.47 -52.94 18.18
CA UNK A 604 88.34 -53.27 19.06
C UNK A 604 87.07 -53.76 18.36
N UNK A 605 86.88 -53.31 17.12
CA UNK A 605 85.69 -53.66 16.36
C UNK A 605 86.02 -54.28 15.01
N UNK A 606 85.00 -54.87 14.38
CA UNK A 606 85.14 -55.49 13.06
C UNK A 606 83.91 -55.16 12.23
N UNK A 607 84.12 -54.77 10.98
CA UNK A 607 83.01 -54.48 10.09
C UNK A 607 83.14 -55.49 8.97
N UNK A 608 82.01 -56.00 8.48
CA UNK A 608 81.99 -57.00 7.43
C UNK A 608 80.85 -56.72 6.49
N UNK A 609 81.09 -56.87 5.20
CA UNK A 609 80.06 -56.60 4.21
C UNK A 609 80.01 -57.76 3.24
N UNK A 610 78.82 -58.23 2.93
CA UNK A 610 78.74 -59.37 2.01
C UNK A 610 77.60 -59.26 1.02
N UNK A 611 77.24 -60.41 0.47
CA UNK A 611 76.26 -60.47 -0.60
C UNK A 611 74.85 -60.29 -0.06
N UNK A 612 74.72 -60.18 1.26
CA UNK A 612 73.39 -60.00 1.82
C UNK A 612 72.98 -58.52 1.77
N UNK A 613 73.82 -57.70 1.13
CA UNK A 613 73.59 -56.25 0.94
C UNK A 613 73.75 -55.35 2.19
N UNK A 614 74.05 -55.92 3.35
CA UNK A 614 74.17 -55.13 4.58
C UNK A 614 75.59 -54.80 5.07
N UNK A 615 75.69 -53.84 5.98
CA UNK A 615 76.96 -53.44 6.58
C UNK A 615 76.80 -53.93 8.00
N UNK A 616 77.78 -54.68 8.51
CA UNK A 616 77.68 -55.20 9.86
C UNK A 616 78.88 -54.83 10.69
N UNK A 617 78.65 -54.63 11.98
CA UNK A 617 79.75 -54.29 12.85
C UNK A 617 79.52 -54.95 14.20
N UNK A 618 80.61 -55.42 14.79
CA UNK A 618 80.58 -56.13 16.07
C UNK A 618 81.91 -55.99 16.81
N UNK A 619 81.89 -56.23 18.11
CA UNK A 619 83.10 -56.12 18.92
C UNK A 619 84.07 -57.21 18.46
N UNK A 620 85.36 -56.89 18.43
CA UNK A 620 86.35 -57.88 18.01
C UNK A 620 86.43 -58.98 19.06
N UNK A 621 86.31 -58.59 20.32
CA UNK A 621 86.34 -59.51 21.45
C UNK A 621 85.29 -60.61 21.48
N UNK A 622 84.02 -60.24 21.31
CA UNK A 622 82.92 -61.20 21.41
C UNK A 622 81.92 -61.38 20.26
N UNK A 623 82.04 -60.61 19.18
CA UNK A 623 81.10 -60.76 18.07
C UNK A 623 79.77 -60.11 18.38
N UNK A 624 79.68 -59.59 19.59
CA UNK A 624 78.51 -58.90 20.10
C UNK A 624 78.10 -57.87 19.05
N UNK A 625 76.98 -58.09 18.38
CA UNK A 625 76.55 -57.16 17.34
C UNK A 625 76.47 -55.70 17.79
N UNK A 626 77.02 -54.81 16.96
CA UNK A 626 77.02 -53.37 17.23
C UNK A 626 76.16 -52.62 16.20
N UNK A 627 76.31 -52.96 14.93
CA UNK A 627 75.50 -52.32 13.87
C UNK A 627 74.96 -53.33 12.86
N UNK A 628 73.72 -53.12 12.42
CA UNK A 628 73.08 -53.99 11.42
C UNK A 628 72.39 -53.07 10.39
N UNK A 629 73.18 -52.46 9.52
CA UNK A 629 72.71 -51.52 8.50
C UNK A 629 72.39 -52.18 7.15
N UNK A 630 71.44 -51.62 6.42
CA UNK A 630 71.10 -52.13 5.10
C UNK A 630 71.83 -51.20 4.11
N UNK A 631 73.14 -51.32 4.03
CA UNK A 631 73.98 -50.44 3.20
C UNK A 631 73.68 -50.18 1.71
N UNK A 632 73.42 -51.21 0.93
CA UNK A 632 73.15 -50.98 -0.48
C UNK A 632 72.01 -51.79 -1.07
N UNK A 633 71.82 -51.58 -2.37
CA UNK A 633 70.77 -52.23 -3.13
C UNK A 633 71.41 -53.27 -4.06
N UNK A 634 73.10 -53.57 -4.24
CA UNK A 634 73.81 -54.58 -5.01
C UNK A 634 75.12 -54.94 -4.27
N UNK A 635 75.59 -56.15 -4.51
CA UNK A 635 76.77 -56.69 -3.82
C UNK A 635 77.93 -55.72 -3.67
N UNK A 636 78.65 -55.84 -2.57
CA UNK A 636 79.79 -54.96 -2.29
C UNK A 636 81.08 -55.68 -2.63
N UNK A 637 82.15 -54.90 -2.82
CA UNK A 637 83.46 -55.47 -3.18
C UNK A 637 84.68 -55.13 -2.33
N UNK A 638 84.59 -54.07 -1.54
CA UNK A 638 85.72 -53.67 -0.73
C UNK A 638 85.29 -52.63 0.29
N UNK A 639 86.07 -52.51 1.36
CA UNK A 639 85.78 -51.56 2.44
C UNK A 639 87.08 -51.24 3.21
N UNK A 640 87.18 -50.03 3.76
CA UNK A 640 88.38 -49.65 4.49
C UNK A 640 88.10 -48.57 5.49
N UNK A 641 89.05 -48.35 6.41
CA UNK A 641 88.94 -47.34 7.45
C UNK A 641 89.84 -46.19 7.03
N UNK A 642 89.60 -45.00 7.57
CA UNK A 642 90.42 -43.83 7.25
C UNK A 642 91.63 -43.89 8.15
N UNK A 643 92.52 -42.90 8.03
CA UNK A 643 93.74 -42.85 8.83
C UNK A 643 93.49 -42.77 10.34
N UNK A 644 92.38 -42.18 10.75
CA UNK A 644 92.09 -42.08 12.19
C UNK A 644 90.84 -42.88 12.56
N UNK A 645 90.54 -43.90 11.77
CA UNK A 645 89.37 -44.75 12.02
C UNK A 645 88.11 -43.94 12.18
N UNK A 646 88.14 -42.68 11.80
CA UNK A 646 86.97 -41.84 11.94
C UNK A 646 85.90 -42.25 10.91
N UNK A 647 86.37 -42.79 9.79
CA UNK A 647 85.47 -43.19 8.73
C UNK A 647 85.77 -44.57 8.19
N UNK A 648 84.81 -45.05 7.39
CA UNK A 648 84.91 -46.34 6.73
C UNK A 648 84.27 -46.11 5.37
N UNK A 649 84.96 -46.46 4.30
CA UNK A 649 84.37 -46.29 3.01
C UNK A 649 83.97 -47.68 2.55
N UNK A 650 83.17 -47.76 1.50
CA UNK A 650 82.74 -49.02 0.92
C UNK A 650 82.46 -48.71 -0.52
N UNK A 651 82.93 -49.56 -1.41
CA UNK A 651 82.67 -49.35 -2.82
C UNK A 651 81.99 -50.64 -3.29
N UNK A 652 81.02 -50.53 -4.20
CA UNK A 652 80.30 -51.73 -4.64
C UNK A 652 80.01 -51.82 -6.11
N UNK A 653 79.27 -52.87 -6.47
CA UNK A 653 78.91 -53.13 -7.85
C UNK A 653 77.87 -52.14 -8.39
N UNK A 654 77.30 -51.33 -7.51
CA UNK A 654 76.33 -50.34 -7.96
C UNK A 654 77.11 -49.14 -8.47
N UNK A 655 78.42 -49.32 -8.56
CA UNK A 655 79.32 -48.29 -9.08
C UNK A 655 79.50 -47.10 -8.13
N UNK A 656 78.96 -47.21 -6.92
CA UNK A 656 79.08 -46.13 -5.95
C UNK A 656 80.14 -46.39 -4.89
N UNK A 657 80.58 -45.31 -4.24
CA UNK A 657 81.56 -45.34 -3.16
C UNK A 657 80.86 -44.61 -2.01
N UNK A 658 81.04 -45.07 -0.78
CA UNK A 658 80.35 -44.40 0.31
C UNK A 658 81.20 -44.19 1.54
N UNK A 659 80.91 -43.13 2.27
CA UNK A 659 81.68 -42.83 3.47
C UNK A 659 80.73 -42.91 4.65
N UNK A 660 81.18 -43.57 5.72
CA UNK A 660 80.35 -43.72 6.91
C UNK A 660 81.08 -43.29 8.18
N UNK A 661 80.31 -42.81 9.15
CA UNK A 661 80.86 -42.42 10.43
C UNK A 661 81.05 -43.78 11.07
N UNK A 662 82.29 -44.18 11.29
CA UNK A 662 82.55 -45.50 11.86
C UNK A 662 81.91 -45.70 13.22
N UNK A 663 81.49 -44.60 13.85
CA UNK A 663 80.89 -44.68 15.17
C UNK A 663 79.40 -44.92 15.15
N UNK A 664 77.58 -45.09 12.09
CA UNK A 664 77.18 -45.77 10.89
C UNK A 664 76.30 -44.95 9.99
N UNK A 665 76.18 -43.66 10.27
CA UNK A 665 75.35 -42.81 9.41
C UNK A 665 76.09 -42.46 8.12
N UNK A 666 75.39 -42.59 6.99
CA UNK A 666 75.95 -42.28 5.69
C UNK A 666 76.47 -40.85 5.75
N UNK A 667 77.75 -40.65 5.41
CA UNK A 667 78.36 -39.34 5.44
C UNK A 667 78.65 -38.87 4.02
N UNK A 668 77.80 -39.92 -0.49
CA UNK A 668 78.17 -40.92 -1.47
C UNK A 668 78.74 -40.29 -2.73
N UNK A 669 79.63 -41.01 -3.39
CA UNK A 669 80.28 -40.54 -4.60
C UNK A 669 79.98 -41.47 -5.75
N UNK A 670 79.11 -41.06 -6.66
CA UNK A 670 78.80 -41.90 -7.82
C UNK A 670 79.42 -41.24 -9.03
N UNK A 671 80.45 -41.87 -9.60
CA UNK A 671 81.13 -41.33 -10.77
C UNK A 671 81.76 -42.41 -11.59
N UNK A 672 84.25 -45.97 -9.63
CA UNK A 672 85.53 -45.67 -9.00
C UNK A 672 85.99 -46.90 -8.21
N UNK A 673 87.16 -47.42 -8.60
CA UNK A 673 87.76 -48.64 -8.04
C UNK A 673 88.69 -48.41 -6.84
N UNK A 674 89.61 -47.46 -6.97
CA UNK A 674 90.55 -47.15 -5.89
C UNK A 674 90.01 -46.05 -4.98
N UNK A 675 90.32 -46.17 -3.70
CA UNK A 675 90.03 -45.13 -2.71
C UNK A 675 90.82 -45.38 -1.43
N UNK A 676 91.77 -44.47 -1.18
CA UNK A 676 92.68 -44.54 -0.05
C UNK A 676 92.86 -43.17 0.62
N UNK A 677 93.02 -43.16 1.94
CA UNK A 677 93.20 -41.92 2.70
C UNK A 677 94.66 -41.59 2.91
N UNK A 678 94.95 -40.41 3.43
CA UNK A 678 96.33 -40.02 3.72
C UNK A 678 96.73 -40.67 5.03
N UNK A 679 98.00 -41.07 5.15
CA UNK A 679 98.48 -41.76 6.36
C UNK A 679 98.73 -40.85 7.55
N UNK A 680 99.42 -39.74 7.31
CA UNK A 680 99.72 -38.80 8.38
C UNK A 680 98.47 -38.21 9.04
N UNK A 681 98.43 -38.38 10.36
CA UNK A 681 97.35 -37.90 11.21
C UNK A 681 97.19 -36.38 11.14
N UNK A 682 97.99 -35.75 10.30
CA UNK A 682 97.93 -34.32 10.16
C UNK A 682 96.85 -33.91 9.16
N UNK A 683 97.15 -34.04 7.87
CA UNK A 683 96.20 -33.71 6.80
C UNK A 683 95.18 -34.84 6.60
N UNK A 684 94.05 -34.51 5.96
CA UNK A 684 92.97 -35.48 5.74
C UNK A 684 92.46 -35.52 4.31
N UNK A 685 93.20 -36.15 3.40
CA UNK A 685 92.77 -36.23 2.02
C UNK A 685 92.34 -37.61 1.61
N UNK A 686 91.59 -37.68 0.52
CA UNK A 686 91.11 -38.95 0.00
C UNK A 686 91.45 -38.99 -1.48
N UNK A 687 92.01 -40.11 -1.93
CA UNK A 687 92.37 -40.27 -3.31
C UNK A 687 91.52 -41.37 -3.92
N UNK A 688 91.03 -41.13 -5.12
CA UNK A 688 90.20 -42.10 -5.80
C UNK A 688 90.60 -42.29 -7.26
N UNK A 689 90.57 -43.54 -7.71
CA UNK A 689 90.90 -43.86 -9.08
C UNK A 689 89.62 -44.40 -9.70
N UNK A 690 89.35 -44.10 -10.96
CA UNK A 690 88.13 -44.58 -11.57
C UNK A 690 88.30 -45.09 -13.00
N UNK A 691 87.30 -45.80 -13.49
CA UNK A 691 87.30 -46.32 -14.85
C UNK A 691 87.25 -45.16 -15.84
N UNK A 692 86.99 -43.95 -15.34
CA UNK A 692 86.90 -42.78 -16.21
C UNK A 692 88.29 -42.23 -16.52
N UNK A 693 89.32 -42.95 -16.11
CA UNK A 693 90.72 -42.57 -16.36
C UNK A 693 91.28 -41.50 -15.43
N UNK A 694 90.47 -40.96 -14.54
CA UNK A 694 90.98 -39.94 -13.65
C UNK A 694 91.24 -40.43 -12.26
N UNK A 695 91.92 -39.57 -11.51
CA UNK A 695 92.26 -39.76 -10.12
C UNK A 695 91.75 -38.49 -9.46
N UNK A 696 91.28 -38.56 -8.23
CA UNK A 696 90.81 -37.36 -7.59
C UNK A 696 91.25 -37.23 -6.15
N UNK A 697 91.58 -36.00 -5.76
CA UNK A 697 91.97 -35.73 -4.39
C UNK A 697 90.79 -34.96 -3.84
N UNK A 698 90.30 -35.39 -2.67
CA UNK A 698 89.18 -34.73 -2.04
C UNK A 698 89.68 -34.23 -0.71
N UNK A 699 89.21 -33.04 -0.32
CA UNK A 699 89.59 -32.45 0.95
C UNK A 699 88.31 -32.59 1.75
N UNK A 700 88.20 -33.65 2.55
CA UNK A 700 87.02 -33.91 3.36
C UNK A 700 86.49 -32.70 4.11
N UNK A 701 87.35 -31.71 4.28
CA UNK A 701 86.98 -30.47 4.96
C UNK A 701 86.45 -29.48 3.92
N UNK A 702 85.88 -29.99 2.83
CA UNK A 702 85.36 -29.13 1.79
C UNK A 702 84.34 -29.84 0.92
N UNK A 703 83.17 -29.24 0.77
CA UNK A 703 82.10 -29.81 -0.03
C UNK A 703 82.54 -30.09 -1.46
N UNK A 704 83.78 -29.71 -1.80
CA UNK A 704 84.26 -29.89 -3.17
C UNK A 704 85.50 -30.75 -3.41
N UNK A 705 85.67 -31.11 -4.68
CA UNK A 705 86.80 -31.89 -5.15
C UNK A 705 87.97 -30.93 -5.00
N UNK A 706 89.19 -31.44 -4.82
CA UNK A 706 90.33 -30.55 -4.67
C UNK A 706 91.23 -30.58 -5.88
N UNK A 707 91.25 -31.71 -6.56
CA UNK A 707 92.09 -31.85 -7.73
C UNK A 707 91.60 -33.03 -8.56
N UNK A 708 91.93 -33.00 -9.84
CA UNK A 708 91.54 -34.08 -10.74
C UNK A 708 92.75 -34.38 -11.58
N UNK A 709 93.50 -35.41 -11.21
CA UNK A 709 94.69 -35.76 -11.96
C UNK A 709 94.40 -36.36 -13.31
N UNK A 710 94.64 -35.60 -14.37
CA UNK A 710 94.43 -36.15 -15.70
C UNK A 710 95.75 -36.79 -16.12
N UNK A 711 90.71 -51.70 -16.44
CA UNK A 711 91.70 -51.29 -15.44
C UNK A 711 91.13 -51.69 -14.09
N UNK A 712 91.78 -52.63 -13.42
CA UNK A 712 91.27 -53.14 -12.17
C UNK A 712 91.81 -52.51 -10.91
N UNK A 713 92.92 -51.78 -11.01
CA UNK A 713 93.48 -51.23 -9.80
C UNK A 713 94.50 -50.16 -10.15
N UNK A 714 94.77 -49.26 -9.22
CA UNK A 714 95.71 -48.15 -9.42
C UNK A 714 96.04 -47.49 -8.08
N UNK A 715 97.31 -47.17 -7.90
CA UNK A 715 97.77 -46.54 -6.66
C UNK A 715 98.80 -45.48 -6.98
N UNK A 716 98.74 -44.37 -6.28
CA UNK A 716 99.72 -43.33 -6.49
C UNK A 716 100.96 -43.82 -5.80
N UNK A 717 102.12 -43.34 -6.23
CA UNK A 717 103.35 -43.75 -5.59
C UNK A 717 103.45 -42.90 -4.31
N UNK A 718 104.24 -43.37 -3.33
CA UNK A 718 104.35 -42.59 -2.10
C UNK A 718 104.79 -41.19 -2.50
N UNK A 719 104.71 -38.67 -7.59
CA UNK A 719 105.07 -38.42 -8.98
C UNK A 719 104.64 -39.50 -9.98
N UNK A 720 104.37 -40.70 -9.50
CA UNK A 720 103.96 -41.77 -10.40
C UNK A 720 102.62 -42.36 -10.05
N UNK A 721 101.97 -42.96 -11.05
CA UNK A 721 100.67 -43.59 -10.85
C UNK A 721 100.78 -44.99 -11.40
N UNK A 722 100.79 -45.98 -10.52
CA UNK A 722 100.87 -47.34 -10.96
C UNK A 722 99.47 -47.81 -11.37
N UNK A 723 99.39 -48.63 -12.39
CA UNK A 723 98.11 -49.09 -12.87
C UNK A 723 98.16 -50.56 -13.23
N UNK A 724 97.12 -51.26 -12.82
CA UNK A 724 96.99 -52.70 -12.99
C UNK A 724 95.74 -53.05 -13.78
N UNK A 725 95.90 -53.91 -14.78
CA UNK A 725 94.76 -54.28 -15.64
C UNK A 725 94.64 -55.75 -16.01
N UNK A 726 93.65 -56.02 -16.86
CA UNK A 726 93.36 -57.35 -17.35
C UNK A 726 94.17 -57.62 -18.60
N UNK A 727 94.71 -56.56 -19.20
CA UNK A 727 95.51 -56.73 -20.41
C UNK A 727 96.86 -57.36 -20.12
N UNK A 728 97.07 -57.81 -18.88
CA UNK A 728 98.32 -58.45 -18.52
C UNK A 728 99.50 -57.53 -18.28
N UNK A 729 99.24 -56.26 -18.00
CA UNK A 729 100.32 -55.33 -17.75
C UNK A 729 100.26 -54.62 -16.39
N UNK A 730 101.39 -54.04 -16.01
CA UNK A 730 101.50 -53.22 -14.81
C UNK A 730 101.95 -51.98 -15.56
N UNK A 731 101.56 -50.79 -15.12
CA UNK A 731 101.98 -49.62 -15.87
C UNK A 731 102.24 -48.44 -14.99
N UNK A 732 103.25 -47.66 -15.35
CA UNK A 732 103.57 -46.48 -14.57
C UNK A 732 103.35 -45.21 -15.36
N UNK A 733 102.24 -44.53 -15.08
CA UNK A 733 101.97 -43.29 -15.75
C UNK A 733 102.66 -42.19 -14.95
N UNK A 734 102.88 -41.04 -15.60
CA UNK A 734 103.54 -39.89 -14.96
C UNK A 734 102.48 -38.89 -14.58
N UNK A 735 102.19 -38.79 -13.29
CA UNK A 735 101.16 -37.87 -12.81
C UNK A 735 101.19 -36.47 -13.40
N UNK A 736 102.30 -35.77 -13.22
CA UNK A 736 102.40 -34.41 -13.71
C UNK A 736 101.99 -34.22 -15.17
N UNK A 737 102.08 -35.28 -15.98
CA UNK A 737 101.73 -35.14 -17.38
C UNK A 737 100.79 -36.20 -17.95
N UNK A 738 100.35 -37.12 -17.10
CA UNK A 738 99.44 -38.20 -17.52
C UNK A 738 99.96 -38.98 -18.74
N UNK A 739 101.27 -39.17 -18.82
CA UNK A 739 101.91 -39.91 -19.92
C UNK A 739 102.33 -41.31 -19.51
N UNK A 740 102.28 -42.25 -20.43
CA UNK A 740 102.69 -43.62 -20.07
C UNK A 740 104.22 -43.66 -20.08
N UNK A 741 104.82 -43.97 -18.92
CA UNK A 741 106.29 -44.05 -18.82
C UNK A 741 106.78 -45.47 -19.07
N UNK A 742 106.14 -46.47 -18.47
CA UNK A 742 106.55 -47.84 -18.68
C UNK A 742 105.35 -48.78 -18.68
N UNK A 743 105.59 -50.00 -19.10
CA UNK A 743 104.56 -51.03 -19.14
C UNK A 743 105.28 -52.33 -18.88
N UNK A 744 104.77 -53.15 -17.97
CA UNK A 744 105.39 -54.42 -17.65
C UNK A 744 104.47 -55.59 -17.91
N UNK A 745 104.75 -56.32 -18.98
CA UNK A 745 103.94 -57.48 -19.32
C UNK A 745 104.15 -58.62 -18.32
N UNK A 746 103.06 -59.23 -17.88
CA UNK A 746 103.19 -60.35 -16.98
C UNK A 746 103.06 -61.64 -17.81
N UNK A 747 104.23 -62.26 -17.98
CA UNK A 747 104.44 -63.48 -18.78
C UNK A 747 104.95 -64.65 -17.95
N UNK A 748 104.46 -64.80 -16.73
CA UNK A 748 104.92 -65.88 -15.87
C UNK A 748 103.97 -67.04 -15.92
N UNK A 749 103.20 -67.12 -16.99
CA UNK A 749 102.21 -68.16 -17.13
C UNK A 749 102.28 -68.84 -18.51
N UNK A 750 102.21 -70.17 -18.50
CA UNK A 750 102.32 -70.96 -19.71
C UNK A 750 101.16 -71.94 -19.87
N UNK A 751 94.39 -57.31 -9.09
CA UNK A 751 94.58 -56.91 -7.70
C UNK A 751 95.87 -56.09 -7.62
N UNK A 752 95.89 -55.03 -6.81
CA UNK A 752 97.11 -54.24 -6.69
C UNK A 752 97.07 -53.27 -5.55
N UNK A 753 97.58 -53.72 -4.41
CA UNK A 753 97.60 -52.94 -3.18
C UNK A 753 98.93 -52.34 -2.79
N UNK A 754 98.85 -51.29 -1.98
CA UNK A 754 100.01 -50.54 -1.48
C UNK A 754 100.61 -51.12 -0.23
N UNK A 755 101.84 -50.70 0.07
CA UNK A 755 102.51 -51.15 1.28
C UNK A 755 102.00 -50.27 2.40
N UNK A 756 102.39 -50.59 3.63
CA UNK A 756 101.96 -49.84 4.79
C UNK A 756 102.41 -48.38 4.76
N UNK A 757 103.65 -48.17 4.35
CA UNK A 757 104.22 -46.85 4.28
C UNK A 757 103.85 -46.15 2.97
N UNK A 758 103.15 -46.84 2.10
CA UNK A 758 102.76 -46.24 0.83
C UNK A 758 103.95 -45.99 -0.10
N UNK A 759 105.07 -46.63 0.21
CA UNK A 759 106.28 -46.47 -0.58
C UNK A 759 106.55 -47.66 -1.48
N UNK A 760 105.65 -48.63 -1.49
CA UNK A 760 105.83 -49.80 -2.33
C UNK A 760 104.45 -50.31 -2.75
N UNK A 761 104.40 -51.01 -3.88
CA UNK A 761 103.13 -51.51 -4.39
C UNK A 761 103.33 -52.91 -4.95
N UNK A 762 102.42 -53.84 -4.65
CA UNK A 762 102.59 -55.17 -5.23
C UNK A 762 101.50 -55.30 -6.27
N UNK A 763 101.78 -56.05 -7.35
CA UNK A 763 100.80 -56.29 -8.40
C UNK A 763 100.89 -57.72 -8.88
N UNK A 764 99.83 -58.18 -9.54
CA UNK A 764 99.76 -59.56 -10.02
C UNK A 764 99.39 -59.65 -11.51
N UNK A 765 99.97 -60.64 -12.17
CA UNK A 765 99.73 -60.89 -13.59
C UNK A 765 100.16 -62.31 -13.98
N UNK A 766 101.41 -65.46 -14.11
CA UNK A 766 101.97 -66.29 -13.06
C UNK A 766 102.74 -65.62 -11.95
N UNK A 767 102.83 -64.30 -11.93
CA UNK A 767 103.64 -63.69 -10.88
C UNK A 767 103.05 -62.51 -10.14
N UNK A 768 103.61 -62.29 -8.97
CA UNK A 768 103.27 -61.18 -8.11
C UNK A 768 104.57 -60.38 -8.20
N UNK A 769 104.48 -59.07 -8.34
CA UNK A 769 105.67 -58.24 -8.47
C UNK A 769 105.64 -57.07 -7.49
N UNK A 770 106.77 -56.81 -6.86
CA UNK A 770 106.87 -55.70 -5.92
C UNK A 770 107.62 -54.53 -6.51
N UNK A 771 106.93 -53.41 -6.63
CA UNK A 771 107.52 -52.21 -7.19
C UNK A 771 107.78 -51.11 -6.19
N UNK A 772 108.78 -50.29 -6.51
CA UNK A 772 109.14 -49.17 -5.69
C UNK A 772 108.35 -48.00 -6.29
N UNK A 773 107.36 -47.51 -5.55
CA UNK A 773 106.50 -46.42 -6.01
C UNK A 773 107.27 -45.22 -6.59
N UNK A 774 111.28 -44.85 -7.53
CA UNK A 774 112.15 -45.28 -8.61
C UNK A 774 111.43 -46.12 -9.69
N UNK A 775 110.31 -46.74 -9.34
CA UNK A 775 109.56 -47.59 -10.27
C UNK A 775 110.35 -48.87 -10.53
N UNK A 776 111.19 -49.23 -9.57
CA UNK A 776 111.99 -50.42 -9.72
C UNK A 776 111.27 -51.66 -9.25
N UNK A 777 111.65 -52.78 -9.83
CA UNK A 777 111.06 -54.06 -9.47
C UNK A 777 111.86 -54.60 -8.31
N UNK A 778 111.32 -54.51 -7.10
CA UNK A 778 112.01 -54.99 -5.93
C UNK A 778 111.86 -56.48 -5.66
N UNK A 779 110.95 -57.14 -6.38
CA UNK A 779 110.76 -58.56 -6.16
C UNK A 779 109.87 -59.24 -7.19
N UNK A 780 110.12 -60.51 -7.40
CA UNK A 780 109.37 -61.29 -8.36
C UNK A 780 109.22 -62.72 -7.89
N UNK A 781 108.12 -63.03 -7.23
CA UNK A 781 107.90 -64.39 -6.80
C UNK A 781 107.03 -65.05 -7.88
N UNK A 782 106.73 -67.18 -5.98
CA UNK A 782 106.01 -67.92 -7.00
C UNK A 782 105.01 -68.82 -6.32
N UNK A 783 103.76 -68.67 -6.68
CA UNK A 783 102.69 -69.42 -6.07
C UNK A 783 102.45 -70.80 -6.66
N UNK A 784 98.22 -71.96 -10.37
CA UNK A 784 96.79 -71.70 -10.22
C UNK A 784 96.72 -70.21 -10.52
N UNK A 785 95.76 -69.50 -9.95
CA UNK A 785 95.67 -68.05 -10.17
C UNK A 785 95.23 -67.33 -8.91
N UNK A 786 96.01 -66.33 -8.51
CA UNK A 786 95.70 -65.55 -7.33
C UNK A 786 94.38 -64.85 -7.58
N UNK A 787 93.42 -65.08 -6.69
CA UNK A 787 92.09 -64.48 -6.82
C UNK A 787 91.99 -63.10 -6.14
N UNK A 788 92.81 -62.85 -5.13
CA UNK A 788 92.82 -61.55 -4.46
C UNK A 788 94.00 -61.43 -3.51
N UNK A 789 94.33 -60.18 -3.13
CA UNK A 789 95.44 -59.92 -2.22
C UNK A 789 95.37 -58.56 -1.55
N UNK A 790 96.33 -58.26 -0.68
CA UNK A 790 96.38 -56.97 -0.02
C UNK A 790 97.71 -56.84 0.65
N UNK A 791 98.34 -55.70 0.40
CA UNK A 791 99.65 -55.39 0.92
C UNK A 791 99.52 -54.64 2.24
N UNK A 792 100.21 -55.13 3.27
CA UNK A 792 100.18 -54.54 4.60
C UNK A 792 100.91 -53.20 4.63
N UNK A 793 100.85 -52.49 5.76
CA UNK A 793 101.55 -51.21 5.81
C UNK A 793 102.86 -51.36 6.57
N UNK A 794 103.10 -52.57 7.09
CA UNK A 794 104.31 -52.89 7.86
C UNK A 794 104.82 -54.28 7.49
N UNK A 795 106.05 -54.57 7.91
CA UNK A 795 106.67 -55.87 7.65
C UNK A 795 106.58 -56.35 6.19
N UNK A 796 106.31 -55.44 5.26
CA UNK A 796 106.17 -55.78 3.84
C UNK A 796 105.30 -57.02 3.69
N UNK A 797 104.33 -57.19 4.59
CA UNK A 797 103.47 -58.35 4.52
C UNK A 797 102.44 -58.19 3.44
N UNK A 798 102.09 -59.31 2.82
CA UNK A 798 101.10 -59.30 1.78
C UNK A 798 100.25 -60.54 1.95
N UNK A 799 98.93 -60.37 1.92
CA UNK A 799 98.04 -61.52 2.06
C UNK A 799 97.35 -61.72 0.75
N UNK A 800 97.30 -62.96 0.30
CA UNK A 800 96.66 -63.26 -0.95
C UNK A 800 95.80 -64.49 -0.83
N UNK A 801 94.61 -64.43 -1.40
CA UNK A 801 93.73 -65.57 -1.39
C UNK A 801 94.27 -66.28 -2.61
N UNK A 802 89.84 -71.27 -1.56
CA UNK A 802 90.00 -71.30 -0.12
C UNK A 802 91.39 -71.41 0.53
N UNK A 803 92.46 -71.28 -0.25
CA UNK A 803 93.79 -71.34 0.32
C UNK A 803 94.20 -69.92 0.60
N UNK A 804 94.68 -69.64 1.80
CA UNK A 804 95.06 -68.28 2.13
C UNK A 804 96.43 -68.28 2.74
N UNK A 805 97.36 -67.60 2.11
CA UNK A 805 98.70 -67.53 2.65
C UNK A 805 99.23 -66.12 2.61
N UNK A 806 99.90 -65.69 3.68
CA UNK A 806 100.46 -64.36 3.67
C UNK A 806 101.96 -64.50 3.50
N UNK A 807 102.49 -63.70 2.59
CA UNK A 807 103.90 -63.69 2.22
C UNK A 807 104.65 -62.46 2.70
N UNK A 808 105.96 -62.55 2.59
CA UNK A 808 106.86 -61.49 2.99
C UNK A 808 107.58 -60.97 1.74
N UNK A 809 107.08 -59.89 1.16
CA UNK A 809 107.73 -59.31 -0.02
C UNK A 809 109.10 -58.93 0.52
N UNK A 810 110.06 -58.62 -0.33
CA UNK A 810 111.39 -58.27 0.16
C UNK A 810 112.16 -59.54 0.56
N UNK A 811 110.63 -62.38 -0.05
CA UNK A 811 110.04 -63.20 -1.12
C UNK A 811 109.78 -64.63 -0.69
N UNK A 812 109.39 -64.81 0.57
CA UNK A 812 109.12 -66.13 1.13
C UNK A 812 107.74 -66.21 1.80
N UNK A 813 107.13 -67.39 1.79
CA UNK A 813 105.85 -67.52 2.47
C UNK A 813 106.14 -67.49 3.97
N UNK A 814 105.26 -66.82 4.71
CA UNK A 814 105.38 -66.65 6.14
C UNK A 814 104.39 -67.48 6.93
N UNK A 815 103.17 -67.61 6.42
CA UNK A 815 102.17 -68.38 7.12
C UNK A 815 101.09 -68.94 6.23
N UNK A 816 100.54 -70.07 6.64
CA UNK A 816 99.46 -70.70 5.92
C UNK A 816 98.23 -70.45 6.77
N UNK A 817 97.23 -69.84 6.18
CA UNK A 817 96.01 -69.53 6.90
C UNK A 817 94.89 -70.43 6.43
N UNK A 818 94.64 -71.50 7.17
CA UNK A 818 93.61 -72.45 6.81
C UNK A 818 92.34 -72.09 7.57
N UNK A 819 91.30 -71.67 6.85
CA UNK A 819 90.05 -71.32 7.52
C UNK A 819 88.79 -71.63 6.74
N UNK A 820 88.90 -71.70 5.42
CA UNK A 820 87.74 -71.97 4.58
C UNK A 820 87.92 -73.25 3.74
N UNK A 821 86.82 -73.85 3.34
CA UNK A 821 86.87 -75.04 2.49
C UNK A 821 85.99 -74.75 1.25
N UNK A 822 84.88 -73.55 1.61
CA UNK A 822 84.21 -72.80 0.57
C UNK A 822 85.13 -71.65 0.23
N UNK A 823 85.11 -71.24 -1.03
CA UNK A 823 85.92 -70.14 -1.55
C UNK A 823 86.31 -68.98 -0.65
N UNK A 824 87.60 -68.63 -0.62
CA UNK A 824 88.05 -67.54 0.24
C UNK A 824 88.30 -66.34 -0.64
N UNK A 825 87.50 -65.29 -0.46
CA UNK A 825 87.59 -64.10 -1.27
C UNK A 825 88.66 -63.13 -0.84
N UNK A 826 88.79 -62.93 0.46
CA UNK A 826 89.76 -61.99 0.94
C UNK A 826 90.48 -62.46 2.18
N UNK A 827 91.52 -61.73 2.54
CA UNK A 827 92.31 -62.13 3.68
C UNK A 827 93.30 -61.01 4.00
N UNK A 828 93.48 -60.67 5.27
CA UNK A 828 94.49 -59.66 5.56
C UNK A 828 94.94 -59.55 7.01
N UNK A 829 96.10 -58.93 7.18
CA UNK A 829 96.71 -58.78 8.49
C UNK A 829 96.12 -57.64 9.26
N UNK A 830 96.23 -57.73 10.58
CA UNK A 830 95.78 -56.67 11.46
C UNK A 830 96.83 -55.62 11.20
N UNK A 831 96.65 -54.41 11.71
CA UNK A 831 97.68 -53.41 11.43
C UNK A 831 99.07 -53.72 12.00
N UNK A 832 99.15 -54.35 13.17
CA UNK A 832 100.46 -54.67 13.73
C UNK A 832 100.92 -56.02 13.21
N UNK A 833 100.13 -56.56 12.28
CA UNK A 833 100.44 -57.84 11.69
C UNK A 833 100.49 -58.96 12.69
N UNK A 834 99.91 -58.73 13.87
CA UNK A 834 99.92 -59.76 14.90
C UNK A 834 98.87 -60.81 14.60
N UNK A 835 97.90 -60.47 13.80
CA UNK A 835 96.87 -61.44 13.47
C UNK A 835 96.33 -61.12 12.08
N UNK A 836 95.51 -62.01 11.54
CA UNK A 836 94.92 -61.80 10.22
C UNK A 836 93.51 -62.35 10.17
N UNK A 837 92.72 -61.88 9.22
CA UNK A 837 91.35 -62.35 9.09
C UNK A 837 91.15 -63.05 7.76
N UNK A 838 90.16 -63.92 7.70
CA UNK A 838 89.84 -64.68 6.49
C UNK A 838 88.38 -64.42 6.14
N UNK A 839 88.10 -64.06 4.89
CA UNK A 839 86.71 -63.80 4.47
C UNK A 839 86.29 -64.77 3.36
N UNK A 840 85.20 -65.49 3.56
CA UNK A 840 84.81 -66.45 2.53
C UNK A 840 83.35 -66.58 2.13
N UNK A 841 83.17 -67.44 1.14
CA UNK A 841 81.89 -67.76 0.54
C UNK A 841 81.00 -68.52 1.52
N UNK A 842 81.61 -69.18 2.49
CA UNK A 842 80.83 -69.90 3.50
C UNK A 842 80.30 -68.85 4.44
N UNK A 843 80.22 -67.61 3.92
CA UNK A 843 79.74 -66.44 4.64
C UNK A 843 80.24 -66.26 6.07
N UNK A 844 81.49 -66.61 6.31
CA UNK A 844 82.04 -66.42 7.63
C UNK A 844 83.30 -65.57 7.53
N UNK A 845 83.70 -65.02 8.65
CA UNK A 845 84.89 -64.22 8.75
C UNK A 845 85.59 -64.77 9.96
N UNK A 846 86.83 -65.21 9.80
CA UNK A 846 87.55 -65.78 10.95
C UNK A 846 88.84 -65.03 11.25
N UNK A 847 89.09 -64.80 12.53
CA UNK A 847 90.29 -64.10 12.94
C UNK A 847 91.30 -65.09 13.47
N UNK A 848 92.52 -64.96 12.96
CA UNK A 848 93.62 -65.82 13.35
C UNK A 848 94.75 -65.00 13.94
N UNK A 849 95.53 -65.63 14.80
CA UNK A 849 96.68 -64.97 15.39
C UNK A 849 97.90 -65.61 14.75
N UNK A 850 98.65 -64.81 13.99
CA UNK A 850 99.83 -65.26 13.27
C UNK A 850 100.75 -66.15 14.06
N UNK A 851 101.29 -65.61 15.16
CA UNK A 851 102.20 -66.37 16.00
C UNK A 851 101.74 -67.83 16.13
N UNK A 852 100.58 -68.04 16.74
CA UNK A 852 100.03 -69.38 16.94
C UNK A 852 99.86 -70.18 15.65
N UNK A 853 99.57 -69.53 14.54
CA UNK A 853 99.37 -70.25 13.27
C UNK A 853 100.68 -70.73 12.66
N UNK A 854 101.73 -69.91 12.75
CA UNK A 854 103.02 -70.24 12.18
C UNK A 854 103.79 -71.30 12.95
N UNK A 855 103.42 -71.53 14.19
CA UNK A 855 104.10 -72.53 14.98
C UNK A 855 104.00 -73.86 14.26
N UNK A 856 105.10 -74.59 14.24
CA UNK A 856 105.17 -75.89 13.60
C UNK A 856 104.23 -76.84 14.33
N UNK A 857 105.38 -80.63 7.75
CA UNK A 857 104.73 -81.56 8.65
C UNK A 857 103.71 -82.46 7.96
N UNK A 858 103.40 -83.55 8.66
CA UNK A 858 102.48 -84.57 8.20
C UNK A 858 101.05 -84.27 8.64
N UNK A 859 100.83 -83.08 9.18
CA UNK A 859 99.49 -82.78 9.61
C UNK A 859 98.56 -82.66 8.40
N UNK A 860 99.04 -82.04 7.32
CA UNK A 860 98.24 -81.90 6.11
C UNK A 860 98.86 -82.65 4.95
N UNK A 861 98.09 -83.54 4.35
CA UNK A 861 98.60 -84.33 3.23
C UNK A 861 97.65 -84.11 2.08
N UNK A 862 97.98 -84.75 0.96
CA UNK A 862 97.16 -84.69 -0.25
C UNK A 862 96.31 -85.92 -0.12
N UNK A 863 95.41 -86.14 -1.08
CA UNK A 863 94.56 -87.32 -1.01
C UNK A 863 95.19 -88.55 -1.69
N UNK A 864 96.42 -88.38 -2.16
CA UNK A 864 97.13 -89.46 -2.77
C UNK A 864 97.93 -90.16 -1.68
N UNK A 865 97.39 -91.26 -1.17
CA UNK A 865 98.02 -92.03 -0.11
C UNK A 865 97.80 -93.52 -0.31
N UNK A 866 98.61 -94.31 0.38
CA UNK A 866 98.48 -95.75 0.33
C UNK A 866 98.68 -96.28 1.75
N UNK A 867 97.84 -97.25 2.11
CA UNK A 867 97.84 -97.84 3.46
C UNK A 867 98.15 -99.33 3.51
N UNK A 868 98.85 -99.74 4.56
CA UNK A 868 99.20 -101.14 4.77
C UNK A 868 98.85 -101.55 6.19
N UNK A 869 97.76 -102.30 6.33
CA UNK A 869 97.30 -102.78 7.63
C UNK A 869 98.07 -104.02 8.06
N UNK A 870 99.11 -103.84 8.89
CA UNK A 870 99.90 -104.96 9.33
C UNK A 870 99.62 -105.42 10.77
N UNK A 871 99.49 -102.99 13.86
CA UNK A 871 99.39 -101.56 13.54
C UNK A 871 99.03 -101.23 12.07
N UNK A 872 98.81 -99.94 11.81
CA UNK A 872 98.48 -99.46 10.47
C UNK A 872 99.58 -98.53 9.94
N UNK A 873 99.81 -98.60 8.64
CA UNK A 873 100.84 -97.79 7.98
C UNK A 873 100.30 -96.99 6.80
N UNK A 874 100.53 -95.68 6.84
CA UNK A 874 100.07 -94.80 5.78
C UNK A 874 101.23 -94.01 5.17
N UNK A 875 101.39 -94.14 3.86
CA UNK A 875 102.45 -93.43 3.14
C UNK A 875 101.64 -92.39 2.38
N UNK A 876 102.04 -91.12 2.48
CA UNK A 876 101.26 -90.12 1.79
C UNK A 876 102.05 -89.01 1.15
N UNK A 877 101.51 -88.48 0.06
CA UNK A 877 102.11 -87.38 -0.68
C UNK A 877 101.90 -86.11 0.15
N UNK A 878 102.99 -85.49 0.62
CA UNK A 878 102.84 -84.28 1.42
C UNK A 878 102.12 -83.17 0.65
N UNK A 879 101.40 -82.33 1.39
CA UNK A 879 100.65 -81.22 0.81
C UNK A 879 101.56 -80.18 0.14
N UNK A 880 106.74 -86.84 0.66
CA UNK A 880 105.75 -87.77 1.15
C UNK A 880 106.11 -88.18 2.56
N UNK A 881 105.08 -88.50 3.34
CA UNK A 881 105.24 -88.87 4.74
C UNK A 881 104.97 -90.36 4.99
N UNK A 882 105.81 -90.97 5.80
CA UNK A 882 105.62 -92.36 6.16
C UNK A 882 104.96 -92.28 7.53
N UNK A 883 103.63 -92.23 7.52
CA UNK A 883 102.84 -92.13 8.75
C UNK A 883 102.45 -93.48 9.33
N UNK A 884 102.84 -93.71 10.57
CA UNK A 884 102.52 -94.95 11.26
C UNK A 884 101.37 -94.67 12.23
N UNK A 885 100.15 -95.03 11.84
CA UNK A 885 99.01 -94.80 12.70
C UNK A 885 99.23 -95.55 13.99
N UNK A 886 98.65 -95.09 15.10
CA UNK A 886 98.87 -95.75 16.38
C UNK A 886 100.34 -95.50 16.76
N UNK A 887 105.31 -91.37 15.00
CA UNK A 887 106.31 -91.83 14.04
C UNK A 887 106.08 -91.41 12.58
N UNK A 888 106.33 -90.14 12.32
CA UNK A 888 106.19 -89.58 11.00
C UNK A 888 107.59 -89.37 10.43
N UNK A 889 107.83 -89.99 9.27
CA UNK A 889 109.12 -89.90 8.62
C UNK A 889 109.00 -89.29 7.25
N UNK A 890 109.68 -88.17 7.09
CA UNK A 890 109.68 -87.39 5.87
C UNK A 890 110.73 -87.81 4.86
N UNK A 891 110.34 -87.74 3.59
CA UNK A 891 111.20 -88.08 2.49
C UNK A 891 110.97 -86.97 1.47
N UNK A 892 111.91 -86.04 1.36
CA UNK A 892 111.80 -84.93 0.42
C UNK A 892 111.84 -85.40 -1.02
N UNK A 893 111.31 -84.60 -1.93
CA UNK A 893 111.33 -84.97 -3.34
C UNK A 893 110.67 -83.93 -4.23
N UNK A 894 106.06 -85.15 -5.63
CA UNK A 894 105.54 -86.36 -6.22
C UNK A 894 104.08 -86.16 -6.59
N UNK A 895 103.53 -87.11 -7.33
CA UNK A 895 102.14 -87.03 -7.75
C UNK A 895 101.32 -88.24 -7.30
N UNK A 896 102.01 -89.28 -6.86
CA UNK A 896 101.33 -90.47 -6.39
C UNK A 896 102.26 -91.32 -5.57
N UNK A 897 101.69 -92.06 -4.64
CA UNK A 897 102.49 -92.87 -3.76
C UNK A 897 102.33 -94.36 -3.99
N UNK A 898 103.13 -95.15 -3.27
CA UNK A 898 103.10 -96.60 -3.40
C UNK A 898 103.92 -97.28 -2.30
N UNK A 899 103.35 -98.31 -1.69
CA UNK A 899 104.05 -99.05 -0.62
C UNK A 899 104.22 -100.51 -1.01
N UNK A 900 105.44 -101.01 -0.87
CA UNK A 900 105.73 -102.40 -1.20
C UNK A 900 105.41 -103.25 0.00
N UNK A 901 104.45 -104.18 -0.12
CA UNK A 901 104.15 -105.01 1.06
C UNK A 901 105.47 -105.46 1.66
N UNK A 902 110.45 -100.68 1.02
CA UNK A 902 110.53 -99.91 -0.22
C UNK A 902 109.29 -99.06 -0.41
N UNK A 903 109.47 -97.84 -0.91
CA UNK A 903 108.34 -96.96 -1.21
C UNK A 903 108.61 -96.45 -2.61
N UNK A 904 107.58 -96.26 -3.40
CA UNK A 904 107.78 -95.77 -4.75
C UNK A 904 106.87 -94.58 -5.02
N UNK A 905 107.26 -93.72 -5.95
CA UNK A 905 106.39 -92.59 -6.24
C UNK A 905 106.38 -92.03 -7.64
N UNK A 906 105.23 -91.46 -7.98
CA UNK A 906 105.02 -90.86 -9.27
C UNK A 906 105.58 -89.46 -9.28
N UNK A 907 105.69 -88.87 -10.45
CA UNK A 907 106.27 -87.55 -10.57
C UNK A 907 105.44 -86.71 -11.52
N UNK A 908 105.52 -85.39 -11.36
CA UNK A 908 104.76 -84.47 -12.19
C UNK A 908 105.24 -84.59 -13.65
N UNK A 909 108.63 -88.96 -13.95
CA UNK A 909 109.67 -89.76 -13.30
C UNK A 909 109.12 -90.82 -12.35
N UNK A 910 109.88 -91.90 -12.18
CA UNK A 910 109.51 -92.99 -11.28
C UNK A 910 110.70 -93.30 -10.38
N UNK A 911 110.49 -93.45 -9.08
CA UNK A 911 111.59 -93.74 -8.17
C UNK A 911 111.23 -94.65 -7.01
N UNK A 912 112.11 -95.58 -6.70
CA UNK A 912 111.90 -96.47 -5.58
C UNK A 912 112.93 -96.04 -4.56
N UNK A 913 112.51 -95.94 -3.30
CA UNK A 913 113.43 -95.59 -2.24
C UNK A 913 113.39 -96.77 -1.31
N UNK A 914 114.52 -97.16 -0.76
CA UNK A 914 114.53 -98.30 0.14
C UNK A 914 114.63 -97.84 1.59
N UNK A 915 113.53 -98.04 2.31
CA UNK A 915 113.42 -97.63 3.70
C UNK A 915 114.49 -98.16 4.66
N UNK A 916 114.77 -99.47 4.65
CA UNK A 916 115.80 -99.98 5.55
C UNK A 916 116.97 -99.02 5.61
N UNK A 917 117.24 -98.38 4.48
CA UNK A 917 118.33 -97.44 4.38
C UNK A 917 117.82 -95.99 4.47
N UNK A 918 119.58 -94.52 -0.32
CA UNK A 918 119.85 -95.22 -1.58
C UNK A 918 118.55 -95.63 -2.27
N UNK A 919 118.36 -95.13 -3.50
CA UNK A 919 117.16 -95.40 -4.28
C UNK A 919 117.56 -95.47 -5.75
N UNK A 920 116.55 -95.48 -6.62
CA UNK A 920 116.72 -95.81 -8.03
C UNK A 920 115.73 -95.03 -8.91
N UNK A 921 116.09 -94.80 -10.18
CA UNK A 921 115.23 -94.06 -11.10
C UNK A 921 115.03 -94.77 -12.44
N UNK A 922 113.86 -95.37 -12.62
CA UNK A 922 113.58 -96.06 -13.86
C UNK A 922 112.96 -95.21 -14.94
N UNK A 923 113.77 -94.79 -15.91
CA UNK A 923 113.36 -93.93 -17.04
C UNK A 923 112.09 -94.20 -17.86
N UNK A 924 100.11 -91.20 -12.68
CA UNK A 924 98.86 -91.41 -11.97
C UNK A 924 98.95 -92.58 -11.02
N UNK A 925 98.22 -93.65 -11.29
CA UNK A 925 98.28 -94.82 -10.40
C UNK A 925 99.70 -95.42 -10.46
N UNK A 926 100.15 -96.11 -9.40
CA UNK A 926 101.49 -96.74 -9.35
C UNK A 926 101.57 -97.84 -8.28
N UNK A 927 101.86 -99.06 -8.69
CA UNK A 927 101.90 -100.15 -7.71
C UNK A 927 103.02 -101.17 -7.88
N UNK A 928 103.31 -101.89 -6.80
CA UNK A 928 104.35 -102.92 -6.78
C UNK A 928 103.68 -104.24 -7.13
N UNK A 929 104.47 -105.22 -7.55
CA UNK A 929 103.93 -106.53 -7.91
C UNK A 929 103.71 -107.25 -6.60
N UNK A 930 102.97 -108.36 -6.63
CA UNK A 930 102.73 -109.15 -5.44
C UNK A 930 104.04 -109.21 -4.64
N UNK A 931 107.47 -102.77 -10.94
CA UNK A 931 106.57 -101.67 -10.63
C UNK A 931 105.65 -101.28 -11.77
N UNK A 932 104.39 -101.68 -11.70
CA UNK A 932 103.46 -101.29 -12.74
C UNK A 932 103.05 -99.84 -12.46
N UNK A 933 102.96 -99.04 -13.52
CA UNK A 933 102.58 -97.65 -13.36
C UNK A 933 101.91 -97.12 -14.60
N UNK A 934 100.96 -96.21 -14.40
CA UNK A 934 100.24 -95.63 -15.52
C UNK A 934 100.32 -94.12 -15.42
N UNK A 935 100.12 -93.48 -16.56
CA UNK A 935 100.09 -92.04 -16.66
C UNK A 935 98.90 -91.65 -17.50
N UNK A 936 98.93 -90.42 -17.98
CA UNK A 936 97.82 -89.85 -18.74
C UNK A 936 97.89 -90.14 -20.23
N UNK A 937 98.43 -91.30 -20.58
CA UNK A 937 98.53 -91.73 -21.98
C UNK A 937 98.16 -93.22 -22.04
N UNK A 938 98.29 -93.86 -23.21
CA UNK A 938 97.89 -95.27 -23.35
C UNK A 938 98.87 -96.41 -23.04
N UNK A 939 100.05 -96.12 -22.54
CA UNK A 939 100.98 -97.19 -22.23
C UNK A 939 101.04 -97.44 -20.72
N UNK A 940 101.29 -98.68 -20.32
CA UNK A 940 101.41 -99.00 -18.88
C UNK A 940 102.80 -99.57 -18.58
N UNK A 941 103.70 -98.75 -18.07
CA UNK A 941 105.04 -99.21 -17.75
C UNK A 941 105.17 -100.33 -16.74
N UNK A 942 105.81 -101.42 -17.13
CA UNK A 942 106.04 -102.56 -16.23
C UNK A 942 107.54 -102.69 -16.00
N UNK A 943 108.07 -101.78 -15.18
CA UNK A 943 109.49 -101.72 -14.87
C UNK A 943 109.94 -102.69 -13.81
N UNK A 944 110.43 -103.83 -14.27
CA UNK A 944 110.93 -104.85 -13.37
C UNK A 944 112.29 -104.35 -12.88
N UNK A 945 112.26 -103.37 -11.97
CA UNK A 945 113.47 -102.80 -11.39
C UNK A 945 114.31 -103.94 -10.80
N UNK A 946 114.96 -104.33 -16.54
CA UNK A 946 114.09 -104.76 -17.62
C UNK A 946 112.81 -103.96 -17.66
N UNK A 947 112.18 -103.91 -18.82
CA UNK A 947 110.94 -103.18 -19.00
C UNK A 947 110.01 -103.95 -19.89
N UNK A 948 108.72 -103.86 -19.57
CA UNK A 948 107.70 -104.51 -20.36
C UNK A 948 106.68 -103.40 -20.56
N UNK A 949 106.40 -103.07 -21.82
CA UNK A 949 105.47 -102.00 -22.13
C UNK A 949 104.17 -102.55 -22.66
N UNK A 950 103.07 -101.94 -22.26
CA UNK A 950 101.76 -102.38 -22.70
C UNK A 950 101.11 -101.26 -23.52
N UNK A 951 101.33 -101.27 -24.83
CA UNK A 951 100.76 -100.25 -25.71
C UNK A 951 99.31 -100.57 -25.95
N UNK A 952 98.47 -100.08 -25.05
CA UNK A 952 97.04 -100.30 -25.12
C UNK A 952 96.47 -99.65 -26.36
N UNK A 953 97.17 -98.64 -26.86
CA UNK A 953 96.75 -97.91 -28.04
C UNK A 953 95.34 -97.35 -27.80
N UNK A 954 93.13 -94.70 -25.30
CA UNK A 954 93.25 -93.24 -25.35
C UNK A 954 94.09 -92.84 -24.15
N UNK A 955 93.69 -93.38 -22.99
CA UNK A 955 94.38 -93.13 -21.73
C UNK A 955 93.90 -94.21 -20.77
N UNK A 956 94.84 -94.80 -20.03
CA UNK A 956 94.50 -95.80 -19.06
C UNK A 956 93.83 -95.08 -17.89
N UNK A 957 92.53 -95.31 -17.71
CA UNK A 957 91.80 -94.67 -16.62
C UNK A 957 92.49 -95.13 -15.35
N UNK A 958 92.68 -96.43 -15.23
CA UNK A 958 93.36 -97.00 -14.08
C UNK A 958 93.57 -98.49 -14.29
N UNK A 959 94.18 -99.15 -13.30
CA UNK A 959 94.45 -100.56 -13.42
C UNK A 959 94.62 -101.16 -12.04
N UNK A 960 94.84 -102.46 -12.01
CA UNK A 960 95.05 -103.16 -10.74
C UNK A 960 95.63 -104.55 -11.00
N UNK A 961 96.56 -104.95 -10.13
CA UNK A 961 97.18 -106.26 -10.26
C UNK A 961 96.10 -107.32 -10.30
N UNK A 962 96.48 -108.54 -10.66
CA UNK A 962 95.52 -109.62 -10.73
C UNK A 962 96.18 -110.92 -10.28
N UNK A 963 100.54 -112.87 -12.23
CA UNK A 963 101.21 -111.96 -13.15
C UNK A 963 100.29 -111.37 -14.21
N UNK A 964 99.00 -111.65 -14.09
CA UNK A 964 98.01 -111.10 -15.01
C UNK A 964 97.59 -109.74 -14.43
N UNK A 965 97.21 -108.78 -15.28
CA UNK A 965 96.82 -107.45 -14.80
C UNK A 965 95.63 -106.83 -15.54
N UNK A 966 94.58 -106.52 -14.78
CA UNK A 966 93.37 -105.93 -15.32
C UNK A 966 93.53 -104.43 -15.60
N UNK A 967 93.07 -103.98 -16.77
CA UNK A 967 93.22 -102.58 -17.14
C UNK A 967 92.04 -102.03 -17.92
N UNK A 968 91.68 -100.78 -17.61
CA UNK A 968 90.58 -100.10 -18.27
C UNK A 968 90.96 -98.67 -18.62
N UNK A 969 90.65 -98.29 -19.85
CA UNK A 969 90.94 -96.93 -20.32
C UNK A 969 89.58 -96.33 -20.47
N UNK A 970 89.53 -95.06 -20.85
CA UNK A 970 88.22 -94.47 -21.03
C UNK A 970 87.83 -94.46 -22.50
N UNK A 971 87.76 -95.68 -23.03
CA UNK A 971 87.36 -95.99 -24.40
C UNK A 971 86.43 -97.19 -24.31
N UNK A 972 85.85 -97.36 -23.13
CA UNK A 972 84.92 -98.45 -22.89
C UNK A 972 85.59 -99.80 -22.84
N UNK A 973 86.89 -99.80 -23.14
CA UNK A 973 87.66 -101.03 -23.16
C UNK A 973 88.26 -101.41 -21.81
N UNK A 974 88.31 -102.71 -21.59
CA UNK A 974 88.87 -103.31 -20.39
C UNK A 974 89.72 -104.45 -20.91
N UNK A 975 90.99 -104.49 -20.54
CA UNK A 975 91.83 -105.56 -21.04
C UNK A 975 92.43 -106.39 -19.91
N UNK A 976 92.97 -107.56 -20.26
CA UNK A 976 93.60 -108.47 -19.29
C UNK A 976 95.04 -108.81 -19.68
N UNK A 977 95.95 -107.83 -19.57
CA UNK A 977 97.34 -108.03 -19.93
C UNK A 977 98.06 -109.08 -19.10
N UNK A 978 99.19 -109.53 -19.64
CA UNK A 978 100.03 -110.50 -18.98
C UNK A 978 101.36 -109.79 -18.80
N UNK A 979 101.86 -109.69 -17.57
CA UNK A 979 103.14 -109.05 -17.39
C UNK A 979 104.18 -110.11 -17.79
N UNK A 980 101.24 -109.09 -23.31
CA UNK A 980 100.32 -109.69 -24.25
C UNK A 980 98.87 -109.60 -23.82
N UNK A 981 98.07 -108.92 -24.63
CA UNK A 981 96.66 -108.72 -24.38
C UNK A 981 95.87 -110.01 -24.53
N UNK A 982 95.83 -110.79 -23.46
CA UNK A 982 95.07 -112.03 -23.48
C UNK A 982 93.61 -111.70 -23.81
N UNK A 983 92.94 -110.98 -22.93
CA UNK A 983 91.54 -110.60 -23.14
C UNK A 983 91.38 -109.12 -23.47
N UNK A 984 90.31 -108.81 -24.19
CA UNK A 984 90.01 -107.44 -24.59
C UNK A 984 88.51 -107.26 -24.81
N UNK A 985 87.88 -106.40 -24.01
CA UNK A 985 86.43 -106.14 -24.11
C UNK A 985 86.15 -104.69 -24.45
N UNK A 986 84.94 -104.44 -24.95
CA UNK A 986 84.49 -103.08 -25.25
C UNK A 986 83.14 -103.02 -24.55
N UNK A 987 83.20 -103.12 -23.21
CA UNK A 987 82.03 -103.15 -22.34
C UNK A 987 81.25 -101.84 -22.10
N UNK A 988 81.67 -100.74 -22.71
CA UNK A 988 80.98 -99.46 -22.57
C UNK A 988 81.33 -98.57 -23.74
N UNK A 989 80.43 -97.68 -24.13
CA UNK A 989 80.69 -96.78 -25.25
C UNK A 989 81.25 -95.45 -24.76
N UNK A 990 85.30 -97.01 -12.53
CA UNK A 990 85.90 -98.04 -11.68
C UNK A 990 85.29 -99.40 -11.98
N UNK A 991 86.04 -100.46 -11.71
CA UNK A 991 85.56 -101.80 -11.97
C UNK A 991 86.42 -102.75 -11.14
N UNK A 992 85.81 -103.70 -10.45
CA UNK A 992 86.57 -104.61 -9.61
C UNK A 992 86.31 -106.07 -9.93
N UNK A 993 87.12 -106.94 -9.33
CA UNK A 993 87.01 -108.38 -9.54
C UNK A 993 86.24 -109.01 -8.40
N UNK A 994 85.78 -110.24 -8.62
CA UNK A 994 85.02 -110.97 -7.62
C UNK A 994 85.95 -111.61 -6.60
N UNK A 995 87.27 -115.64 -9.53
CA UNK A 995 87.57 -114.53 -10.42
C UNK A 995 86.62 -114.74 -11.57
N UNK A 996 85.72 -115.69 -11.39
CA UNK A 996 84.73 -115.98 -12.42
C UNK A 996 84.08 -114.68 -12.85
N UNK A 997 84.03 -113.73 -11.93
CA UNK A 997 83.39 -112.44 -12.19
C UNK A 997 84.30 -111.21 -11.99
N UNK A 998 84.08 -110.19 -12.81
CA UNK A 998 84.84 -108.94 -12.73
C UNK A 998 84.00 -107.89 -13.44
N UNK A 999 83.31 -107.05 -12.68
CA UNK A 999 82.44 -106.06 -13.30
C UNK A 999 82.99 -104.66 -13.39
N UNK A 1000 82.30 -103.86 -14.20
CA UNK A 1000 82.63 -102.47 -14.48
C UNK A 1000 81.59 -101.50 -13.99
N UNK A 1001 81.83 -100.22 -14.29
CA UNK A 1001 80.97 -99.11 -13.93
C UNK A 1001 81.47 -97.99 -14.80
N UNK A 1002 80.59 -97.29 -15.51
CA UNK A 1002 81.08 -96.24 -16.38
C UNK A 1002 80.00 -95.37 -16.97
N UNK A 1003 75.63 -97.36 -16.64
CA UNK A 1003 75.24 -98.41 -15.72
C UNK A 1003 76.45 -99.17 -15.21
N UNK A 1004 76.21 -100.39 -14.72
CA UNK A 1004 77.27 -101.25 -14.21
C UNK A 1004 77.17 -102.64 -14.82
N UNK A 1005 77.71 -102.78 -16.04
CA UNK A 1005 77.72 -104.05 -16.76
C UNK A 1005 78.69 -105.01 -16.08
N UNK A 1006 78.18 -106.18 -15.69
CA UNK A 1006 78.98 -107.18 -15.01
C UNK A 1006 79.22 -108.43 -15.88
N UNK A 1007 80.45 -108.93 -15.91
CA UNK A 1007 80.73 -110.12 -16.71
C UNK A 1007 81.65 -111.20 -16.12
N UNK A 1008 82.06 -112.15 -16.98
CA UNK A 1008 82.90 -113.30 -16.59
C UNK A 1008 84.28 -113.52 -17.22
N UNK A 1009 77.22 -110.12 -18.94
CA UNK A 1009 76.22 -111.05 -18.42
C UNK A 1009 74.88 -110.30 -18.34
N UNK A 1010 74.90 -109.08 -17.78
CA UNK A 1010 73.68 -108.27 -17.71
C UNK A 1010 73.87 -106.80 -17.35
N UNK A 1011 73.28 -105.93 -18.16
CA UNK A 1011 73.34 -104.48 -17.98
C UNK A 1011 72.40 -104.06 -16.84
N UNK A 1012 72.95 -103.29 -15.89
CA UNK A 1012 72.19 -102.82 -14.71
C UNK A 1012 71.90 -101.33 -14.79
N UNK A 1013 70.97 -100.93 -15.65
CA UNK A 1013 70.65 -99.51 -15.83
C UNK A 1013 69.84 -98.88 -14.68
N UNK A 1014 70.29 -99.09 -13.45
CA UNK A 1014 69.59 -98.53 -12.30
C UNK A 1014 69.86 -97.05 -12.03
N UNK A 1015 71.12 -96.73 -11.74
CA UNK A 1015 71.52 -95.36 -11.43
C UNK A 1015 71.15 -94.30 -12.46
N UNK A 1016 70.69 -93.14 -11.97
CA UNK A 1016 70.31 -92.04 -12.84
C UNK A 1016 71.45 -91.03 -12.91
N UNK A 1017 74.90 -91.85 -12.65
CA UNK A 1017 76.04 -92.49 -13.34
C UNK A 1017 77.00 -93.14 -12.34
N UNK A 1018 77.22 -94.44 -12.50
CA UNK A 1018 78.09 -95.17 -11.59
C UNK A 1018 79.52 -94.65 -11.61
N UNK A 1019 80.18 -94.78 -10.46
CA UNK A 1019 81.55 -94.30 -10.31
C UNK A 1019 82.40 -95.27 -9.50
N UNK A 1020 81.77 -96.30 -8.94
CA UNK A 1020 82.49 -97.29 -8.16
C UNK A 1020 81.64 -98.51 -7.90
N UNK A 1021 82.25 -99.58 -7.37
CA UNK A 1021 81.53 -100.80 -7.07
C UNK A 1021 82.42 -101.87 -6.46
N UNK A 1022 81.80 -102.86 -5.85
CA UNK A 1022 82.53 -103.95 -5.24
C UNK A 1022 81.66 -105.20 -5.12
N UNK A 1023 82.32 -106.35 -5.05
CA UNK A 1023 81.63 -107.62 -4.94
C UNK A 1023 81.64 -108.09 -3.49
N UNK A 1024 80.53 -108.67 -3.05
CA UNK A 1024 80.46 -109.17 -1.68
C UNK A 1024 81.51 -110.25 -1.60
N UNK A 1025 82.21 -110.34 -0.46
CA UNK A 1025 83.25 -111.33 -0.29
C UNK A 1025 82.65 -112.73 -0.51
N UNK A 1026 76.55 -110.38 -4.15
CA UNK A 1026 76.13 -109.01 -4.37
C UNK A 1026 77.22 -108.12 -4.96
N UNK A 1027 76.77 -107.08 -5.65
CA UNK A 1027 77.64 -106.12 -6.28
C UNK A 1027 77.00 -104.74 -6.06
N UNK A 1028 77.57 -103.98 -5.12
CA UNK A 1028 77.09 -102.64 -4.80
C UNK A 1028 77.76 -101.63 -5.73
N UNK A 1029 76.97 -100.70 -6.23
CA UNK A 1029 77.50 -99.71 -7.15
C UNK A 1029 77.35 -98.26 -6.68
N UNK A 1030 78.37 -97.46 -6.97
CA UNK A 1030 78.39 -96.07 -6.55
C UNK A 1030 77.86 -95.10 -7.59
N UNK A 1031 76.84 -94.35 -7.17
CA UNK A 1031 76.19 -93.35 -8.01
C UNK A 1031 76.86 -91.99 -7.90
N UNK A 1032 76.84 -91.27 -9.01
CA UNK A 1032 77.44 -89.95 -9.07
C UNK A 1032 76.59 -88.96 -8.29
N UNK A 1033 75.40 -89.39 -7.89
CA UNK A 1033 74.49 -88.55 -7.11
C UNK A 1033 74.12 -89.19 -5.78
N UNK A 1034 75.14 -89.55 -5.02
CA UNK A 1034 74.92 -90.14 -3.72
C UNK A 1034 74.02 -91.35 -3.66
N UNK A 1035 73.58 -91.84 -4.82
CA UNK A 1035 72.73 -93.03 -4.84
C UNK A 1035 73.63 -94.25 -4.73
N UNK A 1036 73.05 -95.40 -4.47
CA UNK A 1036 73.84 -96.60 -4.34
C UNK A 1036 72.73 -97.63 -4.31
N UNK A 1037 72.73 -98.50 -5.32
CA UNK A 1037 71.87 -99.68 -5.37
C UNK A 1037 72.70 -100.92 -5.13
N UNK A 1038 72.09 -101.92 -4.50
CA UNK A 1038 72.75 -103.19 -4.27
C UNK A 1038 72.16 -104.09 -5.35
N UNK A 1039 73.02 -104.89 -5.99
CA UNK A 1039 72.55 -105.80 -7.01
C UNK A 1039 72.97 -107.21 -6.59
N UNK A 1040 72.40 -108.23 -7.22
CA UNK A 1040 72.72 -109.62 -6.87
C UNK A 1040 73.45 -110.42 -7.96
N UNK A 1041 68.07 -104.20 -3.80
CA UNK A 1041 67.52 -103.02 -3.13
C UNK A 1041 68.38 -101.79 -3.39
N UNK A 1042 67.74 -100.64 -3.49
CA UNK A 1042 68.44 -99.38 -3.73
C UNK A 1042 68.62 -98.45 -2.52
N UNK A 1043 69.22 -98.95 -1.45
CA UNK A 1043 69.44 -98.12 -0.26
C UNK A 1043 70.28 -96.92 -0.64
N UNK A 1044 69.66 -95.75 -0.80
CA UNK A 1044 70.40 -94.54 -1.18
C UNK A 1044 69.72 -93.19 -0.92
N UNK A 1045 69.64 -92.77 0.36
CA UNK A 1045 69.01 -91.49 0.73
C UNK A 1045 69.80 -90.27 0.24
N UNK A 1046 78.56 -87.24 -4.75
CA UNK A 1046 79.29 -88.41 -5.23
C UNK A 1046 79.29 -89.52 -4.18
N UNK A 1047 79.77 -90.69 -4.61
CA UNK A 1047 79.92 -91.88 -3.79
C UNK A 1047 81.11 -92.56 -4.47
N UNK A 1048 82.30 -92.14 -4.08
CA UNK A 1048 83.50 -92.65 -4.69
C UNK A 1048 84.06 -93.97 -4.18
N UNK A 1049 83.27 -94.75 -3.48
CA UNK A 1049 83.82 -96.00 -2.98
C UNK A 1049 82.83 -96.82 -2.16
N UNK A 1050 83.01 -98.14 -2.17
CA UNK A 1050 82.18 -99.06 -1.40
C UNK A 1050 83.05 -100.26 -1.01
N UNK A 1051 82.52 -101.10 -0.13
CA UNK A 1051 83.24 -102.28 0.32
C UNK A 1051 82.26 -103.05 1.19
N UNK A 1052 82.09 -104.33 0.90
CA UNK A 1052 81.30 -105.18 1.75
C UNK A 1052 82.19 -105.63 2.89
N UNK A 1053 81.58 -106.14 3.95
CA UNK A 1053 82.30 -106.61 5.12
C UNK A 1053 82.58 -108.09 4.92
N UNK A 1054 83.49 -108.68 5.72
CA UNK A 1054 83.67 -110.10 5.49
C UNK A 1054 82.30 -110.76 5.60
N UNK A 1055 81.66 -110.59 6.74
CA UNK A 1055 80.33 -111.15 7.02
C UNK A 1055 79.31 -110.98 5.89
N UNK A 1056 79.63 -110.16 4.90
CA UNK A 1056 78.74 -109.93 3.75
C UNK A 1056 77.39 -109.32 4.17
N UNK A 1057 77.39 -108.55 5.26
CA UNK A 1057 76.17 -107.93 5.76
C UNK A 1057 76.23 -106.39 5.86
N UNK A 1058 77.37 -105.88 6.30
CA UNK A 1058 77.56 -104.43 6.44
C UNK A 1058 78.32 -103.87 5.24
N UNK A 1059 77.74 -102.88 4.59
CA UNK A 1059 78.38 -102.24 3.44
C UNK A 1059 78.86 -100.85 3.86
N UNK A 1060 80.17 -100.60 3.72
CA UNK A 1060 80.73 -99.29 4.07
C UNK A 1060 80.78 -98.42 2.82
N UNK A 1061 80.42 -97.14 2.98
CA UNK A 1061 80.38 -96.21 1.86
C UNK A 1061 81.20 -94.94 2.13
N UNK A 1062 81.69 -94.32 1.06
CA UNK A 1062 82.48 -93.09 1.19
C UNK A 1062 82.30 -92.17 0.01
N UNK A 1063 81.26 -88.11 2.79
CA UNK A 1063 81.58 -88.58 4.14
C UNK A 1063 81.36 -90.09 4.17
N UNK A 1064 81.83 -90.73 5.23
CA UNK A 1064 81.67 -92.17 5.38
C UNK A 1064 80.23 -92.44 5.83
N UNK A 1065 79.74 -93.66 5.61
CA UNK A 1065 78.36 -93.98 5.97
C UNK A 1065 78.19 -95.49 5.84
N UNK A 1066 77.89 -96.16 6.94
CA UNK A 1066 77.68 -97.60 6.93
C UNK A 1066 76.22 -97.98 6.69
N UNK A 1067 75.98 -99.17 6.15
CA UNK A 1067 74.63 -99.64 5.87
C UNK A 1067 74.33 -101.07 6.34
N UNK A 1068 73.10 -101.50 6.06
CA UNK A 1068 72.61 -102.82 6.42
C UNK A 1068 72.07 -103.55 5.18
N UNK A 1069 72.72 -104.66 4.81
CA UNK A 1069 72.32 -105.44 3.65
C UNK A 1069 70.83 -105.79 3.72
N UNK A 1070 81.20 -88.02 9.97
CA UNK A 1070 81.24 -86.83 9.15
C UNK A 1070 82.67 -86.30 9.27
N UNK A 1071 83.34 -86.20 8.15
CA UNK A 1071 84.70 -85.69 8.14
C UNK A 1071 84.59 -84.20 7.85
N UNK A 1072 85.47 -83.41 8.45
CA UNK A 1072 85.48 -81.97 8.23
C UNK A 1072 85.32 -81.69 6.73
N UNK A 1073 86.15 -82.35 5.93
CA UNK A 1073 86.09 -82.16 4.49
C UNK A 1073 85.23 -83.19 3.79
N UNK A 1074 85.12 -83.03 2.48
CA UNK A 1074 84.32 -83.94 1.68
C UNK A 1074 85.14 -84.50 0.53
N UNK A 1075 84.42 -84.98 -0.47
CA UNK A 1075 85.01 -85.55 -1.66
C UNK A 1075 86.14 -86.49 -1.33
N UNK A 1076 85.81 -87.56 -0.61
CA UNK A 1076 86.81 -88.53 -0.27
C UNK A 1076 86.97 -89.37 -1.52
N UNK A 1077 87.95 -90.26 -1.53
CA UNK A 1077 88.14 -91.16 -2.66
C UNK A 1077 87.95 -92.66 -2.50
N UNK A 1078 88.95 -93.32 -1.92
CA UNK A 1078 88.89 -94.76 -1.69
C UNK A 1078 89.10 -95.01 -0.21
N UNK A 1079 88.10 -95.60 0.45
CA UNK A 1079 88.14 -95.72 1.89
C UNK A 1079 88.93 -97.00 2.09
N UNK A 1080 89.92 -97.01 2.98
CA UNK A 1080 90.70 -98.21 3.19
C UNK A 1080 90.22 -99.02 4.40
N UNK A 1081 89.32 -99.97 4.16
CA UNK A 1081 88.83 -100.82 5.24
C UNK A 1081 89.94 -101.83 5.48
N UNK A 1082 89.85 -102.64 6.52
CA UNK A 1082 90.89 -103.63 6.77
C UNK A 1082 90.29 -105.02 6.90
N UNK A 1083 91.13 -106.02 7.22
CA UNK A 1083 90.61 -107.39 7.36
C UNK A 1083 89.48 -107.46 8.40
N UNK A 1084 89.83 -107.15 9.66
CA UNK A 1084 88.88 -107.18 10.76
C UNK A 1084 87.69 -106.24 10.58
N UNK A 1085 87.74 -105.37 9.57
CA UNK A 1085 86.65 -104.40 9.32
C UNK A 1085 86.48 -103.53 10.58
N UNK A 1086 87.59 -103.37 11.30
CA UNK A 1086 87.61 -102.64 12.56
C UNK A 1086 88.66 -101.51 12.55
N UNK A 1087 89.03 -101.07 11.34
CA UNK A 1087 90.00 -99.99 11.16
C UNK A 1087 89.75 -99.37 9.80
N UNK A 1088 89.78 -98.05 9.72
CA UNK A 1088 89.53 -97.37 8.45
C UNK A 1088 90.49 -96.21 8.29
N UNK A 1089 90.88 -95.93 7.05
CA UNK A 1089 91.78 -94.82 6.77
C UNK A 1089 91.32 -94.08 5.54
N UNK A 1090 91.35 -92.76 5.61
CA UNK A 1090 90.94 -91.95 4.47
C UNK A 1090 91.52 -90.55 4.59
N UNK A 1091 91.25 -89.73 3.58
CA UNK A 1091 91.77 -88.38 3.56
C UNK A 1091 90.84 -87.47 2.81
N UNK A 1092 90.35 -86.42 3.46
CA UNK A 1092 89.42 -85.48 2.83
C UNK A 1092 90.17 -84.35 2.13
N UNK A 1093 89.47 -83.63 1.27
CA UNK A 1093 90.11 -82.53 0.54
C UNK A 1093 90.62 -81.43 1.45
N UNK A 1094 90.53 -81.64 2.76
CA UNK A 1094 91.06 -80.67 3.67
C UNK A 1094 92.44 -81.17 4.05
N UNK A 1095 92.84 -82.27 3.43
CA UNK A 1095 94.15 -82.85 3.69
C UNK A 1095 94.28 -83.43 5.07
N UNK A 1096 93.15 -83.78 5.66
CA UNK A 1096 93.16 -84.34 6.99
C UNK A 1096 93.21 -85.86 6.90
N UNK A 1097 94.13 -86.47 7.65
CA UNK A 1097 94.29 -87.92 7.63
C UNK A 1097 93.44 -88.65 8.69
N UNK A 1098 92.33 -89.23 8.26
CA UNK A 1098 91.49 -89.95 9.20
C UNK A 1098 91.83 -91.43 9.32
N UNK A 1099 92.27 -91.84 10.51
CA UNK A 1099 92.57 -93.24 10.78
C UNK A 1099 91.58 -93.65 11.88
N UNK A 1100 90.39 -94.06 11.47
CA UNK A 1100 89.34 -94.46 12.39
C UNK A 1100 89.50 -95.93 12.81
N UNK A 1101 88.86 -96.32 13.91
CA UNK A 1101 88.98 -97.69 14.39
C UNK A 1101 87.96 -98.05 15.47
N MET B 10 51.02 -22.48 -9.29
CA MET B 10 50.00 -22.23 -10.30
C MET B 10 48.76 -23.08 -9.99
N PRO B 11 47.67 -22.92 -10.78
CA PRO B 11 46.47 -23.74 -10.53
C PRO B 11 46.64 -25.26 -10.39
N LYS B 12 45.58 -25.90 -9.92
CA LYS B 12 45.54 -27.36 -9.72
C LYS B 12 45.50 -28.09 -11.06
N ARG B 13 44.54 -27.73 -11.90
CA ARG B 13 44.37 -28.37 -13.21
C ARG B 13 45.62 -28.25 -14.11
N HIS B 14 46.66 -27.58 -13.62
CA HIS B 14 47.90 -27.45 -14.36
C HIS B 14 48.93 -28.49 -13.93
N ARG B 15 49.10 -28.66 -12.62
CA ARG B 15 49.99 -29.70 -12.09
C ARG B 15 49.58 -31.08 -12.56
N GLU B 16 48.27 -31.32 -12.62
CA GLU B 16 47.74 -32.60 -13.07
C GLU B 16 48.07 -32.84 -14.52
N HIS B 17 48.03 -31.77 -15.31
CA HIS B 17 48.37 -31.82 -16.72
C HIS B 17 49.77 -32.37 -16.99
N ILE B 18 50.78 -31.60 -16.60
CA ILE B 18 52.17 -31.99 -16.80
C ILE B 18 52.51 -33.25 -16.01
N ARG B 19 51.67 -33.56 -15.01
CA ARG B 19 51.89 -34.73 -14.18
C ARG B 19 51.68 -36.02 -14.98
N LYS B 20 50.47 -36.21 -15.48
CA LYS B 20 50.15 -37.41 -16.26
C LYS B 20 50.85 -37.37 -17.61
N ASN B 21 50.93 -36.18 -18.21
CA ASN B 21 51.57 -36.01 -19.50
C ASN B 21 53.05 -35.65 -19.38
N LEU B 22 53.71 -36.26 -18.39
CA LEU B 22 55.13 -36.00 -18.16
C LEU B 22 56.00 -36.88 -19.05
N ASN B 23 55.37 -37.77 -19.79
CA ASN B 23 56.08 -38.69 -20.69
C ASN B 23 56.28 -38.11 -22.07
N ILE B 24 55.19 -37.59 -22.62
CA ILE B 24 55.21 -36.98 -23.94
C ILE B 24 56.18 -35.79 -23.90
N LEU B 25 56.08 -35.01 -22.83
CA LEU B 25 56.89 -33.80 -22.72
C LEU B 25 58.36 -34.14 -22.46
N VAL B 26 58.60 -35.28 -21.83
CA VAL B 26 59.95 -35.72 -21.51
C VAL B 26 60.53 -36.44 -22.72
N GLU B 27 59.69 -36.66 -23.72
CA GLU B 27 60.12 -37.41 -24.89
C GLU B 27 60.46 -36.49 -26.04
N TRP B 28 59.51 -35.65 -26.45
CA TRP B 28 59.69 -34.89 -27.68
C TRP B 28 60.73 -33.76 -27.59
N THR B 29 60.87 -33.12 -26.43
CA THR B 29 61.85 -32.05 -26.23
C THR B 29 63.25 -32.60 -25.88
N ASN B 30 64.26 -32.35 -26.70
CA ASN B 30 65.65 -32.50 -26.25
C ASN B 30 65.89 -31.89 -24.87
N TYR B 31 66.68 -32.56 -24.03
CA TYR B 31 66.84 -32.11 -22.66
C TYR B 31 67.93 -31.04 -22.52
N GLU B 32 69.03 -31.24 -23.24
CA GLU B 32 70.11 -30.26 -23.29
C GLU B 32 69.52 -28.92 -23.70
N ARG B 33 68.84 -28.98 -24.84
CA ARG B 33 68.24 -27.83 -25.47
C ARG B 33 67.14 -27.27 -24.60
N LEU B 34 66.67 -28.07 -23.65
CA LEU B 34 65.64 -27.61 -22.74
C LEU B 34 66.28 -27.10 -21.46
N ALA B 35 67.00 -27.94 -20.72
CA ALA B 35 67.64 -27.52 -19.48
C ALA B 35 68.40 -26.21 -19.61
N MET B 36 69.39 -26.20 -20.51
CA MET B 36 70.25 -25.05 -20.67
C MET B 36 69.45 -23.79 -21.07
N GLU B 37 68.24 -24.00 -21.57
CA GLU B 37 67.33 -22.93 -22.01
C GLU B 37 66.34 -22.47 -20.92
N CYS B 38 65.87 -23.42 -20.12
CA CYS B 38 64.90 -23.19 -19.07
C CYS B 38 65.59 -22.36 -17.99
N VAL B 39 66.76 -22.81 -17.60
CA VAL B 39 67.49 -22.08 -16.60
C VAL B 39 67.71 -20.72 -17.24
N GLN B 40 68.03 -20.81 -18.52
CA GLN B 40 68.36 -19.69 -19.37
C GLN B 40 67.13 -18.84 -19.51
N GLN B 41 65.98 -19.50 -19.54
CA GLN B 41 64.70 -18.80 -19.68
C GLN B 41 64.32 -17.74 -18.62
N GLY B 42 64.77 -17.84 -17.38
CA GLY B 42 64.17 -17.00 -16.37
C GLY B 42 63.38 -17.77 -15.35
N ILE B 43 63.78 -19.01 -15.12
CA ILE B 43 63.19 -19.85 -14.09
C ILE B 43 64.08 -20.34 -12.94
N LEU B 44 64.81 -21.40 -13.17
CA LEU B 44 65.67 -22.00 -12.16
C LEU B 44 67.06 -21.41 -12.25
N THR B 45 68.02 -22.01 -11.55
CA THR B 45 69.35 -21.43 -11.40
C THR B 45 70.42 -22.52 -11.32
N VAL B 46 71.68 -22.11 -11.37
CA VAL B 46 72.79 -23.05 -11.30
C VAL B 46 72.58 -24.07 -10.19
N GLN B 47 71.80 -23.69 -9.19
CA GLN B 47 71.52 -24.57 -8.06
C GLN B 47 70.35 -25.50 -8.37
N MET B 48 69.24 -24.92 -8.81
CA MET B 48 68.05 -25.69 -9.14
C MET B 48 68.37 -26.77 -10.17
N LEU B 49 68.69 -26.35 -11.39
CA LEU B 49 69.01 -27.28 -12.45
C LEU B 49 70.04 -28.33 -12.02
N ARG B 50 70.99 -27.99 -11.15
CA ARG B 50 71.91 -29.01 -10.65
C ARG B 50 71.16 -30.15 -9.98
N ASN B 51 70.35 -29.80 -8.99
CA ASN B 51 69.62 -30.78 -8.18
C ASN B 51 68.57 -31.52 -9.01
N THR B 52 68.10 -30.87 -10.06
CA THR B 52 67.12 -31.49 -10.95
C THR B 52 67.75 -32.42 -11.97
N GLN B 53 68.72 -31.89 -12.72
CA GLN B 53 69.62 -32.63 -13.59
C GLN B 53 70.37 -33.74 -12.87
N ASP B 54 70.81 -33.51 -11.66
CA ASP B 54 71.33 -34.66 -10.94
C ASP B 54 70.13 -35.31 -10.24
N LEU B 55 70.39 -36.35 -9.46
CA LEU B 55 69.32 -37.18 -8.89
C LEU B 55 69.78 -37.58 -7.50
N ASN B 56 69.25 -38.66 -6.97
CA ASN B 56 69.57 -39.04 -5.60
C ASN B 56 71.00 -39.56 -5.46
N GLY B 57 71.47 -40.25 -6.50
CA GLY B 57 72.78 -40.88 -6.46
C GLY B 57 72.65 -42.37 -6.67
N LYS B 58 71.61 -42.97 -6.09
CA LYS B 58 71.27 -44.37 -6.35
C LYS B 58 70.93 -44.67 -7.83
N PRO B 59 70.41 -43.68 -8.54
CA PRO B 59 70.04 -43.84 -9.95
C PRO B 59 71.13 -44.59 -10.73
N PHE B 60 72.32 -44.71 -10.13
CA PHE B 60 73.43 -45.39 -10.77
C PHE B 60 73.09 -46.85 -11.07
N ASN B 61 72.17 -47.38 -10.31
CA ASN B 61 71.80 -48.76 -10.55
C ASN B 61 71.26 -48.82 -11.98
N MET B 62 70.74 -47.68 -12.38
CA MET B 62 69.99 -47.57 -13.59
C MET B 62 70.83 -47.27 -14.82
N ASP B 63 70.52 -48.01 -15.87
CA ASP B 63 71.28 -47.96 -17.11
C ASP B 63 71.07 -46.61 -17.75
N GLU B 64 72.03 -46.32 -18.64
CA GLU B 64 72.12 -45.09 -19.39
C GLU B 64 70.79 -44.70 -19.99
N LYS B 65 70.19 -45.57 -20.81
CA LYS B 65 68.95 -45.09 -21.42
C LYS B 65 68.07 -44.32 -20.44
N ASP B 66 68.08 -44.72 -19.19
CA ASP B 66 66.95 -44.47 -18.30
C ASP B 66 67.22 -43.38 -17.27
N VAL B 67 68.40 -42.78 -17.34
CA VAL B 67 68.77 -41.73 -16.39
C VAL B 67 68.50 -40.35 -16.96
N ARG B 68 68.85 -40.15 -18.23
CA ARG B 68 68.50 -38.93 -18.95
C ARG B 68 66.98 -38.70 -19.01
N VAL B 69 66.23 -39.79 -19.19
CA VAL B 69 64.78 -39.71 -19.24
C VAL B 69 64.22 -39.32 -17.88
N GLU B 70 64.84 -39.85 -16.83
CA GLU B 70 64.45 -39.52 -15.45
C GLU B 70 64.74 -38.06 -15.15
N GLN B 71 65.97 -37.66 -15.47
CA GLN B 71 66.40 -36.27 -15.41
C GLN B 71 65.40 -35.29 -16.01
N HIS B 72 65.18 -35.51 -17.29
CA HIS B 72 64.28 -34.73 -18.11
C HIS B 72 62.89 -34.72 -17.46
N ARG B 73 62.52 -35.86 -16.86
CA ARG B 73 61.25 -35.98 -16.16
C ARG B 73 61.28 -35.28 -14.80
N ARG B 74 62.48 -34.98 -14.33
CA ARG B 74 62.63 -34.33 -13.04
C ARG B 74 62.54 -32.85 -13.29
N LEU B 75 62.77 -32.47 -14.53
CA LEU B 75 62.80 -31.05 -14.89
C LEU B 75 61.43 -30.43 -14.82
N LEU B 76 60.52 -31.00 -15.58
CA LEU B 76 59.16 -30.49 -15.67
C LEU B 76 58.51 -30.43 -14.30
N LEU B 77 58.87 -31.37 -13.43
CA LEU B 77 58.38 -31.38 -12.06
C LEU B 77 58.81 -30.13 -11.29
N LYS B 78 60.03 -29.69 -11.51
CA LYS B 78 60.51 -28.48 -10.87
C LYS B 78 59.94 -27.23 -11.56
N ILE B 79 59.73 -27.31 -12.87
CA ILE B 79 59.16 -26.21 -13.62
C ILE B 79 57.72 -25.93 -13.20
N THR B 80 57.01 -27.02 -12.98
CA THR B 80 55.68 -27.04 -12.45
C THR B 80 55.78 -26.47 -11.07
N GLN B 81 56.90 -26.67 -10.42
CA GLN B 81 57.02 -26.17 -9.06
C GLN B 81 56.89 -24.69 -9.02
N ARG B 82 57.16 -24.04 -10.11
CA ARG B 82 57.39 -22.61 -10.06
C ARG B 82 56.17 -21.74 -10.03
N GLY B 83 56.41 -20.44 -10.13
CA GLY B 83 55.37 -19.45 -10.06
C GLY B 83 54.38 -19.47 -11.21
N PRO B 84 53.19 -18.78 -10.97
CA PRO B 84 52.10 -19.19 -11.83
C PRO B 84 52.34 -19.04 -13.30
N THR B 85 53.31 -18.26 -13.71
CA THR B 85 53.60 -18.16 -15.13
C THR B 85 54.01 -19.56 -15.63
N ALA B 86 54.45 -20.38 -14.72
CA ALA B 86 55.20 -21.58 -15.07
C ALA B 86 54.63 -22.15 -16.35
N TYR B 87 53.32 -22.04 -16.50
CA TYR B 87 52.70 -22.43 -17.75
C TYR B 87 53.25 -21.55 -18.84
N ASN B 88 52.90 -20.27 -18.76
CA ASN B 88 53.28 -19.32 -19.80
C ASN B 88 54.79 -19.27 -20.01
N LEU B 89 55.56 -19.64 -18.98
CA LEU B 89 57.01 -19.73 -19.11
C LEU B 89 57.40 -20.95 -19.95
N LEU B 90 56.81 -22.10 -19.63
CA LEU B 90 57.24 -23.34 -20.23
C LEU B 90 56.77 -23.43 -21.68
N ILE B 91 55.56 -22.92 -21.92
CA ILE B 91 54.99 -22.95 -23.26
C ILE B 91 55.87 -22.20 -24.24
N ASN B 92 56.48 -21.12 -23.77
CA ASN B 92 57.32 -20.27 -24.62
C ASN B 92 58.70 -20.86 -24.77
N ALA B 93 59.26 -21.26 -23.63
CA ALA B 93 60.57 -21.90 -23.65
C ALA B 93 60.52 -23.05 -24.65
N LEU B 94 59.45 -23.81 -24.62
CA LEU B 94 59.28 -24.95 -25.50
C LEU B 94 58.94 -24.50 -26.93
N ARG B 95 58.30 -23.35 -27.05
CA ARG B 95 58.10 -22.75 -28.37
C ARG B 95 59.44 -22.50 -29.04
N ASN B 96 60.47 -22.27 -28.23
CA ASN B 96 61.83 -22.06 -28.76
C ASN B 96 62.61 -23.35 -28.94
N ILE B 97 62.57 -24.25 -27.95
CA ILE B 97 63.15 -25.60 -28.09
C ILE B 97 62.74 -26.26 -29.41
N ASN B 98 61.66 -25.78 -30.01
CA ASN B 98 61.15 -26.20 -31.31
C ASN B 98 60.50 -27.56 -31.17
N CYS B 99 60.00 -27.79 -29.98
CA CYS B 99 59.12 -28.92 -29.73
C CYS B 99 57.66 -28.47 -29.70
N LEU B 100 57.26 -27.74 -30.75
CA LEU B 100 55.90 -27.23 -30.93
C LEU B 100 54.83 -28.28 -30.62
N ASP B 101 55.03 -29.51 -31.08
CA ASP B 101 54.11 -30.61 -30.80
C ASP B 101 53.94 -31.00 -29.33
N ALA B 102 54.66 -30.32 -28.43
CA ALA B 102 54.47 -30.51 -27.00
C ALA B 102 54.05 -29.17 -26.41
N ALA B 103 54.42 -28.08 -27.07
CA ALA B 103 53.92 -26.78 -26.66
C ALA B 103 52.40 -26.79 -26.81
N VAL B 104 51.95 -27.41 -27.88
CA VAL B 104 50.53 -27.62 -28.09
C VAL B 104 50.03 -28.43 -26.91
N LEU B 105 50.64 -29.58 -26.66
CA LEU B 105 50.22 -30.46 -25.59
C LEU B 105 49.99 -29.69 -24.27
N LEU B 106 50.96 -28.86 -23.94
CA LEU B 106 50.97 -28.10 -22.70
C LEU B 106 50.01 -26.90 -22.71
N GLU B 107 49.56 -26.51 -23.89
CA GLU B 107 48.70 -25.33 -24.02
C GLU B 107 47.22 -25.64 -24.29
N SER B 108 46.99 -26.63 -25.15
CA SER B 108 45.67 -27.02 -25.66
C SER B 108 44.65 -27.40 -24.60
N VAL B 109 45.11 -27.98 -23.50
CA VAL B 109 44.26 -28.19 -22.33
C VAL B 109 43.56 -26.94 -21.80
N ASP B 110 44.05 -25.77 -22.21
CA ASP B 110 43.37 -24.53 -21.87
C ASP B 110 42.58 -24.13 -23.10
N GLU B 111 42.09 -22.90 -23.11
CA GLU B 111 41.33 -22.36 -24.25
C GLU B 111 39.97 -23.04 -24.38
N TYR C 10 -13.55 50.88 -0.43
CA TYR C 10 -14.99 50.86 -0.21
C TYR C 10 -15.40 51.95 0.79
N GLN C 11 -16.24 52.88 0.32
CA GLN C 11 -16.72 53.97 1.16
C GLN C 11 -18.02 53.60 1.87
N TYR C 12 -18.70 54.59 2.41
CA TYR C 12 -19.95 54.37 3.12
C TYR C 12 -21.15 54.62 2.20
N LYS C 13 -20.89 55.22 1.04
CA LYS C 13 -21.93 55.53 0.07
C LYS C 13 -22.33 54.28 -0.72
N ASP C 14 -21.54 53.21 -0.56
CA ASP C 14 -21.81 51.96 -1.27
C ASP C 14 -22.17 50.85 -0.29
N ILE C 15 -21.53 50.86 0.87
CA ILE C 15 -21.78 49.84 1.89
C ILE C 15 -23.11 50.14 2.60
N LEU C 16 -23.82 51.18 2.16
CA LEU C 16 -25.08 51.53 2.78
C LEU C 16 -26.25 50.75 2.18
N SER C 17 -26.32 50.70 0.86
CA SER C 17 -27.43 50.04 0.19
C SER C 17 -27.39 48.53 0.44
N VAL C 18 -26.26 48.06 0.96
CA VAL C 18 -26.05 46.64 1.25
C VAL C 18 -27.01 46.11 2.31
N PHE C 19 -27.11 46.81 3.43
CA PHE C 19 -28.04 46.37 4.48
C PHE C 19 -29.30 47.22 4.48
N GLU C 20 -30.00 47.23 3.36
CA GLU C 20 -31.24 47.98 3.24
C GLU C 20 -32.43 47.15 3.73
N ASP C 21 -32.27 45.84 3.81
CA ASP C 21 -33.36 44.99 4.31
C ASP C 21 -33.58 45.25 5.78
N ALA C 22 -32.51 45.69 6.45
CA ALA C 22 -32.57 45.94 7.88
C ALA C 22 -33.08 47.34 8.14
N PHE C 23 -32.65 48.27 7.30
CA PHE C 23 -32.99 49.67 7.46
C PHE C 23 -34.51 49.92 7.35
N VAL C 24 -35.26 48.88 7.01
CA VAL C 24 -36.72 48.98 6.92
C VAL C 24 -37.37 48.27 8.10
N ASP C 25 -36.57 47.48 8.79
CA ASP C 25 -37.00 46.73 9.96
C ASP C 25 -36.99 47.64 11.18
N ASN C 26 -35.79 48.10 11.52
CA ASN C 26 -35.60 48.76 12.79
C ASN C 26 -35.17 50.23 12.71
N PHE C 27 -35.53 50.91 11.63
CA PHE C 27 -35.16 52.31 11.47
C PHE C 27 -36.25 53.16 10.83
N ASP C 28 -36.57 54.28 11.47
CA ASP C 28 -37.19 55.40 10.78
C ASP C 28 -36.68 56.70 11.39
N CYS C 29 -36.47 57.69 10.53
CA CYS C 29 -35.90 58.97 10.93
C CYS C 29 -36.77 59.79 11.87
N LYS C 30 -37.87 59.19 12.34
CA LYS C 30 -38.71 59.85 13.34
C LYS C 30 -37.87 60.15 14.57
N ASP C 31 -36.80 59.37 14.75
CA ASP C 31 -35.87 59.60 15.84
C ASP C 31 -34.72 60.48 15.35
N VAL C 32 -34.53 60.53 14.04
CA VAL C 32 -33.47 61.34 13.44
C VAL C 32 -33.97 62.77 13.16
N GLN C 33 -34.36 63.47 14.22
CA GLN C 33 -34.85 64.83 14.08
C GLN C 33 -33.91 65.83 14.75
N ASP C 34 -32.63 65.50 14.78
CA ASP C 34 -31.63 66.37 15.39
C ASP C 34 -30.22 65.99 14.93
N MET C 35 -29.87 66.43 13.73
CA MET C 35 -28.55 66.13 13.16
C MET C 35 -27.97 67.40 12.52
N PRO C 36 -26.75 67.32 11.97
CA PRO C 36 -26.33 68.50 11.21
C PRO C 36 -27.20 68.73 9.97
N LYS C 37 -27.69 69.97 9.81
CA LYS C 37 -28.43 70.36 8.62
C LYS C 37 -27.57 70.17 7.38
N SER C 38 -26.26 70.09 7.59
CA SER C 38 -25.32 69.80 6.53
C SER C 38 -25.51 68.39 5.96
N ILE C 39 -26.25 67.55 6.67
CA ILE C 39 -26.28 66.14 6.35
C ILE C 39 -27.59 65.84 5.64
N LEU C 40 -28.67 66.33 6.21
CA LEU C 40 -29.97 66.23 5.55
C LEU C 40 -30.71 67.55 5.57
N SER C 41 -31.45 67.86 4.52
CA SER C 41 -32.18 69.12 4.46
C SER C 41 -33.35 69.14 5.44
N LYS C 42 -33.45 70.19 6.24
CA LYS C 42 -34.53 70.29 7.19
C LYS C 42 -35.78 70.00 6.40
N GLU C 43 -35.83 70.49 5.18
CA GLU C 43 -36.98 70.28 4.31
C GLU C 43 -36.87 68.92 3.61
N GLU C 44 -35.64 68.50 3.35
CA GLU C 44 -35.39 67.21 2.71
C GLU C 44 -35.71 66.06 3.66
N ILE C 45 -35.53 66.33 4.94
CA ILE C 45 -35.78 65.38 6.01
C ILE C 45 -37.27 65.21 6.21
N ASP C 46 -38.03 66.31 6.16
CA ASP C 46 -39.46 66.16 6.33
C ASP C 46 -39.93 65.32 5.16
N HIS C 47 -39.27 65.57 4.04
CA HIS C 47 -39.50 64.86 2.79
C HIS C 47 -39.35 63.36 3.03
N ILE C 48 -38.24 62.99 3.65
CA ILE C 48 -37.95 61.60 3.97
C ILE C 48 -38.86 61.12 5.08
N ILE C 49 -38.92 61.88 6.17
CA ILE C 49 -39.83 61.52 7.23
C ILE C 49 -41.24 61.57 6.66
N MET C 50 -41.30 62.10 5.46
CA MET C 50 -42.54 62.52 4.88
C MET C 50 -43.41 61.30 4.87
N SER C 51 -42.71 60.19 4.63
CA SER C 51 -43.04 58.89 5.17
C SER C 51 -44.40 58.30 4.89
N LYS C 52 -44.78 58.28 3.62
CA LYS C 52 -46.00 57.61 3.29
C LYS C 52 -45.82 56.14 3.65
N ASP C 53 -44.65 55.58 3.39
CA ASP C 53 -44.40 54.16 3.70
C ASP C 53 -43.06 53.83 4.34
N ALA C 54 -43.06 52.81 5.17
CA ALA C 54 -41.84 52.44 5.84
C ALA C 54 -40.85 52.08 4.78
N VAL C 55 -41.27 51.40 3.72
CA VAL C 55 -40.32 51.00 2.70
C VAL C 55 -39.97 52.21 1.86
N SER C 56 -40.99 52.96 1.46
CA SER C 56 -40.75 54.12 0.63
C SER C 56 -39.95 55.17 1.37
N GLY C 57 -40.27 55.41 2.64
CA GLY C 57 -39.60 56.45 3.40
C GLY C 57 -38.13 56.15 3.56
N THR C 58 -37.84 54.89 3.87
CA THR C 58 -36.46 54.44 4.11
C THR C 58 -35.72 54.54 2.78
N LEU C 59 -36.39 54.15 1.71
CA LEU C 59 -35.75 54.15 0.41
C LEU C 59 -35.46 55.60 0.10
N ARG C 60 -36.42 56.44 0.49
CA ARG C 60 -36.35 57.87 0.26
C ARG C 60 -35.16 58.44 1.00
N LEU C 61 -34.83 57.87 2.15
CA LEU C 61 -33.66 58.36 2.82
C LEU C 61 -32.39 57.90 2.16
N PHE C 62 -32.30 56.65 1.73
CA PHE C 62 -31.03 56.30 1.12
C PHE C 62 -30.85 57.05 -0.18
N TRP C 63 -31.93 57.18 -0.95
CA TRP C 63 -31.80 57.85 -2.23
C TRP C 63 -31.35 59.29 -2.10
N THR C 64 -32.01 60.06 -1.24
CA THR C 64 -31.62 61.45 -1.13
C THR C 64 -30.21 61.59 -0.57
N LEU C 65 -29.89 60.78 0.44
CA LEU C 65 -28.60 60.88 1.11
C LEU C 65 -27.43 60.46 0.23
N LEU C 66 -27.65 59.45 -0.61
CA LEU C 66 -26.60 58.91 -1.48
C LEU C 66 -26.02 60.04 -2.36
N SER C 67 -26.85 61.07 -2.51
CA SER C 67 -26.59 62.26 -3.32
C SER C 67 -25.49 63.20 -2.77
N LYS C 68 -25.16 63.05 -1.48
CA LYS C 68 -24.20 63.91 -0.77
C LYS C 68 -22.77 63.36 -0.81
N GLN C 69 -21.80 64.09 -0.25
CA GLN C 69 -20.40 63.69 -0.31
C GLN C 69 -20.04 62.63 0.74
N GLU C 70 -18.86 62.02 0.62
CA GLU C 70 -18.44 61.03 1.61
C GLU C 70 -18.45 61.45 3.09
N GLU C 71 -17.94 62.61 3.36
CA GLU C 71 -17.95 63.05 4.74
C GLU C 71 -19.38 63.19 5.14
N MET C 72 -20.17 63.71 4.20
CA MET C 72 -21.55 64.10 4.46
C MET C 72 -22.30 62.93 5.06
N VAL C 73 -22.18 61.77 4.43
CA VAL C 73 -22.80 60.58 4.98
C VAL C 73 -22.23 60.18 6.33
N GLN C 74 -20.91 60.13 6.41
CA GLN C 74 -20.21 59.52 7.51
C GLN C 74 -20.54 60.20 8.78
N LYS C 75 -20.70 61.50 8.70
CA LYS C 75 -21.12 62.20 9.88
C LYS C 75 -22.44 61.55 10.22
N PHE C 76 -23.24 61.24 9.20
CA PHE C 76 -24.47 60.54 9.41
C PHE C 76 -24.27 59.14 9.97
N VAL C 77 -23.34 58.39 9.43
CA VAL C 77 -23.13 57.04 9.89
C VAL C 77 -22.54 57.03 11.28
N GLU C 78 -21.91 58.13 11.64
CA GLU C 78 -21.22 58.16 12.90
C GLU C 78 -21.98 58.95 13.93
N GLU C 79 -21.90 60.25 13.85
CA GLU C 79 -22.43 61.07 14.91
C GLU C 79 -23.93 60.95 15.12
N VAL C 80 -24.69 60.97 14.04
CA VAL C 80 -26.15 60.96 14.12
C VAL C 80 -26.78 59.62 14.48
N LEU C 81 -26.28 58.55 13.86
CA LEU C 81 -26.89 57.23 14.00
C LEU C 81 -26.29 56.43 15.14
N ARG C 82 -25.49 57.09 15.99
CA ARG C 82 -24.90 56.39 17.11
C ARG C 82 -25.58 56.76 18.43
N ILE C 83 -26.44 57.75 18.38
CA ILE C 83 -27.09 58.14 19.59
C ILE C 83 -28.00 57.01 20.00
N ASN C 84 -28.85 56.57 19.10
CA ASN C 84 -29.84 55.57 19.43
C ASN C 84 -29.73 54.24 18.71
N TYR C 85 -29.52 54.31 17.40
CA TYR C 85 -29.49 53.14 16.58
C TYR C 85 -28.11 52.56 16.59
N LYS C 86 -27.71 52.05 17.73
CA LYS C 86 -26.38 51.56 17.87
C LYS C 86 -26.22 50.41 16.90
N PHE C 87 -27.18 49.50 16.91
CA PHE C 87 -26.94 48.21 16.31
C PHE C 87 -26.65 48.39 14.85
N LEU C 88 -27.34 49.30 14.18
CA LEU C 88 -27.13 49.42 12.76
C LEU C 88 -25.70 49.79 12.56
N MET C 89 -25.25 50.73 13.35
CA MET C 89 -23.98 51.33 13.12
C MET C 89 -22.98 50.22 13.23
N SER C 90 -23.19 49.35 14.20
CA SER C 90 -22.24 48.30 14.42
C SER C 90 -22.17 47.45 13.19
N PRO C 91 -23.38 47.18 12.52
CA PRO C 91 -23.19 46.39 11.31
C PRO C 91 -22.42 47.22 10.36
N ILE C 92 -22.76 48.50 10.22
CA ILE C 92 -22.12 49.27 9.16
C ILE C 92 -20.62 49.40 9.37
N LYS C 93 -20.23 49.72 10.59
CA LYS C 93 -18.84 50.01 10.77
C LYS C 93 -18.16 48.81 10.18
N THR C 94 -18.78 47.67 10.32
CA THR C 94 -18.15 46.49 9.89
C THR C 94 -17.96 46.65 8.43
N GLU C 95 -18.95 47.20 7.74
CA GLU C 95 -18.87 47.16 6.27
C GLU C 95 -17.66 47.97 5.65
N GLN C 96 -17.57 49.28 5.86
CA GLN C 96 -16.45 50.09 5.32
C GLN C 96 -15.09 49.49 5.61
N ARG C 97 -14.94 48.93 6.81
CA ARG C 97 -13.79 48.15 7.07
C ARG C 97 -13.90 46.84 6.36
N GLN C 98 -15.12 46.43 6.08
CA GLN C 98 -15.29 45.13 5.46
C GLN C 98 -16.29 44.81 4.37
N PRO C 99 -15.79 44.12 3.38
CA PRO C 99 -16.71 43.66 2.35
C PRO C 99 -16.86 42.16 2.26
N SER C 100 -18.07 41.65 2.43
CA SER C 100 -18.31 40.20 2.31
C SER C 100 -18.24 39.82 0.84
N MET C 101 -17.98 38.55 0.53
CA MET C 101 -17.85 38.24 -0.89
C MET C 101 -19.05 38.81 -1.63
N MET C 102 -20.25 38.61 -1.11
CA MET C 102 -21.46 39.12 -1.76
C MET C 102 -21.48 40.65 -1.85
N THR C 103 -21.24 41.32 -0.74
CA THR C 103 -21.41 42.75 -0.78
C THR C 103 -20.45 43.30 -1.76
N ARG C 104 -19.19 43.03 -1.54
CA ARG C 104 -18.26 43.54 -2.49
C ARG C 104 -18.68 42.93 -3.80
N MET C 105 -19.20 41.71 -3.78
CA MET C 105 -19.48 41.04 -5.02
C MET C 105 -20.45 41.90 -5.78
N TYR C 106 -21.46 42.41 -5.11
CA TYR C 106 -22.39 43.30 -5.79
C TYR C 106 -21.69 44.59 -6.15
N ILE C 107 -20.99 45.06 -5.14
CA ILE C 107 -20.66 46.45 -5.07
C ILE C 107 -19.88 46.79 -6.28
N GLU C 108 -19.14 45.83 -6.79
CA GLU C 108 -18.56 45.99 -8.09
C GLU C 108 -19.60 46.10 -9.18
N GLN C 109 -20.66 45.29 -9.16
CA GLN C 109 -21.58 45.33 -10.28
C GLN C 109 -22.19 46.70 -10.35
N ARG C 110 -22.54 47.23 -9.20
CA ARG C 110 -23.22 48.51 -9.26
C ARG C 110 -22.34 49.45 -10.07
N ASP C 111 -21.04 49.39 -9.78
CA ASP C 111 -20.10 50.29 -10.43
C ASP C 111 -20.15 49.96 -11.90
N ARG C 112 -20.23 48.66 -12.15
CA ARG C 112 -20.23 48.19 -13.51
C ARG C 112 -21.46 48.79 -14.18
N LEU C 113 -22.62 48.80 -13.52
CA LEU C 113 -23.82 49.32 -14.15
C LEU C 113 -23.76 50.85 -14.37
N TYR C 114 -23.16 51.61 -13.44
CA TYR C 114 -23.07 53.05 -13.66
C TYR C 114 -22.23 53.25 -14.91
N ASN C 115 -21.13 52.52 -14.96
CA ASN C 115 -20.14 52.61 -16.01
C ASN C 115 -20.50 52.21 -17.39
N ASP C 116 -21.14 51.08 -17.57
CA ASP C 116 -21.60 50.75 -18.90
C ASP C 116 -22.66 51.76 -19.28
N ASN C 117 -23.53 52.05 -18.33
CA ASN C 117 -24.63 52.92 -18.60
C ASN C 117 -24.30 54.06 -17.74
N GLN C 118 -24.30 55.26 -18.32
CA GLN C 118 -23.71 56.43 -17.67
C GLN C 118 -24.62 57.58 -17.32
N VAL C 119 -25.23 58.17 -18.34
CA VAL C 119 -25.82 59.50 -18.29
C VAL C 119 -26.86 59.34 -17.25
N PHE C 120 -27.14 58.07 -16.99
CA PHE C 120 -27.87 57.69 -15.84
C PHE C 120 -27.00 57.96 -14.64
N ALA C 121 -25.73 57.70 -14.74
CA ALA C 121 -24.96 57.78 -13.52
C ALA C 121 -25.16 59.14 -12.94
N LYS C 122 -25.14 60.11 -13.85
CA LYS C 122 -24.98 61.53 -13.63
C LYS C 122 -26.30 62.28 -13.81
N TYR C 123 -27.33 61.58 -14.26
CA TYR C 123 -28.58 62.26 -14.55
C TYR C 123 -29.84 61.58 -14.01
N ASN C 124 -29.68 60.52 -13.23
CA ASN C 124 -30.83 59.79 -12.64
C ASN C 124 -31.73 60.64 -11.75
N VAL C 125 -32.96 60.20 -11.53
CA VAL C 125 -33.81 60.88 -10.54
C VAL C 125 -34.53 59.90 -9.61
N SER C 126 -34.52 60.24 -8.31
CA SER C 126 -35.29 59.50 -7.32
C SER C 126 -36.72 59.36 -7.81
N ARG C 127 -37.13 58.13 -8.07
CA ARG C 127 -38.47 57.86 -8.58
C ARG C 127 -39.11 56.71 -7.79
N LEU C 128 -40.05 57.00 -6.90
CA LEU C 128 -40.62 55.95 -6.05
C LEU C 128 -41.52 54.93 -6.72
N GLN C 129 -42.60 55.47 -7.25
CA GLN C 129 -43.77 54.73 -7.69
C GLN C 129 -43.39 53.56 -8.56
N PRO C 130 -42.76 53.84 -9.70
CA PRO C 130 -42.44 52.73 -10.58
C PRO C 130 -41.32 51.87 -10.05
N TYR C 131 -40.42 52.48 -9.31
CA TYR C 131 -39.28 51.81 -8.74
C TYR C 131 -39.71 50.68 -7.82
N LEU C 132 -40.65 50.99 -6.95
CA LEU C 132 -41.18 50.03 -5.99
C LEU C 132 -42.10 49.02 -6.66
N LYS C 133 -42.85 49.45 -7.67
CA LYS C 133 -43.77 48.51 -8.33
C LYS C 133 -42.90 47.46 -9.01
N LEU C 134 -41.87 47.93 -9.71
CA LEU C 134 -40.99 47.07 -10.48
C LEU C 134 -40.14 46.15 -9.61
N ARG C 135 -39.71 46.65 -8.46
CA ARG C 135 -38.84 45.89 -7.57
C ARG C 135 -39.65 44.83 -6.85
N GLN C 136 -40.96 45.07 -6.75
CA GLN C 136 -41.86 44.15 -6.13
C GLN C 136 -42.15 43.02 -7.12
N ALA C 137 -42.45 43.41 -8.36
CA ALA C 137 -42.79 42.44 -9.41
C ALA C 137 -41.61 41.55 -9.73
N LEU C 138 -40.48 42.22 -9.76
CA LEU C 138 -39.22 41.65 -10.12
C LEU C 138 -38.85 40.50 -9.21
N LEU C 139 -38.97 40.71 -7.91
CA LEU C 139 -38.56 39.69 -6.95
C LEU C 139 -39.36 38.41 -7.11
N GLU C 140 -40.67 38.49 -7.22
CA GLU C 140 -41.42 37.25 -7.25
C GLU C 140 -41.06 36.51 -8.53
N LEU C 141 -40.75 37.28 -9.56
CA LEU C 141 -40.58 36.79 -10.94
C LEU C 141 -39.78 35.50 -11.02
N ARG C 142 -40.41 34.44 -11.52
CA ARG C 142 -39.85 33.09 -11.43
C ARG C 142 -38.72 32.85 -12.43
N PRO C 143 -38.06 31.69 -12.36
CA PRO C 143 -36.99 31.43 -13.32
C PRO C 143 -37.44 31.35 -14.78
N ALA C 144 -38.74 31.29 -15.04
CA ALA C 144 -39.17 31.27 -16.43
C ALA C 144 -40.28 32.26 -16.71
N LYS C 145 -40.44 33.29 -15.88
CA LYS C 145 -41.51 34.24 -16.17
C LYS C 145 -40.99 35.56 -16.79
N ASN C 146 -41.85 36.52 -17.03
CA ASN C 146 -41.29 37.75 -17.54
C ASN C 146 -42.12 38.97 -17.28
N VAL C 147 -41.48 39.88 -16.59
CA VAL C 147 -42.03 41.12 -16.06
C VAL C 147 -41.80 42.25 -17.06
N LEU C 148 -42.84 42.64 -17.77
CA LEU C 148 -42.74 43.66 -18.81
C LEU C 148 -43.16 45.04 -18.30
N ILE C 149 -42.64 46.07 -18.94
CA ILE C 149 -42.98 47.45 -18.60
C ILE C 149 -43.08 48.29 -19.88
N ASP C 150 -44.22 48.97 -20.04
CA ASP C 150 -44.46 49.76 -21.24
C ASP C 150 -45.21 51.07 -20.97
N GLY C 151 -44.68 52.15 -21.54
CA GLY C 151 -45.28 53.46 -21.48
C GLY C 151 -45.06 54.25 -22.76
N VAL C 152 -45.38 55.54 -22.71
CA VAL C 152 -45.25 56.47 -23.84
C VAL C 152 -43.77 56.61 -24.22
N LEU C 153 -43.46 56.99 -25.46
CA LEU C 153 -42.05 57.13 -25.82
C LEU C 153 -41.42 58.16 -24.91
N GLY C 154 -40.29 57.80 -24.32
CA GLY C 154 -39.56 58.72 -23.50
C GLY C 154 -40.22 58.74 -22.14
N SER C 155 -40.57 57.57 -21.62
CA SER C 155 -41.22 57.56 -20.32
C SER C 155 -40.35 57.36 -19.10
N GLY C 156 -39.14 56.86 -19.31
CA GLY C 156 -38.22 56.61 -18.22
C GLY C 156 -38.32 55.13 -17.94
N LYS C 157 -38.77 54.37 -18.93
CA LYS C 157 -38.94 52.93 -18.79
C LYS C 157 -37.61 52.23 -18.47
N THR C 158 -36.57 52.59 -19.22
CA THR C 158 -35.27 51.97 -19.03
C THR C 158 -34.60 52.51 -17.78
N TRP C 159 -34.72 53.82 -17.51
CA TRP C 159 -34.12 54.38 -16.30
C TRP C 159 -34.77 53.72 -15.08
N VAL C 160 -36.09 53.64 -15.01
CA VAL C 160 -36.73 53.04 -13.82
C VAL C 160 -36.17 51.63 -13.67
N ALA C 161 -36.06 50.93 -14.81
CA ALA C 161 -35.61 49.55 -14.80
C ALA C 161 -34.17 49.49 -14.27
N LEU C 162 -33.36 50.43 -14.73
CA LEU C 162 -31.97 50.44 -14.33
C LEU C 162 -31.92 50.67 -12.84
N ASP C 163 -32.69 51.65 -12.35
CA ASP C 163 -32.61 52.01 -10.95
C ASP C 163 -32.99 50.82 -10.10
N VAL C 164 -34.03 50.10 -10.51
CA VAL C 164 -34.49 48.96 -9.74
C VAL C 164 -33.36 47.91 -9.75
N CYS C 165 -32.81 47.69 -10.92
CA CYS C 165 -31.85 46.64 -11.07
C CYS C 165 -30.47 47.09 -10.66
N LEU C 166 -30.28 48.35 -10.36
CA LEU C 166 -29.09 48.65 -9.67
C LEU C 166 -29.28 47.97 -8.33
N SER C 167 -30.40 48.30 -7.71
CA SER C 167 -30.69 47.99 -6.31
C SER C 167 -30.33 46.65 -5.73
N TYR C 168 -29.56 46.67 -4.64
CA TYR C 168 -28.98 45.44 -4.16
C TYR C 168 -30.00 44.34 -3.97
N LYS C 169 -31.10 44.67 -3.30
CA LYS C 169 -32.13 43.68 -2.97
C LYS C 169 -32.62 42.91 -4.19
N VAL C 170 -32.68 43.62 -5.29
CA VAL C 170 -33.12 43.08 -6.56
C VAL C 170 -31.97 42.65 -7.38
N GLN C 171 -30.79 42.60 -6.81
CA GLN C 171 -29.74 41.97 -7.54
C GLN C 171 -29.48 40.62 -7.02
N CYS C 172 -29.10 40.55 -5.74
CA CYS C 172 -28.71 39.31 -5.10
C CYS C 172 -29.72 38.22 -5.42
N LYS C 173 -30.98 38.63 -5.52
CA LYS C 173 -32.06 37.72 -5.88
C LYS C 173 -31.80 37.18 -7.27
N MET C 174 -31.14 37.98 -8.10
CA MET C 174 -30.77 37.52 -9.41
C MET C 174 -29.30 37.25 -9.49
N ASP C 175 -28.66 37.26 -8.36
CA ASP C 175 -27.29 36.78 -8.27
C ASP C 175 -26.38 37.42 -9.26
N PHE C 176 -26.55 38.69 -9.46
CA PHE C 176 -25.52 39.47 -10.06
C PHE C 176 -25.20 39.00 -11.45
N LYS C 177 -26.21 38.60 -12.20
CA LYS C 177 -25.99 38.26 -13.59
C LYS C 177 -27.07 38.89 -14.47
N ILE C 178 -27.08 40.22 -14.57
CA ILE C 178 -28.11 40.84 -15.39
C ILE C 178 -27.61 41.32 -16.72
N PHE C 179 -28.13 40.72 -17.78
CA PHE C 179 -27.67 41.02 -19.10
C PHE C 179 -28.62 41.99 -19.72
N TRP C 180 -28.09 43.14 -20.04
CA TRP C 180 -28.82 44.22 -20.67
C TRP C 180 -28.57 44.28 -22.15
N LEU C 181 -29.65 44.26 -22.93
CA LEU C 181 -29.48 44.43 -24.37
C LEU C 181 -30.56 45.33 -24.92
N ASN C 182 -30.26 46.16 -25.90
CA ASN C 182 -31.31 47.00 -26.48
C ASN C 182 -31.79 46.47 -27.82
N LEU C 183 -33.03 45.98 -27.91
CA LEU C 183 -33.45 45.46 -29.19
C LEU C 183 -33.60 46.62 -30.16
N LYS C 184 -32.62 47.36 -30.64
CA LYS C 184 -33.13 48.26 -31.67
C LYS C 184 -33.18 47.45 -32.90
N ASN C 185 -33.84 47.93 -33.92
CA ASN C 185 -33.49 47.31 -35.13
C ASN C 185 -33.37 45.91 -34.67
N CYS C 186 -34.52 45.31 -34.34
CA CYS C 186 -34.56 43.94 -33.87
C CYS C 186 -35.62 43.13 -34.62
N ASN C 187 -36.50 43.83 -35.32
CA ASN C 187 -37.57 43.18 -36.08
C ASN C 187 -37.07 42.64 -37.42
N SER C 188 -36.00 41.85 -37.37
CA SER C 188 -35.43 41.26 -38.57
C SER C 188 -34.60 40.01 -38.24
N PRO C 189 -34.69 38.98 -39.18
CA PRO C 189 -33.88 37.80 -38.82
C PRO C 189 -32.42 38.17 -38.55
N GLU C 190 -32.04 39.39 -38.94
CA GLU C 190 -30.67 39.86 -38.75
C GLU C 190 -30.44 40.29 -37.30
N THR C 191 -31.52 40.55 -36.58
CA THR C 191 -31.44 40.96 -35.19
C THR C 191 -31.14 39.79 -34.27
N VAL C 192 -31.94 38.74 -34.38
CA VAL C 192 -31.77 37.55 -33.55
C VAL C 192 -30.30 37.12 -33.49
N LEU C 193 -29.75 36.76 -34.64
CA LEU C 193 -28.36 36.33 -34.73
C LEU C 193 -27.43 37.35 -34.07
N GLU C 194 -27.38 38.55 -34.63
CA GLU C 194 -26.53 39.61 -34.10
C GLU C 194 -26.63 39.70 -32.59
N MET C 195 -27.85 39.90 -32.09
CA MET C 195 -28.09 40.01 -30.66
C MET C 195 -27.84 38.71 -29.91
N LEU C 196 -28.33 37.62 -30.46
CA LEU C 196 -28.19 36.31 -29.84
C LEU C 196 -26.72 35.98 -29.86
N GLN C 197 -25.99 36.65 -30.73
CA GLN C 197 -24.57 36.52 -30.77
C GLN C 197 -24.11 37.35 -29.58
N LYS C 198 -24.68 38.54 -29.43
CA LYS C 198 -24.23 39.36 -28.30
C LYS C 198 -24.52 38.75 -26.92
N LEU C 199 -25.64 38.05 -26.77
CA LEU C 199 -26.01 37.48 -25.48
C LEU C 199 -25.07 36.33 -25.09
N LEU C 200 -24.64 35.57 -26.09
CA LEU C 200 -23.70 34.49 -25.87
C LEU C 200 -22.40 35.14 -25.47
N TYR C 201 -22.01 36.13 -26.26
CA TYR C 201 -20.92 37.02 -25.90
C TYR C 201 -20.90 37.41 -24.41
N GLN C 202 -22.00 37.90 -23.83
CA GLN C 202 -21.85 38.40 -22.50
C GLN C 202 -21.57 37.21 -21.69
N ILE C 203 -22.51 36.27 -21.62
CA ILE C 203 -22.32 35.05 -20.83
C ILE C 203 -20.87 34.56 -20.81
N ASP C 204 -20.35 34.23 -21.98
CA ASP C 204 -18.98 33.74 -22.10
C ASP C 204 -18.49 33.88 -23.53
N PRO C 205 -17.18 33.98 -23.71
CA PRO C 205 -16.61 34.10 -25.05
C PRO C 205 -16.15 32.75 -25.61
N ASN C 206 -17.09 31.89 -25.98
CA ASN C 206 -16.73 30.60 -26.52
C ASN C 206 -17.87 29.98 -27.33
N TRP C 207 -17.70 29.89 -28.64
CA TRP C 207 -18.72 29.21 -29.43
C TRP C 207 -18.20 28.42 -30.61
N THR C 208 -18.68 27.19 -30.71
CA THR C 208 -18.27 26.30 -31.78
C THR C 208 -19.15 26.72 -32.94
N SER C 209 -18.71 27.74 -33.62
CA SER C 209 -19.51 28.34 -34.66
C SER C 209 -19.38 27.52 -35.94
N ARG C 210 -18.84 26.32 -35.78
CA ARG C 210 -18.76 25.38 -36.88
C ARG C 210 -20.16 24.88 -37.24
N SER C 211 -21.13 25.08 -36.36
CA SER C 211 -22.47 24.65 -36.63
C SER C 211 -23.06 25.56 -37.70
N ASP C 212 -22.34 26.62 -38.04
CA ASP C 212 -22.89 27.60 -38.95
C ASP C 212 -23.09 26.99 -40.33
N HIS C 213 -24.32 27.11 -40.78
CA HIS C 213 -24.81 26.53 -41.98
C HIS C 213 -25.56 27.73 -42.47
N SER C 214 -25.32 28.11 -43.72
CA SER C 214 -25.74 29.42 -44.22
C SER C 214 -26.97 29.38 -45.11
N SER C 215 -27.66 28.25 -45.12
CA SER C 215 -28.90 28.13 -45.87
C SER C 215 -29.98 28.93 -45.15
N ASN C 216 -29.88 28.96 -43.82
CA ASN C 216 -30.81 29.73 -43.01
C ASN C 216 -30.12 30.53 -41.91
N ILE C 217 -30.03 31.85 -42.13
CA ILE C 217 -29.71 32.74 -41.07
C ILE C 217 -30.83 32.51 -40.08
N LYS C 218 -31.84 31.77 -40.49
CA LYS C 218 -32.97 31.52 -39.62
C LYS C 218 -32.83 30.24 -38.85
N LEU C 219 -32.55 29.15 -39.58
CA LEU C 219 -32.36 27.84 -38.96
C LEU C 219 -31.18 27.89 -37.98
N ARG C 220 -30.16 28.68 -38.33
CA ARG C 220 -28.98 28.82 -37.49
C ARG C 220 -29.38 29.59 -36.27
N ILE C 221 -30.34 30.46 -36.44
CA ILE C 221 -30.78 31.33 -35.38
C ILE C 221 -31.26 30.42 -34.29
N HIS C 222 -31.91 29.35 -34.68
CA HIS C 222 -32.37 28.42 -33.70
C HIS C 222 -31.20 27.81 -32.96
N SER C 223 -30.15 27.47 -33.70
CA SER C 223 -29.05 26.78 -33.06
C SER C 223 -28.52 27.67 -31.98
N ILE C 224 -28.34 28.93 -32.30
CA ILE C 224 -27.69 29.80 -31.32
C ILE C 224 -28.54 29.67 -30.03
N GLN C 225 -29.85 29.66 -30.20
CA GLN C 225 -30.77 29.52 -29.07
C GLN C 225 -30.55 28.20 -28.34
N ALA C 226 -30.38 27.13 -29.12
CA ALA C 226 -30.15 25.80 -28.56
C ALA C 226 -28.95 25.81 -27.63
N GLU C 227 -27.88 26.45 -28.07
CA GLU C 227 -26.66 26.55 -27.27
C GLU C 227 -26.88 27.45 -26.06
N LEU C 228 -27.62 28.53 -26.25
CA LEU C 228 -27.92 29.46 -25.18
C LEU C 228 -28.77 28.80 -24.09
N ARG C 229 -29.77 28.02 -24.52
CA ARG C 229 -30.64 27.33 -23.59
C ARG C 229 -29.85 26.33 -22.75
N ARG C 230 -28.90 25.66 -23.39
CA ARG C 230 -28.06 24.69 -22.71
C ARG C 230 -27.27 25.37 -21.61
N LEU C 231 -26.63 26.50 -21.93
CA LEU C 231 -25.80 27.20 -20.96
C LEU C 231 -26.51 27.86 -19.77
N LEU C 232 -27.70 28.43 -19.97
CA LEU C 232 -28.37 29.07 -18.82
C LEU C 232 -28.77 28.13 -17.68
N LYS C 233 -29.32 26.98 -17.97
CA LYS C 233 -29.69 26.18 -16.84
C LYS C 233 -28.38 25.55 -16.47
N SER C 234 -27.36 26.38 -16.45
CA SER C 234 -26.07 25.97 -15.92
C SER C 234 -26.15 26.37 -14.49
N LYS C 235 -25.11 26.14 -13.72
CA LYS C 235 -25.11 26.60 -12.36
C LYS C 235 -24.51 27.97 -12.15
N PRO C 236 -23.78 28.50 -13.23
CA PRO C 236 -23.21 29.83 -12.95
C PRO C 236 -24.36 30.75 -12.72
N TYR C 237 -25.40 30.54 -13.53
CA TYR C 237 -26.59 31.36 -13.43
C TYR C 237 -27.61 30.64 -12.62
N GLU C 238 -28.15 29.55 -13.14
CA GLU C 238 -29.26 28.88 -12.48
C GLU C 238 -30.34 29.88 -12.64
N ASN C 239 -30.02 31.08 -12.18
CA ASN C 239 -31.05 32.12 -12.32
C ASN C 239 -30.50 33.56 -12.45
N CYS C 240 -30.90 34.35 -13.44
CA CYS C 240 -30.37 35.68 -13.67
C CYS C 240 -31.36 36.40 -14.50
N LEU C 241 -31.25 37.71 -14.67
CA LEU C 241 -32.25 38.43 -15.40
C LEU C 241 -31.72 39.13 -16.62
N LEU C 242 -32.25 38.75 -17.76
CA LEU C 242 -32.04 39.27 -19.11
C LEU C 242 -33.09 40.33 -19.41
N VAL C 243 -32.71 41.60 -19.29
CA VAL C 243 -33.64 42.71 -19.48
C VAL C 243 -33.53 43.30 -20.88
N LEU C 244 -34.47 42.90 -21.70
CA LEU C 244 -34.43 43.26 -23.07
C LEU C 244 -34.77 44.68 -22.85
N LEU C 245 -34.48 45.55 -23.80
CA LEU C 245 -34.88 46.91 -23.61
C LEU C 245 -35.50 47.27 -24.91
N ASN C 246 -36.55 48.07 -24.90
CA ASN C 246 -37.08 48.50 -26.16
C ASN C 246 -37.43 47.32 -27.07
N VAL C 247 -38.06 46.29 -26.53
CA VAL C 247 -38.45 45.17 -27.38
C VAL C 247 -39.37 45.73 -28.46
N GLN C 248 -39.09 45.39 -29.71
CA GLN C 248 -39.83 45.91 -30.86
C GLN C 248 -41.27 45.50 -31.19
N ASN C 249 -41.55 44.20 -31.27
CA ASN C 249 -42.89 43.75 -31.61
C ASN C 249 -43.06 42.42 -30.93
N ALA C 250 -44.05 41.60 -31.30
CA ALA C 250 -43.98 40.30 -30.67
C ALA C 250 -42.83 39.49 -31.21
N LYS C 251 -42.58 39.56 -32.51
CA LYS C 251 -41.87 38.48 -33.17
C LYS C 251 -40.51 38.23 -32.54
N ALA C 252 -39.77 39.28 -32.22
CA ALA C 252 -38.42 39.08 -31.76
C ALA C 252 -38.50 38.27 -30.51
N TRP C 253 -39.46 38.59 -29.67
CA TRP C 253 -39.44 38.04 -28.36
C TRP C 253 -39.51 36.50 -28.46
N ASN C 254 -40.43 35.94 -29.24
CA ASN C 254 -40.57 34.53 -29.34
C ASN C 254 -39.15 34.06 -29.53
N ALA C 255 -38.35 34.87 -30.22
CA ALA C 255 -36.94 34.55 -30.41
C ALA C 255 -36.24 34.56 -29.10
N PHE C 256 -36.60 35.45 -28.22
CA PHE C 256 -35.75 35.72 -27.08
C PHE C 256 -36.06 35.11 -25.75
N ASN C 257 -37.01 34.19 -25.67
CA ASN C 257 -37.37 33.63 -24.37
C ASN C 257 -36.56 32.38 -24.07
N LEU C 258 -35.68 32.47 -23.08
CA LEU C 258 -34.81 31.35 -22.78
C LEU C 258 -35.05 30.76 -21.42
N SER C 259 -36.24 30.91 -20.89
CA SER C 259 -36.36 30.40 -19.54
C SER C 259 -35.42 31.24 -18.71
N CYS C 260 -35.37 32.52 -19.03
CA CYS C 260 -34.49 33.43 -18.37
C CYS C 260 -35.40 34.36 -17.71
N LYS C 261 -35.16 34.69 -16.47
CA LYS C 261 -36.01 35.67 -15.85
C LYS C 261 -35.70 36.91 -16.67
N ILE C 262 -36.42 37.13 -17.76
CA ILE C 262 -36.20 38.38 -18.46
C ILE C 262 -37.29 39.39 -18.08
N LEU C 263 -36.98 40.68 -18.17
CA LEU C 263 -37.98 41.73 -17.99
C LEU C 263 -37.84 42.70 -19.15
N LEU C 264 -38.88 42.83 -19.96
CA LEU C 264 -38.79 43.58 -21.21
C LEU C 264 -39.58 44.88 -21.14
N THR C 265 -38.91 45.97 -21.46
CA THR C 265 -39.55 47.26 -21.46
C THR C 265 -39.75 47.68 -22.91
N THR C 266 -40.97 48.02 -23.28
CA THR C 266 -41.27 48.37 -24.67
C THR C 266 -42.21 49.55 -24.82
N ARG C 267 -41.99 50.33 -25.88
CA ARG C 267 -42.85 51.46 -26.22
C ARG C 267 -44.15 51.31 -27.04
N PHE C 268 -44.51 50.13 -27.57
CA PHE C 268 -45.89 50.06 -28.08
C PHE C 268 -46.84 48.93 -27.64
N LYS C 269 -48.09 49.16 -28.01
CA LYS C 269 -49.25 48.51 -27.41
C LYS C 269 -49.45 47.10 -27.93
N GLN C 270 -48.84 46.78 -29.05
CA GLN C 270 -48.92 45.43 -29.62
C GLN C 270 -48.10 44.47 -28.77
N VAL C 271 -47.00 44.98 -28.22
CA VAL C 271 -46.15 44.19 -27.34
C VAL C 271 -46.84 43.85 -25.99
N THR C 272 -47.26 44.92 -25.34
CA THR C 272 -47.83 44.87 -24.01
C THR C 272 -49.23 44.41 -24.28
N ASP C 273 -49.60 44.57 -25.53
CA ASP C 273 -50.78 43.95 -26.09
C ASP C 273 -50.44 42.49 -26.36
N PHE C 274 -49.16 42.14 -26.40
CA PHE C 274 -48.90 40.72 -26.58
C PHE C 274 -48.96 39.76 -25.41
N LEU C 275 -48.31 40.10 -24.31
CA LEU C 275 -48.08 39.10 -23.28
C LEU C 275 -49.06 39.15 -22.15
N SER C 276 -49.94 38.16 -22.16
CA SER C 276 -51.03 38.13 -21.25
C SER C 276 -50.49 38.02 -19.86
N ALA C 277 -51.13 38.71 -18.94
CA ALA C 277 -50.78 38.59 -17.53
C ALA C 277 -51.10 37.17 -17.22
N ALA C 278 -50.44 36.61 -16.21
CA ALA C 278 -50.54 35.20 -15.87
C ALA C 278 -49.55 34.48 -16.72
N THR C 279 -48.87 35.25 -17.55
CA THR C 279 -47.45 35.08 -17.83
C THR C 279 -46.56 36.30 -17.80
N THR C 280 -46.98 37.41 -17.24
CA THR C 280 -46.02 38.48 -17.11
C THR C 280 -46.68 39.57 -16.27
N THR C 281 -46.07 40.70 -15.98
CA THR C 281 -46.94 41.60 -15.32
C THR C 281 -46.56 42.90 -15.90
N HIS C 282 -47.50 43.80 -16.07
CA HIS C 282 -47.10 45.10 -16.56
C HIS C 282 -47.12 46.15 -15.47
N ILE C 283 -45.95 46.67 -15.19
CA ILE C 283 -45.80 47.96 -14.60
C ILE C 283 -46.13 48.80 -15.78
N SER C 284 -47.02 49.78 -15.65
CA SER C 284 -47.25 50.66 -16.78
C SER C 284 -46.59 51.94 -16.38
N LEU C 285 -45.53 52.28 -17.07
CA LEU C 285 -44.73 53.40 -16.69
C LEU C 285 -45.43 54.72 -16.83
N ASP C 286 -46.26 54.86 -17.86
CA ASP C 286 -46.87 56.12 -18.24
C ASP C 286 -48.25 56.26 -17.67
N HIS C 287 -48.59 55.38 -16.76
CA HIS C 287 -49.91 55.33 -16.17
C HIS C 287 -49.96 56.36 -15.06
N HIS C 288 -50.99 56.18 -14.26
CA HIS C 288 -51.62 57.09 -13.32
C HIS C 288 -50.81 57.62 -12.18
N SER C 289 -50.05 56.74 -11.56
CA SER C 289 -49.35 57.13 -10.35
C SER C 289 -47.88 57.18 -10.59
N MET C 290 -47.46 56.51 -11.63
CA MET C 290 -46.06 56.51 -11.99
C MET C 290 -45.69 57.91 -12.38
N THR C 291 -46.61 58.61 -13.01
CA THR C 291 -46.20 59.85 -13.66
C THR C 291 -45.32 60.56 -12.65
N LEU C 292 -44.22 61.14 -13.12
CA LEU C 292 -43.22 61.60 -12.20
C LEU C 292 -43.90 62.49 -11.21
N THR C 293 -43.48 62.36 -9.96
CA THR C 293 -44.10 62.95 -8.79
C THR C 293 -44.15 64.49 -8.86
N PRO C 294 -45.35 65.07 -8.63
CA PRO C 294 -45.72 66.46 -8.92
C PRO C 294 -44.62 67.50 -8.67
N ASP C 295 -43.74 67.23 -7.71
CA ASP C 295 -42.64 68.14 -7.41
C ASP C 295 -41.31 67.53 -7.86
N GLU C 296 -41.34 66.24 -8.17
CA GLU C 296 -40.15 65.57 -8.66
C GLU C 296 -40.01 65.85 -10.16
N VAL C 297 -40.99 66.55 -10.75
CA VAL C 297 -40.76 67.04 -12.09
C VAL C 297 -39.76 68.18 -11.94
N LYS C 298 -39.98 69.00 -10.91
CA LYS C 298 -39.09 70.12 -10.64
C LYS C 298 -37.74 69.58 -10.20
N SER C 299 -37.77 68.37 -9.67
CA SER C 299 -36.56 67.66 -9.24
C SER C 299 -35.69 67.35 -10.41
N LEU C 300 -36.31 66.72 -11.40
CA LEU C 300 -35.56 66.24 -12.54
C LEU C 300 -35.05 67.47 -13.24
N LEU C 301 -35.89 68.49 -13.34
CA LEU C 301 -35.46 69.58 -14.13
C LEU C 301 -34.20 70.01 -13.45
N LEU C 302 -34.12 69.86 -12.15
CA LEU C 302 -32.88 70.33 -11.59
C LEU C 302 -31.59 69.71 -12.14
N LYS C 303 -31.50 68.38 -12.08
CA LYS C 303 -30.27 67.67 -12.40
C LYS C 303 -29.48 68.40 -13.48
N TYR C 304 -30.05 68.41 -14.68
CA TYR C 304 -29.43 69.08 -15.82
C TYR C 304 -29.31 70.53 -15.44
N LEU C 305 -30.32 71.00 -14.71
CA LEU C 305 -30.37 72.40 -14.38
C LEU C 305 -29.24 72.85 -13.49
N ASP C 306 -28.89 72.05 -12.50
CA ASP C 306 -27.88 72.43 -11.51
C ASP C 306 -28.13 73.67 -10.64
N CYS C 307 -29.35 73.90 -10.17
CA CYS C 307 -29.53 74.79 -9.03
C CYS C 307 -30.80 74.62 -8.24
N ARG C 308 -30.75 75.05 -6.98
CA ARG C 308 -31.94 75.27 -6.17
C ARG C 308 -32.84 76.46 -6.47
N PRO C 309 -32.33 77.65 -6.77
CA PRO C 309 -33.28 78.74 -6.57
C PRO C 309 -34.10 79.00 -7.84
N GLN C 310 -33.47 78.83 -8.99
CA GLN C 310 -34.13 79.04 -10.27
C GLN C 310 -35.17 77.97 -10.54
N ASP C 311 -34.97 76.80 -9.93
CA ASP C 311 -35.90 75.68 -10.10
C ASP C 311 -37.35 76.15 -9.98
N LEU C 312 -37.58 77.12 -9.11
CA LEU C 312 -38.92 77.66 -8.90
C LEU C 312 -39.28 78.66 -9.98
N PRO C 313 -38.27 79.24 -10.61
CA PRO C 313 -38.49 80.23 -11.67
C PRO C 313 -38.84 79.55 -12.99
N ARG C 314 -39.09 78.24 -12.93
CA ARG C 314 -39.45 77.47 -14.11
C ARG C 314 -40.77 76.74 -13.91
N GLU C 315 -41.78 77.47 -13.45
CA GLU C 315 -43.10 76.89 -13.21
C GLU C 315 -43.84 76.64 -14.52
N VAL C 316 -44.12 75.37 -14.80
CA VAL C 316 -44.82 74.98 -16.02
C VAL C 316 -45.53 73.65 -15.86
N LEU C 317 -45.72 72.94 -16.97
CA LEU C 317 -46.39 71.64 -16.95
C LEU C 317 -45.70 70.67 -17.91
N THR C 318 -45.42 69.47 -17.41
CA THR C 318 -44.77 68.44 -18.23
C THR C 318 -44.60 67.18 -17.39
N THR C 319 -44.67 66.01 -18.02
CA THR C 319 -44.55 64.76 -17.26
C THR C 319 -43.70 63.71 -17.99
N ASN C 320 -43.21 64.03 -19.17
CA ASN C 320 -42.41 63.06 -19.92
C ASN C 320 -40.92 63.29 -19.67
N PRO C 321 -40.25 62.33 -19.04
CA PRO C 321 -38.84 62.57 -18.71
C PRO C 321 -38.04 62.88 -19.97
N ARG C 322 -38.41 62.29 -21.10
CA ARG C 322 -37.63 62.58 -22.30
C ARG C 322 -37.87 64.03 -22.70
N ARG C 323 -39.13 64.46 -22.66
CA ARG C 323 -39.42 65.82 -23.06
C ARG C 323 -38.84 66.77 -22.04
N LEU C 324 -38.94 66.37 -20.78
CA LEU C 324 -38.46 67.20 -19.70
C LEU C 324 -36.98 67.42 -19.82
N SER C 325 -36.25 66.34 -20.11
CA SER C 325 -34.81 66.48 -20.12
C SER C 325 -34.26 67.07 -21.38
N ILE C 326 -34.91 66.83 -22.52
CA ILE C 326 -34.45 67.51 -23.73
C ILE C 326 -34.64 69.01 -23.53
N ILE C 327 -35.78 69.38 -22.95
CA ILE C 327 -36.06 70.78 -22.71
C ILE C 327 -35.12 71.38 -21.72
N ALA C 328 -34.94 70.63 -20.64
CA ALA C 328 -34.13 71.08 -19.51
C ALA C 328 -32.67 71.28 -19.99
N GLU C 329 -32.21 70.34 -20.80
CA GLU C 329 -30.87 70.38 -21.33
C GLU C 329 -30.74 71.61 -22.20
N SER C 330 -31.76 71.83 -23.00
CA SER C 330 -31.70 72.95 -23.93
C SER C 330 -31.65 74.27 -23.18
N ILE C 331 -32.46 74.39 -22.13
CA ILE C 331 -32.44 75.65 -21.38
C ILE C 331 -31.12 75.93 -20.62
N ARG C 332 -30.48 74.91 -20.05
CA ARG C 332 -29.21 75.15 -19.36
C ARG C 332 -28.16 75.62 -20.36
N ASP C 333 -28.14 74.94 -21.50
CA ASP C 333 -27.30 75.20 -22.65
C ASP C 333 -28.08 75.53 -23.91
N ALA C 336 -32.31 79.29 -22.96
CA ALA C 336 -33.23 80.42 -22.80
C ALA C 336 -34.65 79.92 -22.56
N THR C 337 -35.23 80.24 -21.41
CA THR C 337 -36.40 79.50 -20.93
C THR C 337 -37.69 79.55 -21.75
N TRP C 338 -38.13 80.75 -22.07
CA TRP C 338 -39.32 80.95 -22.89
C TRP C 338 -39.15 80.48 -24.30
N ASP C 339 -38.07 80.92 -24.93
CA ASP C 339 -38.02 80.73 -26.36
C ASP C 339 -38.00 79.27 -26.64
N ASN C 340 -37.06 78.65 -25.93
CA ASN C 340 -36.66 77.27 -26.06
C ASN C 340 -37.75 76.24 -25.70
N TRP C 341 -38.54 76.51 -24.65
CA TRP C 341 -39.54 75.54 -24.16
C TRP C 341 -40.39 75.20 -25.36
N LYS C 342 -40.54 76.16 -26.27
CA LYS C 342 -41.31 75.93 -27.50
C LYS C 342 -40.52 75.89 -28.82
N HIS C 343 -40.11 77.07 -29.29
CA HIS C 343 -39.60 77.30 -30.63
C HIS C 343 -38.22 76.70 -30.56
N VAL C 344 -37.79 76.49 -29.32
CA VAL C 344 -36.55 75.80 -29.05
C VAL C 344 -36.82 74.35 -29.41
N ASN C 345 -35.86 73.69 -30.05
CA ASN C 345 -36.02 72.30 -30.40
C ASN C 345 -36.96 72.11 -31.57
N CYS C 346 -37.30 73.21 -32.22
CA CYS C 346 -37.94 73.09 -33.49
C CYS C 346 -37.34 71.92 -34.21
N ASP C 347 -36.09 71.72 -33.81
CA ASP C 347 -35.14 70.89 -34.52
C ASP C 347 -34.82 69.62 -33.75
N LYS C 348 -35.34 69.39 -32.54
CA LYS C 348 -35.03 68.13 -31.89
C LYS C 348 -36.24 67.32 -31.43
N LEU C 349 -37.10 67.89 -30.59
CA LEU C 349 -38.22 67.16 -30.03
C LEU C 349 -39.19 66.73 -31.13
N THR C 350 -39.19 67.51 -32.20
CA THR C 350 -40.01 67.24 -33.35
C THR C 350 -39.51 65.95 -33.98
N THR C 351 -38.19 65.82 -34.15
CA THR C 351 -37.64 64.62 -34.77
C THR C 351 -37.93 63.39 -33.93
N ILE C 352 -37.87 63.55 -32.62
CA ILE C 352 -38.12 62.44 -31.70
C ILE C 352 -39.53 61.89 -31.86
N ILE C 353 -40.50 62.79 -31.98
CA ILE C 353 -41.89 62.41 -32.15
C ILE C 353 -42.25 62.27 -33.63
N GLU C 354 -41.25 62.01 -34.46
CA GLU C 354 -41.46 61.85 -35.89
C GLU C 354 -40.84 60.56 -36.40
N SER C 355 -39.66 60.23 -35.89
CA SER C 355 -38.97 59.01 -36.30
C SER C 355 -39.85 57.78 -36.13
N SER C 356 -41.01 57.98 -35.51
CA SER C 356 -41.94 56.88 -35.29
C SER C 356 -42.96 56.79 -36.42
N LEU C 357 -42.89 57.74 -37.36
CA LEU C 357 -43.80 57.76 -38.50
C LEU C 357 -43.34 56.81 -39.59
N ASN C 358 -42.05 56.56 -39.69
CA ASN C 358 -41.66 55.63 -40.71
C ASN C 358 -42.28 54.27 -40.47
N VAL C 359 -42.42 53.88 -39.20
CA VAL C 359 -42.74 52.49 -38.87
C VAL C 359 -44.08 52.00 -39.39
N LEU C 360 -45.11 52.85 -39.29
CA LEU C 360 -46.43 52.54 -39.83
C LEU C 360 -46.52 52.95 -41.29
N GLU C 361 -46.90 52.02 -42.17
CA GLU C 361 -46.94 52.30 -43.60
C GLU C 361 -47.38 53.74 -43.91
N PRO C 362 -46.66 54.41 -44.80
CA PRO C 362 -47.00 55.74 -45.19
C PRO C 362 -48.23 55.92 -46.04
N ALA C 363 -48.49 54.98 -46.94
CA ALA C 363 -49.62 55.11 -47.87
C ALA C 363 -50.96 55.24 -47.17
N GLU C 364 -51.13 54.53 -46.05
CA GLU C 364 -52.39 54.54 -45.33
C GLU C 364 -52.26 55.03 -43.89
N TYR C 365 -51.14 54.67 -43.25
CA TYR C 365 -50.94 55.03 -41.84
C TYR C 365 -50.51 56.49 -41.67
N ARG C 366 -49.27 56.78 -42.03
CA ARG C 366 -48.71 58.12 -41.87
C ARG C 366 -49.68 59.23 -42.26
N LYS C 367 -50.16 59.18 -43.50
CA LYS C 367 -51.04 60.20 -44.02
C LYS C 367 -52.32 60.49 -43.22
N MET C 368 -53.03 59.43 -42.88
CA MET C 368 -54.27 59.63 -42.16
C MET C 368 -53.90 60.48 -40.98
N PHE C 369 -53.12 59.90 -40.09
CA PHE C 369 -52.87 60.57 -38.82
C PHE C 369 -52.66 62.05 -39.07
N ASP C 370 -52.01 62.39 -40.18
CA ASP C 370 -51.59 63.75 -40.47
C ASP C 370 -52.83 64.64 -40.47
N ARG C 371 -53.94 64.01 -40.83
CA ARG C 371 -55.21 64.67 -40.96
C ARG C 371 -55.73 65.17 -39.61
N LEU C 372 -55.31 64.54 -38.54
CA LEU C 372 -55.85 64.87 -37.24
C LEU C 372 -55.51 66.33 -36.92
N SER C 373 -54.65 66.90 -37.73
CA SER C 373 -54.18 68.21 -37.44
C SER C 373 -55.42 69.10 -37.37
N VAL C 374 -56.49 68.69 -38.04
CA VAL C 374 -57.73 69.45 -38.10
C VAL C 374 -58.37 69.69 -36.73
N PHE C 375 -58.35 68.66 -35.90
CA PHE C 375 -59.03 68.66 -34.60
C PHE C 375 -58.27 69.26 -33.42
N PRO C 376 -59.02 69.61 -32.38
CA PRO C 376 -58.50 70.42 -31.30
C PRO C 376 -57.33 69.68 -30.69
N PRO C 377 -56.30 70.47 -30.21
CA PRO C 377 -55.03 69.74 -30.09
C PRO C 377 -55.10 68.54 -29.17
N SER C 378 -55.83 68.65 -28.08
CA SER C 378 -55.95 67.51 -27.19
C SER C 378 -57.43 67.28 -27.03
N ALA C 379 -57.96 66.76 -28.11
CA ALA C 379 -59.40 66.62 -28.31
C ALA C 379 -59.74 65.23 -28.86
N HIS C 380 -61.03 65.03 -29.10
CA HIS C 380 -61.53 63.72 -29.49
C HIS C 380 -62.03 63.72 -30.92
N ILE C 381 -62.44 62.56 -31.40
CA ILE C 381 -62.96 62.47 -32.76
C ILE C 381 -63.89 61.27 -32.99
N PRO C 382 -65.17 61.57 -33.29
CA PRO C 382 -66.22 60.60 -33.56
C PRO C 382 -65.90 59.76 -34.77
N THR C 383 -66.49 58.57 -34.84
CA THR C 383 -66.12 57.70 -35.95
C THR C 383 -66.49 58.30 -37.30
N ILE C 384 -67.68 58.89 -37.37
CA ILE C 384 -68.18 59.46 -38.62
C ILE C 384 -67.28 60.55 -39.21
N LEU C 385 -66.76 61.41 -38.34
CA LEU C 385 -65.86 62.50 -38.74
C LEU C 385 -64.51 62.04 -39.29
N LEU C 386 -63.93 61.01 -38.67
CA LEU C 386 -62.63 60.50 -39.06
C LEU C 386 -62.70 59.88 -40.44
N SER C 387 -63.85 59.35 -40.80
CA SER C 387 -63.94 58.62 -42.06
C SER C 387 -63.64 59.55 -43.21
N LEU C 388 -64.28 60.71 -43.20
CA LEU C 388 -64.19 61.60 -44.34
C LEU C 388 -62.76 62.02 -44.57
N ILE C 389 -62.01 62.15 -43.50
CA ILE C 389 -60.70 62.78 -43.55
C ILE C 389 -59.67 62.04 -44.43
N SER C 396 -66.10 49.58 -42.90
CA SER C 396 -65.34 49.20 -41.72
C SER C 396 -63.87 49.56 -41.88
N ASP C 397 -63.48 49.95 -43.09
CA ASP C 397 -62.07 50.25 -43.34
C ASP C 397 -61.47 51.29 -42.42
N VAL C 398 -62.15 52.41 -42.17
CA VAL C 398 -61.56 53.42 -41.29
C VAL C 398 -61.37 52.91 -39.88
N MET C 399 -62.31 52.09 -39.42
CA MET C 399 -62.27 51.53 -38.08
C MET C 399 -61.07 50.63 -37.90
N VAL C 400 -60.75 49.83 -38.93
CA VAL C 400 -59.60 48.96 -38.83
C VAL C 400 -58.33 49.77 -39.00
N VAL C 401 -58.31 50.69 -39.97
CA VAL C 401 -57.07 51.41 -40.24
C VAL C 401 -56.68 52.22 -39.00
N VAL C 402 -57.65 52.83 -38.32
CA VAL C 402 -57.29 53.54 -37.10
C VAL C 402 -56.85 52.50 -36.07
N ASN C 403 -57.50 51.33 -36.08
CA ASN C 403 -57.26 50.35 -35.01
C ASN C 403 -55.79 49.96 -35.02
N LYS C 404 -55.29 49.78 -36.23
CA LYS C 404 -53.88 49.54 -36.42
C LYS C 404 -53.12 50.74 -35.93
N LEU C 405 -53.61 51.91 -36.25
CA LEU C 405 -52.92 53.08 -35.82
C LEU C 405 -53.00 53.13 -34.30
N HIS C 406 -54.02 52.46 -33.79
CA HIS C 406 -54.31 52.64 -32.38
C HIS C 406 -53.07 52.30 -31.68
N LYS C 407 -52.44 51.22 -32.15
CA LYS C 407 -51.24 50.66 -31.56
C LYS C 407 -49.99 51.47 -31.86
N TYR C 408 -49.69 51.77 -33.12
CA TYR C 408 -48.39 52.39 -33.34
C TYR C 408 -48.23 53.85 -32.89
N SER C 409 -49.15 54.73 -33.28
CA SER C 409 -49.03 56.15 -32.96
C SER C 409 -50.08 56.62 -31.98
N LEU C 410 -50.12 57.92 -31.71
CA LEU C 410 -50.88 58.37 -30.56
C LEU C 410 -52.35 57.89 -30.52
N VAL C 411 -53.20 58.27 -31.46
CA VAL C 411 -54.27 57.46 -32.08
C VAL C 411 -55.25 56.76 -31.13
N GLU C 412 -55.54 57.32 -29.97
CA GLU C 412 -55.86 56.41 -28.88
C GLU C 412 -57.30 56.06 -28.96
N LYS C 413 -57.58 54.89 -29.48
CA LYS C 413 -58.94 54.46 -29.66
C LYS C 413 -59.54 54.34 -28.29
N GLN C 414 -60.85 54.44 -28.22
CA GLN C 414 -61.53 54.39 -26.94
C GLN C 414 -62.94 53.92 -27.04
N PRO C 415 -63.57 53.73 -25.88
CA PRO C 415 -64.94 53.22 -25.82
C PRO C 415 -66.21 53.87 -26.40
N SER C 418 -68.24 55.44 -29.62
CA SER C 418 -67.00 54.87 -30.11
C SER C 418 -66.03 55.96 -30.57
N THR C 419 -66.10 57.12 -29.92
CA THR C 419 -65.24 58.24 -30.27
C THR C 419 -63.77 57.90 -30.04
N ILE C 420 -62.89 58.83 -30.39
CA ILE C 420 -61.47 58.59 -30.33
C ILE C 420 -60.86 59.81 -29.69
N SER C 421 -59.76 59.62 -28.97
CA SER C 421 -59.05 60.75 -28.35
C SER C 421 -57.58 60.51 -28.65
N ILE C 422 -57.01 61.35 -29.49
CA ILE C 422 -55.59 61.25 -29.81
C ILE C 422 -54.62 61.79 -28.77
N PRO C 423 -53.40 61.29 -28.79
CA PRO C 423 -52.41 61.62 -27.78
C PRO C 423 -51.51 62.73 -28.26
N SER C 424 -51.46 63.80 -27.49
CA SER C 424 -51.00 65.09 -27.94
C SER C 424 -49.58 65.14 -28.41
N ILE C 425 -48.70 64.46 -27.70
CA ILE C 425 -47.29 64.80 -27.70
C ILE C 425 -46.73 64.74 -29.11
N TYR C 426 -47.20 63.77 -29.87
CA TYR C 426 -47.08 63.75 -31.33
C TYR C 426 -48.38 64.17 -32.00
N LEU C 427 -49.42 64.37 -31.19
CA LEU C 427 -50.73 64.78 -31.71
C LEU C 427 -50.72 66.24 -32.12
N GLU C 428 -50.42 67.12 -31.17
CA GLU C 428 -50.39 68.56 -31.44
C GLU C 428 -49.17 69.04 -32.22
N LEU C 429 -47.99 68.65 -31.77
CA LEU C 429 -46.74 69.22 -32.25
C LEU C 429 -46.26 68.66 -33.59
N LYS C 430 -46.04 67.35 -33.65
CA LYS C 430 -45.39 66.77 -34.81
C LYS C 430 -46.02 67.28 -36.09
N VAL C 431 -47.33 67.12 -36.11
CA VAL C 431 -48.15 67.38 -37.27
C VAL C 431 -48.26 68.86 -37.66
N LYS C 432 -48.39 69.73 -36.67
CA LYS C 432 -48.62 71.15 -36.93
C LYS C 432 -47.55 71.75 -37.83
N LEU C 433 -46.29 71.40 -37.55
CA LEU C 433 -45.18 71.92 -38.31
C LEU C 433 -45.20 71.42 -39.74
N GLU C 434 -45.42 70.13 -39.94
CA GLU C 434 -45.37 69.61 -41.30
C GLU C 434 -46.77 69.43 -41.85
N ASN C 435 -47.11 70.22 -42.85
CA ASN C 435 -48.42 70.06 -43.43
C ASN C 435 -48.34 70.60 -44.86
N GLU C 436 -49.32 70.27 -45.69
CA GLU C 436 -49.33 70.71 -47.07
C GLU C 436 -50.74 71.24 -47.18
N TYR C 437 -51.13 71.86 -48.29
CA TYR C 437 -52.44 72.46 -48.19
C TYR C 437 -53.45 71.41 -48.65
N ALA C 438 -53.53 70.36 -47.85
CA ALA C 438 -54.59 69.37 -47.86
C ALA C 438 -55.75 69.99 -47.11
N LEU C 439 -55.41 70.92 -46.22
CA LEU C 439 -56.34 71.54 -45.30
C LEU C 439 -57.63 72.00 -45.95
N HIS C 440 -57.52 72.64 -47.12
CA HIS C 440 -58.75 73.20 -47.71
C HIS C 440 -59.79 72.10 -47.81
N ARG C 441 -59.35 70.94 -48.30
CA ARG C 441 -60.28 69.84 -48.49
C ARG C 441 -60.81 69.37 -47.13
N SER C 442 -59.94 69.27 -46.13
CA SER C 442 -60.36 68.78 -44.83
C SER C 442 -61.38 69.71 -44.17
N ILE C 443 -61.07 71.00 -44.20
CA ILE C 443 -61.90 72.00 -43.56
C ILE C 443 -63.25 72.05 -44.29
N VAL C 444 -63.20 71.94 -45.62
CA VAL C 444 -64.45 72.01 -46.40
C VAL C 444 -65.24 70.78 -45.99
N ASP C 445 -64.55 69.68 -45.72
CA ASP C 445 -65.22 68.45 -45.35
C ASP C 445 -65.99 68.75 -44.07
N HIS C 446 -65.35 69.51 -43.18
CA HIS C 446 -65.98 69.85 -41.91
C HIS C 446 -67.22 70.66 -42.26
N TYR C 447 -67.16 71.54 -43.25
CA TYR C 447 -68.39 72.25 -43.56
C TYR C 447 -69.46 71.26 -43.97
N ASN C 448 -69.08 70.29 -44.79
CA ASN C 448 -70.04 69.33 -45.31
C ASN C 448 -70.72 68.49 -44.23
N ILE C 449 -69.97 68.05 -43.22
CA ILE C 449 -70.58 67.17 -42.23
C ILE C 449 -71.75 67.84 -41.44
N PRO C 450 -71.58 69.05 -40.86
CA PRO C 450 -72.84 69.55 -40.31
C PRO C 450 -73.88 69.86 -41.37
N LYS C 451 -73.46 70.07 -42.60
CA LYS C 451 -74.41 70.32 -43.65
C LYS C 451 -75.28 69.07 -43.74
N THR C 452 -74.64 67.90 -43.73
CA THR C 452 -75.37 66.65 -43.84
C THR C 452 -76.28 66.49 -42.62
N PHE C 453 -75.73 66.72 -41.44
CA PHE C 453 -76.51 66.63 -40.20
C PHE C 453 -77.57 67.72 -40.27
N ASP C 454 -78.84 67.34 -40.22
CA ASP C 454 -79.88 68.36 -40.26
C ASP C 454 -81.20 67.78 -39.78
N SER C 455 -81.87 68.52 -38.92
CA SER C 455 -83.20 68.14 -38.46
C SER C 455 -84.13 69.22 -38.95
N ASP C 456 -85.43 68.96 -38.97
CA ASP C 456 -86.37 69.94 -39.50
C ASP C 456 -86.24 71.22 -38.69
N ASP C 457 -86.29 71.08 -37.36
CA ASP C 457 -86.15 72.24 -36.50
C ASP C 457 -84.70 72.51 -36.13
N LEU C 458 -84.53 73.42 -35.18
CA LEU C 458 -83.23 73.98 -34.79
C LEU C 458 -82.33 73.06 -33.96
N ILE C 459 -82.80 71.85 -33.66
CA ILE C 459 -82.02 70.90 -32.87
C ILE C 459 -81.21 69.98 -33.77
N PRO C 460 -79.83 69.96 -33.53
CA PRO C 460 -79.09 69.06 -34.42
C PRO C 460 -78.74 67.74 -33.72
N PRO C 461 -78.17 66.80 -34.45
CA PRO C 461 -77.80 65.52 -33.86
C PRO C 461 -76.33 65.48 -33.43
N TYR C 462 -76.03 66.10 -32.30
CA TYR C 462 -74.67 66.38 -31.92
C TYR C 462 -74.04 65.26 -31.10
N LEU C 463 -72.99 64.65 -31.64
CA LEU C 463 -72.22 63.69 -30.87
C LEU C 463 -71.64 64.54 -29.75
N ASP C 464 -71.64 63.95 -28.56
CA ASP C 464 -71.85 64.65 -27.30
C ASP C 464 -70.85 65.74 -26.99
N GLN C 465 -69.58 65.47 -27.22
CA GLN C 465 -68.57 66.46 -26.89
C GLN C 465 -67.98 67.11 -28.12
N TYR C 466 -67.55 66.27 -29.06
CA TYR C 466 -66.79 66.84 -30.17
C TYR C 466 -67.49 67.95 -30.85
N PHE C 467 -68.71 67.67 -31.27
CA PHE C 467 -69.42 68.62 -32.08
C PHE C 467 -69.55 69.93 -31.36
N TYR C 468 -69.94 69.88 -30.09
CA TYR C 468 -70.20 71.10 -29.35
C TYR C 468 -68.97 72.00 -29.29
N SER C 469 -67.82 71.45 -28.92
CA SER C 469 -66.59 72.24 -28.82
C SER C 469 -66.01 72.66 -30.18
N HIS C 470 -65.76 71.63 -30.99
CA HIS C 470 -65.02 71.71 -32.25
C HIS C 470 -65.74 72.47 -33.36
N ILE C 471 -67.07 72.34 -33.40
CA ILE C 471 -67.85 72.80 -34.56
C ILE C 471 -67.51 74.25 -34.80
N GLY C 472 -67.51 75.05 -33.74
CA GLY C 472 -67.29 76.47 -33.90
C GLY C 472 -65.91 76.73 -34.46
N HIS C 473 -64.91 75.98 -34.01
CA HIS C 473 -63.54 76.20 -34.46
C HIS C 473 -63.42 75.98 -35.96
N HIS C 474 -63.99 74.85 -36.40
CA HIS C 474 -63.92 74.47 -37.80
C HIS C 474 -64.68 75.49 -38.62
N LEU C 475 -65.81 75.92 -38.06
CA LEU C 475 -66.69 76.88 -38.70
C LEU C 475 -65.97 78.19 -38.90
N LYS C 476 -65.23 78.60 -37.87
CA LYS C 476 -64.52 79.86 -37.90
C LYS C 476 -63.56 79.79 -39.06
N ASN C 477 -62.90 78.65 -39.18
CA ASN C 477 -61.95 78.53 -40.28
C ASN C 477 -62.66 78.58 -41.64
N ILE C 478 -63.80 77.89 -41.78
CA ILE C 478 -64.43 77.80 -43.11
C ILE C 478 -64.99 79.14 -43.64
N GLU C 479 -65.84 79.81 -42.86
CA GLU C 479 -66.55 81.05 -43.21
C GLU C 479 -67.52 81.58 -42.13
N HIS C 480 -68.01 82.80 -42.34
CA HIS C 480 -69.00 83.46 -41.47
C HIS C 480 -70.45 82.90 -41.48
N PRO C 481 -71.07 82.72 -42.68
CA PRO C 481 -72.51 82.41 -42.68
C PRO C 481 -72.89 81.22 -41.80
N GLU C 482 -72.11 80.15 -41.85
CA GLU C 482 -72.41 78.97 -41.05
C GLU C 482 -72.27 79.36 -39.61
N ARG C 483 -71.23 80.16 -39.33
CA ARG C 483 -70.89 80.53 -37.98
C ARG C 483 -72.12 81.18 -37.37
N MET C 484 -72.74 82.03 -38.19
CA MET C 484 -73.86 82.81 -37.75
C MET C 484 -75.01 81.91 -37.28
N THR C 485 -75.38 80.93 -38.10
CA THR C 485 -76.49 80.05 -37.73
C THR C 485 -76.17 79.04 -36.61
N LEU C 486 -75.03 78.36 -36.72
CA LEU C 486 -74.67 77.28 -35.77
C LEU C 486 -74.41 77.79 -34.37
N PHE C 487 -73.65 78.88 -34.27
CA PHE C 487 -73.31 79.42 -32.96
C PHE C 487 -74.58 79.76 -32.27
N ARG C 488 -75.59 80.10 -33.06
CA ARG C 488 -76.91 80.23 -32.49
C ARG C 488 -76.83 81.43 -31.58
N MET C 489 -76.06 82.40 -32.05
CA MET C 489 -76.10 83.73 -31.52
C MET C 489 -77.40 84.21 -32.11
N VAL C 490 -77.62 83.81 -33.35
CA VAL C 490 -78.87 84.00 -34.09
C VAL C 490 -79.93 83.17 -33.37
N PHE C 491 -79.60 81.89 -33.12
CA PHE C 491 -80.61 80.95 -32.62
C PHE C 491 -80.54 80.62 -31.14
N LEU C 492 -81.72 80.57 -30.55
CA LEU C 492 -81.89 80.59 -29.12
C LEU C 492 -81.75 79.13 -28.70
N ASP C 493 -81.90 78.24 -29.67
CA ASP C 493 -81.76 76.80 -29.44
C ASP C 493 -80.40 76.36 -28.90
N PHE C 494 -79.27 76.93 -29.31
CA PHE C 494 -78.01 76.41 -28.75
C PHE C 494 -77.72 76.99 -27.42
N ARG C 495 -78.42 78.06 -27.08
CA ARG C 495 -78.41 78.48 -25.72
C ARG C 495 -78.84 77.26 -24.92
N PHE C 496 -80.02 76.77 -25.30
CA PHE C 496 -80.57 75.53 -24.78
C PHE C 496 -79.59 74.37 -24.82
N LEU C 497 -79.27 73.88 -26.02
CA LEU C 497 -78.67 72.57 -26.06
C LEU C 497 -77.26 72.61 -25.53
N GLU C 498 -76.47 73.60 -25.97
CA GLU C 498 -75.08 73.62 -25.55
C GLU C 498 -75.05 73.70 -24.03
N GLN C 499 -75.87 74.60 -23.49
CA GLN C 499 -75.83 74.82 -22.04
C GLN C 499 -76.28 73.56 -21.29
N LYS C 500 -77.44 72.97 -21.59
CA LYS C 500 -77.80 71.84 -20.73
C LYS C 500 -76.97 70.58 -20.98
N ILE C 501 -76.60 70.24 -22.22
CA ILE C 501 -75.81 68.99 -22.34
C ILE C 501 -74.45 69.23 -21.67
N ARG C 502 -73.83 70.39 -21.83
CA ARG C 502 -72.53 70.50 -21.16
C ARG C 502 -72.70 70.95 -19.72
N HIS C 503 -73.61 70.23 -19.06
CA HIS C 503 -73.83 70.23 -17.62
C HIS C 503 -73.07 69.10 -16.96
N ASN C 516 -68.68 73.83 -18.43
CA ASN C 516 -70.02 74.36 -18.28
C ASN C 516 -70.23 75.60 -19.14
N THR C 517 -70.79 76.64 -18.53
CA THR C 517 -71.03 77.90 -19.22
C THR C 517 -69.70 78.49 -19.68
N LEU C 518 -68.65 78.19 -18.92
CA LEU C 518 -67.33 78.77 -19.13
C LEU C 518 -66.82 78.58 -20.56
N GLN C 519 -66.95 77.35 -21.05
CA GLN C 519 -66.49 76.99 -22.38
C GLN C 519 -67.37 77.65 -23.42
N GLN C 520 -68.66 77.70 -23.14
CA GLN C 520 -69.65 78.24 -24.06
C GLN C 520 -69.20 79.70 -24.30
N LEU C 521 -68.90 80.40 -23.19
CA LEU C 521 -68.46 81.79 -23.24
C LEU C 521 -67.18 81.86 -24.03
N LYS C 522 -66.35 80.83 -23.87
CA LYS C 522 -65.08 80.77 -24.55
C LYS C 522 -65.36 80.72 -26.04
N PHE C 523 -66.38 79.98 -26.46
CA PHE C 523 -66.63 79.88 -27.89
C PHE C 523 -67.03 81.24 -28.37
N TYR C 524 -67.94 81.87 -27.64
CA TYR C 524 -68.44 83.14 -28.18
C TYR C 524 -67.35 84.19 -28.34
N LYS C 525 -66.45 84.37 -27.36
CA LYS C 525 -65.51 85.48 -27.49
C LYS C 525 -64.48 85.43 -28.68
N PRO C 526 -63.64 84.37 -28.82
CA PRO C 526 -62.73 84.50 -29.98
C PRO C 526 -63.38 84.31 -31.36
N TYR C 527 -64.48 83.57 -31.42
CA TYR C 527 -65.12 83.24 -32.70
C TYR C 527 -65.82 84.42 -33.38
N ILE C 528 -66.23 85.45 -32.63
CA ILE C 528 -67.11 86.47 -33.20
C ILE C 528 -66.48 87.11 -34.45
N CYS C 529 -65.15 87.16 -34.51
CA CYS C 529 -64.43 87.91 -35.54
C CYS C 529 -64.85 87.50 -36.95
N ASP C 530 -65.27 86.26 -37.12
CA ASP C 530 -65.65 85.78 -38.43
C ASP C 530 -66.81 86.62 -38.98
N ASP C 532 -71.86 89.36 -40.20
CA ASP C 532 -71.27 90.68 -40.37
C ASP C 532 -71.28 91.40 -39.00
N PRO C 533 -70.93 92.70 -38.94
CA PRO C 533 -70.98 93.37 -37.63
C PRO C 533 -72.37 93.56 -36.98
N LYS C 534 -73.43 93.80 -37.74
CA LYS C 534 -74.74 94.09 -37.14
C LYS C 534 -75.19 92.89 -36.28
N TYR C 535 -75.05 91.72 -36.89
CA TYR C 535 -75.40 90.49 -36.20
C TYR C 535 -74.39 90.37 -35.07
N GLU C 536 -73.16 90.83 -35.30
CA GLU C 536 -72.09 90.70 -34.31
C GLU C 536 -72.45 91.35 -32.98
N ARG C 537 -72.88 92.61 -33.03
CA ARG C 537 -73.19 93.37 -31.83
C ARG C 537 -74.27 92.56 -31.18
N LEU C 538 -75.15 92.05 -32.04
CA LEU C 538 -76.27 91.29 -31.51
C LEU C 538 -75.74 90.05 -30.74
N VAL C 539 -74.79 89.31 -31.30
CA VAL C 539 -74.29 88.09 -30.64
C VAL C 539 -73.67 88.43 -29.30
N ASN C 540 -72.98 89.57 -29.22
CA ASN C 540 -72.38 89.85 -27.93
C ASN C 540 -73.51 90.12 -26.94
N ALA C 541 -74.57 90.73 -27.47
CA ALA C 541 -75.73 91.09 -26.66
C ALA C 541 -76.34 89.82 -26.04
N ILE C 542 -76.48 88.79 -26.87
CA ILE C 542 -77.07 87.50 -26.47
C ILE C 542 -76.13 86.87 -25.45
N LEU C 543 -74.84 87.07 -25.70
CA LEU C 543 -73.77 86.47 -24.92
C LEU C 543 -73.82 86.96 -23.50
N ASP C 544 -74.02 88.25 -23.27
CA ASP C 544 -74.04 88.71 -21.88
C ASP C 544 -75.23 88.07 -21.18
N PHE C 545 -76.33 87.92 -21.91
CA PHE C 545 -77.55 87.36 -21.34
C PHE C 545 -77.37 85.92 -20.89
N LEU C 546 -76.61 85.19 -21.68
CA LEU C 546 -76.40 83.77 -21.45
C LEU C 546 -75.74 83.37 -20.09
N PRO C 547 -74.54 83.90 -19.73
CA PRO C 547 -74.13 83.54 -18.37
C PRO C 547 -74.99 84.19 -17.29
N LYS C 548 -75.75 85.20 -17.67
CA LYS C 548 -76.59 85.94 -16.73
C LYS C 548 -77.63 85.01 -16.11
N ILE C 549 -78.24 84.18 -16.94
CA ILE C 549 -79.25 83.24 -16.45
C ILE C 549 -78.90 81.81 -16.83
N SER C 556 -85.61 73.14 -17.30
CA SER C 556 -86.73 73.98 -17.76
C SER C 556 -87.52 73.60 -19.09
N LYS C 557 -88.76 73.02 -19.06
CA LYS C 557 -89.75 72.63 -20.22
C LYS C 557 -89.63 73.78 -21.21
N TYR C 558 -89.61 73.44 -22.48
CA TYR C 558 -89.04 74.07 -23.59
C TYR C 558 -89.05 75.68 -23.53
N THR C 559 -90.15 76.06 -23.01
CA THR C 559 -90.59 77.41 -22.66
C THR C 559 -89.69 78.50 -21.99
N ASP C 560 -89.01 78.19 -20.94
CA ASP C 560 -88.35 79.19 -20.13
C ASP C 560 -87.38 79.94 -21.02
N LEU C 561 -86.70 79.20 -21.91
CA LEU C 561 -85.68 79.78 -22.77
C LEU C 561 -86.29 80.93 -23.59
N LEU C 562 -87.47 80.67 -24.18
CA LEU C 562 -88.07 81.66 -25.08
C LEU C 562 -88.54 82.86 -24.25
N ARG C 563 -89.04 82.58 -23.04
CA ARG C 563 -89.50 83.71 -22.24
C ARG C 563 -88.37 84.60 -21.75
N ILE C 564 -87.25 84.02 -21.37
CA ILE C 564 -86.13 84.87 -20.94
C ILE C 564 -85.65 85.61 -22.19
N ALA C 565 -85.76 84.96 -23.36
CA ALA C 565 -85.32 85.58 -24.62
C ALA C 565 -86.11 86.87 -24.80
N LEU C 566 -87.35 86.86 -24.32
CA LEU C 566 -88.28 87.98 -24.52
C LEU C 566 -87.83 89.32 -23.95
N MET C 567 -86.96 89.31 -22.95
CA MET C 567 -86.62 90.55 -22.24
C MET C 567 -86.08 91.67 -23.13
N ALA C 568 -85.12 91.38 -24.00
CA ALA C 568 -84.60 92.49 -24.81
C ALA C 568 -85.06 92.31 -26.25
N GLU C 569 -85.77 93.35 -26.72
CA GLU C 569 -86.41 93.36 -28.03
C GLU C 569 -85.43 93.40 -29.21
N ASP C 570 -84.28 94.04 -28.98
CA ASP C 570 -83.29 94.27 -30.03
C ASP C 570 -82.62 93.04 -30.65
N GLU C 571 -82.79 91.86 -30.05
CA GLU C 571 -81.93 90.75 -30.45
C GLU C 571 -82.57 89.62 -31.27
N ALA C 572 -81.72 88.96 -32.05
CA ALA C 572 -82.05 87.83 -32.92
C ALA C 572 -82.45 86.63 -32.09
N ILE C 573 -81.83 86.49 -30.91
CA ILE C 573 -82.15 85.40 -30.02
C ILE C 573 -83.65 85.44 -29.79
N PHE C 574 -84.24 86.60 -29.57
CA PHE C 574 -85.68 86.60 -29.36
C PHE C 574 -86.46 86.13 -30.60
N GLU C 575 -86.05 86.58 -31.78
CA GLU C 575 -86.75 86.22 -33.01
C GLU C 575 -86.72 84.72 -33.24
N GLU C 576 -85.55 84.16 -32.96
CA GLU C 576 -85.35 82.74 -33.10
C GLU C 576 -86.19 82.04 -32.07
N ALA C 577 -86.25 82.62 -30.89
CA ALA C 577 -86.99 82.05 -29.77
C ALA C 577 -88.42 81.91 -30.21
N HIS C 578 -88.90 82.95 -30.89
CA HIS C 578 -90.26 82.95 -31.35
C HIS C 578 -90.42 81.84 -32.39
N LYS C 579 -89.41 81.66 -33.24
CA LYS C 579 -89.55 80.62 -34.27
C LYS C 579 -89.65 79.24 -33.62
N GLN C 580 -88.72 78.96 -32.71
CA GLN C 580 -88.66 77.66 -32.05
C GLN C 580 -89.89 77.38 -31.17
N VAL C 581 -90.56 78.39 -30.62
CA VAL C 581 -91.86 78.11 -29.98
C VAL C 581 -92.88 77.80 -31.07
N GLN C 582 -92.80 78.53 -32.19
CA GLN C 582 -93.69 78.26 -33.32
C GLN C 582 -93.64 76.79 -33.73
N ARG C 583 -92.43 76.24 -33.85
CA ARG C 583 -92.29 74.80 -34.03
C ARG C 583 -91.74 74.15 -32.76
N UNK C 584 -78.56 85.33 -10.07
CA UNK C 584 -77.31 85.69 -9.42
C UNK C 584 -76.21 85.74 -10.47
N UNK C 585 -75.31 86.69 -10.32
CA UNK C 585 -74.21 86.87 -11.25
C UNK C 585 -73.44 85.56 -11.48
N UNK C 586 -73.33 84.72 -10.47
CA UNK C 586 -72.60 83.46 -10.63
C UNK C 586 -73.11 82.33 -9.74
N UNK C 587 -73.10 81.12 -10.27
CA UNK C 587 -73.54 79.94 -9.54
C UNK C 587 -72.57 78.77 -9.74
N UNK C 588 -71.97 78.32 -8.64
CA UNK C 588 -70.99 77.27 -8.64
C UNK C 588 -71.48 75.95 -8.04
N UNK C 589 -71.18 74.85 -8.72
CA UNK C 589 -71.59 73.53 -8.26
C UNK C 589 -70.37 72.59 -8.19
N UNK C 590 -69.61 72.63 -7.07
CA UNK C 590 -68.43 71.80 -6.88
C UNK C 590 -68.50 70.71 -5.80
N UNK C 591 -69.65 70.56 -5.16
CA UNK C 591 -69.78 69.54 -4.13
C UNK C 591 -70.78 68.49 -4.58
N UNK C 592 -70.74 67.34 -3.92
CA UNK C 592 -71.67 66.25 -4.21
C UNK C 592 -72.66 66.09 -3.07
N UNK C 593 -74.11 68.08 -0.61
CA UNK C 593 -74.38 69.43 -0.14
C UNK C 593 -73.11 70.24 0.11
N UNK C 594 -73.16 71.53 -0.21
CA UNK C 594 -72.04 72.43 0.01
C UNK C 594 -72.32 73.11 1.33
N UNK C 595 -71.40 73.03 2.27
CA UNK C 595 -71.67 73.67 3.54
C UNK C 595 -71.15 75.09 3.66
N UNK C 596 -69.97 75.33 3.13
CA UNK C 596 -69.37 76.66 3.19
C UNK C 596 -68.53 76.90 1.94
N UNK C 597 -68.32 78.16 1.61
CA UNK C 597 -67.53 78.56 0.45
C UNK C 597 -67.07 79.98 0.72
N UNK C 598 -65.96 80.39 0.10
CA UNK C 598 -65.45 81.73 0.33
C UNK C 598 -64.45 82.19 -0.75
N UNK C 599 -64.21 83.50 -0.81
CA UNK C 599 -63.31 84.09 -1.79
C UNK C 599 -61.86 84.14 -1.31
N UNK C 600 -60.94 84.17 -2.27
CA UNK C 600 -59.53 84.27 -1.94
C UNK C 600 -59.37 85.73 -1.56
N UNK C 601 -58.28 86.08 -0.88
CA UNK C 601 -58.09 87.45 -0.46
C UNK C 601 -58.14 88.47 -1.60
N UNK C 602 -57.76 88.06 -2.81
CA UNK C 602 -57.82 88.98 -3.94
C UNK C 602 -59.12 88.78 -4.72
N UNK C 603 -59.99 87.92 -4.20
CA UNK C 603 -61.26 87.66 -4.85
C UNK C 603 -61.20 86.89 -6.17
N UNK C 604 -60.00 86.56 -6.63
CA UNK C 604 -59.82 85.82 -7.88
C UNK C 604 -60.26 84.35 -7.84
N UNK C 605 -60.20 83.75 -6.66
CA UNK C 605 -60.55 82.35 -6.51
C UNK C 605 -61.62 82.13 -5.44
N UNK C 606 -62.18 80.92 -5.43
CA UNK C 606 -63.20 80.52 -4.46
C UNK C 606 -62.93 79.10 -4.01
N UNK C 607 -63.01 78.86 -2.70
CA UNK C 607 -62.81 77.51 -2.18
C UNK C 607 -64.14 77.17 -1.52
N UNK C 608 -64.55 75.91 -1.64
CA UNK C 608 -65.82 75.46 -1.09
C UNK C 608 -65.65 74.06 -0.54
N UNK C 609 -66.23 73.81 0.62
CA UNK C 609 -66.12 72.51 1.26
C UNK C 609 -67.50 72.05 1.67
N UNK C 610 -67.81 70.79 1.39
CA UNK C 610 -69.14 70.31 1.74
C UNK C 610 -69.15 68.90 2.30
N UNK C 611 -70.33 68.29 2.24
CA UNK C 611 -70.54 67.00 2.84
C UNK C 611 -69.94 65.89 1.99
N UNK C 612 -69.41 66.26 0.83
CA UNK C 612 -68.81 65.24 -0.02
C UNK C 612 -67.37 64.93 0.43
N UNK C 613 -66.96 65.52 1.56
CA UNK C 613 -65.63 65.33 2.18
C UNK C 613 -64.43 65.99 1.46
N UNK C 614 -64.66 66.65 0.34
CA UNK C 614 -63.54 67.27 -0.41
C UNK C 614 -63.34 68.78 -0.26
N UNK C 615 -62.17 69.26 -0.69
CA UNK C 615 -61.85 70.68 -0.66
C UNK C 615 -61.82 71.02 -2.13
N UNK C 616 -62.54 72.07 -2.54
CA UNK C 616 -62.57 72.44 -3.94
C UNK C 616 -62.19 73.88 -4.14
N UNK C 617 -61.54 74.16 -5.27
CA UNK C 617 -61.15 75.51 -5.56
C UNK C 617 -61.30 75.75 -7.06
N UNK C 618 -61.75 76.95 -7.39
CA UNK C 618 -61.99 77.35 -8.78
C UNK C 618 -61.87 78.86 -8.95
N UNK C 619 -61.66 79.30 -10.18
CA UNK C 619 -61.54 80.72 -10.47
C UNK C 619 -62.88 81.40 -10.15
N UNK C 620 -62.83 82.60 -9.60
CA UNK C 620 -64.06 83.31 -9.28
C UNK C 620 -64.78 83.69 -10.57
N UNK C 621 -63.99 84.07 -11.57
CA UNK C 621 -64.49 84.45 -12.88
C UNK C 621 -65.30 83.42 -13.65
N UNK C 622 -64.77 82.20 -13.76
CA UNK C 622 -65.44 81.16 -14.55
C UNK C 622 -65.78 79.80 -13.93
N UNK C 623 -65.44 79.57 -12.67
CA UNK C 623 -65.75 78.28 -12.05
C UNK C 623 -64.81 77.18 -12.51
N UNK C 624 -63.91 77.58 -13.42
CA UNK C 624 -62.89 76.72 -13.98
C UNK C 624 -62.19 76.02 -12.82
N UNK C 625 -62.41 74.72 -12.66
CA UNK C 625 -61.80 74.00 -11.55
C UNK C 625 -60.28 74.17 -11.44
N UNK C 626 -59.81 74.44 -10.22
CA UNK C 626 -58.40 74.62 -9.93
C UNK C 626 -57.87 73.50 -9.03
N UNK C 627 -58.61 73.15 -7.99
CA UNK C 627 -58.20 72.06 -7.09
C UNK C 627 -59.37 71.12 -6.75
N UNK C 628 -59.09 69.82 -6.68
CA UNK C 628 -60.08 68.81 -6.33
C UNK C 628 -59.44 67.84 -5.31
N UNK C 629 -59.30 68.30 -4.08
CA UNK C 629 -58.67 67.55 -3.00
C UNK C 629 -59.65 66.73 -2.15
N UNK C 630 -59.18 65.62 -1.61
CA UNK C 630 -60.02 64.79 -0.74
C UNK C 630 -59.59 65.15 0.68
N UNK C 631 -59.98 66.34 1.13
CA UNK C 631 -59.59 66.87 2.44
C UNK C 631 -59.77 66.07 3.75
N UNK C 632 -60.93 65.46 3.97
CA UNK C 632 -61.11 64.72 5.20
C UNK C 632 -61.84 63.40 5.06
N UNK C 633 -62.02 62.76 6.20
CA UNK C 633 -62.67 61.47 6.30
C UNK C 633 -64.06 61.66 6.94
N UNK C 634 -64.71 63.15 7.53
CA UNK C 634 -66.02 63.47 8.07
C UNK C 634 -66.36 64.92 7.71
N UNK C 635 -67.66 65.22 7.63
CA UNK C 635 -68.15 66.52 7.20
C UNK C 635 -67.42 67.71 7.80
N UNK C 636 -67.31 68.78 7.02
CA UNK C 636 -66.62 69.99 7.45
C UNK C 636 -67.64 71.03 7.90
N UNK C 637 -67.17 71.99 8.69
CA UNK C 637 -68.07 73.04 9.22
C UNK C 637 -67.69 74.51 8.99
N UNK C 638 -66.44 74.78 8.66
CA UNK C 638 -66.02 76.15 8.45
C UNK C 638 -64.65 76.18 7.80
N UNK C 639 -64.34 77.30 7.16
CA UNK C 639 -63.06 77.49 6.48
C UNK C 639 -62.76 78.99 6.33
N UNK C 640 -61.48 79.36 6.32
CA UNK C 640 -61.10 80.76 6.20
C UNK C 640 -59.74 80.94 5.62
N UNK C 641 -59.43 82.16 5.21
CA UNK C 641 -58.13 82.51 4.63
C UNK C 641 -57.36 83.27 5.71
N UNK C 642 -56.03 83.30 5.59
CA UNK C 642 -55.20 84.01 6.56
C UNK C 642 -55.19 85.48 6.14
N UNK C 643 -54.48 86.31 6.88
CA UNK C 643 -54.40 87.73 6.59
C UNK C 643 -53.81 88.06 5.22
N UNK C 644 -52.91 87.22 4.72
CA UNK C 644 -52.31 87.48 3.40
C UNK C 644 -52.70 86.40 2.39
N UNK C 645 -53.85 85.76 2.62
CA UNK C 645 -54.34 84.73 1.72
C UNK C 645 -53.30 83.66 1.47
N UNK C 646 -52.26 83.63 2.27
CA UNK C 646 -51.22 82.64 2.08
C UNK C 646 -51.72 81.25 2.49
N UNK C 647 -52.67 81.24 3.42
CA UNK C 647 -53.21 80.00 3.92
C UNK C 647 -54.72 79.99 3.98
N UNK C 648 -55.25 78.79 4.20
CA UNK C 648 -56.68 78.56 4.33
C UNK C 648 -56.78 77.48 5.41
N UNK C 649 -57.57 77.71 6.43
CA UNK C 649 -57.72 76.70 7.45
C UNK C 649 -59.09 76.08 7.21
N UNK C 650 -59.33 74.94 7.83
CA UNK C 650 -60.62 74.26 7.75
C UNK C 650 -60.73 73.49 9.04
N UNK C 651 -61.90 73.56 9.66
CA UNK C 651 -62.12 72.81 10.88
C UNK C 651 -63.33 71.94 10.60
N UNK C 652 -63.34 70.71 11.13
CA UNK C 652 -64.46 69.80 10.84
C UNK C 652 -64.96 68.99 12.01
N UNK C 653 -65.91 68.11 11.70
CA UNK C 653 -66.52 67.25 12.70
C UNK C 653 -65.59 66.16 13.21
N UNK C 654 -64.44 65.99 12.55
CA UNK C 654 -63.50 64.99 12.99
C UNK C 654 -62.69 65.59 14.12
N UNK C 655 -63.12 66.77 14.56
CA UNK C 655 -62.50 67.48 15.67
C UNK C 655 -61.12 68.06 15.33
N UNK C 656 -60.74 68.00 14.06
CA UNK C 656 -59.44 68.53 13.64
C UNK C 656 -59.54 69.89 12.96
N UNK C 657 -58.42 70.59 12.93
CA UNK C 657 -58.28 71.90 12.29
C UNK C 657 -57.12 71.71 11.32
N UNK C 658 -57.18 72.29 10.13
CA UNK C 658 -56.09 72.09 9.20
C UNK C 658 -55.66 73.35 8.47
N UNK C 659 -54.37 73.41 8.13
CA UNK C 659 -53.85 74.58 7.43
C UNK C 659 -53.39 74.13 6.08
N UNK C 660 -53.72 74.89 5.04
CA UNK C 660 -53.35 74.55 3.68
C UNK C 660 -52.67 75.71 2.96
N UNK C 661 -51.77 75.38 2.04
CA UNK C 661 -51.10 76.38 1.24
C UNK C 661 -52.19 76.71 0.24
N UNK C 662 -52.74 77.91 0.30
CA UNK C 662 -53.82 78.28 -0.60
C UNK C 662 -53.45 78.17 -2.07
N UNK C 663 -52.16 78.08 -2.35
CA UNK C 663 -51.69 78.00 -3.73
C UNK C 663 -51.64 76.58 -4.27
N UNK C 664 -52.44 73.78 -2.23
CA UNK C 664 -53.39 72.92 -1.56
C UNK C 664 -52.75 71.82 -0.75
N UNK C 665 -51.44 71.89 -0.57
CA UNK C 665 -50.76 70.87 0.23
C UNK C 665 -50.99 71.10 1.72
N UNK C 666 -51.33 70.03 2.43
CA UNK C 666 -51.58 70.10 3.87
C UNK C 666 -50.32 70.69 4.50
N UNK C 667 -50.49 71.75 5.28
CA UNK C 667 -49.36 72.42 5.92
C UNK C 667 -49.44 72.21 7.43
N UNK C 668 -51.69 69.71 10.72
CA UNK C 668 -53.01 69.62 11.33
C UNK C 668 -52.93 69.74 12.85
N UNK C 669 -53.98 70.29 13.45
CA UNK C 669 -54.05 70.48 14.88
C UNK C 669 -55.23 69.72 15.45
N UNK C 670 -54.98 68.60 16.12
CA UNK C 670 -56.06 67.85 16.73
C UNK C 670 -55.96 68.03 18.23
N UNK C 671 -56.91 68.74 18.83
CA UNK C 671 -56.90 68.97 20.27
C UNK C 671 -58.29 69.20 20.80
N UNK C 672 -61.43 72.01 18.57
CA UNK C 672 -61.19 73.44 18.53
C UNK C 672 -62.18 74.09 17.55
N UNK C 673 -62.99 75.00 18.08
CA UNK C 673 -64.05 75.69 17.33
C UNK C 673 -63.64 77.00 16.66
N UNK C 674 -62.96 77.87 17.42
CA UNK C 674 -62.50 79.15 16.89
C UNK C 674 -61.10 79.05 16.32
N UNK C 675 -60.85 79.79 15.25
CA UNK C 675 -59.51 79.94 14.68
C UNK C 675 -59.48 81.13 13.72
N UNK C 676 -58.75 82.16 14.13
CA UNK C 676 -58.62 83.41 13.41
C UNK C 676 -57.16 83.92 13.38
N UNK C 677 -56.76 84.54 12.27
CA UNK C 677 -55.38 85.06 12.12
C UNK C 677 -55.30 86.52 12.53
N UNK C 678 -54.08 87.05 12.59
CA UNK C 678 -53.88 88.46 12.93
C UNK C 678 -54.16 89.27 11.67
N UNK C 679 -54.71 90.47 11.82
CA UNK C 679 -55.06 91.31 10.67
C UNK C 679 -53.89 92.04 10.03
N UNK C 680 -53.05 92.65 10.87
CA UNK C 680 -51.90 93.37 10.36
C UNK C 680 -50.90 92.50 9.61
N UNK C 681 -50.63 92.93 8.38
CA UNK C 681 -49.71 92.27 7.46
C UNK C 681 -48.30 92.18 8.03
N UNK C 682 -48.13 92.66 9.25
CA UNK C 682 -46.83 92.64 9.88
C UNK C 682 -46.57 91.29 10.56
N UNK C 683 -47.16 91.09 11.73
CA UNK C 683 -47.02 89.84 12.48
C UNK C 683 -47.94 88.74 11.93
N UNK C 684 -47.63 87.49 12.24
CA UNK C 684 -48.40 86.35 11.74
C UNK C 684 -48.80 85.35 12.81
N UNK C 685 -49.82 85.66 13.61
CA UNK C 685 -50.24 84.76 14.65
C UNK C 685 -51.59 84.12 14.37
N UNK C 686 -51.86 83.02 15.06
CA UNK C 686 -53.12 82.31 14.90
C UNK C 686 -53.69 82.09 16.28
N UNK C 687 -54.97 82.37 16.45
CA UNK C 687 -55.64 82.20 17.72
C UNK C 687 -56.69 81.12 17.58
N UNK C 688 -56.75 80.24 18.56
CA UNK C 688 -57.72 79.16 18.53
C UNK C 688 -58.43 79.00 19.87
N UNK C 689 -59.73 78.72 19.80
CA UNK C 689 -60.54 78.51 20.98
C UNK C 689 -60.99 77.07 20.92
N UNK C 690 -61.07 76.38 22.05
CA UNK C 690 -61.49 74.98 22.02
C UNK C 690 -62.44 74.60 23.14
N UNK C 691 -63.07 73.44 22.99
CA UNK C 691 -63.99 72.92 23.99
C UNK C 691 -63.22 72.57 25.26
N UNK C 692 -61.89 72.58 25.18
CA UNK C 692 -61.07 72.27 26.33
C UNK C 692 -60.90 73.47 27.26
N UNK C 693 -61.64 74.54 26.96
CA UNK C 693 -61.62 75.77 27.77
C UNK C 693 -60.44 76.70 27.52
N UNK C 694 -59.50 76.31 26.67
CA UNK C 694 -58.36 77.17 26.44
C UNK C 694 -58.42 77.88 25.12
N UNK C 695 -57.52 78.84 25.00
CA UNK C 695 -57.31 79.65 23.82
C UNK C 695 -55.82 79.49 23.54
N UNK C 696 -55.41 79.49 22.29
CA UNK C 696 -54.00 79.36 22.03
C UNK C 696 -53.50 80.31 20.95
N UNK C 697 -52.29 80.83 21.17
CA UNK C 697 -51.68 81.70 20.19
C UNK C 697 -50.57 80.86 19.61
N UNK C 698 -50.51 80.80 18.28
CA UNK C 698 -49.48 80.02 17.60
C UNK C 698 -48.68 81.01 16.78
N UNK C 699 -47.37 80.79 16.72
CA UNK C 699 -46.49 81.64 15.95
C UNK C 699 -46.12 80.73 14.78
N UNK C 700 -46.83 80.87 13.67
CA UNK C 700 -46.59 80.03 12.49
C UNK C 700 -45.14 79.89 12.11
N UNK C 701 -44.32 80.82 12.59
CA UNK C 701 -42.89 80.80 12.33
C UNK C 701 -42.19 79.98 13.43
N UNK C 702 -42.91 79.03 14.01
CA UNK C 702 -42.34 78.22 15.08
C UNK C 702 -43.09 76.91 15.25
N UNK C 703 -42.35 75.81 15.23
CA UNK C 703 -42.96 74.49 15.38
C UNK C 703 -43.75 74.36 16.68
N UNK C 704 -43.74 75.40 17.50
CA UNK C 704 -44.44 75.34 18.79
C UNK C 704 -45.54 76.36 19.08
N UNK C 705 -46.31 76.03 20.12
CA UNK C 705 -47.40 76.86 20.60
C UNK C 705 -46.67 78.06 21.19
N UNK C 706 -47.32 79.22 21.24
CA UNK C 706 -46.65 80.39 21.79
C UNK C 706 -47.23 80.79 23.13
N UNK C 707 -48.50 80.49 23.32
CA UNK C 707 -49.16 80.84 24.55
C UNK C 707 -50.43 80.01 24.70
N UNK C 708 -50.88 79.84 25.94
CA UNK C 708 -52.09 79.10 26.20
C UNK C 708 -52.86 79.89 27.22
N UNK C 709 -53.85 80.66 26.76
CA UNK C 709 -54.62 81.47 27.66
C UNK C 709 -55.57 80.67 28.54
N UNK C 710 -55.25 80.56 29.82
CA UNK C 710 -56.14 79.84 30.71
C UNK C 710 -57.11 80.88 31.27
N UNK C 711 -70.14 75.18 24.50
CA UNK C 711 -69.61 76.49 24.10
C UNK C 711 -69.45 76.43 22.59
N UNK C 712 -70.24 77.22 21.87
CA UNK C 712 -70.21 77.18 20.43
C UNK C 712 -69.33 78.17 19.73
N UNK C 713 -68.89 79.20 20.43
CA UNK C 713 -68.09 80.20 19.75
C UNK C 713 -67.39 81.08 20.78
N UNK C 714 -66.31 81.73 20.37
CA UNK C 714 -65.52 82.59 21.25
C UNK C 714 -64.54 83.43 20.44
N UNK C 715 -64.43 84.70 20.79
CA UNK C 715 -63.53 85.62 20.09
C UNK C 715 -62.84 86.52 21.07
N UNK C 716 -61.56 86.78 20.85
CA UNK C 716 -60.85 87.68 21.72
C UNK C 716 -61.31 89.07 21.34
N UNK C 717 -61.23 90.01 22.26
CA UNK C 717 -61.62 91.37 21.95
C UNK C 717 -60.46 91.97 21.17
N UNK C 718 -60.72 93.03 20.39
CA UNK C 718 -59.63 93.64 19.64
C UNK C 718 -58.53 93.99 20.63
N UNK C 719 -57.80 92.20 25.98
CA UNK C 719 -58.08 92.04 27.41
C UNK C 719 -59.32 91.21 27.75
N UNK C 720 -60.24 91.08 26.81
CA UNK C 720 -61.44 90.29 27.07
C UNK C 720 -61.63 89.14 26.13
N UNK C 721 -62.38 88.13 26.57
CA UNK C 721 -62.66 86.96 25.75
C UNK C 721 -64.16 86.78 25.75
N UNK C 722 -64.79 87.05 24.63
CA UNK C 722 -66.22 86.88 24.55
C UNK C 722 -66.52 85.40 24.29
N UNK C 723 -67.60 84.91 24.86
CA UNK C 723 -67.95 83.51 24.69
C UNK C 723 -69.44 83.35 24.49
N UNK C 724 -69.76 82.47 23.54
CA UNK C 724 -71.13 82.22 23.13
C UNK C 724 -71.48 80.75 23.30
N UNK C 725 -72.63 80.47 23.90
CA UNK C 725 -73.03 79.09 24.16
C UNK C 725 -74.49 78.74 23.92
N UNK C 726 -74.83 77.50 24.25
CA UNK C 726 -76.16 76.97 24.09
C UNK C 726 -76.97 77.25 25.35
N UNK C 727 -76.28 77.60 26.43
CA UNK C 727 -76.97 77.88 27.67
C UNK C 727 -77.71 79.21 27.62
N UNK C 728 -77.76 79.83 26.44
CA UNK C 728 -78.49 81.08 26.29
C UNK C 728 -77.76 82.33 26.80
N UNK C 729 -76.46 82.25 26.94
CA UNK C 729 -75.71 83.42 27.39
C UNK C 729 -74.60 83.89 26.46
N UNK C 730 -74.16 85.12 26.68
CA UNK C 730 -73.03 85.71 25.97
C UNK C 730 -72.19 85.93 27.22
N UNK C 731 -70.87 85.81 27.15
CA UNK C 731 -70.11 85.99 28.36
C UNK C 731 -68.78 86.62 28.11
N UNK C 732 -68.35 87.47 29.03
CA UNK C 732 -67.07 88.12 28.89
C UNK C 732 -66.10 87.71 29.97
N UNK C 733 -65.18 86.83 29.62
CA UNK C 733 -64.18 86.40 30.56
C UNK C 733 -63.03 87.39 30.49
N UNK C 734 -62.23 87.44 31.54
CA UNK C 734 -61.08 88.35 31.60
C UNK C 734 -59.81 87.57 31.30
N UNK C 735 -59.26 87.78 30.12
CA UNK C 735 -58.07 87.05 29.71
C UNK C 735 -56.95 86.94 30.74
N UNK C 736 -56.45 88.09 31.20
CA UNK C 736 -55.36 88.09 32.15
C UNK C 736 -55.58 87.18 33.37
N UNK C 737 -56.84 86.91 33.72
CA UNK C 737 -57.10 86.09 34.89
C UNK C 737 -58.09 84.93 34.69
N UNK C 738 -58.59 84.77 33.47
CA UNK C 738 -59.55 83.72 33.16
C UNK C 738 -60.76 83.70 34.10
N UNK C 739 -61.22 84.88 34.52
CA UNK C 739 -62.37 85.03 35.43
C UNK C 739 -63.61 85.48 34.68
N UNK C 740 -64.77 85.05 35.13
CA UNK C 740 -66.01 85.48 34.45
C UNK C 740 -66.33 86.90 34.93
N UNK C 741 -66.36 87.86 34.00
CA UNK C 741 -66.67 89.25 34.35
C UNK C 741 -68.16 89.53 34.21
N UNK C 742 -68.77 89.10 33.12
CA UNK C 742 -70.21 89.31 32.93
C UNK C 742 -70.85 88.15 32.21
N UNK C 743 -72.17 88.14 32.21
CA UNK C 743 -72.94 87.12 31.54
C UNK C 743 -74.21 87.80 31.07
N UNK C 744 -74.58 87.60 29.80
CA UNK C 744 -75.78 88.22 29.26
C UNK C 744 -76.78 87.20 28.77
N UNK C 745 -77.85 87.03 29.52
CA UNK C 745 -78.88 86.08 29.14
C UNK C 745 -79.66 86.57 27.92
N UNK C 746 -79.89 85.68 26.97
CA UNK C 746 -80.67 86.06 25.81
C UNK C 746 -82.10 85.56 26.03
N UNK C 747 -82.95 86.54 26.34
CA UNK C 747 -84.37 86.37 26.65
C UNK C 747 -85.29 87.08 25.66
N UNK C 748 -84.95 87.06 24.38
CA UNK C 748 -85.76 87.74 23.38
C UNK C 748 -86.68 86.76 22.69
N UNK C 749 -86.95 85.65 23.36
CA UNK C 749 -87.78 84.62 22.79
C UNK C 749 -88.87 84.14 23.77
N UNK C 750 -90.09 84.00 23.25
CA UNK C 750 -91.23 83.62 24.06
C UNK C 750 -91.97 82.42 23.47
N UNK C 751 -73.68 80.95 17.21
CA UNK C 751 -72.90 81.65 16.20
C UNK C 751 -72.35 82.92 16.84
N UNK C 752 -71.11 83.31 16.53
CA UNK C 752 -70.57 84.53 17.10
C UNK C 752 -69.30 84.96 16.43
N UNK C 753 -69.45 85.83 15.44
CA UNK C 753 -68.33 86.34 14.66
C UNK C 753 -67.90 87.76 14.96
N UNK C 754 -66.65 88.04 14.60
CA UNK C 754 -66.01 89.33 14.81
C UNK C 754 -66.25 90.32 13.70
N UNK C 755 -66.00 91.60 13.99
CA UNK C 755 -66.16 92.63 12.97
C UNK C 755 -64.89 92.63 12.15
N UNK C 756 -64.87 93.42 11.09
CA UNK C 756 -63.71 93.49 10.20
C UNK C 756 -62.45 93.98 10.91
N UNK C 757 -62.62 94.99 11.74
CA UNK C 757 -61.51 95.57 12.47
C UNK C 757 -61.22 94.80 13.74
N UNK C 758 -62.01 93.78 14.03
CA UNK C 758 -61.79 93.00 15.24
C UNK C 758 -62.07 93.78 16.51
N UNK C 759 -62.77 94.90 16.37
CA UNK C 759 -63.10 95.74 17.51
C UNK C 759 -64.55 95.60 17.95
N UNK C 760 -65.28 94.70 17.32
CA UNK C 760 -66.67 94.48 17.68
C UNK C 760 -67.02 93.03 17.43
N UNK C 761 -68.03 92.52 18.14
CA UNK C 761 -68.42 91.13 18.00
C UNK C 761 -69.94 91.02 18.04
N UNK C 762 -70.54 90.23 17.16
CA UNK C 762 -71.98 90.10 17.23
C UNK C 762 -72.24 88.69 17.75
N UNK C 763 -73.33 88.52 18.51
CA UNK C 763 -73.70 87.20 19.03
C UNK C 763 -75.20 87.02 18.94
N UNK C 764 -75.65 85.78 19.03
CA UNK C 764 -77.06 85.46 18.92
C UNK C 764 -77.55 84.57 20.07
N UNK C 765 -78.80 84.80 20.47
CA UNK C 765 -79.44 84.03 21.54
C UNK C 765 -80.97 84.21 21.51
N UNK C 766 -84.16 85.13 20.87
CA UNK C 766 -84.70 86.00 19.83
C UNK C 766 -83.87 87.16 19.35
N UNK C 767 -82.66 87.33 19.85
CA UNK C 767 -81.91 88.49 19.40
C UNK C 767 -80.46 88.29 19.00
N UNK C 768 -79.98 89.25 18.23
CA UNK C 768 -78.61 89.32 17.77
C UNK C 768 -78.15 90.53 18.56
N UNK C 769 -76.95 90.48 19.13
CA UNK C 769 -76.44 91.59 19.93
C UNK C 769 -75.04 91.99 19.49
N UNK C 770 -74.81 93.29 19.40
CA UNK C 770 -73.50 93.78 19.01
C UNK C 770 -72.74 94.34 20.19
N UNK C 771 -71.61 93.73 20.49
CA UNK C 771 -70.77 94.14 21.60
C UNK C 771 -69.48 94.81 21.20
N UNK C 772 -69.02 95.68 22.10
CA UNK C 772 -67.77 96.37 21.91
C UNK C 772 -66.73 95.50 22.60
N UNK C 773 -65.86 94.87 21.82
CA UNK C 773 -64.82 93.97 22.35
C UNK C 773 -64.03 94.56 23.54
N UNK C 774 -64.74 97.97 25.78
CA UNK C 774 -65.66 98.35 26.84
C UNK C 774 -66.64 97.24 27.25
N UNK C 775 -66.90 96.29 26.36
CA UNK C 775 -67.84 95.19 26.62
C UNK C 775 -69.26 95.75 26.64
N UNK C 776 -69.44 96.87 25.94
CA UNK C 776 -70.74 97.48 25.88
C UNK C 776 -71.61 96.91 24.79
N UNK C 777 -72.91 96.99 25.01
CA UNK C 777 -73.88 96.49 24.05
C UNK C 777 -74.17 97.62 23.09
N UNK C 778 -73.59 97.56 21.90
CA UNK C 778 -73.79 98.61 20.91
C UNK C 778 -75.06 98.47 20.09
N UNK C 779 -75.73 97.33 20.19
CA UNK C 779 -76.96 97.14 19.41
C UNK C 779 -77.74 95.90 19.78
N UNK C 780 -79.04 95.98 19.58
CA UNK C 780 -79.92 94.89 19.91
C UNK C 780 -81.09 94.83 18.93
N UNK C 781 -80.95 94.03 17.88
CA UNK C 781 -82.04 93.89 16.94
C UNK C 781 -82.83 92.66 17.36
N UNK C 782 -84.15 92.94 14.83
CA UNK C 782 -85.04 91.86 15.22
C UNK C 782 -85.47 91.13 13.98
N UNK C 783 -85.20 89.83 13.95
CA UNK C 783 -85.51 89.02 12.80
C UNK C 783 -86.94 88.49 12.74
N UNK C 784 -88.41 83.14 14.21
CA UNK C 784 -87.86 81.89 13.72
C UNK C 784 -86.56 81.80 14.50
N UNK C 785 -85.54 81.16 13.95
CA UNK C 785 -84.25 81.08 14.65
C UNK C 785 -83.09 81.18 13.67
N UNK C 786 -82.18 82.11 13.93
CA UNK C 786 -81.02 82.30 13.08
C UNK C 786 -80.21 81.02 13.13
N UNK C 787 -79.96 80.44 11.96
CA UNK C 787 -79.20 79.19 11.88
C UNK C 787 -77.68 79.44 11.76
N UNK C 788 -77.29 80.58 11.23
CA UNK C 788 -75.85 80.91 11.11
C UNK C 788 -75.65 82.36 10.70
N UNK C 789 -74.45 82.87 10.93
CA UNK C 789 -74.12 84.26 10.58
C UNK C 789 -72.61 84.53 10.46
N UNK C 790 -72.25 85.76 10.13
CA UNK C 790 -70.85 86.12 10.04
C UNK C 790 -70.75 87.61 9.92
N UNK C 791 -69.89 88.17 10.76
CA UNK C 791 -69.67 89.58 10.83
C UNK C 791 -68.53 90.00 9.90
N UNK C 792 -68.80 90.98 9.05
CA UNK C 792 -67.82 91.48 8.09
C UNK C 792 -66.69 92.24 8.79
N UNK C 793 -65.66 92.64 8.03
CA UNK C 793 -64.58 93.39 8.68
C UNK C 793 -64.73 94.88 8.38
N UNK C 794 -65.73 95.22 7.56
CA UNK C 794 -66.02 96.60 7.16
C UNK C 794 -67.51 96.86 7.14
N UNK C 795 -67.88 98.13 7.06
CA UNK C 795 -69.29 98.54 7.01
C UNK C 795 -70.19 97.89 8.08
N UNK C 796 -69.58 97.36 9.14
CA UNK C 796 -70.32 96.69 10.22
C UNK C 796 -71.35 95.76 9.62
N UNK C 797 -71.05 95.17 8.46
CA UNK C 797 -71.99 94.27 7.82
C UNK C 797 -72.00 92.93 8.50
N UNK C 798 -73.16 92.31 8.51
CA UNK C 798 -73.32 91.01 9.12
C UNK C 798 -74.25 90.21 8.24
N UNK C 799 -73.86 88.98 7.91
CA UNK C 799 -74.71 88.13 7.09
C UNK C 799 -75.19 87.00 7.95
N UNK C 800 -76.48 86.73 7.86
CA UNK C 800 -77.04 85.65 8.65
C UNK C 800 -77.99 84.83 7.82
N UNK C 801 -77.88 83.51 7.95
CA UNK C 801 -78.78 82.63 7.25
C UNK C 801 -79.93 82.65 8.23
N UNK C 802 -83.41 78.61 4.09
CA UNK C 802 -83.00 79.28 2.86
C UNK C 802 -83.15 80.81 2.69
N UNK C 803 -83.49 81.52 3.77
CA UNK C 803 -83.60 82.96 3.67
C UNK C 803 -82.26 83.53 4.07
N UNK C 804 -81.72 84.42 3.27
CA UNK C 804 -80.43 84.98 3.60
C UNK C 804 -80.49 86.48 3.51
N UNK C 805 -80.22 87.16 4.61
CA UNK C 805 -80.24 88.61 4.59
C UNK C 805 -79.04 89.17 5.31
N UNK C 806 -78.42 90.20 4.74
CA UNK C 806 -77.28 90.80 5.41
C UNK C 806 -77.75 92.12 5.99
N UNK C 807 -77.40 92.34 7.25
CA UNK C 807 -77.77 93.52 8.03
C UNK C 807 -76.61 94.45 8.29
N UNK C 808 -76.96 95.62 8.78
CA UNK C 808 -76.03 96.67 9.10
C UNK C 808 -76.07 96.93 10.60
N UNK C 809 -75.16 96.31 11.36
CA UNK C 809 -75.12 96.53 12.81
C UNK C 809 -74.84 98.02 12.91
N UNK C 810 -75.01 98.62 14.07
CA UNK C 810 -74.77 100.06 14.19
C UNK C 810 -75.97 100.84 13.63
N UNK C 811 -78.53 99.01 12.63
CA UNK C 811 -79.51 98.03 13.08
C UNK C 811 -80.66 97.85 12.10
N UNK C 812 -80.35 97.95 10.82
CA UNK C 812 -81.35 97.81 9.76
C UNK C 812 -80.96 96.78 8.70
N UNK C 813 -81.94 96.13 8.09
CA UNK C 813 -81.61 95.18 7.04
C UNK C 813 -81.15 96.00 5.83
N UNK C 814 -80.13 95.49 5.14
CA UNK C 814 -79.53 96.14 3.99
C UNK C 814 -79.88 95.44 2.68
N UNK C 815 -79.92 94.13 2.69
CA UNK C 815 -80.23 93.40 1.48
C UNK C 815 -80.84 92.05 1.71
N UNK C 816 -81.66 91.62 0.76
CA UNK C 816 -82.27 90.31 0.82
C UNK C 816 -81.55 89.50 -0.23
N UNK C 817 -80.97 88.39 0.19
CA UNK C 817 -80.24 87.53 -0.72
C UNK C 817 -81.01 86.26 -0.99
N UNK C 818 -81.72 86.24 -2.11
CA UNK C 818 -82.52 85.09 -2.47
C UNK C 818 -81.71 84.21 -3.41
N UNK C 819 -81.37 83.01 -2.96
CA UNK C 819 -80.60 82.12 -3.81
C UNK C 819 -80.90 80.63 -3.65
N UNK C 820 -81.41 80.25 -2.48
CA UNK C 820 -81.71 78.85 -2.21
C UNK C 820 -83.19 78.64 -1.89
N UNK C 821 -83.68 77.43 -2.11
CA UNK C 821 -85.07 77.09 -1.79
C UNK C 821 -85.03 75.86 -0.87
N UNK C 822 -83.60 75.01 -1.11
CA UNK C 822 -83.10 74.06 -0.14
C UNK C 822 -82.31 74.87 0.88
N UNK C 823 -82.33 74.40 2.12
CA UNK C 823 -81.63 75.04 3.24
C UNK C 823 -80.33 75.80 3.00
N UNK C 824 -80.24 77.03 3.51
CA UNK C 824 -79.03 77.83 3.29
C UNK C 824 -78.25 77.81 4.58
N UNK C 825 -77.07 77.20 4.55
CA UNK C 825 -76.24 77.06 5.72
C UNK C 825 -75.38 78.27 6.04
N UNK C 826 -74.82 78.88 5.02
CA UNK C 826 -73.97 80.01 5.25
C UNK C 826 -74.15 81.10 4.22
N UNK C 827 -73.55 82.25 4.51
CA UNK C 827 -73.70 83.37 3.62
C UNK C 827 -72.74 84.47 4.06
N UNK C 828 -72.05 85.13 3.13
CA UNK C 828 -71.20 86.22 3.56
C UNK C 828 -70.73 87.18 2.49
N UNK C 829 -70.32 88.37 2.93
CA UNK C 829 -69.87 89.41 2.03
C UNK C 829 -68.45 89.21 1.58
N UNK C 830 -68.14 89.79 0.43
CA UNK C 830 -66.79 89.75 -0.09
C UNK C 830 -66.10 90.71 0.85
N UNK C 831 -64.77 90.79 0.79
CA UNK C 831 -64.11 91.71 1.72
C UNK C 831 -64.49 93.18 1.56
N UNK C 832 -64.71 93.65 0.33
CA UNK C 832 -65.08 95.05 0.14
C UNK C 832 -66.58 95.20 0.25
N UNK C 833 -67.22 94.11 0.62
CA UNK C 833 -68.67 94.10 0.77
C UNK C 833 -69.39 94.44 -0.51
N UNK C 834 -68.71 94.35 -1.64
CA UNK C 834 -69.32 94.67 -2.90
C UNK C 834 -70.21 93.53 -3.37
N UNK C 835 -69.97 92.34 -2.85
CA UNK C 835 -70.78 91.21 -3.24
C UNK C 835 -70.83 90.23 -2.08
N UNK C 836 -71.68 89.21 -2.19
CA UNK C 836 -71.79 88.20 -1.15
C UNK C 836 -72.06 86.84 -1.76
N UNK C 837 -71.79 85.78 -1.01
CA UNK C 837 -72.00 84.43 -1.50
C UNK C 837 -73.04 83.72 -0.65
N UNK C 838 -73.68 82.72 -1.24
CA UNK C 838 -74.71 81.94 -0.56
C UNK C 838 -74.31 80.47 -0.63
N UNK C 839 -74.32 79.78 0.51
CA UNK C 839 -73.97 78.35 0.53
C UNK C 839 -75.14 77.50 1.02
N UNK C 840 -75.55 76.51 0.23
CA UNK C 840 -76.69 75.72 0.65
C UNK C 840 -76.67 74.20 0.49
N UNK C 841 -77.75 73.63 0.99
CA UNK C 841 -78.00 72.21 0.98
C UNK C 841 -78.23 71.69 -0.43
N UNK C 842 -78.65 72.56 -1.32
CA UNK C 842 -78.85 72.17 -2.71
C UNK C 842 -77.46 72.07 -3.34
N UNK C 843 -76.47 71.89 -2.45
CA UNK C 843 -75.07 71.77 -2.81
C UNK C 843 -74.53 72.76 -3.84
N UNK C 844 -75.02 74.00 -3.77
CA UNK C 844 -74.52 75.00 -4.68
C UNK C 844 -73.99 76.18 -3.88
N UNK C 845 -73.21 77.00 -4.53
CA UNK C 845 -72.65 78.20 -3.94
C UNK C 845 -72.90 79.24 -4.99
N UNK C 846 -73.59 80.32 -4.63
CA UNK C 846 -73.89 81.36 -5.59
C UNK C 846 -73.33 82.72 -5.17
N UNK C 847 -72.76 83.44 -6.13
CA UNK C 847 -72.20 84.74 -5.85
C UNK C 847 -73.13 85.81 -6.35
N UNK C 848 -73.40 86.77 -5.46
CA UNK C 848 -74.29 87.88 -5.77
C UNK C 848 -73.55 89.19 -5.63
N UNK C 849 -74.00 90.20 -6.36
CA UNK C 849 -73.41 91.53 -6.26
C UNK C 849 -74.44 92.38 -5.55
N UNK C 850 -74.08 92.85 -4.35
CA UNK C 850 -74.95 93.66 -3.51
C UNK C 850 -75.68 94.76 -4.24
N UNK C 851 -74.94 95.68 -4.83
CA UNK C 851 -75.54 96.79 -5.55
C UNK C 851 -76.78 96.33 -6.34
N UNK C 852 -76.55 95.45 -7.32
CA UNK C 852 -77.64 94.93 -8.16
C UNK C 852 -78.77 94.26 -7.38
N UNK C 853 -78.46 93.62 -6.27
CA UNK C 853 -79.50 92.94 -5.48
C UNK C 853 -80.38 93.89 -4.70
N UNK C 854 -79.78 94.95 -4.15
CA UNK C 854 -80.51 95.93 -3.35
C UNK C 854 -81.39 96.87 -4.16
N UNK C 855 -81.14 96.94 -5.46
CA UNK C 855 -81.95 97.81 -6.30
C UNK C 855 -83.40 97.37 -6.19
N UNK C 856 -84.28 98.35 -6.08
CA UNK C 856 -85.70 98.10 -5.97
C UNK C 856 -86.19 97.44 -7.25
N UNK C 857 -92.02 95.87 -2.51
CA UNK C 857 -92.47 95.54 -3.85
C UNK C 857 -93.35 94.30 -3.89
N UNK C 858 -94.08 94.19 -5.00
CA UNK C 858 -94.99 93.10 -5.27
C UNK C 858 -94.31 91.96 -6.00
N UNK C 859 -92.99 92.02 -6.11
CA UNK C 859 -92.32 90.94 -6.81
C UNK C 859 -92.43 89.66 -5.99
N UNK C 860 -92.29 89.75 -4.68
CA UNK C 860 -92.40 88.57 -3.82
C UNK C 860 -93.58 88.68 -2.88
N UNK C 861 -94.46 87.69 -2.92
CA UNK C 861 -95.63 87.70 -2.07
C UNK C 861 -95.63 86.42 -1.29
N UNK C 862 -96.63 86.29 -0.43
CA UNK C 862 -96.81 85.09 0.39
C UNK C 862 -97.77 84.26 -0.45
N UNK C 863 -98.11 83.06 0.03
CA UNK C 863 -99.03 82.22 -0.74
C UNK C 863 -100.50 82.49 -0.40
N UNK C 864 -100.72 83.47 0.47
CA UNK C 864 -102.06 83.85 0.84
C UNK C 864 -102.50 84.95 -0.11
N UNK C 865 -103.26 84.56 -1.13
CA UNK C 865 -103.76 85.48 -2.14
C UNK C 865 -105.16 85.12 -2.58
N UNK C 866 -105.82 86.07 -3.21
CA UNK C 866 -107.16 85.84 -3.74
C UNK C 866 -107.24 86.52 -5.10
N UNK C 867 -107.86 85.81 -6.04
CA UNK C 867 -107.98 86.27 -7.42
C UNK C 867 -109.41 86.48 -7.92
N UNK C 868 -109.59 87.49 -8.76
CA UNK C 868 -110.89 87.81 -9.35
C UNK C 868 -110.74 87.98 -10.85
N UNK C 869 -111.20 86.97 -11.60
CA UNK C 869 -111.15 86.99 -13.05
C UNK C 869 -112.31 87.79 -13.63
N UNK C 870 -112.05 89.06 -13.97
CA UNK C 870 -113.11 89.89 -14.51
C UNK C 870 -113.02 90.14 -16.03
N UNK C 871 -109.75 91.27 -17.88
CA UNK C 871 -108.51 91.16 -17.11
C UNK C 871 -108.60 90.31 -15.82
N UNK C 872 -107.45 90.10 -15.20
CA UNK C 872 -107.36 89.32 -13.96
C UNK C 872 -106.87 90.20 -12.81
N UNK C 873 -107.40 89.93 -11.61
CA UNK C 873 -107.04 90.70 -10.42
C UNK C 873 -106.58 89.82 -9.26
N UNK C 874 -105.39 90.12 -8.75
CA UNK C 874 -104.83 89.36 -7.65
C UNK C 874 -104.51 90.28 -6.45
N UNK C 875 -105.08 89.94 -5.30
CA UNK C 875 -104.85 90.69 -4.08
C UNK C 875 -103.97 89.73 -3.29
N UNK C 876 -102.84 90.21 -2.79
CA UNK C 876 -101.96 89.30 -2.08
C UNK C 876 -101.30 89.87 -0.85
N UNK C 877 -101.06 88.99 0.12
CA UNK C 877 -100.38 89.36 1.36
C UNK C 877 -98.89 89.54 1.04
N UNK C 878 -98.37 90.75 1.19
CA UNK C 878 -96.96 90.99 0.89
C UNK C 878 -96.04 90.10 1.73
N UNK C 879 -94.88 89.77 1.16
CA UNK C 879 -93.90 88.92 1.83
C UNK C 879 -93.32 89.58 3.09
N UNK C 880 -100.30 94.18 1.86
CA UNK C 880 -100.82 93.39 0.78
C UNK C 880 -100.82 94.20 -0.50
N UNK C 881 -100.68 93.51 -1.61
CA UNK C 881 -100.61 94.15 -2.92
C UNK C 881 -101.86 93.90 -3.77
N UNK C 882 -102.33 94.95 -4.43
CA UNK C 882 -103.47 94.82 -5.32
C UNK C 882 -102.83 94.70 -6.70
N UNK C 883 -102.55 93.46 -7.10
CA UNK C 883 -101.92 93.18 -8.39
C UNK C 883 -102.91 92.95 -9.51
N UNK C 884 -102.80 93.76 -10.56
CA UNK C 884 -103.68 93.64 -11.71
C UNK C 884 -102.90 92.94 -12.83
N UNK C 885 -103.12 91.64 -13.00
CA UNK C 885 -102.43 90.90 -14.04
C UNK C 885 -102.75 91.54 -15.37
N UNK C 886 -101.85 91.43 -16.35
CA UNK C 886 -102.10 92.05 -17.65
C UNK C 886 -102.02 93.57 -17.43
N UNK C 887 -99.68 97.81 -12.79
CA UNK C 887 -100.60 98.35 -11.80
C UNK C 887 -100.63 97.64 -10.44
N UNK C 888 -99.57 97.85 -9.67
CA UNK C 888 -99.44 97.28 -8.35
C UNK C 888 -99.71 98.38 -7.33
N UNK C 889 -100.68 98.14 -6.47
CA UNK C 889 -101.04 99.11 -5.46
C UNK C 889 -100.91 98.53 -4.07
N UNK C 890 -100.04 99.18 -3.30
CA UNK C 890 -99.70 98.78 -1.95
C UNK C 890 -100.61 99.36 -0.89
N UNK C 891 -100.87 98.55 0.12
CA UNK C 891 -101.71 98.92 1.24
C UNK C 891 -100.96 98.40 2.46
N UNK C 892 -100.30 99.29 3.19
CA UNK C 892 -99.54 98.91 4.39
C UNK C 892 -100.45 98.40 5.48
N UNK C 893 -99.90 97.62 6.40
CA UNK C 893 -100.69 97.10 7.51
C UNK C 893 -99.90 96.22 8.45
N UNK C 894 -100.61 91.36 7.76
CA UNK C 894 -101.84 90.59 7.68
C UNK C 894 -101.50 89.12 7.61
N UNK C 895 -102.51 88.27 7.73
CA UNK C 895 -102.32 86.83 7.68
C UNK C 895 -103.14 86.17 6.58
N UNK C 896 -104.10 86.90 6.04
CA UNK C 896 -104.93 86.35 4.99
C UNK C 896 -105.62 87.48 4.25
N UNK C 897 -105.91 87.24 2.98
CA UNK C 897 -106.53 88.27 2.17
C UNK C 897 -107.96 87.93 1.78
N UNK C 898 -108.61 88.89 1.12
CA UNK C 898 -109.99 88.73 0.69
C UNK C 898 -110.43 89.85 -0.25
N UNK C 899 -111.08 89.49 -1.35
CA UNK C 899 -111.57 90.47 -2.33
C UNK C 899 -113.07 90.41 -2.47
N UNK C 900 -113.72 91.56 -2.38
CA UNK C 900 -115.17 91.61 -2.50
C UNK C 900 -115.52 91.72 -3.96
N UNK C 901 -116.24 90.73 -4.50
CA UNK C 901 -116.59 90.82 -5.93
C UNK C 901 -117.05 92.24 -6.20
N UNK C 902 -113.74 96.93 -2.31
CA UNK C 902 -113.44 96.60 -0.91
C UNK C 902 -112.48 95.43 -0.84
N UNK C 903 -111.54 95.48 0.10
CA UNK C 903 -110.61 94.39 0.32
C UNK C 903 -110.63 94.15 1.82
N UNK C 904 -110.52 92.91 2.26
CA UNK C 904 -110.52 92.64 3.68
C UNK C 904 -109.34 91.77 4.05
N UNK C 905 -108.90 91.85 5.30
CA UNK C 905 -107.78 90.99 5.69
C UNK C 905 -107.71 90.51 7.12
N UNK C 906 -107.07 89.35 7.25
CA UNK C 906 -106.89 88.72 8.54
C UNK C 906 -105.69 89.33 9.23
N UNK C 907 -105.55 89.04 10.51
CA UNK C 907 -104.47 89.62 11.28
C UNK C 907 -103.83 88.54 12.15
N UNK C 908 -102.56 88.76 12.52
CA UNK C 908 -101.84 87.80 13.35
C UNK C 908 -102.50 87.71 14.72
N UNK C 909 -107.29 90.49 14.48
CA UNK C 909 -108.03 91.64 13.95
C UNK C 909 -108.61 91.42 12.55
N UNK C 910 -109.69 92.12 12.25
CA UNK C 910 -110.35 92.03 10.95
C UNK C 910 -110.57 93.46 10.43
N UNK C 911 -110.25 93.71 9.18
CA UNK C 911 -110.43 95.05 8.62
C UNK C 911 -110.84 95.09 7.16
N UNK C 912 -111.78 95.97 6.83
CA UNK C 912 -112.21 96.13 5.46
C UNK C 912 -111.68 97.47 5.05
N UNK C 913 -111.10 97.55 3.86
CA UNK C 913 -110.60 98.81 3.34
C UNK C 913 -111.40 99.03 2.09
N UNK C 914 -111.80 100.28 1.83
CA UNK C 914 -112.56 100.53 0.63
C UNK C 914 -111.69 101.18 -0.43
N UNK C 915 -111.44 100.42 -1.49
CA UNK C 915 -110.61 100.84 -2.60
C UNK C 915 -110.99 102.16 -3.28
N UNK C 916 -112.27 102.33 -3.66
CA UNK C 916 -112.64 103.59 -4.31
C UNK C 916 -111.94 104.76 -3.64
N UNK C 917 -111.77 104.64 -2.34
CA UNK C 917 -111.12 105.67 -1.55
C UNK C 917 -109.65 105.31 -1.27
N UNK C 918 -110.14 105.29 4.02
CA UNK C 918 -111.24 105.04 4.96
C UNK C 918 -111.60 103.55 5.00
N UNK C 919 -111.49 102.97 6.19
CA UNK C 919 -111.78 101.55 6.39
C UNK C 919 -112.39 101.38 7.78
N UNK C 920 -112.48 100.12 8.22
CA UNK C 920 -113.27 99.75 9.38
C UNK C 920 -112.65 98.56 10.12
N UNK C 921 -112.90 98.45 11.43
CA UNK C 921 -112.35 97.35 12.23
C UNK C 921 -113.40 96.63 13.08
N UNK C 922 -113.79 95.44 12.65
CA UNK C 922 -114.78 94.69 13.39
C UNK C 922 -114.21 93.76 14.44
N UNK C 923 -114.28 94.20 15.70
CA UNK C 923 -113.78 93.46 16.88
C UNK C 923 -114.05 91.96 17.09
N UNK C 924 -107.39 82.90 9.83
CA UNK C 924 -107.11 81.98 8.73
C UNK C 924 -107.92 82.34 7.50
N UNK C 925 -108.88 81.50 7.11
CA UNK C 925 -109.68 81.80 5.94
C UNK C 925 -110.52 83.08 6.22
N UNK C 926 -110.91 83.83 5.18
CA UNK C 926 -111.73 85.05 5.33
C UNK C 926 -112.42 85.44 4.03
N UNK C 927 -113.74 85.51 4.03
CA UNK C 927 -114.45 85.82 2.79
C UNK C 927 -115.66 86.75 2.92
N UNK C 928 -116.03 87.37 1.81
CA UNK C 928 -117.19 88.27 1.75
C UNK C 928 -118.40 87.44 1.36
N UNK C 929 -119.59 87.97 1.63
CA UNK C 929 -120.81 87.26 1.29
C UNK C 929 -121.03 87.48 -0.20
N UNK C 930 -121.94 86.72 -0.79
CA UNK C 930 -122.24 86.88 -2.21
C UNK C 930 -122.28 88.39 -2.51
N UNK C 931 -118.95 89.67 6.44
CA UNK C 931 -117.65 89.02 6.29
C UNK C 931 -117.49 87.77 7.13
N UNK C 932 -117.61 86.60 6.52
CA UNK C 932 -117.40 85.38 7.28
C UNK C 932 -115.89 85.18 7.44
N UNK C 933 -115.47 84.77 8.62
CA UNK C 933 -114.05 84.56 8.87
C UNK C 933 -113.84 83.52 9.93
N UNK C 934 -112.76 82.76 9.78
CA UNK C 934 -112.43 81.72 10.74
C UNK C 934 -111.01 81.92 11.23
N UNK C 935 -110.74 81.35 12.39
CA UNK C 935 -109.43 81.39 12.99
C UNK C 935 -109.13 79.99 13.50
N UNK C 936 -108.14 79.92 14.38
CA UNK C 936 -107.64 78.65 14.89
C UNK C 936 -108.40 78.15 16.11
N UNK C 937 -109.69 78.46 16.17
CA UNK C 937 -110.55 78.01 17.27
C UNK C 937 -111.89 77.56 16.66
N UNK C 938 -112.87 77.21 17.49
CA UNK C 938 -114.16 76.70 16.97
C UNK C 938 -115.31 77.66 16.59
N UNK C 939 -115.09 78.95 16.64
CA UNK C 939 -116.17 79.86 16.28
C UNK C 939 -115.92 80.45 14.89
N UNK C 940 -117.00 80.76 14.16
CA UNK C 940 -116.85 81.37 12.84
C UNK C 940 -117.56 82.74 12.80
N UNK C 941 -116.79 83.81 12.94
CA UNK C 941 -117.36 85.15 12.93
C UNK C 941 -118.10 85.56 11.66
N UNK C 942 -119.37 85.96 11.82
CA UNK C 942 -120.18 86.43 10.69
C UNK C 942 -120.50 87.90 10.92
N UNK C 943 -119.50 88.74 10.70
CA UNK C 943 -119.60 90.18 10.91
C UNK C 943 -120.25 90.91 9.76
N UNK C 944 -121.55 91.15 9.91
CA UNK C 944 -122.30 91.87 8.91
C UNK C 944 -121.93 93.34 9.10
N UNK C 945 -120.73 93.71 8.66
CA UNK C 945 -120.24 95.08 8.74
C UNK C 945 -121.26 96.01 8.07
N UNK C 946 -123.58 94.49 13.16
CA UNK C 946 -124.17 93.27 13.67
C UNK C 946 -123.19 92.12 13.59
N UNK C 947 -123.40 91.11 14.43
CA UNK C 947 -122.55 89.94 14.45
C UNK C 947 -123.37 88.70 14.65
N UNK C 948 -122.95 87.62 14.00
CA UNK C 948 -123.61 86.35 14.12
C UNK C 948 -122.46 85.40 14.38
N UNK C 949 -122.49 84.70 15.51
CA UNK C 949 -121.43 83.79 15.87
C UNK C 949 -121.88 82.35 15.72
N UNK C 950 -120.98 81.51 15.24
CA UNK C 950 -121.28 80.10 15.05
C UNK C 950 -120.38 79.27 15.95
N UNK C 951 -120.85 78.99 17.18
CA UNK C 951 -120.07 78.21 18.13
C UNK C 951 -120.18 76.75 17.77
N UNK C 952 -119.28 76.33 16.89
CA UNK C 952 -119.24 74.97 16.41
C UNK C 952 -118.93 74.02 17.55
N UNK C 953 -118.28 74.55 18.58
CA UNK C 953 -117.90 73.77 19.75
C UNK C 953 -117.05 72.58 19.29
N UNK C 954 -113.37 71.61 17.37
CA UNK C 954 -112.06 71.78 17.98
C UNK C 954 -111.45 73.02 17.34
N UNK C 955 -111.51 73.05 16.01
CA UNK C 955 -111.01 74.16 15.21
C UNK C 955 -111.61 74.01 13.82
N UNK C 956 -112.10 75.10 13.26
CA UNK C 956 -112.66 75.08 11.94
C UNK C 956 -111.50 74.93 10.97
N UNK C 957 -111.41 73.77 10.32
CA UNK C 957 -110.33 73.53 9.36
C UNK C 957 -110.47 74.61 8.30
N UNK C 958 -111.68 74.75 7.77
CA UNK C 958 -111.97 75.76 6.78
C UNK C 958 -113.46 75.80 6.49
N UNK C 959 -113.87 76.68 5.58
CA UNK C 959 -115.28 76.81 5.25
C UNK C 959 -115.42 77.43 3.89
N UNK C 960 -116.66 77.57 3.46
CA UNK C 960 -116.94 78.18 2.16
C UNK C 960 -118.43 78.54 2.06
N UNK C 961 -118.70 79.70 1.46
CA UNK C 961 -120.06 80.15 1.29
C UNK C 961 -120.86 79.06 0.60
N UNK C 962 -122.18 79.21 0.58
CA UNK C 962 -123.03 78.23 -0.06
C UNK C 962 -124.21 78.93 -0.71
N UNK C 963 -127.47 82.15 1.68
CA UNK C 963 -127.04 82.50 3.03
C UNK C 963 -126.65 81.29 3.88
N UNK C 964 -126.63 80.11 3.25
CA UNK C 964 -126.24 78.89 3.94
C UNK C 964 -124.70 78.80 3.80
N UNK C 965 -124.02 78.19 4.77
CA UNK C 965 -122.55 78.09 4.71
C UNK C 965 -121.99 76.76 5.21
N UNK C 966 -121.27 76.07 4.32
CA UNK C 966 -120.66 74.78 4.61
C UNK C 966 -119.39 74.91 5.46
N UNK C 967 -119.26 74.10 6.50
CA UNK C 967 -118.11 74.18 7.39
C UNK C 967 -117.63 72.83 7.89
N UNK C 968 -116.30 72.69 7.96
CA UNK C 968 -115.66 71.46 8.43
C UNK C 968 -114.52 71.78 9.38
N UNK C 969 -114.50 71.07 10.50
CA UNK C 969 -113.46 71.25 11.50
C UNK C 969 -112.68 69.97 11.41
N UNK C 970 -111.62 69.85 12.19
CA UNK C 970 -110.88 68.60 12.14
C UNK C 970 -111.27 67.71 13.31
N UNK C 971 -112.56 67.38 13.31
CA UNK C 971 -113.21 66.49 14.27
C UNK C 971 -114.13 65.59 13.46
N UNK C 972 -113.81 65.46 12.17
CA UNK C 972 -114.56 64.61 11.26
C UNK C 972 -115.92 65.18 10.95
N UNK C 973 -116.26 66.28 11.62
CA UNK C 973 -117.54 66.92 11.44
C UNK C 973 -117.59 67.94 10.32
N UNK C 974 -118.74 67.99 9.66
CA UNK C 974 -119.02 68.91 8.57
C UNK C 974 -120.40 69.45 8.89
N UNK C 975 -120.56 70.75 8.95
CA UNK C 975 -121.87 71.29 9.26
C UNK C 975 -122.39 72.20 8.17
N UNK C 976 -123.69 72.51 8.22
CA UNK C 976 -124.33 73.40 7.24
C UNK C 976 -125.04 74.58 7.92
N UNK C 977 -124.27 75.51 8.46
CA UNK C 977 -124.82 76.66 9.16
C UNK C 977 -125.67 77.57 8.28
N UNK C 978 -126.47 78.40 8.94
CA UNK C 978 -127.33 79.36 8.28
C UNK C 978 -126.85 80.71 8.81
N UNK C 979 -126.46 81.62 7.93
CA UNK C 979 -126.04 82.92 8.41
C UNK C 979 -127.34 83.67 8.71
N UNK C 980 -127.61 78.99 12.97
CA UNK C 980 -128.30 77.76 13.28
C UNK C 980 -127.80 76.57 12.47
N UNK C 981 -127.29 75.58 13.18
CA UNK C 981 -126.76 74.37 12.58
C UNK C 981 -127.86 73.51 11.99
N UNK C 982 -128.23 73.80 10.75
CA UNK C 982 -129.26 73.02 10.08
C UNK C 982 -128.79 71.56 10.02
N UNK C 983 -127.70 71.31 9.30
CA UNK C 983 -127.17 69.95 9.18
C UNK C 983 -125.87 69.77 9.95
N UNK C 984 -125.61 68.53 10.35
CA UNK C 984 -124.41 68.20 11.11
C UNK C 984 -124.03 66.72 10.88
N UNK C 985 -122.86 66.49 10.30
CA UNK C 985 -122.38 65.12 10.01
C UNK C 985 -121.08 64.82 10.75
N UNK C 986 -120.79 63.54 10.90
CA UNK C 986 -119.54 63.08 11.51
C UNK C 986 -119.01 62.09 10.49
N UNK C 987 -118.69 62.62 9.30
CA UNK C 987 -118.22 61.85 8.16
C UNK C 987 -116.79 61.29 8.17
N UNK C 988 -116.04 61.53 9.24
CA UNK C 988 -114.66 61.02 9.36
C UNK C 988 -114.28 60.97 10.83
N UNK C 989 -113.41 60.04 11.20
CA UNK C 989 -112.99 59.93 12.58
C UNK C 989 -111.70 60.71 12.82
N UNK C 990 -109.99 68.84 2.85
CA UNK C 990 -110.78 69.65 1.93
C UNK C 990 -112.03 68.88 1.49
N UNK C 991 -113.06 69.62 1.11
CA UNK C 991 -114.31 68.99 0.70
C UNK C 991 -115.09 70.04 -0.10
N UNK C 992 -115.64 69.66 -1.24
CA UNK C 992 -116.36 70.62 -2.07
C UNK C 992 -117.76 70.18 -2.40
N UNK C 993 -118.53 71.10 -2.98
CA UNK C 993 -119.91 70.82 -3.36
C UNK C 993 -119.99 70.49 -4.84
N UNK C 994 -121.12 69.91 -5.23
CA UNK C 994 -121.34 69.52 -6.62
C UNK C 994 -121.78 70.72 -7.44
N UNK C 995 -126.70 70.63 -5.94
CA UNK C 995 -126.02 70.65 -4.65
C UNK C 995 -126.39 69.34 -4.03
N UNK C 996 -127.06 68.51 -4.82
CA UNK C 996 -127.48 67.21 -4.34
C UNK C 996 -126.28 66.51 -3.70
N UNK C 997 -125.09 66.87 -4.17
CA UNK C 997 -123.87 66.25 -3.68
C UNK C 997 -122.83 67.24 -3.12
N UNK C 998 -122.10 66.81 -2.09
CA UNK C 998 -121.06 67.62 -1.46
C UNK C 998 -120.14 66.63 -0.72
N UNK C 999 -118.99 66.32 -1.31
CA UNK C 999 -118.11 65.36 -0.68
C UNK C 999 -116.94 65.91 0.08
N UNK C 1000 -116.33 65.02 0.86
CA UNK C 1000 -115.18 65.32 1.72
C UNK C 1000 -113.93 64.59 1.31
N UNK C 1001 -112.89 64.78 2.11
CA UNK C 1001 -111.58 64.18 1.93
C UNK C 1001 -110.91 64.39 3.26
N UNK C 1002 -110.33 63.35 3.85
CA UNK C 1002 -109.72 63.56 5.15
C UNK C 1002 -108.90 62.39 5.64
N UNK C 1003 -109.83 58.34 3.24
CA UNK C 1003 -110.44 58.24 1.92
C UNK C 1003 -111.22 59.51 1.59
N UNK C 1004 -112.14 59.39 0.64
CA UNK C 1004 -112.97 60.51 0.22
C UNK C 1004 -114.44 60.11 0.21
N UNK C 1005 -115.06 60.16 1.40
CA UNK C 1005 -116.48 59.82 1.57
C UNK C 1005 -117.32 60.91 0.93
N UNK C 1006 -118.19 60.52 0.00
CA UNK C 1006 -119.06 61.44 -0.71
C UNK C 1006 -120.53 61.27 -0.32
N UNK C 1007 -121.24 62.38 -0.08
CA UNK C 1007 -122.66 62.28 0.28
C UNK C 1007 -123.64 63.29 -0.34
N UNK C 1008 -124.88 63.30 0.20
CA UNK C 1008 -125.98 64.14 -0.29
C UNK C 1008 -126.63 65.18 0.63
N UNK C 1009 -122.72 58.20 1.11
CA UNK C 1009 -123.23 57.41 -0.01
C UNK C 1009 -122.25 56.24 -0.23
N UNK C 1010 -120.95 56.53 -0.27
CA UNK C 1010 -119.95 55.47 -0.43
C UNK C 1010 -118.50 55.87 -0.15
N UNK C 1011 -117.85 55.08 0.69
CA UNK C 1011 -116.46 55.29 1.08
C UNK C 1011 -115.52 54.86 -0.06
N UNK C 1012 -114.60 55.76 -0.45
CA UNK C 1012 -113.64 55.51 -1.54
C UNK C 1012 -112.23 55.30 -1.03
N UNK C 1013 -111.96 54.14 -0.42
CA UNK C 1013 -110.64 53.87 0.14
C UNK C 1013 -109.54 53.57 -0.89
N UNK C 1014 -109.43 54.43 -1.90
CA UNK C 1014 -108.42 54.22 -2.92
C UNK C 1014 -107.00 54.67 -2.53
N UNK C 1015 -106.84 55.95 -2.26
CA UNK C 1015 -105.54 56.53 -1.91
C UNK C 1015 -104.82 55.87 -0.74
N UNK C 1016 -103.51 55.71 -0.89
CA UNK C 1016 -102.68 55.10 0.14
C UNK C 1016 -101.99 56.18 0.94
N UNK C 1017 -103.30 59.43 1.53
CA UNK C 1017 -104.33 60.21 2.25
C UNK C 1017 -104.80 61.43 1.45
N UNK C 1018 -106.09 61.49 1.17
CA UNK C 1018 -106.64 62.59 0.40
C UNK C 1018 -106.42 63.94 1.05
N UNK C 1019 -106.30 64.97 0.22
CA UNK C 1019 -106.07 66.32 0.70
C UNK C 1019 -106.86 67.35 -0.10
N UNK C 1020 -107.53 66.91 -1.16
CA UNK C 1020 -108.32 67.81 -1.97
C UNK C 1020 -109.23 67.03 -2.92
N UNK C 1021 -110.16 67.74 -3.57
CA UNK C 1021 -111.08 67.09 -4.51
C UNK C 1021 -112.03 68.08 -5.15
N UNK C 1022 -112.65 67.66 -6.24
CA UNK C 1022 -113.60 68.50 -6.94
C UNK C 1022 -114.56 67.66 -7.78
N UNK C 1023 -115.73 68.23 -8.05
CA UNK C 1023 -116.75 67.55 -8.83
C UNK C 1023 -116.72 68.06 -10.26
N UNK C 1024 -116.90 67.15 -11.22
CA UNK C 1024 -116.93 67.55 -12.62
C UNK C 1024 -118.10 68.50 -12.75
N UNK C 1025 -117.95 69.55 -13.55
CA UNK C 1025 -119.01 70.53 -13.73
C UNK C 1025 -120.26 69.79 -14.24
N UNK C 1026 -118.12 62.96 -12.15
CA UNK C 1026 -116.83 62.57 -11.58
C UNK C 1026 -116.40 63.42 -10.40
N UNK C 1027 -115.57 62.81 -9.56
CA UNK C 1027 -115.03 63.45 -8.38
C UNK C 1027 -113.57 63.01 -8.27
N UNK C 1028 -112.67 63.93 -8.64
CA UNK C 1028 -111.23 63.68 -8.58
C UNK C 1028 -110.72 64.02 -7.19
N UNK C 1029 -109.86 63.17 -6.66
CA UNK C 1029 -109.33 63.38 -5.33
C UNK C 1029 -107.81 63.50 -5.26
N UNK C 1030 -107.35 64.39 -4.39
CA UNK C 1030 -105.92 64.65 -4.24
C UNK C 1030 -105.25 63.84 -3.15
N UNK C 1031 -104.23 63.09 -3.56
CA UNK C 1031 -103.45 62.24 -2.68
C UNK C 1031 -102.29 62.98 -2.06
N UNK C 1032 -101.96 62.61 -0.84
CA UNK C 1032 -100.87 63.22 -0.11
C UNK C 1032 -99.53 62.77 -0.71
N UNK C 1033 -99.59 61.78 -1.60
CA UNK C 1033 -98.39 61.28 -2.26
C UNK C 1033 -98.49 61.38 -3.77
N UNK C 1034 -98.78 62.58 -4.24
CA UNK C 1034 -98.86 62.81 -5.67
C UNK C 1034 -99.81 61.93 -6.44
N UNK C 1035 -100.55 61.07 -5.75
CA UNK C 1035 -101.50 60.20 -6.44
C UNK C 1035 -102.77 61.00 -6.69
N UNK C 1036 -103.64 60.48 -7.53
CA UNK C 1036 -104.87 61.19 -7.82
C UNK C 1036 -105.61 60.11 -8.58
N UNK C 1037 -106.73 59.70 -8.01
CA UNK C 1037 -107.69 58.81 -8.67
C UNK C 1037 -108.93 59.59 -9.07
N UNK C 1038 -109.54 59.19 -10.18
CA UNK C 1038 -110.75 59.81 -10.64
C UNK C 1038 -111.83 58.82 -10.21
N UNK C 1039 -112.94 59.33 -9.66
CA UNK C 1039 -114.04 58.47 -9.25
C UNK C 1039 -115.29 58.92 -10.00
N UNK C 1040 -116.33 58.11 -10.00
CA UNK C 1040 -117.56 58.45 -10.71
C UNK C 1040 -118.79 58.67 -9.82
N UNK C 1041 -110.68 55.57 -12.90
CA UNK C 1041 -109.27 55.37 -13.24
C UNK C 1041 -108.37 56.16 -12.29
N UNK C 1042 -107.21 55.59 -11.99
CA UNK C 1042 -106.26 56.24 -11.09
C UNK C 1042 -105.03 56.89 -11.76
N UNK C 1043 -105.26 57.82 -12.68
CA UNK C 1043 -104.16 58.51 -13.35
C UNK C 1043 -103.31 59.21 -12.30
N UNK C 1044 -102.16 58.65 -11.95
CA UNK C 1044 -101.31 59.27 -10.94
C UNK C 1044 -99.84 58.82 -10.89
N UNK C 1045 -99.02 59.24 -11.88
CA UNK C 1045 -97.60 58.87 -11.94
C UNK C 1045 -96.76 59.49 -10.82
N UNK C 1046 -97.17 66.00 -2.54
CA UNK C 1046 -98.54 66.44 -2.32
C UNK C 1046 -99.25 66.74 -3.64
N UNK C 1047 -100.56 66.97 -3.54
CA UNK C 1047 -101.44 67.33 -4.64
C UNK C 1047 -102.49 68.15 -3.92
N UNK C 1048 -102.21 69.43 -3.73
CA UNK C 1048 -103.10 70.29 -2.98
C UNK C 1048 -104.26 70.91 -3.74
N UNK C 1049 -104.63 70.38 -4.89
CA UNK C 1049 -105.73 71.00 -5.61
C UNK C 1049 -106.05 70.33 -6.95
N UNK C 1050 -107.31 70.42 -7.36
CA UNK C 1050 -107.77 69.88 -8.63
C UNK C 1050 -108.91 70.74 -9.13
N UNK C 1051 -109.31 70.52 -10.37
CA UNK C 1051 -110.40 71.29 -10.96
C UNK C 1051 -110.65 70.65 -12.33
N UNK C 1052 -111.91 70.31 -12.59
CA UNK C 1052 -112.28 69.83 -13.90
C UNK C 1052 -112.49 71.05 -14.77
N UNK C 1053 -112.51 70.83 -16.08
CA UNK C 1053 -112.71 71.91 -17.04
C UNK C 1053 -114.21 72.00 -17.33
N UNK C 1054 -114.66 73.10 -17.95
CA UNK C 1054 -116.10 73.10 -18.20
C UNK C 1054 -116.43 71.82 -18.98
N UNK C 1055 -115.78 71.66 -20.13
CA UNK C 1055 -115.97 70.49 -20.99
C UNK C 1055 -115.98 69.14 -20.26
N UNK C 1056 -115.60 69.12 -18.99
CA UNK C 1056 -115.57 67.90 -18.19
C UNK C 1056 -114.64 66.83 -18.77
N UNK C 1057 -113.57 67.27 -19.44
CA UNK C 1057 -112.60 66.36 -20.05
C UNK C 1057 -111.16 66.54 -19.55
N UNK C 1058 -110.74 67.79 -19.38
CA UNK C 1058 -109.39 68.11 -18.91
C UNK C 1058 -109.40 68.42 -17.42
N UNK C 1059 -108.57 67.69 -16.68
CA UNK C 1059 -108.46 67.91 -15.24
C UNK C 1059 -107.12 68.60 -14.94
N UNK C 1060 -107.19 69.77 -14.31
CA UNK C 1060 -105.96 70.50 -13.96
C UNK C 1060 -105.55 70.14 -12.53
N UNK C 1061 -104.25 69.94 -12.33
CA UNK C 1061 -103.74 69.55 -11.02
C UNK C 1061 -102.63 70.49 -10.52
N UNK C 1062 -102.47 70.60 -9.21
CA UNK C 1062 -101.44 71.45 -8.63
C UNK C 1062 -100.93 70.91 -7.31
N UNK C 1063 -96.07 71.21 -8.59
CA UNK C 1063 -96.15 71.96 -9.85
C UNK C 1063 -97.49 71.68 -10.49
N UNK C 1064 -97.84 72.47 -11.50
CA UNK C 1064 -99.09 72.28 -12.22
C UNK C 1064 -98.93 71.09 -13.16
N UNK C 1065 -100.05 70.48 -13.58
CA UNK C 1065 -99.98 69.31 -14.44
C UNK C 1065 -101.39 69.01 -14.93
N UNK C 1066 -101.60 69.09 -16.24
CA UNK C 1066 -102.91 68.81 -16.83
C UNK C 1066 -103.07 67.34 -17.21
N UNK C 1067 -104.31 66.86 -17.25
CA UNK C 1067 -104.57 65.46 -17.61
C UNK C 1067 -105.70 65.27 -18.63
N UNK C 1068 -105.96 64.00 -18.94
CA UNK C 1068 -106.99 63.59 -19.90
C UNK C 1068 -107.95 62.61 -19.25
N UNK C 1069 -109.22 63.01 -19.12
CA UNK C 1069 -110.24 62.16 -18.52
C UNK C 1069 -110.28 60.77 -19.18
N UNK C 1070 -93.69 73.77 -14.86
CA UNK C 1070 -92.85 73.58 -13.70
C UNK C 1070 -92.59 74.98 -13.16
N UNK C 1071 -92.97 75.20 -11.93
CA UNK C 1071 -92.76 76.49 -11.30
C UNK C 1071 -91.44 76.38 -10.54
N UNK C 1072 -90.68 77.47 -10.49
CA UNK C 1072 -89.42 77.48 -9.78
C UNK C 1072 -89.60 76.80 -8.41
N UNK C 1073 -90.62 77.24 -7.69
CA UNK C 1073 -90.90 76.67 -6.38
C UNK C 1073 -91.92 75.55 -6.41
N UNK C 1074 -92.17 74.98 -5.25
CA UNK C 1074 -93.12 73.89 -5.13
C UNK C 1074 -94.16 74.21 -4.07
N UNK C 1075 -94.80 73.14 -3.60
CA UNK C 1075 -95.82 73.22 -2.57
C UNK C 1075 -96.79 74.34 -2.85
N UNK C 1076 -97.48 74.23 -3.97
CA UNK C 1076 -98.47 75.22 -4.32
C UNK C 1076 -99.69 74.87 -3.47
N UNK C 1077 -100.70 75.72 -3.47
CA UNK C 1077 -101.93 75.43 -2.75
C UNK C 1077 -103.23 75.22 -3.49
N UNK C 1078 -103.85 76.31 -3.92
CA UNK C 1078 -105.10 76.25 -4.67
C UNK C 1078 -104.90 76.98 -5.99
N UNK C 1079 -105.06 76.26 -7.09
CA UNK C 1079 -104.72 76.81 -8.38
C UNK C 1079 -105.99 77.54 -8.77
N UNK C 1080 -105.88 78.77 -9.24
CA UNK C 1080 -107.09 79.50 -9.62
C UNK C 1080 -107.36 79.45 -11.12
N UNK C 1081 -108.15 78.47 -11.55
CA UNK C 1081 -108.51 78.37 -12.96
C UNK C 1081 -109.58 79.42 -13.17
N UNK C 1082 -109.99 79.66 -14.41
CA UNK C 1082 -111.01 80.66 -14.66
C UNK C 1082 -112.16 80.07 -15.47
N UNK C 1083 -113.14 80.91 -15.85
CA UNK C 1083 -114.27 80.39 -16.64
C UNK C 1083 -113.79 79.73 -17.93
N UNK C 1084 -113.17 80.52 -18.80
CA UNK C 1084 -112.67 80.03 -20.08
C UNK C 1084 -111.62 78.93 -19.97
N UNK C 1085 -111.15 78.65 -18.75
CA UNK C 1085 -110.13 77.61 -18.52
C UNK C 1085 -108.90 77.96 -19.36
N UNK C 1086 -108.72 79.26 -19.58
CA UNK C 1086 -107.64 79.79 -20.41
C UNK C 1086 -106.79 80.82 -19.65
N UNK C 1087 -106.83 80.75 -18.32
CA UNK C 1087 -106.07 81.66 -17.46
C UNK C 1087 -105.87 80.96 -16.13
N UNK C 1088 -104.67 81.04 -15.57
CA UNK C 1088 -104.41 80.38 -14.30
C UNK C 1088 -103.56 81.30 -13.42
N UNK C 1089 -103.77 81.22 -12.11
CA UNK C 1089 -102.99 82.03 -11.16
C UNK C 1089 -102.61 81.20 -9.97
N UNK C 1090 -101.37 81.33 -9.54
CA UNK C 1090 -100.91 80.59 -8.38
C UNK C 1090 -99.68 81.25 -7.79
N UNK C 1091 -99.18 80.67 -6.70
CA UNK C 1091 -98.03 81.24 -6.01
C UNK C 1091 -97.26 80.15 -5.33
N UNK C 1092 -95.97 80.00 -5.67
CA UNK C 1092 -95.13 78.97 -5.07
C UNK C 1092 -94.45 79.47 -3.81
N UNK C 1093 -93.91 78.54 -3.02
CA UNK C 1093 -93.26 78.94 -1.78
C UNK C 1093 -92.03 79.82 -2.00
N UNK C 1094 -91.79 80.19 -3.26
CA UNK C 1094 -90.69 81.09 -3.53
C UNK C 1094 -91.30 82.47 -3.61
N UNK C 1095 -92.60 82.55 -3.34
CA UNK C 1095 -93.30 83.82 -3.35
C UNK C 1095 -93.41 84.42 -4.73
N UNK C 1096 -93.34 83.56 -5.74
CA UNK C 1096 -93.44 84.02 -7.11
C UNK C 1096 -94.89 83.94 -7.56
N UNK C 1097 -95.39 85.02 -8.15
CA UNK C 1097 -96.77 85.09 -8.61
C UNK C 1097 -96.95 84.64 -10.07
N UNK C 1098 -97.43 83.43 -10.26
CA UNK C 1098 -97.63 82.93 -11.61
C UNK C 1098 -99.03 83.21 -12.15
N UNK C 1099 -99.12 84.02 -13.20
CA UNK C 1099 -100.39 84.30 -13.85
C UNK C 1099 -100.23 83.77 -15.27
N UNK C 1100 -100.54 82.49 -15.44
CA UNK C 1100 -100.41 81.83 -16.73
C UNK C 1100 -101.66 82.04 -17.58
N UNK C 1101 -101.56 81.82 -18.89
CA UNK C 1101 -102.70 82.03 -19.77
C UNK C 1101 -102.51 81.45 -21.17
N MET D 10 -33.33 42.67 16.22
CA MET D 10 -33.23 41.37 16.88
C MET D 10 -33.69 40.28 15.90
N PRO D 11 -33.59 38.99 16.30
CA PRO D 11 -34.05 37.91 15.40
C PRO D 11 -35.45 38.04 14.78
N LYS D 12 -35.71 37.17 13.79
CA LYS D 12 -36.98 37.13 13.08
C LYS D 12 -38.08 36.55 13.96
N ARG D 13 -37.85 35.38 14.53
CA ARG D 13 -38.82 34.72 15.39
C ARG D 13 -39.23 35.54 16.62
N HIS D 14 -38.64 36.72 16.76
CA HIS D 14 -38.98 37.62 17.86
C HIS D 14 -40.01 38.67 17.42
N ARG D 15 -39.78 39.30 16.28
CA ARG D 15 -40.73 40.25 15.73
C ARG D 15 -42.10 39.62 15.49
N GLU D 16 -42.10 38.37 15.04
CA GLU D 16 -43.34 37.64 14.81
C GLU D 16 -44.08 37.40 16.08
N HIS D 17 -43.33 37.14 17.15
CA HIS D 17 -43.89 36.94 18.47
C HIS D 17 -44.75 38.11 18.96
N ILE D 18 -44.09 39.23 19.23
CA ILE D 18 -44.78 40.43 19.70
C ILE D 18 -45.76 40.94 18.65
N ARG D 19 -45.57 40.53 17.40
CA ARG D 19 -46.43 40.95 16.31
C ARG D 19 -47.85 40.39 16.48
N LYS D 20 -47.96 39.07 16.46
CA LYS D 20 -49.26 38.42 16.62
C LYS D 20 -49.79 38.57 18.03
N ASN D 21 -48.89 38.51 19.01
CA ASN D 21 -49.26 38.64 20.41
C ASN D 21 -49.16 40.08 20.90
N LEU D 22 -49.53 41.02 20.04
CA LEU D 22 -49.48 42.43 20.37
C LEU D 22 -50.75 42.87 21.10
N ASN D 23 -51.70 41.95 21.23
CA ASN D 23 -52.97 42.24 21.90
C ASN D 23 -52.91 41.95 23.39
N ILE D 24 -52.40 40.77 23.72
CA ILE D 24 -52.26 40.36 25.10
C ILE D 24 -51.32 41.33 25.80
N LEU D 25 -50.24 41.68 25.12
CA LEU D 25 -49.22 42.55 25.72
C LEU D 25 -49.72 43.99 25.85
N VAL D 26 -50.64 44.37 24.96
CA VAL D 26 -51.19 45.72 24.94
C VAL D 26 -52.35 45.77 25.93
N GLU D 27 -52.72 44.61 26.45
CA GLU D 27 -53.87 44.54 27.34
C GLU D 27 -53.45 44.50 28.79
N TRP D 28 -52.62 43.51 29.15
CA TRP D 28 -52.34 43.27 30.56
C TRP D 28 -51.46 44.35 31.23
N THR D 29 -50.51 44.93 30.48
CA THR D 29 -49.64 45.98 31.02
C THR D 29 -50.30 47.37 30.95
N ASN D 30 -50.52 48.04 32.09
CA ASN D 30 -50.77 49.48 32.09
C ASN D 30 -49.80 50.24 31.17
N TYR D 31 -50.31 51.24 30.45
CA TYR D 31 -49.48 51.92 29.46
C TYR D 31 -48.65 53.05 30.08
N GLU D 32 -49.27 53.80 30.99
CA GLU D 32 -48.58 54.84 31.73
C GLU D 32 -47.36 54.23 32.39
N ARG D 33 -47.65 53.17 33.15
CA ARG D 33 -46.66 52.44 33.92
C ARG D 33 -45.66 51.78 33.01
N LEU D 34 -46.02 51.65 31.75
CA LEU D 34 -45.10 51.05 30.80
C LEU D 34 -44.35 52.14 30.07
N ALA D 35 -45.02 53.02 29.34
CA ALA D 35 -44.35 54.09 28.60
C ALA D 35 -43.31 54.84 29.45
N MET D 36 -43.78 55.43 30.55
CA MET D 36 -42.92 56.24 31.39
C MET D 36 -41.72 55.43 31.94
N GLU D 37 -41.86 54.11 31.92
CA GLU D 37 -40.83 53.16 32.39
C GLU D 37 -39.88 52.67 31.29
N CYS D 38 -40.42 52.46 30.10
CA CYS D 38 -39.68 51.96 28.95
C CYS D 38 -38.71 53.05 28.54
N VAL D 39 -39.22 54.25 28.40
CA VAL D 39 -38.35 55.33 28.02
C VAL D 39 -37.33 55.38 29.15
N GLN D 40 -37.88 55.23 30.34
CA GLN D 40 -37.17 55.28 31.59
C GLN D 40 -36.20 54.14 31.64
N GLN D 41 -36.61 53.01 31.05
CA GLN D 41 -35.77 51.81 31.02
C GLN D 41 -34.37 51.91 30.37
N GLY D 42 -34.15 52.78 29.38
CA GLY D 42 -32.94 52.64 28.63
C GLY D 42 -33.17 52.22 27.19
N ILE D 43 -34.33 52.62 26.66
CA ILE D 43 -34.68 52.38 25.27
C ILE D 43 -34.93 53.60 24.36
N LEU D 44 -36.13 54.14 24.42
CA LEU D 44 -36.52 55.26 23.58
C LEU D 44 -36.25 56.57 24.32
N THR D 45 -36.77 57.68 23.80
CA THR D 45 -36.43 59.00 24.31
C THR D 45 -37.61 59.95 24.18
N VAL D 46 -37.49 61.13 24.78
CA VAL D 46 -38.54 62.14 24.73
C VAL D 46 -39.10 62.28 23.32
N GLN D 47 -38.27 61.95 22.33
CA GLN D 47 -38.68 62.04 20.92
C GLN D 47 -39.43 60.79 20.49
N MET D 48 -38.82 59.64 20.74
CA MET D 48 -39.42 58.36 20.37
C MET D 48 -40.81 58.21 20.97
N LEU D 49 -40.88 58.10 22.28
CA LEU D 49 -42.14 57.95 22.99
C LEU D 49 -43.16 58.99 22.55
N ARG D 50 -42.74 60.21 22.22
CA ARG D 50 -43.70 61.19 21.70
C ARG D 50 -44.41 60.67 20.46
N ASN D 51 -43.62 60.30 19.47
CA ASN D 51 -44.14 59.85 18.17
C ASN D 51 -44.89 58.54 18.29
N THR D 52 -44.54 57.75 19.29
CA THR D 52 -45.21 56.48 19.54
C THR D 52 -46.52 56.64 20.30
N GLN D 53 -46.44 57.30 21.45
CA GLN D 53 -47.59 57.77 22.23
C GLN D 53 -48.53 58.67 21.44
N ASP D 54 -48.01 59.54 20.60
CA ASP D 54 -48.94 60.19 19.71
C ASP D 54 -49.10 59.31 18.48
N LEU D 55 -49.87 59.76 17.51
CA LEU D 55 -50.25 58.94 16.37
C LEU D 55 -50.26 59.84 15.16
N ASN D 56 -51.01 59.47 14.12
CA ASN D 56 -50.98 60.25 12.89
C ASN D 56 -51.69 61.59 13.03
N GLY D 57 -52.75 61.62 13.84
CA GLY D 57 -53.56 62.80 13.99
C GLY D 57 -55.00 62.52 13.60
N LYS D 58 -55.17 61.74 12.53
CA LYS D 58 -56.48 61.23 12.15
C LYS D 58 -57.18 60.36 13.22
N PRO D 59 -56.39 59.67 14.03
CA PRO D 59 -56.92 58.82 15.09
C PRO D 59 -58.06 59.50 15.85
N PHE D 60 -58.20 60.81 15.66
CA PHE D 60 -59.25 61.57 16.33
C PHE D 60 -60.63 61.06 15.95
N ASN D 61 -60.72 60.45 14.80
CA ASN D 61 -62.00 59.94 14.39
C ASN D 61 -62.41 58.90 15.44
N MET D 62 -61.39 58.35 16.04
CA MET D 62 -61.53 57.22 16.91
C MET D 62 -61.81 57.56 18.36
N ASP D 63 -62.78 56.85 18.91
CA ASP D 63 -63.26 57.11 20.25
C ASP D 63 -62.18 56.76 21.24
N GLU D 64 -62.36 57.34 22.42
CA GLU D 64 -61.47 57.23 23.56
C GLU D 64 -61.07 55.80 23.81
N LYS D 65 -62.02 54.89 24.02
CA LYS D 65 -61.54 53.55 24.32
C LYS D 65 -60.35 53.12 23.48
N ASP D 66 -60.33 53.57 22.22
CA ASP D 66 -59.60 52.86 21.19
C ASP D 66 -58.31 53.55 20.77
N VAL D 67 -57.99 54.67 21.42
CA VAL D 67 -56.78 55.41 21.09
C VAL D 67 -55.64 55.03 22.01
N ARG D 68 -55.92 54.91 23.30
CA ARG D 68 -54.94 54.40 24.26
C ARG D 68 -54.48 52.98 23.91
N VAL D 69 -55.41 52.15 23.44
CA VAL D 69 -55.08 50.79 23.05
C VAL D 69 -54.16 50.79 21.82
N GLU D 70 -54.43 51.72 20.90
CA GLU D 70 -53.63 51.87 19.70
C GLU D 70 -52.23 52.35 20.06
N GLN D 71 -52.18 53.39 20.87
CA GLN D 71 -50.94 53.90 21.47
C GLN D 71 -50.06 52.81 22.03
N HIS D 72 -50.63 52.12 23.00
CA HIS D 72 -49.99 51.03 23.71
C HIS D 72 -49.53 49.99 22.70
N ARG D 73 -50.32 49.79 21.65
CA ARG D 73 -49.96 48.85 20.58
C ARG D 73 -48.88 49.42 19.66
N ARG D 74 -48.67 50.72 19.74
CA ARG D 74 -47.69 51.37 18.89
C ARG D 74 -46.38 51.30 19.63
N LEU D 75 -46.46 51.07 20.93
CA LEU D 75 -45.27 51.06 21.76
C LEU D 75 -44.42 49.84 21.49
N LEU D 76 -45.02 48.69 21.66
CA LEU D 76 -44.32 47.43 21.49
C LEU D 76 -43.71 47.32 20.10
N LEU D 77 -44.37 47.93 19.12
CA LEU D 77 -43.84 47.96 17.75
C LEU D 77 -42.52 48.72 17.67
N LYS D 78 -42.41 49.80 18.42
CA LYS D 78 -41.17 50.55 18.46
C LYS D 78 -40.12 49.84 19.32
N ILE D 79 -40.58 49.17 20.37
CA ILE D 79 -39.68 48.43 21.26
C ILE D 79 -39.02 47.27 20.52
N THR D 80 -39.83 46.61 19.72
CA THR D 80 -39.44 45.57 18.82
C THR D 80 -38.48 46.19 17.85
N GLN D 81 -38.67 47.46 17.57
CA GLN D 81 -37.80 48.10 16.60
C GLN D 81 -36.38 48.10 17.06
N ARG D 82 -36.17 47.99 18.34
CA ARG D 82 -34.89 48.29 18.89
C ARG D 82 -33.83 47.23 18.79
N GLY D 83 -32.71 47.50 19.43
CA GLY D 83 -31.56 46.61 19.39
C GLY D 83 -31.77 45.28 20.08
N PRO D 84 -30.83 44.30 19.73
CA PRO D 84 -31.28 42.94 19.98
C PRO D 84 -31.65 42.64 21.41
N THR D 85 -31.24 43.45 22.37
CA THR D 85 -31.67 43.20 23.73
C THR D 85 -33.19 43.31 23.78
N ALA D 86 -33.74 44.01 22.83
CA ALA D 86 -35.11 44.49 22.94
C ALA D 86 -35.95 43.47 23.68
N TYR D 87 -35.66 42.21 23.43
CA TYR D 87 -36.30 41.15 24.18
C TYR D 87 -35.91 41.32 25.63
N ASN D 88 -34.65 41.10 25.92
CA ASN D 88 -34.17 41.14 27.29
C ASN D 88 -34.47 42.46 27.97
N LEU D 89 -34.63 43.53 27.19
CA LEU D 89 -35.02 44.82 27.73
C LEU D 89 -36.49 44.80 28.15
N LEU D 90 -37.34 44.30 27.26
CA LEU D 90 -38.78 44.41 27.47
C LEU D 90 -39.23 43.44 28.55
N ILE D 91 -38.62 42.27 28.57
CA ILE D 91 -38.96 41.24 29.54
C ILE D 91 -38.74 41.75 30.95
N ASN D 92 -37.70 42.55 31.13
CA ASN D 92 -37.34 43.07 32.45
C ASN D 92 -38.19 44.26 32.81
N ALA D 93 -38.30 45.18 31.84
CA ALA D 93 -39.14 46.35 32.05
C ALA D 93 -40.52 45.87 32.50
N LEU D 94 -41.03 44.84 31.83
CA LEU D 94 -42.34 44.28 32.15
C LEU D 94 -42.30 43.48 33.45
N ARG D 95 -41.16 42.90 33.77
CA ARG D 95 -40.99 42.28 35.08
C ARG D 95 -41.22 43.30 36.18
N ASN D 96 -40.93 44.57 35.89
CA ASN D 96 -41.17 45.64 36.86
C ASN D 96 -42.57 46.23 36.81
N ILE D 97 -43.08 46.49 35.59
CA ILE D 97 -44.48 46.90 35.40
C ILE D 97 -45.45 46.01 36.20
N ASN D 98 -44.98 44.81 36.55
CA ASN D 98 -45.69 43.84 37.37
C ASN D 98 -46.80 43.20 36.55
N CYS D 99 -46.54 43.15 35.25
CA CYS D 99 -47.34 42.37 34.34
C CYS D 99 -46.65 41.03 34.03
N LEU D 100 -46.23 40.33 35.08
CA LEU D 100 -45.56 39.03 34.99
C LEU D 100 -46.23 38.08 33.99
N ASP D 101 -47.56 38.03 34.01
CA ASP D 101 -48.33 37.20 33.07
C ASP D 101 -48.19 37.56 31.59
N ALA D 102 -47.40 38.60 31.28
CA ALA D 102 -47.08 38.94 29.89
C ALA D 102 -45.58 38.84 29.73
N ALA D 103 -44.85 39.01 30.83
CA ALA D 103 -43.40 38.77 30.78
C ALA D 103 -43.18 37.31 30.43
N VAL D 104 -44.02 36.46 30.99
CA VAL D 104 -44.01 35.05 30.64
C VAL D 104 -44.30 34.98 29.15
N LEU D 105 -45.41 35.56 28.71
CA LEU D 105 -45.79 35.50 27.32
C LEU D 105 -44.63 35.81 26.37
N LEU D 106 -43.91 36.89 26.69
CA LEU D 106 -42.82 37.40 25.89
C LEU D 106 -41.53 36.58 26.03
N GLU D 107 -41.47 35.74 27.06
CA GLU D 107 -40.25 34.97 27.33
C GLU D 107 -40.36 33.48 26.97
N SER D 108 -41.50 32.88 27.30
CA SER D 108 -41.79 31.46 27.18
C SER D 108 -41.60 30.88 25.80
N VAL D 109 -41.88 31.67 24.77
CA VAL D 109 -41.55 31.29 23.39
C VAL D 109 -40.08 30.91 23.16
N ASP D 110 -39.22 31.28 24.10
CA ASP D 110 -37.83 30.85 24.04
C ASP D 110 -37.71 29.70 25.01
N GLU D 111 -36.47 29.30 25.31
CA GLU D 111 -36.20 28.22 26.27
C GLU D 111 -36.62 26.87 25.69
N TYR E 10 21.18 47.57 -7.84
CA TYR E 10 20.22 48.48 -7.24
C TYR E 10 20.92 49.57 -6.43
N GLN E 11 20.74 50.82 -6.84
CA GLN E 11 21.36 51.95 -6.17
C GLN E 11 20.45 52.50 -5.07
N TYR E 12 20.75 53.71 -4.60
CA TYR E 12 19.96 54.34 -3.55
C TYR E 12 18.95 55.31 -4.14
N LYS E 13 19.10 55.60 -5.43
CA LYS E 13 18.20 56.52 -6.13
C LYS E 13 16.89 55.84 -6.49
N ASP E 14 16.85 54.51 -6.33
CA ASP E 14 15.66 53.74 -6.64
C ASP E 14 15.06 53.11 -5.39
N ILE E 15 15.92 52.69 -4.47
CA ILE E 15 15.48 52.08 -3.23
C ILE E 15 14.96 53.16 -2.27
N LEU E 16 14.93 54.41 -2.71
CA LEU E 16 14.46 55.49 -1.87
C LEU E 16 12.94 55.66 -1.95
N SER E 17 12.41 55.68 -3.16
CA SER E 17 10.99 55.90 -3.34
C SER E 17 10.19 54.72 -2.79
N VAL E 18 10.88 53.62 -2.50
CA VAL E 18 10.26 52.40 -1.98
C VAL E 18 9.63 52.61 -0.61
N PHE E 19 10.36 53.20 0.32
CA PHE E 19 9.79 53.46 1.64
C PHE E 19 9.42 54.93 1.80
N GLU E 20 8.53 55.39 0.93
CA GLU E 20 8.07 56.76 0.99
C GLU E 20 6.88 56.90 1.95
N ASP E 21 6.22 55.80 2.27
CA ASP E 21 5.09 55.86 3.22
C ASP E 21 5.62 56.17 4.60
N ALA E 22 6.87 55.82 4.85
CA ALA E 22 7.47 56.04 6.15
C ALA E 22 8.05 57.43 6.23
N PHE E 23 8.64 57.87 5.12
CA PHE E 23 9.30 59.16 5.05
C PHE E 23 8.33 60.32 5.30
N VAL E 24 7.04 60.02 5.41
CA VAL E 24 6.04 61.04 5.70
C VAL E 24 5.55 60.92 7.14
N ASP E 25 5.88 59.79 7.75
CA ASP E 25 5.51 59.50 9.13
C ASP E 25 6.49 60.16 10.07
N ASN E 26 7.75 59.73 9.96
CA ASN E 26 8.74 60.10 10.96
C ASN E 26 9.90 60.94 10.44
N PHE E 27 9.69 61.70 9.38
CA PHE E 27 10.75 62.54 8.83
C PHE E 27 10.27 63.90 8.34
N ASP E 28 10.95 64.95 8.77
CA ASP E 28 10.95 66.20 8.05
C ASP E 28 12.31 66.87 8.21
N CYS E 29 12.77 67.49 7.13
CA CYS E 29 14.08 68.09 7.07
C CYS E 29 14.29 69.28 8.01
N LYS E 30 13.31 69.53 8.88
CA LYS E 30 13.45 70.56 9.89
C LYS E 30 14.67 70.24 10.75
N ASP E 31 15.01 68.95 10.81
CA ASP E 31 16.20 68.51 11.53
C ASP E 31 17.39 68.45 10.57
N VAL E 32 17.10 68.37 9.28
CA VAL E 32 18.15 68.32 8.26
C VAL E 32 18.56 69.72 7.81
N GLN E 33 19.07 70.51 8.76
CA GLN E 33 19.51 71.87 8.46
C GLN E 33 21.02 72.01 8.63
N ASP E 34 21.74 70.93 8.38
CA ASP E 34 23.19 70.94 8.50
C ASP E 34 23.81 69.75 7.77
N MET E 35 23.91 69.85 6.45
CA MET E 35 24.48 68.78 5.63
C MET E 35 25.42 69.37 4.59
N PRO E 36 26.07 68.53 3.76
CA PRO E 36 26.81 69.16 2.68
C PRO E 36 25.93 69.92 1.70
N LYS E 37 26.27 71.18 1.41
CA LYS E 37 25.56 71.97 0.41
C LYS E 37 25.63 71.27 -0.94
N SER E 38 26.59 70.36 -1.08
CA SER E 38 26.71 69.54 -2.26
C SER E 38 25.53 68.60 -2.44
N ILE E 39 24.73 68.43 -1.40
CA ILE E 39 23.73 67.38 -1.37
C ILE E 39 22.38 68.00 -1.63
N LEU E 40 22.10 69.07 -0.90
CA LEU E 40 20.88 69.83 -1.16
C LEU E 40 21.17 71.32 -1.23
N SER E 41 20.46 72.04 -2.08
CA SER E 41 20.69 73.48 -2.21
C SER E 41 20.21 74.25 -0.98
N LYS E 42 21.06 75.11 -0.43
CA LYS E 42 20.67 75.87 0.73
C LYS E 42 19.33 76.48 0.39
N GLU E 43 19.17 76.89 -0.86
CA GLU E 43 17.92 77.47 -1.32
C GLU E 43 16.93 76.38 -1.70
N GLU E 44 17.46 75.26 -2.19
CA GLU E 44 16.62 74.12 -2.58
C GLU E 44 16.03 73.44 -1.35
N ILE E 45 16.77 73.53 -0.26
CA ILE E 45 16.38 72.95 1.02
C ILE E 45 15.27 73.79 1.65
N ASP E 46 15.40 75.10 1.57
CA ASP E 46 14.34 75.92 2.14
C ASP E 46 13.10 75.60 1.36
N HIS E 47 13.32 75.37 0.07
CA HIS E 47 12.30 74.99 -0.88
C HIS E 47 11.58 73.75 -0.37
N ILE E 48 12.35 72.73 -0.01
CA ILE E 48 11.82 71.49 0.51
C ILE E 48 11.27 71.70 1.91
N ILE E 49 12.06 72.31 2.78
CA ILE E 49 11.56 72.62 4.11
C ILE E 49 10.39 73.57 3.93
N MET E 50 10.25 74.02 2.71
CA MET E 50 9.43 75.15 2.41
C MET E 50 8.06 74.78 2.89
N SER E 51 7.80 73.49 2.72
CA SER E 51 6.96 72.70 3.60
C SER E 51 5.53 73.14 3.84
N LYS E 52 4.80 73.37 2.75
CA LYS E 52 3.41 73.66 2.91
C LYS E 52 2.77 72.42 3.53
N ASP E 53 3.18 71.24 3.08
CA ASP E 53 2.60 70.00 3.62
C ASP E 53 3.57 68.87 3.93
N ALA E 54 3.24 68.08 4.93
CA ALA E 54 4.10 67.01 5.32
C ALA E 54 4.23 66.09 4.12
N VAL E 55 3.15 65.87 3.40
CA VAL E 55 3.24 64.95 2.27
C VAL E 55 3.94 65.66 1.12
N SER E 56 3.53 66.89 0.86
CA SER E 56 4.11 67.63 -0.24
C SER E 56 5.59 67.90 0.01
N GLY E 57 5.94 68.28 1.24
CA GLY E 57 7.31 68.63 1.54
C GLY E 57 8.24 67.45 1.36
N THR E 58 7.79 66.29 1.85
CA THR E 58 8.58 65.07 1.81
C THR E 58 8.70 64.67 0.34
N LEU E 59 7.61 64.81 -0.39
CA LEU E 59 7.61 64.41 -1.79
C LEU E 59 8.60 65.34 -2.48
N ARG E 60 8.57 66.59 -2.04
CA ARG E 60 9.41 67.64 -2.58
C ARG E 60 10.86 67.30 -2.33
N LEU E 61 11.16 66.65 -1.21
CA LEU E 61 12.51 66.25 -1.01
C LEU E 61 12.91 65.09 -1.88
N PHE E 62 12.06 64.08 -2.02
CA PHE E 62 12.55 63.00 -2.86
C PHE E 62 12.68 63.46 -4.30
N TRP E 63 11.72 64.26 -4.76
CA TRP E 63 11.78 64.70 -6.14
C TRP E 63 13.02 65.51 -6.45
N THR E 64 13.31 66.52 -5.63
CA THR E 64 14.49 67.32 -5.94
C THR E 64 15.76 66.51 -5.82
N LEU E 65 15.85 65.68 -4.79
CA LEU E 65 17.07 64.91 -4.53
C LEU E 65 17.35 63.84 -5.58
N LEU E 66 16.28 63.23 -6.09
CA LEU E 66 16.40 62.13 -7.07
C LEU E 66 17.20 62.63 -8.29
N SER E 67 17.18 63.96 -8.43
CA SER E 67 17.81 64.69 -9.53
C SER E 67 19.36 64.70 -9.51
N LYS E 68 19.94 64.37 -8.35
CA LYS E 68 21.40 64.39 -8.14
C LYS E 68 22.08 63.05 -8.43
N GLN E 69 23.40 62.98 -8.32
CA GLN E 69 24.14 61.76 -8.67
C GLN E 69 24.12 60.71 -7.55
N GLU E 70 24.55 59.50 -7.85
CA GLU E 70 24.58 58.46 -6.82
C GLU E 70 25.33 58.76 -5.52
N GLU E 71 26.51 59.33 -5.66
CA GLU E 71 27.23 59.65 -4.46
C GLU E 71 26.45 60.68 -3.72
N MET E 72 25.87 61.59 -4.51
CA MET E 72 25.21 62.78 -3.98
C MET E 72 24.18 62.36 -2.96
N VAL E 73 23.33 61.41 -3.33
CA VAL E 73 22.37 60.90 -2.39
C VAL E 73 22.99 60.21 -1.19
N GLN E 74 23.93 59.32 -1.46
CA GLN E 74 24.44 58.39 -0.48
C GLN E 74 25.06 59.13 0.66
N LYS E 75 25.71 60.22 0.34
CA LYS E 75 26.24 61.00 1.40
C LYS E 75 25.01 61.36 2.22
N PHE E 76 23.92 61.65 1.54
CA PHE E 76 22.67 61.92 2.23
C PHE E 76 22.16 60.72 3.00
N VAL E 77 22.19 59.54 2.41
CA VAL E 77 21.66 58.36 3.08
C VAL E 77 22.57 57.97 4.22
N GLU E 78 23.81 58.41 4.16
CA GLU E 78 24.77 57.97 5.15
C GLU E 78 25.05 59.04 6.14
N GLU E 79 25.87 60.00 5.77
CA GLU E 79 26.36 60.95 6.72
C GLU E 79 25.29 61.83 7.35
N VAL E 80 24.38 62.34 6.53
CA VAL E 80 23.36 63.28 7.00
C VAL E 80 22.22 62.66 7.80
N LEU E 81 21.72 61.53 7.32
CA LEU E 81 20.53 60.91 7.90
C LEU E 81 20.86 59.91 8.99
N ARG E 82 22.12 59.89 9.42
CA ARG E 82 22.51 58.97 10.47
C ARG E 82 22.70 59.66 11.80
N ILE E 83 22.68 60.98 11.78
CA ILE E 83 22.87 61.70 13.01
C ILE E 83 21.68 61.41 13.88
N ASN E 84 20.49 61.64 13.35
CA ASN E 84 19.28 61.52 14.16
C ASN E 84 18.30 60.44 13.74
N TYR E 85 18.05 60.37 12.44
CA TYR E 85 17.07 59.44 11.92
C TYR E 85 17.70 58.12 11.68
N LYS E 86 18.08 57.47 12.75
CA LYS E 86 18.77 56.22 12.63
C LYS E 86 17.85 55.26 11.93
N PHE E 87 16.61 55.18 12.39
CA PHE E 87 15.79 54.05 12.04
C PHE E 87 15.60 54.01 10.56
N LEU E 88 15.43 55.16 9.92
CA LEU E 88 15.17 55.13 8.51
C LEU E 88 16.34 54.48 7.85
N MET E 89 17.51 54.91 8.27
CA MET E 89 18.70 54.55 7.58
C MET E 89 18.77 53.04 7.65
N SER E 90 18.43 52.52 8.82
CA SER E 90 18.54 51.10 8.99
C SER E 90 17.66 50.41 8.00
N PRO E 91 16.39 50.99 7.76
CA PRO E 91 15.63 50.27 6.74
C PRO E 91 16.36 50.41 5.46
N ILE E 92 16.84 51.62 5.15
CA ILE E 92 17.41 51.80 3.82
C ILE E 92 18.63 50.92 3.58
N LYS E 93 19.52 50.91 4.55
CA LYS E 93 20.75 50.23 4.28
C LYS E 93 20.30 48.88 3.80
N THR E 94 19.22 48.41 4.35
CA THR E 94 18.80 47.10 4.03
C THR E 94 18.52 47.12 2.58
N GLU E 95 17.91 48.18 2.07
CA GLU E 95 17.45 48.12 0.69
C GLU E 95 18.58 47.95 -0.40
N GLN E 96 19.51 48.90 -0.51
CA GLN E 96 20.62 48.80 -1.49
C GLN E 96 21.33 47.45 -1.45
N ARG E 97 21.51 46.92 -0.24
CA ARG E 97 21.94 45.57 -0.15
C ARG E 97 20.82 44.67 -0.49
N GLN E 98 19.60 45.13 -0.34
CA GLN E 98 18.47 44.25 -0.60
C GLN E 98 17.19 44.67 -1.27
N PRO E 99 16.78 43.84 -2.19
CA PRO E 99 15.50 44.09 -2.81
C PRO E 99 14.44 43.03 -2.53
N SER E 100 13.31 43.42 -1.93
CA SER E 100 12.23 42.48 -1.66
C SER E 100 11.54 42.16 -2.98
N MET E 101 10.83 41.02 -3.07
CA MET E 101 10.25 40.71 -4.36
C MET E 101 9.49 41.93 -4.86
N MET E 102 8.69 42.55 -4.00
CA MET E 102 7.92 43.73 -4.40
C MET E 102 8.80 44.91 -4.81
N THR E 103 9.77 45.26 -3.98
CA THR E 103 10.50 46.45 -4.28
C THR E 103 11.17 46.26 -5.58
N ARG E 104 11.98 45.23 -5.66
CA ARG E 104 12.64 45.04 -6.91
C ARG E 104 11.52 44.85 -7.89
N MET E 105 10.41 44.26 -7.47
CA MET E 105 9.37 43.94 -8.41
C MET E 105 8.93 45.22 -9.05
N TYR E 106 8.76 46.27 -8.26
CA TYR E 106 8.40 47.56 -8.84
C TYR E 106 9.56 48.09 -9.64
N ILE E 107 10.69 47.99 -8.99
CA ILE E 107 11.80 48.83 -9.31
C ILE E 107 12.14 48.59 -10.74
N GLU E 108 11.91 47.38 -11.20
CA GLU E 108 11.98 47.16 -12.61
C GLU E 108 10.93 47.91 -13.38
N GLN E 109 9.69 47.98 -12.90
CA GLN E 109 8.66 48.61 -13.72
C GLN E 109 9.04 50.05 -13.91
N ARG E 110 9.50 50.67 -12.86
CA ARG E 110 9.78 52.09 -13.01
C ARG E 110 10.71 52.24 -14.21
N ASP E 111 11.71 51.35 -14.28
CA ASP E 111 12.69 51.44 -15.33
C ASP E 111 11.94 51.23 -16.63
N ARG E 112 11.00 50.30 -16.56
CA ARG E 112 10.25 49.94 -17.73
C ARG E 112 9.51 51.20 -18.16
N LEU E 113 8.91 51.96 -17.23
CA LEU E 113 8.16 53.14 -17.61
C LEU E 113 9.05 54.26 -18.16
N TYR E 114 10.26 54.45 -17.62
CA TYR E 114 11.13 55.48 -18.17
C TYR E 114 11.42 55.11 -19.61
N ASN E 115 11.75 53.84 -19.79
CA ASN E 115 12.14 53.29 -21.06
C ASN E 115 11.16 53.23 -22.17
N ASP E 116 9.95 52.77 -21.92
CA ASP E 116 8.97 52.84 -22.98
C ASP E 116 8.69 54.29 -23.27
N ASN E 117 8.58 55.06 -22.21
CA ASN E 117 8.23 56.44 -22.35
C ASN E 117 9.46 57.09 -21.88
N GLN E 118 9.99 58.01 -22.69
CA GLN E 118 11.34 58.51 -22.49
C GLN E 118 11.52 59.98 -22.17
N VAL E 119 11.10 60.83 -23.09
CA VAL E 119 11.49 62.23 -23.17
C VAL E 119 11.01 62.77 -21.88
N PHE E 120 10.14 61.97 -21.29
CA PHE E 120 9.78 62.15 -19.93
C PHE E 120 10.98 61.79 -19.10
N ALA E 121 11.70 60.76 -19.47
CA ALA E 121 12.71 60.32 -18.55
C ALA E 121 13.60 61.48 -18.26
N LYS E 122 13.89 62.22 -19.32
CA LYS E 122 14.95 63.20 -19.47
C LYS E 122 14.40 64.62 -19.44
N TYR E 123 13.09 64.76 -19.44
CA TYR E 123 12.50 66.09 -19.52
C TYR E 123 11.38 66.38 -18.53
N ASN E 124 11.11 65.46 -17.61
CA ASN E 124 10.06 65.63 -16.59
C ASN E 124 10.24 66.86 -15.69
N VAL E 125 9.17 67.33 -15.06
CA VAL E 125 9.31 68.38 -14.05
C VAL E 125 8.53 68.09 -12.77
N SER E 126 9.19 68.33 -11.63
CA SER E 126 8.54 68.26 -10.34
C SER E 126 7.26 69.08 -10.37
N ARG E 127 6.13 68.41 -10.24
CA ARG E 127 4.84 69.08 -10.30
C ARG E 127 3.95 68.61 -9.14
N LEU E 128 3.76 69.44 -8.12
CA LEU E 128 3.01 68.99 -6.93
C LEU E 128 1.52 68.80 -7.10
N GLN E 129 0.89 69.92 -7.42
CA GLN E 129 -0.55 70.11 -7.36
C GLN E 129 -1.29 68.99 -8.03
N PRO E 130 -1.06 68.81 -9.32
CA PRO E 130 -1.82 67.76 -9.99
C PRO E 130 -1.37 66.36 -9.61
N TYR E 131 -0.09 66.25 -9.28
CA TYR E 131 0.52 64.99 -8.92
C TYR E 131 -0.16 64.39 -7.70
N LEU E 132 -0.35 65.24 -6.69
CA LEU E 132 -0.98 64.84 -5.44
C LEU E 132 -2.48 64.67 -5.60
N LYS E 133 -3.10 65.49 -6.44
CA LYS E 133 -4.55 65.37 -6.61
C LYS E 133 -4.82 64.01 -7.25
N LEU E 134 -4.04 63.72 -8.29
CA LEU E 134 -4.20 62.50 -9.06
C LEU E 134 -3.85 61.24 -8.27
N ARG E 135 -2.83 61.34 -7.42
CA ARG E 135 -2.38 60.19 -6.65
C ARG E 135 -3.36 59.89 -5.53
N GLN E 136 -4.10 60.92 -5.13
CA GLN E 136 -5.10 60.80 -4.11
C GLN E 136 -6.33 60.13 -4.71
N ALA E 137 -6.73 60.63 -5.89
CA ALA E 137 -7.93 60.13 -6.56
C ALA E 137 -7.75 58.68 -6.99
N LEU E 138 -6.53 58.47 -7.46
CA LEU E 138 -6.11 57.22 -8.02
C LEU E 138 -6.23 56.09 -7.01
N LEU E 139 -5.74 56.33 -5.81
CA LEU E 139 -5.73 55.27 -4.79
C LEU E 139 -7.14 54.80 -4.45
N GLU E 140 -8.07 55.73 -4.21
CA GLU E 140 -9.38 55.26 -3.77
C GLU E 140 -10.00 54.48 -4.91
N LEU E 141 -9.68 54.88 -6.13
CA LEU E 141 -10.32 54.40 -7.36
C LEU E 141 -10.57 52.90 -7.37
N ARG E 142 -11.83 52.51 -7.44
CA ARG E 142 -12.23 51.11 -7.21
C ARG E 142 -11.92 50.20 -8.40
N PRO E 143 -12.13 48.90 -8.25
CA PRO E 143 -11.85 48.00 -9.39
C PRO E 143 -12.72 48.25 -10.62
N ALA E 144 -13.78 49.04 -10.51
CA ALA E 144 -14.58 49.33 -11.69
C ALA E 144 -14.88 50.80 -11.86
N LYS E 145 -14.06 51.69 -11.27
CA LYS E 145 -14.35 53.10 -11.46
C LYS E 145 -13.39 53.77 -12.47
N ASN E 146 -13.50 55.06 -12.67
CA ASN E 146 -12.54 55.64 -13.57
C ASN E 146 -12.30 57.10 -13.38
N VAL E 147 -11.04 57.38 -13.10
CA VAL E 147 -10.50 58.68 -12.72
C VAL E 147 -9.98 59.40 -13.96
N LEU E 148 -10.74 60.37 -14.44
CA LEU E 148 -10.40 61.10 -15.66
C LEU E 148 -9.69 62.42 -15.37
N ILE E 149 -8.90 62.88 -16.33
CA ILE E 149 -8.20 64.14 -16.23
C ILE E 149 -8.19 64.86 -17.58
N ASP E 150 -8.65 66.11 -17.57
CA ASP E 150 -8.76 66.89 -18.81
C ASP E 150 -8.41 68.36 -18.64
N GLY E 151 -7.57 68.85 -19.54
CA GLY E 151 -7.17 70.25 -19.61
C GLY E 151 -6.98 70.71 -21.05
N VAL E 152 -6.40 71.90 -21.20
CA VAL E 152 -6.13 72.54 -22.49
C VAL E 152 -5.12 71.69 -23.28
N LEU E 153 -5.11 71.79 -24.61
CA LEU E 153 -4.13 70.99 -25.35
C LEU E 153 -2.73 71.36 -24.89
N GLY E 154 -1.96 70.34 -24.57
CA GLY E 154 -0.58 70.57 -24.19
C GLY E 154 -0.58 70.99 -22.74
N SER E 155 -1.36 70.33 -21.90
CA SER E 155 -1.38 70.73 -20.51
C SER E 155 -0.45 70.00 -19.56
N GLY E 156 0.03 68.83 -19.97
CA GLY E 156 0.91 68.05 -19.14
C GLY E 156 0.04 66.98 -18.53
N LYS E 157 -1.09 66.70 -19.17
CA LYS E 157 -2.03 65.70 -18.68
C LYS E 157 -1.40 64.32 -18.59
N THR E 158 -0.70 63.92 -19.65
CA THR E 158 -0.09 62.61 -19.69
C THR E 158 1.16 62.59 -18.81
N TRP E 159 1.95 63.64 -18.82
CA TRP E 159 3.14 63.68 -17.96
C TRP E 159 2.71 63.58 -16.50
N VAL E 160 1.73 64.37 -16.06
CA VAL E 160 1.32 64.31 -14.64
C VAL E 160 0.92 62.88 -14.34
N ALA E 161 0.17 62.29 -15.29
CA ALA E 161 -0.34 60.95 -15.09
C ALA E 161 0.83 59.96 -14.97
N LEU E 162 1.83 60.15 -15.83
CA LEU E 162 2.95 59.27 -15.83
C LEU E 162 3.65 59.40 -14.49
N ASP E 163 3.87 60.63 -14.05
CA ASP E 163 4.62 60.84 -12.83
C ASP E 163 3.93 60.18 -11.66
N VAL E 164 2.61 60.30 -11.62
CA VAL E 164 1.86 59.73 -10.53
C VAL E 164 2.01 58.20 -10.61
N CYS E 165 1.86 57.68 -11.80
CA CYS E 165 1.85 56.26 -11.97
C CYS E 165 3.26 55.71 -12.07
N LEU E 166 4.26 56.54 -12.11
CA LEU E 166 5.53 56.00 -11.84
C LEU E 166 5.46 55.58 -10.39
N SER E 167 5.07 56.56 -9.57
CA SER E 167 5.15 56.50 -8.12
C SER E 167 4.79 55.24 -7.37
N TYR E 168 5.73 54.74 -6.57
CA TYR E 168 5.56 53.42 -6.00
C TYR E 168 4.23 53.25 -5.31
N LYS E 169 3.88 54.21 -4.46
CA LYS E 169 2.66 54.12 -3.66
C LYS E 169 1.42 53.85 -4.50
N VAL E 170 1.43 54.44 -5.68
CA VAL E 170 0.35 54.33 -6.63
C VAL E 170 0.62 53.26 -7.61
N GLN E 171 1.63 52.46 -7.38
CA GLN E 171 1.74 51.31 -8.21
C GLN E 171 1.28 50.10 -7.50
N CYS E 172 1.96 49.80 -6.39
CA CYS E 172 1.70 48.59 -5.62
C CYS E 172 0.20 48.42 -5.41
N LYS E 173 -0.48 49.55 -5.26
CA LYS E 173 -1.93 49.55 -5.11
C LYS E 173 -2.56 48.99 -6.36
N MET E 174 -1.88 49.18 -7.49
CA MET E 174 -2.35 48.59 -8.73
C MET E 174 -1.49 47.45 -9.14
N ASP E 175 -0.64 47.02 -8.25
CA ASP E 175 0.07 45.77 -8.43
C ASP E 175 0.77 45.67 -9.74
N PHE E 176 1.36 46.76 -10.16
CA PHE E 176 2.35 46.70 -11.17
C PHE E 176 1.82 46.14 -12.46
N LYS E 177 0.59 46.49 -12.80
CA LYS E 177 0.05 46.10 -14.10
C LYS E 177 -0.63 47.29 -14.76
N ILE E 178 0.14 48.31 -15.15
CA ILE E 178 -0.50 49.46 -15.77
C ILE E 178 -0.32 49.51 -17.26
N PHE E 179 -1.42 49.40 -17.98
CA PHE E 179 -1.36 49.34 -19.41
C PHE E 179 -1.66 50.70 -19.94
N TRP E 180 -0.69 51.23 -20.64
CA TRP E 180 -0.77 52.54 -21.27
C TRP E 180 -1.07 52.43 -22.74
N LEU E 181 -2.11 53.12 -23.18
CA LEU E 181 -2.40 53.16 -24.61
C LEU E 181 -2.82 54.54 -25.03
N ASN E 182 -2.43 54.99 -26.22
CA ASN E 182 -2.87 56.32 -26.65
C ASN E 182 -4.00 56.24 -27.67
N LEU E 183 -5.21 56.66 -27.32
CA LEU E 183 -6.27 56.54 -28.30
C LEU E 183 -6.01 57.55 -29.41
N LYS E 184 -5.04 57.47 -30.29
CA LYS E 184 -5.20 58.50 -31.31
C LYS E 184 -6.14 57.93 -32.28
N ASN E 185 -6.68 58.72 -33.16
CA ASN E 185 -7.23 58.04 -34.26
C ASN E 185 -7.84 56.88 -33.55
N CYS E 186 -8.91 57.17 -32.80
CA CYS E 186 -9.62 56.15 -32.05
C CYS E 186 -11.12 56.22 -32.30
N ASN E 187 -11.56 57.34 -32.87
CA ASN E 187 -12.98 57.53 -33.15
C ASN E 187 -13.42 56.81 -34.43
N SER E 188 -13.12 55.51 -34.49
CA SER E 188 -13.48 54.71 -35.65
C SER E 188 -13.54 53.22 -35.28
N PRO E 189 -14.56 52.49 -35.92
CA PRO E 189 -14.57 51.07 -35.54
C PRO E 189 -13.21 50.40 -35.76
N GLU E 190 -12.34 51.09 -36.49
CA GLU E 190 -11.01 50.57 -36.78
C GLU E 190 -10.08 50.73 -35.58
N THR E 191 -10.45 51.62 -34.67
CA THR E 191 -9.64 51.87 -33.48
C THR E 191 -9.83 50.77 -32.44
N VAL E 192 -11.09 50.50 -32.10
CA VAL E 192 -11.40 49.47 -31.11
C VAL E 192 -10.59 48.19 -31.36
N LEU E 193 -10.82 47.57 -32.51
CA LEU E 193 -10.12 46.34 -32.86
C LEU E 193 -8.61 46.51 -32.72
N GLU E 194 -8.04 47.40 -33.53
CA GLU E 194 -6.60 47.65 -33.48
C GLU E 194 -6.09 47.77 -32.06
N MET E 195 -6.66 48.71 -31.31
CA MET E 195 -6.27 48.94 -29.92
C MET E 195 -6.63 47.78 -29.00
N LEU E 196 -7.85 47.27 -29.15
CA LEU E 196 -8.33 46.17 -28.32
C LEU E 196 -7.48 44.98 -28.66
N GLN E 197 -6.85 45.02 -29.82
CA GLN E 197 -5.93 44.00 -30.22
C GLN E 197 -4.68 44.32 -29.41
N LYS E 198 -4.31 45.60 -29.36
CA LYS E 198 -3.09 45.93 -28.61
C LYS E 198 -3.20 45.63 -27.10
N LEU E 199 -4.37 45.83 -26.50
CA LEU E 199 -4.55 45.62 -25.07
C LEU E 199 -4.43 44.13 -24.71
N LEU E 200 -4.94 43.28 -25.60
CA LEU E 200 -4.86 41.85 -25.40
C LEU E 200 -3.39 41.50 -25.52
N TYR E 201 -2.77 42.01 -26.58
CA TYR E 201 -1.34 41.98 -26.73
C TYR E 201 -0.57 42.25 -25.42
N GLN E 202 -0.86 43.34 -24.69
CA GLN E 202 0.02 43.61 -23.60
C GLN E 202 -0.22 42.52 -22.65
N ILE E 203 -1.44 42.40 -22.13
CA ILE E 203 -1.78 41.35 -21.17
C ILE E 203 -1.04 40.04 -21.43
N ASP E 204 -1.28 39.45 -22.60
CA ASP E 204 -0.63 38.19 -22.97
C ASP E 204 -0.69 38.00 -24.48
N PRO E 205 0.24 37.22 -25.03
CA PRO E 205 0.26 36.95 -26.47
C PRO E 205 -0.42 35.64 -26.82
N ASN E 206 -1.75 35.59 -26.72
CA ASN E 206 -2.48 34.37 -27.05
C ASN E 206 -3.95 34.65 -27.37
N TRP E 207 -4.33 34.49 -28.62
CA TRP E 207 -5.74 34.63 -28.93
C TRP E 207 -6.26 33.71 -30.01
N THR E 208 -7.39 33.08 -29.71
CA THR E 208 -8.02 32.15 -30.63
C THR E 208 -8.79 33.04 -31.57
N SER E 209 -8.09 33.54 -32.56
CA SER E 209 -8.65 34.53 -33.44
C SER E 209 -9.49 33.83 -34.50
N ARG E 210 -9.78 32.56 -34.24
CA ARG E 210 -10.69 31.80 -35.08
C ARG E 210 -12.11 32.33 -34.93
N SER E 211 -12.36 33.11 -33.89
CA SER E 211 -13.69 33.65 -33.68
C SER E 211 -13.92 34.74 -34.74
N ASP E 212 -12.88 35.08 -35.47
CA ASP E 212 -13.00 36.18 -36.40
C ASP E 212 -13.99 35.87 -37.50
N HIS E 213 -14.95 36.75 -37.62
CA HIS E 213 -16.07 36.64 -38.49
C HIS E 213 -16.05 38.04 -39.00
N SER E 214 -16.07 38.19 -40.32
CA SER E 214 -15.74 39.46 -40.97
C SER E 214 -16.96 40.24 -41.46
N SER E 215 -18.14 39.83 -41.04
CA SER E 215 -19.36 40.54 -41.38
C SER E 215 -19.38 41.84 -40.59
N ASN E 216 -18.84 41.78 -39.38
CA ASN E 216 -18.75 42.96 -38.54
C ASN E 216 -17.39 43.12 -37.87
N ILE E 217 -16.61 44.08 -38.38
CA ILE E 217 -15.46 44.54 -37.67
C ILE E 217 -16.06 45.07 -36.39
N LYS E 218 -17.37 45.16 -36.34
CA LYS E 218 -18.03 45.70 -35.17
C LYS E 218 -18.45 44.62 -34.21
N LEU E 219 -19.17 43.62 -34.72
CA LEU E 219 -19.60 42.50 -33.91
C LEU E 219 -18.39 41.75 -33.33
N ARG E 220 -17.31 41.70 -34.09
CA ARG E 220 -16.10 41.03 -33.65
C ARG E 220 -15.49 41.88 -32.57
N ILE E 221 -15.71 43.17 -32.66
CA ILE E 221 -15.12 44.10 -31.74
C ILE E 221 -15.63 43.70 -30.39
N HIS E 222 -16.89 43.31 -30.34
CA HIS E 222 -17.45 42.90 -29.10
C HIS E 222 -16.72 41.67 -28.59
N SER E 223 -16.43 40.74 -29.49
CA SER E 223 -15.86 39.49 -29.03
C SER E 223 -14.56 39.82 -28.36
N ILE E 224 -13.77 40.67 -28.98
CA ILE E 224 -12.43 40.90 -28.43
C ILE E 224 -12.68 41.33 -26.96
N GLN E 225 -13.68 42.18 -26.76
CA GLN E 225 -14.02 42.66 -25.42
C GLN E 225 -14.42 41.50 -24.52
N ALA E 226 -15.23 40.59 -25.06
CA ALA E 226 -15.68 39.42 -24.30
C ALA E 226 -14.49 38.65 -23.75
N GLU E 227 -13.49 38.44 -24.60
CA GLU E 227 -12.28 37.72 -24.19
C GLU E 227 -11.48 38.54 -23.20
N LEU E 228 -11.42 39.84 -23.41
CA LEU E 228 -10.69 40.74 -22.53
C LEU E 228 -11.32 40.77 -21.14
N ARG E 229 -12.65 40.83 -21.10
CA ARG E 229 -13.38 40.86 -19.84
C ARG E 229 -13.13 39.58 -19.05
N ARG E 230 -13.08 38.46 -19.76
CA ARG E 230 -12.84 37.18 -19.13
C ARG E 230 -11.47 37.16 -18.46
N LEU E 231 -10.44 37.63 -19.19
CA LEU E 231 -9.09 37.60 -18.65
C LEU E 231 -8.79 38.56 -17.48
N LEU E 232 -9.35 39.77 -17.47
CA LEU E 232 -9.05 40.68 -16.36
C LEU E 232 -9.51 40.21 -14.98
N LYS E 233 -10.70 39.70 -14.84
CA LYS E 233 -11.06 39.31 -13.52
C LYS E 233 -10.38 37.98 -13.38
N SER E 234 -9.14 37.95 -13.82
CA SER E 234 -8.29 36.80 -13.58
C SER E 234 -7.61 37.16 -12.30
N LYS E 235 -6.73 36.29 -11.81
CA LYS E 235 -5.98 36.63 -10.63
C LYS E 235 -4.65 37.28 -10.90
N PRO E 236 -4.19 37.23 -12.23
CA PRO E 236 -2.87 37.87 -12.40
C PRO E 236 -3.05 39.32 -12.08
N TYR E 237 -4.19 39.84 -12.51
CA TYR E 237 -4.52 41.22 -12.28
C TYR E 237 -5.41 41.33 -11.09
N GLU E 238 -6.63 40.85 -11.20
CA GLU E 238 -7.60 41.06 -10.12
C GLU E 238 -7.82 42.53 -10.20
N ASN E 239 -6.70 43.23 -10.12
CA ASN E 239 -6.85 44.69 -10.20
C ASN E 239 -5.62 45.43 -10.79
N CYS E 240 -5.78 46.30 -11.78
CA CYS E 240 -4.66 46.96 -12.43
C CYS E 240 -5.22 48.16 -13.10
N LEU E 241 -4.40 49.09 -13.57
CA LEU E 241 -4.92 50.30 -14.15
C LEU E 241 -4.54 50.50 -15.58
N LEU E 242 -5.55 50.56 -16.43
CA LEU E 242 -5.55 50.84 -17.86
C LEU E 242 -5.76 52.33 -18.09
N VAL E 243 -4.67 53.04 -18.37
CA VAL E 243 -4.73 54.50 -18.52
C VAL E 243 -4.77 54.89 -20.00
N LEU E 244 -5.96 55.20 -20.43
CA LEU E 244 -6.19 55.46 -21.80
C LEU E 244 -5.49 56.75 -21.81
N LEU E 245 -5.09 57.24 -22.97
CA LEU E 245 -4.47 58.52 -22.99
C LEU E 245 -5.15 59.22 -24.12
N ASN E 246 -5.40 60.50 -24.00
CA ASN E 246 -5.96 61.19 -25.14
C ASN E 246 -7.24 60.53 -25.63
N VAL E 247 -8.13 60.15 -24.74
CA VAL E 247 -9.38 59.55 -25.19
C VAL E 247 -10.08 60.58 -26.07
N GLN E 248 -10.52 60.15 -27.24
CA GLN E 248 -11.12 61.04 -28.23
C GLN E 248 -12.52 61.66 -28.07
N ASN E 249 -13.54 60.85 -27.79
CA ASN E 249 -14.89 61.37 -27.65
C ASN E 249 -15.58 60.47 -26.67
N ALA E 250 -16.92 60.47 -26.58
CA ALA E 250 -17.43 59.44 -25.73
C ALA E 250 -17.31 58.08 -26.36
N LYS E 251 -17.53 57.99 -27.66
CA LYS E 251 -17.90 56.71 -28.24
C LYS E 251 -16.88 55.63 -27.95
N ALA E 252 -15.60 55.96 -28.09
CA ALA E 252 -14.59 54.93 -27.97
C ALA E 252 -14.71 54.35 -26.60
N TRP E 253 -14.91 55.21 -25.63
CA TRP E 253 -14.78 54.76 -24.28
C TRP E 253 -15.80 53.63 -24.03
N ASN E 254 -17.07 53.81 -24.38
CA ASN E 254 -18.06 52.83 -24.13
C ASN E 254 -17.39 51.54 -24.60
N ALA E 255 -16.58 51.65 -25.63
CA ALA E 255 -15.83 50.51 -26.12
C ALA E 255 -14.88 50.04 -25.08
N PHE E 256 -14.28 50.95 -24.35
CA PHE E 256 -13.13 50.60 -23.57
C PHE E 256 -13.25 50.32 -22.11
N ASN E 257 -14.46 50.24 -21.57
CA ASN E 257 -14.61 50.02 -20.14
C ASN E 257 -14.68 48.55 -19.80
N LEU E 258 -13.66 48.04 -19.13
CA LEU E 258 -13.61 46.62 -18.84
C LEU E 258 -13.68 46.32 -17.36
N SER E 259 -14.26 47.20 -16.58
CA SER E 259 -14.19 46.87 -15.17
C SER E 259 -12.71 46.89 -14.83
N CYS E 260 -12.01 47.83 -15.42
CA CYS E 260 -10.60 47.95 -15.24
C CYS E 260 -10.45 49.25 -14.58
N LYS E 261 -9.65 49.33 -13.55
CA LYS E 261 -9.45 50.63 -12.95
C LYS E 261 -8.76 51.38 -14.07
N ILE E 262 -9.51 52.02 -14.95
CA ILE E 262 -8.83 52.84 -15.95
C ILE E 262 -8.86 54.31 -15.52
N LEU E 263 -7.89 55.09 -15.96
CA LEU E 263 -7.91 56.54 -15.75
C LEU E 263 -7.61 57.20 -17.09
N LEU E 264 -8.55 57.98 -17.60
CA LEU E 264 -8.47 58.50 -18.95
C LEU E 264 -8.22 60.01 -18.96
N THR E 265 -7.18 60.41 -19.68
CA THR E 265 -6.85 61.80 -19.79
C THR E 265 -7.24 62.26 -21.19
N THR E 266 -8.03 63.32 -21.28
CA THR E 266 -8.52 63.78 -22.59
C THR E 266 -8.52 65.30 -22.72
N ARG E 267 -8.26 65.76 -23.95
CA ARG E 267 -8.30 67.18 -24.28
C ARG E 267 -9.60 67.91 -24.67
N PHE E 268 -10.76 67.25 -24.81
CA PHE E 268 -11.97 68.10 -24.90
C PHE E 268 -13.17 67.85 -23.99
N LYS E 269 -14.06 68.84 -24.05
CA LYS E 269 -15.07 69.08 -23.03
C LYS E 269 -16.26 68.15 -23.16
N GLN E 270 -16.40 67.52 -24.31
CA GLN E 270 -17.47 66.55 -24.52
C GLN E 270 -17.18 65.27 -23.73
N VAL E 271 -15.90 64.95 -23.62
CA VAL E 271 -15.47 63.78 -22.86
C VAL E 271 -15.70 63.95 -21.34
N THR E 272 -15.12 65.04 -20.85
CA THR E 272 -15.10 65.35 -19.44
C THR E 272 -16.46 65.91 -19.21
N ASP E 273 -17.08 66.29 -20.31
CA ASP E 273 -18.48 66.58 -20.39
C ASP E 273 -19.23 65.26 -20.42
N PHE E 274 -18.54 64.15 -20.72
CA PHE E 274 -19.28 62.91 -20.66
C PHE E 274 -19.51 62.20 -19.33
N LEU E 275 -18.45 62.04 -18.54
CA LEU E 275 -18.54 61.12 -17.43
C LEU E 275 -18.82 61.78 -16.11
N SER E 276 -20.05 61.59 -15.67
CA SER E 276 -20.54 62.27 -14.51
C SER E 276 -19.74 61.82 -13.33
N ALA E 277 -19.45 62.76 -12.44
CA ALA E 277 -18.80 62.43 -11.19
C ALA E 277 -19.78 61.54 -10.50
N ALA E 278 -19.30 60.69 -9.60
CA ALA E 278 -20.11 59.66 -8.96
C ALA E 278 -20.14 58.50 -9.86
N THR E 279 -19.46 58.65 -10.99
CA THR E 279 -18.66 57.60 -11.61
C THR E 279 -17.27 57.95 -12.09
N THR E 280 -16.71 59.07 -11.69
CA THR E 280 -15.31 59.26 -12.05
C THR E 280 -14.83 60.50 -11.33
N THR E 281 -13.59 60.98 -11.46
CA THR E 281 -13.45 62.22 -10.80
C THR E 281 -12.59 62.97 -11.74
N HIS E 282 -12.77 64.27 -11.83
CA HIS E 282 -11.86 65.00 -12.69
C HIS E 282 -10.86 65.80 -11.89
N ILE E 283 -9.61 65.44 -12.06
CA ILE E 283 -8.52 66.32 -11.82
C ILE E 283 -8.64 67.19 -13.02
N SER E 284 -8.64 68.50 -12.88
CA SER E 284 -8.65 69.35 -14.06
C SER E 284 -7.27 69.89 -14.14
N LEU E 285 -6.54 69.46 -15.15
CA LEU E 285 -5.15 69.81 -15.26
C LEU E 285 -4.90 71.26 -15.49
N ASP E 286 -5.76 71.90 -16.27
CA ASP E 286 -5.56 73.27 -16.72
C ASP E 286 -6.27 74.27 -15.85
N HIS E 287 -6.73 73.80 -14.71
CA HIS E 287 -7.49 74.61 -13.80
C HIS E 287 -6.53 75.42 -12.96
N HIS E 288 -7.09 75.95 -11.90
CA HIS E 288 -6.66 77.04 -11.04
C HIS E 288 -5.36 76.90 -10.31
N SER E 289 -5.14 75.74 -9.74
CA SER E 289 -3.99 75.58 -8.87
C SER E 289 -2.99 74.67 -9.51
N MET E 290 -3.46 73.89 -10.46
CA MET E 290 -2.59 72.99 -11.16
C MET E 290 -1.60 73.82 -11.94
N THR E 291 -2.04 74.95 -12.43
CA THR E 291 -1.22 75.64 -13.43
C THR E 291 0.19 75.60 -12.87
N LEU E 292 1.16 75.34 -13.73
CA LEU E 292 2.47 75.04 -13.23
C LEU E 292 2.86 76.15 -12.32
N THR E 293 3.52 75.76 -11.23
CA THR E 293 3.85 76.61 -10.09
C THR E 293 4.72 77.81 -10.48
N PRO E 294 4.29 79.02 -10.07
CA PRO E 294 4.78 80.33 -10.54
C PRO E 294 6.28 80.41 -10.83
N ASP E 295 7.08 79.63 -10.11
CA ASP E 295 8.52 79.60 -10.32
C ASP E 295 8.95 78.29 -10.96
N GLU E 296 8.03 77.33 -10.97
CA GLU E 296 8.31 76.05 -11.61
C GLU E 296 8.06 76.19 -13.11
N VAL E 297 7.57 77.35 -13.55
CA VAL E 297 7.58 77.58 -14.98
C VAL E 297 9.03 77.82 -15.35
N LYS E 298 9.74 78.57 -14.51
CA LYS E 298 11.15 78.84 -14.74
C LYS E 298 11.94 77.56 -14.57
N SER E 299 11.36 76.64 -13.81
CA SER E 299 11.93 75.32 -13.57
C SER E 299 11.96 74.53 -14.84
N LEU E 300 10.79 74.46 -15.46
CA LEU E 300 10.64 73.62 -16.63
C LEU E 300 11.52 74.23 -17.69
N LEU E 301 11.50 75.55 -17.77
CA LEU E 301 12.21 76.12 -18.88
C LEU E 301 13.60 75.62 -18.66
N LEU E 302 14.01 75.44 -17.43
CA LEU E 302 15.38 75.00 -17.35
C LEU E 302 15.73 73.69 -18.07
N LYS E 303 15.00 72.62 -17.76
CA LYS E 303 15.34 71.28 -18.23
C LYS E 303 15.97 71.34 -19.61
N TYR E 304 15.16 71.73 -20.59
CA TYR E 304 15.61 71.85 -21.97
C TYR E 304 16.71 72.88 -21.96
N LEU E 305 16.53 73.87 -21.11
CA LEU E 305 17.46 74.97 -21.09
C LEU E 305 18.85 74.58 -20.66
N ASP E 306 18.95 73.74 -19.65
CA ASP E 306 20.25 73.36 -19.08
C ASP E 306 21.12 74.46 -18.46
N CYS E 307 20.55 75.42 -17.73
CA CYS E 307 21.37 76.22 -16.82
C CYS E 307 20.64 76.90 -15.70
N ARG E 308 21.36 77.18 -14.62
CA ARG E 308 20.94 78.11 -13.59
C ARG E 308 20.90 79.60 -13.89
N PRO E 309 21.89 80.18 -14.57
CA PRO E 309 21.95 81.63 -14.36
C PRO E 309 21.09 82.37 -15.38
N GLN E 310 21.04 81.83 -16.60
CA GLN E 310 20.26 82.44 -17.67
C GLN E 310 18.76 82.29 -17.41
N ASP E 311 18.40 81.27 -16.63
CA ASP E 311 17.00 81.03 -16.30
C ASP E 311 16.29 82.31 -15.91
N LEU E 312 17.01 83.19 -15.23
CA LEU E 312 16.46 84.48 -14.79
C LEU E 312 16.44 85.48 -15.93
N PRO E 313 17.30 85.28 -16.92
CA PRO E 313 17.37 86.17 -18.07
C PRO E 313 16.25 85.90 -19.06
N ARG E 314 15.31 85.05 -18.65
CA ARG E 314 14.17 84.71 -19.50
C ARG E 314 12.85 85.00 -18.80
N GLU E 315 12.73 86.21 -18.25
CA GLU E 315 11.52 86.62 -17.55
C GLU E 315 10.39 86.91 -18.52
N VAL E 316 9.32 86.13 -18.43
CA VAL E 316 8.16 86.30 -19.30
C VAL E 316 6.89 85.74 -18.67
N LEU E 317 5.94 85.34 -19.51
CA LEU E 317 4.69 84.78 -19.03
C LEU E 317 4.25 83.61 -19.90
N THR E 318 3.89 82.50 -19.25
CA THR E 318 3.44 81.31 -19.96
C THR E 318 3.09 80.22 -18.95
N THR E 319 2.10 79.39 -19.26
CA THR E 319 1.70 78.35 -18.32
C THR E 319 1.41 77.01 -18.99
N ASN E 320 1.54 76.94 -20.31
CA ASN E 320 1.27 75.69 -21.01
C ASN E 320 2.55 74.90 -21.23
N PRO E 321 2.67 73.72 -20.61
CA PRO E 321 3.93 73.00 -20.73
C PRO E 321 4.25 72.72 -22.20
N ARG E 322 3.24 72.52 -23.04
CA ARG E 322 3.56 72.25 -24.43
C ARG E 322 4.14 73.52 -25.05
N ARG E 323 3.50 74.66 -24.77
CA ARG E 323 3.99 75.88 -25.37
C ARG E 323 5.34 76.23 -24.77
N LEU E 324 5.46 75.97 -23.48
CA LEU E 324 6.68 76.28 -22.77
C LEU E 324 7.83 75.49 -23.34
N SER E 325 7.60 74.21 -23.57
CA SER E 325 8.70 73.38 -23.99
C SER E 325 9.02 73.49 -25.45
N ILE E 326 8.02 73.73 -26.29
CA ILE E 326 8.34 73.97 -27.69
C ILE E 326 9.19 75.23 -27.79
N ILE E 327 8.80 76.25 -27.01
CA ILE E 327 9.53 77.50 -27.02
C ILE E 327 10.91 77.33 -26.47
N ALA E 328 10.96 76.64 -25.35
CA ALA E 328 12.19 76.44 -24.60
C ALA E 328 13.20 75.66 -25.49
N GLU E 329 12.67 74.64 -26.17
CA GLU E 329 13.47 73.81 -27.04
C GLU E 329 14.01 74.68 -28.16
N SER E 330 13.14 75.51 -28.68
CA SER E 330 13.54 76.33 -29.81
C SER E 330 14.64 77.31 -29.40
N ILE E 331 14.50 77.91 -28.23
CA ILE E 331 15.54 78.85 -27.81
C ILE E 331 16.92 78.20 -27.51
N ARG E 332 16.95 77.00 -26.93
CA ARG E 332 18.25 76.36 -26.67
C ARG E 332 18.94 76.05 -28.00
N ASP E 333 18.13 75.53 -28.92
CA ASP E 333 18.51 75.19 -30.29
C ASP E 333 17.71 75.96 -31.33
N ALA E 336 17.31 81.56 -30.12
CA ALA E 336 17.39 83.01 -29.97
C ALA E 336 16.15 83.55 -29.24
N THR E 337 16.34 84.16 -28.08
CA THR E 337 15.22 84.34 -27.16
C THR E 337 14.05 85.23 -27.59
N TRP E 338 14.35 86.43 -28.03
CA TRP E 338 13.33 87.35 -28.52
C TRP E 338 12.70 86.90 -29.80
N ASP E 339 13.51 86.54 -30.78
CA ASP E 339 12.93 86.38 -32.09
C ASP E 339 11.96 85.25 -32.04
N ASN E 340 12.51 84.16 -31.49
CA ASN E 340 11.90 82.85 -31.41
C ASN E 340 10.63 82.77 -30.56
N TRP E 341 10.58 83.48 -29.42
CA TRP E 341 9.45 83.38 -28.48
C TRP E 341 8.22 83.69 -29.31
N LYS E 342 8.38 84.53 -30.32
CA LYS E 342 7.26 84.86 -31.22
C LYS E 342 7.35 84.33 -32.67
N HIS E 343 8.20 84.96 -33.48
CA HIS E 343 8.23 84.82 -34.92
C HIS E 343 8.88 83.47 -35.10
N VAL E 344 9.49 83.02 -34.00
CA VAL E 344 10.04 81.69 -33.93
C VAL E 344 8.85 80.76 -33.87
N ASN E 345 8.91 79.65 -34.60
CA ASN E 345 7.83 78.68 -34.58
C ASN E 345 6.64 79.16 -35.38
N CYS E 346 6.84 80.23 -36.14
CA CYS E 346 5.87 80.57 -37.13
C CYS E 346 5.35 79.29 -37.72
N ASP E 347 6.25 78.32 -37.63
CA ASP E 347 6.18 77.08 -38.37
C ASP E 347 5.89 75.89 -37.46
N LYS E 348 5.80 76.06 -36.13
CA LYS E 348 5.48 74.89 -35.33
C LYS E 348 4.27 75.04 -34.40
N LEU E 349 4.30 76.03 -33.51
CA LEU E 349 3.26 76.20 -32.52
C LEU E 349 1.93 76.50 -33.20
N THR E 350 2.03 77.10 -34.37
CA THR E 350 0.87 77.44 -35.16
C THR E 350 0.24 76.14 -35.61
N THR E 351 1.03 75.19 -36.10
CA THR E 351 0.47 73.92 -36.57
C THR E 351 -0.18 73.16 -35.44
N ILE E 352 0.42 73.23 -34.25
CA ILE E 352 -0.11 72.54 -33.08
C ILE E 352 -1.52 73.03 -32.73
N ILE E 353 -1.70 74.34 -32.79
CA ILE E 353 -3.00 74.95 -32.49
C ILE E 353 -3.85 75.10 -33.74
N GLU E 354 -3.57 74.26 -34.74
CA GLU E 354 -4.32 74.29 -35.98
C GLU E 354 -4.84 72.90 -36.35
N SER E 355 -4.03 71.89 -36.12
CA SER E 355 -4.40 70.51 -36.43
C SER E 355 -5.73 70.15 -35.76
N SER E 356 -6.22 71.03 -34.92
CA SER E 356 -7.49 70.81 -34.21
C SER E 356 -8.66 71.41 -34.98
N LEU E 357 -8.35 72.09 -36.09
CA LEU E 357 -9.38 72.71 -36.92
C LEU E 357 -10.01 71.70 -37.86
N ASN E 358 -9.28 70.68 -38.25
CA ASN E 358 -9.92 69.72 -39.10
C ASN E 358 -11.11 69.07 -38.41
N VAL E 359 -11.01 68.86 -37.10
CA VAL E 359 -11.97 68.00 -36.40
C VAL E 359 -13.40 68.50 -36.42
N LEU E 360 -13.58 69.81 -36.24
CA LEU E 360 -14.90 70.44 -36.32
C LEU E 360 -15.23 70.82 -37.76
N GLU E 361 -16.37 70.36 -38.28
CA GLU E 361 -16.72 70.61 -39.67
C GLU E 361 -16.27 72.00 -40.15
N PRO E 362 -15.65 72.05 -41.33
CA PRO E 362 -15.22 73.30 -41.89
C PRO E 362 -16.27 74.23 -42.40
N ALA E 363 -17.35 73.69 -42.97
CA ALA E 363 -18.40 74.52 -43.57
C ALA E 363 -19.02 75.49 -42.57
N GLU E 364 -19.19 75.05 -41.33
CA GLU E 364 -19.84 75.87 -40.31
C GLU E 364 -18.95 76.14 -39.11
N TYR E 365 -18.14 75.15 -38.72
CA TYR E 365 -17.30 75.27 -37.54
C TYR E 365 -16.05 76.10 -37.82
N ARG E 366 -15.10 75.52 -38.55
CA ARG E 366 -13.84 76.18 -38.83
C ARG E 366 -14.00 77.66 -39.19
N LYS E 367 -14.79 77.94 -40.21
CA LYS E 367 -14.97 79.30 -40.68
C LYS E 367 -15.44 80.33 -39.65
N MET E 368 -16.47 79.99 -38.91
CA MET E 368 -16.98 80.93 -37.94
C MET E 368 -15.80 81.34 -37.12
N PHE E 369 -15.27 80.38 -36.37
CA PHE E 369 -14.26 80.71 -35.40
C PHE E 369 -13.28 81.71 -36.00
N ASP E 370 -13.00 81.56 -37.30
CA ASP E 370 -11.98 82.33 -37.98
C ASP E 370 -12.32 83.80 -37.84
N ARG E 371 -13.62 84.05 -37.74
CA ARG E 371 -14.17 85.39 -37.66
C ARG E 371 -13.76 86.08 -36.36
N LEU E 372 -13.48 85.32 -35.33
CA LEU E 372 -13.21 85.91 -34.04
C LEU E 372 -11.97 86.80 -34.15
N SER E 373 -11.30 86.68 -35.27
CA SER E 373 -10.05 87.39 -35.41
C SER E 373 -10.37 88.86 -35.21
N VAL E 374 -11.62 89.24 -35.45
CA VAL E 374 -12.06 90.63 -35.34
C VAL E 374 -11.91 91.20 -33.94
N PHE E 375 -12.22 90.40 -32.94
CA PHE E 375 -12.27 90.84 -31.53
C PHE E 375 -10.95 90.79 -30.77
N PRO E 376 -10.91 91.54 -29.66
CA PRO E 376 -9.67 91.81 -28.96
C PRO E 376 -9.08 90.47 -28.55
N PRO E 377 -7.68 90.41 -28.55
CA PRO E 377 -7.18 89.04 -28.62
C PRO E 377 -7.65 88.15 -27.47
N SER E 378 -7.73 88.70 -26.28
CA SER E 378 -8.20 87.90 -25.16
C SER E 378 -9.34 88.68 -24.57
N ALA E 379 -10.42 88.64 -25.32
CA ALA E 379 -11.60 89.45 -25.10
C ALA E 379 -12.87 88.64 -25.21
N HIS E 380 -13.99 89.31 -25.05
CA HIS E 380 -15.29 88.65 -24.99
C HIS E 380 -16.14 88.98 -26.21
N ILE E 381 -17.30 88.36 -26.29
CA ILE E 381 -18.20 88.64 -27.40
C ILE E 381 -19.67 88.33 -27.11
N PRO E 382 -20.50 89.39 -27.11
CA PRO E 382 -21.94 89.34 -26.88
C PRO E 382 -22.64 88.49 -27.90
N THR E 383 -23.81 87.97 -27.56
CA THR E 383 -24.45 87.08 -28.51
C THR E 383 -24.83 87.78 -29.81
N ILE E 384 -25.34 89.00 -29.68
CA ILE E 384 -25.78 89.78 -30.84
C ILE E 384 -24.68 90.03 -31.88
N LEU E 385 -23.48 90.34 -31.38
CA LEU E 385 -22.32 90.59 -32.24
C LEU E 385 -21.84 89.37 -33.02
N LEU E 386 -21.83 88.20 -32.37
CA LEU E 386 -21.34 86.99 -32.98
C LEU E 386 -22.25 86.56 -34.12
N SER E 387 -23.53 86.90 -34.03
CA SER E 387 -24.46 86.42 -35.02
C SER E 387 -24.08 86.95 -36.39
N LEU E 388 -23.83 88.24 -36.47
CA LEU E 388 -23.62 88.87 -37.74
C LEU E 388 -22.42 88.26 -38.45
N ILE E 389 -21.42 87.88 -37.66
CA ILE E 389 -20.13 87.51 -38.21
C ILE E 389 -20.15 86.28 -39.14
N SER E 396 -31.81 80.92 -33.27
CA SER E 396 -31.08 80.13 -32.28
C SER E 396 -29.87 79.46 -32.90
N ASP E 397 -29.77 79.51 -34.23
CA ASP E 397 -28.67 78.83 -34.91
C ASP E 397 -27.29 79.23 -34.44
N VAL E 398 -27.01 80.52 -34.26
CA VAL E 398 -25.67 80.91 -33.82
C VAL E 398 -25.35 80.38 -32.43
N MET E 399 -26.36 80.36 -31.57
CA MET E 399 -26.22 79.90 -30.20
C MET E 399 -25.84 78.43 -30.16
N VAL E 400 -26.46 77.63 -31.03
CA VAL E 400 -26.13 76.22 -31.06
C VAL E 400 -24.79 76.03 -31.73
N VAL E 401 -24.56 76.72 -32.86
CA VAL E 401 -23.33 76.46 -33.59
C VAL E 401 -22.13 76.82 -32.72
N VAL E 402 -22.20 77.92 -31.95
CA VAL E 402 -21.10 78.19 -31.06
C VAL E 402 -21.06 77.12 -29.98
N ASN E 403 -22.24 76.64 -29.57
CA ASN E 403 -22.29 75.74 -28.41
C ASN E 403 -21.49 74.48 -28.73
N LYS E 404 -21.65 74.03 -29.96
CA LYS E 404 -20.87 72.94 -30.47
C LYS E 404 -19.43 73.36 -30.47
N LEU E 405 -19.17 74.57 -30.90
CA LEU E 405 -17.81 75.01 -30.93
C LEU E 405 -17.32 75.09 -29.50
N HIS E 406 -18.27 75.24 -28.59
CA HIS E 406 -17.89 75.54 -27.24
C HIS E 406 -16.97 74.47 -26.84
N LYS E 407 -17.34 73.25 -27.21
CA LYS E 407 -16.62 72.04 -26.86
C LYS E 407 -15.34 71.85 -27.65
N TYR E 408 -15.37 71.90 -28.99
CA TYR E 408 -14.14 71.53 -29.68
C TYR E 408 -12.98 72.54 -29.61
N SER E 409 -13.24 73.81 -29.91
CA SER E 409 -12.18 74.82 -29.96
C SER E 409 -12.31 75.84 -28.87
N LEU E 410 -11.45 76.85 -28.88
CA LEU E 410 -11.32 77.68 -27.70
C LEU E 410 -12.65 78.27 -27.16
N VAL E 411 -13.34 79.11 -27.90
CA VAL E 411 -14.81 79.20 -28.02
C VAL E 411 -15.61 79.28 -26.71
N GLU E 412 -15.08 79.89 -25.66
CA GLU E 412 -15.48 79.39 -24.36
C GLU E 412 -16.74 80.06 -23.97
N LYS E 413 -17.84 79.35 -24.13
CA LYS E 413 -19.14 79.91 -23.83
C LYS E 413 -19.16 80.20 -22.36
N GLN E 414 -20.01 81.12 -21.97
CA GLN E 414 -20.08 81.51 -20.57
C GLN E 414 -21.42 82.06 -20.18
N PRO E 415 -21.58 82.32 -18.88
CA PRO E 415 -22.85 82.82 -18.34
C PRO E 415 -23.55 84.12 -18.69
N SER E 418 -25.16 86.68 -21.50
CA SER E 418 -24.79 85.44 -22.17
C SER E 418 -23.60 85.65 -23.10
N THR E 419 -22.72 86.57 -22.73
CA THR E 419 -21.54 86.88 -23.53
C THR E 419 -20.63 85.66 -23.64
N ILE E 420 -19.54 85.80 -24.40
CA ILE E 420 -18.66 84.70 -24.69
C ILE E 420 -17.26 85.23 -24.51
N SER E 421 -16.34 84.37 -24.08
CA SER E 421 -14.94 84.77 -23.94
C SER E 421 -14.14 83.63 -24.56
N ILE E 422 -13.51 83.91 -25.69
CA ILE E 422 -12.66 82.91 -26.35
C ILE E 422 -11.27 82.69 -25.76
N PRO E 423 -10.72 81.52 -26.00
CA PRO E 423 -9.46 81.13 -25.39
C PRO E 423 -8.32 81.39 -26.33
N SER E 424 -7.36 82.17 -25.85
CA SER E 424 -6.40 82.87 -26.67
C SER E 424 -5.51 81.99 -27.50
N ILE E 425 -5.06 80.88 -26.93
CA ILE E 425 -3.85 80.23 -27.38
C ILE E 425 -3.98 79.84 -28.85
N TYR E 426 -5.17 79.41 -29.22
CA TYR E 426 -5.60 79.33 -30.61
C TYR E 426 -6.51 80.50 -30.98
N LEU E 427 -6.84 81.32 -29.99
CA LEU E 427 -7.70 82.48 -30.21
C LEU E 427 -6.94 83.60 -30.91
N GLU E 428 -5.87 84.07 -30.30
CA GLU E 428 -5.06 85.15 -30.87
C GLU E 428 -4.16 84.73 -32.04
N LEU E 429 -3.40 83.66 -31.86
CA LEU E 429 -2.34 83.29 -32.77
C LEU E 429 -2.80 82.56 -34.02
N LYS E 430 -3.46 81.42 -33.85
CA LYS E 430 -3.76 80.57 -34.99
C LYS E 430 -4.33 81.38 -36.14
N VAL E 431 -5.38 82.10 -35.77
CA VAL E 431 -6.20 82.85 -36.68
C VAL E 431 -5.51 84.04 -37.35
N LYS E 432 -4.73 84.79 -36.58
CA LYS E 432 -4.12 86.02 -37.06
C LYS E 432 -3.30 85.79 -38.33
N LEU E 433 -2.53 84.72 -38.33
CA LEU E 433 -1.68 84.39 -39.45
C LEU E 433 -2.49 84.03 -40.69
N GLU E 434 -3.51 83.21 -40.53
CA GLU E 434 -4.26 82.77 -41.70
C GLU E 434 -5.55 83.55 -41.81
N ASN E 435 -5.65 84.38 -42.83
CA ASN E 435 -6.89 85.11 -42.98
C ASN E 435 -7.00 85.49 -44.46
N GLU E 436 -8.18 85.88 -44.90
CA GLU E 436 -8.41 86.24 -46.29
C GLU E 436 -9.13 87.55 -46.13
N TYR E 437 -9.42 88.28 -47.20
CA TYR E 437 -9.95 89.59 -46.89
C TYR E 437 -11.47 89.44 -46.82
N ALA E 438 -11.88 88.69 -45.81
CA ALA E 438 -13.25 88.61 -45.33
C ALA E 438 -13.44 89.84 -44.44
N LEU E 439 -12.32 90.31 -43.91
CA LEU E 439 -12.29 91.38 -42.93
C LEU E 439 -13.15 92.57 -43.30
N HIS E 440 -13.10 93.00 -44.56
CA HIS E 440 -13.83 94.23 -44.90
C HIS E 440 -15.28 94.05 -44.48
N ARG E 441 -15.84 92.90 -44.80
CA ARG E 441 -17.24 92.66 -44.49
C ARG E 441 -17.44 92.63 -42.97
N SER E 442 -16.52 91.99 -42.24
CA SER E 442 -16.67 91.87 -40.80
C SER E 442 -16.61 93.23 -40.11
N ILE E 443 -15.61 94.02 -40.50
CA ILE E 443 -15.38 95.31 -39.90
C ILE E 443 -16.56 96.23 -40.23
N VAL E 444 -17.06 96.13 -41.46
CA VAL E 444 -18.16 96.99 -41.88
C VAL E 444 -19.34 96.57 -41.01
N ASP E 445 -19.42 95.28 -40.71
CA ASP E 445 -20.53 94.77 -39.91
C ASP E 445 -20.45 95.48 -38.57
N HIS E 446 -19.22 95.64 -38.07
CA HIS E 446 -19.02 96.31 -36.78
C HIS E 446 -19.53 97.72 -36.95
N TYR E 447 -19.30 98.37 -38.09
CA TYR E 447 -19.85 99.71 -38.21
C TYR E 447 -21.36 99.65 -38.09
N ASN E 448 -21.96 98.66 -38.74
CA ASN E 448 -23.42 98.55 -38.77
C ASN E 448 -24.04 98.34 -37.39
N ILE E 449 -23.43 97.53 -36.55
CA ILE E 449 -24.06 97.24 -35.27
C ILE E 449 -24.20 98.49 -34.36
N PRO E 450 -23.14 99.31 -34.12
CA PRO E 450 -23.55 100.50 -33.37
C PRO E 450 -24.47 101.42 -34.15
N LYS E 451 -24.47 101.31 -35.47
CA LYS E 451 -25.36 102.13 -36.26
C LYS E 451 -26.77 101.74 -35.83
N THR E 452 -27.02 100.43 -35.74
CA THR E 452 -28.35 99.95 -35.37
C THR E 452 -28.67 100.41 -33.95
N PHE E 453 -27.72 100.22 -33.04
CA PHE E 453 -27.91 100.65 -31.65
C PHE E 453 -28.02 102.17 -31.66
N ASP E 454 -29.14 102.70 -31.19
CA ASP E 454 -29.28 104.14 -31.17
C ASP E 454 -30.41 104.55 -30.24
N SER E 455 -30.15 105.54 -29.41
CA SER E 455 -31.16 106.10 -28.55
C SER E 455 -31.32 107.54 -28.99
N ASP E 456 -32.42 108.18 -28.60
CA ASP E 456 -32.69 109.54 -29.05
C ASP E 456 -31.53 110.42 -28.61
N ASP E 457 -31.19 110.34 -27.32
CA ASP E 457 -30.09 111.12 -26.81
C ASP E 457 -28.77 110.38 -26.91
N LEU E 458 -27.76 110.97 -26.26
CA LEU E 458 -26.36 110.55 -26.36
C LEU E 458 -25.98 109.26 -25.63
N ILE E 459 -26.95 108.64 -24.96
CA ILE E 459 -26.70 107.40 -24.22
C ILE E 459 -26.99 106.19 -25.08
N PRO E 460 -25.93 105.28 -25.22
CA PRO E 460 -26.26 104.12 -26.06
C PRO E 460 -26.58 102.88 -25.21
N PRO E 461 -27.00 101.79 -25.85
CA PRO E 461 -27.31 100.57 -25.11
C PRO E 461 -26.15 99.60 -25.09
N TYR E 462 -25.16 99.86 -24.25
CA TYR E 462 -23.88 99.19 -24.32
C TYR E 462 -23.83 97.92 -23.47
N LEU E 463 -23.64 96.78 -24.13
CA LEU E 463 -23.41 95.54 -23.41
C LEU E 463 -22.10 95.81 -22.69
N ASP E 464 -22.04 95.35 -21.45
CA ASP E 464 -21.33 96.00 -20.37
C ASP E 464 -19.84 96.19 -20.59
N GLN E 465 -19.18 95.16 -21.09
CA GLN E 465 -17.74 95.26 -21.26
C GLN E 465 -17.35 95.39 -22.71
N TYR E 466 -17.88 94.49 -23.52
CA TYR E 466 -17.38 94.42 -24.90
C TYR E 466 -17.44 95.73 -25.59
N PHE E 467 -18.61 96.32 -25.59
CA PHE E 467 -18.83 97.50 -26.37
C PHE E 467 -17.88 98.59 -25.94
N TYR E 468 -17.73 98.79 -24.64
CA TYR E 468 -16.93 99.88 -24.14
C TYR E 468 -15.48 99.77 -24.61
N SER E 469 -14.87 98.60 -24.45
CA SER E 469 -13.47 98.41 -24.86
C SER E 469 -13.27 98.36 -26.38
N HIS E 470 -14.01 97.42 -26.99
CA HIS E 470 -13.87 97.02 -28.38
C HIS E 470 -14.31 98.07 -29.40
N ILE E 471 -15.34 98.83 -29.05
CA ILE E 471 -16.02 99.69 -30.03
C ILE E 471 -14.98 100.59 -30.66
N GLY E 472 -14.12 101.19 -29.84
CA GLY E 472 -13.15 102.12 -30.36
C GLY E 472 -12.20 101.44 -31.31
N HIS E 473 -11.81 100.21 -31.00
CA HIS E 473 -10.84 99.50 -31.84
C HIS E 473 -11.41 99.27 -33.23
N HIS E 474 -12.65 98.77 -33.24
CA HIS E 474 -13.31 98.45 -34.49
C HIS E 474 -13.53 99.73 -35.27
N LEU E 475 -13.88 100.78 -34.54
CA LEU E 475 -14.14 102.09 -35.11
C LEU E 475 -12.89 102.63 -35.78
N LYS E 476 -11.76 102.45 -35.10
CA LYS E 476 -10.50 102.96 -35.59
C LYS E 476 -10.26 102.30 -36.92
N ASN E 477 -10.52 100.99 -36.97
CA ASN E 477 -10.30 100.30 -38.23
C ASN E 477 -11.24 100.81 -39.32
N ILE E 478 -12.53 101.02 -39.00
CA ILE E 478 -13.49 101.37 -40.06
C ILE E 478 -13.26 102.76 -40.70
N GLU E 479 -13.19 103.81 -39.88
CA GLU E 479 -13.06 105.23 -40.29
C GLU E 479 -13.06 106.24 -39.13
N HIS E 480 -12.73 107.50 -39.46
CA HIS E 480 -12.74 108.64 -38.52
C HIS E 480 -14.12 109.13 -38.02
N PRO E 481 -15.08 109.41 -38.94
CA PRO E 481 -16.30 110.11 -38.49
C PRO E 481 -16.98 109.44 -37.30
N GLU E 482 -17.10 108.12 -37.32
CA GLU E 482 -17.75 107.40 -36.24
C GLU E 482 -16.91 107.60 -35.01
N ARG E 483 -15.60 107.53 -35.20
CA ARG E 483 -14.66 107.59 -34.10
C ARG E 483 -14.93 108.86 -33.34
N MET E 484 -15.13 109.93 -34.13
CA MET E 484 -15.32 111.25 -33.59
C MET E 484 -16.51 111.30 -32.65
N THR E 485 -17.66 110.79 -33.10
CA THR E 485 -18.86 110.84 -32.26
C THR E 485 -18.86 109.86 -31.08
N LEU E 486 -18.51 108.60 -31.34
CA LEU E 486 -18.57 107.54 -30.30
C LEU E 486 -17.60 107.74 -29.17
N PHE E 487 -16.35 108.08 -29.52
CA PHE E 487 -15.32 108.26 -28.50
C PHE E 487 -15.79 109.34 -27.59
N ARG E 488 -16.59 110.26 -28.13
CA ARG E 488 -17.24 111.21 -27.26
C ARG E 488 -16.14 112.07 -26.69
N MET E 489 -15.17 112.30 -27.56
CA MET E 489 -14.18 113.33 -27.34
C MET E 489 -15.04 114.56 -27.65
N VAL E 490 -15.86 114.39 -28.67
CA VAL E 490 -16.89 115.36 -29.06
C VAL E 490 -17.90 115.41 -27.92
N PHE E 491 -18.36 114.23 -27.49
CA PHE E 491 -19.47 114.15 -26.56
C PHE E 491 -19.12 113.84 -25.11
N LEU E 492 -19.79 114.55 -24.23
CA LEU E 492 -19.42 114.67 -22.84
C LEU E 492 -20.05 113.46 -22.17
N ASP E 493 -21.04 112.89 -22.85
CA ASP E 493 -21.75 111.70 -22.35
C ASP E 493 -20.84 110.48 -22.12
N PHE E 494 -19.83 110.19 -22.93
CA PHE E 494 -19.05 108.97 -22.63
C PHE E 494 -18.04 109.22 -21.59
N ARG E 495 -17.77 110.49 -21.31
CA ARG E 495 -17.03 110.78 -20.13
C ARG E 495 -17.81 110.12 -19.00
N PHE E 496 -19.07 110.52 -18.93
CA PHE E 496 -20.05 109.91 -18.03
C PHE E 496 -20.07 108.41 -18.07
N LEU E 497 -20.55 107.84 -19.17
CA LEU E 497 -20.93 106.45 -19.09
C LEU E 497 -19.72 105.57 -18.99
N GLU E 498 -18.71 105.81 -19.82
CA GLU E 498 -17.56 104.93 -19.80
C GLU E 498 -16.97 104.94 -18.41
N GLN E 499 -16.80 106.16 -17.87
CA GLN E 499 -16.16 106.30 -16.58
C GLN E 499 -16.97 105.62 -15.48
N LYS E 500 -18.26 105.92 -15.32
CA LYS E 500 -18.93 105.29 -14.17
C LYS E 500 -19.18 103.79 -14.35
N ILE E 501 -19.55 103.30 -15.54
CA ILE E 501 -19.79 101.84 -15.60
C ILE E 501 -18.45 101.14 -15.38
N ARG E 502 -17.35 101.61 -15.96
CA ARG E 502 -16.13 100.86 -15.70
C ARG E 502 -15.47 101.30 -14.40
N HIS E 503 -16.33 101.32 -13.38
CA HIS E 503 -15.99 101.47 -11.97
C HIS E 503 -15.90 100.10 -11.31
N ASN E 516 -10.40 100.88 -14.90
CA ASN E 516 -10.99 102.16 -14.51
C ASN E 516 -10.67 103.24 -15.53
N THR E 517 -10.23 104.40 -15.04
CA THR E 517 -9.87 105.52 -15.89
C THR E 517 -8.72 105.10 -16.81
N LEU E 518 -7.89 104.19 -16.32
CA LEU E 518 -6.67 103.78 -16.99
C LEU E 518 -6.92 103.33 -18.42
N GLN E 519 -7.93 102.48 -18.58
CA GLN E 519 -8.28 101.91 -19.88
C GLN E 519 -8.87 102.99 -20.76
N GLN E 520 -9.66 103.86 -20.16
CA GLN E 520 -10.36 104.92 -20.88
C GLN E 520 -9.23 105.74 -21.54
N LEU E 521 -8.20 106.07 -20.74
CA LEU E 521 -7.06 106.85 -21.20
C LEU E 521 -6.37 106.08 -22.31
N LYS E 522 -6.36 104.76 -22.15
CA LYS E 522 -5.73 103.90 -23.11
C LYS E 522 -6.47 104.06 -24.43
N PHE E 523 -7.80 104.14 -24.39
CA PHE E 523 -8.52 104.24 -25.64
C PHE E 523 -8.15 105.55 -26.28
N TYR E 524 -8.15 106.61 -25.49
CA TYR E 524 -7.92 107.91 -26.13
C TYR E 524 -6.57 108.00 -26.81
N LYS E 525 -5.49 107.55 -26.17
CA LYS E 525 -4.18 107.79 -26.79
C LYS E 525 -3.88 107.10 -28.17
N PRO E 526 -3.98 105.75 -28.30
CA PRO E 526 -3.66 105.26 -29.66
C PRO E 526 -4.71 105.55 -30.74
N TYR E 527 -5.97 105.70 -30.33
CA TYR E 527 -7.06 105.88 -31.29
C TYR E 527 -7.09 107.23 -31.99
N ILE E 528 -6.49 108.28 -31.40
CA ILE E 528 -6.69 109.63 -31.93
C ILE E 528 -6.29 109.73 -33.41
N CYS E 529 -5.33 108.90 -33.84
CA CYS E 529 -4.71 109.01 -35.16
C CYS E 529 -5.75 108.99 -36.28
N ASP E 530 -6.87 108.32 -36.05
CA ASP E 530 -7.88 108.21 -37.08
C ASP E 530 -8.39 109.60 -37.46
N ASP E 532 -10.75 114.96 -37.86
CA ASP E 532 -9.58 115.61 -38.45
C ASP E 532 -8.67 116.14 -37.32
N PRO E 533 -7.60 116.90 -37.64
CA PRO E 533 -6.78 117.44 -36.55
C PRO E 533 -7.43 118.46 -35.60
N LYS E 534 -8.30 119.35 -36.08
CA LYS E 534 -8.86 120.40 -35.24
C LYS E 534 -9.61 119.78 -34.05
N TYR E 535 -10.44 118.80 -34.40
CA TYR E 535 -11.20 118.08 -33.40
C TYR E 535 -10.15 117.33 -32.57
N GLU E 536 -9.08 116.89 -33.22
CA GLU E 536 -8.06 116.09 -32.55
C GLU E 536 -7.45 116.81 -31.34
N ARG E 537 -7.02 118.04 -31.56
CA ARG E 537 -6.34 118.81 -30.51
C ARG E 537 -7.40 118.89 -29.43
N LEU E 538 -8.63 119.07 -29.89
CA LEU E 538 -9.71 119.21 -28.93
C LEU E 538 -9.82 117.92 -28.07
N VAL E 539 -9.78 116.75 -28.70
CA VAL E 539 -9.94 115.50 -27.95
C VAL E 539 -8.83 115.34 -26.94
N ASN E 540 -7.61 115.75 -27.30
CA ASN E 540 -6.56 115.57 -26.30
C ASN E 540 -6.87 116.49 -25.13
N ALA E 541 -7.42 117.66 -25.47
CA ALA E 541 -7.76 118.68 -24.48
C ALA E 541 -8.76 118.10 -23.46
N ILE E 542 -9.78 117.40 -23.98
CA ILE E 542 -10.84 116.80 -23.16
C ILE E 542 -10.20 115.70 -22.32
N LEU E 543 -9.24 115.02 -22.95
CA LEU E 543 -8.58 113.87 -22.37
C LEU E 543 -7.83 114.26 -21.13
N ASP E 544 -7.10 115.37 -21.14
CA ASP E 544 -6.36 115.73 -19.93
C ASP E 544 -7.35 116.01 -18.82
N PHE E 545 -8.48 116.60 -19.17
CA PHE E 545 -9.49 116.96 -18.19
C PHE E 545 -10.09 115.75 -17.50
N LEU E 546 -10.26 114.70 -18.29
CA LEU E 546 -10.91 113.48 -17.82
C LEU E 546 -10.20 112.74 -16.63
N PRO E 547 -8.90 112.37 -16.73
CA PRO E 547 -8.34 111.81 -15.49
C PRO E 547 -8.21 112.85 -14.39
N LYS E 548 -8.25 114.13 -14.76
CA LYS E 548 -8.08 115.22 -13.81
C LYS E 548 -9.16 115.17 -12.75
N ILE E 549 -10.40 114.95 -13.18
CA ILE E 549 -11.53 114.88 -12.24
C ILE E 549 -12.28 113.56 -12.39
N SER E 556 -22.51 111.30 -9.13
CA SER E 556 -22.96 112.66 -9.45
C SER E 556 -24.21 112.90 -10.40
N LYS E 557 -25.45 113.26 -9.91
CA LYS E 557 -26.78 113.61 -10.65
C LYS E 557 -26.35 114.43 -11.85
N TYR E 558 -26.98 114.16 -12.98
CA TYR E 558 -26.57 114.28 -14.31
C TYR E 558 -25.58 115.52 -14.60
N THR E 559 -25.95 116.52 -13.90
CA THR E 559 -25.32 117.82 -13.75
C THR E 559 -23.78 118.08 -13.60
N ASP E 560 -23.12 117.38 -12.73
CA ASP E 560 -21.75 117.70 -12.37
C ASP E 560 -20.93 117.66 -13.63
N LEU E 561 -21.19 116.67 -14.49
CA LEU E 561 -20.40 116.46 -15.69
C LEU E 561 -20.44 117.73 -16.55
N LEU E 562 -21.63 118.30 -16.73
CA LEU E 562 -21.77 119.44 -17.63
C LEU E 562 -21.08 120.66 -16.99
N ARG E 563 -21.19 120.77 -15.65
CA ARG E 563 -20.56 121.91 -15.02
C ARG E 563 -19.04 121.87 -15.06
N ILE E 564 -18.46 120.69 -14.88
CA ILE E 564 -17.00 120.61 -14.97
C ILE E 564 -16.64 120.88 -16.43
N ALA E 565 -17.52 120.46 -17.35
CA ALA E 565 -17.26 120.66 -18.78
C ALA E 565 -17.10 122.16 -19.02
N LEU E 566 -17.83 122.95 -18.23
CA LEU E 566 -17.88 124.41 -18.42
C LEU E 566 -16.53 125.13 -18.31
N MET E 567 -15.57 124.55 -17.59
CA MET E 567 -14.33 125.28 -17.28
C MET E 567 -13.58 125.79 -18.51
N ALA E 568 -13.36 124.96 -19.53
CA ALA E 568 -12.61 125.47 -20.66
C ALA E 568 -13.53 125.64 -21.85
N GLU E 569 -13.57 126.89 -22.33
CA GLU E 569 -14.47 127.33 -23.39
C GLU E 569 -14.16 126.73 -24.76
N ASP E 570 -12.87 126.47 -25.00
CA ASP E 570 -12.40 126.01 -26.31
C ASP E 570 -12.87 124.65 -26.79
N GLU E 571 -13.50 123.85 -25.93
CA GLU E 571 -13.71 122.46 -26.29
C GLU E 571 -15.14 122.02 -26.65
N ALA E 572 -15.20 120.97 -27.47
CA ALA E 572 -16.43 120.33 -27.95
C ALA E 572 -17.15 119.67 -26.80
N ILE E 573 -16.39 119.16 -25.82
CA ILE E 573 -16.98 118.51 -24.67
C ILE E 573 -17.95 119.51 -24.06
N PHE E 574 -17.58 120.78 -23.94
CA PHE E 574 -18.53 121.72 -23.36
C PHE E 574 -19.80 121.87 -24.21
N GLU E 575 -19.64 121.96 -25.53
CA GLU E 575 -20.79 122.15 -26.42
C GLU E 575 -21.75 120.98 -26.31
N GLU E 576 -21.17 119.79 -26.25
CA GLU E 576 -21.95 118.58 -26.11
C GLU E 576 -22.62 118.58 -24.78
N ALA E 577 -21.89 119.06 -23.77
CA ALA E 577 -22.38 119.08 -22.41
C ALA E 577 -23.64 119.92 -22.40
N HIS E 578 -23.59 121.01 -23.14
CA HIS E 578 -24.72 121.92 -23.20
C HIS E 578 -25.86 121.18 -23.89
N LYS E 579 -25.54 120.39 -24.92
CA LYS E 579 -26.63 119.70 -25.62
C LYS E 579 -27.32 118.70 -24.69
N GLN E 580 -26.51 117.88 -24.02
CA GLN E 580 -27.03 116.85 -23.13
C GLN E 580 -27.79 117.41 -21.92
N VAL E 581 -27.45 118.62 -21.44
CA VAL E 581 -28.34 119.24 -20.42
C VAL E 581 -29.63 119.68 -21.11
N GLN E 582 -29.51 120.19 -22.34
CA GLN E 582 -30.70 120.57 -23.11
C GLN E 582 -31.70 119.41 -23.18
N ARG E 583 -31.22 118.21 -23.50
CA ARG E 583 -32.06 117.03 -23.39
C ARG E 583 -31.62 116.17 -22.20
N UNK E 584 -7.56 115.96 -6.90
CA UNK E 584 -6.21 115.43 -6.70
C UNK E 584 -5.76 114.77 -8.00
N UNK E 585 -4.49 114.91 -8.30
CA UNK E 585 -3.92 114.34 -9.51
C UNK E 585 -4.25 112.85 -9.65
N UNK E 586 -4.33 112.13 -8.54
CA UNK E 586 -4.64 110.70 -8.62
C UNK E 586 -5.39 110.15 -7.40
N UNK E 587 -6.29 109.22 -7.65
CA UNK E 587 -7.06 108.62 -6.58
C UNK E 587 -7.16 107.09 -6.78
N UNK E 588 -6.62 106.36 -5.81
CA UNK E 588 -6.57 104.91 -5.84
C UNK E 588 -7.51 104.22 -4.86
N UNK E 589 -8.21 103.20 -5.33
CA UNK E 589 -9.15 102.45 -4.51
C UNK E 589 -8.83 100.95 -4.56
N UNK E 590 -7.87 100.48 -3.73
CA UNK E 590 -7.46 99.07 -3.69
C UNK E 590 -7.80 98.28 -2.42
N UNK E 591 -8.50 98.91 -1.48
CA UNK E 591 -8.85 98.20 -0.25
C UNK E 591 -10.35 98.06 -0.18
N UNK E 592 -10.82 97.12 0.66
CA UNK E 592 -12.24 96.91 0.80
C UNK E 592 -12.65 97.43 2.15
N UNK E 593 -11.60 99.86 4.53
CA UNK E 593 -10.83 101.06 4.75
C UNK E 593 -9.34 100.85 4.47
N UNK E 594 -8.69 101.88 3.91
CA UNK E 594 -7.27 101.84 3.62
C UNK E 594 -6.60 102.53 4.78
N UNK E 595 -5.66 101.86 5.43
CA UNK E 595 -5.03 102.51 6.56
C UNK E 595 -3.76 103.25 6.22
N UNK E 596 -2.95 102.68 5.34
CA UNK E 596 -1.69 103.29 4.95
C UNK E 596 -1.39 102.96 3.51
N UNK E 597 -0.57 103.79 2.87
CA UNK E 597 -0.17 103.59 1.48
C UNK E 597 1.12 104.37 1.30
N UNK E 598 1.95 103.97 0.33
CA UNK E 598 3.21 104.66 0.11
C UNK E 598 3.82 104.37 -1.27
N UNK E 599 4.78 105.21 -1.67
CA UNK E 599 5.44 105.09 -2.97
C UNK E 599 6.66 104.18 -2.92
N UNK E 600 7.01 103.62 -4.07
CA UNK E 600 8.19 102.77 -4.17
C UNK E 600 9.33 103.79 -4.16
N UNK E 601 10.55 103.34 -3.90
CA UNK E 601 11.67 104.27 -3.86
C UNK E 601 11.86 105.08 -5.13
N UNK E 602 11.46 104.54 -6.28
CA UNK E 602 11.59 105.28 -7.53
C UNK E 602 10.28 105.99 -7.86
N UNK E 603 9.31 105.88 -6.95
CA UNK E 603 8.02 106.52 -7.17
C UNK E 603 7.13 105.90 -8.25
N UNK E 604 7.63 104.88 -8.93
CA UNK E 604 6.87 104.20 -9.99
C UNK E 604 5.68 103.37 -9.52
N UNK E 605 5.76 102.86 -8.30
CA UNK E 605 4.71 102.02 -7.75
C UNK E 605 4.18 102.53 -6.42
N UNK E 606 3.05 101.97 -5.99
CA UNK E 606 2.42 102.32 -4.72
C UNK E 606 1.90 101.06 -4.06
N UNK E 607 2.15 100.92 -2.76
CA UNK E 607 1.66 99.76 -2.03
C UNK E 607 0.73 100.35 -0.98
N UNK E 608 -0.38 99.66 -0.70
CA UNK E 608 -1.37 100.12 0.25
C UNK E 608 -1.90 98.95 1.03
N UNK E 609 -2.08 99.13 2.33
CA UNK E 609 -2.57 98.05 3.17
C UNK E 609 -3.70 98.58 4.03
N UNK E 610 -4.78 97.84 4.12
CA UNK E 610 -5.89 98.33 4.92
C UNK E 610 -6.57 97.26 5.75
N UNK E 611 -7.80 97.55 6.14
CA UNK E 611 -8.54 96.70 7.05
C UNK E 611 -9.07 95.47 6.33
N UNK E 612 -8.87 95.41 5.01
CA UNK E 612 -9.36 94.26 4.28
C UNK E 612 -8.36 93.08 4.39
N UNK E 613 -7.32 93.27 5.21
CA UNK E 613 -6.28 92.25 5.47
C UNK E 613 -5.27 91.99 4.34
N UNK E 614 -5.40 92.64 3.19
CA UNK E 614 -4.50 92.40 2.06
C UNK E 614 -3.38 93.42 1.81
N UNK E 615 -2.41 93.04 1.00
CA UNK E 615 -1.30 93.92 0.62
C UNK E 615 -1.58 94.17 -0.84
N UNK E 616 -1.59 95.44 -1.25
CA UNK E 616 -1.87 95.75 -2.64
C UNK E 616 -0.79 96.60 -3.25
N UNK E 617 -0.56 96.40 -4.54
CA UNK E 617 0.44 97.18 -5.22
C UNK E 617 -0.03 97.48 -6.63
N UNK E 618 0.26 98.68 -7.09
CA UNK E 618 -0.15 99.15 -8.41
C UNK E 618 0.80 100.23 -8.93
N UNK E 619 0.78 100.45 -10.24
CA UNK E 619 1.65 101.45 -10.85
C UNK E 619 1.21 102.82 -10.34
N UNK E 620 2.17 103.72 -10.10
CA UNK E 620 1.84 105.05 -9.61
C UNK E 620 1.12 105.81 -10.72
N UNK E 621 1.56 105.60 -11.96
CA UNK E 621 0.98 106.22 -13.13
C UNK E 621 -0.49 105.97 -13.40
N UNK E 622 -0.90 104.70 -13.39
CA UNK E 622 -2.28 104.33 -13.73
C UNK E 622 -3.14 103.52 -12.75
N UNK E 623 -2.60 103.11 -11.62
CA UNK E 623 -3.40 102.32 -10.67
C UNK E 623 -3.54 100.88 -11.12
N UNK E 624 -2.98 100.62 -12.29
CA UNK E 624 -2.97 99.30 -12.91
C UNK E 624 -2.50 98.31 -11.85
N UNK E 625 -3.39 97.46 -11.37
CA UNK E 625 -3.00 96.50 -10.34
C UNK E 625 -1.78 95.66 -10.67
N UNK E 626 -0.87 95.54 -9.71
CA UNK E 626 0.36 94.76 -9.86
C UNK E 626 0.36 93.56 -8.92
N UNK E 627 -0.02 93.76 -7.66
CA UNK E 627 -0.09 92.66 -6.69
C UNK E 627 -1.36 92.70 -5.85
N UNK E 628 -1.93 91.52 -5.58
CA UNK E 628 -3.15 91.40 -4.76
C UNK E 628 -2.91 90.23 -3.77
N UNK E 629 -2.11 90.48 -2.75
CA UNK E 629 -1.74 89.49 -1.74
C UNK E 629 -2.65 89.48 -0.51
N UNK E 630 -2.81 88.33 0.12
CA UNK E 630 -3.62 88.23 1.33
C UNK E 630 -2.60 88.23 2.48
N UNK E 631 -1.99 89.38 2.75
CA UNK E 631 -0.93 89.51 3.75
C UNK E 631 -1.10 89.01 5.20
N UNK E 632 -2.21 89.30 5.85
CA UNK E 632 -2.37 88.84 7.22
C UNK E 632 -3.74 88.30 7.57
N UNK E 633 -3.87 87.93 8.84
CA UNK E 633 -5.09 87.36 9.38
C UNK E 633 -5.74 88.40 10.31
N UNK E 634 -5.09 89.95 10.72
CA UNK E 634 -5.65 91.04 11.50
C UNK E 634 -5.13 92.37 10.94
N UNK E 635 -5.91 93.43 11.15
CA UNK E 635 -5.61 94.75 10.60
C UNK E 635 -4.15 95.18 10.70
N UNK E 636 -3.70 95.93 9.71
CA UNK E 636 -2.32 96.40 9.67
C UNK E 636 -2.26 97.85 10.14
N UNK E 637 -1.06 98.28 10.54
CA UNK E 637 -0.87 99.65 11.05
C UNK E 637 0.20 100.54 10.41
N UNK E 638 1.14 99.92 9.71
CA UNK E 638 2.21 100.70 9.10
C UNK E 638 2.98 99.85 8.12
N UNK E 639 3.67 100.50 7.19
CA UNK E 639 4.45 99.82 6.16
C UNK E 639 5.53 100.78 5.62
N UNK E 640 6.67 100.23 5.18
CA UNK E 640 7.74 101.06 4.66
C UNK E 640 8.63 100.31 3.71
N UNK E 641 9.46 101.05 2.97
CA UNK E 641 10.39 100.48 2.01
C UNK E 641 11.77 100.54 2.65
N UNK E 642 12.70 99.72 2.18
CA UNK E 642 14.06 99.72 2.70
C UNK E 642 14.81 100.82 1.98
N UNK E 643 16.09 101.00 2.32
CA UNK E 643 16.91 102.04 1.71
C UNK E 643 17.07 101.91 0.19
N UNK E 644 17.01 100.70 -0.34
CA UNK E 644 17.15 100.51 -1.79
C UNK E 644 15.86 99.96 -2.40
N UNK E 645 14.74 100.21 -1.74
CA UNK E 645 13.44 99.74 -2.22
C UNK E 645 13.45 98.27 -2.51
N UNK E 646 14.45 97.56 -2.03
CA UNK E 646 14.52 96.13 -2.27
C UNK E 646 13.46 95.40 -1.45
N UNK E 647 13.10 95.99 -0.32
CA UNK E 647 12.12 95.39 0.57
C UNK E 647 11.06 96.37 1.03
N UNK E 648 10.03 95.78 1.64
CA UNK E 648 8.91 96.53 2.20
C UNK E 648 8.56 95.77 3.48
N UNK E 649 8.50 96.45 4.60
CA UNK E 649 8.12 95.76 5.81
C UNK E 649 6.69 96.17 6.08
N UNK E 650 6.03 95.47 6.99
CA UNK E 650 4.68 95.78 7.41
C UNK E 650 4.56 95.25 8.81
N UNK E 651 3.99 96.04 9.69
CA UNK E 651 3.81 95.60 11.06
C UNK E 651 2.31 95.73 11.31
N UNK E 652 1.74 94.80 12.08
CA UNK E 652 0.29 94.84 12.30
C UNK E 652 -0.17 94.53 13.71
N UNK E 653 -1.48 94.48 13.87
CA UNK E 653 -2.10 94.21 15.16
C UNK E 653 -1.92 92.77 15.62
N UNK E 654 -1.44 91.91 14.74
CA UNK E 654 -1.22 90.53 15.12
C UNK E 654 0.12 90.46 15.83
N UNK E 655 0.68 91.62 16.09
CA UNK E 655 1.94 91.76 16.81
C UNK E 655 3.16 91.31 16.00
N UNK E 656 2.96 91.02 14.72
CA UNK E 656 4.06 90.59 13.86
C UNK E 656 4.57 91.70 12.96
N UNK E 657 5.80 91.51 12.47
CA UNK E 657 6.47 92.43 11.55
C UNK E 657 6.86 91.53 10.37
N UNK E 658 6.76 92.03 9.14
CA UNK E 658 7.09 91.18 8.02
C UNK E 658 7.92 91.86 6.94
N UNK E 659 8.74 91.08 6.27
CA UNK E 659 9.58 91.65 5.22
C UNK E 659 9.17 91.01 3.92
N UNK E 660 9.03 91.82 2.87
CA UNK E 660 8.62 91.32 1.56
C UNK E 660 9.57 91.78 0.46
N UNK E 661 9.69 90.95 -0.58
CA UNK E 661 10.50 91.29 -1.73
C UNK E 661 9.57 92.26 -2.44
N UNK E 662 9.94 93.52 -2.50
CA UNK E 662 9.08 94.52 -3.13
C UNK E 662 8.77 94.20 -4.59
N UNK E 663 9.54 93.29 -5.18
CA UNK E 663 9.34 92.95 -6.58
C UNK E 663 8.33 91.84 -6.79
N UNK E 664 6.76 90.20 -4.06
CA UNK E 664 5.79 90.16 -2.98
C UNK E 664 5.86 88.90 -2.16
N UNK E 665 6.91 88.10 -2.35
CA UNK E 665 7.03 86.87 -1.57
C UNK E 665 7.53 87.18 -0.16
N UNK E 666 6.88 86.59 0.84
CA UNK E 666 7.24 86.78 2.24
C UNK E 666 8.71 86.42 2.36
N UNK E 667 9.52 87.33 2.90
CA UNK E 667 10.95 87.11 3.06
C UNK E 667 11.29 86.98 4.54
N UNK E 668 9.30 86.50 8.78
CA UNK E 668 8.52 87.29 9.72
C UNK E 668 9.17 87.31 11.10
N UNK E 669 8.96 88.40 11.83
CA UNK E 669 9.52 88.58 13.15
C UNK E 669 8.42 88.76 14.17
N UNK E 670 8.15 87.74 14.97
CA UNK E 670 7.13 87.86 16.00
C UNK E 670 7.82 87.91 17.34
N UNK E 671 7.79 89.07 18.00
CA UNK E 671 8.43 89.23 19.30
C UNK E 671 7.76 90.29 20.13
N UNK E 672 6.46 94.49 18.27
CA UNK E 672 7.49 95.43 17.86
C UNK E 672 6.85 96.56 17.05
N UNK E 673 7.00 97.78 17.57
CA UNK E 673 6.40 99.01 17.01
C UNK E 673 7.27 99.74 15.98
N UNK E 674 8.54 99.96 16.32
CA UNK E 674 9.46 100.64 15.42
C UNK E 674 10.22 99.66 14.53
N UNK E 675 10.47 100.08 13.30
CA UNK E 675 11.32 99.33 12.37
C UNK E 675 11.73 100.23 11.20
N UNK E 676 13.03 100.53 11.17
CA UNK E 676 13.63 101.41 10.18
C UNK E 676 14.96 100.85 9.65
N UNK E 677 15.25 101.08 8.36
CA UNK E 677 16.49 100.59 7.75
C UNK E 677 17.58 101.64 7.79
N UNK E 678 18.79 101.25 7.40
CA UNK E 678 19.92 102.20 7.36
C UNK E 678 19.78 103.00 6.07
N UNK E 679 20.16 104.28 6.10
CA UNK E 679 20.03 105.15 4.93
C UNK E 679 21.09 104.95 3.86
N UNK E 680 22.35 104.87 4.29
CA UNK E 680 23.45 104.68 3.35
C UNK E 680 23.36 103.38 2.56
N UNK E 681 23.39 103.54 1.24
CA UNK E 681 23.32 102.45 0.28
C UNK E 681 24.48 101.46 0.45
N UNK E 682 25.31 101.70 1.44
CA UNK E 682 26.44 100.85 1.69
C UNK E 682 26.04 99.64 2.55
N UNK E 683 25.91 99.86 3.85
CA UNK E 683 25.51 98.81 4.79
C UNK E 683 23.99 98.58 4.76
N UNK E 684 23.55 97.42 5.25
CA UNK E 684 22.13 97.05 5.22
C UNK E 684 21.61 96.54 6.55
N UNK E 685 21.35 97.43 7.51
CA UNK E 685 20.85 97.01 8.81
C UNK E 685 19.42 97.39 9.04
N UNK E 686 18.79 96.72 10.00
CA UNK E 686 17.41 96.99 10.34
C UNK E 686 17.34 97.18 11.84
N UNK E 687 16.65 98.23 12.28
CA UNK E 687 16.52 98.51 13.68
C UNK E 687 15.06 98.38 14.08
N UNK E 688 14.81 97.75 15.20
CA UNK E 688 13.45 97.54 15.67
C UNK E 688 13.30 97.87 17.16
N UNK E 689 12.19 98.50 17.50
CA UNK E 689 11.90 98.85 18.87
C UNK E 689 10.67 98.05 19.25
N UNK E 690 10.58 97.56 20.48
CA UNK E 690 9.43 96.77 20.87
C UNK E 690 8.90 97.08 22.26
N UNK E 691 7.69 96.61 22.54
CA UNK E 691 7.06 96.80 23.84
C UNK E 691 7.84 96.03 24.90
N UNK E 692 8.77 95.18 24.46
CA UNK E 692 9.56 94.39 25.39
C UNK E 692 10.74 95.19 25.96
N UNK E 693 10.76 96.49 25.64
CA UNK E 693 11.80 97.41 26.12
C UNK E 693 13.12 97.34 25.38
N UNK E 694 13.26 96.45 24.41
CA UNK E 694 14.52 96.37 23.70
C UNK E 694 14.45 96.96 22.32
N UNK E 695 15.64 97.11 21.75
CA UNK E 695 15.87 97.61 20.42
C UNK E 695 16.74 96.53 19.79
N UNK E 696 16.61 96.27 18.51
CA UNK E 696 17.45 95.26 17.91
C UNK E 696 18.00 95.67 16.56
N UNK E 697 19.25 95.28 16.32
CA UNK E 697 19.89 95.56 15.05
C UNK E 697 19.96 94.21 14.39
N UNK E 698 19.51 94.13 13.13
CA UNK E 698 19.54 92.88 12.39
C UNK E 698 20.42 93.12 11.20
N UNK E 699 21.21 92.11 10.84
CA UNK E 699 22.09 92.19 9.68
C UNK E 699 21.39 91.27 8.69
N UNK E 700 20.58 91.84 7.80
CA UNK E 700 19.84 91.07 6.82
C UNK E 700 20.66 90.01 6.10
N UNK E 701 21.97 90.19 6.13
CA UNK E 701 22.89 89.24 5.50
C UNK E 701 23.27 88.17 6.53
N UNK E 702 22.38 87.90 7.48
CA UNK E 702 22.66 86.91 8.50
C UNK E 702 21.38 86.39 9.15
N UNK E 703 21.22 85.08 9.17
CA UNK E 703 20.05 84.45 9.76
C UNK E 703 19.85 84.86 11.22
N UNK E 704 20.78 85.64 11.76
CA UNK E 704 20.70 86.03 13.17
C UNK E 704 20.62 87.52 13.52
N UNK E 705 20.24 87.76 14.77
CA UNK E 705 20.13 89.09 15.34
C UNK E 705 21.58 89.53 15.43
N UNK E 706 21.86 90.84 15.40
CA UNK E 706 23.23 91.30 15.48
C UNK E 706 23.53 91.96 16.81
N UNK E 707 22.50 92.55 17.39
CA UNK E 707 22.67 93.24 18.66
C UNK E 707 21.31 93.42 19.31
N UNK E 708 21.32 93.58 20.63
CA UNK E 708 20.09 93.78 21.37
C UNK E 708 20.37 94.88 22.35
N UNK E 709 19.98 96.11 22.02
CA UNK E 709 20.23 97.23 22.91
C UNK E 709 19.38 97.22 24.15
N UNK E 710 19.98 96.91 25.29
CA UNK E 710 19.21 96.94 26.53
C UNK E 710 19.35 98.35 27.08
N UNK E 711 4.24 102.49 25.48
CA UNK E 711 5.27 103.15 24.67
C UNK E 711 4.82 103.02 23.23
N UNK E 712 4.50 104.13 22.59
CA UNK E 712 3.99 104.09 21.24
C UNK E 712 4.99 104.29 20.13
N UNK E 713 6.17 104.78 20.45
CA UNK E 713 7.11 105.04 19.38
C UNK E 713 8.50 105.26 19.96
N UNK E 714 9.53 105.05 19.15
CA UNK E 714 10.93 105.19 19.57
C UNK E 714 11.85 105.20 18.37
N UNK E 715 12.83 106.09 18.39
CA UNK E 715 13.78 106.21 17.29
C UNK E 715 15.17 106.45 17.83
N UNK E 716 16.16 105.82 17.22
CA UNK E 716 17.52 106.04 17.65
C UNK E 716 17.89 107.40 17.12
N UNK E 717 18.85 108.05 17.75
CA UNK E 717 19.28 109.35 17.27
C UNK E 717 20.22 109.05 16.09
N UNK E 718 20.41 110.05 15.20
CA UNK E 718 21.29 109.80 14.07
C UNK E 718 22.63 109.35 14.63
N UNK E 719 23.92 107.48 19.85
CA UNK E 719 24.12 107.53 21.29
C UNK E 719 22.85 107.69 22.12
N UNK E 720 21.78 108.18 21.52
CA UNK E 720 20.54 108.37 22.26
C UNK E 720 19.37 107.62 21.67
N UNK E 721 18.37 107.33 22.51
CA UNK E 721 17.18 106.63 22.07
C UNK E 721 16.00 107.46 22.52
N UNK E 722 15.32 108.09 21.58
CA UNK E 722 14.17 108.88 21.92
C UNK E 722 12.97 107.95 22.08
N UNK E 723 12.10 108.27 23.01
CA UNK E 723 10.95 107.43 23.25
C UNK E 723 9.70 108.26 23.50
N UNK E 724 8.62 107.82 22.89
CA UNK E 724 7.34 108.51 22.92
C UNK E 724 6.26 107.61 23.49
N UNK E 725 5.48 108.14 24.44
CA UNK E 725 4.43 107.34 25.09
C UNK E 725 3.10 108.02 25.33
N UNK E 726 2.22 107.29 26.00
CA UNK E 726 0.88 107.76 26.32
C UNK E 726 0.92 108.48 27.66
N UNK E 727 1.99 108.29 28.41
CA UNK E 727 2.11 108.95 29.70
C UNK E 727 2.37 110.44 29.57
N UNK E 728 2.29 110.96 28.34
CA UNK E 728 2.50 112.38 28.12
C UNK E 728 3.94 112.86 28.13
N UNK E 729 4.89 111.95 27.92
CA UNK E 729 6.27 112.35 27.90
C UNK E 729 7.03 112.01 26.62
N UNK E 730 8.18 112.65 26.44
CA UNK E 730 9.10 112.38 25.34
C UNK E 730 10.26 112.00 26.25
N UNK E 731 11.09 111.05 25.85
CA UNK E 731 12.17 110.68 26.74
C UNK E 731 13.42 110.31 26.01
N UNK E 732 14.56 110.68 26.57
CA UNK E 732 15.82 110.34 25.95
C UNK E 732 16.64 109.39 26.79
N UNK E 733 16.64 108.12 26.40
CA UNK E 733 17.42 107.15 27.12
C UNK E 733 18.82 107.17 26.53
N UNK E 734 19.79 106.66 27.28
CA UNK E 734 21.19 106.61 26.84
C UNK E 734 21.50 105.20 26.39
N UNK E 735 21.62 105.01 25.08
CA UNK E 735 21.88 103.69 24.53
C UNK E 735 22.97 102.88 25.23
N UNK E 736 24.18 103.42 25.27
CA UNK E 736 25.28 102.71 25.87
C UNK E 736 25.00 102.15 27.27
N UNK E 737 24.06 102.75 27.99
CA UNK E 737 23.77 102.28 29.34
C UNK E 737 22.31 102.04 29.67
N UNK E 738 21.43 102.26 28.70
CA UNK E 738 19.99 102.08 28.89
C UNK E 738 19.45 102.85 30.11
N UNK E 739 19.98 104.04 30.37
CA UNK E 739 19.56 104.88 31.49
C UNK E 739 18.70 106.04 31.03
N UNK E 740 17.76 106.46 31.86
CA UNK E 740 16.90 107.59 31.46
C UNK E 740 17.70 108.88 31.69
N UNK E 741 17.94 109.63 30.61
CA UNK E 741 18.69 110.90 30.72
C UNK E 741 17.75 112.08 30.93
N UNK E 742 16.66 112.15 30.17
CA UNK E 742 15.72 113.24 30.33
C UNK E 742 14.29 112.77 30.08
N UNK E 743 13.35 113.62 30.43
CA UNK E 743 11.94 113.34 30.23
C UNK E 743 11.29 114.69 29.98
N UNK E 744 10.47 114.79 28.94
CA UNK E 744 9.80 116.04 28.62
C UNK E 744 8.30 115.92 28.65
N UNK E 745 7.69 116.47 29.68
CA UNK E 745 6.25 116.41 29.81
C UNK E 745 5.56 117.30 28.77
N UNK E 746 4.53 116.78 28.13
CA UNK E 746 3.80 117.59 27.17
C UNK E 746 2.55 118.13 27.87
N UNK E 747 2.65 119.43 28.17
CA UNK E 747 1.64 120.22 28.89
C UNK E 747 1.07 121.36 28.05
N UNK E 748 0.86 121.14 26.76
CA UNK E 748 0.34 122.19 25.90
C UNK E 748 -1.14 122.04 25.72
N UNK E 749 -1.78 121.37 26.65
CA UNK E 749 -3.20 121.12 26.56
C UNK E 749 -3.92 121.45 27.88
N UNK E 750 -5.06 122.13 27.75
CA UNK E 750 -5.83 122.57 28.91
C UNK E 750 -7.30 122.15 28.81
N UNK E 751 2.69 109.24 18.34
CA UNK E 751 3.33 109.28 17.02
C UNK E 751 4.72 109.89 17.20
N UNK E 752 5.73 109.39 16.49
CA UNK E 752 7.06 109.96 16.61
C UNK E 752 8.01 109.48 15.55
N UNK E 753 8.08 110.24 14.47
CA UNK E 753 8.91 109.91 13.33
C UNK E 753 10.20 110.71 13.19
N UNK E 754 11.14 110.12 12.45
CA UNK E 754 12.46 110.70 12.20
C UNK E 754 12.49 111.62 11.00
N UNK E 755 13.55 112.42 10.92
CA UNK E 755 13.72 113.32 9.79
C UNK E 755 14.34 112.50 8.68
N UNK E 756 14.47 113.10 7.50
CA UNK E 756 15.02 112.41 6.35
C UNK E 756 16.47 111.97 6.57
N UNK E 757 17.26 112.84 7.17
CA UNK E 757 18.65 112.56 7.43
C UNK E 757 18.83 111.77 8.71
N UNK E 758 17.75 111.51 9.42
CA UNK E 758 17.85 110.75 10.66
C UNK E 758 18.56 111.53 11.77
N UNK E 759 18.69 112.83 11.57
CA UNK E 759 19.36 113.68 12.55
C UNK E 759 18.40 114.49 13.38
N UNK E 760 17.11 114.29 13.18
CA UNK E 760 16.11 115.02 13.94
C UNK E 760 14.88 114.14 14.12
N UNK E 761 14.10 114.40 15.17
CA UNK E 761 12.93 113.60 15.44
C UNK E 761 11.79 114.49 15.91
N UNK E 762 10.58 114.29 15.42
CA UNK E 762 9.49 115.12 15.91
C UNK E 762 8.64 114.21 16.77
N UNK E 763 8.01 114.78 17.81
CA UNK E 763 7.13 114.01 18.68
C UNK E 763 5.92 114.85 19.05
N UNK E 764 4.87 114.18 19.51
CA UNK E 764 3.62 114.85 19.87
C UNK E 764 3.13 114.48 21.27
N UNK E 765 2.52 115.47 21.93
CA UNK E 765 1.97 115.29 23.28
C UNK E 765 0.98 116.41 23.62
N UNK E 766 -0.96 119.19 23.68
CA UNK E 766 -1.19 120.20 22.66
C UNK E 766 -0.05 120.55 21.73
N UNK E 767 1.09 119.89 21.83
CA UNK E 767 2.19 120.30 20.96
C UNK E 767 2.95 119.21 20.23
N UNK E 768 3.61 119.64 19.18
CA UNK E 768 4.47 118.81 18.37
C UNK E 768 5.82 119.43 18.72
N UNK E 769 6.83 118.62 18.94
CA UNK E 769 8.16 119.12 19.31
C UNK E 769 9.24 118.52 18.43
N UNK E 770 10.17 119.36 18.00
CA UNK E 770 11.27 118.90 17.18
C UNK E 770 12.56 118.82 17.96
N UNK E 771 13.10 117.61 18.07
CA UNK E 771 14.33 117.39 18.80
C UNK E 771 15.53 117.06 17.93
N UNK E 772 16.69 117.41 18.46
CA UNK E 772 17.94 117.14 17.79
C UNK E 772 18.39 115.80 18.36
N UNK E 773 18.36 114.76 17.53
CA UNK E 773 18.73 113.40 17.94
C UNK E 773 20.05 113.32 18.71
N UNK E 774 22.40 116.36 20.26
CA UNK E 774 22.36 117.23 21.43
C UNK E 774 21.12 117.02 22.32
N UNK E 775 20.05 116.47 21.75
CA UNK E 775 18.80 116.25 22.50
C UNK E 775 18.14 117.60 22.77
N UNK E 776 18.44 118.57 21.92
CA UNK E 776 17.87 119.88 22.09
C UNK E 776 16.52 120.01 21.42
N UNK E 777 15.72 120.91 21.96
CA UNK E 777 14.39 121.16 21.42
C UNK E 777 14.55 122.22 20.35
N UNK E 778 14.51 121.81 19.09
CA UNK E 778 14.66 122.75 17.99
C UNK E 778 13.39 123.48 17.59
N UNK E 779 12.24 123.03 18.12
CA UNK E 779 11.00 123.69 17.75
C UNK E 779 9.80 123.25 18.58
N UNK E 780 8.85 124.15 18.72
CA UNK E 780 7.66 123.89 19.51
C UNK E 780 6.47 124.60 18.91
N UNK E 781 5.71 123.91 18.07
CA UNK E 781 4.53 124.53 17.51
C UNK E 781 3.36 124.09 18.39
N UNK E 782 1.71 125.18 16.31
CA UNK E 782 0.56 124.93 17.15
C UNK E 782 -0.63 124.66 16.26
N UNK E 783 -1.24 123.50 16.45
CA UNK E 783 -2.36 123.09 15.62
C UNK E 783 -3.71 123.61 16.07
N UNK E 784 -7.51 120.47 19.01
CA UNK E 784 -8.06 119.16 18.67
C UNK E 784 -6.91 118.25 19.08
N UNK E 785 -6.76 117.11 18.43
CA UNK E 785 -5.64 116.21 18.75
C UNK E 785 -5.10 115.54 17.49
N UNK E 786 -3.79 115.66 17.29
CA UNK E 786 -3.14 115.06 16.14
C UNK E 786 -3.32 113.56 16.25
N UNK E 787 -3.91 112.96 15.21
CA UNK E 787 -4.15 111.52 15.20
C UNK E 787 -2.97 110.72 14.62
N UNK E 788 -2.16 111.34 13.77
CA UNK E 788 -0.98 110.68 13.21
C UNK E 788 -0.10 111.65 12.45
N UNK E 789 1.16 111.26 12.23
CA UNK E 789 2.12 112.10 11.51
C UNK E 789 3.30 111.34 10.94
N UNK E 790 4.20 112.04 10.26
CA UNK E 790 5.39 111.41 9.71
C UNK E 790 6.32 112.48 9.25
N UNK E 791 7.57 112.35 9.69
CA UNK E 791 8.61 113.29 9.39
C UNK E 791 9.36 112.88 8.12
N UNK E 792 9.47 113.80 7.18
CA UNK E 792 10.14 113.56 5.91
C UNK E 792 11.65 113.41 6.09
N UNK E 793 12.37 113.05 5.02
CA UNK E 793 13.82 112.92 5.18
C UNK E 793 14.52 114.15 4.61
N UNK E 794 13.72 115.06 4.03
CA UNK E 794 14.23 116.30 3.43
C UNK E 794 13.31 117.47 3.76
N UNK E 795 13.79 118.68 3.51
CA UNK E 795 13.02 119.90 3.75
C UNK E 795 12.36 119.97 5.14
N UNK E 796 12.83 119.17 6.08
CA UNK E 796 12.27 119.13 7.44
C UNK E 796 10.75 119.09 7.36
N UNK E 797 10.21 118.46 6.32
CA UNK E 797 8.78 118.39 6.17
C UNK E 797 8.19 117.37 7.10
N UNK E 798 6.98 117.65 7.56
CA UNK E 798 6.29 116.75 8.45
C UNK E 798 4.83 116.75 8.05
N UNK E 799 4.25 115.56 7.91
CA UNK E 799 2.84 115.48 7.55
C UNK E 799 2.11 114.91 8.73
N UNK E 800 0.99 115.54 9.06
CA UNK E 800 0.21 115.07 10.18
C UNK E 800 -1.26 115.06 9.83
N UNK E 801 -1.94 114.00 10.22
CA UNK E 801 -3.36 113.91 10.00
C UNK E 801 -3.83 114.66 11.22
N UNK E 802 -10.21 113.86 9.15
CA UNK E 802 -9.93 114.12 7.74
C UNK E 802 -9.17 115.39 7.29
N UNK E 803 -8.60 116.14 8.24
CA UNK E 803 -7.84 117.32 7.87
C UNK E 803 -6.40 116.88 7.76
N UNK E 804 -5.74 117.22 6.67
CA UNK E 804 -4.36 116.80 6.51
C UNK E 804 -3.53 117.98 6.11
N UNK E 805 -2.55 118.32 6.92
CA UNK E 805 -1.68 119.43 6.59
C UNK E 805 -0.23 119.08 6.82
N UNK E 806 0.64 119.47 5.90
CA UNK E 806 2.05 119.19 6.09
C UNK E 806 2.72 120.50 6.47
N UNK E 807 3.54 120.42 7.51
CA UNK E 807 4.26 121.55 8.08
C UNK E 807 5.75 121.52 7.82
N UNK E 808 6.38 122.63 8.11
CA UNK E 808 7.80 122.82 7.93
C UNK E 808 8.43 123.04 9.31
N UNK E 809 8.97 121.97 9.90
CA UNK E 809 9.63 122.09 11.20
C UNK E 809 10.77 123.05 10.89
N UNK E 810 11.42 123.61 11.90
CA UNK E 810 12.51 124.54 11.64
C UNK E 810 11.94 125.92 11.26
N UNK E 811 8.67 126.19 11.41
CA UNK E 811 7.51 126.08 12.31
C UNK E 811 6.25 126.69 11.74
N UNK E 812 6.08 126.58 10.43
CA UNK E 812 4.92 127.13 9.73
C UNK E 812 4.21 126.09 8.86
N UNK E 813 2.90 126.24 8.69
CA UNK E 813 2.20 125.31 7.82
C UNK E 813 2.60 125.65 6.39
N UNK E 814 2.78 124.61 5.58
CA UNK E 814 3.20 124.73 4.20
C UNK E 814 2.08 124.43 3.21
N UNK E 815 1.24 123.45 3.53
CA UNK E 815 0.16 123.12 2.63
C UNK E 815 -1.02 122.46 3.30
N UNK E 816 -2.19 122.68 2.73
CA UNK E 816 -3.40 122.08 3.23
C UNK E 816 -3.74 121.00 2.23
N UNK E 817 -3.87 119.78 2.71
CA UNK E 817 -4.17 118.66 1.84
C UNK E 817 -5.59 118.19 2.08
N UNK E 818 -6.50 118.64 1.22
CA UNK E 818 -7.90 118.29 1.35
C UNK E 818 -8.18 117.10 0.44
N UNK E 819 -8.51 115.96 1.03
CA UNK E 819 -8.80 114.78 0.22
C UNK E 819 -9.86 113.85 0.78
N UNK E 820 -10.05 113.88 2.09
CA UNK E 820 -11.03 113.00 2.73
C UNK E 820 -12.11 113.80 3.48
N UNK E 821 -13.26 113.19 3.67
CA UNK E 821 -14.35 113.83 4.42
C UNK E 821 -14.77 112.85 5.53
N UNK E 822 -14.33 111.29 5.11
CA UNK E 822 -14.22 110.23 6.09
C UNK E 822 -12.82 110.33 6.66
N UNK E 823 -12.68 109.98 7.93
CA UNK E 823 -11.41 110.00 8.65
C UNK E 823 -10.10 109.74 7.91
N UNK E 824 -9.11 110.62 8.10
CA UNK E 824 -7.84 110.45 7.40
C UNK E 824 -6.84 109.91 8.40
N UNK E 825 -6.38 108.68 8.18
CA UNK E 825 -5.47 108.03 9.10
C UNK E 825 -4.02 108.41 8.90
N UNK E 826 -3.60 108.50 7.65
CA UNK E 826 -2.22 108.82 7.40
C UNK E 826 -2.04 109.77 6.24
N UNK E 827 -0.81 110.25 6.10
CA UNK E 827 -0.54 111.22 5.06
C UNK E 827 0.97 111.43 4.98
N UNK E 828 1.53 111.49 3.78
CA UNK E 828 2.96 111.78 3.72
C UNK E 828 3.51 112.21 2.37
N UNK E 829 4.67 112.84 2.42
CA UNK E 829 5.32 113.36 1.23
C UNK E 829 6.06 112.30 0.47
N UNK E 830 6.24 112.54 -0.82
CA UNK E 830 6.99 111.64 -1.67
C UNK E 830 8.40 111.91 -1.18
N UNK E 831 9.37 111.12 -1.61
CA UNK E 831 10.72 111.39 -1.11
C UNK E 831 11.30 112.76 -1.48
N UNK E 832 11.00 113.27 -2.68
CA UNK E 832 11.53 114.57 -3.06
C UNK E 832 10.59 115.66 -2.59
N UNK E 833 9.58 115.24 -1.83
CA UNK E 833 8.60 116.16 -1.30
C UNK E 833 7.85 116.91 -2.38
N UNK E 834 7.89 116.40 -3.60
CA UNK E 834 7.21 117.06 -4.70
C UNK E 834 5.72 116.76 -4.65
N UNK E 835 5.36 115.70 -3.96
CA UNK E 835 3.95 115.36 -3.87
C UNK E 835 3.71 114.64 -2.55
N UNK E 836 2.45 114.41 -2.21
CA UNK E 836 2.11 113.70 -0.98
C UNK E 836 0.88 112.84 -1.18
N UNK E 837 0.69 111.85 -0.32
CA UNK E 837 -0.46 110.97 -0.43
C UNK E 837 -1.33 111.09 0.80
N UNK E 838 -2.60 110.75 0.64
CA UNK E 838 -3.58 110.82 1.73
C UNK E 838 -4.22 109.44 1.88
N UNK E 839 -4.25 108.91 3.10
CA UNK E 839 -4.86 107.59 3.33
C UNK E 839 -6.04 107.69 4.29
N UNK E 840 -7.21 107.21 3.87
CA UNK E 840 -8.36 107.34 4.75
C UNK E 840 -9.33 106.18 4.92
N UNK E 841 -10.28 106.43 5.80
CA UNK E 841 -11.33 105.50 6.18
C UNK E 841 -12.29 105.27 5.03
N UNK E 842 -12.37 106.22 4.11
CA UNK E 842 -13.23 106.06 2.95
C UNK E 842 -12.51 105.10 2.01
N UNK E 843 -11.61 104.31 2.61
CA UNK E 843 -10.81 103.31 1.92
C UNK E 843 -10.17 103.73 0.60
N UNK E 844 -9.75 104.98 0.52
CA UNK E 844 -9.10 105.44 -0.68
C UNK E 844 -7.73 106.00 -0.33
N UNK E 845 -6.89 106.11 -1.34
CA UNK E 845 -5.56 106.65 -1.19
C UNK E 845 -5.46 107.63 -2.32
N UNK E 846 -5.18 108.90 -2.04
CA UNK E 846 -5.08 109.89 -3.09
C UNK E 846 -3.72 110.56 -3.14
N UNK E 847 -3.21 110.74 -4.35
CA UNK E 847 -1.91 111.37 -4.52
C UNK E 847 -2.10 112.80 -4.97
N UNK E 848 -1.40 113.70 -4.28
CA UNK E 848 -1.46 115.12 -4.58
C UNK E 848 -0.08 115.64 -4.92
N UNK E 849 -0.05 116.71 -5.71
CA UNK E 849 1.21 117.33 -6.06
C UNK E 849 1.25 118.65 -5.30
N UNK E 850 2.21 118.75 -4.38
CA UNK E 850 2.38 119.93 -3.53
C UNK E 850 2.26 121.25 -4.25
N UNK E 851 3.15 121.48 -5.21
CA UNK E 851 3.15 122.72 -5.96
C UNK E 851 1.71 123.17 -6.27
N UNK E 852 0.99 122.37 -7.06
CA UNK E 852 -0.38 122.68 -7.45
C UNK E 852 -1.32 122.89 -6.26
N UNK E 853 -1.11 122.19 -5.16
CA UNK E 853 -2.00 122.34 -4.00
C UNK E 853 -1.77 123.63 -3.24
N UNK E 854 -0.51 124.05 -3.11
CA UNK E 854 -0.17 125.26 -2.38
C UNK E 854 -0.51 126.55 -3.11
N UNK E 855 -0.72 126.46 -4.41
CA UNK E 855 -1.06 127.65 -5.17
C UNK E 855 -2.32 128.25 -4.58
N UNK E 856 -2.32 129.57 -4.45
CA UNK E 856 -3.45 130.29 -3.92
C UNK E 856 -4.64 130.11 -4.84
N UNK E 857 -8.11 132.65 1.52
CA UNK E 857 -9.10 132.71 0.46
C UNK E 857 -10.51 132.32 0.92
N UNK E 858 -11.47 132.73 0.10
CA UNK E 858 -12.88 132.49 0.33
C UNK E 858 -13.34 131.18 -0.29
N UNK E 859 -12.40 130.38 -0.76
CA UNK E 859 -12.82 129.14 -1.36
C UNK E 859 -13.40 128.21 -0.28
N UNK E 860 -12.79 128.17 0.89
CA UNK E 860 -13.29 127.34 1.98
C UNK E 860 -13.74 128.18 3.16
N UNK E 861 -14.99 128.00 3.57
CA UNK E 861 -15.53 128.76 4.69
C UNK E 861 -16.03 127.77 5.69
N UNK E 862 -16.54 128.31 6.80
CA UNK E 862 -17.11 127.51 7.87
C UNK E 862 -18.58 127.50 7.53
N UNK E 863 -19.39 126.80 8.32
CA UNK E 863 -20.82 126.77 8.04
C UNK E 863 -21.59 127.92 8.70
N UNK E 864 -20.85 128.80 9.35
CA UNK E 864 -21.44 129.94 9.98
C UNK E 864 -21.42 131.08 8.97
N UNK E 865 -22.56 131.29 8.30
CA UNK E 865 -22.69 132.33 7.29
C UNK E 865 -24.07 132.96 7.33
N UNK E 866 -24.18 134.12 6.71
CA UNK E 866 -25.45 134.81 6.62
C UNK E 866 -25.57 135.39 5.21
N UNK E 867 -26.77 135.26 4.65
CA UNK E 867 -27.06 135.70 3.29
C UNK E 867 -28.12 136.79 3.16
N UNK E 868 -27.92 137.68 2.20
CA UNK E 868 -28.85 138.77 1.93
C UNK E 868 -29.18 138.82 0.45
N UNK E 869 -30.37 138.35 0.09
CA UNK E 869 -30.83 138.34 -1.29
C UNK E 869 -31.37 139.70 -1.71
N UNK E 870 -30.53 140.52 -2.36
CA UNK E 870 -30.96 141.84 -2.77
C UNK E 870 -31.28 141.98 -4.26
N UNK E 871 -28.89 140.75 -7.13
CA UNK E 871 -27.81 139.85 -6.72
C UNK E 871 -27.95 139.25 -5.30
N UNK E 872 -27.04 138.33 -4.98
CA UNK E 872 -27.02 137.68 -3.67
C UNK E 872 -25.74 138.03 -2.91
N UNK E 873 -25.86 138.15 -1.59
CA UNK E 873 -24.72 138.50 -0.73
C UNK E 873 -24.53 137.51 0.42
N UNK E 874 -23.32 136.98 0.52
CA UNK E 874 -23.00 136.03 1.56
C UNK E 874 -21.80 136.50 2.39
N UNK E 875 -22.01 136.60 3.70
CA UNK E 875 -20.97 137.02 4.62
C UNK E 875 -20.65 135.71 5.34
N UNK E 876 -19.38 135.34 5.40
CA UNK E 876 -19.07 134.08 6.03
C UNK E 876 -17.82 134.06 6.88
N UNK E 877 -17.84 133.23 7.91
CA UNK E 877 -16.70 133.06 8.81
C UNK E 877 -15.65 132.24 8.08
N UNK E 878 -14.48 132.83 7.81
CA UNK E 878 -13.44 132.10 7.10
C UNK E 878 -13.03 130.82 7.83
N UNK E 879 -12.62 129.82 7.06
CA UNK E 879 -12.19 128.54 7.61
C UNK E 879 -10.94 128.65 8.50
N UNK E 880 -13.54 136.69 8.21
CA UNK E 880 -14.78 136.43 7.52
C UNK E 880 -14.72 137.07 6.14
N UNK E 881 -15.42 136.45 5.20
CA UNK E 881 -15.44 136.90 3.82
C UNK E 881 -16.78 137.53 3.41
N UNK E 882 -16.70 138.63 2.69
CA UNK E 882 -17.91 139.28 2.19
C UNK E 882 -18.00 138.79 0.75
N UNK E 883 -18.68 137.67 0.57
CA UNK E 883 -18.85 137.05 -0.76
C UNK E 883 -20.09 137.53 -1.49
N UNK E 884 -19.89 138.09 -2.67
CA UNK E 884 -20.99 138.56 -3.50
C UNK E 884 -21.23 137.54 -4.60
N UNK E 885 -22.25 136.70 -4.42
CA UNK E 885 -22.56 135.69 -5.42
C UNK E 885 -22.87 136.40 -6.72
N UNK E 886 -22.64 135.75 -7.86
CA UNK E 886 -22.88 136.40 -9.14
C UNK E 886 -21.81 137.50 -9.29
N UNK E 887 -15.96 139.17 -6.49
CA UNK E 887 -15.94 140.18 -5.43
C UNK E 887 -15.93 139.63 -4.00
N UNK E 888 -14.78 139.11 -3.60
CA UNK E 888 -14.58 138.58 -2.27
C UNK E 888 -13.74 139.57 -1.49
N UNK E 889 -14.28 140.02 -0.36
CA UNK E 889 -13.60 140.99 0.48
C UNK E 889 -13.38 140.44 1.86
N UNK E 890 -12.10 140.37 2.21
CA UNK E 890 -11.63 139.83 3.48
C UNK E 890 -11.56 140.86 4.59
N UNK E 891 -11.90 140.40 5.78
CA UNK E 891 -11.88 141.21 6.98
C UNK E 891 -11.23 140.32 8.03
N UNK E 892 -9.96 140.57 8.35
CA UNK E 892 -9.25 139.78 9.35
C UNK E 892 -9.83 139.97 10.73
N UNK E 893 -9.59 139.01 11.62
CA UNK E 893 -10.09 139.12 12.98
C UNK E 893 -9.73 137.92 13.85
N UNK E 894 -13.45 134.69 14.45
CA UNK E 894 -14.82 134.89 14.86
C UNK E 894 -15.50 133.55 15.03
N UNK E 895 -16.69 133.56 15.60
CA UNK E 895 -17.45 132.33 15.82
C UNK E 895 -18.82 132.37 15.15
N UNK E 896 -19.24 133.56 14.75
CA UNK E 896 -20.53 133.69 14.10
C UNK E 896 -20.60 135.00 13.35
N UNK E 897 -21.39 135.02 12.28
CA UNK E 897 -21.49 136.20 11.47
C UNK E 897 -22.84 136.88 11.56
N UNK E 898 -22.95 138.04 10.90
CA UNK E 898 -24.19 138.81 10.91
C UNK E 898 -24.14 139.95 9.90
N UNK E 899 -25.21 140.11 9.12
CA UNK E 899 -25.29 141.18 8.13
C UNK E 899 -26.45 142.11 8.41
N UNK E 900 -26.18 143.41 8.42
CA UNK E 900 -27.23 144.39 8.68
C UNK E 900 -27.92 144.70 7.38
N UNK E 901 -29.23 144.42 7.28
CA UNK E 901 -29.91 144.73 6.02
C UNK E 901 -29.47 146.12 5.58
N UNK E 902 -22.91 147.51 7.31
CA UNK E 902 -22.41 147.05 8.62
C UNK E 902 -22.41 145.54 8.69
N UNK E 903 -21.38 144.96 9.30
CA UNK E 903 -21.31 143.52 9.50
C UNK E 903 -20.94 143.34 10.96
N UNK E 904 -21.47 142.32 11.60
CA UNK E 904 -21.15 142.11 13.00
C UNK E 904 -20.70 140.67 13.22
N UNK E 905 -19.92 140.44 14.26
CA UNK E 905 -19.50 139.07 14.51
C UNK E 905 -19.25 138.63 15.94
N UNK E 906 -19.45 137.34 16.15
CA UNK E 906 -19.26 136.73 17.44
C UNK E 906 -17.80 136.42 17.64
N UNK E 907 -17.43 136.08 18.85
CA UNK E 907 -16.04 135.81 19.17
C UNK E 907 -15.94 134.59 20.05
N UNK E 908 -14.78 133.92 20.00
CA UNK E 908 -14.56 132.72 20.79
C UNK E 908 -14.61 133.06 22.28
N UNK E 909 -16.41 138.28 22.73
CA UNK E 909 -16.42 139.64 22.19
C UNK E 909 -17.45 139.86 21.08
N UNK E 910 -17.90 141.10 20.94
CA UNK E 910 -18.88 141.47 19.91
C UNK E 910 -18.35 142.70 19.18
N UNK E 911 -18.40 142.71 17.86
CA UNK E 911 -17.90 143.85 17.10
C UNK E 911 -18.69 144.15 15.82
N UNK E 912 -18.93 145.43 15.57
CA UNK E 912 -19.61 145.84 14.37
C UNK E 912 -18.55 146.53 13.55
N UNK E 913 -18.51 146.23 12.26
CA UNK E 913 -17.56 146.87 11.37
C UNK E 913 -18.42 147.57 10.36
N UNK E 914 -18.05 148.77 9.95
CA UNK E 914 -18.86 149.48 8.98
C UNK E 914 -18.20 149.42 7.60
N UNK E 915 -18.86 148.68 6.71
CA UNK E 915 -18.37 148.47 5.35
C UNK E 915 -18.09 149.73 4.52
N UNK E 916 -19.02 150.68 4.47
CA UNK E 916 -18.76 151.89 3.69
C UNK E 916 -17.31 152.33 3.88
N UNK E 917 -16.81 152.11 5.08
CA UNK E 917 -15.44 152.47 5.42
C UNK E 917 -14.52 151.25 5.37
N UNK E 918 -13.05 151.50 10.46
CA UNK E 918 -13.66 152.02 11.70
C UNK E 918 -14.81 151.11 12.15
N UNK E 919 -14.68 150.59 13.37
CA UNK E 919 -15.68 149.69 13.94
C UNK E 919 -15.73 149.94 15.45
N UNK E 920 -16.42 149.04 16.16
CA UNK E 920 -16.80 149.26 17.55
C UNK E 920 -16.83 147.94 18.33
N UNK E 921 -16.63 148.01 19.65
CA UNK E 921 -16.62 146.81 20.49
C UNK E 921 -17.51 146.93 21.72
N UNK E 922 -18.67 146.28 21.69
CA UNK E 922 -19.58 146.35 22.82
C UNK E 922 -19.37 145.27 23.85
N UNK E 923 -18.72 145.63 24.96
CA UNK E 923 -18.40 144.72 26.08
C UNK E 923 -19.44 143.76 26.68
N UNK E 924 -22.72 132.59 20.05
CA UNK E 924 -23.47 131.73 19.15
C UNK E 924 -24.24 132.54 18.13
N UNK E 925 -25.57 132.52 18.21
CA UNK E 925 -26.37 133.28 17.26
C UNK E 925 -26.10 134.79 17.47
N UNK E 926 -26.27 135.63 16.44
CA UNK E 926 -26.06 137.09 16.53
C UNK E 926 -26.76 137.85 15.41
N UNK E 927 -27.67 138.75 15.75
CA UNK E 927 -28.41 139.46 14.71
C UNK E 927 -28.66 140.95 14.96
N UNK E 928 -28.94 141.67 13.88
CA UNK E 928 -29.23 143.10 13.93
C UNK E 928 -30.73 143.26 14.08
N UNK E 929 -31.18 144.43 14.53
CA UNK E 929 -32.60 144.68 14.71
C UNK E 929 -33.12 145.00 13.32
N UNK E 930 -34.45 145.01 13.17
CA UNK E 930 -35.05 145.35 11.88
C UNK E 930 -34.27 146.53 11.28
N UNK E 931 -28.01 145.27 18.51
CA UNK E 931 -27.55 143.93 18.16
C UNK E 931 -27.90 142.87 19.17
N UNK E 932 -28.90 142.06 18.89
CA UNK E 932 -29.24 140.99 19.81
C UNK E 932 -28.22 139.86 19.60
N UNK E 933 -27.77 139.26 20.68
CA UNK E 933 -26.80 138.19 20.58
C UNK E 933 -26.91 137.24 21.74
N UNK E 934 -26.65 135.96 21.48
CA UNK E 934 -26.72 134.96 22.52
C UNK E 934 -25.41 134.18 22.55
N UNK E 935 -25.17 133.57 23.70
CA UNK E 935 -24.01 132.74 23.90
C UNK E 935 -24.46 131.47 24.59
N UNK E 936 -23.49 130.77 25.17
CA UNK E 936 -23.74 129.48 25.79
C UNK E 936 -24.16 129.58 27.25
N UNK E 937 -24.88 130.65 27.59
CA UNK E 937 -25.38 130.86 28.95
C UNK E 937 -26.82 131.38 28.84
N UNK E 938 -27.45 131.75 29.95
CA UNK E 938 -28.86 132.19 29.92
C UNK E 938 -29.22 133.67 29.67
N UNK E 939 -28.26 134.52 29.37
CA UNK E 939 -28.60 135.91 29.13
C UNK E 939 -28.55 136.22 27.63
N UNK E 940 -29.38 137.15 27.17
CA UNK E 940 -29.36 137.54 25.75
C UNK E 940 -29.04 139.03 25.61
N UNK E 941 -27.80 139.35 25.30
CA UNK E 941 -27.39 140.74 25.15
C UNK E 941 -28.10 141.55 24.08
N UNK E 942 -28.71 142.66 24.47
CA UNK E 942 -29.40 143.56 23.53
C UNK E 942 -28.66 144.89 23.52
N UNK E 943 -27.49 144.88 22.86
CA UNK E 943 -26.62 146.04 22.76
C UNK E 943 -27.03 147.04 21.71
N UNK E 944 -27.77 148.04 22.14
CA UNK E 944 -28.20 149.09 21.24
C UNK E 944 -26.98 149.98 21.00
N UNK E 945 -26.05 149.48 20.19
CA UNK E 945 -24.84 150.21 19.83
C UNK E 945 -25.24 151.59 19.28
N UNK E 946 -26.05 151.89 25.01
CA UNK E 946 -27.04 151.33 25.91
C UNK E 946 -27.08 149.81 25.82
N UNK E 947 -27.55 149.17 26.88
CA UNK E 947 -27.65 147.73 26.94
C UNK E 947 -28.92 147.32 27.61
N UNK E 948 -29.50 146.23 27.12
CA UNK E 948 -30.71 145.69 27.70
C UNK E 948 -30.37 144.22 27.83
N UNK E 949 -30.44 143.70 29.05
CA UNK E 949 -30.11 142.31 29.31
C UNK E 949 -31.35 141.51 29.59
N UNK E 950 -31.38 140.28 29.09
CA UNK E 950 -32.53 139.41 29.29
C UNK E 950 -32.08 138.18 30.08
N UNK E 951 -32.16 138.27 31.42
CA UNK E 951 -31.75 137.16 32.27
C UNK E 951 -32.84 136.12 32.28
N UNK E 952 -32.76 135.23 31.30
CA UNK E 952 -33.74 134.16 31.14
C UNK E 952 -33.69 133.23 32.34
N UNK E 953 -32.55 133.21 33.01
CA UNK E 953 -32.35 132.36 34.18
C UNK E 953 -32.62 130.90 33.78
N UNK E 954 -31.26 127.79 31.20
CA UNK E 954 -30.00 127.08 31.38
C UNK E 954 -29.04 127.64 30.34
N UNK E 955 -29.52 127.70 29.11
CA UNK E 955 -28.76 128.24 27.98
C UNK E 955 -29.77 128.51 26.87
N UNK E 956 -29.64 129.68 26.24
CA UNK E 956 -30.51 130.03 25.15
C UNK E 956 -30.11 129.17 23.96
N UNK E 957 -30.97 128.23 23.58
CA UNK E 957 -30.69 127.36 22.44
C UNK E 957 -30.50 128.29 21.26
N UNK E 958 -31.46 129.18 21.06
CA UNK E 958 -31.39 130.15 19.98
C UNK E 958 -32.54 131.14 20.10
N UNK E 959 -32.60 132.09 19.17
CA UNK E 959 -33.64 133.10 19.21
C UNK E 959 -33.84 133.67 17.83
N UNK E 960 -34.79 134.59 17.73
CA UNK E 960 -35.07 135.25 16.45
C UNK E 960 -35.94 136.48 16.69
N UNK E 961 -35.63 137.54 15.93
CA UNK E 961 -36.39 138.78 16.05
C UNK E 961 -37.87 138.47 15.85
N UNK E 962 -38.72 139.43 16.16
CA UNK E 962 -40.15 139.24 16.00
C UNK E 962 -40.79 140.55 15.55
N UNK E 963 -40.32 145.09 17.97
CA UNK E 963 -39.33 145.06 19.04
C UNK E 963 -39.51 143.88 20.00
N UNK E 964 -40.42 142.98 19.67
CA UNK E 964 -40.64 141.79 20.47
C UNK E 964 -39.66 140.73 19.95
N UNK E 965 -39.20 139.81 20.81
CA UNK E 965 -38.24 138.78 20.38
C UNK E 965 -38.48 137.40 20.98
N UNK E 966 -38.69 136.42 20.11
CA UNK E 966 -38.94 135.04 20.50
C UNK E 966 -37.66 134.32 20.92
N UNK E 967 -37.70 133.60 22.04
CA UNK E 967 -36.53 132.91 22.54
C UNK E 967 -36.82 131.57 23.18
N UNK E 968 -35.94 130.59 22.92
CA UNK E 968 -36.08 129.25 23.46
C UNK E 968 -34.74 128.74 23.98
N UNK E 969 -34.77 128.18 25.17
CA UNK E 969 -33.57 127.62 25.79
C UNK E 969 -33.83 126.15 25.78
N UNK E 970 -32.86 125.37 26.24
CA UNK E 970 -33.12 123.94 26.28
C UNK E 970 -33.54 123.50 27.67
N UNK E 971 -34.66 124.08 28.09
CA UNK E 971 -35.33 123.82 29.35
C UNK E 971 -36.82 123.72 29.04
N UNK E 972 -37.11 123.43 27.77
CA UNK E 972 -38.48 123.29 27.31
C UNK E 972 -39.22 124.61 27.26
N UNK E 973 -38.55 125.66 27.74
CA UNK E 973 -39.15 126.98 27.78
C UNK E 973 -38.94 127.79 26.52
N UNK E 974 -39.96 128.58 26.20
CA UNK E 974 -39.97 129.47 25.05
C UNK E 974 -40.53 130.76 25.60
N UNK E 975 -39.81 131.87 25.42
CA UNK E 975 -40.32 133.12 25.94
C UNK E 975 -40.51 134.17 24.86
N UNK E 976 -41.23 135.24 25.19
CA UNK E 976 -41.50 136.34 24.25
C UNK E 976 -41.05 137.69 24.83
N UNK E 977 -39.73 137.90 24.92
CA UNK E 977 -39.19 139.13 25.47
C UNK E 977 -39.54 140.38 24.68
N UNK E 978 -39.38 141.52 25.33
CA UNK E 978 -39.63 142.81 24.73
C UNK E 978 -38.29 143.52 24.80
N UNK E 979 -37.76 143.98 23.68
CA UNK E 979 -36.50 144.70 23.74
C UNK E 979 -36.87 146.11 24.20
N UNK E 980 -38.44 142.68 29.29
CA UNK E 980 -39.58 142.18 30.04
C UNK E 980 -40.23 140.97 29.40
N UNK E 981 -40.22 139.87 30.14
CA UNK E 981 -40.79 138.61 29.70
C UNK E 981 -42.30 138.67 29.63
N UNK E 982 -42.81 139.14 28.51
CA UNK E 982 -44.25 139.21 28.32
C UNK E 982 -44.83 137.80 28.46
N UNK E 983 -44.46 136.91 27.54
CA UNK E 983 -44.94 135.53 27.58
C UNK E 983 -43.86 134.54 28.00
N UNK E 984 -44.29 133.42 28.57
CA UNK E 984 -43.38 132.38 29.03
C UNK E 984 -44.08 131.02 29.04
N UNK E 985 -43.59 130.09 28.23
CA UNK E 985 -44.18 128.74 28.13
C UNK E 985 -43.19 127.67 28.54
N UNK E 986 -43.71 126.49 28.87
CA UNK E 986 -42.87 125.34 29.22
C UNK E 986 -43.46 124.24 28.33
N UNK E 987 -43.32 124.45 27.01
CA UNK E 987 -43.84 123.57 25.98
C UNK E 987 -43.15 122.22 25.73
N UNK E 988 -42.11 121.90 26.48
CA UNK E 988 -41.40 120.63 26.34
C UNK E 988 -40.65 120.33 27.62
N UNK E 989 -40.46 119.05 27.93
CA UNK E 989 -39.75 118.69 29.14
C UNK E 989 -38.27 118.44 28.85
N UNK E 990 -35.55 123.62 17.27
CA UNK E 990 -35.95 124.76 16.44
C UNK E 990 -37.45 124.99 16.54
N UNK E 991 -37.88 126.23 16.30
CA UNK E 991 -39.29 126.55 16.38
C UNK E 991 -39.48 127.86 15.61
N UNK E 992 -40.50 127.93 14.77
CA UNK E 992 -40.71 129.14 13.98
C UNK E 992 -42.10 129.72 14.14
N UNK E 993 -42.30 130.92 13.60
CA UNK E 993 -43.58 131.61 13.68
C UNK E 993 -44.35 131.42 12.39
N UNK E 994 -45.64 131.71 12.45
CA UNK E 994 -46.51 131.57 11.29
C UNK E 994 -46.38 132.77 10.37
N UNK E 995 -49.43 135.88 13.13
CA UNK E 995 -48.48 135.44 14.15
C UNK E 995 -49.34 134.68 15.12
N UNK E 996 -50.59 134.48 14.74
CA UNK E 996 -51.52 133.75 15.58
C UNK E 996 -50.86 132.45 16.01
N UNK E 997 -49.97 131.95 15.17
CA UNK E 997 -49.29 130.68 15.44
C UNK E 997 -47.75 130.76 15.47
N UNK E 998 -47.14 129.95 16.33
CA UNK E 998 -45.69 129.88 16.46
C UNK E 998 -45.38 128.54 17.13
N UNK E 999 -44.96 127.57 16.33
CA UNK E 999 -44.69 126.25 16.89
C UNK E 999 -43.26 125.91 17.18
N UNK E 1000 -43.09 124.83 17.94
CA UNK E 1000 -41.80 124.31 18.37
C UNK E 1000 -41.50 122.94 17.81
N UNK E 1001 -40.35 122.41 18.24
CA UNK E 1001 -39.85 121.10 17.85
C UNK E 1001 -38.78 120.82 18.87
N UNK E 1002 -38.79 119.65 19.49
CA UNK E 1002 -37.78 119.40 20.51
C UNK E 1002 -37.74 117.98 21.00
N UNK E 1003 -41.71 115.51 19.88
CA UNK E 1003 -42.66 115.84 18.82
C UNK E 1003 -42.55 117.31 18.44
N UNK E 1004 -43.61 117.82 17.83
CA UNK E 1004 -43.67 119.22 17.41
C UNK E 1004 -44.96 119.87 17.89
N UNK E 1005 -44.97 120.29 19.16
CA UNK E 1005 -46.11 120.96 19.77
C UNK E 1005 -46.28 122.34 19.16
N UNK E 1006 -47.46 122.61 18.61
CA UNK E 1006 -47.76 123.88 17.98
C UNK E 1006 -48.79 124.70 18.78
N UNK E 1007 -48.53 126.00 18.96
CA UNK E 1007 -49.48 126.83 19.69
C UNK E 1007 -49.79 128.24 19.16
N UNK E 1008 -50.47 129.04 19.99
CA UNK E 1008 -50.91 130.41 19.64
C UNK E 1008 -50.44 131.62 20.46
N UNK E 1009 -51.72 123.76 21.37
CA UNK E 1009 -52.96 123.49 20.64
C UNK E 1009 -53.05 121.97 20.42
N UNK E 1010 -51.96 121.35 19.96
CA UNK E 1010 -51.94 119.90 19.78
C UNK E 1010 -50.57 119.26 19.57
N UNK E 1011 -50.29 118.22 20.35
CA UNK E 1011 -49.04 117.49 20.30
C UNK E 1011 -49.03 116.56 19.07
N UNK E 1012 -47.96 116.66 18.26
CA UNK E 1012 -47.81 115.86 17.03
C UNK E 1012 -46.74 114.78 17.18
N UNK E 1013 -47.05 113.73 17.93
CA UNK E 1013 -46.08 112.65 18.16
C UNK E 1013 -45.83 111.73 16.97
N UNK E 1014 -45.58 112.31 15.80
CA UNK E 1014 -45.33 111.51 14.61
C UNK E 1014 -43.92 110.93 14.50
N UNK E 1015 -42.92 111.81 14.44
CA UNK E 1015 -41.53 111.41 14.29
C UNK E 1015 -41.00 110.42 15.33
N UNK E 1016 -40.23 109.44 14.87
CA UNK E 1016 -39.65 108.44 15.76
C UNK E 1016 -38.21 108.81 16.08
N UNK E 1017 -36.96 112.14 16.27
CA UNK E 1017 -36.98 113.39 17.06
C UNK E 1017 -36.84 114.62 16.16
N UNK E 1018 -37.83 115.52 16.25
CA UNK E 1018 -37.82 116.71 15.43
C UNK E 1018 -36.61 117.60 15.69
N UNK E 1019 -36.19 118.31 14.65
CA UNK E 1019 -35.04 119.18 14.74
C UNK E 1019 -35.25 120.49 13.99
N UNK E 1020 -36.36 120.59 13.26
CA UNK E 1020 -36.67 121.80 12.52
C UNK E 1020 -38.10 121.80 12.04
N UNK E 1021 -38.57 122.94 11.53
CA UNK E 1021 -39.94 123.05 11.04
C UNK E 1021 -40.24 124.43 10.48
N UNK E 1022 -41.31 124.52 9.71
CA UNK E 1022 -41.72 125.78 9.12
C UNK E 1022 -43.21 125.77 8.78
N UNK E 1023 -43.79 126.96 8.72
CA UNK E 1023 -45.20 127.11 8.41
C UNK E 1023 -45.37 127.49 6.94
N UNK E 1024 -46.38 126.93 6.30
CA UNK E 1024 -46.64 127.26 4.90
C UNK E 1024 -46.94 128.74 4.89
N UNK E 1025 -46.47 129.46 3.87
CA UNK E 1025 -46.70 130.89 3.77
C UNK E 1025 -48.21 131.15 3.79
N UNK E 1026 -50.12 124.52 6.66
CA UNK E 1026 -49.25 123.39 6.93
C UNK E 1026 -48.02 123.74 7.74
N UNK E 1027 -47.51 122.74 8.44
CA UNK E 1027 -46.33 122.87 9.26
C UNK E 1027 -45.50 121.59 9.06
N UNK E 1028 -44.43 121.71 8.28
CA UNK E 1028 -43.54 120.59 8.00
C UNK E 1028 -42.48 120.51 9.09
N UNK E 1029 -42.21 119.29 9.54
CA UNK E 1029 -41.24 119.10 10.60
C UNK E 1029 -40.05 118.21 10.24
N UNK E 1030 -38.88 118.58 10.73
CA UNK E 1030 -37.66 117.86 10.43
C UNK E 1030 -37.30 116.79 11.45
N UNK E 1031 -37.17 115.57 10.95
CA UNK E 1031 -36.82 114.41 11.76
C UNK E 1031 -35.32 114.21 11.86
N UNK E 1032 -34.89 113.71 13.01
CA UNK E 1032 -33.49 113.46 13.26
C UNK E 1032 -33.02 112.26 12.43
N UNK E 1033 -33.97 111.56 11.83
CA UNK E 1033 -33.65 110.39 11.00
C UNK E 1033 -34.19 110.56 9.59
N UNK E 1034 -33.82 111.65 8.96
CA UNK E 1034 -34.23 111.90 7.60
C UNK E 1034 -35.71 111.85 7.31
N UNK E 1035 -36.53 111.66 8.35
CA UNK E 1035 -37.97 111.62 8.15
C UNK E 1035 -38.48 113.06 8.08
N UNK E 1036 -39.71 113.23 7.64
CA UNK E 1036 -40.25 114.57 7.54
C UNK E 1036 -41.70 114.23 7.27
N UNK E 1037 -42.56 114.64 8.20
CA UNK E 1037 -44.01 114.58 8.03
C UNK E 1037 -44.55 115.98 7.81
N UNK E 1038 -45.62 116.08 7.03
CA UNK E 1038 -46.27 117.35 6.79
C UNK E 1038 -47.50 117.29 7.70
N UNK E 1039 -47.78 118.39 8.39
CA UNK E 1039 -48.94 118.43 9.26
C UNK E 1039 -49.82 119.60 8.80
N UNK E 1040 -51.06 119.64 9.25
CA UNK E 1040 -51.98 120.72 8.85
C UNK E 1040 -52.41 121.67 9.96
N UNK E 1041 -49.59 114.09 5.56
CA UNK E 1041 -48.82 113.03 4.92
C UNK E 1041 -47.37 113.03 5.39
N UNK E 1042 -46.78 111.85 5.49
CA UNK E 1042 -45.39 111.71 5.93
C UNK E 1042 -44.35 111.43 4.83
N UNK E 1043 -44.27 112.29 3.82
CA UNK E 1043 -43.30 112.11 2.75
C UNK E 1043 -41.90 112.09 3.35
N UNK E 1044 -41.29 110.92 3.50
CA UNK E 1044 -39.96 110.83 4.08
C UNK E 1044 -39.17 109.54 3.83
N UNK E 1045 -38.67 109.33 2.59
CA UNK E 1045 -37.91 108.13 2.23
C UNK E 1045 -36.54 108.05 2.92
N UNK E 1046 -30.01 113.21 9.38
CA UNK E 1046 -30.64 114.43 9.86
C UNK E 1046 -31.41 115.13 8.74
N UNK E 1047 -32.18 116.15 9.14
CA UNK E 1047 -32.96 117.00 8.26
C UNK E 1047 -32.97 118.31 9.05
N UNK E 1048 -31.92 119.09 8.87
CA UNK E 1048 -31.78 120.31 9.63
C UNK E 1048 -32.49 121.55 9.09
N UNK E 1049 -33.46 121.40 8.22
CA UNK E 1049 -34.12 122.59 7.71
C UNK E 1049 -35.22 122.29 6.69
N UNK E 1050 -36.20 123.18 6.62
CA UNK E 1050 -37.31 123.06 5.67
C UNK E 1050 -37.77 124.48 5.33
N UNK E 1051 -38.62 124.58 4.31
CA UNK E 1051 -39.14 125.87 3.88
C UNK E 1051 -40.18 125.56 2.81
N UNK E 1052 -41.37 126.11 2.98
CA UNK E 1052 -42.38 126.00 1.95
C UNK E 1052 -42.09 127.08 0.93
N UNK E 1053 -42.69 126.93 -0.25
CA UNK E 1053 -42.51 127.89 -1.33
C UNK E 1053 -43.62 128.93 -1.22
N UNK E 1054 -43.49 130.07 -1.91
CA UNK E 1054 -44.60 131.00 -1.77
C UNK E 1054 -45.88 130.25 -2.13
N UNK E 1055 -45.92 129.71 -3.35
CA UNK E 1055 -47.06 128.94 -3.85
C UNK E 1055 -47.65 127.92 -2.87
N UNK E 1056 -46.94 127.65 -1.78
CA UNK E 1056 -47.40 126.69 -0.76
C UNK E 1056 -47.57 125.27 -1.33
N UNK E 1057 -46.78 124.93 -2.34
CA UNK E 1057 -46.85 123.61 -2.97
C UNK E 1057 -45.54 122.81 -2.93
N UNK E 1058 -44.43 123.50 -3.16
CA UNK E 1058 -43.10 122.86 -3.16
C UNK E 1058 -42.41 123.08 -1.82
N UNK E 1059 -42.00 122.00 -1.18
CA UNK E 1059 -41.29 122.08 0.09
C UNK E 1059 -39.82 121.73 -0.14
N UNK E 1060 -38.92 122.67 0.21
CA UNK E 1060 -37.49 122.42 0.05
C UNK E 1060 -36.92 121.88 1.36
N UNK E 1061 -36.04 120.89 1.24
CA UNK E 1061 -35.45 120.24 2.41
C UNK E 1061 -33.92 120.23 2.38
N UNK E 1062 -33.29 120.21 3.55
CA UNK E 1062 -31.83 120.18 3.63
C UNK E 1062 -31.35 119.42 4.84
N UNK E 1063 -28.15 116.51 2.27
CA UNK E 1063 -28.16 117.16 0.95
C UNK E 1063 -29.52 117.82 0.77
N UNK E 1064 -29.64 118.64 -0.26
CA UNK E 1064 -30.89 119.33 -0.55
C UNK E 1064 -31.84 118.32 -1.22
N UNK E 1065 -33.14 118.59 -1.18
CA UNK E 1065 -34.11 117.65 -1.76
C UNK E 1065 -35.46 118.34 -1.77
N UNK E 1066 -36.02 118.55 -2.96
CA UNK E 1066 -37.33 119.18 -3.09
C UNK E 1066 -38.47 118.17 -3.09
N UNK E 1067 -39.66 118.60 -2.69
CA UNK E 1067 -40.83 117.72 -2.65
C UNK E 1067 -42.10 118.31 -3.27
N UNK E 1068 -43.17 117.51 -3.21
CA UNK E 1068 -44.47 117.87 -3.74
C UNK E 1068 -45.54 117.74 -2.66
N UNK E 1069 -46.17 118.86 -2.28
CA UNK E 1069 -47.21 118.88 -1.26
C UNK E 1069 -48.29 117.84 -1.57
N UNK E 1070 -27.05 116.98 -4.81
CA UNK E 1070 -26.17 116.29 -3.90
C UNK E 1070 -24.93 117.18 -3.77
N UNK E 1071 -24.65 117.60 -2.56
CA UNK E 1071 -23.49 118.43 -2.31
C UNK E 1071 -22.36 117.48 -1.93
N UNK E 1072 -21.14 117.82 -2.32
CA UNK E 1072 -19.98 117.01 -1.99
C UNK E 1072 -20.06 116.60 -0.51
N UNK E 1073 -20.26 117.59 0.34
CA UNK E 1073 -20.35 117.32 1.77
C UNK E 1073 -21.77 117.13 2.26
N UNK E 1074 -21.89 116.85 3.54
CA UNK E 1074 -23.20 116.63 4.15
C UNK E 1074 -23.38 117.53 5.35
N UNK E 1075 -24.32 117.13 6.20
CA UNK E 1075 -24.65 117.84 7.41
C UNK E 1075 -24.76 119.32 7.18
N UNK E 1076 -25.71 119.70 6.34
CA UNK E 1076 -25.92 121.10 6.06
C UNK E 1076 -26.71 121.60 7.25
N UNK E 1077 -26.92 122.91 7.34
CA UNK E 1077 -27.72 123.48 8.41
C UNK E 1077 -29.04 124.17 8.11
N UNK E 1078 -28.96 125.41 7.63
CA UNK E 1078 -30.15 126.18 7.29
C UNK E 1078 -30.02 126.61 5.83
N UNK E 1079 -30.95 126.17 5.00
CA UNK E 1079 -30.82 126.38 3.57
C UNK E 1079 -31.42 127.76 3.39
N UNK E 1080 -30.76 128.65 2.66
CA UNK E 1080 -31.30 129.98 2.46
C UNK E 1080 -32.05 130.14 1.15
N UNK E 1081 -33.36 129.90 1.17
CA UNK E 1081 -34.17 130.06 -0.04
C UNK E 1081 -34.36 131.56 -0.18
N UNK E 1082 -34.92 132.02 -1.29
CA UNK E 1082 -35.14 133.45 -1.46
C UNK E 1082 -36.60 133.74 -1.78
N UNK E 1083 -36.92 135.02 -2.06
CA UNK E 1083 -38.31 135.36 -2.38
C UNK E 1083 -38.83 134.55 -3.58
N UNK E 1084 -38.20 134.77 -4.74
CA UNK E 1084 -38.58 134.08 -5.97
C UNK E 1084 -38.47 132.57 -5.90
N UNK E 1085 -37.88 132.04 -4.82
CA UNK E 1085 -37.70 130.58 -4.66
C UNK E 1085 -36.90 130.06 -5.86
N UNK E 1086 -36.06 130.93 -6.39
CA UNK E 1086 -35.26 130.65 -7.57
C UNK E 1086 -33.76 130.88 -7.32
N UNK E 1087 -33.37 130.84 -6.04
CA UNK E 1087 -31.97 131.03 -5.64
C UNK E 1087 -31.80 130.37 -4.28
N UNK E 1088 -30.70 129.65 -4.09
CA UNK E 1088 -30.46 128.96 -2.84
C UNK E 1088 -29.01 129.10 -2.44
N UNK E 1089 -28.75 129.17 -1.13
CA UNK E 1089 -27.38 129.27 -0.63
C UNK E 1089 -27.20 128.38 0.57
N UNK E 1090 -26.09 127.67 0.61
CA UNK E 1090 -25.80 126.79 1.73
C UNK E 1090 -24.32 126.50 1.81
N UNK E 1091 -23.93 125.74 2.83
CA UNK E 1091 -22.54 125.41 3.03
C UNK E 1091 -22.41 124.08 3.71
N UNK E 1092 -21.71 123.14 3.08
CA UNK E 1092 -21.52 121.79 3.64
C UNK E 1092 -20.30 121.73 4.53
N UNK E 1093 -20.20 120.68 5.33
CA UNK E 1093 -19.05 120.54 6.22
C UNK E 1093 -17.73 120.42 5.50
N UNK E 1094 -17.77 120.56 4.17
CA UNK E 1094 -16.54 120.53 3.42
C UNK E 1094 -16.14 121.98 3.21
N UNK E 1095 -16.93 122.88 3.80
CA UNK E 1095 -16.66 124.30 3.69
C UNK E 1095 -16.86 124.84 2.30
N UNK E 1096 -17.67 124.15 1.53
CA UNK E 1096 -17.94 124.58 0.17
C UNK E 1096 -19.18 125.46 0.15
N UNK E 1097 -19.07 126.62 -0.50
CA UNK E 1097 -20.19 127.56 -0.58
C UNK E 1097 -21.09 127.35 -1.80
N UNK E 1098 -22.25 126.72 -1.59
CA UNK E 1098 -23.15 126.50 -2.69
C UNK E 1098 -24.18 127.61 -2.88
N UNK E 1099 -24.10 128.31 -4.02
CA UNK E 1099 -25.05 129.35 -4.35
C UNK E 1099 -25.77 128.85 -5.61
N UNK E 1100 -26.82 128.06 -5.41
CA UNK E 1100 -27.58 127.50 -6.51
C UNK E 1100 -28.65 128.48 -7.01
N UNK E 1101 -29.16 128.25 -8.22
CA UNK E 1101 -30.15 129.16 -8.78
C UNK E 1101 -30.85 128.60 -10.03
N MET F 10 7.83 53.96 14.89
CA MET F 10 7.33 52.90 15.76
C MET F 10 6.00 52.37 15.21
N PRO F 11 5.42 51.32 15.83
CA PRO F 11 4.13 50.81 15.35
C PRO F 11 2.99 51.81 15.12
N LYS F 12 1.95 51.33 14.45
CA LYS F 12 0.76 52.12 14.13
C LYS F 12 -0.07 52.39 15.38
N ARG F 13 -0.41 51.33 16.10
CA ARG F 13 -1.23 51.45 17.32
C ARG F 13 -0.58 52.34 18.40
N HIS F 14 0.60 52.86 18.12
CA HIS F 14 1.28 53.76 19.05
C HIS F 14 1.04 55.22 18.69
N ARG F 15 1.19 55.56 17.41
CA ARG F 15 0.90 56.91 16.95
C ARG F 15 -0.54 57.32 17.23
N GLU F 16 -1.46 56.36 17.07
CA GLU F 16 -2.87 56.60 17.35
C GLU F 16 -3.10 56.90 18.80
N HIS F 17 -2.35 56.20 19.66
CA HIS F 17 -2.42 56.41 21.09
C HIS F 17 -2.15 57.84 21.53
N ILE F 18 -0.91 58.28 21.35
CA ILE F 18 -0.51 59.62 21.72
C ILE F 18 -1.25 60.67 20.89
N ARG F 19 -1.81 60.23 19.76
CA ARG F 19 -2.54 61.13 18.88
C ARG F 19 -3.83 61.62 19.54
N LYS F 20 -4.72 60.69 19.84
CA LYS F 20 -6.00 61.02 20.47
C LYS F 20 -5.79 61.47 21.91
N ASN F 21 -4.85 60.83 22.59
CA ASN F 21 -4.55 61.16 23.98
C ASN F 21 -3.43 62.19 24.10
N LEU F 22 -3.42 63.15 23.19
CA LEU F 22 -2.40 64.20 23.18
C LEU F 22 -2.79 65.35 24.12
N ASN F 23 -3.98 65.26 24.69
CA ASN F 23 -4.48 66.29 25.60
C ASN F 23 -4.10 66.02 27.04
N ILE F 24 -4.35 64.79 27.47
CA ILE F 24 -4.02 64.36 28.81
C ILE F 24 -2.51 64.50 29.01
N LEU F 25 -1.76 64.07 28.00
CA LEU F 25 -0.30 64.07 28.11
C LEU F 25 0.26 65.49 28.05
N VAL F 26 -0.46 66.37 27.37
CA VAL F 26 -0.05 67.77 27.22
C VAL F 26 -0.50 68.55 28.44
N GLU F 27 -1.29 67.90 29.28
CA GLU F 27 -1.84 68.58 30.44
C GLU F 27 -1.07 68.26 31.69
N TRP F 28 -0.96 66.97 32.02
CA TRP F 28 -0.41 66.60 33.33
C TRP F 28 1.10 66.84 33.48
N THR F 29 1.88 66.68 32.40
CA THR F 29 3.33 66.91 32.44
C THR F 29 3.68 68.40 32.25
N ASN F 30 4.32 69.04 33.24
CA ASN F 30 5.02 70.30 32.98
C ASN F 30 5.86 70.27 31.70
N TYR F 31 5.86 71.36 30.94
CA TYR F 31 6.52 71.34 29.64
C TYR F 31 8.01 71.66 29.75
N GLU F 32 8.35 72.63 30.61
CA GLU F 32 9.73 72.97 30.89
C GLU F 32 10.46 71.70 31.31
N ARG F 33 9.87 71.09 32.34
CA ARG F 33 10.40 69.89 32.96
C ARG F 33 10.39 68.74 31.98
N LEU F 34 9.62 68.88 30.91
CA LEU F 34 9.57 67.84 29.91
C LEU F 34 10.53 68.18 28.78
N ALA F 35 10.33 69.30 28.09
CA ALA F 35 11.21 69.70 26.98
C ALA F 35 12.69 69.58 27.34
N MET F 36 13.10 70.33 28.36
CA MET F 36 14.50 70.38 28.74
C MET F 36 15.05 68.99 29.12
N GLU F 37 14.14 68.06 29.42
CA GLU F 37 14.46 66.68 29.80
C GLU F 37 14.47 65.69 28.61
N CYS F 38 13.54 65.90 27.69
CA CYS F 38 13.35 65.05 26.52
C CYS F 38 14.57 65.24 25.63
N VAL F 39 14.90 66.49 25.37
CA VAL F 39 16.05 66.77 24.55
C VAL F 39 17.19 66.13 25.32
N GLN F 40 17.11 66.36 26.62
CA GLN F 40 18.08 65.93 27.60
C GLN F 40 18.09 64.43 27.63
N GLN F 41 16.92 63.84 27.43
CA GLN F 41 16.78 62.39 27.44
C GLN F 41 17.61 61.56 26.43
N GLY F 42 17.95 62.09 25.25
CA GLY F 42 18.48 61.20 24.25
C GLY F 42 17.55 61.06 23.06
N ILE F 43 16.78 62.11 22.79
CA ILE F 43 15.92 62.16 21.62
C ILE F 43 16.16 63.26 20.58
N LEU F 44 15.66 64.44 20.84
CA LEU F 44 15.77 65.57 19.91
C LEU F 44 17.00 66.38 20.25
N THR F 45 17.14 67.56 19.66
CA THR F 45 18.36 68.35 19.75
C THR F 45 18.05 69.85 19.75
N VAL F 46 19.07 70.65 20.02
CA VAL F 46 18.91 72.10 20.03
C VAL F 46 18.12 72.59 18.83
N GLN F 47 18.15 71.81 17.75
CA GLN F 47 17.44 72.16 16.53
C GLN F 47 15.99 71.68 16.59
N MET F 48 15.80 70.41 16.91
CA MET F 48 14.47 69.82 17.00
C MET F 48 13.60 70.61 17.97
N LEU F 49 13.93 70.55 19.25
CA LEU F 49 13.19 71.25 20.28
C LEU F 49 12.95 72.71 19.92
N ARG F 50 13.87 73.38 19.24
CA ARG F 50 13.60 74.75 18.79
C ARG F 50 12.35 74.82 17.93
N ASN F 51 12.35 74.04 16.86
CA ASN F 51 11.26 74.04 15.89
C ASN F 51 9.95 73.53 16.48
N THR F 52 10.08 72.69 17.50
CA THR F 52 8.91 72.15 18.19
C THR F 52 8.33 73.12 19.22
N GLN F 53 9.18 73.56 20.14
CA GLN F 53 8.94 74.65 21.08
C GLN F 53 8.54 75.94 20.39
N ASP F 54 9.14 76.28 19.27
CA ASP F 54 8.58 77.40 18.55
C ASP F 54 7.50 76.83 17.63
N LEU F 55 6.89 77.69 16.82
CA LEU F 55 5.71 77.31 16.04
C LEU F 55 5.83 78.02 14.71
N ASN F 56 4.73 78.23 14.01
CA ASN F 56 4.79 78.81 12.68
C ASN F 56 5.15 80.30 12.72
N GLY F 57 4.69 80.99 13.75
CA GLY F 57 4.89 82.42 13.86
C GLY F 57 3.55 83.13 13.93
N LYS F 58 2.58 82.66 13.15
CA LYS F 58 1.20 83.13 13.26
C LYS F 58 0.56 82.91 14.64
N PRO F 59 0.98 81.86 15.34
CA PRO F 59 0.44 81.55 16.66
C PRO F 59 0.30 82.79 17.53
N PHE F 60 0.94 83.89 17.10
CA PHE F 60 0.88 85.14 17.85
C PHE F 60 -0.55 85.65 17.97
N ASN F 61 -1.38 85.25 17.05
CA ASN F 61 -2.75 85.69 17.13
C ASN F 61 -3.31 85.17 18.45
N MET F 62 -2.71 84.07 18.86
CA MET F 62 -3.21 83.29 19.95
C MET F 62 -2.68 83.72 21.32
N ASP F 63 -3.62 83.80 22.24
CA ASP F 63 -3.34 84.29 23.58
C ASP F 63 -2.44 83.32 24.29
N GLU F 64 -1.80 83.88 25.32
CA GLU F 64 -0.85 83.21 26.17
C GLU F 64 -1.34 81.85 26.61
N LYS F 65 -2.50 81.78 27.26
CA LYS F 65 -2.87 80.44 27.71
C LYS F 65 -2.57 79.35 26.69
N ASP F 66 -2.72 79.69 25.41
CA ASP F 66 -2.99 78.68 24.39
C ASP F 66 -1.79 78.38 23.51
N VAL F 67 -0.66 79.01 23.79
CA VAL F 67 0.54 78.81 22.99
C VAL F 67 1.45 77.76 23.62
N ARG F 68 1.62 77.85 24.94
CA ARG F 68 2.33 76.82 25.69
C ARG F 68 1.69 75.43 25.55
N VAL F 69 0.35 75.41 25.53
CA VAL F 69 -0.38 74.16 25.37
C VAL F 69 -0.16 73.58 23.98
N GLU F 70 -0.11 74.47 22.99
CA GLU F 70 0.16 74.07 21.61
C GLU F 70 1.56 73.53 21.46
N GLN F 71 2.52 74.29 21.99
CA GLN F 71 3.91 73.88 22.11
C GLN F 71 4.09 72.46 22.62
N HIS F 72 3.59 72.30 23.84
CA HIS F 72 3.63 71.05 24.58
C HIS F 72 2.97 69.95 23.73
N ARG F 73 1.92 70.33 23.00
CA ARG F 73 1.23 69.40 22.11
C ARG F 73 2.03 69.14 20.83
N ARG F 74 3.00 70.00 20.57
CA ARG F 74 3.80 69.87 19.36
C ARG F 74 4.95 68.95 19.71
N LEU F 75 5.20 68.82 21.02
CA LEU F 75 6.33 68.03 21.48
C LEU F 75 6.11 66.56 21.25
N LEU F 76 5.03 66.06 21.82
CA LEU F 76 4.71 64.65 21.75
C LEU F 76 4.60 64.19 20.31
N LEU F 77 4.15 65.08 19.43
CA LEU F 77 4.08 64.79 18.00
C LEU F 77 5.45 64.50 17.41
N LYS F 78 6.45 65.25 17.85
CA LYS F 78 7.81 65.02 17.38
C LYS F 78 8.43 63.80 18.07
N ILE F 79 8.05 63.57 19.32
CA ILE F 79 8.54 62.42 20.07
C ILE F 79 8.05 61.12 19.46
N THR F 80 6.80 61.14 19.06
CA THR F 80 6.13 60.10 18.34
C THR F 80 6.86 59.98 17.04
N GLN F 81 7.40 61.07 16.55
CA GLN F 81 8.07 60.99 15.26
C GLN F 81 9.24 60.07 15.31
N ARG F 82 9.77 59.84 16.49
CA ARG F 82 11.07 59.23 16.58
C ARG F 82 11.13 57.74 16.44
N GLY F 83 12.32 57.21 16.68
CA GLY F 83 12.59 55.80 16.53
C GLY F 83 11.86 54.90 17.52
N PRO F 84 11.81 53.55 17.16
CA PRO F 84 10.76 52.81 17.81
C PRO F 84 10.80 52.81 19.32
N THR F 85 11.91 53.15 19.92
CA THR F 85 11.94 53.22 21.37
C THR F 85 10.93 54.30 21.81
N ALA F 86 10.63 55.19 20.92
CA ALA F 86 9.99 56.45 21.28
C ALA F 86 9.03 56.20 22.42
N TYR F 87 8.38 55.05 22.38
CA TYR F 87 7.54 54.65 23.49
C TYR F 87 8.41 54.53 24.71
N ASN F 88 9.28 53.53 24.68
CA ASN F 88 10.12 53.24 25.83
C ASN F 88 10.95 54.44 26.27
N LEU F 89 11.22 55.36 25.34
CA LEU F 89 11.92 56.60 25.68
C LEU F 89 11.00 57.53 26.47
N LEU F 90 9.78 57.72 25.97
CA LEU F 90 8.89 58.72 26.53
C LEU F 90 8.35 58.26 27.88
N ILE F 91 8.07 56.96 27.98
CA ILE F 91 7.54 56.40 29.21
C ILE F 91 8.50 56.63 30.36
N ASN F 92 9.80 56.56 30.08
CA ASN F 92 10.83 56.72 31.11
C ASN F 92 11.07 58.18 31.41
N ALA F 93 11.21 58.96 30.34
CA ALA F 93 11.39 60.39 30.50
C ALA F 93 10.27 60.91 31.40
N LEU F 94 9.06 60.46 31.13
CA LEU F 94 7.90 60.88 31.90
C LEU F 94 7.88 60.24 33.29
N ARG F 95 8.46 59.05 33.41
CA ARG F 95 8.65 58.45 34.73
C ARG F 95 9.49 59.37 35.60
N ASN F 96 10.36 60.16 34.98
CA ASN F 96 11.19 61.12 35.71
C ASN F 96 10.53 62.47 35.91
N ILE F 97 9.90 63.02 34.85
CA ILE F 97 9.08 64.24 34.97
C ILE F 97 8.12 64.17 36.16
N ASN F 98 7.84 62.96 36.63
CA ASN F 98 7.03 62.67 37.81
C ASN F 98 5.58 62.90 37.47
N CYS F 99 5.28 62.71 36.19
CA CYS F 99 3.91 62.64 35.72
C CYS F 99 3.49 61.18 35.54
N LEU F 100 3.72 60.36 36.56
CA LEU F 100 3.38 58.94 36.58
C LEU F 100 1.97 58.66 36.03
N ASP F 101 1.00 59.48 36.42
CA ASP F 101 -0.37 59.35 35.92
C ASP F 101 -0.57 59.55 34.41
N ALA F 102 0.52 59.83 33.69
CA ALA F 102 0.47 59.90 32.23
C ALA F 102 1.43 58.85 31.69
N ALA F 103 2.43 58.49 32.49
CA ALA F 103 3.30 57.39 32.12
C ALA F 103 2.45 56.13 32.04
N VAL F 104 1.53 56.01 32.98
CA VAL F 104 0.55 54.94 32.95
C VAL F 104 -0.22 55.08 31.65
N LEU F 105 -0.80 56.24 31.41
CA LEU F 105 -1.60 56.47 30.22
C LEU F 105 -0.89 55.96 28.95
N LEU F 106 0.37 56.32 28.83
CA LEU F 106 1.19 56.00 27.67
C LEU F 106 1.65 54.54 27.63
N GLU F 107 1.55 53.85 28.76
CA GLU F 107 2.05 52.48 28.85
C GLU F 107 0.94 51.41 28.86
N SER F 108 -0.12 51.69 29.62
CA SER F 108 -1.24 50.79 29.89
C SER F 108 -1.95 50.24 28.67
N VAL F 109 -2.02 51.03 27.60
CA VAL F 109 -2.49 50.54 26.31
C VAL F 109 -1.75 49.31 25.78
N ASP F 110 -0.58 49.02 26.35
CA ASP F 110 0.12 47.80 26.01
C ASP F 110 -0.16 46.82 27.14
N GLU F 111 0.58 45.73 27.18
CA GLU F 111 0.46 44.71 28.23
C GLU F 111 -0.86 43.95 28.10
N TYR G 10 41.38 22.63 -23.41
CA TYR G 10 41.46 23.95 -22.79
C TYR G 10 42.91 24.31 -22.46
N GLN G 11 43.39 25.39 -23.07
CA GLN G 11 44.76 25.85 -22.85
C GLN G 11 44.82 26.85 -21.69
N TYR G 12 45.93 27.56 -21.60
CA TYR G 12 46.13 28.54 -20.54
C TYR G 12 45.78 29.95 -21.03
N LYS G 13 45.62 30.09 -22.34
CA LYS G 13 45.31 31.38 -22.96
C LYS G 13 43.82 31.70 -22.80
N ASP G 14 43.05 30.72 -22.34
CA ASP G 14 41.61 30.90 -22.15
C ASP G 14 41.25 30.80 -20.67
N ILE G 15 41.92 29.92 -19.96
CA ILE G 15 41.66 29.72 -18.53
C ILE G 15 42.28 30.88 -17.73
N LEU G 16 42.87 31.85 -18.41
CA LEU G 16 43.48 32.98 -17.73
C LEU G 16 42.47 34.09 -17.43
N SER G 17 41.68 34.45 -18.43
CA SER G 17 40.73 35.54 -18.26
C SER G 17 39.63 35.16 -17.28
N VAL G 18 39.56 33.87 -16.95
CA VAL G 18 38.56 33.34 -16.03
C VAL G 18 38.71 33.90 -14.62
N PHE G 19 39.92 33.86 -14.08
CA PHE G 19 40.13 34.41 -12.74
C PHE G 19 40.80 35.77 -12.80
N GLU G 20 40.16 36.71 -13.49
CA GLU G 20 40.68 38.06 -13.60
C GLU G 20 40.25 38.92 -12.41
N ASP G 21 39.22 38.50 -11.70
CA ASP G 21 38.78 39.26 -10.52
C ASP G 21 39.82 39.15 -9.43
N ALA G 22 40.59 38.07 -9.46
CA ALA G 22 41.60 37.83 -8.45
C ALA G 22 42.89 38.53 -8.83
N PHE G 23 43.19 38.49 -10.13
CA PHE G 23 44.43 39.05 -10.64
C PHE G 23 44.53 40.56 -10.40
N VAL G 24 43.46 41.16 -9.89
CA VAL G 24 43.47 42.59 -9.57
C VAL G 24 43.54 42.79 -8.06
N ASP G 25 43.29 41.72 -7.34
CA ASP G 25 43.33 41.71 -5.88
C ASP G 25 44.77 41.58 -5.41
N ASN G 26 45.37 40.45 -5.75
CA ASN G 26 46.64 40.08 -5.16
C ASN G 26 47.81 39.97 -6.14
N PHE G 27 47.75 40.70 -7.25
CA PHE G 27 48.83 40.65 -8.23
C PHE G 27 49.14 42.00 -8.86
N ASP G 28 50.42 42.37 -8.86
CA ASP G 28 50.93 43.33 -9.81
C ASP G 28 52.36 42.95 -10.18
N CYS G 29 52.70 43.15 -11.45
CA CYS G 29 53.99 42.75 -11.99
C CYS G 29 55.17 43.51 -11.42
N LYS G 30 54.93 44.33 -10.40
CA LYS G 30 56.02 45.02 -9.71
C LYS G 30 56.98 43.98 -9.15
N ASP G 31 56.47 42.78 -8.91
CA ASP G 31 57.29 41.67 -8.47
C ASP G 31 57.76 40.85 -9.66
N VAL G 32 57.07 40.99 -10.78
CA VAL G 32 57.42 40.29 -12.01
C VAL G 32 58.42 41.09 -12.84
N GLN G 33 59.59 41.34 -12.27
CA GLN G 33 60.62 42.11 -12.96
C GLN G 33 61.85 41.24 -13.24
N ASP G 34 61.62 39.95 -13.44
CA ASP G 34 62.70 39.02 -13.72
C ASP G 34 62.16 37.71 -14.31
N MET G 35 61.85 37.74 -15.59
CA MET G 35 61.31 36.57 -16.28
C MET G 35 62.00 36.41 -17.65
N PRO G 36 61.65 35.36 -18.40
CA PRO G 36 62.20 35.36 -19.77
C PRO G 36 61.68 36.53 -20.61
N LYS G 37 62.59 37.27 -21.24
CA LYS G 37 62.22 38.33 -22.17
C LYS G 37 61.38 37.78 -23.30
N SER G 38 61.47 36.47 -23.49
CA SER G 38 60.65 35.76 -24.46
C SER G 38 59.16 35.81 -24.10
N ILE G 39 58.86 36.19 -22.87
CA ILE G 39 57.51 36.03 -22.35
C ILE G 39 56.83 37.39 -22.36
N LEU G 40 57.54 38.37 -21.84
CA LEU G 40 57.05 39.75 -21.92
C LEU G 40 58.13 40.70 -22.38
N SER G 41 57.77 41.71 -23.15
CA SER G 41 58.76 42.66 -23.65
C SER G 41 59.31 43.55 -22.53
N LYS G 42 60.64 43.65 -22.43
CA LYS G 42 61.23 44.47 -21.41
C LYS G 42 60.52 45.80 -21.49
N GLU G 43 60.22 46.23 -22.71
CA GLU G 43 59.53 47.49 -22.93
C GLU G 43 58.02 47.30 -22.79
N GLU G 44 57.55 46.11 -23.14
CA GLU G 44 56.13 45.78 -23.03
C GLU G 44 55.71 45.63 -21.57
N ILE G 45 56.67 45.22 -20.76
CA ILE G 45 56.48 45.02 -19.33
C ILE G 45 56.42 46.36 -18.63
N ASP G 46 57.29 47.30 -19.03
CA ASP G 46 57.22 48.59 -18.38
C ASP G 46 55.87 49.16 -18.71
N HIS G 47 55.45 48.85 -19.93
CA HIS G 47 54.15 49.23 -20.46
C HIS G 47 53.06 48.75 -19.53
N ILE G 48 53.12 47.47 -19.17
CA ILE G 48 52.16 46.85 -18.27
C ILE G 48 52.38 47.37 -16.86
N ILE G 49 53.62 47.31 -16.39
CA ILE G 49 53.91 47.85 -15.07
C ILE G 49 53.60 49.34 -15.13
N MET G 50 53.35 49.79 -16.34
CA MET G 50 53.35 51.18 -16.65
C MET G 50 52.31 51.79 -15.74
N SER G 51 51.28 50.97 -15.55
CA SER G 51 50.50 50.89 -14.33
C SER G 51 49.83 52.16 -13.82
N LYS G 52 49.08 52.81 -14.69
CA LYS G 52 48.31 53.93 -14.23
C LYS G 52 47.32 53.40 -13.21
N ASP G 53 46.73 52.24 -13.48
CA ASP G 53 45.75 51.66 -12.55
C ASP G 53 45.86 50.17 -12.27
N ALA G 54 45.50 49.77 -11.08
CA ALA G 54 45.59 48.39 -10.71
C ALA G 54 44.72 47.62 -11.66
N VAL G 55 43.55 48.16 -12.00
CA VAL G 55 42.66 47.41 -12.89
C VAL G 55 43.20 47.51 -14.30
N SER G 56 43.57 48.72 -14.71
CA SER G 56 44.05 48.91 -16.06
C SER G 56 45.36 48.17 -16.28
N GLY G 57 46.26 48.21 -15.30
CA GLY G 57 47.56 47.59 -15.46
C GLY G 57 47.44 46.09 -15.62
N THR G 58 46.59 45.50 -14.79
CA THR G 58 46.39 44.05 -14.78
C THR G 58 45.73 43.68 -16.10
N LEU G 59 44.78 44.50 -16.54
CA LEU G 59 44.06 44.20 -17.75
C LEU G 59 45.09 44.27 -18.87
N ARG G 60 45.98 45.25 -18.72
CA ARG G 60 47.03 45.51 -19.68
C ARG G 60 47.94 44.31 -19.77
N LEU G 61 48.14 43.61 -18.65
CA LEU G 61 48.94 42.43 -18.75
C LEU G 61 48.22 41.30 -19.41
N PHE G 62 46.95 41.07 -19.10
CA PHE G 62 46.34 39.94 -19.78
C PHE G 62 46.22 40.22 -21.27
N TRP G 63 45.87 41.46 -21.62
CA TRP G 63 45.70 41.77 -23.02
C TRP G 63 46.97 41.58 -23.82
N THR G 64 48.07 42.15 -23.36
CA THR G 64 49.29 42.01 -24.13
C THR G 64 49.76 40.56 -24.19
N LEU G 65 49.67 39.87 -23.06
CA LEU G 65 50.16 38.49 -22.97
C LEU G 65 49.34 37.51 -23.80
N LEU G 66 48.03 37.73 -23.86
CA LEU G 66 47.11 36.83 -24.57
C LEU G 66 47.56 36.71 -26.05
N SER G 67 48.31 37.72 -26.46
CA SER G 67 48.83 37.89 -27.82
C SER G 67 49.94 36.90 -28.22
N LYS G 68 50.55 36.24 -27.22
CA LYS G 68 51.69 35.32 -27.41
C LYS G 68 51.25 33.86 -27.58
N GLN G 69 52.19 32.96 -27.82
CA GLN G 69 51.85 31.56 -28.08
C GLN G 69 51.58 30.76 -26.79
N GLU G 70 51.04 29.55 -26.92
CA GLU G 70 50.79 28.73 -25.74
C GLU G 70 51.97 28.46 -24.80
N GLU G 71 53.10 28.13 -25.36
CA GLU G 71 54.24 27.90 -24.50
C GLU G 71 54.55 29.19 -23.82
N MET G 72 54.43 30.26 -24.61
CA MET G 72 54.86 31.59 -24.19
C MET G 72 54.22 31.93 -22.86
N VAL G 73 52.91 31.75 -22.78
CA VAL G 73 52.23 31.99 -21.52
C VAL G 73 52.67 31.05 -20.41
N GLN G 74 52.72 29.77 -20.72
CA GLN G 74 52.85 28.71 -19.74
C GLN G 74 54.12 28.86 -19.00
N LYS G 75 55.14 29.27 -19.71
CA LYS G 75 56.38 29.53 -19.03
C LYS G 75 56.00 30.58 -18.01
N PHE G 76 55.16 31.53 -18.41
CA PHE G 76 54.67 32.52 -17.49
C PHE G 76 53.84 31.93 -16.37
N VAL G 77 52.94 31.03 -16.68
CA VAL G 77 52.08 30.45 -15.65
C VAL G 77 52.88 29.57 -14.74
N GLU G 78 54.01 29.09 -15.22
CA GLU G 78 54.76 28.14 -14.45
C GLU G 78 55.98 28.76 -13.83
N GLU G 79 57.00 28.96 -14.62
CA GLU G 79 58.27 29.37 -14.05
C GLU G 79 58.26 30.72 -13.38
N VAL G 80 57.64 31.71 -14.01
CA VAL G 80 57.65 33.07 -13.50
C VAL G 80 56.73 33.34 -12.30
N LEU G 81 55.51 32.80 -12.37
CA LEU G 81 54.49 33.10 -11.37
C LEU G 81 54.49 32.11 -10.22
N ARG G 82 55.53 31.27 -10.16
CA ARG G 82 55.61 30.31 -9.08
C ARG G 82 56.63 30.71 -8.02
N ILE G 83 57.41 31.73 -8.33
CA ILE G 83 58.40 32.13 -7.39
C ILE G 83 57.68 32.69 -6.18
N ASN G 84 56.79 33.63 -6.41
CA ASN G 84 56.13 34.31 -5.30
C ASN G 84 54.63 34.13 -5.20
N TYR G 85 53.96 34.24 -6.33
CA TYR G 85 52.52 34.19 -6.36
C TYR G 85 52.08 32.76 -6.46
N LYS G 86 52.32 32.02 -5.41
CA LYS G 86 52.02 30.62 -5.44
C LYS G 86 50.53 30.48 -5.64
N PHE G 87 49.76 31.22 -4.86
CA PHE G 87 48.37 30.90 -4.72
C PHE G 87 47.69 31.00 -6.06
N LEU G 88 48.05 31.99 -6.86
CA LEU G 88 47.35 32.15 -8.10
C LEU G 88 47.57 30.91 -8.89
N MET G 89 48.80 30.47 -8.91
CA MET G 89 49.19 29.43 -9.80
C MET G 89 48.36 28.24 -9.42
N SER G 90 48.19 28.04 -8.13
CA SER G 90 47.47 26.89 -7.68
C SER G 90 46.08 26.95 -8.22
N PRO G 91 45.45 28.21 -8.23
CA PRO G 91 44.12 28.17 -8.83
C PRO G 91 44.28 27.81 -10.25
N ILE G 92 45.24 28.41 -10.94
CA ILE G 92 45.30 28.20 -12.38
C ILE G 92 45.55 26.75 -12.74
N LYS G 93 46.52 26.15 -12.07
CA LYS G 93 46.89 24.84 -12.50
C LYS G 93 45.58 24.10 -12.54
N THR G 94 44.71 24.45 -11.63
CA THR G 94 43.50 23.72 -11.53
C THR G 94 42.82 23.92 -12.83
N GLU G 95 42.85 25.14 -13.37
CA GLU G 95 42.00 25.40 -14.53
C GLU G 95 42.33 24.55 -15.82
N GLN G 96 43.53 24.67 -16.38
CA GLN G 96 43.92 23.87 -17.57
C GLN G 96 43.62 22.40 -17.44
N ARG G 97 43.84 21.86 -16.24
CA ARG G 97 43.37 20.56 -15.97
C ARG G 97 41.89 20.59 -15.79
N GLN G 98 41.37 21.74 -15.42
CA GLN G 98 39.93 21.80 -15.17
C GLN G 98 39.04 22.96 -15.54
N PRO G 99 37.92 22.58 -16.11
CA PRO G 99 36.95 23.62 -16.40
C PRO G 99 35.64 23.49 -15.63
N SER G 100 35.29 24.51 -14.85
CA SER G 100 34.03 24.50 -14.10
C SER G 100 32.88 24.71 -15.08
N MET G 101 31.67 24.30 -14.73
CA MET G 101 30.61 24.45 -15.72
C MET G 101 30.63 25.87 -16.25
N MET G 102 30.74 26.85 -15.36
CA MET G 102 30.77 28.26 -15.78
C MET G 102 31.98 28.59 -16.66
N THR G 103 33.16 28.22 -16.22
CA THR G 103 34.31 28.66 -16.96
C THR G 103 34.23 28.09 -18.32
N ARG G 104 34.15 26.78 -18.38
CA ARG G 104 34.06 26.23 -19.69
C ARG G 104 32.81 26.82 -20.27
N MET G 105 31.80 27.08 -19.44
CA MET G 105 30.54 27.51 -19.98
C MET G 105 30.80 28.78 -20.74
N TYR G 106 31.58 29.68 -20.18
CA TYR G 106 31.90 30.90 -20.91
C TYR G 106 32.78 30.56 -22.09
N ILE G 107 33.76 29.74 -21.76
CA ILE G 107 34.95 29.67 -22.55
C ILE G 107 34.55 29.28 -23.92
N GLU G 108 33.49 28.51 -24.03
CA GLU G 108 32.91 28.31 -25.32
C GLU G 108 32.36 29.58 -25.92
N GLN G 109 31.68 30.43 -25.16
CA GLN G 109 31.05 31.58 -25.79
C GLN G 109 32.13 32.43 -26.38
N ARG G 110 33.20 32.60 -25.66
CA ARG G 110 34.22 33.51 -26.18
C ARG G 110 34.55 33.03 -27.58
N ASP G 111 34.69 31.71 -27.72
CA ASP G 111 35.08 31.14 -29.00
C ASP G 111 33.98 31.48 -29.97
N ARG G 112 32.76 31.37 -29.45
CA ARG G 112 31.61 31.60 -30.27
C ARG G 112 31.69 33.04 -30.75
N LEU G 113 32.05 34.00 -29.88
CA LEU G 113 32.10 35.39 -30.29
C LEU G 113 33.23 35.67 -31.30
N TYR G 114 34.40 35.02 -31.15
CA TYR G 114 35.46 35.26 -32.13
C TYR G 114 34.94 34.80 -33.47
N ASN G 115 34.34 33.63 -33.45
CA ASN G 115 33.84 32.95 -34.63
C ASN G 115 32.72 33.55 -35.40
N ASP G 116 31.67 33.99 -34.74
CA ASP G 116 30.64 34.68 -35.48
C ASP G 116 31.23 35.96 -35.99
N ASN G 117 31.98 36.62 -35.13
CA ASN G 117 32.53 37.90 -35.48
C ASN G 117 33.96 37.60 -35.50
N GLN G 118 34.62 37.97 -36.60
CA GLN G 118 35.96 37.47 -36.89
C GLN G 118 37.09 38.47 -36.96
N VAL G 119 36.99 39.40 -37.90
CA VAL G 119 38.10 40.20 -38.38
C VAL G 119 38.53 40.92 -37.16
N PHE G 120 37.63 40.88 -36.20
CA PHE G 120 37.95 41.23 -34.86
C PHE G 120 38.87 40.17 -34.33
N ALA G 121 38.63 38.93 -34.65
CA ALA G 121 39.40 37.93 -33.97
C ALA G 121 40.85 38.24 -34.18
N LYS G 122 41.13 38.62 -35.41
CA LYS G 122 42.43 38.68 -36.05
C LYS G 122 42.92 40.12 -36.19
N TYR G 123 42.07 41.08 -35.86
CA TYR G 123 42.43 42.47 -36.07
C TYR G 123 42.15 43.41 -34.90
N ASN G 124 41.72 42.87 -33.77
CA ASN G 124 41.43 43.68 -32.56
C ASN G 124 42.61 44.49 -32.04
N VAL G 125 42.35 45.53 -31.26
CA VAL G 125 43.45 46.23 -30.58
C VAL G 125 43.15 46.51 -29.10
N SER G 126 44.16 46.26 -28.27
CA SER G 126 44.10 46.61 -26.86
C SER G 126 43.68 48.06 -26.73
N ARG G 127 42.51 48.29 -26.16
CA ARG G 127 41.97 49.63 -26.01
C ARG G 127 41.45 49.84 -24.58
N LEU G 128 42.18 50.58 -23.75
CA LEU G 128 41.78 50.71 -22.34
C LEU G 128 40.55 51.54 -22.05
N GLN G 129 40.66 52.80 -22.43
CA GLN G 129 39.77 53.88 -22.03
C GLN G 129 38.33 53.51 -22.21
N PRO G 130 37.93 53.23 -23.45
CA PRO G 130 36.52 52.92 -23.64
C PRO G 130 36.13 51.56 -23.11
N TYR G 131 37.08 50.65 -23.12
CA TYR G 131 36.87 49.30 -22.66
C TYR G 131 36.45 49.27 -21.20
N LEU G 132 37.18 50.02 -20.39
CA LEU G 132 36.92 50.12 -18.96
C LEU G 132 35.69 50.96 -18.67
N LYS G 133 35.46 52.00 -19.47
CA LYS G 133 34.29 52.85 -19.21
C LYS G 133 33.06 51.99 -19.45
N LEU G 134 33.07 51.27 -20.57
CA LEU G 134 31.95 50.45 -20.98
C LEU G 134 31.70 49.26 -20.06
N ARG G 135 32.77 48.67 -19.55
CA ARG G 135 32.67 47.48 -18.71
C ARG G 135 32.18 47.88 -17.33
N GLN G 136 32.41 49.15 -16.98
CA GLN G 136 31.99 49.69 -15.72
C GLN G 136 30.49 49.98 -15.81
N ALA G 137 30.10 50.64 -16.91
CA ALA G 137 28.70 51.03 -17.12
C ALA G 137 27.81 49.81 -17.25
N LEU G 138 28.37 48.87 -17.98
CA LEU G 138 27.72 47.65 -18.34
C LEU G 138 27.30 46.86 -17.11
N LEU G 139 28.21 46.71 -16.17
CA LEU G 139 27.92 45.89 -14.99
C LEU G 139 26.75 46.45 -14.19
N GLU G 140 26.73 47.74 -13.92
CA GLU G 140 25.67 48.23 -13.06
C GLU G 140 24.35 48.05 -13.78
N LEU G 141 24.41 48.15 -15.10
CA LEU G 141 23.23 48.22 -15.97
C LEU G 141 22.14 47.23 -15.59
N ARG G 142 20.96 47.75 -15.23
CA ARG G 142 19.91 46.94 -14.61
C ARG G 142 19.17 46.06 -15.61
N PRO G 143 18.27 45.20 -15.13
CA PRO G 143 17.54 44.35 -16.08
C PRO G 143 16.64 45.11 -17.05
N ALA G 144 16.41 46.39 -16.84
CA ALA G 144 15.60 47.14 -17.79
C ALA G 144 16.24 48.45 -18.20
N LYS G 145 17.55 48.60 -18.05
CA LYS G 145 18.14 49.87 -18.46
C LYS G 145 18.89 49.77 -19.80
N ASN G 146 19.53 50.83 -20.25
CA ASN G 146 20.26 50.65 -21.48
C ASN G 146 21.39 51.61 -21.68
N VAL G 147 22.55 51.01 -21.81
CA VAL G 147 23.86 51.64 -21.89
C VAL G 147 24.24 51.87 -23.35
N LEU G 148 24.12 53.11 -23.81
CA LEU G 148 24.39 53.45 -25.20
C LEU G 148 25.80 53.99 -25.41
N ILE G 149 26.30 53.84 -26.62
CA ILE G 149 27.62 54.35 -26.99
C ILE G 149 27.58 54.91 -28.41
N ASP G 150 28.02 56.16 -28.56
CA ASP G 150 27.99 56.82 -29.86
C ASP G 150 29.21 57.73 -30.12
N GLY G 151 29.79 57.56 -31.30
CA GLY G 151 30.89 58.37 -31.77
C GLY G 151 30.81 58.61 -33.27
N VAL G 152 31.91 59.14 -33.82
CA VAL G 152 32.03 59.47 -35.25
C VAL G 152 31.96 58.17 -36.08
N LEU G 153 31.58 58.25 -37.35
CA LEU G 153 31.53 57.02 -38.13
C LEU G 153 32.91 56.39 -38.16
N GLY G 154 32.96 55.11 -37.84
CA GLY G 154 34.21 54.39 -37.91
C GLY G 154 34.97 54.70 -36.65
N SER G 155 34.30 54.69 -35.50
CA SER G 155 35.01 55.00 -34.28
C SER G 155 35.56 53.83 -33.47
N GLY G 156 35.05 52.64 -33.74
CA GLY G 156 35.48 51.45 -33.03
C GLY G 156 34.42 51.20 -31.98
N LYS G 157 33.23 51.73 -32.22
CA LYS G 157 32.11 51.58 -31.29
C LYS G 157 31.75 50.11 -31.07
N THR G 158 31.64 49.36 -32.16
CA THR G 158 31.26 47.96 -32.09
C THR G 158 32.44 47.13 -31.58
N TRP G 159 33.66 47.42 -32.04
CA TRP G 159 34.82 46.67 -31.57
C TRP G 159 34.96 46.87 -30.05
N VAL G 160 34.90 48.10 -29.55
CA VAL G 160 35.07 48.31 -28.10
C VAL G 160 34.00 47.48 -27.40
N ALA G 161 32.78 47.51 -27.96
CA ALA G 161 31.66 46.81 -27.35
C ALA G 161 31.94 45.31 -27.33
N LEU G 162 32.47 44.82 -28.44
CA LEU G 162 32.74 43.41 -28.56
C LEU G 162 33.78 43.05 -27.51
N ASP G 163 34.84 43.85 -27.42
CA ASP G 163 35.93 43.51 -26.53
C ASP G 163 35.43 43.44 -25.11
N VAL G 164 34.57 44.39 -24.74
CA VAL G 164 34.07 44.43 -23.38
C VAL G 164 33.22 43.17 -23.16
N CYS G 165 32.39 42.88 -24.14
CA CYS G 165 31.45 41.80 -23.99
C CYS G 165 32.09 40.47 -24.33
N LEU G 166 33.30 40.46 -24.82
CA LEU G 166 33.97 39.22 -24.79
C LEU G 166 34.16 38.94 -23.32
N SER G 167 34.77 39.93 -22.66
CA SER G 167 35.29 39.81 -21.31
C SER G 167 34.52 39.08 -20.24
N TYR G 168 35.17 38.09 -19.63
CA TYR G 168 34.44 37.19 -18.76
C TYR G 168 33.62 37.91 -17.72
N LYS G 169 34.26 38.86 -17.04
CA LYS G 169 33.61 39.58 -15.93
C LYS G 169 32.26 40.19 -16.33
N VAL G 170 32.23 40.64 -17.57
CA VAL G 170 31.06 41.26 -18.14
C VAL G 170 30.26 40.27 -18.91
N GLN G 171 30.57 39.01 -18.79
CA GLN G 171 29.66 38.07 -19.35
C GLN G 171 28.84 37.43 -18.30
N CYS G 172 29.52 36.75 -17.37
CA CYS G 172 28.87 36.00 -16.31
C CYS G 172 27.77 36.83 -15.68
N LYS G 173 28.02 38.14 -15.60
CA LYS G 173 27.05 39.07 -15.06
C LYS G 173 25.82 39.06 -15.95
N MET G 174 26.02 38.78 -17.23
CA MET G 174 24.90 38.65 -18.14
C MET G 174 24.67 37.22 -18.51
N ASP G 175 25.34 36.34 -17.81
CA ASP G 175 25.02 34.92 -17.90
C ASP G 175 25.01 34.41 -19.29
N PHE G 176 25.94 34.86 -20.08
CA PHE G 176 26.26 34.17 -21.28
C PHE G 176 25.10 34.11 -22.22
N LYS G 177 24.32 35.18 -22.29
CA LYS G 177 23.25 35.24 -23.28
C LYS G 177 23.25 36.59 -23.98
N ILE G 178 24.29 36.87 -24.77
CA ILE G 178 24.32 38.17 -25.44
C ILE G 178 23.97 38.10 -26.90
N PHE G 179 22.86 38.73 -27.25
CA PHE G 179 22.37 38.67 -28.59
C PHE G 179 22.80 39.90 -29.31
N TRP G 180 23.57 39.69 -30.34
CA TRP G 180 24.09 40.74 -31.18
C TRP G 180 23.31 40.87 -32.47
N LEU G 181 22.82 42.07 -32.74
CA LEU G 181 22.16 42.29 -34.02
C LEU G 181 22.56 43.63 -34.61
N ASN G 182 22.70 43.72 -35.92
CA ASN G 182 23.04 45.02 -36.50
C ASN G 182 21.83 45.70 -37.13
N LEU G 183 21.35 46.81 -36.57
CA LEU G 183 20.19 47.41 -37.17
C LEU G 183 20.59 48.01 -38.51
N LYS G 184 20.95 47.34 -39.58
CA LYS G 184 21.10 48.23 -40.72
C LYS G 184 19.73 48.42 -41.25
N ASN G 185 19.54 49.38 -42.10
CA ASN G 185 18.35 49.22 -42.84
C ASN G 185 17.45 48.73 -41.76
N CYS G 186 17.13 49.63 -40.83
CA CYS G 186 16.26 49.30 -39.72
C CYS G 186 15.14 50.33 -39.55
N ASN G 187 15.31 51.48 -40.22
CA ASN G 187 14.32 52.55 -40.14
C ASN G 187 13.13 52.29 -41.06
N SER G 188 12.53 51.11 -40.92
CA SER G 188 11.37 50.74 -41.73
C SER G 188 10.55 49.64 -41.05
N PRO G 189 9.16 49.76 -41.21
CA PRO G 189 8.42 48.67 -40.54
C PRO G 189 8.90 47.29 -40.97
N GLU G 190 9.70 47.25 -42.05
CA GLU G 190 10.22 45.99 -42.56
C GLU G 190 11.40 45.51 -41.72
N THR G 191 12.00 46.41 -40.96
CA THR G 191 13.13 46.08 -40.11
C THR G 191 12.69 45.35 -38.85
N VAL G 192 11.75 45.95 -38.13
CA VAL G 192 11.24 45.36 -36.89
C VAL G 192 10.95 43.86 -37.07
N LEU G 193 10.01 43.55 -37.94
CA LEU G 193 9.64 42.16 -38.20
C LEU G 193 10.87 41.31 -38.51
N GLU G 194 11.55 41.62 -39.62
CA GLU G 194 12.74 40.88 -40.02
C GLU G 194 13.67 40.64 -38.84
N MET G 195 14.09 41.72 -38.19
CA MET G 195 14.98 41.63 -37.04
C MET G 195 14.35 40.97 -35.83
N LEU G 196 13.12 41.36 -35.54
CA LEU G 196 12.39 40.83 -34.39
C LEU G 196 12.15 39.38 -34.67
N GLN G 197 12.23 39.01 -35.94
CA GLN G 197 12.12 37.64 -36.34
C GLN G 197 13.49 37.08 -35.98
N LYS G 198 14.55 37.81 -36.32
CA LYS G 198 15.87 37.26 -36.01
C LYS G 198 16.14 37.10 -34.50
N LEU G 199 15.63 38.00 -33.67
CA LEU G 199 15.88 37.94 -32.23
C LEU G 199 15.17 36.73 -31.61
N LEU G 200 13.99 36.42 -32.11
CA LEU G 200 13.24 35.26 -31.64
C LEU G 200 14.03 34.05 -32.08
N TYR G 201 14.41 34.05 -33.34
CA TYR G 201 15.37 33.10 -33.86
C TYR G 201 16.54 32.80 -32.90
N GLN G 202 17.25 33.82 -32.38
CA GLN G 202 18.42 33.43 -31.64
C GLN G 202 17.91 32.76 -30.45
N ILE G 203 17.15 33.45 -29.61
CA ILE G 203 16.60 32.85 -28.39
C ILE G 203 16.23 31.38 -28.55
N ASP G 204 15.30 31.10 -29.45
CA ASP G 204 14.87 29.73 -29.70
C ASP G 204 14.18 29.63 -31.06
N PRO G 205 14.19 28.44 -31.65
CA PRO G 205 13.54 28.24 -32.95
C PRO G 205 12.13 27.67 -32.81
N ASN G 206 11.19 28.50 -32.35
CA ASN G 206 9.82 28.04 -32.20
C ASN G 206 8.83 29.20 -32.16
N TRP G 207 8.02 29.34 -33.20
CA TRP G 207 6.99 30.37 -33.14
C TRP G 207 5.69 30.01 -33.81
N THR G 208 4.60 30.25 -33.09
CA THR G 208 3.27 29.95 -33.58
C THR G 208 2.94 31.15 -34.45
N SER G 209 3.41 31.08 -35.67
CA SER G 209 3.30 32.21 -36.57
C SER G 209 1.90 32.23 -37.18
N ARG G 210 1.01 31.45 -36.58
CA ARG G 210 -0.39 31.46 -36.96
C ARG G 210 -1.03 32.78 -36.56
N SER G 211 -0.39 33.53 -35.68
CA SER G 211 -0.92 34.79 -35.25
C SER G 211 -0.80 35.79 -36.41
N ASP G 212 -0.10 35.37 -37.46
CA ASP G 212 0.18 36.31 -38.53
C ASP G 212 -1.11 36.71 -39.24
N HIS G 213 -1.29 38.01 -39.28
CA HIS G 213 -2.46 38.66 -39.77
C HIS G 213 -1.77 39.71 -40.56
N SER G 214 -2.16 39.85 -41.82
CA SER G 214 -1.37 40.62 -42.79
C SER G 214 -1.93 42.01 -43.10
N SER G 215 -2.88 42.46 -42.30
CA SER G 215 -3.43 43.78 -42.45
C SER G 215 -2.39 44.79 -41.98
N ASN G 216 -1.61 44.38 -40.98
CA ASN G 216 -0.54 45.22 -40.47
C ASN G 216 0.76 44.45 -40.24
N ILE G 217 1.72 44.67 -41.15
CA ILE G 217 3.06 44.28 -40.89
C ILE G 217 3.41 45.06 -39.64
N LYS G 218 2.54 45.98 -39.26
CA LYS G 218 2.81 46.81 -38.10
C LYS G 218 2.19 46.25 -36.85
N LEU G 219 0.89 45.95 -36.92
CA LEU G 219 0.17 45.37 -35.80
C LEU G 219 0.78 44.01 -35.41
N ARG G 220 1.26 43.29 -36.41
CA ARG G 220 1.88 41.99 -36.18
C ARG G 220 3.19 42.22 -35.51
N ILE G 221 3.79 43.35 -35.82
CA ILE G 221 5.10 43.68 -35.32
C ILE G 221 4.96 43.70 -33.82
N HIS G 222 3.84 44.21 -33.36
CA HIS G 222 3.62 44.24 -31.95
C HIS G 222 3.56 42.83 -31.40
N SER G 223 2.89 41.94 -32.12
CA SER G 223 2.70 40.61 -31.58
C SER G 223 4.06 40.02 -31.36
N ILE G 224 4.92 40.17 -32.35
CA ILE G 224 6.21 39.47 -32.24
C ILE G 224 6.81 39.95 -30.89
N GLN G 225 6.68 41.25 -30.61
CA GLN G 225 7.19 41.82 -29.37
C GLN G 225 6.51 41.18 -28.16
N ALA G 226 5.19 41.01 -28.25
CA ALA G 226 4.42 40.41 -27.17
C ALA G 226 4.98 39.04 -26.80
N GLU G 227 5.29 38.25 -27.82
CA GLU G 227 5.84 36.91 -27.61
C GLU G 227 7.27 37.00 -27.07
N LEU G 228 8.03 37.97 -27.57
CA LEU G 228 9.40 38.17 -27.13
C LEU G 228 9.45 38.59 -25.66
N ARG G 229 8.55 39.50 -25.28
CA ARG G 229 8.48 39.97 -23.92
C ARG G 229 8.15 38.84 -22.96
N ARG G 230 7.26 37.95 -23.40
CA ARG G 230 6.87 36.81 -22.59
C ARG G 230 8.07 35.92 -22.33
N LEU G 231 8.83 35.60 -23.39
CA LEU G 231 9.98 34.71 -23.24
C LEU G 231 11.17 35.24 -22.44
N LEU G 232 11.51 36.52 -22.54
CA LEU G 232 12.67 37.01 -21.78
C LEU G 232 12.53 36.94 -20.25
N LYS G 233 11.41 37.31 -19.69
CA LYS G 233 11.38 37.24 -18.27
C LYS G 233 11.10 35.79 -18.04
N SER G 234 11.82 34.97 -18.77
CA SER G 234 11.81 33.54 -18.52
C SER G 234 12.95 33.35 -17.59
N LYS G 235 13.22 32.13 -17.17
CA LYS G 235 14.37 31.89 -16.34
C LYS G 235 15.63 31.53 -17.09
N PRO G 236 15.47 31.20 -18.46
CA PRO G 236 16.73 30.84 -19.11
C PRO G 236 17.60 32.06 -19.08
N TYR G 237 16.95 33.20 -19.29
CA TYR G 237 17.65 34.46 -19.28
C TYR G 237 17.49 35.10 -17.95
N GLU G 238 16.29 35.53 -17.62
CA GLU G 238 16.09 36.31 -16.39
C GLU G 238 16.79 37.57 -16.73
N ASN G 239 18.05 37.38 -17.11
CA ASN G 239 18.80 38.59 -17.46
C ASN G 239 19.93 38.37 -18.50
N CYS G 240 20.01 39.14 -19.58
CA CYS G 240 20.99 38.92 -20.64
C CYS G 240 21.09 40.21 -21.37
N LEU G 241 22.07 40.40 -22.23
CA LEU G 241 22.23 41.66 -22.90
C LEU G 241 22.13 41.57 -24.39
N LEU G 242 21.16 42.28 -24.93
CA LEU G 242 20.83 42.50 -26.33
C LEU G 242 21.51 43.78 -26.82
N VAL G 243 22.63 43.62 -27.52
CA VAL G 243 23.42 44.76 -27.98
C VAL G 243 23.11 45.11 -29.43
N LEU G 244 22.30 46.12 -29.58
CA LEU G 244 21.82 46.48 -30.87
C LEU G 244 23.11 47.01 -31.35
N LEU G 245 23.30 47.14 -32.65
CA LEU G 245 24.51 47.72 -33.10
C LEU G 245 24.06 48.70 -34.14
N ASN G 246 24.70 49.84 -34.24
CA ASN G 246 24.33 50.72 -35.31
C ASN G 246 22.84 51.05 -35.28
N VAL G 247 22.28 51.34 -34.12
CA VAL G 247 20.87 51.70 -34.07
C VAL G 247 20.70 52.93 -34.94
N GLN G 248 19.72 52.90 -35.83
CA GLN G 248 19.48 53.98 -36.79
C GLN G 248 18.92 55.35 -36.40
N ASN G 249 17.80 55.39 -35.68
CA ASN G 249 17.20 56.66 -35.30
C ASN G 249 16.49 56.41 -34.00
N ALA G 250 15.58 57.29 -33.56
CA ALA G 250 14.87 56.82 -32.39
C ALA G 250 13.92 55.70 -32.72
N LYS G 251 13.25 55.79 -33.87
CA LYS G 251 12.01 55.06 -34.03
C LYS G 251 12.18 53.57 -33.80
N ALA G 252 13.24 53.00 -34.34
CA ALA G 252 13.37 51.56 -34.28
C ALA G 252 13.41 51.18 -32.84
N TRP G 253 14.13 51.96 -32.06
CA TRP G 253 14.41 51.52 -30.73
C TRP G 253 13.09 51.32 -29.97
N ASN G 254 12.16 52.27 -30.00
CA ASN G 254 10.95 52.17 -29.28
C ASN G 254 10.48 50.77 -29.62
N ALA G 255 10.78 50.32 -30.84
CA ALA G 255 10.44 48.98 -31.25
C ALA G 255 11.19 47.99 -30.43
N PHE G 256 12.43 48.30 -30.10
CA PHE G 256 13.31 47.27 -29.60
C PHE G 256 13.56 47.13 -28.14
N ASN G 257 12.82 47.84 -27.29
CA ASN G 257 13.09 47.76 -25.85
C ASN G 257 12.25 46.68 -25.20
N LEU G 258 12.90 45.63 -24.73
CA LEU G 258 12.17 44.52 -24.16
C LEU G 258 12.44 44.31 -22.70
N SER G 259 12.85 45.35 -22.00
CA SER G 259 13.19 45.04 -20.63
C SER G 259 14.37 44.11 -20.71
N CYS G 260 15.24 44.38 -21.66
CA CYS G 260 16.38 43.55 -21.89
C CYS G 260 17.51 44.44 -21.59
N LYS G 261 18.48 43.97 -20.86
CA LYS G 261 19.62 44.83 -20.64
C LYS G 261 20.19 44.96 -22.04
N ILE G 262 19.73 45.94 -22.80
CA ILE G 262 20.37 46.15 -24.09
C ILE G 262 21.40 47.28 -24.00
N LEU G 263 22.42 47.25 -24.85
CA LEU G 263 23.36 48.37 -24.96
C LEU G 263 23.51 48.68 -26.44
N LEU G 264 23.13 49.89 -26.84
CA LEU G 264 23.04 50.25 -28.25
C LEU G 264 24.14 51.22 -28.65
N THR G 265 24.87 50.87 -29.69
CA THR G 265 25.91 51.72 -30.19
C THR G 265 25.44 52.34 -31.49
N THR G 266 25.48 53.66 -31.60
CA THR G 266 24.97 54.34 -32.79
C THR G 266 25.85 55.49 -33.25
N ARG G 267 25.89 55.68 -34.57
CA ARG G 267 26.61 56.80 -35.18
C ARG G 267 25.99 58.20 -35.35
N PHE G 268 24.71 58.44 -35.03
CA PHE G 268 24.34 59.88 -34.97
C PHE G 268 23.63 60.46 -33.73
N LYS G 269 23.59 61.79 -33.78
CA LYS G 269 23.37 62.62 -32.60
C LYS G 269 21.91 62.67 -32.20
N GLN G 270 21.02 62.29 -33.10
CA GLN G 270 19.59 62.25 -32.81
C GLN G 270 19.30 61.08 -31.86
N VAL G 271 20.05 60.01 -32.03
CA VAL G 271 19.91 58.84 -31.17
C VAL G 271 20.38 59.10 -29.73
N THR G 272 21.63 59.56 -29.66
CA THR G 272 22.32 59.77 -28.40
C THR G 272 21.76 61.08 -27.94
N ASP G 273 21.18 61.76 -28.91
CA ASP G 273 20.32 62.90 -28.66
C ASP G 273 18.98 62.37 -28.20
N PHE G 274 18.69 61.09 -28.43
CA PHE G 274 17.42 60.61 -27.90
C PHE G 274 17.29 60.21 -26.44
N LEU G 275 18.21 59.40 -25.94
CA LEU G 275 17.97 58.75 -24.67
C LEU G 275 18.63 59.42 -23.51
N SER G 276 17.80 60.07 -22.72
CA SER G 276 18.26 60.88 -21.66
C SER G 276 18.97 60.02 -20.67
N ALA G 277 20.05 60.54 -20.11
CA ALA G 277 20.75 59.85 -19.04
C ALA G 277 19.75 59.81 -17.94
N ALA G 278 19.88 58.84 -17.04
CA ALA G 278 18.91 58.58 -15.99
C ALA G 278 17.85 57.71 -16.58
N THR G 279 18.03 57.40 -17.85
CA THR G 279 17.77 56.09 -18.42
C THR G 279 18.80 55.46 -19.31
N THR G 280 20.03 55.94 -19.34
CA THR G 280 21.01 55.19 -20.09
C THR G 280 22.36 55.83 -19.82
N THR G 281 23.48 55.39 -20.38
CA THR G 281 24.57 56.23 -20.07
C THR G 281 25.32 56.26 -21.34
N HIS G 282 25.95 57.36 -21.67
CA HIS G 282 26.75 57.34 -22.87
C HIS G 282 28.23 57.30 -22.56
N ILE G 283 28.84 56.21 -22.99
CA ILE G 283 30.24 56.18 -23.24
C ILE G 283 30.26 56.93 -24.52
N SER G 284 31.11 57.93 -24.68
CA SER G 284 31.20 58.59 -25.97
C SER G 284 32.50 58.11 -26.54
N LEU G 285 32.41 57.32 -27.58
CA LEU G 285 33.57 56.69 -28.13
C LEU G 285 34.56 57.63 -28.73
N ASP G 286 34.07 58.69 -29.37
CA ASP G 286 34.88 59.61 -30.15
C ASP G 286 35.29 60.82 -29.36
N HIS G 287 35.07 60.76 -28.07
CA HIS G 287 35.34 61.86 -27.18
C HIS G 287 36.81 61.84 -26.83
N HIS G 288 37.09 62.60 -25.80
CA HIS G 288 38.36 63.15 -25.35
C HIS G 288 39.46 62.20 -24.97
N SER G 289 39.11 61.16 -24.25
CA SER G 289 40.13 60.28 -23.72
C SER G 289 40.06 58.95 -24.38
N MET G 290 38.93 58.67 -24.97
CA MET G 290 38.76 57.42 -25.68
C MET G 290 39.70 57.43 -26.84
N THR G 291 39.90 58.58 -27.44
CA THR G 291 40.56 58.58 -28.74
C THR G 291 41.74 57.64 -28.59
N LEU G 292 41.98 56.81 -29.61
CA LEU G 292 42.90 55.73 -29.42
C LEU G 292 44.18 56.31 -28.91
N THR G 293 44.78 55.58 -27.98
CA THR G 293 45.92 56.01 -27.19
C THR G 293 47.14 56.37 -28.05
N PRO G 294 47.73 57.56 -27.81
CA PRO G 294 48.71 58.25 -28.67
C PRO G 294 49.73 57.34 -29.37
N ASP G 295 50.06 56.22 -28.73
CA ASP G 295 51.01 55.27 -29.31
C ASP G 295 50.29 54.00 -29.74
N GLU G 296 49.04 53.85 -29.29
CA GLU G 296 48.24 52.71 -29.69
C GLU G 296 47.63 52.99 -31.06
N VAL G 297 47.84 54.19 -31.60
CA VAL G 297 47.49 54.38 -32.99
C VAL G 297 48.54 53.61 -33.79
N LYS G 298 49.79 53.74 -33.35
CA LYS G 298 50.89 53.03 -34.00
C LYS G 298 50.72 51.54 -33.77
N SER G 299 50.02 51.21 -32.70
CA SER G 299 49.71 49.83 -32.34
C SER G 299 48.81 49.22 -33.37
N LEU G 300 47.72 49.92 -33.63
CA LEU G 300 46.69 49.39 -34.50
C LEU G 300 47.32 49.30 -35.86
N LEU G 301 48.09 50.31 -36.23
CA LEU G 301 48.55 50.30 -37.57
C LEU G 301 49.32 49.02 -37.64
N LEU G 302 49.92 48.61 -36.56
CA LEU G 302 50.66 47.38 -36.75
C LEU G 302 49.87 46.16 -37.24
N LYS G 303 48.80 45.82 -36.51
CA LYS G 303 48.07 44.59 -36.75
C LYS G 303 48.07 44.23 -38.23
N TYR G 304 47.39 45.07 -39.02
CA TYR G 304 47.31 44.87 -40.46
C TYR G 304 48.73 44.94 -40.97
N LEU G 305 49.50 45.82 -40.34
CA LEU G 305 50.84 46.05 -40.81
C LEU G 305 51.74 44.85 -40.69
N ASP G 306 51.65 44.13 -39.59
CA ASP G 306 52.54 43.00 -39.32
C ASP G 306 54.06 43.27 -39.22
N CYS G 307 54.48 44.36 -38.60
CA CYS G 307 55.86 44.43 -38.13
C CYS G 307 56.14 45.42 -37.03
N ARG G 308 57.20 45.15 -36.27
CA ARG G 308 57.82 46.12 -35.40
C ARG G 308 58.61 47.29 -35.99
N PRO G 309 59.43 47.10 -37.02
CA PRO G 309 60.42 48.16 -37.15
C PRO G 309 59.90 49.29 -38.04
N GLN G 310 59.12 48.93 -39.06
CA GLN G 310 58.56 49.91 -39.98
C GLN G 310 57.50 50.76 -39.30
N ASP G 311 56.88 50.21 -38.25
CA ASP G 311 55.84 50.92 -37.52
C ASP G 311 56.27 52.36 -37.23
N LEU G 312 57.56 52.56 -36.99
CA LEU G 312 58.09 53.89 -36.71
C LEU G 312 58.30 54.68 -37.99
N PRO G 313 58.44 53.97 -39.10
CA PRO G 313 58.65 54.62 -40.39
C PRO G 313 57.33 55.14 -40.96
N ARG G 314 56.28 55.11 -40.14
CA ARG G 314 54.97 55.59 -40.55
C ARG G 314 54.45 56.66 -39.60
N GLU G 315 55.29 57.66 -39.33
CA GLU G 315 54.92 58.74 -38.43
C GLU G 315 53.96 59.71 -39.10
N VAL G 316 52.75 59.81 -38.56
CA VAL G 316 51.72 60.69 -39.10
C VAL G 316 50.70 61.07 -38.05
N LEU G 317 49.48 61.39 -38.49
CA LEU G 317 48.41 61.78 -37.58
C LEU G 317 47.08 61.17 -38.02
N THR G 318 46.37 60.56 -37.07
CA THR G 318 45.08 59.94 -37.36
C THR G 318 44.53 59.33 -36.08
N THR G 319 43.20 59.33 -35.93
CA THR G 319 42.60 58.80 -34.70
C THR G 319 41.35 57.97 -34.97
N ASN G 320 40.95 57.84 -36.23
CA ASN G 320 39.75 57.07 -36.54
C ASN G 320 40.11 55.64 -36.92
N PRO G 321 39.69 54.66 -36.11
CA PRO G 321 40.10 53.29 -36.41
C PRO G 321 39.66 52.88 -37.81
N ARG G 322 38.53 53.40 -38.28
CA ARG G 322 38.10 53.00 -39.61
C ARG G 322 39.07 53.59 -40.63
N ARG G 323 39.42 54.86 -40.45
CA ARG G 323 40.30 55.50 -41.40
C ARG G 323 41.68 54.88 -41.28
N LEU G 324 42.06 54.59 -40.04
CA LEU G 324 43.37 54.04 -39.77
C LEU G 324 43.51 52.70 -40.44
N SER G 325 42.48 51.87 -40.31
CA SER G 325 42.62 50.53 -40.83
C SER G 325 42.39 50.41 -42.31
N ILE G 326 41.54 51.26 -42.88
CA ILE G 326 41.43 51.25 -44.33
C ILE G 326 42.77 51.65 -44.93
N ILE G 327 43.38 52.67 -44.32
CA ILE G 327 44.67 53.15 -44.79
C ILE G 327 45.74 52.13 -44.62
N ALA G 328 45.74 51.56 -43.42
CA ALA G 328 46.77 50.61 -43.01
C ALA G 328 46.69 49.37 -43.94
N GLU G 329 45.46 48.94 -44.22
CA GLU G 329 45.23 47.80 -45.07
C GLU G 329 45.76 48.11 -46.45
N SER G 330 45.46 49.32 -46.89
CA SER G 330 45.85 49.70 -48.24
C SER G 330 47.37 49.72 -48.36
N ILE G 331 48.05 50.26 -47.36
CA ILE G 331 49.51 50.30 -47.44
C ILE G 331 50.20 48.91 -47.39
N ARG G 332 49.70 47.98 -46.60
CA ARG G 332 50.31 46.65 -46.56
C ARG G 332 50.15 45.97 -47.93
N ASP G 333 48.95 46.10 -48.46
CA ASP G 333 48.53 45.62 -49.76
C ASP G 333 48.07 46.73 -50.70
N ALA G 336 51.61 51.24 -50.68
CA ALA G 336 52.61 52.30 -50.87
C ALA G 336 52.31 53.50 -49.98
N THR G 337 53.21 53.84 -49.07
CA THR G 337 52.84 54.70 -47.94
C THR G 337 52.40 56.13 -48.23
N TRP G 338 53.20 56.85 -48.98
CA TRP G 338 52.87 58.22 -49.37
C TRP G 338 51.69 58.30 -50.30
N ASP G 339 51.71 57.51 -51.36
CA ASP G 339 50.75 57.76 -52.40
C ASP G 339 49.39 57.54 -51.84
N ASN G 340 49.30 56.35 -51.24
CA ASN G 340 48.10 55.74 -50.72
C ASN G 340 47.43 56.50 -49.56
N TRP G 341 48.23 57.06 -48.63
CA TRP G 341 47.69 57.70 -47.42
C TRP G 341 46.71 58.74 -47.93
N LYS G 342 46.98 59.28 -49.11
CA LYS G 342 46.08 60.27 -49.73
C LYS G 342 45.32 59.82 -50.99
N HIS G 343 46.03 59.76 -52.12
CA HIS G 343 45.47 59.64 -53.45
C HIS G 343 45.05 58.20 -53.50
N VAL G 344 45.58 57.45 -52.53
CA VAL G 344 45.19 56.08 -52.33
C VAL G 344 43.79 56.14 -51.75
N ASN G 345 42.91 55.26 -52.20
CA ASN G 345 41.56 55.23 -51.68
C ASN G 345 40.72 56.37 -52.22
N CYS G 346 41.25 57.06 -53.22
CA CYS G 346 40.42 57.94 -53.96
C CYS G 346 39.06 57.32 -54.09
N ASP G 347 39.15 56.00 -54.04
CA ASP G 347 38.09 55.10 -54.45
C ASP G 347 37.48 54.38 -53.26
N LYS G 348 37.97 54.55 -52.02
CA LYS G 348 37.30 53.85 -50.93
C LYS G 348 36.87 54.74 -49.77
N LEU G 349 37.79 55.47 -49.15
CA LEU G 349 37.49 56.27 -47.98
C LEU G 349 36.49 57.37 -48.33
N THR G 350 36.52 57.77 -49.58
CA THR G 350 35.63 58.78 -50.09
C THR G 350 34.23 58.21 -50.06
N THR G 351 34.06 56.97 -50.52
CA THR G 351 32.72 56.36 -50.54
C THR G 351 32.18 56.20 -49.13
N ILE G 352 33.05 55.86 -48.20
CA ILE G 352 32.66 55.67 -46.81
C ILE G 352 32.08 56.95 -46.21
N ILE G 353 32.73 58.07 -46.50
CA ILE G 353 32.29 59.37 -46.00
C ILE G 353 31.33 60.04 -46.98
N GLU G 354 30.67 59.23 -47.80
CA GLU G 354 29.73 59.75 -48.78
C GLU G 354 28.39 59.03 -48.68
N SER G 355 28.43 57.72 -48.46
CA SER G 355 27.21 56.93 -48.34
C SER G 355 26.27 57.49 -47.29
N SER G 356 26.76 58.49 -46.56
CA SER G 356 25.96 59.12 -45.51
C SER G 356 25.22 60.34 -46.05
N LEU G 357 25.47 60.68 -47.31
CA LEU G 357 24.83 61.82 -47.95
C LEU G 357 23.43 61.46 -48.44
N ASN G 358 23.20 60.22 -48.78
CA ASN G 358 21.87 59.91 -49.20
C ASN G 358 20.87 60.18 -48.09
N VAL G 359 21.26 59.94 -46.85
CA VAL G 359 20.29 59.90 -45.75
C VAL G 359 19.57 61.21 -45.48
N LEU G 360 20.30 62.33 -45.55
CA LEU G 360 19.71 63.66 -45.41
C LEU G 360 19.22 64.17 -46.76
N GLU G 361 17.95 64.56 -46.84
CA GLU G 361 17.37 65.00 -48.10
C GLU G 361 18.37 65.76 -48.97
N PRO G 362 18.43 65.41 -50.26
CA PRO G 362 19.30 66.09 -51.17
C PRO G 362 18.94 67.49 -51.57
N ALA G 363 17.65 67.78 -51.70
CA ALA G 363 17.20 69.09 -52.16
C ALA G 363 17.68 70.23 -51.27
N GLU G 364 17.73 69.99 -49.96
CA GLU G 364 18.11 71.03 -49.01
C GLU G 364 19.33 70.65 -48.17
N TYR G 365 19.43 69.36 -47.82
CA TYR G 365 20.53 68.90 -46.96
C TYR G 365 21.84 68.73 -47.74
N ARG G 366 21.90 67.69 -48.55
CA ARG G 366 23.10 67.36 -49.31
C ARG G 366 23.77 68.60 -49.92
N LYS G 367 23.02 69.34 -50.72
CA LYS G 367 23.55 70.50 -51.41
C LYS G 367 24.21 71.57 -50.55
N MET G 368 23.52 71.97 -49.49
CA MET G 368 24.06 73.01 -48.66
C MET G 368 25.43 72.55 -48.29
N PHE G 369 25.48 71.48 -47.52
CA PHE G 369 26.76 71.07 -46.95
C PHE G 369 27.85 71.20 -48.00
N ASP G 370 27.51 70.91 -49.26
CA ASP G 370 28.47 70.85 -50.34
C ASP G 370 29.18 72.19 -50.44
N ARG G 371 28.43 73.22 -50.05
CA ARG G 371 28.88 74.59 -50.12
C ARG G 371 30.04 74.85 -49.16
N LEU G 372 30.14 74.07 -48.10
CA LEU G 372 31.13 74.34 -47.09
C LEU G 372 32.52 74.22 -47.72
N SER G 373 32.55 73.70 -48.93
CA SER G 373 33.81 73.44 -49.55
C SER G 373 34.55 74.77 -49.59
N VAL G 374 33.81 75.87 -49.57
CA VAL G 374 34.38 77.20 -49.65
C VAL G 374 35.33 77.53 -48.50
N PHE G 375 34.95 77.11 -47.31
CA PHE G 375 35.68 77.47 -46.07
C PHE G 375 36.86 76.57 -45.69
N PRO G 376 37.71 77.10 -44.83
CA PRO G 376 39.01 76.50 -44.57
C PRO G 376 38.77 75.10 -44.05
N PRO G 377 39.72 74.15 -44.40
CA PRO G 377 39.21 72.78 -44.31
C PRO G 377 38.74 72.40 -42.92
N SER G 378 39.43 72.86 -41.89
CA SER G 378 38.99 72.54 -40.55
C SER G 378 38.86 73.87 -39.85
N ALA G 379 37.81 74.54 -40.26
CA ALA G 379 37.55 75.92 -39.91
C ALA G 379 36.09 76.12 -39.49
N HIS G 380 35.76 77.37 -39.19
CA HIS G 380 34.45 77.69 -38.64
C HIS G 380 33.63 78.51 -39.63
N ILE G 381 32.39 78.79 -39.26
CA ILE G 381 31.54 79.59 -40.12
C ILE G 381 30.40 80.31 -39.38
N PRO G 382 30.45 81.65 -39.39
CA PRO G 382 29.47 82.54 -38.77
C PRO G 382 28.10 82.36 -39.36
N THR G 383 27.06 82.72 -38.61
CA THR G 383 25.73 82.46 -39.13
C THR G 383 25.45 83.25 -40.41
N ILE G 384 25.87 84.51 -40.41
CA ILE G 384 25.63 85.40 -41.55
C ILE G 384 26.21 84.89 -42.88
N LEU G 385 27.42 84.34 -42.81
CA LEU G 385 28.11 83.79 -43.98
C LEU G 385 27.45 82.55 -44.58
N LEU G 386 26.97 81.65 -43.71
CA LEU G 386 26.35 80.41 -44.15
C LEU G 386 25.06 80.69 -44.87
N SER G 387 24.39 81.76 -44.53
CA SER G 387 23.07 82.01 -45.10
C SER G 387 23.19 82.18 -46.60
N LEU G 388 24.14 83.00 -47.03
CA LEU G 388 24.23 83.36 -48.42
C LEU G 388 24.48 82.13 -49.26
N ILE G 389 25.21 81.19 -48.71
CA ILE G 389 25.72 80.07 -49.49
C ILE G 389 24.64 79.16 -50.09
N SER G 396 15.10 82.56 -40.28
CA SER G 396 15.47 81.48 -39.38
C SER G 396 15.72 80.19 -40.14
N ASP G 397 15.36 80.18 -41.42
CA ASP G 397 15.49 78.95 -42.21
C ASP G 397 16.89 78.36 -42.22
N VAL G 398 17.94 79.17 -42.42
CA VAL G 398 19.27 78.58 -42.44
C VAL G 398 19.66 77.97 -41.11
N MET G 399 19.22 78.60 -40.03
CA MET G 399 19.52 78.14 -38.68
C MET G 399 18.91 76.78 -38.42
N VAL G 400 17.68 76.57 -38.91
CA VAL G 400 17.04 75.29 -38.71
C VAL G 400 17.64 74.27 -39.66
N VAL G 401 17.85 74.66 -40.93
CA VAL G 401 18.31 73.67 -41.90
C VAL G 401 19.70 73.16 -41.47
N VAL G 402 20.56 74.04 -40.97
CA VAL G 402 21.84 73.53 -40.49
C VAL G 402 21.58 72.68 -39.26
N ASN G 403 20.60 73.08 -38.45
CA ASN G 403 20.40 72.41 -37.15
C ASN G 403 20.10 70.94 -37.39
N LYS G 404 19.28 70.71 -38.41
CA LYS G 404 19.01 69.37 -38.86
C LYS G 404 20.29 68.76 -39.34
N LEU G 405 21.06 69.52 -40.07
CA LEU G 405 22.29 68.98 -40.57
C LEU G 405 23.19 68.71 -39.37
N HIS G 406 22.90 69.43 -38.30
CA HIS G 406 23.84 69.40 -37.19
C HIS G 406 23.98 67.99 -36.84
N LYS G 407 22.85 67.31 -36.82
CA LYS G 407 22.74 65.92 -36.42
C LYS G 407 23.27 64.94 -37.47
N TYR G 408 22.81 65.02 -38.72
CA TYR G 408 23.22 63.94 -39.62
C TYR G 408 24.69 63.97 -40.09
N SER G 409 25.17 65.10 -40.58
CA SER G 409 26.52 65.18 -41.13
C SER G 409 27.44 66.03 -40.29
N LEU G 410 28.66 66.25 -40.76
CA LEU G 410 29.67 66.79 -39.86
C LEU G 410 29.26 68.09 -39.12
N VAL G 411 29.02 69.19 -39.82
CA VAL G 411 27.98 70.21 -39.55
C VAL G 411 27.92 70.78 -38.12
N GLU G 412 29.03 70.89 -37.42
CA GLU G 412 28.89 70.76 -35.97
C GLU G 412 28.54 72.08 -35.42
N LYS G 413 27.27 72.25 -35.12
CA LYS G 413 26.78 73.51 -34.61
C LYS G 413 27.45 73.74 -33.29
N GLN G 414 27.54 74.99 -32.89
CA GLN G 414 28.21 75.32 -31.65
C GLN G 414 27.73 76.60 -31.04
N PRO G 415 28.22 76.88 -29.84
CA PRO G 415 27.80 78.08 -29.10
C PRO G 415 27.98 79.54 -29.52
N SER G 418 27.41 82.56 -32.28
CA SER G 418 26.69 81.37 -32.74
C SER G 418 27.34 80.77 -33.98
N THR G 419 28.66 80.90 -34.07
CA THR G 419 29.41 80.37 -35.21
C THR G 419 29.29 78.86 -35.29
N ILE G 420 29.88 78.27 -36.32
CA ILE G 420 29.75 76.87 -36.59
C ILE G 420 31.13 76.36 -36.91
N SER G 421 31.41 75.10 -36.58
CA SER G 421 32.70 74.50 -36.91
C SER G 421 32.37 73.12 -37.46
N ILE G 422 32.59 72.94 -38.75
CA ILE G 422 32.36 71.64 -39.38
C ILE G 422 33.42 70.57 -39.14
N PRO G 423 33.02 69.32 -39.26
CA PRO G 423 33.89 68.19 -38.94
C PRO G 423 34.55 67.66 -40.19
N SER G 424 35.87 67.63 -40.17
CA SER G 424 36.69 67.55 -41.34
C SER G 424 36.49 66.31 -42.18
N ILE G 425 36.36 65.18 -41.51
CA ILE G 425 36.66 63.90 -42.13
C ILE G 425 35.83 63.69 -43.38
N TYR G 426 34.58 64.14 -43.32
CA TYR G 426 33.75 64.37 -44.49
C TYR G 426 33.68 65.85 -44.85
N LEU G 427 34.28 66.68 -44.00
CA LEU G 427 34.30 68.13 -44.23
C LEU G 427 35.28 68.50 -45.34
N GLU G 428 36.55 68.15 -45.16
CA GLU G 428 37.58 68.46 -46.15
C GLU G 428 37.56 67.57 -47.39
N LEU G 429 37.51 66.27 -47.19
CA LEU G 429 37.74 65.29 -48.25
C LEU G 429 36.53 65.05 -49.15
N LYS G 430 35.43 64.61 -48.56
CA LYS G 430 34.30 64.16 -49.36
C LYS G 430 33.99 65.16 -50.46
N VAL G 431 33.81 66.39 -49.99
CA VAL G 431 33.36 67.49 -50.79
C VAL G 431 34.35 67.97 -51.86
N LYS G 432 35.62 68.02 -51.51
CA LYS G 432 36.64 68.57 -52.40
C LYS G 432 36.64 67.87 -53.75
N LEU G 433 36.55 66.56 -53.73
CA LEU G 433 36.57 65.76 -54.94
C LEU G 433 35.35 66.03 -55.80
N GLU G 434 34.16 66.05 -55.20
CA GLU G 434 32.97 66.23 -56.01
C GLU G 434 32.47 67.65 -55.93
N ASN G 435 32.55 68.37 -57.03
CA ASN G 435 32.06 69.72 -57.01
C ASN G 435 31.71 70.09 -58.45
N GLU G 436 30.94 71.16 -58.63
CA GLU G 436 30.52 71.58 -59.95
C GLU G 436 30.86 73.05 -59.90
N TYR G 437 30.73 73.80 -60.98
CA TYR G 437 31.26 75.14 -60.83
C TYR G 437 30.11 76.02 -60.32
N ALA G 438 29.70 75.70 -59.10
CA ALA G 438 28.86 76.53 -58.26
C ALA G 438 29.76 77.57 -57.64
N LEU G 439 31.04 77.21 -57.55
CA LEU G 439 32.05 77.99 -56.87
C LEU G 439 32.03 79.46 -57.24
N HIS G 440 31.90 79.76 -58.54
CA HIS G 440 32.00 81.17 -58.93
C HIS G 440 31.01 81.98 -58.10
N ARG G 441 29.79 81.46 -58.00
CA ARG G 441 28.76 82.18 -57.28
C ARG G 441 29.13 82.28 -55.80
N SER G 442 29.64 81.19 -55.22
CA SER G 442 29.95 81.19 -53.80
C SER G 442 31.07 82.18 -53.47
N ILE G 443 32.12 82.13 -54.27
CA ILE G 443 33.29 82.97 -54.06
C ILE G 443 32.89 84.43 -54.24
N VAL G 444 32.05 84.68 -55.25
CA VAL G 444 31.64 86.07 -55.53
C VAL G 444 30.84 86.50 -54.31
N ASP G 445 30.10 85.56 -53.72
CA ASP G 445 29.28 85.88 -52.56
C ASP G 445 30.23 86.36 -51.48
N HIS G 446 31.38 85.68 -51.38
CA HIS G 446 32.37 86.05 -50.37
C HIS G 446 32.81 87.47 -50.69
N TYR G 447 32.97 87.82 -51.97
CA TYR G 447 33.36 89.20 -52.22
C TYR G 447 32.29 90.13 -51.69
N ASN G 448 31.03 89.77 -51.93
CA ASN G 448 29.93 90.63 -51.54
C ASN G 448 29.82 90.86 -50.04
N ILE G 449 30.06 89.82 -49.23
CA ILE G 449 29.88 90.00 -47.79
C ILE G 449 30.85 91.05 -47.17
N PRO G 450 32.18 90.98 -47.42
CA PRO G 450 32.88 92.15 -46.86
C PRO G 450 32.51 93.45 -47.55
N LYS G 451 31.99 93.38 -48.76
CA LYS G 451 31.59 94.59 -49.44
C LYS G 451 30.49 95.19 -48.57
N THR G 452 29.54 94.36 -48.14
CA THR G 452 28.43 94.85 -47.33
C THR G 452 28.97 95.39 -46.01
N PHE G 453 29.85 94.63 -45.36
CA PHE G 453 30.45 95.07 -44.10
C PHE G 453 31.29 96.30 -44.42
N ASP G 454 30.98 97.42 -43.79
CA ASP G 454 31.77 98.61 -44.05
C ASP G 454 31.54 99.65 -42.96
N SER G 455 32.62 100.22 -42.47
CA SER G 455 32.53 101.31 -41.51
C SER G 455 33.13 102.51 -42.19
N ASP G 456 32.87 103.71 -41.67
CA ASP G 456 33.36 104.92 -42.32
C ASP G 456 34.88 104.84 -42.41
N ASP G 457 35.51 104.54 -41.28
CA ASP G 457 36.96 104.43 -41.26
C ASP G 457 37.42 103.00 -41.55
N LEU G 458 38.71 102.79 -41.34
CA LEU G 458 39.43 101.57 -41.72
C LEU G 458 39.16 100.33 -40.85
N ILE G 459 38.32 100.49 -39.82
CA ILE G 459 38.00 99.38 -38.93
C ILE G 459 36.75 98.64 -39.40
N PRO G 460 36.90 97.26 -39.61
CA PRO G 460 35.67 96.60 -40.06
C PRO G 460 34.99 95.86 -38.91
N PRO G 461 33.81 95.30 -39.16
CA PRO G 461 33.10 94.57 -38.11
C PRO G 461 33.34 93.07 -38.20
N TYR G 462 34.50 92.63 -37.73
CA TYR G 462 34.97 91.29 -38.00
C TYR G 462 34.53 90.28 -36.94
N LEU G 463 33.75 89.29 -37.36
CA LEU G 463 33.41 88.20 -36.48
C LEU G 463 34.76 87.54 -36.21
N ASP G 464 34.95 87.14 -34.97
CA ASP G 464 36.22 87.17 -34.28
C ASP G 464 37.32 86.35 -34.92
N GLN G 465 37.00 85.15 -35.35
CA GLN G 465 38.03 84.29 -35.92
C GLN G 465 37.88 84.14 -37.42
N TYR G 466 36.67 83.81 -37.84
CA TYR G 466 36.52 83.45 -39.25
C TYR G 466 37.04 84.49 -40.17
N PHE G 467 36.54 85.70 -39.98
CA PHE G 467 36.85 86.75 -40.91
C PHE G 467 38.33 86.96 -41.00
N TYR G 468 39.00 87.01 -39.86
CA TYR G 468 40.42 87.32 -39.85
C TYR G 468 41.22 86.30 -40.66
N SER G 469 41.00 85.01 -40.42
CA SER G 469 41.74 83.97 -41.13
C SER G 469 41.33 83.81 -42.60
N HIS G 470 40.03 83.57 -42.77
CA HIS G 470 39.39 83.18 -44.03
C HIS G 470 39.37 84.28 -45.10
N ILE G 471 39.22 85.53 -44.65
CA ILE G 471 38.92 86.63 -45.58
C ILE G 471 39.99 86.65 -46.64
N GLY G 472 41.24 86.54 -46.24
CA GLY G 472 42.33 86.64 -47.18
C GLY G 472 42.25 85.51 -48.19
N HIS G 473 41.91 84.31 -47.73
CA HIS G 473 41.87 83.15 -48.62
C HIS G 473 40.84 83.36 -49.72
N HIS G 474 39.65 83.78 -49.29
CA HIS G 474 38.55 83.98 -50.22
C HIS G 474 38.91 85.09 -51.17
N LEU G 475 39.55 86.12 -50.62
CA LEU G 475 39.96 87.29 -51.38
C LEU G 475 40.94 86.90 -52.45
N LYS G 476 41.88 86.03 -52.08
CA LYS G 476 42.92 85.60 -52.99
C LYS G 476 42.23 84.95 -54.16
N ASN G 477 41.23 84.12 -53.85
CA ASN G 477 40.52 83.46 -54.94
C ASN G 477 39.79 84.47 -55.82
N ILE G 478 39.11 85.46 -55.23
CA ILE G 478 38.27 86.36 -56.03
C ILE G 478 39.06 87.27 -57.00
N GLU G 479 40.04 88.02 -56.48
CA GLU G 479 40.85 89.02 -57.21
C GLU G 479 41.87 89.78 -56.34
N HIS G 480 42.75 90.53 -57.01
CA HIS G 480 43.76 91.40 -56.37
C HIS G 480 43.26 92.67 -55.64
N PRO G 481 42.42 93.52 -56.30
CA PRO G 481 42.14 94.83 -55.70
C PRO G 481 41.65 94.75 -54.26
N GLU G 482 40.76 93.82 -53.96
CA GLU G 482 40.23 93.69 -52.61
C GLU G 482 41.37 93.29 -51.73
N ARG G 483 42.20 92.39 -52.25
CA ARG G 483 43.28 91.81 -51.48
C ARG G 483 44.14 92.95 -50.98
N MET G 484 44.36 93.90 -51.89
CA MET G 484 45.23 95.02 -51.62
C MET G 484 44.73 95.82 -50.43
N THR G 485 43.45 96.19 -50.43
CA THR G 485 42.91 97.00 -49.33
C THR G 485 42.72 96.24 -48.01
N LEU G 486 42.12 95.04 -48.07
CA LEU G 486 41.78 94.27 -46.86
C LEU G 486 42.99 93.79 -46.10
N PHE G 487 43.97 93.24 -46.83
CA PHE G 487 45.16 92.71 -46.19
C PHE G 487 45.81 93.83 -45.45
N ARG G 488 45.61 95.04 -45.95
CA ARG G 488 46.02 96.18 -45.16
C ARG G 488 47.53 96.12 -45.11
N MET G 489 48.07 95.68 -46.24
CA MET G 489 49.46 95.83 -46.51
C MET G 489 49.50 97.31 -46.84
N VAL G 490 48.46 97.73 -47.54
CA VAL G 490 48.18 99.14 -47.85
C VAL G 490 47.87 99.82 -46.52
N PHE G 491 46.97 99.21 -45.73
CA PHE G 491 46.46 99.87 -44.53
C PHE G 491 47.02 99.39 -43.21
N LEU G 492 47.28 100.36 -42.36
CA LEU G 492 48.11 100.19 -41.19
C LEU G 492 47.15 99.67 -40.12
N ASP G 493 45.86 99.88 -40.36
CA ASP G 493 44.81 99.43 -39.45
C ASP G 493 44.78 97.91 -39.21
N PHE G 494 45.05 97.04 -40.18
CA PHE G 494 44.96 95.61 -39.84
C PHE G 494 46.20 95.13 -39.19
N ARG G 495 47.26 95.92 -39.28
CA ARG G 495 48.38 95.66 -38.44
C ARG G 495 47.81 95.65 -37.02
N PHE G 496 47.17 96.77 -36.70
CA PHE G 496 46.43 96.94 -35.46
C PHE G 496 45.47 95.79 -35.17
N LEU G 497 44.40 95.69 -35.95
CA LEU G 497 43.31 94.87 -35.47
C LEU G 497 43.67 93.41 -35.50
N GLU G 498 44.26 92.95 -36.61
CA GLU G 498 44.54 91.54 -36.71
C GLU G 498 45.47 91.16 -35.56
N GLN G 499 46.50 91.97 -35.37
CA GLN G 499 47.50 91.64 -34.36
C GLN G 499 46.88 91.65 -32.96
N LYS G 500 46.20 92.71 -32.53
CA LYS G 500 45.75 92.64 -31.13
C LYS G 500 44.58 91.66 -30.91
N ILE G 501 43.60 91.55 -31.82
CA ILE G 501 42.53 90.59 -31.49
C ILE G 501 43.13 89.18 -31.49
N ARG G 502 44.01 88.84 -32.43
CA ARG G 502 44.51 87.47 -32.36
C ARG G 502 45.69 87.37 -31.41
N HIS G 503 45.46 87.94 -30.22
CA HIS G 503 46.27 87.81 -29.02
C HIS G 503 45.73 86.71 -28.13
N ASN G 516 48.89 83.78 -33.15
CA ASN G 516 49.38 85.12 -32.91
C ASN G 516 49.91 85.76 -34.18
N THR G 517 51.10 86.35 -34.09
CA THR G 517 51.74 86.98 -35.23
C THR G 517 51.99 85.93 -36.32
N LEU G 518 52.20 84.69 -35.88
CA LEU G 518 52.59 83.59 -36.75
C LEU G 518 51.63 83.41 -37.93
N GLN G 519 50.34 83.42 -37.62
CA GLN G 519 49.30 83.23 -38.62
C GLN G 519 49.24 84.44 -39.53
N GLN G 520 49.41 85.61 -38.94
CA GLN G 520 49.30 86.88 -39.65
C GLN G 520 50.39 86.78 -40.75
N LEU G 521 51.59 86.36 -40.35
CA LEU G 521 52.72 86.22 -41.26
C LEU G 521 52.36 85.20 -42.32
N LYS G 522 51.63 84.18 -41.88
CA LYS G 522 51.22 83.12 -42.78
C LYS G 522 50.33 83.74 -43.84
N PHE G 523 49.45 84.66 -43.47
CA PHE G 523 48.55 85.21 -44.47
C PHE G 523 49.40 85.97 -45.45
N TYR G 524 50.31 86.79 -44.94
CA TYR G 524 51.04 87.63 -45.88
C TYR G 524 51.84 86.83 -46.91
N LYS G 525 52.55 85.78 -46.50
CA LYS G 525 53.42 85.12 -47.49
C LYS G 525 52.73 84.41 -48.71
N PRO G 526 51.80 83.45 -48.51
CA PRO G 526 51.26 82.88 -49.77
C PRO G 526 50.31 83.79 -50.56
N TYR G 527 49.65 84.72 -49.87
CA TYR G 527 48.64 85.57 -50.51
C TYR G 527 49.21 86.62 -51.47
N ILE G 528 50.47 87.03 -51.30
CA ILE G 528 50.97 88.19 -52.04
C ILE G 528 50.80 88.01 -53.55
N CYS G 529 50.84 86.77 -54.03
CA CYS G 529 50.89 86.46 -55.46
C CYS G 529 49.75 87.13 -56.23
N ASP G 530 48.62 87.35 -55.56
CA ASP G 530 47.47 87.92 -56.24
C ASP G 530 47.83 89.31 -56.76
N ASP G 532 49.28 94.94 -57.66
CA ASP G 532 50.29 94.66 -58.67
C ASP G 532 51.65 94.49 -57.97
N PRO G 533 52.77 94.38 -58.73
CA PRO G 533 54.06 94.24 -58.05
C PRO G 533 54.55 95.44 -57.20
N LYS G 534 54.30 96.68 -57.61
CA LYS G 534 54.84 97.84 -56.90
C LYS G 534 54.33 97.83 -55.44
N TYR G 535 53.03 97.63 -55.34
CA TYR G 535 52.40 97.57 -54.04
C TYR G 535 52.97 96.31 -53.38
N GLU G 536 53.24 95.28 -54.18
CA GLU G 536 53.71 94.00 -53.66
C GLU G 536 55.00 94.15 -52.84
N ARG G 537 56.00 94.81 -53.43
CA ARG G 537 57.30 94.96 -52.80
C ARG G 537 56.97 95.68 -51.52
N LEU G 538 56.04 96.63 -51.65
CA LEU G 538 55.69 97.43 -50.50
C LEU G 538 55.12 96.50 -49.38
N VAL G 539 54.21 95.59 -49.72
CA VAL G 539 53.60 94.73 -48.70
C VAL G 539 54.65 93.88 -48.02
N ASN G 540 55.64 93.42 -48.77
CA ASN G 540 56.63 92.59 -48.08
C ASN G 540 57.38 93.49 -47.10
N ALA G 541 57.57 94.74 -47.52
CA ALA G 541 58.29 95.72 -46.73
C ALA G 541 57.58 95.91 -45.37
N ILE G 542 56.26 96.05 -45.44
CA ILE G 542 55.41 96.27 -44.25
C ILE G 542 55.49 95.01 -43.40
N LEU G 543 55.54 93.88 -44.09
CA LEU G 543 55.51 92.56 -43.48
C LEU G 543 56.72 92.36 -42.60
N ASP G 544 57.91 92.74 -43.05
CA ASP G 544 59.07 92.52 -42.19
C ASP G 544 58.92 93.37 -40.94
N PHE G 545 58.35 94.56 -41.10
CA PHE G 545 58.19 95.48 -39.98
C PHE G 545 57.26 94.93 -38.91
N LEU G 546 56.23 94.25 -39.38
CA LEU G 546 55.20 93.74 -38.50
C LEU G 546 55.65 92.70 -37.41
N PRO G 547 56.32 91.58 -37.77
CA PRO G 547 56.80 90.79 -36.64
C PRO G 547 57.92 91.48 -35.87
N LYS G 548 58.53 92.49 -36.48
CA LYS G 548 59.65 93.20 -35.88
C LYS G 548 59.21 93.85 -34.59
N ILE G 549 58.04 94.49 -34.60
CA ILE G 549 57.53 95.16 -33.41
C ILE G 549 56.14 94.64 -33.05
N SER G 556 48.59 99.50 -26.75
CA SER G 556 48.99 100.84 -27.22
C SER G 556 47.91 101.84 -27.84
N LYS G 557 47.42 102.91 -27.12
CA LYS G 557 46.42 104.05 -27.53
C LYS G 557 46.81 104.39 -28.96
N TYR G 558 45.81 104.61 -29.79
CA TYR G 558 45.71 104.44 -31.17
C TYR G 558 47.08 104.75 -31.98
N THR G 559 47.66 105.74 -31.44
CA THR G 559 48.96 106.34 -31.75
C THR G 559 50.26 105.53 -32.08
N ASP G 560 50.61 104.56 -31.29
CA ASP G 560 51.91 103.93 -31.38
C ASP G 560 52.04 103.36 -32.79
N LEU G 561 50.94 102.79 -33.30
CA LEU G 561 50.96 102.14 -34.59
C LEU G 561 51.42 103.13 -35.67
N LEU G 562 50.85 104.34 -35.65
CA LEU G 562 51.14 105.30 -36.70
C LEU G 562 52.60 105.79 -36.54
N ARG G 563 53.04 105.93 -35.29
CA ARG G 563 54.41 106.39 -35.11
C ARG G 563 55.45 105.36 -35.55
N ILE G 564 55.21 104.09 -35.28
CA ILE G 564 56.17 103.09 -35.74
C ILE G 564 56.09 103.07 -37.26
N ALA G 565 54.89 103.33 -37.80
CA ALA G 565 54.69 103.33 -39.26
C ALA G 565 55.64 104.37 -39.85
N LEU G 566 55.88 105.43 -39.09
CA LEU G 566 56.66 106.58 -39.57
C LEU G 566 58.10 106.26 -39.98
N MET G 567 58.68 105.19 -39.44
CA MET G 567 60.11 104.94 -39.64
C MET G 567 60.54 104.84 -41.11
N ALA G 568 59.83 104.09 -41.94
CA ALA G 568 60.30 104.00 -43.32
C ALA G 568 59.33 104.74 -44.22
N GLU G 569 59.90 105.72 -44.93
CA GLU G 569 59.15 106.64 -45.79
C GLU G 569 58.54 106.00 -47.02
N ASP G 570 59.21 104.97 -47.54
CA ASP G 570 58.83 104.33 -48.79
C ASP G 570 57.48 103.61 -48.82
N GLU G 571 56.85 103.39 -47.67
CA GLU G 571 55.73 102.47 -47.65
C GLU G 571 54.32 103.06 -47.50
N ALA G 572 53.35 102.30 -48.02
CA ALA G 572 51.92 102.62 -48.00
C ALA G 572 51.39 102.57 -46.59
N ILE G 573 51.96 101.67 -45.77
CA ILE G 573 51.55 101.56 -44.38
C ILE G 573 51.68 102.95 -43.77
N PHE G 574 52.76 103.67 -44.04
CA PHE G 574 52.85 104.99 -43.44
C PHE G 574 51.74 105.94 -43.93
N GLU G 575 51.45 105.92 -45.23
CA GLU G 575 50.44 106.81 -45.79
C GLU G 575 49.08 106.55 -45.18
N GLU G 576 48.80 105.26 -45.02
CA GLU G 576 47.55 104.84 -44.42
C GLU G 576 47.54 105.26 -42.99
N ALA G 577 48.69 105.15 -42.34
CA ALA G 577 48.83 105.47 -40.94
C ALA G 577 48.44 106.92 -40.77
N HIS G 578 48.89 107.73 -41.72
CA HIS G 578 48.61 109.14 -41.67
C HIS G 578 47.10 109.33 -41.85
N LYS G 579 46.49 108.53 -42.73
CA LYS G 579 45.05 108.72 -42.94
C LYS G 579 44.28 108.40 -41.66
N GLN G 580 44.59 107.24 -41.08
CA GLN G 580 43.89 106.78 -39.88
C GLN G 580 44.13 107.69 -38.66
N VAL G 581 45.27 108.39 -38.56
CA VAL G 581 45.36 109.42 -37.51
C VAL G 581 44.47 110.59 -37.90
N GLN G 582 44.44 110.92 -39.20
CA GLN G 582 43.56 111.99 -39.68
C GLN G 582 42.11 111.76 -39.23
N ARG G 583 41.62 110.54 -39.39
CA ARG G 583 40.33 110.17 -38.81
C ARG G 583 40.53 109.22 -37.63
N UNK G 584 62.87 93.37 -29.70
CA UNK G 584 63.57 92.10 -29.75
C UNK G 584 63.04 91.31 -30.95
N UNK G 585 63.93 90.59 -31.61
CA UNK G 585 63.57 89.80 -32.77
C UNK G 585 62.38 88.88 -32.49
N UNK G 586 62.26 88.37 -31.27
CA UNK G 586 61.16 87.48 -30.95
C UNK G 586 60.71 87.53 -29.49
N UNK G 587 59.41 87.42 -29.27
CA UNK G 587 58.85 87.44 -27.93
C UNK G 587 57.79 86.35 -27.75
N UNK G 588 58.06 85.44 -26.83
CA UNK G 588 57.21 84.30 -26.56
C UNK G 588 56.46 84.37 -25.24
N UNK G 589 55.17 84.04 -25.27
CA UNK G 589 54.33 84.08 -24.08
C UNK G 589 53.62 82.72 -23.90
N UNK G 590 54.31 81.73 -23.27
CA UNK G 590 53.76 80.40 -23.03
C UNK G 590 53.47 80.01 -21.57
N UNK G 591 53.69 80.92 -20.64
CA UNK G 591 53.43 80.60 -19.25
C UNK G 591 52.29 81.47 -18.73
N UNK G 592 51.68 81.05 -17.62
CA UNK G 592 50.58 81.81 -17.07
C UNK G 592 51.07 82.46 -15.80
N UNK G 593 54.12 83.62 -14.37
CA UNK G 593 55.49 84.02 -14.64
C UNK G 593 56.32 82.90 -15.26
N UNK G 594 57.21 83.27 -16.19
CA UNK G 594 58.11 82.32 -16.83
C UNK G 594 59.41 82.40 -16.08
N UNK G 595 59.89 81.28 -15.57
CA UNK G 595 61.13 81.36 -14.82
C UNK G 595 62.38 81.10 -15.64
N UNK G 596 62.30 80.15 -16.56
CA UNK G 596 63.44 79.82 -17.39
C UNK G 596 62.95 79.37 -18.76
N UNK G 597 63.82 79.48 -19.76
CA UNK G 597 63.50 79.08 -21.13
C UNK G 597 64.83 78.84 -21.82
N UNK G 598 64.85 78.01 -22.86
CA UNK G 598 66.09 77.72 -23.55
C UNK G 598 65.88 77.12 -24.95
N UNK G 599 66.93 77.15 -25.77
CA UNK G 599 66.88 76.63 -27.14
C UNK G 599 67.22 75.15 -27.22
N UNK G 600 66.72 74.51 -28.27
CA UNK G 600 67.03 73.11 -28.49
C UNK G 600 68.45 73.14 -29.02
N UNK G 601 69.14 72.01 -29.00
CA UNK G 601 70.52 71.99 -29.47
C UNK G 601 70.70 72.49 -30.89
N UNK G 602 69.69 72.34 -31.74
CA UNK G 602 69.81 72.84 -33.11
C UNK G 602 69.18 74.23 -33.22
N UNK G 603 68.74 74.77 -32.09
CA UNK G 603 68.14 76.09 -32.08
C UNK G 603 66.75 76.20 -32.72
N UNK G 604 66.25 75.11 -33.27
CA UNK G 604 64.93 75.10 -33.91
C UNK G 604 63.74 75.23 -32.98
N UNK G 605 63.91 74.77 -31.74
CA UNK G 605 62.83 74.80 -30.76
C UNK G 605 63.23 75.53 -29.48
N UNK G 606 62.23 75.82 -28.65
CA UNK G 606 62.43 76.49 -27.36
C UNK G 606 61.52 75.86 -26.33
N UNK G 607 62.06 75.58 -25.15
CA UNK G 607 61.25 75.02 -24.07
C UNK G 607 61.32 76.06 -22.97
N UNK G 608 60.20 76.24 -22.27
CA UNK G 608 60.11 77.23 -21.20
C UNK G 608 59.28 76.67 -20.08
N UNK G 609 59.71 76.91 -18.85
CA UNK G 609 59.01 76.39 -17.69
C UNK G 609 58.82 77.53 -16.70
N UNK G 610 57.62 77.66 -16.15
CA UNK G 610 57.40 78.74 -15.21
C UNK G 610 56.55 78.36 -14.02
N UNK G 611 55.99 79.38 -13.38
CA UNK G 611 55.26 79.19 -12.15
C UNK G 611 53.88 78.61 -12.42
N UNK G 612 53.53 78.45 -13.69
CA UNK G 612 52.23 77.89 -13.99
C UNK G 612 52.26 76.35 -13.91
N UNK G 613 53.40 75.81 -13.46
CA UNK G 613 53.62 74.36 -13.27
C UNK G 613 53.78 73.51 -14.55
N UNK G 614 53.69 74.11 -15.72
CA UNK G 614 53.80 73.34 -16.99
C UNK G 614 55.13 73.41 -17.74
N UNK G 615 55.31 72.48 -18.68
CA UNK G 615 56.50 72.45 -19.52
C UNK G 615 55.95 72.83 -20.87
N UNK G 616 56.57 73.81 -21.53
CA UNK G 616 56.08 74.24 -22.83
C UNK G 616 57.16 74.20 -23.87
N UNK G 617 56.76 73.91 -25.11
CA UNK G 617 57.72 73.86 -26.18
C UNK G 617 57.07 74.40 -27.44
N UNK G 618 57.86 75.14 -28.21
CA UNK G 618 57.39 75.77 -29.44
C UNK G 618 58.55 75.98 -30.42
N UNK G 619 58.22 76.17 -31.70
CA UNK G 619 59.23 76.39 -32.71
C UNK G 619 59.93 77.71 -32.42
N UNK G 620 61.24 77.76 -32.65
CA UNK G 620 61.98 78.99 -32.39
C UNK G 620 61.55 80.05 -33.40
N UNK G 621 61.31 79.61 -34.64
CA UNK G 621 60.87 80.48 -35.71
C UNK G 621 59.57 81.23 -35.52
N UNK G 622 58.51 80.53 -35.13
CA UNK G 622 57.19 81.15 -34.99
C UNK G 622 56.42 81.07 -33.67
N UNK G 623 56.95 80.41 -32.65
CA UNK G 623 56.23 80.31 -31.38
C UNK G 623 55.09 79.31 -31.45
N UNK G 624 54.92 78.75 -32.64
CA UNK G 624 53.91 77.75 -32.94
C UNK G 624 54.01 76.68 -31.86
N UNK G 625 53.03 76.60 -30.98
CA UNK G 625 53.07 75.61 -29.90
C UNK G 625 53.31 74.18 -30.37
N UNK G 626 54.24 73.49 -29.69
CA UNK G 626 54.58 72.10 -29.98
C UNK G 626 54.18 71.18 -28.84
N UNK G 627 54.46 71.57 -27.60
CA UNK G 627 54.08 70.76 -26.44
C UNK G 627 53.48 71.62 -25.31
N UNK G 628 52.45 71.09 -24.64
CA UNK G 628 51.80 71.76 -23.53
C UNK G 628 51.59 70.72 -22.40
N UNK G 629 52.66 70.38 -21.72
CA UNK G 629 52.67 69.38 -20.65
C UNK G 629 52.45 69.95 -19.25
N UNK G 630 51.85 69.17 -18.37
CA UNK G 630 51.64 69.61 -16.99
C UNK G 630 52.75 68.93 -16.19
N UNK G 631 53.98 69.41 -16.35
CA UNK G 631 55.17 68.83 -15.72
C UNK G 631 55.25 68.54 -14.21
N UNK G 632 54.84 69.47 -13.36
CA UNK G 632 54.93 69.22 -11.93
C UNK G 632 53.75 69.69 -11.12
N UNK G 633 53.86 69.47 -9.82
CA UNK G 633 52.84 69.82 -8.86
C UNK G 633 53.33 71.03 -8.03
N UNK G 634 54.87 71.79 -8.17
CA UNK G 634 55.42 72.98 -7.52
C UNK G 634 56.40 73.66 -8.47
N UNK G 635 56.57 74.97 -8.30
CA UNK G 635 57.39 75.79 -9.18
C UNK G 635 58.73 75.17 -9.57
N UNK G 636 59.16 75.46 -10.79
CA UNK G 636 60.42 74.93 -11.30
C UNK G 636 61.51 75.98 -11.19
N UNK G 637 62.76 75.53 -11.23
CA UNK G 637 63.90 76.45 -11.10
C UNK G 637 64.99 76.44 -12.18
N UNK G 638 65.06 75.37 -12.96
CA UNK G 638 66.07 75.28 -13.99
C UNK G 638 65.77 74.13 -14.94
N UNK G 639 66.33 74.20 -16.13
CA UNK G 639 66.13 73.19 -17.16
C UNK G 639 67.29 73.21 -18.17
N UNK G 640 67.61 72.07 -18.76
CA UNK G 640 68.71 72.01 -19.72
C UNK G 640 68.55 70.87 -20.69
N UNK G 641 69.34 70.91 -21.76
CA UNK G 641 69.33 69.87 -22.79
C UNK G 641 70.58 69.02 -22.58
N UNK G 642 70.57 67.80 -23.09
CA UNK G 642 71.72 66.91 -22.96
C UNK G 642 72.69 67.28 -24.08
N UNK G 643 73.81 66.58 -24.15
CA UNK G 643 74.82 66.85 -25.17
C UNK G 643 74.33 66.67 -26.60
N UNK G 644 73.37 65.78 -26.82
CA UNK G 644 72.85 65.56 -28.18
C UNK G 644 71.39 65.97 -28.29
N UNK G 645 70.96 66.89 -27.42
CA UNK G 645 69.59 67.38 -27.43
C UNK G 645 68.59 66.25 -27.37
N UNK G 646 69.04 65.06 -27.04
CA UNK G 646 68.14 63.92 -26.97
C UNK G 646 67.22 64.04 -25.76
N UNK G 647 67.72 64.72 -24.73
CA UNK G 647 66.97 64.88 -23.50
C UNK G 647 66.96 66.31 -22.99
N UNK G 648 66.08 66.53 -22.02
CA UNK G 648 65.93 67.81 -21.36
C UNK G 648 65.66 67.45 -19.90
N UNK G 649 66.41 68.00 -18.98
CA UNK G 649 66.14 67.71 -17.59
C UNK G 649 65.47 68.96 -17.04
N UNK G 650 64.88 68.82 -15.85
CA UNK G 650 64.25 69.94 -15.17
C UNK G 650 64.34 69.60 -13.71
N UNK G 651 64.71 70.57 -12.90
CA UNK G 651 64.79 70.35 -11.47
C UNK G 651 63.89 71.41 -10.85
N UNK G 652 63.17 71.06 -9.78
CA UNK G 652 62.23 72.02 -9.19
C UNK G 652 62.22 72.07 -7.67
N UNK G 653 61.30 72.88 -7.16
CA UNK G 653 61.14 73.06 -5.73
C UNK G 653 60.55 71.85 -5.03
N UNK G 654 60.07 70.88 -5.81
CA UNK G 654 59.51 69.68 -5.21
C UNK G 654 60.66 68.76 -4.88
N UNK G 655 61.88 69.29 -5.04
CA UNK G 655 63.10 68.56 -4.73
C UNK G 655 63.42 67.45 -5.73
N UNK G 656 62.65 67.37 -6.81
CA UNK G 656 62.89 66.33 -7.82
C UNK G 656 63.62 66.85 -9.05
N UNK G 657 64.20 65.92 -9.79
CA UNK G 657 64.92 66.19 -11.04
C UNK G 657 64.24 65.27 -12.05
N UNK G 658 64.04 65.72 -13.28
CA UNK G 658 63.38 64.87 -14.24
C UNK G 658 64.01 64.86 -15.62
N UNK G 659 63.90 63.74 -16.31
CA UNK G 659 64.48 63.64 -17.64
C UNK G 659 63.34 63.43 -18.61
N UNK G 660 63.38 64.14 -19.74
CA UNK G 660 62.33 64.04 -20.74
C UNK G 660 62.90 63.79 -22.13
N UNK G 661 62.12 63.09 -22.96
CA UNK G 661 62.51 62.83 -24.33
C UNK G 661 62.19 64.17 -24.96
N UNK G 662 63.20 64.90 -25.39
CA UNK G 662 62.98 66.22 -25.97
C UNK G 662 62.06 66.19 -27.18
N UNK G 663 61.85 65.01 -27.75
CA UNK G 663 61.02 64.88 -28.93
C UNK G 663 59.55 64.69 -28.62
N UNK G 664 58.38 64.44 -25.27
CA UNK G 664 58.02 65.02 -23.99
C UNK G 664 57.59 64.01 -22.96
N UNK G 665 57.78 62.73 -23.25
CA UNK G 665 57.40 61.71 -22.28
C UNK G 665 58.43 61.61 -21.16
N UNK G 666 57.95 61.56 -19.92
CA UNK G 666 58.81 61.47 -18.75
C UNK G 666 59.69 60.23 -18.95
N UNK G 667 61.00 60.41 -18.86
CA UNK G 667 61.94 59.31 -19.04
C UNK G 667 62.62 58.98 -17.72
N UNK G 668 62.37 59.87 -13.10
CA UNK G 668 62.62 60.96 -12.18
C UNK G 668 63.57 60.55 -11.06
N UNK G 669 64.34 61.51 -10.56
CA UNK G 669 65.31 61.27 -9.51
C UNK G 669 64.98 62.12 -8.30
N UNK G 670 64.45 61.51 -7.25
CA UNK G 670 64.15 62.25 -6.04
C UNK G 670 65.15 61.83 -4.98
N UNK G 671 66.05 62.72 -4.60
CA UNK G 671 67.05 62.42 -3.59
C UNK G 671 67.52 63.65 -2.87
N UNK G 672 68.50 67.71 -5.18
CA UNK G 672 69.66 67.77 -6.04
C UNK G 672 69.62 69.06 -6.87
N UNK G 673 70.65 69.89 -6.69
CA UNK G 673 70.78 71.20 -7.33
C UNK G 673 71.48 71.21 -8.68
N UNK G 674 72.64 70.55 -8.76
CA UNK G 674 73.41 70.49 -10.00
C UNK G 674 73.03 69.26 -10.82
N UNK G 675 73.04 69.42 -12.14
CA UNK G 675 72.87 68.30 -13.07
C UNK G 675 73.30 68.74 -14.47
N UNK G 676 74.40 68.13 -14.92
CA UNK G 676 75.03 68.42 -16.20
C UNK G 676 75.46 67.13 -16.94
N UNK G 677 75.36 67.13 -18.27
CA UNK G 677 75.73 65.96 -19.08
C UNK G 677 77.17 66.05 -19.56
N UNK G 678 77.66 64.98 -20.17
CA UNK G 678 79.02 64.98 -20.71
C UNK G 678 78.97 65.69 -22.06
N UNK G 679 80.03 66.41 -22.41
CA UNK G 679 80.06 67.17 -23.66
C UNK G 679 80.33 66.35 -24.91
N UNK G 680 81.32 65.47 -24.83
CA UNK G 680 81.66 64.63 -25.96
C UNK G 680 80.54 63.70 -26.39
N UNK G 681 80.20 63.80 -27.68
CA UNK G 681 79.15 63.02 -28.32
C UNK G 681 79.43 61.53 -28.26
N UNK G 682 80.53 61.17 -27.60
CA UNK G 682 80.90 59.77 -27.49
C UNK G 682 80.17 59.11 -26.31
N UNK G 683 80.66 59.36 -25.10
CA UNK G 683 80.05 58.80 -23.89
C UNK G 683 78.82 59.61 -23.46
N UNK G 684 77.97 59.00 -22.63
CA UNK G 684 76.73 59.64 -22.19
C UNK G 684 76.50 59.58 -20.69
N UNK G 685 77.19 60.42 -19.92
CA UNK G 685 77.03 60.41 -18.48
C UNK G 685 76.31 61.63 -17.95
N UNK G 686 75.79 61.51 -16.74
CA UNK G 686 75.09 62.62 -16.10
C UNK G 686 75.67 62.79 -14.72
N UNK G 687 75.98 64.03 -14.36
CA UNK G 687 76.54 64.32 -13.06
C UNK G 687 75.55 65.15 -12.27
N UNK G 688 75.38 64.82 -11.01
CA UNK G 688 74.45 65.54 -10.17
C UNK G 688 75.06 65.87 -8.80
N UNK G 689 74.76 67.07 -8.32
CA UNK G 689 75.24 67.51 -7.02
C UNK G 689 74.01 67.69 -6.17
N UNK G 690 74.08 67.37 -4.88
CA UNK G 690 72.90 67.51 -4.03
C UNK G 690 73.19 68.08 -2.66
N UNK G 691 72.14 68.49 -1.96
CA UNK G 691 72.26 69.03 -0.61
C UNK G 691 72.72 67.94 0.34
N UNK G 692 72.70 66.69 -0.13
CA UNK G 692 73.11 65.57 0.69
C UNK G 692 74.64 65.42 0.73
N UNK G 693 75.33 66.39 0.15
CA UNK G 693 76.80 66.42 0.12
C UNK G 693 77.45 65.52 -0.92
N UNK G 694 76.67 64.76 -1.67
CA UNK G 694 77.28 63.89 -2.66
C UNK G 694 77.11 64.40 -4.06
N UNK G 695 77.85 63.74 -4.95
CA UNK G 695 77.85 63.98 -6.37
C UNK G 695 77.60 62.60 -6.96
N UNK G 696 76.91 62.51 -8.07
CA UNK G 696 76.68 61.20 -8.64
C UNK G 696 76.86 61.16 -10.14
N UNK G 697 77.44 60.06 -10.62
CA UNK G 697 77.62 59.87 -12.04
C UNK G 697 76.61 58.80 -12.38
N UNK G 698 75.82 59.04 -13.43
CA UNK G 698 74.81 58.07 -13.86
C UNK G 698 75.18 57.69 -15.27
N UNK G 699 74.99 56.42 -15.60
CA UNK G 699 75.28 55.92 -16.94
C UNK G 699 73.87 55.68 -17.47
N UNK G 700 73.34 56.65 -18.22
CA UNK G 700 71.99 56.55 -18.77
C UNK G 700 71.69 55.22 -19.44
N UNK G 701 72.75 54.50 -19.80
CA UNK G 701 72.61 53.20 -20.43
C UNK G 701 72.57 52.12 -19.34
N UNK G 702 72.10 52.49 -18.15
CA UNK G 702 72.06 51.54 -17.05
C UNK G 702 71.05 51.96 -15.99
N UNK G 703 70.15 51.06 -15.64
CA UNK G 703 69.13 51.34 -14.63
C UNK G 703 69.75 51.76 -13.30
N UNK G 704 71.08 51.76 -13.21
CA UNK G 704 71.74 52.10 -11.95
C UNK G 704 72.71 53.28 -11.93
N UNK G 705 73.02 53.70 -10.70
CA UNK G 705 73.95 54.78 -10.43
C UNK G 705 75.29 54.18 -10.82
N UNK G 706 76.26 55.00 -11.21
CA UNK G 706 77.55 54.45 -11.61
C UNK G 706 78.63 54.76 -10.59
N UNK G 707 78.46 55.86 -9.90
CA UNK G 707 79.43 56.27 -8.90
C UNK G 707 78.80 57.29 -7.96
N UNK G 708 79.36 57.39 -6.76
CA UNK G 708 78.86 58.33 -5.78
C UNK G 708 80.08 58.98 -5.17
N UNK G 709 80.43 60.17 -5.65
CA UNK G 709 81.59 60.85 -5.13
C UNK G 709 81.41 61.39 -3.73
N UNK G 710 82.05 60.76 -2.75
CA UNK G 710 81.94 61.26 -1.39
C UNK G 710 83.09 62.25 -1.21
N UNK G 711 74.28 75.19 0.44
CA UNK G 711 75.14 75.03 -0.74
C UNK G 711 74.24 75.23 -1.94
N UNK G 712 74.47 76.30 -2.69
CA UNK G 712 73.62 76.61 -3.82
C UNK G 712 74.06 76.13 -5.16
N UNK G 713 75.31 75.72 -5.30
CA UNK G 713 75.77 75.32 -6.61
C UNK G 713 77.10 74.58 -6.48
N UNK G 714 77.42 73.77 -7.48
CA UNK G 714 78.65 72.98 -7.48
C UNK G 714 78.90 72.39 -8.87
N UNK G 715 80.15 72.44 -9.30
CA UNK G 715 80.53 71.93 -10.62
C UNK G 715 81.84 71.20 -10.54
N UNK G 716 81.96 70.08 -11.24
CA UNK G 716 83.21 69.37 -11.25
C UNK G 716 84.13 70.17 -12.15
N UNK G 717 85.43 70.05 -11.95
CA UNK G 717 86.36 70.75 -12.81
C UNK G 717 86.44 69.94 -14.09
N UNK G 718 86.87 70.58 -15.19
CA UNK G 718 86.96 69.83 -16.44
C UNK G 718 87.83 68.62 -16.18
N UNK G 719 89.41 66.31 -11.22
CA UNK G 719 90.08 66.21 -9.93
C UNK G 719 89.56 67.15 -8.84
N UNK G 720 88.90 68.22 -9.23
CA UNK G 720 88.37 69.15 -8.24
C UNK G 720 86.89 69.34 -8.31
N UNK G 721 86.29 69.76 -7.20
CA UNK G 721 84.86 70.00 -7.14
C UNK G 721 84.68 71.40 -6.58
N UNK G 722 84.25 72.32 -7.42
CA UNK G 722 84.03 73.67 -6.96
C UNK G 722 82.66 73.73 -6.28
N UNK G 723 82.55 74.53 -5.24
CA UNK G 723 81.30 74.64 -4.52
C UNK G 723 81.02 76.08 -4.14
N UNK G 724 79.75 76.44 -4.33
CA UNK G 724 79.28 77.80 -4.10
C UNK G 724 78.15 77.81 -3.08
N UNK G 725 78.24 78.71 -2.10
CA UNK G 725 77.24 78.77 -1.03
C UNK G 725 76.79 80.15 -0.60
N UNK G 726 75.94 80.16 0.43
CA UNK G 726 75.39 81.37 0.99
C UNK G 726 76.32 81.90 2.08
N UNK G 727 77.23 81.04 2.54
CA UNK G 727 78.15 81.45 3.57
C UNK G 727 79.20 82.43 3.05
N UNK G 728 79.04 82.88 1.80
CA UNK G 728 79.97 83.84 1.24
C UNK G 728 81.30 83.26 0.75
N UNK G 729 81.35 81.97 0.50
CA UNK G 729 82.58 81.37 0.01
C UNK G 729 82.46 80.63 -1.31
N UNK G 730 83.62 80.38 -1.93
CA UNK G 730 83.72 79.59 -3.14
C UNK G 730 84.63 78.53 -2.53
N UNK G 731 84.52 77.27 -2.92
CA UNK G 731 85.37 76.29 -2.29
C UNK G 731 85.78 75.20 -3.24
N UNK G 732 87.01 74.74 -3.09
CA UNK G 732 87.49 73.67 -3.94
C UNK G 732 87.79 72.42 -3.17
N UNK G 733 86.88 71.45 -3.25
CA UNK G 733 87.08 70.20 -2.58
C UNK G 733 87.89 69.31 -3.51
N UNK G 734 88.54 68.30 -2.95
CA UNK G 734 89.35 67.36 -3.74
C UNK G 734 88.56 66.08 -3.94
N UNK G 735 88.08 65.87 -5.16
CA UNK G 735 87.27 64.71 -5.45
C UNK G 735 87.80 63.37 -4.92
N UNK G 736 89.00 63.00 -5.32
CA UNK G 736 89.57 61.74 -4.90
C UNK G 736 89.51 61.48 -3.39
N UNK G 737 89.45 62.55 -2.59
CA UNK G 737 89.43 62.37 -1.14
C UNK G 737 88.35 63.13 -0.39
N UNK G 738 87.51 63.87 -1.11
CA UNK G 738 86.45 64.66 -0.50
C UNK G 738 86.95 65.58 0.62
N UNK G 739 88.14 66.15 0.46
CA UNK G 739 88.75 67.05 1.44
C UNK G 739 88.68 68.50 0.99
N UNK G 740 88.55 69.42 1.93
CA UNK G 740 88.49 70.84 1.54
C UNK G 740 89.93 71.30 1.26
N UNK G 741 90.19 71.73 0.02
CA UNK G 741 91.52 72.21 -0.35
C UNK G 741 91.65 73.71 -0.17
N UNK G 742 90.65 74.47 -0.61
CA UNK G 742 90.70 75.93 -0.44
C UNK G 742 89.31 76.49 -0.19
N UNK G 743 89.28 77.74 0.22
CA UNK G 743 88.04 78.45 0.47
C UNK G 743 88.31 79.90 0.12
N UNK G 744 87.41 80.51 -0.66
CA UNK G 744 87.59 81.90 -1.06
C UNK G 744 86.45 82.77 -0.60
N UNK G 745 86.71 83.59 0.41
CA UNK G 745 85.70 84.47 0.94
C UNK G 745 85.39 85.61 -0.05
N UNK G 746 84.11 85.88 -0.26
CA UNK G 746 83.75 86.97 -1.14
C UNK G 746 83.44 88.19 -0.27
N UNK G 747 84.40 89.11 -0.29
CA UNK G 747 84.40 90.35 0.48
C UNK G 747 84.41 91.60 -0.40
N UNK G 748 83.67 91.58 -1.51
CA UNK G 748 83.65 92.72 -2.41
C UNK G 748 82.43 93.57 -2.15
N UNK G 749 81.89 93.46 -0.95
CA UNK G 749 80.70 94.20 -0.60
C UNK G 749 80.84 94.91 0.76
N UNK G 750 80.40 96.16 0.80
CA UNK G 750 80.52 96.99 1.99
C UNK G 750 79.18 97.61 2.38
N UNK G 751 74.82 81.40 -7.31
CA UNK G 751 74.85 81.03 -8.73
C UNK G 751 76.27 80.59 -9.07
N UNK G 752 76.44 79.56 -9.89
CA UNK G 752 77.78 79.15 -10.26
C UNK G 752 77.79 78.17 -11.41
N UNK G 753 77.93 78.71 -12.60
CA UNK G 753 77.94 77.93 -13.83
C UNK G 753 79.29 77.71 -14.48
N UNK G 754 79.34 76.66 -15.29
CA UNK G 754 80.54 76.24 -16.02
C UNK G 754 80.72 76.93 -17.35
N UNK G 755 81.94 76.87 -17.88
CA UNK G 755 82.21 77.45 -19.18
C UNK G 755 81.77 76.44 -20.21
N UNK G 756 81.83 76.82 -21.49
CA UNK G 756 81.40 75.94 -22.57
C UNK G 756 82.24 74.66 -22.66
N UNK G 757 83.54 74.82 -22.49
CA UNK G 757 84.45 73.70 -22.56
C UNK G 757 84.55 72.97 -21.24
N UNK G 758 83.85 73.47 -20.22
CA UNK G 758 83.90 72.82 -18.92
C UNK G 758 85.26 72.93 -18.24
N UNK G 759 86.08 73.84 -18.74
CA UNK G 759 87.41 74.04 -18.19
C UNK G 759 87.51 75.29 -17.33
N UNK G 760 86.40 75.97 -17.12
CA UNK G 760 86.39 77.17 -16.30
C UNK G 760 85.05 77.28 -15.62
N UNK G 761 85.01 77.98 -14.48
CA UNK G 761 83.77 78.12 -13.73
C UNK G 761 83.68 79.54 -13.18
N UNK G 762 82.51 80.17 -13.27
CA UNK G 762 82.41 81.50 -12.70
C UNK G 762 81.54 81.36 -11.46
N UNK G 763 81.80 82.18 -10.45
CA UNK G 763 81.01 82.17 -9.22
C UNK G 763 80.78 83.58 -8.74
N UNK G 764 79.79 83.75 -7.87
CA UNK G 764 79.43 85.06 -7.35
C UNK G 764 79.34 85.09 -5.82
N UNK G 765 79.73 86.23 -5.25
CA UNK G 765 79.69 86.44 -3.80
C UNK G 765 79.79 87.93 -3.46
N UNK G 766 80.11 91.30 -3.48
CA UNK G 766 80.22 92.23 -4.60
C UNK G 766 80.93 91.76 -5.86
N UNK G 767 81.38 90.53 -5.92
CA UNK G 767 82.10 90.14 -7.12
C UNK G 767 81.74 88.82 -7.77
N UNK G 768 82.10 88.73 -9.04
CA UNK G 768 81.93 87.54 -9.85
C UNK G 768 83.39 87.14 -10.01
N UNK G 769 83.69 85.86 -9.91
CA UNK G 769 85.07 85.39 -10.02
C UNK G 769 85.18 84.24 -11.00
N UNK G 770 86.21 84.28 -11.84
CA UNK G 770 86.42 83.22 -12.81
C UNK G 770 87.57 82.32 -12.41
N UNK G 771 87.25 81.05 -12.19
CA UNK G 771 88.25 80.08 -11.79
C UNK G 771 88.60 79.07 -12.85
N UNK G 772 89.83 78.57 -12.74
CA UNK G 772 90.32 77.56 -13.64
C UNK G 772 90.02 76.24 -12.94
N UNK G 773 89.07 75.48 -13.49
CA UNK G 773 88.66 74.20 -12.91
C UNK G 773 89.83 73.27 -12.52
N UNK G 774 93.89 74.06 -12.36
CA UNK G 774 94.79 74.75 -11.44
C UNK G 774 94.09 75.38 -10.23
N UNK G 775 92.79 75.66 -10.35
CA UNK G 775 92.02 76.29 -9.27
C UNK G 775 92.46 77.74 -9.13
N UNK G 776 92.98 78.29 -10.22
CA UNK G 776 93.42 79.66 -10.20
C UNK G 776 92.32 80.63 -10.49
N UNK G 777 92.48 81.84 -9.96
CA UNK G 777 91.50 82.89 -10.16
C UNK G 777 91.88 83.61 -11.44
N UNK G 778 91.17 83.33 -12.53
CA UNK G 778 91.47 83.95 -13.80
C UNK G 778 90.86 85.34 -13.99
N UNK G 779 89.96 85.74 -13.09
CA UNK G 779 89.34 87.05 -13.24
C UNK G 779 88.51 87.48 -12.05
N UNK G 780 88.43 88.78 -11.86
CA UNK G 780 87.70 89.34 -10.74
C UNK G 780 87.07 90.66 -11.14
N UNK G 781 85.82 90.64 -11.57
CA UNK G 781 85.15 91.87 -11.91
C UNK G 781 84.36 92.29 -10.67
N UNK G 782 83.12 94.21 -12.42
CA UNK G 782 82.44 94.75 -11.27
C UNK G 782 81.12 95.32 -11.73
N UNK G 783 80.04 94.83 -11.13
CA UNK G 783 78.71 95.25 -11.52
C UNK G 783 78.22 96.52 -10.85
N UNK G 784 74.61 96.56 -6.39
CA UNK G 784 73.31 95.92 -6.27
C UNK G 784 73.71 94.47 -6.00
N UNK G 785 72.89 93.51 -6.40
CA UNK G 785 73.25 92.10 -6.20
C UNK G 785 72.81 91.25 -7.38
N UNK G 786 73.73 90.50 -7.95
CA UNK G 786 73.44 89.62 -9.07
C UNK G 786 72.43 88.60 -8.59
N UNK G 787 71.29 88.53 -9.28
CA UNK G 787 70.24 87.59 -8.91
C UNK G 787 70.40 86.22 -9.60
N UNK G 788 71.05 86.18 -10.75
CA UNK G 788 71.30 84.91 -11.45
C UNK G 788 72.26 85.09 -12.61
N UNK G 789 72.84 83.99 -13.07
CA UNK G 789 73.79 84.02 -14.18
C UNK G 789 73.98 82.67 -14.87
N UNK G 790 74.81 82.63 -15.91
CA UNK G 790 75.08 81.38 -16.60
C UNK G 790 76.24 81.60 -17.52
N UNK G 791 77.20 80.69 -17.41
CA UNK G 791 78.41 80.73 -18.18
C UNK G 791 78.26 79.94 -19.49
N UNK G 792 78.57 80.59 -20.60
CA UNK G 792 78.47 79.98 -21.91
C UNK G 792 79.51 78.88 -22.12
N UNK G 793 79.43 78.15 -23.24
CA UNK G 793 80.45 77.12 -23.45
C UNK G 793 81.49 77.61 -24.44
N UNK G 794 81.29 78.82 -24.97
CA UNK G 794 82.19 79.44 -25.94
C UNK G 794 82.36 80.93 -25.63
N UNK G 795 83.35 81.54 -26.26
CA UNK G 795 83.64 82.97 -26.10
C UNK G 795 83.69 83.44 -24.64
N UNK G 796 83.87 82.51 -23.70
CA UNK G 796 83.91 82.84 -22.26
C UNK G 796 82.78 83.79 -21.92
N UNK G 797 81.64 83.67 -22.62
CA UNK G 797 80.52 84.54 -22.35
C UNK G 797 79.80 84.13 -21.10
N UNK G 798 79.27 85.12 -20.41
CA UNK G 798 78.54 84.88 -19.19
C UNK G 798 77.36 85.83 -19.17
N UNK G 799 76.17 85.30 -18.89
CA UNK G 799 74.99 86.15 -18.83
C UNK G 799 74.53 86.19 -17.40
N UNK G 800 74.23 87.38 -16.93
CA UNK G 800 73.78 87.53 -15.57
C UNK G 800 72.61 88.47 -15.49
N UNK G 801 71.60 88.09 -14.71
CA UNK G 801 70.46 88.95 -14.52
C UNK G 801 71.00 89.81 -13.41
N UNK G 802 65.25 93.35 -13.47
CA UNK G 802 65.12 93.37 -14.92
C UNK G 802 66.28 93.86 -15.82
N UNK G 803 67.47 94.05 -15.25
CA UNK G 803 68.60 94.46 -16.06
C UNK G 803 69.32 93.19 -16.45
N UNK G 804 69.62 93.03 -17.73
CA UNK G 804 70.29 91.83 -18.16
C UNK G 804 71.47 92.19 -19.01
N UNK G 805 72.67 91.80 -18.59
CA UNK G 805 73.85 92.10 -19.37
C UNK G 805 74.74 90.89 -19.47
N UNK G 806 75.28 90.63 -20.66
CA UNK G 806 76.18 89.50 -20.80
C UNK G 806 77.58 90.06 -20.90
N UNK G 807 78.49 89.46 -20.13
CA UNK G 807 79.89 89.86 -20.04
C UNK G 807 80.84 88.86 -20.68
N UNK G 808 82.07 89.31 -20.82
CA UNK G 808 83.13 88.54 -21.40
C UNK G 808 84.19 88.27 -20.34
N UNK G 809 84.13 87.11 -19.69
CA UNK G 809 85.13 86.76 -18.68
C UNK G 809 86.43 86.76 -19.48
N UNK G 810 87.57 86.76 -18.83
CA UNK G 810 88.84 86.77 -19.57
C UNK G 810 89.13 88.19 -20.08
N UNK G 811 87.01 90.52 -19.11
CA UNK G 811 86.43 91.17 -17.93
C UNK G 811 85.71 92.46 -18.26
N UNK G 812 85.06 92.49 -19.42
CA UNK G 812 84.33 93.67 -19.88
C UNK G 812 82.89 93.35 -20.28
N UNK G 813 81.99 94.31 -20.12
CA UNK G 813 80.62 94.06 -20.54
C UNK G 813 80.62 94.07 -22.07
N UNK G 814 79.82 93.17 -22.65
CA UNK G 814 79.72 92.99 -24.09
C UNK G 814 78.40 93.50 -24.65
N UNK G 815 77.33 93.29 -23.92
CA UNK G 815 76.03 93.74 -24.40
C UNK G 815 75.03 94.01 -23.30
N UNK G 816 74.13 94.94 -23.57
CA UNK G 816 73.06 95.26 -22.64
C UNK G 816 71.82 94.67 -23.25
N UNK G 817 71.16 93.81 -22.50
CA UNK G 817 69.95 93.16 -22.99
C UNK G 817 68.73 93.72 -22.29
N UNK G 818 68.07 94.66 -22.95
CA UNK G 818 66.90 95.29 -22.37
C UNK G 818 65.66 94.58 -22.89
N UNK G 819 64.93 93.92 -22.00
CA UNK G 819 63.73 93.21 -22.42
C UNK G 819 62.59 93.19 -21.41
N UNK G 820 62.93 93.32 -20.13
CA UNK G 820 61.92 93.28 -19.08
C UNK G 820 61.89 94.57 -18.27
N UNK G 821 60.76 94.86 -17.64
CA UNK G 821 60.64 96.04 -16.79
C UNK G 821 60.14 95.55 -15.42
N UNK G 822 59.34 94.09 -15.59
CA UNK G 822 59.11 93.20 -14.47
C UNK G 822 60.37 92.36 -14.33
N UNK G 823 60.70 91.99 -13.10
CA UNK G 823 61.87 91.19 -12.77
C UNK G 823 62.39 90.14 -13.76
N UNK G 824 63.69 90.17 -14.04
CA UNK G 824 64.25 89.22 -15.01
C UNK G 824 64.98 88.16 -14.22
N UNK G 825 64.49 86.94 -14.28
CA UNK G 825 65.06 85.84 -13.52
C UNK G 825 66.26 85.17 -14.18
N UNK G 826 66.19 84.99 -15.49
CA UNK G 826 67.28 84.34 -16.17
C UNK G 826 67.59 84.96 -17.50
N UNK G 827 68.70 84.54 -18.07
CA UNK G 827 69.12 85.11 -19.33
C UNK G 827 70.30 84.30 -19.86
N UNK G 828 70.33 83.99 -21.15
CA UNK G 828 71.50 83.28 -21.66
C UNK G 828 71.69 83.27 -23.16
N UNK G 829 72.92 83.00 -23.56
CA UNK G 829 73.28 82.98 -24.97
C UNK G 829 72.89 81.70 -25.65
N UNK G 830 72.72 81.79 -26.96
CA UNK G 830 72.43 80.62 -27.76
C UNK G 830 73.77 79.91 -27.74
N UNK G 831 73.83 78.68 -28.24
CA UNK G 831 75.13 78.01 -28.19
C UNK G 831 76.24 78.68 -28.99
N UNK G 832 75.93 79.27 -30.14
CA UNK G 832 76.96 79.93 -30.93
C UNK G 832 77.11 81.36 -30.47
N UNK G 833 76.41 81.69 -29.39
CA UNK G 833 76.46 83.03 -28.83
C UNK G 833 76.00 84.08 -29.80
N UNK G 834 75.30 83.68 -30.85
CA UNK G 834 74.83 84.63 -31.84
C UNK G 834 73.61 85.37 -31.33
N UNK G 835 72.93 84.79 -30.35
CA UNK G 835 71.75 85.44 -29.82
C UNK G 835 71.61 85.03 -28.36
N UNK G 836 70.69 85.67 -27.65
CA UNK G 836 70.45 85.34 -26.25
C UNK G 836 68.97 85.49 -25.92
N UNK G 837 68.53 84.85 -24.84
CA UNK G 837 67.13 84.92 -24.45
C UNK G 837 67.01 85.57 -23.09
N UNK G 838 65.84 86.13 -22.82
CA UNK G 838 65.55 86.80 -21.56
C UNK G 838 64.31 86.16 -20.94
N UNK G 839 64.39 85.77 -19.67
CA UNK G 839 63.23 85.15 -19.00
C UNK G 839 62.78 85.99 -17.81
N UNK G 840 61.52 86.39 -17.77
CA UNK G 840 61.07 87.22 -16.67
C UNK G 840 59.73 86.95 -16.00
N UNK G 841 59.52 87.76 -14.97
CA UNK G 841 58.34 87.72 -14.14
C UNK G 841 57.11 88.18 -14.90
N UNK G 842 57.31 88.95 -15.95
CA UNK G 842 56.19 89.40 -16.77
C UNK G 842 55.79 88.21 -17.64
N UNK G 843 56.17 87.03 -17.14
CA UNK G 843 55.89 85.75 -17.79
C UNK G 843 56.14 85.68 -19.29
N UNK G 844 57.18 86.35 -19.75
CA UNK G 844 57.51 86.29 -21.15
C UNK G 844 58.95 85.82 -21.32
N UNK G 845 59.27 85.38 -22.51
CA UNK G 845 60.61 84.93 -22.85
C UNK G 845 60.87 85.62 -24.15
N UNK G 846 61.94 86.40 -24.24
CA UNK G 846 62.25 87.11 -25.46
C UNK G 846 63.61 86.73 -26.03
N UNK G 847 63.67 86.54 -27.35
CA UNK G 847 64.93 86.19 -27.98
C UNK G 847 65.51 87.41 -28.67
N UNK G 848 66.79 87.63 -28.40
CA UNK G 848 67.51 88.76 -28.97
C UNK G 848 68.68 88.27 -29.78
N UNK G 849 69.09 89.06 -30.76
CA UNK G 849 70.26 88.74 -31.57
C UNK G 849 71.34 89.70 -31.15
N UNK G 850 72.41 89.16 -30.57
CA UNK G 850 73.54 89.94 -30.07
C UNK G 850 74.01 91.02 -31.01
N UNK G 851 74.45 90.63 -32.20
CA UNK G 851 74.95 91.59 -33.17
C UNK G 851 74.09 92.86 -33.17
N UNK G 852 72.82 92.72 -33.55
CA UNK G 852 71.89 93.85 -33.60
C UNK G 852 71.76 94.62 -32.28
N UNK G 853 71.86 93.94 -31.16
CA UNK G 853 71.72 94.61 -29.86
C UNK G 853 72.94 95.45 -29.48
N UNK G 854 74.13 94.94 -29.79
CA UNK G 854 75.37 95.64 -29.47
C UNK G 854 75.67 96.85 -30.34
N UNK G 855 75.00 96.93 -31.49
CA UNK G 855 75.22 98.07 -32.36
C UNK G 855 74.89 99.34 -31.60
N UNK G 856 75.74 100.33 -31.77
CA UNK G 856 75.56 101.62 -31.12
C UNK G 856 74.28 102.26 -31.63
N UNK G 857 75.55 106.39 -25.28
CA UNK G 857 74.51 107.07 -26.02
C UNK G 857 73.44 107.68 -25.13
N UNK G 858 72.71 108.63 -25.73
CA UNK G 858 71.64 109.35 -25.08
C UNK G 858 70.30 108.66 -25.25
N UNK G 859 70.31 107.45 -25.77
CA UNK G 859 69.05 106.77 -25.95
C UNK G 859 68.45 106.43 -24.59
N UNK G 860 69.27 106.00 -23.64
CA UNK G 860 68.78 105.68 -22.30
C UNK G 860 69.38 106.60 -21.26
N UNK G 861 68.52 107.26 -20.50
CA UNK G 861 68.99 108.18 -19.47
C UNK G 861 68.38 107.75 -18.18
N UNK G 862 68.73 108.48 -17.12
CA UNK G 862 68.20 108.23 -15.79
C UNK G 862 67.03 109.18 -15.71
N UNK G 863 66.30 109.16 -14.59
CA UNK G 863 65.16 110.06 -14.47
C UNK G 863 65.54 111.43 -13.90
N UNK G 864 66.83 111.62 -13.67
CA UNK G 864 67.32 112.88 -13.17
C UNK G 864 67.68 113.73 -14.37
N UNK G 865 66.76 114.63 -14.74
CA UNK G 865 66.94 115.52 -15.88
C UNK G 865 66.37 116.89 -15.61
N UNK G 866 66.78 117.85 -16.41
CA UNK G 866 66.26 119.20 -16.30
C UNK G 866 66.04 119.74 -17.71
N UNK G 867 64.91 120.42 -17.89
CA UNK G 867 64.51 120.95 -19.19
C UNK G 867 64.37 122.47 -19.26
N UNK G 868 64.72 123.03 -20.41
CA UNK G 868 64.62 124.45 -20.65
C UNK G 868 63.91 124.73 -21.96
N UNK G 869 62.65 125.14 -21.88
CA UNK G 869 61.84 125.43 -23.05
C UNK G 869 62.14 126.84 -23.59
N UNK G 870 63.01 126.91 -24.61
CA UNK G 870 63.37 128.20 -25.16
C UNK G 870 62.71 128.53 -26.51
N UNK G 871 62.67 126.07 -29.58
CA UNK G 871 63.04 124.68 -29.28
C UNK G 871 63.06 124.30 -27.78
N UNK G 872 63.27 123.01 -27.53
CA UNK G 872 63.33 122.49 -26.16
C UNK G 872 64.72 121.92 -25.87
N UNK G 873 65.17 122.08 -24.63
CA UNK G 873 66.48 121.60 -24.20
C UNK G 873 66.43 120.72 -22.96
N UNK G 874 66.99 119.53 -23.08
CA UNK G 874 66.99 118.58 -21.97
C UNK G 874 68.43 118.17 -21.62
N UNK G 875 68.80 118.37 -20.35
CA UNK G 875 70.11 118.00 -19.86
C UNK G 875 69.78 116.79 -18.99
N UNK G 876 70.49 115.69 -19.20
CA UNK G 876 70.17 114.51 -18.42
C UNK G 876 71.34 113.69 -17.95
N UNK G 877 71.17 113.07 -16.79
CA UNK G 877 72.20 112.19 -16.22
C UNK G 877 72.20 110.89 -17.01
N UNK G 878 73.28 110.59 -17.70
CA UNK G 878 73.34 109.36 -18.50
C UNK G 878 73.11 108.12 -17.64
N UNK G 879 72.54 107.09 -18.26
CA UNK G 879 72.24 105.83 -17.57
C UNK G 879 73.51 105.10 -17.11
N UNK G 880 76.45 112.92 -18.42
CA UNK G 880 75.17 113.52 -18.69
C UNK G 880 75.12 113.98 -20.13
N UNK G 881 73.92 113.98 -20.69
CA UNK G 881 73.71 114.35 -22.08
C UNK G 881 72.99 115.69 -22.24
N UNK G 882 73.47 116.49 -23.18
CA UNK G 882 72.84 117.77 -23.46
C UNK G 882 71.97 117.46 -24.68
N UNK G 883 70.73 117.06 -24.42
CA UNK G 883 69.79 116.71 -25.49
C UNK G 883 68.93 117.87 -25.94
N UNK G 884 69.02 118.18 -27.24
CA UNK G 884 68.24 119.26 -27.82
C UNK G 884 67.05 118.65 -28.56
N UNK G 885 65.88 118.66 -27.93
CA UNK G 885 64.70 118.11 -28.57
C UNK G 885 64.46 118.85 -29.86
N UNK G 886 63.84 118.21 -30.85
CA UNK G 886 63.61 118.88 -32.13
C UNK G 886 64.99 119.03 -32.79
N UNK G 887 71.16 116.50 -32.11
CA UNK G 887 72.14 117.24 -31.34
C UNK G 887 72.32 116.81 -29.88
N UNK G 888 72.96 115.66 -29.70
CA UNK G 888 73.23 115.11 -28.39
C UNK G 888 74.71 115.33 -28.09
N UNK G 889 74.99 116.01 -27.00
CA UNK G 889 76.35 116.30 -26.60
C UNK G 889 76.66 115.73 -25.24
N UNK G 890 77.65 114.83 -25.25
CA UNK G 890 78.09 114.12 -24.06
C UNK G 890 79.15 114.84 -23.26
N UNK G 891 79.05 114.70 -21.95
CA UNK G 891 79.97 115.30 -21.01
C UNK G 891 80.25 114.20 -20.00
N UNK G 892 81.42 113.56 -20.10
CA UNK G 892 81.80 112.48 -19.19
C UNK G 892 81.98 112.99 -17.77
N UNK G 893 81.86 112.10 -16.80
CA UNK G 893 82.04 112.50 -15.40
C UNK G 893 81.87 111.35 -14.43
N UNK G 894 77.46 111.27 -12.17
CA UNK G 894 76.76 112.31 -11.45
C UNK G 894 75.50 111.73 -10.82
N UNK G 895 74.86 112.51 -9.95
CA UNK G 895 73.64 112.06 -9.29
C UNK G 895 72.46 112.98 -9.55
N UNK G 896 72.74 114.16 -10.08
CA UNK G 896 71.67 115.10 -10.36
C UNK G 896 72.17 116.15 -11.34
N UNK G 897 71.24 116.68 -12.13
CA UNK G 897 71.62 117.66 -13.12
C UNK G 897 71.09 119.05 -12.83
N UNK G 898 71.49 120.01 -13.66
CA UNK G 898 71.08 121.39 -13.49
C UNK G 898 71.47 122.25 -14.70
N UNK G 899 70.53 123.06 -15.18
CA UNK G 899 70.77 123.94 -16.32
C UNK G 899 70.61 125.41 -15.94
N UNK G 900 71.60 126.22 -16.29
CA UNK G 900 71.54 127.63 -15.98
C UNK G 900 70.79 128.33 -17.08
N UNK G 901 69.65 128.96 -16.76
CA UNK G 901 68.91 129.66 -17.83
C UNK G 901 69.92 130.42 -18.67
N UNK G 902 76.06 127.23 -19.10
CA UNK G 902 76.58 126.55 -17.92
C UNK G 902 75.68 125.39 -17.52
N UNK G 903 76.28 124.28 -17.09
CA UNK G 903 75.52 123.14 -16.62
C UNK G 903 76.18 122.76 -15.30
N UNK G 904 75.40 122.31 -14.34
CA UNK G 904 75.99 121.92 -13.07
C UNK G 904 75.50 120.54 -12.66
N UNK G 905 76.29 119.84 -11.85
CA UNK G 905 75.83 118.53 -11.43
C UNK G 905 76.24 118.03 -10.06
N UNK G 906 75.38 117.17 -9.53
CA UNK G 906 75.59 116.57 -8.24
C UNK G 906 76.51 115.39 -8.37
N UNK G 907 77.00 114.88 -7.26
CA UNK G 907 77.94 113.77 -7.28
C UNK G 907 77.56 112.76 -6.22
N UNK G 908 77.97 111.51 -6.43
CA UNK G 908 77.67 110.44 -5.48
C UNK G 908 78.35 110.72 -4.15
N UNK G 909 80.41 115.87 -4.37
CA UNK G 909 81.03 116.92 -5.18
C UNK G 909 80.04 117.76 -5.99
N UNK G 910 80.43 118.99 -6.27
CA UNK G 910 79.60 119.91 -7.06
C UNK G 910 80.49 120.52 -8.16
N UNK G 911 79.99 120.57 -9.38
CA UNK G 911 80.78 121.11 -10.48
C UNK G 911 79.97 121.87 -11.53
N UNK G 912 80.49 123.00 -11.97
CA UNK G 912 79.83 123.77 -13.01
C UNK G 912 80.72 123.62 -14.21
N UNK G 913 80.12 123.36 -15.37
CA UNK G 913 80.88 123.25 -16.60
C UNK G 913 80.34 124.36 -17.46
N UNK G 914 81.20 125.03 -18.21
CA UNK G 914 80.72 126.09 -19.06
C UNK G 914 80.67 125.64 -20.52
N UNK G 915 79.45 125.51 -21.02
CA UNK G 915 79.19 125.05 -22.37
C UNK G 915 79.88 125.83 -23.50
N UNK G 916 79.78 127.17 -23.50
CA UNK G 916 80.43 127.92 -24.57
C UNK G 916 81.79 127.31 -24.88
N UNK G 917 82.44 126.81 -23.84
CA UNK G 917 83.75 126.20 -23.97
C UNK G 917 83.64 124.67 -24.00
N UNK G 918 86.61 123.87 -19.67
CA UNK G 918 86.91 124.65 -18.46
C UNK G 918 85.70 124.70 -17.53
N UNK G 919 85.90 124.21 -16.30
CA UNK G 919 84.84 124.16 -15.30
C UNK G 919 85.47 124.38 -13.93
N UNK G 920 84.68 124.13 -12.88
CA UNK G 920 85.02 124.53 -11.53
C UNK G 920 84.46 123.53 -10.49
N UNK G 921 85.11 123.45 -9.33
CA UNK G 921 84.67 122.53 -8.27
C UNK G 921 84.54 123.18 -6.91
N UNK G 922 83.30 123.43 -6.49
CA UNK G 922 83.08 124.06 -5.20
C UNK G 922 82.93 123.09 -4.05
N UNK G 923 84.00 122.93 -3.27
CA UNK G 923 84.07 122.04 -2.10
C UNK G 923 82.95 121.97 -1.04
N UNK G 924 71.51 115.63 -3.95
CA UNK G 924 70.14 115.46 -4.41
C UNK G 924 69.72 116.59 -5.33
N UNK G 925 68.79 117.44 -4.90
CA UNK G 925 68.36 118.54 -5.74
C UNK G 925 69.55 119.51 -5.95
N UNK G 926 69.57 120.27 -7.05
CA UNK G 926 70.64 121.25 -7.34
C UNK G 926 70.21 122.29 -8.37
N UNK G 927 70.24 123.56 -8.00
CA UNK G 927 69.78 124.59 -8.92
C UNK G 927 70.59 125.89 -8.95
N UNK G 928 70.46 126.63 -10.05
CA UNK G 928 71.15 127.91 -10.23
C UNK G 928 70.22 129.00 -9.72
N UNK G 929 70.78 130.17 -9.43
CA UNK G 929 69.97 131.28 -8.95
C UNK G 929 69.31 131.88 -10.17
N UNK G 930 68.32 132.75 -9.96
CA UNK G 930 67.65 133.40 -11.08
C UNK G 930 68.72 133.80 -12.11
N UNK G 931 74.92 128.74 -6.74
CA UNK G 931 74.32 127.41 -6.90
C UNK G 931 73.78 126.82 -5.63
N UNK G 932 72.47 126.86 -5.45
CA UNK G 932 71.90 126.26 -4.25
C UNK G 932 71.85 124.74 -4.48
N UNK G 933 72.19 123.97 -3.46
CA UNK G 933 72.19 122.53 -3.58
C UNK G 933 71.94 121.87 -2.25
N UNK G 934 71.26 120.74 -2.29
CA UNK G 934 70.95 120.00 -1.08
C UNK G 934 71.42 118.57 -1.23
N UNK G 935 71.62 117.93 -0.09
CA UNK G 935 72.01 116.54 -0.03
C UNK G 935 71.16 115.87 1.02
N UNK G 936 71.62 114.70 1.45
CA UNK G 936 70.87 113.87 2.38
C UNK G 936 71.14 114.20 3.84
N UNK G 937 71.39 115.47 4.12
CA UNK G 937 71.63 115.95 5.48
C UNK G 937 70.88 117.28 5.65
N UNK G 938 71.04 117.96 6.79
CA UNK G 938 70.30 119.21 7.04
C UNK G 938 70.85 120.58 6.59
N UNK G 939 71.95 120.61 5.86
CA UNK G 939 72.48 121.88 5.42
C UNK G 939 72.18 122.10 3.93
N UNK G 940 71.99 123.35 3.52
CA UNK G 940 71.75 123.65 2.10
C UNK G 940 72.84 124.58 1.56
N UNK G 941 73.82 124.02 0.86
CA UNK G 941 74.91 124.83 0.31
C UNK G 941 74.51 125.90 -0.68
N UNK G 942 74.90 127.15 -0.38
CA UNK G 942 74.62 128.28 -1.28
C UNK G 942 75.96 128.81 -1.79
N UNK G 943 76.56 128.07 -2.71
CA UNK G 943 77.86 128.39 -3.29
C UNK G 943 77.80 129.42 -4.39
N UNK G 944 78.05 130.66 -4.00
CA UNK G 944 78.06 131.74 -4.96
C UNK G 944 79.39 131.63 -5.70
N UNK G 945 79.46 130.66 -6.61
CA UNK G 945 80.65 130.44 -7.42
C UNK G 945 81.02 131.75 -8.14
N UNK G 946 82.60 132.46 -2.61
CA UNK G 946 81.86 132.67 -1.37
C UNK G 946 80.89 131.53 -1.12
N UNK G 947 80.53 131.34 0.14
CA UNK G 947 79.60 130.30 0.53
C UNK G 947 78.67 130.80 1.60
N UNK G 948 77.42 130.36 1.53
CA UNK G 948 76.43 130.72 2.51
C UNK G 948 75.82 129.38 2.87
N UNK G 949 75.88 129.01 4.14
CA UNK G 949 75.36 127.74 4.60
C UNK G 949 74.08 127.93 5.38
N UNK G 950 73.14 127.03 5.18
CA UNK G 950 71.86 127.10 5.87
C UNK G 950 71.71 125.87 6.76
N UNK G 951 72.16 125.97 8.01
CA UNK G 951 72.08 124.86 8.95
C UNK G 951 70.66 124.76 9.48
N UNK G 952 69.84 124.04 8.73
CA UNK G 952 68.45 123.86 9.07
C UNK G 952 68.32 123.11 10.38
N UNK G 953 69.35 122.35 10.72
CA UNK G 953 69.38 121.56 11.94
C UNK G 953 68.16 120.63 11.96
N UNK G 954 66.35 117.40 9.84
CA UNK G 954 66.87 116.04 9.83
C UNK G 954 67.53 115.85 8.48
N UNK G 955 66.81 116.23 7.44
CA UNK G 955 67.28 116.15 6.06
C UNK G 955 66.36 117.02 5.22
N UNK G 956 66.93 117.83 4.35
CA UNK G 956 66.15 118.68 3.49
C UNK G 956 65.50 117.77 2.45
N UNK G 957 64.19 117.62 2.53
CA UNK G 957 63.47 116.78 1.58
C UNK G 957 63.75 117.37 0.21
N UNK G 958 63.55 118.68 0.08
CA UNK G 958 63.80 119.38 -1.16
C UNK G 958 63.64 120.87 -0.95
N UNK G 959 63.84 121.64 -2.02
CA UNK G 959 63.73 123.08 -1.92
C UNK G 959 63.47 123.67 -3.28
N UNK G 960 63.31 124.97 -3.33
CA UNK G 960 63.07 125.67 -4.59
C UNK G 960 63.28 127.17 -4.40
N UNK G 961 63.89 127.79 -5.42
CA UNK G 961 64.13 129.22 -5.38
C UNK G 961 62.83 129.94 -5.10
N UNK G 962 62.92 131.23 -4.79
CA UNK G 962 61.72 132.01 -4.52
C UNK G 962 61.90 133.42 -5.05
N UNK G 963 65.84 136.56 -3.89
CA UNK G 963 66.90 135.90 -3.15
C UNK G 963 66.39 135.10 -1.95
N UNK G 964 65.07 135.00 -1.82
CA UNK G 964 64.47 134.24 -0.74
C UNK G 964 64.34 132.79 -1.27
N UNK G 965 64.41 131.79 -0.38
CA UNK G 965 64.32 130.39 -0.82
C UNK G 965 63.52 129.48 0.11
N UNK G 966 62.46 128.87 -0.44
CA UNK G 966 61.58 127.99 0.30
C UNK G 966 62.20 126.60 0.50
N UNK G 967 62.12 126.08 1.72
CA UNK G 967 62.71 124.78 2.03
C UNK G 967 61.90 123.94 3.00
N UNK G 968 61.85 122.64 2.73
CA UNK G 968 61.11 121.69 3.56
C UNK G 968 61.94 120.43 3.80
N UNK G 969 61.99 120.01 5.05
CA UNK G 969 62.73 118.82 5.43
C UNK G 969 61.64 117.85 5.81
N UNK G 970 62.00 116.63 6.16
CA UNK G 970 60.97 115.71 6.57
C UNK G 970 60.89 115.63 8.08
N UNK G 971 60.59 116.80 8.65
CA UNK G 971 60.38 117.02 10.08
C UNK G 971 59.16 117.92 10.20
N UNK G 972 58.33 117.89 9.16
CA UNK G 972 57.10 118.67 9.12
C UNK G 972 57.36 120.15 8.98
N UNK G 973 58.64 120.52 9.03
CA UNK G 973 59.04 121.91 8.94
C UNK G 973 59.25 122.41 7.52
N UNK G 974 58.88 123.67 7.32
CA UNK G 974 59.02 124.37 6.05
C UNK G 974 59.61 125.71 6.44
N UNK G 975 60.72 126.09 5.84
CA UNK G 975 61.31 127.37 6.20
C UNK G 975 61.43 128.30 5.00
N UNK G 976 61.69 129.58 5.27
CA UNK G 976 61.85 130.60 4.22
C UNK G 976 63.19 131.33 4.34
N UNK G 977 64.28 130.64 4.04
CA UNK G 977 65.61 131.23 4.14
C UNK G 977 65.85 132.41 3.21
N UNK G 978 66.88 133.17 3.54
CA UNK G 978 67.29 134.33 2.76
C UNK G 978 68.70 134.00 2.31
N UNK G 979 68.96 134.02 1.02
CA UNK G 979 70.32 133.74 0.58
C UNK G 979 71.08 135.05 0.80
N UNK G 980 69.63 133.41 6.75
CA UNK G 980 68.77 133.76 7.86
C UNK G 980 67.35 133.26 7.70
N UNK G 981 66.94 132.41 8.64
CA UNK G 981 65.61 131.82 8.65
C UNK G 981 64.54 132.84 8.98
N UNK G 982 64.08 133.55 7.96
CA UNK G 982 63.04 134.54 8.16
C UNK G 982 61.82 133.84 8.75
N UNK G 983 61.22 132.92 7.98
CA UNK G 983 60.05 132.18 8.45
C UNK G 983 60.36 130.73 8.77
N UNK G 984 59.57 130.15 9.66
CA UNK G 984 59.75 128.76 10.08
C UNK G 984 58.42 128.18 10.57
N UNK G 985 57.92 127.16 9.88
CA UNK G 985 56.64 126.51 10.24
C UNK G 985 56.84 125.04 10.58
N UNK G 986 55.87 124.48 11.30
CA UNK G 986 55.88 123.06 11.65
C UNK G 986 54.49 122.61 11.21
N UNK G 987 54.26 122.70 9.89
CA UNK G 987 52.99 122.37 9.25
C UNK G 987 52.56 120.90 9.13
N UNK G 988 53.38 119.97 9.63
CA UNK G 988 53.06 118.54 9.57
C UNK G 988 53.86 117.81 10.64
N UNK G 989 53.33 116.72 11.16
CA UNK G 989 54.02 115.97 12.19
C UNK G 989 54.83 114.83 11.57
N UNK G 990 55.92 117.11 -1.16
CA UNK G 990 56.05 118.24 -2.08
C UNK G 990 55.14 119.39 -1.64
N UNK G 991 55.51 120.61 -2.01
CA UNK G 991 54.74 121.78 -1.63
C UNK G 991 55.13 122.90 -2.58
N UNK G 992 54.15 123.63 -3.11
CA UNK G 992 54.46 124.69 -4.06
C UNK G 992 53.88 126.02 -3.66
N UNK G 993 54.29 127.07 -4.38
CA UNK G 993 53.82 128.42 -4.11
C UNK G 993 52.71 128.78 -5.07
N UNK G 994 51.98 129.84 -4.73
CA UNK G 994 50.87 130.32 -5.55
C UNK G 994 51.39 131.16 -6.71
N UNK G 995 52.05 135.47 -3.98
CA UNK G 995 52.82 134.52 -3.18
C UNK G 995 52.07 134.47 -1.88
N UNK G 996 50.93 135.14 -1.86
CA UNK G 996 50.12 135.19 -0.65
C UNK G 996 49.94 133.76 -0.14
N UNK G 997 49.99 132.80 -1.07
CA UNK G 997 49.78 131.40 -0.72
C UNK G 997 50.94 130.47 -1.12
N UNK G 998 51.18 129.45 -0.30
CA UNK G 998 52.23 128.46 -0.55
C UNK G 998 51.85 127.22 0.28
N UNK G 999 51.29 126.21 -0.37
CA UNK G 999 50.87 125.04 0.38
C UNK G 999 51.79 123.84 0.33
N UNK G 1000 51.51 122.91 1.23
CA UNK G 1000 52.27 121.67 1.40
C UNK G 1000 51.46 120.44 1.09
N UNK G 1001 52.09 119.29 1.31
CA UNK G 1001 51.52 117.97 1.09
C UNK G 1001 52.47 117.06 1.82
N UNK G 1002 51.96 116.16 2.66
CA UNK G 1002 52.88 115.31 3.40
C UNK G 1002 52.22 114.19 4.15
N UNK G 1003 47.49 114.89 4.71
CA UNK G 1003 46.65 115.76 3.90
C UNK G 1003 47.49 116.82 3.20
N UNK G 1004 46.83 117.91 2.79
CA UNK G 1004 47.50 119.01 2.12
C UNK G 1004 47.14 120.34 2.77
N UNK G 1005 47.84 120.65 3.87
CA UNK G 1005 47.62 121.90 4.62
C UNK G 1005 48.14 123.06 3.78
N UNK G 1006 47.27 124.03 3.52
CA UNK G 1006 47.61 125.20 2.74
C UNK G 1006 47.66 126.48 3.58
N UNK G 1007 48.69 127.31 3.40
CA UNK G 1007 48.78 128.56 4.16
C UNK G 1007 49.24 129.83 3.43
N UNK G 1008 49.53 130.88 4.23
CA UNK G 1008 49.92 132.21 3.72
C UNK G 1008 51.28 132.81 4.09
N UNK G 1009 45.89 127.65 7.01
CA UNK G 1009 44.59 128.24 6.71
C UNK G 1009 43.53 127.15 6.86
N UNK G 1010 43.77 125.97 6.27
CA UNK G 1010 42.83 124.85 6.41
C UNK G 1010 43.35 123.49 5.98
N UNK G 1011 43.18 122.51 6.87
CA UNK G 1011 43.61 121.13 6.64
C UNK G 1011 42.63 120.44 5.69
N UNK G 1012 43.17 119.82 4.62
CA UNK G 1012 42.38 119.13 3.61
C UNK G 1012 42.52 117.61 3.70
N UNK G 1013 41.92 116.99 4.71
CA UNK G 1013 42.04 115.55 4.89
C UNK G 1013 41.23 114.70 3.91
N UNK G 1014 41.37 114.99 2.62
CA UNK G 1014 40.65 114.23 1.62
C UNK G 1014 41.26 112.87 1.26
N UNK G 1015 42.48 112.90 0.74
CA UNK G 1015 43.19 111.69 0.31
C UNK G 1015 43.32 110.59 1.36
N UNK G 1016 43.12 109.35 0.93
CA UNK G 1016 43.23 108.20 1.83
C UNK G 1016 44.59 107.56 1.67
N UNK G 1017 47.57 109.28 0.79
CA UNK G 1017 48.60 110.23 1.25
C UNK G 1017 49.13 111.10 0.11
N UNK G 1018 49.00 112.41 0.26
CA UNK G 1018 49.45 113.33 -0.77
C UNK G 1018 50.94 113.22 -1.04
N UNK G 1019 51.32 113.49 -2.29
CA UNK G 1019 52.71 113.42 -2.70
C UNK G 1019 53.09 114.55 -3.64
N UNK G 1020 52.11 115.36 -4.04
CA UNK G 1020 52.38 116.48 -4.92
C UNK G 1020 51.18 117.42 -4.98
N UNK G 1021 51.37 118.60 -5.58
CA UNK G 1021 50.28 119.57 -5.70
C UNK G 1021 50.72 120.82 -6.45
N UNK G 1022 49.74 121.59 -6.90
CA UNK G 1022 50.02 122.82 -7.61
C UNK G 1022 48.83 123.78 -7.53
N UNK G 1023 49.11 125.06 -7.69
CA UNK G 1023 48.10 126.10 -7.64
C UNK G 1023 47.71 126.51 -9.05
N UNK G 1024 46.41 126.74 -9.26
CA UNK G 1024 45.95 127.17 -10.57
C UNK G 1024 46.63 128.49 -10.82
N UNK G 1025 47.04 128.74 -12.07
CA UNK G 1025 47.72 129.98 -12.41
C UNK G 1025 46.81 131.16 -12.04
N UNK G 1026 42.40 127.32 -7.38
CA UNK G 1026 42.43 125.89 -7.12
C UNK G 1026 43.81 125.35 -6.77
N UNK G 1027 43.80 124.25 -6.03
CA UNK G 1027 45.01 123.57 -5.61
C UNK G 1027 44.74 122.07 -5.74
N UNK G 1028 45.31 121.48 -6.79
CA UNK G 1028 45.17 120.05 -7.05
C UNK G 1028 46.25 119.29 -6.29
N UNK G 1029 45.86 118.19 -5.68
CA UNK G 1029 46.80 117.41 -4.90
C UNK G 1029 46.98 115.96 -5.37
N UNK G 1030 48.22 115.48 -5.30
CA UNK G 1030 48.54 114.14 -5.75
C UNK G 1030 48.50 113.09 -4.66
N UNK G 1031 47.68 112.07 -4.90
CA UNK G 1031 47.49 110.96 -3.98
C UNK G 1031 48.47 109.83 -4.25
N UNK G 1032 48.88 109.16 -3.18
CA UNK G 1032 49.82 108.07 -3.26
C UNK G 1032 49.13 106.85 -3.90
N UNK G 1033 47.82 106.94 -4.06
CA UNK G 1033 47.05 105.86 -4.67
C UNK G 1033 46.27 106.34 -5.88
N UNK G 1034 46.99 106.94 -6.81
CA UNK G 1034 46.38 107.41 -8.03
C UNK G 1034 45.19 108.32 -7.89
N UNK G 1035 44.85 108.71 -6.66
CA UNK G 1035 43.73 109.60 -6.45
C UNK G 1035 44.21 111.03 -6.69
N UNK G 1036 43.30 111.96 -6.81
CA UNK G 1036 43.69 113.34 -7.05
C UNK G 1036 42.36 114.01 -6.84
N UNK G 1037 42.31 114.87 -5.83
CA UNK G 1037 41.19 115.77 -5.59
C UNK G 1037 41.58 117.19 -5.94
N UNK G 1038 40.60 117.96 -6.42
CA UNK G 1038 40.83 119.35 -6.75
C UNK G 1038 40.23 120.09 -5.55
N UNK G 1039 40.93 121.11 -5.06
CA UNK G 1039 40.43 121.89 -3.94
C UNK G 1039 40.36 123.35 -4.39
N UNK G 1040 39.66 124.19 -3.64
CA UNK G 1040 39.51 125.60 -4.01
C UNK G 1040 40.18 126.59 -3.06
N UNK G 1041 36.05 119.02 -6.29
CA UNK G 1041 35.73 117.72 -6.87
C UNK G 1041 36.93 116.78 -6.82
N UNK G 1042 36.67 115.50 -6.63
CA UNK G 1042 37.73 114.50 -6.56
C UNK G 1042 37.92 113.61 -7.81
N UNK G 1043 38.15 114.23 -8.96
CA UNK G 1043 38.36 113.47 -10.19
C UNK G 1043 39.56 112.55 -10.00
N UNK G 1044 39.32 111.26 -9.77
CA UNK G 1044 40.42 110.33 -9.56
C UNK G 1044 40.10 108.83 -9.73
N UNK G 1045 39.91 108.36 -10.98
CA UNK G 1045 39.60 106.95 -11.26
C UNK G 1045 40.77 106.01 -10.96
N UNK G 1046 50.81 105.65 -7.79
CA UNK G 1046 51.27 106.99 -7.43
C UNK G 1046 50.75 108.04 -8.42
N UNK G 1047 50.96 109.30 -8.06
CA UNK G 1047 50.62 110.47 -8.86
C UNK G 1047 51.68 111.46 -8.41
N UNK G 1048 52.85 111.38 -9.03
CA UNK G 1048 53.97 112.22 -8.62
C UNK G 1048 54.02 113.62 -9.20
N UNK G 1049 52.93 114.15 -9.72
CA UNK G 1049 53.01 115.48 -10.29
C UNK G 1049 51.69 115.98 -10.88
N UNK G 1050 51.50 117.29 -10.87
CA UNK G 1050 50.33 117.93 -11.44
C UNK G 1050 50.73 119.30 -11.95
N UNK G 1051 49.84 119.94 -12.70
CA UNK G 1051 50.11 121.26 -13.24
C UNK G 1051 48.80 121.71 -13.90
N UNK G 1052 48.34 122.90 -13.54
CA UNK G 1052 47.20 123.48 -14.21
C UNK G 1052 47.71 124.12 -15.49
N UNK G 1053 46.79 124.40 -16.40
CA UNK G 1053 47.13 125.03 -17.67
C UNK G 1053 47.00 126.54 -17.49
N UNK G 1054 47.55 127.33 -18.43
CA UNK G 1054 47.37 128.76 -18.19
C UNK G 1054 45.87 129.02 -18.02
N UNK G 1055 45.10 128.64 -19.04
CA UNK G 1055 43.64 128.80 -19.04
C UNK G 1055 42.94 128.38 -17.74
N UNK G 1056 43.66 127.72 -16.84
CA UNK G 1056 43.11 127.27 -15.56
C UNK G 1056 41.92 126.31 -15.73
N UNK G 1057 41.92 125.54 -16.82
CA UNK G 1057 40.85 124.59 -17.11
C UNK G 1057 41.31 123.13 -17.25
N UNK G 1058 42.45 122.94 -17.91
CA UNK G 1058 43.01 121.59 -18.12
C UNK G 1058 44.10 121.30 -17.11
N UNK G 1059 43.95 120.20 -16.39
CA UNK G 1059 44.95 119.79 -15.40
C UNK G 1059 45.71 118.59 -15.94
N UNK G 1060 47.03 118.71 -16.05
CA UNK G 1060 47.86 117.60 -16.53
C UNK G 1060 48.38 116.80 -15.34
N UNK G 1061 48.36 115.48 -15.47
CA UNK G 1061 48.79 114.60 -14.38
C UNK G 1061 49.87 113.60 -14.83
N UNK G 1062 50.70 113.16 -13.90
CA UNK G 1062 51.76 112.20 -14.21
C UNK G 1062 52.07 111.30 -13.03
N UNK G 1063 51.70 107.03 -15.68
CA UNK G 1063 51.60 107.54 -17.05
C UNK G 1063 50.98 108.92 -17.00
N UNK G 1064 51.05 109.64 -18.11
CA UNK G 1064 50.46 110.97 -18.20
C UNK G 1064 48.95 110.82 -18.35
N UNK G 1065 48.19 111.88 -18.01
CA UNK G 1065 46.73 111.79 -18.09
C UNK G 1065 46.18 113.20 -17.89
N UNK G 1066 45.50 113.72 -18.90
CA UNK G 1066 44.91 115.06 -18.81
C UNK G 1066 43.47 115.02 -18.29
N UNK G 1067 43.03 116.12 -17.69
CA UNK G 1067 41.67 116.19 -17.14
C UNK G 1067 40.91 117.47 -17.51
N UNK G 1068 39.68 117.56 -16.99
CA UNK G 1068 38.78 118.69 -17.21
C UNK G 1068 38.32 119.26 -15.88
N UNK G 1069 38.69 120.51 -15.61
CA UNK G 1069 38.30 121.19 -14.38
C UNK G 1069 36.79 121.12 -14.15
N UNK G 1070 50.31 106.74 -22.72
CA UNK G 1070 50.83 105.63 -21.95
C UNK G 1070 52.29 105.51 -22.35
N UNK G 1071 53.16 105.63 -21.38
CA UNK G 1071 54.58 105.53 -21.64
C UNK G 1071 54.95 104.06 -21.38
N UNK G 1072 55.89 103.53 -22.16
CA UNK G 1072 56.34 102.16 -21.98
C UNK G 1072 56.55 101.88 -20.48
N UNK G 1073 57.30 102.77 -19.84
CA UNK G 1073 57.57 102.61 -18.42
C UNK G 1073 56.61 103.38 -17.53
N UNK G 1074 56.78 103.23 -16.24
CA UNK G 1074 55.94 103.91 -15.27
C UNK G 1074 56.77 104.70 -14.29
N UNK G 1075 56.14 105.00 -13.15
CA UNK G 1075 56.77 105.74 -12.08
C UNK G 1075 57.51 106.94 -12.60
N UNK G 1076 56.77 107.85 -13.21
CA UNK G 1076 57.37 109.06 -13.72
C UNK G 1076 57.54 109.95 -12.49
N UNK G 1077 58.21 111.07 -12.64
CA UNK G 1077 58.36 112.02 -11.54
C UNK G 1077 57.73 113.40 -11.62
N UNK G 1078 58.38 114.30 -12.36
CA UNK G 1078 57.88 115.65 -12.53
C UNK G 1078 57.74 115.91 -14.03
N UNK G 1079 56.51 116.19 -14.46
CA UNK G 1079 56.24 116.28 -15.88
C UNK G 1079 56.60 117.72 -16.19
N UNK G 1080 57.35 117.97 -17.26
CA UNK G 1080 57.70 119.34 -17.58
C UNK G 1080 56.81 119.95 -18.65
N UNK G 1081 55.74 120.62 -18.23
CA UNK G 1081 54.85 121.27 -19.17
C UNK G 1081 55.57 122.55 -19.58
N UNK G 1082 55.06 123.26 -20.56
CA UNK G 1082 55.72 124.50 -20.98
C UNK G 1082 54.75 125.68 -20.95
N UNK G 1083 55.21 126.86 -21.41
CA UNK G 1083 54.31 128.02 -21.41
C UNK G 1083 53.04 127.75 -22.22
N UNK G 1084 53.21 127.52 -23.52
CA UNK G 1084 52.09 127.24 -24.43
C UNK G 1084 51.27 126.02 -24.06
N UNK G 1085 51.74 125.22 -23.09
CA UNK G 1085 51.05 124.00 -22.67
C UNK G 1085 50.88 123.09 -23.89
N UNK G 1086 51.83 123.22 -24.81
CA UNK G 1086 51.81 122.49 -26.08
C UNK G 1086 53.12 121.70 -26.29
N UNK G 1087 53.81 121.40 -25.19
CA UNK G 1087 55.06 120.64 -25.23
C UNK G 1087 55.25 120.01 -23.86
N UNK G 1088 55.65 118.75 -23.82
CA UNK G 1088 55.84 118.07 -22.55
C UNK G 1088 57.12 117.23 -22.60
N UNK G 1089 57.78 117.10 -21.46
CA UNK G 1089 59.00 116.28 -21.39
C UNK G 1089 59.00 115.48 -20.11
N UNK G 1090 59.38 114.22 -20.22
CA UNK G 1090 59.44 113.36 -19.05
C UNK G 1090 60.35 112.18 -19.31
N UNK G 1091 60.50 111.34 -18.29
CA UNK G 1091 61.38 110.18 -18.41
C UNK G 1091 60.89 109.07 -17.52
N UNK G 1092 60.59 107.91 -18.10
CA UNK G 1092 60.10 106.76 -17.33
C UNK G 1092 61.25 105.91 -16.81
N UNK G 1093 60.94 105.04 -15.86
CA UNK G 1093 61.99 104.19 -15.29
C UNK G 1093 62.61 103.24 -16.30
N UNK G 1094 62.21 103.38 -17.56
CA UNK G 1094 62.82 102.57 -18.59
C UNK G 1094 63.90 103.43 -19.21
N UNK G 1095 64.09 104.61 -18.65
CA UNK G 1095 65.12 105.53 -19.12
C UNK G 1095 64.83 106.08 -20.50
N UNK G 1096 63.55 106.08 -20.85
CA UNK G 1096 63.15 106.60 -22.15
C UNK G 1096 62.80 108.07 -22.02
N UNK G 1097 63.35 108.89 -22.92
CA UNK G 1097 63.11 110.33 -22.89
C UNK G 1097 61.91 110.76 -23.75
N UNK G 1098 60.79 111.03 -23.11
CA UNK G 1098 59.61 111.45 -23.85
C UNK G 1098 59.50 112.97 -23.99
N UNK G 1099 59.58 113.45 -25.23
CA UNK G 1099 59.42 114.87 -25.51
C UNK G 1099 58.17 114.96 -26.40
N UNK G 1100 57.01 115.05 -25.75
CA UNK G 1100 55.74 115.12 -26.46
C UNK G 1100 55.41 116.56 -26.86
N UNK G 1101 54.48 116.72 -27.80
CA UNK G 1101 54.14 118.06 -28.26
C UNK G 1101 52.87 118.10 -29.12
N MET H 10 43.62 35.95 0.11
CA MET H 10 42.92 35.46 1.29
C MET H 10 41.45 35.92 1.25
N PRO H 11 40.61 35.49 2.22
CA PRO H 11 39.21 35.94 2.22
C PRO H 11 38.94 37.44 2.09
N LYS H 12 37.66 37.76 1.85
CA LYS H 12 37.19 39.13 1.70
C LYS H 12 37.19 39.86 3.04
N ARG H 13 36.55 39.28 4.04
CA ARG H 13 36.47 39.88 5.37
C ARG H 13 37.83 40.13 6.03
N HIS H 14 38.90 39.76 5.33
CA HIS H 14 40.26 40.00 5.81
C HIS H 14 40.85 41.27 5.23
N ARG H 15 40.73 41.45 3.91
CA ARG H 15 41.18 42.67 3.26
C ARG H 15 40.50 43.90 3.83
N GLU H 16 39.21 43.78 4.14
CA GLU H 16 38.45 44.87 4.72
C GLU H 16 38.95 45.23 6.08
N HIS H 17 39.36 44.21 6.84
CA HIS H 17 39.94 44.39 8.16
C HIS H 17 41.16 45.31 8.18
N ILE H 18 42.24 44.84 7.59
CA ILE H 18 43.48 45.61 7.53
C ILE H 18 43.29 46.89 6.72
N ARG H 19 42.25 46.93 5.90
CA ARG H 19 41.96 48.09 5.08
C ARG H 19 41.57 49.29 5.94
N LYS H 20 40.46 49.16 6.67
CA LYS H 20 39.99 50.23 7.53
C LYS H 20 40.90 50.43 8.72
N ASN H 21 41.42 49.33 9.26
CA ASN H 21 42.32 49.37 10.40
C ASN H 21 43.78 49.43 9.99
N LEU H 22 44.06 50.17 8.92
CA LEU H 22 45.42 50.31 8.42
C LEU H 22 46.16 51.43 9.14
N ASN H 23 45.45 52.13 10.02
CA ASN H 23 46.04 53.22 10.79
C ASN H 23 46.65 52.76 12.09
N ILE H 24 45.87 51.98 12.83
CA ILE H 24 46.32 51.43 14.10
C ILE H 24 47.54 50.55 13.84
N LEU H 25 47.47 49.76 12.79
CA LEU H 25 48.54 48.81 12.50
C LEU H 25 49.79 49.53 11.98
N VAL H 26 49.58 50.68 11.35
CA VAL H 26 50.67 51.47 10.79
C VAL H 26 51.24 52.35 11.89
N GLU H 27 50.58 52.36 13.03
CA GLU H 27 51.00 53.23 14.12
C GLU H 27 51.79 52.47 15.15
N TRP H 28 51.20 51.41 15.72
CA TRP H 28 51.81 50.76 16.87
C TRP H 28 53.10 49.96 16.56
N THR H 29 53.17 49.36 15.37
CA THR H 29 54.37 48.59 14.97
C THR H 29 55.45 49.50 14.37
N ASN H 30 56.65 49.56 14.98
CA ASN H 30 57.83 50.08 14.28
C ASN H 30 57.96 49.52 12.86
N TYR H 31 58.36 50.36 11.91
CA TYR H 31 58.38 49.93 10.52
C TYR H 31 59.68 49.21 10.15
N GLU H 32 60.79 49.73 10.66
CA GLU H 32 62.09 49.09 10.48
C GLU H 32 61.98 47.65 10.95
N ARG H 33 61.54 47.55 12.20
CA ARG H 33 61.40 46.29 12.90
C ARG H 33 60.35 45.42 12.24
N LEU H 34 59.52 46.04 11.42
CA LEU H 34 58.51 45.28 10.71
C LEU H 34 59.02 44.94 9.32
N ALA H 35 59.31 45.92 8.48
CA ALA H 35 59.79 45.66 7.12
C ALA H 35 60.91 44.61 7.07
N MET H 36 62.01 44.91 7.77
CA MET H 36 63.17 44.04 7.74
C MET H 36 62.85 42.62 8.24
N GLU H 37 61.74 42.50 8.98
CA GLU H 37 61.25 41.23 9.54
C GLU H 37 60.24 40.49 8.65
N CYS H 38 59.38 41.26 7.98
CA CYS H 38 58.34 40.73 7.12
C CYS H 38 59.02 40.11 5.92
N VAL H 39 59.92 40.85 5.32
CA VAL H 39 60.62 40.32 4.18
C VAL H 39 61.32 39.09 4.73
N GLN H 40 61.86 39.30 5.92
CA GLN H 40 62.62 38.34 6.67
C GLN H 40 61.73 37.18 7.02
N GLN H 41 60.46 37.50 7.28
CA GLN H 41 59.47 36.48 7.65
C GLN H 41 59.21 35.32 6.65
N GLY H 42 59.37 35.51 5.34
CA GLY H 42 58.86 34.51 4.45
C GLY H 42 57.70 35.01 3.62
N ILE H 43 57.70 36.30 3.34
CA ILE H 43 56.71 36.92 2.47
C ILE H 43 57.19 37.60 1.18
N LEU H 44 57.64 38.84 1.30
CA LEU H 44 58.09 39.62 0.16
C LEU H 44 59.58 39.44 -0.03
N THR H 45 60.19 40.26 -0.88
CA THR H 45 61.58 40.07 -1.29
C THR H 45 62.26 41.41 -1.54
N VAL H 46 63.58 41.37 -1.73
CA VAL H 46 64.36 42.57 -1.99
C VAL H 46 63.66 43.47 -3.02
N GLN H 47 62.84 42.85 -3.87
CA GLN H 47 62.12 43.60 -4.90
C GLN H 47 60.82 44.17 -4.35
N MET H 48 60.03 43.31 -3.73
CA MET H 48 58.75 43.73 -3.15
C MET H 48 58.94 44.89 -2.18
N LEU H 49 59.59 44.62 -1.06
CA LEU H 49 59.84 45.62 -0.04
C LEU H 49 60.43 46.90 -0.63
N ARG H 50 61.26 46.81 -1.67
CA ARG H 50 61.75 48.03 -2.31
C ARG H 50 60.60 48.90 -2.79
N ASN H 51 59.75 48.32 -3.63
CA ASN H 51 58.64 49.04 -4.25
C ASN H 51 57.60 49.48 -3.23
N THR H 52 57.53 48.75 -2.12
CA THR H 52 56.60 49.10 -1.04
C THR H 52 57.14 50.20 -0.13
N GLN H 53 58.33 49.97 0.40
CA GLN H 53 59.14 50.96 1.11
C GLN H 53 59.41 52.21 0.30
N ASP H 54 59.67 52.09 -0.99
CA ASP H 54 59.68 53.31 -1.76
C ASP H 54 58.26 53.59 -2.20
N LEU H 55 58.06 54.63 -2.99
CA LEU H 55 56.73 55.11 -3.33
C LEU H 55 56.79 55.59 -4.76
N ASN H 56 55.88 56.47 -5.16
CA ASN H 56 55.82 56.89 -6.56
C ASN H 56 56.99 57.78 -6.94
N GLY H 57 57.45 58.60 -6.00
CA GLY H 57 58.49 59.57 -6.26
C GLY H 57 58.00 60.98 -5.99
N LYS H 58 56.75 61.25 -6.36
CA LYS H 58 56.09 62.49 -6.00
C LYS H 58 55.96 62.73 -4.47
N PRO H 59 55.88 61.65 -3.70
CA PRO H 59 55.76 61.75 -2.25
C PRO H 59 56.72 62.78 -1.67
N PHE H 60 57.69 63.21 -2.48
CA PHE H 60 58.68 64.19 -2.04
C PHE H 60 58.01 65.50 -1.64
N ASN H 61 56.85 65.75 -2.20
CA ASN H 61 56.18 66.97 -1.86
C ASN H 61 55.90 66.92 -0.35
N MET H 62 55.82 65.69 0.11
CA MET H 62 55.37 65.41 1.44
C MET H 62 56.47 65.39 2.49
N ASP H 63 56.17 66.05 3.59
CA ASP H 63 57.13 66.23 4.66
C ASP H 63 57.43 64.91 5.30
N GLU H 64 58.58 64.91 5.97
CA GLU H 64 59.15 63.77 6.66
C GLU H 64 58.12 63.06 7.50
N LYS H 65 57.47 63.74 8.44
CA LYS H 65 56.55 62.95 9.25
C LYS H 65 55.74 61.94 8.45
N ASP H 66 55.40 62.31 7.21
CA ASP H 66 54.25 61.72 6.55
C ASP H 66 54.60 60.72 5.46
N VAL H 67 55.90 60.48 5.29
CA VAL H 67 56.35 59.54 4.26
C VAL H 67 56.59 58.16 4.84
N ARG H 68 57.21 58.10 6.01
CA ARG H 68 57.36 56.85 6.74
C ARG H 68 56.00 56.22 7.09
N VAL H 69 55.03 57.06 7.44
CA VAL H 69 53.69 56.58 7.75
C VAL H 69 53.02 56.00 6.51
N GLU H 70 53.25 56.65 5.37
CA GLU H 70 52.72 56.20 4.10
C GLU H 70 53.34 54.88 3.70
N GLN H 71 54.66 54.83 3.77
CA GLN H 71 55.45 53.61 3.60
C GLN H 71 54.89 52.42 4.35
N HIS H 72 54.86 52.61 5.66
CA HIS H 72 54.38 51.62 6.61
C HIS H 72 52.95 51.21 6.23
N ARG H 73 52.18 52.19 5.75
CA ARG H 73 50.81 51.93 5.29
C ARG H 73 50.79 51.23 3.94
N ARG H 74 51.91 51.26 3.24
CA ARG H 74 51.98 50.64 1.93
C ARG H 74 52.36 49.20 2.14
N LEU H 75 52.91 48.93 3.33
CA LEU H 75 53.40 47.59 3.63
C LEU H 75 52.26 46.62 3.80
N LEU H 76 51.39 46.94 4.73
CA LEU H 76 50.28 46.07 5.06
C LEU H 76 49.41 45.80 3.84
N LEU H 77 49.34 46.77 2.93
CA LEU H 77 48.61 46.61 1.68
C LEU H 77 49.21 45.50 0.82
N LYS H 78 50.53 45.43 0.79
CA LYS H 78 51.20 44.38 0.05
C LYS H 78 51.13 43.04 0.79
N ILE H 79 51.16 43.11 2.12
CA ILE H 79 51.07 41.89 2.94
C ILE H 79 49.71 41.22 2.78
N THR H 80 48.70 42.06 2.74
CA THR H 80 47.33 41.70 2.46
C THR H 80 47.32 41.14 1.08
N GLN H 81 48.21 41.62 0.23
CA GLN H 81 48.20 41.16 -1.13
C GLN H 81 48.49 39.69 -1.20
N ARG H 82 49.13 39.17 -0.19
CA ARG H 82 49.72 37.87 -0.32
C ARG H 82 48.81 36.68 -0.15
N GLY H 83 49.42 35.52 -0.12
CA GLY H 83 48.69 34.26 -0.03
C GLY H 83 47.98 34.04 1.29
N PRO H 84 46.99 33.04 1.25
CA PRO H 84 46.01 33.15 2.32
C PRO H 84 46.56 33.11 3.71
N THR H 85 47.78 32.64 3.91
CA THR H 85 48.34 32.68 5.25
C THR H 85 48.42 34.14 5.70
N ALA H 86 48.45 35.02 4.74
CA ALA H 86 48.88 36.39 4.98
C ALA H 86 48.44 36.83 6.37
N TYR H 87 47.26 36.37 6.75
CA TYR H 87 46.80 36.60 8.11
C TYR H 87 47.77 35.92 9.04
N ASN H 88 47.78 34.60 9.00
CA ASN H 88 48.60 33.83 9.92
C ASN H 88 50.07 34.20 9.84
N LEU H 89 50.50 34.74 8.71
CA LEU H 89 51.87 35.23 8.56
C LEU H 89 52.06 36.52 9.34
N LEU H 90 51.12 37.46 9.17
CA LEU H 90 51.30 38.80 9.71
C LEU H 90 51.09 38.79 11.22
N ILE H 91 50.16 37.97 11.67
CA ILE H 91 49.85 37.88 13.10
C ILE H 91 51.07 37.42 13.86
N ASN H 92 51.86 36.54 13.27
CA ASN H 92 53.04 35.99 13.93
C ASN H 92 54.21 36.93 13.82
N ALA H 93 54.41 37.44 12.61
CA ALA H 93 55.48 38.42 12.40
C ALA H 93 55.31 39.53 13.42
N LEU H 94 54.07 39.98 13.60
CA LEU H 94 53.76 41.05 14.55
C LEU H 94 53.84 40.55 15.99
N ARG H 95 53.57 39.27 16.21
CA ARG H 95 53.80 38.68 17.53
C ARG H 95 55.26 38.83 17.92
N ASN H 96 56.15 38.87 16.92
CA ASN H 96 57.57 39.06 17.19
C ASN H 96 58.00 40.52 17.26
N ILE H 97 57.52 41.35 16.31
CA ILE H 97 57.71 42.81 16.37
C ILE H 97 57.41 43.37 17.77
N ASN H 98 56.63 42.62 18.54
CA ASN H 98 56.28 42.91 19.93
C ASN H 98 55.27 44.04 19.95
N CYS H 99 54.49 44.09 18.88
CA CYS H 99 53.31 44.93 18.82
C CYS H 99 52.05 44.09 19.08
N LEU H 100 52.08 43.31 20.16
CA LEU H 100 50.97 42.45 20.57
C LEU H 100 49.61 43.14 20.50
N ASP H 101 49.55 44.40 20.94
CA ASP H 101 48.32 45.20 20.88
C ASP H 101 47.78 45.48 19.47
N ALA H 102 48.47 45.00 18.44
CA ALA H 102 47.98 45.09 17.07
C ALA H 102 47.84 43.68 16.53
N ALA H 103 48.61 42.75 17.09
CA ALA H 103 48.43 41.34 16.74
C ALA H 103 47.02 40.94 17.17
N VAL H 104 46.63 41.45 18.33
CA VAL H 104 45.27 41.25 18.80
C VAL H 104 44.36 41.87 17.76
N LEU H 105 44.56 43.14 17.43
CA LEU H 105 43.72 43.83 16.48
C LEU H 105 43.46 43.00 15.22
N LEU H 106 44.55 42.45 14.68
CA LEU H 106 44.54 41.70 13.44
C LEU H 106 43.97 40.28 13.60
N GLU H 107 43.87 39.81 14.84
CA GLU H 107 43.41 38.45 15.09
C GLU H 107 41.97 38.35 15.63
N SER H 108 41.65 39.25 16.56
CA SER H 108 40.40 39.28 17.32
C SER H 108 39.14 39.32 16.48
N VAL H 109 39.20 39.98 15.33
CA VAL H 109 38.12 39.92 14.34
C VAL H 109 37.71 38.51 13.92
N ASP H 110 38.56 37.53 14.20
CA ASP H 110 38.21 36.15 13.96
C ASP H 110 37.81 35.58 15.31
N GLU H 111 37.68 34.26 15.38
CA GLU H 111 37.34 33.56 16.63
C GLU H 111 35.88 33.84 17.03
N TYR I 10 35.22 -9.31 -38.02
CA TYR I 10 36.29 -8.37 -37.75
C TYR I 10 37.66 -9.03 -37.91
N GLN I 11 38.45 -8.51 -38.84
CA GLN I 11 39.77 -9.05 -39.10
C GLN I 11 40.83 -8.34 -38.25
N TYR I 12 42.10 -8.52 -38.62
CA TYR I 12 43.20 -7.90 -37.89
C TYR I 12 43.64 -6.61 -38.57
N LYS I 13 43.15 -6.38 -39.79
CA LYS I 13 43.49 -5.19 -40.56
C LYS I 13 42.69 -3.99 -40.08
N ASP I 14 41.70 -4.23 -39.23
CA ASP I 14 40.86 -3.18 -38.70
C ASP I 14 41.03 -3.02 -37.19
N ILE I 15 41.23 -4.14 -36.51
CA ILE I 15 41.42 -4.13 -35.06
C ILE I 15 42.84 -3.65 -34.73
N LEU I 16 43.61 -3.29 -35.74
CA LEU I 16 44.98 -2.83 -35.51
C LEU I 16 45.04 -1.33 -35.20
N SER I 17 44.36 -0.54 -36.00
CA SER I 17 44.40 0.90 -35.83
C SER I 17 43.73 1.31 -34.53
N VAL I 18 42.99 0.37 -33.92
CA VAL I 18 42.28 0.61 -32.68
C VAL I 18 43.21 0.93 -31.51
N PHE I 19 44.24 0.12 -31.32
CA PHE I 19 45.19 0.39 -30.24
C PHE I 19 46.48 0.98 -30.78
N GLU I 20 46.35 2.13 -31.45
CA GLU I 20 47.50 2.82 -31.99
C GLU I 20 48.14 3.74 -30.95
N ASP I 21 47.40 4.09 -29.91
CA ASP I 21 47.95 4.94 -28.85
C ASP I 21 49.01 4.17 -28.09
N ALA I 22 48.89 2.85 -28.08
CA ALA I 22 49.81 2.01 -27.35
C ALA I 22 51.02 1.71 -28.21
N PHE I 23 50.77 1.49 -29.51
CA PHE I 23 51.81 1.12 -30.44
C PHE I 23 52.88 2.21 -30.57
N VAL I 24 52.67 3.36 -29.93
CA VAL I 24 53.65 4.43 -29.95
C VAL I 24 54.35 4.53 -28.60
N ASP I 25 53.77 3.86 -27.62
CA ASP I 25 54.31 3.82 -26.26
C ASP I 25 55.40 2.78 -26.18
N ASN I 26 55.02 1.54 -26.40
CA ASN I 26 55.91 0.43 -26.12
C ASN I 26 56.34 -0.40 -27.33
N PHE I 27 56.36 0.21 -28.51
CA PHE I 27 56.76 -0.52 -29.71
C PHE I 27 57.59 0.31 -30.68
N ASP I 28 58.72 -0.24 -31.10
CA ASP I 28 59.34 0.17 -32.34
C ASP I 28 60.01 -1.04 -32.99
N CYS I 29 59.92 -1.10 -34.31
CA CYS I 29 60.41 -2.22 -35.08
C CYS I 29 61.93 -2.42 -35.03
N LYS I 30 62.60 -1.65 -34.18
CA LYS I 30 64.03 -1.83 -33.98
C LYS I 30 64.28 -3.25 -33.49
N ASP I 31 63.26 -3.84 -32.87
CA ASP I 31 63.33 -5.22 -32.43
C ASP I 31 62.76 -6.14 -33.50
N VAL I 32 61.96 -5.57 -34.40
CA VAL I 32 61.36 -6.33 -35.49
C VAL I 32 62.27 -6.36 -36.71
N GLN I 33 63.47 -6.92 -36.55
CA GLN I 33 64.43 -7.01 -37.64
C GLN I 33 64.68 -8.45 -38.04
N ASP I 34 63.66 -9.30 -37.89
CA ASP I 34 63.77 -10.70 -38.24
C ASP I 34 62.39 -11.34 -38.36
N MET I 35 61.73 -11.11 -39.49
CA MET I 35 60.39 -11.65 -39.73
C MET I 35 60.31 -12.19 -41.16
N PRO I 36 59.16 -12.77 -41.55
CA PRO I 36 59.09 -13.10 -42.98
C PRO I 36 59.13 -11.88 -43.88
N LYS I 37 60.02 -11.90 -44.88
CA LYS I 37 60.09 -10.84 -45.88
C LYS I 37 58.75 -10.71 -46.60
N SER I 38 57.94 -11.76 -46.51
CA SER I 38 56.60 -11.75 -47.05
C SER I 38 55.69 -10.76 -46.32
N ILE I 39 56.13 -10.28 -45.17
CA ILE I 39 55.26 -9.54 -44.29
C ILE I 39 55.59 -8.07 -44.41
N LEU I 40 56.88 -7.78 -44.32
CA LEU I 40 57.33 -6.41 -44.56
C LEU I 40 58.52 -6.39 -45.50
N SER I 41 58.62 -5.37 -46.34
CA SER I 41 59.74 -5.28 -47.28
C SER I 41 61.06 -4.98 -46.58
N LYS I 42 62.10 -5.75 -46.86
CA LYS I 42 63.37 -5.52 -46.24
C LYS I 42 63.66 -4.04 -46.42
N GLU I 43 63.28 -3.52 -47.57
CA GLU I 43 63.47 -2.11 -47.87
C GLU I 43 62.33 -1.28 -47.29
N GLU I 44 61.14 -1.88 -47.24
CA GLU I 44 59.97 -1.20 -46.68
C GLU I 44 60.09 -1.07 -45.17
N ILE I 45 60.80 -2.01 -44.57
CA ILE I 45 61.04 -2.05 -43.14
C ILE I 45 62.06 -0.99 -42.75
N ASP I 46 63.10 -0.84 -43.56
CA ASP I 46 64.07 0.19 -43.22
C ASP I 46 63.35 1.50 -43.29
N HIS I 47 62.42 1.54 -44.25
CA HIS I 47 61.55 2.68 -44.49
C HIS I 47 60.80 3.01 -43.21
N ILE I 48 60.19 1.99 -42.61
CA ILE I 48 59.45 2.13 -41.38
C ILE I 48 60.40 2.38 -40.22
N ILE I 49 61.41 1.52 -40.10
CA ILE I 49 62.40 1.74 -39.07
C ILE I 49 63.07 3.08 -39.36
N MET I 50 62.74 3.59 -40.52
CA MET I 50 63.49 4.65 -41.12
C MET I 50 63.42 5.78 -40.12
N SER I 51 62.26 5.82 -39.49
CA SER I 51 62.09 6.26 -38.12
C SER I 51 62.56 7.65 -37.73
N LYS I 52 62.12 8.65 -38.48
CA LYS I 52 62.41 9.99 -38.09
C LYS I 52 61.72 10.21 -36.75
N ASP I 53 60.51 9.71 -36.59
CA ASP I 53 59.78 9.90 -35.33
C ASP I 53 59.04 8.68 -34.78
N ALA I 54 58.95 8.62 -33.47
CA ALA I 54 58.30 7.49 -32.86
C ALA I 54 56.88 7.49 -33.34
N VAL I 55 56.26 8.64 -33.47
CA VAL I 55 54.86 8.66 -33.89
C VAL I 55 54.82 8.40 -35.39
N SER I 56 55.68 9.08 -36.13
CA SER I 56 55.67 8.93 -37.56
C SER I 56 56.07 7.51 -37.96
N GLY I 57 57.09 6.96 -37.30
CA GLY I 57 57.57 5.65 -37.66
C GLY I 57 56.52 4.58 -37.46
N THR I 58 55.84 4.68 -36.32
CA THR I 58 54.82 3.70 -35.94
C THR I 58 53.66 3.86 -36.92
N LEU I 59 53.34 5.10 -37.25
CA LEU I 59 52.22 5.36 -38.13
C LEU I 59 52.62 4.75 -39.47
N ARG I 60 53.89 4.91 -39.79
CA ARG I 60 54.48 4.44 -41.03
C ARG I 60 54.37 2.94 -41.09
N LEU I 61 54.47 2.27 -39.95
CA LEU I 61 54.29 0.85 -39.99
C LEU I 61 52.85 0.46 -40.17
N PHE I 62 51.91 1.11 -39.50
CA PHE I 62 50.56 0.64 -39.72
C PHE I 62 50.13 0.95 -41.15
N TRP I 63 50.51 2.12 -41.65
CA TRP I 63 50.09 2.48 -42.99
C TRP I 63 50.60 1.52 -44.04
N THR I 64 51.90 1.24 -44.02
CA THR I 64 52.42 0.34 -45.05
C THR I 64 51.85 -1.05 -44.91
N LEU I 65 51.75 -1.54 -43.68
CA LEU I 65 51.29 -2.91 -43.43
C LEU I 65 49.82 -3.12 -43.77
N LEU I 66 49.00 -2.11 -43.52
CA LEU I 66 47.55 -2.19 -43.75
C LEU I 66 47.28 -2.56 -45.23
N SER I 67 48.29 -2.26 -46.04
CA SER I 67 48.29 -2.46 -47.48
C SER I 67 48.34 -3.94 -47.95
N LYS I 68 48.74 -4.84 -47.03
CA LYS I 68 48.91 -6.27 -47.31
C LYS I 68 47.65 -7.10 -47.04
N GLN I 69 47.69 -8.40 -47.32
CA GLN I 69 46.50 -9.25 -47.16
C GLN I 69 46.27 -9.69 -45.71
N GLU I 70 45.11 -10.26 -45.43
CA GLU I 70 44.84 -10.74 -44.07
C GLU I 70 45.83 -11.71 -43.44
N GLU I 71 46.25 -12.69 -44.20
CA GLU I 71 47.21 -13.60 -43.65
C GLU I 71 48.46 -12.83 -43.38
N MET I 72 48.76 -11.93 -44.32
CA MET I 72 50.02 -11.20 -44.33
C MET I 72 50.24 -10.53 -42.99
N VAL I 73 49.22 -9.82 -42.52
CA VAL I 73 49.31 -9.22 -41.21
C VAL I 73 49.44 -10.23 -40.09
N GLN I 74 48.57 -11.23 -40.10
CA GLN I 74 48.37 -12.13 -38.99
C GLN I 74 49.63 -12.85 -38.68
N LYS I 75 50.37 -13.19 -39.71
CA LYS I 75 51.63 -13.79 -39.45
C LYS I 75 52.35 -12.75 -38.62
N PHE I 76 52.19 -11.49 -38.98
CA PHE I 76 52.77 -10.42 -38.20
C PHE I 76 52.21 -10.34 -36.80
N VAL I 77 50.90 -10.45 -36.64
CA VAL I 77 50.30 -10.33 -35.33
C VAL I 77 50.65 -11.54 -34.49
N GLU I 78 51.00 -12.63 -35.15
CA GLU I 78 51.22 -13.86 -34.42
C GLU I 78 52.67 -14.16 -34.30
N GLU I 79 53.26 -14.67 -35.35
CA GLU I 79 54.60 -15.19 -35.25
C GLU I 79 55.66 -14.15 -34.91
N VAL I 80 55.59 -12.99 -35.55
CA VAL I 80 56.61 -11.96 -35.37
C VAL I 80 56.52 -11.18 -34.06
N LEU I 81 55.31 -10.80 -33.69
CA LEU I 81 55.10 -9.92 -32.54
C LEU I 81 54.91 -10.69 -31.25
N ARG I 82 55.16 -11.99 -31.27
CA ARG I 82 55.00 -12.79 -30.07
C ARG I 82 56.34 -13.15 -29.45
N ILE I 83 57.41 -12.88 -30.17
CA ILE I 83 58.70 -13.22 -29.64
C ILE I 83 58.93 -12.34 -28.44
N ASN I 84 58.79 -11.04 -28.61
CA ASN I 84 59.12 -10.11 -27.55
C ASN I 84 57.98 -9.28 -27.00
N TYR I 85 57.17 -8.75 -27.91
CA TYR I 85 56.10 -7.86 -27.54
C TYR I 85 54.88 -8.66 -27.21
N LYS I 86 54.97 -9.39 -26.13
CA LYS I 86 53.88 -10.26 -25.77
C LYS I 86 52.68 -9.39 -25.52
N PHE I 87 52.84 -8.34 -24.75
CA PHE I 87 51.70 -7.69 -24.17
C PHE I 87 50.82 -7.17 -25.26
N LEU I 88 51.40 -6.63 -26.32
CA LEU I 88 50.57 -6.05 -27.34
C LEU I 88 49.69 -7.13 -27.87
N MET I 89 50.31 -8.26 -28.12
CA MET I 89 49.64 -9.30 -28.84
C MET I 89 48.44 -9.68 -28.00
N SER I 90 48.66 -9.72 -26.69
CA SER I 90 47.60 -10.14 -25.83
C SER I 90 46.45 -9.19 -25.98
N PRO I 91 46.76 -7.82 -26.09
CA PRO I 91 45.58 -6.99 -26.28
C PRO I 91 44.99 -7.35 -27.59
N ILE I 92 45.81 -7.51 -28.63
CA ILE I 92 45.22 -7.69 -29.95
C ILE I 92 44.39 -8.97 -30.04
N LYS I 93 44.95 -10.05 -29.54
CA LYS I 93 44.26 -11.29 -29.76
C LYS I 93 42.87 -11.01 -29.27
N THR I 94 42.77 -10.19 -28.26
CA THR I 94 41.50 -9.96 -27.69
C THR I 94 40.69 -9.35 -28.76
N GLU I 95 41.27 -8.44 -29.54
CA GLU I 95 40.42 -7.69 -30.46
C GLU I 95 39.69 -8.53 -31.57
N GLN I 96 40.43 -9.22 -32.45
CA GLN I 96 39.81 -10.06 -33.50
C GLN I 96 38.74 -10.99 -32.97
N ARG I 97 38.99 -11.56 -31.79
CA ARG I 97 37.94 -12.25 -31.12
C ARG I 97 36.98 -11.27 -30.57
N GLN I 98 37.42 -10.05 -30.33
CA GLN I 98 36.52 -9.08 -29.72
C GLN I 98 36.46 -7.62 -30.08
N PRO I 99 35.25 -7.17 -30.24
CA PRO I 99 35.07 -5.76 -30.47
C PRO I 99 34.34 -5.01 -29.36
N SER I 100 34.97 -4.01 -28.77
CA SER I 100 34.32 -3.22 -27.72
C SER I 100 33.30 -2.31 -28.37
N MET I 101 32.30 -1.83 -27.63
CA MET I 101 31.30 -1.03 -28.30
C MET I 101 32.00 0.05 -29.12
N MET I 102 32.98 0.72 -28.53
CA MET I 102 33.71 1.77 -29.24
C MET I 102 34.47 1.25 -30.46
N THR I 103 35.25 0.20 -30.28
CA THR I 103 36.07 -0.20 -31.38
C THR I 103 35.19 -0.57 -32.51
N ARG I 104 34.33 -1.52 -32.27
CA ARG I 104 33.47 -1.87 -33.35
C ARG I 104 32.74 -0.61 -33.68
N MET I 105 32.47 0.24 -32.70
CA MET I 105 31.65 1.39 -32.95
C MET I 105 32.33 2.20 -34.01
N TYR I 106 33.63 2.37 -33.89
CA TYR I 106 34.36 3.10 -34.93
C TYR I 106 34.37 2.28 -36.20
N ILE I 107 34.68 1.03 -35.98
CA ILE I 107 35.22 0.21 -37.02
C ILE I 107 34.22 0.18 -38.11
N GLU I 108 32.96 0.28 -37.77
CA GLU I 108 31.97 0.51 -38.77
C GLU I 108 32.13 1.84 -39.47
N GLN I 109 32.43 2.92 -38.75
CA GLN I 109 32.47 4.21 -39.42
C GLN I 109 33.56 4.16 -40.46
N ARG I 110 34.67 3.59 -40.10
CA ARG I 110 35.77 3.63 -41.06
C ARG I 110 35.22 3.06 -42.37
N ASP I 111 34.48 1.96 -42.25
CA ASP I 111 33.97 1.30 -43.43
C ASP I 111 33.05 2.28 -44.11
N ARG I 112 32.30 2.98 -43.27
CA ARG I 112 31.33 3.90 -43.78
C ARG I 112 32.11 4.95 -44.57
N LEU I 113 33.24 5.44 -44.06
CA LEU I 113 33.99 6.47 -44.76
C LEU I 113 34.62 5.96 -46.07
N TYR I 114 35.10 4.72 -46.11
CA TYR I 114 35.67 4.22 -47.36
C TYR I 114 34.55 4.21 -48.38
N ASN I 115 33.41 3.71 -47.94
CA ASN I 115 32.24 3.53 -48.77
C ASN I 115 31.54 4.71 -49.32
N ASP I 116 31.28 5.72 -48.51
CA ASP I 116 30.71 6.93 -49.08
C ASP I 116 31.74 7.53 -50.00
N ASN I 117 32.97 7.53 -49.54
CA ASN I 117 34.02 8.16 -50.28
C ASN I 117 34.85 7.00 -50.63
N GLN I 118 35.16 6.86 -51.93
CA GLN I 118 35.72 5.62 -52.44
C GLN I 118 37.11 5.65 -53.03
N VAL I 119 37.29 6.44 -54.08
CA VAL I 119 38.40 6.34 -55.01
C VAL I 119 39.57 6.59 -54.14
N PHE I 120 39.22 7.13 -52.98
CA PHE I 120 40.14 7.18 -51.90
C PHE I 120 40.33 5.78 -51.41
N ALA I 121 39.29 4.99 -51.38
CA ALA I 121 39.46 3.72 -50.72
C ALA I 121 40.61 3.02 -51.38
N LYS I 122 40.62 3.14 -52.70
CA LYS I 122 41.37 2.35 -53.66
C LYS I 122 42.54 3.13 -54.24
N TYR I 123 42.63 4.41 -53.91
CA TYR I 123 43.66 5.24 -54.50
C TYR I 123 44.45 6.13 -53.54
N ASN I 124 44.20 5.99 -52.23
CA ASN I 124 44.90 6.78 -51.21
C ASN I 124 46.42 6.63 -51.21
N VAL I 125 47.14 7.58 -50.64
CA VAL I 125 48.58 7.41 -50.45
C VAL I 125 49.05 7.79 -49.04
N SER I 126 49.91 6.94 -48.48
CA SER I 126 50.57 7.23 -47.21
C SER I 126 51.20 8.62 -47.29
N ARG I 127 50.69 9.54 -46.49
CA ARG I 127 51.18 10.91 -46.50
C ARG I 127 51.43 11.39 -45.07
N LEU I 128 52.70 11.48 -44.65
CA LEU I 128 52.98 11.83 -43.24
C LEU I 128 52.69 13.25 -42.82
N GLN I 129 53.42 14.15 -43.48
CA GLN I 129 53.58 15.54 -43.10
C GLN I 129 52.26 16.19 -42.80
N PRO I 130 51.39 16.25 -43.79
CA PRO I 130 50.13 16.93 -43.53
C PRO I 130 49.20 16.15 -42.62
N TYR I 131 49.32 14.82 -42.70
CA TYR I 131 48.50 13.92 -41.92
C TYR I 131 48.69 14.16 -40.43
N LEU I 132 49.96 14.26 -40.02
CA LEU I 132 50.32 14.49 -38.64
C LEU I 132 50.05 15.92 -38.21
N LYS I 133 50.24 16.87 -39.13
CA LYS I 133 50.01 18.27 -38.76
C LYS I 133 48.53 18.42 -38.46
N LEU I 134 47.72 17.87 -39.36
CA LEU I 134 46.27 17.98 -39.27
C LEU I 134 45.69 17.22 -38.08
N ARG I 135 46.27 16.07 -37.76
CA ARG I 135 45.77 15.23 -36.68
C ARG I 135 46.14 15.84 -35.34
N GLN I 136 47.19 16.65 -35.36
CA GLN I 136 47.65 17.33 -34.18
C GLN I 136 46.73 18.52 -33.92
N ALA I 137 46.47 19.29 -34.99
CA ALA I 137 45.65 20.49 -34.90
C ALA I 137 44.22 20.14 -34.51
N LEU I 138 43.80 19.06 -35.14
CA LEU I 138 42.46 18.55 -35.04
C LEU I 138 42.11 18.22 -33.60
N LEU I 139 42.99 17.50 -32.93
CA LEU I 139 42.69 17.05 -31.57
C LEU I 139 42.47 18.22 -30.62
N GLU I 140 43.35 19.23 -30.65
CA GLU I 140 43.18 20.28 -29.66
C GLU I 140 41.88 21.00 -29.94
N LEU I 141 41.53 21.06 -31.22
CA LEU I 141 40.43 21.88 -31.74
C LEU I 141 39.18 21.82 -30.87
N ARG I 142 38.79 22.98 -30.33
CA ARG I 142 37.75 23.03 -29.28
C ARG I 142 36.34 22.85 -29.83
N PRO I 143 35.35 22.77 -28.96
CA PRO I 143 33.97 22.60 -29.46
C PRO I 143 33.46 23.77 -30.30
N ALA I 144 34.15 24.91 -30.31
CA ALA I 144 33.70 26.00 -31.15
C ALA I 144 34.81 26.60 -31.99
N LYS I 145 35.89 25.85 -32.24
CA LYS I 145 36.94 26.44 -33.06
C LYS I 145 36.94 25.90 -34.50
N ASN I 146 37.89 26.29 -35.32
CA ASN I 146 37.88 25.70 -36.63
C ASN I 146 39.20 25.70 -37.33
N VAL I 147 39.61 24.49 -37.64
CA VAL I 147 40.91 24.13 -38.20
C VAL I 147 40.81 24.07 -39.72
N LEU I 148 41.33 25.09 -40.39
CA LEU I 148 41.24 25.19 -41.85
C LEU I 148 42.51 24.70 -42.54
N ILE I 149 42.36 24.26 -43.78
CA ILE I 149 43.48 23.80 -44.59
C ILE I 149 43.31 24.26 -46.03
N ASP I 150 44.33 24.93 -46.56
CA ASP I 150 44.27 25.48 -47.92
C ASP I 150 45.58 25.38 -48.68
N GLY I 151 45.50 24.89 -49.91
CA GLY I 151 46.61 24.79 -50.83
C GLY I 151 46.18 25.03 -52.27
N VAL I 152 47.09 24.74 -53.19
CA VAL I 152 46.89 24.91 -54.64
C VAL I 152 45.77 23.98 -55.11
N LEU I 153 45.10 24.30 -56.22
CA LEU I 153 44.04 23.40 -56.68
C LEU I 153 44.63 22.03 -56.94
N GLY I 154 43.99 21.02 -56.37
CA GLY I 154 44.43 19.66 -56.61
C GLY I 154 45.60 19.39 -55.70
N SER I 155 45.51 19.82 -54.44
CA SER I 155 46.63 19.57 -53.56
C SER I 155 46.58 18.33 -52.69
N GLY I 156 45.40 17.74 -52.55
CA GLY I 156 45.24 16.56 -51.74
C GLY I 156 44.69 17.04 -50.42
N LYS I 157 44.07 18.22 -50.43
CA LYS I 157 43.51 18.82 -49.23
C LYS I 157 42.43 17.93 -48.61
N THR I 158 41.52 17.44 -49.44
CA THR I 158 40.43 16.62 -48.96
C THR I 158 40.94 15.22 -48.63
N TRP I 159 41.82 14.65 -49.44
CA TRP I 159 42.36 13.33 -49.14
C TRP I 159 43.10 13.38 -47.80
N VAL I 160 43.98 14.35 -47.59
CA VAL I 160 44.72 14.39 -46.32
C VAL I 160 43.71 14.44 -45.19
N ALA I 161 42.67 15.26 -45.39
CA ALA I 161 41.66 15.45 -44.37
C ALA I 161 40.94 14.11 -44.10
N LEU I 162 40.64 13.41 -45.18
CA LEU I 162 39.93 12.17 -45.05
C LEU I 162 40.81 11.21 -44.27
N ASP I 163 42.08 11.13 -44.65
CA ASP I 163 42.96 10.16 -44.03
C ASP I 163 43.06 10.42 -42.55
N VAL I 164 43.16 11.69 -42.18
CA VAL I 164 43.28 12.03 -40.78
C VAL I 164 41.99 11.61 -40.07
N CYS I 165 40.88 11.94 -40.69
CA CYS I 165 39.61 11.73 -40.07
C CYS I 165 39.13 10.30 -40.27
N LEU I 166 39.82 9.51 -41.05
CA LEU I 166 39.56 8.14 -40.94
C LEU I 166 40.03 7.79 -39.55
N SER I 167 41.29 8.14 -39.31
CA SER I 167 42.06 7.71 -38.16
C SER I 167 41.44 7.64 -36.78
N TYR I 168 41.51 6.46 -36.17
CA TYR I 168 40.74 6.24 -34.97
C TYR I 168 40.96 7.30 -33.93
N LYS I 169 42.23 7.62 -33.66
CA LYS I 169 42.58 8.57 -32.61
C LYS I 169 41.85 9.90 -32.76
N VAL I 170 41.67 10.29 -34.00
CA VAL I 170 41.01 11.51 -34.36
C VAL I 170 39.58 11.29 -34.65
N GLN I 171 39.07 10.13 -34.35
CA GLN I 171 37.66 10.00 -34.42
C GLN I 171 37.06 10.04 -33.08
N CYS I 172 37.46 9.07 -32.24
CA CYS I 172 36.89 8.91 -30.91
C CYS I 172 36.83 10.25 -30.20
N LYS I 173 37.83 11.08 -30.48
CA LYS I 173 37.89 12.42 -29.92
C LYS I 173 36.70 13.22 -30.41
N MET I 174 36.23 12.88 -31.61
CA MET I 174 35.04 13.51 -32.13
C MET I 174 33.88 12.57 -32.11
N ASP I 175 34.05 11.47 -31.44
CA ASP I 175 32.94 10.60 -31.12
C ASP I 175 32.13 10.22 -32.32
N PHE I 176 32.80 9.97 -33.41
CA PHE I 176 32.20 9.25 -34.48
C PHE I 176 30.99 9.96 -35.03
N LYS I 177 31.06 11.28 -35.12
CA LYS I 177 30.00 12.03 -35.77
C LYS I 177 30.58 13.06 -36.72
N ILE I 178 31.22 12.61 -37.80
CA ILE I 178 31.81 13.58 -38.72
C ILE I 178 31.00 13.78 -39.98
N PHE I 179 30.49 14.97 -40.15
CA PHE I 179 29.63 15.25 -41.26
C PHE I 179 30.44 15.93 -42.32
N TRP I 180 30.50 15.27 -43.45
CA TRP I 180 31.22 15.74 -44.61
C TRP I 180 30.29 16.35 -45.63
N LEU I 181 30.60 17.58 -46.03
CA LEU I 181 29.80 18.20 -47.09
C LEU I 181 30.70 18.96 -48.04
N ASN I 182 30.41 18.96 -49.33
CA ASN I 182 31.25 19.72 -50.25
C ASN I 182 30.58 21.03 -50.66
N LEU I 183 31.10 22.18 -50.25
CA LEU I 183 30.42 23.40 -50.63
C LEU I 183 30.62 23.62 -52.13
N LYS I 184 30.09 22.88 -53.07
CA LYS I 184 30.35 23.47 -54.38
C LYS I 184 29.31 24.50 -54.55
N ASN I 185 29.45 25.37 -55.51
CA ASN I 185 28.26 26.02 -55.85
C ASN I 185 27.69 26.22 -54.48
N CYS I 186 28.33 27.11 -53.73
CA CYS I 186 27.89 27.42 -52.37
C CYS I 186 27.78 28.92 -52.14
N ASN I 187 28.37 29.69 -53.06
CA ASN I 187 28.34 31.14 -52.96
C ASN I 187 27.01 31.73 -53.44
N SER I 188 25.91 31.22 -52.89
CA SER I 188 24.59 31.68 -53.26
C SER I 188 23.57 31.37 -52.16
N PRO I 189 22.58 32.36 -51.97
CA PRO I 189 21.63 32.01 -50.90
C PRO I 189 20.98 30.64 -51.14
N GLU I 190 21.16 30.11 -52.35
CA GLU I 190 20.59 28.81 -52.70
C GLU I 190 21.43 27.67 -52.12
N THR I 191 22.67 27.98 -51.76
CA THR I 191 23.56 26.97 -51.20
C THR I 191 23.25 26.70 -49.74
N VAL I 192 23.19 27.76 -48.94
CA VAL I 192 22.89 27.62 -47.52
C VAL I 192 21.71 26.68 -47.28
N LEU I 193 20.54 27.04 -47.78
CA LEU I 193 19.35 26.23 -47.62
C LEU I 193 19.60 24.79 -48.05
N GLU I 194 19.89 24.61 -49.34
CA GLU I 194 20.15 23.27 -49.88
C GLU I 194 21.07 22.48 -48.97
N MET I 195 22.25 23.02 -48.71
CA MET I 195 23.23 22.36 -47.85
C MET I 195 22.79 22.26 -46.40
N LEU I 196 22.26 23.36 -45.87
CA LEU I 196 21.82 23.41 -44.49
C LEU I 196 20.66 22.46 -44.37
N GLN I 197 20.06 22.15 -45.50
CA GLN I 197 19.01 21.18 -45.54
C GLN I 197 19.75 19.85 -45.46
N LYS I 198 20.84 19.72 -46.22
CA LYS I 198 21.57 18.46 -46.17
C LYS I 198 22.18 18.13 -44.79
N LEU I 199 22.65 19.14 -44.07
CA LEU I 199 23.29 18.94 -42.77
C LEU I 199 22.27 18.46 -41.73
N LEU I 200 21.06 18.99 -41.82
CA LEU I 200 19.98 18.60 -40.92
C LEU I 200 19.66 17.16 -41.28
N TYR I 201 19.49 16.92 -42.58
CA TYR I 201 19.42 15.58 -43.12
C TYR I 201 20.40 14.59 -42.46
N GLN I 202 21.70 14.89 -42.38
CA GLN I 202 22.56 13.85 -41.92
C GLN I 202 22.21 13.65 -40.52
N ILE I 203 22.37 14.67 -39.68
CA ILE I 203 22.04 14.56 -38.26
C ILE I 203 20.83 13.66 -37.99
N ASP I 204 19.68 14.06 -38.52
CA ASP I 204 18.44 13.30 -38.34
C ASP I 204 17.43 13.68 -39.41
N PRO I 205 16.49 12.78 -39.70
CA PRO I 205 15.46 13.05 -40.70
C PRO I 205 14.17 13.54 -40.07
N ASN I 206 14.15 14.77 -39.57
CA ASN I 206 12.95 15.30 -38.95
C ASN I 206 12.96 16.83 -38.91
N TRP I 207 12.11 17.46 -39.69
CA TRP I 207 12.02 18.91 -39.59
C TRP I 207 10.64 19.49 -39.78
N THR I 208 10.26 20.37 -38.87
CA THR I 208 8.96 21.01 -38.91
C THR I 208 9.15 22.14 -39.90
N SER I 209 9.02 21.80 -41.15
CA SER I 209 9.32 22.74 -42.21
C SER I 209 8.13 23.66 -42.41
N ARG I 210 7.22 23.63 -41.44
CA ARG I 210 6.10 24.56 -41.42
C ARG I 210 6.59 25.98 -41.16
N SER I 211 7.81 26.11 -40.68
CA SER I 211 8.35 27.43 -40.40
C SER I 211 8.64 28.11 -41.74
N ASP I 212 8.53 27.36 -42.82
CA ASP I 212 8.91 27.90 -44.11
C ASP I 212 8.00 29.04 -44.51
N HIS I 213 8.64 30.15 -44.78
CA HIS I 213 8.04 31.41 -45.07
C HIS I 213 8.90 31.77 -46.23
N SER I 214 8.27 32.14 -47.34
CA SER I 214 8.97 32.23 -48.63
C SER I 214 9.30 33.64 -49.07
N SER I 215 9.17 34.59 -48.16
CA SER I 215 9.54 35.97 -48.43
C SER I 215 11.06 36.05 -48.50
N ASN I 216 11.71 35.24 -47.68
CA ASN I 216 13.16 35.17 -47.67
C ASN I 216 13.70 33.74 -47.64
N ILE I 217 14.21 33.30 -48.80
CA ILE I 217 15.03 32.13 -48.83
C ILE I 217 16.17 32.49 -47.92
N LYS I 218 16.25 33.76 -47.53
CA LYS I 218 17.34 34.21 -46.69
C LYS I 218 16.98 34.17 -45.23
N LEU I 219 15.86 34.78 -44.89
CA LEU I 219 15.38 34.78 -43.51
C LEU I 219 15.12 33.36 -43.02
N ARG I 220 14.67 32.50 -43.93
CA ARG I 220 14.40 31.11 -43.59
C ARG I 220 15.72 30.44 -43.37
N ILE I 221 16.72 30.91 -44.07
CA ILE I 221 18.02 30.30 -44.02
C ILE I 221 18.45 30.39 -42.58
N HIS I 222 18.13 31.51 -41.96
CA HIS I 222 18.48 31.66 -40.58
C HIS I 222 17.77 30.62 -39.75
N SER I 223 16.50 30.38 -40.05
CA SER I 223 15.75 29.49 -39.20
C SER I 223 16.42 28.15 -39.23
N ILE I 224 16.79 27.72 -40.42
CA ILE I 224 17.32 26.35 -40.51
C ILE I 224 18.50 26.32 -39.51
N GLN I 225 19.30 27.39 -39.50
CA GLN I 225 20.44 27.48 -38.60
C GLN I 225 19.99 27.43 -37.14
N ALA I 226 18.91 28.16 -36.83
CA ALA I 226 18.37 28.18 -35.48
C ALA I 226 18.07 26.77 -34.99
N GLU I 227 17.44 25.98 -35.85
CA GLU I 227 17.11 24.60 -35.51
C GLU I 227 18.36 23.75 -35.41
N LEU I 228 19.32 23.99 -36.29
CA LEU I 228 20.58 23.26 -36.30
C LEU I 228 21.37 23.53 -35.02
N ARG I 229 21.42 24.80 -34.62
CA ARG I 229 22.13 25.20 -33.42
C ARG I 229 21.53 24.54 -32.19
N ARG I 230 20.21 24.44 -32.17
CA ARG I 230 19.51 23.81 -31.06
C ARG I 230 19.91 22.36 -30.94
N LEU I 231 19.90 21.64 -32.07
CA LEU I 231 20.22 20.21 -32.04
C LEU I 231 21.67 19.83 -31.73
N LEU I 232 22.66 20.60 -32.20
CA LEU I 232 24.05 20.21 -31.90
C LEU I 232 24.44 20.23 -30.42
N LYS I 233 24.07 21.24 -29.67
CA LYS I 233 24.49 21.19 -28.31
C LYS I 233 23.49 20.26 -27.70
N SER I 234 23.24 19.18 -28.40
CA SER I 234 22.45 18.09 -27.86
C SER I 234 23.48 17.20 -27.25
N LYS I 235 23.06 16.09 -26.67
CA LYS I 235 24.03 15.17 -26.14
C LYS I 235 24.45 14.08 -27.10
N PRO I 236 23.66 13.94 -28.27
CA PRO I 236 24.12 12.85 -29.15
C PRO I 236 25.49 13.22 -29.61
N TYR I 237 25.64 14.51 -29.89
CA TYR I 237 26.91 15.02 -30.34
C TYR I 237 27.65 15.61 -29.19
N GLU I 238 27.17 16.71 -28.65
CA GLU I 238 27.93 17.41 -27.62
C GLU I 238 29.09 17.92 -28.39
N ASN I 239 29.73 16.97 -29.05
CA ASN I 239 30.89 17.41 -29.85
C ASN I 239 31.19 16.51 -31.08
N CYS I 240 31.35 17.07 -32.28
CA CYS I 240 31.55 16.28 -33.48
C CYS I 240 32.15 17.20 -34.48
N LEU I 241 32.66 16.70 -35.60
CA LEU I 241 33.32 17.57 -36.54
C LEU I 241 32.68 17.59 -37.89
N LEU I 242 32.23 18.76 -38.29
CA LEU I 242 31.65 19.16 -39.57
C LEU I 242 32.74 19.70 -40.49
N VAL I 243 33.19 18.85 -41.41
CA VAL I 243 34.31 19.22 -42.30
C VAL I 243 33.79 19.69 -43.66
N LEU I 244 33.78 20.99 -43.80
CA LEU I 244 33.21 21.58 -44.95
C LEU I 244 34.28 21.16 -45.87
N LEU I 245 34.04 21.15 -47.16
CA LEU I 245 35.10 20.81 -48.05
C LEU I 245 35.02 21.85 -49.11
N ASN I 246 36.14 22.31 -49.62
CA ASN I 246 36.04 23.24 -50.72
C ASN I 246 35.19 24.45 -50.36
N VAL I 247 35.37 25.01 -49.18
CA VAL I 247 34.59 26.21 -48.84
C VAL I 247 34.93 27.27 -49.88
N GLN I 248 33.90 27.88 -50.44
CA GLN I 248 34.06 28.87 -51.51
C GLN I 248 34.62 30.27 -51.29
N ASN I 249 34.10 31.02 -50.33
CA ASN I 249 34.58 32.38 -50.09
C ASN I 249 34.38 32.64 -48.62
N ALA I 250 34.40 33.88 -48.15
CA ALA I 250 34.02 33.98 -46.77
C ALA I 250 32.54 33.75 -46.58
N LYS I 251 31.72 34.25 -47.49
CA LYS I 251 30.34 34.50 -47.15
C LYS I 251 29.63 33.26 -46.65
N ALA I 252 29.85 32.14 -47.32
CA ALA I 252 29.10 30.95 -46.99
C ALA I 252 29.39 30.63 -45.56
N TRP I 253 30.64 30.75 -45.19
CA TRP I 253 31.04 30.22 -43.93
C TRP I 253 30.23 30.92 -42.81
N ASN I 254 30.15 32.24 -42.80
CA ASN I 254 29.46 32.94 -41.79
C ASN I 254 28.15 32.18 -41.67
N ALA I 255 27.68 31.67 -42.79
CA ALA I 255 26.48 30.86 -42.79
C ALA I 255 26.69 29.61 -42.01
N PHE I 256 27.88 29.04 -42.10
CA PHE I 256 28.05 27.68 -41.65
C PHE I 256 28.64 27.41 -40.31
N ASN I 257 28.85 28.42 -39.48
CA ASN I 257 29.49 28.17 -38.18
C ASN I 257 28.46 27.88 -37.11
N LEU I 258 28.45 26.66 -36.61
CA LEU I 258 27.45 26.28 -35.64
C LEU I 258 28.03 25.93 -34.29
N SER I 259 29.18 26.46 -33.97
CA SER I 259 29.71 25.99 -32.71
C SER I 259 29.95 24.51 -32.90
N CYS I 260 30.41 24.17 -34.08
CA CYS I 260 30.64 22.80 -34.43
C CYS I 260 32.09 22.74 -34.64
N LYS I 261 32.76 21.75 -34.12
CA LYS I 261 34.17 21.66 -34.40
C LYS I 261 34.17 21.41 -35.90
N ILE I 262 34.19 22.46 -36.70
CA ILE I 262 34.31 22.21 -38.13
C ILE I 262 35.76 22.41 -38.57
N LEU I 263 36.18 21.73 -39.63
CA LEU I 263 37.49 21.98 -40.24
C LEU I 263 37.28 22.14 -41.73
N LEU I 264 37.62 23.30 -42.27
CA LEU I 264 37.28 23.65 -43.64
C LEU I 264 38.52 23.69 -44.53
N THR I 265 38.47 22.95 -45.62
CA THR I 265 39.55 22.93 -46.56
C THR I 265 39.13 23.72 -47.79
N THR I 266 39.94 24.70 -48.19
CA THR I 266 39.57 25.56 -49.31
C THR I 266 40.75 25.88 -50.23
N ARG I 267 40.44 26.01 -51.52
CA ARG I 267 41.41 26.39 -52.53
C ARG I 267 41.77 27.86 -52.83
N PHE I 268 41.12 28.88 -52.24
CA PHE I 268 41.74 30.21 -52.40
C PHE I 268 42.02 31.09 -51.18
N LYS I 269 42.79 32.14 -51.49
CA LYS I 269 43.54 32.91 -50.51
C LYS I 269 42.67 33.89 -49.75
N GLN I 270 41.50 34.18 -50.28
CA GLN I 270 40.56 35.07 -49.60
C GLN I 270 39.96 34.36 -48.39
N VAL I 271 39.78 33.05 -48.52
CA VAL I 271 39.26 32.24 -47.42
C VAL I 271 40.26 32.13 -46.24
N THR I 272 41.45 31.67 -46.61
CA THR I 272 42.50 31.38 -45.67
C THR I 272 43.07 32.73 -45.37
N ASP I 273 42.74 33.65 -46.27
CA ASP I 273 42.90 35.05 -46.05
C ASP I 273 41.78 35.52 -45.14
N PHE I 274 40.71 34.73 -45.00
CA PHE I 274 39.70 35.18 -44.06
C PHE I 274 39.87 34.95 -42.57
N LEU I 275 40.21 33.73 -42.18
CA LEU I 275 40.08 33.37 -40.78
C LEU I 275 41.37 33.45 -40.01
N SER I 276 41.42 34.48 -39.19
CA SER I 276 42.63 34.80 -38.49
C SER I 276 42.95 33.67 -37.56
N ALA I 277 44.23 33.36 -37.44
CA ALA I 277 44.68 32.37 -36.48
C ALA I 277 44.32 32.99 -35.17
N ALA I 278 44.14 32.15 -34.15
CA ALA I 278 43.64 32.57 -32.85
C ALA I 278 42.17 32.60 -32.93
N THR I 279 41.67 32.25 -34.10
CA THR I 279 40.47 31.43 -34.27
C THR I 279 40.52 30.29 -35.26
N THR I 280 41.68 29.87 -35.71
CA THR I 280 41.66 28.66 -36.52
C THR I 280 43.10 28.27 -36.76
N THR I 281 43.45 27.21 -37.50
CA THR I 281 44.85 27.15 -37.68
C THR I 281 44.95 26.70 -39.08
N HIS I 282 45.97 27.14 -39.80
CA HIS I 282 46.11 26.62 -41.14
C HIS I 282 47.24 25.62 -41.24
N ILE I 283 46.88 24.40 -41.56
CA ILE I 283 47.76 23.47 -42.17
C ILE I 283 47.80 24.04 -43.55
N SER I 284 48.95 24.26 -44.14
CA SER I 284 48.98 24.71 -45.52
C SER I 284 49.41 23.51 -46.29
N LEU I 285 48.50 22.97 -47.08
CA LEU I 285 48.76 21.75 -47.77
C LEU I 285 49.83 21.84 -48.80
N ASP I 286 49.90 22.96 -49.50
CA ASP I 286 50.78 23.13 -50.66
C ASP I 286 52.08 23.79 -50.28
N HIS I 287 52.32 23.87 -49.00
CA HIS I 287 53.49 24.53 -48.48
C HIS I 287 54.65 23.57 -48.54
N HIS I 288 55.68 23.96 -47.82
CA HIS I 288 57.08 23.54 -47.86
C HIS I 288 57.40 22.11 -47.59
N SER I 289 56.77 21.54 -46.59
CA SER I 289 57.15 20.21 -46.17
C SER I 289 56.06 19.23 -46.49
N MET I 290 54.88 19.76 -46.68
CA MET I 290 53.76 18.93 -47.02
C MET I 290 54.03 18.33 -48.37
N THR I 291 54.67 19.08 -49.23
CA THR I 291 54.69 18.67 -50.64
C THR I 291 55.00 17.18 -50.60
N LEU I 292 54.32 16.42 -51.44
CA LEU I 292 54.39 14.99 -51.28
C LEU I 292 55.82 14.61 -51.27
N THR I 293 56.13 13.65 -50.41
CA THR I 293 57.49 13.22 -50.06
C THR I 293 58.27 12.72 -51.27
N PRO I 294 59.50 13.25 -51.46
CA PRO I 294 60.31 13.15 -52.69
C PRO I 294 60.25 11.80 -53.41
N ASP I 295 60.04 10.72 -52.67
CA ASP I 295 59.92 9.39 -53.26
C ASP I 295 58.49 8.90 -53.19
N GLU I 296 57.68 9.59 -52.40
CA GLU I 296 56.26 9.23 -52.31
C GLU I 296 55.52 9.85 -53.49
N VAL I 297 56.22 10.64 -54.31
CA VAL I 297 55.61 11.02 -55.57
C VAL I 297 55.61 9.76 -56.43
N LYS I 298 56.73 9.04 -56.39
CA LYS I 298 56.85 7.80 -57.14
C LYS I 298 55.91 6.77 -56.55
N SER I 299 55.57 6.96 -55.29
CA SER I 299 54.64 6.12 -54.56
C SER I 299 53.27 6.24 -55.16
N LEU I 300 52.83 7.48 -55.26
CA LEU I 300 51.46 7.74 -55.68
C LEU I 300 51.39 7.28 -57.11
N LEU I 301 52.43 7.55 -57.88
CA LEU I 301 52.29 7.26 -59.26
C LEU I 301 52.03 5.79 -59.25
N LEU I 302 52.59 5.07 -58.32
CA LEU I 302 52.30 3.66 -58.43
C LEU I 302 50.82 3.26 -58.40
N LYS I 303 50.10 3.67 -57.36
CA LYS I 303 48.74 3.21 -57.12
C LYS I 303 48.02 2.95 -58.43
N TYR I 304 47.77 4.03 -59.17
CA TYR I 304 47.10 3.95 -60.46
C TYR I 304 47.97 3.09 -61.33
N LEU I 305 49.27 3.25 -61.14
CA LEU I 305 50.21 2.57 -61.99
C LEU I 305 50.16 1.06 -61.87
N ASP I 306 50.04 0.57 -60.65
CA ASP I 306 50.08 -0.87 -60.39
C ASP I 306 51.36 -1.64 -60.76
N CYS I 307 52.55 -1.09 -60.52
CA CYS I 307 53.74 -1.94 -60.48
C CYS I 307 54.92 -1.37 -59.73
N ARG I 308 55.78 -2.27 -59.25
CA ARG I 308 57.12 -1.94 -58.81
C ARG I 308 58.17 -1.55 -59.83
N PRO I 309 58.29 -2.22 -60.98
CA PRO I 309 59.60 -2.05 -61.60
C PRO I 309 59.61 -0.85 -62.54
N GLN I 310 58.48 -0.62 -63.21
CA GLN I 310 58.36 0.50 -64.14
C GLN I 310 58.35 1.84 -63.39
N ASP I 311 57.94 1.81 -62.12
CA ASP I 311 57.89 3.01 -61.31
C ASP I 311 59.16 3.84 -61.47
N LEU I 312 60.29 3.15 -61.63
CA LEU I 312 61.58 3.82 -61.80
C LEU I 312 61.76 4.30 -63.23
N PRO I 313 61.06 3.68 -64.16
CA PRO I 313 61.14 4.05 -65.57
C PRO I 313 60.33 5.30 -65.86
N ARG I 314 59.85 5.95 -64.80
CA ARG I 314 59.06 7.17 -64.94
C ARG I 314 59.67 8.31 -64.14
N GLU I 315 60.97 8.53 -64.32
CA GLU I 315 61.68 9.59 -63.62
C GLU I 315 61.34 10.95 -64.20
N VAL I 316 60.73 11.80 -63.39
CA VAL I 316 60.35 13.15 -63.82
C VAL I 316 60.22 14.10 -62.63
N LEU I 317 59.39 15.12 -62.79
CA LEU I 317 59.18 16.10 -61.74
C LEU I 317 57.71 16.50 -61.66
N THR I 318 57.16 16.49 -60.45
CA THR I 318 55.76 16.85 -60.24
C THR I 318 55.43 16.74 -58.75
N THR I 319 54.54 17.60 -58.25
CA THR I 319 54.22 17.56 -56.83
C THR I 319 52.72 17.74 -56.56
N ASN I 320 51.92 17.92 -57.60
CA ASN I 320 50.49 18.11 -57.40
C ASN I 320 49.74 16.79 -57.54
N PRO I 321 49.12 16.31 -56.46
CA PRO I 321 48.49 15.00 -56.55
C PRO I 321 47.43 14.98 -57.66
N ARG I 322 46.77 16.12 -57.90
CA ARG I 322 45.76 16.09 -58.95
C ARG I 322 46.47 15.93 -60.30
N ARG I 323 47.56 16.68 -60.50
CA ARG I 323 48.24 16.59 -61.77
C ARG I 323 48.89 15.23 -61.89
N LEU I 324 49.41 14.76 -60.77
CA LEU I 324 50.10 13.49 -60.75
C LEU I 324 49.15 12.38 -61.12
N SER I 325 47.96 12.41 -60.55
CA SER I 325 47.07 11.31 -60.77
C SER I 325 46.33 11.37 -62.08
N ILE I 326 46.03 12.56 -62.57
CA ILE I 326 45.44 12.64 -63.90
C ILE I 326 46.44 12.10 -64.91
N ILE I 327 47.71 12.47 -64.72
CA ILE I 327 48.75 12.01 -65.62
C ILE I 327 48.96 10.54 -65.52
N ALA I 328 49.02 10.09 -64.27
CA ALA I 328 49.31 8.70 -63.95
C ALA I 328 48.19 7.81 -64.54
N GLU I 329 46.95 8.28 -64.37
CA GLU I 329 45.79 7.57 -64.85
C GLU I 329 45.89 7.48 -66.37
N SER I 330 46.26 8.59 -66.96
CA SER I 330 46.30 8.64 -68.41
C SER I 330 47.36 7.68 -68.95
N ILE I 331 48.52 7.64 -68.30
CA ILE I 331 49.55 6.73 -68.78
C ILE I 331 49.22 5.22 -68.62
N ARG I 332 48.56 4.83 -67.53
CA ARG I 332 48.21 3.42 -67.38
C ARG I 332 47.21 3.01 -68.47
N ASP I 333 46.24 3.90 -68.67
CA ASP I 333 45.20 3.81 -69.68
C ASP I 333 45.23 4.96 -70.68
N ALA I 336 50.51 6.11 -72.59
CA ALA I 336 51.80 6.27 -73.27
C ALA I 336 52.63 7.38 -72.62
N THR I 337 53.80 7.04 -72.07
CA THR I 337 54.44 7.92 -71.11
C THR I 337 54.90 9.31 -71.56
N TRP I 338 55.65 9.35 -72.65
CA TRP I 338 56.11 10.62 -73.22
C TRP I 338 55.00 11.44 -73.79
N ASP I 339 54.17 10.83 -74.61
CA ASP I 339 53.28 11.66 -75.39
C ASP I 339 52.35 12.36 -74.46
N ASN I 340 51.78 11.50 -73.61
CA ASN I 340 50.73 11.82 -72.66
C ASN I 340 51.12 12.81 -71.56
N TRP I 341 52.34 12.72 -71.02
CA TRP I 341 52.77 13.55 -69.89
C TRP I 341 52.53 14.98 -70.33
N LYS I 342 52.65 15.23 -71.63
CA LYS I 342 52.40 16.57 -72.18
C LYS I 342 51.14 16.73 -73.06
N HIS I 343 51.22 16.23 -74.29
CA HIS I 343 50.29 16.52 -75.36
C HIS I 343 49.09 15.68 -74.98
N VAL I 344 49.35 14.76 -74.06
CA VAL I 344 48.30 13.96 -73.47
C VAL I 344 47.55 14.91 -72.56
N ASN I 345 46.22 14.81 -72.56
CA ASN I 345 45.42 15.66 -71.70
C ASN I 345 45.32 17.07 -72.22
N CYS I 346 45.78 17.27 -73.46
CA CYS I 346 45.48 18.49 -74.12
C CYS I 346 44.08 18.89 -73.74
N ASP I 347 43.35 17.83 -73.43
CA ASP I 347 41.91 17.83 -73.33
C ASP I 347 41.44 17.67 -71.89
N LYS I 348 42.32 17.46 -70.90
CA LYS I 348 41.81 17.36 -69.55
C LYS I 348 42.44 18.32 -68.53
N LEU I 349 43.76 18.26 -68.37
CA LEU I 349 44.43 19.05 -67.36
C LEU I 349 44.27 20.54 -67.65
N THR I 350 44.10 20.84 -68.93
CA THR I 350 43.91 22.19 -69.38
C THR I 350 42.57 22.66 -68.85
N THR I 351 41.52 21.83 -68.97
CA THR I 351 40.20 22.24 -68.49
C THR I 351 40.20 22.45 -66.99
N ILE I 352 40.94 21.61 -66.28
CA ILE I 352 41.03 21.71 -64.83
C ILE I 352 41.60 23.06 -64.38
N ILE I 353 42.64 23.49 -65.08
CA ILE I 353 43.29 24.77 -64.77
C ILE I 353 42.68 25.90 -65.58
N GLU I 354 41.43 25.72 -66.00
CA GLU I 354 40.73 26.73 -66.78
C GLU I 354 39.37 27.06 -66.16
N SER I 355 38.68 26.03 -65.69
CA SER I 355 37.37 26.20 -65.08
C SER I 355 37.41 27.25 -63.96
N SER I 356 38.61 27.68 -63.62
CA SER I 356 38.80 28.67 -62.56
C SER I 356 38.83 30.08 -63.13
N LEU I 357 38.77 30.18 -64.46
CA LEU I 357 38.79 31.48 -65.13
C LEU I 357 37.41 32.11 -65.14
N ASN I 358 36.37 31.32 -65.12
CA ASN I 358 35.07 31.95 -65.09
C ASN I 358 34.91 32.80 -63.84
N VAL I 359 35.48 32.35 -62.72
CA VAL I 359 35.15 32.94 -61.42
C VAL I 359 35.52 34.41 -61.26
N LEU I 360 36.69 34.77 -61.77
CA LEU I 360 37.14 36.17 -61.77
C LEU I 360 36.63 36.89 -63.01
N GLU I 361 35.93 38.02 -62.83
CA GLU I 361 35.34 38.74 -63.95
C GLU I 361 36.23 38.68 -65.21
N PRO I 362 35.61 38.38 -66.35
CA PRO I 362 36.33 38.34 -67.60
C PRO I 362 36.79 39.64 -68.17
N ALA I 363 36.00 40.70 -68.01
CA ALA I 363 36.32 41.99 -68.61
C ALA I 363 37.67 42.54 -68.15
N GLU I 364 38.00 42.32 -66.88
CA GLU I 364 39.24 42.86 -66.32
C GLU I 364 40.17 41.77 -65.78
N TYR I 365 39.58 40.72 -65.20
CA TYR I 365 40.37 39.65 -64.59
C TYR I 365 40.93 38.69 -65.63
N ARG I 366 40.06 37.86 -66.18
CA ARG I 366 40.47 36.83 -67.15
C ARG I 366 41.48 37.35 -68.16
N LYS I 367 41.12 38.41 -68.88
CA LYS I 367 41.97 38.96 -69.93
C LYS I 367 43.39 39.34 -69.52
N MET I 368 43.51 40.09 -68.43
CA MET I 368 44.82 40.52 -68.02
C MET I 368 45.64 39.27 -67.95
N PHE I 369 45.30 38.41 -67.01
CA PHE I 369 46.14 37.28 -66.72
C PHE I 369 46.64 36.68 -68.03
N ASP I 370 45.79 36.70 -69.06
CA ASP I 370 46.06 36.03 -70.32
C ASP I 370 47.34 36.60 -70.89
N ARG I 371 47.58 37.86 -70.55
CA ARG I 371 48.71 38.62 -71.03
C ARG I 371 50.02 38.05 -70.51
N LEU I 372 49.98 37.38 -69.37
CA LEU I 372 51.21 36.94 -68.75
C LEU I 372 51.91 35.95 -69.69
N SER I 373 51.19 35.55 -70.71
CA SER I 373 51.72 34.54 -71.57
C SER I 373 53.04 35.07 -72.11
N VAL I 374 53.19 36.39 -72.13
CA VAL I 374 54.39 37.05 -72.65
C VAL I 374 55.66 36.67 -71.89
N PHE I 375 55.55 36.59 -70.58
CA PHE I 375 56.72 36.38 -69.69
C PHE I 375 57.14 34.93 -69.46
N PRO I 376 58.38 34.78 -69.00
CA PRO I 376 59.03 33.47 -68.97
C PRO I 376 58.17 32.57 -68.11
N PRO I 377 58.15 31.22 -68.50
CA PRO I 377 56.99 30.50 -67.97
C PRO I 377 56.90 30.50 -66.45
N SER I 378 58.03 30.39 -65.79
CA SER I 378 57.98 30.43 -64.33
C SER I 378 58.94 31.52 -63.93
N ALA I 379 58.46 32.72 -64.18
CA ALA I 379 59.23 33.94 -64.08
C ALA I 379 58.47 35.03 -63.34
N HIS I 380 59.08 36.19 -63.24
CA HIS I 380 58.55 37.28 -62.44
C HIS I 380 58.11 38.43 -63.32
N ILE I 381 57.53 39.46 -62.70
CA ILE I 381 57.11 40.63 -63.46
C ILE I 381 56.99 41.90 -62.61
N PRO I 382 57.84 42.89 -62.93
CA PRO I 382 57.90 44.20 -62.28
C PRO I 382 56.61 44.96 -62.43
N THR I 383 56.35 45.89 -61.52
CA THR I 383 55.06 46.56 -61.60
C THR I 383 54.89 47.35 -62.89
N ILE I 384 55.96 48.04 -63.28
CA ILE I 384 55.94 48.88 -64.48
C ILE I 384 55.58 48.13 -65.76
N LEU I 385 56.14 46.93 -65.91
CA LEU I 385 55.89 46.08 -67.07
C LEU I 385 54.45 45.57 -67.18
N LEU I 386 53.86 45.19 -66.04
CA LEU I 386 52.52 44.63 -66.02
C LEU I 386 51.50 45.69 -66.42
N SER I 387 51.81 46.95 -66.14
CA SER I 387 50.83 47.99 -66.38
C SER I 387 50.49 48.05 -67.86
N LEU I 388 51.52 48.07 -68.69
CA LEU I 388 51.33 48.30 -70.09
C LEU I 388 50.45 47.21 -70.69
N ILE I 389 50.60 46.00 -70.17
CA ILE I 389 50.02 44.83 -70.79
C ILE I 389 48.48 44.84 -70.87
N SER I 396 47.13 53.53 -59.84
CA SER I 396 47.06 52.45 -58.85
C SER I 396 46.18 51.32 -59.35
N ASP I 397 45.47 51.56 -60.46
CA ASP I 397 44.55 50.54 -60.96
C ASP I 397 45.17 49.18 -61.22
N VAL I 398 46.34 49.12 -61.86
CA VAL I 398 46.94 47.81 -62.12
C VAL I 398 47.30 47.07 -60.84
N MET I 399 47.75 47.83 -59.85
CA MET I 399 48.15 47.28 -58.56
C MET I 399 46.97 46.64 -57.85
N VAL I 400 45.81 47.28 -57.93
CA VAL I 400 44.63 46.71 -57.30
C VAL I 400 44.12 45.56 -58.14
N VAL I 401 44.06 45.73 -59.46
CA VAL I 401 43.46 44.68 -60.28
C VAL I 401 44.28 43.40 -60.14
N VAL I 402 45.62 43.51 -60.10
CA VAL I 402 46.37 42.28 -59.88
C VAL I 402 46.10 41.79 -58.46
N ASN I 403 45.91 42.73 -57.52
CA ASN I 403 45.83 42.33 -56.12
C ASN I 403 44.62 41.40 -55.94
N LYS I 404 43.55 41.76 -56.62
CA LYS I 404 42.38 40.92 -56.68
C LYS I 404 42.76 39.64 -57.34
N LEU I 405 43.52 39.72 -58.40
CA LEU I 405 43.89 38.52 -59.08
C LEU I 405 44.78 37.73 -58.14
N HIS I 406 45.40 38.45 -57.21
CA HIS I 406 46.42 37.81 -56.42
C HIS I 406 45.78 36.64 -55.82
N LYS I 407 44.56 36.86 -55.34
CA LYS I 407 43.78 35.85 -54.65
C LYS I 407 43.20 34.79 -55.56
N TYR I 408 42.49 35.15 -56.62
CA TYR I 408 41.81 34.07 -57.34
C TYR I 408 42.71 33.14 -58.18
N SER I 409 43.58 33.70 -59.02
CA SER I 409 44.41 32.89 -59.92
C SER I 409 45.86 32.94 -59.56
N LEU I 410 46.71 32.32 -60.38
CA LEU I 410 48.06 32.07 -59.92
C LEU I 410 48.83 33.32 -59.40
N VAL I 411 49.09 34.32 -60.23
CA VAL I 411 49.06 35.76 -59.93
C VAL I 411 49.85 36.23 -58.69
N GLU I 412 50.96 35.59 -58.36
CA GLU I 412 51.28 35.56 -56.94
C GLU I 412 52.02 36.79 -56.60
N LYS I 413 51.32 37.75 -56.02
CA LYS I 413 51.92 39.02 -55.69
C LYS I 413 52.99 38.75 -54.67
N GLN I 414 53.95 39.64 -54.60
CA GLN I 414 55.06 39.45 -53.69
C GLN I 414 55.71 40.73 -53.27
N PRO I 415 56.66 40.62 -52.33
CA PRO I 415 57.34 41.80 -51.79
C PRO I 415 58.21 42.80 -52.55
N SER I 418 58.69 45.48 -55.65
CA SER I 418 57.29 45.06 -55.62
C SER I 418 56.96 44.18 -56.83
N THR I 419 57.95 43.43 -57.29
CA THR I 419 57.78 42.55 -58.45
C THR I 419 56.74 41.48 -58.16
N ILE I 420 56.44 40.66 -59.17
CA ILE I 420 55.39 39.67 -59.07
C ILE I 420 55.96 38.40 -59.64
N SER I 421 55.51 37.26 -59.12
CA SER I 421 55.95 35.96 -59.65
C SER I 421 54.68 35.14 -59.77
N ILE I 422 54.29 34.86 -61.00
CA ILE I 422 53.11 34.02 -61.25
C ILE I 422 53.30 32.51 -61.09
N PRO I 423 52.21 31.82 -60.81
CA PRO I 423 52.25 30.40 -60.50
C PRO I 423 51.96 29.59 -61.73
N SER I 424 52.90 28.71 -62.06
CA SER I 424 53.03 28.12 -63.37
C SER I 424 51.85 27.31 -63.83
N ILE I 425 51.28 26.54 -62.92
CA ILE I 425 50.51 25.37 -63.30
C ILE I 425 49.35 25.76 -64.21
N TYR I 426 48.77 26.91 -63.91
CA TYR I 426 47.90 27.63 -64.84
C TYR I 426 48.63 28.81 -65.48
N LEU I 427 49.87 29.03 -65.03
CA LEU I 427 50.68 30.13 -65.57
C LEU I 427 51.22 29.79 -66.95
N GLU I 428 51.98 28.71 -67.04
CA GLU I 428 52.56 28.28 -68.32
C GLU I 428 51.57 27.62 -69.29
N LEU I 429 50.81 26.65 -68.80
CA LEU I 429 50.01 25.78 -69.64
C LEU I 429 48.69 26.39 -70.11
N LYS I 430 47.83 26.76 -69.16
CA LYS I 430 46.48 27.15 -69.51
C LYS I 430 46.48 28.13 -70.68
N VAL I 431 47.27 29.18 -70.45
CA VAL I 431 47.34 30.31 -71.33
C VAL I 431 47.97 30.04 -72.70
N LYS I 432 49.04 29.26 -72.72
CA LYS I 432 49.79 29.02 -73.95
C LYS I 432 48.91 28.50 -75.08
N LEU I 433 48.04 27.56 -74.73
CA LEU I 433 47.14 26.95 -75.71
C LEU I 433 46.14 27.95 -76.24
N GLU I 434 45.52 28.72 -75.37
CA GLU I 434 44.48 29.65 -75.84
C GLU I 434 45.03 31.05 -75.94
N ASN I 435 45.14 31.55 -77.15
CA ASN I 435 45.63 32.90 -77.29
C ASN I 435 45.10 33.42 -78.63
N GLU I 436 45.15 34.73 -78.83
CA GLU I 436 44.65 35.35 -80.04
C GLU I 436 45.80 36.24 -80.40
N TYR I 437 45.79 36.91 -81.55
CA TYR I 437 47.04 37.60 -81.84
C TYR I 437 46.92 39.00 -81.24
N ALA I 438 46.86 39.01 -79.92
CA ALA I 438 47.05 40.18 -79.09
C ALA I 438 48.55 40.38 -78.98
N LEU I 439 49.27 39.28 -79.16
CA LEU I 439 50.71 39.22 -78.97
C LEU I 439 51.46 40.35 -79.63
N HIS I 440 51.10 40.68 -80.87
CA HIS I 440 51.90 41.69 -81.58
C HIS I 440 51.96 42.94 -80.71
N ARG I 441 50.82 43.33 -80.18
CA ARG I 441 50.77 44.55 -79.37
C ARG I 441 51.60 44.37 -78.10
N SER I 442 51.50 43.20 -77.46
CA SER I 442 52.22 42.99 -76.21
C SER I 442 53.73 43.01 -76.42
N ILE I 443 54.18 42.30 -77.45
CA ILE I 443 55.59 42.18 -77.74
C ILE I 443 56.13 43.56 -78.13
N VAL I 444 55.34 44.30 -78.90
CA VAL I 444 55.79 45.62 -79.36
C VAL I 444 55.91 46.46 -78.09
N ASP I 445 55.02 46.22 -77.13
CA ASP I 445 55.02 46.98 -75.89
C ASP I 445 56.37 46.72 -75.25
N HIS I 446 56.82 45.46 -75.31
CA HIS I 446 58.10 45.09 -74.71
C HIS I 446 59.16 45.89 -75.44
N TYR I 447 59.05 46.07 -76.75
CA TYR I 447 60.07 46.87 -77.40
C TYR I 447 60.06 48.27 -76.81
N ASN I 448 58.86 48.81 -76.62
CA ASN I 448 58.73 50.18 -76.14
C ASN I 448 59.32 50.41 -74.75
N ILE I 449 59.14 49.47 -73.83
CA ILE I 449 59.61 49.71 -72.48
C ILE I 449 61.16 49.87 -72.38
N PRO I 450 61.99 48.95 -72.96
CA PRO I 450 63.39 49.39 -72.88
C PRO I 450 63.68 50.63 -73.71
N LYS I 451 62.85 50.92 -74.69
CA LYS I 451 63.06 52.11 -75.48
C LYS I 451 62.95 53.28 -74.50
N THR I 452 61.91 53.25 -73.66
CA THR I 452 61.70 54.34 -72.71
C THR I 452 62.87 54.39 -71.73
N PHE I 453 63.26 53.23 -71.20
CA PHE I 453 64.39 53.16 -70.27
C PHE I 453 65.63 53.56 -71.06
N ASP I 454 66.31 54.61 -70.64
CA ASP I 454 67.51 55.01 -71.35
C ASP I 454 68.34 55.94 -70.50
N SER I 455 69.64 55.68 -70.44
CA SER I 455 70.56 56.55 -69.76
C SER I 455 71.50 57.08 -70.82
N ASP I 456 72.22 58.16 -70.53
CA ASP I 456 73.08 58.78 -71.53
C ASP I 456 74.08 57.74 -72.00
N ASP I 457 74.75 57.09 -71.05
CA ASP I 457 75.71 56.07 -71.39
C ASP I 457 75.07 54.69 -71.48
N LEU I 458 75.94 53.68 -71.59
CA LEU I 458 75.58 52.30 -71.87
C LEU I 458 74.94 51.52 -70.71
N ILE I 459 74.78 52.16 -69.56
CA ILE I 459 74.19 51.52 -68.39
C ILE I 459 72.69 51.77 -68.33
N PRO I 460 71.88 50.62 -68.28
CA PRO I 460 70.45 50.91 -68.22
C PRO I 460 69.90 50.78 -66.80
N PRO I 461 68.63 51.13 -66.59
CA PRO I 461 68.04 51.02 -65.26
C PRO I 461 67.27 49.72 -65.08
N TYR I 462 67.99 48.63 -64.85
CA TYR I 462 67.43 47.30 -64.94
C TYR I 462 66.86 46.82 -63.61
N LEU I 463 65.55 46.57 -63.58
CA LEU I 463 64.94 45.94 -62.42
C LEU I 463 65.60 44.57 -62.39
N ASP I 464 65.93 44.13 -61.18
CA ASP I 464 67.09 43.32 -60.89
C ASP I 464 67.16 41.99 -61.61
N GLN I 465 66.04 41.29 -61.66
CA GLN I 465 66.05 39.97 -62.28
C GLN I 465 65.34 39.97 -63.62
N TYR I 466 64.14 40.50 -63.62
CA TYR I 466 63.31 40.34 -64.82
C TYR I 466 64.00 40.81 -66.05
N PHE I 467 64.46 42.04 -66.00
CA PHE I 467 64.98 42.66 -67.19
C PHE I 467 66.14 41.86 -67.71
N TYR I 468 67.05 41.45 -66.84
CA TYR I 468 68.25 40.76 -67.27
C TYR I 468 67.92 39.48 -68.03
N SER I 469 67.06 38.64 -67.46
CA SER I 469 66.71 37.37 -68.10
C SER I 469 65.81 37.53 -69.34
N HIS I 470 64.68 38.20 -69.09
CA HIS I 470 63.56 38.32 -70.02
C HIS I 470 63.83 39.18 -71.25
N ILE I 471 64.64 40.23 -71.07
CA ILE I 471 64.78 41.27 -72.10
C ILE I 471 65.18 40.60 -73.39
N GLY I 472 66.16 39.70 -73.32
CA GLY I 472 66.65 39.08 -74.52
C GLY I 472 65.57 38.27 -75.20
N HIS I 473 64.74 37.57 -74.42
CA HIS I 473 63.71 36.72 -74.99
C HIS I 473 62.72 37.56 -75.79
N HIS I 474 62.28 38.65 -75.16
CA HIS I 474 61.29 39.52 -75.78
C HIS I 474 61.90 40.15 -77.01
N LEU I 475 63.17 40.51 -76.89
CA LEU I 475 63.92 41.15 -77.96
C LEU I 475 64.01 40.21 -79.15
N LYS I 476 64.27 38.94 -78.86
CA LYS I 476 64.43 37.94 -79.91
C LYS I 476 63.15 37.91 -80.67
N ASN I 477 62.03 37.92 -79.94
CA ASN I 477 60.76 37.89 -80.63
C ASN I 477 60.54 39.14 -81.47
N ILE I 478 60.86 40.33 -80.94
CA ILE I 478 60.53 41.56 -81.67
C ILE I 478 61.32 41.76 -82.99
N GLU I 479 62.66 41.70 -82.93
CA GLU I 479 63.59 41.94 -84.05
C GLU I 479 65.09 41.85 -83.68
N HIS I 480 65.94 41.85 -84.71
CA HIS I 480 67.41 41.86 -84.57
C HIS I 480 68.07 43.14 -84.02
N PRO I 481 67.76 44.33 -84.60
CA PRO I 481 68.56 45.52 -84.25
C PRO I 481 68.67 45.76 -82.75
N GLU I 482 67.57 45.63 -82.02
CA GLU I 482 67.58 45.86 -80.59
C GLU I 482 68.46 44.80 -79.98
N ARG I 483 68.31 43.58 -80.50
CA ARG I 483 69.01 42.44 -79.94
C ARG I 483 70.48 42.76 -79.94
N MET I 484 70.90 43.34 -81.07
CA MET I 484 72.30 43.63 -81.29
C MET I 484 72.84 44.55 -80.21
N THR I 485 72.15 45.66 -79.95
CA THR I 485 72.64 46.62 -78.95
C THR I 485 72.50 46.15 -77.49
N LEU I 486 71.32 45.64 -77.13
CA LEU I 486 71.03 45.25 -75.73
C LEU I 486 71.86 44.09 -75.24
N PHE I 487 71.97 43.05 -76.07
CA PHE I 487 72.72 41.86 -75.68
C PHE I 487 74.12 42.29 -75.39
N ARG I 488 74.54 43.35 -76.08
CA ARG I 488 75.81 43.96 -75.69
C ARG I 488 76.86 42.92 -76.04
N MET I 489 76.58 42.25 -77.14
CA MET I 489 77.58 41.46 -77.82
C MET I 489 78.39 42.57 -78.46
N VAL I 490 77.66 43.58 -78.93
CA VAL I 490 78.21 44.83 -79.44
C VAL I 490 78.88 45.53 -78.26
N PHE I 491 78.14 45.64 -77.15
CA PHE I 491 78.58 46.47 -76.03
C PHE I 491 79.15 45.73 -74.83
N LEU I 492 80.22 46.29 -74.32
CA LEU I 492 81.11 45.62 -73.40
C LEU I 492 80.49 45.84 -72.03
N ASP I 493 79.60 46.83 -71.96
CA ASP I 493 78.90 47.17 -70.72
C ASP I 493 78.04 46.02 -70.16
N PHE I 494 77.36 45.19 -70.95
CA PHE I 494 76.55 44.16 -70.29
C PHE I 494 77.36 42.98 -69.91
N ARG I 495 78.57 42.90 -70.45
CA ARG I 495 79.50 41.97 -69.91
C ARG I 495 79.58 42.32 -68.42
N PHE I 496 79.91 43.58 -68.20
CA PHE I 496 79.91 44.18 -66.87
C PHE I 496 78.64 43.93 -66.09
N LEU I 497 77.54 44.53 -66.51
CA LEU I 497 76.43 44.62 -65.59
C LEU I 497 75.79 43.27 -65.40
N GLU I 498 75.54 42.55 -66.50
CA GLU I 498 74.85 41.29 -66.36
C GLU I 498 75.66 40.40 -65.45
N GLN I 499 76.98 40.34 -65.72
CA GLN I 499 77.83 39.45 -64.97
C GLN I 499 77.88 39.82 -63.50
N LYS I 500 78.19 41.08 -63.14
CA LYS I 500 78.31 41.32 -61.69
C LYS I 500 76.96 41.31 -60.96
N ILE I 501 75.88 41.86 -61.52
CA ILE I 501 74.64 41.82 -60.71
C ILE I 501 74.21 40.36 -60.57
N ARG I 502 74.30 39.54 -61.62
CA ARG I 502 73.85 38.18 -61.38
C ARG I 502 74.97 37.33 -60.79
N HIS I 503 75.55 37.90 -59.74
CA HIS I 503 76.47 37.27 -58.80
C HIS I 503 75.72 36.77 -57.58
N ASN I 516 74.45 32.54 -62.49
CA ASN I 516 75.71 33.23 -62.70
C ASN I 516 76.03 33.38 -64.18
N THR I 517 77.27 33.07 -64.54
CA THR I 517 77.72 33.14 -65.92
C THR I 517 76.88 32.19 -66.77
N LEU I 518 76.43 31.12 -66.14
CA LEU I 518 75.73 30.03 -66.83
C LEU I 518 74.55 30.52 -67.64
N GLN I 519 73.73 31.36 -67.00
CA GLN I 519 72.52 31.90 -67.62
C GLN I 519 72.90 32.87 -68.71
N GLN I 520 73.94 33.65 -68.46
CA GLN I 520 74.39 34.68 -69.38
C GLN I 520 74.72 33.92 -70.69
N LEU I 521 75.47 32.81 -70.54
CA LEU I 521 75.87 31.98 -71.67
C LEU I 521 74.62 31.45 -72.34
N LYS I 522 73.63 31.15 -71.52
CA LYS I 522 72.38 30.61 -72.01
C LYS I 522 71.75 31.66 -72.91
N PHE I 523 71.82 32.93 -72.52
CA PHE I 523 71.17 33.94 -73.34
C PHE I 523 71.90 33.99 -74.66
N TYR I 524 73.22 34.00 -74.60
CA TYR I 524 73.93 34.18 -75.87
C TYR I 524 73.65 33.07 -76.86
N LYS I 525 73.66 31.80 -76.45
CA LYS I 525 73.54 30.75 -77.46
C LYS I 525 72.20 30.66 -78.27
N PRO I 526 71.01 30.53 -77.62
CA PRO I 526 69.85 30.46 -78.53
C PRO I 526 69.45 31.77 -79.22
N TYR I 527 69.77 32.90 -78.59
CA TYR I 527 69.36 34.20 -79.11
C TYR I 527 70.07 34.65 -80.39
N ILE I 528 71.28 34.14 -80.66
CA ILE I 528 72.09 34.71 -81.74
C ILE I 528 71.35 34.70 -83.07
N CYS I 529 70.44 33.73 -83.26
CA CYS I 529 69.80 33.48 -84.55
C CYS I 529 69.13 34.73 -85.11
N ASP I 530 68.67 35.61 -84.23
CA ASP I 530 67.98 36.81 -84.68
C ASP I 530 68.90 37.65 -85.57
N ASP I 532 73.04 41.00 -88.03
CA ASP I 532 73.26 40.14 -89.20
C ASP I 532 74.35 39.12 -88.87
N PRO I 533 74.83 38.32 -89.85
CA PRO I 533 75.91 37.37 -89.53
C PRO I 533 77.27 37.97 -89.13
N LYS I 534 77.72 39.07 -89.72
CA LYS I 534 79.05 39.61 -89.44
C LYS I 534 79.19 39.91 -87.94
N TYR I 535 78.17 40.61 -87.44
CA TYR I 535 78.12 40.95 -86.04
C TYR I 535 78.00 39.62 -85.31
N GLU I 536 77.29 38.67 -85.90
CA GLU I 536 77.03 37.38 -85.26
C GLU I 536 78.32 36.66 -84.88
N ARG I 537 79.23 36.52 -85.84
CA ARG I 537 80.47 35.78 -85.63
C ARG I 537 81.12 36.53 -84.50
N LEU I 538 80.99 37.86 -84.59
CA LEU I 538 81.62 38.69 -83.58
C LEU I 538 81.04 38.34 -82.17
N VAL I 539 79.72 38.24 -82.05
CA VAL I 539 79.11 37.97 -80.74
C VAL I 539 79.58 36.64 -80.20
N ASN I 540 79.74 35.65 -81.07
CA ASN I 540 80.18 34.37 -80.51
C ASN I 540 81.59 34.56 -79.98
N ALA I 541 82.35 35.39 -80.71
CA ALA I 541 83.74 35.67 -80.36
C ALA I 541 83.82 36.26 -78.95
N ILE I 542 82.93 37.23 -78.68
CA ILE I 542 82.87 37.94 -77.39
C ILE I 542 82.46 36.91 -76.33
N LEU I 543 81.56 36.02 -76.75
CA LEU I 543 80.95 35.03 -75.89
C LEU I 543 82.00 34.10 -75.34
N ASP I 544 82.93 33.62 -76.17
CA ASP I 544 83.92 32.69 -75.63
C ASP I 544 84.76 33.42 -74.60
N PHE I 545 85.03 34.70 -74.85
CA PHE I 545 85.85 35.49 -73.96
C PHE I 545 85.23 35.67 -72.59
N LEU I 546 83.92 35.83 -72.59
CA LEU I 546 83.17 36.09 -71.38
C LEU I 546 83.24 35.00 -70.26
N PRO I 547 82.91 33.71 -70.53
CA PRO I 547 83.17 32.79 -69.43
C PRO I 547 84.65 32.59 -69.16
N LYS I 548 85.49 32.97 -70.11
CA LYS I 548 86.93 32.78 -70.01
C LYS I 548 87.46 33.55 -68.82
N ILE I 549 87.01 34.78 -68.65
CA ILE I 549 87.46 35.62 -67.54
C ILE I 549 86.27 36.12 -66.72
N SER I 556 86.03 44.66 -59.84
CA SER I 556 86.97 45.42 -60.68
C SER I 556 86.59 46.89 -61.18
N LYS I 557 87.14 48.02 -60.61
CA LYS I 557 86.99 49.53 -60.98
C LYS I 557 86.99 49.56 -62.50
N TYR I 558 86.12 50.39 -63.05
CA TYR I 558 85.47 50.33 -64.29
C TYR I 558 86.34 49.69 -65.48
N THR I 559 87.55 50.06 -65.35
CA THR I 559 88.73 49.67 -66.12
C THR I 559 89.06 48.23 -66.60
N ASP I 560 88.99 47.25 -65.74
CA ASP I 560 89.50 45.94 -66.04
C ASP I 560 88.76 45.43 -67.27
N LEU I 561 87.45 45.70 -67.33
CA LEU I 561 86.62 45.20 -68.41
C LEU I 561 87.18 45.68 -69.76
N LEU I 562 87.52 46.96 -69.85
CA LEU I 562 87.95 47.52 -71.12
C LEU I 562 89.33 46.95 -71.47
N ARG I 563 90.17 46.76 -70.45
CA ARG I 563 91.48 46.22 -70.75
C ARG I 563 91.46 44.77 -71.21
N ILE I 564 90.60 43.94 -70.62
CA ILE I 564 90.52 42.57 -71.09
C ILE I 564 89.92 42.62 -72.50
N ALA I 565 89.03 43.60 -72.74
CA ALA I 565 88.39 43.74 -74.05
C ALA I 565 89.50 43.92 -75.09
N LEU I 566 90.58 44.58 -74.66
CA LEU I 566 91.67 44.95 -75.58
C LEU I 566 92.36 43.77 -76.28
N MET I 567 92.31 42.58 -75.70
CA MET I 567 93.11 41.46 -76.22
C MET I 567 92.86 41.13 -77.69
N ALA I 568 91.60 41.01 -78.11
CA ALA I 568 91.40 40.66 -79.51
C ALA I 568 90.84 41.86 -80.26
N GLU I 569 91.60 42.24 -81.29
CA GLU I 569 91.34 43.44 -82.09
C GLU I 569 90.07 43.35 -82.95
N ASP I 570 89.75 42.13 -83.39
CA ASP I 570 88.65 41.90 -84.32
C ASP I 570 87.24 42.23 -83.83
N GLU I 571 87.06 42.46 -82.53
CA GLU I 571 85.70 42.48 -82.01
C GLU I 571 85.11 43.84 -81.62
N ALA I 572 83.77 43.90 -81.69
CA ALA I 572 82.95 45.06 -81.35
C ALA I 572 83.04 45.35 -79.88
N ILE I 573 83.19 44.30 -79.06
CA ILE I 573 83.30 44.46 -77.63
C ILE I 573 84.44 45.43 -77.39
N PHE I 574 85.57 45.29 -78.09
CA PHE I 574 86.64 46.24 -77.84
C PHE I 574 86.26 47.67 -78.21
N GLU I 575 85.59 47.86 -79.34
CA GLU I 575 85.22 49.20 -79.80
C GLU I 575 84.29 49.87 -78.80
N GLU I 576 83.37 49.08 -78.29
CA GLU I 576 82.43 49.55 -77.30
C GLU I 576 83.17 49.87 -76.04
N ALA I 577 84.15 49.03 -75.72
CA ALA I 577 84.93 49.18 -74.51
C ALA I 577 85.60 50.53 -74.57
N HIS I 578 86.08 50.87 -75.76
CA HIS I 578 86.77 52.13 -75.94
C HIS I 578 85.74 53.24 -75.74
N LYS I 579 84.51 53.04 -76.23
CA LYS I 579 83.53 54.11 -76.09
C LYS I 579 83.22 54.35 -74.61
N GLN I 580 82.94 53.27 -73.89
CA GLN I 580 82.58 53.36 -72.48
C GLN I 580 83.71 53.90 -71.59
N VAL I 581 84.99 53.69 -71.96
CA VAL I 581 86.05 54.41 -71.23
C VAL I 581 86.00 55.88 -71.61
N GLN I 582 85.72 56.17 -72.89
CA GLN I 582 85.58 57.55 -73.33
C GLN I 582 84.55 58.31 -72.47
N ARG I 583 83.40 57.69 -72.23
CA ARG I 583 82.47 58.24 -71.25
C ARG I 583 82.44 57.38 -69.99
N UNK I 584 91.47 30.78 -65.11
CA UNK I 584 91.17 29.34 -65.07
C UNK I 584 89.90 29.10 -65.88
N UNK I 585 89.87 27.98 -66.58
CA UNK I 585 88.74 27.62 -67.40
C UNK I 585 87.42 27.69 -66.62
N UNK I 586 87.45 27.36 -65.33
CA UNK I 586 86.22 27.40 -64.54
C UNK I 586 86.45 27.73 -63.05
N UNK I 587 85.52 28.47 -62.48
CA UNK I 587 85.61 28.84 -61.08
C UNK I 587 84.24 28.69 -60.39
N UNK I 588 84.20 27.81 -59.40
CA UNK I 588 82.98 27.49 -58.67
C UNK I 588 82.95 28.02 -57.24
N UNK I 589 81.82 28.61 -56.85
CA UNK I 589 81.65 29.16 -55.52
C UNK I 589 80.39 28.59 -54.86
N UNK I 590 80.50 27.38 -54.24
CA UNK I 590 79.37 26.72 -53.58
C UNK I 590 79.43 26.60 -52.05
N UNK I 591 80.47 27.15 -51.43
CA UNK I 591 80.57 27.06 -49.98
C UNK I 591 80.46 28.45 -49.39
N UNK I 592 80.16 28.52 -48.09
CA UNK I 592 80.03 29.80 -47.44
C UNK I 592 81.21 29.97 -46.52
N UNK I 593 84.58 28.86 -46.26
CA UNK I 593 85.71 28.29 -46.96
C UNK I 593 85.42 26.90 -47.52
N UNK I 594 85.96 26.62 -48.71
CA UNK I 594 85.79 25.33 -49.35
C UNK I 594 87.03 24.54 -49.01
N UNK I 595 86.87 23.36 -48.42
CA UNK I 595 88.06 22.61 -48.07
C UNK I 595 88.51 21.62 -49.12
N UNK I 596 87.56 20.95 -49.75
CA UNK I 596 87.87 19.96 -50.77
C UNK I 596 86.78 19.95 -51.82
N UNK I 597 87.12 19.49 -53.02
CA UNK I 597 86.18 19.40 -54.13
C UNK I 597 86.75 18.36 -55.08
N UNK I 598 85.88 17.72 -55.88
CA UNK I 598 86.36 16.70 -56.81
C UNK I 598 85.35 16.40 -57.92
N UNK I 599 85.84 15.74 -58.98
CA UNK I 599 85.02 15.39 -60.14
C UNK I 599 84.32 14.05 -59.98
N UNK I 600 83.22 13.89 -60.70
CA UNK I 600 82.49 12.62 -60.68
C UNK I 600 83.35 11.73 -61.57
N UNK I 601 83.17 10.41 -61.49
CA UNK I 601 83.98 9.52 -62.29
C UNK I 601 83.92 9.80 -63.79
N UNK I 602 82.83 10.34 -64.28
CA UNK I 602 82.73 10.66 -65.70
C UNK I 602 83.09 12.12 -65.95
N UNK I 603 83.50 12.81 -64.88
CA UNK I 603 83.88 14.21 -65.00
C UNK I 603 82.73 15.20 -65.25
N UNK I 604 81.52 14.69 -65.40
CA UNK I 604 80.34 15.54 -65.64
C UNK I 604 79.89 16.40 -64.47
N UNK I 605 80.17 15.94 -63.25
CA UNK I 605 79.77 16.64 -62.05
C UNK I 605 80.93 16.93 -61.11
N UNK I 606 80.68 17.80 -60.13
CA UNK I 606 81.68 18.17 -59.13
C UNK I 606 81.01 18.27 -57.77
N UNK I 607 81.63 17.70 -56.75
CA UNK I 607 81.08 17.77 -55.40
C UNK I 607 82.14 18.52 -54.61
N UNK I 608 81.70 19.37 -53.69
CA UNK I 608 82.60 20.18 -52.88
C UNK I 608 82.06 20.27 -51.48
N UNK I 609 82.94 20.17 -50.50
CA UNK I 609 82.52 20.23 -49.10
C UNK I 609 83.42 21.20 -48.37
N UNK I 610 82.84 22.07 -47.57
CA UNK I 610 83.67 23.04 -46.86
C UNK I 610 83.24 23.28 -45.43
N UNK I 611 83.68 24.41 -44.91
CA UNK I 611 83.47 24.74 -43.51
C UNK I 611 82.04 25.19 -43.26
N UNK I 612 81.25 25.30 -44.33
CA UNK I 612 79.88 25.72 -44.14
C UNK I 612 78.99 24.52 -43.73
N UNK I 613 79.63 23.37 -43.51
CA UNK I 613 78.97 22.13 -43.07
C UNK I 613 78.12 21.38 -44.13
N UNK I 614 78.01 21.91 -45.34
CA UNK I 614 77.19 21.27 -46.38
C UNK I 614 77.92 20.46 -47.46
N UNK I 615 77.16 19.64 -48.20
CA UNK I 615 77.70 18.85 -49.29
C UNK I 615 77.07 19.51 -50.49
N UNK I 616 77.88 19.86 -51.49
CA UNK I 616 77.35 20.52 -52.67
C UNK I 616 77.73 19.79 -53.93
N UNK I 617 76.84 19.85 -54.92
CA UNK I 617 77.12 19.20 -56.17
C UNK I 617 76.55 20.04 -57.30
N UNK I 618 77.29 20.10 -58.39
CA UNK I 618 76.93 20.89 -59.57
C UNK I 618 77.54 20.32 -60.84
N UNK I 619 76.98 20.69 -61.98
CA UNK I 619 77.48 20.20 -63.26
C UNK I 619 78.89 20.75 -63.46
N UNK I 620 79.78 19.95 -64.04
CA UNK I 620 81.14 20.41 -64.27
C UNK I 620 81.13 21.50 -65.33
N UNK I 621 80.26 21.33 -66.32
CA UNK I 621 80.10 22.28 -67.41
C UNK I 621 79.70 23.70 -67.04
N UNK I 622 78.65 23.85 -66.23
CA UNK I 622 78.14 25.17 -65.88
C UNK I 622 78.00 25.61 -64.42
N UNK I 623 78.31 24.74 -63.46
CA UNK I 623 78.18 25.13 -62.06
C UNK I 623 76.74 25.10 -61.60
N UNK I 624 75.87 24.80 -62.55
CA UNK I 624 74.44 24.68 -62.34
C UNK I 624 74.23 23.79 -61.12
N UNK I 625 73.78 24.37 -60.01
CA UNK I 625 73.59 23.57 -58.80
C UNK I 625 72.73 22.33 -58.98
N UNK I 626 73.20 21.21 -58.44
CA UNK I 626 72.50 19.93 -58.52
C UNK I 626 72.04 19.47 -57.13
N UNK I 627 72.91 19.58 -56.13
CA UNK I 627 72.55 19.20 -54.76
C UNK I 627 73.03 20.22 -53.73
N UNK I 628 72.20 20.48 -52.71
CA UNK I 628 72.53 21.41 -51.64
C UNK I 628 72.14 20.74 -50.30
N UNK I 629 72.94 19.77 -49.87
CA UNK I 629 72.70 19.00 -48.66
C UNK I 629 73.38 19.57 -47.41
N UNK I 630 72.78 19.35 -46.24
CA UNK I 630 73.36 19.81 -44.99
C UNK I 630 74.04 18.57 -44.39
N UNK I 631 75.15 18.14 -44.98
CA UNK I 631 75.86 16.92 -44.58
C UNK I 631 76.25 16.64 -43.12
N UNK I 632 76.84 17.60 -42.42
CA UNK I 632 77.23 17.34 -41.05
C UNK I 632 76.96 18.46 -40.07
N UNK I 633 77.36 18.21 -38.83
CA UNK I 633 77.18 19.13 -37.73
C UNK I 633 78.54 19.72 -37.35
N UNK I 634 80.07 19.31 -38.06
CA UNK I 634 81.40 19.86 -37.85
C UNK I 634 82.19 19.75 -39.16
N UNK I 635 83.16 20.64 -39.33
CA UNK I 635 83.94 20.74 -40.56
C UNK I 635 84.39 19.41 -41.15
N UNK I 636 84.45 19.35 -42.47
CA UNK I 636 84.85 18.14 -43.18
C UNK I 636 86.30 18.23 -43.60
N UNK I 637 86.92 17.09 -43.87
CA UNK I 637 88.34 17.04 -44.26
C UNK I 637 88.73 16.34 -45.56
N UNK I 638 87.85 15.49 -46.07
CA UNK I 638 88.17 14.77 -47.29
C UNK I 638 86.92 14.11 -47.85
N UNK I 639 86.95 13.80 -49.14
CA UNK I 639 85.83 13.17 -49.82
C UNK I 639 86.33 12.45 -51.09
N UNK I 640 85.65 11.37 -51.49
CA UNK I 640 86.08 10.62 -52.67
C UNK I 640 84.94 9.87 -53.29
N UNK I 641 85.14 9.39 -54.51
CA UNK I 641 84.15 8.62 -55.25
C UNK I 641 84.59 7.17 -55.20
N UNK I 642 83.67 6.24 -55.41
CA UNK I 642 84.00 4.82 -55.41
C UNK I 642 84.52 4.48 -56.80
N UNK I 643 84.87 3.22 -57.01
CA UNK I 643 85.41 2.78 -58.30
C UNK I 643 84.45 2.97 -59.47
N UNK I 644 83.14 2.91 -59.23
CA UNK I 644 82.17 3.10 -60.32
C UNK I 644 81.35 4.36 -60.11
N UNK I 645 81.90 5.33 -59.38
CA UNK I 645 81.21 6.59 -59.12
C UNK I 645 79.83 6.37 -58.56
N UNK I 646 79.54 5.17 -58.11
CA UNK I 646 78.23 4.89 -57.56
C UNK I 646 78.07 5.57 -56.19
N UNK I 647 79.19 5.75 -55.51
CA UNK I 647 79.18 6.35 -54.19
C UNK I 647 80.22 7.44 -54.03
N UNK I 648 80.06 8.17 -52.92
CA UNK I 648 80.97 9.24 -52.54
C UNK I 648 81.06 9.12 -51.02
N UNK I 649 82.25 9.05 -50.48
CA UNK I 649 82.36 8.99 -49.04
C UNK I 649 82.83 10.36 -48.61
N UNK I 650 82.75 10.64 -47.32
CA UNK I 650 83.21 11.89 -46.75
C UNK I 650 83.57 11.57 -45.32
N UNK I 651 84.70 12.06 -44.88
CA UNK I 651 85.11 11.82 -43.51
C UNK I 651 85.33 13.21 -42.92
N UNK I 652 84.98 13.40 -41.65
CA UNK I 652 85.11 14.73 -41.05
C UNK I 652 85.64 14.77 -39.63
N UNK I 653 85.66 15.97 -39.08
CA UNK I 653 86.16 16.20 -37.73
C UNK I 653 85.23 15.65 -36.65
N UNK I 654 84.04 15.24 -37.04
CA UNK I 654 83.12 14.68 -36.07
C UNK I 654 83.49 13.22 -35.88
N UNK I 655 84.62 12.85 -36.46
CA UNK I 655 85.16 11.50 -36.35
C UNK I 655 84.36 10.44 -37.12
N UNK I 656 83.39 10.89 -37.91
CA UNK I 656 82.58 9.96 -38.69
C UNK I 656 82.99 9.90 -40.16
N UNK I 657 82.59 8.81 -40.81
CA UNK I 657 82.83 8.57 -42.23
C UNK I 657 81.43 8.31 -42.80
N UNK I 658 81.15 8.79 -44.01
CA UNK I 658 79.82 8.58 -44.54
C UNK I 658 79.79 8.19 -46.00
N UNK I 659 78.78 7.40 -46.37
CA UNK I 659 78.67 6.96 -47.75
C UNK I 659 77.40 7.54 -48.32
N UNK I 660 77.48 8.07 -49.53
CA UNK I 660 76.31 8.68 -50.18
C UNK I 660 76.09 8.13 -51.58
N UNK I 661 74.82 8.11 -51.99
CA UNK I 661 74.46 7.67 -53.32
C UNK I 661 74.84 8.91 -54.12
N UNK I 662 75.85 8.81 -54.96
CA UNK I 662 76.30 9.97 -55.72
C UNK I 662 75.20 10.54 -56.61
N UNK I 663 74.14 9.79 -56.83
CA UNK I 663 73.06 10.25 -57.68
C UNK I 663 72.01 11.05 -56.96
N UNK I 664 72.16 11.59 -53.44
CA UNK I 664 72.72 12.24 -52.28
C UNK I 664 72.14 11.74 -50.98
N UNK I 665 71.40 10.64 -51.02
CA UNK I 665 70.84 10.11 -49.78
C UNK I 665 71.90 9.35 -48.99
N UNK I 666 71.97 9.62 -47.69
CA UNK I 666 72.93 8.98 -46.80
C UNK I 666 72.73 7.47 -46.95
N UNK I 667 73.81 6.75 -47.26
CA UNK I 667 73.74 5.31 -47.45
C UNK I 667 74.48 4.61 -46.31
N UNK I 668 76.45 5.41 -42.11
CA UNK I 668 77.61 6.07 -41.55
C UNK I 668 78.43 5.13 -40.67
N UNK I 669 79.73 5.37 -40.62
CA UNK I 669 80.64 4.55 -39.84
C UNK I 669 81.34 5.40 -38.80
N UNK I 670 80.94 5.26 -37.54
CA UNK I 670 81.61 6.02 -36.48
C UNK I 670 82.42 5.04 -35.66
N UNK I 671 83.75 5.14 -35.75
CA UNK I 671 84.63 4.25 -35.00
C UNK I 671 85.96 4.89 -34.72
N UNK I 672 88.33 7.36 -38.03
CA UNK I 672 88.90 6.65 -39.17
C UNK I 672 89.36 7.68 -40.21
N UNK I 673 90.67 7.64 -40.50
CA UNK I 673 91.34 8.57 -41.42
C UNK I 673 91.38 8.13 -42.88
N UNK I 674 91.78 6.88 -43.12
CA UNK I 674 91.86 6.35 -44.48
C UNK I 674 90.56 5.65 -44.88
N UNK I 675 90.22 5.78 -46.16
CA UNK I 675 89.10 5.05 -46.74
C UNK I 675 89.17 5.10 -48.27
N UNK I 676 89.43 3.94 -48.85
CA UNK I 676 89.61 3.77 -50.29
C UNK I 676 88.88 2.52 -50.81
N UNK I 677 88.35 2.59 -52.03
CA UNK I 677 87.62 1.46 -52.64
C UNK I 677 88.53 0.61 -53.49
N UNK I 678 88.02 -0.52 -53.96
CA UNK I 678 88.80 -1.40 -54.84
C UNK I 678 88.73 -0.81 -56.24
N UNK I 679 89.81 -0.94 -57.01
CA UNK I 679 89.86 -0.37 -58.37
C UNK I 679 89.12 -1.17 -59.43
N UNK I 680 89.32 -2.48 -59.43
CA UNK I 680 88.66 -3.33 -60.40
C UNK I 680 87.13 -3.31 -60.29
N UNK I 681 86.52 -3.00 -61.43
CA UNK I 681 85.07 -2.91 -61.59
C UNK I 681 84.38 -4.24 -61.28
N UNK I 682 85.16 -5.22 -60.88
CA UNK I 682 84.62 -6.52 -60.57
C UNK I 682 84.11 -6.57 -59.12
N UNK I 683 85.03 -6.71 -58.18
CA UNK I 683 84.68 -6.75 -56.75
C UNK I 683 84.44 -5.35 -56.19
N UNK I 684 83.75 -5.26 -55.06
CA UNK I 684 83.40 -3.97 -54.45
C UNK I 684 83.72 -3.89 -52.96
N UNK I 685 84.99 -3.70 -52.61
CA UNK I 685 85.37 -3.62 -51.21
C UNK I 685 85.78 -2.24 -50.80
N UNK I 686 85.76 -1.99 -49.49
CA UNK I 686 86.15 -0.71 -48.95
C UNK I 686 87.15 -0.96 -47.84
N UNK I 687 88.25 -0.21 -47.85
CA UNK I 687 89.28 -0.37 -46.85
C UNK I 687 89.35 0.91 -46.02
N UNK I 688 89.47 0.75 -44.72
CA UNK I 688 89.53 1.90 -43.84
C UNK I 688 90.64 1.75 -42.79
N UNK I 689 91.33 2.85 -42.52
CA UNK I 689 92.39 2.86 -41.53
C UNK I 689 91.91 3.79 -40.43
N UNK I 690 92.20 3.49 -39.18
CA UNK I 690 91.75 4.34 -38.10
C UNK I 690 92.78 4.58 -37.01
N UNK I 691 92.53 5.57 -36.16
CA UNK I 691 93.41 5.89 -35.05
C UNK I 691 93.39 4.76 -34.04
N UNK I 692 92.46 3.81 -34.21
CA UNK I 692 92.35 2.69 -33.30
C UNK I 692 93.36 1.59 -33.64
N UNK I 693 94.25 1.89 -34.58
CA UNK I 693 95.30 0.96 -35.01
C UNK I 693 94.86 -0.13 -35.97
N UNK I 694 93.58 -0.20 -36.29
CA UNK I 694 93.13 -1.25 -37.20
C UNK I 694 92.84 -0.75 -38.58
N UNK I 695 92.67 -1.72 -39.46
CA UNK I 695 92.33 -1.53 -40.86
C UNK I 695 91.10 -2.41 -41.04
N UNK I 696 90.16 -2.02 -41.87
CA UNK I 696 89.01 -2.87 -42.06
C UNK I 696 88.59 -3.00 -43.51
N UNK I 697 88.17 -4.21 -43.87
CA UNK I 697 87.69 -4.46 -45.21
C UNK I 697 86.20 -4.63 -45.04
N UNK I 698 85.42 -3.92 -45.85
CA UNK I 698 83.97 -4.00 -45.78
C UNK I 698 83.51 -4.51 -47.12
N UNK I 699 82.49 -5.37 -47.10
CA UNK I 699 81.92 -5.91 -48.32
C UNK I 699 80.59 -5.19 -48.39
N UNK I 700 80.54 -4.09 -49.15
CA UNK I 700 79.33 -3.30 -49.29
C UNK I 700 78.07 -4.11 -49.55
N UNK I 701 78.26 -5.34 -50.01
CA UNK I 701 77.14 -6.24 -50.28
C UNK I 701 76.85 -7.05 -49.02
N UNK I 702 77.15 -6.47 -47.85
CA UNK I 702 76.91 -7.17 -46.60
C UNK I 702 76.83 -6.21 -45.43
N UNK I 703 75.75 -6.31 -44.66
CA UNK I 703 75.54 -5.45 -43.50
C UNK I 703 76.70 -5.54 -42.51
N UNK I 704 77.67 -6.40 -42.78
CA UNK I 704 78.79 -6.58 -41.85
C UNK I 704 80.21 -6.32 -42.35
N UNK I 705 81.11 -6.20 -41.38
CA UNK I 705 82.52 -5.99 -41.61
C UNK I 705 82.98 -7.31 -42.21
N UNK I 706 84.04 -7.31 -43.01
CA UNK I 706 84.50 -8.56 -43.61
C UNK I 706 85.80 -9.02 -43.01
N UNK I 707 86.59 -8.08 -42.55
CA UNK I 707 87.88 -8.40 -41.97
C UNK I 707 88.37 -7.23 -41.14
N UNK I 708 89.25 -7.52 -40.18
CA UNK I 708 89.81 -6.49 -39.34
C UNK I 708 91.28 -6.79 -39.24
N UNK I 709 92.09 -6.11 -40.04
CA UNK I 709 93.52 -6.34 -40.01
C UNK I 709 94.20 -5.83 -38.77
N UNK I 710 94.61 -6.73 -37.88
CA UNK I 710 95.31 -6.29 -36.69
C UNK I 710 96.79 -6.28 -37.05
N UNK I 711 98.97 9.27 -35.94
CA UNK I 711 99.07 8.61 -37.24
C UNK I 711 98.14 9.36 -38.17
N UNK I 712 98.69 10.02 -39.18
CA UNK I 712 97.88 10.83 -40.07
C UNK I 712 97.43 10.17 -41.35
N UNK I 713 98.04 9.06 -41.72
CA UNK I 713 97.67 8.47 -42.99
C UNK I 713 98.21 7.05 -43.06
N UNK I 714 97.60 6.22 -43.91
CA UNK I 714 97.99 4.83 -44.07
C UNK I 714 97.33 4.23 -45.31
N UNK I 715 98.10 3.46 -46.06
CA UNK I 715 97.60 2.84 -47.29
C UNK I 715 98.13 1.43 -47.41
N UNK I 716 97.29 0.51 -47.85
CA UNK I 716 97.75 -0.84 -48.04
C UNK I 716 98.57 -0.82 -49.30
N UNK I 717 99.49 -1.76 -49.44
CA UNK I 717 100.29 -1.81 -50.65
C UNK I 717 99.40 -2.47 -51.71
N UNK I 718 99.72 -2.25 -52.99
CA UNK I 718 98.90 -2.87 -54.02
C UNK I 718 98.87 -4.37 -53.75
N UNK I 719 100.31 -7.19 -49.02
CA UNK I 719 101.17 -7.71 -47.97
C UNK I 719 101.76 -6.67 -47.01
N UNK I 720 101.79 -5.42 -47.43
CA UNK I 720 102.34 -4.38 -46.56
C UNK I 720 101.36 -3.27 -46.27
N UNK I 721 101.58 -2.57 -45.16
CA UNK I 721 100.73 -1.46 -44.77
C UNK I 721 101.64 -0.29 -44.50
N UNK I 722 101.61 0.70 -45.37
CA UNK I 722 102.43 1.87 -45.18
C UNK I 722 101.73 2.80 -44.19
N UNK I 723 102.50 3.47 -43.36
CA UNK I 723 101.92 4.35 -42.37
C UNK I 723 102.71 5.63 -42.25
N UNK I 724 101.99 6.73 -42.16
CA UNK I 724 102.54 8.07 -42.12
C UNK I 724 102.10 8.79 -40.85
N UNK I 725 103.06 9.42 -40.16
CA UNK I 725 102.74 10.10 -38.90
C UNK I 725 103.41 11.44 -38.67
N UNK I 726 103.17 11.98 -37.49
CA UNK I 726 103.71 13.27 -37.07
C UNK I 726 105.06 13.05 -36.41
N UNK I 727 105.35 11.81 -36.05
CA UNK I 727 106.63 11.51 -35.41
C UNK I 727 107.78 11.58 -36.39
N UNK I 728 107.52 12.05 -37.62
CA UNK I 728 108.57 12.18 -38.61
C UNK I 728 109.00 10.89 -39.30
N UNK I 729 108.16 9.87 -39.27
CA UNK I 729 108.50 8.62 -39.92
C UNK I 729 107.51 8.14 -40.97
N UNK I 730 107.97 7.21 -41.81
CA UNK I 730 107.14 6.55 -42.80
C UNK I 730 107.36 5.15 -42.24
N UNK I 731 106.37 4.27 -42.30
CA UNK I 731 106.60 2.97 -41.73
C UNK I 731 105.90 1.88 -42.49
N UNK I 732 106.55 0.72 -42.58
CA UNK I 732 105.95 -0.39 -43.28
C UNK I 732 105.66 -1.55 -42.36
N UNK I 733 104.40 -1.70 -41.98
CA UNK I 733 104.01 -2.79 -41.13
C UNK I 733 103.73 -3.98 -42.03
N UNK I 734 103.76 -5.18 -41.47
CA UNK I 734 103.50 -6.41 -42.21
C UNK I 734 102.09 -6.87 -41.91
N UNK I 735 101.19 -6.71 -42.88
CA UNK I 735 99.80 -7.08 -42.68
C UNK I 735 99.55 -8.43 -42.03
N UNK I 736 100.05 -9.50 -42.65
CA UNK I 736 99.83 -10.83 -42.13
C UNK I 736 100.15 -10.99 -40.65
N UNK I 737 101.03 -10.16 -40.11
CA UNK I 737 101.40 -10.30 -38.71
C UNK I 737 101.37 -9.01 -37.88
N UNK I 738 100.97 -7.91 -38.50
CA UNK I 738 100.90 -6.62 -37.81
C UNK I 738 102.21 -6.25 -37.09
N UNK I 739 103.35 -6.59 -37.68
CA UNK I 739 104.68 -6.30 -37.12
C UNK I 739 105.35 -5.15 -37.84
N UNK I 740 106.15 -4.37 -37.13
CA UNK I 740 106.83 -3.25 -37.79
C UNK I 740 108.03 -3.82 -38.54
N UNK I 741 108.06 -3.65 -39.87
CA UNK I 741 109.17 -4.15 -40.68
C UNK I 741 110.24 -3.08 -40.86
N UNK I 742 109.85 -1.85 -41.17
CA UNK I 742 110.82 -0.78 -41.34
C UNK I 742 110.26 0.55 -40.86
N UNK I 743 111.14 1.52 -40.74
CA UNK I 743 110.76 2.86 -40.33
C UNK I 743 111.72 3.79 -41.04
N UNK I 744 111.20 4.84 -41.67
CA UNK I 744 112.03 5.79 -42.39
C UNK I 744 111.91 7.19 -41.84
N UNK I 745 112.93 7.63 -41.14
CA UNK I 745 112.93 8.96 -40.57
C UNK I 745 113.06 10.04 -41.66
N UNK I 746 112.25 11.07 -41.58
CA UNK I 746 112.35 12.14 -42.54
C UNK I 746 113.17 13.27 -41.90
N UNK I 747 114.41 13.35 -42.38
CA UNK I 747 115.45 14.28 -41.93
C UNK I 747 115.90 15.25 -43.03
N UNK I 748 114.98 15.72 -43.87
CA UNK I 748 115.34 16.61 -44.95
C UNK I 748 115.09 18.04 -44.57
N UNK I 749 115.05 18.29 -43.28
CA UNK I 749 114.76 19.63 -42.78
C UNK I 749 115.76 20.06 -41.70
N UNK I 750 116.23 21.30 -41.82
CA UNK I 750 117.23 21.85 -40.91
C UNK I 750 116.79 23.18 -40.32
N UNK I 751 100.45 13.72 -44.72
CA UNK I 751 99.75 13.43 -45.97
C UNK I 751 100.39 12.18 -46.57
N UNK I 752 99.59 11.30 -47.17
CA UNK I 752 100.16 10.11 -47.79
C UNK I 752 99.18 9.37 -48.65
N UNK I 753 99.20 9.70 -49.93
CA UNK I 753 98.30 9.12 -50.91
C UNK I 753 98.91 8.08 -51.84
N UNK I 754 98.03 7.26 -52.39
CA UNK I 754 98.38 6.16 -53.30
C UNK I 754 98.46 6.58 -54.75
N UNK I 755 99.11 5.75 -55.56
CA UNK I 755 99.21 6.03 -56.98
C UNK I 755 97.91 5.55 -57.61
N UNK I 756 97.74 5.82 -58.90
CA UNK I 756 96.54 5.43 -59.61
C UNK I 756 96.33 3.92 -59.64
N UNK I 757 97.41 3.19 -59.87
CA UNK I 757 97.36 1.75 -59.93
C UNK I 757 97.43 1.12 -58.56
N UNK I 758 97.59 1.94 -57.53
CA UNK I 758 97.68 1.40 -56.18
C UNK I 758 98.96 0.61 -55.93
N UNK I 759 99.93 0.77 -56.82
CA UNK I 759 101.19 0.06 -56.71
C UNK I 759 102.31 0.94 -56.20
N UNK I 760 102.00 2.17 -55.85
CA UNK I 760 103.02 3.08 -55.34
C UNK I 760 102.36 4.04 -54.36
N UNK I 761 103.15 4.59 -53.43
CA UNK I 761 102.62 5.49 -52.43
C UNK I 761 103.60 6.63 -52.19
N UNK I 762 103.12 7.86 -52.11
CA UNK I 762 104.06 8.94 -51.84
C UNK I 762 103.78 9.38 -50.41
N UNK I 763 104.82 9.83 -49.70
CA UNK I 763 104.67 10.32 -48.34
C UNK I 763 105.54 11.54 -48.13
N UNK I 764 105.23 12.31 -47.08
CA UNK I 764 105.96 13.54 -46.78
C UNK I 764 106.44 13.60 -45.33
N UNK I 765 107.61 14.21 -45.15
CA UNK I 765 108.21 14.38 -43.83
C UNK I 765 109.31 15.45 -43.86
N UNK I 766 111.58 17.81 -44.70
CA UNK I 766 111.83 18.46 -45.98
C UNK I 766 111.62 17.67 -47.25
N UNK I 767 111.16 16.43 -47.16
CA UNK I 767 111.03 15.68 -48.39
C UNK I 767 109.74 14.91 -48.62
N UNK I 768 109.51 14.62 -49.89
CA UNK I 768 108.38 13.83 -50.34
C UNK I 768 109.12 12.59 -50.80
N UNK I 769 108.60 11.41 -50.51
CA UNK I 769 109.26 10.16 -50.88
C UNK I 769 108.29 9.22 -51.58
N UNK I 770 108.76 8.59 -52.65
CA UNK I 770 107.93 7.66 -53.39
C UNK I 770 108.34 6.22 -53.13
N UNK I 771 107.42 5.46 -52.56
CA UNK I 771 107.67 4.07 -52.23
C UNK I 771 106.94 3.07 -53.11
N UNK I 772 107.55 1.90 -53.23
CA UNK I 772 106.98 0.83 -53.99
C UNK I 772 106.20 0.00 -52.97
N UNK I 773 104.88 0.04 -53.06
CA UNK I 773 104.00 -0.67 -52.12
C UNK I 773 104.40 -2.13 -51.87
N UNK I 774 107.83 -4.16 -52.98
CA UNK I 774 109.21 -4.23 -52.51
C UNK I 774 109.51 -3.31 -51.32
N UNK I 775 108.71 -2.25 -51.15
CA UNK I 775 108.93 -1.29 -50.07
C UNK I 775 110.18 -0.47 -50.37
N UNK I 776 110.50 -0.37 -51.65
CA UNK I 776 111.67 0.39 -52.05
C UNK I 776 111.37 1.85 -52.24
N UNK I 777 112.40 2.66 -52.04
CA UNK I 777 112.27 4.10 -52.20
C UNK I 777 112.53 4.41 -53.66
N UNK I 778 111.49 4.67 -54.42
CA UNK I 778 111.64 4.96 -55.84
C UNK I 778 111.98 6.41 -56.15
N UNK I 779 111.89 7.29 -55.16
CA UNK I 779 112.20 8.69 -55.41
C UNK I 779 112.28 9.54 -54.16
N UNK I 780 113.08 10.59 -54.25
CA UNK I 780 113.29 11.48 -53.12
C UNK I 780 113.51 12.90 -53.61
N UNK I 781 112.45 13.69 -53.68
CA UNK I 781 112.61 15.07 -54.09
C UNK I 781 112.73 15.89 -52.81
N UNK I 782 112.41 18.16 -54.53
CA UNK I 782 112.65 19.01 -53.38
C UNK I 782 111.90 20.30 -53.58
N UNK I 783 111.04 20.62 -52.63
CA UNK I 783 110.21 21.80 -52.72
C UNK I 783 110.86 23.08 -52.24
N UNK I 784 109.86 25.41 -47.09
CA UNK I 784 108.57 25.77 -46.49
C UNK I 784 108.08 24.41 -46.03
N UNK I 785 106.77 24.20 -45.98
CA UNK I 785 106.24 22.89 -45.59
C UNK I 785 104.98 22.54 -46.38
N UNK I 786 105.00 21.37 -47.00
CA UNK I 786 103.87 20.90 -47.78
C UNK I 786 102.69 20.76 -46.84
N UNK I 787 101.60 21.46 -47.17
CA UNK I 787 100.40 21.42 -46.33
C UNK I 787 99.44 20.28 -46.72
N UNK I 788 99.48 19.84 -47.97
CA UNK I 788 98.64 18.72 -48.41
C UNK I 788 99.03 18.24 -49.80
N UNK I 789 98.61 17.02 -50.15
CA UNK I 789 98.93 16.44 -51.45
C UNK I 789 98.00 15.31 -51.85
N UNK I 790 98.21 14.75 -53.04
CA UNK I 790 97.40 13.62 -53.49
C UNK I 790 98.05 13.04 -54.72
N UNK I 791 98.21 11.73 -54.68
CA UNK I 791 98.85 10.98 -55.73
C UNK I 791 97.81 10.50 -56.74
N UNK I 792 98.03 10.79 -58.01
CA UNK I 792 97.13 10.41 -59.08
C UNK I 792 97.14 8.89 -59.32
N UNK I 793 96.26 8.40 -60.19
CA UNK I 793 96.27 6.96 -60.44
C UNK I 793 96.97 6.66 -61.76
N UNK I 794 97.38 7.72 -62.45
CA UNK I 794 98.07 7.62 -63.74
C UNK I 794 99.20 8.64 -63.83
N UNK I 795 100.06 8.47 -64.82
CA UNK I 795 101.19 9.38 -65.05
C UNK I 795 102.02 9.69 -63.80
N UNK I 796 101.91 8.86 -62.76
CA UNK I 796 102.64 9.07 -61.50
C UNK I 796 102.52 10.53 -61.08
N UNK I 797 101.40 11.17 -61.40
CA UNK I 797 101.23 12.56 -61.04
C UNK I 797 100.90 12.71 -59.59
N UNK I 798 101.37 13.80 -59.01
CA UNK I 798 101.11 14.07 -57.62
C UNK I 798 100.85 15.56 -57.49
N UNK I 799 99.78 15.92 -56.79
CA UNK I 799 99.48 17.33 -56.60
C UNK I 799 99.67 17.64 -55.14
N UNK I 800 100.34 18.75 -54.88
CA UNK I 800 100.58 19.14 -53.51
C UNK I 800 100.34 20.62 -53.34
N UNK I 801 99.67 20.97 -52.25
CA UNK I 801 99.44 22.36 -51.95
C UNK I 801 100.74 22.66 -51.24
N UNK I 802 98.77 29.08 -50.52
CA UNK I 802 98.19 29.20 -51.85
C UNK I 802 99.00 28.82 -53.12
N UNK I 803 100.16 28.20 -52.94
CA UNK I 803 100.94 27.78 -54.10
C UNK I 803 100.55 26.35 -54.38
N UNK I 804 100.22 26.05 -55.62
CA UNK I 804 99.82 24.69 -55.95
C UNK I 804 100.59 24.22 -57.14
N UNK I 805 101.34 23.15 -56.98
CA UNK I 805 102.09 22.61 -58.10
C UNK I 805 101.96 21.11 -58.17
N UNK I 806 101.78 20.57 -59.37
CA UNK I 806 101.69 19.14 -59.50
C UNK I 806 103.00 18.65 -60.10
N UNK I 807 103.54 17.61 -59.48
CA UNK I 807 104.81 17.00 -59.86
C UNK I 807 104.67 15.64 -60.50
N UNK I 808 105.77 15.18 -61.06
CA UNK I 808 105.85 13.90 -61.73
C UNK I 808 106.82 13.02 -60.95
N UNK I 809 106.29 12.16 -60.08
CA UNK I 809 107.14 11.24 -59.32
C UNK I 809 107.78 10.40 -60.42
N UNK I 810 108.83 9.66 -60.11
CA UNK I 810 109.48 8.86 -61.15
C UNK I 810 110.38 9.76 -62.02
N UNK I 811 110.62 12.89 -61.05
CA UNK I 811 111.01 13.75 -59.93
C UNK I 811 111.17 15.21 -60.32
N UNK I 812 110.32 15.66 -61.25
CA UNK I 812 110.36 17.03 -61.74
C UNK I 812 109.00 17.73 -61.65
N UNK I 813 108.99 19.04 -61.47
CA UNK I 813 107.72 19.74 -61.45
C UNK I 813 107.19 19.77 -62.88
N UNK I 814 105.89 19.59 -63.02
CA UNK I 814 105.21 19.53 -64.30
C UNK I 814 104.38 20.78 -64.58
N UNK I 815 103.73 21.31 -63.56
CA UNK I 815 102.93 22.50 -63.75
C UNK I 815 102.74 23.34 -62.51
N UNK I 816 102.57 24.63 -62.73
CA UNK I 816 102.34 25.56 -61.64
C UNK I 816 100.87 25.91 -61.75
N UNK I 817 100.14 25.69 -60.68
CA UNK I 817 98.72 25.97 -60.68
C UNK I 817 98.43 27.18 -59.81
N UNK I 818 98.30 28.34 -60.45
CA UNK I 818 98.05 29.57 -59.74
C UNK I 818 96.55 29.84 -59.73
N UNK I 819 95.93 29.79 -58.56
CA UNK I 819 94.50 30.03 -58.48
C UNK I 819 94.03 30.74 -57.23
N UNK I 820 94.78 30.60 -56.14
CA UNK I 820 94.40 31.23 -54.88
C UNK I 820 95.46 32.22 -54.39
N UNK I 821 95.04 33.17 -53.56
CA UNK I 821 95.97 34.14 -52.98
C UNK I 821 95.78 34.08 -51.46
N UNK I 822 94.27 33.48 -51.08
CA UNK I 822 93.96 32.94 -49.77
C UNK I 822 94.39 31.49 -49.80
N UNK I 823 94.82 30.99 -48.66
CA UNK I 823 95.28 29.61 -48.48
C UNK I 823 94.68 28.49 -49.33
N UNK I 824 95.52 27.67 -49.95
CA UNK I 824 95.01 26.59 -50.80
C UNK I 824 95.16 25.30 -50.02
N UNK I 825 94.04 24.68 -49.68
CA UNK I 825 94.04 23.47 -48.88
C UNK I 825 94.27 22.21 -49.68
N UNK I 826 93.65 22.12 -50.84
CA UNK I 826 93.79 20.93 -51.63
C UNK I 826 93.93 21.21 -53.10
N UNK I 827 94.27 20.17 -53.85
CA UNK I 827 94.48 20.34 -55.26
C UNK I 827 94.65 18.96 -55.90
N UNK I 828 94.03 18.72 -57.05
CA UNK I 828 94.27 17.43 -57.69
C UNK I 828 93.87 17.31 -59.15
N UNK I 829 94.44 16.31 -59.80
CA UNK I 829 94.21 16.08 -61.21
C UNK I 829 92.92 15.35 -61.47
N UNK I 830 92.39 15.54 -62.67
CA UNK I 830 91.19 14.85 -63.09
C UNK I 830 91.72 13.45 -63.27
N UNK I 831 90.84 12.47 -63.49
CA UNK I 831 91.38 11.12 -63.64
C UNK I 831 92.31 10.91 -64.84
N UNK I 832 92.04 11.59 -65.97
CA UNK I 832 92.91 11.42 -67.13
C UNK I 832 94.06 12.40 -67.05
N UNK I 833 94.12 13.10 -65.92
CA UNK I 833 95.16 14.08 -65.70
C UNK I 833 95.15 15.20 -66.72
N UNK I 834 94.03 15.35 -67.43
CA UNK I 834 93.94 16.39 -68.43
C UNK I 834 93.69 17.74 -67.79
N UNK I 835 93.20 17.72 -66.57
CA UNK I 835 92.94 18.98 -65.89
C UNK I 835 93.08 18.75 -64.39
N UNK I 836 93.06 19.83 -63.61
CA UNK I 836 93.17 19.72 -62.16
C UNK I 836 92.32 20.79 -61.48
N UNK I 837 91.99 20.57 -60.22
CA UNK I 837 91.17 21.53 -59.49
C UNK I 837 91.95 22.09 -58.32
N UNK I 838 91.55 23.27 -57.88
CA UNK I 838 92.20 23.96 -56.76
C UNK I 838 91.14 24.27 -55.71
N UNK I 839 91.38 23.90 -54.46
CA UNK I 839 90.42 24.18 -53.38
C UNK I 839 91.02 25.10 -52.32
N UNK I 840 90.37 26.23 -52.03
CA UNK I 840 90.94 27.13 -51.07
C UNK I 840 90.06 27.79 -50.01
N UNK I 841 90.75 28.54 -49.17
CA UNK I 841 90.17 29.26 -48.06
C UNK I 841 89.31 30.42 -48.54
N UNK I 842 89.57 30.89 -49.75
CA UNK I 842 88.76 31.96 -50.32
C UNK I 842 87.46 31.32 -50.77
N UNK I 843 87.16 30.17 -50.15
CA UNK I 843 85.97 29.37 -50.40
C UNK I 843 85.58 29.17 -51.86
N UNK I 844 86.58 29.01 -52.72
CA UNK I 844 86.28 28.76 -54.11
C UNK I 844 86.97 27.49 -54.55
N UNK I 845 86.51 26.95 -55.66
CA UNK I 845 87.07 25.75 -56.23
C UNK I 845 87.24 26.11 -57.68
N UNK I 846 88.45 26.01 -58.22
CA UNK I 846 88.68 26.36 -59.60
C UNK I 846 89.23 25.20 -60.42
N UNK I 847 88.70 25.03 -61.63
CA UNK I 847 89.16 23.96 -62.49
C UNK I 847 90.07 24.52 -63.55
N UNK I 848 91.22 23.85 -63.70
CA UNK I 848 92.22 24.25 -64.67
C UNK I 848 92.48 23.12 -65.64
N UNK I 849 92.92 23.48 -66.84
CA UNK I 849 93.26 22.48 -67.84
C UNK I 849 94.77 22.51 -67.95
N UNK I 850 95.41 21.41 -67.57
CA UNK I 850 96.86 21.26 -67.58
C UNK I 850 97.54 21.79 -68.82
N UNK I 851 97.21 21.21 -69.97
CA UNK I 851 97.80 21.63 -71.23
C UNK I 851 97.96 23.16 -71.27
N UNK I 852 96.84 23.88 -71.25
CA UNK I 852 96.85 25.34 -71.30
C UNK I 852 97.67 25.99 -70.20
N UNK I 853 97.73 25.41 -69.02
CA UNK I 853 98.48 25.99 -67.91
C UNK I 853 99.99 25.84 -68.07
N UNK I 854 100.43 24.69 -68.57
CA UNK I 854 101.85 24.41 -68.75
C UNK I 854 102.49 25.15 -69.91
N UNK I 855 101.68 25.66 -70.83
CA UNK I 855 102.22 26.38 -71.96
C UNK I 855 103.02 27.56 -71.43
N UNK I 856 104.18 27.77 -72.03
CA UNK I 856 105.05 28.86 -71.65
C UNK I 856 104.35 30.18 -71.93
N UNK I 857 109.97 32.46 -67.21
CA UNK I 857 109.39 33.66 -67.78
C UNK I 857 109.30 34.81 -66.78
N UNK I 858 109.15 36.00 -67.36
CA UNK I 858 109.06 37.25 -66.62
C UNK I 858 107.62 37.59 -66.27
N UNK I 859 106.72 36.66 -66.49
CA UNK I 859 105.34 36.96 -66.17
C UNK I 859 105.17 37.07 -64.66
N UNK I 860 105.83 36.21 -63.90
CA UNK I 860 105.74 36.27 -62.44
C UNK I 860 107.10 36.58 -61.82
N UNK I 861 107.15 37.63 -61.02
CA UNK I 861 108.40 38.02 -60.39
C UNK I 861 108.14 38.08 -58.91
N UNK I 862 109.20 38.40 -58.17
CA UNK I 862 109.13 38.53 -56.73
C UNK I 862 108.90 40.02 -56.54
N UNK I 863 108.76 40.46 -55.30
CA UNK I 863 108.53 41.88 -55.08
C UNK I 863 109.85 42.69 -54.93
N UNK I 864 110.96 41.99 -55.11
CA UNK I 864 112.24 42.63 -55.05
C UNK I 864 112.61 43.06 -56.46
N UNK I 865 112.38 44.34 -56.75
CA UNK I 865 112.65 44.90 -58.06
C UNK I 865 113.17 46.32 -57.95
N UNK I 866 113.77 46.80 -59.03
CA UNK I 866 114.26 48.16 -59.08
C UNK I 866 113.93 48.72 -60.46
N UNK I 867 113.49 49.98 -60.47
CA UNK I 867 113.07 50.66 -61.69
C UNK I 867 113.88 51.90 -62.06
N UNK I 868 114.06 52.11 -63.35
CA UNK I 868 114.79 53.27 -63.86
C UNK I 868 113.99 53.94 -64.96
N UNK I 869 113.37 55.07 -64.63
CA UNK I 869 112.56 55.84 -65.58
C UNK I 869 113.45 56.71 -66.47
N UNK I 870 113.77 56.22 -67.68
CA UNK I 870 114.61 56.98 -68.57
C UNK I 870 113.87 57.66 -69.73
N UNK I 871 111.29 55.83 -72.07
CA UNK I 871 110.81 54.54 -71.58
C UNK I 871 111.11 54.22 -70.10
N UNK I 872 110.56 53.10 -69.63
CA UNK I 872 110.76 52.65 -68.25
C UNK I 872 111.51 51.32 -68.23
N UNK I 873 112.35 51.14 -67.22
CA UNK I 873 113.15 49.92 -67.08
C UNK I 873 112.99 49.28 -65.70
N UNK I 874 112.63 48.00 -65.70
CA UNK I 874 112.45 47.26 -64.47
C UNK I 874 113.34 46.01 -64.43
N UNK I 875 114.16 45.92 -63.38
CA UNK I 875 115.05 44.78 -63.20
C UNK I 875 114.38 44.06 -62.03
N UNK I 876 114.14 42.77 -62.17
CA UNK I 876 113.47 42.08 -61.09
C UNK I 876 113.96 40.69 -60.80
N UNK I 877 113.86 40.30 -59.53
CA UNK I 877 114.25 38.98 -59.07
C UNK I 877 113.18 37.99 -59.53
N UNK I 878 113.55 37.06 -60.41
CA UNK I 878 112.56 36.10 -60.90
C UNK I 878 111.93 35.29 -59.76
N UNK I 879 110.68 34.89 -59.96
CA UNK I 879 109.94 34.11 -58.97
C UNK I 879 110.57 32.73 -58.71
N UNK I 880 116.97 36.79 -62.44
CA UNK I 880 116.34 38.09 -62.48
C UNK I 880 116.08 38.48 -63.92
N UNK I 881 115.03 39.26 -64.12
CA UNK I 881 114.62 39.70 -65.44
C UNK I 881 114.88 41.18 -65.70
N UNK I 882 115.37 41.49 -66.88
CA UNK I 882 115.60 42.87 -67.25
C UNK I 882 114.38 43.21 -68.10
N UNK I 883 113.34 43.70 -67.44
CA UNK I 883 112.08 44.05 -68.10
C UNK I 883 112.03 45.50 -68.56
N UNK I 884 111.82 45.70 -69.86
CA UNK I 884 111.72 47.03 -70.42
C UNK I 884 110.24 47.33 -70.67
N UNK I 885 109.63 48.10 -69.77
CA UNK I 885 108.23 48.44 -69.93
C UNK I 885 108.07 49.17 -71.24
N UNK I 886 106.90 49.11 -71.86
CA UNK I 886 106.69 49.76 -73.15
C UNK I 886 107.55 48.99 -74.17
N UNK I 887 110.63 43.07 -74.64
CA UNK I 887 112.07 42.98 -74.34
C UNK I 887 112.43 42.53 -72.93
N UNK I 888 112.24 41.24 -72.68
CA UNK I 888 112.56 40.64 -71.41
C UNK I 888 113.85 39.84 -71.57
N UNK I 889 114.84 40.17 -70.77
CA UNK I 889 116.13 39.51 -70.82
C UNK I 889 116.47 38.87 -69.50
N UNK I 890 116.63 37.54 -69.58
CA UNK I 890 116.92 36.70 -68.43
C UNK I 890 118.39 36.56 -68.13
N UNK I 891 118.69 36.51 -66.84
CA UNK I 891 120.03 36.36 -66.34
C UNK I 891 119.91 35.32 -65.23
N UNK I 892 120.32 34.09 -65.49
CA UNK I 892 120.26 33.02 -64.50
C UNK I 892 121.18 33.28 -63.33
N UNK I 893 120.90 32.65 -62.19
CA UNK I 893 121.75 32.83 -61.02
C UNK I 893 121.26 32.05 -59.82
N UNK I 894 118.86 34.84 -56.48
CA UNK I 894 119.23 36.08 -55.85
C UNK I 894 118.20 36.44 -54.79
N UNK I 895 118.51 37.44 -53.98
CA UNK I 895 117.60 37.88 -52.93
C UNK I 895 117.23 39.35 -53.06
N UNK I 896 117.97 40.07 -53.89
CA UNK I 896 117.68 41.49 -54.07
C UNK I 896 118.33 41.98 -55.35
N UNK I 897 117.73 42.98 -55.96
CA UNK I 897 118.24 43.49 -57.20
C UNK I 897 118.82 44.89 -57.08
N UNK I 898 119.40 45.37 -58.18
CA UNK I 898 120.01 46.69 -58.21
C UNK I 898 120.38 47.10 -59.64
N UNK I 899 120.04 48.34 -60.01
CA UNK I 899 120.36 48.85 -61.35
C UNK I 899 121.26 50.07 -61.26
N UNK I 900 122.34 50.06 -62.03
CA UNK I 900 123.28 51.18 -62.04
C UNK I 900 122.79 52.20 -63.01
N UNK I 901 122.47 53.42 -62.54
CA UNK I 901 121.99 54.42 -63.51
C UNK I 901 122.90 54.38 -64.73
N UNK I 902 125.17 47.97 -66.09
CA UNK I 902 125.54 47.10 -64.97
C UNK I 902 124.33 46.80 -64.11
N UNK I 903 124.23 45.56 -63.62
CA UNK I 903 123.15 45.18 -62.72
C UNK I 903 123.84 44.45 -61.58
N UNK I 904 123.36 44.60 -60.37
CA UNK I 904 123.98 43.93 -59.25
C UNK I 904 122.93 43.17 -58.44
N UNK I 905 123.35 42.13 -57.74
CA UNK I 905 122.37 41.41 -56.94
C UNK I 905 122.82 40.76 -55.65
N UNK I 906 121.87 40.66 -54.74
CA UNK I 906 122.10 40.05 -53.45
C UNK I 906 121.99 38.55 -53.57
N UNK I 907 122.41 37.84 -52.54
CA UNK I 907 122.40 36.40 -52.57
C UNK I 907 121.89 35.86 -51.26
N UNK I 908 121.34 34.64 -51.29
CA UNK I 908 120.80 34.01 -50.09
C UNK I 908 121.93 33.77 -49.08
N UNK I 909 126.45 36.37 -50.96
CA UNK I 909 127.25 36.76 -52.12
C UNK I 909 126.78 38.05 -52.80
N UNK I 910 127.72 38.75 -53.43
CA UNK I 910 127.42 39.99 -54.15
C UNK I 910 128.03 39.90 -55.55
N UNK I 911 127.28 40.26 -56.58
CA UNK I 911 127.80 40.19 -57.94
C UNK I 911 127.32 41.29 -58.87
N UNK I 912 128.22 41.82 -59.67
CA UNK I 912 127.87 42.84 -60.63
C UNK I 912 127.99 42.15 -61.97
N UNK I 913 127.01 42.36 -62.84
CA UNK I 913 127.06 41.79 -64.17
C UNK I 913 127.04 42.99 -65.08
N UNK I 914 127.81 42.95 -66.16
CA UNK I 914 127.82 44.09 -67.06
C UNK I 914 127.01 43.78 -68.31
N UNK I 915 125.88 44.48 -68.42
CA UNK I 915 124.95 44.30 -69.53
C UNK I 915 125.52 44.47 -70.94
N UNK I 916 126.26 45.55 -71.21
CA UNK I 916 126.82 45.71 -72.55
C UNK I 916 127.32 44.37 -73.07
N UNK I 917 127.83 43.56 -72.16
CA UNK I 917 128.35 42.26 -72.50
C UNK I 917 127.34 41.15 -72.17
N UNK I 918 130.46 38.59 -68.73
CA UNK I 918 131.57 38.98 -67.85
C UNK I 918 131.06 39.79 -66.65
N UNK I 919 131.32 39.27 -65.45
CA UNK I 919 130.88 39.92 -64.22
C UNK I 919 131.94 39.66 -63.15
N UNK I 920 131.59 39.97 -61.90
CA UNK I 920 132.54 40.05 -60.81
C UNK I 920 131.89 39.63 -59.47
N UNK I 921 132.70 39.15 -58.53
CA UNK I 921 132.19 38.72 -57.22
C UNK I 921 132.97 39.29 -56.05
N UNK I 922 132.39 40.28 -55.38
CA UNK I 922 133.07 40.89 -54.25
C UNK I 922 132.77 40.24 -52.91
N UNK I 923 133.71 39.43 -52.43
CA UNK I 923 133.60 38.68 -51.16
C UNK I 923 133.13 39.34 -49.86
N UNK I 924 120.10 41.94 -48.13
CA UNK I 924 118.86 42.70 -48.15
C UNK I 924 118.94 43.84 -49.15
N UNK I 925 118.93 45.08 -48.68
CA UNK I 925 119.01 46.21 -49.59
C UNK I 925 120.37 46.19 -50.31
N UNK I 926 120.47 46.76 -51.53
CA UNK I 926 121.74 46.81 -52.30
C UNK I 926 121.71 47.89 -53.37
N UNK I 927 122.63 48.85 -53.30
CA UNK I 927 122.61 49.93 -54.28
C UNK I 927 123.97 50.40 -54.81
N UNK I 928 123.95 51.05 -55.96
CA UNK I 928 125.15 51.59 -56.60
C UNK I 928 125.33 53.01 -56.11
N UNK I 929 126.54 53.55 -56.24
CA UNK I 929 126.81 54.91 -55.81
C UNK I 929 126.28 55.80 -56.92
N UNK I 930 126.17 57.10 -56.63
CA UNK I 930 125.71 58.05 -57.65
C UNK I 930 126.36 57.66 -58.99
N UNK I 931 129.55 49.75 -54.51
CA UNK I 931 128.26 49.13 -54.22
C UNK I 931 127.96 49.03 -52.74
N UNK I 932 127.10 49.90 -52.23
CA UNK I 932 126.74 49.79 -50.83
C UNK I 932 125.71 48.66 -50.70
N UNK I 933 125.84 47.86 -49.66
CA UNK I 933 124.92 46.76 -49.46
C UNK I 933 124.80 46.41 -48.01
N UNK I 934 123.60 45.98 -47.61
CA UNK I 934 123.36 45.61 -46.23
C UNK I 934 122.77 44.21 -46.19
N UNK I 935 122.92 43.59 -45.03
CA UNK I 935 122.37 42.28 -44.78
C UNK I 935 121.71 42.31 -43.42
N UNK I 936 121.48 41.11 -42.88
CA UNK I 936 120.76 40.95 -41.63
C UNK I 936 121.66 41.03 -40.40
N UNK I 937 122.72 41.83 -40.49
CA UNK I 937 123.65 42.03 -39.38
C UNK I 937 123.99 43.53 -39.31
N UNK I 938 124.91 43.93 -38.43
CA UNK I 938 125.22 45.36 -38.27
C UNK I 938 126.29 46.05 -39.14
N UNK I 939 126.85 45.36 -40.12
CA UNK I 939 127.84 46.00 -40.95
C UNK I 939 127.25 46.37 -42.32
N UNK I 940 127.74 47.45 -42.93
CA UNK I 940 127.26 47.85 -44.25
C UNK I 940 128.41 47.85 -45.27
N UNK I 941 128.53 46.81 -46.06
CA UNK I 941 129.60 46.72 -47.04
C UNK I 941 129.64 47.80 -48.11
N UNK I 942 130.77 48.50 -48.20
CA UNK I 942 130.96 49.54 -49.22
C UNK I 942 132.06 49.09 -50.16
N UNK I 943 131.70 48.14 -51.03
CA UNK I 943 132.63 47.55 -51.99
C UNK I 943 132.85 48.38 -53.23
N UNK I 944 133.90 49.17 -53.20
CA UNK I 944 134.25 50.00 -54.34
C UNK I 944 134.87 49.06 -55.38
N UNK I 945 134.01 48.28 -56.03
CA UNK I 945 134.44 47.35 -57.07
C UNK I 945 135.26 48.12 -58.12
N UNK I 946 138.73 47.58 -53.51
CA UNK I 946 138.76 48.20 -52.20
C UNK I 946 137.46 47.97 -51.45
N UNK I 947 137.52 48.05 -50.13
CA UNK I 947 136.36 47.86 -49.29
C UNK I 947 136.38 48.83 -48.15
N UNK I 948 135.19 49.30 -47.78
CA UNK I 948 135.04 50.20 -46.67
C UNK I 948 133.91 49.58 -45.88
N UNK I 949 134.18 49.25 -44.62
CA UNK I 949 133.18 48.61 -43.78
C UNK I 949 132.66 49.58 -42.74
N UNK I 950 131.36 49.49 -42.48
CA UNK I 950 130.74 50.37 -41.50
C UNK I 950 130.18 49.52 -40.36
N UNK I 951 131.01 49.29 -39.33
CA UNK I 951 130.59 48.50 -38.18
C UNK I 951 129.71 49.34 -37.29
N UNK I 952 128.42 49.32 -37.61
CA UNK I 952 127.43 50.09 -36.87
C UNK I 952 127.34 49.58 -35.45
N UNK I 953 127.73 48.33 -35.25
CA UNK I 953 127.70 47.70 -33.94
C UNK I 953 126.26 47.78 -33.39
N UNK I 954 122.27 46.51 -34.18
CA UNK I 954 121.81 45.14 -34.03
C UNK I 954 121.71 44.57 -35.44
N UNK I 955 121.05 45.34 -36.31
CA UNK I 955 120.87 44.98 -37.71
C UNK I 955 120.44 46.26 -38.43
N UNK I 956 121.05 46.51 -39.59
CA UNK I 956 120.71 47.66 -40.37
C UNK I 956 119.33 47.40 -40.97
N UNK I 957 118.33 48.14 -40.51
CA UNK I 957 116.97 47.97 -41.03
C UNK I 957 117.07 48.25 -42.52
N UNK I 958 117.67 49.38 -42.86
CA UNK I 958 117.86 49.76 -44.25
C UNK I 958 118.72 51.00 -44.34
N UNK I 959 118.96 51.47 -45.56
CA UNK I 959 119.80 52.64 -45.75
C UNK I 959 119.48 53.27 -47.08
N UNK I 960 120.16 54.37 -47.37
CA UNK I 960 119.98 55.06 -48.64
C UNK I 960 121.11 56.07 -48.85
N UNK I 961 121.56 56.16 -50.10
CA UNK I 961 122.63 57.09 -50.44
C UNK I 961 122.23 58.48 -49.99
N UNK I 962 123.18 59.40 -50.00
CA UNK I 962 122.90 60.76 -49.59
C UNK I 962 123.71 61.73 -50.44
N UNK I 963 128.83 61.57 -51.11
CA UNK I 963 129.43 60.36 -50.55
C UNK I 963 129.00 60.08 -49.10
N UNK I 964 128.05 60.86 -48.61
CA UNK I 964 127.53 60.65 -47.27
C UNK I 964 126.37 59.64 -47.42
N UNK I 965 126.11 58.83 -46.39
CA UNK I 965 125.05 57.82 -46.47
C UNK I 965 124.24 57.64 -45.18
N UNK I 966 122.93 57.86 -45.28
CA UNK I 966 122.02 57.75 -44.16
C UNK I 966 121.69 56.29 -43.83
N UNK I 967 121.72 55.93 -42.55
CA UNK I 967 121.47 54.56 -42.14
C UNK I 967 120.72 54.43 -40.83
N UNK I 968 119.79 53.48 -40.78
CA UNK I 968 118.98 53.22 -39.60
C UNK I 968 118.88 51.73 -39.33
N UNK I 969 119.10 51.37 -38.07
CA UNK I 969 119.02 49.97 -37.65
C UNK I 969 117.79 49.94 -36.80
N UNK I 970 117.43 48.76 -36.30
CA UNK I 970 116.27 48.73 -35.44
C UNK I 970 116.68 48.71 -33.98
N UNK I 971 117.37 49.79 -33.62
CA UNK I 971 117.86 50.08 -32.27
C UNK I 971 117.57 51.56 -32.02
N UNK I 972 116.61 52.08 -32.77
CA UNK I 972 116.20 53.46 -32.65
C UNK I 972 117.24 54.43 -33.17
N UNK I 973 118.39 53.88 -33.55
CA UNK I 973 119.49 54.69 -34.05
C UNK I 973 119.45 54.94 -35.54
N UNK I 974 119.89 56.14 -35.90
CA UNK I 974 119.98 56.60 -37.28
C UNK I 974 121.35 57.23 -37.37
N UNK I 975 122.16 56.80 -38.32
CA UNK I 975 123.48 57.40 -38.42
C UNK I 975 123.73 58.04 -39.78
N UNK I 976 124.78 58.85 -39.87
CA UNK I 976 125.16 59.54 -41.12
C UNK I 976 126.60 59.23 -41.52
N UNK I 977 126.86 57.99 -41.96
CA UNK I 977 128.20 57.57 -42.35
C UNK I 977 128.76 58.34 -43.53
N UNK I 978 130.08 58.24 -43.68
CA UNK I 978 130.80 58.87 -44.76
C UNK I 978 131.46 57.71 -45.49
N UNK I 979 131.21 57.57 -46.78
CA UNK I 979 131.86 56.48 -47.50
C UNK I 979 133.27 56.99 -47.78
N UNK I 980 133.29 56.63 -41.46
CA UNK I 980 133.29 57.44 -40.26
C UNK I 980 131.91 57.98 -39.91
N UNK I 981 131.42 57.58 -38.74
CA UNK I 981 130.12 57.99 -38.24
C UNK I 981 130.10 59.46 -37.87
N UNK I 982 129.85 60.31 -38.86
CA UNK I 982 129.77 61.73 -38.61
C UNK I 982 128.67 61.99 -37.57
N UNK I 983 127.42 61.68 -37.92
CA UNK I 983 126.29 61.87 -37.01
C UNK I 983 125.74 60.55 -36.49
N UNK I 984 125.13 60.62 -35.31
CA UNK I 984 124.56 59.44 -34.66
C UNK I 984 123.43 59.85 -33.72
N UNK I 985 122.21 59.40 -34.01
CA UNK I 985 121.03 59.74 -33.19
C UNK I 985 120.40 58.48 -32.59
N UNK I 986 119.61 58.68 -31.54
CA UNK I 986 118.87 57.58 -30.91
C UNK I 986 117.45 58.15 -30.84
N UNK I 987 116.88 58.37 -32.04
CA UNK I 987 115.56 58.95 -32.22
C UNK I 987 114.32 58.09 -31.90
N UNK I 988 114.51 56.85 -31.46
CA UNK I 988 113.39 55.98 -31.11
C UNK I 988 113.89 54.90 -30.17
N UNK I 989 113.02 54.40 -29.29
CA UNK I 989 113.42 53.36 -28.36
C UNK I 989 113.09 51.99 -28.90
N UNK I 990 110.85 53.13 -41.63
CA UNK I 990 111.31 53.92 -42.78
C UNK I 990 111.53 55.38 -42.37
N UNK I 991 112.40 56.07 -43.09
CA UNK I 991 112.68 57.46 -42.77
C UNK I 991 113.32 58.07 -44.02
N UNK I 992 112.88 59.25 -44.41
CA UNK I 992 113.42 59.88 -45.62
C UNK I 992 113.96 61.27 -45.37
N UNK I 993 114.64 61.81 -46.38
CA UNK I 993 115.22 63.14 -46.30
C UNK I 993 114.31 64.15 -46.99
N UNK I 994 114.56 65.42 -46.70
CA UNK I 994 113.78 66.50 -47.27
C UNK I 994 114.24 66.82 -48.68
N UNK I 995 118.30 69.65 -47.24
CA UNK I 995 118.54 68.43 -46.49
C UNK I 995 118.44 68.87 -45.06
N UNK I 996 118.04 70.11 -44.88
CA UNK I 996 117.89 70.66 -43.54
C UNK I 996 117.08 69.68 -42.70
N UNK I 997 116.20 68.94 -43.37
CA UNK I 997 115.33 67.99 -42.68
C UNK I 997 115.45 66.53 -43.17
N UNK I 998 115.28 65.59 -42.24
CA UNK I 998 115.33 64.16 -42.54
C UNK I 998 114.61 63.46 -41.40
N UNK I 999 113.36 63.06 -41.63
CA UNK I 999 112.60 62.42 -40.56
C UNK I 999 112.52 60.93 -40.59
N UNK I 1000 112.06 60.38 -39.47
CA UNK I 1000 111.91 58.95 -39.24
C UNK I 1000 110.47 58.54 -39.05
N UNK I 1001 110.30 57.24 -38.76
CA UNK I 1001 109.01 56.61 -38.53
C UNK I 1001 109.38 55.30 -37.90
N UNK I 1002 108.77 54.94 -36.78
CA UNK I 1002 109.16 53.68 -36.15
C UNK I 1002 108.26 53.26 -35.02
N UNK I 1003 105.51 56.84 -33.38
CA UNK I 1003 105.17 58.06 -34.10
C UNK I 1003 106.16 58.33 -35.21
N UNK I 1004 106.21 59.58 -35.65
CA UNK I 1004 107.13 60.00 -36.71
C UNK I 1004 107.91 61.24 -36.29
N UNK I 1005 108.97 61.02 -35.51
CA UNK I 1005 109.84 62.09 -35.03
C UNK I 1005 110.63 62.66 -36.20
N UNK I 1006 110.52 63.97 -36.42
CA UNK I 1006 111.20 64.64 -37.51
C UNK I 1006 112.31 65.58 -37.01
N UNK I 1007 113.48 65.54 -37.64
CA UNK I 1007 114.56 66.43 -37.22
C UNK I 1007 115.41 67.11 -38.30
N UNK I 1008 116.53 67.72 -37.86
CA UNK I 1008 117.45 68.48 -38.73
C UNK I 1008 118.92 68.06 -38.88
N UNK I 1009 112.93 67.58 -33.57
CA UNK I 1009 112.27 68.88 -33.63
C UNK I 1009 110.89 68.74 -32.97
N UNK I 1010 110.15 67.69 -33.32
CA UNK I 1010 108.84 67.44 -32.70
C UNK I 1010 108.23 66.07 -32.94
N UNK I 1011 107.83 65.41 -31.85
CA UNK I 1011 107.21 64.09 -31.88
C UNK I 1011 105.76 64.21 -32.36
N UNK I 1012 105.40 63.40 -33.37
CA UNK I 1012 104.05 63.39 -33.96
C UNK I 1012 103.27 62.14 -33.59
N UNK I 1013 102.82 62.05 -32.34
CA UNK I 1013 102.09 60.87 -31.88
C UNK I 1013 100.65 60.75 -32.40
N UNK I 1014 100.48 60.89 -33.71
CA UNK I 1014 99.15 60.79 -34.29
C UNK I 1014 98.64 59.36 -34.50
N UNK I 1015 99.36 58.59 -35.32
CA UNK I 1015 98.97 57.22 -35.65
C UNK I 1015 98.76 56.29 -34.46
N UNK I 1016 97.71 55.47 -34.54
CA UNK I 1016 97.40 54.53 -33.47
C UNK I 1016 97.91 53.14 -33.86
N UNK I 1017 100.79 52.54 -35.86
CA UNK I 1017 102.27 52.60 -35.90
C UNK I 1017 102.78 52.92 -37.31
N UNK I 1018 103.54 54.01 -37.42
CA UNK I 1018 104.07 54.42 -38.71
C UNK I 1018 104.97 53.38 -39.34
N UNK I 1019 104.98 53.36 -40.67
CA UNK I 1019 105.78 52.41 -41.41
C UNK I 1019 106.42 53.03 -42.64
N UNK I 1020 106.06 54.28 -42.93
CA UNK I 1020 106.64 54.98 -44.07
C UNK I 1020 106.34 56.47 -44.01
N UNK I 1021 106.97 57.25 -44.88
CA UNK I 1021 106.75 58.69 -44.92
C UNK I 1021 107.56 59.37 -46.00
N UNK I 1022 107.18 60.59 -46.33
CA UNK I 1022 107.88 61.36 -47.35
C UNK I 1022 107.64 62.86 -47.16
N UNK I 1023 108.58 63.65 -47.67
CA UNK I 1023 108.50 65.09 -47.57
C UNK I 1023 107.98 65.67 -48.87
N UNK I 1024 107.13 66.69 -48.78
CA UNK I 1024 106.60 67.33 -49.97
C UNK I 1024 107.81 67.90 -50.68
N UNK I 1025 107.83 67.83 -52.02
CA UNK I 1025 108.95 68.34 -52.79
C UNK I 1025 109.14 69.83 -52.45
N UNK I 1026 105.26 69.71 -46.06
CA UNK I 1026 104.50 68.60 -45.51
C UNK I 1026 105.28 67.30 -45.44
N UNK I 1027 104.86 66.45 -44.51
CA UNK I 1027 105.46 65.16 -44.28
C UNK I 1027 104.31 64.18 -44.01
N UNK I 1028 103.99 63.37 -45.02
CA UNK I 1028 102.92 62.37 -44.91
C UNK I 1028 103.50 61.09 -44.33
N UNK I 1029 102.76 60.50 -43.40
CA UNK I 1029 103.23 59.28 -42.76
C UNK I 1029 102.31 58.07 -42.93
N UNK I 1030 102.92 56.90 -43.09
CA UNK I 1030 102.18 55.68 -43.31
C UNK I 1030 101.89 54.89 -42.05
N UNK I 1031 100.60 54.65 -41.83
CA UNK I 1031 100.11 53.91 -40.68
C UNK I 1031 100.04 52.42 -40.95
N UNK I 1032 100.28 51.64 -39.90
CA UNK I 1032 100.25 50.20 -40.00
C UNK I 1032 98.81 49.72 -40.15
N UNK I 1033 97.87 50.64 -39.96
CA UNK I 1033 96.44 50.31 -40.09
C UNK I 1033 95.77 51.19 -41.13
N UNK I 1034 96.32 51.19 -42.32
CA UNK I 1034 95.75 51.96 -43.41
C UNK I 1034 95.51 53.43 -43.15
N UNK I 1035 95.92 53.93 -41.99
CA UNK I 1035 95.75 55.34 -41.68
C UNK I 1035 96.88 56.11 -42.35
N UNK I 1036 96.75 57.42 -42.42
CA UNK I 1036 97.78 58.21 -43.05
C UNK I 1036 97.31 59.59 -42.64
N UNK I 1037 98.16 60.27 -41.87
CA UNK I 1037 97.98 61.68 -41.53
C UNK I 1037 99.00 62.52 -42.28
N UNK I 1038 98.61 63.73 -42.63
CA UNK I 1038 99.51 64.65 -43.30
C UNK I 1038 99.95 65.59 -42.18
N UNK I 1039 101.24 65.91 -42.13
CA UNK I 1039 101.75 66.81 -41.12
C UNK I 1039 102.42 67.98 -41.84
N UNK I 1040 102.69 69.06 -41.13
CA UNK I 1040 103.33 70.24 -41.74
C UNK I 1040 104.74 70.56 -41.25
N UNK I 1041 96.06 67.49 -41.52
CA UNK I 1041 94.84 66.71 -41.70
C UNK I 1041 95.14 65.21 -41.77
N UNK I 1042 94.24 64.40 -41.24
CA UNK I 1042 94.40 62.95 -41.23
C UNK I 1042 93.57 62.17 -42.27
N UNK I 1043 93.71 62.50 -43.55
CA UNK I 1043 92.97 61.79 -44.59
C UNK I 1043 93.33 60.31 -44.53
N UNK I 1044 92.46 59.48 -43.97
CA UNK I 1044 92.74 58.05 -43.88
C UNK I 1044 91.55 57.11 -43.62
N UNK I 1045 90.69 56.90 -44.64
CA UNK I 1045 89.52 56.03 -44.51
C UNK I 1045 89.88 54.55 -44.34
N UNK I 1046 97.93 47.76 -43.98
CA UNK I 1046 99.19 48.47 -44.07
C UNK I 1046 99.12 49.61 -45.08
N UNK I 1047 100.16 50.44 -45.08
CA UNK I 1047 100.35 51.56 -45.99
C UNK I 1047 101.87 51.62 -46.07
N UNK I 1048 102.44 50.82 -46.94
CA UNK I 1048 103.88 50.73 -47.04
C UNK I 1048 104.58 51.77 -47.91
N UNK I 1049 103.94 52.88 -48.22
CA UNK I 1049 104.62 53.85 -49.06
C UNK I 1049 103.77 55.08 -49.38
N UNK I 1050 104.44 56.20 -49.60
CA UNK I 1050 103.79 57.46 -49.96
C UNK I 1050 104.74 58.25 -50.85
N UNK I 1051 104.24 59.32 -51.44
CA UNK I 1051 105.04 60.16 -52.31
C UNK I 1051 104.16 61.34 -52.68
N UNK I 1052 104.68 62.55 -52.48
CA UNK I 1052 103.99 63.73 -52.92
C UNK I 1052 104.30 63.91 -54.39
N UNK I 1053 103.50 64.73 -55.06
CA UNK I 1053 103.68 65.00 -56.48
C UNK I 1053 104.58 66.23 -56.62
N UNK I 1054 105.13 66.48 -57.81
CA UNK I 1054 105.95 67.68 -57.85
C UNK I 1054 105.10 68.84 -57.35
N UNK I 1055 103.97 69.07 -58.01
CA UNK I 1055 103.02 70.13 -57.65
C UNK I 1055 102.72 70.26 -56.15
N UNK I 1056 103.13 69.28 -55.37
CA UNK I 1056 102.91 69.30 -53.91
C UNK I 1056 101.41 69.32 -53.55
N UNK I 1057 100.58 68.74 -54.40
CA UNK I 1057 99.13 68.72 -54.17
C UNK I 1057 98.52 67.30 -54.11
N UNK I 1058 98.99 66.43 -55.00
CA UNK I 1058 98.49 65.05 -55.05
C UNK I 1058 99.45 64.11 -54.33
N UNK I 1059 98.92 63.36 -53.37
CA UNK I 1059 99.73 62.40 -52.63
C UNK I 1059 99.34 60.99 -53.07
N UNK I 1060 100.33 60.22 -53.57
CA UNK I 1060 100.07 58.85 -53.99
C UNK I 1060 100.38 57.89 -52.85
N UNK I 1061 99.51 56.89 -52.67
CA UNK I 1061 99.65 55.94 -51.58
C UNK I 1061 99.66 54.48 -52.07
N UNK I 1062 100.31 53.60 -51.32
CA UNK I 1062 100.37 52.19 -51.69
C UNK I 1062 100.45 51.29 -50.47
N UNK I 1063 96.66 48.31 -51.92
CA UNK I 1063 96.45 48.76 -53.30
C UNK I 1063 96.86 50.22 -53.38
N UNK I 1064 96.95 50.73 -54.60
CA UNK I 1064 97.32 52.12 -54.82
C UNK I 1064 96.09 52.99 -54.52
N UNK I 1065 96.31 54.28 -54.23
CA UNK I 1065 95.19 55.16 -53.90
C UNK I 1065 95.72 56.58 -53.86
N UNK I 1066 95.21 57.44 -54.74
CA UNK I 1066 95.62 58.83 -54.79
C UNK I 1066 94.76 59.73 -53.91
N UNK I 1067 95.32 60.85 -53.46
CA UNK I 1067 94.59 61.78 -52.60
C UNK I 1067 94.70 63.26 -53.01
N UNK I 1068 94.06 64.11 -52.22
CA UNK I 1068 94.02 65.56 -52.43
C UNK I 1068 94.50 66.28 -51.18
N UNK I 1069 95.62 67.00 -51.30
CA UNK I 1069 96.20 67.75 -50.18
C UNK I 1069 95.14 68.66 -49.55
N UNK I 1070 93.06 49.03 -58.09
CA UNK I 1070 93.02 47.85 -57.27
C UNK I 1070 93.86 46.81 -58.02
N UNK I 1071 94.90 46.33 -57.37
CA UNK I 1071 95.75 45.33 -57.97
C UNK I 1071 95.21 43.98 -57.51
N UNK I 1072 95.29 42.97 -58.37
CA UNK I 1072 94.83 41.63 -58.03
C UNK I 1072 95.33 41.28 -56.62
N UNK I 1073 96.63 41.46 -56.41
CA UNK I 1073 97.22 41.16 -55.11
C UNK I 1073 97.30 42.35 -54.19
N UNK I 1074 97.79 42.11 -52.99
CA UNK I 1074 97.93 43.17 -52.01
C UNK I 1074 99.35 43.23 -51.48
N UNK I 1075 99.47 43.84 -50.31
CA UNK I 1075 100.74 44.00 -49.64
C UNK I 1075 101.83 44.44 -50.58
N UNK I 1076 101.65 45.62 -51.15
CA UNK I 1076 102.64 46.15 -52.06
C UNK I 1076 103.71 46.72 -51.14
N UNK I 1077 104.83 47.13 -51.71
CA UNK I 1077 105.89 47.76 -50.93
C UNK I 1077 106.25 49.22 -51.13
N UNK I 1078 107.01 49.50 -52.19
CA UNK I 1078 107.42 50.84 -52.52
C UNK I 1078 106.96 51.15 -53.94
N UNK I 1079 106.10 52.16 -54.08
CA UNK I 1079 105.47 52.41 -55.36
C UNK I 1079 106.49 53.29 -56.05
N UNK I 1080 106.83 53.00 -57.31
CA UNK I 1080 107.80 53.81 -58.01
C UNK I 1080 107.17 54.87 -58.90
N UNK I 1081 106.96 56.07 -58.36
CA UNK I 1081 106.39 57.15 -59.15
C UNK I 1081 107.54 57.66 -60.01
N UNK I 1082 107.27 58.54 -60.95
CA UNK I 1082 108.35 59.06 -61.79
C UNK I 1082 108.38 60.59 -61.75
N UNK I 1083 109.27 61.20 -62.56
CA UNK I 1083 109.34 62.66 -62.58
C UNK I 1083 107.98 63.29 -62.93
N UNK I 1084 107.51 63.01 -64.15
CA UNK I 1084 106.24 63.53 -64.64
C UNK I 1084 105.04 63.12 -63.81
N UNK I 1085 105.22 62.21 -62.86
CA UNK I 1085 104.12 61.72 -62.00
C UNK I 1085 103.03 61.14 -62.91
N UNK I 1086 103.47 60.63 -64.06
CA UNK I 1086 102.58 60.10 -65.08
C UNK I 1086 102.94 58.65 -65.46
N UNK I 1087 103.65 57.97 -64.55
CA UNK I 1087 104.06 56.58 -64.75
C UNK I 1087 104.29 55.97 -63.38
N UNK I 1088 103.82 54.74 -63.18
CA UNK I 1088 103.98 54.08 -61.90
C UNK I 1088 104.35 52.63 -62.10
N UNK I 1089 105.15 52.08 -61.18
CA UNK I 1089 105.55 50.68 -61.26
C UNK I 1089 105.50 50.06 -59.89
N UNK I 1090 104.96 48.85 -59.82
CA UNK I 1090 104.88 48.15 -58.55
C UNK I 1090 104.72 46.66 -58.78
N UNK I 1091 104.67 45.90 -57.69
CA UNK I 1091 104.55 44.46 -57.77
C UNK I 1091 103.83 43.92 -56.57
N UNK I 1092 102.72 43.23 -56.78
CA UNK I 1092 101.93 42.67 -55.67
C UNK I 1092 102.41 41.28 -55.31
N UNK I 1093 102.00 40.79 -54.15
CA UNK I 1093 102.42 39.46 -53.71
C UNK I 1093 101.94 38.35 -54.62
N UNK I 1094 101.30 38.73 -55.73
CA UNK I 1094 100.88 37.73 -56.68
C UNK I 1094 101.97 37.68 -57.74
N UNK I 1095 103.02 38.47 -57.52
CA UNK I 1095 104.14 38.50 -58.44
C UNK I 1095 103.79 39.12 -59.77
N UNK I 1096 102.76 39.95 -59.77
CA UNK I 1096 102.34 40.61 -60.98
C UNK I 1096 103.03 41.96 -61.09
N UNK I 1097 103.61 42.23 -62.26
CA UNK I 1097 104.32 43.49 -62.48
C UNK I 1097 103.44 44.61 -63.06
N UNK I 1098 103.02 45.53 -62.21
CA UNK I 1098 102.19 46.62 -62.69
C UNK I 1098 102.98 47.85 -63.12
N UNK I 1099 102.91 48.18 -64.41
CA UNK I 1099 103.56 49.36 -64.94
C UNK I 1099 102.41 50.25 -65.45
N UNK I 1100 101.86 51.06 -64.56
CA UNK I 1100 100.75 51.94 -64.89
C UNK I 1100 101.25 53.26 -65.48
N UNK I 1101 100.37 53.99 -66.16
CA UNK I 1101 100.77 55.24 -66.79
C UNK I 1101 99.59 56.09 -67.26
N MET J 10 53.06 -0.80 -19.46
CA MET J 10 52.67 -0.74 -18.05
C MET J 10 51.89 0.56 -17.81
N PRO J 11 51.37 0.77 -16.57
CA PRO J 11 50.64 2.02 -16.29
C PRO J 11 51.31 3.35 -16.66
N LYS J 12 50.51 4.41 -16.62
CA LYS J 12 50.96 5.77 -16.93
C LYS J 12 51.87 6.31 -15.83
N ARG J 13 51.40 6.27 -14.59
CA ARG J 13 52.17 6.77 -13.45
C ARG J 13 53.53 6.07 -13.27
N HIS J 14 53.83 5.10 -14.13
CA HIS J 14 55.11 4.41 -14.08
C HIS J 14 56.10 5.00 -15.07
N ARG J 15 55.66 5.23 -16.31
CA ARG J 15 56.51 5.87 -17.31
C ARG J 15 56.97 7.25 -16.87
N GLU J 16 56.08 7.98 -16.20
CA GLU J 16 56.40 9.31 -15.68
C GLU J 16 57.46 9.24 -14.62
N HIS J 17 57.39 8.19 -13.81
CA HIS J 17 58.37 7.95 -12.76
C HIS J 17 59.80 7.86 -13.27
N ILE J 18 60.09 6.80 -14.01
CA ILE J 18 61.41 6.59 -14.56
C ILE J 18 61.79 7.68 -15.55
N ARG J 19 60.78 8.40 -16.04
CA ARG J 19 61.00 9.48 -16.99
C ARG J 19 61.75 10.65 -16.35
N LYS J 20 61.13 11.25 -15.34
CA LYS J 20 61.74 12.38 -14.63
C LYS J 20 62.92 11.92 -13.80
N ASN J 21 62.80 10.74 -13.20
CA ASN J 21 63.87 10.19 -12.38
C ASN J 21 64.81 9.28 -13.17
N LEU J 22 65.09 9.68 -14.41
CA LEU J 22 65.97 8.91 -15.28
C LEU J 22 67.43 9.27 -15.04
N ASN J 23 67.66 10.26 -14.18
CA ASN J 23 69.01 10.70 -13.86
C ASN J 23 69.61 9.95 -12.70
N ILE J 24 68.84 9.85 -11.62
CA ILE J 24 69.26 9.13 -10.44
C ILE J 24 69.52 7.68 -10.81
N LEU J 25 68.60 7.12 -11.60
CA LEU J 25 68.70 5.70 -11.96
C LEU J 25 69.84 5.45 -12.94
N VAL J 26 70.17 6.47 -13.73
CA VAL J 26 71.25 6.37 -14.72
C VAL J 26 72.57 6.66 -14.03
N GLU J 27 72.50 7.10 -12.78
CA GLU J 27 73.70 7.47 -12.07
C GLU J 27 74.17 6.37 -11.14
N TRP J 28 73.29 5.95 -10.23
CA TRP J 28 73.74 5.05 -9.16
C TRP J 28 74.05 3.61 -9.63
N THR J 29 73.33 3.10 -10.63
CA THR J 29 73.57 1.76 -11.16
C THR J 29 74.70 1.74 -12.21
N ASN J 30 75.80 1.02 -11.97
CA ASN J 30 76.71 0.65 -13.06
C ASN J 30 75.98 0.15 -14.31
N TYR J 31 76.45 0.54 -15.49
CA TYR J 31 75.71 0.22 -16.71
C TYR J 31 76.07 -1.17 -17.24
N GLU J 32 77.36 -1.51 -17.19
CA GLU J 32 77.83 -2.83 -17.56
C GLU J 32 77.04 -3.86 -16.78
N ARG J 33 77.10 -3.66 -15.46
CA ARG J 33 76.48 -4.54 -14.49
C ARG J 33 74.98 -4.51 -14.65
N LEU J 34 74.46 -3.50 -15.33
CA LEU J 34 73.04 -3.42 -15.55
C LEU J 34 72.70 -3.99 -16.92
N ALA J 35 73.23 -3.42 -18.00
CA ALA J 35 72.95 -3.93 -19.35
C ALA J 35 73.09 -5.45 -19.46
N MET J 36 74.29 -5.94 -19.17
CA MET J 36 74.58 -7.35 -19.32
C MET J 36 73.66 -8.22 -18.45
N GLU J 37 73.05 -7.61 -17.44
CA GLU J 37 72.13 -8.27 -16.50
C GLU J 37 70.64 -8.18 -16.91
N CYS J 38 70.27 -7.02 -17.47
CA CYS J 38 68.91 -6.74 -17.88
C CYS J 38 68.59 -7.65 -19.06
N VAL J 39 69.48 -7.66 -20.02
CA VAL J 39 69.27 -8.50 -21.17
C VAL J 39 69.21 -9.90 -20.57
N GLN J 40 70.12 -10.09 -19.64
CA GLN J 40 70.35 -11.33 -18.94
C GLN J 40 69.12 -11.63 -18.12
N GLN J 41 68.51 -10.58 -17.60
CA GLN J 41 67.31 -10.73 -16.77
C GLN J 41 66.07 -11.43 -17.38
N GLY J 42 65.85 -11.37 -18.69
CA GLY J 42 64.56 -11.80 -19.17
C GLY J 42 63.75 -10.67 -19.75
N ILE J 43 64.44 -9.67 -20.29
CA ILE J 43 63.81 -8.56 -20.98
C ILE J 43 64.13 -8.34 -22.47
N LEU J 44 65.24 -7.69 -22.74
CA LEU J 44 65.64 -7.37 -24.11
C LEU J 44 66.53 -8.48 -24.65
N THR J 45 67.17 -8.23 -25.78
CA THR J 45 67.90 -9.27 -26.50
C THR J 45 69.13 -8.69 -27.21
N VAL J 46 69.96 -9.58 -27.74
CA VAL J 46 71.17 -9.15 -28.45
C VAL J 46 70.87 -8.02 -29.42
N GLN J 47 69.61 -7.94 -29.87
CA GLN J 47 69.19 -6.90 -30.81
C GLN J 47 68.80 -5.63 -30.06
N MET J 48 67.93 -5.77 -29.07
CA MET J 48 67.47 -4.63 -28.28
C MET J 48 68.66 -3.88 -27.67
N LEU J 49 69.33 -4.52 -26.73
CA LEU J 49 70.48 -3.93 -26.07
C LEU J 49 71.47 -3.33 -27.06
N ARG J 50 71.65 -3.92 -28.24
CA ARG J 50 72.52 -3.30 -29.24
C ARG J 50 72.07 -1.89 -29.57
N ASN J 51 70.82 -1.78 -30.00
CA ASN J 51 70.25 -0.51 -30.44
C ASN J 51 70.13 0.50 -29.30
N THR J 52 70.02 -0.02 -28.08
CA THR J 52 69.94 0.83 -26.90
C THR J 52 71.31 1.31 -26.43
N GLN J 53 72.21 0.36 -26.20
CA GLN J 53 73.63 0.57 -25.97
C GLN J 53 74.30 1.37 -27.08
N ASP J 54 73.96 1.13 -28.32
CA ASP J 54 74.46 2.05 -29.32
C ASP J 54 73.45 3.19 -29.41
N LEU J 55 73.68 4.12 -30.32
CA LEU J 55 72.90 5.36 -30.38
C LEU J 55 72.73 5.70 -31.85
N ASN J 56 72.49 6.96 -32.17
CA ASN J 56 72.22 7.32 -33.56
C ASN J 56 73.47 7.25 -34.43
N GLY J 57 74.62 7.57 -33.84
CA GLY J 57 75.86 7.64 -34.58
C GLY J 57 76.46 9.02 -34.50
N LYS J 58 75.61 10.04 -34.57
CA LYS J 58 76.03 11.42 -34.32
C LYS J 58 76.61 11.66 -32.92
N PRO J 59 76.15 10.89 -31.93
CA PRO J 59 76.63 11.03 -30.56
C PRO J 59 78.15 11.20 -30.50
N PHE J 60 78.82 10.90 -31.61
CA PHE J 60 80.27 11.01 -31.67
C PHE J 60 80.73 12.44 -31.41
N ASN J 61 79.86 13.38 -31.67
CA ASN J 61 80.24 14.74 -31.44
C ASN J 61 80.54 14.86 -29.94
N MET J 62 79.88 13.98 -29.22
CA MET J 62 79.85 14.04 -27.79
C MET J 62 80.99 13.31 -27.10
N ASP J 63 81.56 13.99 -26.13
CA ASP J 63 82.73 13.51 -25.42
C ASP J 63 82.35 12.29 -24.61
N GLU J 64 83.41 11.55 -24.29
CA GLU J 64 83.36 10.31 -23.55
C GLU J 64 82.48 10.42 -22.33
N LYS J 65 82.76 11.36 -21.42
CA LYS J 65 81.90 11.34 -20.24
C LYS J 65 80.43 11.09 -20.56
N ASP J 66 79.99 11.61 -21.71
CA ASP J 66 78.57 11.92 -21.88
C ASP J 66 77.85 10.92 -22.79
N VAL J 67 78.55 9.91 -23.25
CA VAL J 67 77.96 8.91 -24.13
C VAL J 67 77.48 7.69 -23.35
N ARG J 68 78.30 7.23 -22.41
CA ARG J 68 77.89 6.18 -21.48
C ARG J 68 76.66 6.57 -20.66
N VAL J 69 76.60 7.84 -20.25
CA VAL J 69 75.46 8.34 -19.49
C VAL J 69 74.20 8.35 -20.34
N GLU J 70 74.37 8.71 -21.62
CA GLU J 70 73.27 8.71 -22.57
C GLU J 70 72.77 7.30 -22.83
N GLN J 71 73.72 6.41 -23.10
CA GLN J 71 73.47 4.98 -23.21
C GLN J 71 72.60 4.43 -22.10
N HIS J 72 73.15 4.57 -20.90
CA HIS J 72 72.54 4.12 -19.67
C HIS J 72 71.14 4.74 -19.55
N ARG J 73 71.02 5.99 -20.01
CA ARG J 73 69.73 6.68 -20.01
C ARG J 73 68.81 6.18 -21.12
N ARG J 74 69.38 5.48 -22.08
CA ARG J 74 68.61 4.97 -23.21
C ARG J 74 68.08 3.63 -22.78
N LEU J 75 68.72 3.05 -21.77
CA LEU J 75 68.35 1.72 -21.32
C LEU J 75 67.00 1.70 -20.65
N LEU J 76 66.90 2.50 -19.61
CA LEU J 76 65.69 2.56 -18.81
C LEU J 76 64.49 2.92 -19.67
N LEU J 77 64.71 3.72 -20.70
CA LEU J 77 63.66 4.08 -21.65
C LEU J 77 63.12 2.85 -22.39
N LYS J 78 64.01 1.94 -22.74
CA LYS J 78 63.58 0.72 -23.39
C LYS J 78 62.98 -0.27 -22.39
N ILE J 79 63.50 -0.24 -21.16
CA ILE J 79 62.98 -1.12 -20.10
C ILE J 79 61.55 -0.75 -19.74
N THR J 80 61.32 0.54 -19.69
CA THR J 80 60.03 1.15 -19.50
C THR J 80 59.21 0.75 -20.68
N GLN J 81 59.84 0.55 -21.82
CA GLN J 81 59.07 0.21 -22.99
C GLN J 81 58.36 -1.09 -22.81
N ARG J 82 58.85 -1.92 -21.92
CA ARG J 82 58.44 -3.29 -21.92
C ARG J 82 57.13 -3.60 -21.26
N GLY J 83 56.85 -4.89 -21.14
CA GLY J 83 55.61 -5.38 -20.59
C GLY J 83 55.41 -5.09 -19.11
N PRO J 84 54.10 -5.22 -18.66
CA PRO J 84 53.83 -4.51 -17.42
C PRO J 84 54.68 -4.90 -16.25
N THR J 85 55.33 -6.05 -16.29
CA THR J 85 56.21 -6.40 -15.19
C THR J 85 57.33 -5.34 -15.12
N ALA J 86 57.55 -4.67 -16.21
CA ALA J 86 58.78 -3.91 -16.41
C ALA J 86 59.20 -3.32 -15.08
N TYR J 87 58.21 -2.90 -14.30
CA TYR J 87 58.49 -2.44 -12.96
C TYR J 87 59.10 -3.59 -12.19
N ASN J 88 58.29 -4.60 -11.94
CA ASN J 88 58.72 -5.72 -11.13
C ASN J 88 59.96 -6.40 -11.68
N LEU J 89 60.21 -6.26 -12.98
CA LEU J 89 61.43 -6.77 -13.60
C LEU J 89 62.63 -5.90 -13.19
N LEU J 90 62.48 -4.59 -13.31
CA LEU J 90 63.60 -3.69 -13.14
C LEU J 90 63.97 -3.57 -11.67
N ILE J 91 62.96 -3.59 -10.81
CA ILE J 91 63.17 -3.48 -9.37
C ILE J 91 64.04 -4.62 -8.88
N ASN J 92 63.85 -5.80 -9.46
CA ASN J 92 64.59 -7.00 -9.04
C ASN J 92 65.97 -7.02 -9.66
N ALA J 93 66.00 -6.76 -10.96
CA ALA J 93 67.28 -6.70 -11.65
C ALA J 93 68.19 -5.75 -10.89
N LEU J 94 67.64 -4.61 -10.49
CA LEU J 94 68.40 -3.61 -9.76
C LEU J 94 68.66 -4.04 -8.31
N ARG J 95 67.76 -4.85 -7.76
CA ARG J 95 68.02 -5.46 -6.45
C ARG J 95 69.29 -6.29 -6.51
N ASN J 96 69.60 -6.83 -7.69
CA ASN J 96 70.83 -7.61 -7.87
C ASN J 96 72.04 -6.77 -8.24
N ILE J 97 71.88 -5.82 -9.18
CA ILE J 97 72.93 -4.85 -9.49
C ILE J 97 73.53 -4.22 -8.22
N ASN J 98 72.79 -4.29 -7.12
CA ASN J 98 73.20 -3.86 -5.79
C ASN J 98 73.17 -2.35 -5.74
N CYS J 99 72.28 -1.80 -6.55
CA CYS J 99 71.93 -0.39 -6.47
C CYS J 99 70.60 -0.23 -5.71
N LEU J 100 70.52 -0.84 -4.53
CA LEU J 100 69.35 -0.79 -3.65
C LEU J 100 68.78 0.63 -3.51
N ASP J 101 69.65 1.62 -3.35
CA ASP J 101 69.24 3.02 -3.26
C ASP J 101 68.54 3.60 -4.49
N ALA J 102 68.38 2.80 -5.55
CA ALA J 102 67.61 3.20 -6.72
C ALA J 102 66.47 2.21 -6.87
N ALA J 103 66.64 1.00 -6.36
CA ALA J 103 65.54 0.05 -6.32
C ALA J 103 64.44 0.65 -5.45
N VAL J 104 64.86 1.28 -4.37
CA VAL J 104 63.94 2.01 -3.52
C VAL J 104 63.30 3.08 -4.39
N LEU J 105 64.11 3.91 -5.03
CA LEU J 105 63.61 5.00 -5.84
C LEU J 105 62.48 4.54 -6.78
N LEU J 106 62.73 3.43 -7.46
CA LEU J 106 61.83 2.86 -8.45
C LEU J 106 60.61 2.16 -7.84
N GLU J 107 60.69 1.85 -6.55
CA GLU J 107 59.62 1.10 -5.89
C GLU J 107 58.73 1.96 -4.98
N SER J 108 59.36 2.84 -4.21
CA SER J 108 58.75 3.66 -3.18
C SER J 108 57.58 4.52 -3.63
N VAL J 109 57.63 4.99 -4.87
CA VAL J 109 56.48 5.66 -5.49
C VAL J 109 55.19 4.86 -5.47
N ASP J 110 55.30 3.55 -5.23
CA ASP J 110 54.12 2.73 -5.05
C ASP J 110 53.94 2.54 -3.56
N GLU J 111 53.08 1.62 -3.17
CA GLU J 111 52.84 1.29 -1.75
C GLU J 111 52.11 2.44 -1.05
N TYR K 10 6.29 -29.56 -43.11
CA TYR K 10 7.73 -29.54 -43.35
C TYR K 10 8.25 -30.93 -43.73
N GLN K 11 8.80 -31.04 -44.93
CA GLN K 11 9.34 -32.31 -45.42
C GLN K 11 10.82 -32.44 -45.06
N TYR K 12 11.48 -33.40 -45.70
CA TYR K 12 12.90 -33.65 -45.45
C TYR K 12 13.76 -32.95 -46.49
N LYS K 13 13.14 -32.45 -47.55
CA LYS K 13 13.84 -31.76 -48.62
C LYS K 13 14.17 -30.32 -48.22
N ASP K 14 13.60 -29.88 -47.10
CA ASP K 14 13.83 -28.52 -46.61
C ASP K 14 14.58 -28.53 -45.27
N ILE K 15 14.26 -29.53 -44.45
CA ILE K 15 14.91 -29.65 -43.14
C ILE K 15 16.32 -30.21 -43.31
N LEU K 16 16.75 -30.43 -44.55
CA LEU K 16 18.08 -30.96 -44.80
C LEU K 16 19.14 -29.86 -44.85
N SER K 17 18.86 -28.80 -45.59
CA SER K 17 19.83 -27.73 -45.76
C SER K 17 20.05 -26.99 -44.44
N VAL K 18 19.17 -27.24 -43.47
CA VAL K 18 19.23 -26.62 -42.16
C VAL K 18 20.50 -26.98 -41.39
N PHE K 19 20.80 -28.27 -41.31
CA PHE K 19 22.02 -28.68 -40.61
C PHE K 19 23.12 -29.06 -41.60
N GLU K 20 23.49 -28.10 -42.44
CA GLU K 20 24.54 -28.32 -43.41
C GLU K 20 25.92 -28.03 -42.80
N ASP K 21 25.96 -27.29 -41.70
CA ASP K 21 27.24 -27.01 -41.04
C ASP K 21 27.79 -28.28 -40.44
N ALA K 22 26.90 -29.21 -40.12
CA ALA K 22 27.30 -30.46 -39.50
C ALA K 22 27.68 -31.47 -40.56
N PHE K 23 26.92 -31.45 -41.66
CA PHE K 23 27.12 -32.40 -42.74
C PHE K 23 28.50 -32.27 -43.39
N VAL K 24 29.27 -31.26 -42.98
CA VAL K 24 30.62 -31.07 -43.49
C VAL K 24 31.64 -31.46 -42.44
N ASP K 25 31.16 -31.61 -41.21
CA ASP K 25 31.99 -31.99 -40.07
C ASP K 25 32.17 -33.50 -40.07
N ASN K 26 31.06 -34.20 -39.91
CA ASN K 26 31.13 -35.62 -39.64
C ASN K 26 30.50 -36.52 -40.70
N PHE K 27 30.47 -36.06 -41.95
CA PHE K 27 29.90 -36.86 -43.02
C PHE K 27 30.67 -36.75 -44.34
N ASP K 28 30.99 -37.90 -44.92
CA ASP K 28 31.26 -37.99 -46.34
C ASP K 28 30.77 -39.33 -46.86
N CYS K 29 30.22 -39.31 -48.07
CA CYS K 29 29.61 -40.49 -48.68
C CYS K 29 30.59 -41.61 -49.00
N LYS K 30 31.83 -41.47 -48.55
CA LYS K 30 32.82 -42.53 -48.71
C LYS K 30 32.30 -43.78 -48.00
N ASP K 31 31.43 -43.58 -47.02
CA ASP K 31 30.79 -44.68 -46.32
C ASP K 31 29.45 -45.00 -46.98
N VAL K 32 28.92 -44.04 -47.73
CA VAL K 32 27.65 -44.22 -48.42
C VAL K 32 27.86 -44.82 -49.81
N GLN K 33 28.42 -46.03 -49.85
CA GLN K 33 28.68 -46.70 -51.12
C GLN K 33 27.83 -47.96 -51.24
N ASP K 34 26.66 -47.94 -50.64
CA ASP K 34 25.75 -49.09 -50.69
C ASP K 34 24.33 -48.68 -50.30
N MET K 35 23.62 -48.07 -51.23
CA MET K 35 22.25 -47.62 -50.99
C MET K 35 21.36 -47.97 -52.19
N PRO K 36 20.06 -47.66 -52.12
CA PRO K 36 19.30 -47.86 -53.36
C PRO K 36 19.78 -46.94 -54.49
N LYS K 37 20.05 -47.52 -55.66
CA LYS K 37 20.39 -46.75 -56.85
C LYS K 37 19.27 -45.78 -57.19
N SER K 38 18.09 -46.07 -56.66
CA SER K 38 16.94 -45.18 -56.80
C SER K 38 17.15 -43.85 -56.09
N ILE K 39 18.16 -43.77 -55.24
CA ILE K 39 18.29 -42.65 -54.33
C ILE K 39 19.39 -41.74 -54.86
N LEU K 40 20.51 -42.35 -55.19
CA LEU K 40 21.59 -41.61 -55.84
C LEU K 40 22.13 -42.35 -57.04
N SER K 41 22.52 -41.63 -58.08
CA SER K 41 23.04 -42.28 -59.28
C SER K 41 24.42 -42.90 -59.04
N LYS K 42 24.59 -44.16 -59.41
CA LYS K 42 25.86 -44.82 -59.22
C LYS K 42 26.89 -43.87 -59.79
N GLU K 43 26.55 -43.22 -60.89
CA GLU K 43 27.45 -42.27 -61.53
C GLU K 43 27.33 -40.90 -60.85
N GLU K 44 26.14 -40.59 -60.35
CA GLU K 44 25.90 -39.32 -59.66
C GLU K 44 26.60 -39.30 -58.30
N ILE K 45 26.74 -40.49 -57.74
CA ILE K 45 27.38 -40.68 -56.44
C ILE K 45 28.88 -40.54 -56.59
N ASP K 46 29.44 -41.09 -57.66
CA ASP K 46 30.88 -40.94 -57.83
C ASP K 46 31.13 -39.47 -57.98
N HIS K 47 30.18 -38.84 -58.65
CA HIS K 47 30.16 -37.40 -58.88
C HIS K 47 30.26 -36.67 -57.55
N ILE K 48 29.42 -37.06 -56.61
CA ILE K 48 29.40 -36.48 -55.27
C ILE K 48 30.62 -36.92 -54.50
N ILE K 49 30.87 -38.23 -54.47
CA ILE K 49 32.07 -38.71 -53.81
C ILE K 49 33.26 -38.12 -54.56
N MET K 50 32.94 -37.52 -55.68
CA MET K 50 33.91 -37.17 -56.67
C MET K 50 34.90 -36.29 -55.96
N SER K 51 34.31 -35.50 -55.06
CA SER K 51 34.92 -35.07 -53.82
C SER K 51 36.24 -34.32 -53.89
N LYS K 52 36.27 -33.27 -54.70
CA LYS K 52 37.43 -32.44 -54.70
C LYS K 52 37.55 -31.83 -53.31
N ASP K 53 36.43 -31.43 -52.72
CA ASP K 53 36.46 -30.82 -51.38
C ASP K 53 35.39 -31.27 -50.40
N ALA K 54 35.73 -31.29 -49.14
CA ALA K 54 34.80 -31.73 -48.14
C ALA K 54 33.61 -30.80 -48.21
N VAL K 55 33.83 -29.52 -48.42
CA VAL K 55 32.69 -28.60 -48.44
C VAL K 55 31.98 -28.76 -49.77
N SER K 56 32.76 -28.79 -50.85
CA SER K 56 32.16 -28.89 -52.16
C SER K 56 31.46 -30.23 -52.34
N GLY K 57 32.07 -31.31 -51.87
CA GLY K 57 31.50 -32.63 -52.06
C GLY K 57 30.17 -32.75 -51.35
N THR K 58 30.13 -32.25 -50.12
CA THR K 58 28.93 -32.34 -49.27
C THR K 58 27.87 -31.46 -49.92
N LEU K 59 28.28 -30.31 -50.41
CA LEU K 59 27.33 -29.38 -50.99
C LEU K 59 26.78 -30.08 -52.22
N ARG K 60 27.69 -30.78 -52.90
CA ARG K 60 27.38 -31.50 -54.11
C ARG K 60 26.36 -32.58 -53.82
N LEU K 61 26.42 -33.16 -52.62
CA LEU K 61 25.41 -34.13 -52.31
C LEU K 61 24.09 -33.50 -52.00
N PHE K 62 24.05 -32.40 -51.26
CA PHE K 62 22.72 -31.88 -51.00
C PHE K 62 22.11 -31.36 -52.29
N TRP K 63 22.92 -30.71 -53.12
CA TRP K 63 22.37 -30.15 -54.35
C TRP K 63 21.79 -31.20 -55.26
N THR K 64 22.55 -32.26 -55.53
CA THR K 64 22.02 -33.26 -56.44
C THR K 64 20.81 -33.97 -55.85
N LEU K 65 20.87 -34.28 -54.56
CA LEU K 65 19.80 -35.03 -53.91
C LEU K 65 18.51 -34.24 -53.79
N LEU K 66 18.63 -32.93 -53.55
CA LEU K 66 17.46 -32.06 -53.36
C LEU K 66 16.53 -32.15 -54.59
N SER K 67 17.15 -32.58 -55.69
CA SER K 67 16.53 -32.72 -57.01
C SER K 67 15.51 -33.87 -57.13
N LYS K 68 15.55 -34.82 -56.18
CA LYS K 68 14.71 -36.03 -56.18
C LYS K 68 13.40 -35.85 -55.40
N GLN K 69 12.54 -36.86 -55.39
CA GLN K 69 11.23 -36.73 -54.74
C GLN K 69 11.30 -36.94 -53.22
N GLU K 70 10.22 -36.62 -52.52
CA GLU K 70 10.20 -36.82 -51.07
C GLU K 70 10.54 -38.21 -50.54
N GLU K 71 9.98 -39.22 -51.15
CA GLU K 71 10.30 -40.54 -50.69
C GLU K 71 11.75 -40.77 -50.94
N MET K 72 12.19 -40.26 -52.10
CA MET K 72 13.53 -40.53 -52.61
C MET K 72 14.55 -40.17 -51.55
N VAL K 73 14.42 -38.97 -50.99
CA VAL K 73 15.31 -38.58 -49.92
C VAL K 73 15.18 -39.44 -48.68
N GLN K 74 13.94 -39.65 -48.25
CA GLN K 74 13.64 -40.21 -46.95
C GLN K 74 14.20 -41.57 -46.83
N LYS K 75 14.16 -42.30 -47.93
CA LYS K 75 14.78 -43.59 -47.90
C LYS K 75 16.22 -43.27 -47.54
N PHE K 76 16.76 -42.20 -48.11
CA PHE K 76 18.08 -41.76 -47.76
C PHE K 76 18.22 -41.35 -46.31
N VAL K 77 17.28 -40.59 -45.79
CA VAL K 77 17.37 -40.13 -44.42
C VAL K 77 17.17 -41.27 -43.47
N GLU K 78 16.53 -42.32 -43.94
CA GLU K 78 16.19 -43.40 -43.05
C GLU K 78 17.09 -44.59 -43.26
N GLU K 79 16.83 -45.34 -44.30
CA GLU K 79 17.51 -46.60 -44.46
C GLU K 79 19.01 -46.50 -44.64
N VAL K 80 19.45 -45.57 -45.48
CA VAL K 80 20.87 -45.44 -45.81
C VAL K 80 21.74 -44.81 -44.73
N LEU K 81 21.24 -43.73 -44.13
CA LEU K 81 22.02 -42.94 -43.19
C LEU K 81 21.86 -43.40 -41.76
N ARG K 82 21.22 -44.57 -41.57
CA ARG K 82 21.05 -45.08 -40.22
C ARG K 82 22.00 -46.23 -39.92
N ILE K 83 22.68 -46.70 -40.94
CA ILE K 83 23.57 -47.80 -40.72
C ILE K 83 24.69 -47.29 -39.84
N ASN K 84 25.33 -46.21 -40.25
CA ASN K 84 26.49 -45.72 -39.54
C ASN K 84 26.37 -44.35 -38.91
N TYR K 85 25.81 -43.41 -39.66
CA TYR K 85 25.72 -42.06 -39.22
C TYR K 85 24.47 -41.88 -38.41
N LYS K 86 24.46 -42.50 -37.25
CA LYS K 86 23.28 -42.47 -36.44
C LYS K 86 23.03 -41.02 -36.07
N PHE K 87 24.06 -40.34 -35.61
CA PHE K 87 23.84 -39.10 -34.90
C PHE K 87 23.15 -38.13 -35.81
N LEU K 88 23.53 -38.09 -37.08
CA LEU K 88 22.93 -37.10 -37.94
C LEU K 88 21.47 -37.35 -37.96
N MET K 89 21.13 -38.60 -38.11
CA MET K 89 19.77 -38.96 -38.38
C MET K 89 18.99 -38.49 -37.19
N SER K 90 19.56 -38.67 -36.01
CA SER K 90 18.84 -38.30 -34.83
C SER K 90 18.55 -36.84 -34.86
N PRO K 91 19.57 -36.00 -35.35
CA PRO K 91 19.17 -34.60 -35.40
C PRO K 91 18.08 -34.48 -36.39
N ILE K 92 18.20 -35.12 -37.54
CA ILE K 92 17.22 -34.87 -38.58
C ILE K 92 15.82 -35.30 -38.17
N LYS K 93 15.73 -36.49 -37.61
CA LYS K 93 14.41 -36.99 -37.36
C LYS K 93 13.75 -35.88 -36.60
N THR K 94 14.54 -35.20 -35.80
CA THR K 94 13.97 -34.21 -34.97
C THR K 94 13.38 -33.21 -35.89
N GLU K 95 14.08 -32.89 -36.98
CA GLU K 95 13.62 -31.74 -37.77
C GLU K 95 12.19 -31.92 -38.44
N GLN K 96 12.00 -32.90 -39.31
CA GLN K 96 10.68 -33.14 -39.95
C GLN K 96 9.53 -33.17 -38.96
N ARG K 97 9.77 -33.76 -37.79
CA ARG K 97 8.84 -33.63 -36.74
C ARG K 97 8.94 -32.25 -36.17
N GLN K 98 10.08 -31.62 -36.33
CA GLN K 98 10.25 -30.31 -35.73
C GLN K 98 10.97 -29.14 -36.37
N PRO K 99 10.31 -28.01 -36.28
CA PRO K 99 10.98 -26.82 -36.77
C PRO K 99 11.29 -25.79 -35.69
N SER K 100 12.56 -25.44 -35.52
CA SER K 100 12.94 -24.42 -34.54
C SER K 100 12.54 -23.06 -35.07
N MET K 101 12.37 -22.06 -34.21
CA MET K 101 11.91 -20.79 -34.75
C MET K 101 12.78 -20.42 -35.94
N MET K 102 14.10 -20.54 -35.79
CA MET K 102 15.02 -20.21 -36.88
C MET K 102 14.82 -21.09 -38.12
N THR K 103 14.79 -22.39 -37.94
CA THR K 103 14.76 -23.22 -39.10
C THR K 103 13.52 -22.93 -39.85
N ARG K 104 12.41 -23.09 -39.18
CA ARG K 104 11.20 -22.80 -39.88
C ARG K 104 11.33 -21.36 -40.28
N MET K 105 11.99 -20.54 -39.46
CA MET K 105 12.02 -19.13 -39.73
C MET K 105 12.64 -18.95 -41.09
N TYR K 106 13.72 -19.66 -41.36
CA TYR K 106 14.31 -19.57 -42.69
C TYR K 106 13.39 -20.18 -43.70
N ILE K 107 12.92 -21.35 -43.30
CA ILE K 107 12.44 -22.31 -44.25
C ILE K 107 11.34 -21.68 -45.00
N GLU K 108 10.61 -20.78 -44.36
CA GLU K 108 9.70 -19.97 -45.09
C GLU K 108 10.40 -19.05 -46.07
N GLN K 109 11.52 -18.43 -45.72
CA GLN K 109 12.09 -17.46 -46.64
C GLN K 109 12.49 -18.19 -47.89
N ARG K 110 13.05 -19.35 -47.73
CA ARG K 110 13.53 -20.02 -48.94
C ARG K 110 12.35 -20.09 -49.89
N ASP K 111 11.19 -20.45 -49.34
CA ASP K 111 10.00 -20.62 -50.16
C ASP K 111 9.71 -19.28 -50.77
N ARG K 112 9.89 -18.26 -49.93
CA ARG K 112 9.58 -16.92 -50.36
C ARG K 112 10.51 -16.62 -51.53
N LEU K 113 11.79 -16.98 -51.46
CA LEU K 113 12.71 -16.67 -52.54
C LEU K 113 12.39 -17.46 -53.83
N TYR K 114 11.96 -18.73 -53.73
CA TYR K 114 11.63 -19.46 -54.94
C TYR K 114 10.48 -18.73 -55.60
N ASN K 115 9.51 -18.38 -54.77
CA ASN K 115 8.27 -17.76 -55.20
C ASN K 115 8.31 -16.39 -55.78
N ASP K 116 9.03 -15.46 -55.17
CA ASP K 116 9.15 -14.16 -55.81
C ASP K 116 9.93 -14.37 -57.09
N ASN K 117 10.98 -15.17 -56.99
CA ASN K 117 11.85 -15.36 -58.11
C ASN K 117 11.62 -16.78 -58.40
N GLN K 118 11.31 -17.08 -59.67
CA GLN K 118 10.76 -18.38 -60.04
C GLN K 118 11.58 -19.25 -60.97
N VAL K 119 11.81 -18.75 -62.17
CA VAL K 119 12.22 -19.54 -63.32
C VAL K 119 13.51 -20.11 -62.87
N PHE K 120 14.00 -19.49 -61.82
CA PHE K 120 15.06 -20.05 -61.05
C PHE K 120 14.51 -21.25 -60.34
N ALA K 121 13.30 -21.18 -59.86
CA ALA K 121 12.88 -22.26 -59.01
C ALA K 121 13.05 -23.54 -59.79
N LYS K 122 12.66 -23.44 -61.05
CA LYS K 122 12.38 -24.52 -61.98
C LYS K 122 13.50 -24.68 -63.01
N TYR K 123 14.45 -23.76 -63.00
CA TYR K 123 15.49 -23.79 -64.02
C TYR K 123 16.92 -23.63 -63.52
N ASN K 124 17.11 -23.59 -62.20
CA ASN K 124 18.46 -23.44 -61.60
C ASN K 124 19.44 -24.54 -61.98
N VAL K 125 20.74 -24.28 -61.84
CA VAL K 125 21.72 -25.36 -62.01
C VAL K 125 22.78 -25.38 -60.90
N SER K 126 23.07 -26.59 -60.42
CA SER K 126 24.16 -26.80 -59.48
C SER K 126 25.42 -26.15 -60.02
N ARG K 127 25.90 -25.13 -59.33
CA ARG K 127 27.08 -24.40 -59.77
C ARG K 127 28.05 -24.21 -58.60
N LEU K 128 29.15 -24.95 -58.56
CA LEU K 128 30.04 -24.89 -57.39
C LEU K 128 30.86 -23.62 -57.24
N GLN K 129 31.69 -23.40 -58.25
CA GLN K 129 32.79 -22.45 -58.23
C GLN K 129 32.34 -21.11 -57.74
N PRO K 130 31.41 -20.48 -58.45
CA PRO K 130 31.01 -19.15 -58.01
C PRO K 130 30.19 -19.15 -56.74
N TYR K 131 29.45 -20.24 -56.55
CA TYR K 131 28.59 -20.40 -55.41
C TYR K 131 29.39 -20.36 -54.11
N LEU K 132 30.48 -21.10 -54.09
CA LEU K 132 31.36 -21.18 -52.94
C LEU K 132 32.20 -19.92 -52.79
N LYS K 133 32.59 -19.31 -53.90
CA LYS K 133 33.42 -18.10 -53.80
C LYS K 133 32.54 -17.02 -53.15
N LEU K 134 31.31 -16.91 -53.65
CA LEU K 134 30.38 -15.89 -53.20
C LEU K 134 29.91 -16.10 -51.77
N ARG K 135 29.74 -17.36 -51.37
CA ARG K 135 29.24 -17.68 -50.04
C ARG K 135 30.34 -17.47 -49.02
N GLN K 136 31.59 -17.54 -49.49
CA GLN K 136 32.74 -17.32 -48.66
C GLN K 136 32.89 -15.83 -48.43
N ALA K 137 32.80 -15.07 -49.53
CA ALA K 137 32.98 -13.61 -49.48
C ALA K 137 31.88 -12.96 -48.66
N LEU K 138 30.70 -13.50 -48.90
CA LEU K 138 29.48 -13.03 -48.34
C LEU K 138 29.52 -13.07 -46.82
N LEU K 139 29.94 -14.18 -46.27
CA LEU K 139 29.93 -14.35 -44.82
C LEU K 139 30.82 -13.32 -44.13
N GLU K 140 32.04 -13.12 -44.60
CA GLU K 140 32.90 -12.22 -43.86
C GLU K 140 32.32 -10.83 -43.93
N LEU K 141 31.65 -10.55 -45.05
CA LEU K 141 31.19 -9.20 -45.41
C LEU K 141 30.57 -8.44 -44.25
N ARG K 142 31.18 -7.31 -43.89
CA ARG K 142 30.84 -6.61 -42.65
C ARG K 142 29.52 -5.83 -42.74
N PRO K 143 29.07 -5.26 -41.63
CA PRO K 143 27.82 -4.49 -41.70
C PRO K 143 27.88 -3.26 -42.61
N ALA K 144 29.05 -2.84 -43.05
CA ALA K 144 29.10 -1.72 -43.96
C ALA K 144 29.97 -1.97 -45.17
N LYS K 145 30.21 -3.23 -45.53
CA LYS K 145 31.03 -3.46 -46.72
C LYS K 145 30.20 -3.86 -47.95
N ASN K 146 30.84 -4.17 -49.06
CA ASN K 146 30.01 -4.60 -50.16
C ASN K 146 30.71 -5.45 -51.17
N VAL K 147 30.16 -6.64 -51.30
CA VAL K 147 30.67 -7.74 -52.10
C VAL K 147 30.04 -7.72 -53.49
N LEU K 148 30.80 -7.26 -54.48
CA LEU K 148 30.30 -7.12 -55.84
C LEU K 148 30.66 -8.30 -56.72
N ILE K 149 29.86 -8.53 -57.75
CA ILE K 149 30.10 -9.60 -58.71
C ILE K 149 29.75 -9.12 -60.12
N ASP K 150 30.71 -9.27 -61.04
CA ASP K 150 30.52 -8.81 -62.41
C ASP K 150 31.15 -9.72 -63.46
N GLY K 151 30.35 -10.04 -64.48
CA GLY K 151 30.77 -10.82 -65.62
C GLY K 151 30.12 -10.34 -66.91
N VAL K 152 30.27 -11.15 -67.97
CA VAL K 152 29.73 -10.87 -69.30
C VAL K 152 28.19 -10.85 -69.24
N LEU K 153 27.53 -10.17 -70.17
CA LEU K 153 26.07 -10.16 -70.11
C LEU K 153 25.57 -11.59 -70.22
N GLY K 154 24.69 -11.95 -69.30
CA GLY K 154 24.09 -13.27 -69.34
C GLY K 154 25.08 -14.24 -68.75
N SER K 155 25.70 -13.87 -67.64
CA SER K 155 26.67 -14.79 -67.05
C SER K 155 26.17 -15.72 -65.96
N GLY K 156 25.03 -15.40 -65.38
CA GLY K 156 24.46 -16.20 -64.31
C GLY K 156 24.83 -15.48 -63.03
N LYS K 157 25.10 -14.19 -63.14
CA LYS K 157 25.48 -13.38 -61.99
C LYS K 157 24.38 -13.37 -60.92
N THR K 158 23.14 -13.14 -61.35
CA THR K 158 22.02 -13.07 -60.43
C THR K 158 21.65 -14.46 -59.94
N TRP K 159 21.66 -15.47 -60.83
CA TRP K 159 21.34 -16.83 -60.41
C TRP K 159 22.36 -17.28 -59.36
N VAL K 160 23.66 -17.10 -59.60
CA VAL K 160 24.66 -17.57 -58.62
C VAL K 160 24.35 -16.88 -57.30
N ALA K 161 24.03 -15.58 -57.39
CA ALA K 161 23.77 -14.79 -56.19
C ALA K 161 22.56 -15.35 -55.46
N LEU K 162 21.53 -15.68 -56.24
CA LEU K 162 20.31 -16.17 -55.66
C LEU K 162 20.63 -17.48 -54.96
N ASP K 163 21.36 -18.36 -55.63
CA ASP K 163 21.61 -19.68 -55.08
C ASP K 163 22.35 -19.55 -53.77
N VAL K 164 23.32 -18.65 -53.72
CA VAL K 164 24.11 -18.48 -52.52
C VAL K 164 23.17 -17.97 -51.42
N CYS K 165 22.37 -16.99 -51.78
CA CYS K 165 21.54 -16.34 -50.80
C CYS K 165 20.27 -17.12 -50.55
N LEU K 166 20.01 -18.16 -51.30
CA LEU K 166 19.01 -19.03 -50.82
C LEU K 166 19.63 -19.62 -49.57
N SER K 167 20.82 -20.17 -49.76
CA SER K 167 21.51 -21.01 -48.79
C SER K 167 21.49 -20.68 -47.32
N TYR K 168 21.04 -21.62 -46.50
CA TYR K 168 20.77 -21.31 -45.12
C TYR K 168 21.93 -20.64 -44.44
N LYS K 169 23.12 -21.22 -44.60
CA LYS K 169 24.32 -20.73 -43.91
C LYS K 169 24.56 -19.24 -44.15
N VAL K 170 24.24 -18.83 -45.35
CA VAL K 170 24.40 -17.46 -45.78
C VAL K 170 23.14 -16.70 -45.61
N GLN K 171 22.17 -17.27 -44.94
CA GLN K 171 21.05 -16.45 -44.60
C GLN K 171 21.11 -16.04 -43.19
N CYS K 172 21.09 -17.03 -42.30
CA CYS K 172 21.05 -16.81 -40.86
C CYS K 172 22.07 -15.75 -40.47
N LYS K 173 23.20 -15.76 -41.18
CA LYS K 173 24.25 -14.79 -40.97
C LYS K 173 23.71 -13.40 -41.28
N MET K 174 22.76 -13.35 -42.21
CA MET K 174 22.12 -12.09 -42.51
C MET K 174 20.72 -12.06 -41.97
N ASP K 175 20.41 -13.02 -41.15
CA ASP K 175 19.18 -12.96 -40.37
C ASP K 175 17.97 -12.72 -41.19
N PHE K 176 17.92 -13.33 -42.34
CA PHE K 176 16.68 -13.48 -43.02
C PHE K 176 16.07 -12.16 -43.37
N LYS K 177 16.89 -11.20 -43.76
CA LYS K 177 16.36 -9.94 -44.25
C LYS K 177 17.07 -9.52 -45.52
N ILE K 178 16.88 -10.26 -46.61
CA ILE K 178 17.57 -9.89 -47.84
C ILE K 178 16.68 -9.22 -48.85
N PHE K 179 16.98 -7.96 -49.13
CA PHE K 179 16.16 -7.19 -50.01
C PHE K 179 16.78 -7.19 -51.36
N TRP K 180 16.03 -7.72 -52.29
CA TRP K 180 16.43 -7.82 -53.68
C TRP K 180 15.79 -6.74 -54.52
N LEU K 181 16.62 -5.99 -55.24
CA LEU K 181 16.06 -5.01 -56.16
C LEU K 181 16.84 -5.00 -57.46
N ASN K 182 16.18 -4.80 -58.59
CA ASN K 182 16.93 -4.74 -59.84
C ASN K 182 17.10 -3.31 -60.33
N LEU K 183 18.32 -2.78 -60.34
CA LEU K 183 18.45 -1.41 -60.79
C LEU K 183 18.20 -1.36 -62.28
N LYS K 184 17.05 -1.58 -62.88
CA LYS K 184 17.14 -1.28 -64.30
C LYS K 184 16.96 0.19 -64.40
N ASN K 185 17.26 0.76 -65.53
CA ASN K 185 16.70 2.04 -65.66
C ASN K 185 16.88 2.54 -64.28
N CYS K 186 18.14 2.80 -63.93
CA CYS K 186 18.48 3.30 -62.61
C CYS K 186 19.40 4.52 -62.69
N ASN K 187 19.97 4.74 -63.87
CA ASN K 187 20.87 5.86 -64.09
C ASN K 187 20.12 7.17 -64.32
N SER K 188 19.21 7.48 -63.40
CA SER K 188 18.42 8.70 -63.49
C SER K 188 17.88 9.12 -62.11
N PRO K 189 17.85 10.50 -61.88
CA PRO K 189 17.32 10.85 -60.54
C PRO K 189 15.95 10.23 -60.29
N GLU K 190 15.33 9.72 -61.36
CA GLU K 190 14.01 9.10 -61.25
C GLU K 190 14.11 7.68 -60.69
N THR K 191 15.30 7.11 -60.75
CA THR K 191 15.53 5.76 -60.25
C THR K 191 15.64 5.74 -58.73
N VAL K 192 16.52 6.58 -58.20
CA VAL K 192 16.72 6.66 -56.75
C VAL K 192 15.39 6.69 -56.01
N LEU K 193 14.61 7.74 -56.24
CA LEU K 193 13.30 7.88 -55.59
C LEU K 193 12.46 6.63 -55.75
N GLU K 194 12.11 6.31 -57.00
CA GLU K 194 11.30 5.13 -57.28
C GLU K 194 11.78 3.92 -56.50
N MET K 195 13.05 3.57 -56.70
CA MET K 195 13.64 2.43 -56.01
C MET K 195 13.77 2.62 -54.51
N LEU K 196 14.24 3.79 -54.12
CA LEU K 196 14.43 4.11 -52.71
C LEU K 196 13.07 4.13 -52.08
N GLN K 197 12.05 4.29 -52.91
CA GLN K 197 10.70 4.23 -52.46
C GLN K 197 10.46 2.73 -52.29
N LYS K 198 10.90 1.94 -53.27
CA LYS K 198 10.66 0.51 -53.13
C LYS K 198 11.38 -0.14 -51.94
N LEU K 199 12.58 0.32 -51.61
CA LEU K 199 13.35 -0.27 -50.52
C LEU K 199 12.69 0.02 -49.16
N LEU K 200 12.13 1.21 -49.04
CA LEU K 200 11.42 1.59 -47.82
C LEU K 200 10.19 0.72 -47.75
N TYR K 201 9.49 0.65 -48.87
CA TYR K 201 8.43 -0.32 -49.07
C TYR K 201 8.75 -1.71 -48.50
N GLN K 202 9.90 -2.32 -48.84
CA GLN K 202 10.03 -3.67 -48.41
C GLN K 202 10.14 -3.61 -46.96
N ILE K 203 11.17 -2.95 -46.44
CA ILE K 203 11.35 -2.83 -44.99
C ILE K 203 10.04 -2.73 -44.21
N ASP K 204 9.27 -1.68 -44.50
CA ASP K 204 8.00 -1.46 -43.83
C ASP K 204 7.13 -0.51 -44.63
N PRO K 205 5.82 -0.60 -44.47
CA PRO K 205 4.91 0.29 -45.19
C PRO K 205 4.49 1.50 -44.35
N ASN K 206 5.41 2.43 -44.15
CA ASN K 206 5.09 3.63 -43.36
C ASN K 206 6.04 4.78 -43.65
N TRP K 207 5.55 5.82 -44.30
CA TRP K 207 6.40 6.98 -44.49
C TRP K 207 5.70 8.31 -44.43
N THR K 208 6.28 9.22 -43.67
CA THR K 208 5.73 10.55 -43.49
C THR K 208 6.22 11.30 -44.71
N SER K 209 5.48 11.13 -45.79
CA SER K 209 5.90 11.66 -47.06
C SER K 209 5.54 13.15 -47.13
N ARG K 210 5.22 13.70 -45.97
CA ARG K 210 4.97 15.13 -45.85
C ARG K 210 6.28 15.90 -46.04
N SER K 211 7.41 15.20 -45.95
CA SER K 211 8.68 15.86 -46.12
C SER K 211 8.85 16.20 -47.60
N ASP K 212 7.93 15.71 -48.42
CA ASP K 212 8.09 15.88 -49.85
C ASP K 212 8.00 17.34 -50.23
N HIS K 213 9.04 17.78 -50.91
CA HIS K 213 9.27 19.13 -51.28
C HIS K 213 9.71 18.86 -52.68
N SER K 214 9.10 19.56 -53.64
CA SER K 214 9.20 19.19 -55.05
C SER K 214 10.16 20.05 -55.87
N SER K 215 10.96 20.85 -55.18
CA SER K 215 11.96 21.66 -55.84
C SER K 215 13.07 20.75 -56.33
N ASN K 216 13.32 19.69 -55.56
CA ASN K 216 14.33 18.71 -55.93
C ASN K 216 13.85 17.27 -55.73
N ILE K 217 13.54 16.61 -56.85
CA ILE K 217 13.40 15.20 -56.85
C ILE K 217 14.75 14.72 -56.38
N LYS K 218 15.71 15.63 -56.31
CA LYS K 218 17.05 15.26 -55.92
C LYS K 218 17.29 15.44 -54.45
N LEU K 219 16.97 16.64 -53.95
CA LEU K 219 17.11 16.95 -52.53
C LEU K 219 16.22 16.02 -51.69
N ARG K 220 15.07 15.66 -52.24
CA ARG K 220 14.15 14.77 -51.55
C ARG K 220 14.74 13.40 -51.54
N ILE K 221 15.51 13.12 -52.58
CA ILE K 221 16.09 11.82 -52.75
C ILE K 221 16.95 11.59 -51.54
N HIS K 222 17.62 12.65 -51.11
CA HIS K 222 18.43 12.53 -49.94
C HIS K 222 17.58 12.19 -48.74
N SER K 223 16.43 12.83 -48.63
CA SER K 223 15.63 12.63 -47.43
C SER K 223 15.30 11.17 -47.36
N ILE K 224 14.88 10.61 -48.48
CA ILE K 224 14.40 9.23 -48.41
C ILE K 224 15.57 8.43 -47.78
N GLN K 225 16.79 8.73 -48.22
CA GLN K 225 17.98 8.06 -47.70
C GLN K 225 18.12 8.30 -46.20
N ALA K 226 17.90 9.54 -45.78
CA ALA K 226 18.00 9.90 -44.37
C ALA K 226 17.09 9.02 -43.52
N GLU K 227 15.87 8.82 -43.99
CA GLU K 227 14.90 7.99 -43.28
C GLU K 227 15.31 6.53 -43.33
N LEU K 228 15.85 6.10 -44.48
CA LEU K 228 16.29 4.73 -44.65
C LEU K 228 17.47 4.41 -43.74
N ARG K 229 18.41 5.35 -43.65
CA ARG K 229 19.58 5.19 -42.80
C ARG K 229 19.17 5.05 -41.34
N ARG K 230 18.18 5.83 -40.94
CA ARG K 230 17.69 5.80 -39.58
C ARG K 230 17.13 4.43 -39.26
N LEU K 231 16.28 3.89 -40.15
CA LEU K 231 15.66 2.60 -39.91
C LEU K 231 16.57 1.37 -39.92
N LEU K 232 17.58 1.31 -40.79
CA LEU K 232 18.43 0.12 -40.79
C LEU K 232 19.24 -0.13 -39.52
N LYS K 233 19.84 0.88 -38.94
CA LYS K 233 20.59 0.55 -37.77
C LYS K 233 19.52 0.49 -36.72
N SER K 234 18.44 -0.17 -37.08
CA SER K 234 17.40 -0.50 -36.12
C SER K 234 17.80 -1.84 -35.63
N LYS K 235 17.04 -2.42 -34.73
CA LYS K 235 17.33 -3.76 -34.29
C LYS K 235 16.64 -4.86 -35.07
N PRO K 236 15.59 -4.44 -35.92
CA PRO K 236 14.95 -5.55 -36.63
C PRO K 236 15.99 -6.16 -37.52
N TYR K 237 16.80 -5.27 -38.10
CA TYR K 237 17.86 -5.69 -38.97
C TYR K 237 19.14 -5.74 -38.22
N GLU K 238 19.65 -4.60 -37.82
CA GLU K 238 20.98 -4.55 -37.21
C GLU K 238 21.84 -4.91 -38.37
N ASN K 239 21.50 -6.05 -38.95
CA ASN K 239 22.31 -6.46 -40.10
C ASN K 239 21.56 -7.33 -41.15
N CYS K 240 21.59 -6.99 -42.43
CA CYS K 240 20.84 -7.71 -43.44
C CYS K 240 21.49 -7.40 -44.75
N LEU K 241 21.17 -8.09 -45.82
CA LEU K 241 21.84 -7.85 -47.07
C LEU K 241 20.92 -7.41 -48.17
N LEU K 242 21.18 -6.22 -48.68
CA LEU K 242 20.56 -5.53 -49.80
C LEU K 242 21.34 -5.82 -51.08
N VAL K 243 20.85 -6.75 -51.89
CA VAL K 243 21.55 -7.18 -53.09
C VAL K 243 21.00 -6.47 -54.34
N LEU K 244 21.74 -5.48 -54.75
CA LEU K 244 21.29 -4.65 -55.81
C LEU K 244 21.48 -5.65 -56.86
N LEU K 245 20.86 -5.50 -58.01
CA LEU K 245 21.11 -6.44 -59.05
C LEU K 245 21.31 -5.59 -60.26
N ASN K 246 22.21 -5.95 -61.14
CA ASN K 246 22.33 -5.17 -62.34
C ASN K 246 22.58 -3.70 -62.04
N VAL K 247 23.46 -3.39 -61.10
CA VAL K 247 23.75 -1.98 -60.84
C VAL K 247 24.27 -1.38 -62.13
N GLN K 248 23.72 -0.24 -62.51
CA GLN K 248 24.06 0.42 -63.78
C GLN K 248 25.40 1.12 -64.03
N ASN K 249 25.81 2.01 -63.15
CA ASN K 249 27.07 2.74 -63.34
C ASN K 249 27.58 3.06 -61.97
N ALA K 250 28.53 3.98 -61.81
CA ALA K 250 28.80 4.30 -60.42
C ALA K 250 27.66 5.07 -59.80
N LYS K 251 27.07 6.00 -60.55
CA LYS K 251 26.36 7.08 -59.91
C LYS K 251 25.26 6.59 -58.98
N ALA K 252 24.51 5.59 -59.43
CA ALA K 252 23.36 5.18 -58.65
C ALA K 252 23.86 4.73 -57.32
N TRP K 253 24.97 4.01 -57.34
CA TRP K 253 25.36 3.33 -56.15
C TRP K 253 25.60 4.38 -55.03
N ASN K 254 26.34 5.45 -55.29
CA ASN K 254 26.64 6.41 -54.30
C ASN K 254 25.28 6.68 -53.68
N ALA K 255 24.24 6.61 -54.48
CA ALA K 255 22.89 6.77 -53.99
C ALA K 255 22.55 5.66 -53.04
N PHE K 256 23.02 4.47 -53.32
CA PHE K 256 22.47 3.31 -52.65
C PHE K 256 23.19 2.71 -51.49
N ASN K 257 24.24 3.34 -50.98
CA ASN K 257 25.00 2.73 -49.89
C ASN K 257 24.46 3.16 -48.54
N LEU K 258 23.87 2.23 -47.80
CA LEU K 258 23.26 2.58 -46.54
C LEU K 258 23.93 1.94 -45.36
N SER K 259 25.18 1.58 -45.48
CA SER K 259 25.71 0.87 -44.34
C SER K 259 24.92 -0.41 -44.26
N CYS K 260 24.63 -0.96 -45.42
CA CYS K 260 23.84 -2.15 -45.51
C CYS K 260 24.77 -3.13 -46.09
N LYS K 261 24.82 -4.31 -45.56
CA LYS K 261 25.68 -5.30 -46.19
C LYS K 261 25.00 -5.48 -47.53
N ILE K 262 25.37 -4.68 -48.52
CA ILE K 262 24.82 -4.94 -49.84
C ILE K 262 25.83 -5.72 -50.69
N LEU K 263 25.34 -6.50 -51.65
CA LEU K 263 26.22 -7.16 -52.62
C LEU K 263 25.65 -6.89 -54.01
N LEU K 264 26.42 -6.20 -54.85
CA LEU K 264 25.91 -5.72 -56.12
C LEU K 264 26.51 -6.48 -57.29
N THR K 265 25.64 -7.00 -58.15
CA THR K 265 26.09 -7.71 -59.31
C THR K 265 25.84 -6.83 -60.53
N THR K 266 26.87 -6.60 -61.33
CA THR K 266 26.74 -5.70 -62.48
C THR K 266 27.46 -6.21 -63.72
N ARG K 267 26.87 -5.89 -64.88
CA ARG K 267 27.45 -6.23 -66.18
C ARG K 267 28.50 -5.33 -66.87
N PHE K 268 28.86 -4.14 -66.36
CA PHE K 268 30.06 -3.53 -66.97
C PHE K 268 31.23 -3.04 -66.09
N LYS K 269 32.29 -2.74 -66.82
CA LYS K 269 33.64 -2.65 -66.27
C LYS K 269 33.88 -1.35 -65.53
N GLN K 270 33.04 -0.35 -65.77
CA GLN K 270 33.13 0.93 -65.08
C GLN K 270 32.70 0.76 -63.63
N VAL K 271 31.74 -0.12 -63.42
CA VAL K 271 31.26 -0.41 -62.07
C VAL K 271 32.30 -1.15 -61.21
N THR K 272 32.75 -2.27 -61.78
CA THR K 272 33.65 -3.19 -61.12
C THR K 272 34.97 -2.52 -61.28
N ASP K 273 34.98 -1.61 -62.23
CA ASP K 273 36.03 -0.64 -62.38
C ASP K 273 35.83 0.44 -61.33
N PHE K 274 34.64 0.52 -60.74
CA PHE K 274 34.52 1.51 -59.68
C PHE K 274 35.01 1.22 -58.28
N LEU K 275 34.64 0.07 -57.73
CA LEU K 275 34.82 -0.13 -56.30
C LEU K 275 36.05 -0.91 -55.95
N SER K 276 37.01 -0.18 -55.42
CA SER K 276 38.30 -0.72 -55.16
C SER K 276 38.16 -1.80 -54.13
N ALA K 277 38.93 -2.86 -54.29
CA ALA K 277 38.98 -3.91 -53.30
C ALA K 277 39.55 -3.23 -52.10
N ALA K 278 39.26 -3.75 -50.91
CA ALA K 278 39.62 -3.12 -49.65
C ALA K 278 38.55 -2.14 -49.33
N THR K 279 37.57 -2.07 -50.22
CA THR K 279 36.17 -1.93 -49.89
C THR K 279 35.17 -2.82 -50.57
N THR K 280 35.58 -3.89 -51.22
CA THR K 280 34.55 -4.79 -51.71
C THR K 280 35.26 -6.02 -52.25
N THR K 281 34.61 -7.04 -52.79
CA THR K 281 35.50 -7.99 -53.33
C THR K 281 34.82 -8.40 -54.57
N HIS K 282 35.56 -8.71 -55.62
CA HIS K 282 34.88 -9.19 -56.80
C HIS K 282 35.05 -10.68 -56.98
N ILE K 283 33.92 -11.37 -56.92
CA ILE K 283 33.79 -12.65 -57.53
C ILE K 283 33.68 -12.22 -58.95
N SER K 284 34.43 -12.80 -59.86
CA SER K 284 34.25 -12.46 -61.26
C SER K 284 33.56 -13.65 -61.84
N LEU K 285 32.32 -13.46 -62.22
CA LEU K 285 31.51 -14.55 -62.66
C LEU K 285 31.97 -15.17 -63.95
N ASP K 286 32.47 -14.35 -64.87
CA ASP K 286 32.80 -14.77 -66.22
C ASP K 286 34.25 -15.12 -66.36
N HIS K 287 34.93 -15.23 -65.24
CA HIS K 287 36.34 -15.49 -65.21
C HIS K 287 36.56 -16.98 -65.38
N HIS K 288 37.78 -17.35 -65.06
CA HIS K 288 38.51 -18.56 -65.38
C HIS K 288 37.96 -19.88 -64.91
N SER K 289 37.51 -19.91 -63.68
CA SER K 289 37.11 -21.18 -63.09
C SER K 289 35.63 -21.21 -62.88
N MET K 290 35.04 -20.04 -62.85
CA MET K 290 33.61 -19.95 -62.70
C MET K 290 32.98 -20.57 -63.91
N THR K 291 33.60 -20.40 -65.05
CA THR K 291 32.88 -20.71 -66.28
C THR K 291 32.21 -22.05 -66.01
N LEU K 292 30.96 -22.19 -66.45
CA LEU K 292 30.19 -23.32 -66.00
C LEU K 292 30.98 -24.55 -66.30
N THR K 293 30.93 -25.48 -65.36
CA THR K 293 31.75 -26.69 -65.31
C THR K 293 31.59 -27.57 -66.55
N PRO K 294 32.72 -27.96 -67.18
CA PRO K 294 32.82 -28.55 -68.52
C PRO K 294 31.70 -29.53 -68.89
N ASP K 295 31.14 -30.22 -67.90
CA ASP K 295 30.05 -31.15 -68.13
C ASP K 295 28.75 -30.60 -67.58
N GLU K 296 28.85 -29.55 -66.76
CA GLU K 296 27.67 -28.91 -66.22
C GLU K 296 27.11 -27.95 -67.26
N VAL K 297 27.80 -27.80 -68.40
CA VAL K 297 27.16 -27.10 -69.49
C VAL K 297 26.10 -28.05 -70.03
N LYS K 298 26.48 -29.33 -70.13
CA LYS K 298 25.55 -30.35 -70.60
C LYS K 298 24.44 -30.53 -69.57
N SER K 299 24.77 -30.17 -68.33
CA SER K 299 23.82 -30.22 -67.22
C SER K 299 22.72 -29.24 -67.43
N LEU K 300 23.13 -28.00 -67.68
CA LEU K 300 22.18 -26.92 -67.77
C LEU K 300 21.34 -27.21 -68.99
N LEU K 301 21.99 -27.66 -70.05
CA LEU K 301 21.23 -27.79 -71.25
C LEU K 301 20.15 -28.74 -70.85
N LEU K 302 20.43 -29.66 -69.96
CA LEU K 302 19.34 -30.54 -69.68
C LEU K 302 18.04 -29.91 -69.18
N LYS K 303 18.14 -29.13 -68.09
CA LYS K 303 16.97 -28.60 -67.40
C LYS K 303 15.84 -28.32 -68.38
N TYR K 304 16.07 -27.33 -69.24
CA TYR K 304 15.09 -26.94 -70.25
C TYR K 304 14.89 -28.16 -71.12
N LEU K 305 15.99 -28.88 -71.32
CA LEU K 305 15.94 -30.00 -72.23
C LEU K 305 15.04 -31.11 -71.77
N ASP K 306 15.07 -31.43 -70.48
CA ASP K 306 14.31 -32.55 -69.94
C ASP K 306 14.62 -33.97 -70.46
N CYS K 307 15.88 -34.32 -70.68
CA CYS K 307 16.23 -35.73 -70.77
C CYS K 307 17.68 -36.07 -70.51
N ARG K 308 17.91 -37.31 -70.10
CA ARG K 308 19.22 -37.92 -70.11
C ARG K 308 19.86 -38.31 -71.44
N PRO K 309 19.14 -38.89 -72.41
CA PRO K 309 19.96 -39.60 -73.38
C PRO K 309 20.37 -38.67 -74.52
N GLN K 310 19.49 -37.76 -74.90
CA GLN K 310 19.76 -36.82 -75.98
C GLN K 310 20.82 -35.81 -75.57
N ASP K 311 20.95 -35.58 -74.26
CA ASP K 311 21.93 -34.63 -73.75
C ASP K 311 23.29 -34.83 -74.42
N LEU K 312 23.62 -36.08 -74.73
CA LEU K 312 24.88 -36.40 -75.38
C LEU K 312 24.81 -36.14 -76.87
N PRO K 313 23.60 -36.15 -77.42
CA PRO K 313 23.41 -35.92 -78.84
C PRO K 313 23.49 -34.43 -79.18
N ARG K 314 23.91 -33.63 -78.19
CA ARG K 314 24.04 -32.19 -78.37
C ARG K 314 25.45 -31.72 -78.04
N GLU K 315 26.44 -32.40 -78.61
CA GLU K 315 27.84 -32.06 -78.37
C GLU K 315 28.23 -30.79 -79.12
N VAL K 316 28.59 -29.75 -78.38
CA VAL K 316 28.99 -28.48 -78.97
C VAL K 316 29.88 -27.68 -78.03
N LEU K 317 29.87 -26.36 -78.18
CA LEU K 317 30.68 -25.48 -77.34
C LEU K 317 29.90 -24.22 -76.96
N THR K 318 29.91 -23.89 -75.67
CA THR K 318 29.21 -22.71 -75.18
C THR K 318 29.42 -22.60 -73.68
N THR K 319 29.48 -21.37 -73.15
CA THR K 319 29.73 -21.20 -71.72
C THR K 319 28.86 -20.09 -71.11
N ASN K 320 28.03 -19.44 -71.91
CA ASN K 320 27.20 -18.36 -71.38
C ASN K 320 25.81 -18.89 -71.02
N PRO K 321 25.45 -18.86 -69.73
CA PRO K 321 24.17 -19.45 -69.37
C PRO K 321 23.03 -18.77 -70.12
N ARG K 322 23.16 -17.48 -70.42
CA ARG K 322 22.07 -16.84 -71.13
C ARG K 322 22.00 -17.40 -72.54
N ARG K 323 23.16 -17.54 -73.18
CA ARG K 323 23.16 -18.03 -74.54
C ARG K 323 22.75 -19.50 -74.53
N LEU K 324 23.22 -20.20 -73.52
CA LEU K 324 22.95 -21.61 -73.41
C LEU K 324 21.47 -21.84 -73.26
N SER K 325 20.84 -21.05 -72.41
CA SER K 325 19.44 -21.31 -72.13
C SER K 325 18.50 -20.77 -73.18
N ILE K 326 18.85 -19.67 -73.82
CA ILE K 326 18.02 -19.21 -74.93
C ILE K 326 18.05 -20.28 -76.02
N ILE K 327 19.24 -20.81 -76.27
CA ILE K 327 19.40 -21.83 -77.29
C ILE K 327 18.69 -23.08 -76.93
N ALA K 328 18.89 -23.48 -75.68
CA ALA K 328 18.36 -24.73 -75.16
C ALA K 328 16.81 -24.67 -75.21
N GLU K 329 16.27 -23.52 -74.83
CA GLU K 329 14.85 -23.31 -74.82
C GLU K 329 14.33 -23.42 -76.24
N SER K 330 15.07 -22.81 -77.14
CA SER K 330 14.63 -22.79 -78.52
C SER K 330 14.61 -24.20 -79.10
N ILE K 331 15.64 -24.98 -78.79
CA ILE K 331 15.66 -26.34 -79.33
C ILE K 331 14.56 -27.27 -78.76
N ARG K 332 14.23 -27.17 -77.48
CA ARG K 332 13.17 -28.01 -76.93
C ARG K 332 11.83 -27.67 -77.59
N ASP K 333 11.61 -26.37 -77.72
CA ASP K 333 10.47 -25.75 -78.36
C ASP K 333 10.84 -24.88 -79.55
N ALA K 336 14.65 -27.40 -83.02
CA ALA K 336 15.43 -28.11 -84.04
C ALA K 336 16.92 -27.81 -83.89
N THR K 337 17.73 -28.82 -83.62
CA THR K 337 19.07 -28.57 -83.08
C THR K 337 20.08 -27.81 -83.93
N TRP K 338 20.26 -28.26 -85.16
CA TRP K 338 21.16 -27.59 -86.10
C TRP K 338 20.68 -26.23 -86.52
N ASP K 339 19.43 -26.15 -86.93
CA ASP K 339 19.03 -24.94 -87.60
C ASP K 339 19.12 -23.82 -86.63
N ASN K 340 18.49 -24.10 -85.49
CA ASN K 340 18.26 -23.20 -84.39
C ASN K 340 19.52 -22.69 -83.68
N TRP K 341 20.52 -23.57 -83.49
CA TRP K 341 21.73 -23.21 -82.71
C TRP K 341 22.27 -21.96 -83.37
N LYS K 342 22.06 -21.84 -84.67
CA LYS K 342 22.50 -20.65 -85.42
C LYS K 342 21.40 -19.71 -85.94
N HIS K 343 20.73 -20.13 -87.02
CA HIS K 343 19.86 -19.30 -87.83
C HIS K 343 18.64 -19.16 -86.97
N VAL K 344 18.58 -20.04 -85.97
CA VAL K 344 17.56 -19.98 -84.96
C VAL K 344 17.90 -18.77 -84.11
N ASN K 345 16.91 -17.99 -83.73
CA ASN K 345 17.14 -16.84 -82.89
C ASN K 345 17.76 -15.69 -83.67
N CYS K 346 17.78 -15.83 -84.99
CA CYS K 346 18.06 -14.68 -85.80
C CYS K 346 17.45 -13.48 -85.15
N ASP K 347 16.39 -13.83 -84.44
CA ASP K 347 15.40 -12.89 -83.96
C ASP K 347 15.46 -12.73 -82.45
N LYS K 348 16.31 -13.47 -81.71
CA LYS K 348 16.34 -13.21 -80.28
C LYS K 348 17.72 -12.91 -79.70
N LEU K 349 18.69 -13.80 -79.89
CA LEU K 349 20.01 -13.64 -79.29
C LEU K 349 20.69 -12.40 -79.85
N THR K 350 20.32 -12.05 -81.07
CA THR K 350 20.84 -10.89 -81.74
C THR K 350 20.35 -9.68 -80.98
N THR K 351 19.07 -9.63 -80.63
CA THR K 351 18.53 -8.47 -79.92
C THR K 351 19.18 -8.32 -78.56
N ILE K 352 19.45 -9.44 -77.90
CA ILE K 352 20.07 -9.43 -76.58
C ILE K 352 21.45 -8.78 -76.62
N ILE K 353 22.23 -9.12 -77.64
CA ILE K 353 23.57 -8.57 -77.81
C ILE K 353 23.55 -7.30 -78.65
N GLU K 354 22.40 -6.62 -78.67
CA GLU K 354 22.25 -5.40 -79.43
C GLU K 354 21.69 -4.28 -78.56
N SER K 355 20.74 -4.62 -77.70
CA SER K 355 20.12 -3.64 -76.81
C SER K 355 21.16 -2.88 -76.00
N SER K 356 22.41 -3.34 -76.10
CA SER K 356 23.51 -2.71 -75.37
C SER K 356 24.19 -1.64 -76.22
N LEU K 357 23.75 -1.52 -77.47
CA LEU K 357 24.32 -0.54 -78.39
C LEU K 357 23.72 0.84 -78.17
N ASN K 358 22.49 0.91 -77.70
CA ASN K 358 21.97 2.22 -77.46
C ASN K 358 22.80 2.96 -76.43
N VAL K 359 23.32 2.24 -75.44
CA VAL K 359 23.89 2.90 -74.25
C VAL K 359 25.10 3.77 -74.52
N LEU K 360 26.00 3.30 -75.40
CA LEU K 360 27.16 4.08 -75.82
C LEU K 360 26.81 4.97 -77.00
N GLU K 361 27.06 6.27 -76.89
CA GLU K 361 26.69 7.21 -77.95
C GLU K 361 26.85 6.61 -79.35
N PRO K 362 25.83 6.78 -80.20
CA PRO K 362 25.90 6.31 -81.54
C PRO K 362 26.81 7.01 -82.49
N ALA K 363 26.95 8.32 -82.36
CA ALA K 363 27.76 9.10 -83.29
C ALA K 363 29.22 8.65 -83.34
N GLU K 364 29.76 8.25 -82.19
CA GLU K 364 31.16 7.85 -82.11
C GLU K 364 31.34 6.41 -81.62
N TYR K 365 30.49 6.00 -80.68
CA TYR K 365 30.62 4.66 -80.09
C TYR K 365 30.07 3.58 -81.01
N ARG K 366 28.75 3.51 -81.12
CA ARG K 366 28.08 2.48 -81.90
C ARG K 366 28.77 2.22 -83.25
N LYS K 367 28.91 3.27 -84.05
CA LYS K 367 29.48 3.15 -85.38
C LYS K 367 30.87 2.51 -85.47
N MET K 368 31.78 3.00 -84.64
CA MET K 368 33.13 2.48 -84.70
C MET K 368 32.98 1.00 -84.58
N PHE K 369 32.54 0.56 -83.41
CA PHE K 369 32.55 -0.86 -83.13
C PHE K 369 32.09 -1.62 -84.36
N ASP K 370 31.13 -1.06 -85.10
CA ASP K 370 30.48 -1.73 -86.21
C ASP K 370 31.55 -2.12 -87.22
N ARG K 371 32.60 -1.31 -87.23
CA ARG K 371 33.70 -1.46 -88.16
C ARG K 371 34.48 -2.75 -87.89
N LEU K 372 34.44 -3.24 -86.67
CA LEU K 372 35.26 -4.39 -86.32
C LEU K 372 34.83 -5.58 -87.17
N SER K 373 33.73 -5.42 -87.86
CA SER K 373 33.18 -6.51 -88.58
C SER K 373 34.27 -6.96 -89.56
N VAL K 374 35.17 -6.05 -89.91
CA VAL K 374 36.24 -6.32 -90.85
C VAL K 374 37.18 -7.44 -90.41
N PHE K 375 37.51 -7.44 -89.13
CA PHE K 375 38.52 -8.36 -88.57
C PHE K 375 38.02 -9.74 -88.14
N PRO K 376 38.96 -10.66 -88.01
CA PRO K 376 38.64 -12.08 -87.87
C PRO K 376 37.78 -12.23 -86.64
N PRO K 377 36.82 -13.23 -86.70
CA PRO K 377 35.73 -13.04 -85.74
C PRO K 377 36.19 -12.99 -84.29
N SER K 378 37.16 -13.81 -83.95
CA SER K 378 37.66 -13.76 -82.58
C SER K 378 39.14 -13.56 -82.70
N ALA K 379 39.44 -12.33 -83.06
CA ALA K 379 40.77 -11.90 -83.44
C ALA K 379 41.14 -10.58 -82.78
N HIS K 380 42.33 -10.10 -83.11
CA HIS K 380 42.88 -8.93 -82.45
C HIS K 380 42.97 -7.75 -83.41
N ILE K 381 43.40 -6.60 -82.89
CA ILE K 381 43.55 -5.43 -83.75
C ILE K 381 44.53 -4.39 -83.20
N PRO K 382 45.63 -4.18 -83.94
CA PRO K 382 46.69 -3.23 -83.63
C PRO K 382 46.17 -1.81 -83.58
N THR K 383 46.88 -0.94 -82.87
CA THR K 383 46.34 0.40 -82.74
C THR K 383 46.26 1.13 -84.08
N ILE K 384 47.31 0.97 -84.89
CA ILE K 384 47.39 1.64 -86.18
C ILE K 384 46.23 1.30 -87.13
N LEU K 385 45.84 0.03 -87.15
CA LEU K 385 44.74 -0.45 -87.99
C LEU K 385 43.37 0.09 -87.60
N LEU K 386 43.11 0.17 -86.29
CA LEU K 386 41.82 0.62 -85.79
C LEU K 386 41.61 2.08 -86.12
N SER K 387 42.68 2.84 -86.22
CA SER K 387 42.53 4.27 -86.40
C SER K 387 41.82 4.55 -87.71
N LEU K 388 42.27 3.90 -88.77
CA LEU K 388 41.79 4.22 -90.09
C LEU K 388 40.31 3.95 -90.17
N ILE K 389 39.85 2.94 -89.46
CA ILE K 389 38.50 2.43 -89.63
C ILE K 389 37.39 3.43 -89.29
N SER K 396 45.54 10.82 -80.48
CA SER K 396 45.17 10.05 -79.30
C SER K 396 43.68 9.76 -79.28
N ASP K 397 42.94 10.40 -80.18
CA ASP K 397 41.49 10.23 -80.18
C ASP K 397 41.02 8.79 -80.30
N VAL K 398 41.60 7.99 -81.21
CA VAL K 398 41.13 6.61 -81.32
C VAL K 398 41.38 5.81 -80.06
N MET K 399 42.51 6.09 -79.41
CA MET K 399 42.90 5.40 -78.19
C MET K 399 41.91 5.66 -77.07
N VAL K 400 41.44 6.91 -76.97
CA VAL K 400 40.48 7.23 -75.94
C VAL K 400 39.12 6.69 -76.33
N VAL K 401 38.72 6.87 -77.60
CA VAL K 401 37.37 6.47 -77.97
C VAL K 401 37.22 4.95 -77.79
N VAL K 402 38.25 4.18 -78.13
CA VAL K 402 38.13 2.74 -77.86
C VAL K 402 38.12 2.54 -76.35
N ASN K 403 38.89 3.37 -75.62
CA ASN K 403 39.07 3.11 -74.19
C ASN K 403 37.71 3.17 -73.51
N LYS K 404 36.93 4.15 -73.93
CA LYS K 404 35.56 4.27 -73.49
C LYS K 404 34.82 3.05 -73.93
N LEU K 405 35.04 2.63 -75.15
CA LEU K 405 34.35 1.47 -75.62
C LEU K 405 34.82 0.29 -74.81
N HIS K 406 36.02 0.44 -74.26
CA HIS K 406 36.64 -0.72 -73.66
C HIS K 406 35.68 -1.21 -72.67
N LYS K 407 35.10 -0.26 -71.94
CA LYS K 407 34.18 -0.52 -70.85
C LYS K 407 32.79 -0.96 -71.32
N TYR K 408 32.14 -0.21 -72.21
CA TYR K 408 30.76 -0.59 -72.47
C TYR K 408 30.54 -1.87 -73.29
N SER K 409 31.20 -1.99 -74.43
CA SER K 409 30.99 -3.14 -75.32
C SER K 409 32.19 -4.05 -75.39
N LEU K 410 32.13 -5.07 -76.25
CA LEU K 410 33.10 -6.13 -76.13
C LEU K 410 34.58 -5.68 -76.12
N VAL K 411 35.09 -5.07 -77.19
CA VAL K 411 36.06 -3.96 -77.21
C VAL K 411 37.33 -4.13 -76.37
N GLU K 412 37.85 -5.33 -76.21
CA GLU K 412 38.56 -5.58 -74.96
C GLU K 412 39.95 -5.11 -75.11
N LYS K 413 40.23 -3.94 -74.58
CA LYS K 413 41.55 -3.37 -74.71
C LYS K 413 42.50 -4.27 -73.99
N GLN K 414 43.76 -4.21 -74.37
CA GLN K 414 44.75 -5.09 -73.77
C GLN K 414 46.14 -4.53 -73.83
N PRO K 415 47.06 -5.24 -73.18
CA PRO K 415 48.46 -4.78 -73.11
C PRO K 415 49.42 -4.58 -74.28
N SER K 418 50.33 -2.81 -77.90
CA SER K 418 49.08 -2.24 -77.41
C SER K 418 47.90 -2.68 -78.26
N THR K 419 47.99 -3.89 -78.80
CA THR K 419 46.92 -4.43 -79.64
C THR K 419 45.63 -4.58 -78.86
N ILE K 420 44.57 -5.01 -79.54
CA ILE K 420 43.26 -5.09 -78.96
C ILE K 420 42.69 -6.42 -79.37
N SER K 421 41.85 -7.00 -78.51
CA SER K 421 41.19 -8.27 -78.84
C SER K 421 39.74 -8.08 -78.44
N ILE K 422 38.86 -8.02 -79.43
CA ILE K 422 37.43 -7.90 -79.16
C ILE K 422 36.70 -9.16 -78.73
N PRO K 423 35.60 -8.99 -78.03
CA PRO K 423 34.87 -10.11 -77.44
C PRO K 423 33.74 -10.54 -78.34
N SER K 424 33.76 -11.81 -78.71
CA SER K 424 33.04 -12.32 -79.84
C SER K 424 31.55 -12.17 -79.78
N ILE K 425 30.99 -12.42 -78.61
CA ILE K 425 29.59 -12.81 -78.50
C ILE K 425 28.69 -11.75 -79.13
N TYR K 426 29.07 -10.49 -78.94
CA TYR K 426 28.58 -9.38 -79.74
C TYR K 426 29.59 -8.95 -80.79
N LEU K 427 30.77 -9.57 -80.75
CA LEU K 427 31.83 -9.25 -81.70
C LEU K 427 31.53 -9.85 -83.07
N GLU K 428 31.38 -11.17 -83.13
CA GLU K 428 31.09 -11.86 -84.39
C GLU K 428 29.66 -11.71 -84.89
N LEU K 429 28.69 -11.96 -84.02
CA LEU K 429 27.29 -12.10 -84.40
C LEU K 429 26.56 -10.79 -84.62
N LYS K 430 26.50 -9.96 -83.58
CA LYS K 430 25.66 -8.78 -83.63
C LYS K 430 25.85 -8.03 -84.94
N VAL K 431 27.12 -7.74 -85.17
CA VAL K 431 27.57 -6.91 -86.25
C VAL K 431 27.38 -7.51 -87.65
N LYS K 432 27.65 -8.80 -87.79
CA LYS K 432 27.62 -9.45 -89.10
C LYS K 432 26.28 -9.27 -89.79
N LEU K 433 25.21 -9.43 -89.04
CA LEU K 433 23.87 -9.31 -89.58
C LEU K 433 23.57 -7.89 -90.03
N GLU K 434 23.90 -6.90 -89.21
CA GLU K 434 23.57 -5.54 -89.58
C GLU K 434 24.77 -4.82 -90.13
N ASN K 435 24.74 -4.49 -91.40
CA ASN K 435 25.86 -3.78 -91.96
C ASN K 435 25.34 -3.02 -93.18
N GLU K 436 26.10 -2.05 -93.66
CA GLU K 436 25.69 -1.25 -94.80
C GLU K 436 26.94 -1.32 -95.65
N TYR K 437 26.94 -0.79 -96.87
CA TYR K 437 28.15 -1.06 -97.62
C TYR K 437 29.13 0.07 -97.34
N ALA K 438 29.55 0.10 -96.09
CA ALA K 438 30.69 0.86 -95.61
C ALA K 438 31.92 0.05 -95.95
N LEU K 439 31.70 -1.26 -96.07
CA LEU K 439 32.75 -2.23 -96.27
C LEU K 439 33.75 -1.85 -97.34
N HIS K 440 33.26 -1.36 -98.48
CA HIS K 440 34.21 -1.09 -99.57
C HIS K 440 35.31 -0.20 -99.05
N ARG K 441 34.92 0.85 -98.33
CA ARG K 441 35.90 1.79 -97.83
C ARG K 441 36.83 1.11 -96.82
N SER K 442 36.27 0.28 -95.94
CA SER K 442 37.08 -0.36 -94.91
C SER K 442 38.11 -1.32 -95.52
N ILE K 443 37.64 -2.14 -96.45
CA ILE K 443 38.47 -3.15 -97.08
C ILE K 443 39.56 -2.44 -97.89
N VAL K 444 39.18 -1.36 -98.56
CA VAL K 444 40.15 -0.63 -99.40
C VAL K 444 41.18 -0.08 -98.42
N ASP K 445 40.72 0.30 -97.23
CA ASP K 445 41.62 0.87 -96.24
C ASP K 445 42.66 -0.20 -95.93
N HIS K 446 42.18 -1.45 -95.83
CA HIS K 446 43.08 -2.56 -95.54
C HIS K 446 44.07 -2.64 -96.69
N TYR K 447 43.64 -2.42 -97.92
CA TYR K 447 44.64 -2.47 -98.98
C TYR K 447 45.69 -1.40 -98.74
N ASN K 448 45.23 -0.21 -98.35
CA ASN K 448 46.13 0.91 -98.16
C ASN K 448 47.17 0.69 -97.07
N ILE K 449 46.78 0.08 -95.95
CA ILE K 449 47.74 -0.06 -94.86
C ILE K 449 48.97 -0.93 -95.22
N PRO K 450 48.81 -2.15 -95.78
CA PRO K 450 50.10 -2.73 -96.18
C PRO K 450 50.78 -1.97 -97.31
N LYS K 451 50.02 -1.20 -98.06
CA LYS K 451 50.62 -0.41 -99.12
C LYS K 451 51.59 0.53 -98.43
N THR K 452 51.13 1.17 -97.36
CA THR K 452 51.96 2.13 -96.64
C THR K 452 53.17 1.41 -96.05
N PHE K 453 52.92 0.26 -95.41
CA PHE K 453 54.01 -0.52 -94.83
C PHE K 453 54.87 -1.01 -95.99
N ASP K 454 56.14 -0.65 -96.00
CA ASP K 454 56.99 -1.12 -97.08
C ASP K 454 58.46 -0.96 -96.71
N SER K 455 59.23 -2.00 -96.95
CA SER K 455 60.67 -1.94 -96.75
C SER K 455 61.29 -2.12 -98.11
N ASP K 456 62.56 -1.77 -98.26
CA ASP K 456 63.20 -1.85 -99.57
C ASP K 456 63.12 -3.29 -100.06
N ASP K 457 63.53 -4.23 -99.20
CA ASP K 457 63.48 -5.63 -99.56
C ASP K 457 62.15 -6.27 -99.17
N LEU K 458 62.12 -7.59 -99.28
CA LEU K 458 60.92 -8.40 -99.14
C LEU K 458 60.39 -8.60 -97.72
N ILE K 459 61.08 -8.01 -96.74
CA ILE K 459 60.66 -8.13 -95.34
C ILE K 459 59.76 -6.97 -94.93
N PRO K 460 58.51 -7.32 -94.42
CA PRO K 460 57.68 -6.17 -94.04
C PRO K 460 57.70 -5.93 -92.53
N PRO K 461 57.08 -4.86 -92.07
CA PRO K 461 57.06 -4.56 -90.64
C PRO K 461 55.77 -5.06 -89.98
N TYR K 462 55.70 -6.36 -89.73
CA TYR K 462 54.46 -7.00 -89.36
C TYR K 462 54.22 -7.02 -87.86
N LEU K 463 53.15 -6.36 -87.42
CA LEU K 463 52.74 -6.45 -86.04
C LEU K 463 52.38 -7.92 -85.88
N ASP K 464 52.76 -8.48 -84.75
CA ASP K 464 53.20 -9.85 -84.61
C ASP K 464 52.18 -10.90 -85.01
N GLN K 465 50.94 -10.73 -84.61
CA GLN K 465 49.94 -11.73 -84.91
C GLN K 465 48.97 -11.25 -85.97
N TYR K 466 48.42 -10.06 -85.76
CA TYR K 466 47.33 -9.65 -86.63
C TYR K 466 47.67 -9.73 -88.07
N PHE K 467 48.77 -9.08 -88.42
CA PHE K 467 49.11 -8.95 -89.81
C PHE K 467 49.26 -10.30 -90.44
N TYR K 468 49.97 -11.20 -89.77
CA TYR K 468 50.26 -12.50 -90.35
C TYR K 468 48.97 -13.26 -90.69
N SER K 469 48.05 -13.35 -89.75
CA SER K 469 46.80 -14.08 -89.98
C SER K 469 45.83 -13.37 -90.93
N HIS K 470 45.51 -12.14 -90.54
CA HIS K 470 44.46 -11.30 -91.13
C HIS K 470 44.76 -10.82 -92.56
N ILE K 471 46.04 -10.54 -92.82
CA ILE K 471 46.41 -9.83 -94.06
C ILE K 471 45.85 -10.59 -95.22
N GLY K 472 46.02 -11.90 -95.23
CA GLY K 472 45.58 -12.70 -96.36
C GLY K 472 44.08 -12.60 -96.52
N HIS K 473 43.35 -12.61 -95.42
CA HIS K 473 41.89 -12.58 -95.49
C HIS K 473 41.41 -11.29 -96.16
N HIS K 474 41.98 -10.18 -95.69
CA HIS K 474 41.59 -8.88 -96.19
C HIS K 474 41.98 -8.78 -97.64
N LEU K 475 43.15 -9.33 -97.95
CA LEU K 475 43.69 -9.32 -99.29
C LEU K 475 42.79 -10.07 -100.23
N LYS K 476 42.30 -11.22 -99.76
CA LYS K 476 41.45 -12.07 -100.56
C LYS K 476 40.24 -11.26 -100.93
N ASN K 477 39.72 -10.54 -99.94
CA ASN K 477 38.53 -9.73 -100.24
C ASN K 477 38.85 -8.63 -101.25
N ILE K 478 39.99 -7.94 -101.10
CA ILE K 478 40.26 -6.78 -101.96
C ILE K 478 40.48 -7.12 -103.45
N GLU K 479 41.41 -8.04 -103.74
CA GLU K 479 41.84 -8.45 -105.09
C GLU K 479 42.98 -9.49 -105.12
N HIS K 480 43.24 -10.02 -106.32
CA HIS K 480 44.33 -10.97 -106.59
C HIS K 480 45.78 -10.43 -106.54
N PRO K 481 46.09 -9.31 -107.26
CA PRO K 481 47.50 -8.93 -107.40
C PRO K 481 48.24 -8.83 -106.08
N GLU K 482 47.63 -8.23 -105.07
CA GLU K 482 48.27 -8.07 -103.77
C GLU K 482 48.47 -9.45 -103.21
N ARG K 483 47.45 -10.28 -103.39
CA ARG K 483 47.43 -11.60 -102.81
C ARG K 483 48.68 -12.32 -103.27
N MET K 484 48.95 -12.14 -104.57
CA MET K 484 50.04 -12.82 -105.22
C MET K 484 51.36 -12.47 -104.55
N THR K 485 51.64 -11.19 -104.36
CA THR K 485 52.91 -10.78 -103.76
C THR K 485 53.03 -11.06 -102.26
N LEU K 486 52.00 -10.69 -101.49
CA LEU K 486 52.04 -10.81 -100.01
C LEU K 486 52.10 -12.24 -99.53
N PHE K 487 51.26 -13.09 -100.11
CA PHE K 487 51.21 -14.48 -99.68
C PHE K 487 52.57 -15.06 -99.88
N ARG K 488 53.28 -14.53 -100.87
CA ARG K 488 54.67 -14.89 -100.98
C ARG K 488 54.68 -16.36 -101.37
N MET K 489 53.70 -16.68 -102.18
CA MET K 489 53.69 -17.92 -102.91
C MET K 489 54.73 -17.59 -103.97
N VAL K 490 54.66 -16.35 -104.43
CA VAL K 490 55.63 -15.75 -105.33
C VAL K 490 56.94 -15.64 -104.56
N PHE K 491 56.86 -15.09 -103.34
CA PHE K 491 58.08 -14.76 -102.59
C PHE K 491 58.44 -15.70 -101.46
N LEU K 492 59.73 -15.97 -101.39
CA LEU K 492 60.27 -17.07 -100.62
C LEU K 492 60.43 -16.51 -99.21
N ASP K 493 60.44 -15.18 -99.12
CA ASP K 493 60.55 -14.48 -97.84
C ASP K 493 59.45 -14.80 -96.84
N PHE K 494 58.18 -14.99 -97.22
CA PHE K 494 57.20 -15.26 -96.16
C PHE K 494 57.20 -16.69 -95.76
N ARG K 495 57.82 -17.52 -96.58
CA ARG K 495 58.11 -18.83 -96.11
C ARG K 495 58.89 -18.64 -94.82
N PHE K 496 59.98 -17.89 -94.97
CA PHE K 496 60.80 -17.45 -93.85
C PHE K 496 60.00 -16.82 -92.73
N LEU K 497 59.45 -15.63 -92.96
CA LEU K 497 59.02 -14.87 -91.81
C LEU K 497 57.81 -15.48 -91.17
N GLU K 498 56.81 -15.86 -91.98
CA GLU K 498 55.60 -16.38 -91.38
C GLU K 498 55.96 -17.60 -90.56
N GLN K 499 56.76 -18.47 -91.15
CA GLN K 499 57.08 -19.73 -90.48
C GLN K 499 57.87 -19.47 -89.19
N LYS K 500 58.97 -18.72 -89.21
CA LYS K 500 59.69 -18.64 -87.94
C LYS K 500 58.99 -17.77 -86.89
N ILE K 501 58.36 -16.64 -87.25
CA ILE K 501 57.73 -15.88 -86.15
C ILE K 501 56.58 -16.72 -85.58
N ARG K 502 55.79 -17.39 -86.41
CA ARG K 502 54.72 -18.15 -85.77
C ARG K 502 55.20 -19.52 -85.32
N HIS K 503 56.33 -19.47 -84.62
CA HIS K 503 56.92 -20.55 -83.85
C HIS K 503 56.51 -20.45 -82.40
N ASN K 516 51.32 -22.83 -85.75
CA ASN K 516 52.58 -23.10 -86.43
C ASN K 516 52.39 -23.18 -87.93
N THR K 517 52.95 -24.23 -88.54
CA THR K 517 52.84 -24.45 -89.97
C THR K 517 51.37 -24.63 -90.34
N LEU K 518 50.60 -25.16 -89.39
CA LEU K 518 49.21 -25.54 -89.61
C LEU K 518 48.38 -24.38 -90.16
N GLN K 519 48.52 -23.22 -89.52
CA GLN K 519 47.78 -22.02 -89.90
C GLN K 519 48.26 -21.52 -91.24
N GLN K 520 49.56 -21.60 -91.45
CA GLN K 520 50.20 -21.09 -92.66
C GLN K 520 49.52 -21.88 -93.81
N LEU K 521 49.43 -23.20 -93.63
CA LEU K 521 48.82 -24.09 -94.61
C LEU K 521 47.38 -23.68 -94.80
N LYS K 522 46.77 -23.28 -93.69
CA LYS K 522 45.38 -22.88 -93.70
C LYS K 522 45.26 -21.66 -94.60
N PHE K 523 46.22 -20.74 -94.53
CA PHE K 523 46.08 -19.54 -95.34
C PHE K 523 46.17 -19.97 -96.78
N TYR K 524 47.15 -20.81 -97.09
CA TYR K 524 47.33 -21.12 -98.51
C TYR K 524 46.11 -21.79 -99.13
N LYS K 525 45.49 -22.76 -98.47
CA LYS K 525 44.41 -23.48 -99.15
C LYS K 525 43.11 -22.66 -99.53
N PRO K 526 42.41 -22.00 -98.57
CA PRO K 526 41.22 -21.30 -99.10
C PRO K 526 41.50 -20.03 -99.92
N TYR K 527 42.64 -19.39 -99.67
CA TYR K 527 42.95 -18.12 -100.33
C TYR K 527 43.29 -18.23 -101.81
N ILE K 528 43.75 -19.40 -102.28
CA ILE K 528 44.30 -19.48 -103.64
C ILE K 528 43.30 -18.99 -104.69
N CYS K 529 42.00 -19.14 -104.41
CA CYS K 529 40.95 -18.91 -105.39
C CYS K 529 41.03 -17.52 -106.01
N ASP K 530 41.56 -16.56 -105.26
CA ASP K 530 41.63 -15.19 -105.75
C ASP K 530 42.48 -15.15 -107.01
N ASP K 532 46.64 -15.25 -111.17
CA ASP K 532 45.86 -16.02 -112.13
C ASP K 532 46.14 -17.52 -111.89
N PRO K 533 45.65 -18.43 -112.77
CA PRO K 533 45.95 -19.85 -112.55
C PRO K 533 47.43 -20.29 -112.68
N LYS K 534 48.21 -19.72 -113.58
CA LYS K 534 49.59 -20.19 -113.81
C LYS K 534 50.39 -20.05 -112.50
N TYR K 535 50.25 -18.87 -111.91
CA TYR K 535 50.93 -18.59 -110.66
C TYR K 535 50.28 -19.53 -109.65
N GLU K 536 48.98 -19.79 -109.81
CA GLU K 536 48.24 -20.61 -108.86
C GLU K 536 48.84 -22.00 -108.68
N ARG K 537 49.08 -22.68 -109.80
CA ARG K 537 49.59 -24.04 -109.77
C ARG K 537 50.90 -23.90 -109.06
N LEU K 538 51.59 -22.81 -109.39
CA LEU K 538 52.89 -22.60 -108.79
C LEU K 538 52.75 -22.50 -107.25
N VAL K 539 51.79 -21.72 -106.75
CA VAL K 539 51.64 -21.54 -105.30
C VAL K 539 51.35 -22.86 -104.63
N ASN K 540 50.57 -23.72 -105.27
CA ASN K 540 50.30 -24.98 -104.58
C ASN K 540 51.60 -25.76 -104.52
N ALA K 541 52.40 -25.60 -105.58
CA ALA K 541 53.67 -26.30 -105.69
C ALA K 541 54.59 -25.91 -104.52
N ILE K 542 54.64 -24.60 -104.23
CA ILE K 542 55.46 -24.03 -103.16
C ILE K 542 54.91 -24.56 -101.84
N LEU K 543 53.59 -24.65 -101.80
CA LEU K 543 52.85 -25.02 -100.60
C LEU K 543 53.21 -26.41 -100.17
N ASP K 544 53.30 -27.36 -101.08
CA ASP K 544 53.62 -28.72 -100.65
C ASP K 544 55.03 -28.71 -100.06
N PHE K 545 55.90 -27.92 -100.65
CA PHE K 545 57.29 -27.85 -100.21
C PHE K 545 57.43 -27.32 -98.79
N LEU K 546 56.59 -26.36 -98.48
CA LEU K 546 56.63 -25.68 -97.20
C LEU K 546 56.41 -26.56 -95.93
N PRO K 547 55.29 -27.33 -95.82
CA PRO K 547 55.30 -28.21 -94.65
C PRO K 547 56.32 -29.33 -94.75
N LYS K 548 56.82 -29.58 -95.95
CA LYS K 548 57.77 -30.65 -96.20
C LYS K 548 59.03 -30.42 -95.40
N ILE K 549 59.52 -29.18 -95.39
CA ILE K 549 60.74 -28.84 -94.65
C ILE K 549 60.49 -27.71 -93.67
N SER K 556 67.89 -21.09 -89.01
CA SER K 556 68.73 -21.11 -90.22
C SER K 556 69.19 -19.75 -90.91
N LYS K 557 70.46 -19.25 -90.76
CA LYS K 557 71.15 -17.98 -91.39
C LYS K 557 70.63 -17.95 -92.82
N TYR K 558 70.32 -16.76 -93.29
CA TYR K 558 69.40 -16.37 -94.26
C TYR K 558 69.22 -17.42 -95.48
N THR K 559 70.36 -17.91 -95.76
CA THR K 559 70.70 -18.96 -96.72
C THR K 559 69.88 -20.28 -96.94
N ASP K 560 69.54 -20.98 -95.91
CA ASP K 560 68.99 -22.32 -96.04
C ASP K 560 67.73 -22.21 -96.88
N LEU K 561 66.95 -21.16 -96.65
CA LEU K 561 65.67 -20.99 -97.32
C LEU K 561 65.89 -20.98 -98.84
N LEU K 562 66.89 -20.22 -99.30
CA LEU K 562 67.10 -20.06 -100.73
C LEU K 562 67.61 -21.39 -101.31
N ARG K 563 68.45 -22.08 -100.53
CA ARG K 563 68.96 -23.35 -101.05
C ARG K 563 67.89 -24.42 -101.16
N ILE K 564 66.99 -24.51 -100.20
CA ILE K 564 65.93 -25.50 -100.32
C ILE K 564 65.05 -25.06 -101.49
N ALA K 565 64.92 -23.74 -101.69
CA ALA K 565 64.10 -23.21 -102.77
C ALA K 565 64.64 -23.77 -104.09
N LEU K 566 65.95 -23.98 -104.12
CA LEU K 566 66.64 -24.39 -105.35
C LEU K 566 66.18 -25.73 -105.94
N MET K 567 65.62 -26.61 -105.12
CA MET K 567 65.32 -27.98 -105.58
C MET K 567 64.42 -28.05 -106.82
N ALA K 568 63.31 -27.32 -106.85
CA ALA K 568 62.47 -27.45 -108.04
C ALA K 568 62.55 -26.17 -108.85
N GLU K 569 62.97 -26.36 -110.11
CA GLU K 569 63.23 -25.27 -111.05
C GLU K 569 61.98 -24.51 -111.49
N ASP K 570 60.86 -25.23 -111.56
CA ASP K 570 59.61 -24.69 -112.09
C ASP K 570 58.97 -23.54 -111.31
N GLU K 571 59.43 -23.25 -110.10
CA GLU K 571 58.66 -22.35 -109.25
C GLU K 571 59.20 -20.94 -109.02
N ALA K 572 58.26 -20.03 -108.73
CA ALA K 572 58.49 -18.61 -108.45
C ALA K 572 59.25 -18.46 -107.15
N ILE K 573 58.98 -19.36 -106.20
CA ILE K 573 59.67 -19.33 -104.92
C ILE K 573 61.16 -19.34 -105.22
N PHE K 574 61.63 -20.16 -106.14
CA PHE K 574 63.06 -20.14 -106.40
C PHE K 574 63.54 -18.79 -106.96
N GLU K 575 62.77 -18.21 -107.89
CA GLU K 575 63.17 -16.94 -108.50
C GLU K 575 63.27 -15.85 -107.46
N GLU K 576 62.30 -15.86 -106.56
CA GLU K 576 62.26 -14.89 -105.49
C GLU K 576 63.42 -15.13 -104.57
N ALA K 577 63.72 -16.41 -104.36
CA ALA K 577 64.78 -16.82 -103.46
C ALA K 577 66.06 -16.21 -103.99
N HIS K 578 66.20 -16.26 -105.31
CA HIS K 578 67.39 -15.74 -105.94
C HIS K 578 67.40 -14.23 -105.72
N LYS K 579 66.24 -13.58 -105.81
CA LYS K 579 66.24 -12.13 -105.63
C LYS K 579 66.68 -11.76 -104.22
N GLN K 580 66.07 -12.41 -103.23
CA GLN K 580 66.35 -12.12 -101.83
C GLN K 580 67.80 -12.45 -101.42
N VAL K 581 68.45 -13.43 -102.07
CA VAL K 581 69.90 -13.58 -101.82
C VAL K 581 70.62 -12.41 -102.48
N GLN K 582 70.16 -12.01 -103.67
CA GLN K 582 70.75 -10.86 -104.36
C GLN K 582 70.78 -9.63 -103.44
N ARG K 583 69.67 -9.36 -102.77
CA ARG K 583 69.67 -8.34 -101.72
C ARG K 583 69.56 -8.99 -100.34
N UNK K 584 61.49 -35.16 -92.40
CA UNK K 584 60.42 -36.05 -91.97
C UNK K 584 59.08 -35.41 -92.33
N UNK K 585 58.14 -36.24 -92.74
CA UNK K 585 56.82 -35.77 -93.12
C UNK K 585 56.19 -34.87 -92.05
N UNK K 586 56.46 -35.15 -90.78
CA UNK K 586 55.88 -34.34 -89.71
C UNK K 586 56.75 -34.26 -88.45
N UNK K 587 56.75 -33.09 -87.82
CA UNK K 587 57.52 -32.87 -86.61
C UNK K 587 56.69 -32.11 -85.56
N UNK K 588 56.47 -32.76 -84.43
CA UNK K 588 55.66 -32.23 -83.35
C UNK K 588 56.46 -31.81 -82.12
N UNK K 589 56.14 -30.63 -81.58
CA UNK K 589 56.82 -30.12 -80.40
C UNK K 589 55.79 -29.75 -79.32
N UNK K 590 55.35 -30.74 -78.50
CA UNK K 590 54.38 -30.52 -77.43
C UNK K 590 54.87 -30.66 -75.99
N UNK K 591 56.16 -30.92 -75.81
CA UNK K 591 56.68 -31.07 -74.46
C UNK K 591 57.66 -29.94 -74.17
N UNK K 592 57.93 -29.71 -72.89
CA UNK K 592 58.85 -28.65 -72.52
C UNK K 592 60.11 -29.29 -72.01
N UNK K 593 61.94 -32.32 -72.44
CA UNK K 593 62.14 -33.49 -73.28
C UNK K 593 60.89 -34.34 -73.42
N UNK K 594 60.69 -34.90 -74.62
CA UNK K 594 59.56 -35.77 -74.89
C UNK K 594 60.09 -37.18 -74.73
N UNK K 595 59.47 -37.97 -73.88
CA UNK K 595 59.98 -39.32 -73.71
C UNK K 595 59.33 -40.36 -74.60
N UNK K 596 58.03 -40.25 -74.79
CA UNK K 596 57.30 -41.20 -75.62
C UNK K 596 56.14 -40.49 -76.30
N UNK K 597 55.69 -41.05 -77.42
CA UNK K 597 54.58 -40.50 -78.19
C UNK K 597 54.02 -41.65 -79.01
N UNK K 598 52.74 -41.58 -79.39
CA UNK K 598 52.14 -42.65 -80.16
C UNK K 598 50.85 -42.23 -80.88
N UNK K 599 50.43 -43.03 -81.85
CA UNK K 599 49.24 -42.76 -82.65
C UNK K 599 47.98 -43.33 -82.02
N UNK K 600 46.84 -42.73 -82.36
CA UNK K 600 45.56 -43.24 -81.88
C UNK K 600 45.33 -44.46 -82.74
N UNK K 601 44.41 -45.34 -82.33
CA UNK K 601 44.17 -46.54 -83.10
C UNK K 601 43.78 -46.28 -84.56
N UNK K 602 43.15 -45.15 -84.84
CA UNK K 602 42.80 -44.84 -86.22
C UNK K 602 43.86 -43.94 -86.86
N UNK K 603 44.94 -43.70 -86.12
CA UNK K 603 46.02 -42.87 -86.64
C UNK K 603 45.72 -41.38 -86.78
N UNK K 604 44.49 -40.98 -86.48
CA UNK K 604 44.09 -39.57 -86.58
C UNK K 604 44.70 -38.63 -85.55
N UNK K 605 45.02 -39.18 -84.38
CA UNK K 605 45.59 -38.38 -83.30
C UNK K 605 46.92 -38.93 -82.80
N UNK K 606 47.61 -38.12 -82.00
CA UNK K 606 48.89 -38.48 -81.40
C UNK K 606 48.94 -37.99 -79.97
N UNK K 607 49.39 -38.83 -79.05
CA UNK K 607 49.51 -38.43 -77.66
C UNK K 607 51.00 -38.55 -77.36
N UNK K 608 51.52 -37.63 -76.56
CA UNK K 608 52.93 -37.61 -76.23
C UNK K 608 53.09 -37.20 -74.79
N UNK K 609 53.99 -37.85 -74.08
CA UNK K 609 54.22 -37.55 -72.67
C UNK K 609 55.70 -37.39 -72.44
N UNK K 610 56.09 -36.36 -71.72
CA UNK K 610 57.52 -36.17 -71.49
C UNK K 610 57.86 -35.71 -70.09
N UNK K 611 59.05 -35.14 -69.96
CA UNK K 611 59.57 -34.77 -68.66
C UNK K 611 58.91 -33.50 -68.14
N UNK K 612 58.05 -32.90 -68.96
CA UNK K 612 57.39 -31.69 -68.50
C UNK K 612 56.18 -32.03 -67.62
N UNK K 613 56.00 -33.32 -67.32
CA UNK K 613 54.92 -33.85 -66.47
C UNK K 613 53.50 -33.87 -67.07
N UNK K 614 53.33 -33.38 -68.29
CA UNK K 614 51.99 -33.33 -68.91
C UNK K 614 51.64 -34.41 -69.94
N UNK K 615 50.35 -34.53 -70.25
CA UNK K 615 49.87 -35.48 -71.25
C UNK K 615 49.41 -34.55 -72.36
N UNK K 616 49.86 -34.80 -73.59
CA UNK K 616 49.47 -33.94 -74.69
C UNK K 616 48.86 -34.73 -75.82
N UNK K 617 47.92 -34.11 -76.52
CA UNK K 617 47.29 -34.78 -77.63
C UNK K 617 47.00 -33.76 -78.72
N UNK K 618 47.19 -34.18 -79.96
CA UNK K 618 47.01 -33.33 -81.13
C UNK K 618 46.65 -34.16 -82.36
N UNK K 619 46.08 -33.50 -83.37
CA UNK K 619 45.70 -34.18 -84.59
C UNK K 619 46.97 -34.67 -85.28
N UNK K 620 46.91 -35.85 -85.88
CA UNK K 620 48.09 -36.39 -86.57
C UNK K 620 48.39 -35.53 -87.80
N UNK K 621 47.32 -35.10 -88.46
CA UNK K 621 47.41 -34.26 -89.64
C UNK K 621 48.11 -32.92 -89.50
N UNK K 622 47.74 -32.14 -88.49
CA UNK K 622 48.30 -30.80 -88.31
C UNK K 622 48.97 -30.39 -86.99
N UNK K 623 49.00 -31.27 -86.00
CA UNK K 623 49.63 -30.90 -84.73
C UNK K 623 48.74 -29.98 -83.90
N UNK K 624 47.60 -29.64 -84.49
CA UNK K 624 46.58 -28.80 -83.88
C UNK K 624 46.31 -29.36 -82.49
N UNK K 625 46.72 -28.65 -81.46
CA UNK K 625 46.52 -29.13 -80.10
C UNK K 625 45.08 -29.52 -79.77
N UNK K 626 44.92 -30.70 -79.14
CA UNK K 626 43.62 -31.21 -78.74
C UNK K 626 43.50 -31.28 -77.22
N UNK K 627 44.53 -31.77 -76.54
CA UNK K 627 44.51 -31.83 -75.07
C UNK K 627 45.84 -31.37 -74.46
N UNK K 628 45.76 -30.65 -73.34
CA UNK K 628 46.94 -30.16 -72.62
C UNK K 628 46.71 -30.43 -71.11
N UNK K 629 46.84 -31.68 -70.71
CA UNK K 629 46.62 -32.13 -69.34
C UNK K 629 47.88 -32.15 -68.48
N UNK K 630 47.72 -31.94 -67.18
CA UNK K 630 48.86 -31.97 -66.26
C UNK K 630 48.77 -33.37 -65.61
N UNK K 631 49.11 -34.40 -66.36
CA UNK K 631 49.01 -35.80 -65.92
C UNK K 631 49.63 -36.28 -64.59
N UNK K 632 50.87 -35.92 -64.30
CA UNK K 632 51.47 -36.39 -63.06
C UNK K 632 52.30 -35.37 -62.32
N UNK K 633 52.85 -35.83 -61.20
CA UNK K 633 53.67 -35.02 -60.32
C UNK K 633 55.14 -35.46 -60.47
N UNK K 634 55.72 -36.75 -61.45
CA UNK K 634 57.08 -37.20 -61.73
C UNK K 634 57.12 -37.78 -63.15
N UNK K 635 58.30 -37.72 -63.76
CA UNK K 635 58.49 -38.15 -65.15
C UNK K 635 57.80 -39.45 -65.53
N UNK K 636 57.36 -39.52 -66.78
CA UNK K 636 56.66 -40.70 -67.28
C UNK K 636 57.61 -41.56 -68.09
N UNK K 637 57.25 -42.83 -68.26
CA UNK K 637 58.10 -43.77 -68.99
C UNK K 637 57.50 -44.56 -70.17
N UNK K 638 56.18 -44.63 -70.23
CA UNK K 638 55.55 -45.37 -71.30
C UNK K 638 54.06 -45.07 -71.34
N UNK K 639 53.45 -45.31 -72.50
CA UNK K 639 52.03 -45.07 -72.70
C UNK K 639 51.50 -45.92 -73.87
N UNK K 640 50.23 -46.31 -73.82
CA UNK K 640 49.67 -47.13 -74.88
C UNK K 640 48.18 -46.97 -74.99
N UNK K 641 47.62 -47.46 -76.09
CA UNK K 641 46.18 -47.40 -76.35
C UNK K 641 45.62 -48.80 -76.11
N UNK K 642 44.33 -48.90 -75.85
CA UNK K 642 43.69 -50.20 -75.63
C UNK K 642 43.38 -50.79 -77.00
N UNK K 643 42.80 -51.97 -77.02
CA UNK K 643 42.46 -52.64 -78.27
C UNK K 643 41.49 -51.86 -79.16
N UNK K 644 40.61 -51.06 -78.57
CA UNK K 644 39.65 -50.29 -79.37
C UNK K 644 39.90 -48.79 -79.22
N UNK K 645 41.14 -48.42 -78.90
CA UNK K 645 41.50 -47.02 -78.75
C UNK K 645 40.58 -46.29 -77.80
N UNK K 646 39.80 -47.03 -77.04
CA UNK K 646 38.88 -46.40 -76.11
C UNK K 646 39.65 -45.78 -74.93
N UNK K 647 40.80 -46.38 -74.64
CA UNK K 647 41.61 -45.92 -73.53
C UNK K 647 43.07 -45.77 -73.89
N UNK K 648 43.79 -45.12 -72.97
CA UNK K 648 45.22 -44.90 -73.08
C UNK K 648 45.74 -45.05 -71.66
N UNK K 649 46.73 -45.88 -71.45
CA UNK K 649 47.27 -46.01 -70.12
C UNK K 649 48.60 -45.27 -70.15
N UNK K 650 49.15 -45.01 -68.96
CA UNK K 650 50.44 -44.36 -68.83
C UNK K 650 50.99 -44.86 -67.52
N UNK K 651 52.26 -45.23 -67.52
CA UNK K 651 52.88 -45.69 -66.29
C UNK K 651 54.09 -44.76 -66.10
N UNK K 652 54.39 -44.41 -64.85
CA UNK K 652 55.50 -43.48 -64.61
C UNK K 652 56.39 -43.81 -63.44
N UNK K 653 57.34 -42.91 -63.19
CA UNK K 653 58.29 -43.06 -62.10
C UNK K 653 57.68 -42.90 -60.73
N UNK K 654 56.43 -42.43 -60.68
CA UNK K 654 55.77 -42.27 -59.39
C UNK K 654 55.21 -43.62 -59.00
N UNK K 655 55.59 -44.64 -59.77
CA UNK K 655 55.19 -46.02 -59.51
C UNK K 655 53.71 -46.29 -59.79
N UNK K 656 53.02 -45.32 -60.37
CA UNK K 656 51.60 -45.50 -60.69
C UNK K 656 51.35 -45.81 -62.16
N UNK K 657 50.17 -46.36 -62.42
CA UNK K 657 49.70 -46.69 -63.77
C UNK K 657 48.36 -45.98 -63.87
N UNK K 658 48.03 -45.42 -65.03
CA UNK K 658 46.77 -44.71 -65.12
C UNK K 658 45.99 -44.99 -66.40
N UNK K 659 44.67 -44.93 -66.31
CA UNK K 659 43.85 -45.18 -67.48
C UNK K 659 43.10 -43.91 -67.79
N UNK K 660 43.05 -43.55 -69.07
CA UNK K 660 42.38 -42.32 -69.49
C UNK K 660 41.40 -42.58 -70.63
N UNK K 661 40.34 -41.78 -70.66
CA UNK K 661 39.35 -41.87 -71.73
C UNK K 661 40.09 -41.16 -72.85
N UNK K 662 40.47 -41.88 -73.88
CA UNK K 662 41.23 -41.28 -74.97
C UNK K 662 40.50 -40.13 -75.64
N UNK K 663 39.20 -40.02 -75.39
CA UNK K 663 38.41 -38.97 -76.00
C UNK K 663 38.40 -37.67 -75.21
N UNK K 664 40.05 -37.40 -72.08
CA UNK K 664 41.25 -37.26 -71.27
C UNK K 664 41.00 -37.29 -69.79
N UNK K 665 39.78 -37.64 -69.39
CA UNK K 665 39.48 -37.70 -67.96
C UNK K 665 40.06 -38.97 -67.34
N UNK K 666 40.71 -38.81 -66.19
CA UNK K 666 41.31 -39.93 -65.48
C UNK K 666 40.20 -40.96 -65.24
N UNK K 667 40.43 -42.19 -65.66
CA UNK K 667 39.43 -43.25 -65.51
C UNK K 667 39.93 -44.27 -64.49
N UNK K 668 43.27 -44.97 -61.25
CA UNK K 668 44.70 -45.22 -61.18
C UNK K 668 45.01 -46.47 -60.37
N UNK K 669 46.11 -47.14 -60.72
CA UNK K 669 46.52 -48.36 -60.06
C UNK K 669 47.90 -48.18 -59.46
N UNK K 670 47.98 -48.03 -58.14
CA UNK K 670 49.27 -47.90 -57.49
C UNK K 670 49.54 -49.18 -56.73
N UNK K 671 50.52 -49.96 -57.18
CA UNK K 671 50.86 -51.22 -56.53
C UNK K 671 52.30 -51.59 -56.76
N UNK K 672 54.35 -51.21 -61.05
CA UNK K 672 53.94 -52.11 -62.11
C UNK K 672 54.53 -51.62 -63.44
N UNK K 673 55.33 -52.49 -64.05
CA UNK K 673 56.06 -52.21 -65.30
C UNK K 673 55.32 -52.56 -66.58
N UNK K 674 54.76 -53.76 -66.64
CA UNK K 674 54.02 -54.21 -67.82
C UNK K 674 52.54 -53.89 -67.70
N UNK K 675 51.92 -53.57 -68.83
CA UNK K 675 50.47 -53.39 -68.92
C UNK K 675 50.04 -53.38 -70.39
N UNK K 676 49.31 -54.44 -70.75
CA UNK K 676 48.83 -54.67 -72.10
C UNK K 676 47.37 -55.15 -72.13
N UNK K 677 46.61 -54.74 -73.15
CA UNK K 677 45.20 -55.12 -73.27
C UNK K 677 45.03 -56.36 -74.14
N UNK K 678 43.81 -56.89 -74.19
CA UNK K 678 43.53 -58.05 -75.03
C UNK K 678 43.36 -57.55 -76.46
N UNK K 679 43.78 -58.34 -77.44
CA UNK K 679 43.70 -57.93 -78.85
C UNK K 679 42.32 -58.04 -79.48
N UNK K 680 41.65 -59.17 -79.24
CA UNK K 680 40.33 -59.38 -79.79
C UNK K 680 39.30 -58.39 -79.29
N UNK K 681 38.65 -57.74 -80.26
CA UNK K 681 37.62 -56.74 -80.03
C UNK K 681 36.43 -57.31 -79.27
N UNK K 682 36.53 -58.56 -78.89
CA UNK K 682 35.45 -59.21 -78.17
C UNK K 682 35.55 -58.92 -76.66
N UNK K 683 36.45 -59.63 -75.99
CA UNK K 683 36.67 -59.45 -74.55
C UNK K 683 37.55 -58.22 -74.27
N UNK K 684 37.50 -57.72 -73.04
CA UNK K 684 38.25 -56.53 -72.65
C UNK K 684 39.05 -56.68 -71.36
N UNK K 685 40.19 -57.36 -71.41
CA UNK K 685 40.99 -57.56 -70.22
C UNK K 685 42.28 -56.77 -70.24
N UNK K 686 42.86 -56.58 -69.07
CA UNK K 686 44.11 -55.86 -68.94
C UNK K 686 45.05 -56.71 -68.12
N UNK K 687 46.28 -56.85 -68.59
CA UNK K 687 47.28 -57.64 -67.89
C UNK K 687 48.39 -56.73 -67.41
N UNK K 688 48.82 -56.93 -66.19
CA UNK K 688 49.87 -56.10 -65.62
C UNK K 688 50.93 -56.95 -64.91
N UNK K 689 52.19 -56.55 -65.08
CA UNK K 689 53.30 -57.23 -64.44
C UNK K 689 53.90 -56.23 -63.48
N UNK K 690 54.36 -56.66 -62.32
CA UNK K 690 54.93 -55.72 -61.37
C UNK K 690 56.19 -56.22 -60.67
N UNK K 691 56.90 -55.30 -60.03
CA UNK K 691 58.11 -55.64 -59.29
C UNK K 691 57.76 -56.50 -58.09
N UNK K 692 56.46 -56.61 -57.79
CA UNK K 692 56.02 -57.41 -56.67
C UNK K 692 55.95 -58.91 -57.02
N UNK K 693 56.43 -59.24 -58.21
CA UNK K 693 56.47 -60.63 -58.69
C UNK K 693 55.16 -61.17 -59.23
N UNK K 694 54.08 -60.39 -59.18
CA UNK K 694 52.82 -60.90 -59.68
C UNK K 694 52.44 -60.31 -61.01
N UNK K 695 51.42 -60.93 -61.58
CA UNK K 695 50.81 -60.55 -62.83
C UNK K 695 49.33 -60.43 -62.48
N UNK K 696 48.61 -59.52 -63.10
CA UNK K 696 47.21 -59.41 -62.78
C UNK K 696 46.33 -59.23 -64.00
N UNK K 697 45.16 -59.88 -63.96
CA UNK K 697 44.21 -59.75 -65.03
C UNK K 697 43.11 -58.91 -64.43
N UNK K 698 42.70 -57.86 -65.14
CA UNK K 698 41.64 -56.99 -64.66
C UNK K 698 40.53 -57.06 -65.68
N UNK K 699 39.30 -57.05 -65.20
CA UNK K 699 38.13 -57.10 -66.08
C UNK K 699 37.59 -55.68 -65.95
N UNK K 700 37.96 -54.81 -66.89
CA UNK K 700 37.54 -53.41 -66.87
C UNK K 700 36.06 -53.22 -66.59
N UNK K 701 35.28 -54.27 -66.81
CA UNK K 701 33.85 -54.24 -66.57
C UNK K 701 33.58 -54.67 -65.12
N UNK K 702 34.55 -54.44 -64.24
CA UNK K 702 34.38 -54.83 -62.85
C UNK K 702 35.31 -54.05 -61.93
N UNK K 703 34.74 -53.45 -60.90
CA UNK K 703 35.52 -52.66 -59.95
C UNK K 703 36.64 -53.48 -59.31
N UNK K 704 36.72 -54.77 -59.64
CA UNK K 704 37.73 -55.64 -59.03
C UNK K 704 38.73 -56.35 -59.94
N UNK K 705 39.79 -56.86 -59.29
CA UNK K 705 40.84 -57.60 -59.93
C UNK K 705 40.16 -58.90 -60.33
N UNK K 706 40.63 -59.57 -61.37
CA UNK K 706 39.98 -60.82 -61.78
C UNK K 706 40.84 -62.02 -61.47
N UNK K 707 42.14 -61.82 -61.46
CA UNK K 707 43.06 -62.90 -61.19
C UNK K 707 44.41 -62.34 -60.80
N UNK K 708 45.19 -63.14 -60.07
CA UNK K 708 46.51 -62.72 -59.66
C UNK K 708 47.42 -63.90 -59.89
N UNK K 709 48.14 -63.89 -61.01
CA UNK K 709 49.02 -65.00 -61.31
C UNK K 709 50.25 -65.05 -60.44
N UNK K 710 50.30 -66.02 -59.53
CA UNK K 710 51.48 -66.14 -58.69
C UNK K 710 52.42 -67.09 -59.43
N UNK K 711 63.83 -56.65 -62.36
CA UNK K 711 63.05 -57.22 -63.47
C UNK K 711 62.51 -56.02 -64.24
N UNK K 712 62.97 -55.87 -65.48
CA UNK K 712 62.57 -54.73 -66.28
C UNK K 712 61.42 -54.92 -67.22
N UNK K 713 61.04 -56.16 -67.49
CA UNK K 713 59.97 -56.36 -68.45
C UNK K 713 59.47 -57.79 -68.35
N UNK K 714 58.24 -58.02 -68.80
CA UNK K 714 57.61 -59.34 -68.76
C UNK K 714 56.35 -59.36 -69.61
N UNK K 715 56.16 -60.44 -70.36
CA UNK K 715 55.01 -60.58 -71.24
C UNK K 715 54.48 -62.00 -71.19
N UNK K 716 53.17 -62.14 -71.18
CA UNK K 716 52.61 -63.47 -71.18
C UNK K 716 52.77 -63.98 -72.59
N UNK K 717 52.81 -65.29 -72.77
CA UNK K 717 52.93 -65.83 -74.10
C UNK K 717 51.54 -65.76 -74.71
N UNK K 718 51.45 -65.78 -76.05
CA UNK K 718 50.12 -65.72 -76.66
C UNK K 718 49.29 -66.84 -76.07
N UNK K 719 50.23 -69.96 -71.41
CA UNK K 719 50.89 -70.93 -70.54
C UNK K 719 52.27 -70.51 -70.03
N UNK K 720 52.92 -69.58 -70.70
CA UNK K 720 54.25 -69.15 -70.26
C UNK K 720 54.32 -67.68 -69.97
N UNK K 721 55.29 -67.30 -69.13
CA UNK K 721 55.49 -65.90 -68.78
C UNK K 721 56.95 -65.59 -69.03
N UNK K 722 57.23 -64.81 -70.05
CA UNK K 722 58.59 -64.46 -70.34
C UNK K 722 59.00 -63.30 -69.43
N UNK K 723 60.24 -63.30 -69.00
CA UNK K 723 60.71 -62.25 -68.11
C UNK K 723 62.11 -61.80 -68.49
N UNK K 724 62.28 -60.49 -68.45
CA UNK K 724 63.51 -59.83 -68.85
C UNK K 724 64.07 -59.00 -67.71
N UNK K 725 65.38 -59.15 -67.45
CA UNK K 725 66.00 -58.43 -66.33
C UNK K 725 67.38 -57.85 -66.59
N UNK K 726 67.95 -57.29 -65.53
CA UNK K 726 69.25 -56.67 -65.57
C UNK K 726 70.32 -57.71 -65.27
N UNK K 727 69.90 -58.85 -64.73
CA UNK K 727 70.84 -59.90 -64.41
C UNK K 727 71.38 -60.59 -65.66
N UNK K 728 71.03 -60.05 -66.84
CA UNK K 728 71.53 -60.62 -68.08
C UNK K 728 70.81 -61.88 -68.56
N UNK K 729 69.60 -62.11 -68.08
CA UNK K 729 68.86 -63.28 -68.52
C UNK K 729 67.49 -63.00 -69.13
N UNK K 730 66.97 -64.00 -69.84
CA UNK K 730 65.63 -63.96 -70.40
C UNK K 730 65.13 -65.17 -69.63
N UNK K 731 63.86 -65.20 -69.23
CA UNK K 731 63.43 -66.35 -68.48
C UNK K 731 62.00 -66.72 -68.76
N UNK K 732 61.73 -68.02 -68.77
CA UNK K 732 60.38 -68.48 -69.02
C UNK K 732 59.79 -69.18 -67.82
N UNK K 733 58.93 -68.48 -67.10
CA UNK K 733 58.28 -69.07 -65.96
C UNK K 733 57.04 -69.78 -66.47
N UNK K 734 56.54 -70.72 -65.68
CA UNK K 734 55.34 -71.49 -66.05
C UNK K 734 54.15 -70.93 -65.29
N UNK K 735 53.28 -70.22 -65.98
CA UNK K 735 52.14 -69.60 -65.35
C UNK K 735 51.35 -70.48 -64.37
N UNK K 736 50.85 -71.60 -64.86
CA UNK K 736 50.05 -72.48 -64.02
C UNK K 736 50.70 -72.83 -62.68
N UNK K 737 52.03 -72.77 -62.60
CA UNK K 737 52.69 -73.13 -61.36
C UNK K 737 53.73 -72.13 -60.84
N UNK K 738 53.91 -71.02 -61.55
CA UNK K 738 54.89 -70.01 -61.17
C UNK K 738 56.29 -70.57 -60.93
N UNK K 739 56.69 -71.57 -61.72
CA UNK K 739 58.01 -72.21 -61.61
C UNK K 739 58.94 -71.76 -62.72
N UNK K 740 60.22 -71.68 -62.43
CA UNK K 740 61.17 -71.27 -63.48
C UNK K 740 61.42 -72.48 -64.39
N UNK K 741 61.09 -72.36 -65.68
CA UNK K 741 61.30 -73.45 -66.63
C UNK K 741 62.64 -73.32 -67.32
N UNK K 742 63.00 -72.13 -67.77
CA UNK K 742 64.29 -71.94 -68.43
C UNK K 742 64.87 -70.57 -68.11
N UNK K 743 66.13 -70.40 -68.45
CA UNK K 743 66.82 -69.14 -68.26
C UNK K 743 67.83 -69.04 -69.39
N UNK K 744 67.87 -67.89 -70.06
CA UNK K 744 68.79 -67.70 -71.17
C UNK K 744 69.75 -66.56 -70.93
N UNK K 745 71.00 -66.89 -70.64
CA UNK K 745 72.00 -65.88 -70.39
C UNK K 745 72.37 -65.15 -71.68
N UNK K 746 72.45 -63.82 -71.61
CA UNK K 746 72.84 -63.06 -72.78
C UNK K 746 74.33 -62.74 -72.64
N UNK K 747 75.10 -63.48 -73.45
CA UNK K 747 76.56 -63.43 -73.50
C UNK K 747 77.09 -62.99 -74.87
N UNK K 748 76.43 -62.03 -75.50
CA UNK K 748 76.86 -61.57 -76.82
C UNK K 748 77.68 -60.32 -76.70
N UNK K 749 78.25 -60.11 -75.53
CA UNK K 749 79.04 -58.92 -75.28
C UNK K 749 80.39 -59.24 -74.63
N UNK K 750 81.44 -58.59 -75.14
CA UNK K 750 82.80 -58.84 -74.68
C UNK K 750 83.50 -57.53 -74.29
N UNK K 751 64.56 -54.14 -71.96
CA UNK K 751 63.46 -53.90 -72.89
C UNK K 751 62.93 -55.26 -73.35
N UNK K 752 61.62 -55.41 -73.50
CA UNK K 752 61.10 -56.68 -73.98
C UNK K 752 59.64 -56.60 -74.36
N UNK K 753 59.42 -56.35 -75.64
CA UNK K 753 58.08 -56.21 -76.20
C UNK K 753 57.56 -57.39 -77.00
N UNK K 754 56.24 -57.44 -77.10
CA UNK K 754 55.51 -58.49 -77.81
C UNK K 754 55.32 -58.21 -79.28
N UNK K 755 55.00 -59.26 -80.04
CA UNK K 755 54.75 -59.10 -81.46
C UNK K 755 53.32 -58.63 -81.60
N UNK K 756 52.92 -58.30 -82.82
CA UNK K 756 51.57 -57.81 -83.08
C UNK K 756 50.48 -58.83 -82.72
N UNK K 757 50.73 -60.07 -83.07
CA UNK K 757 49.79 -61.14 -82.80
C UNK K 757 49.94 -61.68 -81.39
N UNK K 758 50.91 -61.17 -80.65
CA UNK K 758 51.12 -61.65 -79.28
C UNK K 758 51.62 -63.08 -79.22
N UNK K 759 52.11 -63.57 -80.36
CA UNK K 759 52.61 -64.93 -80.43
C UNK K 759 54.13 -65.00 -80.45
N UNK K 760 54.79 -63.85 -80.31
CA UNK K 760 56.24 -63.82 -80.30
C UNK K 760 56.69 -62.68 -79.41
N UNK K 761 57.91 -62.78 -78.88
CA UNK K 761 58.42 -61.76 -77.99
C UNK K 761 59.90 -61.53 -78.28
N UNK K 762 60.34 -60.28 -78.34
CA UNK K 762 61.76 -60.07 -78.57
C UNK K 762 62.32 -59.56 -77.25
N UNK K 763 63.58 -59.90 -76.97
CA UNK K 763 64.25 -59.43 -75.75
C UNK K 763 65.68 -59.06 -76.06
N UNK K 764 66.29 -58.30 -75.16
CA UNK K 764 67.66 -57.83 -75.34
C UNK K 764 68.54 -58.10 -74.13
N UNK K 765 69.81 -58.40 -74.40
CA UNK K 765 70.80 -58.67 -73.36
C UNK K 765 72.23 -58.56 -73.92
N UNK K 766 75.01 -58.22 -75.84
CA UNK K 766 75.14 -57.89 -77.25
C UNK K 766 74.06 -58.35 -78.20
N UNK K 767 73.02 -58.99 -77.73
CA UNK K 767 72.03 -59.46 -78.68
C UNK K 767 70.57 -59.22 -78.39
N UNK K 768 69.78 -59.28 -79.44
CA UNK K 768 68.34 -59.15 -79.40
C UNK K 768 67.95 -60.57 -79.76
N UNK K 769 66.96 -61.13 -79.08
CA UNK K 769 66.54 -62.51 -79.34
C UNK K 769 65.04 -62.59 -79.53
N UNK K 770 64.62 -63.37 -80.53
CA UNK K 770 63.21 -63.53 -80.79
C UNK K 770 62.72 -64.90 -80.34
N UNK K 771 61.78 -64.88 -79.39
CA UNK K 771 61.23 -66.11 -78.86
C UNK K 771 59.81 -66.39 -79.26
N UNK K 772 59.49 -67.68 -79.29
CA UNK K 772 58.15 -68.12 -79.61
C UNK K 772 57.46 -68.25 -78.26
N UNK K 773 56.50 -67.36 -77.99
CA UNK K 773 55.76 -67.35 -76.73
C UNK K 773 55.24 -68.74 -76.28
N UNK K 774 56.07 -72.49 -77.81
CA UNK K 774 57.18 -73.44 -77.72
C UNK K 774 58.37 -72.94 -76.89
N UNK K 775 58.50 -71.62 -76.74
CA UNK K 775 59.62 -71.02 -75.99
C UNK K 775 60.91 -71.20 -76.79
N UNK K 776 60.75 -71.33 -78.10
CA UNK K 776 61.90 -71.50 -78.95
C UNK K 776 62.51 -70.19 -79.37
N UNK K 777 63.81 -70.25 -79.64
CA UNK K 777 64.54 -69.07 -80.07
C UNK K 777 64.42 -68.99 -81.57
N UNK K 778 63.56 -68.11 -82.07
CA UNK K 778 63.36 -67.97 -83.49
C UNK K 778 64.38 -67.09 -84.20
N UNK K 779 65.19 -66.37 -83.44
CA UNK K 779 66.18 -65.49 -84.06
C UNK K 779 67.19 -64.91 -83.10
N UNK K 780 68.37 -64.63 -83.62
CA UNK K 780 69.44 -64.08 -82.81
C UNK K 780 70.29 -63.14 -83.64
N UNK K 781 70.00 -61.86 -83.59
CA UNK K 781 70.81 -60.90 -84.32
C UNK K 781 71.84 -60.36 -83.33
N UNK K 782 72.40 -58.41 -85.35
CA UNK K 782 73.49 -57.93 -84.52
C UNK K 782 73.67 -56.46 -84.79
N UNK K 783 73.58 -55.66 -83.73
CA UNK K 783 73.67 -54.23 -83.86
C UNK K 783 75.09 -53.67 -83.86
N UNK K 784 77.57 -51.29 -79.26
CA UNK K 784 77.08 -50.20 -78.43
C UNK K 784 76.05 -50.92 -77.57
N UNK K 785 75.01 -50.23 -77.13
CA UNK K 785 73.98 -50.88 -76.33
C UNK K 785 72.59 -50.34 -76.66
N UNK K 786 71.68 -51.23 -76.99
CA UNK K 786 70.31 -50.85 -77.32
C UNK K 786 69.72 -50.20 -76.09
N UNK K 787 69.25 -48.96 -76.25
CA UNK K 787 68.66 -48.22 -75.14
C UNK K 787 67.14 -48.47 -75.00
N UNK K 788 66.47 -48.82 -76.08
CA UNK K 788 65.04 -49.13 -76.03
C UNK K 788 64.55 -49.74 -77.34
N UNK K 789 63.39 -50.39 -77.28
CA UNK K 789 62.80 -51.03 -78.46
C UNK K 789 61.31 -51.30 -78.35
N UNK K 790 60.71 -51.85 -79.39
CA UNK K 790 59.30 -52.18 -79.36
C UNK K 790 58.98 -53.03 -80.55
N UNK K 791 58.31 -54.14 -80.27
CA UNK K 791 57.93 -55.11 -81.27
C UNK K 791 56.54 -54.79 -81.83
N UNK K 792 56.45 -54.70 -83.15
CA UNK K 792 55.20 -54.40 -83.83
C UNK K 792 54.21 -55.56 -83.72
N UNK K 793 52.96 -55.35 -84.19
CA UNK K 793 52.02 -56.46 -84.11
C UNK K 793 51.88 -57.14 -85.48
N UNK K 794 52.58 -56.58 -86.47
CA UNK K 794 52.56 -57.09 -87.84
C UNK K 794 53.97 -57.04 -88.45
N UNK K 795 54.13 -57.73 -89.58
CA UNK K 795 55.41 -57.77 -90.29
C UNK K 795 56.62 -58.07 -89.41
N UNK K 796 56.40 -58.64 -88.23
CA UNK K 796 57.48 -58.97 -87.28
C UNK K 796 58.43 -57.78 -87.18
N UNK K 797 57.91 -56.56 -87.32
CA UNK K 797 58.76 -55.39 -87.23
C UNK K 797 59.11 -55.08 -85.81
N UNK K 798 60.31 -54.55 -85.63
CA UNK K 798 60.79 -54.20 -84.32
C UNK K 798 61.55 -52.90 -84.45
N UNK K 799 61.25 -51.93 -83.59
CA UNK K 799 61.96 -50.66 -83.64
C UNK K 799 62.79 -50.56 -82.39
N UNK K 800 64.03 -50.15 -82.56
CA UNK K 800 64.92 -50.02 -81.43
C UNK K 800 65.71 -48.75 -81.52
N UNK K 801 65.81 -48.05 -80.40
CA UNK K 801 66.60 -46.84 -80.36
C UNK K 801 67.96 -47.46 -80.11
N UNK K 802 70.71 -41.30 -80.30
CA UNK K 802 69.91 -40.82 -81.42
C UNK K 802 69.81 -41.62 -82.74
N UNK K 803 70.33 -42.84 -82.75
CA UNK K 803 70.23 -43.66 -83.95
C UNK K 803 68.98 -44.49 -83.80
N UNK K 804 68.13 -44.50 -84.81
CA UNK K 804 66.91 -45.27 -84.72
C UNK K 804 66.75 -46.12 -85.94
N UNK K 805 66.70 -47.43 -85.76
CA UNK K 805 66.53 -48.31 -86.90
C UNK K 805 65.49 -49.37 -86.60
N UNK K 806 64.62 -49.66 -87.56
CA UNK K 806 63.63 -50.69 -87.34
C UNK K 806 64.06 -51.89 -88.15
N UNK K 807 64.03 -53.06 -87.50
CA UNK K 807 64.43 -54.34 -88.06
C UNK K 807 63.27 -55.27 -88.32
N UNK K 808 63.59 -56.33 -89.04
CA UNK K 808 62.64 -57.35 -89.41
C UNK K 808 63.05 -58.67 -88.75
N UNK K 809 62.46 -58.98 -87.60
CA UNK K 809 62.77 -60.24 -86.92
C UNK K 809 62.34 -61.27 -87.94
N UNK K 810 62.73 -62.53 -87.78
CA UNK K 810 62.35 -63.55 -88.75
C UNK K 810 63.24 -63.45 -90.00
N UNK K 811 65.66 -61.22 -89.84
CA UNK K 811 66.85 -60.82 -89.08
C UNK K 811 67.71 -59.81 -89.81
N UNK K 812 67.06 -58.91 -90.54
CA UNK K 812 67.76 -57.88 -91.32
C UNK K 812 67.24 -56.47 -91.02
N UNK K 813 68.10 -55.47 -91.14
CA UNK K 813 67.63 -54.11 -90.92
C UNK K 813 66.77 -53.75 -92.13
N UNK K 814 65.68 -53.02 -91.87
CA UNK K 814 64.72 -52.62 -92.88
C UNK K 814 64.79 -51.13 -93.19
N UNK K 815 65.01 -50.32 -92.18
CA UNK K 815 65.08 -48.89 -92.40
C UNK K 815 65.90 -48.15 -91.37
N UNK K 816 66.49 -47.05 -91.81
CA UNK K 816 67.26 -46.19 -90.92
C UNK K 816 66.40 -44.97 -90.71
N UNK K 817 66.10 -44.68 -89.46
CA UNK K 817 65.27 -43.54 -89.14
C UNK K 817 66.10 -42.44 -88.51
N UNK K 818 66.48 -41.48 -89.33
CA UNK K 818 67.30 -40.38 -88.86
C UNK K 818 66.40 -39.21 -88.51
N UNK K 819 66.34 -38.85 -87.23
CA UNK K 819 65.49 -37.74 -86.83
C UNK K 819 66.02 -36.90 -85.67
N UNK K 820 66.86 -37.51 -84.84
CA UNK K 820 67.40 -36.80 -83.68
C UNK K 820 68.92 -36.72 -83.72
N UNK K 821 69.49 -35.74 -83.04
CA UNK K 821 70.95 -35.60 -82.95
C UNK K 821 71.31 -35.55 -81.47
N UNK K 822 69.99 -35.03 -80.58
CA UNK K 822 69.88 -35.24 -79.14
C UNK K 822 69.30 -36.63 -78.97
N UNK K 823 69.70 -37.30 -77.90
CA UNK K 823 69.25 -38.65 -77.57
C UNK K 823 67.84 -39.11 -77.95
N UNK K 824 67.73 -40.27 -78.58
CA UNK K 824 66.42 -40.76 -79.00
C UNK K 824 66.00 -41.85 -78.04
N UNK K 825 64.95 -41.60 -77.28
CA UNK K 825 64.48 -42.53 -76.27
C UNK K 825 63.59 -43.63 -76.80
N UNK K 826 62.71 -43.29 -77.71
CA UNK K 826 61.81 -44.29 -78.23
C UNK K 826 61.57 -44.15 -79.71
N UNK K 827 60.92 -45.15 -80.27
CA UNK K 827 60.69 -45.15 -81.69
C UNK K 827 59.75 -46.30 -82.03
N UNK K 828 58.76 -46.08 -82.90
CA UNK K 828 57.92 -47.20 -83.27
C UNK K 828 57.06 -47.02 -84.51
N UNK K 829 56.64 -48.16 -85.06
CA UNK K 829 55.83 -48.17 -86.27
C UNK K 829 54.38 -47.88 -86.00
N UNK K 830 53.70 -47.39 -87.04
CA UNK K 830 52.29 -47.14 -86.96
C UNK K 830 51.75 -48.55 -86.96
N UNK K 831 50.45 -48.72 -86.72
CA UNK K 831 49.95 -50.10 -86.71
C UNK K 831 50.08 -50.84 -88.04
N UNK K 832 49.91 -50.16 -89.17
CA UNK K 832 50.03 -50.83 -90.46
C UNK K 832 51.47 -50.81 -90.90
N UNK K 833 52.33 -50.34 -90.02
CA UNK K 833 53.75 -50.27 -90.31
C UNK K 833 54.06 -49.39 -91.50
N UNK K 834 53.12 -48.55 -91.90
CA UNK K 834 53.34 -47.70 -93.04
C UNK K 834 54.20 -46.51 -92.67
N UNK K 835 54.27 -46.21 -91.38
CA UNK K 835 55.08 -45.09 -90.94
C UNK K 835 55.57 -45.38 -89.53
N UNK K 836 56.47 -44.55 -89.03
CA UNK K 836 56.99 -44.72 -87.68
C UNK K 836 57.27 -43.36 -87.05
N UNK K 837 57.33 -43.31 -85.72
CA UNK K 837 57.58 -42.07 -85.03
C UNK K 837 58.89 -42.15 -84.26
N UNK K 838 59.48 -40.99 -84.00
CA UNK K 838 60.74 -40.89 -83.27
C UNK K 838 60.53 -39.98 -82.07
N UNK K 839 60.93 -40.43 -80.88
CA UNK K 839 60.78 -39.61 -79.67
C UNK K 839 62.14 -39.30 -79.04
N UNK K 840 62.45 -38.03 -78.84
CA UNK K 840 63.75 -37.71 -78.28
C UNK K 840 63.89 -36.65 -77.20
N UNK K 841 65.13 -36.54 -76.76
CA UNK K 841 65.54 -35.62 -75.72
C UNK K 841 65.46 -34.17 -76.19
N UNK K 842 65.51 -33.97 -77.50
CA UNK K 842 65.39 -32.63 -78.05
C UNK K 842 63.91 -32.27 -77.97
N UNK K 843 63.22 -32.96 -77.06
CA UNK K 843 61.80 -32.79 -76.81
C UNK K 843 60.89 -32.68 -78.03
N UNK K 844 61.21 -33.44 -79.07
CA UNK K 844 60.37 -33.43 -80.24
C UNK K 844 59.92 -34.84 -80.55
N UNK K 845 58.89 -34.95 -81.36
CA UNK K 845 58.36 -36.23 -81.79
C UNK K 845 58.20 -36.04 -83.27
N UNK K 846 58.81 -36.89 -84.07
CA UNK K 846 58.71 -36.76 -85.51
C UNK K 846 58.11 -37.99 -86.17
N UNK K 847 57.21 -37.77 -87.13
CA UNK K 847 56.59 -38.88 -87.83
C UNK K 847 57.22 -39.04 -89.19
N UNK K 848 57.58 -40.28 -89.49
CA UNK K 848 58.20 -40.62 -90.76
C UNK K 848 57.36 -41.65 -91.50
N UNK K 849 57.47 -41.64 -92.82
CA UNK K 849 56.77 -42.62 -93.63
C UNK K 849 57.83 -43.57 -94.15
N UNK K 850 57.74 -44.83 -93.73
CA UNK K 850 58.68 -45.88 -94.09
C UNK K 850 59.05 -45.90 -95.55
N UNK K 851 58.06 -46.12 -96.41
CA UNK K 851 58.31 -46.18 -97.85
C UNK K 851 59.35 -45.12 -98.26
N UNK K 852 58.99 -43.84 -98.10
CA UNK K 852 59.87 -42.73 -98.47
C UNK K 852 61.24 -42.77 -97.79
N UNK K 853 61.32 -43.27 -96.57
CA UNK K 853 62.61 -43.32 -95.87
C UNK K 853 63.54 -44.41 -96.39
N UNK K 854 62.97 -45.56 -96.72
CA UNK K 854 63.75 -46.69 -97.22
C UNK K 854 64.26 -46.54 -98.64
N UNK K 855 63.67 -45.61 -99.39
CA UNK K 855 64.12 -45.40 -100.75
C UNK K 855 65.59 -45.03 -100.72
N UNK K 856 66.33 -45.61 -101.65
CA UNK K 856 67.75 -45.35 -101.77
C UNK K 856 67.96 -43.89 -102.13
N UNK K 857 74.99 -45.82 -99.71
CA UNK K 857 75.11 -44.53 -100.35
C UNK K 857 76.10 -43.60 -99.64
N UNK K 858 76.52 -42.59 -100.40
CA UNK K 858 77.46 -41.59 -99.95
C UNK K 858 76.76 -40.40 -99.31
N UNK K 859 75.47 -40.52 -99.07
CA UNK K 859 74.78 -39.40 -98.47
C UNK K 859 75.26 -39.22 -97.03
N UNK K 860 75.46 -40.31 -96.30
CA UNK K 860 75.95 -40.23 -94.92
C UNK K 860 77.31 -40.87 -94.78
N UNK K 861 78.27 -40.11 -94.27
CA UNK K 861 79.61 -40.62 -94.09
C UNK K 861 79.98 -40.43 -92.65
N UNK K 862 81.18 -40.88 -92.32
CA UNK K 862 81.72 -40.74 -90.97
C UNK K 862 82.52 -39.46 -91.06
N UNK K 863 83.12 -39.04 -89.95
CA UNK K 863 83.91 -37.81 -89.99
C UNK K 863 85.37 -38.05 -90.38
N UNK K 864 85.68 -39.30 -90.70
CA UNK K 864 87.02 -39.65 -91.12
C UNK K 864 87.05 -39.54 -92.64
N UNK K 865 87.56 -38.41 -93.13
CA UNK K 865 87.64 -38.15 -94.56
C UNK K 865 88.92 -37.40 -94.90
N UNK K 866 89.26 -37.42 -96.17
CA UNK K 866 90.43 -36.69 -96.65
C UNK K 866 90.06 -36.05 -97.99
N UNK K 867 90.50 -34.80 -98.15
CA UNK K 867 90.19 -34.01 -99.33
C UNK K 867 91.40 -33.57 -100.16
N UNK K 868 91.22 -33.52 -101.47
CA UNK K 868 92.26 -33.10 -102.39
C UNK K 868 91.72 -32.07 -103.36
N UNK K 869 92.08 -30.80 -103.13
CA UNK K 869 91.64 -29.70 -103.97
C UNK K 869 92.50 -29.59 -105.23
N UNK K 870 92.01 -30.16 -106.34
CA UNK K 870 92.77 -30.12 -107.57
C UNK K 870 92.26 -29.12 -108.62
N UNK K 871 88.49 -28.81 -109.71
CA UNK K 871 87.52 -29.50 -108.85
C UNK K 871 88.06 -29.95 -107.47
N UNK K 872 87.15 -30.44 -106.63
CA UNK K 872 87.49 -30.93 -105.30
C UNK K 872 87.22 -32.44 -105.19
N UNK K 873 88.06 -33.12 -104.43
CA UNK K 873 87.94 -34.57 -104.24
C UNK K 873 87.91 -34.98 -102.77
N UNK K 874 86.88 -35.71 -102.39
CA UNK K 874 86.72 -36.17 -101.02
C UNK K 874 86.62 -37.69 -100.95
N UNK K 875 87.50 -38.30 -100.17
CA UNK K 875 87.51 -39.74 -99.99
C UNK K 875 86.99 -39.87 -98.56
N UNK K 876 85.99 -40.70 -98.34
CA UNK K 876 85.45 -40.80 -97.00
C UNK K 876 85.07 -42.18 -96.55
N UNK K 877 85.20 -42.43 -95.26
CA UNK K 877 84.83 -43.69 -94.64
C UNK K 877 83.31 -43.75 -94.57
N UNK K 878 82.69 -44.68 -95.29
CA UNK K 878 81.23 -44.78 -95.27
C UNK K 878 80.69 -45.00 -93.86
N UNK K 879 79.48 -44.50 -93.63
CA UNK K 879 78.82 -44.62 -92.33
C UNK K 879 78.52 -46.07 -91.95
N UNK K 880 84.28 -47.09 -98.06
CA UNK K 880 84.59 -45.69 -98.20
C UNK K 880 84.15 -45.21 -99.57
N UNK K 881 83.81 -43.93 -99.65
CA UNK K 881 83.32 -43.33 -100.88
C UNK K 881 84.32 -42.36 -101.50
N UNK K 882 84.46 -42.44 -102.82
CA UNK K 882 85.33 -41.53 -103.53
C UNK K 882 84.37 -40.47 -104.07
N UNK K 883 84.16 -39.42 -103.27
CA UNK K 883 83.25 -38.34 -103.64
C UNK K 883 83.93 -37.20 -104.36
N UNK K 884 83.45 -36.91 -105.57
CA UNK K 884 84.00 -35.83 -106.37
C UNK K 884 83.05 -34.63 -106.27
N UNK K 885 83.39 -33.66 -105.42
CA UNK K 885 82.55 -32.49 -105.27
C UNK K 885 82.42 -31.82 -106.62
N UNK K 886 81.32 -31.11 -106.87
CA UNK K 886 81.14 -30.46 -108.16
C UNK K 886 80.92 -31.59 -109.19
N UNK K 887 79.35 -38.11 -109.17
CA UNK K 887 80.43 -39.09 -109.25
C UNK K 887 80.90 -39.69 -107.92
N UNK K 888 80.07 -40.56 -107.37
CA UNK K 888 80.37 -41.23 -106.12
C UNK K 888 80.75 -42.67 -106.45
N UNK K 889 81.93 -43.06 -106.03
CA UNK K 889 82.42 -44.40 -106.29
C UNK K 889 82.73 -45.13 -105.00
N UNK K 890 82.01 -46.23 -104.83
CA UNK K 890 82.11 -47.08 -103.65
C UNK K 890 83.17 -48.14 -103.73
N UNK K 891 83.80 -48.38 -102.59
CA UNK K 891 84.84 -49.37 -102.45
C UNK K 891 84.51 -50.08 -101.14
N UNK K 892 83.96 -51.29 -101.24
CA UNK K 892 83.60 -52.08 -100.05
C UNK K 892 84.82 -52.49 -99.26
N UNK K 893 84.64 -52.78 -97.98
CA UNK K 893 85.76 -53.21 -97.15
C UNK K 893 85.36 -53.50 -95.71
N UNK K 894 86.48 -49.85 -92.55
CA UNK K 894 87.73 -49.15 -92.33
C UNK K 894 87.58 -48.22 -91.14
N UNK K 895 88.70 -47.66 -90.68
CA UNK K 895 88.68 -46.75 -89.54
C UNK K 895 89.26 -45.39 -89.88
N UNK K 896 89.94 -45.29 -91.01
CA UNK K 896 90.53 -44.04 -91.42
C UNK K 896 90.85 -44.07 -92.89
N UNK K 897 90.82 -42.91 -93.52
CA UNK K 897 91.07 -42.85 -94.94
C UNK K 897 92.37 -42.15 -95.29
N UNK K 898 92.71 -42.15 -96.59
CA UNK K 898 93.93 -41.54 -97.07
C UNK K 898 93.96 -41.46 -98.60
N UNK K 899 94.34 -40.29 -99.12
CA UNK K 899 94.42 -40.09 -100.57
C UNK K 899 95.84 -39.75 -101.00
N UNK K 900 96.33 -40.46 -102.01
CA UNK K 900 97.67 -40.20 -102.50
C UNK K 900 97.61 -39.09 -103.51
N UNK K 901 98.28 -37.97 -103.26
CA UNK K 901 98.23 -36.88 -104.25
C UNK K 901 98.41 -37.49 -105.63
N UNK K 902 95.67 -43.84 -106.12
CA UNK K 902 95.79 -44.75 -104.98
C UNK K 902 95.05 -44.21 -103.78
N UNK K 903 94.39 -45.09 -103.03
CA UNK K 903 93.70 -44.70 -101.81
C UNK K 903 94.14 -45.71 -100.77
N UNK K 904 94.30 -45.29 -99.53
CA UNK K 904 94.72 -46.22 -98.50
C UNK K 904 93.80 -46.11 -97.30
N UNK K 905 93.70 -47.19 -96.53
CA UNK K 905 92.84 -47.10 -95.35
C UNK K 905 93.21 -47.91 -94.13
N UNK K 906 92.78 -47.38 -92.99
CA UNK K 906 93.03 -48.00 -91.71
C UNK K 906 92.00 -49.07 -91.47
N UNK K 907 92.23 -49.90 -90.47
CA UNK K 907 91.32 -50.98 -90.17
C UNK K 907 91.08 -51.08 -88.68
N UNK K 908 89.94 -51.66 -88.30
CA UNK K 908 89.58 -51.79 -86.89
C UNK K 908 90.59 -52.71 -86.20
N UNK K 909 94.75 -53.64 -89.75
CA UNK K 909 95.17 -53.85 -91.14
C UNK K 909 95.38 -52.56 -91.92
N UNK K 910 96.24 -52.63 -92.92
CA UNK K 910 96.54 -51.48 -93.78
C UNK K 910 96.44 -51.94 -95.24
N UNK K 911 95.77 -51.17 -96.08
CA UNK K 911 95.62 -51.55 -97.48
C UNK K 911 95.63 -50.38 -98.47
N UNK K 912 96.32 -50.56 -99.58
CA UNK K 912 96.35 -49.54 -100.61
C UNK K 912 95.57 -50.13 -101.75
N UNK K 913 94.69 -49.33 -102.34
CA UNK K 913 93.91 -49.78 -103.48
C UNK K 913 94.32 -48.85 -104.59
N UNK K 914 94.48 -49.37 -105.81
CA UNK K 914 94.86 -48.51 -106.90
C UNK K 914 93.66 -48.20 -107.79
N UNK K 915 93.24 -46.94 -107.75
CA UNK K 915 92.10 -46.46 -108.49
C UNK K 915 92.11 -46.70 -110.00
N UNK K 916 93.21 -46.35 -110.69
CA UNK K 916 93.24 -46.58 -112.14
C UNK K 916 92.59 -47.91 -112.47
N UNK K 917 92.78 -48.87 -111.57
CA UNK K 917 92.24 -50.20 -111.75
C UNK K 917 90.96 -50.39 -110.92
N UNK K 918 92.82 -54.40 -107.98
CA UNK K 918 94.15 -54.82 -107.53
C UNK K 918 94.69 -53.88 -106.45
N UNK K 919 94.98 -54.45 -105.28
CA UNK K 919 95.49 -53.69 -104.15
C UNK K 919 96.46 -54.58 -103.37
N UNK K 920 96.83 -54.12 -102.18
CA UNK K 920 97.94 -54.69 -101.42
C UNK K 920 97.68 -54.60 -99.91
N UNK K 921 98.29 -55.50 -99.13
CA UNK K 921 98.12 -55.52 -97.68
C UNK K 921 99.43 -55.59 -96.91
N UNK K 922 99.85 -54.46 -96.34
CA UNK K 922 101.09 -54.45 -95.59
C UNK K 922 100.94 -54.76 -94.12
N UNK K 923 101.27 -55.99 -93.75
CA UNK K 923 101.20 -56.51 -92.36
C UNK K 923 101.71 -55.70 -91.15
N UNK K 924 94.60 -45.32 -86.60
CA UNK K 924 94.16 -43.93 -86.45
C UNK K 924 94.57 -43.10 -87.66
N UNK K 925 95.48 -42.15 -87.48
CA UNK K 925 95.91 -41.33 -88.60
C UNK K 925 96.62 -42.24 -89.65
N UNK K 926 96.62 -41.85 -90.93
CA UNK K 926 97.28 -42.62 -92.00
C UNK K 926 97.56 -41.77 -93.24
N UNK K 927 98.81 -41.64 -93.64
CA UNK K 927 99.12 -40.78 -94.78
C UNK K 927 100.20 -41.31 -95.74
N UNK K 928 100.18 -40.79 -96.96
CA UNK K 928 101.15 -41.15 -98.00
C UNK K 928 102.32 -40.18 -97.90
N UNK K 929 103.45 -40.56 -98.46
CA UNK K 929 104.62 -39.70 -98.43
C UNK K 929 104.41 -38.66 -99.52
N UNK K 930 105.22 -37.61 -99.51
CA UNK K 930 105.12 -36.58 -100.54
C UNK K 930 104.89 -37.28 -101.89
N UNK K 931 103.89 -45.42 -96.83
CA UNK K 931 102.69 -45.06 -96.07
C UNK K 931 102.92 -44.96 -94.58
N UNK K 932 103.02 -43.74 -94.06
CA UNK K 932 103.19 -43.60 -92.62
C UNK K 932 101.80 -43.79 -91.98
N UNK K 933 101.76 -44.50 -90.87
CA UNK K 933 100.50 -44.75 -90.19
C UNK K 933 100.71 -44.94 -88.71
N UNK K 934 99.74 -44.50 -87.93
CA UNK K 934 99.81 -44.64 -86.49
C UNK K 934 98.55 -45.32 -85.98
N UNK K 935 98.68 -45.90 -84.80
CA UNK K 935 97.58 -46.55 -84.14
C UNK K 935 97.60 -46.12 -82.69
N UNK K 936 96.89 -46.88 -81.87
CA UNK K 936 96.72 -46.55 -80.46
C UNK K 936 97.82 -47.09 -79.57
N UNK K 937 99.03 -47.15 -80.11
CA UNK K 937 100.20 -47.62 -79.36
C UNK K 937 101.38 -46.69 -79.71
N UNK K 938 102.59 -46.99 -79.22
CA UNK K 938 103.75 -46.10 -79.46
C UNK K 938 104.63 -46.26 -80.72
N UNK K 939 104.26 -47.13 -81.64
CA UNK K 939 105.08 -47.28 -82.83
C UNK K 939 104.40 -46.60 -84.03
N UNK K 940 105.20 -46.10 -84.97
CA UNK K 940 104.63 -45.47 -86.17
C UNK K 940 105.12 -46.20 -87.43
N UNK K 941 104.29 -47.07 -87.98
CA UNK K 941 104.66 -47.82 -89.17
C UNK K 941 104.98 -47.01 -90.41
N UNK K 942 106.18 -47.21 -90.96
CA UNK K 942 106.60 -46.52 -92.19
C UNK K 942 106.78 -47.58 -93.28
N UNK K 943 105.65 -48.07 -93.79
CA UNK K 943 105.62 -49.11 -94.81
C UNK K 943 105.84 -48.60 -96.21
N UNK K 944 107.09 -48.69 -96.64
CA UNK K 944 107.45 -48.26 -97.98
C UNK K 944 106.96 -49.37 -98.92
N UNK K 945 105.65 -49.41 -99.13
CA UNK K 945 105.03 -50.39 -100.02
C UNK K 945 105.71 -50.33 -101.39
N UNK K 946 109.46 -53.02 -97.89
CA UNK K 946 110.32 -52.57 -96.80
C UNK K 946 109.51 -51.91 -95.70
N UNK K 947 110.05 -51.91 -94.49
CA UNK K 947 109.40 -51.31 -93.35
C UNK K 947 110.39 -50.58 -92.49
N UNK K 948 109.96 -49.47 -91.93
CA UNK K 948 110.79 -48.69 -91.05
C UNK K 948 109.88 -48.45 -89.86
N UNK K 949 110.30 -48.88 -88.68
CA UNK K 949 109.50 -48.73 -87.48
C UNK K 949 110.07 -47.65 -86.58
N UNK K 950 109.19 -46.88 -85.97
CA UNK K 950 109.61 -45.81 -85.07
C UNK K 950 109.10 -46.12 -83.67
N UNK K 951 109.90 -46.83 -82.87
CA UNK K 951 109.52 -47.18 -81.52
C UNK K 951 109.70 -45.98 -80.62
N UNK K 952 108.67 -45.15 -80.57
CA UNK K 952 108.68 -43.95 -79.78
C UNK K 952 108.80 -44.27 -78.31
N UNK K 953 108.39 -45.48 -77.95
CA UNK K 953 108.43 -45.95 -76.58
C UNK K 953 107.65 -44.97 -75.70
N UNK K 954 103.75 -43.35 -75.09
CA UNK K 954 102.64 -44.10 -74.53
C UNK K 954 101.73 -44.45 -75.69
N UNK K 955 101.43 -43.44 -76.50
CA UNK K 955 100.60 -43.57 -77.69
C UNK K 955 100.82 -42.33 -78.54
N UNK K 956 101.01 -42.52 -79.83
CA UNK K 956 101.20 -41.40 -80.73
C UNK K 956 99.85 -40.71 -80.86
N UNK K 957 99.74 -39.50 -80.32
CA UNK K 957 98.50 -38.75 -80.41
C UNK K 957 98.21 -38.59 -81.89
N UNK K 958 99.22 -38.11 -82.62
CA UNK K 958 99.10 -37.93 -84.05
C UNK K 958 100.44 -37.54 -84.64
N UNK K 959 100.48 -37.33 -85.95
CA UNK K 959 101.71 -36.98 -86.61
C UNK K 959 101.42 -36.29 -87.92
N UNK K 960 102.47 -35.89 -88.60
CA UNK K 960 102.32 -35.22 -89.90
C UNK K 960 103.67 -35.19 -90.62
N UNK K 961 103.62 -35.40 -91.93
CA UNK K 961 104.82 -35.37 -92.74
C UNK K 961 105.54 -34.06 -92.51
N UNK K 962 106.78 -33.98 -92.98
CA UNK K 962 107.55 -32.76 -92.82
C UNK K 962 108.42 -32.54 -94.05
N UNK K 963 111.75 -35.97 -96.01
CA UNK K 963 111.65 -37.28 -95.39
C UNK K 963 111.66 -37.23 -93.86
N UNK K 964 111.62 -36.02 -93.30
CA UNK K 964 111.59 -35.85 -91.86
C UNK K 964 110.09 -35.88 -91.47
N UNK K 965 109.77 -36.34 -90.26
CA UNK K 965 108.37 -36.42 -89.83
C UNK K 965 108.13 -36.05 -88.37
N UNK K 966 107.29 -35.03 -88.15
CA UNK K 966 106.96 -34.53 -86.83
C UNK K 966 105.95 -35.43 -86.11
N UNK K 967 106.21 -35.74 -84.84
CA UNK K 967 105.33 -36.62 -84.09
C UNK K 967 105.17 -36.25 -82.64
N UNK K 968 103.94 -36.38 -82.13
CA UNK K 968 103.61 -36.05 -80.75
C UNK K 968 102.73 -37.13 -80.14
N UNK K 969 103.09 -37.56 -78.94
CA UNK K 969 102.34 -38.58 -78.23
C UNK K 969 101.73 -37.82 -77.09
N UNK K 970 100.93 -38.48 -76.26
CA UNK K 970 100.39 -37.76 -75.14
C UNK K 970 101.18 -38.07 -73.87
N UNK K 971 102.46 -37.69 -73.96
CA UNK K 971 103.44 -37.79 -72.89
C UNK K 971 104.23 -36.48 -72.90
N UNK K 972 103.59 -35.45 -73.46
CA UNK K 972 104.19 -34.13 -73.53
C UNK K 972 105.33 -34.06 -74.51
N UNK K 973 105.69 -35.22 -75.06
CA UNK K 973 106.80 -35.32 -76.00
C UNK K 973 106.41 -35.08 -77.44
N UNK K 974 107.33 -34.45 -78.16
CA UNK K 974 107.19 -34.14 -79.58
C UNK K 974 108.52 -34.55 -80.17
N UNK K 975 108.52 -35.39 -81.19
CA UNK K 975 109.79 -35.79 -81.76
C UNK K 975 109.88 -35.45 -83.24
N UNK K 976 111.10 -35.51 -83.79
CA UNK K 976 111.34 -35.22 -85.21
C UNK K 976 112.04 -36.39 -85.91
N UNK K 977 111.33 -37.50 -86.12
CA UNK K 977 111.89 -38.67 -86.75
C UNK K 977 112.35 -38.45 -88.19
N UNK K 978 113.19 -39.37 -88.65
CA UNK K 978 113.71 -39.36 -90.00
C UNK K 978 113.22 -40.66 -90.61
N UNK K 979 112.50 -40.59 -91.73
CA UNK K 979 112.06 -41.83 -92.34
C UNK K 979 113.28 -42.36 -93.09
N UNK K 980 115.26 -42.70 -87.08
CA UNK K 980 116.16 -42.09 -86.13
C UNK K 980 115.63 -40.79 -85.55
N UNK K 981 115.45 -40.79 -84.24
CA UNK K 981 114.94 -39.64 -83.51
C UNK K 981 115.95 -38.51 -83.48
N UNK K 982 115.94 -37.69 -84.51
CA UNK K 982 116.85 -36.55 -84.57
C UNK K 982 116.58 -35.65 -83.35
N UNK K 983 115.37 -35.08 -83.29
CA UNK K 983 115.00 -34.22 -82.18
C UNK K 983 113.99 -34.87 -81.24
N UNK K 984 114.00 -34.43 -79.99
CA UNK K 984 113.10 -34.97 -78.97
C UNK K 984 112.87 -33.93 -77.87
N UNK K 985 111.63 -33.48 -77.72
CA UNK K 985 111.27 -32.47 -76.70
C UNK K 985 110.26 -33.02 -75.70
N UNK K 986 110.18 -32.38 -74.55
CA UNK K 986 109.21 -32.73 -73.51
C UNK K 986 108.56 -31.39 -73.20
N UNK K 987 107.88 -30.84 -74.21
CA UNK K 987 107.22 -29.54 -74.15
C UNK K 987 105.93 -29.39 -73.33
N UNK K 988 105.46 -30.47 -72.70
CA UNK K 988 104.25 -30.41 -71.88
C UNK K 988 104.27 -31.56 -70.89
N UNK K 989 103.65 -31.39 -69.73
CA UNK K 989 103.63 -32.44 -68.74
C UNK K 989 102.36 -33.27 -68.85
N UNK K 990 97.06 -30.85 -80.45
CA UNK K 990 97.47 -30.54 -81.82
C UNK K 990 98.65 -29.56 -81.81
N UNK K 991 99.44 -29.59 -82.87
CA UNK K 991 100.61 -28.73 -82.95
C UNK K 991 101.00 -28.66 -84.43
N UNK K 992 101.28 -27.47 -84.94
CA UNK K 992 101.63 -27.33 -86.35
C UNK K 992 102.94 -26.62 -86.57
N UNK K 993 103.40 -26.64 -87.82
CA UNK K 993 104.66 -26.00 -88.18
C UNK K 993 104.38 -24.65 -88.80
N UNK K 994 105.44 -23.84 -88.87
CA UNK K 994 105.34 -22.49 -89.44
C UNK K 994 105.38 -22.55 -90.96
N UNK K 995 110.50 -23.02 -91.31
CA UNK K 995 110.18 -24.11 -90.41
C UNK K 995 110.87 -23.73 -89.13
N UNK K 996 111.41 -22.52 -89.12
CA UNK K 996 112.11 -22.02 -87.95
C UNK K 996 111.22 -22.25 -86.73
N UNK K 997 109.91 -22.25 -86.96
CA UNK K 997 108.94 -22.41 -85.87
C UNK K 997 107.97 -23.59 -86.04
N UNK K 998 107.60 -24.21 -84.92
CA UNK K 998 106.66 -25.33 -84.91
C UNK K 998 106.11 -25.40 -83.48
N UNK K 999 104.90 -24.90 -83.28
CA UNK K 999 104.34 -24.90 -81.94
C UNK K 999 103.35 -25.99 -81.62
N UNK K 1000 103.09 -26.12 -80.32
CA UNK K 1000 102.18 -27.12 -79.76
C UNK K 1000 100.97 -26.50 -79.10
N UNK K 1001 100.17 -27.38 -78.50
CA UNK K 1001 98.94 -27.03 -77.80
C UNK K 1001 98.62 -28.28 -77.02
N UNK K 1002 98.35 -28.16 -75.73
CA UNK K 1002 98.08 -29.38 -74.97
C UNK K 1002 97.58 -29.14 -73.57
N UNK K 1003 98.36 -24.64 -72.08
CA UNK K 1003 98.61 -23.48 -72.92
C UNK K 1003 99.10 -23.91 -74.30
N UNK K 1004 99.75 -22.98 -75.00
CA UNK K 1004 100.29 -23.25 -76.32
C UNK K 1004 101.75 -22.81 -76.41
N UNK K 1005 102.64 -23.68 -75.92
CA UNK K 1005 104.09 -23.42 -75.93
C UNK K 1005 104.58 -23.49 -77.37
N UNK K 1006 105.22 -22.41 -77.83
CA UNK K 1006 105.74 -22.34 -79.18
C UNK K 1006 107.27 -22.34 -79.21
N UNK K 1007 107.88 -23.12 -80.11
CA UNK K 1007 109.35 -23.15 -80.20
C UNK K 1007 109.98 -23.17 -81.59
N UNK K 1008 111.31 -23.44 -81.62
CA UNK K 1008 112.13 -23.44 -82.85
C UNK K 1008 112.86 -24.71 -83.29
N UNK K 1009 110.14 -21.25 -76.59
CA UNK K 1009 110.44 -19.82 -76.75
C UNK K 1009 109.60 -19.05 -75.73
N UNK K 1010 108.30 -19.37 -75.64
CA UNK K 1010 107.44 -18.72 -74.64
C UNK K 1010 106.08 -19.37 -74.41
N UNK K 1011 105.77 -19.61 -73.14
CA UNK K 1011 104.51 -20.22 -72.71
C UNK K 1011 103.38 -19.19 -72.79
N UNK K 1012 102.29 -19.56 -73.47
CA UNK K 1012 101.12 -18.70 -73.66
C UNK K 1012 99.93 -19.14 -72.82
N UNK K 1013 99.98 -18.93 -71.51
CA UNK K 1013 98.89 -19.36 -70.63
C UNK K 1013 97.61 -18.52 -70.70
N UNK K 1014 97.13 -18.29 -71.92
CA UNK K 1014 95.92 -17.50 -72.08
C UNK K 1014 94.61 -18.26 -71.83
N UNK K 1015 94.36 -19.30 -72.62
CA UNK K 1015 93.14 -20.09 -72.53
C UNK K 1015 92.84 -20.68 -71.15
N UNK K 1016 91.57 -20.62 -70.77
CA UNK K 1016 91.12 -21.15 -69.48
C UNK K 1016 90.54 -22.53 -69.68
N UNK K 1017 91.52 -24.83 -72.19
CA UNK K 1017 92.59 -25.75 -72.65
C UNK K 1017 92.68 -25.82 -74.18
N UNK K 1018 93.83 -25.48 -74.72
CA UNK K 1018 94.02 -25.49 -76.16
C UNK K 1018 93.81 -26.87 -76.77
N UNK K 1019 93.33 -26.88 -78.01
CA UNK K 1019 93.07 -28.12 -78.72
C UNK K 1019 93.48 -28.05 -80.18
N UNK K 1020 93.90 -26.87 -80.63
CA UNK K 1020 94.33 -26.70 -82.01
C UNK K 1020 95.04 -25.36 -82.19
N UNK K 1021 95.68 -25.18 -83.36
CA UNK K 1021 96.39 -23.93 -83.64
C UNK K 1021 97.00 -23.93 -85.03
N UNK K 1022 97.36 -22.74 -85.49
CA UNK K 1022 97.98 -22.60 -86.80
C UNK K 1022 98.78 -21.31 -86.89
N UNK K 1023 99.75 -21.31 -87.79
CA UNK K 1023 100.62 -20.15 -87.99
C UNK K 1023 100.15 -19.37 -89.20
N UNK K 1024 100.19 -18.04 -89.10
CA UNK K 1024 99.80 -17.20 -90.23
C UNK K 1024 100.75 -17.54 -91.34
N UNK K 1025 100.26 -17.59 -92.58
CA UNK K 1025 101.10 -17.93 -93.71
C UNK K 1025 102.27 -16.92 -93.77
N UNK K 1026 101.65 -14.56 -86.72
CA UNK K 1026 100.61 -14.92 -85.75
C UNK K 1026 100.40 -16.42 -85.61
N UNK K 1027 99.91 -16.79 -84.43
CA UNK K 1027 99.62 -18.17 -84.10
C UNK K 1027 98.31 -18.17 -83.32
N UNK K 1028 97.23 -18.58 -84.01
CA UNK K 1028 95.90 -18.65 -83.40
C UNK K 1028 95.73 -20.00 -82.73
N UNK K 1029 95.16 -19.99 -81.54
CA UNK K 1029 94.98 -21.22 -80.79
C UNK K 1029 93.53 -21.54 -80.44
N UNK K 1030 93.20 -22.83 -80.51
CA UNK K 1030 91.84 -23.29 -80.25
C UNK K 1030 91.59 -23.71 -78.81
N UNK K 1031 90.60 -23.06 -78.21
CA UNK K 1031 90.20 -23.31 -76.83
C UNK K 1031 89.15 -24.40 -76.74
N UNK K 1032 89.21 -25.16 -75.66
CA UNK K 1032 88.28 -26.24 -75.43
C UNK K 1032 86.90 -25.67 -75.07
N UNK K 1033 86.86 -24.36 -74.84
CA UNK K 1033 85.60 -23.69 -74.52
C UNK K 1033 85.29 -22.57 -75.50
N UNK K 1034 85.28 -22.92 -76.77
CA UNK K 1034 84.96 -21.95 -77.79
C UNK K 1034 85.77 -20.68 -77.81
N UNK K 1035 86.77 -20.58 -76.94
CA UNK K 1035 87.61 -19.39 -76.92
C UNK K 1035 88.65 -19.53 -78.01
N UNK K 1036 89.34 -18.45 -78.33
CA UNK K 1036 90.34 -18.51 -79.37
C UNK K 1036 90.99 -17.16 -79.17
N UNK K 1037 92.27 -17.19 -78.81
CA UNK K 1037 93.12 -16.01 -78.76
C UNK K 1037 94.10 -16.03 -79.92
N UNK K 1038 94.44 -14.84 -80.41
CA UNK K 1038 95.41 -14.72 -81.48
C UNK K 1038 96.68 -14.29 -80.75
N UNK K 1039 97.81 -14.89 -81.12
CA UNK K 1039 99.08 -14.53 -80.50
C UNK K 1039 100.02 -14.07 -81.61
N UNK K 1040 101.12 -13.43 -81.26
CA UNK K 1040 102.07 -12.93 -82.25
C UNK K 1040 103.45 -13.61 -82.24
N UNK K 1041 95.29 -10.34 -79.49
CA UNK K 1041 93.88 -10.13 -79.16
C UNK K 1041 93.16 -11.47 -78.98
N UNK K 1042 92.21 -11.51 -78.07
CA UNK K 1042 91.45 -12.72 -77.79
C UNK K 1042 90.01 -12.77 -78.36
N UNK K 1043 89.87 -12.60 -79.68
CA UNK K 1043 88.55 -12.65 -80.30
C UNK K 1043 87.93 -14.01 -80.02
N UNK K 1044 87.00 -14.09 -79.08
CA UNK K 1044 86.37 -15.36 -78.75
C UNK K 1044 85.03 -15.30 -77.99
N UNK K 1045 83.93 -14.91 -78.67
CA UNK K 1045 82.61 -14.82 -78.04
C UNK K 1045 82.03 -16.18 -77.65
N UNK K 1046 83.75 -26.56 -78.00
CA UNK K 1046 85.06 -26.83 -78.58
C UNK K 1046 85.35 -25.91 -79.76
N UNK K 1047 86.60 -25.96 -80.22
CA UNK K 1047 87.11 -25.22 -81.37
C UNK K 1047 88.20 -26.16 -81.87
N UNK K 1048 87.81 -27.13 -82.66
CA UNK K 1048 88.76 -28.12 -83.13
C UNK K 1048 89.59 -27.78 -84.36
N UNK K 1049 89.70 -26.52 -84.71
CA UNK K 1049 90.48 -26.20 -85.90
C UNK K 1049 90.52 -24.71 -86.23
N UNK K 1050 91.60 -24.29 -86.87
CA UNK K 1050 91.78 -22.91 -87.31
C UNK K 1050 92.63 -22.92 -88.57
N UNK K 1051 92.72 -21.77 -89.22
CA UNK K 1051 93.50 -21.65 -90.44
C UNK K 1051 93.47 -20.16 -90.80
N UNK K 1052 94.64 -19.59 -91.02
CA UNK K 1052 94.72 -18.23 -91.50
C UNK K 1052 94.53 -18.28 -93.01
N UNK K 1053 94.23 -17.14 -93.60
CA UNK K 1053 94.04 -17.04 -95.04
C UNK K 1053 95.38 -16.68 -95.67
N UNK K 1054 95.51 -16.83 -96.99
CA UNK K 1054 96.82 -16.44 -97.52
C UNK K 1054 97.10 -15.01 -97.07
N UNK K 1055 96.19 -14.10 -97.44
CA UNK K 1055 96.29 -12.68 -97.08
C UNK K 1055 96.67 -12.40 -95.62
N UNK K 1056 96.64 -13.42 -94.77
CA UNK K 1056 96.99 -13.29 -93.36
C UNK K 1056 96.07 -12.30 -92.62
N UNK K 1057 94.82 -12.20 -93.07
CA UNK K 1057 93.85 -11.28 -92.46
C UNK K 1057 92.58 -11.96 -91.93
N UNK K 1058 92.07 -12.92 -92.70
CA UNK K 1058 90.86 -13.66 -92.31
C UNK K 1058 91.22 -15.00 -91.69
N UNK K 1059 90.71 -15.23 -90.48
CA UNK K 1059 90.96 -16.50 -89.79
C UNK K 1059 89.68 -17.32 -89.80
N UNK K 1060 89.74 -18.53 -90.36
CA UNK K 1060 88.57 -19.41 -90.39
C UNK K 1060 88.60 -20.34 -89.19
N UNK K 1061 87.44 -20.54 -88.57
CA UNK K 1061 87.34 -21.38 -87.38
C UNK K 1061 86.29 -22.49 -87.52
N UNK K 1062 86.47 -23.59 -86.81
CA UNK K 1062 85.53 -24.71 -86.86
C UNK K 1062 85.46 -25.45 -85.54
N UNK K 1063 80.44 -25.27 -85.24
CA UNK K 1063 80.08 -24.76 -86.56
C UNK K 1063 81.23 -23.92 -87.07
N UNK K 1064 81.20 -23.58 -88.36
CA UNK K 1064 82.22 -22.76 -88.96
C UNK K 1064 81.99 -21.29 -88.54
N UNK K 1065 83.03 -20.45 -88.61
CA UNK K 1065 82.88 -19.07 -88.18
C UNK K 1065 84.14 -18.32 -88.60
N UNK K 1066 83.98 -17.33 -89.48
CA UNK K 1066 85.12 -16.54 -89.94
C UNK K 1066 85.35 -15.30 -89.07
N UNK K 1067 86.60 -14.81 -89.05
CA UNK K 1067 86.93 -13.63 -88.25
C UNK K 1067 87.76 -12.58 -88.99
N UNK K 1068 88.10 -11.52 -88.25
CA UNK K 1068 88.89 -10.39 -88.76
C UNK K 1068 90.10 -10.16 -87.88
N UNK K 1069 91.30 -10.35 -88.45
CA UNK K 1069 92.54 -10.15 -87.71
C UNK K 1069 92.58 -8.78 -87.04
N UNK K 1070 76.18 -22.33 -90.22
CA UNK K 1070 75.70 -23.21 -89.17
C UNK K 1070 75.42 -24.54 -89.88
N UNK K 1071 76.08 -25.58 -89.44
CA UNK K 1071 75.88 -26.89 -90.01
C UNK K 1071 74.83 -27.58 -89.14
N UNK K 1072 73.97 -28.39 -89.75
CA UNK K 1072 72.95 -29.11 -89.01
C UNK K 1072 73.58 -29.72 -87.75
N UNK K 1073 74.69 -30.42 -87.94
CA UNK K 1073 75.37 -31.04 -86.82
C UNK K 1073 76.48 -30.20 -86.24
N UNK K 1074 77.10 -30.70 -85.19
CA UNK K 1074 78.18 -30.00 -84.53
C UNK K 1074 79.42 -30.88 -84.44
N UNK K 1075 80.29 -30.49 -83.51
CA UNK K 1075 81.52 -31.21 -83.25
C UNK K 1075 82.23 -31.56 -84.52
N UNK K 1076 82.62 -30.54 -85.27
CA UNK K 1076 83.34 -30.77 -86.50
C UNK K 1076 84.77 -31.04 -86.05
N UNK K 1077 85.63 -31.44 -86.98
CA UNK K 1077 87.03 -31.66 -86.66
C UNK K 1077 88.11 -30.78 -87.27
N UNK K 1078 88.45 -31.05 -88.53
CA UNK K 1078 89.45 -30.28 -89.24
C UNK K 1078 88.82 -29.74 -90.51
N UNK K 1079 88.77 -28.41 -90.63
CA UNK K 1079 88.04 -27.80 -91.72
C UNK K 1079 89.05 -27.79 -92.84
N UNK K 1080 88.67 -28.21 -94.04
CA UNK K 1080 89.63 -28.21 -95.14
C UNK K 1080 89.51 -26.99 -96.04
N UNK K 1081 90.27 -25.95 -95.73
CA UNK K 1081 90.26 -24.75 -96.56
C UNK K 1081 91.09 -25.10 -97.79
N UNK K 1082 91.12 -24.24 -98.79
CA UNK K 1082 91.91 -24.54 -99.98
C UNK K 1082 92.88 -23.40 -100.29
N UNK K 1083 93.60 -23.49 -101.41
CA UNK K 1083 94.54 -22.43 -101.77
C UNK K 1083 93.83 -21.07 -101.88
N UNK K 1084 92.91 -20.97 -102.83
CA UNK K 1084 92.14 -19.74 -103.06
C UNK K 1084 91.32 -19.28 -101.86
N UNK K 1085 91.22 -20.11 -100.82
CA UNK K 1085 90.44 -19.78 -99.62
C UNK K 1085 89.00 -19.49 -100.05
N UNK K 1086 88.60 -20.16 -101.13
CA UNK K 1086 87.28 -19.98 -101.74
C UNK K 1086 86.54 -21.32 -101.88
N UNK K 1087 86.93 -22.30 -101.06
CA UNK K 1087 86.31 -23.63 -101.07
C UNK K 1087 86.57 -24.25 -99.70
N UNK K 1088 85.56 -24.89 -99.12
CA UNK K 1088 85.72 -25.50 -97.82
C UNK K 1088 85.03 -26.86 -97.79
N UNK K 1089 85.59 -27.79 -97.03
CA UNK K 1089 84.98 -29.12 -96.90
C UNK K 1089 85.04 -29.58 -95.47
N UNK K 1090 83.95 -30.15 -94.99
CA UNK K 1090 83.91 -30.65 -93.63
C UNK K 1090 82.81 -31.67 -93.48
N UNK K 1091 82.69 -32.22 -92.27
CA UNK K 1091 81.70 -33.25 -92.01
C UNK K 1091 81.28 -33.20 -90.57
N UNK K 1092 79.98 -33.01 -90.31
CA UNK K 1092 79.46 -32.94 -88.94
C UNK K 1092 79.09 -34.30 -88.42
N UNK K 1093 78.89 -34.41 -87.12
CA UNK K 1093 78.54 -35.71 -86.53
C UNK K 1093 77.20 -36.24 -87.02
N UNK K 1094 76.59 -35.53 -87.97
CA UNK K 1094 75.35 -36.02 -88.53
C UNK K 1094 75.73 -36.74 -89.80
N UNK K 1095 77.03 -36.83 -90.05
CA UNK K 1095 77.54 -37.52 -91.23
C UNK K 1095 77.21 -36.81 -92.51
N UNK K 1096 76.98 -35.51 -92.41
CA UNK K 1096 76.67 -34.72 -93.59
C UNK K 1096 77.94 -34.14 -94.16
N UNK K 1097 78.12 -34.29 -95.47
CA UNK K 1097 79.31 -33.80 -96.15
C UNK K 1097 79.16 -32.37 -96.70
N UNK K 1098 79.72 -31.41 -96.00
CA UNK K 1098 79.62 -30.02 -96.45
C UNK K 1098 80.79 -29.60 -97.34
N UNK K 1099 80.49 -29.29 -98.60
CA UNK K 1099 81.50 -28.80 -99.53
C UNK K 1099 81.04 -27.39 -99.90
N UNK K 1100 81.45 -26.42 -99.09
CA UNK K 1100 81.08 -25.02 -99.29
C UNK K 1100 82.03 -24.34 -100.27
N UNK K 1101 81.61 -23.20 -100.83
CA UNK K 1101 82.45 -22.50 -101.79
C UNK K 1101 81.97 -21.09 -102.11
N MET L 10 30.64 -34.78 -32.35
CA MET L 10 30.88 -34.49 -30.95
C MET L 10 31.21 -32.99 -30.78
N PRO L 11 31.39 -32.51 -29.53
CA PRO L 11 31.73 -31.08 -29.34
C PRO L 11 32.89 -30.50 -30.16
N LYS L 12 32.98 -29.18 -30.14
CA LYS L 12 34.02 -28.43 -30.85
C LYS L 12 35.38 -28.61 -30.18
N ARG L 13 35.45 -28.36 -28.89
CA ARG L 13 36.70 -28.48 -28.13
C ARG L 13 37.31 -29.88 -28.17
N HIS L 14 36.63 -30.81 -28.84
CA HIS L 14 37.13 -32.17 -29.00
C HIS L 14 37.86 -32.35 -30.32
N ARG L 15 37.26 -31.89 -31.41
CA ARG L 15 37.90 -31.94 -32.71
C ARG L 15 39.23 -31.19 -32.73
N GLU L 16 39.27 -30.06 -32.02
CA GLU L 16 40.49 -29.25 -31.91
C GLU L 16 41.56 -30.00 -31.18
N HIS L 17 41.16 -30.76 -30.17
CA HIS L 17 42.07 -31.59 -29.40
C HIS L 17 42.87 -32.58 -30.24
N ILE L 18 42.17 -33.57 -30.79
CA ILE L 18 42.79 -34.59 -31.62
C ILE L 18 43.39 -33.98 -32.88
N ARG L 19 42.93 -32.78 -33.23
CA ARG L 19 43.42 -32.09 -34.42
C ARG L 19 44.88 -31.70 -34.27
N LYS L 20 45.17 -30.84 -33.28
CA LYS L 20 46.53 -30.38 -33.03
C LYS L 20 47.39 -31.50 -32.47
N ASN L 21 46.79 -32.33 -31.62
CA ASN L 21 47.49 -33.45 -31.01
C ASN L 21 47.35 -34.74 -31.81
N LEU L 22 47.35 -34.61 -33.13
CA LEU L 22 47.21 -35.75 -34.02
C LEU L 22 48.56 -36.43 -34.27
N ASN L 23 49.62 -35.82 -33.73
CA ASN L 23 50.97 -36.37 -33.90
C ASN L 23 51.34 -37.34 -32.80
N ILE L 24 51.09 -36.92 -31.57
CA ILE L 24 51.37 -37.76 -30.41
C ILE L 24 50.53 -39.03 -30.51
N LEU L 25 49.28 -38.86 -30.89
CA LEU L 25 48.35 -39.99 -30.94
C LEU L 25 48.68 -40.92 -32.12
N VAL L 26 49.27 -40.35 -33.17
CA VAL L 26 49.62 -41.11 -34.36
C VAL L 26 50.98 -41.75 -34.14
N GLU L 27 51.62 -41.38 -33.04
CA GLU L 27 52.96 -41.88 -32.77
C GLU L 27 52.95 -43.03 -31.79
N TRP L 28 52.38 -42.80 -30.60
CA TRP L 28 52.51 -43.78 -29.53
C TRP L 28 51.71 -45.08 -29.74
N THR L 29 50.53 -44.98 -30.37
CA THR L 29 49.70 -46.17 -30.65
C THR L 29 50.13 -46.89 -31.93
N ASN L 30 50.56 -48.16 -31.85
CA ASN L 30 50.61 -49.02 -33.03
C ASN L 30 49.35 -48.91 -33.89
N TYR L 31 49.52 -48.91 -35.21
CA TYR L 31 48.37 -48.68 -36.09
C TYR L 31 47.60 -49.95 -36.39
N GLU L 32 48.34 -51.05 -36.60
CA GLU L 32 47.74 -52.36 -36.80
C GLU L 32 46.82 -52.64 -35.62
N ARG L 33 47.43 -52.54 -34.45
CA ARG L 33 46.79 -52.81 -33.18
C ARG L 33 45.68 -51.82 -32.92
N LEU L 34 45.70 -50.72 -33.65
CA LEU L 34 44.65 -49.72 -33.50
C LEU L 34 43.60 -49.94 -34.56
N ALA L 35 43.94 -49.84 -35.84
CA ALA L 35 42.96 -50.03 -36.92
C ALA L 35 42.09 -51.27 -36.73
N MET L 36 42.75 -52.43 -36.68
CA MET L 36 42.05 -53.69 -36.59
C MET L 36 41.16 -53.77 -35.33
N GLU L 37 41.45 -52.91 -34.36
CA GLU L 37 40.72 -52.82 -33.09
C GLU L 37 39.58 -51.79 -33.09
N CYS L 38 39.81 -50.67 -33.76
CA CYS L 38 38.87 -49.57 -33.84
C CYS L 38 37.69 -50.05 -34.67
N VAL L 39 37.99 -50.62 -35.81
CA VAL L 39 36.91 -51.11 -36.64
C VAL L 39 36.23 -52.15 -35.76
N GLN L 40 37.09 -52.90 -35.10
CA GLN L 40 36.74 -53.99 -34.22
C GLN L 40 35.96 -53.44 -33.06
N GLN L 41 36.34 -52.25 -32.64
CA GLN L 41 35.69 -51.59 -31.51
C GLN L 41 34.17 -51.31 -31.59
N GLY L 42 33.59 -51.12 -32.77
CA GLY L 42 32.24 -50.61 -32.78
C GLY L 42 32.15 -49.21 -33.36
N ILE L 43 33.07 -48.89 -34.26
CA ILE L 43 33.06 -47.63 -34.98
C ILE L 43 32.89 -47.65 -36.51
N LEU L 44 34.00 -47.88 -37.21
CA LEU L 44 34.01 -47.88 -38.67
C LEU L 44 33.78 -49.29 -39.17
N THR L 45 34.00 -49.52 -40.47
CA THR L 45 33.63 -50.77 -41.11
C THR L 45 34.61 -51.11 -42.23
N VAL L 46 34.49 -52.33 -42.76
CA VAL L 46 35.36 -52.78 -43.85
C VAL L 46 35.50 -51.71 -44.92
N GLN L 47 34.49 -50.84 -45.01
CA GLN L 47 34.51 -49.77 -46.01
C GLN L 47 35.26 -48.55 -45.48
N MET L 48 34.89 -48.10 -44.29
CA MET L 48 35.53 -46.95 -43.67
C MET L 48 37.04 -47.14 -43.58
N LEU L 49 37.47 -48.08 -42.75
CA LEU L 49 38.87 -48.37 -42.56
C LEU L 49 39.60 -48.55 -43.89
N ARG L 50 38.96 -49.11 -44.91
CA ARG L 50 39.61 -49.19 -46.22
C ARG L 50 40.04 -47.81 -46.72
N ASN L 51 39.07 -46.92 -46.81
CA ASN L 51 39.28 -45.57 -47.34
C ASN L 51 40.20 -44.75 -46.46
N THR L 52 40.23 -45.08 -45.17
CA THR L 52 41.10 -44.39 -44.23
C THR L 52 42.53 -44.91 -44.26
N GLN L 53 42.67 -46.22 -44.08
CA GLN L 53 43.91 -46.97 -44.29
C GLN L 53 44.49 -46.79 -45.69
N ASP L 54 43.66 -46.75 -46.71
CA ASP L 54 44.23 -46.36 -47.98
C ASP L 54 44.18 -44.84 -48.05
N LEU L 55 44.59 -44.26 -49.16
CA LEU L 55 44.76 -42.82 -49.28
C LEU L 55 44.34 -42.45 -50.69
N ASN L 56 44.83 -41.32 -51.19
CA ASN L 56 44.38 -40.85 -52.50
C ASN L 56 44.92 -41.71 -53.64
N GLY L 57 46.14 -42.21 -53.47
CA GLY L 57 46.81 -42.96 -54.51
C GLY L 57 48.12 -42.30 -54.90
N LYS L 58 48.10 -40.97 -54.96
CA LYS L 58 49.32 -40.19 -55.14
C LYS L 58 50.38 -40.39 -54.03
N PRO L 59 49.92 -40.69 -52.82
CA PRO L 59 50.82 -40.90 -51.69
C PRO L 59 52.02 -41.76 -52.07
N PHE L 60 51.94 -42.41 -53.23
CA PHE L 60 53.02 -43.27 -53.71
C PHE L 60 54.31 -42.48 -53.89
N ASN L 61 54.17 -41.20 -54.11
CA ASN L 61 55.35 -40.41 -54.29
C ASN L 61 56.15 -40.51 -52.99
N MET L 62 55.41 -40.78 -51.95
CA MET L 62 55.92 -40.72 -50.61
C MET L 62 56.52 -42.02 -50.11
N ASP L 63 57.68 -41.87 -49.50
CA ASP L 63 58.46 -43.00 -49.04
C ASP L 63 57.73 -43.70 -47.92
N GLU L 64 58.14 -44.95 -47.74
CA GLU L 64 57.61 -45.87 -46.76
C GLU L 64 57.47 -45.22 -45.41
N LYS L 65 58.55 -44.70 -44.84
CA LYS L 65 58.34 -44.17 -43.49
C LYS L 65 57.04 -43.40 -43.34
N ASP L 66 56.63 -42.71 -44.41
CA ASP L 66 55.75 -41.57 -44.26
C ASP L 66 54.31 -41.84 -44.70
N VAL L 67 54.05 -43.07 -45.10
CA VAL L 67 52.70 -43.44 -45.55
C VAL L 67 51.90 -44.06 -44.43
N ARG L 68 52.53 -44.95 -43.66
CA ARG L 68 51.91 -45.50 -42.45
C ARG L 68 51.55 -44.41 -41.43
N VAL L 69 52.43 -43.40 -41.31
CA VAL L 69 52.18 -42.30 -40.40
C VAL L 69 50.99 -41.47 -40.87
N GLU L 70 50.89 -41.30 -42.19
CA GLU L 70 49.78 -40.57 -42.78
C GLU L 70 48.48 -41.32 -42.58
N GLN L 71 48.51 -42.60 -42.90
CA GLN L 71 47.42 -43.54 -42.63
C GLN L 71 46.86 -43.41 -41.23
N HIS L 72 47.75 -43.66 -40.29
CA HIS L 72 47.46 -43.62 -38.87
C HIS L 72 46.88 -42.24 -38.51
N ARG L 73 47.40 -41.20 -39.18
CA ARG L 73 46.90 -39.84 -38.98
C ARG L 73 45.55 -39.63 -39.67
N ARG L 74 45.21 -40.52 -40.58
CA ARG L 74 43.95 -40.40 -41.31
C ARG L 74 42.89 -41.09 -40.48
N LEU L 75 43.36 -41.95 -39.57
CA LEU L 75 42.44 -42.73 -38.77
C LEU L 75 41.70 -41.88 -37.76
N LEU L 76 42.48 -41.21 -36.93
CA LEU L 76 41.92 -40.39 -35.88
C LEU L 76 40.99 -39.33 -36.43
N LEU L 77 41.28 -38.86 -37.64
CA LEU L 77 40.42 -37.89 -38.32
C LEU L 77 39.03 -38.46 -38.60
N LYS L 78 38.98 -39.73 -38.97
CA LYS L 78 37.71 -40.39 -39.21
C LYS L 78 37.03 -40.75 -37.89
N ILE L 79 37.84 -41.09 -36.88
CA ILE L 79 37.30 -41.43 -35.56
C ILE L 79 36.62 -40.22 -34.91
N THR L 80 37.27 -39.09 -35.09
CA THR L 80 36.79 -37.79 -34.70
C THR L 80 35.54 -37.57 -35.49
N GLN L 81 35.48 -38.11 -36.68
CA GLN L 81 34.32 -37.87 -37.51
C GLN L 81 33.08 -38.40 -36.87
N ARG L 82 33.24 -39.35 -35.98
CA ARG L 82 32.11 -40.14 -35.57
C ARG L 82 31.21 -39.53 -34.53
N GLY L 83 30.27 -40.33 -34.07
CA GLY L 83 29.28 -39.90 -33.10
C GLY L 83 29.82 -39.57 -31.73
N PRO L 84 28.96 -38.82 -30.92
CA PRO L 84 29.63 -38.11 -29.84
C PRO L 84 30.40 -38.98 -28.89
N THR L 85 30.16 -40.27 -28.85
CA THR L 85 30.96 -41.12 -27.98
C THR L 85 32.41 -41.03 -28.44
N ALA L 86 32.60 -40.65 -29.67
CA ALA L 86 33.88 -40.87 -30.35
C ALA L 86 35.01 -40.69 -29.35
N TYR L 87 34.82 -39.75 -28.44
CA TYR L 87 35.77 -39.59 -27.36
C TYR L 87 35.76 -40.87 -26.55
N ASN L 88 34.65 -41.12 -25.88
CA ASN L 88 34.55 -42.26 -24.99
C ASN L 88 34.85 -43.58 -25.70
N LEU L 89 34.66 -43.61 -27.02
CA LEU L 89 35.01 -44.79 -27.80
C LEU L 89 36.52 -44.91 -27.94
N LEU L 90 37.17 -43.80 -28.29
CA LEU L 90 38.59 -43.84 -28.63
C LEU L 90 39.43 -44.01 -27.37
N ILE L 91 39.00 -43.37 -26.29
CA ILE L 91 39.71 -43.44 -25.03
C ILE L 91 39.80 -44.88 -24.55
N ASN L 92 38.75 -45.65 -24.79
CA ASN L 92 38.70 -47.04 -24.33
C ASN L 92 39.44 -47.95 -25.27
N ALA L 93 39.18 -47.77 -26.57
CA ALA L 93 39.89 -48.54 -27.57
C ALA L 93 41.38 -48.41 -27.31
N LEU L 94 41.83 -47.19 -27.03
CA LEU L 94 43.23 -46.92 -26.76
C LEU L 94 43.65 -47.43 -25.38
N ARG L 95 42.71 -47.47 -24.45
CA ARG L 95 42.97 -48.11 -23.16
C ARG L 95 43.35 -49.57 -23.37
N ASN L 96 42.84 -50.17 -24.45
CA ASN L 96 43.18 -51.55 -24.78
C ASN L 96 44.43 -51.70 -25.63
N ILE L 97 44.56 -50.86 -26.67
CA ILE L 97 45.80 -50.79 -27.46
C ILE L 97 47.05 -50.72 -26.57
N ASN L 98 46.85 -50.30 -25.32
CA ASN L 98 47.88 -50.25 -24.28
C ASN L 98 48.79 -49.07 -24.56
N CYS L 99 48.22 -48.07 -25.20
CA CYS L 99 48.84 -46.78 -25.33
C CYS L 99 48.27 -45.80 -24.29
N LEU L 100 48.24 -46.23 -23.04
CA LEU L 100 47.74 -45.43 -21.91
C LEU L 100 48.24 -43.99 -21.93
N ASP L 101 49.52 -43.79 -22.23
CA ASP L 101 50.12 -42.47 -22.34
C ASP L 101 49.54 -41.56 -23.43
N ALA L 102 48.58 -42.06 -24.20
CA ALA L 102 47.87 -41.24 -25.18
C ALA L 102 46.40 -41.25 -24.81
N ALA L 103 45.96 -42.30 -24.11
CA ALA L 103 44.61 -42.30 -23.57
C ALA L 103 44.49 -41.14 -22.59
N VAL L 104 45.55 -40.95 -21.83
CA VAL L 104 45.63 -39.80 -20.94
C VAL L 104 45.52 -38.57 -21.82
N LEU L 105 46.39 -38.44 -22.81
CA LEU L 105 46.40 -37.29 -23.68
C LEU L 105 45.00 -36.90 -24.15
N LEU L 106 44.26 -37.91 -24.62
CA LEU L 106 42.94 -37.74 -25.18
C LEU L 106 41.85 -37.51 -24.13
N GLU L 107 42.17 -37.79 -22.87
CA GLU L 107 41.17 -37.67 -21.80
C GLU L 107 41.37 -36.46 -20.89
N SER L 108 42.63 -36.20 -20.54
CA SER L 108 43.06 -35.18 -19.58
C SER L 108 42.59 -33.77 -19.88
N VAL L 109 42.48 -33.43 -21.16
CA VAL L 109 41.85 -32.18 -21.58
C VAL L 109 40.44 -31.95 -21.03
N ASP L 110 39.81 -33.02 -20.55
CA ASP L 110 38.53 -32.89 -19.89
C ASP L 110 38.81 -32.93 -18.40
N GLU L 111 37.76 -33.08 -17.60
CA GLU L 111 37.88 -33.18 -16.14
C GLU L 111 38.31 -31.84 -15.53
N TYR M 10 -28.44 -26.25 -35.71
CA TYR M 10 -27.48 -27.16 -36.32
C TYR M 10 -28.08 -28.55 -36.51
N GLN M 11 -28.17 -28.98 -37.76
CA GLN M 11 -28.73 -30.28 -38.08
C GLN M 11 -27.64 -31.35 -38.11
N TYR M 12 -27.97 -32.51 -38.69
CA TYR M 12 -27.02 -33.62 -38.78
C TYR M 12 -26.33 -33.63 -40.14
N LYS M 13 -26.85 -32.83 -41.07
CA LYS M 13 -26.29 -32.75 -42.42
C LYS M 13 -25.05 -31.88 -42.45
N ASP M 14 -24.79 -31.18 -41.34
CA ASP M 14 -23.64 -30.30 -41.24
C ASP M 14 -22.66 -30.80 -40.18
N ILE M 15 -23.18 -31.36 -39.10
CA ILE M 15 -22.35 -31.88 -38.02
C ILE M 15 -21.74 -33.22 -38.45
N LEU M 16 -22.00 -33.65 -39.67
CA LEU M 16 -21.46 -34.92 -40.15
C LEU M 16 -20.04 -34.77 -40.73
N SER M 17 -19.87 -33.78 -41.58
CA SER M 17 -18.58 -33.58 -42.22
C SER M 17 -17.52 -33.17 -41.21
N VAL M 18 -17.96 -32.80 -40.01
CA VAL M 18 -17.08 -32.37 -38.93
C VAL M 18 -16.14 -33.48 -38.47
N PHE M 19 -16.67 -34.66 -38.19
CA PHE M 19 -15.81 -35.77 -37.78
C PHE M 19 -15.60 -36.76 -38.91
N GLU M 20 -15.04 -36.26 -40.01
CA GLU M 20 -14.75 -37.10 -41.16
C GLU M 20 -13.39 -37.77 -41.02
N ASP M 21 -12.53 -37.25 -40.16
CA ASP M 21 -11.22 -37.87 -39.95
C ASP M 21 -11.40 -39.21 -39.26
N ALA M 22 -12.48 -39.34 -38.51
CA ALA M 22 -12.74 -40.55 -37.77
C ALA M 22 -13.45 -41.56 -38.65
N PHE M 23 -14.37 -41.04 -39.47
CA PHE M 23 -15.18 -41.89 -40.34
C PHE M 23 -14.33 -42.68 -41.35
N VAL M 24 -13.03 -42.41 -41.39
CA VAL M 24 -12.13 -43.13 -42.28
C VAL M 24 -11.27 -44.11 -41.48
N ASP M 25 -11.28 -43.91 -40.17
CA ASP M 25 -10.53 -44.76 -39.24
C ASP M 25 -11.32 -46.02 -38.95
N ASN M 26 -12.48 -45.83 -38.35
CA ASN M 26 -13.21 -46.96 -37.80
C ASN M 26 -14.57 -47.23 -38.44
N PHE M 27 -14.74 -46.86 -39.70
CA PHE M 27 -16.01 -47.09 -40.38
C PHE M 27 -15.85 -47.49 -41.84
N ASP M 28 -16.53 -48.57 -42.22
CA ASP M 28 -16.88 -48.79 -43.62
C ASP M 28 -18.22 -49.50 -43.68
N CYS M 29 -19.02 -49.11 -44.66
CA CYS M 29 -20.38 -49.61 -44.82
C CYS M 29 -20.48 -51.10 -45.13
N LYS M 30 -19.35 -51.80 -45.08
CA LYS M 30 -19.35 -53.25 -45.26
C LYS M 30 -20.24 -53.87 -44.19
N ASP M 31 -20.39 -53.16 -43.07
CA ASP M 31 -21.28 -53.59 -42.01
C ASP M 31 -22.66 -52.97 -42.19
N VAL M 32 -22.71 -51.89 -42.96
CA VAL M 32 -23.98 -51.20 -43.24
C VAL M 32 -24.67 -51.78 -44.46
N GLN M 33 -25.01 -53.06 -44.39
CA GLN M 33 -25.68 -53.73 -45.50
C GLN M 33 -27.09 -54.15 -45.12
N ASP M 34 -27.72 -53.37 -44.24
CA ASP M 34 -29.07 -53.66 -43.80
C ASP M 34 -29.70 -52.43 -43.13
N MET M 35 -30.16 -51.49 -43.95
CA MET M 35 -30.78 -50.27 -43.45
C MET M 35 -32.04 -49.96 -44.26
N PRO M 36 -32.76 -48.87 -43.91
CA PRO M 36 -33.84 -48.53 -44.83
C PRO M 36 -33.34 -48.12 -46.22
N LYS M 37 -33.91 -48.73 -47.26
CA LYS M 37 -33.60 -48.36 -48.64
C LYS M 37 -33.93 -46.89 -48.87
N SER M 38 -34.76 -46.34 -47.99
CA SER M 38 -35.09 -44.93 -48.01
C SER M 38 -33.88 -44.05 -47.69
N ILE M 39 -32.82 -44.65 -47.17
CA ILE M 39 -31.73 -43.89 -46.61
C ILE M 39 -30.58 -43.90 -47.59
N LEU M 40 -30.26 -45.10 -48.07
CA LEU M 40 -29.26 -45.21 -49.13
C LEU M 40 -29.75 -46.12 -50.24
N SER M 41 -29.39 -45.82 -51.48
CA SER M 41 -29.82 -46.64 -52.61
C SER M 41 -29.14 -48.00 -52.61
N LYS M 42 -29.92 -49.08 -52.74
CA LYS M 42 -29.35 -50.40 -52.76
C LYS M 42 -28.22 -50.34 -53.78
N GLU M 43 -28.45 -49.62 -54.85
CA GLU M 43 -27.46 -49.46 -55.90
C GLU M 43 -26.47 -48.36 -55.54
N GLU M 44 -26.96 -47.35 -54.81
CA GLU M 44 -26.11 -46.24 -54.38
C GLU M 44 -25.14 -46.69 -53.30
N ILE M 45 -25.57 -47.68 -52.54
CA ILE M 45 -24.78 -48.26 -51.46
C ILE M 45 -23.67 -49.12 -52.03
N ASP M 46 -23.98 -49.89 -53.07
CA ASP M 46 -22.92 -50.70 -53.64
C ASP M 46 -21.90 -49.75 -54.18
N HIS M 47 -22.42 -48.63 -54.68
CA HIS M 47 -21.64 -47.53 -55.20
C HIS M 47 -20.66 -47.06 -54.15
N ILE M 48 -21.17 -46.80 -52.95
CA ILE M 48 -20.37 -46.37 -51.82
C ILE M 48 -19.50 -47.51 -51.33
N ILE M 49 -20.11 -48.66 -51.08
CA ILE M 49 -19.32 -49.81 -50.69
C ILE M 49 -18.37 -50.12 -51.83
N MET M 50 -18.62 -49.44 -52.93
CA MET M 50 -18.06 -49.80 -54.19
C MET M 50 -16.57 -49.76 -53.98
N SER M 51 -16.20 -48.80 -53.15
CA SER M 51 -15.07 -48.88 -52.25
C SER M 51 -13.69 -49.16 -52.84
N LYS M 52 -13.31 -48.37 -53.83
CA LYS M 52 -11.98 -48.49 -54.32
C LYS M 52 -11.05 -48.11 -53.18
N ASP M 53 -11.40 -47.09 -52.42
CA ASP M 53 -10.54 -46.65 -51.30
C ASP M 53 -11.25 -46.31 -49.99
N ALA M 54 -10.57 -46.55 -48.89
CA ALA M 54 -11.16 -46.30 -47.61
C ALA M 54 -11.47 -44.82 -47.56
N VAL M 55 -10.61 -43.98 -48.09
CA VAL M 55 -10.86 -42.55 -48.01
C VAL M 55 -11.92 -42.20 -49.04
N SER M 56 -11.76 -42.71 -50.25
CA SER M 56 -12.70 -42.39 -51.30
C SER M 56 -14.08 -42.95 -50.98
N GLY M 57 -14.14 -44.18 -50.47
CA GLY M 57 -15.42 -44.81 -50.21
C GLY M 57 -16.20 -44.05 -49.15
N THR M 58 -15.49 -43.66 -48.10
CA THR M 58 -16.11 -42.96 -46.97
C THR M 58 -16.56 -41.59 -47.47
N LEU M 59 -15.72 -40.98 -48.30
CA LEU M 59 -16.04 -39.65 -48.79
C LEU M 59 -17.29 -39.81 -49.64
N ARG M 60 -17.30 -40.93 -50.37
CA ARG M 60 -18.38 -41.28 -51.27
C ARG M 60 -19.66 -41.44 -50.49
N LEU M 61 -19.57 -41.94 -49.26
CA LEU M 61 -20.76 -42.02 -48.48
C LEU M 61 -21.21 -40.68 -47.97
N PHE M 62 -20.32 -39.83 -47.50
CA PHE M 62 -20.86 -38.58 -47.02
C PHE M 62 -21.42 -37.77 -48.18
N TRP M 63 -20.73 -37.79 -49.32
CA TRP M 63 -21.21 -37.00 -50.44
C TRP M 63 -22.58 -37.42 -50.91
N THR M 64 -22.77 -38.72 -51.14
CA THR M 64 -24.08 -39.13 -51.63
C THR M 64 -25.17 -38.89 -50.60
N LEU M 65 -24.87 -39.18 -49.34
CA LEU M 65 -25.87 -39.06 -48.27
C LEU M 65 -26.27 -37.62 -47.98
N LEU M 66 -25.31 -36.71 -48.08
CA LEU M 66 -25.54 -35.29 -47.77
C LEU M 66 -26.69 -34.75 -48.66
N SER M 67 -26.88 -35.46 -49.77
CA SER M 67 -27.86 -35.16 -50.80
C SER M 67 -29.34 -35.37 -50.39
N LYS M 68 -29.55 -36.14 -49.31
CA LYS M 68 -30.89 -36.51 -48.82
C LYS M 68 -31.45 -35.53 -47.78
N GLN M 69 -32.67 -35.74 -47.32
CA GLN M 69 -33.31 -34.80 -46.38
C GLN M 69 -32.86 -35.02 -44.93
N GLU M 70 -33.19 -34.09 -44.04
CA GLU M 70 -32.82 -34.23 -42.63
C GLU M 70 -33.25 -35.53 -41.92
N GLU M 71 -34.48 -35.93 -42.13
CA GLU M 71 -34.89 -37.15 -41.50
C GLU M 71 -34.08 -38.26 -42.08
N MET M 72 -33.85 -38.15 -43.39
CA MET M 72 -33.24 -39.21 -44.17
C MET M 72 -31.92 -39.60 -43.53
N VAL M 73 -31.09 -38.61 -43.23
CA VAL M 73 -29.85 -38.90 -42.55
C VAL M 73 -30.05 -39.48 -41.16
N GLN M 74 -30.90 -38.84 -40.38
CA GLN M 74 -31.02 -39.08 -38.96
C GLN M 74 -31.40 -40.50 -38.71
N LYS M 75 -32.25 -41.01 -39.56
CA LYS M 75 -32.57 -42.39 -39.42
C LYS M 75 -31.23 -43.08 -39.54
N PHE M 76 -30.40 -42.60 -40.45
CA PHE M 76 -29.06 -43.14 -40.58
C PHE M 76 -28.21 -42.92 -39.35
N VAL M 77 -28.25 -41.73 -38.77
CA VAL M 77 -27.42 -41.46 -37.61
C VAL M 77 -27.93 -42.21 -36.41
N GLU M 78 -29.19 -42.59 -36.46
CA GLU M 78 -29.79 -43.21 -35.30
C GLU M 78 -29.94 -44.68 -35.47
N GLU M 79 -30.94 -45.09 -36.22
CA GLU M 79 -31.28 -46.48 -36.27
C GLU M 79 -30.21 -47.38 -36.87
N VAL M 80 -29.62 -46.94 -37.97
CA VAL M 80 -28.65 -47.76 -38.69
C VAL M 80 -27.26 -47.84 -38.05
N LEU M 81 -26.76 -46.71 -37.59
CA LEU M 81 -25.39 -46.62 -37.09
C LEU M 81 -25.30 -46.88 -35.60
N ARG M 82 -26.38 -47.36 -35.00
CA ARG M 82 -26.36 -47.65 -33.58
C ARG M 82 -26.28 -49.14 -33.30
N ILE M 83 -26.44 -49.94 -34.34
CA ILE M 83 -26.39 -51.36 -34.13
C ILE M 83 -24.98 -51.70 -33.72
N ASN M 84 -24.01 -51.28 -34.51
CA ASN M 84 -22.64 -51.67 -34.27
C ASN M 84 -21.67 -50.55 -33.94
N TYR M 85 -21.76 -49.47 -34.70
CA TYR M 85 -20.85 -48.36 -34.55
C TYR M 85 -21.35 -47.44 -33.49
N LYS M 86 -21.33 -47.91 -32.28
CA LYS M 86 -21.86 -47.13 -31.20
C LYS M 86 -21.04 -45.88 -31.10
N PHE M 87 -19.73 -46.02 -31.10
CA PHE M 87 -18.89 -44.94 -30.64
C PHE M 87 -19.11 -43.75 -31.52
N LEU M 88 -19.24 -43.95 -32.82
CA LEU M 88 -19.36 -42.80 -33.68
C LEU M 88 -20.57 -42.05 -33.26
N MET M 89 -21.63 -42.78 -33.04
CA MET M 89 -22.91 -42.18 -32.84
C MET M 89 -22.77 -41.31 -31.62
N SER M 90 -22.06 -41.83 -30.63
CA SER M 90 -21.94 -41.11 -29.40
C SER M 90 -21.27 -39.80 -29.68
N PRO M 91 -20.20 -39.81 -30.59
CA PRO M 91 -19.65 -38.48 -30.83
C PRO M 91 -20.70 -37.67 -31.49
N ILE M 92 -21.40 -38.24 -32.47
CA ILE M 92 -22.31 -37.39 -33.23
C ILE M 92 -23.43 -36.82 -32.37
N LYS M 93 -24.02 -37.68 -31.57
CA LYS M 93 -25.18 -37.21 -30.88
C LYS M 93 -24.71 -35.94 -30.22
N THR M 94 -23.46 -35.94 -29.83
CA THR M 94 -22.98 -34.82 -29.11
C THR M 94 -23.10 -33.68 -30.05
N GLU M 95 -22.78 -33.87 -31.32
CA GLU M 95 -22.70 -32.70 -32.19
C GLU M 95 -24.04 -31.90 -32.39
N GLN M 96 -25.09 -32.52 -32.94
CA GLN M 96 -26.39 -31.85 -33.14
C GLN M 96 -26.88 -31.13 -31.89
N ARG M 97 -26.67 -31.75 -30.73
CA ARG M 97 -26.89 -31.04 -29.52
C ARG M 97 -25.79 -30.07 -29.32
N GLN M 98 -24.64 -30.32 -29.91
CA GLN M 98 -23.51 -29.43 -29.67
C GLN M 98 -22.52 -29.01 -30.72
N PRO M 99 -22.26 -27.73 -30.72
CA PRO M 99 -21.23 -27.24 -31.61
C PRO M 99 -20.01 -26.66 -30.91
N SER M 100 -18.83 -27.22 -31.16
CA SER M 100 -17.60 -26.70 -30.56
C SER M 100 -17.24 -25.40 -31.26
N MET M 101 -16.45 -24.53 -30.62
CA MET M 101 -16.19 -23.26 -31.28
C MET M 101 -15.75 -23.54 -32.71
N MET M 102 -14.84 -24.49 -32.90
CA MET M 102 -14.36 -24.81 -34.24
C MET M 102 -15.46 -25.34 -35.16
N THR M 103 -16.21 -26.32 -34.70
CA THR M 103 -17.15 -26.93 -35.60
C THR M 103 -18.11 -25.89 -36.02
N ARG M 104 -18.77 -25.30 -35.06
CA ARG M 104 -19.70 -24.29 -35.46
C ARG M 104 -18.86 -23.28 -36.18
N MET M 105 -17.61 -23.09 -35.77
CA MET M 105 -16.82 -22.03 -36.34
C MET M 105 -16.74 -22.28 -37.82
N TYR M 106 -16.50 -23.51 -38.21
CA TYR M 106 -16.48 -23.82 -39.64
C TYR M 106 -17.87 -23.68 -40.21
N ILE M 107 -18.77 -24.27 -39.46
CA ILE M 107 -20.02 -24.69 -40.00
C ILE M 107 -20.68 -23.48 -40.55
N GLU M 108 -20.43 -22.34 -39.95
CA GLU M 108 -20.84 -21.12 -40.56
C GLU M 108 -20.13 -20.86 -41.87
N GLN M 109 -18.83 -21.11 -41.98
CA GLN M 109 -18.14 -20.74 -43.20
C GLN M 109 -18.75 -21.54 -44.33
N ARG M 110 -18.99 -22.80 -44.08
CA ARG M 110 -19.48 -23.60 -45.19
C ARG M 110 -20.70 -22.88 -45.75
N ASP M 111 -21.56 -22.41 -44.85
CA ASP M 111 -22.78 -21.77 -45.26
C ASP M 111 -22.38 -20.54 -46.05
N ARG M 112 -21.34 -19.90 -45.53
CA ARG M 112 -20.90 -18.67 -46.13
C ARG M 112 -20.46 -19.03 -47.55
N LEU M 113 -19.74 -20.14 -47.75
CA LEU M 113 -19.27 -20.49 -49.08
C LEU M 113 -20.42 -20.87 -50.04
N TYR M 114 -21.46 -21.56 -49.55
CA TYR M 114 -22.57 -21.90 -50.44
C TYR M 114 -23.17 -20.59 -50.90
N ASN M 115 -23.37 -19.71 -49.94
CA ASN M 115 -24.01 -18.43 -50.14
C ASN M 115 -23.36 -17.40 -51.00
N ASP M 116 -22.07 -17.16 -50.82
CA ASP M 116 -21.42 -16.25 -51.74
C ASP M 116 -21.42 -16.90 -53.10
N ASN M 117 -21.13 -18.18 -53.11
CA ASN M 117 -21.01 -18.89 -54.36
C ASN M 117 -22.14 -19.81 -54.26
N GLN M 118 -22.99 -19.83 -55.30
CA GLN M 118 -24.29 -20.47 -55.22
C GLN M 118 -24.57 -21.65 -56.12
N VAL M 119 -24.51 -21.42 -57.42
CA VAL M 119 -25.09 -22.27 -58.44
C VAL M 119 -24.36 -23.55 -58.24
N PHE M 120 -23.27 -23.39 -57.51
CA PHE M 120 -22.59 -24.51 -56.96
C PHE M 120 -23.47 -25.08 -55.89
N ALA M 121 -24.13 -24.24 -55.12
CA ALA M 121 -24.80 -24.81 -53.98
C ALA M 121 -25.72 -25.87 -54.47
N LYS M 122 -26.37 -25.55 -55.58
CA LYS M 122 -27.55 -26.18 -56.14
C LYS M 122 -27.20 -27.01 -57.37
N TYR M 123 -25.96 -26.94 -57.82
CA TYR M 123 -25.59 -27.62 -59.05
C TYR M 123 -24.30 -28.43 -59.00
N ASN M 124 -23.68 -28.53 -57.82
CA ASN M 124 -22.43 -29.29 -57.65
C ASN M 124 -22.53 -30.77 -58.03
N VAL M 125 -21.40 -31.41 -58.31
CA VAL M 125 -21.40 -32.86 -58.50
C VAL M 125 -20.28 -33.57 -57.74
N SER M 126 -20.64 -34.68 -57.10
CA SER M 126 -19.67 -35.56 -56.46
C SER M 126 -18.56 -35.87 -57.45
N ARG M 127 -17.36 -35.41 -57.16
CA ARG M 127 -16.23 -35.62 -58.04
C ARG M 127 -15.02 -36.11 -57.25
N LEU M 128 -14.67 -37.39 -57.35
CA LEU M 128 -13.58 -37.93 -56.51
C LEU M 128 -12.18 -37.49 -56.85
N GLN M 129 -11.80 -37.85 -58.07
CA GLN M 129 -10.44 -37.84 -58.56
C GLN M 129 -9.76 -36.53 -58.27
N PRO M 130 -10.29 -35.44 -58.82
CA PRO M 130 -9.61 -34.18 -58.60
C PRO M 130 -9.76 -33.66 -57.18
N TYR M 131 -10.89 -34.01 -56.57
CA TYR M 131 -11.20 -33.58 -55.23
C TYR M 131 -10.16 -34.07 -54.23
N LEU M 132 -9.82 -35.36 -54.36
CA LEU M 132 -8.84 -35.99 -53.49
C LEU M 132 -7.43 -35.56 -53.84
N LYS M 133 -7.16 -35.34 -55.13
CA LYS M 133 -5.80 -34.96 -55.52
C LYS M 133 -5.55 -33.58 -54.91
N LEU M 134 -6.52 -32.70 -55.08
CA LEU M 134 -6.42 -31.32 -54.63
C LEU M 134 -6.38 -31.19 -53.11
N ARG M 135 -7.13 -32.04 -52.41
CA ARG M 135 -7.22 -31.98 -50.96
C ARG M 135 -5.95 -32.54 -50.34
N GLN M 136 -5.27 -33.39 -51.11
CA GLN M 136 -4.03 -33.97 -50.68
C GLN M 136 -2.93 -32.93 -50.84
N ALA M 137 -2.91 -32.29 -52.01
CA ALA M 137 -1.88 -31.30 -52.33
C ALA M 137 -1.98 -30.09 -51.41
N LEU M 138 -3.24 -29.75 -51.20
CA LEU M 138 -3.63 -28.59 -50.44
C LEU M 138 -3.10 -28.66 -49.02
N LEU M 139 -3.29 -29.80 -48.38
CA LEU M 139 -2.90 -29.92 -46.97
C LEU M 139 -1.40 -29.72 -46.79
N GLU M 140 -0.56 -30.36 -47.61
CA GLU M 140 0.86 -30.23 -47.33
C GLU M 140 1.26 -28.79 -47.55
N LEU M 141 0.58 -28.14 -48.48
CA LEU M 141 0.93 -26.81 -48.99
C LEU M 141 1.36 -25.84 -47.90
N ARG M 142 2.61 -25.37 -47.97
CA ARG M 142 3.22 -24.63 -46.87
C ARG M 142 2.73 -23.19 -46.78
N PRO M 143 3.14 -22.46 -45.73
CA PRO M 143 2.68 -21.07 -45.63
C PRO M 143 3.16 -20.16 -46.76
N ALA M 144 4.11 -20.60 -47.58
CA ALA M 144 4.52 -19.75 -48.69
C ALA M 144 4.57 -20.51 -50.02
N LYS M 145 3.83 -21.62 -50.14
CA LYS M 145 3.87 -22.31 -51.42
C LYS M 145 2.61 -22.08 -52.27
N ASN M 146 2.49 -22.71 -53.42
CA ASN M 146 1.26 -22.50 -54.13
C ASN M 146 0.89 -23.59 -55.08
N VAL M 147 -0.27 -24.14 -54.80
CA VAL M 147 -0.86 -25.30 -55.44
C VAL M 147 -1.77 -24.85 -56.58
N LEU M 148 -1.30 -25.00 -57.81
CA LEU M 148 -2.04 -24.55 -58.99
C LEU M 148 -2.81 -25.69 -59.65
N ILE M 149 -3.88 -25.33 -60.36
CA ILE M 149 -4.69 -26.30 -61.09
C ILE M 149 -5.14 -25.70 -62.42
N ASP M 150 -4.86 -26.42 -63.51
CA ASP M 150 -5.18 -25.93 -64.85
C ASP M 150 -5.66 -27.03 -65.80
N GLY M 151 -6.76 -26.74 -66.48
CA GLY M 151 -7.34 -27.60 -67.49
C GLY M 151 -7.97 -26.81 -68.63
N VAL M 152 -8.71 -27.51 -69.48
CA VAL M 152 -9.39 -26.94 -70.65
C VAL M 152 -10.45 -25.93 -70.18
N LEU M 153 -10.83 -24.97 -71.02
CA LEU M 153 -11.85 -24.02 -70.58
C LEU M 153 -13.12 -24.79 -70.24
N GLY M 154 -13.64 -24.50 -69.05
CA GLY M 154 -14.89 -25.12 -68.65
C GLY M 154 -14.57 -26.50 -68.14
N SER M 155 -13.51 -26.63 -67.35
CA SER M 155 -13.18 -27.96 -66.86
C SER M 155 -13.72 -28.35 -65.50
N GLY M 156 -14.14 -27.37 -64.71
CA GLY M 156 -14.67 -27.64 -63.39
C GLY M 156 -13.53 -27.34 -62.44
N LYS M 157 -12.58 -26.52 -62.90
CA LYS M 157 -11.42 -26.16 -62.10
C LYS M 157 -11.83 -25.45 -60.80
N THR M 158 -12.72 -24.47 -60.92
CA THR M 158 -13.15 -23.70 -59.77
C THR M 158 -14.11 -24.53 -58.92
N TRP M 159 -15.02 -25.28 -59.53
CA TRP M 159 -15.92 -26.12 -58.75
C TRP M 159 -15.11 -27.14 -57.94
N VAL M 160 -14.17 -27.85 -58.56
CA VAL M 160 -13.39 -28.85 -57.80
C VAL M 160 -12.74 -28.14 -56.63
N ALA M 161 -12.20 -26.95 -56.91
CA ALA M 161 -11.49 -26.19 -55.90
C ALA M 161 -12.45 -25.83 -54.76
N LEU M 162 -13.65 -25.41 -55.14
CA LEU M 162 -14.62 -25.00 -54.16
C LEU M 162 -14.95 -26.21 -53.30
N ASP M 163 -15.20 -27.35 -53.94
CA ASP M 163 -15.63 -28.52 -53.20
C ASP M 163 -14.57 -28.91 -52.20
N VAL M 164 -13.31 -28.86 -52.62
CA VAL M 164 -12.23 -29.24 -51.74
C VAL M 164 -12.21 -28.25 -50.56
N CYS M 165 -12.31 -26.99 -50.89
CA CYS M 165 -12.16 -25.97 -49.90
C CYS M 165 -13.46 -25.73 -49.15
N LEU M 166 -14.54 -26.35 -49.56
CA LEU M 166 -15.61 -26.39 -48.65
C LEU M 166 -15.11 -27.24 -47.51
N SER M 167 -14.65 -28.43 -47.90
CA SER M 167 -14.34 -29.52 -46.99
C SER M 167 -13.63 -29.27 -45.67
N TYR M 168 -14.25 -29.70 -44.58
CA TYR M 168 -13.77 -29.30 -43.28
C TYR M 168 -12.30 -29.55 -43.10
N LYS M 169 -11.86 -30.76 -43.44
CA LYS M 169 -10.47 -31.17 -43.23
C LYS M 169 -9.48 -30.19 -43.83
N VAL M 170 -9.87 -29.64 -44.97
CA VAL M 170 -9.08 -28.70 -45.71
C VAL M 170 -9.45 -27.31 -45.38
N GLN M 171 -10.25 -27.12 -44.37
CA GLN M 171 -10.43 -25.78 -43.93
C GLN M 171 -9.65 -25.52 -42.70
N CYS M 172 -9.96 -26.28 -41.65
CA CYS M 172 -9.36 -26.09 -40.34
C CYS M 172 -7.85 -25.95 -40.48
N LYS M 173 -7.30 -26.68 -41.44
CA LYS M 173 -5.88 -26.62 -41.74
C LYS M 173 -5.53 -25.22 -42.19
N MET M 174 -6.50 -24.55 -42.82
CA MET M 174 -6.30 -23.17 -43.20
C MET M 174 -7.08 -22.25 -42.33
N ASP M 175 -7.61 -22.78 -41.26
CA ASP M 175 -8.17 -21.96 -40.21
C ASP M 175 -9.18 -20.96 -40.71
N PHE M 176 -9.99 -21.39 -41.64
CA PHE M 176 -11.20 -20.71 -41.91
C PHE M 176 -10.95 -19.30 -42.36
N LYS M 177 -9.92 -19.09 -43.16
CA LYS M 177 -9.69 -17.78 -43.75
C LYS M 177 -9.37 -17.92 -45.23
N ILE M 178 -10.33 -18.35 -46.04
CA ILE M 178 -10.04 -18.50 -47.45
C ILE M 178 -10.61 -17.40 -48.31
N PHE M 179 -9.73 -16.65 -48.93
CA PHE M 179 -10.16 -15.51 -49.69
C PHE M 179 -10.18 -15.91 -51.14
N TRP M 180 -11.36 -15.82 -51.69
CA TRP M 180 -11.61 -16.14 -53.08
C TRP M 180 -11.71 -14.89 -53.93
N LEU M 181 -10.91 -14.85 -54.99
CA LEU M 181 -11.02 -13.73 -55.92
C LEU M 181 -10.92 -14.21 -57.34
N ASN M 182 -11.65 -13.63 -58.27
CA ASN M 182 -11.52 -14.06 -59.67
C ASN M 182 -10.69 -13.08 -60.48
N LEU M 183 -9.50 -13.46 -60.94
CA LEU M 183 -8.73 -12.49 -61.68
C LEU M 183 -9.39 -12.28 -63.04
N LYS M 184 -10.55 -11.69 -63.23
CA LYS M 184 -10.79 -11.52 -64.66
C LYS M 184 -10.07 -10.29 -65.02
N ASN M 185 -9.89 -10.03 -66.29
CA ASN M 185 -9.57 -8.69 -66.54
C ASN M 185 -8.64 -8.44 -65.40
N CYS M 186 -7.47 -9.06 -65.47
CA CYS M 186 -6.46 -8.91 -64.43
C CYS M 186 -5.10 -8.57 -65.02
N ASN M 187 -4.97 -8.77 -66.33
CA ASN M 187 -3.71 -8.49 -67.02
C ASN M 187 -3.53 -7.00 -67.31
N SER M 188 -3.67 -6.18 -66.27
CA SER M 188 -3.52 -4.74 -66.41
C SER M 188 -3.18 -4.09 -65.07
N PRO M 189 -2.28 -3.01 -65.14
CA PRO M 189 -1.98 -2.43 -63.82
C PRO M 189 -3.26 -2.01 -63.08
N GLU M 190 -4.37 -1.99 -63.81
CA GLU M 190 -5.66 -1.61 -63.22
C GLU M 190 -6.25 -2.76 -62.41
N THR M 191 -5.77 -3.97 -62.67
CA THR M 191 -6.26 -5.15 -61.96
C THR M 191 -5.66 -5.25 -60.56
N VAL M 192 -4.34 -5.18 -60.48
CA VAL M 192 -3.65 -5.26 -59.19
C VAL M 192 -4.32 -4.39 -58.15
N LEU M 193 -4.33 -3.07 -58.38
CA LEU M 193 -4.93 -2.12 -57.45
C LEU M 193 -6.36 -2.54 -57.10
N GLU M 194 -7.23 -2.55 -58.11
CA GLU M 194 -8.64 -2.91 -57.90
C GLU M 194 -8.75 -4.16 -57.04
N MET M 195 -8.13 -5.24 -57.48
CA MET M 195 -8.17 -6.50 -56.75
C MET M 195 -7.44 -6.45 -55.42
N LEU M 196 -6.25 -5.86 -55.43
CA LEU M 196 -5.43 -5.76 -54.23
C LEU M 196 -6.17 -4.86 -53.27
N GLN M 197 -7.08 -4.08 -53.82
CA GLN M 197 -7.93 -3.25 -53.02
C GLN M 197 -8.96 -4.23 -52.47
N LYS M 198 -9.47 -5.12 -53.34
CA LYS M 198 -10.47 -6.06 -52.83
C LYS M 198 -9.95 -7.03 -51.76
N LEU M 199 -8.69 -7.46 -51.87
CA LEU M 199 -8.11 -8.41 -50.93
C LEU M 199 -7.94 -7.79 -49.55
N LEU M 200 -7.58 -6.50 -49.53
CA LEU M 200 -7.42 -5.77 -48.29
C LEU M 200 -8.81 -5.65 -47.70
N TYR M 201 -9.75 -5.23 -48.55
CA TYR M 201 -11.16 -5.28 -48.23
C TYR M 201 -11.58 -6.55 -47.48
N GLN M 202 -11.26 -7.76 -47.98
CA GLN M 202 -11.84 -8.89 -47.32
C GLN M 202 -11.22 -8.92 -46.00
N ILE M 203 -9.90 -9.08 -45.93
CA ILE M 203 -9.19 -9.12 -44.65
C ILE M 203 -9.80 -8.21 -43.59
N ASP M 204 -9.80 -6.91 -43.88
CA ASP M 204 -10.35 -5.92 -42.95
C ASP M 204 -10.67 -4.62 -43.68
N PRO M 205 -11.60 -3.84 -43.15
CA PRO M 205 -11.96 -2.56 -43.78
C PRO M 205 -11.23 -1.39 -43.14
N ASN M 206 -9.93 -1.26 -43.40
CA ASN M 206 -9.17 -0.16 -42.84
C ASN M 206 -7.88 0.11 -43.62
N TRP M 207 -7.83 1.22 -44.32
CA TRP M 207 -6.58 1.56 -44.99
C TRP M 207 -6.24 3.03 -45.03
N THR M 208 -5.01 3.34 -44.67
CA THR M 208 -4.53 4.71 -44.64
C THR M 208 -4.15 4.97 -46.08
N SER M 209 -5.15 5.33 -46.86
CA SER M 209 -4.96 5.48 -48.28
C SER M 209 -4.35 6.84 -48.57
N ARG M 210 -3.84 7.46 -47.52
CA ARG M 210 -3.09 8.70 -47.65
C ARG M 210 -1.76 8.45 -48.35
N SER M 211 -1.35 7.19 -48.41
CA SER M 211 -0.09 6.87 -49.06
C SER M 211 -0.29 7.03 -50.57
N ASP M 212 -1.53 7.25 -50.99
CA ASP M 212 -1.80 7.30 -52.41
C ASP M 212 -1.10 8.47 -53.06
N HIS M 213 -0.33 8.14 -54.06
CA HIS M 213 0.53 9.02 -54.78
C HIS M 213 0.19 8.54 -56.15
N SER M 214 -0.15 9.47 -57.03
CA SER M 214 -0.79 9.14 -58.31
C SER M 214 0.13 9.19 -59.51
N SER M 215 1.43 9.29 -59.25
CA SER M 215 2.41 9.25 -60.32
C SER M 215 2.47 7.84 -60.88
N ASN M 216 2.29 6.87 -60.00
CA ASN M 216 2.27 5.47 -60.40
C ASN M 216 1.12 4.68 -59.77
N ILE M 217 0.11 4.38 -60.60
CA ILE M 217 -0.85 3.40 -60.25
C ILE M 217 -0.02 2.16 -60.07
N LYS M 218 1.25 2.23 -60.46
CA LYS M 218 2.12 1.07 -60.37
C LYS M 218 2.90 1.06 -59.09
N LEU M 219 3.58 2.17 -58.81
CA LEU M 219 4.35 2.30 -57.58
C LEU M 219 3.45 2.15 -56.35
N ARG M 220 2.22 2.64 -56.47
CA ARG M 220 1.26 2.56 -55.38
C ARG M 220 0.86 1.11 -55.25
N ILE M 221 0.87 0.41 -56.36
CA ILE M 221 0.43 -0.95 -56.39
C ILE M 221 1.33 -1.68 -55.43
N HIS M 222 2.60 -1.32 -55.44
CA HIS M 222 3.51 -1.95 -54.54
C HIS M 222 3.11 -1.67 -53.11
N SER M 223 2.71 -0.44 -52.83
CA SER M 223 2.44 -0.08 -51.46
C SER M 223 1.34 -0.97 -50.98
N ILE M 224 0.31 -1.13 -51.79
CA ILE M 224 -0.85 -1.87 -51.30
C ILE M 224 -0.29 -3.24 -50.85
N GLN M 225 0.62 -3.79 -51.65
CA GLN M 225 1.23 -5.08 -51.34
C GLN M 225 2.00 -5.01 -50.02
N ALA M 226 2.75 -3.92 -49.84
CA ALA M 226 3.53 -3.73 -48.63
C ALA M 226 2.64 -3.81 -47.40
N GLU M 227 1.48 -3.16 -47.46
CA GLU M 227 0.53 -3.19 -46.35
C GLU M 227 -0.09 -4.56 -46.19
N LEU M 228 -0.36 -5.22 -47.31
CA LEU M 228 -0.95 -6.55 -47.31
C LEU M 228 0.02 -7.56 -46.69
N ARG M 229 1.30 -7.46 -47.07
CA ARG M 229 2.32 -8.36 -46.55
C ARG M 229 2.45 -8.20 -45.04
N ARG M 230 2.36 -6.96 -44.57
CA ARG M 230 2.45 -6.68 -43.15
C ARG M 230 1.33 -7.37 -42.40
N LEU M 231 0.10 -7.22 -42.90
CA LEU M 231 -1.05 -7.81 -42.22
C LEU M 231 -1.16 -9.34 -42.21
N LEU M 232 -0.77 -10.02 -43.28
CA LEU M 232 -0.89 -11.49 -43.26
C LEU M 232 -0.02 -12.21 -42.22
N LYS M 233 1.22 -11.84 -42.06
CA LYS M 233 1.96 -12.58 -41.09
C LYS M 233 1.52 -11.94 -39.81
N SER M 234 0.22 -11.75 -39.71
CA SER M 234 -0.38 -11.33 -38.46
C SER M 234 -0.74 -12.62 -37.82
N LYS M 235 -1.34 -12.57 -36.63
CA LYS M 235 -1.78 -13.80 -36.02
C LYS M 235 -3.21 -14.17 -36.32
N PRO M 236 -4.01 -13.17 -36.93
CA PRO M 236 -5.39 -13.60 -37.18
C PRO M 236 -5.32 -14.72 -38.16
N TYR M 237 -4.41 -14.56 -39.11
CA TYR M 237 -4.21 -15.56 -40.13
C TYR M 237 -3.07 -16.44 -39.76
N GLU M 238 -1.87 -15.89 -39.77
CA GLU M 238 -0.68 -16.73 -39.57
C GLU M 238 -0.68 -17.56 -40.80
N ASN M 239 -1.82 -18.20 -41.01
CA ASN M 239 -1.88 -19.02 -42.22
C ASN M 239 -3.31 -19.19 -42.81
N CYS M 240 -3.53 -18.95 -44.09
CA CYS M 240 -4.85 -19.00 -44.69
C CYS M 240 -4.65 -19.16 -46.15
N LEU M 241 -5.68 -19.48 -46.92
CA LEU M 241 -5.49 -19.71 -48.33
C LEU M 241 -6.25 -18.78 -49.21
N LEU M 242 -5.52 -18.03 -50.01
CA LEU M 242 -5.93 -17.10 -51.05
C LEU M 242 -5.98 -17.82 -52.40
N VAL M 243 -7.19 -18.19 -52.82
CA VAL M 243 -7.37 -18.97 -54.05
C VAL M 243 -7.76 -18.06 -55.22
N LEU M 244 -6.77 -17.77 -56.02
CA LEU M 244 -6.95 -16.84 -57.07
C LEU M 244 -7.79 -17.73 -57.90
N LEU M 245 -8.54 -17.19 -58.84
CA LEU M 245 -9.30 -18.05 -59.67
C LEU M 245 -9.04 -17.54 -61.05
N ASN M 246 -8.93 -18.38 -62.03
CA ASN M 246 -8.79 -17.86 -63.37
C ASN M 246 -7.61 -16.90 -63.48
N VAL M 247 -6.47 -17.24 -62.90
CA VAL M 247 -5.31 -16.36 -63.03
C VAL M 247 -5.02 -16.23 -64.52
N GLN M 248 -4.85 -15.00 -64.98
CA GLN M 248 -4.65 -14.71 -66.40
C GLN M 248 -3.35 -15.04 -67.15
N ASN M 249 -2.20 -14.63 -66.63
CA ASN M 249 -0.93 -14.88 -67.31
C ASN M 249 0.11 -14.99 -66.23
N ALA M 250 1.40 -14.89 -66.53
CA ALA M 250 2.25 -14.84 -65.37
C ALA M 250 2.14 -13.52 -64.65
N LYS M 251 2.02 -12.43 -65.39
CA LYS M 251 2.39 -11.14 -64.83
C LYS M 251 1.63 -10.82 -63.57
N ALA M 252 0.33 -11.09 -63.56
CA ALA M 252 -0.47 -10.67 -62.44
C ALA M 252 0.07 -11.35 -61.23
N TRP M 253 0.41 -12.61 -61.38
CA TRP M 253 0.70 -13.39 -60.23
C TRP M 253 1.89 -12.75 -59.47
N ASN M 254 2.98 -12.42 -60.15
CA ASN M 254 4.12 -11.88 -59.51
C ASN M 254 3.52 -10.81 -58.61
N ALA M 255 2.47 -10.18 -59.07
CA ALA M 255 1.77 -9.19 -58.28
C ALA M 255 1.19 -9.82 -57.06
N PHE M 256 0.69 -11.03 -57.19
CA PHE M 256 -0.17 -11.56 -56.16
C PHE M 256 0.38 -12.50 -55.13
N ASN M 257 1.69 -12.71 -55.08
CA ASN M 257 2.24 -13.66 -54.12
C ASN M 257 2.58 -13.00 -52.81
N LEU M 258 1.86 -13.34 -51.76
CA LEU M 258 2.07 -12.69 -50.49
C LEU M 258 2.56 -13.63 -49.42
N SER M 259 3.20 -14.70 -49.79
CA SER M 259 3.54 -15.60 -48.71
C SER M 259 2.22 -16.06 -48.14
N CYS M 260 1.27 -16.28 -49.03
CA CYS M 260 -0.04 -16.67 -48.64
C CYS M 260 -0.18 -18.02 -49.22
N LYS M 261 -0.69 -18.96 -48.48
CA LYS M 261 -0.89 -20.25 -49.08
C LYS M 261 -1.94 -19.94 -50.13
N ILE M 262 -1.53 -19.57 -51.33
CA ILE M 262 -2.55 -19.41 -52.36
C ILE M 262 -2.60 -20.65 -53.26
N LEU M 263 -3.75 -20.92 -53.86
CA LEU M 263 -3.86 -21.97 -54.86
C LEU M 263 -4.58 -21.38 -56.07
N LEU M 264 -3.91 -21.35 -57.21
CA LEU M 264 -4.42 -20.64 -58.38
C LEU M 264 -4.86 -21.61 -59.47
N THR M 265 -6.08 -21.44 -59.93
CA THR M 265 -6.61 -22.26 -60.99
C THR M 265 -6.66 -21.41 -62.25
N THR M 266 -6.07 -21.90 -63.33
CA THR M 266 -6.01 -21.11 -64.57
C THR M 266 -6.23 -21.95 -65.82
N ARG M 267 -6.87 -21.33 -66.82
CA ARG M 267 -7.10 -21.94 -68.11
C ARG M 267 -6.05 -21.93 -69.24
N PHE M 268 -4.89 -21.26 -69.12
CA PHE M 268 -3.87 -21.57 -70.15
C PHE M 268 -2.45 -21.96 -69.74
N LYS M 269 -1.74 -22.41 -70.78
CA LYS M 269 -0.54 -23.22 -70.64
C LYS M 269 0.69 -22.39 -70.30
N GLN M 270 0.60 -21.08 -70.52
CA GLN M 270 1.69 -20.18 -70.18
C GLN M 270 1.78 -20.04 -68.66
N VAL M 271 0.63 -20.08 -68.01
CA VAL M 271 0.57 -20.01 -66.55
C VAL M 271 1.17 -21.25 -65.87
N THR M 272 0.60 -22.39 -66.27
CA THR M 272 0.92 -23.68 -65.69
C THR M 272 2.21 -24.03 -66.35
N ASP M 273 2.45 -23.33 -67.45
CA ASP M 273 3.74 -23.27 -68.08
C ASP M 273 4.62 -22.33 -67.27
N PHE M 274 4.02 -21.49 -66.41
CA PHE M 274 4.90 -20.67 -65.61
C PHE M 274 5.56 -21.23 -64.36
N LEU M 275 4.78 -21.87 -63.50
CA LEU M 275 5.28 -22.15 -62.16
C LEU M 275 5.81 -23.55 -61.99
N SER M 276 7.12 -23.60 -61.91
CA SER M 276 7.81 -24.86 -61.89
C SER M 276 7.41 -25.60 -60.66
N ALA M 277 7.25 -26.91 -60.79
CA ALA M 277 6.99 -27.75 -59.64
C ALA M 277 8.23 -27.60 -58.82
N ALA M 278 8.12 -27.82 -57.51
CA ALA M 278 9.19 -27.59 -56.56
C ALA M 278 9.13 -26.16 -56.19
N THR M 279 8.17 -25.47 -56.78
CA THR M 279 7.37 -24.45 -56.11
C THR M 279 5.87 -24.47 -56.29
N THR M 280 5.30 -25.55 -56.78
CA THR M 280 3.84 -25.57 -56.77
C THR M 280 3.42 -26.95 -57.19
N THR M 281 2.14 -27.31 -57.31
CA THR M 281 2.01 -28.61 -57.84
C THR M 281 0.85 -28.46 -58.74
N HIS M 282 0.83 -29.17 -59.85
CA HIS M 282 -0.36 -29.09 -60.67
C HIS M 282 -1.21 -30.33 -60.56
N ILE M 283 -2.41 -30.14 -60.05
CA ILE M 283 -3.50 -31.01 -60.31
C ILE M 283 -3.81 -30.61 -61.70
N SER M 284 -3.94 -31.53 -62.64
CA SER M 284 -4.35 -31.14 -63.98
C SER M 284 -5.77 -31.60 -64.08
N LEU M 285 -6.67 -30.64 -64.14
CA LEU M 285 -8.07 -30.95 -64.10
C LEU M 285 -8.56 -31.71 -65.29
N ASP M 286 -8.03 -31.40 -66.46
CA ASP M 286 -8.52 -31.93 -67.73
C ASP M 286 -7.73 -33.13 -68.18
N HIS M 287 -6.93 -33.66 -67.29
CA HIS M 287 -6.08 -34.77 -67.58
C HIS M 287 -6.87 -36.04 -67.48
N HIS M 288 -6.12 -37.12 -67.42
CA HIS M 288 -6.46 -38.52 -67.65
C HIS M 288 -7.48 -39.16 -66.77
N SER M 289 -7.40 -38.91 -65.49
CA SER M 289 -8.25 -39.62 -64.57
C SER M 289 -9.25 -38.69 -63.97
N MET M 290 -8.96 -37.42 -64.03
CA MET M 290 -9.86 -36.43 -63.52
C MET M 290 -11.11 -36.47 -64.35
N THR M 291 -10.96 -36.74 -65.63
CA THR M 291 -12.10 -36.50 -66.52
C THR M 291 -13.29 -37.09 -65.79
N LEU M 292 -14.41 -36.39 -65.84
CA LEU M 292 -15.50 -36.76 -64.97
C LEU M 292 -15.78 -38.20 -65.19
N THR M 293 -16.07 -38.88 -64.09
CA THR M 293 -16.20 -40.34 -64.01
C THR M 293 -17.28 -40.89 -64.93
N PRO M 294 -16.93 -41.91 -65.74
CA PRO M 294 -17.69 -42.42 -66.89
C PRO M 294 -19.21 -42.43 -66.73
N ASP M 295 -19.68 -42.62 -65.50
CA ASP M 295 -21.11 -42.62 -65.22
C ASP M 295 -21.52 -41.36 -64.47
N GLU M 296 -20.52 -40.64 -63.97
CA GLU M 296 -20.79 -39.39 -63.27
C GLU M 296 -20.96 -38.28 -64.31
N VAL M 297 -20.76 -38.60 -65.59
CA VAL M 297 -21.17 -37.65 -66.60
C VAL M 297 -22.70 -37.69 -66.61
N LYS M 298 -23.24 -38.90 -66.53
CA LYS M 298 -24.69 -39.08 -66.50
C LYS M 298 -25.22 -38.50 -65.19
N SER M 299 -24.36 -38.45 -64.20
CA SER M 299 -24.67 -37.89 -62.89
C SER M 299 -24.93 -36.42 -63.01
N LEU M 300 -23.97 -35.74 -63.63
CA LEU M 300 -24.03 -34.29 -63.68
C LEU M 300 -25.22 -33.97 -64.54
N LEU M 301 -25.41 -34.72 -65.61
CA LEU M 301 -26.43 -34.32 -66.50
C LEU M 301 -27.64 -34.35 -65.63
N LEU M 302 -27.70 -35.25 -64.68
CA LEU M 302 -28.92 -35.21 -63.92
C LEU M 302 -29.28 -33.88 -63.24
N LYS M 303 -28.36 -33.37 -62.42
CA LYS M 303 -28.63 -32.21 -61.57
C LYS M 303 -29.61 -31.26 -62.25
N TYR M 304 -29.14 -30.65 -63.33
CA TYR M 304 -29.95 -29.72 -64.10
C TYR M 304 -31.13 -30.50 -64.60
N LEU M 305 -30.87 -31.75 -64.93
CA LEU M 305 -31.89 -32.57 -65.52
C LEU M 305 -33.06 -32.84 -64.60
N ASP M 306 -32.78 -33.11 -63.33
CA ASP M 306 -33.82 -33.49 -62.38
C ASP M 306 -34.64 -34.76 -62.64
N CYS M 307 -34.02 -35.84 -63.11
CA CYS M 307 -34.67 -37.15 -62.98
C CYS M 307 -33.75 -38.35 -63.06
N ARG M 308 -34.20 -39.44 -62.46
CA ARG M 308 -33.65 -40.76 -62.69
C ARG M 308 -33.88 -41.46 -64.03
N PRO M 309 -35.09 -41.42 -64.61
CA PRO M 309 -35.27 -42.49 -65.59
C PRO M 309 -34.81 -42.04 -66.98
N GLN M 310 -35.02 -40.77 -67.28
CA GLN M 310 -34.63 -40.22 -68.58
C GLN M 310 -33.11 -40.14 -68.70
N ASP M 311 -32.42 -40.05 -67.56
CA ASP M 311 -30.97 -39.97 -67.55
C ASP M 311 -30.35 -40.99 -68.50
N LEU M 312 -30.98 -42.15 -68.60
CA LEU M 312 -30.50 -43.22 -69.48
C LEU M 312 -30.91 -42.96 -70.92
N PRO M 313 -31.97 -42.18 -71.11
CA PRO M 313 -32.46 -41.86 -72.44
C PRO M 313 -31.61 -40.78 -73.10
N ARG M 314 -30.48 -40.45 -72.47
CA ARG M 314 -29.58 -39.43 -72.99
C ARG M 314 -28.17 -39.98 -73.15
N GLU M 315 -28.07 -41.14 -73.81
CA GLU M 315 -26.78 -41.78 -74.03
C GLU M 315 -25.99 -41.07 -75.12
N VAL M 316 -24.84 -40.52 -74.75
CA VAL M 316 -23.99 -39.80 -75.68
C VAL M 316 -22.54 -39.78 -75.22
N LEU M 317 -21.80 -38.76 -75.64
CA LEU M 317 -20.40 -38.62 -75.26
C LEU M 317 -20.06 -37.16 -74.97
N THR M 318 -19.40 -36.93 -73.84
CA THR M 318 -19.01 -35.58 -73.45
C THR M 318 -18.26 -35.64 -72.12
N THR M 319 -17.29 -34.75 -71.91
CA THR M 319 -16.52 -34.79 -70.67
C THR M 319 -16.26 -33.39 -70.10
N ASN M 320 -16.72 -32.35 -70.77
CA ASN M 320 -16.48 -30.99 -70.28
C ASN M 320 -17.66 -30.50 -69.46
N PRO M 321 -17.46 -30.26 -68.16
CA PRO M 321 -18.61 -29.88 -67.34
C PRO M 321 -19.27 -28.62 -67.89
N ARG M 322 -18.49 -27.71 -68.49
CA ARG M 322 -19.12 -26.51 -69.00
C ARG M 322 -20.01 -26.89 -70.19
N ARG M 323 -19.47 -27.74 -71.07
CA ARG M 323 -20.26 -28.10 -72.23
C ARG M 323 -21.43 -28.95 -71.80
N LEU M 324 -21.17 -29.80 -70.82
CA LEU M 324 -22.19 -30.70 -70.34
C LEU M 324 -23.34 -29.92 -69.75
N SER M 325 -23.02 -28.91 -68.95
CA SER M 325 -24.07 -28.22 -68.27
C SER M 325 -24.77 -27.19 -69.11
N ILE M 326 -24.08 -26.57 -70.05
CA ILE M 326 -24.78 -25.67 -70.96
C ILE M 326 -25.77 -26.49 -71.76
N ILE M 327 -25.33 -27.67 -72.20
CA ILE M 327 -26.20 -28.54 -72.98
C ILE M 327 -27.35 -29.04 -72.18
N ALA M 328 -27.01 -29.48 -70.97
CA ALA M 328 -27.97 -30.09 -70.07
C ALA M 328 -29.06 -29.05 -69.71
N GLU M 329 -28.61 -27.82 -69.45
CA GLU M 329 -29.49 -26.74 -69.11
C GLU M 329 -30.42 -26.49 -70.28
N SER M 330 -29.83 -26.49 -71.46
CA SER M 330 -30.62 -26.17 -72.64
C SER M 330 -31.68 -27.24 -72.87
N ILE M 331 -31.32 -28.50 -72.69
CA ILE M 331 -32.32 -29.54 -72.90
C ILE M 331 -33.48 -29.55 -71.86
N ARG M 332 -33.20 -29.25 -70.60
CA ARG M 332 -34.28 -29.23 -69.62
C ARG M 332 -35.26 -28.09 -69.96
N ASP M 333 -34.66 -26.95 -70.30
CA ASP M 333 -35.33 -25.74 -70.73
C ASP M 333 -34.95 -25.31 -72.13
N ALA M 336 -34.97 -29.67 -75.86
CA ALA M 336 -35.20 -30.70 -76.87
C ALA M 336 -33.89 -31.44 -77.20
N THR M 337 -33.84 -32.74 -76.95
CA THR M 337 -32.55 -33.42 -76.85
C THR M 337 -31.66 -33.49 -78.09
N TRP M 338 -32.22 -33.94 -79.20
CA TRP M 338 -31.49 -33.99 -80.46
C TRP M 338 -31.16 -32.64 -81.02
N ASP M 339 -32.14 -31.77 -81.09
CA ASP M 339 -31.92 -30.58 -81.87
C ASP M 339 -30.84 -29.80 -81.23
N ASN M 340 -31.07 -29.61 -79.93
CA ASN M 340 -30.30 -28.78 -79.03
C ASN M 340 -28.85 -29.23 -78.82
N TRP M 341 -28.60 -30.53 -78.71
CA TRP M 341 -27.26 -31.06 -78.39
C TRP M 341 -26.34 -30.45 -79.43
N LYS M 342 -26.87 -30.21 -80.62
CA LYS M 342 -26.08 -29.58 -81.69
C LYS M 342 -26.47 -28.14 -82.10
N HIS M 343 -27.58 -28.02 -82.83
CA HIS M 343 -27.97 -26.82 -83.54
C HIS M 343 -28.47 -25.93 -82.43
N VAL M 344 -28.70 -26.56 -81.29
CA VAL M 344 -29.05 -25.87 -80.08
C VAL M 344 -27.76 -25.18 -79.64
N ASN M 345 -27.88 -23.94 -79.18
CA ASN M 345 -26.71 -23.22 -78.71
C ASN M 345 -25.84 -22.74 -79.86
N CYS M 346 -26.37 -22.84 -81.07
CA CYS M 346 -25.75 -22.16 -82.16
C CYS M 346 -25.24 -20.85 -81.65
N ASP M 347 -25.95 -20.43 -80.61
CA ASP M 347 -25.92 -19.08 -80.10
C ASP M 347 -25.25 -19.01 -78.74
N LYS M 348 -24.84 -20.12 -78.11
CA LYS M 348 -24.17 -19.97 -76.83
C LYS M 348 -22.79 -20.63 -76.74
N LEU M 349 -22.71 -21.94 -76.97
CA LEU M 349 -21.48 -22.68 -76.81
C LEU M 349 -20.42 -22.17 -77.78
N THR M 350 -20.90 -21.65 -78.90
CA THR M 350 -20.05 -21.10 -79.92
C THR M 350 -19.39 -19.86 -79.34
N THR M 351 -20.16 -18.99 -78.68
CA THR M 351 -19.58 -17.77 -78.12
C THR M 351 -18.56 -18.09 -77.05
N ILE M 352 -18.83 -19.12 -76.26
CA ILE M 352 -17.93 -19.53 -75.19
C ILE M 352 -16.55 -19.93 -75.74
N ILE M 353 -16.57 -20.67 -76.83
CA ILE M 353 -15.32 -21.12 -77.47
C ILE M 353 -14.87 -20.13 -78.53
N GLU M 354 -15.28 -18.88 -78.39
CA GLU M 354 -14.90 -17.84 -79.33
C GLU M 354 -14.31 -16.62 -78.60
N SER M 355 -14.91 -16.27 -77.47
CA SER M 355 -14.45 -15.14 -76.68
C SER M 355 -12.95 -15.25 -76.37
N SER M 356 -12.38 -16.39 -76.70
CA SER M 356 -10.96 -16.63 -76.44
C SER M 356 -10.12 -16.26 -77.66
N LEU M 357 -10.79 -15.87 -78.74
CA LEU M 357 -10.10 -15.48 -79.97
C LEU M 357 -9.62 -14.04 -79.90
N ASN M 358 -10.28 -13.20 -79.15
CA ASN M 358 -9.77 -11.86 -79.07
C ASN M 358 -8.37 -11.84 -78.48
N VAL M 359 -8.10 -12.73 -77.53
CA VAL M 359 -6.88 -12.62 -76.72
C VAL M 359 -5.57 -12.74 -77.49
N LEU M 360 -5.53 -13.66 -78.45
CA LEU M 360 -4.37 -13.82 -79.33
C LEU M 360 -4.48 -12.90 -80.54
N GLU M 361 -3.47 -12.07 -80.78
CA GLU M 361 -3.53 -11.11 -81.88
C GLU M 361 -4.27 -11.66 -83.11
N PRO M 362 -5.18 -10.85 -83.66
CA PRO M 362 -5.90 -11.25 -84.84
C PRO M 362 -5.14 -11.31 -86.13
N ALA M 363 -4.20 -10.39 -86.33
CA ALA M 363 -3.46 -10.31 -87.59
C ALA M 363 -2.72 -11.60 -87.93
N GLU M 364 -2.18 -12.26 -86.91
CA GLU M 364 -1.39 -13.48 -87.13
C GLU M 364 -1.96 -14.69 -86.40
N TYR M 365 -2.51 -14.47 -85.21
CA TYR M 365 -3.03 -15.57 -84.39
C TYR M 365 -4.40 -16.04 -84.87
N ARG M 366 -5.42 -15.23 -84.60
CA ARG M 366 -6.80 -15.59 -84.93
C ARG M 366 -6.92 -16.21 -86.32
N LYS M 367 -6.47 -15.49 -87.34
CA LYS M 367 -6.59 -15.95 -88.72
C LYS M 367 -6.01 -17.33 -89.04
N MET M 368 -4.77 -17.56 -88.61
CA MET M 368 -4.15 -18.83 -88.92
C MET M 368 -5.14 -19.86 -88.44
N PHE M 369 -5.31 -19.92 -87.13
CA PHE M 369 -6.06 -21.01 -86.56
C PHE M 369 -7.29 -21.28 -87.43
N ASP M 370 -7.87 -20.23 -87.98
CA ASP M 370 -9.13 -20.31 -88.70
C ASP M 370 -8.95 -21.29 -89.85
N ARG M 371 -7.72 -21.36 -90.33
CA ARG M 371 -7.34 -22.17 -91.46
C ARG M 371 -7.48 -23.66 -91.14
N LEU M 372 -7.39 -24.02 -89.87
CA LEU M 372 -7.38 -25.42 -89.52
C LEU M 372 -8.71 -26.05 -89.94
N SER M 373 -9.64 -25.19 -90.31
CA SER M 373 -10.95 -25.69 -90.62
C SER M 373 -10.78 -26.71 -91.72
N VAL M 374 -9.70 -26.61 -92.49
CA VAL M 374 -9.43 -27.49 -93.61
C VAL M 374 -9.28 -28.95 -93.20
N PHE M 375 -8.61 -29.19 -92.09
CA PHE M 375 -8.25 -30.54 -91.63
C PHE M 375 -9.31 -31.28 -90.80
N PRO M 376 -9.15 -32.59 -90.73
CA PRO M 376 -10.19 -33.47 -90.21
C PRO M 376 -10.47 -33.03 -88.79
N PRO M 377 -11.80 -33.18 -88.37
CA PRO M 377 -12.12 -32.33 -87.21
C PRO M 377 -11.26 -32.60 -85.99
N SER M 378 -10.95 -33.86 -85.74
CA SER M 378 -10.09 -34.16 -84.60
C SER M 378 -8.94 -34.96 -85.16
N ALA M 379 -8.11 -34.21 -85.85
CA ALA M 379 -7.03 -34.74 -86.66
C ALA M 379 -5.73 -33.98 -86.43
N HIS M 380 -4.70 -34.37 -87.15
CA HIS M 380 -3.36 -33.85 -86.95
C HIS M 380 -2.93 -33.00 -88.13
N ILE M 381 -1.74 -32.41 -88.01
CA ILE M 381 -1.21 -31.60 -89.10
C ILE M 381 0.31 -31.45 -89.08
N PRO M 382 0.96 -32.00 -90.12
CA PRO M 382 2.41 -31.96 -90.32
C PRO M 382 2.92 -30.55 -90.45
N THR M 383 4.20 -30.34 -90.15
CA THR M 383 4.68 -28.97 -90.18
C THR M 383 4.59 -28.35 -91.57
N ILE M 384 4.97 -29.15 -92.57
CA ILE M 384 4.98 -28.68 -93.96
C ILE M 384 3.63 -28.18 -94.47
N LEU M 385 2.57 -28.90 -94.10
CA LEU M 385 1.21 -28.55 -94.49
C LEU M 385 0.69 -27.24 -93.87
N LEU M 386 1.01 -27.03 -92.59
CA LEU M 386 0.53 -25.86 -91.87
C LEU M 386 1.16 -24.60 -92.44
N SER M 387 2.36 -24.71 -92.99
CA SER M 387 3.06 -23.53 -93.43
C SER M 387 2.26 -22.85 -94.53
N LEU M 388 1.83 -23.63 -95.51
CA LEU M 388 1.22 -23.06 -96.68
C LEU M 388 -0.03 -22.30 -96.31
N ILE M 389 -0.73 -22.79 -95.29
CA ILE M 389 -2.06 -22.30 -94.98
C ILE M 389 -2.13 -20.82 -94.58
N SER M 396 11.25 -20.52 -90.11
CA SER M 396 10.92 -20.89 -88.74
C SER M 396 9.68 -20.15 -88.26
N ASP M 397 9.24 -19.16 -89.04
CA ASP M 397 8.09 -18.36 -88.61
C ASP M 397 6.84 -19.15 -88.28
N VAL M 398 6.45 -20.12 -89.11
CA VAL M 398 5.24 -20.88 -88.80
C VAL M 398 5.36 -21.66 -87.50
N MET M 399 6.56 -22.18 -87.26
CA MET M 399 6.85 -22.97 -86.07
C MET M 399 6.69 -22.14 -84.82
N VAL M 400 7.15 -20.89 -84.87
CA VAL M 400 7.01 -20.03 -83.70
C VAL M 400 5.58 -19.57 -83.60
N VAL M 401 4.97 -19.16 -84.71
CA VAL M 401 3.63 -18.58 -84.61
C VAL M 401 2.67 -19.64 -84.07
N VAL M 402 2.81 -20.91 -84.50
CA VAL M 402 1.94 -21.91 -83.90
C VAL M 402 2.33 -22.08 -82.44
N ASN M 403 3.63 -21.95 -82.14
CA ASN M 403 4.10 -22.28 -80.79
C ASN M 403 3.41 -21.34 -79.79
N LYS M 404 3.29 -20.10 -80.20
CA LYS M 404 2.54 -19.13 -79.44
C LYS M 404 1.12 -19.58 -79.39
N LEU M 405 0.61 -20.03 -80.51
CA LEU M 405 -0.76 -20.45 -80.51
C LEU M 405 -0.86 -21.67 -79.61
N HIS M 406 0.27 -22.34 -79.46
CA HIS M 406 0.22 -23.63 -78.80
C HIS M 406 -0.42 -23.38 -77.51
N LYS M 407 0.00 -22.29 -76.88
CA LYS M 407 -0.45 -21.90 -75.55
C LYS M 407 -1.86 -21.34 -75.52
N TYR M 408 -2.18 -20.34 -76.34
CA TYR M 408 -3.49 -19.73 -76.13
C TYR M 408 -4.71 -20.56 -76.57
N SER M 409 -4.71 -21.08 -77.79
CA SER M 409 -5.86 -21.81 -78.32
C SER M 409 -5.59 -23.27 -78.51
N LEU M 410 -6.54 -24.00 -79.07
CA LEU M 410 -6.46 -25.44 -79.00
C LEU M 410 -5.12 -26.06 -79.49
N VAL M 411 -4.76 -25.92 -80.75
CA VAL M 411 -3.40 -25.69 -81.27
C VAL M 411 -2.29 -26.66 -80.79
N GLU M 412 -2.61 -27.91 -80.52
CA GLU M 412 -1.83 -28.56 -79.48
C GLU M 412 -0.60 -29.11 -80.10
N LYS M 413 0.50 -28.41 -79.94
CA LYS M 413 1.74 -28.81 -80.54
C LYS M 413 2.12 -30.12 -79.91
N GLN M 414 2.92 -30.89 -80.63
CA GLN M 414 3.30 -32.20 -80.14
C GLN M 414 4.61 -32.68 -80.69
N PRO M 415 5.07 -33.82 -80.18
CA PRO M 415 6.36 -34.38 -80.59
C PRO M 415 6.78 -34.84 -81.98
N SER M 418 7.24 -34.05 -86.01
CA SER M 418 6.88 -32.80 -85.34
C SER M 418 5.47 -32.37 -85.73
N THR M 419 4.60 -33.34 -85.99
CA THR M 419 3.22 -33.06 -86.38
C THR M 419 2.48 -32.35 -85.26
N ILE M 420 1.22 -31.98 -85.53
CA ILE M 420 0.45 -31.19 -84.60
C ILE M 420 -0.91 -31.83 -84.55
N SER M 421 -1.57 -31.75 -83.39
CA SER M 421 -2.93 -32.29 -83.25
C SER M 421 -3.71 -31.21 -82.53
N ILE M 422 -4.64 -30.59 -83.23
CA ILE M 422 -5.50 -29.57 -82.62
C ILE M 422 -6.64 -30.07 -81.74
N PRO M 423 -7.08 -29.23 -80.82
CA PRO M 423 -8.07 -29.61 -79.83
C PRO M 423 -9.45 -29.20 -80.28
N SER M 424 -10.33 -30.17 -80.35
CA SER M 424 -11.56 -30.10 -81.11
C SER M 424 -12.51 -29.02 -80.68
N ILE M 425 -12.65 -28.84 -79.38
CA ILE M 425 -13.84 -28.24 -78.82
C ILE M 425 -14.06 -26.84 -79.40
N TYR M 426 -12.96 -26.14 -79.59
CA TYR M 426 -12.91 -24.95 -80.45
C TYR M 426 -12.29 -25.29 -81.81
N LEU M 427 -11.82 -26.52 -81.95
CA LEU M 427 -11.20 -26.96 -83.20
C LEU M 427 -12.25 -27.20 -84.28
N GLU M 428 -13.17 -28.11 -84.00
CA GLU M 428 -14.24 -28.44 -84.95
C GLU M 428 -15.36 -27.40 -85.07
N LEU M 429 -15.89 -26.97 -83.94
CA LEU M 429 -17.10 -26.17 -83.90
C LEU M 429 -16.89 -24.69 -84.18
N LYS M 430 -16.08 -24.03 -83.38
CA LYS M 430 -15.98 -22.58 -83.45
C LYS M 430 -15.84 -22.12 -84.89
N VAL M 431 -14.83 -22.72 -85.51
CA VAL M 431 -14.38 -22.37 -86.84
C VAL M 431 -15.37 -22.69 -87.96
N LYS M 432 -16.00 -23.85 -87.89
CA LYS M 432 -16.88 -24.32 -88.96
C LYS M 432 -17.97 -23.31 -89.30
N LEU M 433 -18.56 -22.74 -88.27
CA LEU M 433 -19.63 -21.77 -88.44
C LEU M 433 -19.14 -20.50 -89.09
N GLU M 434 -18.02 -19.97 -88.62
CA GLU M 434 -17.55 -18.70 -89.17
C GLU M 434 -16.44 -18.94 -90.17
N ASN M 435 -16.72 -18.65 -91.42
CA ASN M 435 -15.67 -18.83 -92.40
C ASN M 435 -16.01 -17.91 -93.58
N GLU M 436 -15.04 -17.66 -94.45
CA GLU M 436 -15.22 -16.77 -95.58
C GLU M 436 -14.67 -17.62 -96.70
N TYR M 437 -14.77 -17.21 -97.96
CA TYR M 437 -14.34 -18.20 -98.93
C TYR M 437 -12.85 -17.96 -99.17
N ALA M 438 -12.10 -18.22 -98.12
CA ALA M 438 -10.66 -18.37 -98.14
C ALA M 438 -10.40 -19.80 -98.62
N LEU M 439 -11.39 -20.64 -98.39
CA LEU M 439 -11.30 -22.07 -98.64
C LEU M 439 -10.72 -22.42 -100.00
N HIS M 440 -11.16 -21.72 -101.04
CA HIS M 440 -10.71 -22.12 -102.38
C HIS M 440 -9.19 -22.15 -102.38
N ARG M 441 -8.59 -21.11 -101.83
CA ARG M 441 -7.14 -21.03 -101.83
C ARG M 441 -6.54 -22.16 -100.98
N SER M 442 -7.15 -22.44 -99.83
CA SER M 442 -6.60 -23.46 -98.94
C SER M 442 -6.66 -24.85 -99.58
N ILE M 443 -7.82 -25.16 -100.15
CA ILE M 443 -8.06 -26.46 -100.74
C ILE M 443 -7.13 -26.62 -101.94
N VAL M 444 -6.97 -25.54 -102.71
CA VAL M 444 -6.13 -25.61 -103.91
C VAL M 444 -4.72 -25.87 -103.40
N ASP M 445 -4.40 -25.29 -102.24
CA ASP M 445 -3.07 -25.45 -101.67
C ASP M 445 -2.89 -26.94 -101.43
N HIS M 446 -3.95 -27.59 -100.94
CA HIS M 446 -3.88 -29.02 -100.66
C HIS M 446 -3.62 -29.70 -101.99
N TYR M 447 -4.22 -29.25 -103.08
CA TYR M 447 -3.90 -29.92 -104.33
C TYR M 447 -2.42 -29.79 -104.62
N ASN M 448 -1.89 -28.59 -104.39
CA ASN M 448 -0.49 -28.31 -104.70
C ASN M 448 0.49 -29.16 -103.91
N ILE M 449 0.24 -29.39 -102.62
CA ILE M 449 1.21 -30.13 -101.83
C ILE M 449 1.43 -31.58 -102.31
N PRO M 450 0.37 -32.41 -102.53
CA PRO M 450 0.81 -33.68 -103.12
C PRO M 450 1.36 -33.53 -104.52
N LYS M 451 1.03 -32.45 -105.20
CA LYS M 451 1.57 -32.23 -106.52
C LYS M 451 3.08 -32.13 -106.34
N THR M 452 3.51 -31.36 -105.35
CA THR M 452 4.94 -31.17 -105.12
C THR M 452 5.57 -32.52 -104.73
N PHE M 453 4.92 -33.23 -103.81
CA PHE M 453 5.41 -34.54 -103.38
C PHE M 453 5.32 -35.46 -104.59
N ASP M 454 6.44 -36.01 -105.03
CA ASP M 454 6.39 -36.90 -106.17
C ASP M 454 7.66 -37.73 -106.25
N SER M 455 7.51 -39.02 -106.46
CA SER M 455 8.63 -39.90 -106.66
C SER M 455 8.48 -40.44 -108.07
N ASP M 456 9.56 -40.99 -108.63
CA ASP M 456 9.52 -41.46 -110.01
C ASP M 456 8.41 -42.50 -110.13
N ASP M 457 8.44 -43.49 -109.24
CA ASP M 457 7.42 -44.51 -109.25
C ASP M 457 6.22 -44.14 -108.39
N LEU M 458 5.35 -45.14 -108.20
CA LEU M 458 4.04 -44.98 -107.57
C LEU M 458 4.05 -44.80 -106.05
N ILE M 459 5.22 -44.80 -105.44
CA ILE M 459 5.34 -44.63 -103.99
C ILE M 459 5.55 -43.17 -103.63
N PRO M 460 4.61 -42.64 -102.72
CA PRO M 460 4.86 -41.23 -102.40
C PRO M 460 5.54 -41.07 -101.04
N PRO M 461 5.92 -39.85 -100.67
CA PRO M 461 6.57 -39.62 -99.39
C PRO M 461 5.58 -39.17 -98.32
N TYR M 462 4.83 -40.12 -97.78
CA TYR M 462 3.67 -39.81 -96.96
C TYR M 462 4.01 -39.68 -95.48
N LEU M 463 3.80 -38.49 -94.93
CA LEU M 463 3.92 -38.30 -93.50
C LEU M 463 2.83 -39.20 -92.94
N ASP M 464 3.15 -39.88 -91.85
CA ASP M 464 2.68 -41.21 -91.55
C ASP M 464 1.17 -41.35 -91.42
N GLN M 465 0.54 -40.41 -90.74
CA GLN M 465 -0.89 -40.52 -90.54
C GLN M 465 -1.66 -39.52 -91.37
N TYR M 466 -1.25 -38.27 -91.29
CA TYR M 466 -2.08 -37.24 -91.91
C TYR M 466 -2.38 -37.51 -93.33
N PHE M 467 -1.33 -37.73 -94.09
CA PHE M 467 -1.48 -37.83 -95.51
C PHE M 467 -2.41 -38.96 -95.86
N TYR M 468 -2.23 -40.11 -95.22
CA TYR M 468 -3.02 -41.28 -95.56
C TYR M 468 -4.51 -41.03 -95.37
N SER M 469 -4.91 -40.50 -94.22
CA SER M 469 -6.32 -40.25 -93.94
C SER M 469 -6.90 -39.07 -94.73
N HIS M 470 -6.25 -37.93 -94.54
CA HIS M 470 -6.69 -36.61 -94.99
C HIS M 470 -6.68 -36.42 -96.52
N ILE M 471 -5.69 -37.04 -97.17
CA ILE M 471 -5.42 -36.73 -98.59
C ILE M 471 -6.69 -36.93 -99.37
N GLY M 472 -7.37 -38.05 -99.13
CA GLY M 472 -8.55 -38.35 -99.90
C GLY M 472 -9.62 -37.30 -99.67
N HIS M 473 -9.77 -36.84 -98.43
CA HIS M 473 -10.82 -35.88 -98.11
C HIS M 473 -10.60 -34.58 -98.89
N HIS M 474 -9.36 -34.11 -98.84
CA HIS M 474 -9.02 -32.86 -99.49
C HIS M 474 -9.18 -33.02 -100.99
N LEU M 475 -8.79 -34.20 -101.47
CA LEU M 475 -8.85 -34.53 -102.88
C LEU M 475 -10.29 -34.51 -103.35
N LYS M 476 -11.17 -35.07 -102.52
CA LYS M 476 -12.59 -35.17 -102.87
C LYS M 476 -13.07 -33.76 -103.07
N ASN M 477 -12.67 -32.88 -102.15
CA ASN M 477 -13.11 -31.50 -102.29
C ASN M 477 -12.57 -30.85 -103.56
N ILE M 478 -11.28 -31.07 -103.88
CA ILE M 478 -10.69 -30.35 -105.01
C ILE M 478 -11.25 -30.74 -106.39
N GLU M 479 -11.24 -32.04 -106.72
CA GLU M 479 -11.65 -32.62 -108.01
C GLU M 479 -11.49 -34.15 -108.12
N HIS M 480 -12.04 -34.71 -109.19
CA HIS M 480 -11.93 -36.15 -109.54
C HIS M 480 -10.55 -36.67 -110.00
N PRO M 481 -9.90 -36.01 -111.00
CA PRO M 481 -8.71 -36.63 -111.59
C PRO M 481 -7.66 -37.04 -110.57
N GLU M 482 -7.38 -36.19 -109.59
CA GLU M 482 -6.38 -36.50 -108.59
C GLU M 482 -6.88 -37.68 -107.81
N ARG M 483 -8.19 -37.66 -107.52
CA ARG M 483 -8.80 -38.67 -106.68
C ARG M 483 -8.50 -40.01 -107.30
N MET M 484 -8.65 -40.03 -108.63
CA MET M 484 -8.51 -41.25 -109.38
C MET M 484 -7.13 -41.86 -109.19
N THR M 485 -6.08 -41.05 -109.36
CA THR M 485 -4.71 -41.57 -109.24
C THR M 485 -4.28 -41.87 -107.79
N LEU M 486 -4.52 -40.93 -106.87
CA LEU M 486 -4.05 -41.06 -105.47
C LEU M 486 -4.72 -42.19 -104.72
N PHE M 487 -6.04 -42.30 -104.86
CA PHE M 487 -6.78 -43.33 -104.14
C PHE M 487 -6.23 -44.64 -104.57
N ARG M 488 -5.74 -44.69 -105.80
CA ARG M 488 -4.99 -45.87 -106.21
C ARG M 488 -6.02 -46.98 -106.24
N MET M 489 -7.20 -46.59 -106.67
CA MET M 489 -8.22 -47.52 -107.09
C MET M 489 -7.64 -47.94 -108.43
N VAL M 490 -7.10 -46.94 -109.11
CA VAL M 490 -6.34 -47.10 -110.36
C VAL M 490 -5.08 -47.88 -110.00
N PHE M 491 -4.38 -47.42 -108.96
CA PHE M 491 -3.05 -47.95 -108.66
C PHE M 491 -2.97 -48.92 -107.49
N LEU M 492 -2.19 -49.96 -107.71
CA LEU M 492 -2.20 -51.15 -106.89
C LEU M 492 -1.26 -50.84 -105.74
N ASP M 493 -0.43 -49.83 -105.95
CA ASP M 493 0.54 -49.39 -104.93
C ASP M 493 -0.11 -48.92 -103.62
N PHE M 494 -1.26 -48.24 -103.59
CA PHE M 494 -1.75 -47.82 -102.28
C PHE M 494 -2.49 -48.91 -101.60
N ARG M 495 -2.83 -49.94 -102.35
CA ARG M 495 -3.27 -51.14 -101.70
C ARG M 495 -2.14 -51.50 -100.74
N PHE M 496 -0.97 -51.64 -101.34
CA PHE M 496 0.28 -51.83 -100.61
C PHE M 496 0.48 -50.86 -99.48
N LEU M 497 0.72 -49.59 -99.80
CA LEU M 497 1.29 -48.74 -98.78
C LEU M 497 0.27 -48.43 -97.71
N GLU M 498 -0.95 -48.07 -98.12
CA GLU M 498 -1.92 -47.68 -97.12
C GLU M 498 -2.12 -48.85 -96.18
N GLN M 499 -2.30 -50.04 -96.76
CA GLN M 499 -2.59 -51.21 -95.95
C GLN M 499 -1.44 -51.53 -95.00
N LYS M 500 -0.20 -51.68 -95.48
CA LYS M 500 0.82 -52.09 -94.50
C LYS M 500 1.20 -50.98 -93.52
N ILE M 501 1.31 -49.71 -93.93
CA ILE M 501 1.71 -48.72 -92.89
C ILE M 501 0.58 -48.63 -91.87
N ARG M 502 -0.69 -48.62 -92.28
CA ARG M 502 -1.69 -48.51 -91.23
C ARG M 502 -2.03 -49.88 -90.65
N HIS M 503 -0.95 -50.57 -90.30
CA HIS M 503 -0.92 -51.79 -89.51
C HIS M 503 -0.66 -51.46 -88.05
N ASN M 516 -6.95 -49.87 -89.28
CA ASN M 516 -6.47 -50.90 -90.20
C ASN M 516 -7.17 -50.82 -91.54
N THR M 517 -7.61 -51.98 -92.03
CA THR M 517 -8.32 -52.07 -93.30
C THR M 517 -9.61 -51.24 -93.21
N LEU M 518 -10.15 -51.17 -92.00
CA LEU M 518 -11.45 -50.54 -91.75
C LEU M 518 -11.53 -49.13 -92.29
N GLN M 519 -10.49 -48.34 -91.99
CA GLN M 519 -10.43 -46.94 -92.40
C GLN M 519 -10.24 -46.85 -93.89
N GLN M 520 -9.43 -47.76 -94.42
CA GLN M 520 -9.09 -47.78 -95.84
C GLN M 520 -10.45 -47.92 -96.56
N LEU M 521 -11.26 -48.88 -96.09
CA LEU M 521 -12.58 -49.15 -96.65
C LEU M 521 -13.43 -47.90 -96.52
N LYS M 522 -13.23 -47.21 -95.40
CA LYS M 522 -13.98 -46.01 -95.13
C LYS M 522 -13.64 -45.00 -96.21
N PHE M 523 -12.37 -44.92 -96.61
CA PHE M 523 -12.01 -43.90 -97.59
C PHE M 523 -12.70 -44.28 -98.87
N TYR M 524 -12.63 -45.55 -99.24
CA TYR M 524 -13.18 -45.88 -100.55
C TYR M 524 -14.67 -45.60 -100.66
N LYS M 525 -15.48 -45.95 -99.66
CA LYS M 525 -16.92 -45.79 -99.86
C LYS M 525 -17.48 -44.33 -100.04
N PRO M 526 -17.25 -43.38 -99.09
CA PRO M 526 -17.85 -42.07 -99.42
C PRO M 526 -17.17 -41.28 -100.55
N TYR M 527 -15.88 -41.52 -100.76
CA TYR M 527 -15.10 -40.75 -101.74
C TYR M 527 -15.45 -41.05 -103.20
N ILE M 528 -15.99 -42.23 -103.51
CA ILE M 528 -16.11 -42.63 -104.91
C ILE M 528 -16.90 -41.61 -105.73
N CYS M 529 -17.82 -40.89 -105.09
CA CYS M 529 -18.77 -40.01 -105.77
C CYS M 529 -18.07 -39.00 -106.68
N ASP M 530 -16.86 -38.62 -106.32
CA ASP M 530 -16.14 -37.62 -107.10
C ASP M 530 -15.94 -38.13 -108.53
N ASP M 532 -14.48 -40.85 -113.52
CA ASP M 532 -15.84 -40.95 -114.05
C ASP M 532 -16.47 -42.26 -113.57
N PRO M 533 -17.68 -42.63 -114.07
CA PRO M 533 -18.25 -43.91 -113.63
C PRO M 533 -17.50 -45.20 -114.05
N LYS M 534 -16.92 -45.27 -115.24
CA LYS M 534 -16.29 -46.50 -115.71
C LYS M 534 -15.19 -46.94 -114.74
N TYR M 535 -14.35 -45.95 -114.40
CA TYR M 535 -13.27 -46.18 -113.47
C TYR M 535 -13.96 -46.48 -112.14
N GLU M 536 -15.10 -45.84 -111.88
CA GLU M 536 -15.80 -46.00 -110.62
C GLU M 536 -16.15 -47.46 -110.32
N ARG M 537 -16.78 -48.12 -111.27
CA ARG M 537 -17.25 -49.48 -111.09
C ARG M 537 -15.98 -50.23 -110.80
N LEU M 538 -14.94 -49.84 -111.53
CA LEU M 538 -13.67 -50.53 -111.38
C LEU M 538 -13.18 -50.37 -109.91
N VAL M 539 -13.22 -49.15 -109.35
CA VAL M 539 -12.71 -48.95 -107.99
C VAL M 539 -13.49 -49.77 -106.99
N ASN M 540 -14.80 -49.91 -107.20
CA ASN M 540 -15.52 -50.70 -106.21
C ASN M 540 -15.04 -52.14 -106.33
N ALA M 541 -14.74 -52.53 -107.57
CA ALA M 541 -14.29 -53.88 -107.87
C ALA M 541 -13.00 -54.18 -107.10
N ILE M 542 -12.07 -53.22 -107.13
CA ILE M 542 -10.76 -53.33 -106.47
C ILE M 542 -11.01 -53.38 -104.97
N LEU M 543 -12.00 -52.60 -104.55
CA LEU M 543 -12.34 -52.41 -103.15
C LEU M 543 -12.78 -53.71 -102.54
N ASP M 544 -13.62 -54.49 -103.22
CA ASP M 544 -14.06 -55.74 -102.59
C ASP M 544 -12.85 -56.65 -102.43
N PHE M 545 -11.94 -56.60 -103.39
CA PHE M 545 -10.77 -57.45 -103.36
C PHE M 545 -9.85 -57.15 -102.18
N LEU M 546 -9.76 -55.87 -101.88
CA LEU M 546 -8.87 -55.39 -100.83
C LEU M 546 -9.13 -55.94 -99.39
N PRO M 547 -10.35 -55.80 -98.82
CA PRO M 547 -10.49 -56.48 -97.53
C PRO M 547 -10.46 -58.00 -97.66
N LYS M 548 -10.67 -58.50 -98.87
CA LYS M 548 -10.73 -59.93 -99.12
C LYS M 548 -9.42 -60.58 -98.76
N ILE M 549 -8.32 -59.95 -99.15
CA ILE M 549 -6.99 -60.49 -98.86
C ILE M 549 -6.14 -59.46 -98.11
N SER M 556 4.79 -59.25 -97.18
CA SER M 556 4.96 -59.80 -98.53
C SER M 556 5.88 -59.04 -99.60
N LYS M 557 7.15 -59.49 -99.91
CA LYS M 557 8.18 -58.97 -100.97
C LYS M 557 7.34 -58.60 -102.18
N TYR M 558 7.69 -57.48 -102.79
CA TYR M 558 6.93 -56.58 -103.54
C TYR M 558 5.75 -57.25 -104.41
N THR M 559 6.15 -58.37 -104.87
CA THR M 559 5.42 -59.38 -105.63
C THR M 559 3.97 -59.84 -105.33
N ASP M 560 3.65 -60.18 -104.11
CA ASP M 560 2.41 -60.83 -103.80
C ASP M 560 1.28 -59.93 -104.27
N LEU M 561 1.44 -58.62 -104.08
CA LEU M 561 0.39 -57.67 -104.40
C LEU M 561 0.04 -57.79 -105.89
N LEU M 562 1.05 -57.85 -106.75
CA LEU M 562 0.80 -57.86 -108.19
C LEU M 562 0.16 -59.19 -108.58
N ARG M 563 0.60 -60.27 -107.92
CA ARG M 563 0.01 -61.55 -108.27
C ARG M 563 -1.44 -61.69 -107.86
N ILE M 564 -1.81 -61.17 -106.68
CA ILE M 564 -3.20 -61.24 -106.30
C ILE M 564 -3.97 -60.33 -107.25
N ALA M 565 -3.32 -59.24 -107.70
CA ALA M 565 -3.97 -58.29 -108.61
C ALA M 565 -4.38 -59.06 -109.86
N LEU M 566 -3.57 -60.07 -110.21
CA LEU M 566 -3.76 -60.82 -111.46
C LEU M 566 -5.11 -61.53 -111.59
N MET M 567 -5.77 -61.85 -110.48
CA MET M 567 -6.97 -62.69 -110.53
C MET M 567 -8.08 -62.17 -111.44
N ALA M 568 -8.44 -60.89 -111.33
CA ALA M 568 -9.53 -60.43 -112.19
C ALA M 568 -8.98 -59.50 -113.25
N GLU M 569 -9.23 -59.90 -114.50
CA GLU M 569 -8.70 -59.24 -115.69
C GLU M 569 -9.29 -57.84 -115.94
N ASP M 570 -10.55 -57.66 -115.54
CA ASP M 570 -11.29 -56.43 -115.81
C ASP M 570 -10.77 -55.15 -115.17
N GLU M 571 -9.85 -55.24 -114.22
CA GLU M 571 -9.57 -54.07 -113.41
C GLU M 571 -8.24 -53.34 -113.64
N ALA M 572 -8.26 -52.04 -113.32
CA ALA M 572 -7.13 -51.11 -113.43
C ALA M 572 -6.05 -51.50 -112.44
N ILE M 573 -6.46 -52.03 -111.29
CA ILE M 573 -5.51 -52.45 -110.28
C ILE M 573 -4.55 -53.41 -110.95
N PHE M 574 -5.04 -54.34 -111.77
CA PHE M 574 -4.09 -55.25 -112.40
C PHE M 574 -3.13 -54.52 -113.34
N GLU M 575 -3.63 -53.58 -114.14
CA GLU M 575 -2.79 -52.86 -115.10
C GLU M 575 -1.69 -52.10 -114.39
N GLU M 576 -2.08 -51.48 -113.28
CA GLU M 576 -1.15 -50.74 -112.47
C GLU M 576 -0.15 -51.68 -111.87
N ALA M 577 -0.64 -52.85 -111.47
CA ALA M 577 0.18 -53.85 -110.83
C ALA M 577 1.27 -54.22 -111.80
N HIS M 578 0.89 -54.33 -113.06
CA HIS M 578 1.84 -54.69 -114.09
C HIS M 578 2.84 -53.57 -114.22
N LYS M 579 2.37 -52.31 -114.12
CA LYS M 579 3.32 -51.20 -114.28
C LYS M 579 4.35 -51.22 -113.15
N GLN M 580 3.86 -51.33 -111.92
CA GLN M 580 4.72 -51.30 -110.75
C GLN M 580 5.69 -52.50 -110.68
N VAL M 581 5.34 -53.66 -111.25
CA VAL M 581 6.37 -54.72 -111.37
C VAL M 581 7.37 -54.29 -112.45
N GLN M 582 6.87 -53.67 -113.52
CA GLN M 582 7.76 -53.17 -114.57
C GLN M 582 8.85 -52.26 -113.98
N ARG M 583 8.46 -51.33 -113.11
CA ARG M 583 9.44 -50.57 -112.35
C ARG M 583 9.44 -51.01 -110.89
N UNK M 584 -9.51 -65.80 -95.56
CA UNK M 584 -10.68 -65.79 -94.68
C UNK M 584 -11.37 -64.44 -94.80
N UNK M 585 -12.68 -64.46 -94.75
CA UNK M 585 -13.47 -63.25 -94.86
C UNK M 585 -13.00 -62.17 -93.88
N UNK M 586 -12.54 -62.56 -92.70
CA UNK M 586 -12.08 -61.58 -91.72
C UNK M 586 -10.97 -62.08 -90.79
N UNK M 587 -10.06 -61.20 -90.45
CA UNK M 587 -8.96 -61.55 -89.57
C UNK M 587 -8.72 -60.43 -88.53
N UNK M 588 -8.88 -60.80 -87.27
CA UNK M 588 -8.76 -59.88 -86.15
C UNK M 588 -7.51 -60.08 -85.30
N UNK M 589 -6.84 -58.99 -84.96
CA UNK M 589 -5.63 -59.04 -84.16
C UNK M 589 -5.75 -58.11 -82.95
N UNK M 590 -6.39 -58.58 -81.84
CA UNK M 590 -6.59 -57.79 -80.63
C UNK M 590 -5.82 -58.23 -79.37
N UNK M 591 -5.00 -59.26 -79.50
CA UNK M 591 -4.25 -59.73 -78.34
C UNK M 591 -2.77 -59.50 -78.58
N UNK M 592 -1.98 -59.51 -77.49
CA UNK M 592 -0.56 -59.30 -77.63
C UNK M 592 0.12 -60.61 -77.35
N UNK M 593 -0.57 -64.09 -77.58
CA UNK M 593 -1.41 -65.11 -78.17
C UNK M 593 -2.88 -64.96 -77.78
N UNK M 594 -3.77 -65.25 -78.73
CA UNK M 594 -5.20 -65.18 -78.50
C UNK M 594 -5.64 -66.59 -78.18
N UNK M 595 -6.27 -66.80 -77.04
CA UNK M 595 -6.66 -68.15 -76.72
C UNK M 595 -8.07 -68.52 -77.16
N UNK M 596 -8.99 -67.59 -77.01
CA UNK M 596 -10.38 -67.84 -77.38
C UNK M 596 -11.01 -66.55 -77.87
N UNK M 597 -12.06 -66.68 -78.67
CA UNK M 597 -12.78 -65.53 -79.22
C UNK M 597 -14.17 -66.04 -79.59
N UNK M 598 -15.16 -65.15 -79.61
CA UNK M 598 -16.52 -65.57 -79.94
C UNK M 598 -17.42 -64.41 -80.36
N UNK M 599 -18.55 -64.74 -80.99
CA UNK M 599 -19.51 -63.76 -81.47
C UNK M 599 -20.55 -63.38 -80.42
N UNK M 600 -21.11 -62.19 -80.56
CA UNK M 600 -22.16 -61.75 -79.65
C UNK M 600 -23.38 -62.52 -80.13
N UNK M 601 -24.42 -62.60 -79.31
CA UNK M 601 -25.59 -63.36 -79.71
C UNK M 601 -26.21 -62.89 -81.03
N UNK M 602 -26.07 -61.63 -81.38
CA UNK M 602 -26.61 -61.14 -82.63
C UNK M 602 -25.54 -61.15 -83.72
N UNK M 603 -24.36 -61.66 -83.37
CA UNK M 603 -23.27 -61.73 -84.32
C UNK M 603 -22.61 -60.39 -84.70
N UNK M 604 -23.15 -59.29 -84.18
CA UNK M 604 -22.61 -57.96 -84.47
C UNK M 604 -21.25 -57.65 -83.87
N UNK M 605 -20.93 -58.29 -82.74
CA UNK M 605 -19.68 -58.05 -82.05
C UNK M 605 -18.89 -59.33 -81.82
N UNK M 606 -17.62 -59.17 -81.43
CA UNK M 606 -16.73 -60.29 -81.14
C UNK M 606 -15.89 -59.95 -79.92
N UNK M 607 -15.77 -60.89 -78.99
CA UNK M 607 -14.96 -60.68 -77.81
C UNK M 607 -13.87 -61.73 -77.90
N UNK M 608 -12.65 -61.37 -77.50
CA UNK M 608 -11.51 -62.27 -77.56
C UNK M 608 -10.66 -62.08 -76.35
N UNK M 609 -10.17 -63.16 -75.78
CA UNK M 609 -9.33 -63.09 -74.59
C UNK M 609 -8.10 -63.93 -74.80
N UNK M 610 -6.94 -63.40 -74.46
CA UNK M 610 -5.73 -64.18 -74.67
C UNK M 610 -4.72 -64.07 -73.54
N UNK M 611 -3.49 -64.40 -73.86
CA UNK M 611 -2.43 -64.47 -72.87
C UNK M 611 -1.95 -63.08 -72.48
N UNK M 612 -2.48 -62.05 -73.14
CA UNK M 612 -2.06 -60.71 -72.80
C UNK M 612 -2.83 -60.19 -71.57
N UNK M 613 -3.64 -61.07 -70.97
CA UNK M 613 -4.43 -60.78 -69.76
C UNK M 613 -5.66 -59.87 -69.94
N UNK M 614 -5.92 -59.37 -71.14
CA UNK M 614 -7.05 -58.46 -71.38
C UNK M 614 -8.32 -59.05 -72.02
N UNK M 615 -9.42 -58.31 -71.93
CA UNK M 615 -10.69 -58.71 -72.54
C UNK M 615 -10.83 -57.70 -73.65
N UNK M 616 -11.09 -58.16 -74.87
CA UNK M 616 -11.23 -57.25 -75.99
C UNK M 616 -12.53 -57.44 -76.71
N UNK M 617 -13.06 -56.36 -77.25
CA UNK M 617 -14.31 -56.45 -77.98
C UNK M 617 -14.26 -55.48 -79.14
N UNK M 618 -14.82 -55.92 -80.26
CA UNK M 618 -14.83 -55.14 -81.50
C UNK M 618 -16.01 -55.53 -82.38
N UNK M 619 -16.37 -54.65 -83.31
CA UNK M 619 -17.49 -54.92 -84.21
C UNK M 619 -17.11 -56.10 -85.09
N UNK M 620 -18.08 -56.97 -85.39
CA UNK M 620 -17.81 -58.13 -86.23
C UNK M 620 -17.51 -57.65 -87.64
N UNK M 621 -18.23 -56.62 -88.08
CA UNK M 621 -18.06 -56.03 -89.39
C UNK M 621 -16.70 -55.47 -89.74
N UNK M 622 -16.14 -54.64 -88.86
CA UNK M 622 -14.86 -53.98 -89.13
C UNK M 622 -13.68 -54.11 -88.17
N UNK M 623 -13.84 -54.80 -87.05
CA UNK M 623 -12.73 -54.94 -86.11
C UNK M 623 -12.52 -53.68 -85.29
N UNK M 624 -13.33 -52.68 -85.62
CA UNK M 624 -13.34 -51.38 -84.95
C UNK M 624 -13.38 -51.65 -83.46
N UNK M 625 -12.29 -51.38 -82.75
CA UNK M 625 -12.27 -51.63 -81.31
C UNK M 625 -13.41 -51.01 -80.54
N UNK M 626 -14.02 -51.80 -79.65
CA UNK M 626 -15.13 -51.35 -78.81
C UNK M 626 -14.73 -51.33 -77.33
N UNK M 627 -14.06 -52.38 -76.87
CA UNK M 627 -13.61 -52.43 -75.47
C UNK M 627 -12.17 -52.94 -75.35
N UNK M 628 -11.40 -52.35 -74.43
CA UNK M 628 -10.02 -52.74 -74.18
C UNK M 628 -9.81 -52.81 -72.65
N UNK M 629 -10.36 -53.86 -72.04
CA UNK M 629 -10.31 -54.07 -70.60
C UNK M 629 -9.11 -54.90 -70.12
N UNK M 630 -8.65 -54.65 -68.91
CA UNK M 630 -7.55 -55.42 -68.34
C UNK M 630 -8.22 -56.44 -67.41
N UNK M 631 -8.88 -57.44 -67.98
CA UNK M 631 -9.65 -58.44 -67.23
C UNK M 631 -9.04 -59.22 -66.04
N UNK M 632 -7.84 -59.76 -66.18
CA UNK M 632 -7.27 -60.51 -65.08
C UNK M 632 -5.80 -60.27 -64.83
N UNK M 633 -5.29 -61.00 -63.84
CA UNK M 633 -3.91 -60.92 -63.41
C UNK M 633 -3.18 -62.19 -63.84
N UNK M 634 -3.89 -63.56 -64.64
CA UNK M 634 -3.29 -64.77 -65.17
C UNK M 634 -4.11 -65.23 -66.39
N UNK M 635 -3.45 -65.94 -67.29
CA UNK M 635 -4.04 -66.38 -68.55
C UNK M 635 -5.47 -66.91 -68.44
N UNK M 636 -6.26 -66.67 -69.47
CA UNK M 636 -7.65 -67.11 -69.50
C UNK M 636 -7.78 -68.38 -70.32
N UNK M 637 -8.86 -69.11 -70.11
CA UNK M 637 -9.09 -70.38 -70.83
C UNK M 637 -10.40 -70.58 -71.60
N UNK M 638 -11.40 -69.78 -71.28
CA UNK M 638 -12.68 -69.93 -71.95
C UNK M 638 -13.57 -68.74 -71.66
N UNK M 639 -14.55 -68.51 -72.53
CA UNK M 639 -15.49 -67.41 -72.39
C UNK M 639 -16.79 -67.71 -73.15
N UNK M 640 -17.92 -67.18 -72.68
CA UNK M 640 -19.19 -67.44 -73.34
C UNK M 640 -20.19 -66.35 -73.08
N UNK M 641 -21.27 -66.34 -73.86
CA UNK M 641 -22.34 -65.37 -73.73
C UNK M 641 -23.50 -66.08 -73.05
N UNK M 642 -24.41 -65.32 -72.44
CA UNK M 642 -25.57 -65.90 -71.77
C UNK M 642 -26.62 -66.13 -72.85
N UNK M 643 -27.78 -66.66 -72.45
CA UNK M 643 -28.85 -66.94 -73.39
C UNK M 643 -29.39 -65.71 -74.13
N UNK M 644 -29.32 -64.54 -73.51
CA UNK M 644 -29.81 -63.32 -74.17
C UNK M 644 -28.66 -62.34 -74.44
N UNK M 645 -27.44 -62.86 -74.55
CA UNK M 645 -26.28 -62.03 -74.81
C UNK M 645 -26.17 -60.89 -73.83
N UNK M 646 -26.91 -60.95 -72.74
CA UNK M 646 -26.85 -59.89 -71.76
C UNK M 646 -25.53 -59.93 -71.00
N UNK M 647 -24.96 -61.12 -70.90
CA UNK M 647 -23.72 -61.31 -70.17
C UNK M 647 -22.71 -62.14 -70.94
N UNK M 648 -21.48 -62.12 -70.41
CA UNK M 648 -20.37 -62.87 -70.95
C UNK M 648 -19.60 -63.33 -69.72
N UNK M 649 -19.33 -64.61 -69.62
CA UNK M 649 -18.57 -65.07 -68.48
C UNK M 649 -17.18 -65.36 -69.02
N UNK M 650 -16.22 -65.54 -68.12
CA UNK M 650 -14.85 -65.88 -68.48
C UNK M 650 -14.31 -66.62 -67.29
N UNK M 651 -13.63 -67.72 -67.55
CA UNK M 651 -13.04 -68.48 -66.47
C UNK M 651 -11.55 -68.56 -66.81
N UNK M 652 -10.69 -68.50 -65.80
CA UNK M 652 -9.24 -68.50 -66.07
C UNK M 652 -8.40 -69.35 -65.14
N UNK M 653 -7.09 -69.26 -65.35
CA UNK M 653 -6.13 -70.02 -64.57
C UNK M 653 -6.00 -69.50 -63.14
N UNK M 654 -6.58 -68.35 -62.86
CA UNK M 654 -6.52 -67.81 -61.52
C UNK M 654 -7.60 -68.49 -60.70
N UNK M 655 -8.21 -69.49 -61.30
CA UNK M 655 -9.24 -70.29 -60.66
C UNK M 655 -10.57 -69.54 -60.46
N UNK M 656 -10.67 -68.35 -61.03
CA UNK M 656 -11.90 -67.56 -60.91
C UNK M 656 -12.77 -67.62 -62.15
N UNK M 657 -14.05 -67.28 -61.96
CA UNK M 657 -15.05 -67.22 -63.03
C UNK M 657 -15.61 -65.81 -62.92
N UNK M 658 -15.90 -65.15 -64.04
CA UNK M 658 -16.40 -63.80 -63.94
C UNK M 658 -17.56 -63.50 -64.88
N UNK M 659 -18.44 -62.60 -64.45
CA UNK M 659 -19.58 -62.25 -65.27
C UNK M 659 -19.45 -60.79 -65.63
N UNK M 660 -19.70 -60.48 -66.90
CA UNK M 660 -19.59 -59.10 -67.38
C UNK M 660 -20.84 -58.65 -68.12
N UNK M 661 -21.13 -57.36 -68.05
CA UNK M 661 -22.24 -56.78 -68.76
C UNK M 661 -21.67 -56.71 -70.16
N UNK M 662 -22.20 -57.49 -71.08
CA UNK M 662 -21.67 -57.51 -72.44
C UNK M 662 -21.73 -56.16 -73.12
N UNK M 663 -22.49 -55.23 -72.56
CA UNK M 663 -22.62 -53.91 -73.15
C UNK M 663 -21.58 -52.93 -72.69
N UNK M 664 -19.14 -53.82 -70.25
CA UNK M 664 -17.93 -54.50 -69.85
C UNK M 664 -17.62 -54.36 -68.38
N UNK M 665 -18.56 -53.85 -67.60
CA UNK M 665 -18.32 -53.71 -66.17
C UNK M 665 -18.47 -55.06 -65.47
N UNK M 666 -17.50 -55.37 -64.60
CA UNK M 666 -17.51 -56.62 -63.85
C UNK M 666 -18.84 -56.68 -63.10
N UNK M 667 -19.59 -57.77 -63.29
CA UNK M 667 -20.88 -57.94 -62.65
C UNK M 667 -20.80 -59.05 -61.60
N UNK M 668 -17.71 -61.77 -59.31
CA UNK M 668 -16.83 -62.88 -59.57
C UNK M 668 -17.09 -64.05 -58.62
N UNK M 669 -16.83 -65.26 -59.10
CA UNK M 669 -17.05 -66.46 -58.33
C UNK M 669 -15.74 -67.22 -58.17
N UNK M 670 -15.15 -67.17 -56.99
CA UNK M 670 -13.92 -67.91 -56.76
C UNK M 670 -14.24 -69.07 -55.84
N UNK M 671 -14.18 -70.29 -56.36
CA UNK M 671 -14.47 -71.48 -55.56
C UNK M 671 -13.75 -72.69 -56.08
N UNK M 672 -13.54 -73.69 -60.74
CA UNK M 672 -14.76 -74.10 -61.43
C UNK M 672 -14.49 -74.10 -62.94
N UNK M 673 -14.66 -75.27 -63.55
CA UNK M 673 -14.40 -75.52 -64.97
C UNK M 673 -15.59 -75.30 -65.90
N UNK M 674 -16.74 -75.85 -65.54
CA UNK M 674 -17.95 -75.71 -66.35
C UNK M 674 -18.78 -74.51 -65.91
N UNK M 675 -19.40 -73.85 -66.88
CA UNK M 675 -20.36 -72.78 -66.61
C UNK M 675 -21.18 -72.48 -67.87
N UNK M 676 -22.46 -72.81 -67.78
CA UNK M 676 -23.41 -72.67 -68.88
C UNK M 676 -24.75 -72.09 -68.40
N UNK M 677 -25.40 -71.27 -69.24
CA UNK M 677 -26.69 -70.65 -68.89
C UNK M 677 -27.85 -71.47 -69.39
N UNK M 678 -29.06 -71.09 -69.01
CA UNK M 678 -30.26 -71.79 -69.46
C UNK M 678 -30.58 -71.29 -70.86
N UNK M 679 -31.10 -72.15 -71.73
CA UNK M 679 -31.39 -71.77 -73.11
C UNK M 679 -32.67 -70.95 -73.30
N UNK M 680 -33.74 -71.40 -72.66
CA UNK M 680 -35.01 -70.70 -72.78
C UNK M 680 -34.97 -69.27 -72.24
N UNK M 681 -35.36 -68.35 -73.12
CA UNK M 681 -35.42 -66.92 -72.85
C UNK M 681 -36.35 -66.59 -71.69
N UNK M 682 -36.92 -67.61 -71.08
CA UNK M 682 -37.82 -67.41 -69.98
C UNK M 682 -37.05 -67.28 -68.65
N UNK M 683 -36.62 -68.41 -68.11
CA UNK M 683 -35.85 -68.42 -66.86
C UNK M 683 -34.38 -68.06 -67.10
N UNK M 684 -33.68 -67.66 -66.04
CA UNK M 684 -32.28 -67.23 -66.14
C UNK M 684 -31.37 -67.87 -65.11
N UNK M 685 -30.99 -69.13 -65.32
CA UNK M 685 -30.11 -69.81 -64.37
C UNK M 685 -28.73 -70.04 -64.91
N UNK M 686 -27.79 -70.28 -64.00
CA UNK M 686 -26.41 -70.54 -64.38
C UNK M 686 -25.97 -71.80 -63.68
N UNK M 687 -25.34 -72.71 -64.42
CA UNK M 687 -24.88 -73.95 -63.85
C UNK M 687 -23.36 -73.98 -63.91
N UNK M 688 -22.75 -74.43 -62.83
CA UNK M 688 -21.30 -74.49 -62.76
C UNK M 688 -20.80 -75.82 -62.19
N UNK M 689 -19.73 -76.33 -62.78
CA UNK M 689 -19.14 -77.57 -62.33
C UNK M 689 -17.76 -77.21 -61.81
N UNK M 690 -17.29 -77.84 -60.75
CA UNK M 690 -15.99 -77.50 -60.22
C UNK M 690 -15.15 -78.70 -59.79
N UNK M 691 -13.86 -78.47 -59.58
CA UNK M 691 -12.95 -79.51 -59.14
C UNK M 691 -13.31 -79.95 -57.73
N UNK M 692 -14.21 -79.20 -57.08
CA UNK M 692 -14.62 -79.53 -55.73
C UNK M 692 -15.70 -80.62 -55.71
N UNK M 693 -15.97 -81.19 -56.89
CA UNK M 693 -16.95 -82.26 -57.05
C UNK M 693 -18.40 -81.82 -57.09
N UNK M 694 -18.67 -80.53 -56.92
CA UNK M 694 -20.06 -80.10 -56.94
C UNK M 694 -20.43 -79.39 -58.21
N UNK M 695 -21.74 -79.20 -58.33
CA UNK M 695 -22.37 -78.51 -59.43
C UNK M 695 -23.23 -77.46 -58.73
N UNK M 696 -23.41 -76.30 -59.31
CA UNK M 696 -24.24 -75.31 -58.66
C UNK M 696 -25.18 -74.59 -59.60
N UNK M 697 -26.38 -74.33 -59.12
CA UNK M 697 -27.36 -73.60 -59.89
C UNK M 697 -27.43 -72.26 -59.21
N UNK M 698 -27.32 -71.18 -60.00
CA UNK M 698 -27.38 -69.84 -59.45
C UNK M 698 -28.57 -69.18 -60.10
N UNK M 699 -29.29 -68.37 -59.32
CA UNK M 699 -30.44 -67.65 -59.82
C UNK M 699 -29.92 -66.22 -59.86
N UNK M 700 -29.45 -65.78 -61.03
CA UNK M 700 -28.89 -64.44 -61.19
C UNK M 700 -29.74 -63.34 -60.58
N UNK M 701 -31.01 -63.64 -60.35
CA UNK M 701 -31.93 -62.69 -59.74
C UNK M 701 -31.88 -62.86 -58.22
N UNK M 702 -30.74 -63.32 -57.70
CA UNK M 702 -30.62 -63.52 -56.27
C UNK M 702 -29.16 -63.54 -55.83
N UNK M 703 -28.83 -62.72 -54.84
CA UNK M 703 -27.47 -62.63 -54.33
C UNK M 703 -26.96 -63.98 -53.85
N UNK M 704 -27.80 -65.01 -53.90
CA UNK M 704 -27.40 -66.33 -53.41
C UNK M 704 -27.43 -67.51 -54.38
N UNK M 705 -26.77 -68.58 -53.94
CA UNK M 705 -26.69 -69.83 -54.67
C UNK M 705 -28.11 -70.37 -54.57
N UNK M 706 -28.54 -71.19 -55.53
CA UNK M 706 -29.90 -71.72 -55.47
C UNK M 706 -29.91 -73.19 -55.14
N UNK M 707 -28.86 -73.88 -55.53
CA UNK M 707 -28.77 -75.31 -55.29
C UNK M 707 -27.32 -75.75 -55.41
N UNK M 708 -27.00 -76.87 -54.76
CA UNK M 708 -25.66 -77.41 -54.82
C UNK M 708 -25.82 -78.89 -55.02
N UNK M 709 -25.69 -79.34 -56.27
CA UNK M 709 -25.84 -80.76 -56.55
C UNK M 709 -24.69 -81.59 -56.05
N UNK M 710 -24.92 -82.37 -55.00
CA UNK M 710 -23.88 -83.24 -54.51
C UNK M 710 -24.04 -84.57 -55.24
N UNK M 711 -10.55 -83.96 -63.34
CA UNK M 711 -11.83 -83.88 -64.04
C UNK M 711 -11.76 -82.62 -64.89
N UNK M 712 -11.77 -82.78 -66.21
CA UNK M 712 -11.63 -81.65 -67.09
C UNK M 712 -12.90 -81.04 -67.62
N UNK M 713 -14.01 -81.74 -67.51
CA UNK M 713 -15.23 -81.20 -68.07
C UNK M 713 -16.43 -81.96 -67.54
N UNK M 714 -17.60 -81.34 -67.58
CA UNK M 714 -18.83 -81.93 -67.08
C UNK M 714 -20.04 -81.12 -67.54
N UNK M 715 -21.09 -81.82 -67.95
CA UNK M 715 -22.30 -81.17 -68.44
C UNK M 715 -23.52 -81.91 -67.94
N UNK M 716 -24.54 -81.18 -67.55
CA UNK M 716 -25.76 -81.83 -67.11
C UNK M 716 -26.43 -82.31 -68.37
N UNK M 717 -27.27 -83.33 -68.26
CA UNK M 717 -27.98 -83.81 -69.42
C UNK M 717 -29.14 -82.84 -69.63
N UNK M 718 -29.68 -82.80 -70.86
CA UNK M 718 -30.80 -81.88 -71.09
C UNK M 718 -31.87 -82.21 -70.07
N UNK M 719 -31.49 -85.24 -65.27
CA UNK M 719 -31.30 -86.41 -64.42
C UNK M 719 -29.89 -86.99 -64.40
N UNK M 720 -29.09 -86.69 -65.41
CA UNK M 720 -27.74 -87.22 -65.45
C UNK M 720 -26.68 -86.15 -65.52
N UNK M 721 -25.47 -86.50 -65.08
CA UNK M 721 -24.35 -85.57 -65.10
C UNK M 721 -23.21 -86.26 -65.79
N UNK M 722 -22.89 -85.85 -67.00
CA UNK M 722 -21.80 -86.46 -67.72
C UNK M 722 -20.49 -85.85 -67.22
N UNK M 723 -19.45 -86.65 -67.16
CA UNK M 723 -18.18 -86.17 -66.67
C UNK M 723 -17.04 -86.72 -67.50
N UNK M 724 -16.09 -85.84 -67.80
CA UNK M 724 -14.96 -86.12 -68.65
C UNK M 724 -13.66 -85.86 -67.91
N UNK M 725 -12.72 -86.82 -67.98
CA UNK M 725 -11.46 -86.70 -67.26
C UNK M 725 -10.21 -87.13 -68.00
N UNK M 726 -9.10 -87.08 -67.28
CA UNK M 726 -7.80 -87.45 -67.80
C UNK M 726 -7.57 -88.94 -67.58
N UNK M 727 -8.38 -89.54 -66.71
CA UNK M 727 -8.24 -90.96 -66.44
C UNK M 727 -8.71 -91.82 -67.60
N UNK M 728 -9.03 -91.18 -68.74
CA UNK M 728 -9.45 -91.92 -69.91
C UNK M 728 -10.90 -92.41 -69.90
N UNK M 729 -11.74 -91.81 -69.07
CA UNK M 729 -13.13 -92.22 -69.02
C UNK M 729 -14.14 -91.12 -69.29
N UNK M 730 -15.37 -91.53 -69.59
CA UNK M 730 -16.50 -90.62 -69.77
C UNK M 730 -17.33 -91.24 -68.65
N UNK M 731 -18.11 -90.45 -67.93
CA UNK M 731 -18.85 -91.05 -66.85
C UNK M 731 -20.20 -90.41 -66.66
N UNK M 732 -21.18 -91.21 -66.31
CA UNK M 732 -22.51 -90.69 -66.08
C UNK M 732 -22.94 -90.85 -64.65
N UNK M 733 -22.89 -89.77 -63.89
CA UNK M 733 -23.32 -89.81 -62.52
C UNK M 733 -24.81 -89.56 -62.51
N UNK M 734 -25.48 -89.94 -61.43
CA UNK M 734 -26.92 -89.75 -61.28
C UNK M 734 -27.16 -88.56 -60.37
N UNK M 735 -27.59 -87.45 -60.95
CA UNK M 735 -27.82 -86.24 -60.17
C UNK M 735 -28.57 -86.42 -58.86
N UNK M 736 -29.79 -86.94 -58.93
CA UNK M 736 -30.59 -87.11 -57.75
C UNK M 736 -29.88 -87.80 -56.58
N UNK M 737 -28.87 -88.61 -56.88
CA UNK M 737 -28.19 -89.32 -55.81
C UNK M 737 -26.66 -89.24 -55.82
N UNK M 738 -26.11 -88.50 -56.78
CA UNK M 738 -24.66 -88.36 -56.91
C UNK M 738 -23.92 -89.71 -56.94
N UNK M 739 -24.51 -90.72 -57.57
CA UNK M 739 -23.92 -92.06 -57.68
C UNK M 739 -23.37 -92.32 -59.07
N UNK M 740 -22.31 -93.09 -59.16
CA UNK M 740 -21.74 -93.38 -60.49
C UNK M 740 -22.60 -94.46 -61.14
N UNK M 741 -23.22 -94.13 -62.29
CA UNK M 741 -24.07 -95.09 -63.00
C UNK M 741 -23.26 -95.87 -64.04
N UNK M 742 -22.44 -95.18 -64.83
CA UNK M 742 -21.63 -95.86 -65.82
C UNK M 742 -20.27 -95.20 -65.98
N UNK M 743 -19.39 -95.88 -66.68
CA UNK M 743 -18.05 -95.37 -66.95
C UNK M 743 -17.67 -95.93 -68.30
N UNK M 744 -17.18 -95.07 -69.20
CA UNK M 744 -16.79 -95.52 -70.53
C UNK M 744 -15.32 -95.28 -70.81
N UNK M 745 -14.54 -96.34 -70.80
CA UNK M 745 -13.12 -96.22 -71.06
C UNK M 745 -12.84 -95.88 -72.53
N UNK M 746 -11.97 -94.93 -72.77
CA UNK M 746 -11.63 -94.59 -74.14
C UNK M 746 -10.32 -95.31 -74.48
N UNK M 747 -10.50 -96.37 -75.29
CA UNK M 747 -9.45 -97.28 -75.74
C UNK M 747 -9.27 -97.27 -77.26
N UNK M 748 -9.38 -96.10 -77.89
CA UNK M 748 -9.25 -96.03 -79.34
C UNK M 748 -7.86 -95.60 -79.72
N UNK M 749 -6.92 -95.82 -78.83
CA UNK M 749 -5.54 -95.42 -79.06
C UNK M 749 -4.55 -96.55 -78.74
N UNK M 750 -3.59 -96.73 -79.64
CA UNK M 750 -2.60 -97.79 -79.52
C UNK M 750 -1.18 -97.26 -79.63
N UNK M 751 -11.82 -82.44 -73.09
CA UNK M 751 -12.78 -81.53 -73.71
C UNK M 751 -14.14 -82.23 -73.71
N UNK M 752 -15.22 -81.49 -73.47
CA UNK M 752 -16.54 -82.12 -73.49
C UNK M 752 -17.66 -81.12 -73.48
N UNK M 753 -18.11 -80.77 -74.68
CA UNK M 753 -19.16 -79.79 -74.87
C UNK M 753 -20.53 -80.34 -75.22
N UNK M 754 -21.54 -79.53 -74.95
CA UNK M 754 -22.95 -79.85 -75.19
C UNK M 754 -23.43 -79.51 -76.59
N UNK M 755 -24.56 -80.09 -76.97
CA UNK M 755 -25.13 -79.79 -78.28
C UNK M 755 -25.91 -78.50 -78.12
N UNK M 756 -26.42 -77.98 -79.23
CA UNK M 756 -27.17 -76.73 -79.22
C UNK M 756 -28.44 -76.81 -78.37
N UNK M 757 -29.14 -77.92 -78.50
CA UNK M 757 -30.37 -78.13 -77.76
C UNK M 757 -30.11 -78.65 -76.36
N UNK M 758 -28.85 -78.89 -76.03
CA UNK M 758 -28.52 -79.40 -74.71
C UNK M 758 -29.01 -80.83 -74.48
N UNK M 759 -29.36 -81.51 -75.56
CA UNK M 759 -29.85 -82.87 -75.47
C UNK M 759 -28.81 -83.90 -75.88
N UNK M 760 -27.61 -83.45 -76.18
CA UNK M 760 -26.55 -84.37 -76.57
C UNK M 760 -25.21 -83.79 -76.10
N UNK M 761 -24.22 -84.66 -75.90
CA UNK M 761 -22.92 -84.23 -75.43
C UNK M 761 -21.83 -85.00 -76.15
N UNK M 762 -20.78 -84.33 -76.60
CA UNK M 762 -19.71 -85.09 -77.25
C UNK M 762 -18.55 -85.08 -76.27
N UNK M 763 -17.75 -86.15 -76.27
CA UNK M 763 -16.58 -86.24 -75.41
C UNK M 763 -15.43 -86.89 -76.16
N UNK M 764 -14.22 -86.70 -75.65
CA UNK M 764 -13.02 -87.23 -76.29
C UNK M 764 -12.13 -88.02 -75.33
N UNK M 765 -11.51 -89.06 -75.87
CA UNK M 765 -10.61 -89.92 -75.10
C UNK M 765 -9.71 -90.75 -76.02
N UNK M 766 -8.20 -92.28 -78.64
CA UNK M 766 -8.38 -92.09 -80.07
C UNK M 766 -9.76 -91.74 -80.59
N UNK M 767 -10.74 -91.56 -79.71
CA UNK M 767 -12.06 -91.28 -80.25
C UNK M 767 -12.85 -90.13 -79.62
N UNK M 768 -13.81 -89.67 -80.40
CA UNK M 768 -14.74 -88.64 -79.99
C UNK M 768 -16.01 -89.47 -79.92
N UNK M 769 -16.83 -89.26 -78.89
CA UNK M 769 -18.05 -90.04 -78.72
C UNK M 769 -19.25 -89.13 -78.48
N UNK M 770 -20.36 -89.44 -79.13
CA UNK M 770 -21.57 -88.65 -78.96
C UNK M 770 -22.59 -89.37 -78.11
N UNK M 771 -22.91 -88.77 -76.97
CA UNK M 771 -23.87 -89.36 -76.05
C UNK M 771 -25.20 -88.64 -75.99
N UNK M 772 -26.22 -89.41 -75.64
CA UNK M 772 -27.55 -88.89 -75.50
C UNK M 772 -27.67 -88.55 -74.01
N UNK M 773 -27.72 -87.26 -73.70
CA UNK M 773 -27.79 -86.78 -72.32
C UNK M 773 -28.84 -87.50 -71.46
N UNK M 774 -31.07 -90.89 -72.29
CA UNK M 774 -30.83 -92.32 -72.30
C UNK M 774 -29.39 -92.72 -71.95
N UNK M 775 -28.44 -91.80 -72.13
CA UNK M 775 -27.03 -92.08 -71.86
C UNK M 775 -26.50 -93.04 -72.92
N UNK M 776 -27.13 -93.03 -74.08
CA UNK M 776 -26.71 -93.90 -75.15
C UNK M 776 -25.62 -93.29 -75.99
N UNK M 777 -24.82 -94.17 -76.59
CA UNK M 777 -23.73 -93.74 -77.44
C UNK M 777 -24.29 -93.58 -78.83
N UNK M 778 -24.54 -92.36 -79.26
CA UNK M 778 -25.09 -92.11 -80.58
C UNK M 778 -24.07 -92.09 -81.70
N UNK M 779 -22.79 -92.08 -81.36
CA UNK M 779 -21.77 -92.04 -82.40
C UNK M 779 -20.35 -92.25 -81.90
N UNK M 780 -19.52 -92.80 -82.76
CA UNK M 780 -18.14 -93.09 -82.42
C UNK M 780 -17.25 -92.92 -83.63
N UNK M 781 -16.66 -91.74 -83.78
CA UNK M 781 -15.75 -91.54 -84.89
C UNK M 781 -14.35 -91.80 -84.35
N UNK M 782 -13.46 -90.65 -86.83
CA UNK M 782 -12.10 -90.99 -86.45
C UNK M 782 -11.17 -89.99 -87.07
N UNK M 783 -10.39 -89.34 -86.23
CA UNK M 783 -9.49 -88.30 -86.68
C UNK M 783 -8.14 -88.80 -87.18
N UNK M 784 -3.33 -88.62 -84.06
CA UNK M 784 -2.72 -87.48 -83.39
C UNK M 784 -3.59 -87.37 -82.15
N UNK M 785 -3.76 -86.17 -81.59
CA UNK M 785 -4.63 -86.00 -80.42
C UNK M 785 -5.40 -84.70 -80.49
N UNK M 786 -6.72 -84.78 -80.35
CA UNK M 786 -7.57 -83.61 -80.38
C UNK M 786 -7.17 -82.73 -79.21
N UNK M 787 -6.81 -81.49 -79.50
CA UNK M 787 -6.39 -80.55 -78.46
C UNK M 787 -7.57 -79.76 -77.87
N UNK M 788 -8.64 -79.59 -78.63
CA UNK M 788 -9.84 -78.90 -78.12
C UNK M 788 -11.01 -79.02 -79.08
N UNK M 789 -12.22 -78.77 -78.58
CA UNK M 789 -13.43 -78.87 -79.39
C UNK M 789 -14.61 -78.11 -78.82
N UNK M 790 -15.74 -78.13 -79.52
CA UNK M 790 -16.94 -77.47 -79.03
C UNK M 790 -18.09 -77.90 -79.89
N UNK M 791 -19.15 -78.32 -79.20
CA UNK M 791 -20.35 -78.81 -79.83
C UNK M 791 -21.34 -77.67 -80.05
N UNK M 792 -21.82 -77.52 -81.28
CA UNK M 792 -22.76 -76.48 -81.64
C UNK M 792 -24.14 -76.72 -81.03
N UNK M 793 -25.06 -75.76 -81.18
CA UNK M 793 -26.39 -75.99 -80.61
C UNK M 793 -27.36 -76.40 -81.71
N UNK M 794 -26.87 -76.42 -82.95
CA UNK M 794 -27.67 -76.80 -84.12
C UNK M 794 -26.86 -77.66 -85.07
N UNK M 795 -27.54 -78.28 -86.03
CA UNK M 795 -26.90 -79.13 -87.03
C UNK M 795 -25.91 -80.16 -86.46
N UNK M 796 -26.01 -80.45 -85.17
CA UNK M 796 -25.11 -81.41 -84.51
C UNK M 796 -23.67 -81.12 -84.92
N UNK M 797 -23.35 -79.85 -85.18
CA UNK M 797 -22.01 -79.51 -85.58
C UNK M 797 -21.06 -79.52 -84.42
N UNK M 798 -19.83 -79.89 -84.68
CA UNK M 798 -18.82 -79.93 -83.65
C UNK M 798 -17.53 -79.44 -84.27
N UNK M 799 -16.86 -78.51 -83.59
CA UNK M 799 -15.59 -78.00 -84.10
C UNK M 799 -14.51 -78.47 -83.17
N UNK M 800 -13.44 -78.97 -83.76
CA UNK M 800 -12.34 -79.45 -82.97
C UNK M 800 -11.02 -78.98 -83.54
N UNK M 801 -10.13 -78.53 -82.67
CA UNK M 801 -8.82 -78.12 -83.10
C UNK M 801 -8.14 -79.47 -83.10
N UNK M 802 -2.49 -76.55 -85.36
CA UNK M 802 -3.16 -75.66 -86.30
C UNK M 802 -4.17 -76.20 -87.34
N UNK M 803 -4.56 -77.47 -87.22
CA UNK M 803 -5.54 -78.01 -88.15
C UNK M 803 -6.88 -77.85 -87.49
N UNK M 804 -7.85 -77.29 -88.21
CA UNK M 804 -9.15 -77.08 -87.62
C UNK M 804 -10.20 -77.62 -88.54
N UNK M 805 -10.98 -78.59 -88.07
CA UNK M 805 -12.04 -79.14 -88.90
C UNK M 805 -13.32 -79.28 -88.11
N UNK M 806 -14.44 -78.92 -88.72
CA UNK M 806 -15.70 -79.08 -88.02
C UNK M 806 -16.41 -80.27 -88.63
N UNK M 807 -16.91 -81.13 -87.76
CA UNK M 807 -17.60 -82.36 -88.11
C UNK M 807 -19.08 -82.33 -87.85
N UNK M 808 -19.75 -83.34 -88.37
CA UNK M 808 -21.18 -83.50 -88.25
C UNK M 808 -21.45 -84.77 -87.45
N UNK M 809 -21.68 -84.64 -86.14
CA UNK M 809 -21.98 -85.80 -85.31
C UNK M 809 -23.29 -86.31 -85.93
N UNK M 810 -23.70 -87.52 -85.61
CA UNK M 810 -24.94 -88.04 -86.20
C UNK M 810 -24.67 -88.53 -87.63
N UNK M 811 -21.53 -88.39 -88.61
CA UNK M 811 -20.18 -88.87 -88.31
C UNK M 811 -19.20 -88.65 -89.45
N UNK M 812 -19.37 -87.54 -90.16
CA UNK M 812 -18.51 -87.20 -91.29
C UNK M 812 -17.92 -85.79 -91.18
N UNK M 813 -16.74 -85.58 -91.74
CA UNK M 813 -16.17 -84.24 -91.71
C UNK M 813 -16.98 -83.40 -92.69
N UNK M 814 -17.23 -82.15 -92.31
CA UNK M 814 -18.02 -81.21 -93.09
C UNK M 814 -17.17 -80.12 -93.72
N UNK M 815 -16.16 -79.64 -93.01
CA UNK M 815 -15.31 -78.60 -93.55
C UNK M 815 -13.92 -78.57 -92.96
N UNK M 816 -12.98 -78.11 -93.77
CA UNK M 816 -11.61 -77.97 -93.34
C UNK M 816 -11.41 -76.47 -93.17
N UNK M 817 -11.01 -76.08 -91.98
CA UNK M 817 -10.80 -74.67 -91.70
C UNK M 817 -9.32 -74.36 -91.57
N UNK M 818 -8.74 -73.88 -92.66
CA UNK M 818 -7.32 -73.58 -92.68
C UNK M 818 -7.13 -72.10 -92.36
N UNK M 819 -6.52 -71.80 -91.22
CA UNK M 819 -6.31 -70.41 -90.86
C UNK M 819 -5.03 -70.12 -90.10
N UNK M 820 -4.51 -71.13 -89.41
CA UNK M 820 -3.28 -70.95 -88.62
C UNK M 820 -2.17 -71.89 -89.09
N UNK M 821 -0.92 -71.50 -88.81
CA UNK M 821 0.23 -72.34 -89.15
C UNK M 821 1.04 -72.54 -87.87
N UNK M 822 0.72 -71.30 -86.79
CA UNK M 822 1.01 -71.42 -85.38
C UNK M 822 -0.19 -72.09 -84.76
N UNK M 823 0.05 -72.88 -83.71
CA UNK M 823 -0.97 -73.61 -82.98
C UNK M 823 -2.39 -73.05 -82.86
N UNK M 824 -3.40 -73.86 -83.17
CA UNK M 824 -4.78 -73.38 -83.11
C UNK M 824 -5.40 -73.95 -81.86
N UNK M 825 -5.74 -73.08 -80.91
CA UNK M 825 -6.29 -73.49 -79.64
C UNK M 825 -7.77 -73.76 -79.66
N UNK M 826 -8.52 -72.91 -80.35
CA UNK M 826 -9.94 -73.09 -80.37
C UNK M 826 -10.54 -72.81 -81.73
N UNK M 827 -11.81 -73.16 -81.86
CA UNK M 827 -12.47 -72.99 -83.14
C UNK M 827 -13.96 -73.26 -82.95
N UNK M 828 -14.82 -72.44 -83.54
CA UNK M 828 -16.24 -72.76 -83.43
C UNK M 828 -17.18 -72.05 -84.39
N UNK M 829 -18.36 -72.63 -84.55
CA UNK M 829 -19.36 -72.12 -85.47
C UNK M 829 -20.13 -70.97 -84.89
N UNK M 830 -20.67 -70.14 -85.78
CA UNK M 830 -21.50 -69.03 -85.38
C UNK M 830 -22.74 -69.75 -84.93
N UNK M 831 -23.69 -69.05 -84.31
CA UNK M 831 -24.88 -69.78 -83.88
C UNK M 831 -25.71 -70.42 -85.00
N UNK M 832 -25.80 -69.77 -86.16
CA UNK M 832 -26.58 -70.36 -87.25
C UNK M 832 -25.69 -71.28 -88.07
N UNK M 833 -24.47 -71.48 -87.57
CA UNK M 833 -23.52 -72.33 -88.23
C UNK M 833 -23.18 -71.87 -89.63
N UNK M 834 -23.48 -70.61 -89.93
CA UNK M 834 -23.20 -70.08 -91.25
C UNK M 834 -21.72 -69.74 -91.39
N UNK M 835 -21.06 -69.57 -90.26
CA UNK M 835 -19.64 -69.24 -90.32
C UNK M 835 -18.98 -69.78 -89.06
N UNK M 836 -17.65 -69.74 -89.01
CA UNK M 836 -16.92 -70.23 -87.85
C UNK M 836 -15.67 -69.37 -87.63
N UNK M 837 -15.14 -69.39 -86.41
CA UNK M 837 -13.96 -68.61 -86.10
C UNK M 837 -12.82 -69.52 -85.71
N UNK M 838 -11.60 -69.02 -85.87
CA UNK M 838 -10.39 -69.77 -85.55
C UNK M 838 -9.56 -68.96 -84.57
N UNK M 839 -9.15 -69.56 -83.46
CA UNK M 839 -8.33 -68.84 -82.47
C UNK M 839 -6.96 -69.49 -82.31
N UNK M 840 -5.88 -68.73 -82.48
CA UNK M 840 -4.57 -69.33 -82.38
C UNK M 840 -3.46 -68.62 -81.63
N UNK M 841 -2.35 -69.34 -81.57
CA UNK M 841 -1.13 -68.91 -80.91
C UNK M 841 -0.47 -67.76 -81.65
N UNK M 842 -0.77 -67.63 -82.93
CA UNK M 842 -0.22 -66.52 -83.71
C UNK M 842 -1.03 -65.29 -83.32
N UNK M 843 -1.64 -65.38 -82.13
CA UNK M 843 -2.46 -64.33 -81.54
C UNK M 843 -3.47 -63.66 -82.47
N UNK M 844 -4.06 -64.43 -83.36
CA UNK M 844 -5.06 -63.86 -84.24
C UNK M 844 -6.34 -64.66 -84.11
N UNK M 845 -7.42 -64.06 -84.56
CA UNK M 845 -8.73 -64.68 -84.54
C UNK M 845 -9.24 -64.43 -85.93
N UNK M 846 -9.60 -65.47 -86.66
CA UNK M 846 -10.10 -65.29 -88.01
C UNK M 846 -11.50 -65.84 -88.21
N UNK M 847 -12.34 -65.08 -88.91
CA UNK M 847 -13.70 -65.51 -89.15
C UNK M 847 -13.82 -66.02 -90.57
N UNK M 848 -14.42 -67.21 -90.68
CA UNK M 848 -14.62 -67.85 -91.96
C UNK M 848 -16.10 -68.09 -92.20
N UNK M 849 -16.48 -68.15 -93.47
CA UNK M 849 -17.86 -68.43 -93.83
C UNK M 849 -17.86 -69.84 -94.39
N UNK M 850 -18.54 -70.74 -93.70
CA UNK M 850 -18.64 -72.14 -94.07
C UNK M 850 -18.89 -72.40 -95.53
N UNK M 851 -20.02 -71.92 -96.03
CA UNK M 851 -20.38 -72.11 -97.43
C UNK M 851 -19.14 -71.96 -98.33
N UNK M 852 -18.56 -70.76 -98.36
CA UNK M 852 -17.39 -70.48 -99.18
C UNK M 852 -16.20 -71.40 -98.91
N UNK M 853 -16.02 -71.85 -97.68
CA UNK M 853 -14.89 -72.72 -97.35
C UNK M 853 -15.07 -74.14 -97.85
N UNK M 854 -16.30 -74.66 -97.76
CA UNK M 854 -16.59 -76.02 -98.19
C UNK M 854 -16.63 -76.22 -99.69
N UNK M 855 -16.74 -75.12 -100.43
CA UNK M 855 -16.78 -75.24 -101.88
C UNK M 855 -15.49 -75.91 -102.33
N UNK M 856 -15.63 -76.83 -103.28
CA UNK M 856 -14.50 -77.55 -103.83
C UNK M 856 -13.58 -76.56 -104.54
N UNK M 857 -8.91 -82.61 -103.74
CA UNK M 857 -8.26 -81.70 -104.65
C UNK M 857 -6.74 -81.63 -104.45
N UNK M 858 -6.09 -81.12 -105.50
CA UNK M 858 -4.65 -80.98 -105.55
C UNK M 858 -4.20 -79.63 -105.02
N UNK M 859 -5.12 -78.88 -104.43
CA UNK M 859 -4.72 -77.60 -103.92
C UNK M 859 -3.77 -77.77 -102.73
N UNK M 860 -4.04 -78.74 -101.87
CA UNK M 860 -3.16 -79.00 -100.72
C UNK M 860 -2.53 -80.37 -100.81
N UNK M 861 -1.21 -80.42 -100.76
CA UNK M 861 -0.50 -81.68 -100.85
C UNK M 861 0.38 -81.78 -99.63
N UNK M 862 1.09 -82.90 -99.55
CA UNK M 862 2.01 -83.16 -98.45
C UNK M 862 3.33 -82.70 -99.03
N UNK M 863 4.40 -82.78 -98.25
CA UNK M 863 5.69 -82.35 -98.76
C UNK M 863 6.46 -83.48 -99.48
N UNK M 864 5.82 -84.63 -99.58
CA UNK M 864 6.41 -85.75 -100.26
C UNK M 864 5.97 -85.67 -101.72
N UNK M 865 6.85 -85.14 -102.56
CA UNK M 865 6.58 -84.99 -103.98
C UNK M 865 7.82 -85.24 -104.81
N UNK M 866 7.62 -85.47 -106.09
CA UNK M 866 8.72 -85.66 -107.01
C UNK M 866 8.40 -84.92 -108.30
N UNK M 867 9.42 -84.24 -108.84
CA UNK M 867 9.27 -83.44 -110.04
C UNK M 867 10.11 -83.88 -111.24
N UNK M 868 9.55 -83.71 -112.43
CA UNK M 868 10.23 -84.06 -113.67
C UNK M 868 10.15 -82.91 -114.66
N UNK M 869 11.25 -82.18 -114.81
CA UNK M 869 11.33 -81.05 -115.72
C UNK M 869 11.56 -81.51 -117.16
N UNK M 870 10.48 -81.62 -117.95
CA UNK M 870 10.62 -82.07 -119.32
C UNK M 870 10.51 -80.96 -120.37
N UNK M 871 7.63 -78.28 -120.45
CA UNK M 871 6.82 -78.19 -119.23
C UNK M 871 7.41 -78.89 -117.99
N UNK M 872 6.74 -78.69 -116.85
CA UNK M 872 7.15 -79.29 -115.59
C UNK M 872 6.08 -80.26 -115.08
N UNK M 873 6.52 -81.34 -114.45
CA UNK M 873 5.62 -82.37 -113.92
C UNK M 873 5.87 -82.67 -112.44
N UNK M 874 4.80 -82.57 -111.65
CA UNK M 874 4.89 -82.82 -110.23
C UNK M 874 3.91 -83.92 -109.80
N UNK M 875 4.44 -84.96 -109.18
CA UNK M 875 3.63 -86.06 -108.69
C UNK M 875 3.68 -85.85 -107.18
N UNK M 876 2.52 -85.83 -106.53
CA UNK M 876 2.56 -85.57 -105.11
C UNK M 876 1.59 -86.38 -104.28
N UNK M 877 1.99 -86.66 -103.04
CA UNK M 877 1.16 -87.39 -102.09
C UNK M 877 0.06 -86.45 -101.61
N UNK M 878 -1.20 -86.76 -101.91
CA UNK M 878 -2.28 -85.89 -101.48
C UNK M 878 -2.32 -85.71 -99.96
N UNK M 879 -2.79 -84.55 -99.53
CA UNK M 879 -2.89 -84.23 -98.11
C UNK M 879 -3.86 -85.15 -97.36
N UNK M 880 -2.49 -89.59 -104.41
CA UNK M 880 -1.45 -88.74 -104.94
C UNK M 880 -1.95 -88.07 -106.21
N UNK M 881 -1.45 -86.88 -106.46
CA UNK M 881 -1.85 -86.09 -107.62
C UNK M 881 -0.76 -85.98 -108.69
N UNK M 882 -1.17 -86.13 -109.94
CA UNK M 882 -0.23 -85.99 -111.04
C UNK M 882 -0.46 -84.57 -111.52
N UNK M 883 0.29 -83.63 -110.94
CA UNK M 883 0.18 -82.21 -111.27
C UNK M 883 1.11 -81.78 -112.39
N UNK M 884 0.54 -81.24 -113.46
CA UNK M 884 1.31 -80.75 -114.58
C UNK M 884 1.39 -79.23 -114.49
N UNK M 885 2.52 -78.72 -114.01
CA UNK M 885 2.68 -77.28 -113.89
C UNK M 885 2.53 -76.68 -115.27
N UNK M 886 2.11 -75.42 -115.36
CA UNK M 886 1.91 -74.80 -116.67
C UNK M 886 0.72 -75.51 -117.33
N UNK M 887 -4.37 -79.46 -115.46
CA UNK M 887 -4.23 -80.91 -115.62
C UNK M 887 -3.80 -81.68 -114.37
N UNK M 888 -4.73 -81.80 -113.43
CA UNK M 888 -4.49 -82.53 -112.20
C UNK M 888 -5.22 -83.87 -112.30
N UNK M 889 -4.46 -84.94 -112.14
CA UNK M 889 -5.02 -86.28 -112.22
C UNK M 889 -4.79 -87.04 -110.94
N UNK M 890 -5.92 -87.43 -110.34
CA UNK M 890 -5.96 -88.13 -109.07
C UNK M 890 -5.87 -89.64 -109.21
N UNK M 891 -5.18 -90.23 -108.25
CA UNK M 891 -4.99 -91.66 -108.18
C UNK M 891 -5.21 -92.00 -106.71
N UNK M 892 -6.37 -92.57 -106.39
CA UNK M 892 -6.69 -92.95 -105.02
C UNK M 892 -5.79 -94.06 -104.51
N UNK M 893 -5.67 -94.18 -103.20
CA UNK M 893 -4.85 -95.23 -102.62
C UNK M 893 -4.81 -95.20 -101.11
N UNK M 894 -0.68 -93.18 -99.24
CA UNK M 894 0.71 -93.45 -99.51
C UNK M 894 1.58 -92.65 -98.56
N UNK M 895 2.87 -92.95 -98.55
CA UNK M 895 3.81 -92.25 -97.68
C UNK M 895 4.94 -91.59 -98.45
N UNK M 896 5.08 -91.96 -99.72
CA UNK M 896 6.14 -91.38 -100.53
C UNK M 896 5.83 -91.60 -101.99
N UNK M 897 6.30 -90.69 -102.83
CA UNK M 897 6.03 -90.78 -104.24
C UNK M 897 7.26 -91.10 -105.07
N UNK M 898 7.04 -91.30 -106.37
CA UNK M 898 8.13 -91.62 -107.28
C UNK M 898 7.67 -91.56 -108.74
N UNK M 899 8.47 -90.92 -109.60
CA UNK M 899 8.15 -90.80 -111.02
C UNK M 899 9.21 -91.45 -111.88
N UNK M 900 8.79 -92.30 -112.81
CA UNK M 900 9.73 -92.97 -113.69
C UNK M 900 10.01 -92.08 -114.86
N UNK M 901 11.28 -91.66 -115.04
CA UNK M 901 11.55 -90.79 -116.19
C UNK M 901 10.84 -91.37 -117.41
N UNK M 902 4.84 -94.42 -115.75
CA UNK M 902 4.76 -95.20 -114.51
C UNK M 902 4.98 -94.32 -113.30
N UNK M 903 4.23 -94.57 -112.23
CA UNK M 903 4.40 -93.83 -110.99
C UNK M 903 4.46 -94.90 -109.91
N UNK M 904 5.26 -94.69 -108.89
CA UNK M 904 5.35 -95.68 -107.83
C UNK M 904 5.17 -95.02 -106.47
N UNK M 905 4.72 -95.78 -105.49
CA UNK M 905 4.56 -95.17 -104.17
C UNK M 905 4.75 -96.03 -102.95
N UNK M 906 5.17 -95.37 -101.88
CA UNK M 906 5.40 -96.01 -100.62
C UNK M 906 4.09 -96.16 -99.87
N UNK M 907 4.10 -96.94 -98.81
CA UNK M 907 2.90 -97.19 -98.06
C UNK M 907 3.18 -97.12 -96.58
N UNK M 908 2.15 -96.82 -95.79
CA UNK M 908 2.30 -96.71 -94.34
C UNK M 908 2.70 -98.07 -93.76
N UNK M 909 3.87 -101.43 -98.01
CA UNK M 909 3.56 -101.85 -99.37
C UNK M 909 4.23 -101.00 -100.45
N UNK M 910 4.46 -101.61 -101.61
CA UNK M 910 5.08 -100.91 -102.75
C UNK M 910 4.22 -101.18 -103.99
N UNK M 911 3.91 -100.16 -104.76
CA UNK M 911 3.10 -100.34 -105.96
C UNK M 911 3.47 -99.44 -107.13
N UNK M 912 3.47 -100.02 -108.32
CA UNK M 912 3.76 -99.26 -109.52
C UNK M 912 2.44 -99.19 -110.24
N UNK M 913 2.10 -98.01 -110.75
CA UNK M 913 0.87 -97.84 -111.51
C UNK M 913 1.34 -97.39 -112.86
N UNK M 914 0.72 -97.86 -113.93
CA UNK M 914 1.15 -97.44 -115.24
C UNK M 914 0.17 -96.43 -115.82
N UNK M 915 0.65 -95.20 -115.94
CA UNK M 915 -0.14 -94.09 -116.44
C UNK M 915 -0.79 -94.26 -117.81
N UNK M 916 -0.03 -94.70 -118.83
CA UNK M 916 -0.65 -94.88 -120.14
C UNK M 916 -2.04 -95.48 -119.99
N UNK M 917 -2.17 -96.34 -118.99
CA UNK M 917 -3.44 -97.00 -118.72
C UNK M 917 -4.17 -96.33 -117.56
N UNK M 918 -4.28 -100.61 -114.42
CA UNK M 918 -3.43 -101.80 -114.27
C UNK M 918 -2.10 -101.44 -113.61
N UNK M 919 -1.84 -102.07 -112.47
CA UNK M 919 -0.61 -101.83 -111.70
C UNK M 919 -0.19 -103.14 -111.04
N UNK M 920 0.76 -103.04 -110.12
CA UNK M 920 1.47 -104.20 -109.59
C UNK M 920 1.86 -103.98 -108.11
N UNK M 921 2.02 -105.07 -107.36
CA UNK M 921 2.39 -104.97 -105.94
C UNK M 921 3.54 -105.89 -105.56
N UNK M 922 4.72 -105.31 -105.38
CA UNK M 922 5.88 -106.10 -105.02
C UNK M 922 6.10 -106.26 -103.53
N UNK M 923 5.72 -107.42 -103.00
CA UNK M 923 5.82 -107.77 -101.57
C UNK M 923 7.10 -107.50 -100.75
N UNK M 924 9.92 -95.01 -96.82
CA UNK M 924 10.51 -93.68 -96.87
C UNK M 924 10.89 -93.30 -98.29
N UNK M 925 12.17 -93.17 -98.58
CA UNK M 925 12.59 -92.81 -99.92
C UNK M 925 12.20 -93.95 -100.90
N UNK M 926 11.98 -93.65 -102.19
CA UNK M 926 11.61 -94.66 -103.21
C UNK M 926 11.89 -94.17 -104.62
N UNK M 927 12.74 -94.88 -105.36
CA UNK M 927 13.08 -94.42 -106.70
C UNK M 927 13.20 -95.51 -107.78
N UNK M 928 13.08 -95.09 -109.03
CA UNK M 928 13.19 -95.98 -110.18
C UNK M 928 14.65 -96.00 -110.62
N UNK M 929 15.04 -97.02 -111.37
CA UNK M 929 16.41 -97.12 -111.84
C UNK M 929 16.51 -96.19 -113.03
N UNK M 930 17.73 -95.90 -113.47
CA UNK M 930 17.94 -95.04 -114.63
C UNK M 930 16.87 -95.41 -115.69
N UNK M 931 12.95 -101.02 -108.89
CA UNK M 931 12.59 -99.98 -107.94
C UNK M 931 13.32 -100.06 -106.63
N UNK M 932 14.31 -99.20 -106.43
CA UNK M 932 15.01 -99.21 -105.15
C UNK M 932 14.13 -98.46 -104.14
N UNK M 933 14.06 -98.99 -102.93
CA UNK M 933 13.24 -98.37 -101.91
C UNK M 933 13.78 -98.67 -100.53
N UNK M 934 13.63 -97.71 -99.63
CA UNK M 934 14.09 -97.87 -98.27
C UNK M 934 12.96 -97.59 -97.31
N UNK M 935 13.11 -98.12 -96.11
CA UNK M 935 12.15 -97.91 -95.05
C UNK M 935 12.93 -97.60 -93.79
N UNK M 936 12.25 -97.73 -92.66
CA UNK M 936 12.81 -97.38 -91.36
C UNK M 936 13.59 -98.52 -90.71
N UNK M 937 14.23 -99.35 -91.53
CA UNK M 937 15.03 -100.46 -91.04
C UNK M 937 16.32 -100.51 -91.88
N UNK M 938 17.16 -101.53 -91.69
CA UNK M 938 18.44 -101.59 -92.42
C UNK M 938 18.54 -102.27 -93.80
N UNK M 939 17.43 -102.70 -94.38
CA UNK M 939 17.51 -103.33 -95.68
C UNK M 939 17.03 -102.37 -96.77
N UNK M 940 17.58 -102.48 -97.98
CA UNK M 940 17.14 -101.63 -99.09
C UNK M 940 16.60 -102.49 -100.24
N UNK M 941 15.29 -102.62 -100.34
CA UNK M 941 14.69 -103.41 -101.40
C UNK M 941 14.98 -102.99 -102.82
N UNK M 942 15.52 -103.92 -103.62
CA UNK M 942 15.81 -103.66 -105.03
C UNK M 942 14.93 -104.57 -105.87
N UNK M 943 13.65 -104.20 -105.94
CA UNK M 943 12.64 -104.97 -106.67
C UNK M 943 12.62 -104.72 -108.15
N UNK M 944 13.32 -105.58 -108.87
CA UNK M 944 13.36 -105.49 -110.32
C UNK M 944 12.01 -106.01 -110.82
N UNK M 945 10.98 -105.18 -110.66
CA UNK M 945 9.63 -105.52 -111.11
C UNK M 945 9.69 -105.90 -112.60
N UNK M 946 11.93 -110.41 -109.73
CA UNK M 946 13.19 -110.63 -109.04
C UNK M 946 13.39 -109.62 -107.94
N UNK M 947 14.21 -109.98 -106.95
CA UNK M 947 14.50 -109.11 -105.83
C UNK M 947 15.95 -109.21 -105.46
N UNK M 948 16.52 -108.08 -105.06
CA UNK M 948 17.89 -108.03 -104.62
C UNK M 948 17.80 -107.26 -103.31
N UNK M 949 18.25 -107.87 -102.23
CA UNK M 949 18.17 -107.25 -100.92
C UNK M 949 19.54 -106.81 -100.46
N UNK M 950 19.60 -105.66 -99.81
CA UNK M 950 20.86 -105.13 -99.32
C UNK M 950 20.79 -105.03 -97.80
N UNK M 951 21.21 -106.11 -97.12
CA UNK M 951 21.19 -106.13 -95.66
C UNK M 951 22.37 -105.35 -95.14
N UNK M 952 22.15 -104.05 -94.99
CA UNK M 952 23.18 -103.14 -94.51
C UNK M 952 23.57 -103.48 -93.09
N UNK M 953 22.66 -104.14 -92.39
CA UNK M 953 22.88 -104.53 -91.00
C UNK M 953 23.22 -103.29 -90.18
N UNK M 954 21.64 -99.54 -88.92
CA UNK M 954 20.58 -99.39 -87.92
C UNK M 954 19.31 -99.07 -88.70
N UNK M 955 19.44 -98.09 -89.60
CA UNK M 955 18.35 -97.65 -90.46
C UNK M 955 18.99 -96.83 -91.58
N UNK M 956 18.55 -97.09 -92.81
CA UNK M 956 19.05 -96.36 -93.94
C UNK M 956 18.46 -94.95 -93.85
N UNK M 957 19.31 -93.97 -93.58
CA UNK M 957 18.85 -92.58 -93.49
C UNK M 957 18.24 -92.26 -94.84
N UNK M 958 18.99 -92.54 -95.90
CA UNK M 958 18.51 -92.32 -97.26
C UNK M 958 19.51 -92.88 -98.25
N UNK M 959 19.21 -92.74 -99.54
CA UNK M 959 20.08 -93.26 -100.57
C UNK M 959 19.84 -92.53 -101.86
N UNK M 960 20.60 -92.90 -102.87
CA UNK M 960 20.45 -92.29 -104.19
C UNK M 960 21.18 -93.13 -105.24
N UNK M 961 20.56 -93.24 -106.41
CA UNK M 961 21.16 -93.99 -107.50
C UNK M 961 22.55 -93.47 -107.77
N UNK M 962 23.32 -94.20 -108.56
CA UNK M 962 24.67 -93.77 -108.88
C UNK M 962 25.00 -94.15 -110.31
N UNK M 963 24.60 -98.90 -112.30
CA UNK M 963 23.94 -99.84 -111.40
C UNK M 963 24.52 -99.83 -109.98
N UNK M 964 25.41 -98.89 -109.72
CA UNK M 964 25.99 -98.75 -108.39
C UNK M 964 25.05 -97.80 -107.62
N UNK M 965 24.96 -97.96 -106.29
CA UNK M 965 24.06 -97.11 -105.49
C UNK M 965 24.62 -96.69 -104.14
N UNK M 966 24.72 -95.38 -103.94
CA UNK M 966 25.24 -94.79 -102.72
C UNK M 966 24.22 -94.83 -101.57
N UNK M 967 24.65 -95.24 -100.38
CA UNK M 967 23.75 -95.35 -99.25
C UNK M 967 24.37 -94.98 -97.92
N UNK M 968 23.59 -94.28 -97.09
CA UNK M 968 24.02 -93.84 -95.78
C UNK M 968 22.95 -94.10 -94.73
N UNK M 969 23.37 -94.67 -93.62
CA UNK M 969 22.45 -94.96 -92.52
C UNK M 969 22.88 -94.00 -91.45
N UNK M 970 22.19 -94.00 -90.32
CA UNK M 970 22.62 -93.10 -89.27
C UNK M 970 23.44 -93.85 -88.23
N UNK M 971 24.55 -94.39 -88.74
CA UNK M 971 25.56 -95.12 -87.98
C UNK M 971 26.91 -94.63 -88.48
N UNK M 972 26.91 -93.43 -89.06
CA UNK M 972 28.10 -92.81 -89.58
C UNK M 972 28.63 -93.49 -90.82
N UNK M 973 27.98 -94.60 -91.18
CA UNK M 973 28.39 -95.37 -92.33
C UNK M 973 27.76 -94.93 -93.64
N UNK M 974 28.54 -95.04 -94.70
CA UNK M 974 28.15 -94.71 -96.06
C UNK M 974 28.65 -95.87 -96.88
N UNK M 975 27.77 -96.50 -97.65
CA UNK M 975 28.24 -97.62 -98.44
C UNK M 975 28.00 -97.41 -99.93
N UNK M 976 28.64 -98.24 -100.76
CA UNK M 976 28.50 -98.17 -102.22
C UNK M 976 28.05 -99.51 -102.81
N UNK M 977 26.79 -99.88 -102.58
CA UNK M 977 26.26 -101.14 -103.07
C UNK M 977 26.23 -101.26 -104.58
N UNK M 978 26.10 -102.50 -105.04
CA UNK M 978 26.01 -102.81 -106.45
C UNK M 978 24.66 -103.47 -106.61
N UNK M 979 23.81 -102.96 -107.48
CA UNK M 979 22.52 -103.61 -107.66
C UNK M 979 22.81 -104.80 -108.58
N UNK M 980 26.10 -106.39 -103.40
CA UNK M 980 27.44 -106.52 -102.89
C UNK M 980 28.05 -105.19 -102.49
N UNK M 981 28.38 -105.08 -101.20
CA UNK M 981 28.97 -103.88 -100.64
C UNK M 981 30.39 -103.67 -101.12
N UNK M 982 30.52 -103.03 -102.27
CA UNK M 982 31.84 -102.75 -102.81
C UNK M 982 32.62 -101.90 -101.80
N UNK M 983 32.13 -100.68 -101.54
CA UNK M 983 32.78 -99.79 -100.58
C UNK M 983 31.98 -99.64 -99.29
N UNK M 984 32.69 -99.33 -98.21
CA UNK M 984 32.07 -99.16 -96.90
C UNK M 984 32.92 -98.23 -96.03
N UNK M 985 32.36 -97.08 -95.65
CA UNK M 985 33.07 -96.09 -94.82
C UNK M 985 32.37 -95.87 -93.49
N UNK M 986 33.10 -95.33 -92.52
CA UNK M 986 32.54 -94.98 -91.21
C UNK M 986 33.01 -93.54 -91.04
N UNK M 987 32.50 -92.67 -91.92
CA UNK M 987 32.85 -91.26 -91.98
C UNK M 987 32.30 -90.32 -90.89
N UNK M 988 31.53 -90.83 -89.94
CA UNK M 988 30.98 -90.02 -88.85
C UNK M 988 30.64 -90.92 -87.68
N UNK M 989 30.71 -90.40 -86.47
CA UNK M 989 30.39 -91.19 -85.30
C UNK M 989 28.94 -91.01 -84.89
N UNK M 990 22.62 -85.63 -94.87
CA UNK M 990 22.64 -85.65 -96.33
C UNK M 990 24.07 -85.67 -96.85
N UNK M 991 24.26 -86.20 -98.05
CA UNK M 991 25.59 -86.28 -98.63
C UNK M 991 25.39 -86.48 -100.14
N UNK M 992 26.14 -85.74 -100.95
CA UNK M 992 25.98 -85.85 -102.39
C UNK M 992 27.28 -86.16 -103.11
N UNK M 993 27.17 -86.47 -104.40
CA UNK M 993 28.32 -86.79 -105.22
C UNK M 993 28.74 -85.57 -106.03
N UNK M 994 29.96 -85.64 -106.55
CA UNK M 994 30.51 -84.54 -107.35
C UNK M 994 29.99 -84.59 -108.77
N UNK M 995 33.22 -88.27 -110.38
CA UNK M 995 32.64 -88.90 -109.21
C UNK M 995 33.81 -89.07 -108.28
N UNK M 996 34.94 -88.49 -108.68
CA UNK M 996 36.14 -88.57 -107.87
C UNK M 996 35.79 -88.18 -106.44
N UNK M 997 34.78 -87.34 -106.31
CA UNK M 997 34.37 -86.84 -104.99
C UNK M 997 32.89 -87.11 -104.63
N UNK M 998 32.64 -87.35 -103.35
CA UNK M 998 31.29 -87.60 -102.84
C UNK M 998 31.35 -87.31 -101.33
N UNK M 999 30.86 -86.15 -100.93
CA UNK M 999 30.93 -85.80 -99.52
C UNK M 999 29.67 -85.99 -98.72
N UNK M 1000 29.85 -85.92 -97.40
CA UNK M 1000 28.80 -86.10 -96.41
C UNK M 1000 28.54 -84.86 -95.60
N UNK M 1001 27.62 -85.01 -94.63
CA UNK M 1001 27.21 -83.96 -93.72
C UNK M 1001 26.49 -84.71 -92.63
N UNK M 1002 26.82 -84.46 -91.37
CA UNK M 1002 26.14 -85.22 -90.32
C UNK M 1002 26.42 -84.72 -88.93
N UNK M 1003 30.24 -81.81 -88.71
CA UNK M 1003 30.83 -81.08 -89.83
C UNK M 1003 30.44 -81.71 -91.15
N UNK M 1004 31.22 -81.42 -92.19
CA UNK M 1004 30.99 -81.96 -93.52
C UNK M 1004 32.27 -82.57 -94.09
N UNK M 1005 32.55 -83.81 -93.68
CA UNK M 1005 33.72 -84.54 -94.14
C UNK M 1005 33.54 -84.92 -95.61
N UNK M 1006 34.49 -84.51 -96.44
CA UNK M 1006 34.44 -84.77 -97.87
C UNK M 1006 35.53 -85.77 -98.31
N UNK M 1007 35.17 -86.74 -99.15
CA UNK M 1007 36.16 -87.70 -99.61
C UNK M 1007 36.13 -88.13 -101.09
N UNK M 1008 36.91 -89.18 -101.41
CA UNK M 1008 37.06 -89.70 -102.78
C UNK M 1008 36.66 -91.15 -103.12
N UNK M 1009 39.14 -86.80 -96.85
CA UNK M 1009 40.16 -85.91 -97.40
C UNK M 1009 40.39 -84.79 -96.38
N UNK M 1010 39.31 -84.19 -95.87
CA UNK M 1010 39.43 -83.14 -94.85
C UNK M 1010 38.15 -82.76 -94.13
N UNK M 1011 38.22 -82.76 -92.79
CA UNK M 1011 37.10 -82.42 -91.92
C UNK M 1011 36.89 -80.90 -91.92
N UNK M 1012 35.64 -80.46 -92.18
CA UNK M 1012 35.28 -79.04 -92.23
C UNK M 1012 34.44 -78.62 -91.03
N UNK M 1013 35.06 -78.51 -89.86
CA UNK M 1013 34.34 -78.14 -88.65
C UNK M 1013 33.90 -76.68 -88.56
N UNK M 1014 33.28 -76.18 -89.62
CA UNK M 1014 32.83 -74.79 -89.62
C UNK M 1014 31.53 -74.52 -88.86
N UNK M 1015 30.45 -75.15 -89.32
CA UNK M 1015 29.12 -74.96 -88.73
C UNK M 1015 29.02 -75.22 -87.23
N UNK M 1016 28.28 -74.36 -86.53
CA UNK M 1016 28.10 -74.49 -85.09
C UNK M 1016 26.75 -75.16 -84.81
N UNK M 1017 25.19 -77.54 -86.94
CA UNK M 1017 25.24 -78.92 -87.46
C UNK M 1017 24.72 -79.01 -88.89
N UNK M 1018 25.57 -79.51 -89.80
CA UNK M 1018 25.19 -79.62 -91.19
C UNK M 1018 24.00 -80.53 -91.41
N UNK M 1019 23.23 -80.22 -92.44
CA UNK M 1019 22.04 -80.99 -92.77
C UNK M 1019 21.87 -81.18 -94.27
N UNK M 1020 22.73 -80.54 -95.05
CA UNK M 1020 22.67 -80.70 -96.50
C UNK M 1020 23.93 -80.14 -97.16
N UNK M 1021 24.09 -80.38 -98.45
CA UNK M 1021 25.25 -79.90 -99.19
C UNK M 1021 25.21 -80.29 -100.65
N UNK M 1022 26.03 -79.61 -101.45
CA UNK M 1022 26.10 -79.89 -102.87
C UNK M 1022 27.44 -79.42 -103.45
N UNK M 1023 27.82 -80.04 -104.56
CA UNK M 1023 29.07 -79.71 -105.23
C UNK M 1023 28.79 -78.80 -106.41
N UNK M 1024 29.67 -77.82 -106.62
CA UNK M 1024 29.51 -76.91 -107.74
C UNK M 1024 29.60 -77.78 -108.97
N UNK M 1025 28.79 -77.50 -109.99
CA UNK M 1025 28.79 -78.29 -111.21
C UNK M 1025 30.22 -78.27 -111.80
N UNK M 1026 33.65 -76.12 -105.52
CA UNK M 1026 33.03 -75.73 -104.26
C UNK M 1026 32.02 -76.74 -103.74
N UNK M 1027 31.84 -76.72 -102.43
CA UNK M 1027 30.92 -77.59 -101.75
C UNK M 1027 30.24 -76.74 -100.66
N UNK M 1028 28.99 -76.35 -100.92
CA UNK M 1028 28.21 -75.55 -99.98
C UNK M 1028 27.49 -76.48 -99.01
N UNK M 1029 27.51 -76.11 -97.74
CA UNK M 1029 26.89 -76.94 -96.73
C UNK M 1029 25.77 -76.25 -95.93
N UNK M 1030 24.73 -77.02 -95.63
CA UNK M 1030 23.58 -76.49 -94.92
C UNK M 1030 23.64 -76.66 -93.42
N UNK M 1031 23.54 -75.54 -92.72
CA UNK M 1031 23.57 -75.48 -91.27
C UNK M 1031 22.19 -75.63 -90.67
N UNK M 1032 22.15 -76.26 -89.50
CA UNK M 1032 20.90 -76.48 -88.79
C UNK M 1032 20.39 -75.16 -88.22
N UNK M 1033 21.23 -74.13 -88.27
CA UNK M 1033 20.86 -72.80 -87.78
C UNK M 1033 20.98 -71.75 -88.86
N UNK M 1034 20.32 -71.99 -89.97
CA UNK M 1034 20.33 -71.04 -91.06
C UNK M 1034 21.67 -70.60 -91.57
N UNK M 1035 22.75 -71.17 -91.04
CA UNK M 1035 24.08 -70.81 -91.50
C UNK M 1035 24.36 -71.59 -92.79
N UNK M 1036 25.40 -71.20 -93.50
CA UNK M 1036 25.72 -71.88 -94.73
C UNK M 1036 27.08 -71.27 -95.01
N UNK M 1037 28.09 -72.13 -95.01
CA UNK M 1037 29.44 -71.78 -95.45
C UNK M 1037 29.73 -72.42 -96.80
N UNK M 1038 30.52 -71.73 -97.61
CA UNK M 1038 30.92 -72.26 -98.90
C UNK M 1038 32.34 -72.76 -98.65
N UNK M 1039 32.65 -73.94 -99.17
CA UNK M 1039 33.99 -74.49 -99.01
C UNK M 1039 34.55 -74.75 -100.41
N UNK M 1040 35.85 -74.97 -100.51
CA UNK M 1040 36.49 -75.20 -101.81
C UNK M 1040 37.07 -76.60 -102.02
N UNK M 1041 34.19 -68.85 -97.96
CA UNK M 1041 33.42 -67.79 -97.31
C UNK M 1041 32.16 -68.35 -96.66
N UNK M 1042 31.77 -67.76 -95.54
CA UNK M 1042 30.58 -68.20 -94.81
C UNK M 1042 29.33 -67.31 -94.95
N UNK M 1043 28.88 -67.08 -96.18
CA UNK M 1043 27.69 -66.25 -96.40
C UNK M 1043 26.52 -66.89 -95.68
N UNK M 1044 26.13 -66.36 -94.53
CA UNK M 1044 25.01 -66.92 -93.77
C UNK M 1044 24.36 -66.02 -92.71
N UNK M 1045 23.59 -65.00 -93.14
CA UNK M 1045 22.91 -64.07 -92.21
C UNK M 1045 21.80 -64.74 -91.39
N UNK M 1046 16.59 -73.78 -89.93
CA UNK M 1046 17.15 -74.82 -90.76
C UNK M 1046 17.51 -74.30 -92.15
N UNK M 1047 18.22 -75.14 -92.90
CA UNK M 1047 18.62 -74.90 -94.28
C UNK M 1047 18.67 -76.31 -94.83
N UNK M 1048 17.53 -76.79 -95.27
CA UNK M 1048 17.43 -78.16 -95.74
C UNK M 1048 17.81 -78.42 -97.19
N UNK M 1049 18.53 -77.53 -97.83
CA UNK M 1049 18.88 -77.79 -99.22
C UNK M 1049 19.69 -76.67 -99.86
N UNK M 1050 20.50 -77.04 -100.85
CA UNK M 1050 21.32 -76.10 -101.60
C UNK M 1050 21.49 -76.65 -103.02
N UNK M 1051 22.02 -75.82 -103.90
CA UNK M 1051 22.24 -76.23 -105.29
C UNK M 1051 22.99 -75.08 -105.94
N UNK M 1052 24.11 -75.39 -106.58
CA UNK M 1052 24.82 -74.40 -107.35
C UNK M 1052 24.13 -74.31 -108.71
N UNK M 1053 24.42 -73.24 -109.43
CA UNK M 1053 23.84 -73.02 -110.75
C UNK M 1053 24.79 -73.61 -111.78
N UNK M 1054 24.34 -73.80 -113.03
CA UNK M 1054 25.32 -74.35 -113.95
C UNK M 1054 26.54 -73.43 -113.91
N UNK M 1055 26.33 -72.15 -114.22
CA UNK M 1055 27.39 -71.14 -114.21
C UNK M 1055 28.34 -71.18 -113.01
N UNK M 1056 27.98 -71.95 -111.99
CA UNK M 1056 28.81 -72.08 -110.78
C UNK M 1056 29.01 -70.74 -110.05
N UNK M 1057 28.03 -69.85 -110.17
CA UNK M 1057 28.11 -68.53 -109.53
C UNK M 1057 26.96 -68.23 -108.54
N UNK M 1058 25.75 -68.63 -108.92
CA UNK M 1058 24.57 -68.41 -108.07
C UNK M 1058 24.23 -69.67 -107.29
N UNK M 1059 24.14 -69.53 -105.97
CA UNK M 1059 23.79 -70.66 -105.12
C UNK M 1059 22.36 -70.45 -104.60
N UNK M 1060 21.48 -71.42 -104.88
CA UNK M 1060 20.10 -71.34 -104.40
C UNK M 1060 19.97 -72.08 -103.08
N UNK M 1061 19.22 -71.49 -102.15
CA UNK M 1061 19.06 -72.06 -100.82
C UNK M 1061 17.58 -72.22 -100.42
N UNK M 1062 17.29 -73.20 -99.57
CA UNK M 1062 15.92 -73.43 -99.12
C UNK M 1062 15.87 -73.96 -97.70
N UNK M 1063 12.51 -70.58 -96.10
CA UNK M 1063 12.10 -69.96 -97.36
C UNK M 1063 13.26 -70.05 -98.34
N UNK M 1064 13.00 -69.76 -99.60
CA UNK M 1064 14.03 -69.79 -100.62
C UNK M 1064 14.89 -68.53 -100.48
N UNK M 1065 16.12 -68.56 -101.01
CA UNK M 1065 17.01 -67.41 -100.87
C UNK M 1065 18.21 -67.65 -101.77
N UNK M 1066 18.40 -66.79 -102.76
CA UNK M 1066 19.54 -66.91 -103.68
C UNK M 1066 20.76 -66.13 -103.19
N UNK M 1067 21.95 -66.56 -103.61
CA UNK M 1067 23.19 -65.89 -103.21
C UNK M 1067 24.17 -65.62 -104.35
N UNK M 1068 25.31 -65.03 -103.99
CA UNK M 1068 26.38 -64.68 -104.92
C UNK M 1068 27.69 -65.29 -104.47
N UNK M 1069 28.24 -66.20 -105.28
CA UNK M 1069 29.50 -66.87 -104.98
C UNK M 1069 30.59 -65.84 -104.64
N UNK M 1070 9.54 -65.54 -100.27
CA UNK M 1070 9.03 -65.91 -98.97
C UNK M 1070 7.76 -66.73 -99.26
N UNK M 1071 7.76 -67.96 -98.80
CA UNK M 1071 6.61 -68.83 -99.00
C UNK M 1071 5.75 -68.68 -97.75
N UNK M 1072 4.44 -68.74 -97.92
CA UNK M 1072 3.52 -68.64 -96.80
C UNK M 1072 4.03 -69.52 -95.65
N UNK M 1073 4.33 -70.77 -95.97
CA UNK M 1073 4.83 -71.70 -94.97
C UNK M 1073 6.33 -71.77 -94.90
N UNK M 1074 6.82 -72.57 -93.98
CA UNK M 1074 8.26 -72.74 -93.81
C UNK M 1074 8.64 -74.20 -93.86
N UNK M 1075 9.81 -74.48 -93.30
CA UNK M 1075 10.35 -75.82 -93.23
C UNK M 1075 10.20 -76.55 -94.54
N UNK M 1076 10.85 -76.01 -95.57
CA UNK M 1076 10.79 -76.63 -96.87
C UNK M 1076 11.80 -77.77 -96.77
N UNK M 1077 11.85 -78.63 -97.79
CA UNK M 1077 12.83 -79.71 -97.82
C UNK M 1077 13.92 -79.73 -98.87
N UNK M 1078 13.57 -80.15 -100.09
CA UNK M 1078 14.50 -80.20 -101.19
C UNK M 1078 13.94 -79.37 -102.33
N UNK M 1079 14.67 -78.32 -102.72
CA UNK M 1079 14.14 -77.37 -103.68
C UNK M 1079 14.49 -78.02 -105.01
N UNK M 1080 13.55 -78.09 -105.94
CA UNK M 1080 13.84 -78.69 -107.22
C UNK M 1080 14.20 -77.68 -108.30
N UNK M 1081 15.48 -77.38 -108.45
CA UNK M 1081 15.92 -76.44 -109.48
C UNK M 1081 15.87 -77.24 -110.78
N UNK M 1082 16.06 -76.60 -111.91
CA UNK M 1082 16.04 -77.32 -113.18
C UNK M 1082 17.32 -77.07 -113.98
N UNK M 1083 17.39 -77.61 -115.21
CA UNK M 1083 18.58 -77.40 -116.02
C UNK M 1083 18.87 -75.90 -116.23
N UNK M 1084 17.93 -75.22 -116.90
CA UNK M 1084 18.06 -73.79 -117.18
C UNK M 1084 18.17 -72.92 -115.94
N UNK M 1085 17.96 -73.49 -114.75
CA UNK M 1085 18.02 -72.74 -113.48
C UNK M 1085 17.00 -71.59 -113.56
N UNK M 1086 15.94 -71.83 -114.32
CA UNK M 1086 14.90 -70.84 -114.58
C UNK M 1086 13.51 -71.38 -114.21
N UNK M 1087 13.48 -72.40 -113.34
CA UNK M 1087 12.22 -73.01 -112.89
C UNK M 1087 12.50 -73.66 -111.55
N UNK M 1088 11.59 -73.50 -110.60
CA UNK M 1088 11.78 -74.07 -109.28
C UNK M 1088 10.48 -74.66 -108.77
N UNK M 1089 10.57 -75.73 -108.00
CA UNK M 1089 9.37 -76.36 -107.43
C UNK M 1089 9.63 -76.76 -106.00
N UNK M 1090 8.67 -76.50 -105.14
CA UNK M 1090 8.81 -76.85 -103.74
C UNK M 1090 7.45 -76.93 -103.07
N UNK M 1091 7.44 -77.28 -101.80
CA UNK M 1091 6.20 -77.42 -101.06
C UNK M 1091 6.43 -77.13 -99.60
N UNK M 1092 5.71 -76.15 -99.06
CA UNK M 1092 5.86 -75.77 -97.65
C UNK M 1092 4.94 -76.58 -96.76
N UNK M 1093 5.18 -76.54 -95.46
CA UNK M 1093 4.34 -77.30 -94.53
C UNK M 1093 2.90 -76.84 -94.52
N UNK M 1094 2.57 -75.90 -95.40
CA UNK M 1094 1.20 -75.46 -95.48
C UNK M 1094 0.58 -76.24 -96.62
N UNK M 1095 1.38 -77.16 -97.19
CA UNK M 1095 0.90 -77.99 -98.27
C UNK M 1095 0.66 -77.23 -99.55
N UNK M 1096 1.32 -76.10 -99.68
CA UNK M 1096 1.16 -75.28 -100.86
C UNK M 1096 2.23 -75.66 -101.88
N UNK M 1097 1.81 -75.88 -103.12
CA UNK M 1097 2.73 -76.27 -104.18
C UNK M 1097 3.30 -75.07 -104.97
N UNK M 1098 4.54 -74.71 -104.67
CA UNK M 1098 5.15 -73.58 -105.37
C UNK M 1098 5.93 -74.01 -106.61
N UNK M 1099 5.47 -73.57 -107.78
CA UNK M 1099 6.16 -73.84 -109.03
C UNK M 1099 6.58 -72.46 -109.56
N UNK M 1100 7.74 -71.99 -109.12
CA UNK M 1100 8.25 -70.69 -109.51
C UNK M 1100 9.01 -70.78 -110.84
N UNK M 1101 9.21 -69.64 -111.50
CA UNK M 1101 9.90 -69.64 -112.78
C UNK M 1101 10.30 -68.24 -113.26
N MET N 10 -10.52 -46.06 -31.02
CA MET N 10 -9.68 -46.01 -29.83
C MET N 10 -8.48 -45.08 -30.09
N PRO N 11 -7.63 -44.84 -29.07
CA PRO N 11 -6.45 -43.98 -29.29
C PRO N 11 -5.55 -44.28 -30.50
N LYS N 12 -4.67 -43.33 -30.79
CA LYS N 12 -3.72 -43.42 -31.90
C LYS N 12 -2.63 -44.45 -31.60
N ARG N 13 -1.98 -44.30 -30.46
CA ARG N 13 -0.89 -45.21 -30.06
C ARG N 13 -1.34 -46.68 -29.95
N HIS N 14 -2.62 -46.95 -30.20
CA HIS N 14 -3.14 -48.31 -30.19
C HIS N 14 -3.19 -48.90 -31.58
N ARG N 15 -3.71 -48.15 -32.55
CA ARG N 15 -3.73 -48.60 -33.93
C ARG N 15 -2.33 -48.88 -34.46
N GLU N 16 -1.37 -48.05 -34.06
CA GLU N 16 0.02 -48.23 -34.46
C GLU N 16 0.59 -49.51 -33.90
N HIS N 17 0.18 -49.83 -32.68
CA HIS N 17 0.60 -51.06 -32.02
C HIS N 17 0.27 -52.32 -32.81
N ILE N 18 -1.01 -52.61 -32.92
CA ILE N 18 -1.48 -53.79 -33.64
C ILE N 18 -1.12 -53.70 -35.12
N ARG N 19 -0.83 -52.48 -35.59
CA ARG N 19 -0.48 -52.27 -36.98
C ARG N 19 0.87 -52.91 -37.32
N LYS N 20 1.92 -52.45 -36.66
CA LYS N 20 3.26 -52.98 -36.89
C LYS N 20 3.38 -54.40 -36.35
N ASN N 21 2.75 -54.65 -35.21
CA ASN N 21 2.78 -55.97 -34.59
C ASN N 21 1.61 -56.85 -35.01
N LEU N 22 1.24 -56.74 -36.28
CA LEU N 22 0.13 -57.52 -36.83
C LEU N 22 0.60 -58.90 -37.28
N ASN N 23 1.91 -59.14 -37.20
CA ASN N 23 2.48 -60.42 -37.59
C ASN N 23 2.53 -61.41 -36.45
N ILE N 24 3.04 -60.94 -35.32
CA ILE N 24 3.13 -61.76 -34.13
C ILE N 24 1.73 -62.19 -33.72
N LEU N 25 0.80 -61.24 -33.77
CA LEU N 25 -0.57 -61.51 -33.33
C LEU N 25 -1.31 -62.42 -34.31
N VAL N 26 -0.90 -62.35 -35.58
CA VAL N 26 -1.52 -63.16 -36.63
C VAL N 26 -0.87 -64.53 -36.65
N GLU N 27 0.20 -64.67 -35.87
CA GLU N 27 0.94 -65.92 -35.87
C GLU N 27 0.57 -66.79 -34.70
N TRP N 28 0.71 -66.26 -33.48
CA TRP N 28 0.59 -67.11 -32.30
C TRP N 28 -0.86 -67.57 -31.99
N THR N 29 -1.86 -66.74 -32.30
CA THR N 29 -3.27 -67.10 -32.07
C THR N 29 -3.84 -67.91 -33.23
N ASN N 30 -4.28 -69.16 -32.99
CA ASN N 30 -5.18 -69.84 -33.93
C ASN N 30 -6.31 -68.94 -34.42
N TYR N 31 -6.65 -69.02 -35.70
CA TYR N 31 -7.62 -68.10 -36.27
C TYR N 31 -9.06 -68.58 -36.06
N GLU N 32 -9.28 -69.88 -36.22
CA GLU N 32 -10.57 -70.49 -35.96
C GLU N 32 -10.99 -70.12 -34.55
N ARG N 33 -10.08 -70.45 -33.63
CA ARG N 33 -10.27 -70.26 -32.21
C ARG N 33 -10.37 -68.79 -31.89
N LEU N 34 -9.93 -67.94 -32.81
CA LEU N 34 -10.02 -66.52 -32.61
C LEU N 34 -11.28 -65.98 -33.27
N ALA N 35 -11.41 -66.12 -34.59
CA ALA N 35 -12.59 -65.63 -35.30
C ALA N 35 -13.91 -66.02 -34.62
N MET N 36 -14.12 -67.32 -34.49
CA MET N 36 -15.37 -67.83 -33.95
C MET N 36 -15.61 -67.33 -32.51
N GLU N 37 -14.54 -66.87 -31.86
CA GLU N 37 -14.58 -66.34 -30.49
C GLU N 37 -14.77 -64.81 -30.41
N CYS N 38 -14.14 -64.11 -31.35
CA CYS N 38 -14.17 -62.66 -31.41
C CYS N 38 -15.59 -62.24 -31.76
N VAL N 39 -16.13 -62.86 -32.78
CA VAL N 39 -17.48 -62.55 -33.17
C VAL N 39 -18.29 -62.90 -31.93
N GLN N 40 -17.90 -64.03 -31.38
CA GLN N 40 -18.52 -64.65 -30.23
C GLN N 40 -18.33 -63.73 -29.05
N GLN N 41 -17.19 -63.07 -29.01
CA GLN N 41 -16.86 -62.15 -27.92
C GLN N 41 -17.81 -60.96 -27.65
N GLY N 42 -18.51 -60.43 -28.65
CA GLY N 42 -19.17 -59.17 -28.41
C GLY N 42 -18.58 -58.04 -29.23
N ILE N 43 -18.05 -58.38 -30.39
CA ILE N 43 -17.54 -57.41 -31.34
C ILE N 43 -18.18 -57.30 -32.73
N LEU N 44 -17.79 -58.18 -33.63
CA LEU N 44 -18.29 -58.18 -35.00
C LEU N 44 -19.49 -59.11 -35.10
N THR N 45 -19.91 -59.40 -36.33
CA THR N 45 -21.16 -60.12 -36.56
C THR N 45 -21.06 -61.01 -37.80
N VAL N 46 -22.07 -61.85 -38.00
CA VAL N 46 -22.10 -62.74 -39.15
C VAL N 46 -21.72 -62.01 -40.43
N GLN N 47 -21.93 -60.70 -40.44
CA GLN N 47 -21.62 -59.88 -41.61
C GLN N 47 -20.15 -59.45 -41.59
N MET N 48 -19.73 -58.88 -40.47
CA MET N 48 -18.35 -58.41 -40.31
C MET N 48 -17.36 -59.54 -40.59
N LEU N 49 -17.34 -60.53 -39.71
CA LEU N 49 -16.46 -61.67 -39.85
C LEU N 49 -16.50 -62.27 -41.26
N ARG N 50 -17.65 -62.27 -41.92
CA ARG N 50 -17.69 -62.75 -43.31
C ARG N 50 -16.72 -61.96 -44.19
N ASN N 51 -16.90 -60.65 -44.20
CA ASN N 51 -16.12 -59.76 -45.06
C ASN N 51 -14.65 -59.73 -44.66
N THR N 52 -14.39 -60.01 -43.38
CA THR N 52 -13.02 -60.06 -42.88
C THR N 52 -12.33 -61.38 -43.18
N GLN N 53 -12.96 -62.48 -42.77
CA GLN N 53 -12.62 -63.85 -43.14
C GLN N 53 -12.58 -64.07 -44.64
N ASP N 54 -13.49 -63.49 -45.39
CA ASP N 54 -13.29 -63.56 -46.82
C ASP N 54 -12.42 -62.36 -47.19
N LEU N 55 -12.16 -62.18 -48.48
CA LEU N 55 -11.19 -61.19 -48.96
C LEU N 55 -11.75 -60.62 -50.24
N ASN N 56 -10.90 -60.08 -51.09
CA ASN N 56 -11.39 -59.42 -52.30
C ASN N 56 -11.92 -60.41 -53.33
N GLY N 57 -11.29 -61.59 -53.39
CA GLY N 57 -11.63 -62.58 -54.38
C GLY N 57 -10.43 -62.91 -55.24
N LYS N 58 -9.65 -61.89 -55.58
CA LYS N 58 -8.36 -62.09 -56.25
C LYS N 58 -7.36 -62.93 -55.44
N PRO N 59 -7.44 -62.88 -54.12
CA PRO N 59 -6.54 -63.63 -53.25
C PRO N 59 -6.34 -65.06 -53.75
N PHE N 60 -7.19 -65.49 -54.67
CA PHE N 60 -7.11 -66.84 -55.23
C PHE N 60 -5.77 -67.07 -55.92
N ASN N 61 -5.17 -66.00 -56.37
CA ASN N 61 -3.90 -66.16 -57.03
C ASN N 61 -2.95 -66.78 -56.00
N MET N 62 -3.28 -66.49 -54.76
CA MET N 62 -2.42 -66.79 -53.65
C MET N 62 -2.61 -68.18 -53.06
N ASP N 63 -1.48 -68.82 -52.83
CA ASP N 63 -1.46 -70.20 -52.37
C ASP N 63 -2.01 -70.26 -50.97
N GLU N 64 -2.41 -71.49 -50.64
CA GLU N 64 -3.02 -71.85 -49.38
C GLU N 64 -2.26 -71.28 -48.21
N LYS N 65 -0.96 -71.58 -48.08
CA LYS N 65 -0.32 -71.05 -46.88
C LYS N 65 -0.74 -69.63 -46.55
N ASP N 66 -0.98 -68.83 -47.60
CA ASP N 66 -0.85 -67.38 -47.47
C ASP N 66 -2.20 -66.66 -47.43
N VAL N 67 -3.28 -67.42 -47.47
CA VAL N 67 -4.62 -66.83 -47.45
C VAL N 67 -5.19 -66.79 -46.04
N ARG N 68 -5.01 -67.88 -45.30
CA ARG N 68 -5.36 -67.91 -43.88
C ARG N 68 -4.60 -66.86 -43.07
N VAL N 69 -3.33 -66.66 -43.41
CA VAL N 69 -2.51 -65.67 -42.73
C VAL N 69 -3.01 -64.26 -43.03
N GLU N 70 -3.44 -64.05 -44.27
CA GLU N 70 -4.00 -62.78 -44.69
C GLU N 70 -5.32 -62.50 -43.99
N GLN N 71 -6.19 -63.51 -44.02
CA GLN N 71 -7.44 -63.52 -43.27
C GLN N 71 -7.28 -63.06 -41.83
N HIS N 72 -6.47 -63.84 -41.13
CA HIS N 72 -6.16 -63.63 -39.73
C HIS N 72 -5.61 -62.21 -39.54
N ARG N 73 -4.84 -61.75 -40.54
CA ARG N 73 -4.30 -60.39 -40.51
C ARG N 73 -5.37 -59.35 -40.84
N ARG N 74 -6.47 -59.80 -41.40
CA ARG N 74 -7.54 -58.89 -41.78
C ARG N 74 -8.42 -58.74 -40.57
N LEU N 75 -8.31 -59.70 -39.65
CA LEU N 75 -9.17 -59.71 -38.48
C LEU N 75 -8.82 -58.59 -37.53
N LEU N 76 -7.58 -58.58 -37.10
CA LEU N 76 -7.11 -57.61 -36.14
C LEU N 76 -7.32 -56.20 -36.64
N LEU N 77 -7.24 -56.01 -37.96
CA LEU N 77 -7.50 -54.72 -38.57
C LEU N 77 -8.95 -54.26 -38.33
N LYS N 78 -9.87 -55.19 -38.40
CA LYS N 78 -11.27 -54.86 -38.13
C LYS N 78 -11.52 -54.72 -36.63
N ILE N 79 -10.79 -55.49 -35.83
CA ILE N 79 -10.93 -55.42 -34.37
C ILE N 79 -10.45 -54.07 -33.85
N THR N 80 -9.36 -53.62 -34.43
CA THR N 80 -8.78 -52.32 -34.22
C THR N 80 -9.80 -51.34 -34.68
N GLN N 81 -10.59 -51.71 -35.66
CA GLN N 81 -11.56 -50.75 -36.17
C GLN N 81 -12.54 -50.37 -35.12
N ARG N 82 -12.71 -51.20 -34.13
CA ARG N 82 -13.85 -51.07 -33.26
C ARG N 82 -13.75 -50.04 -32.18
N GLY N 83 -14.76 -50.04 -31.32
CA GLY N 83 -14.87 -49.09 -30.24
C GLY N 83 -13.81 -49.20 -29.17
N PRO N 84 -13.69 -48.07 -28.35
CA PRO N 84 -12.40 -47.98 -27.67
C PRO N 84 -12.05 -49.15 -26.79
N THR N 85 -13.00 -49.97 -26.41
CA THR N 85 -12.65 -51.14 -25.62
C THR N 85 -11.71 -52.02 -26.47
N ALA N 86 -11.77 -51.84 -27.75
CA ALA N 86 -11.23 -52.83 -28.69
C ALA N 86 -9.97 -53.42 -28.08
N TYR N 87 -9.21 -52.59 -27.39
CA TYR N 87 -8.07 -53.09 -26.67
C TYR N 87 -8.56 -54.08 -25.63
N ASN N 88 -9.28 -53.55 -24.65
CA ASN N 88 -9.74 -54.36 -23.54
C ASN N 88 -10.57 -55.55 -23.99
N LEU N 89 -11.19 -55.45 -25.17
CA LEU N 89 -11.93 -56.56 -25.75
C LEU N 89 -10.96 -57.63 -26.25
N LEU N 90 -9.95 -57.21 -27.00
CA LEU N 90 -9.09 -58.15 -27.69
C LEU N 90 -8.15 -58.84 -26.70
N ILE N 91 -7.70 -58.08 -25.71
CA ILE N 91 -6.79 -58.61 -24.70
C ILE N 91 -7.43 -59.77 -23.97
N ASN N 92 -8.74 -59.67 -23.74
CA ASN N 92 -9.47 -60.70 -22.99
C ASN N 92 -9.81 -61.87 -23.88
N ALA N 93 -10.33 -61.54 -25.06
CA ALA N 93 -10.65 -62.58 -26.03
C ALA N 93 -9.41 -63.45 -26.21
N LEU N 94 -8.26 -62.81 -26.34
CA LEU N 94 -7.00 -63.52 -26.52
C LEU N 94 -6.53 -64.19 -25.23
N ARG N 95 -6.91 -63.62 -24.09
CA ARG N 95 -6.66 -64.29 -22.81
C ARG N 95 -7.35 -65.65 -22.80
N ASN N 96 -8.45 -65.76 -23.54
CA ASN N 96 -9.18 -67.03 -23.63
C ASN N 96 -8.67 -67.94 -24.74
N ILE N 97 -8.42 -67.38 -25.94
CA ILE N 97 -7.77 -68.13 -27.03
C ILE N 97 -6.52 -68.88 -26.54
N ASN N 98 -5.97 -68.45 -25.40
CA ASN N 98 -4.85 -69.08 -24.71
C ASN N 98 -3.58 -68.77 -25.47
N CYS N 99 -3.61 -67.63 -26.14
CA CYS N 99 -2.41 -67.05 -26.72
C CYS N 99 -1.87 -65.94 -25.80
N LEU N 100 -1.71 -66.25 -24.52
CA LEU N 100 -1.20 -65.34 -23.50
C LEU N 100 0.04 -64.57 -23.97
N ASP N 101 0.96 -65.25 -24.64
CA ASP N 101 2.16 -64.61 -25.19
C ASP N 101 1.93 -63.54 -26.26
N ALA N 102 0.66 -63.29 -26.62
CA ALA N 102 0.32 -62.20 -27.52
C ALA N 102 -0.61 -61.26 -26.77
N ALA N 103 -1.31 -61.78 -25.77
CA ALA N 103 -2.10 -60.92 -24.90
C ALA N 103 -1.14 -59.96 -24.20
N VAL N 104 0.00 -60.51 -23.81
CA VAL N 104 1.06 -59.69 -23.25
C VAL N 104 1.44 -58.67 -24.32
N LEU N 105 1.78 -59.13 -25.51
CA LEU N 105 2.20 -58.25 -26.58
C LEU N 105 1.26 -57.04 -26.73
N LEU N 106 -0.03 -57.34 -26.75
CA LEU N 106 -1.07 -56.35 -26.96
C LEU N 106 -1.33 -55.47 -25.73
N GLU N 107 -0.86 -55.90 -24.57
CA GLU N 107 -1.13 -55.18 -23.33
C GLU N 107 0.08 -54.39 -22.79
N SER N 108 1.25 -55.01 -22.85
CA SER N 108 2.50 -54.51 -22.29
C SER N 108 2.93 -53.13 -22.75
N VAL N 109 2.62 -52.80 -24.00
CA VAL N 109 2.79 -51.43 -24.49
C VAL N 109 2.11 -50.35 -23.65
N ASP N 110 1.18 -50.76 -22.80
CA ASP N 110 0.57 -49.83 -21.86
C ASP N 110 1.26 -50.06 -20.53
N GLU N 111 0.70 -49.51 -19.47
CA GLU N 111 1.23 -49.67 -18.11
C GLU N 111 2.56 -48.93 -17.94
N TYR O 10 -48.63 -1.31 -20.13
CA TYR O 10 -48.72 -2.62 -20.77
C TYR O 10 -50.06 -3.29 -20.48
N GLN O 11 -50.83 -3.55 -21.54
CA GLN O 11 -52.13 -4.19 -21.41
C GLN O 11 -52.01 -5.71 -21.50
N TYR O 12 -53.15 -6.37 -21.70
CA TYR O 12 -53.18 -7.82 -21.79
C TYR O 12 -53.17 -8.26 -23.25
N LYS O 13 -53.37 -7.32 -24.16
CA LYS O 13 -53.40 -7.61 -25.60
C LYS O 13 -51.98 -7.74 -26.15
N ASP O 14 -50.99 -7.39 -25.33
CA ASP O 14 -49.59 -7.46 -25.73
C ASP O 14 -48.83 -8.49 -24.90
N ILE O 15 -49.19 -8.58 -23.62
CA ILE O 15 -48.53 -9.53 -22.72
C ILE O 15 -49.06 -10.94 -22.99
N LEU O 16 -49.93 -11.10 -23.98
CA LEU O 16 -50.48 -12.41 -24.29
C LEU O 16 -49.58 -13.19 -25.24
N SER O 17 -49.14 -12.55 -26.31
CA SER O 17 -48.32 -13.24 -27.30
C SER O 17 -46.97 -13.62 -26.73
N VAL O 18 -46.65 -13.06 -25.56
CA VAL O 18 -45.39 -13.31 -24.88
C VAL O 18 -45.22 -14.77 -24.46
N PHE O 19 -46.23 -15.32 -23.80
CA PHE O 19 -46.15 -16.72 -23.40
C PHE O 19 -46.99 -17.61 -24.31
N GLU O 20 -46.67 -17.58 -25.60
CA GLU O 20 -47.37 -18.39 -26.57
C GLU O 20 -46.77 -19.80 -26.66
N ASP O 21 -45.53 -19.95 -26.19
CA ASP O 21 -44.90 -21.28 -26.22
C ASP O 21 -45.60 -22.20 -25.23
N ALA O 22 -46.20 -21.59 -24.21
CA ALA O 22 -46.87 -22.35 -23.17
C ALA O 22 -48.29 -22.65 -23.59
N PHE O 23 -48.92 -21.67 -24.23
CA PHE O 23 -50.30 -21.77 -24.64
C PHE O 23 -50.54 -22.92 -25.64
N VAL O 24 -49.46 -23.55 -26.09
CA VAL O 24 -49.56 -24.68 -27.01
C VAL O 24 -49.26 -25.98 -26.27
N ASP O 25 -48.70 -25.84 -25.08
CA ASP O 25 -48.35 -26.97 -24.23
C ASP O 25 -49.59 -27.44 -23.48
N ASN O 26 -50.10 -26.55 -22.64
CA ASN O 26 -51.11 -26.94 -21.68
C ASN O 26 -52.47 -26.26 -21.86
N PHE O 27 -52.80 -25.85 -23.08
CA PHE O 27 -54.08 -25.20 -23.32
C PHE O 27 -54.72 -25.60 -24.65
N ASP O 28 -55.99 -25.99 -24.59
CA ASP O 28 -56.86 -25.92 -25.75
C ASP O 28 -58.27 -25.59 -25.30
N CYS O 29 -58.94 -24.77 -26.09
CA CYS O 29 -60.28 -24.26 -25.76
C CYS O 29 -61.36 -25.33 -25.71
N LYS O 30 -60.96 -26.60 -25.81
CA LYS O 30 -61.91 -27.70 -25.66
C LYS O 30 -62.55 -27.61 -24.28
N ASP O 31 -61.84 -26.98 -23.35
CA ASP O 31 -62.37 -26.74 -22.02
C ASP O 31 -63.03 -25.37 -21.96
N VAL O 32 -62.68 -24.50 -22.90
CA VAL O 32 -63.25 -23.16 -22.97
C VAL O 32 -64.53 -23.15 -23.81
N GLN O 33 -65.53 -23.90 -23.36
CA GLN O 33 -66.80 -23.98 -24.08
C GLN O 33 -67.93 -23.38 -23.25
N ASP O 34 -67.60 -22.39 -22.43
CA ASP O 34 -68.59 -21.73 -21.58
C ASP O 34 -68.06 -20.39 -21.06
N MET O 35 -68.10 -19.38 -21.91
CA MET O 35 -67.62 -18.05 -21.54
C MET O 35 -68.61 -16.99 -22.02
N PRO O 36 -68.34 -15.70 -21.74
CA PRO O 36 -69.23 -14.72 -22.39
C PRO O 36 -69.10 -14.74 -23.91
N LYS O 37 -70.23 -14.82 -24.61
CA LYS O 37 -70.26 -14.72 -26.06
C LYS O 37 -69.68 -13.39 -26.51
N SER O 38 -69.65 -12.44 -25.58
CA SER O 38 -69.02 -11.15 -25.82
C SER O 38 -67.52 -11.27 -26.04
N ILE O 39 -66.95 -12.42 -25.70
CA ILE O 39 -65.51 -12.54 -25.63
C ILE O 39 -65.04 -13.29 -26.87
N LEU O 40 -65.70 -14.39 -27.14
CA LEU O 40 -65.43 -15.13 -28.38
C LEU O 40 -66.71 -15.50 -29.09
N SER O 41 -66.70 -15.49 -30.41
CA SER O 41 -67.90 -15.82 -31.18
C SER O 41 -68.24 -17.31 -31.07
N LYS O 42 -69.50 -17.62 -30.74
CA LYS O 42 -69.90 -18.99 -30.63
C LYS O 42 -69.41 -19.67 -31.89
N GLU O 43 -69.51 -18.96 -33.00
CA GLU O 43 -69.07 -19.48 -34.29
C GLU O 43 -67.56 -19.27 -34.45
N GLU O 44 -67.05 -18.20 -33.86
CA GLU O 44 -65.62 -17.90 -33.92
C GLU O 44 -64.82 -18.88 -33.07
N ILE O 45 -65.47 -19.37 -32.03
CA ILE O 45 -64.88 -20.33 -31.10
C ILE O 45 -64.82 -21.69 -31.75
N ASP O 46 -65.87 -22.08 -32.47
CA ASP O 46 -65.80 -23.38 -33.12
C ASP O 46 -64.67 -23.31 -34.10
N HIS O 47 -64.55 -22.12 -34.68
CA HIS O 47 -63.49 -21.77 -35.62
C HIS O 47 -62.14 -22.05 -34.99
N ILE O 48 -61.95 -21.54 -33.79
CA ILE O 48 -60.71 -21.73 -33.04
C ILE O 48 -60.62 -23.17 -32.56
N ILE O 49 -61.67 -23.66 -31.92
CA ILE O 49 -61.67 -25.05 -31.51
C ILE O 49 -61.58 -25.89 -32.77
N MET O 50 -61.72 -25.20 -33.88
CA MET O 50 -61.97 -25.83 -35.14
C MET O 50 -60.82 -26.77 -35.35
N SER O 51 -59.68 -26.28 -34.88
CA SER O 51 -58.61 -27.08 -34.33
C SER O 51 -58.00 -28.17 -35.18
N LYS O 52 -57.59 -27.81 -36.38
CA LYS O 52 -56.88 -28.76 -37.18
C LYS O 52 -55.59 -29.09 -36.44
N ASP O 53 -54.95 -28.09 -35.86
CA ASP O 53 -53.69 -28.32 -35.13
C ASP O 53 -53.53 -27.62 -33.79
N ALA O 54 -52.82 -28.25 -32.89
CA ALA O 54 -52.64 -27.68 -31.58
C ALA O 54 -51.94 -26.36 -31.78
N VAL O 55 -51.00 -26.27 -32.69
CA VAL O 55 -50.28 -25.01 -32.86
C VAL O 55 -51.18 -24.05 -33.61
N SER O 56 -51.80 -24.54 -34.68
CA SER O 56 -52.64 -23.67 -35.48
C SER O 56 -53.86 -23.21 -34.69
N GLY O 57 -54.46 -24.11 -33.92
CA GLY O 57 -55.67 -23.77 -33.20
C GLY O 57 -55.40 -22.70 -32.17
N THR O 58 -54.30 -22.86 -31.45
CA THR O 58 -53.91 -21.94 -30.38
C THR O 58 -53.58 -20.61 -31.03
N LEU O 59 -52.90 -20.66 -32.16
CA LEU O 59 -52.49 -19.44 -32.82
C LEU O 59 -53.77 -18.76 -33.25
N ARG O 60 -54.71 -19.59 -33.69
CA ARG O 60 -56.00 -19.15 -34.17
C ARG O 60 -56.74 -18.45 -33.05
N LEU O 61 -56.55 -18.90 -31.82
CA LEU O 61 -57.19 -18.20 -30.75
C LEU O 61 -56.52 -16.89 -30.44
N PHE O 62 -55.20 -16.83 -30.43
CA PHE O 62 -54.65 -15.52 -30.10
C PHE O 62 -54.97 -14.53 -31.21
N TRP O 63 -54.88 -14.98 -32.46
CA TRP O 63 -55.13 -14.07 -33.56
C TRP O 63 -56.53 -13.49 -33.54
N THR O 64 -57.53 -14.35 -33.42
CA THR O 64 -58.89 -13.82 -33.44
C THR O 64 -59.16 -12.94 -32.23
N LEU O 65 -58.69 -13.36 -31.07
CA LEU O 65 -58.96 -12.64 -29.82
C LEU O 65 -58.27 -11.29 -29.76
N LEU O 66 -57.05 -11.21 -30.31
CA LEU O 66 -56.25 -9.98 -30.27
C LEU O 66 -57.05 -8.82 -30.91
N SER O 67 -58.00 -9.23 -31.74
CA SER O 67 -58.88 -8.36 -32.51
C SER O 67 -59.92 -7.57 -31.68
N LYS O 68 -60.16 -8.01 -30.44
CA LYS O 68 -61.18 -7.44 -29.54
C LYS O 68 -60.62 -6.35 -28.63
N GLN O 69 -61.46 -5.71 -27.81
CA GLN O 69 -61.02 -4.60 -26.97
C GLN O 69 -60.32 -5.07 -25.69
N GLU O 70 -59.69 -4.15 -24.97
CA GLU O 70 -59.03 -4.51 -23.72
C GLU O 70 -59.87 -5.23 -22.65
N GLU O 71 -61.06 -4.74 -22.43
CA GLU O 71 -61.88 -5.40 -21.46
C GLU O 71 -62.18 -6.77 -21.97
N MET O 72 -62.41 -6.82 -23.29
CA MET O 72 -62.88 -8.02 -23.96
C MET O 72 -61.97 -9.17 -23.63
N VAL O 73 -60.67 -8.96 -23.78
CA VAL O 73 -59.72 -9.99 -23.42
C VAL O 73 -59.73 -10.32 -21.94
N GLN O 74 -59.69 -9.28 -21.11
CA GLN O 74 -59.42 -9.41 -19.70
C GLN O 74 -60.46 -10.23 -19.05
N LYS O 75 -61.68 -10.08 -19.51
CA LYS O 75 -62.71 -10.91 -18.99
C LYS O 75 -62.22 -12.31 -19.31
N PHE O 76 -61.64 -12.48 -20.49
CA PHE O 76 -61.06 -13.74 -20.86
C PHE O 76 -59.90 -14.14 -19.97
N VAL O 77 -59.00 -13.22 -19.69
CA VAL O 77 -57.84 -13.56 -18.88
C VAL O 77 -58.24 -13.81 -17.45
N GLU O 78 -59.39 -13.28 -17.07
CA GLU O 78 -59.78 -13.38 -15.69
C GLU O 78 -60.86 -14.40 -15.50
N GLU O 79 -62.07 -14.05 -15.83
CA GLU O 79 -63.19 -14.90 -15.49
C GLU O 79 -63.18 -16.27 -16.15
N VAL O 80 -62.88 -16.31 -17.44
CA VAL O 80 -62.93 -17.56 -18.19
C VAL O 80 -61.77 -18.53 -17.95
N LEU O 81 -60.55 -17.98 -17.90
CA LEU O 81 -59.36 -18.81 -17.81
C LEU O 81 -58.93 -19.08 -16.39
N ARG O 82 -59.80 -18.74 -15.42
CA ARG O 82 -59.46 -18.99 -14.04
C ARG O 82 -60.22 -20.19 -13.47
N ILE O 83 -61.16 -20.69 -14.23
CA ILE O 83 -61.92 -21.79 -13.74
C ILE O 83 -60.99 -22.97 -13.66
N ASN O 84 -60.32 -23.28 -14.75
CA ASN O 84 -59.48 -24.46 -14.81
C ASN O 84 -58.00 -24.24 -15.00
N TYR O 85 -57.66 -23.35 -15.93
CA TYR O 85 -56.30 -23.11 -16.27
C TYR O 85 -55.72 -22.08 -15.35
N LYS O 86 -55.57 -22.46 -14.11
CA LYS O 86 -55.11 -21.53 -13.12
C LYS O 86 -53.72 -21.10 -13.53
N PHE O 87 -52.88 -22.06 -13.85
CA PHE O 87 -51.46 -21.79 -13.88
C PHE O 87 -51.18 -20.73 -14.91
N LEU O 88 -51.87 -20.77 -16.04
CA LEU O 88 -51.55 -19.82 -17.07
C LEU O 88 -51.80 -18.47 -16.51
N MET O 89 -52.93 -18.34 -15.86
CA MET O 89 -53.40 -17.06 -15.46
C MET O 89 -52.36 -16.50 -14.54
N SER O 90 -51.82 -17.36 -13.69
CA SER O 90 -50.87 -16.89 -12.73
C SER O 90 -49.69 -16.34 -13.45
N PRO O 91 -49.25 -17.03 -14.60
CA PRO O 91 -48.13 -16.37 -15.26
C PRO O 91 -48.62 -15.07 -15.77
N ILE O 92 -49.80 -15.04 -16.38
CA ILE O 92 -50.20 -13.80 -17.04
C ILE O 92 -50.35 -12.65 -16.05
N LYS O 93 -51.02 -12.92 -14.95
CA LYS O 93 -51.32 -11.82 -14.09
C LYS O 93 -49.99 -11.17 -13.88
N THR O 94 -48.95 -11.97 -13.85
CA THR O 94 -47.68 -11.44 -13.55
C THR O 94 -47.39 -10.48 -14.64
N GLU O 95 -47.73 -10.82 -15.88
CA GLU O 95 -47.25 -9.98 -16.97
C GLU O 95 -47.80 -8.49 -16.98
N GLN O 96 -49.10 -8.29 -17.07
CA GLN O 96 -49.69 -6.92 -17.05
C GLN O 96 -49.18 -6.07 -15.91
N ARG O 97 -49.01 -6.69 -14.74
CA ARG O 97 -48.32 -6.03 -13.70
C ARG O 97 -46.86 -5.99 -14.02
N GLN O 98 -46.41 -6.93 -14.83
CA GLN O 98 -44.98 -6.98 -15.11
C GLN O 98 -44.37 -7.28 -16.45
N PRO O 99 -43.40 -6.47 -16.79
CA PRO O 99 -42.68 -6.77 -18.01
C PRO O 99 -41.22 -7.13 -17.81
N SER O 100 -40.80 -8.31 -18.24
CA SER O 100 -39.40 -8.72 -18.13
C SER O 100 -38.59 -7.95 -19.16
N MET O 101 -37.28 -7.81 -18.96
CA MET O 101 -36.55 -7.00 -19.92
C MET O 101 -36.90 -7.49 -21.33
N MET O 102 -36.89 -8.79 -21.54
CA MET O 102 -37.21 -9.34 -22.86
C MET O 102 -38.64 -9.02 -23.31
N THR O 103 -39.61 -9.29 -22.46
CA THR O 103 -40.96 -9.14 -22.92
C THR O 103 -41.16 -7.72 -23.29
N ARG O 104 -40.94 -6.85 -22.34
CA ARG O 104 -41.12 -5.48 -22.68
C ARG O 104 -40.16 -5.24 -23.80
N MET O 105 -39.01 -5.91 -23.80
CA MET O 105 -38.00 -5.61 -24.77
C MET O 105 -38.61 -5.84 -26.12
N TYR O 106 -39.32 -6.93 -26.29
CA TYR O 106 -39.98 -7.17 -27.57
C TYR O 106 -41.08 -6.16 -27.76
N ILE O 107 -41.83 -6.03 -26.68
CA ILE O 107 -43.16 -5.53 -26.77
C ILE O 107 -43.10 -4.17 -27.36
N GLU O 108 -42.01 -3.48 -27.11
CA GLU O 108 -41.78 -2.27 -27.85
C GLU O 108 -41.56 -2.53 -29.33
N GLN O 109 -40.82 -3.56 -29.72
CA GLN O 109 -40.53 -3.71 -31.13
C GLN O 109 -41.83 -3.92 -31.86
N ARG O 110 -42.69 -4.72 -31.28
CA ARG O 110 -43.91 -5.01 -32.02
C ARG O 110 -44.54 -3.67 -32.37
N ASP O 111 -44.55 -2.77 -31.40
CA ASP O 111 -45.18 -1.47 -31.59
C ASP O 111 -44.42 -0.79 -32.71
N ARG O 112 -43.11 -0.98 -32.64
CA ARG O 112 -42.25 -0.33 -33.60
C ARG O 112 -42.64 -0.87 -34.97
N LEU O 113 -42.88 -2.18 -35.11
CA LEU O 113 -43.21 -2.74 -36.40
C LEU O 113 -44.60 -2.29 -36.91
N TYR O 114 -45.59 -2.14 -36.02
CA TYR O 114 -46.89 -1.67 -36.48
C TYR O 114 -46.69 -0.28 -37.04
N ASN O 115 -45.96 0.51 -36.28
CA ASN O 115 -45.71 1.91 -36.57
C ASN O 115 -44.91 2.27 -37.77
N ASP O 116 -43.79 1.62 -38.01
CA ASP O 116 -43.08 1.90 -39.24
C ASP O 116 -43.95 1.43 -40.38
N ASN O 117 -44.54 0.25 -40.19
CA ASN O 117 -45.31 -0.34 -41.23
C ASN O 117 -46.65 -0.32 -40.64
N GLN O 118 -47.61 0.21 -41.38
CA GLN O 118 -48.91 0.57 -40.81
C GLN O 118 -50.14 -0.14 -41.33
N VAL O 119 -50.40 0.01 -42.62
CA VAL O 119 -51.69 -0.25 -43.23
C VAL O 119 -51.88 -1.69 -42.96
N PHE O 120 -50.76 -2.30 -42.61
CA PHE O 120 -50.76 -3.59 -42.02
C PHE O 120 -51.36 -3.46 -40.66
N ALA O 121 -51.06 -2.41 -39.95
CA ALA O 121 -51.48 -2.42 -38.57
C ALA O 121 -52.96 -2.63 -38.55
N LYS O 122 -53.61 -1.95 -39.49
CA LYS O 122 -55.03 -1.66 -39.56
C LYS O 122 -55.72 -2.52 -40.63
N TYR O 123 -54.94 -3.25 -41.40
CA TYR O 123 -55.52 -4.00 -42.50
C TYR O 123 -55.07 -5.45 -42.62
N ASN O 124 -54.29 -5.94 -41.66
CA ASN O 124 -53.80 -7.34 -41.68
C ASN O 124 -54.90 -8.40 -41.68
N VAL O 125 -54.57 -9.61 -42.11
CA VAL O 125 -55.54 -10.71 -41.97
C VAL O 125 -54.90 -11.99 -41.40
N SER O 126 -55.62 -12.61 -40.46
CA SER O 126 -55.23 -13.91 -39.94
C SER O 126 -54.98 -14.86 -41.10
N ARG O 127 -53.74 -15.29 -41.24
CA ARG O 127 -53.35 -16.17 -42.34
C ARG O 127 -52.52 -17.34 -41.81
N LEU O 128 -53.08 -18.53 -41.71
CA LEU O 128 -52.35 -19.65 -41.10
C LEU O 128 -51.20 -20.23 -41.90
N GLN O 129 -51.57 -20.74 -43.07
CA GLN O 129 -50.76 -21.61 -43.90
C GLN O 129 -49.38 -21.05 -44.09
N PRO O 130 -49.28 -19.87 -44.70
CA PRO O 130 -47.95 -19.34 -44.95
C PRO O 130 -47.25 -18.86 -43.69
N TYR O 131 -48.06 -18.41 -42.74
CA TYR O 131 -47.56 -17.90 -41.49
C TYR O 131 -46.77 -18.95 -40.73
N LEU O 132 -47.36 -20.13 -40.65
CA LEU O 132 -46.74 -21.27 -39.97
C LEU O 132 -45.60 -21.86 -40.77
N LYS O 133 -45.72 -21.85 -42.10
CA LYS O 133 -44.64 -22.44 -42.92
C LYS O 133 -43.41 -21.55 -42.71
N LEU O 134 -43.63 -20.24 -42.80
CA LEU O 134 -42.56 -19.27 -42.70
C LEU O 134 -41.93 -19.21 -41.31
N ARG O 135 -42.74 -19.37 -40.28
CA ARG O 135 -42.27 -19.28 -38.90
C ARG O 135 -41.49 -20.53 -38.54
N GLN O 136 -41.79 -21.62 -39.26
CA GLN O 136 -41.11 -22.87 -39.07
C GLN O 136 -39.75 -22.79 -39.74
N ALA O 137 -39.75 -22.29 -40.98
CA ALA O 137 -38.51 -22.20 -41.77
C ALA O 137 -37.54 -21.22 -41.14
N LEU O 138 -38.15 -20.15 -40.68
CA LEU O 138 -37.46 -19.03 -40.12
C LEU O 138 -36.64 -19.43 -38.92
N LEU O 139 -37.23 -20.18 -38.01
CA LEU O 139 -36.55 -20.55 -36.78
C LEU O 139 -35.29 -21.36 -37.05
N GLU O 140 -35.37 -22.37 -37.90
CA GLU O 140 -34.19 -23.20 -38.05
C GLU O 140 -33.09 -22.37 -38.68
N LEU O 141 -33.51 -21.41 -39.51
CA LEU O 141 -32.62 -20.64 -40.38
C LEU O 141 -31.35 -20.18 -39.68
N ARG O 142 -30.20 -20.63 -40.18
CA ARG O 142 -28.92 -20.47 -39.47
C ARG O 142 -28.37 -19.04 -39.56
N PRO O 143 -27.27 -18.77 -38.86
CA PRO O 143 -26.71 -17.41 -38.94
C PRO O 143 -26.20 -17.02 -40.33
N ALA O 144 -26.09 -17.96 -41.26
CA ALA O 144 -25.67 -17.57 -42.59
C ALA O 144 -26.55 -18.16 -43.68
N LYS O 145 -27.78 -18.54 -43.36
CA LYS O 145 -28.62 -19.08 -44.43
C LYS O 145 -29.67 -18.08 -44.93
N ASN O 146 -30.54 -18.47 -45.84
CA ASN O 146 -31.54 -17.51 -46.22
C ASN O 146 -32.80 -18.10 -46.77
N VAL O 147 -33.86 -17.77 -46.08
CA VAL O 147 -35.21 -18.27 -46.27
C VAL O 147 -35.99 -17.33 -47.19
N LEU O 148 -36.16 -17.74 -48.44
CA LEU O 148 -36.83 -16.90 -49.45
C LEU O 148 -38.29 -17.27 -49.62
N ILE O 149 -39.08 -16.30 -50.07
CA ILE O 149 -40.50 -16.50 -50.32
C ILE O 149 -40.91 -15.74 -51.59
N ASP O 150 -41.53 -16.46 -52.52
CA ASP O 150 -41.94 -15.87 -53.80
C ASP O 150 -43.27 -16.39 -54.32
N GLY O 151 -44.12 -15.44 -54.72
CA GLY O 151 -45.40 -15.72 -55.33
C GLY O 151 -45.76 -14.70 -56.40
N VAL O 152 -47.02 -14.75 -56.85
CA VAL O 152 -47.55 -13.87 -57.89
C VAL O 152 -47.53 -12.41 -57.39
N LEU O 153 -47.52 -11.43 -58.28
CA LEU O 153 -47.51 -10.05 -57.80
C LEU O 153 -48.76 -9.82 -56.97
N GLY O 154 -48.55 -9.27 -55.78
CA GLY O 154 -49.68 -8.94 -54.93
C GLY O 154 -50.12 -10.20 -54.24
N SER O 155 -49.17 -10.99 -53.75
CA SER O 155 -49.57 -12.22 -53.09
C SER O 155 -49.73 -12.19 -51.59
N GLY O 156 -49.16 -11.18 -50.95
CA GLY O 156 -49.23 -11.04 -49.51
C GLY O 156 -47.91 -11.56 -48.99
N LYS O 157 -46.90 -11.55 -49.85
CA LYS O 157 -45.57 -12.03 -49.49
C LYS O 157 -44.98 -11.24 -48.32
N THR O 158 -45.07 -9.92 -48.40
CA THR O 158 -44.51 -9.06 -47.38
C THR O 158 -45.39 -9.08 -46.14
N TRP O 159 -46.72 -9.07 -46.30
CA TRP O 159 -47.61 -9.12 -45.14
C TRP O 159 -47.36 -10.43 -44.39
N VAL O 160 -47.33 -11.58 -45.06
CA VAL O 160 -47.14 -12.84 -44.34
C VAL O 160 -45.83 -12.73 -43.57
N ALA O 161 -44.81 -12.17 -44.24
CA ALA O 161 -43.49 -12.07 -43.65
C ALA O 161 -43.56 -11.17 -42.40
N LEU O 162 -44.30 -10.08 -42.53
CA LEU O 162 -44.40 -9.15 -41.44
C LEU O 162 -45.07 -9.86 -40.28
N ASP O 163 -46.17 -10.56 -40.56
CA ASP O 163 -46.93 -11.18 -39.50
C ASP O 163 -46.07 -12.18 -38.76
N VAL O 164 -45.28 -12.95 -39.50
CA VAL O 164 -44.44 -13.95 -38.88
C VAL O 164 -43.42 -13.22 -38.00
N CYS O 165 -42.83 -12.18 -38.56
CA CYS O 165 -41.76 -11.51 -37.89
C CYS O 165 -42.29 -10.50 -36.89
N LEU O 166 -43.58 -10.27 -36.84
CA LEU O 166 -44.05 -9.60 -35.70
C LEU O 166 -43.81 -10.60 -34.58
N SER O 167 -44.34 -11.79 -34.80
CA SER O 167 -44.47 -12.84 -33.80
C SER O 167 -43.36 -13.11 -32.81
N TYR O 168 -43.68 -13.05 -31.52
CA TYR O 168 -42.66 -13.06 -30.52
C TYR O 168 -41.69 -14.21 -30.69
N LYS O 169 -42.24 -15.41 -30.86
CA LYS O 169 -41.42 -16.62 -30.95
C LYS O 169 -40.32 -16.52 -32.00
N VAL O 170 -40.66 -15.85 -33.08
CA VAL O 170 -39.78 -15.63 -34.19
C VAL O 170 -39.09 -14.33 -34.09
N GLN O 171 -39.19 -13.67 -32.96
CA GLN O 171 -38.35 -12.54 -32.79
C GLN O 171 -37.21 -12.85 -31.91
N CYS O 172 -37.53 -13.24 -30.67
CA CYS O 172 -36.53 -13.50 -29.65
C CYS O 172 -35.41 -14.36 -30.21
N LYS O 173 -35.80 -15.27 -31.11
CA LYS O 173 -34.85 -16.14 -31.78
C LYS O 173 -33.90 -15.29 -32.60
N MET O 174 -34.40 -14.15 -33.08
CA MET O 174 -33.56 -13.23 -33.79
C MET O 174 -33.25 -12.02 -32.96
N ASP O 175 -33.59 -12.10 -31.70
CA ASP O 175 -33.12 -11.11 -30.74
C ASP O 175 -33.41 -9.71 -31.16
N PHE O 176 -34.57 -9.50 -31.72
CA PHE O 176 -35.11 -8.19 -31.80
C PHE O 176 -34.23 -7.27 -32.60
N LYS O 177 -33.64 -7.78 -33.67
CA LYS O 177 -32.89 -6.92 -34.56
C LYS O 177 -33.25 -7.22 -36.01
N ILE O 178 -34.48 -6.92 -36.41
CA ILE O 178 -34.86 -7.21 -37.79
C ILE O 178 -34.89 -6.00 -38.67
N PHE O 179 -34.01 -5.98 -39.66
CA PHE O 179 -33.89 -4.84 -40.51
C PHE O 179 -34.65 -5.11 -41.77
N TRP O 180 -35.63 -4.27 -42.00
CA TRP O 180 -36.48 -4.34 -43.16
C TRP O 180 -36.09 -3.33 -44.21
N LEU O 181 -35.85 -3.81 -45.43
CA LEU O 181 -35.58 -2.86 -46.51
C LEU O 181 -36.29 -3.30 -47.77
N ASN O 182 -36.78 -2.36 -48.57
CA ASN O 182 -37.43 -2.76 -49.82
C ASN O 182 -36.52 -2.54 -51.02
N LEU O 183 -36.06 -3.60 -51.68
CA LEU O 183 -35.18 -3.36 -52.81
C LEU O 183 -35.99 -2.75 -53.94
N LYS O 184 -36.53 -1.55 -53.94
CA LYS O 184 -37.09 -1.25 -55.25
C LYS O 184 -35.95 -0.78 -56.05
N ASN O 185 -36.11 -0.69 -57.34
CA ASN O 185 -35.14 0.12 -57.96
C ASN O 185 -33.94 -0.29 -57.19
N CYS O 186 -33.50 -1.52 -57.44
CA CYS O 186 -32.33 -2.07 -56.77
C CYS O 186 -31.36 -2.69 -57.76
N ASN O 187 -31.83 -2.91 -58.99
CA ASN O 187 -31.01 -3.51 -60.03
C ASN O 187 -30.08 -2.48 -60.68
N SER O 188 -29.32 -1.78 -59.84
CA SER O 188 -28.38 -0.77 -60.33
C SER O 188 -27.27 -0.51 -59.30
N PRO O 189 -26.00 -0.28 -59.85
CA PRO O 189 -24.97 -0.03 -58.82
C PRO O 189 -25.37 1.11 -57.87
N GLU O 190 -26.41 1.86 -58.25
CA GLU O 190 -26.88 2.97 -57.44
C GLU O 190 -27.73 2.47 -56.27
N THR O 191 -28.22 1.24 -56.37
CA THR O 191 -29.04 0.65 -55.32
C THR O 191 -28.19 0.18 -54.15
N VAL O 192 -27.18 -0.62 -54.44
CA VAL O 192 -26.29 -1.15 -53.41
C VAL O 192 -25.87 -0.05 -52.43
N LEU O 193 -25.16 0.95 -52.94
CA LEU O 193 -24.70 2.06 -52.11
C LEU O 193 -25.84 2.67 -51.31
N GLU O 194 -26.82 3.24 -52.01
CA GLU O 194 -27.97 3.86 -51.36
C GLU O 194 -28.51 2.98 -50.25
N MET O 195 -28.89 1.75 -50.60
CA MET O 195 -29.42 0.81 -49.63
C MET O 195 -28.42 0.36 -48.59
N LEU O 196 -27.21 0.05 -49.04
CA LEU O 196 -26.15 -0.41 -48.16
C LEU O 196 -25.80 0.74 -47.26
N GLN O 197 -26.16 1.94 -47.70
CA GLN O 197 -25.99 3.11 -46.89
C GLN O 197 -27.13 3.01 -45.89
N LYS O 198 -28.33 2.68 -46.37
CA LYS O 198 -29.44 2.60 -45.43
C LYS O 198 -29.29 1.51 -44.36
N LEU O 199 -28.69 0.37 -44.71
CA LEU O 199 -28.54 -0.73 -43.76
C LEU O 199 -27.55 -0.38 -42.65
N LEU O 200 -26.51 0.36 -43.02
CA LEU O 200 -25.52 0.82 -42.05
C LEU O 200 -26.23 1.80 -41.15
N TYR O 201 -26.93 2.73 -41.79
CA TYR O 201 -27.87 3.60 -41.10
C TYR O 201 -28.69 2.89 -40.01
N GLN O 202 -29.36 1.77 -40.30
CA GLN O 202 -30.23 1.28 -39.28
C GLN O 202 -29.34 0.85 -38.20
N ILE O 203 -28.49 -0.13 -38.45
CA ILE O 203 -27.56 -0.63 -37.43
C ILE O 203 -27.07 0.45 -36.47
N ASP O 204 -26.38 1.45 -37.02
CA ASP O 204 -25.85 2.55 -36.22
C ASP O 204 -25.54 3.75 -37.11
N PRO O 205 -25.55 4.94 -36.53
CA PRO O 205 -25.25 6.15 -37.30
C PRO O 205 -23.79 6.57 -37.16
N ASN O 206 -22.88 5.83 -37.77
CA ASN O 206 -21.46 6.17 -37.69
C ASN O 206 -20.65 5.55 -38.83
N TRP O 207 -20.17 6.37 -39.75
CA TRP O 207 -19.31 5.82 -40.78
C TRP O 207 -18.19 6.73 -41.23
N THR O 208 -17.00 6.16 -41.29
CA THR O 208 -15.82 6.90 -41.69
C THR O 208 -15.88 6.87 -43.20
N SER O 209 -16.64 7.79 -43.74
CA SER O 209 -16.91 7.80 -45.15
C SER O 209 -15.74 8.44 -45.89
N ARG O 210 -14.63 8.57 -45.17
CA ARG O 210 -13.40 9.05 -45.77
C ARG O 210 -12.84 7.99 -46.73
N SER O 211 -13.34 6.76 -46.63
CA SER O 211 -12.87 5.72 -47.50
C SER O 211 -13.42 5.98 -48.90
N ASP O 212 -14.31 6.96 -49.00
CA ASP O 212 -14.97 7.17 -50.27
C ASP O 212 -13.98 7.63 -51.33
N HIS O 213 -13.98 6.88 -52.41
CA HIS O 213 -13.08 7.00 -53.50
C HIS O 213 -14.09 6.87 -54.59
N SER O 214 -14.06 7.81 -55.53
CA SER O 214 -15.17 7.98 -56.48
C SER O 214 -14.89 7.44 -57.87
N SER O 215 -13.83 6.66 -58.00
CA SER O 215 -13.51 6.01 -59.26
C SER O 215 -14.52 4.89 -59.49
N ASN O 216 -14.95 4.27 -58.40
CA ASN O 216 -15.95 3.21 -58.47
C ASN O 216 -17.03 3.35 -57.40
N ILE O 217 -18.21 3.79 -57.84
CA ILE O 217 -19.38 3.66 -57.03
C ILE O 217 -19.48 2.16 -56.83
N LYS O 218 -18.67 1.41 -57.54
CA LYS O 218 -18.73 -0.03 -57.44
C LYS O 218 -17.73 -0.57 -56.45
N LEU O 219 -16.47 -0.16 -56.61
CA LEU O 219 -15.41 -0.58 -55.69
C LEU O 219 -15.72 -0.12 -54.27
N ARG O 220 -16.35 1.05 -54.15
CA ARG O 220 -16.71 1.60 -52.86
C ARG O 220 -17.83 0.77 -52.30
N ILE O 221 -18.63 0.23 -53.20
CA ILE O 221 -19.79 -0.53 -52.81
C ILE O 221 -19.27 -1.68 -52.00
N HIS O 222 -18.13 -2.21 -52.43
CA HIS O 222 -17.56 -3.29 -51.69
C HIS O 222 -17.18 -2.83 -50.30
N SER O 223 -16.61 -1.64 -50.21
CA SER O 223 -16.11 -1.20 -48.91
C SER O 223 -17.28 -1.17 -47.97
N ILE O 224 -18.38 -0.62 -48.43
CA ILE O 224 -19.50 -0.44 -47.49
C ILE O 224 -19.77 -1.86 -46.93
N GLN O 225 -19.75 -2.85 -47.80
CA GLN O 225 -19.98 -4.24 -47.39
C GLN O 225 -18.93 -4.69 -46.38
N ALA O 226 -17.67 -4.34 -46.65
CA ALA O 226 -16.57 -4.71 -45.76
C ALA O 226 -16.84 -4.21 -44.34
N GLU O 227 -17.29 -2.97 -44.23
CA GLU O 227 -17.60 -2.38 -42.94
C GLU O 227 -18.83 -3.03 -42.32
N LEU O 228 -19.82 -3.34 -43.15
CA LEU O 228 -21.03 -3.98 -42.70
C LEU O 228 -20.75 -5.39 -42.16
N ARG O 229 -19.91 -6.13 -42.88
CA ARG O 229 -19.54 -7.47 -42.48
C ARG O 229 -18.83 -7.46 -41.13
N ARG O 230 -17.98 -6.46 -40.93
CA ARG O 230 -17.25 -6.32 -39.69
C ARG O 230 -18.21 -6.13 -38.53
N LEU O 231 -19.18 -5.21 -38.70
CA LEU O 231 -20.12 -4.92 -37.62
C LEU O 231 -21.12 -6.01 -37.25
N LEU O 232 -21.63 -6.78 -38.22
CA LEU O 232 -22.60 -7.82 -37.84
C LEU O 232 -22.06 -8.94 -36.95
N LYS O 233 -20.89 -9.46 -37.21
CA LYS O 233 -20.48 -10.51 -36.34
C LYS O 233 -19.96 -9.75 -35.15
N SER O 234 -20.74 -8.76 -34.76
CA SER O 234 -20.48 -8.07 -33.51
C SER O 234 -21.30 -8.82 -32.53
N LYS O 235 -21.29 -8.41 -31.27
CA LYS O 235 -22.14 -9.05 -30.31
C LYS O 235 -23.50 -8.41 -30.13
N PRO O 236 -23.66 -7.13 -30.70
CA PRO O 236 -25.00 -6.56 -30.47
C PRO O 236 -25.97 -7.46 -31.16
N TYR O 237 -25.55 -7.92 -32.34
CA TYR O 237 -26.37 -8.80 -33.13
C TYR O 237 -25.96 -10.21 -32.89
N GLU O 238 -24.78 -10.58 -33.35
CA GLU O 238 -24.36 -11.98 -33.29
C GLU O 238 -25.29 -12.60 -34.27
N ASN O 239 -26.57 -12.35 -34.02
CA ASN O 239 -27.54 -12.92 -34.96
C ASN O 239 -28.87 -12.12 -35.09
N CYS O 240 -29.32 -11.78 -36.29
CA CYS O 240 -30.51 -10.97 -36.48
C CYS O 240 -30.96 -11.21 -37.87
N LEU O 241 -32.15 -10.78 -38.26
CA LEU O 241 -32.65 -11.07 -39.58
C LEU O 241 -32.93 -9.85 -40.40
N LEU O 242 -32.23 -9.75 -41.51
CA LEU O 242 -32.31 -8.77 -42.58
C LEU O 242 -33.25 -9.26 -43.67
N VAL O 243 -34.49 -8.77 -43.66
CA VAL O 243 -35.51 -9.23 -44.59
C VAL O 243 -35.65 -8.28 -45.78
N LEU O 244 -35.04 -8.70 -46.86
CA LEU O 244 -34.97 -7.86 -48.01
C LEU O 244 -36.39 -7.99 -48.36
N LEU O 245 -36.93 -7.08 -49.16
CA LEU O 245 -38.28 -7.25 -49.56
C LEU O 245 -38.26 -6.99 -51.02
N ASN O 246 -39.04 -7.72 -51.80
CA ASN O 246 -39.08 -7.39 -53.20
C ASN O 246 -37.69 -7.43 -53.83
N VAL O 247 -36.88 -8.43 -53.52
CA VAL O 247 -35.57 -8.51 -54.15
C VAL O 247 -35.79 -8.58 -55.64
N GLN O 248 -35.08 -7.75 -56.39
CA GLN O 248 -35.25 -7.65 -57.84
C GLN O 248 -34.78 -8.73 -58.82
N ASN O 249 -33.54 -9.16 -58.73
CA ASN O 249 -33.02 -10.17 -59.65
C ASN O 249 -31.97 -10.93 -58.90
N ALA O 250 -31.10 -11.70 -59.55
CA ALA O 250 -30.05 -12.22 -58.71
C ALA O 250 -29.08 -11.15 -58.29
N LYS O 251 -28.76 -10.23 -59.19
CA LYS O 251 -27.51 -9.50 -59.05
C LYS O 251 -27.42 -8.76 -57.72
N ALA O 252 -28.51 -8.12 -57.31
CA ALA O 252 -28.44 -7.30 -56.13
C ALA O 252 -28.04 -8.18 -54.99
N TRP O 253 -28.62 -9.35 -54.95
CA TRP O 253 -28.50 -10.15 -53.77
C TRP O 253 -27.00 -10.45 -53.53
N ASN O 254 -26.25 -10.89 -54.52
CA ASN O 254 -24.88 -11.22 -54.35
C ASN O 254 -24.34 -10.03 -53.59
N ALA O 255 -24.88 -8.86 -53.87
CA ALA O 255 -24.50 -7.65 -53.15
C ALA O 255 -24.88 -7.78 -51.72
N PHE O 256 -26.01 -8.38 -51.44
CA PHE O 256 -26.59 -8.23 -50.13
C PHE O 256 -26.42 -9.31 -49.11
N ASN O 257 -25.59 -10.31 -49.36
CA ASN O 257 -25.46 -11.41 -48.40
C ASN O 257 -24.35 -11.14 -47.41
N LEU O 258 -24.71 -10.93 -46.15
CA LEU O 258 -23.72 -10.58 -45.16
C LEU O 258 -23.57 -11.62 -44.08
N SER O 259 -23.90 -12.85 -44.37
CA SER O 259 -23.83 -13.76 -43.25
C SER O 259 -24.86 -13.27 -42.27
N CYS O 260 -25.98 -12.82 -42.79
CA CYS O 260 -27.02 -12.27 -41.99
C CYS O 260 -28.14 -13.20 -42.20
N LYS O 261 -28.81 -13.60 -41.17
CA LYS O 261 -29.96 -14.46 -41.40
C LYS O 261 -30.88 -13.53 -42.16
N ILE O 262 -30.78 -13.50 -43.48
CA ILE O 262 -31.76 -12.70 -44.22
C ILE O 262 -32.86 -13.62 -44.77
N LEU O 263 -34.05 -13.07 -44.97
CA LEU O 263 -35.12 -13.79 -45.65
C LEU O 263 -35.70 -12.87 -46.71
N LEU O 264 -35.59 -13.27 -47.97
CA LEU O 264 -35.93 -12.39 -49.09
C LEU O 264 -37.21 -12.82 -49.78
N THR O 265 -38.14 -11.90 -49.92
CA THR O 265 -39.37 -12.18 -50.59
C THR O 265 -39.34 -11.49 -51.95
N THR O 266 -39.58 -12.23 -53.02
CA THR O 266 -39.50 -11.67 -54.36
C THR O 266 -40.60 -12.15 -55.29
N ARG O 267 -41.01 -11.25 -56.19
CA ARG O 267 -42.01 -11.56 -57.21
C ARG O 267 -41.64 -12.23 -58.56
N PHE O 268 -40.36 -12.46 -58.90
CA PHE O 268 -40.17 -13.34 -60.07
C PHE O 268 -39.25 -14.57 -59.99
N LYS O 269 -39.39 -15.36 -61.05
CA LYS O 269 -38.97 -16.76 -61.07
C LYS O 269 -37.48 -16.92 -61.26
N GLN O 270 -36.81 -15.87 -61.73
CA GLN O 270 -35.37 -15.88 -61.90
C GLN O 270 -34.69 -15.85 -60.53
N VAL O 271 -35.32 -15.14 -59.60
CA VAL O 271 -34.81 -15.06 -58.24
C VAL O 271 -34.91 -16.41 -57.48
N THR O 272 -36.14 -16.91 -57.46
CA THR O 272 -36.50 -18.09 -56.73
C THR O 272 -36.02 -19.19 -57.61
N ASP O 273 -35.80 -18.80 -58.85
CA ASP O 273 -35.07 -19.58 -59.81
C ASP O 273 -33.59 -19.44 -59.49
N PHE O 274 -33.21 -18.42 -58.71
CA PHE O 274 -31.80 -18.38 -58.37
C PHE O 274 -31.24 -19.24 -57.25
N LEU O 275 -31.88 -19.23 -56.09
CA LEU O 275 -31.23 -19.78 -54.92
C LEU O 275 -31.65 -21.19 -54.59
N SER O 276 -30.72 -22.08 -54.86
CA SER O 276 -30.99 -23.48 -54.75
C SER O 276 -31.30 -23.80 -53.32
N ALA O 277 -32.25 -24.69 -53.12
CA ALA O 277 -32.55 -25.17 -51.79
C ALA O 277 -31.30 -25.87 -51.38
N ALA O 278 -31.06 -25.98 -50.08
CA ALA O 278 -29.82 -26.50 -49.53
C ALA O 278 -28.86 -25.37 -49.47
N THR O 279 -29.33 -24.22 -49.92
CA THR O 279 -29.05 -22.94 -49.30
C THR O 279 -30.19 -21.98 -49.06
N THR O 280 -31.43 -22.42 -49.13
CA THR O 280 -32.47 -21.50 -48.73
C THR O 280 -33.78 -22.28 -48.70
N THR O 281 -34.94 -21.72 -48.39
CA THR O 281 -36.01 -22.62 -48.58
C THR O 281 -37.06 -21.76 -49.14
N HIS O 282 -37.89 -22.27 -50.01
CA HIS O 282 -38.97 -21.43 -50.48
C HIS O 282 -40.30 -21.83 -49.88
N ILE O 283 -40.86 -20.91 -49.13
CA ILE O 283 -42.26 -20.87 -48.88
C ILE O 283 -42.72 -20.35 -50.20
N SER O 284 -43.70 -20.96 -50.84
CA SER O 284 -44.21 -20.39 -52.07
C SER O 284 -45.53 -19.81 -51.68
N LEU O 285 -45.62 -18.51 -51.70
CA LEU O 285 -46.79 -17.83 -51.22
C LEU O 285 -48.02 -18.09 -52.04
N ASP O 286 -47.85 -18.19 -53.36
CA ASP O 286 -48.96 -18.26 -54.30
C ASP O 286 -49.29 -19.68 -54.67
N HIS O 287 -48.73 -20.61 -53.94
CA HIS O 287 -48.90 -22.01 -54.20
C HIS O 287 -50.21 -22.46 -53.61
N HIS O 288 -50.31 -23.77 -53.52
CA HIS O 288 -51.47 -24.62 -53.35
C HIS O 288 -52.30 -24.46 -52.11
N SER O 289 -51.64 -24.33 -50.98
CA SER O 289 -52.37 -24.32 -49.72
C SER O 289 -52.31 -22.97 -49.09
N MET O 290 -51.34 -22.20 -49.52
CA MET O 290 -51.20 -20.85 -49.01
C MET O 290 -52.41 -20.08 -49.44
N THR O 291 -52.91 -20.37 -50.62
CA THR O 291 -53.88 -19.44 -51.20
C THR O 291 -54.85 -19.13 -50.08
N LEU O 292 -55.23 -17.86 -49.96
CA LEU O 292 -55.93 -17.45 -48.78
C LEU O 292 -57.09 -18.36 -48.60
N THR O 293 -57.33 -18.71 -47.34
CA THR O 293 -58.28 -19.73 -46.91
C THR O 293 -59.71 -19.45 -47.36
N PRO O 294 -60.36 -20.45 -47.99
CA PRO O 294 -61.61 -20.34 -48.76
C PRO O 294 -62.65 -19.37 -48.20
N ASP O 295 -62.67 -19.20 -46.87
CA ASP O 295 -63.59 -18.29 -46.23
C ASP O 295 -62.85 -17.07 -45.69
N GLU O 296 -61.53 -17.17 -45.64
CA GLU O 296 -60.72 -16.05 -45.19
C GLU O 296 -60.53 -15.09 -46.36
N VAL O 297 -61.03 -15.44 -47.55
CA VAL O 297 -61.09 -14.45 -48.59
C VAL O 297 -62.20 -13.49 -48.19
N LYS O 298 -63.30 -14.06 -47.70
CA LYS O 298 -64.43 -13.26 -47.24
C LYS O 298 -64.02 -12.48 -45.99
N SER O 299 -63.01 -13.02 -45.31
CA SER O 299 -62.45 -12.39 -44.12
C SER O 299 -61.78 -11.11 -44.48
N LEU O 300 -60.90 -11.20 -45.46
CA LEU O 300 -60.07 -10.07 -45.82
C LEU O 300 -61.02 -9.04 -46.37
N LEU O 301 -61.98 -9.49 -47.16
CA LEU O 301 -62.78 -8.50 -47.81
C LEU O 301 -63.36 -7.75 -46.66
N LEU O 302 -63.61 -8.41 -45.55
CA LEU O 302 -64.20 -7.59 -44.53
C LEU O 302 -63.42 -6.36 -44.07
N LYS O 303 -62.16 -6.57 -43.66
CA LYS O 303 -61.37 -5.52 -43.05
C LYS O 303 -61.71 -4.15 -43.63
N TYR O 304 -61.38 -3.98 -44.90
CA TYR O 304 -61.65 -2.73 -45.61
C TYR O 304 -63.15 -2.57 -45.58
N LEU O 305 -63.83 -3.70 -45.70
CA LEU O 305 -65.27 -3.65 -45.79
C LEU O 305 -65.95 -3.11 -44.56
N ASP O 306 -65.48 -3.50 -43.39
CA ASP O 306 -66.12 -3.12 -42.13
C ASP O 306 -67.57 -3.56 -41.88
N CYS O 307 -67.95 -4.78 -42.25
CA CYS O 307 -69.16 -5.36 -41.67
C CYS O 307 -69.26 -6.86 -41.73
N ARG O 308 -70.05 -7.41 -40.81
CA ARG O 308 -70.53 -8.79 -40.89
C ARG O 308 -71.59 -9.14 -41.93
N PRO O 309 -72.63 -8.33 -42.16
CA PRO O 309 -73.74 -9.02 -42.79
C PRO O 309 -73.62 -8.97 -44.31
N GLN O 310 -73.10 -7.86 -44.83
CA GLN O 310 -72.93 -7.68 -46.27
C GLN O 310 -71.85 -8.60 -46.81
N ASP O 311 -70.91 -8.99 -45.94
CA ASP O 311 -69.82 -9.87 -46.33
C ASP O 311 -70.33 -11.04 -47.17
N LEU O 312 -71.53 -11.51 -46.85
CA LEU O 312 -72.13 -12.63 -47.57
C LEU O 312 -72.77 -12.16 -48.87
N PRO O 313 -73.11 -10.87 -48.92
CA PRO O 313 -73.73 -10.30 -50.12
C PRO O 313 -72.69 -10.02 -51.20
N ARG O 314 -71.46 -10.50 -50.98
CA ARG O 314 -70.38 -10.31 -51.93
C ARG O 314 -69.77 -11.64 -52.35
N GLU O 315 -70.63 -12.59 -52.73
CA GLU O 315 -70.18 -13.91 -53.15
C GLU O 315 -69.56 -13.87 -54.54
N VAL O 316 -68.28 -14.19 -54.62
CA VAL O 316 -67.55 -14.19 -55.89
C VAL O 316 -66.35 -15.11 -55.84
N LEU O 317 -65.34 -14.81 -56.66
CA LEU O 317 -64.12 -15.61 -56.72
C LEU O 317 -62.89 -14.72 -56.85
N THR O 318 -61.89 -14.98 -56.01
CA THR O 318 -60.65 -14.21 -56.04
C THR O 318 -59.70 -14.75 -54.98
N THR O 319 -58.39 -14.70 -55.24
CA THR O 319 -57.43 -15.24 -54.28
C THR O 319 -56.19 -14.35 -54.12
N ASN O 320 -56.13 -13.25 -54.85
CA ASN O 320 -54.96 -12.37 -54.76
C ASN O 320 -55.22 -11.24 -53.77
N PRO O 321 -54.48 -11.20 -52.66
CA PRO O 321 -54.78 -10.17 -51.67
C PRO O 321 -54.67 -8.78 -52.28
N ARG O 322 -53.78 -8.59 -53.25
CA ARG O 322 -53.67 -7.25 -53.81
C ARG O 322 -54.94 -6.96 -54.61
N ARG O 323 -55.39 -7.94 -55.40
CA ARG O 323 -56.57 -7.71 -56.20
C ARG O 323 -57.78 -7.60 -55.29
N LEU O 324 -57.77 -8.43 -54.26
CA LEU O 324 -58.88 -8.46 -53.33
C LEU O 324 -59.02 -7.13 -52.65
N SER O 325 -57.89 -6.58 -52.21
CA SER O 325 -57.98 -5.36 -51.43
C SER O 325 -58.15 -4.11 -52.25
N ILE O 326 -57.60 -4.09 -53.46
CA ILE O 326 -57.86 -2.94 -54.32
C ILE O 326 -59.36 -2.91 -54.62
N ILE O 327 -59.92 -4.10 -54.90
CA ILE O 327 -61.33 -4.19 -55.20
C ILE O 327 -62.18 -3.84 -54.03
N ALA O 328 -61.79 -4.40 -52.90
CA ALA O 328 -62.54 -4.26 -51.66
C ALA O 328 -62.55 -2.76 -51.26
N GLU O 329 -61.40 -2.12 -51.41
CA GLU O 329 -61.25 -0.73 -51.08
C GLU O 329 -62.16 0.08 -51.98
N SER O 330 -62.14 -0.29 -53.25
CA SER O 330 -62.92 0.46 -54.21
C SER O 330 -64.41 0.35 -53.91
N ILE O 331 -64.86 -0.85 -53.57
CA ILE O 331 -66.29 -1.00 -53.27
C ILE O 331 -66.76 -0.26 -51.98
N ARG O 332 -65.95 -0.23 -50.93
CA ARG O 332 -66.36 0.49 -49.72
C ARG O 332 -66.48 1.98 -50.03
N ASP O 333 -65.49 2.47 -50.75
CA ASP O 333 -65.36 3.83 -51.25
C ASP O 333 -65.31 3.92 -52.76
N ALA O 336 -69.27 0.65 -55.31
CA ALA O 336 -70.42 0.01 -55.97
C ALA O 336 -70.05 -1.39 -56.46
N THR O 337 -70.71 -2.42 -55.96
CA THR O 337 -70.18 -3.77 -56.07
C THR O 337 -70.01 -4.39 -57.46
N TRP O 338 -71.07 -4.36 -58.24
CA TRP O 338 -71.03 -4.86 -59.61
C TRP O 338 -70.15 -4.05 -60.52
N ASP O 339 -70.35 -2.74 -60.51
CA ASP O 339 -69.74 -1.97 -61.56
C ASP O 339 -68.26 -2.08 -61.43
N ASN O 340 -67.87 -1.80 -60.19
CA ASN O 340 -66.50 -1.67 -59.73
C ASN O 340 -65.66 -2.95 -59.82
N TRP O 341 -66.25 -4.12 -59.51
CA TRP O 341 -65.49 -5.38 -59.45
C TRP O 341 -64.82 -5.51 -60.80
N LYS O 342 -65.47 -4.97 -61.83
CA LYS O 342 -64.90 -4.99 -63.18
C LYS O 342 -64.44 -3.64 -63.77
N HIS O 343 -65.41 -2.82 -64.19
CA HIS O 343 -65.21 -1.65 -65.01
C HIS O 343 -64.63 -0.66 -64.04
N VAL O 344 -64.79 -1.00 -62.76
CA VAL O 344 -64.19 -0.26 -61.69
C VAL O 344 -62.71 -0.56 -61.76
N ASN O 345 -61.87 0.45 -61.58
CA ASN O 345 -60.44 0.24 -61.61
C ASN O 345 -59.93 0.05 -63.02
N CYS O 346 -60.78 0.33 -63.99
CA CYS O 346 -60.29 0.46 -65.33
C CYS O 346 -58.95 1.12 -65.27
N ASP O 347 -58.86 1.89 -64.20
CA ASP O 347 -57.83 2.90 -64.03
C ASP O 347 -56.84 2.51 -62.94
N LYS O 348 -57.02 1.39 -62.22
CA LYS O 348 -55.99 1.06 -61.23
C LYS O 348 -55.39 -0.33 -61.37
N LEU O 349 -56.20 -1.38 -61.33
CA LEU O 349 -55.71 -2.75 -61.34
C LEU O 349 -54.99 -3.03 -62.65
N THR O 350 -55.40 -2.32 -63.69
CA THR O 350 -54.81 -2.44 -64.99
C THR O 350 -53.39 -1.92 -64.90
N THR O 351 -53.18 -0.77 -64.25
CA THR O 351 -51.83 -0.21 -64.15
C THR O 351 -50.92 -1.13 -63.35
N ILE O 352 -51.47 -1.76 -62.32
CA ILE O 352 -50.70 -2.66 -61.47
C ILE O 352 -50.16 -3.84 -62.26
N ILE O 353 -51.00 -4.40 -63.13
CA ILE O 353 -50.61 -5.53 -63.96
C ILE O 353 -50.04 -5.07 -65.30
N GLU O 354 -49.52 -3.85 -65.32
CA GLU O 354 -48.94 -3.29 -66.53
C GLU O 354 -47.54 -2.75 -66.28
N SER O 355 -47.36 -2.11 -65.13
CA SER O 355 -46.06 -1.55 -64.76
C SER O 355 -44.96 -2.60 -64.84
N SER O 356 -45.36 -3.85 -65.06
CA SER O 356 -44.40 -4.95 -65.15
C SER O 356 -43.99 -5.19 -66.60
N LEU O 357 -44.60 -4.46 -67.52
CA LEU O 357 -44.31 -4.59 -68.94
C LEU O 357 -43.06 -3.81 -69.32
N ASN O 358 -42.76 -2.74 -68.61
CA ASN O 358 -41.56 -2.05 -68.97
C ASN O 358 -40.34 -2.95 -68.80
N VAL O 359 -40.36 -3.82 -67.79
CA VAL O 359 -39.14 -4.52 -67.38
C VAL O 359 -38.55 -5.44 -68.43
N LEU O 360 -39.41 -6.18 -69.14
CA LEU O 360 -38.98 -7.04 -70.24
C LEU O 360 -38.93 -6.25 -71.54
N GLU O 361 -37.79 -6.27 -72.22
CA GLU O 361 -37.62 -5.49 -73.45
C GLU O 361 -38.91 -5.42 -74.28
N PRO O 362 -39.26 -4.22 -74.74
CA PRO O 362 -40.42 -4.04 -75.56
C PRO O 362 -40.36 -4.56 -76.96
N ALA O 363 -39.20 -4.48 -77.60
CA ALA O 363 -39.06 -4.88 -79.00
C ALA O 363 -39.43 -6.34 -79.24
N GLU O 364 -39.10 -7.21 -78.29
CA GLU O 364 -39.35 -8.63 -78.43
C GLU O 364 -40.26 -9.20 -77.33
N TYR O 365 -40.08 -8.69 -76.11
CA TYR O 365 -40.85 -9.20 -74.98
C TYR O 365 -42.27 -8.67 -74.95
N ARG O 366 -42.42 -7.40 -74.60
CA ARG O 366 -43.73 -6.77 -74.46
C ARG O 366 -44.69 -7.15 -75.59
N LYS O 367 -44.27 -6.89 -76.83
CA LYS O 367 -45.11 -7.15 -77.99
C LYS O 367 -45.66 -8.57 -78.14
N MET O 368 -44.77 -9.54 -78.02
CA MET O 368 -45.20 -10.91 -78.20
C MET O 368 -46.36 -11.07 -77.27
N PHE O 369 -46.06 -11.02 -75.99
CA PHE O 369 -47.08 -11.36 -75.00
C PHE O 369 -48.41 -10.77 -75.43
N ASP O 370 -48.38 -9.58 -76.02
CA ASP O 370 -49.58 -8.83 -76.34
C ASP O 370 -50.45 -9.67 -77.25
N ARG O 371 -49.77 -10.52 -78.02
CA ARG O 371 -50.39 -11.37 -79.00
C ARG O 371 -51.28 -12.43 -78.34
N LEU O 372 -51.00 -12.77 -77.10
CA LEU O 372 -51.73 -13.85 -76.46
C LEU O 372 -53.20 -13.47 -76.37
N SER O 373 -53.48 -12.22 -76.65
CA SER O 373 -54.81 -11.74 -76.48
C SER O 373 -55.70 -12.62 -77.34
N VAL O 374 -55.13 -13.23 -78.37
CA VAL O 374 -55.87 -14.07 -79.30
C VAL O 374 -56.52 -15.29 -78.64
N PHE O 375 -55.79 -15.91 -77.73
CA PHE O 375 -56.20 -17.16 -77.09
C PHE O 375 -57.11 -17.06 -75.87
N PRO O 376 -57.78 -18.16 -75.56
CA PRO O 376 -58.87 -18.16 -74.60
C PRO O 376 -58.32 -17.66 -73.29
N PRO O 377 -59.20 -16.92 -72.51
CA PRO O 377 -58.52 -16.07 -71.52
C PRO O 377 -57.65 -16.85 -70.55
N SER O 378 -58.11 -18.01 -70.13
CA SER O 378 -57.28 -18.80 -69.22
C SER O 378 -57.15 -20.15 -69.88
N ALA O 379 -56.33 -20.11 -70.91
CA ALA O 379 -56.17 -21.21 -71.85
C ALA O 379 -54.69 -21.46 -72.14
N HIS O 380 -54.46 -22.43 -73.01
CA HIS O 380 -53.11 -22.89 -73.29
C HIS O 380 -52.68 -22.53 -74.71
N ILE O 381 -51.43 -22.84 -75.04
CA ILE O 381 -50.95 -22.56 -76.38
C ILE O 381 -49.76 -23.43 -76.81
N PRO O 382 -49.98 -24.26 -77.84
CA PRO O 382 -49.00 -25.17 -78.43
C PRO O 382 -47.82 -24.41 -78.99
N THR O 383 -46.68 -25.09 -79.10
CA THR O 383 -45.51 -24.36 -79.56
C THR O 383 -45.68 -23.82 -80.98
N ILE O 384 -46.24 -24.66 -81.84
CA ILE O 384 -46.42 -24.30 -83.25
C ILE O 384 -47.26 -23.03 -83.47
N LEU O 385 -48.33 -22.90 -82.69
CA LEU O 385 -49.23 -21.74 -82.76
C LEU O 385 -48.59 -20.42 -82.32
N LEU O 386 -47.79 -20.48 -81.25
CA LEU O 386 -47.16 -19.28 -80.71
C LEU O 386 -46.15 -18.73 -81.68
N SER O 387 -45.55 -19.59 -82.49
CA SER O 387 -44.48 -19.12 -83.36
C SER O 387 -45.01 -18.08 -84.32
N LEU O 388 -46.14 -18.39 -84.95
CA LEU O 388 -46.63 -17.55 -86.01
C LEU O 388 -46.93 -16.16 -85.49
N ILE O 389 -47.37 -16.09 -84.24
CA ILE O 389 -47.92 -14.86 -83.69
C ILE O 389 -46.92 -13.69 -83.62
N SER O 396 -35.66 -22.16 -83.09
CA SER O 396 -35.64 -22.24 -81.64
C SER O 396 -35.90 -20.87 -81.02
N ASP O 397 -35.90 -19.83 -81.85
CA ASP O 397 -36.08 -18.48 -81.31
C ASP O 397 -37.33 -18.28 -80.50
N VAL O 398 -38.49 -18.77 -80.96
CA VAL O 398 -39.70 -18.55 -80.17
C VAL O 398 -39.65 -19.25 -78.82
N MET O 399 -39.02 -20.42 -78.80
CA MET O 399 -38.90 -21.22 -77.59
C MET O 399 -38.06 -20.49 -76.55
N VAL O 400 -36.99 -19.83 -76.99
CA VAL O 400 -36.16 -19.10 -76.05
C VAL O 400 -36.86 -17.81 -75.67
N VAL O 401 -37.44 -17.10 -76.64
CA VAL O 401 -38.01 -15.80 -76.31
C VAL O 401 -39.16 -15.99 -75.31
N VAL O 402 -39.97 -17.03 -75.48
CA VAL O 402 -41.00 -17.25 -74.47
C VAL O 402 -40.31 -17.64 -73.16
N ASN O 403 -39.20 -18.39 -73.26
CA ASN O 403 -38.60 -18.95 -72.05
C ASN O 403 -38.19 -17.81 -71.13
N LYS O 404 -37.64 -16.78 -71.75
CA LYS O 404 -37.32 -15.56 -71.05
C LYS O 404 -38.59 -14.98 -70.52
N LEU O 405 -39.63 -14.98 -71.33
CA LEU O 405 -40.86 -14.42 -70.87
C LEU O 405 -41.37 -15.29 -69.74
N HIS O 406 -40.91 -16.54 -69.75
CA HIS O 406 -41.51 -17.49 -68.85
C HIS O 406 -41.37 -16.90 -67.51
N LYS O 407 -40.19 -16.34 -67.26
CA LYS O 407 -39.81 -15.78 -65.99
C LYS O 407 -40.46 -14.43 -65.71
N TYR O 408 -40.36 -13.46 -66.61
CA TYR O 408 -40.85 -12.14 -66.19
C TYR O 408 -42.38 -11.98 -66.09
N SER O 409 -43.11 -12.37 -67.13
CA SER O 409 -44.56 -12.17 -67.15
C SER O 409 -45.33 -13.47 -67.08
N LEU O 410 -46.65 -13.40 -67.20
CA LEU O 410 -47.45 -14.55 -66.83
C LEU O 410 -47.03 -15.88 -67.52
N VAL O 411 -47.12 -16.00 -68.83
CA VAL O 411 -46.19 -16.70 -69.74
C VAL O 411 -45.83 -18.15 -69.37
N GLU O 412 -46.73 -18.91 -68.76
CA GLU O 412 -46.20 -19.92 -67.86
C GLU O 412 -45.88 -21.13 -68.65
N LYS O 413 -44.61 -21.30 -68.95
CA LYS O 413 -44.18 -22.42 -69.75
C LYS O 413 -44.49 -23.67 -68.99
N GLN O 414 -44.63 -24.76 -69.70
CA GLN O 414 -44.99 -26.01 -69.06
C GLN O 414 -44.54 -27.22 -69.83
N PRO O 415 -44.73 -28.39 -69.22
CA PRO O 415 -44.29 -29.64 -69.83
C PRO O 415 -44.76 -30.26 -71.16
N SER O 418 -45.33 -29.91 -75.23
CA SER O 418 -44.61 -28.73 -74.77
C SER O 418 -45.48 -27.49 -74.85
N THR O 419 -46.78 -27.67 -74.65
CA THR O 419 -47.72 -26.56 -74.71
C THR O 419 -47.44 -25.54 -73.61
N ILE O 420 -48.20 -24.45 -73.61
CA ILE O 420 -47.96 -23.36 -72.70
C ILE O 420 -49.30 -22.97 -72.14
N SER O 421 -49.32 -22.49 -70.90
CA SER O 421 -50.56 -22.02 -70.29
C SER O 421 -50.21 -20.70 -69.63
N ILE O 422 -50.74 -19.62 -70.17
CA ILE O 422 -50.52 -18.29 -69.59
C ILE O 422 -51.33 -17.94 -68.35
N PRO O 423 -50.82 -17.02 -67.56
CA PRO O 423 -51.42 -16.68 -66.28
C PRO O 423 -52.31 -15.47 -66.42
N SER O 424 -53.56 -15.64 -66.03
CA SER O 424 -54.65 -14.79 -66.44
C SER O 424 -54.52 -13.36 -66.02
N ILE O 425 -54.07 -13.14 -64.79
CA ILE O 425 -54.36 -11.91 -64.07
C ILE O 425 -53.86 -10.70 -64.86
N TYR O 426 -52.72 -10.87 -65.49
CA TYR O 426 -52.26 -10.00 -66.57
C TYR O 426 -52.48 -10.63 -67.94
N LEU O 427 -52.94 -11.88 -67.93
CA LEU O 427 -53.20 -12.60 -69.18
C LEU O 427 -54.47 -12.10 -69.85
N GLU O 428 -55.59 -12.20 -69.14
CA GLU O 428 -56.88 -11.75 -69.68
C GLU O 428 -57.07 -10.24 -69.72
N LEU O 429 -56.81 -9.58 -68.60
CA LEU O 429 -57.18 -8.19 -68.41
C LEU O 429 -56.23 -7.18 -69.06
N LYS O 430 -54.96 -7.21 -68.67
CA LYS O 430 -54.04 -6.18 -69.08
C LYS O 430 -54.15 -5.90 -70.57
N VAL O 431 -54.02 -7.01 -71.29
CA VAL O 431 -53.94 -7.02 -72.73
C VAL O 431 -55.23 -6.62 -73.45
N LYS O 432 -56.36 -7.09 -72.95
CA LYS O 432 -57.64 -6.87 -73.62
C LYS O 432 -57.91 -5.39 -73.87
N LEU O 433 -57.64 -4.57 -72.86
CA LEU O 433 -57.88 -3.15 -72.95
C LEU O 433 -56.97 -2.50 -73.97
N GLU O 434 -55.68 -2.82 -73.95
CA GLU O 434 -54.78 -2.15 -74.87
C GLU O 434 -54.47 -3.04 -76.05
N ASN O 435 -54.92 -2.64 -77.22
CA ASN O 435 -54.62 -3.44 -78.38
C ASN O 435 -54.71 -2.51 -79.59
N GLU O 436 -54.16 -2.94 -80.72
CA GLU O 436 -54.16 -2.12 -81.92
C GLU O 436 -54.66 -3.12 -82.94
N TYR O 437 -54.92 -2.74 -84.18
CA TYR O 437 -55.54 -3.76 -84.99
C TYR O 437 -54.43 -4.54 -85.67
N ALA O 438 -53.69 -5.23 -84.83
CA ALA O 438 -52.76 -6.29 -85.21
C ALA O 438 -53.60 -7.53 -85.42
N LEU O 439 -54.75 -7.54 -84.75
CA LEU O 439 -55.64 -8.69 -84.70
C LEU O 439 -55.91 -9.31 -86.05
N HIS O 440 -56.16 -8.48 -87.06
CA HIS O 440 -56.54 -9.07 -88.36
C HIS O 440 -55.48 -10.08 -88.76
N ARG O 441 -54.22 -9.68 -88.63
CA ARG O 441 -53.14 -10.55 -89.03
C ARG O 441 -53.11 -11.80 -88.15
N SER O 442 -53.31 -11.64 -86.85
CA SER O 442 -53.24 -12.78 -85.94
C SER O 442 -54.35 -13.79 -86.22
N ILE O 443 -55.56 -13.28 -86.37
CA ILE O 443 -56.73 -14.11 -86.59
C ILE O 443 -56.58 -14.82 -87.93
N VAL O 444 -56.08 -14.10 -88.93
CA VAL O 444 -55.93 -14.69 -90.27
C VAL O 444 -54.90 -15.80 -90.10
N ASP O 445 -53.92 -15.57 -89.23
CA ASP O 445 -52.88 -16.56 -89.02
C ASP O 445 -53.56 -17.82 -88.52
N HIS O 446 -54.55 -17.62 -87.63
CA HIS O 446 -55.27 -18.76 -87.08
C HIS O 446 -55.97 -19.44 -88.24
N TYR O 447 -56.50 -18.70 -89.21
CA TYR O 447 -57.11 -19.41 -90.32
C TYR O 447 -56.07 -20.26 -91.01
N ASN O 448 -54.88 -19.69 -91.20
CA ASN O 448 -53.84 -20.39 -91.93
C ASN O 448 -53.37 -21.68 -91.27
N ILE O 449 -53.25 -21.69 -89.94
CA ILE O 449 -52.72 -22.89 -89.30
C ILE O 449 -53.62 -24.14 -89.49
N PRO O 450 -54.95 -24.08 -89.23
CA PRO O 450 -55.62 -25.33 -89.63
C PRO O 450 -55.62 -25.56 -91.13
N LYS O 451 -55.43 -24.51 -91.90
CA LYS O 451 -55.37 -24.69 -93.34
C LYS O 451 -54.18 -25.59 -93.60
N THR O 452 -53.05 -25.29 -92.95
CA THR O 452 -51.84 -26.07 -93.16
C THR O 452 -52.08 -27.50 -92.67
N PHE O 453 -52.66 -27.63 -91.48
CA PHE O 453 -52.95 -28.96 -90.93
C PHE O 453 -53.99 -29.59 -91.84
N ASP O 454 -53.68 -30.73 -92.43
CA ASP O 454 -54.65 -31.37 -93.29
C ASP O 454 -54.28 -32.83 -93.52
N SER O 455 -55.26 -33.70 -93.40
CA SER O 455 -55.06 -35.11 -93.70
C SER O 455 -55.97 -35.41 -94.87
N ASP O 456 -55.74 -36.52 -95.56
CA ASP O 456 -56.53 -36.83 -96.74
C ASP O 456 -58.00 -36.92 -96.34
N ASP O 457 -58.27 -37.69 -95.28
CA ASP O 457 -59.63 -37.82 -94.80
C ASP O 457 -59.97 -36.77 -93.75
N LEU O 458 -61.12 -36.96 -93.12
CA LEU O 458 -61.74 -36.00 -92.21
C LEU O 458 -61.10 -35.87 -90.82
N ILE O 459 -60.05 -36.65 -90.57
CA ILE O 459 -59.36 -36.61 -89.28
C ILE O 459 -58.20 -35.63 -89.31
N PRO O 460 -58.22 -34.62 -88.33
CA PRO O 460 -57.08 -33.71 -88.40
C PRO O 460 -56.03 -34.04 -87.34
N PRO O 461 -54.89 -33.36 -87.37
CA PRO O 461 -53.84 -33.62 -86.39
C PRO O 461 -53.91 -32.65 -85.21
N TYR O 462 -54.83 -32.88 -84.29
CA TYR O 462 -55.18 -31.91 -83.29
C TYR O 462 -54.35 -32.05 -82.02
N LEU O 463 -53.59 -31.00 -81.70
CA LEU O 463 -52.89 -30.96 -80.43
C LEU O 463 -54.01 -30.93 -79.42
N ASP O 464 -53.83 -31.67 -78.34
CA ASP O 464 -54.87 -32.38 -77.63
C ASP O 464 -55.98 -31.52 -77.08
N GLN O 465 -55.64 -30.40 -76.48
CA GLN O 465 -56.65 -29.56 -75.88
C GLN O 465 -56.89 -28.29 -76.67
N TYR O 466 -55.80 -27.60 -76.97
CA TYR O 466 -55.98 -26.27 -77.55
C TYR O 466 -56.85 -26.27 -78.75
N PHE O 467 -56.48 -27.11 -79.70
CA PHE O 467 -57.16 -27.08 -80.97
C PHE O 467 -58.63 -27.33 -80.79
N TYR O 468 -58.97 -28.33 -80.00
CA TYR O 468 -60.37 -28.71 -79.86
C TYR O 468 -61.21 -27.55 -79.33
N SER O 469 -60.77 -26.91 -78.25
CA SER O 469 -61.53 -25.80 -77.66
C SER O 469 -61.51 -24.52 -78.50
N HIS O 470 -60.28 -24.08 -78.76
CA HIS O 470 -59.95 -22.78 -79.35
C HIS O 470 -60.36 -22.63 -80.82
N ILE O 471 -60.25 -23.74 -81.57
CA ILE O 471 -60.35 -23.66 -83.04
C ILE O 471 -61.65 -22.99 -83.38
N GLY O 472 -62.73 -23.40 -82.74
CA GLY O 472 -64.03 -22.87 -83.07
C GLY O 472 -64.08 -21.38 -82.80
N HIS O 473 -63.48 -20.94 -81.70
CA HIS O 473 -63.53 -19.53 -81.33
C HIS O 473 -62.85 -18.67 -82.40
N HIS O 474 -61.66 -19.12 -82.79
CA HIS O 474 -60.88 -18.38 -83.76
C HIS O 474 -61.61 -18.38 -85.08
N LEU O 475 -62.22 -19.53 -85.39
CA LEU O 475 -62.95 -19.73 -86.62
C LEU O 475 -64.13 -18.78 -86.68
N LYS O 476 -64.81 -18.65 -85.55
CA LYS O 476 -65.99 -17.81 -85.47
C LYS O 476 -65.56 -16.41 -85.83
N ASN O 477 -64.41 -16.02 -85.27
CA ASN O 477 -63.94 -14.66 -85.58
C ASN O 477 -63.59 -14.52 -87.06
N ILE O 478 -62.92 -15.51 -87.66
CA ILE O 478 -62.45 -15.34 -89.04
C ILE O 478 -63.57 -15.26 -90.09
N GLU O 479 -64.47 -16.25 -90.12
CA GLU O 479 -65.56 -16.42 -91.10
C GLU O 479 -66.41 -17.70 -90.92
N HIS O 480 -67.52 -17.75 -91.65
CA HIS O 480 -68.43 -18.91 -91.68
C HIS O 480 -67.93 -20.20 -92.37
N PRO O 481 -67.40 -20.11 -93.63
CA PRO O 481 -67.14 -21.35 -94.37
C PRO O 481 -66.30 -22.35 -93.61
N GLU O 482 -65.24 -21.89 -92.95
CA GLU O 482 -64.36 -22.79 -92.21
C GLU O 482 -65.17 -23.37 -91.09
N ARG O 483 -65.99 -22.51 -90.47
CA ARG O 483 -66.74 -22.88 -89.30
C ARG O 483 -67.57 -24.10 -89.67
N MET O 484 -68.15 -24.01 -90.87
CA MET O 484 -69.05 -25.02 -91.35
C MET O 484 -68.36 -26.39 -91.41
N THR O 485 -67.19 -26.44 -92.03
CA THR O 485 -66.48 -27.72 -92.16
C THR O 485 -65.86 -28.25 -90.86
N LEU O 486 -65.15 -27.38 -90.14
CA LEU O 486 -64.40 -27.79 -88.92
C LEU O 486 -65.31 -28.23 -87.79
N PHE O 487 -66.36 -27.46 -87.54
CA PHE O 487 -67.26 -27.77 -86.44
C PHE O 487 -67.82 -29.12 -86.70
N ARG O 488 -67.93 -29.47 -87.98
CA ARG O 488 -68.26 -30.84 -88.31
C ARG O 488 -69.68 -31.03 -87.82
N MET O 489 -70.43 -29.96 -88.00
CA MET O 489 -71.87 -30.02 -87.91
C MET O 489 -72.18 -30.69 -89.24
N VAL O 490 -71.42 -30.28 -90.24
CA VAL O 490 -71.41 -30.88 -91.57
C VAL O 490 -70.85 -32.29 -91.41
N PHE O 491 -69.71 -32.40 -90.72
CA PHE O 491 -68.99 -33.67 -90.68
C PHE O 491 -69.12 -34.47 -89.39
N LEU O 492 -69.27 -35.76 -89.58
CA LEU O 492 -69.73 -36.67 -88.55
C LEU O 492 -68.47 -37.05 -87.79
N ASP O 493 -67.32 -36.83 -88.43
CA ASP O 493 -66.02 -37.11 -87.83
C ASP O 493 -65.73 -36.35 -86.53
N PHE O 494 -66.13 -35.10 -86.34
CA PHE O 494 -65.78 -34.46 -85.07
C PHE O 494 -66.73 -34.83 -83.99
N ARG O 495 -67.86 -35.38 -84.38
CA ARG O 495 -68.68 -36.01 -83.40
C ARG O 495 -67.76 -37.03 -82.72
N PHE O 496 -67.21 -37.89 -83.57
CA PHE O 496 -66.19 -38.86 -83.18
C PHE O 496 -65.06 -38.24 -82.38
N LEU O 497 -64.22 -37.44 -83.02
CA LEU O 497 -62.96 -37.16 -82.40
C LEU O 497 -63.12 -36.28 -81.20
N GLU O 498 -63.91 -35.21 -81.33
CA GLU O 498 -64.03 -34.29 -80.22
C GLU O 498 -64.56 -35.06 -79.02
N GLN O 499 -65.60 -35.85 -79.27
CA GLN O 499 -66.25 -36.55 -78.16
C GLN O 499 -65.29 -37.56 -77.52
N LYS O 500 -64.66 -38.47 -78.27
CA LYS O 500 -63.85 -39.44 -77.53
C LYS O 500 -62.56 -38.85 -76.96
N ILE O 501 -61.85 -37.95 -77.65
CA ILE O 501 -60.60 -37.47 -77.00
C ILE O 501 -61.00 -36.67 -75.76
N ARG O 502 -62.04 -35.85 -75.81
CA ARG O 502 -62.33 -35.12 -74.57
C ARG O 502 -63.20 -35.95 -73.64
N HIS O 503 -62.73 -37.18 -73.45
CA HIS O 503 -63.18 -38.13 -72.45
C HIS O 503 -62.27 -38.07 -71.23
N ASN O 516 -66.24 -32.78 -71.03
CA ASN O 516 -66.83 -33.86 -71.80
C ASN O 516 -67.75 -33.34 -72.88
N THR O 517 -68.94 -33.93 -72.98
CA THR O 517 -69.94 -33.52 -73.95
C THR O 517 -70.33 -32.07 -73.70
N LEU O 518 -70.25 -31.66 -72.44
CA LEU O 518 -70.71 -30.36 -71.99
C LEU O 518 -70.08 -29.21 -72.78
N GLN O 519 -68.76 -29.29 -72.95
CA GLN O 519 -68.01 -28.27 -73.66
C GLN O 519 -68.34 -28.31 -75.13
N GLN O 520 -68.50 -29.51 -75.65
CA GLN O 520 -68.75 -29.74 -77.07
C GLN O 520 -70.07 -28.96 -77.35
N LEU O 521 -71.06 -29.17 -76.47
CA LEU O 521 -72.36 -28.52 -76.59
C LEU O 521 -72.16 -27.02 -76.51
N LYS O 522 -71.21 -26.63 -75.67
CA LYS O 522 -70.92 -25.23 -75.47
C LYS O 522 -70.43 -24.67 -76.80
N PHE O 523 -69.61 -25.43 -77.53
CA PHE O 523 -69.09 -24.89 -78.77
C PHE O 523 -70.25 -24.70 -79.70
N TYR O 524 -71.10 -25.72 -79.79
CA TYR O 524 -72.15 -25.61 -80.80
C TYR O 524 -73.08 -24.42 -80.56
N LYS O 525 -73.52 -24.18 -79.33
CA LYS O 525 -74.52 -23.12 -79.16
C LYS O 525 -74.10 -21.64 -79.50
N PRO O 526 -73.02 -21.08 -78.88
CA PRO O 526 -72.77 -19.69 -79.31
C PRO O 526 -72.19 -19.52 -80.72
N TYR O 527 -71.49 -20.54 -81.22
CA TYR O 527 -70.81 -20.44 -82.51
C TYR O 527 -71.73 -20.43 -83.72
N ILE O 528 -72.95 -20.98 -83.61
CA ILE O 528 -73.77 -21.20 -84.81
C ILE O 528 -73.98 -19.89 -85.59
N CYS O 529 -73.98 -18.75 -84.89
CA CYS O 529 -74.37 -17.47 -85.47
C CYS O 529 -73.57 -17.14 -86.73
N ASP O 530 -72.34 -17.64 -86.80
CA ASP O 530 -71.49 -17.33 -87.94
C ASP O 530 -72.15 -17.84 -89.23
N ASP O 532 -74.51 -20.83 -93.71
CA ASP O 532 -75.70 -20.01 -93.82
C ASP O 532 -76.79 -20.60 -92.92
N PRO O 533 -78.05 -20.10 -92.98
CA PRO O 533 -79.09 -20.71 -92.14
C PRO O 533 -79.49 -22.18 -92.45
N LYS O 534 -79.52 -22.59 -93.71
CA LYS O 534 -80.00 -23.94 -94.05
C LYS O 534 -79.13 -25.00 -93.34
N TYR O 535 -77.82 -24.78 -93.46
CA TYR O 535 -76.87 -25.66 -92.83
C TYR O 535 -77.08 -25.46 -91.33
N GLU O 536 -77.42 -24.24 -90.92
CA GLU O 536 -77.57 -23.91 -89.51
C GLU O 536 -78.60 -24.79 -88.81
N ARG O 537 -79.80 -24.89 -89.40
CA ARG O 537 -80.89 -25.63 -88.81
C ARG O 537 -80.34 -27.03 -88.72
N LEU O 538 -79.61 -27.39 -89.77
CA LEU O 538 -79.07 -28.74 -89.81
C LEU O 538 -78.12 -28.95 -88.60
N VAL O 539 -77.21 -28.00 -88.33
CA VAL O 539 -76.25 -28.18 -87.24
C VAL O 539 -76.97 -28.31 -85.91
N ASN O 540 -78.06 -27.57 -85.73
CA ASN O 540 -78.71 -27.72 -84.43
C ASN O 540 -79.29 -29.13 -84.36
N ALA O 541 -79.74 -29.60 -85.52
CA ALA O 541 -80.35 -30.92 -85.62
C ALA O 541 -79.34 -32.00 -85.18
N ILE O 542 -78.10 -31.87 -85.67
CA ILE O 542 -77.01 -32.80 -85.38
C ILE O 542 -76.71 -32.69 -83.89
N LEU O 543 -76.79 -31.46 -83.41
CA LEU O 543 -76.43 -31.11 -82.04
C LEU O 543 -77.32 -31.82 -81.06
N ASP O 544 -78.62 -31.87 -81.31
CA ASP O 544 -79.49 -32.53 -80.33
C ASP O 544 -79.12 -34.01 -80.30
N PHE O 545 -78.78 -34.55 -81.46
CA PHE O 545 -78.44 -35.97 -81.57
C PHE O 545 -77.20 -36.34 -80.77
N LEU O 546 -76.25 -35.42 -80.79
CA LEU O 546 -74.97 -35.65 -80.15
C LEU O 546 -74.98 -35.90 -78.61
N PRO O 547 -75.57 -35.01 -77.77
CA PRO O 547 -75.64 -35.46 -76.38
C PRO O 547 -76.59 -36.63 -76.17
N LYS O 548 -77.46 -36.86 -77.14
CA LYS O 548 -78.47 -37.91 -77.05
C LYS O 548 -77.80 -39.27 -76.93
N ILE O 549 -76.76 -39.49 -77.73
CA ILE O 549 -76.04 -40.76 -77.69
C ILE O 549 -74.55 -40.54 -77.45
N SER O 556 -66.30 -47.46 -79.55
CA SER O 556 -66.98 -47.97 -80.75
C SER O 556 -66.24 -47.98 -82.16
N LYS O 557 -65.72 -49.14 -82.70
CA LYS O 557 -65.02 -49.40 -84.09
C LYS O 557 -65.81 -48.56 -85.07
N TYR O 558 -65.11 -47.93 -85.99
CA TYR O 558 -65.35 -46.75 -86.68
C TYR O 558 -66.91 -46.49 -87.03
N THR O 559 -67.45 -47.59 -87.33
CA THR O 559 -68.85 -47.89 -87.63
C THR O 559 -70.08 -47.30 -86.85
N ASP O 560 -70.08 -47.36 -85.55
CA ASP O 560 -71.26 -47.06 -84.78
C ASP O 560 -71.69 -45.64 -85.12
N LEU O 561 -70.70 -44.75 -85.26
CA LEU O 561 -70.97 -43.34 -85.50
C LEU O 561 -71.82 -43.19 -86.77
N LEU O 562 -71.43 -43.89 -87.84
CA LEU O 562 -72.11 -43.72 -89.12
C LEU O 562 -73.52 -44.32 -89.02
N ARG O 563 -73.63 -45.43 -88.28
CA ARG O 563 -74.95 -46.03 -88.18
C ARG O 563 -75.92 -45.19 -87.37
N ILE O 564 -75.47 -44.57 -86.29
CA ILE O 564 -76.38 -43.72 -85.53
C ILE O 564 -76.70 -42.52 -86.42
N ALA O 565 -75.73 -42.11 -87.24
CA ALA O 565 -75.92 -40.96 -88.13
C ALA O 565 -77.12 -41.27 -89.03
N LEU O 566 -77.28 -42.55 -89.35
CA LEU O 566 -78.30 -43.00 -90.31
C LEU O 566 -79.75 -42.67 -89.92
N MET O 567 -80.02 -42.49 -88.63
CA MET O 567 -81.41 -42.36 -88.18
C MET O 567 -82.19 -41.22 -88.84
N ALA O 568 -81.64 -40.02 -88.92
CA ALA O 568 -82.44 -38.96 -89.52
C ALA O 568 -81.84 -38.60 -90.88
N GLU O 569 -82.70 -38.73 -91.89
CA GLU O 569 -82.33 -38.56 -93.30
C GLU O 569 -81.98 -37.11 -93.67
N ASP O 570 -82.63 -36.17 -93.00
CA ASP O 570 -82.51 -34.75 -93.33
C ASP O 570 -81.14 -34.10 -93.14
N GLU O 571 -80.20 -34.78 -92.48
CA GLU O 571 -79.00 -34.07 -92.05
C GLU O 571 -77.70 -34.38 -92.79
N ALA O 572 -76.81 -33.38 -92.76
CA ALA O 572 -75.47 -33.40 -93.37
C ALA O 572 -74.60 -34.40 -92.65
N ILE O 573 -74.81 -34.54 -91.34
CA ILE O 573 -74.04 -35.50 -90.56
C ILE O 573 -74.18 -36.85 -91.24
N PHE O 574 -75.37 -37.23 -91.67
CA PHE O 574 -75.47 -38.53 -92.32
C PHE O 574 -74.66 -38.60 -93.63
N GLU O 575 -74.73 -37.54 -94.44
CA GLU O 575 -74.02 -37.53 -95.72
C GLU O 575 -72.53 -37.66 -95.52
N GLU O 576 -72.05 -36.95 -94.51
CA GLU O 576 -70.65 -36.99 -94.16
C GLU O 576 -70.30 -38.36 -93.67
N ALA O 577 -71.22 -38.94 -92.90
CA ALA O 577 -71.03 -40.24 -92.30
C ALA O 577 -70.81 -41.22 -93.42
N HIS O 578 -71.59 -41.05 -94.48
CA HIS O 578 -71.49 -41.93 -95.62
C HIS O 578 -70.12 -41.71 -96.26
N LYS O 579 -69.66 -40.46 -96.32
CA LYS O 579 -68.37 -40.23 -96.96
C LYS O 579 -67.25 -40.91 -96.18
N GLN O 580 -67.24 -40.69 -94.86
CA GLN O 580 -66.20 -41.23 -94.00
C GLN O 580 -66.21 -42.78 -93.94
N VAL O 581 -67.37 -43.43 -94.12
CA VAL O 581 -67.32 -44.89 -94.29
C VAL O 581 -66.72 -45.21 -95.65
N GLN O 582 -67.08 -44.41 -96.67
CA GLN O 582 -66.50 -44.59 -98.00
C GLN O 582 -64.97 -44.60 -97.94
N ARG O 583 -64.38 -43.65 -97.22
CA ARG O 583 -62.95 -43.71 -96.93
C ARG O 583 -62.71 -44.06 -95.47
N UNK O 584 -79.95 -43.21 -72.77
CA UNK O 584 -80.46 -42.46 -71.63
C UNK O 584 -80.17 -40.98 -71.85
N UNK O 585 -81.10 -40.14 -71.45
CA UNK O 585 -80.96 -38.70 -71.60
C UNK O 585 -79.63 -38.19 -71.04
N UNK O 586 -79.13 -38.80 -69.97
CA UNK O 586 -77.88 -38.36 -69.39
C UNK O 586 -77.07 -39.46 -68.70
N UNK O 587 -75.76 -39.39 -68.83
CA UNK O 587 -74.87 -40.37 -68.22
C UNK O 587 -73.67 -39.69 -67.56
N UNK O 588 -73.57 -39.87 -66.24
CA UNK O 588 -72.54 -39.26 -65.43
C UNK O 588 -71.48 -40.23 -64.92
N UNK O 589 -70.21 -39.83 -65.03
CA UNK O 589 -69.11 -40.67 -64.58
C UNK O 589 -68.21 -39.88 -63.61
N UNK O 590 -68.57 -39.84 -62.31
CA UNK O 590 -67.81 -39.12 -61.29
C UNK O 590 -67.10 -39.97 -60.22
N UNK O 591 -67.18 -41.28 -60.33
CA UNK O 591 -66.52 -42.13 -59.35
C UNK O 591 -65.41 -42.92 -60.02
N UNK O 592 -64.48 -43.43 -59.21
CA UNK O 592 -63.39 -44.20 -59.77
C UNK O 592 -63.60 -45.64 -59.40
N UNK O 593 -66.29 -47.85 -58.68
CA UNK O 593 -67.73 -48.07 -58.78
C UNK O 593 -68.54 -47.01 -58.05
N UNK O 594 -69.68 -46.64 -58.64
CA UNK O 594 -70.58 -45.66 -58.05
C UNK O 594 -71.64 -46.46 -57.33
N UNK O 595 -71.82 -46.23 -56.04
CA UNK O 595 -72.82 -47.01 -55.35
C UNK O 595 -74.20 -46.38 -55.29
N UNK O 596 -74.25 -45.07 -55.11
CA UNK O 596 -75.51 -44.36 -55.03
C UNK O 596 -75.34 -42.96 -55.60
N UNK O 597 -76.45 -42.37 -56.04
CA UNK O 597 -76.45 -41.02 -56.61
C UNK O 597 -77.88 -40.51 -56.47
N UNK O 598 -78.06 -39.19 -56.43
CA UNK O 598 -79.39 -38.64 -56.28
C UNK O 598 -79.48 -37.16 -56.68
N UNK O 599 -80.70 -36.68 -56.89
CA UNK O 599 -80.95 -35.30 -57.30
C UNK O 599 -81.10 -34.35 -56.12
N UNK O 600 -80.82 -33.08 -56.36
CA UNK O 600 -80.99 -32.07 -55.32
C UNK O 600 -82.49 -31.87 -55.28
N UNK O 601 -83.01 -31.27 -54.21
CA UNK O 601 -84.44 -31.07 -54.10
C UNK O 601 -85.06 -30.31 -55.27
N UNK O 602 -84.30 -29.43 -55.91
CA UNK O 602 -84.83 -28.70 -57.05
C UNK O 602 -84.44 -29.40 -58.36
N UNK O 603 -83.79 -30.55 -58.23
CA UNK O 603 -83.38 -31.30 -59.41
C UNK O 603 -82.24 -30.70 -60.23
N UNK O 604 -81.76 -29.53 -59.83
CA UNK O 604 -80.67 -28.85 -60.54
C UNK O 604 -79.30 -29.50 -60.41
N UNK O 605 -79.08 -30.20 -59.30
CA UNK O 605 -77.80 -30.84 -59.05
C UNK O 605 -77.93 -32.33 -58.76
N UNK O 606 -76.80 -33.02 -58.77
CA UNK O 606 -76.73 -34.46 -58.49
C UNK O 606 -75.51 -34.75 -57.65
N UNK O 607 -75.68 -35.55 -56.61
CA UNK O 607 -74.56 -35.93 -55.76
C UNK O 607 -74.46 -37.44 -55.91
N UNK O 608 -73.23 -37.95 -55.94
CA UNK O 608 -72.99 -39.38 -56.11
C UNK O 608 -71.84 -39.79 -55.24
N UNK O 609 -71.95 -40.94 -54.61
CA UNK O 609 -70.91 -41.43 -53.73
C UNK O 609 -70.62 -42.88 -54.08
N UNK O 610 -69.34 -43.22 -54.18
CA UNK O 610 -69.02 -44.60 -54.53
C UNK O 610 -67.85 -45.17 -53.77
N UNK O 611 -67.28 -46.23 -54.34
CA UNK O 611 -66.23 -46.97 -53.67
C UNK O 611 -64.90 -46.23 -53.74
N UNK O 612 -64.89 -45.10 -54.44
CA UNK O 612 -63.65 -44.34 -54.53
C UNK O 612 -63.46 -43.46 -53.28
N UNK O 613 -64.36 -43.61 -52.30
CA UNK O 613 -64.33 -42.88 -51.02
C UNK O 613 -64.71 -41.39 -51.06
N UNK O 614 -65.01 -40.85 -52.23
CA UNK O 614 -65.35 -39.41 -52.33
C UNK O 614 -66.83 -39.03 -52.47
N UNK O 615 -67.13 -37.76 -52.25
CA UNK O 615 -68.49 -37.24 -52.39
C UNK O 615 -68.36 -36.37 -53.62
N UNK O 616 -69.26 -36.54 -54.59
CA UNK O 616 -69.18 -35.75 -55.80
C UNK O 616 -70.48 -35.05 -56.09
N UNK O 617 -70.39 -33.86 -56.68
CA UNK O 617 -71.58 -33.13 -57.01
C UNK O 617 -71.37 -32.41 -58.33
N UNK O 618 -72.41 -32.37 -59.14
CA UNK O 618 -72.37 -31.75 -60.46
C UNK O 618 -73.76 -31.28 -60.89
N UNK O 619 -73.81 -30.37 -61.85
CA UNK O 619 -75.07 -29.85 -62.35
C UNK O 619 -75.84 -30.99 -63.01
N UNK O 620 -77.15 -31.02 -62.84
CA UNK O 620 -77.95 -32.07 -63.45
C UNK O 620 -77.94 -31.90 -64.97
N UNK O 621 -77.98 -30.63 -65.40
CA UNK O 621 -77.96 -30.28 -66.81
C UNK O 621 -76.75 -30.73 -67.62
N UNK O 622 -75.55 -30.47 -67.13
CA UNK O 622 -74.33 -30.79 -67.87
C UNK O 622 -73.23 -31.66 -67.26
N UNK O 623 -73.39 -32.10 -66.01
CA UNK O 623 -72.36 -32.93 -65.40
C UNK O 623 -71.15 -32.11 -64.96
N UNK O 624 -71.23 -30.82 -65.26
CA UNK O 624 -70.22 -29.83 -64.93
C UNK O 624 -69.89 -30.01 -63.45
N UNK O 625 -68.71 -30.52 -63.14
CA UNK O 625 -68.34 -30.75 -61.74
C UNK O 625 -68.51 -29.53 -60.84
N UNK O 626 -69.13 -29.74 -59.67
CA UNK O 626 -69.35 -28.70 -58.68
C UNK O 626 -68.55 -28.95 -57.41
N UNK O 627 -68.54 -30.19 -56.93
CA UNK O 627 -67.77 -30.53 -55.72
C UNK O 627 -67.01 -31.86 -55.89
N UNK O 628 -65.78 -31.91 -55.37
CA UNK O 628 -64.95 -33.10 -55.42
C UNK O 628 -64.32 -33.31 -54.02
N UNK O 629 -65.13 -33.76 -53.07
CA UNK O 629 -64.72 -33.96 -51.68
C UNK O 629 -64.22 -35.37 -51.38
N UNK O 630 -63.32 -35.49 -50.42
CA UNK O 630 -62.80 -36.80 -50.02
C UNK O 630 -63.58 -37.14 -48.74
N UNK O 631 -64.85 -37.48 -48.88
CA UNK O 631 -65.75 -37.75 -47.75
C UNK O 631 -65.39 -38.75 -46.63
N UNK O 632 -64.90 -39.94 -46.97
CA UNK O 632 -64.57 -40.89 -45.93
C UNK O 632 -63.29 -41.66 -46.14
N UNK O 633 -63.02 -42.54 -45.18
CA UNK O 633 -61.84 -43.38 -45.17
C UNK O 633 -62.25 -44.82 -45.49
N UNK O 634 -63.86 -45.39 -45.75
CA UNK O 634 -64.36 -46.70 -46.15
C UNK O 634 -65.64 -46.51 -46.97
N UNK O 635 -65.91 -47.48 -47.84
CA UNK O 635 -67.04 -47.41 -48.77
C UNK O 635 -68.35 -46.91 -48.17
N UNK O 636 -69.12 -46.20 -48.97
CA UNK O 636 -70.39 -45.63 -48.53
C UNK O 636 -71.54 -46.51 -48.99
N UNK O 637 -72.69 -46.37 -48.34
CA UNK O 637 -73.87 -47.19 -48.68
C UNK O 637 -75.19 -46.48 -49.00
N UNK O 638 -75.31 -45.23 -48.61
CA UNK O 638 -76.55 -44.51 -48.87
C UNK O 638 -76.35 -43.02 -48.61
N UNK O 639 -77.22 -42.21 -49.21
CA UNK O 639 -77.16 -40.76 -49.07
C UNK O 639 -78.54 -40.15 -49.37
N UNK O 640 -78.86 -39.02 -48.74
CA UNK O 640 -80.15 -38.39 -48.96
C UNK O 640 -80.11 -36.91 -48.68
N UNK O 641 -81.15 -36.21 -49.12
CA UNK O 641 -81.28 -34.76 -48.92
C UNK O 641 -82.31 -34.56 -47.82
N UNK O 642 -82.27 -33.40 -47.17
CA UNK O 642 -83.23 -33.10 -46.11
C UNK O 642 -84.50 -32.59 -46.78
N UNK O 643 -85.50 -32.24 -45.99
CA UNK O 643 -86.77 -31.75 -46.51
C UNK O 643 -86.65 -30.47 -47.33
N UNK O 644 -85.68 -29.62 -47.03
CA UNK O 644 -85.51 -28.37 -47.78
C UNK O 644 -84.19 -28.35 -48.54
N UNK O 645 -83.67 -29.55 -48.87
CA UNK O 645 -82.43 -29.67 -49.60
C UNK O 645 -81.31 -28.88 -48.96
N UNK O 646 -81.50 -28.45 -47.73
CA UNK O 646 -80.47 -27.68 -47.05
C UNK O 646 -79.29 -28.58 -46.69
N UNK O 647 -79.58 -29.85 -46.49
CA UNK O 647 -78.56 -30.81 -46.10
C UNK O 647 -78.61 -32.08 -46.91
N UNK O 648 -77.54 -32.86 -46.75
CA UNK O 648 -77.39 -34.15 -47.39
C UNK O 648 -76.70 -35.02 -46.34
N UNK O 649 -77.24 -36.17 -46.04
CA UNK O 649 -76.59 -37.03 -45.08
C UNK O 649 -75.96 -38.14 -45.91
N UNK O 650 -75.06 -38.90 -45.27
CA UNK O 650 -74.42 -40.04 -45.91
C UNK O 650 -74.08 -40.97 -44.77
N UNK O 651 -74.36 -42.25 -44.96
CA UNK O 651 -74.03 -43.22 -43.94
C UNK O 651 -73.12 -44.24 -44.65
N UNK O 652 -72.12 -44.76 -43.94
CA UNK O 652 -71.19 -45.70 -44.59
C UNK O 652 -70.79 -46.89 -43.75
N UNK O 653 -69.88 -47.68 -44.32
CA UNK O 653 -69.37 -48.87 -43.68
C UNK O 653 -68.47 -48.59 -42.49
N UNK O 654 -68.09 -47.32 -42.32
CA UNK O 654 -67.24 -46.97 -41.20
C UNK O 654 -68.14 -46.79 -39.99
N UNK O 655 -69.41 -47.15 -40.17
CA UNK O 655 -70.41 -47.10 -39.11
C UNK O 655 -70.83 -45.68 -38.74
N UNK O 656 -70.37 -44.69 -39.50
CA UNK O 656 -70.73 -43.30 -39.22
C UNK O 656 -71.82 -42.77 -40.14
N UNK O 657 -72.45 -41.69 -39.70
CA UNK O 657 -73.50 -40.99 -40.45
C UNK O 657 -73.00 -39.55 -40.50
N UNK O 658 -73.19 -38.85 -41.61
CA UNK O 658 -72.70 -37.49 -41.68
C UNK O 658 -73.67 -36.51 -42.31
N UNK O 659 -73.59 -35.25 -41.87
CA UNK O 659 -74.48 -34.24 -42.40
C UNK O 659 -73.63 -33.21 -43.10
N UNK O 660 -74.05 -32.79 -44.29
CA UNK O 660 -73.30 -31.82 -45.08
C UNK O 660 -74.17 -30.66 -45.53
N UNK O 661 -73.56 -29.49 -45.67
CA UNK O 661 -74.26 -28.32 -46.16
C UNK O 661 -74.29 -28.62 -47.65
N UNK O 662 -75.46 -28.87 -48.19
CA UNK O 662 -75.57 -29.22 -49.61
C UNK O 662 -75.01 -28.15 -50.52
N UNK O 663 -74.81 -26.95 -49.99
CA UNK O 663 -74.31 -25.85 -50.80
C UNK O 663 -72.79 -25.78 -50.86
N UNK O 664 -70.76 -28.06 -49.04
CA UNK O 664 -70.16 -29.36 -48.84
C UNK O 664 -69.35 -29.48 -47.58
N UNK O 665 -69.43 -28.48 -46.71
CA UNK O 665 -68.69 -28.54 -45.46
C UNK O 665 -69.37 -29.48 -44.46
N UNK O 666 -68.57 -30.35 -43.84
CA UNK O 666 -69.08 -31.30 -42.86
C UNK O 666 -69.81 -30.50 -41.79
N UNK O 667 -71.06 -30.85 -41.53
CA UNK O 667 -71.87 -30.14 -40.54
C UNK O 667 -72.13 -31.05 -39.34
N UNK O 668 -70.79 -35.13 -37.42
CA UNK O 668 -70.92 -36.56 -37.67
C UNK O 668 -71.49 -37.29 -36.46
N UNK O 669 -72.22 -38.37 -36.71
CA UNK O 669 -72.84 -39.16 -35.66
C UNK O 669 -72.32 -40.57 -35.70
N UNK O 670 -71.45 -40.94 -34.76
CA UNK O 670 -70.94 -42.30 -34.71
C UNK O 670 -71.56 -42.98 -33.51
N UNK O 671 -72.44 -43.95 -33.75
CA UNK O 671 -73.10 -44.67 -32.67
C UNK O 671 -73.50 -46.05 -33.09
N UNK O 672 -75.58 -46.91 -37.29
CA UNK O 672 -76.92 -46.43 -37.53
C UNK O 672 -77.26 -46.59 -39.02
N UNK O 673 -78.31 -47.38 -39.28
CA UNK O 673 -78.77 -47.72 -40.63
C UNK O 673 -79.80 -46.77 -41.24
N UNK O 674 -80.84 -46.45 -40.47
CA UNK O 674 -81.89 -45.55 -40.93
C UNK O 674 -81.59 -44.11 -40.56
N UNK O 675 -81.98 -43.19 -41.44
CA UNK O 675 -81.91 -41.75 -41.16
C UNK O 675 -82.75 -41.00 -42.20
N UNK O 676 -83.84 -40.41 -41.70
CA UNK O 676 -84.81 -39.68 -42.49
C UNK O 676 -85.25 -38.37 -41.81
N UNK O 677 -85.50 -37.33 -42.61
CA UNK O 677 -85.92 -36.02 -42.07
C UNK O 677 -87.43 -35.89 -42.04
N UNK O 678 -87.93 -34.82 -41.44
CA UNK O 678 -89.37 -34.57 -41.39
C UNK O 678 -89.76 -33.97 -42.73
N UNK O 679 -90.96 -34.29 -43.22
CA UNK O 679 -91.43 -33.79 -44.52
C UNK O 679 -91.90 -32.35 -44.53
N UNK O 680 -92.72 -31.99 -43.54
CA UNK O 680 -93.23 -30.64 -43.46
C UNK O 680 -92.15 -29.58 -43.28
N UNK O 681 -92.17 -28.61 -44.20
CA UNK O 681 -91.25 -27.50 -44.25
C UNK O 681 -91.31 -26.65 -42.98
N UNK O 682 -92.12 -27.08 -42.04
CA UNK O 682 -92.27 -26.34 -40.80
C UNK O 682 -91.19 -26.75 -39.79
N UNK O 683 -91.36 -27.90 -39.15
CA UNK O 683 -90.40 -28.42 -38.19
C UNK O 683 -89.21 -29.09 -38.88
N UNK O 684 -88.10 -29.24 -38.16
CA UNK O 684 -86.88 -29.82 -38.73
C UNK O 684 -86.26 -30.91 -37.87
N UNK O 685 -86.82 -32.12 -37.89
CA UNK O 685 -86.29 -33.19 -37.09
C UNK O 685 -85.62 -34.27 -37.92
N UNK O 686 -84.79 -35.07 -37.26
CA UNK O 686 -84.10 -36.16 -37.94
C UNK O 686 -84.31 -37.41 -37.12
N UNK O 687 -84.66 -38.50 -37.78
CA UNK O 687 -84.90 -39.76 -37.11
C UNK O 687 -83.86 -40.76 -37.56
N UNK O 688 -83.32 -41.50 -36.62
CA UNK O 688 -82.29 -42.48 -36.93
C UNK O 688 -82.56 -43.82 -36.24
N UNK O 689 -82.31 -44.90 -36.97
CA UNK O 689 -82.48 -46.24 -36.43
C UNK O 689 -81.10 -46.85 -36.40
N UNK O 690 -80.79 -47.65 -35.39
CA UNK O 690 -79.45 -48.24 -35.32
C UNK O 690 -79.45 -49.70 -34.88
N UNK O 691 -78.31 -50.36 -35.08
CA UNK O 691 -78.14 -51.75 -34.68
C UNK O 691 -78.18 -51.86 -33.17
N UNK O 692 -78.13 -50.72 -32.48
CA UNK O 692 -78.17 -50.72 -31.03
C UNK O 692 -79.59 -50.84 -30.49
N UNK O 693 -80.54 -51.09 -31.40
CA UNK O 693 -81.96 -51.27 -31.05
C UNK O 693 -82.74 -50.00 -30.79
N UNK O 694 -82.09 -48.84 -30.84
CA UNK O 694 -82.81 -47.62 -30.58
C UNK O 694 -83.09 -46.83 -31.82
N UNK O 695 -83.95 -45.84 -31.63
CA UNK O 695 -84.35 -44.88 -32.64
C UNK O 695 -84.09 -43.54 -31.98
N UNK O 696 -83.70 -42.53 -32.73
CA UNK O 696 -83.47 -41.25 -32.11
C UNK O 696 -84.03 -40.08 -32.90
N UNK O 697 -84.57 -39.11 -32.18
CA UNK O 697 -85.09 -37.92 -32.80
C UNK O 697 -84.08 -36.85 -32.44
N UNK O 698 -83.63 -36.10 -33.44
CA UNK O 698 -82.66 -35.04 -33.20
C UNK O 698 -83.33 -33.75 -33.63
N UNK O 699 -83.07 -32.69 -32.88
CA UNK O 699 -83.63 -31.38 -33.20
C UNK O 699 -82.40 -30.63 -33.69
N UNK O 700 -82.20 -30.59 -35.01
CA UNK O 700 -81.05 -29.92 -35.60
C UNK O 700 -80.77 -28.55 -35.05
N UNK O 701 -81.78 -27.96 -34.42
CA UNK O 701 -81.65 -26.64 -33.81
C UNK O 701 -81.19 -26.81 -32.36
N UNK O 702 -80.47 -27.90 -32.08
CA UNK O 702 -80.02 -28.15 -30.72
C UNK O 702 -78.83 -29.10 -30.70
N UNK O 703 -77.76 -28.69 -30.04
CA UNK O 703 -76.56 -29.52 -29.94
C UNK O 703 -76.85 -30.90 -29.34
N UNK O 704 -78.10 -31.13 -28.93
CA UNK O 704 -78.44 -32.40 -28.29
C UNK O 704 -79.52 -33.27 -28.93
N UNK O 705 -79.55 -34.53 -28.47
CA UNK O 705 -80.50 -35.52 -28.90
C UNK O 705 -81.81 -35.01 -28.31
N UNK O 706 -82.94 -35.35 -28.92
CA UNK O 706 -84.22 -34.87 -28.38
C UNK O 706 -85.01 -35.99 -27.75
N UNK O 707 -84.82 -37.19 -28.25
CA UNK O 707 -85.53 -38.33 -27.73
C UNK O 707 -84.82 -39.61 -28.14
N UNK O 708 -85.05 -40.68 -27.37
CA UNK O 708 -84.44 -41.96 -27.67
C UNK O 708 -85.52 -42.98 -27.50
N UNK O 709 -86.13 -43.40 -28.60
CA UNK O 709 -87.20 -44.38 -28.52
C UNK O 709 -86.73 -45.77 -28.18
N UNK O 710 -87.00 -46.22 -26.95
CA UNK O 710 -86.60 -47.56 -26.59
C UNK O 710 -87.78 -48.47 -26.94
N UNK O 711 -80.59 -56.66 -38.30
CA UNK O 711 -81.70 -55.76 -38.63
C UNK O 711 -81.17 -54.84 -39.72
N UNK O 712 -81.74 -54.95 -40.92
CA UNK O 712 -81.26 -54.16 -42.04
C UNK O 712 -81.97 -52.88 -42.32
N UNK O 713 -83.15 -52.69 -41.76
CA UNK O 713 -83.89 -51.48 -42.08
C UNK O 713 -85.02 -51.29 -41.09
N UNK O 714 -85.49 -50.06 -40.95
CA UNK O 714 -86.57 -49.72 -40.02
C UNK O 714 -87.09 -48.32 -40.31
N UNK O 715 -88.41 -48.17 -40.26
CA UNK O 715 -89.05 -46.89 -40.53
C UNK O 715 -90.20 -46.66 -39.57
N UNK O 716 -90.35 -45.44 -39.09
CA UNK O 716 -91.45 -45.16 -38.21
C UNK O 716 -92.67 -45.07 -39.11
N UNK O 717 -93.84 -45.32 -38.56
CA UNK O 717 -95.05 -45.21 -39.35
C UNK O 717 -95.36 -43.73 -39.45
N UNK O 718 -96.14 -43.33 -40.46
CA UNK O 718 -96.46 -41.91 -40.58
C UNK O 718 -97.07 -41.47 -39.26
N UNK O 719 -96.98 -44.07 -34.20
CA UNK O 719 -97.27 -45.09 -33.20
C UNK O 719 -96.61 -46.45 -33.44
N UNK O 720 -96.20 -46.73 -34.67
CA UNK O 720 -95.57 -48.01 -34.95
C UNK O 720 -94.19 -47.88 -35.53
N UNK O 721 -93.39 -48.92 -35.37
CA UNK O 721 -92.03 -48.93 -35.89
C UNK O 721 -91.89 -50.21 -36.70
N UNK O 722 -91.82 -50.08 -38.01
CA UNK O 722 -91.66 -51.25 -38.84
C UNK O 722 -90.18 -51.63 -38.86
N UNK O 723 -89.91 -52.92 -38.90
CA UNK O 723 -88.53 -53.38 -38.90
C UNK O 723 -88.35 -54.53 -39.86
N UNK O 724 -87.23 -54.45 -40.58
CA UNK O 724 -86.90 -55.41 -41.63
C UNK O 724 -85.55 -56.06 -41.34
N UNK O 725 -85.50 -57.39 -41.45
CA UNK O 725 -84.26 -58.12 -41.14
C UNK O 725 -83.90 -59.26 -42.07
N UNK O 726 -82.82 -59.95 -41.71
CA UNK O 726 -82.30 -61.06 -42.47
C UNK O 726 -82.97 -62.35 -42.00
N UNK O 727 -83.61 -62.29 -40.84
CA UNK O 727 -84.28 -63.47 -40.31
C UNK O 727 -85.54 -63.81 -41.09
N UNK O 728 -85.77 -63.10 -42.20
CA UNK O 728 -86.93 -63.38 -43.02
C UNK O 728 -88.26 -62.82 -42.51
N UNK O 729 -88.20 -61.83 -41.65
CA UNK O 729 -89.44 -61.24 -41.14
C UNK O 729 -89.57 -59.73 -41.36
N UNK O 730 -90.81 -59.26 -41.22
CA UNK O 730 -91.13 -57.84 -41.29
C UNK O 730 -91.70 -57.77 -39.88
N UNK O 731 -91.53 -56.67 -39.16
CA UNK O 731 -92.06 -56.66 -37.82
C UNK O 731 -92.55 -55.30 -37.41
N UNK O 732 -93.63 -55.28 -36.65
CA UNK O 732 -94.18 -54.03 -36.19
C UNK O 732 -94.10 -53.88 -34.69
N UNK O 733 -93.13 -53.11 -34.24
CA UNK O 733 -92.98 -52.87 -32.83
C UNK O 733 -93.88 -51.70 -32.46
N UNK O 734 -94.23 -51.58 -31.19
CA UNK O 734 -95.09 -50.50 -30.71
C UNK O 734 -94.23 -49.44 -30.04
N UNK O 735 -94.06 -48.32 -30.71
CA UNK O 735 -93.21 -47.26 -30.19
C UNK O 735 -93.40 -46.91 -28.71
N UNK O 736 -94.61 -46.52 -28.34
CA UNK O 736 -94.88 -46.13 -26.97
C UNK O 736 -94.39 -47.13 -25.92
N UNK O 737 -94.27 -48.41 -26.30
CA UNK O 737 -93.84 -49.41 -25.33
C UNK O 737 -92.70 -50.33 -25.76
N UNK O 738 -92.19 -50.12 -26.97
CA UNK O 738 -91.12 -50.95 -27.51
C UNK O 738 -91.42 -52.45 -27.45
N UNK O 739 -92.67 -52.83 -27.66
CA UNK O 739 -93.12 -54.23 -27.63
C UNK O 739 -93.35 -54.77 -29.03
N UNK O 740 -93.10 -56.05 -29.23
CA UNK O 740 -93.33 -56.63 -30.57
C UNK O 740 -94.84 -56.88 -30.71
N UNK O 741 -95.47 -56.23 -31.69
CA UNK O 741 -96.90 -56.40 -31.92
C UNK O 741 -97.16 -57.50 -32.95
N UNK O 742 -96.43 -57.51 -34.05
CA UNK O 742 -96.61 -58.55 -35.06
C UNK O 742 -95.29 -58.91 -35.72
N UNK O 743 -95.32 -60.00 -36.46
CA UNK O 743 -94.16 -60.47 -37.19
C UNK O 743 -94.70 -61.14 -38.44
N UNK O 744 -94.12 -60.80 -39.59
CA UNK O 744 -94.58 -61.38 -40.85
C UNK O 744 -93.48 -62.14 -41.56
N UNK O 745 -93.56 -63.45 -41.54
CA UNK O 745 -92.57 -64.28 -42.19
C UNK O 745 -92.68 -64.18 -43.70
N UNK O 746 -91.55 -64.02 -44.38
CA UNK O 746 -91.58 -63.98 -45.83
C UNK O 746 -91.20 -65.37 -46.35
N UNK O 747 -92.25 -66.05 -46.82
CA UNK O 747 -92.21 -67.42 -47.33
C UNK O 747 -92.61 -67.51 -48.81
N UNK O 748 -92.19 -66.55 -49.62
CA UNK O 748 -92.55 -66.56 -51.03
C UNK O 748 -91.43 -67.13 -51.86
N UNK O 749 -90.58 -67.92 -51.22
CA UNK O 749 -89.45 -68.50 -51.90
C UNK O 749 -89.32 -70.01 -51.62
N UNK O 750 -89.05 -70.76 -52.69
CA UNK O 750 -88.95 -72.21 -52.60
C UNK O 750 -87.64 -72.73 -53.21
N UNK O 751 -83.95 -54.59 -47.44
CA UNK O 751 -84.30 -53.28 -47.96
C UNK O 751 -85.69 -52.92 -47.44
N UNK O 752 -85.93 -51.67 -47.08
CA UNK O 752 -87.26 -51.29 -46.62
C UNK O 752 -87.44 -49.80 -46.52
N UNK O 753 -87.96 -49.24 -47.60
CA UNK O 753 -88.19 -47.80 -47.71
C UNK O 753 -89.63 -47.34 -47.56
N UNK O 754 -89.75 -46.07 -47.20
CA UNK O 754 -91.04 -45.40 -46.98
C UNK O 754 -91.65 -44.82 -48.24
N UNK O 755 -92.95 -44.53 -48.17
CA UNK O 755 -93.62 -43.92 -49.30
C UNK O 755 -93.34 -42.44 -49.23
N UNK O 756 -93.78 -41.70 -50.25
CA UNK O 756 -93.55 -40.26 -50.30
C UNK O 756 -94.20 -39.51 -49.15
N UNK O 757 -95.43 -39.90 -48.83
CA UNK O 757 -96.17 -39.27 -47.77
C UNK O 757 -95.82 -39.85 -46.41
N UNK O 758 -94.95 -40.85 -46.40
CA UNK O 758 -94.57 -41.46 -45.13
C UNK O 758 -95.71 -42.23 -44.47
N UNK O 759 -96.74 -42.52 -45.25
CA UNK O 759 -97.89 -43.23 -44.73
C UNK O 759 -97.93 -44.69 -45.17
N UNK O 760 -96.89 -45.13 -45.87
CA UNK O 760 -96.83 -46.51 -46.32
C UNK O 760 -95.37 -46.93 -46.37
N UNK O 761 -95.13 -48.24 -46.26
CA UNK O 761 -93.77 -48.75 -46.26
C UNK O 761 -93.71 -50.05 -47.06
N UNK O 762 -92.70 -50.22 -47.91
CA UNK O 762 -92.63 -51.47 -48.64
C UNK O 762 -91.46 -52.23 -48.03
N UNK O 763 -91.55 -53.56 -48.02
CA UNK O 763 -90.46 -54.40 -47.51
C UNK O 763 -90.29 -55.62 -48.38
N UNK O 764 -89.15 -56.27 -48.27
CA UNK O 764 -88.84 -57.44 -49.07
C UNK O 764 -88.35 -58.62 -48.24
N UNK O 765 -88.72 -59.82 -48.68
CA UNK O 765 -88.33 -61.06 -48.02
C UNK O 765 -88.52 -62.27 -48.95
N UNK O 766 -89.27 -64.39 -51.48
CA UNK O 766 -89.79 -64.12 -52.82
C UNK O 766 -90.74 -62.95 -53.00
N UNK O 767 -91.02 -62.19 -51.96
CA UNK O 767 -91.98 -61.12 -52.16
C UNK O 767 -91.63 -59.74 -51.62
N UNK O 768 -92.30 -58.76 -52.18
CA UNK O 768 -92.20 -57.37 -51.78
C UNK O 768 -93.58 -57.18 -51.19
N UNK O 769 -93.68 -56.51 -50.05
CA UNK O 769 -94.97 -56.31 -49.39
C UNK O 769 -95.19 -54.84 -49.04
N UNK O 770 -96.40 -54.35 -49.29
CA UNK O 770 -96.71 -52.98 -48.98
C UNK O 770 -97.59 -52.87 -47.74
N UNK O 771 -97.07 -52.22 -46.72
CA UNK O 771 -97.79 -52.04 -45.47
C UNK O 771 -98.27 -50.64 -45.21
N UNK O 772 -99.36 -50.58 -44.44
CA UNK O 772 -99.94 -49.31 -44.06
C UNK O 772 -99.29 -49.00 -42.71
N UNK O 773 -98.43 -47.98 -42.69
CA UNK O 773 -97.72 -47.57 -41.47
C UNK O 773 -98.62 -47.45 -40.22
N UNK O 774 -102.56 -48.58 -39.67
CA UNK O 774 -103.27 -49.84 -39.43
C UNK O 774 -102.36 -51.08 -39.40
N UNK O 775 -101.19 -50.99 -40.03
CA UNK O 775 -100.25 -52.12 -40.10
C UNK O 775 -100.82 -53.19 -41.02
N UNK O 776 -101.67 -52.75 -41.94
CA UNK O 776 -102.26 -53.68 -42.87
C UNK O 776 -101.41 -53.91 -44.08
N UNK O 777 -101.58 -55.09 -44.66
CA UNK O 777 -100.83 -55.47 -45.85
C UNK O 777 -101.63 -54.98 -47.04
N UNK O 778 -101.20 -53.87 -47.64
CA UNK O 778 -101.90 -53.32 -48.79
C UNK O 778 -101.55 -53.95 -50.12
N UNK O 779 -100.51 -54.78 -50.15
CA UNK O 779 -100.12 -55.40 -51.41
C UNK O 779 -99.06 -56.48 -51.27
N UNK O 780 -99.11 -57.43 -52.19
CA UNK O 780 -98.17 -58.54 -52.17
C UNK O 780 -97.86 -58.99 -53.59
N UNK O 781 -96.77 -58.47 -54.14
CA UNK O 781 -96.38 -58.88 -55.47
C UNK O 781 -95.35 -60.00 -55.29
N UNK O 782 -94.87 -59.68 -58.10
CA UNK O 782 -93.99 -60.82 -58.03
C UNK O 782 -92.92 -60.65 -59.09
N UNK O 783 -91.67 -60.67 -58.65
CA UNK O 783 -90.55 -60.46 -59.54
C UNK O 783 -90.07 -61.70 -60.27
N UNK O 784 -85.45 -64.71 -58.67
CA UNK O 784 -84.09 -64.23 -58.45
C UNK O 784 -84.22 -63.60 -57.07
N UNK O 785 -83.42 -62.58 -56.77
CA UNK O 785 -83.53 -61.91 -55.48
C UNK O 785 -83.30 -60.41 -55.61
N UNK O 786 -84.24 -59.62 -55.12
CA UNK O 786 -84.15 -58.17 -55.17
C UNK O 786 -82.92 -57.77 -54.37
N UNK O 787 -82.01 -57.06 -55.01
CA UNK O 787 -80.78 -56.62 -54.35
C UNK O 787 -80.94 -55.26 -53.65
N UNK O 788 -81.86 -54.43 -54.11
CA UNK O 788 -82.11 -53.13 -53.47
C UNK O 788 -83.36 -52.47 -54.03
N UNK O 789 -83.89 -51.50 -53.28
CA UNK O 789 -85.10 -50.78 -53.70
C UNK O 789 -85.29 -49.43 -53.01
N UNK O 790 -86.35 -48.72 -53.36
CA UNK O 790 -86.63 -47.45 -52.72
C UNK O 790 -88.01 -47.02 -53.12
N UNK O 791 -88.79 -46.66 -52.10
CA UNK O 791 -90.16 -46.24 -52.26
C UNK O 791 -90.24 -44.73 -52.44
N UNK O 792 -90.92 -44.31 -53.50
CA UNK O 792 -91.08 -42.90 -53.82
C UNK O 792 -92.00 -42.20 -52.82
N UNK O 793 -92.12 -40.87 -52.92
CA UNK O 793 -93.02 -40.19 -51.98
C UNK O 793 -94.35 -39.86 -52.65
N UNK O 794 -94.44 -40.18 -53.95
CA UNK O 794 -95.64 -39.95 -54.76
C UNK O 794 -95.90 -41.12 -55.68
N UNK O 795 -97.11 -41.14 -56.25
CA UNK O 795 -97.51 -42.19 -57.19
C UNK O 795 -97.24 -43.63 -56.70
N UNK O 796 -97.05 -43.79 -55.39
CA UNK O 796 -96.75 -45.11 -54.80
C UNK O 796 -95.70 -45.82 -55.64
N UNK O 797 -94.78 -45.06 -56.24
CA UNK O 797 -93.75 -45.66 -57.06
C UNK O 797 -92.68 -46.28 -56.21
N UNK O 798 -92.12 -47.37 -56.71
CA UNK O 798 -91.07 -48.06 -56.01
C UNK O 798 -90.06 -48.52 -57.04
N UNK O 799 -88.78 -48.25 -56.79
CA UNK O 799 -87.74 -48.67 -57.72
C UNK O 799 -86.94 -49.75 -57.04
N UNK O 800 -86.68 -50.81 -57.77
CA UNK O 800 -85.91 -51.90 -57.22
C UNK O 800 -84.89 -52.39 -58.21
N UNK O 801 -83.67 -52.62 -57.73
CA UNK O 801 -82.64 -53.16 -58.58
C UNK O 801 -82.98 -54.62 -58.47
N UNK O 802 -77.95 -56.04 -62.75
CA UNK O 802 -78.21 -54.92 -63.64
C UNK O 802 -79.62 -54.67 -64.23
N UNK O 803 -80.62 -55.38 -63.73
CA UNK O 803 -81.98 -55.15 -64.22
C UNK O 803 -82.61 -54.16 -63.27
N UNK O 804 -83.20 -53.11 -63.81
CA UNK O 804 -83.81 -52.11 -62.95
C UNK O 804 -85.21 -51.83 -63.42
N UNK O 805 -86.19 -52.07 -62.56
CA UNK O 805 -87.56 -51.81 -62.93
C UNK O 805 -88.28 -51.09 -61.82
N UNK O 806 -89.09 -50.09 -62.16
CA UNK O 806 -89.84 -49.39 -61.13
C UNK O 806 -91.27 -49.84 -61.26
N UNK O 807 -91.86 -50.18 -60.11
CA UNK O 807 -93.22 -50.68 -59.99
C UNK O 807 -94.17 -49.69 -59.35
N UNK O 808 -95.44 -50.02 -59.45
CA UNK O 808 -96.51 -49.22 -58.91
C UNK O 808 -97.22 -50.01 -57.81
N UNK O 809 -96.84 -49.78 -56.55
CA UNK O 809 -97.48 -50.48 -55.44
C UNK O 809 -98.92 -50.02 -55.56
N UNK O 810 -99.85 -50.67 -54.88
CA UNK O 810 -101.26 -50.27 -54.99
C UNK O 810 -101.86 -50.80 -56.30
N UNK O 811 -99.88 -52.72 -58.10
CA UNK O 811 -99.09 -53.96 -58.07
C UNK O 811 -98.65 -54.42 -59.45
N UNK O 812 -98.35 -53.45 -60.31
CA UNK O 812 -97.92 -53.74 -61.68
C UNK O 812 -96.60 -53.05 -62.05
N UNK O 813 -95.83 -53.65 -62.93
CA UNK O 813 -94.59 -53.00 -63.34
C UNK O 813 -95.00 -51.82 -64.23
N UNK O 814 -94.27 -50.71 -64.08
CA UNK O 814 -94.54 -49.47 -64.80
C UNK O 814 -93.48 -49.19 -65.87
N UNK O 815 -92.24 -49.49 -65.56
CA UNK O 815 -91.18 -49.23 -66.53
C UNK O 815 -89.97 -50.11 -66.36
N UNK O 816 -89.30 -50.36 -67.48
CA UNK O 816 -88.08 -51.14 -67.46
C UNK O 816 -86.97 -50.14 -67.69
N UNK O 817 -86.03 -50.10 -66.77
CA UNK O 817 -84.93 -49.17 -66.86
C UNK O 817 -83.65 -49.90 -67.21
N UNK O 818 -83.31 -49.89 -68.49
CA UNK O 818 -82.11 -50.58 -68.96
C UNK O 818 -80.98 -49.58 -69.03
N UNK O 819 -79.96 -49.76 -68.20
CA UNK O 819 -78.83 -48.84 -68.21
C UNK O 819 -77.48 -49.46 -67.91
N UNK O 820 -77.48 -50.57 -67.18
CA UNK O 820 -76.23 -51.23 -66.81
C UNK O 820 -76.16 -52.66 -67.34
N UNK O 821 -74.95 -53.17 -67.50
CA UNK O 821 -74.76 -54.55 -67.95
C UNK O 821 -73.86 -55.24 -66.92
N UNK O 822 -72.96 -54.10 -66.09
CA UNK O 822 -72.32 -54.38 -64.82
C UNK O 822 -73.39 -54.13 -63.76
N UNK O 823 -73.32 -54.89 -62.68
CA UNK O 823 -74.25 -54.80 -61.56
C UNK O 823 -74.88 -53.45 -61.19
N UNK O 824 -76.20 -53.42 -61.03
CA UNK O 824 -76.87 -52.15 -60.71
C UNK O 824 -77.22 -52.20 -59.24
N UNK O 825 -76.61 -51.33 -58.45
CA UNK O 825 -76.82 -51.30 -57.02
C UNK O 825 -78.05 -50.53 -56.57
N UNK O 826 -78.30 -49.41 -57.21
CA UNK O 826 -79.44 -48.62 -56.81
C UNK O 826 -80.16 -48.01 -57.98
N UNK O 827 -81.33 -47.45 -57.69
CA UNK O 827 -82.13 -46.89 -58.75
C UNK O 827 -83.29 -46.12 -58.11
N UNK O 828 -83.62 -44.94 -58.62
CA UNK O 828 -84.78 -44.26 -58.06
C UNK O 828 -85.35 -43.12 -58.87
N UNK O 829 -86.61 -42.79 -58.56
CA UNK O 829 -87.32 -41.74 -59.27
C UNK O 829 -86.96 -40.37 -58.77
N UNK O 830 -87.16 -39.38 -59.64
CA UNK O 830 -86.94 -38.01 -59.29
C UNK O 830 -88.11 -37.76 -58.37
N UNK O 831 -88.15 -36.61 -57.69
CA UNK O 831 -89.29 -36.40 -56.80
C UNK O 831 -90.65 -36.34 -57.49
N UNK O 832 -90.73 -35.78 -58.70
CA UNK O 832 -92.01 -35.72 -59.39
C UNK O 832 -92.22 -36.99 -60.19
N UNK O 833 -91.31 -37.92 -60.00
CA UNK O 833 -91.38 -39.19 -60.70
C UNK O 833 -91.33 -39.04 -62.20
N UNK O 834 -90.88 -37.89 -62.68
CA UNK O 834 -90.82 -37.66 -64.11
C UNK O 834 -89.61 -38.35 -64.71
N UNK O 835 -88.64 -38.66 -63.87
CA UNK O 835 -87.45 -39.33 -64.37
C UNK O 835 -86.87 -40.18 -63.25
N UNK O 836 -85.89 -41.01 -63.58
CA UNK O 836 -85.25 -41.86 -62.58
C UNK O 836 -83.77 -42.01 -62.89
N UNK O 837 -82.98 -42.39 -61.89
CA UNK O 837 -81.55 -42.55 -62.08
C UNK O 837 -81.16 -43.99 -61.83
N UNK O 838 -80.04 -44.40 -62.42
CA UNK O 838 -79.52 -45.76 -62.28
C UNK O 838 -78.09 -45.67 -61.75
N UNK O 839 -77.78 -46.42 -60.70
CA UNK O 839 -76.42 -46.41 -60.14
C UNK O 839 -75.78 -47.79 -60.22
N UNK O 840 -74.61 -47.90 -60.84
CA UNK O 840 -74.01 -49.21 -60.96
C UNK O 840 -72.52 -49.40 -60.71
N UNK O 841 -72.14 -50.66 -60.80
CA UNK O 841 -70.79 -51.13 -60.60
C UNK O 841 -69.87 -50.67 -61.72
N UNK O 842 -70.44 -50.37 -62.87
CA UNK O 842 -69.65 -49.86 -63.99
C UNK O 842 -69.34 -48.40 -63.67
N UNK O 843 -69.41 -48.10 -62.37
CA UNK O 843 -69.16 -46.77 -61.83
C UNK O 843 -69.78 -45.60 -62.57
N UNK O 844 -70.99 -45.81 -63.09
CA UNK O 844 -71.66 -44.71 -63.76
C UNK O 844 -73.02 -44.48 -63.12
N UNK O 845 -73.58 -43.33 -63.38
CA UNK O 845 -74.89 -42.96 -62.88
C UNK O 845 -75.57 -42.41 -64.10
N UNK O 846 -76.72 -42.97 -64.47
CA UNK O 846 -77.43 -42.51 -65.64
C UNK O 846 -78.83 -42.01 -65.32
N UNK O 847 -79.22 -40.89 -65.92
CA UNK O 847 -80.53 -40.33 -65.69
C UNK O 847 -81.42 -40.63 -66.87
N UNK O 848 -82.61 -41.14 -66.55
CA UNK O 848 -83.59 -41.50 -67.56
C UNK O 848 -84.88 -40.72 -67.34
N UNK O 849 -85.61 -40.51 -68.42
CA UNK O 849 -86.90 -39.83 -68.32
C UNK O 849 -87.95 -40.89 -68.55
N UNK O 850 -88.75 -41.15 -67.51
CA UNK O 850 -89.80 -42.16 -67.53
C UNK O 850 -90.64 -42.17 -68.78
N UNK O 851 -91.32 -41.06 -69.05
CA UNK O 851 -92.18 -40.97 -70.22
C UNK O 851 -91.52 -41.65 -71.43
N UNK O 852 -90.39 -41.11 -71.87
CA UNK O 852 -89.66 -41.65 -73.02
C UNK O 852 -89.28 -43.13 -72.89
N UNK O 853 -89.00 -43.59 -71.68
CA UNK O 853 -88.61 -44.99 -71.49
C UNK O 853 -89.78 -45.96 -71.60
N UNK O 854 -90.94 -45.56 -71.08
CA UNK O 854 -92.13 -46.40 -71.10
C UNK O 854 -92.80 -46.52 -72.46
N UNK O 855 -92.47 -45.60 -73.36
CA UNK O 855 -93.06 -45.66 -74.69
C UNK O 855 -92.70 -47.00 -75.31
N UNK O 856 -93.69 -47.59 -75.96
CA UNK O 856 -93.52 -48.87 -76.62
C UNK O 856 -92.51 -48.71 -77.75
N UNK O 857 -92.58 -56.34 -76.94
CA UNK O 857 -91.87 -56.06 -78.17
C UNK O 857 -90.68 -57.00 -78.41
N UNK O 858 -90.27 -57.02 -79.67
CA UNK O 858 -89.17 -57.84 -80.14
C UNK O 858 -87.85 -57.11 -80.06
N UNK O 859 -87.84 -55.95 -79.41
CA UNK O 859 -86.59 -55.23 -79.33
C UNK O 859 -85.61 -55.99 -78.43
N UNK O 860 -86.10 -56.56 -77.34
CA UNK O 860 -85.24 -57.34 -76.44
C UNK O 860 -85.66 -58.79 -76.40
N UNK O 861 -84.72 -59.68 -76.69
CA UNK O 861 -85.01 -61.10 -76.69
C UNK O 861 -84.03 -61.76 -75.77
N UNK O 862 -84.18 -63.07 -75.63
CA UNK O 862 -83.30 -63.88 -74.80
C UNK O 862 -82.27 -64.38 -75.80
N UNK O 863 -81.28 -65.14 -75.33
CA UNK O 863 -80.27 -65.64 -76.26
C UNK O 863 -80.66 -66.99 -76.88
N UNK O 864 -81.86 -67.45 -76.56
CA UNK O 864 -82.37 -68.68 -77.11
C UNK O 864 -83.14 -68.33 -78.38
N UNK O 865 -82.47 -68.48 -79.52
CA UNK O 865 -83.06 -68.18 -80.81
C UNK O 865 -82.61 -69.17 -81.87
N UNK O 866 -83.34 -69.19 -82.97
CA UNK O 866 -82.99 -70.05 -84.09
C UNK O 866 -83.22 -69.27 -85.38
N UNK O 867 -82.28 -69.41 -86.30
CA UNK O 867 -82.29 -68.69 -87.56
C UNK O 867 -82.38 -69.55 -88.82
N UNK O 868 -83.09 -69.06 -89.82
CA UNK O 868 -83.24 -69.76 -91.09
C UNK O 868 -82.94 -68.80 -92.24
N UNK O 869 -81.77 -68.97 -92.85
CA UNK O 869 -81.34 -68.15 -93.97
C UNK O 869 -81.95 -68.64 -95.28
N UNK O 870 -83.05 -68.01 -95.70
CA UNK O 870 -83.71 -68.44 -96.92
C UNK O 870 -83.48 -67.50 -98.12
N UNK O 871 -83.93 -63.61 -98.01
CA UNK O 871 -84.03 -63.02 -96.67
C UNK O 871 -83.61 -63.94 -95.51
N UNK O 872 -83.56 -63.37 -94.31
CA UNK O 872 -83.20 -64.11 -93.10
C UNK O 872 -84.38 -64.15 -92.12
N UNK O 873 -84.50 -65.27 -91.41
CA UNK O 873 -85.59 -65.47 -90.45
C UNK O 873 -85.09 -65.88 -89.07
N UNK O 874 -85.51 -65.12 -88.06
CA UNK O 874 -85.11 -65.38 -86.69
C UNK O 874 -86.33 -65.59 -85.79
N UNK O 875 -86.37 -66.73 -85.12
CA UNK O 875 -87.45 -67.05 -84.21
C UNK O 875 -86.76 -66.93 -82.85
N UNK O 876 -87.34 -66.18 -81.94
CA UNK O 876 -86.68 -66.01 -80.66
C UNK O 876 -87.57 -66.01 -79.45
N UNK O 877 -87.03 -66.49 -78.34
CA UNK O 877 -87.74 -66.52 -77.07
C UNK O 877 -87.78 -65.10 -76.52
N UNK O 878 -88.96 -64.52 -76.40
CA UNK O 878 -89.07 -63.15 -75.89
C UNK O 878 -88.46 -63.01 -74.49
N UNK O 879 -87.95 -61.82 -74.21
CA UNK O 879 -87.32 -61.53 -72.92
C UNK O 879 -88.31 -61.60 -71.75
N UNK O 880 -92.48 -65.82 -77.78
CA UNK O 880 -91.41 -65.82 -78.73
C UNK O 880 -91.80 -64.99 -79.94
N UNK O 881 -90.79 -64.41 -80.57
CA UNK O 881 -91.01 -63.53 -81.72
C UNK O 881 -90.53 -64.15 -83.04
N UNK O 882 -91.35 -63.98 -84.07
CA UNK O 882 -90.98 -64.48 -85.38
C UNK O 882 -90.43 -63.23 -86.08
N UNK O 883 -89.12 -63.02 -85.95
CA UNK O 883 -88.45 -61.86 -86.54
C UNK O 883 -87.91 -62.12 -87.93
N UNK O 884 -88.37 -61.32 -88.89
CA UNK O 884 -87.92 -61.45 -90.27
C UNK O 884 -86.90 -60.35 -90.54
N UNK O 885 -85.61 -60.68 -90.49
CA UNK O 885 -84.58 -59.70 -90.74
C UNK O 885 -84.79 -59.13 -92.13
N UNK O 886 -84.37 -57.89 -92.37
CA UNK O 886 -84.57 -57.28 -93.68
C UNK O 886 -86.09 -57.05 -93.82
N UNK O 887 -91.48 -56.79 -89.85
CA UNK O 887 -92.31 -57.98 -89.71
C UNK O 887 -92.05 -58.86 -88.49
N UNK O 888 -92.46 -58.36 -87.33
CA UNK O 888 -92.31 -59.07 -86.08
C UNK O 888 -93.67 -59.63 -85.69
N UNK O 889 -93.73 -60.93 -85.51
CA UNK O 889 -94.97 -61.59 -85.14
C UNK O 889 -94.84 -62.33 -83.84
N UNK O 890 -95.66 -61.90 -82.89
CA UNK O 890 -95.69 -62.42 -81.54
C UNK O 890 -96.59 -63.62 -81.35
N UNK O 891 -96.12 -64.53 -80.51
CA UNK O 891 -96.84 -65.75 -80.19
C UNK O 891 -96.69 -65.88 -78.68
N UNK O 892 -97.75 -65.56 -77.94
CA UNK O 892 -97.74 -65.65 -76.48
C UNK O 892 -97.60 -67.08 -76.01
N UNK O 893 -97.12 -67.26 -74.78
CA UNK O 893 -96.98 -68.61 -74.24
C UNK O 893 -96.41 -68.62 -72.83
N UNK O 894 -91.59 -69.76 -72.63
CA UNK O 894 -90.86 -70.87 -73.20
C UNK O 894 -89.42 -70.83 -72.71
N UNK O 895 -88.68 -71.90 -72.99
CA UNK O 895 -87.29 -71.98 -72.57
C UNK O 895 -86.34 -72.20 -73.75
N UNK O 896 -86.89 -72.56 -74.89
CA UNK O 896 -86.07 -72.78 -76.06
C UNK O 896 -86.93 -72.75 -77.31
N UNK O 897 -86.33 -72.35 -78.42
CA UNK O 897 -87.08 -72.24 -79.65
C UNK O 897 -86.67 -73.26 -80.69
N UNK O 898 -87.40 -73.27 -81.81
CA UNK O 898 -87.14 -74.21 -82.89
C UNK O 898 -87.94 -73.86 -84.15
N UNK O 899 -87.27 -73.87 -85.30
CA UNK O 899 -87.92 -73.57 -86.57
C UNK O 899 -87.85 -74.75 -87.52
N UNK O 900 -88.99 -75.11 -88.10
CA UNK O 900 -89.03 -76.22 -89.03
C UNK O 900 -88.69 -75.71 -90.40
N UNK O 901 -87.61 -76.20 -91.00
CA UNK O 901 -87.27 -75.71 -92.35
C UNK O 901 -88.55 -75.68 -93.16
N UNK O 902 -94.13 -74.14 -89.33
CA UNK O 902 -94.23 -74.70 -87.98
C UNK O 902 -93.11 -74.17 -87.10
N UNK O 903 -93.43 -73.89 -85.84
CA UNK O 903 -92.43 -73.45 -84.88
C UNK O 903 -92.67 -74.31 -83.65
N UNK O 904 -91.62 -74.69 -82.95
CA UNK O 904 -91.79 -75.50 -81.76
C UNK O 904 -91.04 -74.89 -80.59
N UNK O 905 -91.49 -75.18 -79.37
CA UNK O 905 -90.77 -74.63 -78.23
C UNK O 905 -90.74 -75.43 -76.95
N UNK O 906 -89.66 -75.19 -76.20
CA UNK O 906 -89.45 -75.85 -74.94
C UNK O 906 -90.21 -75.12 -73.86
N UNK O 907 -90.33 -75.74 -72.70
CA UNK O 907 -91.07 -75.15 -71.61
C UNK O 907 -90.31 -75.29 -70.31
N UNK O 908 -90.60 -74.40 -69.36
CA UNK O 908 -89.92 -74.43 -68.06
C UNK O 908 -90.26 -75.73 -67.34
N UNK O 909 -92.95 -79.02 -70.90
CA UNK O 909 -93.90 -79.13 -72.01
C UNK O 909 -93.27 -78.90 -73.39
N UNK O 910 -93.88 -79.50 -74.40
CA UNK O 910 -93.41 -79.36 -75.79
C UNK O 910 -94.62 -79.00 -76.65
N UNK O 911 -94.47 -78.02 -77.53
CA UNK O 911 -95.58 -77.61 -78.38
C UNK O 911 -95.18 -77.16 -79.78
N UNK O 912 -95.94 -77.59 -80.78
CA UNK O 912 -95.69 -77.18 -82.14
C UNK O 912 -96.83 -76.28 -82.49
N UNK O 913 -96.53 -75.15 -83.12
CA UNK O 913 -97.56 -74.22 -83.54
C UNK O 913 -97.42 -74.17 -85.04
N UNK O 914 -98.53 -74.13 -85.77
CA UNK O 914 -98.43 -74.06 -87.21
C UNK O 914 -98.70 -72.66 -87.71
N UNK O 915 -97.66 -72.03 -88.22
CA UNK O 915 -97.70 -70.67 -88.71
C UNK O 915 -98.76 -70.37 -89.79
N UNK O 916 -98.83 -71.18 -90.85
CA UNK O 916 -99.84 -70.91 -91.88
C UNK O 916 -101.14 -70.47 -91.23
N UNK O 917 -101.42 -71.05 -90.07
CA UNK O 917 -102.63 -70.73 -89.33
C UNK O 917 -102.34 -69.75 -88.19
N UNK O 918 -103.94 -72.98 -84.29
CA UNK O 918 -104.00 -74.44 -84.12
C UNK O 918 -102.61 -75.03 -83.93
N UNK O 919 -102.41 -75.69 -82.79
CA UNK O 919 -101.13 -76.30 -82.46
C UNK O 919 -101.40 -77.58 -81.66
N UNK O 920 -100.34 -78.13 -81.07
CA UNK O 920 -100.36 -79.47 -80.51
C UNK O 920 -99.43 -79.58 -79.29
N UNK O 921 -99.71 -80.51 -78.38
CA UNK O 921 -98.91 -80.69 -77.17
C UNK O 921 -98.51 -82.14 -76.93
N UNK O 922 -97.24 -82.46 -77.20
CA UNK O 922 -96.78 -83.82 -77.00
C UNK O 922 -96.21 -84.08 -75.63
N UNK O 923 -97.01 -84.73 -74.77
CA UNK O 923 -96.65 -85.08 -73.39
C UNK O 923 -95.29 -85.71 -73.02
N UNK O 924 -84.30 -78.05 -72.81
CA UNK O 924 -83.09 -77.41 -73.31
C UNK O 924 -83.08 -77.35 -74.82
N UNK O 925 -82.18 -78.09 -75.47
CA UNK O 925 -82.13 -78.07 -76.92
C UNK O 925 -83.45 -78.67 -77.48
N UNK O 926 -83.86 -78.29 -78.70
CA UNK O 926 -85.09 -78.81 -79.33
C UNK O 926 -85.08 -78.62 -80.85
N UNK O 927 -85.17 -79.70 -81.61
CA UNK O 927 -85.11 -79.56 -83.06
C UNK O 927 -86.06 -80.45 -83.87
N UNK O 928 -86.32 -80.04 -85.10
CA UNK O 928 -87.18 -80.79 -86.02
C UNK O 928 -86.30 -81.74 -86.81
N UNK O 929 -86.91 -82.76 -87.40
CA UNK O 929 -86.16 -83.72 -88.19
C UNK O 929 -85.93 -83.07 -89.54
N UNK O 930 -85.04 -83.64 -90.34
CA UNK O 930 -84.77 -83.10 -91.67
C UNK O 930 -86.12 -82.69 -92.30
N UNK O 931 -89.98 -84.49 -83.65
CA UNK O 931 -89.28 -83.46 -82.88
C UNK O 931 -88.35 -84.00 -81.83
N UNK O 932 -87.05 -84.00 -82.10
CA UNK O 932 -86.11 -84.46 -81.09
C UNK O 932 -85.94 -83.35 -80.06
N UNK O 933 -85.89 -83.70 -78.79
CA UNK O 933 -85.74 -82.71 -77.75
C UNK O 933 -85.06 -83.30 -76.54
N UNK O 934 -84.28 -82.48 -75.86
CA UNK O 934 -83.57 -82.91 -74.67
C UNK O 934 -83.87 -81.97 -73.53
N UNK O 935 -83.68 -82.47 -72.32
CA UNK O 935 -83.87 -81.71 -71.12
C UNK O 935 -82.69 -81.99 -70.21
N UNK O 936 -82.86 -81.66 -68.94
CA UNK O 936 -81.80 -81.77 -67.95
C UNK O 936 -81.71 -83.14 -67.30
N UNK O 937 -82.05 -84.17 -68.06
CA UNK O 937 -81.98 -85.55 -67.57
C UNK O 937 -81.39 -86.42 -68.70
N UNK O 938 -81.33 -87.74 -68.52
CA UNK O 938 -80.71 -88.61 -69.54
C UNK O 938 -81.54 -89.18 -70.72
N UNK O 939 -82.78 -88.78 -70.87
CA UNK O 939 -83.56 -89.30 -71.97
C UNK O 939 -83.70 -88.24 -73.07
N UNK O 940 -83.80 -88.68 -74.33
CA UNK O 940 -83.97 -87.74 -75.44
C UNK O 940 -85.28 -88.05 -76.19
N UNK O 941 -86.32 -87.29 -75.90
CA UNK O 941 -87.61 -87.50 -76.56
C UNK O 941 -87.63 -87.35 -78.07
N UNK O 942 -88.08 -88.40 -78.76
CA UNK O 942 -88.21 -88.38 -80.22
C UNK O 942 -89.68 -88.49 -80.57
N UNK O 943 -90.40 -87.39 -80.37
CA UNK O 943 -91.84 -87.31 -80.61
C UNK O 943 -92.21 -87.09 -82.06
N UNK O 944 -92.50 -88.20 -82.73
CA UNK O 944 -92.90 -88.14 -84.12
C UNK O 944 -94.35 -87.66 -84.12
N UNK O 945 -94.54 -86.37 -83.87
CA UNK O 945 -95.86 -85.75 -83.85
C UNK O 945 -96.57 -86.06 -85.18
N UNK O 946 -96.72 -90.98 -82.12
CA UNK O 946 -95.72 -91.97 -81.76
C UNK O 946 -94.57 -91.34 -80.99
N UNK O 947 -93.87 -92.14 -80.21
CA UNK O 947 -92.75 -91.68 -79.43
C UNK O 947 -91.64 -92.69 -79.44
N UNK O 948 -90.41 -92.20 -79.46
CA UNK O 948 -89.25 -93.06 -79.44
C UNK O 948 -88.40 -92.42 -78.35
N UNK O 949 -88.08 -93.19 -77.32
CA UNK O 949 -87.29 -92.68 -76.21
C UNK O 949 -85.88 -93.24 -76.25
N UNK O 950 -84.92 -92.40 -75.91
CA UNK O 950 -83.53 -92.81 -75.90
C UNK O 950 -82.99 -92.71 -74.48
N UNK O 951 -83.11 -93.80 -73.71
CA UNK O 951 -82.64 -93.82 -72.33
C UNK O 951 -81.14 -93.99 -72.33
N UNK O 952 -80.45 -92.86 -72.42
CA UNK O 952 -79.01 -92.83 -72.44
C UNK O 952 -78.44 -93.36 -71.14
N UNK O 953 -79.24 -93.28 -70.09
CA UNK O 953 -78.85 -93.73 -68.77
C UNK O 953 -77.56 -93.02 -68.36
N UNK O 954 -75.97 -89.15 -67.56
CA UNK O 954 -76.29 -88.36 -66.38
C UNK O 954 -77.26 -87.28 -66.84
N UNK O 955 -76.89 -86.61 -67.93
CA UNK O 955 -77.69 -85.56 -68.54
C UNK O 955 -77.14 -85.34 -69.94
N UNK O 956 -78.03 -85.24 -70.91
CA UNK O 956 -77.61 -85.00 -72.27
C UNK O 956 -77.15 -83.55 -72.34
N UNK O 957 -75.85 -83.35 -72.52
CA UNK O 957 -75.31 -82.00 -72.62
C UNK O 957 -76.01 -81.34 -73.79
N UNK O 958 -76.01 -82.03 -74.92
CA UNK O 958 -76.68 -81.55 -76.12
C UNK O 958 -76.67 -82.61 -77.20
N UNK O 959 -77.23 -82.30 -78.35
CA UNK O 959 -77.29 -83.26 -79.44
C UNK O 959 -77.47 -82.53 -80.75
N UNK O 960 -77.50 -83.30 -81.83
CA UNK O 960 -77.69 -82.72 -83.15
C UNK O 960 -78.04 -83.82 -84.15
N UNK O 961 -78.96 -83.50 -85.06
CA UNK O 961 -79.37 -84.45 -86.08
C UNK O 961 -78.14 -84.94 -86.81
N UNK O 962 -78.31 -85.99 -87.60
CA UNK O 962 -77.20 -86.54 -88.36
C UNK O 962 -77.69 -87.03 -89.71
N UNK O 963 -81.56 -90.38 -90.44
CA UNK O 963 -82.29 -90.68 -89.21
C UNK O 963 -81.39 -91.04 -88.03
N UNK O 964 -80.08 -90.92 -88.23
CA UNK O 964 -79.12 -91.20 -87.18
C UNK O 964 -78.95 -89.87 -86.40
N UNK O 965 -78.65 -89.94 -85.10
CA UNK O 965 -78.50 -88.72 -84.29
C UNK O 965 -77.37 -88.77 -83.27
N UNK O 966 -76.44 -87.84 -83.39
CA UNK O 966 -75.28 -87.74 -82.51
C UNK O 966 -75.64 -87.11 -81.16
N UNK O 967 -75.16 -87.72 -80.07
CA UNK O 967 -75.49 -87.23 -78.74
C UNK O 967 -74.36 -87.35 -77.74
N UNK O 968 -74.21 -86.33 -76.90
CA UNK O 968 -73.17 -86.28 -75.88
C UNK O 968 -73.73 -85.79 -74.56
N UNK O 969 -73.39 -86.50 -73.50
CA UNK O 969 -73.85 -86.15 -72.16
C UNK O 969 -72.58 -85.70 -71.48
N UNK O 970 -72.69 -85.26 -70.24
CA UNK O 970 -71.46 -84.87 -69.56
C UNK O 970 -70.98 -85.98 -68.64
N UNK O 971 -70.69 -87.11 -69.30
CA UNK O 971 -70.15 -88.32 -68.70
C UNK O 971 -69.06 -88.82 -69.65
N UNK O 972 -68.54 -87.89 -70.45
CA UNK O 972 -67.48 -88.19 -71.39
C UNK O 972 -67.96 -89.03 -72.55
N UNK O 973 -69.21 -89.46 -72.47
CA UNK O 973 -69.80 -90.30 -73.49
C UNK O 973 -70.42 -89.55 -74.64
N UNK O 974 -70.30 -90.13 -75.82
CA UNK O 974 -70.85 -89.60 -77.06
C UNK O 974 -71.49 -90.81 -77.72
N UNK O 975 -72.76 -90.73 -78.07
CA UNK O 975 -73.39 -91.87 -78.70
C UNK O 975 -73.94 -91.55 -80.07
N UNK O 976 -74.28 -92.58 -80.84
CA UNK O 976 -74.84 -92.42 -82.19
C UNK O 976 -76.19 -93.15 -82.33
N UNK O 977 -77.23 -92.62 -81.69
CA UNK O 977 -78.54 -93.24 -81.73
C UNK O 977 -79.16 -93.29 -83.12
N UNK O 978 -80.16 -94.15 -83.25
CA UNK O 978 -80.90 -94.32 -84.48
C UNK O 978 -82.34 -93.95 -84.12
N UNK O 979 -82.93 -92.99 -84.81
CA UNK O 979 -84.30 -92.66 -84.50
C UNK O 979 -85.14 -93.74 -85.18
N UNK O 980 -81.98 -97.13 -80.86
CA UNK O 980 -80.91 -98.10 -80.71
C UNK O 980 -79.53 -97.48 -80.79
N UNK O 981 -78.78 -97.62 -79.70
CA UNK O 981 -77.43 -97.09 -79.59
C UNK O 981 -76.47 -97.84 -80.46
N UNK O 982 -76.37 -97.44 -81.72
CA UNK O 982 -75.45 -98.07 -82.65
C UNK O 982 -74.03 -97.93 -82.09
N UNK O 983 -73.55 -96.70 -81.97
CA UNK O 983 -72.21 -96.45 -81.45
C UNK O 983 -72.24 -95.83 -80.06
N UNK O 984 -71.17 -96.05 -79.30
CA UNK O 984 -71.06 -95.54 -77.94
C UNK O 984 -69.58 -95.38 -77.55
N UNK O 985 -69.15 -94.15 -77.30
CA UNK O 985 -67.75 -93.86 -76.93
C UNK O 985 -67.66 -93.24 -75.53
N UNK O 986 -66.48 -93.32 -74.95
CA UNK O 986 -66.21 -92.71 -73.65
C UNK O 986 -64.93 -91.91 -73.92
N UNK O 987 -65.07 -90.92 -74.80
CA UNK O 987 -63.99 -90.06 -75.25
C UNK O 987 -63.42 -89.00 -74.30
N UNK O 988 -63.97 -88.90 -73.08
CA UNK O 988 -63.48 -87.93 -72.09
C UNK O 988 -63.87 -88.41 -70.70
N UNK O 989 -63.08 -88.06 -69.70
CA UNK O 989 -63.38 -88.48 -68.34
C UNK O 989 -64.17 -87.40 -67.60
N UNK O 990 -68.85 -79.12 -76.44
CA UNK O 990 -69.36 -79.13 -77.81
C UNK O 990 -68.53 -80.07 -78.68
N UNK O 991 -69.14 -80.58 -79.74
CA UNK O 991 -68.44 -81.51 -80.63
C UNK O 991 -69.21 -81.52 -81.94
N UNK O 992 -68.51 -81.43 -83.07
CA UNK O 992 -69.19 -81.41 -84.36
C UNK O 992 -68.71 -82.47 -85.31
N UNK O 993 -69.42 -82.62 -86.42
CA UNK O 993 -69.07 -83.60 -87.43
C UNK O 993 -68.31 -82.94 -88.56
N UNK O 994 -67.66 -83.77 -89.37
CA UNK O 994 -66.88 -83.29 -90.51
C UNK O 994 -67.78 -82.98 -91.69
N UNK O 995 -68.26 -87.86 -93.27
CA UNK O 995 -68.66 -87.98 -91.88
C UNK O 995 -67.60 -88.87 -91.28
N UNK O 996 -66.59 -89.15 -92.08
CA UNK O 996 -65.50 -90.00 -91.64
C UNK O 996 -65.01 -89.49 -90.28
N UNK O 997 -65.18 -88.19 -90.07
CA UNK O 997 -64.71 -87.57 -88.84
C UNK O 997 -65.80 -86.82 -88.04
N UNK O 998 -65.68 -86.85 -86.72
CA UNK O 998 -66.62 -86.17 -85.82
C UNK O 998 -65.88 -85.99 -84.49
N UNK O 999 -65.38 -84.79 -84.23
CA UNK O 999 -64.64 -84.59 -83.00
C UNK O 999 -65.38 -83.92 -81.87
N UNK O 1000 -64.75 -84.00 -80.69
CA UNK O 1000 -65.27 -83.46 -79.44
C UNK O 1000 -64.41 -82.35 -78.88
N UNK O 1001 -64.82 -81.89 -77.70
CA UNK O 1001 -64.17 -80.83 -76.96
C UNK O 1001 -64.76 -80.95 -75.58
N UNK O 1002 -63.94 -80.98 -74.54
CA UNK O 1002 -64.52 -81.13 -73.21
C UNK O 1002 -63.53 -80.93 -72.09
N UNK O 1003 -58.96 -81.19 -73.55
CA UNK O 1003 -58.48 -81.00 -74.91
C UNK O 1003 -59.60 -81.22 -75.91
N UNK O 1004 -59.22 -81.50 -77.16
CA UNK O 1004 -60.18 -81.75 -78.22
C UNK O 1004 -59.83 -83.03 -78.97
N UNK O 1005 -60.26 -84.16 -78.39
CA UNK O 1005 -60.02 -85.49 -78.98
C UNK O 1005 -60.88 -85.64 -80.22
N UNK O 1006 -60.24 -85.93 -81.35
CA UNK O 1006 -60.93 -86.09 -82.62
C UNK O 1006 -60.91 -87.54 -83.11
N UNK O 1007 -62.05 -88.05 -83.59
CA UNK O 1007 -62.10 -89.43 -84.09
C UNK O 1007 -62.89 -89.71 -85.36
N UNK O 1008 -63.09 -91.02 -85.64
CA UNK O 1008 -63.77 -91.51 -86.86
C UNK O 1008 -65.05 -92.34 -86.75
N UNK O 1009 -58.47 -90.69 -82.49
CA UNK O 1009 -57.38 -90.66 -83.47
C UNK O 1009 -56.19 -89.96 -82.82
N UNK O 1010 -56.42 -88.81 -82.18
CA UNK O 1010 -55.34 -88.10 -81.49
C UNK O 1010 -55.77 -86.99 -80.54
N UNK O 1011 -55.26 -87.04 -79.32
CA UNK O 1011 -55.55 -86.07 -78.28
C UNK O 1011 -54.77 -84.77 -78.55
N UNK O 1012 -55.48 -83.63 -78.55
CA UNK O 1012 -54.90 -82.31 -78.80
C UNK O 1012 -54.82 -81.46 -77.55
N UNK O 1013 -53.90 -81.78 -76.64
CA UNK O 1013 -53.78 -81.04 -75.38
C UNK O 1013 -53.16 -79.65 -75.50
N UNK O 1014 -53.67 -78.85 -76.44
CA UNK O 1014 -53.14 -77.51 -76.62
C UNK O 1014 -53.65 -76.47 -75.62
N UNK O 1015 -54.96 -76.24 -75.62
CA UNK O 1015 -55.59 -75.25 -74.75
C UNK O 1015 -55.30 -75.40 -73.26
N UNK O 1016 -55.06 -74.26 -72.60
CA UNK O 1016 -54.78 -74.25 -71.16
C UNK O 1016 -56.04 -73.91 -70.40
N UNK O 1017 -59.34 -74.68 -71.46
CA UNK O 1017 -60.33 -75.77 -71.66
C UNK O 1017 -61.25 -75.50 -72.84
N UNK O 1018 -61.26 -76.40 -73.81
CA UNK O 1018 -62.08 -76.24 -75.00
C UNK O 1018 -63.56 -76.15 -74.67
N UNK O 1019 -64.28 -75.41 -75.51
CA UNK O 1019 -65.71 -75.22 -75.32
C UNK O 1019 -66.47 -75.25 -76.64
N UNK O 1020 -65.74 -75.32 -77.75
CA UNK O 1020 -66.37 -75.37 -79.06
C UNK O 1020 -65.36 -75.75 -80.13
N UNK O 1021 -65.86 -76.04 -81.34
CA UNK O 1021 -64.97 -76.42 -82.45
C UNK O 1021 -65.74 -76.67 -83.73
N UNK O 1022 -65.02 -76.68 -84.84
CA UNK O 1022 -65.64 -76.93 -86.13
C UNK O 1022 -64.60 -77.43 -87.14
N UNK O 1023 -65.09 -78.14 -88.15
CA UNK O 1023 -64.23 -78.69 -89.18
C UNK O 1023 -64.28 -77.81 -90.42
N UNK O 1024 -63.13 -77.62 -91.06
CA UNK O 1024 -63.08 -76.82 -92.27
C UNK O 1024 -63.97 -77.53 -93.26
N UNK O 1025 -64.73 -76.78 -94.06
CA UNK O 1025 -65.63 -77.38 -95.03
C UNK O 1025 -64.80 -78.27 -95.97
N UNK O 1026 -58.88 -78.92 -91.48
CA UNK O 1026 -58.65 -78.23 -90.21
C UNK O 1026 -59.81 -78.35 -89.23
N UNK O 1027 -59.46 -78.23 -87.96
CA UNK O 1027 -60.42 -78.29 -86.87
C UNK O 1027 -60.00 -77.23 -85.86
N UNK O 1028 -60.75 -76.12 -85.85
CA UNK O 1028 -60.50 -75.01 -84.94
C UNK O 1028 -61.23 -75.27 -83.64
N UNK O 1029 -60.56 -75.01 -82.53
CA UNK O 1029 -61.16 -75.24 -81.23
C UNK O 1029 -61.26 -74.00 -80.33
N UNK O 1030 -62.36 -73.92 -79.60
CA UNK O 1030 -62.62 -72.77 -78.74
C UNK O 1030 -62.16 -72.96 -77.31
N UNK O 1031 -61.31 -72.03 -76.87
CA UNK O 1031 -60.74 -72.03 -75.53
C UNK O 1031 -61.61 -71.26 -74.56
N UNK O 1032 -61.62 -71.71 -73.32
CA UNK O 1032 -62.40 -71.09 -72.27
C UNK O 1032 -61.76 -69.75 -71.88
N UNK O 1033 -60.55 -69.51 -72.39
CA UNK O 1033 -59.85 -68.27 -72.11
C UNK O 1033 -59.48 -67.52 -73.38
N UNK O 1034 -60.49 -67.28 -74.20
CA UNK O 1034 -60.28 -66.55 -75.42
C UNK O 1034 -59.23 -67.08 -76.37
N UNK O 1035 -58.63 -68.22 -76.04
CA UNK O 1035 -57.62 -68.80 -76.90
C UNK O 1035 -58.33 -69.56 -78.01
N UNK O 1036 -57.60 -69.93 -79.05
CA UNK O 1036 -58.22 -70.65 -80.14
C UNK O 1036 -56.98 -71.06 -80.90
N UNK O 1037 -56.78 -72.37 -80.99
CA UNK O 1037 -55.75 -72.97 -81.84
C UNK O 1037 -56.40 -73.63 -83.04
N UNK O 1038 -55.69 -73.62 -84.17
CA UNK O 1038 -56.18 -74.26 -85.37
C UNK O 1038 -55.39 -75.56 -85.41
N UNK O 1039 -56.06 -76.67 -85.72
CA UNK O 1039 -55.39 -77.95 -85.81
C UNK O 1039 -55.62 -78.50 -87.22
N UNK O 1040 -54.87 -79.51 -87.62
CA UNK O 1040 -55.00 -80.09 -88.96
C UNK O 1040 -55.52 -81.52 -89.00
N UNK O 1041 -51.45 -73.79 -86.11
CA UNK O 1041 -51.12 -72.48 -85.52
C UNK O 1041 -52.14 -72.09 -84.45
N UNK O 1042 -51.67 -71.41 -83.42
CA UNK O 1042 -52.54 -70.98 -82.32
C UNK O 1042 -52.93 -69.49 -82.31
N UNK O 1043 -53.54 -69.01 -83.40
CA UNK O 1043 -53.96 -67.61 -83.46
C UNK O 1043 -54.94 -67.35 -82.33
N UNK O 1044 -54.49 -66.70 -81.26
CA UNK O 1044 -55.37 -66.41 -80.13
C UNK O 1044 -54.91 -65.31 -79.15
N UNK O 1045 -55.00 -64.03 -79.57
CA UNK O 1045 -54.59 -62.90 -78.72
C UNK O 1045 -55.51 -62.69 -77.51
N UNK O 1046 -64.23 -66.22 -72.76
CA UNK O 1046 -64.75 -67.38 -73.47
C UNK O 1046 -64.65 -67.20 -74.99
N UNK O 1047 -64.92 -68.30 -75.70
CA UNK O 1047 -64.96 -68.36 -77.16
C UNK O 1047 -65.98 -69.46 -77.38
N UNK O 1048 -67.25 -69.09 -77.37
CA UNK O 1048 -68.30 -70.06 -77.49
C UNK O 1048 -68.70 -70.49 -78.89
N UNK O 1049 -67.86 -70.28 -79.88
CA UNK O 1049 -68.25 -70.68 -81.22
C UNK O 1049 -67.21 -70.36 -82.29
N UNK O 1050 -67.21 -71.16 -83.35
CA UNK O 1050 -66.31 -70.96 -84.49
C UNK O 1050 -67.01 -71.47 -85.73
N UNK O 1051 -66.43 -71.18 -86.89
CA UNK O 1051 -67.00 -71.62 -88.16
C UNK O 1051 -65.99 -71.22 -89.23
N UNK O 1052 -65.62 -72.17 -90.06
CA UNK O 1052 -64.77 -71.87 -91.19
C UNK O 1052 -65.67 -71.35 -92.29
N UNK O 1053 -65.06 -70.71 -93.28
CA UNK O 1053 -65.80 -70.16 -94.41
C UNK O 1053 -65.83 -71.22 -95.51
N UNK O 1054 -66.70 -71.06 -96.51
CA UNK O 1054 -66.65 -72.11 -97.53
C UNK O 1054 -65.21 -72.21 -98.02
N UNK O 1055 -64.69 -71.08 -98.53
CA UNK O 1055 -63.32 -71.00 -99.03
C UNK O 1055 -62.25 -71.65 -98.14
N UNK O 1056 -62.61 -72.02 -96.92
CA UNK O 1056 -61.69 -72.66 -95.98
C UNK O 1056 -60.48 -71.78 -95.65
N UNK O 1057 -60.68 -70.46 -95.68
CA UNK O 1057 -59.60 -69.51 -95.40
C UNK O 1057 -59.89 -68.56 -94.23
N UNK O 1058 -61.13 -68.06 -94.16
CA UNK O 1058 -61.54 -67.14 -93.10
C UNK O 1058 -62.28 -67.88 -92.00
N UNK O 1059 -61.81 -67.74 -90.77
CA UNK O 1059 -62.45 -68.38 -89.63
C UNK O 1059 -63.16 -67.30 -88.80
N UNK O 1060 -64.47 -67.47 -88.62
CA UNK O 1060 -65.25 -66.51 -87.82
C UNK O 1060 -65.33 -67.00 -86.38
N UNK O 1061 -65.17 -66.08 -85.44
CA UNK O 1061 -65.19 -66.43 -84.02
C UNK O 1061 -66.20 -65.60 -83.22
N UNK O 1062 -66.70 -66.15 -82.12
CA UNK O 1062 -67.67 -65.45 -81.28
C UNK O 1062 -67.54 -65.84 -79.83
N UNK O 1063 -67.33 -61.10 -78.16
CA UNK O 1063 -67.67 -60.34 -79.37
C UNK O 1063 -67.24 -61.16 -80.57
N UNK O 1064 -67.69 -60.76 -81.75
CA UNK O 1064 -67.32 -61.45 -82.98
C UNK O 1064 -65.89 -61.03 -83.35
N UNK O 1065 -65.21 -61.85 -84.17
CA UNK O 1065 -63.83 -61.55 -84.53
C UNK O 1065 -63.43 -62.51 -85.64
N UNK O 1066 -63.11 -61.96 -86.82
CA UNK O 1066 -62.70 -62.78 -87.95
C UNK O 1066 -61.18 -62.98 -88.00
N UNK O 1067 -60.74 -64.08 -88.62
CA UNK O 1067 -59.31 -64.37 -88.72
C UNK O 1067 -58.84 -64.79 -90.12
N UNK O 1068 -57.54 -65.07 -90.20
CA UNK O 1068 -56.88 -65.49 -91.44
C UNK O 1068 -56.17 -66.82 -91.24
N UNK O 1069 -56.62 -67.85 -91.95
CA UNK O 1069 -56.01 -69.18 -91.86
C UNK O 1069 -54.50 -69.11 -92.07
N UNK O 1070 -67.82 -55.29 -82.36
CA UNK O 1070 -67.97 -55.26 -80.92
C UNK O 1070 -69.46 -55.07 -80.68
N UNK O 1071 -70.06 -56.00 -79.98
CA UNK O 1071 -71.47 -55.92 -79.68
C UNK O 1071 -71.56 -55.26 -78.30
N UNK O 1072 -72.60 -54.45 -78.09
CA UNK O 1072 -72.80 -53.79 -76.81
C UNK O 1072 -72.57 -54.81 -75.68
N UNK O 1073 -73.23 -55.95 -75.79
CA UNK O 1073 -73.09 -56.98 -74.78
C UNK O 1073 -72.04 -58.02 -75.11
N UNK O 1074 -71.85 -58.96 -74.21
CA UNK O 1074 -70.88 -60.01 -74.39
C UNK O 1074 -71.52 -61.37 -74.22
N UNK O 1075 -70.66 -62.36 -73.95
CA UNK O 1075 -71.07 -63.72 -73.74
C UNK O 1075 -72.07 -64.17 -74.77
N UNK O 1076 -71.64 -64.16 -76.02
CA UNK O 1076 -72.51 -64.60 -77.09
C UNK O 1076 -72.45 -66.12 -77.03
N UNK O 1077 -73.28 -66.79 -77.80
CA UNK O 1077 -73.26 -68.25 -77.87
C UNK O 1077 -72.86 -68.96 -79.14
N UNK O 1078 -73.78 -69.03 -80.09
CA UNK O 1078 -73.52 -69.68 -81.37
C UNK O 1078 -73.82 -68.67 -82.47
N UNK O 1079 -72.79 -68.35 -83.26
CA UNK O 1079 -72.92 -67.27 -84.22
C UNK O 1079 -73.53 -67.97 -85.42
N UNK O 1080 -74.56 -67.40 -86.03
CA UNK O 1080 -75.16 -68.05 -87.18
C UNK O 1080 -74.67 -67.49 -88.51
N UNK O 1081 -73.62 -68.09 -89.06
CA UNK O 1081 -73.10 -67.65 -90.35
C UNK O 1081 -74.06 -68.23 -91.38
N UNK O 1082 -73.93 -67.85 -92.64
CA UNK O 1082 -74.82 -68.37 -93.66
C UNK O 1082 -74.04 -69.00 -94.80
N UNK O 1083 -74.74 -69.45 -95.86
CA UNK O 1083 -74.04 -70.05 -97.00
C UNK O 1083 -73.00 -69.09 -97.59
N UNK O 1084 -73.48 -67.97 -98.12
CA UNK O 1084 -72.62 -66.96 -98.72
C UNK O 1084 -71.57 -66.37 -97.78
N UNK O 1085 -71.67 -66.68 -96.48
CA UNK O 1085 -70.73 -66.16 -95.47
C UNK O 1085 -70.78 -64.64 -95.53
N UNK O 1086 -71.94 -64.12 -95.90
CA UNK O 1086 -72.17 -62.69 -96.08
C UNK O 1086 -73.37 -62.20 -95.24
N UNK O 1087 -73.71 -62.96 -94.20
CA UNK O 1087 -74.81 -62.61 -93.30
C UNK O 1087 -74.55 -63.30 -91.97
N UNK O 1088 -74.77 -62.60 -90.87
CA UNK O 1088 -74.53 -63.17 -89.56
C UNK O 1088 -75.65 -62.78 -88.61
N UNK O 1089 -75.97 -63.67 -87.67
CA UNK O 1089 -77.01 -63.38 -86.68
C UNK O 1089 -76.57 -63.86 -85.32
N UNK O 1090 -76.80 -63.04 -84.31
CA UNK O 1090 -76.44 -63.42 -82.96
C UNK O 1090 -77.22 -62.60 -81.95
N UNK O 1091 -76.99 -62.88 -80.68
CA UNK O 1091 -77.71 -62.19 -79.62
C UNK O 1091 -76.87 -62.13 -78.38
N UNK O 1092 -76.59 -60.91 -77.89
CA UNK O 1092 -75.77 -60.73 -76.69
C UNK O 1092 -76.61 -60.76 -75.43
N UNK O 1093 -75.96 -60.91 -74.28
CA UNK O 1093 -76.71 -60.95 -73.02
C UNK O 1093 -77.45 -59.66 -72.72
N UNK O 1094 -77.41 -58.72 -73.66
CA UNK O 1094 -78.16 -57.50 -73.47
C UNK O 1094 -79.47 -57.69 -74.20
N UNK O 1095 -79.65 -58.89 -74.74
CA UNK O 1095 -80.88 -59.23 -75.46
C UNK O 1095 -81.03 -58.47 -76.75
N UNK O 1096 -79.91 -58.03 -77.30
CA UNK O 1096 -79.93 -57.30 -78.55
C UNK O 1096 -79.75 -58.27 -79.70
N UNK O 1097 -80.61 -58.15 -80.71
CA UNK O 1097 -80.57 -59.04 -81.87
C UNK O 1097 -79.70 -58.49 -83.01
N UNK O 1098 -78.50 -59.01 -83.15
CA UNK O 1098 -77.61 -58.55 -84.21
C UNK O 1098 -77.75 -59.36 -85.49
N UNK O 1099 -78.21 -58.72 -86.56
CA UNK O 1099 -78.31 -59.37 -87.87
C UNK O 1099 -77.36 -58.58 -88.77
N UNK O 1100 -76.10 -58.98 -88.78
CA UNK O 1100 -75.07 -58.31 -89.57
C UNK O 1100 -75.04 -58.85 -90.99
N UNK O 1101 -74.43 -58.11 -91.92
CA UNK O 1101 -74.38 -58.54 -93.31
C UNK O 1101 -73.41 -57.74 -94.17
N MET P 10 -46.30 -28.06 -16.24
CA MET P 10 -45.26 -28.57 -15.36
C MET P 10 -43.93 -28.63 -16.13
N PRO P 11 -42.82 -29.01 -15.46
CA PRO P 11 -41.53 -29.11 -16.17
C PRO P 11 -41.49 -29.91 -17.48
N LYS P 12 -40.39 -29.76 -18.20
CA LYS P 12 -40.15 -30.43 -19.47
C LYS P 12 -39.89 -31.92 -19.26
N ARG P 13 -38.94 -32.25 -18.40
CA ARG P 13 -38.59 -33.64 -18.11
C ARG P 13 -39.76 -34.48 -17.57
N HIS P 14 -40.92 -33.84 -17.41
CA HIS P 14 -42.11 -34.54 -16.95
C HIS P 14 -43.00 -34.96 -18.12
N ARG P 15 -43.25 -34.04 -19.05
CA ARG P 15 -44.01 -34.35 -20.25
C ARG P 15 -43.37 -35.47 -21.06
N GLU P 16 -42.04 -35.46 -21.12
CA GLU P 16 -41.29 -36.50 -21.83
C GLU P 16 -41.47 -37.84 -21.18
N HIS P 17 -41.53 -37.84 -19.86
CA HIS P 17 -41.76 -39.05 -19.08
C HIS P 17 -43.04 -39.79 -19.46
N ILE P 18 -44.17 -39.18 -19.15
CA ILE P 18 -45.47 -39.77 -19.45
C ILE P 18 -45.66 -39.92 -20.95
N ARG P 19 -44.88 -39.18 -21.73
CA ARG P 19 -44.98 -39.23 -23.18
C ARG P 19 -44.54 -40.59 -23.72
N LYS P 20 -43.26 -40.92 -23.49
CA LYS P 20 -42.71 -42.20 -23.95
C LYS P 20 -43.31 -43.36 -23.17
N ASN P 21 -43.52 -43.15 -21.87
CA ASN P 21 -44.08 -44.18 -21.00
C ASN P 21 -45.59 -44.09 -20.90
N LEU P 22 -46.24 -43.76 -22.01
CA LEU P 22 -47.69 -43.63 -22.06
C LEU P 22 -48.36 -44.98 -22.31
N ASN P 23 -47.53 -46.00 -22.53
CA ASN P 23 -48.04 -47.35 -22.78
C ASN P 23 -48.22 -48.15 -21.51
N ILE P 24 -47.18 -48.13 -20.68
CA ILE P 24 -47.21 -48.83 -19.41
C ILE P 24 -48.33 -48.25 -18.55
N LEU P 25 -48.43 -46.93 -18.56
CA LEU P 25 -49.41 -46.25 -17.72
C LEU P 25 -50.84 -46.46 -18.25
N VAL P 26 -50.95 -46.66 -19.56
CA VAL P 26 -52.24 -46.86 -20.20
C VAL P 26 -52.61 -48.33 -20.09
N GLU P 27 -51.67 -49.13 -19.62
CA GLU P 27 -51.90 -50.56 -19.55
C GLU P 27 -52.29 -51.00 -18.16
N TRP P 28 -51.44 -50.70 -17.17
CA TRP P 28 -51.64 -51.27 -15.84
C TRP P 28 -52.85 -50.69 -15.07
N THR P 29 -53.15 -49.41 -15.26
CA THR P 29 -54.30 -48.78 -14.59
C THR P 29 -55.62 -49.02 -15.35
N ASN P 30 -56.61 -49.69 -14.74
CA ASN P 30 -57.99 -49.62 -15.23
C ASN P 30 -58.41 -48.19 -15.58
N TYR P 31 -59.16 -48.03 -16.67
CA TYR P 31 -59.49 -46.69 -17.14
C TYR P 31 -60.72 -46.12 -16.46
N GLU P 32 -61.73 -46.98 -16.27
CA GLU P 32 -62.93 -46.61 -15.54
C GLU P 32 -62.52 -46.07 -14.18
N ARG P 33 -61.76 -46.91 -13.50
CA ARG P 33 -61.27 -46.65 -12.16
C ARG P 33 -60.34 -45.47 -12.15
N LEU P 34 -59.84 -45.11 -13.32
CA LEU P 34 -58.96 -43.96 -13.41
C LEU P 34 -59.76 -42.74 -13.81
N ALA P 35 -60.39 -42.74 -14.98
CA ALA P 35 -61.18 -41.59 -15.43
C ALA P 35 -62.12 -41.04 -14.36
N MET P 36 -63.03 -41.90 -13.90
CA MET P 36 -64.04 -41.49 -12.94
C MET P 36 -63.41 -40.96 -11.64
N GLU P 37 -62.14 -41.31 -11.41
CA GLU P 37 -61.37 -40.89 -10.23
C GLU P 37 -60.54 -39.61 -10.44
N CYS P 38 -59.99 -39.47 -11.64
CA CYS P 38 -59.15 -38.34 -12.01
C CYS P 38 -60.04 -37.11 -12.05
N VAL P 39 -61.15 -37.23 -12.73
CA VAL P 39 -62.05 -36.10 -12.80
C VAL P 39 -62.42 -35.85 -11.34
N GLN P 40 -62.65 -36.97 -10.68
CA GLN P 40 -63.06 -37.05 -9.30
C GLN P 40 -61.96 -36.49 -8.44
N GLN P 41 -60.73 -36.73 -8.86
CA GLN P 41 -59.56 -36.25 -8.12
C GLN P 41 -59.42 -34.72 -7.88
N GLY P 42 -59.94 -33.85 -8.74
CA GLY P 42 -59.55 -32.48 -8.61
C GLY P 42 -58.73 -31.98 -9.78
N ILE P 43 -58.96 -32.58 -10.95
CA ILE P 43 -58.33 -32.16 -12.18
C ILE P 43 -59.22 -31.66 -13.33
N LEU P 44 -59.77 -32.58 -14.09
CA LEU P 44 -60.60 -32.24 -15.24
C LEU P 44 -62.06 -32.16 -14.82
N THR P 45 -62.97 -32.11 -15.79
CA THR P 45 -64.38 -31.85 -15.51
C THR P 45 -65.27 -32.57 -16.51
N VAL P 46 -66.58 -32.57 -16.24
CA VAL P 46 -67.55 -33.22 -17.12
C VAL P 46 -67.26 -32.90 -18.59
N GLN P 47 -66.62 -31.75 -18.82
CA GLN P 47 -66.30 -31.31 -20.18
C GLN P 47 -64.99 -31.94 -20.65
N MET P 48 -63.95 -31.78 -19.83
CA MET P 48 -62.63 -32.32 -20.16
C MET P 48 -62.71 -33.82 -20.44
N LEU P 49 -63.00 -34.60 -19.41
CA LEU P 49 -63.10 -36.04 -19.53
C LEU P 49 -63.98 -36.45 -20.70
N ARG P 50 -65.04 -35.70 -21.02
CA ARG P 50 -65.83 -36.03 -22.20
C ARG P 50 -64.97 -36.05 -23.46
N ASN P 51 -64.31 -34.94 -23.71
CA ASN P 51 -63.50 -34.76 -24.92
C ASN P 51 -62.30 -35.69 -24.95
N THR P 52 -61.84 -36.08 -23.76
CA THR P 52 -60.72 -37.01 -23.65
C THR P 52 -61.14 -38.46 -23.83
N GLN P 53 -62.11 -38.89 -23.03
CA GLN P 53 -62.82 -40.16 -23.17
C GLN P 53 -63.45 -40.34 -24.54
N ASP P 54 -64.02 -39.30 -25.12
CA ASP P 54 -64.39 -39.47 -26.50
C ASP P 54 -63.18 -39.12 -27.36
N LEU P 55 -63.34 -39.14 -28.67
CA LEU P 55 -62.21 -39.00 -29.59
C LEU P 55 -62.71 -38.19 -30.77
N ASN P 56 -62.05 -38.32 -31.92
CA ASN P 56 -62.42 -37.49 -33.06
C ASN P 56 -63.76 -37.90 -33.67
N GLY P 57 -64.05 -39.20 -33.63
CA GLY P 57 -65.25 -39.73 -34.26
C GLY P 57 -64.89 -40.76 -35.32
N LYS P 58 -63.82 -40.48 -36.07
CA LYS P 58 -63.25 -41.45 -37.00
C LYS P 58 -62.77 -42.76 -36.33
N PRO P 59 -62.34 -42.67 -35.08
CA PRO P 59 -61.86 -43.84 -34.35
C PRO P 59 -62.76 -45.05 -34.55
N PHE P 60 -63.95 -44.82 -35.10
CA PHE P 60 -64.91 -45.90 -35.34
C PHE P 60 -64.33 -46.93 -36.30
N ASN P 61 -63.40 -46.51 -37.12
CA ASN P 61 -62.82 -47.43 -38.04
C ASN P 61 -62.16 -48.53 -37.20
N MET P 62 -61.80 -48.12 -36.01
CA MET P 62 -60.98 -48.91 -35.14
C MET P 62 -61.76 -49.85 -34.23
N ASP P 63 -61.27 -51.08 -34.18
CA ASP P 63 -61.92 -52.14 -33.46
C ASP P 63 -61.88 -51.84 -31.98
N GLU P 64 -62.80 -52.51 -31.29
CA GLU P 64 -63.02 -52.41 -29.86
C GLU P 64 -61.72 -52.48 -29.10
N LYS P 65 -60.94 -53.55 -29.26
CA LYS P 65 -59.74 -53.57 -28.42
C LYS P 65 -59.05 -52.22 -28.31
N ASP P 66 -59.10 -51.44 -29.40
CA ASP P 66 -58.09 -50.42 -29.63
C ASP P 66 -58.60 -49.00 -29.39
N VAL P 67 -59.85 -48.88 -28.97
CA VAL P 67 -60.43 -47.57 -28.72
C VAL P 67 -60.32 -47.19 -27.26
N ARG P 68 -60.61 -48.14 -26.37
CA ARG P 68 -60.39 -47.94 -24.94
C ARG P 68 -58.93 -47.64 -24.60
N VAL P 69 -58.01 -48.31 -25.31
CA VAL P 69 -56.59 -48.08 -25.11
C VAL P 69 -56.19 -46.68 -25.56
N GLU P 70 -56.80 -46.23 -26.66
CA GLU P 70 -56.56 -44.90 -27.18
C GLU P 70 -57.09 -43.85 -26.23
N GLN P 71 -58.34 -44.04 -25.80
CA GLN P 71 -58.97 -43.25 -24.76
C GLN P 71 -58.09 -43.02 -23.55
N HIS P 72 -57.74 -44.15 -22.95
CA HIS P 72 -56.91 -44.20 -21.76
C HIS P 72 -55.59 -43.48 -22.04
N ARG P 73 -55.10 -43.61 -23.28
CA ARG P 73 -53.87 -42.92 -23.70
C ARG P 73 -54.12 -41.43 -23.94
N ARG P 74 -55.38 -41.05 -24.08
CA ARG P 74 -55.71 -39.67 -24.35
C ARG P 74 -55.84 -38.99 -23.00
N LEU P 75 -56.02 -39.81 -21.96
CA LEU P 75 -56.23 -39.27 -20.63
C LEU P 75 -54.97 -38.65 -20.07
N LEU P 76 -53.94 -39.46 -20.01
CA LEU P 76 -52.68 -39.02 -19.45
C LEU P 76 -52.14 -37.80 -20.17
N LEU P 77 -52.43 -37.70 -21.46
CA LEU P 77 -52.04 -36.53 -22.25
C LEU P 77 -52.69 -35.26 -21.74
N LYS P 78 -53.95 -35.36 -21.35
CA LYS P 78 -54.66 -34.22 -20.80
C LYS P 78 -54.22 -33.95 -19.35
N ILE P 79 -53.91 -35.02 -18.62
CA ILE P 79 -53.46 -34.89 -17.24
C ILE P 79 -52.11 -34.17 -17.17
N THR P 80 -51.26 -34.54 -18.11
CA THR P 80 -49.98 -33.93 -18.35
C THR P 80 -50.27 -32.50 -18.71
N GLN P 81 -51.39 -32.27 -19.35
CA GLN P 81 -51.69 -30.92 -19.78
C GLN P 81 -51.79 -29.99 -18.61
N ARG P 82 -52.07 -30.53 -17.45
CA ARG P 82 -52.51 -29.70 -16.36
C ARG P 82 -51.43 -28.98 -15.59
N GLY P 83 -51.86 -28.35 -14.51
CA GLY P 83 -50.98 -27.55 -13.68
C GLY P 83 -49.92 -28.33 -12.94
N PRO P 84 -48.86 -27.56 -12.45
CA PRO P 84 -47.65 -28.32 -12.18
C PRO P 84 -47.81 -29.45 -11.19
N THR P 85 -48.86 -29.47 -10.40
CA THR P 85 -49.04 -30.60 -9.50
C THR P 85 -49.20 -31.86 -10.35
N ALA P 86 -49.58 -31.68 -11.58
CA ALA P 86 -50.11 -32.77 -12.39
C ALA P 86 -49.38 -34.05 -12.03
N TYR P 87 -48.10 -33.91 -11.76
CA TYR P 87 -47.33 -35.05 -11.29
C TYR P 87 -47.93 -35.47 -9.96
N ASN P 88 -47.78 -34.62 -8.97
CA ASN P 88 -48.22 -34.95 -7.63
C ASN P 88 -49.69 -35.32 -7.57
N LEU P 89 -50.47 -34.83 -8.53
CA LEU P 89 -51.88 -35.19 -8.63
C LEU P 89 -52.02 -36.63 -9.13
N LEU P 90 -51.29 -36.95 -10.20
CA LEU P 90 -51.49 -38.23 -10.87
C LEU P 90 -50.90 -39.36 -10.05
N ILE P 91 -49.77 -39.09 -9.40
CA ILE P 91 -49.10 -40.08 -8.58
C ILE P 91 -50.01 -40.56 -7.47
N ASN P 92 -50.80 -39.65 -6.93
CA ASN P 92 -51.69 -39.96 -5.81
C ASN P 92 -52.96 -40.62 -6.29
N ALA P 93 -53.55 -40.03 -7.33
CA ALA P 93 -54.73 -40.61 -7.92
C ALA P 93 -54.45 -42.08 -8.24
N LEU P 94 -53.27 -42.33 -8.81
CA LEU P 94 -52.86 -43.68 -9.17
C LEU P 94 -52.49 -44.50 -7.93
N ARG P 95 -52.02 -43.84 -6.88
CA ARG P 95 -51.81 -44.52 -5.61
C ARG P 95 -53.12 -45.10 -5.11
N ASN P 96 -54.24 -44.47 -5.48
CA ASN P 96 -55.56 -44.98 -5.11
C ASN P 96 -56.14 -45.99 -6.08
N ILE P 97 -56.03 -45.71 -7.39
CA ILE P 97 -56.39 -46.69 -8.43
C ILE P 97 -55.80 -48.08 -8.14
N ASN P 98 -54.76 -48.11 -7.32
CA ASN P 98 -54.10 -49.32 -6.84
C ASN P 98 -53.27 -49.91 -7.96
N CYS P 99 -52.82 -49.02 -8.82
CA CYS P 99 -51.81 -49.34 -9.81
C CYS P 99 -50.43 -48.86 -9.35
N LEU P 100 -50.07 -49.20 -8.11
CA LEU P 100 -48.79 -48.85 -7.50
C LEU P 100 -47.60 -49.05 -8.44
N ASP P 101 -47.59 -50.16 -9.17
CA ASP P 101 -46.54 -50.45 -10.15
C ASP P 101 -46.42 -49.47 -11.32
N ALA P 102 -47.29 -48.47 -11.37
CA ALA P 102 -47.19 -47.40 -12.36
C ALA P 102 -47.02 -46.09 -11.61
N ALA P 103 -47.50 -46.04 -10.37
CA ALA P 103 -47.22 -44.87 -9.53
C ALA P 103 -45.72 -44.78 -9.34
N VAL P 104 -45.10 -45.93 -9.16
CA VAL P 104 -43.65 -46.00 -9.10
C VAL P 104 -43.13 -45.46 -10.42
N LEU P 105 -43.58 -46.02 -11.53
CA LEU P 105 -43.11 -45.61 -12.84
C LEU P 105 -43.09 -44.09 -13.00
N LEU P 106 -44.20 -43.47 -12.60
CA LEU P 106 -44.42 -42.04 -12.73
C LEU P 106 -43.65 -41.21 -11.70
N GLU P 107 -43.17 -41.87 -10.65
CA GLU P 107 -42.49 -41.15 -9.57
C GLU P 107 -40.96 -41.32 -9.56
N SER P 108 -40.52 -42.56 -9.80
CA SER P 108 -39.13 -43.00 -9.71
C SER P 108 -38.15 -42.22 -10.56
N VAL P 109 -38.60 -41.75 -11.72
CA VAL P 109 -37.82 -40.81 -12.53
C VAL P 109 -37.35 -39.55 -11.79
N ASP P 110 -37.97 -39.27 -10.65
CA ASP P 110 -37.52 -38.18 -9.81
C ASP P 110 -36.70 -38.82 -8.70
N GLU P 111 -36.39 -38.03 -7.67
CA GLU P 111 -35.65 -38.52 -6.50
C GLU P 111 -34.19 -38.81 -6.87
N TYR Q 10 -42.47 30.63 -5.52
CA TYR Q 10 -43.55 29.70 -5.81
C TYR Q 10 -44.81 30.05 -5.03
N GLN Q 11 -45.88 30.35 -5.76
CA GLN Q 11 -47.15 30.72 -5.15
C GLN Q 11 -48.02 29.48 -4.93
N TYR Q 12 -49.31 29.71 -4.67
CA TYR Q 12 -50.25 28.62 -4.44
C TYR Q 12 -51.02 28.29 -5.71
N LYS Q 13 -50.90 29.15 -6.72
CA LYS Q 13 -51.58 28.96 -8.00
C LYS Q 13 -50.85 27.95 -8.86
N ASP Q 14 -49.64 27.57 -8.44
CA ASP Q 14 -48.84 26.62 -9.17
C ASP Q 14 -48.63 25.33 -8.37
N ILE Q 15 -48.49 25.47 -7.07
CA ILE Q 15 -48.29 24.33 -6.19
C ILE Q 15 -49.62 23.59 -5.99
N LEU Q 16 -50.68 24.04 -6.65
CA LEU Q 16 -51.98 23.40 -6.51
C LEU Q 16 -52.15 22.23 -7.47
N SER Q 17 -51.81 22.44 -8.73
CA SER Q 17 -51.98 21.41 -9.74
C SER Q 17 -51.05 20.23 -9.48
N VAL Q 18 -50.08 20.44 -8.59
CA VAL Q 18 -49.09 19.42 -8.24
C VAL Q 18 -49.72 18.21 -7.57
N PHE Q 19 -50.55 18.42 -6.56
CA PHE Q 19 -51.21 17.30 -5.90
C PHE Q 19 -52.67 17.19 -6.33
N GLU Q 20 -52.86 17.01 -7.63
CA GLU Q 20 -54.19 16.85 -8.17
C GLU Q 20 -54.65 15.38 -8.12
N ASP Q 21 -53.71 14.47 -7.98
CA ASP Q 21 -54.07 13.04 -7.89
C ASP Q 21 -54.79 12.80 -6.57
N ALA Q 22 -54.50 13.63 -5.58
CA ALA Q 22 -55.08 13.47 -4.27
C ALA Q 22 -56.43 14.17 -4.21
N PHE Q 23 -56.49 15.32 -4.86
CA PHE Q 23 -57.69 16.15 -4.84
C PHE Q 23 -58.89 15.44 -5.47
N VAL Q 24 -58.66 14.25 -6.04
CA VAL Q 24 -59.74 13.47 -6.63
C VAL Q 24 -60.07 12.28 -5.74
N ASP Q 25 -59.18 12.01 -4.81
CA ASP Q 25 -59.33 10.92 -3.85
C ASP Q 25 -60.22 11.35 -2.71
N ASN Q 26 -59.75 12.36 -1.98
CA ASN Q 26 -60.38 12.72 -0.72
C ASN Q 26 -61.00 14.11 -0.67
N PHE Q 27 -61.41 14.64 -1.82
CA PHE Q 27 -62.02 15.96 -1.84
C PHE Q 27 -63.17 16.09 -2.83
N ASP Q 28 -64.29 16.62 -2.35
CA ASP Q 28 -65.27 17.24 -3.22
C ASP Q 28 -65.92 18.41 -2.49
N CYS Q 29 -66.18 19.47 -3.23
CA CYS Q 29 -66.70 20.71 -2.67
C CYS Q 29 -68.11 20.60 -2.10
N LYS Q 30 -68.63 19.37 -2.02
CA LYS Q 30 -69.92 19.14 -1.39
C LYS Q 30 -69.85 19.62 0.06
N ASP Q 31 -68.64 19.63 0.60
CA ASP Q 31 -68.41 20.14 1.94
C ASP Q 31 -68.03 21.62 1.88
N VAL Q 32 -67.57 22.06 0.72
CA VAL Q 32 -67.19 23.46 0.51
C VAL Q 32 -68.38 24.30 0.07
N GLN Q 33 -69.40 24.37 0.91
CA GLN Q 33 -70.60 25.14 0.60
C GLN Q 33 -70.75 26.32 1.55
N ASP Q 34 -69.64 26.85 2.02
CA ASP Q 34 -69.65 27.98 2.94
C ASP Q 34 -68.27 28.65 2.99
N MET Q 35 -67.98 29.47 1.99
CA MET Q 35 -66.69 30.17 1.91
C MET Q 35 -66.93 31.62 1.49
N PRO Q 36 -65.85 32.43 1.40
CA PRO Q 36 -66.11 33.74 0.82
C PRO Q 36 -66.55 33.67 -0.64
N LYS Q 37 -67.66 34.35 -0.97
CA LYS Q 37 -68.12 34.45 -2.35
C LYS Q 37 -67.05 35.10 -3.21
N SER Q 38 -66.12 35.79 -2.56
CA SER Q 38 -64.98 36.37 -3.23
C SER Q 38 -64.05 35.31 -3.81
N ILE Q 39 -64.22 34.06 -3.40
CA ILE Q 39 -63.25 33.02 -3.70
C ILE Q 39 -63.79 32.17 -4.82
N LEU Q 40 -65.04 31.75 -4.65
CA LEU Q 40 -65.71 31.03 -5.73
C LEU Q 40 -67.10 31.59 -5.97
N SER Q 41 -67.55 31.59 -7.22
CA SER Q 41 -68.88 32.12 -7.54
C SER Q 41 -69.98 31.22 -7.02
N LYS Q 42 -70.96 31.78 -6.31
CA LYS Q 42 -72.04 30.99 -5.80
C LYS Q 42 -72.55 30.18 -6.97
N GLU Q 43 -72.57 30.79 -8.14
CA GLU Q 43 -73.01 30.12 -9.35
C GLU Q 43 -71.87 29.30 -9.95
N GLU Q 44 -70.64 29.79 -9.77
CA GLU Q 44 -69.46 29.09 -10.28
C GLU Q 44 -69.20 27.82 -9.48
N ILE Q 45 -69.60 27.86 -8.22
CA ILE Q 45 -69.44 26.74 -7.30
C ILE Q 45 -70.45 25.66 -7.63
N ASP Q 46 -71.68 26.05 -7.94
CA ASP Q 46 -72.65 25.02 -8.28
C ASP Q 46 -72.15 24.36 -9.52
N HIS Q 47 -71.52 25.19 -10.36
CA HIS Q 47 -70.90 24.78 -11.60
C HIS Q 47 -69.89 23.68 -11.31
N ILE Q 48 -69.01 23.94 -10.34
CA ILE Q 48 -67.99 22.99 -9.93
C ILE Q 48 -68.64 21.83 -9.20
N ILE Q 49 -69.46 22.13 -8.20
CA ILE Q 49 -70.17 21.06 -7.51
C ILE Q 49 -71.05 20.37 -8.54
N MET Q 50 -71.11 21.00 -9.70
CA MET Q 50 -72.12 20.70 -10.67
C MET Q 50 -71.93 19.24 -10.97
N SER Q 51 -70.66 18.87 -10.95
CA SER Q 51 -70.19 17.56 -10.54
C SER Q 51 -70.72 16.33 -11.27
N LYS Q 52 -70.63 16.36 -12.59
CA LYS Q 52 -70.97 15.18 -13.32
C LYS Q 52 -70.00 14.10 -12.90
N ASP Q 53 -68.73 14.45 -12.74
CA ASP Q 53 -67.72 13.44 -12.35
C ASP Q 53 -66.71 13.87 -11.29
N ALA Q 54 -66.28 12.91 -10.50
CA ALA Q 54 -65.36 13.21 -9.45
C ALA Q 54 -64.12 13.78 -10.10
N VAL Q 55 -63.71 13.24 -11.23
CA VAL Q 55 -62.49 13.74 -11.85
C VAL Q 55 -62.80 15.06 -12.53
N SER Q 56 -63.91 15.10 -13.26
CA SER Q 56 -64.26 16.30 -13.97
C SER Q 56 -64.57 17.44 -13.00
N GLY Q 57 -65.29 17.14 -11.93
CA GLY Q 57 -65.69 18.18 -10.99
C GLY Q 57 -64.49 18.81 -10.33
N THR Q 58 -63.55 17.96 -9.92
CA THR Q 58 -62.35 18.41 -9.22
C THR Q 58 -61.52 19.22 -10.21
N LEU Q 59 -61.46 18.74 -11.45
CA LEU Q 59 -60.65 19.41 -12.45
C LEU Q 59 -61.29 20.77 -12.65
N ARG Q 60 -62.63 20.74 -12.62
CA ARG Q 60 -63.45 21.92 -12.82
C ARG Q 60 -63.17 22.92 -11.73
N LEU Q 61 -62.88 22.44 -10.52
CA LEU Q 61 -62.53 23.38 -9.50
C LEU Q 61 -61.15 23.94 -9.68
N PHE Q 62 -60.17 23.13 -10.04
CA PHE Q 62 -58.87 23.78 -10.16
C PHE Q 62 -58.87 24.75 -11.33
N TRP Q 63 -59.52 24.36 -12.43
CA TRP Q 63 -59.52 25.22 -13.59
C TRP Q 63 -60.16 26.56 -13.32
N THR Q 64 -61.36 26.56 -12.75
CA THR Q 64 -62.01 27.84 -12.52
C THR Q 64 -61.25 28.68 -11.51
N LEU Q 65 -60.77 28.04 -10.45
CA LEU Q 65 -60.09 28.76 -9.37
C LEU Q 65 -58.74 29.34 -9.79
N LEU Q 66 -58.03 28.62 -10.64
CA LEU Q 66 -56.69 29.04 -11.09
C LEU Q 66 -56.77 30.44 -11.73
N SER Q 67 -57.99 30.75 -12.16
CA SER Q 67 -58.35 31.99 -12.85
C SER Q 67 -58.33 33.27 -11.96
N LYS Q 68 -58.34 33.07 -10.63
CA LYS Q 68 -58.40 34.16 -9.64
C LYS Q 68 -57.02 34.62 -9.17
N GLN Q 69 -56.96 35.64 -8.32
CA GLN Q 69 -55.67 36.20 -7.89
C GLN Q 69 -55.02 35.38 -6.77
N GLU Q 70 -53.76 35.67 -6.47
CA GLU Q 70 -53.07 34.94 -5.39
C GLU Q 70 -53.74 34.93 -4.01
N GLU Q 71 -54.22 36.09 -3.58
CA GLU Q 71 -54.87 36.10 -2.31
C GLU Q 71 -56.10 35.25 -2.42
N MET Q 72 -56.74 35.37 -3.58
CA MET Q 72 -58.05 34.77 -3.82
C MET Q 72 -57.98 33.30 -3.50
N VAL Q 73 -56.98 32.62 -4.04
CA VAL Q 73 -56.80 31.22 -3.73
C VAL Q 73 -56.49 30.96 -2.27
N GLN Q 74 -55.54 31.71 -1.73
CA GLN Q 74 -54.94 31.44 -0.45
C GLN Q 74 -55.97 31.48 0.62
N LYS Q 75 -56.90 32.39 0.48
CA LYS Q 75 -57.96 32.40 1.43
C LYS Q 75 -58.57 31.03 1.30
N PHE Q 76 -58.67 30.54 0.07
CA PHE Q 76 -59.16 29.20 -0.15
C PHE Q 76 -58.27 28.14 0.45
N VAL Q 77 -56.96 28.25 0.28
CA VAL Q 77 -56.06 27.24 0.79
C VAL Q 77 -56.01 27.30 2.30
N GLU Q 78 -56.38 28.44 2.85
CA GLU Q 78 -56.24 28.62 4.28
C GLU Q 78 -57.56 28.52 4.97
N GLU Q 79 -58.34 29.58 4.91
CA GLU Q 79 -59.52 29.65 5.71
C GLU Q 79 -60.58 28.61 5.39
N VAL Q 80 -60.83 28.38 4.11
CA VAL Q 80 -61.90 27.47 3.68
C VAL Q 80 -61.57 25.99 3.81
N LEU Q 81 -60.36 25.62 3.41
CA LEU Q 81 -59.97 24.21 3.35
C LEU Q 81 -59.34 23.71 4.63
N ARG Q 82 -59.42 24.52 5.69
CA ARG Q 82 -58.86 24.11 6.96
C ARG Q 82 -59.92 23.68 7.95
N ILE Q 83 -61.17 23.92 7.61
CA ILE Q 83 -62.22 23.56 8.52
C ILE Q 83 -62.24 22.06 8.59
N ASN Q 84 -62.32 21.40 7.45
CA ASN Q 84 -62.48 19.96 7.44
C ASN Q 84 -61.34 19.17 6.80
N TYR Q 85 -60.88 19.64 5.66
CA TYR Q 85 -59.87 18.94 4.90
C TYR Q 85 -58.52 19.33 5.39
N LYS Q 86 -58.22 18.95 6.60
CA LYS Q 86 -56.98 19.35 7.20
C LYS Q 86 -55.87 18.78 6.36
N PHE Q 87 -55.96 17.50 6.04
CA PHE Q 87 -54.80 16.79 5.57
C PHE Q 87 -54.31 17.43 4.30
N LEU Q 88 -55.22 17.84 3.42
CA LEU Q 88 -54.76 18.38 2.17
C LEU Q 88 -53.93 19.57 2.47
N MET Q 89 -54.43 20.39 3.36
CA MET Q 89 -53.85 21.67 3.57
C MET Q 89 -52.44 21.41 4.03
N SER Q 90 -52.29 20.40 4.88
CA SER Q 90 -51.00 20.13 5.42
C SER Q 90 -50.07 19.81 4.30
N PRO Q 91 -50.57 19.00 3.26
CA PRO Q 91 -49.59 18.79 2.19
C PRO Q 91 -49.32 20.10 1.56
N ILE Q 92 -50.37 20.89 1.30
CA ILE Q 92 -50.12 22.10 0.53
C ILE Q 92 -49.18 23.07 1.24
N LYS Q 93 -49.44 23.28 2.51
CA LYS Q 93 -48.70 24.31 3.16
C LYS Q 93 -47.27 23.94 2.86
N THR Q 94 -47.02 22.66 2.79
CA THR Q 94 -45.68 22.24 2.61
C THR Q 94 -45.27 22.80 1.30
N GLU Q 95 -46.14 22.76 0.30
CA GLU Q 95 -45.67 23.11 -1.04
C GLU Q 95 -45.15 24.59 -1.22
N GLN Q 96 -46.00 25.59 -1.00
CA GLN Q 96 -45.58 27.01 -1.12
C GLN Q 96 -44.30 27.32 -0.38
N ARG Q 97 -44.15 26.72 0.81
CA ARG Q 97 -42.88 26.78 1.45
C ARG Q 97 -41.94 25.86 0.76
N GLN Q 98 -42.46 24.86 0.07
CA GLN Q 98 -41.57 23.90 -0.56
C GLN Q 98 -41.79 23.29 -1.91
N PRO Q 99 -40.73 23.28 -2.67
CA PRO Q 99 -40.81 22.60 -3.94
C PRO Q 99 -39.91 21.38 -4.07
N SER Q 100 -40.49 20.21 -4.33
CA SER Q 100 -39.69 18.99 -4.51
C SER Q 100 -39.01 19.07 -5.86
N MET Q 101 -37.91 18.32 -6.06
CA MET Q 101 -37.24 18.47 -7.34
C MET Q 101 -38.26 18.35 -8.45
N MET Q 102 -39.13 17.34 -8.37
CA MET Q 102 -40.15 17.14 -9.40
C MET Q 102 -41.13 18.32 -9.51
N THR Q 103 -41.69 18.73 -8.39
CA THR Q 103 -42.72 19.73 -8.50
C THR Q 103 -42.13 20.93 -9.10
N ARG Q 104 -41.11 21.45 -8.45
CA ARG Q 104 -40.53 22.62 -9.02
C ARG Q 104 -40.08 22.19 -10.39
N MET Q 105 -39.67 20.93 -10.54
CA MET Q 105 -39.10 20.52 -11.80
C MET Q 105 -40.14 20.75 -12.85
N TYR Q 106 -41.38 20.38 -12.58
CA TYR Q 106 -42.44 20.64 -13.55
C TYR Q 106 -42.67 22.12 -13.65
N ILE Q 107 -42.75 22.69 -12.47
CA ILE Q 107 -43.43 23.93 -12.30
C ILE Q 107 -42.76 24.93 -13.17
N GLU Q 108 -41.48 24.76 -13.38
CA GLU Q 108 -40.83 25.52 -14.40
C GLU Q 108 -41.34 25.21 -15.78
N GLN Q 109 -41.58 23.95 -16.12
CA GLN Q 109 -41.95 23.65 -17.50
C GLN Q 109 -43.26 24.35 -17.78
N ARG Q 110 -44.16 24.28 -16.84
CA ARG Q 110 -45.46 24.86 -17.14
C ARG Q 110 -45.21 26.29 -17.59
N ASP Q 111 -44.33 26.98 -16.87
CA ASP Q 111 -44.07 28.37 -17.17
C ASP Q 111 -43.49 28.41 -18.56
N ARG Q 112 -42.65 27.42 -18.82
CA ARG Q 112 -41.97 27.37 -20.08
C ARG Q 112 -43.06 27.22 -21.14
N LEU Q 113 -44.07 26.37 -20.93
CA LEU Q 113 -45.10 26.18 -21.93
C LEU Q 113 -45.98 27.43 -22.13
N TYR Q 114 -46.30 28.17 -21.06
CA TYR Q 114 -47.11 29.37 -21.25
C TYR Q 114 -46.30 30.31 -22.13
N ASN Q 115 -45.03 30.43 -21.78
CA ASN Q 115 -44.11 31.33 -22.43
C ASN Q 115 -43.73 31.11 -23.85
N ASP Q 116 -43.40 29.89 -24.23
CA ASP Q 116 -43.16 29.65 -25.64
C ASP Q 116 -44.47 29.86 -26.37
N ASN Q 117 -45.52 29.35 -25.78
CA ASN Q 117 -46.81 29.39 -26.42
C ASN Q 117 -47.54 30.28 -25.51
N GLN Q 118 -48.16 31.32 -26.06
CA GLN Q 118 -48.67 32.42 -25.26
C GLN Q 118 -50.16 32.68 -25.26
N VAL Q 119 -50.70 32.98 -26.43
CA VAL Q 119 -52.00 33.61 -26.60
C VAL Q 119 -52.92 32.63 -25.98
N PHE Q 120 -52.35 31.45 -25.82
CA PHE Q 120 -52.95 30.46 -24.99
C PHE Q 120 -52.82 30.93 -23.57
N ALA Q 121 -51.72 31.53 -23.22
CA ALA Q 121 -51.55 31.79 -21.81
C ALA Q 121 -52.73 32.59 -21.35
N LYS Q 122 -53.10 33.53 -22.20
CA LYS Q 122 -53.97 34.67 -21.95
C LYS Q 122 -55.34 34.48 -22.58
N TYR Q 123 -55.51 33.41 -23.35
CA TYR Q 123 -56.76 33.23 -24.07
C TYR Q 123 -57.37 31.83 -23.99
N ASN Q 124 -56.77 30.94 -23.20
CA ASN Q 124 -57.27 29.56 -23.03
C ASN Q 124 -58.71 29.47 -22.51
N VAL Q 125 -59.37 28.34 -22.73
CA VAL Q 125 -60.67 28.11 -22.11
C VAL Q 125 -60.80 26.73 -21.47
N SER Q 126 -61.36 26.71 -20.26
CA SER Q 126 -61.70 25.47 -19.58
C SER Q 126 -62.50 24.59 -20.53
N ARG Q 127 -61.92 23.46 -20.91
CA ARG Q 127 -62.57 22.55 -21.84
C ARG Q 127 -62.51 21.12 -21.32
N LEU Q 128 -63.60 20.57 -20.82
CA LEU Q 128 -63.55 19.23 -20.20
C LEU Q 128 -63.35 18.06 -21.13
N GLN Q 129 -64.34 17.92 -22.01
CA GLN Q 129 -64.57 16.74 -22.82
C GLN Q 129 -63.31 16.27 -23.50
N PRO Q 130 -62.74 17.12 -24.35
CA PRO Q 130 -61.55 16.65 -25.06
C PRO Q 130 -60.33 16.56 -24.17
N TYR Q 131 -60.30 17.42 -23.16
CA TYR Q 131 -59.19 17.48 -22.23
C TYR Q 131 -59.01 16.16 -21.50
N LEU Q 132 -60.13 15.62 -21.02
CA LEU Q 132 -60.13 14.36 -20.29
C LEU Q 132 -59.96 13.18 -21.23
N LYS Q 133 -60.50 13.27 -22.44
CA LYS Q 133 -60.38 12.14 -23.36
C LYS Q 133 -58.89 12.01 -23.70
N LEU Q 134 -58.28 13.15 -24.01
CA LEU Q 134 -56.88 13.20 -24.42
C LEU Q 134 -55.92 12.83 -23.30
N ARG Q 135 -56.23 13.22 -22.07
CA ARG Q 135 -55.37 12.97 -20.93
C ARG Q 135 -55.45 11.51 -20.53
N GLN Q 136 -56.57 10.88 -20.89
CA GLN Q 136 -56.78 9.49 -20.61
C GLN Q 136 -55.99 8.68 -21.63
N ALA Q 137 -56.12 9.07 -22.90
CA ALA Q 137 -55.47 8.34 -23.99
C ALA Q 137 -53.95 8.45 -23.88
N LEU Q 138 -53.58 9.66 -23.52
CA LEU Q 138 -52.21 10.07 -23.42
C LEU Q 138 -51.44 9.22 -22.42
N LEU Q 139 -52.02 9.02 -21.25
CA LEU Q 139 -51.32 8.29 -20.19
C LEU Q 139 -51.01 6.86 -20.61
N GLU Q 140 -51.98 6.14 -21.17
CA GLU Q 140 -51.70 4.74 -21.45
C GLU Q 140 -50.62 4.68 -22.52
N LEU Q 141 -50.63 5.68 -23.39
CA LEU Q 141 -49.82 5.71 -24.61
C LEU Q 141 -48.39 5.23 -24.40
N ARG Q 142 -48.01 4.15 -25.08
CA ARG Q 142 -46.77 3.44 -24.79
C ARG Q 142 -45.54 4.16 -25.34
N PRO Q 143 -44.33 3.66 -25.03
CA PRO Q 143 -43.14 4.33 -25.56
C PRO Q 143 -43.02 4.32 -27.08
N ALA Q 144 -43.83 3.53 -27.78
CA ALA Q 144 -43.75 3.56 -29.23
C ALA Q 144 -45.12 3.69 -29.89
N LYS Q 145 -46.13 4.21 -29.17
CA LYS Q 145 -47.42 4.35 -29.82
C LYS Q 145 -47.73 5.79 -30.23
N ASN Q 146 -48.91 6.06 -30.76
CA ASN Q 146 -49.16 7.45 -31.07
C ASN Q 146 -50.61 7.82 -31.12
N VAL Q 147 -50.93 8.75 -30.26
CA VAL Q 147 -52.27 9.24 -29.96
C VAL Q 147 -52.56 10.47 -30.82
N LEU Q 148 -53.36 10.28 -31.86
CA LEU Q 148 -53.68 11.36 -32.80
C LEU Q 148 -55.01 12.03 -32.49
N ILE Q 149 -55.14 13.28 -32.91
CA ILE Q 149 -56.37 14.05 -32.72
C ILE Q 149 -56.64 14.90 -33.96
N ASP Q 150 -57.84 14.77 -34.51
CA ASP Q 150 -58.21 15.48 -35.74
C ASP Q 150 -59.65 15.96 -35.76
N GLY Q 151 -59.83 17.23 -36.11
CA GLY Q 151 -61.12 17.85 -36.27
C GLY Q 151 -61.12 18.87 -37.41
N VAL Q 152 -62.20 19.65 -37.48
CA VAL Q 152 -62.41 20.69 -38.50
C VAL Q 152 -61.34 21.77 -38.35
N LEU Q 153 -61.03 22.52 -39.41
CA LEU Q 153 -60.02 23.56 -39.26
C LEU Q 153 -60.49 24.54 -38.19
N GLY Q 154 -59.59 24.81 -37.25
CA GLY Q 154 -59.90 25.79 -36.23
C GLY Q 154 -60.74 25.10 -35.19
N SER Q 155 -60.38 23.88 -34.81
CA SER Q 155 -61.19 23.20 -33.81
C SER Q 155 -60.75 23.32 -32.37
N GLY Q 156 -59.51 23.72 -32.14
CA GLY Q 156 -58.99 23.85 -30.80
C GLY Q 156 -58.19 22.60 -30.55
N LYS Q 157 -57.75 21.96 -31.64
CA LYS Q 157 -56.97 20.74 -31.55
C LYS Q 157 -55.66 20.94 -30.79
N THR Q 158 -54.94 22.01 -31.13
CA THR Q 158 -53.67 22.28 -30.50
C THR Q 158 -53.89 22.83 -29.10
N TRP Q 159 -54.87 23.70 -28.90
CA TRP Q 159 -55.14 24.22 -27.56
C TRP Q 159 -55.50 23.07 -26.63
N VAL Q 160 -56.42 22.18 -27.02
CA VAL Q 160 -56.80 21.08 -26.13
C VAL Q 160 -55.53 20.31 -25.78
N ALA Q 161 -54.70 20.09 -26.80
CA ALA Q 161 -53.49 19.31 -26.62
C ALA Q 161 -52.56 20.02 -25.63
N LEU Q 162 -52.46 21.34 -25.79
CA LEU Q 162 -51.59 22.10 -24.94
C LEU Q 162 -52.10 21.98 -23.52
N ASP Q 163 -53.42 22.16 -23.34
CA ASP Q 163 -53.97 22.17 -22.00
C ASP Q 163 -53.70 20.85 -21.32
N VAL Q 164 -53.86 19.76 -22.06
CA VAL Q 164 -53.66 18.45 -21.49
C VAL Q 164 -52.18 18.33 -21.09
N CYS Q 165 -51.33 18.75 -22.00
CA CYS Q 165 -49.92 18.56 -21.81
C CYS Q 165 -49.33 19.67 -20.95
N LEU Q 166 -50.10 20.67 -20.61
CA LEU Q 166 -49.64 21.47 -19.55
C LEU Q 166 -49.68 20.56 -18.35
N SER Q 167 -50.87 19.99 -18.16
CA SER Q 167 -51.25 19.27 -16.95
C SER Q 167 -50.28 18.33 -16.26
N TYR Q 168 -50.03 18.58 -14.98
CA TYR Q 168 -48.95 17.89 -14.31
C TYR Q 168 -49.02 16.39 -14.48
N LYS Q 169 -50.21 15.83 -14.24
CA LYS Q 169 -50.39 14.38 -14.27
C LYS Q 169 -49.90 13.76 -15.58
N VAL Q 170 -50.11 14.51 -16.64
CA VAL Q 170 -49.74 14.10 -17.98
C VAL Q 170 -48.41 14.65 -18.34
N GLN Q 171 -47.70 15.21 -17.40
CA GLN Q 171 -46.34 15.52 -17.72
C GLN Q 171 -45.42 14.54 -17.13
N CYS Q 172 -45.46 14.44 -15.80
CA CYS Q 172 -44.54 13.59 -15.05
C CYS Q 172 -44.48 12.21 -15.69
N LYS Q 173 -45.61 11.78 -16.23
CA LYS Q 173 -45.70 10.51 -16.93
C LYS Q 173 -44.79 10.55 -18.14
N MET Q 174 -44.61 11.75 -18.70
CA MET Q 174 -43.69 11.91 -19.80
C MET Q 174 -42.46 12.62 -19.36
N ASP Q 175 -42.30 12.77 -18.08
CA ASP Q 175 -41.04 13.21 -17.52
C ASP Q 175 -40.53 14.47 -18.14
N PHE Q 176 -41.42 15.39 -18.39
CA PHE Q 176 -41.04 16.74 -18.61
C PHE Q 176 -40.13 16.88 -19.79
N LYS Q 177 -40.39 16.12 -20.84
CA LYS Q 177 -39.64 16.29 -22.08
C LYS Q 177 -40.58 16.31 -23.27
N ILE Q 178 -41.42 17.34 -23.38
CA ILE Q 178 -42.34 17.37 -24.51
C ILE Q 178 -41.93 18.33 -25.60
N PHE Q 179 -41.64 17.78 -26.76
CA PHE Q 179 -41.14 18.58 -27.84
C PHE Q 179 -42.28 18.88 -28.76
N TRP Q 180 -42.56 20.15 -28.89
CA TRP Q 180 -43.61 20.66 -29.73
C TRP Q 180 -43.07 21.19 -31.04
N LEU Q 181 -43.61 20.68 -32.14
CA LEU Q 181 -43.22 21.23 -33.44
C LEU Q 181 -44.43 21.37 -34.34
N ASN Q 182 -44.49 22.40 -35.16
CA ASN Q 182 -45.63 22.53 -36.07
C ASN Q 182 -45.26 22.12 -37.49
N LEU Q 183 -45.81 21.03 -38.00
CA LEU Q 183 -45.42 20.65 -39.35
C LEU Q 183 -46.03 21.64 -40.32
N LYS Q 184 -45.67 22.90 -40.44
CA LYS Q 184 -46.34 23.51 -41.58
C LYS Q 184 -45.52 23.14 -42.75
N ASN Q 185 -46.02 23.32 -43.94
CA ASN Q 185 -45.05 23.32 -44.95
C ASN Q 185 -44.18 22.22 -44.47
N CYS Q 186 -44.71 21.00 -44.55
CA CYS Q 186 -43.97 19.82 -44.11
C CYS Q 186 -44.00 18.73 -45.17
N ASN Q 187 -44.90 18.88 -46.14
CA ASN Q 187 -45.03 17.90 -47.22
C ASN Q 187 -43.96 18.08 -48.30
N SER Q 188 -42.70 18.12 -47.87
CA SER Q 188 -41.59 18.28 -48.80
C SER Q 188 -40.29 17.76 -48.19
N PRO Q 189 -39.42 17.12 -49.10
CA PRO Q 189 -38.19 16.64 -48.46
C PRO Q 189 -37.45 17.75 -47.71
N GLU Q 190 -37.87 18.99 -47.95
CA GLU Q 190 -37.25 20.15 -47.30
C GLU Q 190 -37.76 20.30 -45.87
N THR Q 191 -38.89 19.67 -45.57
CA THR Q 191 -39.47 19.75 -44.23
C THR Q 191 -38.74 18.84 -43.26
N VAL Q 192 -38.61 17.56 -43.63
CA VAL Q 192 -37.94 16.59 -42.78
C VAL Q 192 -36.64 17.14 -42.22
N LEU Q 193 -35.69 17.45 -43.11
CA LEU Q 193 -34.40 17.99 -42.70
C LEU Q 193 -34.57 19.18 -41.77
N GLU Q 194 -35.17 20.26 -42.29
CA GLU Q 194 -35.38 21.46 -41.51
C GLU Q 194 -35.92 21.14 -40.12
N MET Q 195 -37.05 20.45 -40.08
CA MET Q 195 -37.68 20.07 -38.82
C MET Q 195 -36.86 19.07 -38.02
N LEU Q 196 -36.36 18.05 -38.70
CA LEU Q 196 -35.57 17.00 -38.06
C LEU Q 196 -34.31 17.65 -37.56
N GLN Q 197 -33.99 18.80 -38.14
CA GLN Q 197 -32.88 19.58 -37.68
C GLN Q 197 -33.40 20.24 -36.42
N LYS Q 198 -34.63 20.76 -36.47
CA LYS Q 198 -35.14 21.42 -35.26
C LYS Q 198 -35.33 20.48 -34.06
N LEU Q 199 -35.72 19.23 -34.31
CA LEU Q 199 -35.95 18.27 -33.23
C LEU Q 199 -34.65 17.90 -32.52
N LEU Q 200 -33.58 17.79 -33.31
CA LEU Q 200 -32.26 17.48 -32.76
C LEU Q 200 -31.86 18.69 -31.95
N TYR Q 201 -32.01 19.86 -32.55
CA TYR Q 201 -31.91 21.12 -31.85
C TYR Q 201 -32.54 21.10 -30.45
N GLN Q 202 -33.82 20.68 -30.30
CA GLN Q 202 -34.38 20.87 -28.99
C GLN Q 202 -33.64 19.96 -28.12
N ILE Q 203 -33.71 18.65 -28.38
CA ILE Q 203 -33.00 17.67 -27.56
C ILE Q 203 -31.66 18.17 -27.03
N ASP Q 204 -30.75 18.48 -27.95
CA ASP Q 204 -29.43 18.98 -27.59
C ASP Q 204 -28.78 19.70 -28.76
N PRO Q 205 -27.86 20.60 -28.48
CA PRO Q 205 -27.17 21.34 -29.54
C PRO Q 205 -25.82 20.72 -29.89
N ASN Q 206 -25.84 19.56 -30.55
CA ASN Q 206 -24.59 18.91 -30.93
C ASN Q 206 -24.79 17.92 -32.08
N TRP Q 207 -24.27 18.25 -33.25
CA TRP Q 207 -24.34 17.28 -34.33
C TRP Q 207 -23.14 17.25 -35.25
N THR Q 208 -22.66 16.04 -35.51
CA THR Q 208 -21.51 15.84 -36.36
C THR Q 208 -22.09 15.88 -37.76
N SER Q 209 -22.26 17.07 -38.26
CA SER Q 209 -22.94 17.27 -39.51
C SER Q 209 -21.97 17.01 -40.65
N ARG Q 210 -20.85 16.39 -40.31
CA ARG Q 210 -19.89 15.95 -41.31
C ARG Q 210 -20.45 14.79 -42.13
N SER Q 211 -21.53 14.18 -41.63
CA SER Q 211 -22.13 13.08 -42.35
C SER Q 211 -22.86 13.66 -43.57
N ASP Q 212 -22.93 14.97 -43.64
CA ASP Q 212 -23.71 15.58 -44.70
C ASP Q 212 -23.09 15.30 -46.06
N HIS Q 213 -23.92 14.74 -46.90
CA HIS Q 213 -23.58 14.25 -48.20
C HIS Q 213 -24.76 14.81 -48.92
N SER Q 214 -24.50 15.52 -50.01
CA SER Q 214 -25.51 16.38 -50.64
C SER Q 214 -26.13 15.79 -51.91
N SER Q 215 -25.87 14.51 -52.15
CA SER Q 215 -26.49 13.82 -53.27
C SER Q 215 -27.97 13.63 -52.97
N ASN Q 216 -28.26 13.42 -51.70
CA ASN Q 216 -29.65 13.26 -51.26
C ASN Q 216 -29.97 14.06 -50.00
N ILE Q 217 -30.71 15.16 -50.19
CA ILE Q 217 -31.34 15.82 -49.09
C ILE Q 217 -32.25 14.74 -48.54
N LYS Q 218 -32.37 13.65 -49.27
CA LYS Q 218 -33.26 12.58 -48.85
C LYS Q 218 -32.53 11.51 -48.07
N LEU Q 219 -31.44 11.01 -48.64
CA LEU Q 219 -30.62 10.01 -47.98
C LEU Q 219 -30.06 10.55 -46.66
N ARG Q 220 -29.76 11.84 -46.64
CA ARG Q 220 -29.23 12.48 -45.45
C ARG Q 220 -30.35 12.56 -44.44
N ILE Q 221 -31.56 12.67 -44.95
CA ILE Q 221 -32.71 12.84 -44.11
C ILE Q 221 -32.75 11.62 -43.24
N HIS Q 222 -32.43 10.49 -43.83
CA HIS Q 222 -32.42 9.28 -43.06
C HIS Q 222 -31.38 9.38 -41.96
N SER Q 223 -30.23 9.92 -42.28
CA SER Q 223 -29.16 9.92 -41.30
C SER Q 223 -29.64 10.69 -40.11
N ILE Q 224 -30.25 11.83 -40.36
CA ILE Q 224 -30.61 12.68 -39.22
C ILE Q 224 -31.47 11.78 -38.30
N GLN Q 225 -32.36 11.00 -38.91
CA GLN Q 225 -33.23 10.10 -38.17
C GLN Q 225 -32.41 9.06 -37.40
N ALA Q 226 -31.39 8.51 -38.07
CA ALA Q 226 -30.53 7.52 -37.44
C ALA Q 226 -29.93 8.06 -36.16
N GLU Q 227 -29.45 9.30 -36.20
CA GLU Q 227 -28.87 9.94 -35.03
C GLU Q 227 -29.92 10.23 -33.98
N LEU Q 228 -31.10 10.63 -34.43
CA LEU Q 228 -32.21 10.93 -33.54
C LEU Q 228 -32.67 9.68 -32.80
N ARG Q 229 -32.77 8.57 -33.54
CA ARG Q 229 -33.20 7.30 -32.97
C ARG Q 229 -32.21 6.84 -31.90
N ARG Q 230 -30.93 7.05 -32.16
CA ARG Q 230 -29.89 6.67 -31.22
C ARG Q 230 -30.05 7.44 -29.92
N LEU Q 231 -30.24 8.76 -30.02
CA LEU Q 231 -30.37 9.59 -28.82
C LEU Q 231 -31.62 9.39 -27.96
N LEU Q 232 -32.79 9.15 -28.56
CA LEU Q 232 -33.98 8.98 -27.72
C LEU Q 232 -33.97 7.77 -26.79
N LYS Q 233 -33.55 6.62 -27.23
CA LYS Q 233 -33.59 5.55 -26.30
C LYS Q 233 -32.35 5.78 -25.49
N SER Q 234 -32.16 7.03 -25.12
CA SER Q 234 -31.12 7.38 -24.18
C SER Q 234 -31.83 7.33 -22.87
N LYS Q 235 -31.14 7.63 -21.78
CA LYS Q 235 -31.80 7.68 -20.50
C LYS Q 235 -32.31 9.05 -20.11
N PRO Q 236 -31.85 10.12 -20.89
CA PRO Q 236 -32.38 11.42 -20.43
C PRO Q 236 -33.85 11.37 -20.63
N TYR Q 237 -34.24 10.77 -21.74
CA TYR Q 237 -35.64 10.63 -22.07
C TYR Q 237 -36.12 9.28 -21.66
N GLU Q 238 -35.66 8.25 -22.32
CA GLU Q 238 -36.21 6.91 -22.07
C GLU Q 238 -37.59 7.05 -22.61
N ASN Q 239 -38.25 8.06 -22.08
CA ASN Q 239 -39.62 8.26 -22.58
C ASN Q 239 -40.13 9.73 -22.52
N CYS Q 240 -40.66 10.29 -23.60
CA CYS Q 240 -41.07 11.68 -23.63
C CYS Q 240 -42.02 11.81 -24.76
N LEU Q 241 -42.74 12.91 -24.89
CA LEU Q 241 -43.73 13.01 -25.94
C LEU Q 241 -43.48 14.13 -26.89
N LEU Q 242 -43.30 13.77 -28.15
CA LEU Q 242 -43.13 14.58 -29.34
C LEU Q 242 -44.48 14.82 -30.01
N VAL Q 243 -45.06 16.00 -29.77
CA VAL Q 243 -46.40 16.31 -30.27
C VAL Q 243 -46.32 17.14 -31.56
N LEU Q 244 -46.52 16.44 -32.65
CA LEU Q 244 -46.35 17.04 -33.92
C LEU Q 244 -47.57 17.86 -33.84
N LEU Q 245 -47.67 18.90 -34.65
CA LEU Q 245 -48.87 19.66 -34.61
C LEU Q 245 -49.22 19.84 -36.05
N ASN Q 246 -50.47 19.81 -36.41
CA ASN Q 246 -50.79 20.09 -37.79
C ASN Q 246 -50.04 19.18 -38.74
N VAL Q 247 -49.97 17.89 -38.45
CA VAL Q 247 -49.29 16.99 -39.38
C VAL Q 247 -50.02 17.08 -40.71
N GLN Q 248 -49.27 17.26 -41.78
CA GLN Q 248 -49.83 17.46 -43.12
C GLN Q 248 -50.49 16.34 -43.93
N ASN Q 249 -49.83 15.20 -44.09
CA ASN Q 249 -50.40 14.11 -44.87
C ASN Q 249 -49.85 12.84 -44.27
N ALA Q 250 -49.91 11.70 -44.96
CA ALA Q 250 -49.20 10.62 -44.33
C ALA Q 250 -47.71 10.81 -44.43
N LYS Q 251 -47.23 11.30 -45.57
CA LYS Q 251 -45.84 11.06 -45.93
C LYS Q 251 -44.88 11.55 -44.87
N ALA Q 252 -45.13 12.73 -44.33
CA ALA Q 252 -44.16 13.31 -43.42
C ALA Q 252 -44.02 12.37 -42.27
N TRP Q 253 -45.14 11.85 -41.82
CA TRP Q 253 -45.12 11.15 -40.58
C TRP Q 253 -44.14 9.96 -40.68
N ASN Q 254 -44.23 9.14 -41.72
CA ASN Q 254 -43.40 8.01 -41.85
C ASN Q 254 -42.02 8.56 -41.54
N ALA Q 255 -41.78 9.80 -41.92
CA ALA Q 255 -40.54 10.46 -41.61
C ALA Q 255 -40.38 10.60 -40.14
N PHE Q 256 -41.46 10.88 -39.44
CA PHE Q 256 -41.33 11.35 -38.08
C PHE Q 256 -41.51 10.41 -36.94
N ASN Q 257 -41.63 9.11 -37.18
CA ASN Q 257 -41.86 8.18 -36.08
C ASN Q 257 -40.56 7.67 -35.50
N LEU Q 258 -40.26 8.05 -34.27
CA LEU Q 258 -39.00 7.67 -33.68
C LEU Q 258 -39.16 6.76 -32.48
N SER Q 259 -40.24 6.03 -32.40
CA SER Q 259 -40.36 5.28 -31.17
C SER Q 259 -40.45 6.32 -30.07
N CYS Q 260 -41.15 7.39 -30.37
CA CYS Q 260 -41.28 8.48 -29.46
C CYS Q 260 -42.72 8.50 -29.15
N LYS Q 261 -43.09 8.62 -27.91
CA LYS Q 261 -44.50 8.71 -27.63
C LYS Q 261 -44.86 10.02 -28.31
N ILE Q 262 -45.22 9.99 -29.58
CA ILE Q 262 -45.70 11.24 -30.17
C ILE Q 262 -47.23 11.26 -30.20
N LEU Q 263 -47.82 12.45 -30.18
CA LEU Q 263 -49.25 12.59 -30.38
C LEU Q 263 -49.47 13.68 -31.42
N LEU Q 264 -50.07 13.32 -32.54
CA LEU Q 264 -50.17 14.21 -33.69
C LEU Q 264 -51.59 14.70 -33.91
N THR Q 265 -51.73 16.02 -33.98
CA THR Q 265 -53.02 16.62 -34.22
C THR Q 265 -53.04 17.13 -35.65
N THR Q 266 -54.04 16.73 -36.43
CA THR Q 266 -54.09 17.11 -37.84
C THR Q 266 -55.50 17.47 -38.31
N ARG Q 267 -55.56 18.43 -39.24
CA ARG Q 267 -56.81 18.84 -39.86
C ARG Q 267 -57.42 18.11 -41.08
N PHE Q 268 -56.77 17.10 -41.69
CA PHE Q 268 -57.58 16.32 -42.65
C PHE Q 268 -57.64 14.79 -42.55
N LYS Q 269 -58.59 14.28 -43.34
CA LYS Q 269 -59.15 12.95 -43.17
C LYS Q 269 -58.25 11.86 -43.72
N GLN Q 270 -57.29 12.24 -44.56
CA GLN Q 270 -56.34 11.29 -45.10
C GLN Q 270 -55.36 10.87 -44.01
N VAL Q 271 -55.05 11.81 -43.12
CA VAL Q 271 -54.16 11.53 -41.99
C VAL Q 271 -54.79 10.56 -40.97
N THR Q 272 -55.97 10.98 -40.51
CA THR Q 272 -56.69 10.30 -39.46
C THR Q 272 -57.32 9.16 -40.18
N ASP Q 273 -57.36 9.32 -41.49
CA ASP Q 273 -57.64 8.26 -42.42
C ASP Q 273 -56.39 7.41 -42.55
N PHE Q 274 -55.23 7.93 -42.14
CA PHE Q 274 -54.08 7.05 -42.21
C PHE Q 274 -53.82 6.02 -41.12
N LEU Q 275 -53.88 6.43 -39.86
CA LEU Q 275 -53.34 5.59 -38.81
C LEU Q 275 -54.38 4.78 -38.09
N SER Q 276 -54.35 3.50 -38.40
CA SER Q 276 -55.36 2.61 -37.92
C SER Q 276 -55.28 2.55 -36.43
N ALA Q 277 -56.43 2.49 -35.78
CA ALA Q 277 -56.49 2.30 -34.35
C ALA Q 277 -55.87 0.95 -34.15
N ALA Q 278 -55.31 0.70 -32.97
CA ALA Q 278 -54.57 -0.49 -32.67
C ALA Q 278 -53.17 -0.26 -33.12
N THR Q 279 -52.96 0.93 -33.67
CA THR Q 279 -51.76 1.72 -33.45
C THR Q 279 -51.91 3.19 -33.12
N THR Q 280 -53.09 3.65 -32.76
CA THR Q 280 -53.13 5.03 -32.30
C THR Q 280 -54.52 5.27 -31.76
N THR Q 281 -54.91 6.45 -31.27
CA THR Q 281 -56.29 6.45 -30.96
C THR Q 281 -56.70 7.81 -31.39
N HIS Q 282 -57.91 7.96 -31.88
CA HIS Q 282 -58.33 9.29 -32.21
C HIS Q 282 -59.31 9.85 -31.21
N ILE Q 283 -58.89 10.90 -30.55
CA ILE Q 283 -59.78 11.84 -29.95
C ILE Q 283 -60.25 12.54 -31.17
N SER Q 284 -61.54 12.72 -31.38
CA SER Q 284 -61.98 13.50 -32.52
C SER Q 284 -62.45 14.78 -31.93
N LEU Q 285 -61.71 15.84 -32.21
CA LEU Q 285 -61.97 17.10 -31.59
C LEU Q 285 -63.29 17.71 -31.97
N ASP Q 286 -63.69 17.54 -33.23
CA ASP Q 286 -64.85 18.21 -33.80
C ASP Q 286 -66.08 17.34 -33.75
N HIS Q 287 -65.99 16.27 -33.01
CA HIS Q 287 -67.05 15.31 -32.90
C HIS Q 287 -68.06 15.81 -31.90
N HIS Q 288 -68.90 14.88 -31.50
CA HIS Q 288 -70.19 14.98 -30.84
C HIS Q 288 -70.24 15.63 -29.49
N SER Q 289 -69.31 15.30 -28.64
CA SER Q 289 -69.39 15.75 -27.27
C SER Q 289 -68.31 16.74 -26.99
N MET Q 290 -67.29 16.71 -27.81
CA MET Q 290 -66.20 17.63 -27.66
C MET Q 290 -66.74 19.02 -27.91
N THR Q 291 -67.67 19.13 -28.82
CA THR Q 291 -68.01 20.47 -29.31
C THR Q 291 -68.11 21.33 -28.06
N LEU Q 292 -67.58 22.54 -28.13
CA LEU Q 292 -67.42 23.29 -26.92
C LEU Q 292 -68.74 23.34 -26.24
N THR Q 293 -68.68 23.23 -24.92
CA THR Q 293 -69.84 23.05 -24.04
C THR Q 293 -70.84 24.20 -24.14
N PRO Q 294 -72.13 23.86 -24.34
CA PRO Q 294 -73.22 24.77 -24.75
C PRO Q 294 -73.17 26.17 -24.15
N ASP Q 295 -72.64 26.30 -22.94
CA ASP Q 295 -72.51 27.59 -22.28
C ASP Q 295 -71.06 28.03 -22.24
N GLU Q 296 -70.16 27.10 -22.53
CA GLU Q 296 -68.74 27.43 -22.57
C GLU Q 296 -68.42 28.05 -23.93
N VAL Q 297 -69.40 28.11 -24.83
CA VAL Q 297 -69.20 28.92 -26.01
C VAL Q 297 -69.28 30.36 -25.54
N LYS Q 298 -70.23 30.64 -24.66
CA LYS Q 298 -70.40 31.97 -24.10
C LYS Q 298 -69.19 32.28 -23.22
N SER Q 299 -68.57 31.23 -22.72
CA SER Q 299 -67.38 31.32 -21.90
C SER Q 299 -66.24 31.88 -22.69
N LEU Q 300 -66.01 31.24 -23.83
CA LEU Q 300 -64.85 31.58 -24.63
C LEU Q 300 -65.09 32.98 -25.12
N LEU Q 301 -66.33 33.26 -25.51
CA LEU Q 301 -66.52 34.54 -26.11
C LEU Q 301 -66.07 35.47 -25.04
N LEU Q 302 -66.27 35.13 -23.79
CA LEU Q 302 -65.84 36.13 -22.85
C LEU Q 302 -64.37 36.55 -22.91
N LYS Q 303 -63.46 35.58 -22.81
CA LYS Q 303 -62.04 35.86 -22.68
C LYS Q 303 -61.66 37.12 -23.43
N TYR Q 304 -61.76 37.05 -24.75
CA TYR Q 304 -61.44 38.19 -25.61
C TYR Q 304 -62.40 39.28 -25.22
N LEU Q 305 -63.61 38.87 -24.89
CA LEU Q 305 -64.64 39.83 -24.61
C LEU Q 305 -64.37 40.67 -23.39
N ASP Q 306 -63.87 40.06 -22.33
CA ASP Q 306 -63.66 40.75 -21.06
C ASP Q 306 -64.87 41.35 -20.34
N CYS Q 307 -66.02 40.67 -20.32
CA CYS Q 307 -67.03 41.01 -19.32
C CYS Q 307 -68.04 39.93 -19.02
N ARG Q 308 -68.62 40.00 -17.83
CA ARG Q 308 -69.82 39.28 -17.48
C ARG Q 308 -71.16 39.69 -18.09
N PRO Q 309 -71.48 40.99 -18.20
CA PRO Q 309 -72.92 41.19 -18.35
C PRO Q 309 -73.33 41.17 -19.82
N GLN Q 310 -72.46 41.68 -20.68
CA GLN Q 310 -72.73 41.72 -22.11
C GLN Q 310 -72.70 40.32 -22.72
N ASP Q 311 -71.97 39.41 -22.07
CA ASP Q 311 -71.87 38.04 -22.54
C ASP Q 311 -73.22 37.48 -22.93
N LEU Q 312 -74.26 37.89 -22.20
CA LEU Q 312 -75.62 37.44 -22.48
C LEU Q 312 -76.23 38.22 -23.63
N PRO Q 313 -75.72 39.42 -23.87
CA PRO Q 313 -76.23 40.26 -24.95
C PRO Q 313 -75.69 39.82 -26.30
N ARG Q 314 -75.03 38.66 -26.31
CA ARG Q 314 -74.47 38.11 -27.54
C ARG Q 314 -74.99 36.70 -27.81
N GLU Q 315 -76.31 36.54 -27.73
CA GLU Q 315 -76.94 35.24 -27.96
C GLU Q 315 -76.95 34.89 -29.44
N VAL Q 316 -76.26 33.81 -29.79
CA VAL Q 316 -76.18 33.36 -31.17
C VAL Q 316 -75.87 31.87 -31.26
N LEU Q 317 -75.25 31.46 -32.36
CA LEU Q 317 -74.89 30.06 -32.56
C LEU Q 317 -73.51 29.94 -33.21
N THR Q 318 -72.67 29.09 -32.64
CA THR Q 318 -71.32 28.88 -33.17
C THR Q 318 -70.61 27.84 -32.31
N THR Q 319 -69.73 27.04 -32.92
CA THR Q 319 -69.04 26.00 -32.16
C THR Q 319 -67.56 25.87 -32.53
N ASN Q 320 -67.09 26.67 -33.48
CA ASN Q 320 -65.70 26.59 -33.89
C ASN Q 320 -64.85 27.61 -33.15
N PRO Q 321 -63.91 27.15 -32.31
CA PRO Q 321 -63.16 28.12 -31.53
C PRO Q 321 -62.45 29.11 -32.43
N ARG Q 322 -62.02 28.69 -33.62
CA ARG Q 322 -61.33 29.64 -34.47
C ARG Q 322 -62.34 30.69 -34.94
N ARG Q 323 -63.53 30.24 -35.35
CA ARG Q 323 -64.50 31.19 -35.83
C ARG Q 323 -64.98 32.05 -34.68
N LEU Q 324 -65.12 31.41 -33.53
CA LEU Q 324 -65.61 32.09 -32.36
C LEU Q 324 -64.66 33.20 -31.96
N SER Q 325 -63.38 32.89 -31.97
CA SER Q 325 -62.44 33.86 -31.48
C SER Q 325 -62.09 34.92 -32.48
N ILE Q 326 -62.09 34.60 -33.77
CA ILE Q 326 -61.88 35.65 -34.75
C ILE Q 326 -63.03 36.64 -34.65
N ILE Q 327 -64.25 36.10 -34.50
CA ILE Q 327 -65.42 36.95 -34.38
C ILE Q 327 -65.40 37.76 -33.13
N ALA Q 328 -65.07 37.07 -32.05
CA ALA Q 328 -65.09 37.65 -30.72
C ALA Q 328 -64.05 38.80 -30.66
N GLU Q 329 -62.88 38.54 -31.26
CA GLU Q 329 -61.81 39.50 -31.29
C GLU Q 329 -62.29 40.71 -32.07
N SER Q 330 -62.94 40.43 -33.18
CA SER Q 330 -63.37 41.52 -34.04
C SER Q 330 -64.41 42.39 -33.33
N ILE Q 331 -65.34 41.77 -32.62
CA ILE Q 331 -66.33 42.57 -31.93
C ILE Q 331 -65.78 43.43 -30.76
N ARG Q 332 -64.81 42.92 -30.00
CA ARG Q 332 -64.25 43.73 -28.90
C ARG Q 332 -63.54 44.94 -29.49
N ASP Q 333 -62.78 44.67 -30.55
CA ASP Q 333 -62.03 45.65 -31.33
C ASP Q 333 -62.47 45.70 -32.79
N ALA Q 336 -68.18 45.78 -33.39
CA ALA Q 336 -69.60 46.04 -33.57
C ALA Q 336 -70.37 44.73 -33.83
N THR Q 337 -71.30 44.38 -32.95
CA THR Q 337 -71.77 43.00 -32.91
C THR Q 337 -72.51 42.43 -34.12
N TRP Q 338 -73.52 43.15 -34.58
CA TRP Q 338 -74.27 42.74 -35.77
C TRP Q 338 -73.46 42.81 -37.03
N ASP Q 339 -72.80 43.94 -37.25
CA ASP Q 339 -72.27 44.13 -38.57
C ASP Q 339 -71.23 43.10 -38.81
N ASN Q 340 -70.35 43.05 -37.81
CA ASN Q 340 -69.14 42.25 -37.79
C ASN Q 340 -69.35 40.74 -37.82
N TRP Q 341 -70.36 40.22 -37.11
CA TRP Q 341 -70.59 38.77 -36.99
C TRP Q 341 -70.65 38.26 -38.41
N LYS Q 342 -71.14 39.09 -39.32
CA LYS Q 342 -71.21 38.71 -40.74
C LYS Q 342 -70.26 39.46 -41.70
N HIS Q 343 -70.60 40.71 -42.01
CA HIS Q 343 -70.03 41.47 -43.10
C HIS Q 343 -68.67 41.86 -42.55
N VAL Q 344 -68.55 41.68 -41.24
CA VAL Q 344 -67.31 41.85 -40.55
C VAL Q 344 -66.45 40.66 -40.96
N ASN Q 345 -65.18 40.89 -41.23
CA ASN Q 345 -64.29 39.80 -41.59
C ASN Q 345 -64.53 39.35 -43.02
N CYS Q 346 -65.31 40.12 -43.76
CA CYS Q 346 -65.35 39.91 -45.17
C CYS Q 346 -63.97 39.55 -45.62
N ASP Q 347 -63.06 40.06 -44.81
CA ASP Q 347 -61.65 40.17 -45.14
C ASP Q 347 -60.80 39.22 -44.31
N LYS Q 348 -61.36 38.47 -43.34
CA LYS Q 348 -60.50 37.55 -42.62
C LYS Q 348 -60.96 36.09 -42.60
N LEU Q 349 -62.17 35.83 -42.11
CA LEU Q 349 -62.65 34.47 -41.97
C LEU Q 349 -62.76 33.79 -43.33
N THR Q 350 -62.98 34.61 -44.34
CA THR Q 350 -63.08 34.15 -45.70
C THR Q 350 -61.72 33.62 -46.11
N THR Q 351 -60.65 34.36 -45.81
CA THR Q 351 -59.31 33.91 -46.20
C THR Q 351 -58.95 32.62 -45.49
N ILE Q 352 -59.36 32.49 -44.24
CA ILE Q 352 -59.07 31.30 -43.45
C ILE Q 352 -59.67 30.05 -44.09
N ILE Q 353 -60.91 30.18 -44.55
CA ILE Q 353 -61.61 29.06 -45.19
C ILE Q 353 -61.39 29.06 -46.70
N GLU Q 354 -60.28 29.66 -47.13
CA GLU Q 354 -59.95 29.71 -48.54
C GLU Q 354 -58.53 29.22 -48.79
N SER Q 355 -57.61 29.57 -47.91
CA SER Q 355 -56.21 29.17 -48.03
C SER Q 355 -56.10 27.65 -48.18
N SER Q 356 -57.21 26.96 -48.00
CA SER Q 356 -57.24 25.50 -48.11
C SER Q 356 -57.60 25.06 -49.52
N LEU Q 357 -57.90 26.04 -50.38
CA LEU Q 357 -58.27 25.74 -51.77
C LEU Q 357 -57.03 25.54 -52.62
N ASN Q 358 -55.93 26.15 -52.27
CA ASN Q 358 -54.76 25.90 -53.08
C ASN Q 358 -54.38 24.43 -53.05
N VAL Q 359 -54.58 23.78 -51.91
CA VAL Q 359 -54.00 22.45 -51.70
C VAL Q 359 -54.50 21.37 -52.64
N LEU Q 360 -55.81 21.38 -52.92
CA LEU Q 360 -56.41 20.45 -53.88
C LEU Q 360 -56.34 21.02 -55.29
N GLU Q 361 -55.77 20.27 -56.23
CA GLU Q 361 -55.60 20.77 -57.59
C GLU Q 361 -56.76 21.66 -58.04
N PRO Q 362 -56.44 22.81 -58.64
CA PRO Q 362 -57.45 23.71 -59.14
C PRO Q 362 -58.21 23.28 -60.36
N ALA Q 363 -57.55 22.60 -61.28
CA ALA Q 363 -58.17 22.21 -62.55
C ALA Q 363 -59.41 21.35 -62.35
N GLU Q 364 -59.37 20.46 -61.36
CA GLU Q 364 -60.48 19.54 -61.12
C GLU Q 364 -61.08 19.68 -59.73
N TYR Q 365 -60.23 19.95 -58.73
CA TYR Q 365 -60.69 20.04 -57.35
C TYR Q 365 -61.37 21.38 -57.06
N ARG Q 366 -60.58 22.43 -56.96
CA ARG Q 366 -61.09 23.76 -56.62
C ARG Q 366 -62.40 24.09 -57.35
N LYS Q 367 -62.37 24.04 -58.67
CA LYS Q 367 -63.53 24.40 -59.47
C LYS Q 367 -64.83 23.66 -59.17
N MET Q 368 -64.75 22.34 -59.08
CA MET Q 368 -65.96 21.58 -58.84
C MET Q 368 -66.57 22.20 -57.61
N PHE Q 369 -65.88 22.05 -56.49
CA PHE Q 369 -66.46 22.43 -55.23
C PHE Q 369 -67.21 23.75 -55.40
N ASP Q 370 -66.67 24.64 -56.22
CA ASP Q 370 -67.17 25.99 -56.37
C ASP Q 370 -68.62 25.91 -56.80
N ARG Q 371 -68.92 24.84 -57.52
CA ARG Q 371 -70.22 24.59 -58.08
C ARG Q 371 -71.27 24.37 -56.99
N LEU Q 372 -70.85 23.91 -55.84
CA LEU Q 372 -71.80 23.55 -54.81
C LEU Q 372 -72.59 24.80 -54.40
N SER Q 373 -72.12 25.92 -54.87
CA SER Q 373 -72.72 27.16 -54.45
C SER Q 373 -74.18 27.07 -54.83
N VAL Q 374 -74.51 26.25 -55.81
CA VAL Q 374 -75.87 26.09 -56.31
C VAL Q 374 -76.84 25.57 -55.25
N PHE Q 375 -76.39 24.62 -54.45
CA PHE Q 375 -77.23 23.92 -53.47
C PHE Q 375 -77.39 24.58 -52.11
N PRO Q 376 -78.44 24.17 -51.39
CA PRO Q 376 -78.89 24.87 -50.20
C PRO Q 376 -77.72 24.88 -49.23
N PRO Q 377 -77.64 26.02 -48.42
CA PRO Q 377 -76.29 26.21 -47.86
C PRO Q 377 -75.81 25.05 -47.01
N SER Q 378 -76.70 24.45 -46.24
CA SER Q 378 -76.28 23.31 -45.44
C SER Q 378 -77.23 22.20 -45.80
N ALA Q 379 -76.99 21.71 -47.00
CA ALA Q 379 -77.85 20.77 -47.68
C ALA Q 379 -77.07 19.63 -48.30
N HIS Q 380 -77.78 18.75 -48.97
CA HIS Q 380 -77.20 17.52 -49.50
C HIS Q 380 -77.16 17.53 -51.02
N ILE Q 381 -76.58 16.50 -51.60
CA ILE Q 381 -76.52 16.41 -53.05
C ILE Q 381 -76.35 14.98 -53.57
N PRO Q 382 -77.38 14.50 -54.30
CA PRO Q 382 -77.43 13.18 -54.92
C PRO Q 382 -76.33 12.99 -55.92
N THR Q 383 -75.96 11.74 -56.19
CA THR Q 383 -74.84 11.55 -57.09
C THR Q 383 -75.12 12.07 -58.50
N ILE Q 384 -76.33 11.82 -58.97
CA ILE Q 384 -76.73 12.22 -60.32
C ILE Q 384 -76.64 13.72 -60.58
N LEU Q 385 -77.05 14.51 -59.59
CA LEU Q 385 -77.01 15.97 -59.67
C LEU Q 385 -75.59 16.55 -59.72
N LEU Q 386 -74.68 15.99 -58.92
CA LEU Q 386 -73.33 16.49 -58.83
C LEU Q 386 -72.59 16.27 -60.14
N SER Q 387 -72.97 15.23 -60.88
CA SER Q 387 -72.23 14.90 -62.08
C SER Q 387 -72.31 16.04 -63.07
N LEU Q 388 -73.52 16.54 -63.29
CA LEU Q 388 -73.73 17.51 -64.33
C LEU Q 388 -72.91 18.76 -64.06
N ILE Q 389 -72.75 19.09 -62.79
CA ILE Q 389 -72.21 20.38 -62.39
C ILE Q 389 -70.76 20.63 -62.85
N SER Q 396 -67.69 6.87 -63.54
CA SER Q 396 -67.22 6.79 -62.16
C SER Q 396 -66.37 8.00 -61.81
N ASP Q 397 -66.01 8.80 -62.81
CA ASP Q 397 -65.13 9.94 -62.56
C ASP Q 397 -65.62 10.90 -61.50
N VAL Q 398 -66.90 11.28 -61.52
CA VAL Q 398 -67.37 12.22 -60.49
C VAL Q 398 -67.29 11.64 -59.09
N MET Q 399 -67.55 10.35 -58.98
CA MET Q 399 -67.52 9.64 -57.71
C MET Q 399 -66.12 9.66 -57.12
N VAL Q 400 -65.12 9.46 -57.97
CA VAL Q 400 -63.76 9.48 -57.46
C VAL Q 400 -63.34 10.91 -57.19
N VAL Q 401 -63.65 11.83 -58.11
CA VAL Q 401 -63.15 13.18 -57.93
C VAL Q 401 -63.74 13.77 -56.65
N VAL Q 402 -65.02 13.51 -56.35
CA VAL Q 402 -65.52 14.00 -55.08
C VAL Q 402 -64.83 13.25 -53.95
N ASN Q 403 -64.52 11.96 -54.18
CA ASN Q 403 -64.02 11.13 -53.08
C ASN Q 403 -62.70 11.73 -52.58
N LYS Q 404 -61.91 12.17 -53.54
CA LYS Q 404 -60.70 12.88 -53.23
C LYS Q 404 -61.07 14.15 -52.52
N LEU Q 405 -62.08 14.82 -53.00
CA LEU Q 405 -62.46 16.04 -52.36
C LEU Q 405 -62.96 15.69 -50.97
N HIS Q 406 -63.40 14.45 -50.83
CA HIS Q 406 -64.09 14.10 -49.62
C HIS Q 406 -63.17 14.45 -48.53
N LYS Q 407 -61.90 14.10 -48.74
CA LYS Q 407 -60.85 14.28 -47.77
C LYS Q 407 -60.39 15.73 -47.62
N TYR Q 408 -60.04 16.42 -48.71
CA TYR Q 408 -59.45 17.73 -48.47
C TYR Q 408 -60.41 18.84 -48.00
N SER Q 409 -61.53 19.03 -48.69
CA SER Q 409 -62.45 20.12 -48.36
C SER Q 409 -63.76 19.62 -47.81
N LEU Q 410 -64.70 20.53 -47.58
CA LEU Q 410 -65.84 20.16 -46.77
C LEU Q 410 -66.60 18.89 -47.24
N VAL Q 411 -67.19 18.87 -48.42
CA VAL Q 411 -67.27 17.74 -49.36
C VAL Q 411 -67.76 16.40 -48.80
N GLU Q 412 -68.65 16.40 -47.82
CA GLU Q 412 -68.58 15.28 -46.90
C GLU Q 412 -69.36 14.15 -47.46
N LYS Q 413 -68.66 13.20 -48.05
CA LYS Q 413 -69.31 12.07 -48.68
C LYS Q 413 -70.03 11.33 -47.60
N GLN Q 414 -71.05 10.59 -47.99
CA GLN Q 414 -71.85 9.86 -47.02
C GLN Q 414 -72.52 8.65 -47.60
N PRO Q 415 -73.16 7.88 -46.73
CA PRO Q 415 -73.83 6.64 -47.14
C PRO Q 415 -74.98 6.49 -48.13
N SER Q 418 -76.60 7.16 -51.87
CA SER Q 418 -75.21 7.58 -51.89
C SER Q 418 -75.10 9.10 -52.00
N THR Q 419 -76.07 9.80 -51.43
CA THR Q 419 -76.09 11.25 -51.47
C THR Q 419 -74.88 11.84 -50.74
N ILE Q 420 -74.76 13.16 -50.76
CA ILE Q 420 -73.60 13.83 -50.22
C ILE Q 420 -74.13 14.99 -49.42
N SER Q 421 -73.42 15.36 -48.36
CA SER Q 421 -73.81 16.52 -47.55
C SER Q 421 -72.53 17.29 -47.31
N ILE Q 422 -72.44 18.47 -47.91
CA ILE Q 422 -71.27 19.33 -47.72
C ILE Q 422 -71.21 20.11 -46.41
N PRO Q 423 -70.01 20.47 -46.01
CA PRO Q 423 -69.79 21.11 -44.72
C PRO Q 423 -69.73 22.61 -44.87
N SER Q 424 -70.59 23.28 -44.14
CA SER Q 424 -70.99 24.64 -44.41
C SER Q 424 -69.88 25.66 -44.36
N ILE Q 425 -68.99 25.51 -43.38
CA ILE Q 425 -68.21 26.62 -42.90
C ILE Q 425 -67.39 27.23 -44.03
N TYR Q 426 -66.90 26.37 -44.90
CA TYR Q 426 -66.40 26.75 -46.23
C TYR Q 426 -67.44 26.41 -47.31
N LEU Q 427 -68.52 25.77 -46.91
CA LEU Q 427 -69.57 25.39 -47.85
C LEU Q 427 -70.41 26.60 -48.24
N GLU Q 428 -71.02 27.25 -47.26
CA GLU Q 428 -71.86 28.43 -47.51
C GLU Q 428 -71.08 29.72 -47.82
N LEU Q 429 -70.10 30.04 -46.99
CA LEU Q 429 -69.45 31.33 -47.02
C LEU Q 429 -68.39 31.48 -48.10
N LYS Q 430 -67.37 30.64 -48.07
CA LYS Q 430 -66.22 30.83 -48.93
C LYS Q 430 -66.65 31.13 -50.36
N VAL Q 431 -67.48 30.20 -50.83
CA VAL Q 431 -67.93 30.16 -52.19
C VAL Q 431 -68.85 31.31 -52.62
N LYS Q 432 -69.77 31.68 -51.74
CA LYS Q 432 -70.79 32.68 -52.07
C LYS Q 432 -70.17 33.98 -52.55
N LEU Q 433 -69.13 34.41 -51.86
CA LEU Q 433 -68.45 35.66 -52.18
C LEU Q 433 -67.76 35.58 -53.53
N GLU Q 434 -67.05 34.50 -53.79
CA GLU Q 434 -66.29 34.43 -55.04
C GLU Q 434 -67.03 33.57 -56.04
N ASN Q 435 -67.51 34.18 -57.10
CA ASN Q 435 -68.19 33.38 -58.09
C ASN Q 435 -68.10 34.15 -59.41
N GLU Q 436 -68.37 33.49 -60.52
CA GLU Q 436 -68.28 34.10 -61.83
C GLU Q 436 -69.60 33.68 -62.43
N TYR Q 437 -69.98 34.15 -63.61
CA TYR Q 437 -71.33 33.79 -63.98
C TYR Q 437 -71.25 32.48 -64.75
N ALA Q 438 -70.84 31.46 -64.01
CA ALA Q 438 -70.95 30.06 -64.38
C ALA Q 438 -72.39 29.66 -64.08
N LEU Q 439 -72.98 30.39 -63.14
CA LEU Q 439 -74.30 30.09 -62.60
C LEU Q 439 -75.33 29.80 -63.67
N HIS Q 440 -75.36 30.60 -64.73
CA HIS Q 440 -76.44 30.42 -65.71
C HIS Q 440 -76.43 28.96 -66.16
N ARG Q 441 -75.25 28.45 -66.46
CA ARG Q 441 -75.15 27.09 -66.94
C ARG Q 441 -75.59 26.10 -65.85
N SER Q 442 -75.17 26.36 -64.60
CA SER Q 442 -75.51 25.44 -63.52
C SER Q 442 -77.01 25.37 -63.27
N ILE Q 443 -77.62 26.56 -63.20
CA ILE Q 443 -79.03 26.67 -62.90
C ILE Q 443 -79.82 26.05 -64.05
N VAL Q 444 -79.37 26.28 -65.28
CA VAL Q 444 -80.08 25.75 -66.44
C VAL Q 444 -79.98 24.24 -66.32
N ASP Q 445 -78.84 23.77 -65.82
CA ASP Q 445 -78.61 22.33 -65.69
C ASP Q 445 -79.71 21.82 -64.76
N HIS Q 446 -79.98 22.59 -63.71
CA HIS Q 446 -81.00 22.20 -62.74
C HIS Q 446 -82.31 22.13 -63.50
N TYR Q 447 -82.57 23.05 -64.42
CA TYR Q 447 -83.82 22.91 -65.15
C TYR Q 447 -83.84 21.60 -65.89
N ASN Q 448 -82.71 21.26 -66.51
CA ASN Q 448 -82.63 20.06 -67.33
C ASN Q 448 -82.86 18.77 -66.55
N ILE Q 449 -82.33 18.67 -65.34
CA ILE Q 449 -82.46 17.41 -64.61
C ILE Q 449 -83.93 17.05 -64.28
N PRO Q 450 -84.76 17.95 -63.69
CA PRO Q 450 -86.13 17.43 -63.61
C PRO Q 450 -86.79 17.26 -64.97
N LYS Q 451 -86.29 17.95 -65.98
CA LYS Q 451 -86.85 17.79 -67.30
C LYS Q 451 -86.63 16.32 -67.67
N THR Q 452 -85.42 15.83 -67.43
CA THR Q 452 -85.11 14.44 -67.78
C THR Q 452 -85.98 13.50 -66.95
N PHE Q 453 -86.06 13.76 -65.64
CA PHE Q 453 -86.89 12.95 -64.76
C PHE Q 453 -88.33 13.15 -65.19
N ASP Q 454 -89.01 12.08 -65.58
CA ASP Q 454 -90.39 12.23 -65.99
C ASP Q 454 -91.09 10.88 -65.99
N SER Q 455 -92.28 10.83 -65.42
CA SER Q 455 -93.09 9.64 -65.45
C SER Q 455 -94.34 10.02 -66.23
N ASP Q 456 -95.08 9.03 -66.71
CA ASP Q 456 -96.25 9.31 -67.53
C ASP Q 456 -97.20 10.19 -66.74
N ASP Q 457 -97.51 9.77 -65.51
CA ASP Q 457 -98.38 10.55 -64.67
C ASP Q 457 -97.62 11.55 -63.82
N LEU Q 458 -98.35 12.15 -62.88
CA LEU Q 458 -97.89 13.27 -62.06
C LEU Q 458 -96.88 12.95 -60.96
N ILE Q 459 -96.51 11.67 -60.84
CA ILE Q 459 -95.55 11.25 -59.82
C ILE Q 459 -94.14 11.24 -60.38
N PRO Q 460 -93.20 12.02 -59.67
CA PRO Q 460 -91.85 11.98 -60.24
C PRO Q 460 -90.94 11.03 -59.46
N PRO Q 461 -89.72 10.82 -59.94
CA PRO Q 461 -88.79 9.93 -59.24
C PRO Q 461 -87.83 10.70 -58.34
N TYR Q 462 -88.33 11.11 -57.18
CA TYR Q 462 -87.63 12.08 -56.34
C TYR Q 462 -86.68 11.42 -55.35
N LEU Q 463 -85.39 11.72 -55.48
CA LEU Q 463 -84.42 11.29 -54.49
C LEU Q 463 -84.87 12.04 -53.24
N ASP Q 464 -84.81 11.34 -52.12
CA ASP Q 464 -85.74 11.47 -51.02
C ASP Q 464 -85.82 12.85 -50.39
N GLN Q 465 -84.68 13.46 -50.17
CA GLN Q 465 -84.68 14.76 -49.51
C GLN Q 465 -84.35 15.88 -50.47
N TYR Q 466 -83.26 15.71 -51.20
CA TYR Q 466 -82.78 16.84 -51.98
C TYR Q 466 -83.82 17.41 -52.87
N PHE Q 467 -84.40 16.55 -53.68
CA PHE Q 467 -85.29 17.02 -54.70
C PHE Q 467 -86.44 17.77 -54.08
N TYR Q 468 -87.02 17.24 -53.02
CA TYR Q 468 -88.19 17.84 -52.43
C TYR Q 468 -87.91 19.27 -51.96
N SER Q 469 -86.84 19.46 -51.21
CA SER Q 469 -86.50 20.79 -50.69
C SER Q 469 -85.99 21.76 -51.76
N HIS Q 470 -84.93 21.30 -52.44
CA HIS Q 470 -84.11 22.08 -53.36
C HIS Q 470 -84.81 22.47 -54.66
N ILE Q 471 -85.67 21.57 -55.15
CA ILE Q 471 -86.21 21.70 -56.52
C ILE Q 471 -86.85 23.06 -56.64
N GLY Q 472 -87.65 23.44 -55.65
CA GLY Q 472 -88.36 24.69 -55.73
C GLY Q 472 -87.39 25.86 -55.78
N HIS Q 473 -86.31 25.79 -55.02
CA HIS Q 473 -85.36 26.90 -54.96
C HIS Q 473 -84.73 27.12 -56.33
N HIS Q 474 -84.28 26.02 -56.92
CA HIS Q 474 -83.62 26.08 -58.21
C HIS Q 474 -84.60 26.56 -59.25
N LEU Q 475 -85.83 26.08 -59.12
CA LEU Q 475 -86.91 26.41 -60.04
C LEU Q 475 -87.19 27.90 -59.98
N LYS Q 476 -87.20 28.44 -58.76
CA LYS Q 476 -87.51 29.84 -58.56
C LYS Q 476 -86.47 30.62 -59.31
N ASN Q 477 -85.22 30.18 -59.19
CA ASN Q 477 -84.17 30.91 -59.90
C ASN Q 477 -84.34 30.81 -61.41
N ILE Q 478 -84.67 29.62 -61.94
CA ILE Q 478 -84.71 29.46 -63.40
C ILE Q 478 -85.83 30.26 -64.10
N GLU Q 479 -87.08 30.08 -63.67
CA GLU Q 479 -88.30 30.67 -64.25
C GLU Q 479 -89.63 30.24 -63.58
N HIS Q 480 -90.70 30.92 -63.96
CA HIS Q 480 -92.08 30.63 -63.49
C HIS Q 480 -92.73 29.32 -63.99
N PRO Q 481 -92.75 29.07 -65.33
CA PRO Q 481 -93.57 27.96 -65.83
C PRO Q 481 -93.31 26.64 -65.12
N GLU Q 482 -92.05 26.30 -64.89
CA GLU Q 482 -91.71 25.05 -64.23
C GLU Q 482 -92.25 25.12 -62.84
N ARG Q 483 -92.10 26.29 -62.23
CA ARG Q 483 -92.47 26.49 -60.85
C ARG Q 483 -93.92 26.10 -60.70
N MET Q 484 -94.69 26.55 -61.69
CA MET Q 484 -96.12 26.37 -61.68
C MET Q 484 -96.48 24.89 -61.62
N THR Q 485 -95.88 24.08 -62.51
CA THR Q 485 -96.21 22.66 -62.55
C THR Q 485 -95.64 21.84 -61.38
N LEU Q 486 -94.35 22.03 -61.08
CA LEU Q 486 -93.65 21.23 -60.05
C LEU Q 486 -94.17 21.46 -58.65
N PHE Q 487 -94.37 22.74 -58.30
CA PHE Q 487 -94.82 23.08 -56.96
C PHE Q 487 -96.14 22.41 -56.76
N ARG Q 488 -96.86 22.22 -57.86
CA ARG Q 488 -98.04 21.39 -57.77
C ARG Q 488 -99.01 22.16 -56.90
N MET Q 489 -98.95 23.47 -57.09
CA MET Q 489 -99.98 24.35 -56.61
C MET Q 489 -101.07 24.05 -57.62
N VAL Q 490 -100.62 23.88 -58.86
CA VAL Q 490 -101.45 23.43 -59.98
C VAL Q 490 -101.86 21.99 -59.67
N PHE Q 491 -100.87 21.17 -59.30
CA PHE Q 491 -101.11 19.73 -59.18
C PHE Q 491 -101.24 19.19 -57.77
N LEU Q 492 -102.21 18.30 -57.62
CA LEU Q 492 -102.73 17.89 -56.34
C LEU Q 492 -101.80 16.78 -55.88
N ASP Q 493 -101.06 16.22 -56.84
CA ASP Q 493 -100.11 15.15 -56.57
C ASP Q 493 -98.99 15.54 -55.58
N PHE Q 494 -98.44 16.75 -55.57
CA PHE Q 494 -97.36 17.00 -54.61
C PHE Q 494 -97.89 17.33 -53.27
N ARG Q 495 -99.17 17.64 -53.21
CA ARG Q 495 -99.80 17.68 -51.93
C ARG Q 495 -99.53 16.30 -51.31
N PHE Q 496 -99.95 15.30 -52.07
CA PHE Q 496 -99.68 13.90 -51.77
C PHE Q 496 -98.23 13.62 -51.46
N LEU Q 497 -97.36 13.70 -52.46
CA LEU Q 497 -96.07 13.09 -52.28
C LEU Q 497 -95.23 13.86 -51.30
N GLU Q 498 -95.19 15.19 -51.44
CA GLU Q 498 -94.33 15.96 -50.57
C GLU Q 498 -94.76 15.70 -49.14
N GLN Q 499 -96.08 15.78 -48.91
CA GLN Q 499 -96.58 15.64 -47.56
C GLN Q 499 -96.29 14.27 -46.99
N LYS Q 500 -96.66 13.17 -47.66
CA LYS Q 500 -96.42 11.89 -46.98
C LYS Q 500 -94.93 11.50 -46.91
N ILE Q 501 -94.12 11.73 -47.95
CA ILE Q 501 -92.71 11.29 -47.78
C ILE Q 501 -92.08 12.14 -46.68
N ARG Q 502 -92.34 13.45 -46.62
CA ARG Q 502 -91.67 14.17 -45.55
C ARG Q 502 -92.47 14.11 -44.25
N HIS Q 503 -92.82 12.86 -43.94
CA HIS Q 503 -93.38 12.41 -42.67
C HIS Q 503 -92.28 11.87 -41.78
N ASN Q 516 -91.80 18.46 -41.68
CA ASN Q 516 -93.16 18.02 -42.01
C ASN Q 516 -93.87 19.03 -42.89
N THR Q 517 -95.11 19.35 -42.53
CA THR Q 517 -95.92 20.31 -43.27
C THR Q 517 -95.21 21.67 -43.25
N LEU Q 518 -94.48 21.92 -42.17
CA LEU Q 518 -93.85 23.21 -41.91
C LEU Q 518 -93.00 23.68 -43.07
N GLN Q 519 -92.16 22.77 -43.57
CA GLN Q 519 -91.23 23.07 -44.65
C GLN Q 519 -92.00 23.26 -45.94
N GLN Q 520 -93.03 22.45 -46.12
CA GLN Q 520 -93.84 22.46 -47.33
C GLN Q 520 -94.40 23.90 -47.41
N LEU Q 521 -94.93 24.38 -46.28
CA LEU Q 521 -95.51 25.71 -46.18
C LEU Q 521 -94.42 26.73 -46.49
N LYS Q 522 -93.21 26.41 -46.04
CA LYS Q 522 -92.09 27.28 -46.23
C LYS Q 522 -91.86 27.40 -47.73
N PHE Q 523 -91.99 26.31 -48.47
CA PHE Q 523 -91.70 26.39 -49.90
C PHE Q 523 -92.75 27.29 -50.50
N TYR Q 524 -94.01 27.06 -50.13
CA TYR Q 524 -95.03 27.84 -50.82
C TYR Q 524 -94.89 29.33 -50.60
N LYS Q 525 -94.63 29.80 -49.38
CA LYS Q 525 -94.65 31.25 -49.19
C LYS Q 525 -93.56 32.11 -49.94
N PRO Q 526 -92.24 31.83 -49.78
CA PRO Q 526 -91.36 32.74 -50.55
C PRO Q 526 -91.33 32.50 -52.07
N TYR Q 527 -91.62 31.28 -52.50
CA TYR Q 527 -91.52 30.92 -53.91
C TYR Q 527 -92.60 31.53 -54.81
N ILE Q 528 -93.76 31.90 -54.25
CA ILE Q 528 -94.89 32.28 -55.10
C ILE Q 528 -94.53 33.42 -56.06
N CYS Q 529 -93.59 34.28 -55.66
CA CYS Q 529 -93.28 35.52 -56.38
C CYS Q 529 -92.95 35.26 -57.85
N ASP Q 530 -92.40 34.09 -58.14
CA ASP Q 530 -92.00 33.78 -59.50
C ASP Q 530 -93.22 33.83 -60.42
N ASP Q 532 -98.27 33.11 -63.35
CA ASP Q 532 -98.67 34.51 -63.30
C ASP Q 532 -99.50 34.76 -62.03
N PRO Q 533 -100.11 35.96 -61.86
CA PRO Q 533 -100.93 36.15 -60.66
C PRO Q 533 -102.21 35.30 -60.53
N LYS Q 534 -102.93 35.01 -61.60
CA LYS Q 534 -104.20 34.29 -61.51
C LYS Q 534 -103.98 32.93 -60.84
N TYR Q 535 -102.96 32.24 -61.36
CA TYR Q 535 -102.60 30.95 -60.82
C TYR Q 535 -102.11 31.23 -59.40
N GLU Q 536 -101.46 32.37 -59.20
CA GLU Q 536 -100.89 32.71 -57.91
C GLU Q 536 -101.93 32.69 -56.78
N ARG Q 537 -103.03 33.40 -56.99
CA ARG Q 537 -104.06 33.55 -55.98
C ARG Q 537 -104.49 32.12 -55.74
N LEU Q 538 -104.55 31.38 -56.84
CA LEU Q 538 -105.01 30.00 -56.73
C LEU Q 538 -104.03 29.21 -55.81
N VAL Q 539 -102.72 29.35 -56.00
CA VAL Q 539 -101.76 28.58 -55.20
C VAL Q 539 -101.90 28.93 -53.73
N ASN Q 540 -102.15 30.20 -53.43
CA ASN Q 540 -102.26 30.50 -52.00
C ASN Q 540 -103.51 29.80 -51.47
N ALA Q 541 -104.52 29.74 -52.33
CA ALA Q 541 -105.80 29.13 -51.99
C ALA Q 541 -105.57 27.65 -51.61
N ILE Q 542 -104.78 26.96 -52.43
CA ILE Q 542 -104.47 25.53 -52.24
C ILE Q 542 -103.67 25.40 -50.95
N LEU Q 543 -102.81 26.40 -50.75
CA LEU Q 543 -101.87 26.42 -49.64
C LEU Q 543 -102.60 26.45 -48.32
N ASP Q 544 -103.65 27.26 -48.19
CA ASP Q 544 -104.33 27.29 -46.90
C ASP Q 544 -104.96 25.94 -46.65
N PHE Q 545 -105.45 25.31 -47.71
CA PHE Q 545 -106.11 24.02 -47.59
C PHE Q 545 -105.17 22.93 -47.10
N LEU Q 546 -103.94 23.00 -47.57
CA LEU Q 546 -102.94 21.99 -47.27
C LEU Q 546 -102.57 21.80 -45.76
N PRO Q 547 -102.16 22.85 -45.01
CA PRO Q 547 -102.00 22.55 -43.59
C PRO Q 547 -103.32 22.26 -42.89
N LYS Q 548 -104.42 22.67 -43.51
CA LYS Q 548 -105.75 22.51 -42.93
C LYS Q 548 -106.05 21.05 -42.69
N ILE Q 549 -105.73 20.21 -43.67
CA ILE Q 549 -105.98 18.77 -43.56
C ILE Q 549 -104.69 17.98 -43.78
N SER Q 556 -103.74 7.38 -46.47
CA SER Q 556 -104.96 7.44 -47.30
C SER Q 556 -104.92 6.96 -48.82
N LYS Q 557 -105.44 5.75 -49.21
CA LYS Q 557 -105.58 5.11 -50.64
C LYS Q 557 -105.99 6.27 -51.54
N TYR Q 558 -105.41 6.30 -52.72
CA TYR Q 558 -105.10 7.37 -53.57
C TYR Q 558 -106.17 8.57 -53.53
N THR Q 559 -107.34 8.09 -53.43
CA THR Q 559 -108.62 8.77 -53.26
C THR Q 559 -108.87 10.00 -52.34
N ASP Q 560 -108.46 9.95 -51.10
CA ASP Q 560 -108.85 10.94 -50.12
C ASP Q 560 -108.40 12.29 -50.64
N LEU Q 561 -107.21 12.34 -51.23
CA LEU Q 561 -106.63 13.60 -51.68
C LEU Q 561 -107.58 14.26 -52.68
N LEU Q 562 -108.09 13.49 -53.64
CA LEU Q 562 -108.92 14.07 -54.69
C LEU Q 562 -110.25 14.52 -54.09
N ARG Q 563 -110.76 13.74 -53.13
CA ARG Q 563 -112.03 14.14 -52.54
C ARG Q 563 -111.94 15.40 -51.70
N ILE Q 564 -110.86 15.56 -50.95
CA ILE Q 564 -110.73 16.80 -50.17
C ILE Q 564 -110.53 17.93 -51.18
N ALA Q 565 -109.87 17.62 -52.31
CA ALA Q 565 -109.62 18.63 -53.34
C ALA Q 565 -110.97 19.18 -53.80
N LEU Q 566 -111.98 18.30 -53.78
CA LEU Q 566 -113.31 18.63 -54.30
C LEU Q 566 -114.01 19.82 -53.62
N MET Q 567 -113.65 20.12 -52.37
CA MET Q 567 -114.40 21.12 -51.60
C MET Q 567 -114.51 22.49 -52.26
N ALA Q 568 -113.40 23.05 -52.75
CA ALA Q 568 -113.53 24.38 -53.33
C ALA Q 568 -113.36 24.28 -54.84
N GLU Q 569 -114.40 24.75 -55.53
CA GLU Q 569 -114.51 24.65 -56.99
C GLU Q 569 -113.52 25.53 -57.75
N ASP Q 570 -113.17 26.67 -57.15
CA ASP Q 570 -112.33 27.67 -57.80
C ASP Q 570 -110.90 27.28 -58.13
N GLU Q 571 -110.41 26.15 -57.61
CA GLU Q 571 -108.98 25.91 -57.69
C GLU Q 571 -108.48 24.84 -58.67
N ALA Q 572 -107.23 25.03 -59.10
CA ALA Q 572 -106.51 24.15 -60.02
C ALA Q 572 -106.24 22.82 -59.37
N ILE Q 573 -106.03 22.83 -58.05
CA ILE Q 573 -105.79 21.60 -57.31
C ILE Q 573 -106.94 20.67 -57.62
N PHE Q 574 -108.18 21.15 -57.62
CA PHE Q 574 -109.27 20.23 -57.92
C PHE Q 574 -109.18 19.66 -59.35
N GLU Q 575 -108.87 20.52 -60.32
CA GLU Q 575 -108.80 20.09 -61.72
C GLU Q 575 -107.74 19.01 -61.90
N GLU Q 576 -106.62 19.23 -61.24
CA GLU Q 576 -105.52 18.29 -61.28
C GLU Q 576 -105.94 17.03 -60.61
N ALA Q 577 -106.69 17.18 -59.52
CA ALA Q 577 -107.13 16.05 -58.73
C ALA Q 577 -107.96 15.17 -59.63
N HIS Q 578 -108.77 15.82 -60.45
CA HIS Q 578 -109.63 15.08 -61.35
C HIS Q 578 -108.76 14.38 -62.36
N LYS Q 579 -107.68 15.04 -62.81
CA LYS Q 579 -106.83 14.38 -63.82
C LYS Q 579 -106.19 13.13 -63.23
N GLN Q 580 -105.59 13.28 -62.05
CA GLN Q 580 -104.88 12.19 -61.40
C GLN Q 580 -105.81 11.02 -61.00
N VAL Q 581 -107.10 11.27 -60.72
CA VAL Q 581 -108.02 10.12 -60.57
C VAL Q 581 -108.25 9.50 -61.95
N GLN Q 582 -108.36 10.35 -62.98
CA GLN Q 582 -108.52 9.85 -64.34
C GLN Q 582 -107.41 8.85 -64.69
N ARG Q 583 -106.17 9.19 -64.39
CA ARG Q 583 -105.09 8.21 -64.49
C ARG Q 583 -104.62 7.78 -63.10
N UNK Q 584 -108.54 19.39 -37.36
CA UNK Q 584 -108.06 20.29 -36.31
C UNK Q 584 -107.03 21.23 -36.92
N UNK Q 585 -107.04 22.47 -36.47
CA UNK Q 585 -106.13 23.48 -36.96
C UNK Q 585 -104.67 23.00 -36.91
N UNK Q 586 -104.32 22.20 -35.91
CA UNK Q 586 -102.94 21.72 -35.80
C UNK Q 586 -102.81 20.34 -35.13
N UNK Q 587 -101.87 19.56 -35.62
CA UNK Q 587 -101.63 18.23 -35.07
C UNK Q 587 -100.12 17.97 -34.92
N UNK Q 588 -99.71 17.76 -33.67
CA UNK Q 588 -98.32 17.55 -33.32
C UNK Q 588 -97.97 16.12 -32.92
N UNK Q 589 -96.87 15.60 -33.45
CA UNK Q 589 -96.43 14.25 -33.15
C UNK Q 589 -94.98 14.25 -32.65
N UNK Q 590 -94.76 14.51 -31.34
CA UNK Q 590 -93.42 14.56 -30.74
C UNK Q 590 -93.06 13.45 -29.74
N UNK Q 591 -93.96 12.49 -29.54
CA UNK Q 591 -93.67 11.42 -28.61
C UNK Q 591 -93.58 10.11 -29.37
N UNK Q 592 -92.96 9.10 -28.75
CA UNK Q 592 -92.83 7.82 -29.40
C UNK Q 592 -93.74 6.85 -28.68
N UNK Q 593 -96.75 6.90 -26.79
CA UNK Q 593 -97.95 7.65 -26.46
C UNK Q 593 -97.63 8.99 -25.79
N UNK Q 594 -98.43 10.02 -26.11
CA UNK Q 594 -98.27 11.33 -25.53
C UNK Q 594 -99.27 11.40 -24.40
N UNK Q 595 -98.80 11.69 -23.19
CA UNK Q 595 -99.74 11.74 -22.10
C UNK Q 595 -100.33 13.11 -21.82
N UNK Q 596 -99.50 14.13 -21.92
CA UNK Q 596 -99.94 15.50 -21.66
C UNK Q 596 -99.17 16.45 -22.55
N UNK Q 597 -99.75 17.63 -22.79
CA UNK Q 597 -99.13 18.66 -23.61
C UNK Q 597 -99.79 19.97 -23.21
N UNK Q 598 -99.10 21.09 -23.41
CA UNK Q 598 -99.66 22.38 -23.03
C UNK Q 598 -98.96 23.56 -23.71
N UNK Q 599 -99.61 24.72 -23.68
CA UNK Q 599 -99.09 25.94 -24.30
C UNK Q 599 -98.21 26.75 -23.35
N UNK Q 600 -97.32 27.54 -23.93
CA UNK Q 600 -96.47 28.41 -23.13
C UNK Q 600 -97.40 29.54 -22.73
N UNK Q 601 -97.03 30.32 -21.72
CA UNK Q 601 -97.90 31.39 -21.28
C UNK Q 601 -98.28 32.38 -22.37
N UNK Q 602 -97.43 32.57 -23.37
CA UNK Q 602 -97.75 33.48 -24.46
C UNK Q 602 -98.35 32.71 -25.63
N UNK Q 603 -98.55 31.40 -25.44
CA UNK Q 603 -99.12 30.58 -26.49
C UNK Q 603 -98.22 30.30 -27.70
N UNK Q 604 -97.03 30.89 -27.71
CA UNK Q 604 -96.08 30.70 -28.82
C UNK Q 604 -95.46 29.31 -28.93
N UNK Q 605 -95.34 28.64 -27.79
CA UNK Q 605 -94.73 27.31 -27.75
C UNK Q 605 -95.63 26.27 -27.12
N UNK Q 606 -95.25 25.00 -27.29
CA UNK Q 606 -95.99 23.86 -26.73
C UNK Q 606 -95.00 22.84 -26.21
N UNK Q 607 -95.25 22.33 -25.01
CA UNK Q 607 -94.38 21.31 -24.43
C UNK Q 607 -95.28 20.10 -24.27
N UNK Q 608 -94.73 18.91 -24.51
CA UNK Q 608 -95.49 17.67 -24.43
C UNK Q 608 -94.62 16.60 -23.84
N UNK Q 609 -95.18 15.79 -22.96
CA UNK Q 609 -94.42 14.73 -22.31
C UNK Q 609 -95.21 13.45 -22.40
N UNK Q 610 -94.56 12.36 -22.76
CA UNK Q 610 -95.29 11.11 -22.88
C UNK Q 610 -94.54 9.90 -22.36
N UNK Q 611 -94.97 8.74 -22.81
CA UNK Q 611 -94.44 7.49 -22.31
C UNK Q 611 -93.06 7.20 -22.89
N UNK Q 612 -92.60 8.06 -23.80
CA UNK Q 612 -91.29 7.83 -24.38
C UNK Q 612 -90.18 8.37 -23.45
N UNK Q 613 -90.59 8.83 -22.26
CA UNK Q 613 -89.68 9.35 -21.22
C UNK Q 613 -89.06 10.74 -21.48
N UNK Q 614 -89.34 11.36 -22.61
CA UNK Q 614 -88.74 12.67 -22.94
C UNK Q 614 -89.62 13.91 -22.75
N UNK Q 615 -88.99 15.08 -22.74
CA UNK Q 615 -89.69 16.36 -22.62
C UNK Q 615 -89.49 16.95 -23.99
N UNK Q 616 -90.56 17.40 -24.63
CA UNK Q 616 -90.45 17.97 -25.96
C UNK Q 616 -91.04 19.35 -26.03
N UNK Q 617 -90.47 20.19 -26.87
CA UNK Q 617 -90.99 21.53 -27.02
C UNK Q 617 -90.85 21.95 -28.47
N UNK Q 618 -91.85 22.66 -28.96
CA UNK Q 618 -91.91 23.12 -30.34
C UNK Q 618 -92.75 24.38 -30.47
N UNK Q 619 -92.56 25.11 -31.57
CA UNK Q 619 -93.32 26.34 -31.80
C UNK Q 619 -94.79 25.97 -31.97
N UNK Q 620 -95.69 26.80 -31.45
CA UNK Q 620 -97.11 26.52 -31.57
C UNK Q 620 -97.52 26.66 -33.04
N UNK Q 621 -96.93 27.64 -33.71
CA UNK Q 621 -97.18 27.91 -35.11
C UNK Q 621 -96.89 26.80 -36.10
N UNK Q 622 -95.69 26.22 -36.02
CA UNK Q 622 -95.27 25.18 -36.98
C UNK Q 622 -94.82 23.80 -36.50
N UNK Q 623 -94.75 23.56 -35.20
CA UNK Q 623 -94.31 22.25 -34.72
C UNK Q 623 -92.81 22.10 -34.81
N UNK Q 624 -92.19 23.14 -35.36
CA UNK Q 624 -90.74 23.23 -35.53
C UNK Q 624 -90.11 22.87 -34.19
N UNK Q 625 -89.46 21.71 -34.11
CA UNK Q 625 -88.86 21.30 -32.85
C UNK Q 625 -87.92 22.33 -32.22
N UNK Q 626 -88.09 22.54 -30.91
CA UNK Q 626 -87.27 23.48 -30.15
C UNK Q 626 -86.41 22.75 -29.12
N UNK Q 627 -86.99 21.81 -28.39
CA UNK Q 627 -86.24 21.03 -27.40
C UNK Q 627 -86.56 19.53 -27.47
N UNK Q 628 -85.53 18.70 -27.30
CA UNK Q 628 -85.69 17.24 -27.31
C UNK Q 628 -84.87 16.68 -26.12
N UNK Q 629 -85.40 16.84 -24.92
CA UNK Q 629 -84.75 16.42 -23.68
C UNK Q 629 -85.15 15.01 -23.23
N UNK Q 630 -84.24 14.32 -22.54
CA UNK Q 630 -84.53 12.99 -22.02
C UNK Q 630 -84.86 13.22 -20.54
N UNK Q 631 -86.02 13.79 -20.25
CA UNK Q 631 -86.43 14.16 -18.89
C UNK Q 631 -86.39 13.15 -17.73
N UNK Q 632 -86.89 11.94 -17.91
CA UNK Q 632 -86.87 10.99 -16.81
C UNK Q 632 -86.50 9.57 -17.19
N UNK Q 633 -86.53 8.72 -16.17
CA UNK Q 633 -86.18 7.32 -16.29
C UNK Q 633 -87.46 6.48 -16.17
N UNK Q 634 -89.05 7.09 -15.86
CA UNK Q 634 -90.34 6.41 -15.82
C UNK Q 634 -91.43 7.40 -16.28
N UNK Q 635 -92.51 6.84 -16.81
CA UNK Q 635 -93.60 7.63 -17.39
C UNK Q 635 -94.01 8.86 -16.59
N UNK Q 636 -94.41 9.91 -17.29
CA UNK Q 636 -94.82 11.16 -16.66
C UNK Q 636 -96.33 11.23 -16.59
N UNK Q 637 -96.84 12.08 -15.70
CA UNK Q 637 -98.30 12.22 -15.52
C UNK Q 637 -98.93 13.62 -15.62
N UNK Q 638 -98.11 14.65 -15.50
CA UNK Q 638 -98.64 16.00 -15.56
C UNK Q 638 -97.51 17.00 -15.70
N UNK Q 639 -97.84 18.19 -16.20
CA UNK Q 639 -96.87 19.26 -16.40
C UNK Q 639 -97.58 20.62 -16.45
N UNK Q 640 -96.90 21.68 -16.02
CA UNK Q 640 -97.52 23.00 -16.01
C UNK Q 640 -96.50 24.10 -16.09
N UNK Q 641 -96.95 25.31 -16.37
CA UNK Q 641 -96.10 26.49 -16.47
C UNK Q 641 -96.33 27.30 -15.20
N UNK Q 642 -95.38 28.16 -14.85
CA UNK Q 642 -95.51 29.00 -13.66
C UNK Q 642 -96.32 30.21 -14.07
N UNK Q 643 -96.56 31.12 -13.12
CA UNK Q 643 -97.35 32.31 -13.38
C UNK Q 643 -96.77 33.23 -14.46
N UNK Q 644 -95.45 33.24 -14.62
CA UNK Q 644 -94.83 34.09 -15.65
C UNK Q 644 -94.15 33.25 -16.72
N UNK Q 645 -94.61 32.02 -16.90
CA UNK Q 645 -94.05 31.12 -17.91
C UNK Q 645 -92.55 31.00 -17.78
N UNK Q 646 -92.00 31.44 -16.66
CA UNK Q 646 -90.57 31.35 -16.47
C UNK Q 646 -90.14 29.90 -16.25
N UNK Q 647 -91.06 29.11 -15.71
CA UNK Q 647 -90.78 27.72 -15.41
C UNK Q 647 -91.87 26.78 -15.88
N UNK Q 648 -91.52 25.50 -15.85
CA UNK Q 648 -92.43 24.42 -16.21
C UNK Q 648 -92.10 23.31 -15.22
N UNK Q 649 -93.09 22.78 -14.54
CA UNK Q 649 -92.80 21.70 -13.63
C UNK Q 649 -93.31 20.45 -14.33
N UNK Q 650 -92.93 19.29 -13.81
CA UNK Q 650 -93.38 18.01 -14.33
C UNK Q 650 -93.31 17.07 -13.16
N UNK Q 651 -94.35 16.27 -12.98
CA UNK Q 651 -94.35 15.31 -11.90
C UNK Q 651 -94.58 13.96 -12.58
N UNK Q 652 -93.94 12.90 -12.07
CA UNK Q 652 -94.06 11.60 -12.73
C UNK Q 652 -94.21 10.41 -11.80
N UNK Q 653 -94.23 9.23 -12.40
CA UNK Q 653 -94.39 7.99 -11.67
C UNK Q 653 -93.15 7.61 -10.87
N UNK Q 654 -92.05 8.32 -11.08
CA UNK Q 654 -90.85 8.04 -10.33
C UNK Q 654 -90.97 8.75 -9.00
N UNK Q 655 -92.15 9.29 -8.75
CA UNK Q 655 -92.47 9.97 -7.50
C UNK Q 655 -91.77 11.33 -7.34
N UNK Q 656 -91.11 11.78 -8.40
CA UNK Q 656 -90.42 13.07 -8.35
C UNK Q 656 -91.19 14.19 -9.03
N UNK Q 657 -90.83 15.42 -8.68
CA UNK Q 657 -91.41 16.64 -9.25
C UNK Q 657 -90.19 17.42 -9.74
N UNK Q 658 -90.29 18.09 -10.89
CA UNK Q 658 -89.13 18.80 -11.38
C UNK Q 658 -89.44 20.19 -11.93
N UNK Q 659 -88.48 21.08 -11.81
CA UNK Q 659 -88.68 22.43 -12.29
C UNK Q 659 -87.68 22.67 -13.40
N UNK Q 660 -88.15 23.27 -14.49
CA UNK Q 660 -87.28 23.54 -15.64
C UNK Q 660 -87.36 24.99 -16.09
N UNK Q 661 -86.26 25.49 -16.64
CA UNK Q 661 -86.21 26.84 -17.17
C UNK Q 661 -86.93 26.64 -18.48
N UNK Q 662 -88.11 27.22 -18.63
CA UNK Q 662 -88.88 27.03 -19.85
C UNK Q 662 -88.15 27.49 -21.10
N UNK Q 663 -87.09 28.27 -20.91
CA UNK Q 663 -86.34 28.79 -22.05
C UNK Q 663 -85.25 27.86 -22.52
N UNK Q 664 -84.55 24.79 -20.87
CA UNK Q 664 -84.85 23.42 -20.56
C UNK Q 664 -83.90 22.80 -19.56
N UNK Q 665 -83.06 23.61 -18.94
CA UNK Q 665 -82.12 23.06 -17.96
C UNK Q 665 -82.84 22.78 -16.63
N UNK Q 666 -82.59 21.59 -16.07
CA UNK Q 666 -83.19 21.18 -14.81
C UNK Q 666 -82.85 22.26 -13.79
N UNK Q 667 -83.87 22.81 -13.12
CA UNK Q 667 -83.67 23.86 -12.14
C UNK Q 667 -83.99 23.32 -10.75
N UNK Q 668 -84.87 19.32 -8.42
CA UNK Q 668 -85.92 18.33 -8.30
C UNK Q 668 -86.34 18.14 -6.85
N UNK Q 669 -87.60 17.78 -6.66
CA UNK Q 669 -88.16 17.57 -5.34
C UNK Q 669 -88.67 16.16 -5.20
N UNK Q 670 -87.95 15.31 -4.48
CA UNK Q 670 -88.40 13.94 -4.27
C UNK Q 670 -88.84 13.81 -2.83
N UNK Q 671 -90.14 13.64 -2.61
CA UNK Q 671 -90.68 13.50 -1.26
C UNK Q 671 -91.95 12.71 -1.24
N UNK Q 672 -95.41 13.43 -4.44
CA UNK Q 672 -96.16 14.68 -4.40
C UNK Q 672 -97.01 14.79 -5.67
N UNK Q 673 -98.33 14.87 -5.47
CA UNK Q 673 -99.33 14.91 -6.54
C UNK Q 673 -99.70 16.31 -7.04
N UNK Q 674 -99.98 17.22 -6.11
CA UNK Q 674 -100.34 18.59 -6.46
C UNK Q 674 -99.12 19.50 -6.49
N UNK Q 675 -99.15 20.45 -7.42
CA UNK Q 675 -98.13 21.50 -7.49
C UNK Q 675 -98.62 22.63 -8.40
N UNK Q 676 -98.87 23.78 -7.76
CA UNK Q 676 -99.39 24.97 -8.41
C UNK Q 676 -98.67 26.24 -7.94
N UNK Q 677 -98.49 27.21 -8.85
CA UNK Q 677 -97.81 28.47 -8.51
C UNK Q 677 -98.80 29.55 -8.11
N UNK Q 678 -98.29 30.68 -7.65
CA UNK Q 678 -99.15 31.80 -7.27
C UNK Q 678 -99.53 32.53 -8.55
N UNK Q 679 -100.75 33.07 -8.61
CA UNK Q 679 -101.22 33.75 -9.82
C UNK Q 679 -100.69 35.16 -10.01
N UNK Q 680 -100.71 35.96 -8.95
CA UNK Q 680 -100.23 37.33 -9.02
C UNK Q 680 -98.74 37.42 -9.38
N UNK Q 681 -98.50 38.18 -10.44
CA UNK Q 681 -97.16 38.44 -10.98
C UNK Q 681 -96.25 39.11 -9.96
N UNK Q 682 -96.77 39.32 -8.76
CA UNK Q 682 -96.00 39.95 -7.72
C UNK Q 682 -95.12 38.93 -6.98
N UNK Q 683 -95.73 38.17 -6.08
CA UNK Q 683 -95.02 37.14 -5.32
C UNK Q 683 -94.82 35.87 -6.15
N UNK Q 684 -93.88 35.02 -5.74
CA UNK Q 684 -93.55 33.80 -6.47
C UNK Q 684 -93.48 32.56 -5.59
N UNK Q 685 -94.63 32.01 -5.20
CA UNK Q 685 -94.63 30.82 -4.36
C UNK Q 685 -95.09 29.59 -5.07
N UNK Q 686 -94.76 28.43 -4.51
CA UNK Q 686 -95.15 27.16 -5.09
C UNK Q 686 -95.79 26.34 -4.00
N UNK Q 687 -96.94 25.74 -4.29
CA UNK Q 687 -97.64 24.93 -3.32
C UNK Q 687 -97.66 23.49 -3.81
N UNK Q 688 -97.40 22.57 -2.90
CA UNK Q 688 -97.38 21.16 -3.26
C UNK Q 688 -98.14 20.30 -2.25
N UNK Q 689 -98.87 19.32 -2.76
CA UNK Q 689 -99.63 18.42 -1.92
C UNK Q 689 -99.01 17.05 -2.13
N UNK Q 690 -98.92 16.23 -1.10
CA UNK Q 690 -98.31 14.92 -1.25
C UNK Q 690 -99.04 13.80 -0.53
N UNK Q 691 -98.70 12.56 -0.88
CA UNK Q 691 -99.29 11.39 -0.25
C UNK Q 691 -98.86 11.32 1.21
N UNK Q 692 -97.89 12.15 1.59
CA UNK Q 692 -97.41 12.16 2.96
C UNK Q 692 -98.32 12.98 3.88
N UNK Q 693 -99.46 13.41 3.34
CA UNK Q 693 -100.46 14.19 4.08
C UNK Q 693 -100.14 15.66 4.26
N UNK Q 694 -98.99 16.12 3.78
CA UNK Q 694 -98.67 17.52 3.96
C UNK Q 694 -98.82 18.32 2.69
N UNK Q 695 -98.76 19.63 2.89
CA UNK Q 695 -98.83 20.63 1.84
C UNK Q 695 -97.59 21.47 2.10
N UNK Q 696 -96.96 22.00 1.07
CA UNK Q 696 -95.80 22.82 1.31
C UNK Q 696 -95.76 24.08 0.47
N UNK Q 697 -95.30 25.16 1.08
CA UNK Q 697 -95.16 26.41 0.37
C UNK Q 697 -93.67 26.57 0.21
N UNK Q 698 -93.22 26.86 -1.01
CA UNK Q 698 -91.81 27.04 -1.28
C UNK Q 698 -91.66 28.45 -1.79
N UNK Q 699 -90.56 29.10 -1.38
CA UNK Q 699 -90.27 30.46 -1.82
C UNK Q 699 -89.11 30.24 -2.77
N UNK Q 700 -89.41 30.15 -4.07
CA UNK Q 700 -88.38 29.92 -5.09
C UNK Q 700 -87.15 30.79 -4.93
N UNK Q 701 -87.29 31.88 -4.20
CA UNK Q 701 -86.18 32.80 -3.95
C UNK Q 701 -85.46 32.35 -2.68
N UNK Q 702 -85.52 31.06 -2.37
CA UNK Q 702 -84.87 30.56 -1.17
C UNK Q 702 -84.60 29.07 -1.26
N UNK Q 703 -83.36 28.68 -1.01
CA UNK Q 703 -82.97 27.27 -1.07
C UNK Q 703 -83.80 26.41 -0.13
N UNK Q 704 -84.69 27.03 0.64
CA UNK Q 704 -85.50 26.28 1.61
C UNK Q 704 -87.02 26.32 1.49
N UNK Q 705 -87.64 25.38 2.20
CA UNK Q 705 -89.08 25.24 2.28
C UNK Q 705 -89.50 26.47 3.07
N UNK Q 706 -90.73 26.96 2.88
CA UNK Q 706 -91.16 28.13 3.62
C UNK Q 706 -92.19 27.79 4.67
N UNK Q 707 -92.95 26.75 4.41
CA UNK Q 707 -93.98 26.34 5.34
C UNK Q 707 -94.39 24.90 5.04
N UNK Q 708 -94.93 24.24 6.06
CA UNK Q 708 -95.38 22.87 5.89
C UNK Q 708 -96.72 22.78 6.57
N UNK Q 709 -97.80 22.87 5.79
CA UNK Q 709 -99.13 22.82 6.37
C UNK Q 709 -99.51 21.44 6.86
N UNK Q 710 -99.55 21.28 8.18
CA UNK Q 710 -99.97 19.99 8.71
C UNK Q 710 -101.49 20.07 8.89
N UNK Q 711 -105.27 9.26 -1.92
CA UNK Q 711 -105.63 10.66 -2.13
C UNK Q 711 -105.08 11.04 -3.49
N UNK Q 712 -105.95 11.33 -4.44
CA UNK Q 712 -105.52 11.62 -5.78
C UNK Q 712 -105.34 13.07 -6.14
N UNK Q 713 -105.89 13.98 -5.34
CA UNK Q 713 -105.78 15.37 -5.71
C UNK Q 713 -106.14 16.24 -4.51
N UNK Q 714 -105.67 17.48 -4.52
CA UNK Q 714 -105.90 18.44 -3.43
C UNK Q 714 -105.53 19.84 -3.86
N UNK Q 715 -106.36 20.80 -3.50
CA UNK Q 715 -106.12 22.20 -3.86
C UNK Q 715 -106.48 23.11 -2.70
N UNK Q 716 -105.67 24.12 -2.48
CA UNK Q 716 -105.99 25.05 -1.42
C UNK Q 716 -107.11 25.91 -1.95
N UNK Q 717 -107.90 26.48 -1.06
CA UNK Q 717 -108.98 27.34 -1.51
C UNK Q 717 -108.33 28.69 -1.84
N UNK Q 718 -109.00 29.50 -2.67
CA UNK Q 718 -108.40 30.79 -3.00
C UNK Q 718 -108.11 31.51 -1.70
N UNK Q 719 -107.88 29.43 3.60
CA UNK Q 719 -108.36 28.83 4.84
C UNK Q 719 -108.80 27.37 4.73
N UNK Q 720 -109.11 26.91 3.53
CA UNK Q 720 -109.54 25.52 3.38
C UNK Q 720 -108.67 24.73 2.43
N UNK Q 721 -108.68 23.41 2.59
CA UNK Q 721 -107.90 22.53 1.74
C UNK Q 721 -108.84 21.47 1.22
N UNK Q 722 -109.18 21.54 -0.05
CA UNK Q 722 -110.06 20.56 -0.62
C UNK Q 722 -109.25 19.30 -0.95
N UNK Q 723 -109.85 18.15 -0.79
CA UNK Q 723 -109.15 16.91 -1.05
C UNK Q 723 -110.05 15.91 -1.76
N UNK Q 724 -109.47 15.26 -2.75
CA UNK Q 724 -110.16 14.32 -3.61
C UNK Q 724 -109.50 12.95 -3.56
N UNK Q 725 -110.31 11.91 -3.38
CA UNK Q 725 -109.78 10.55 -3.27
C UNK Q 725 -110.52 9.45 -4.00
N UNK Q 726 -110.05 8.23 -3.80
CA UNK Q 726 -110.62 7.04 -4.41
C UNK Q 726 -111.71 6.49 -3.50
N UNK Q 727 -111.73 6.94 -2.26
CA UNK Q 727 -112.75 6.48 -1.32
C UNK Q 727 -114.12 7.04 -1.64
N UNK Q 728 -114.25 7.73 -2.78
CA UNK Q 728 -115.53 8.29 -3.17
C UNK Q 728 -115.96 9.56 -2.47
N UNK Q 729 -115.01 10.28 -1.88
CA UNK Q 729 -115.36 11.51 -1.21
C UNK Q 729 -114.62 12.75 -1.70
N UNK Q 730 -115.16 13.91 -1.35
CA UNK Q 730 -114.54 15.20 -1.63
C UNK Q 730 -114.43 15.61 -0.16
N UNK Q 731 -113.39 16.33 0.22
CA UNK Q 731 -113.29 16.67 1.62
C UNK Q 731 -112.68 18.02 1.84
N UNK Q 732 -113.17 18.73 2.84
CA UNK Q 732 -112.64 20.04 3.15
C UNK Q 732 -111.96 20.08 4.50
N UNK Q 733 -110.64 20.05 4.50
CA UNK Q 733 -109.91 20.12 5.73
C UNK Q 733 -109.73 21.60 6.06
N UNK Q 734 -109.45 21.90 7.32
CA UNK Q 734 -109.24 23.28 7.77
C UNK Q 734 -107.75 23.51 7.93
N UNK Q 735 -107.17 24.27 7.01
CA UNK Q 735 -105.74 24.53 7.05
C UNK Q 735 -105.16 24.90 8.40
N UNK Q 736 -105.65 25.98 8.99
CA UNK Q 736 -105.14 26.43 10.26
C UNK Q 736 -105.03 25.35 11.33
N UNK Q 737 -105.85 24.30 11.23
CA UNK Q 737 -105.81 23.26 12.24
C UNK Q 737 -105.72 21.82 11.73
N UNK Q 738 -105.65 21.66 10.41
CA UNK Q 738 -105.57 20.34 9.79
C UNK Q 738 -106.68 19.38 10.27
N UNK Q 739 -107.88 19.91 10.49
CA UNK Q 739 -109.04 19.12 10.94
C UNK Q 739 -110.02 18.88 9.81
N UNK Q 740 -110.69 17.74 9.83
CA UNK Q 740 -111.67 17.46 8.76
C UNK Q 740 -112.94 18.24 9.08
N UNK Q 741 -113.33 19.16 8.19
CA UNK Q 741 -114.55 19.95 8.40
C UNK Q 741 -115.76 19.29 7.75
N UNK Q 742 -115.62 18.82 6.51
CA UNK Q 742 -116.73 18.16 5.85
C UNK Q 742 -116.24 17.03 4.96
N UNK Q 743 -117.18 16.23 4.50
CA UNK Q 743 -116.88 15.12 3.61
C UNK Q 743 -118.10 14.97 2.72
N UNK Q 744 -117.89 14.87 1.41
CA UNK Q 744 -119.01 14.73 0.48
C UNK Q 744 -118.93 13.45 -0.31
N UNK Q 745 -119.79 12.50 0.02
CA UNK Q 745 -119.81 11.23 -0.68
C UNK Q 745 -120.35 11.39 -2.10
N UNK Q 746 -119.68 10.79 -3.07
CA UNK Q 746 -120.17 10.86 -4.43
C UNK Q 746 -120.94 9.55 -4.71
N UNK Q 747 -122.26 9.71 -4.73
CA UNK Q 747 -123.25 8.65 -4.92
C UNK Q 747 -124.10 8.85 -6.18
N UNK Q 748 -123.50 9.31 -7.26
CA UNK Q 748 -124.25 9.55 -8.48
C UNK Q 748 -124.09 8.40 -9.43
N UNK Q 749 -123.74 7.25 -8.90
CA UNK Q 749 -123.51 6.07 -9.71
C UNK Q 749 -124.24 4.84 -9.16
N UNK Q 750 -124.87 4.10 -10.07
CA UNK Q 750 -125.66 2.93 -9.70
C UNK Q 750 -125.26 1.69 -10.51
N UNK Q 751 -109.57 13.08 -10.04
CA UNK Q 751 -109.20 14.31 -10.72
C UNK Q 751 -109.80 15.48 -9.94
N UNK Q 752 -109.08 16.59 -9.80
CA UNK Q 752 -109.64 17.74 -9.10
C UNK Q 752 -108.84 18.99 -9.28
N UNK Q 753 -109.23 19.77 -10.27
CA UNK Q 753 -108.55 21.01 -10.63
C UNK Q 753 -109.24 22.29 -10.20
N UNK Q 754 -108.44 23.35 -10.11
CA UNK Q 754 -108.88 24.68 -9.70
C UNK Q 754 -109.40 25.52 -10.84
N UNK Q 755 -110.11 26.59 -10.49
CA UNK Q 755 -110.62 27.50 -11.50
C UNK Q 755 -109.48 28.45 -11.84
N UNK Q 756 -109.70 29.30 -12.84
CA UNK Q 756 -108.68 30.24 -13.26
C UNK Q 756 -108.29 31.24 -12.17
N UNK Q 757 -109.29 31.73 -11.46
CA UNK Q 757 -109.07 32.68 -10.40
C UNK Q 757 -108.71 32.00 -9.09
N UNK Q 758 -108.68 30.68 -9.09
CA UNK Q 758 -108.35 29.95 -7.87
C UNK Q 758 -109.41 30.10 -6.78
N UNK Q 759 -110.59 30.56 -7.16
CA UNK Q 759 -111.67 30.75 -6.22
C UNK Q 759 -112.73 29.66 -6.30
N UNK Q 760 -112.50 28.67 -7.14
CA UNK Q 760 -113.45 27.58 -7.28
C UNK Q 760 -112.69 26.30 -7.63
N UNK Q 761 -113.27 25.15 -7.30
CA UNK Q 761 -112.61 23.88 -7.56
C UNK Q 761 -113.63 22.87 -8.05
N UNK Q 762 -113.32 22.09 -9.07
CA UNK Q 762 -114.29 21.09 -9.50
C UNK Q 762 -113.70 19.75 -9.09
N UNK Q 763 -114.56 18.79 -8.76
CA UNK Q 763 -114.12 17.45 -8.39
C UNK Q 763 -115.06 16.42 -8.98
N UNK Q 764 -114.58 15.18 -9.05
CA UNK Q 764 -115.36 14.08 -9.64
C UNK Q 764 -115.44 12.86 -8.73
N UNK Q 765 -116.60 12.20 -8.78
CA UNK Q 765 -116.85 10.99 -7.99
C UNK Q 765 -118.04 10.20 -8.55
N UNK Q 766 -120.74 9.10 -10.26
CA UNK Q 766 -121.40 9.65 -11.43
C UNK Q 766 -121.44 11.15 -11.60
N UNK Q 767 -120.81 11.91 -10.72
CA UNK Q 767 -120.91 13.35 -10.88
C UNK Q 767 -119.63 14.16 -10.77
N UNK Q 768 -119.71 15.35 -11.33
CA UNK Q 768 -118.65 16.34 -11.28
C UNK Q 768 -119.32 17.38 -10.39
N UNK Q 769 -118.59 17.94 -9.45
CA UNK Q 769 -119.16 18.93 -8.53
C UNK Q 769 -118.30 20.18 -8.46
N UNK Q 770 -118.95 21.33 -8.47
CA UNK Q 770 -118.23 22.59 -8.39
C UNK Q 770 -118.37 23.23 -7.03
N UNK Q 771 -117.23 23.38 -6.35
CA UNK Q 771 -117.21 23.96 -5.02
C UNK Q 771 -116.62 25.35 -4.95
N UNK Q 772 -117.08 26.09 -3.96
CA UNK Q 772 -116.60 27.42 -3.71
C UNK Q 772 -115.48 27.24 -2.69
N UNK Q 773 -114.24 27.46 -3.12
CA UNK Q 773 -113.06 27.30 -2.26
C UNK Q 773 -113.19 27.95 -0.88
N UNK Q 774 -116.50 29.64 0.95
CA UNK Q 774 -117.69 29.14 1.63
C UNK Q 774 -117.78 27.61 1.69
N UNK Q 775 -117.11 26.92 0.76
CA UNK Q 775 -117.16 25.46 0.70
C UNK Q 775 -118.53 25.02 0.22
N UNK Q 776 -119.19 25.90 -0.51
CA UNK Q 776 -120.51 25.59 -1.02
C UNK Q 776 -120.46 24.87 -2.34
N UNK Q 777 -121.50 24.08 -2.58
CA UNK Q 777 -121.61 23.33 -3.81
C UNK Q 777 -122.28 24.22 -4.83
N UNK Q 778 -121.51 24.79 -5.75
CA UNK Q 778 -122.07 25.68 -6.75
C UNK Q 778 -122.67 24.98 -7.96
N UNK Q 779 -122.44 23.68 -8.08
CA UNK Q 779 -122.97 22.96 -9.23
C UNK Q 779 -122.83 21.45 -9.15
N UNK Q 780 -123.76 20.77 -9.80
CA UNK Q 780 -123.77 19.32 -9.78
C UNK Q 780 -124.29 18.79 -11.10
N UNK Q 781 -123.40 18.48 -12.03
CA UNK Q 781 -123.84 17.92 -13.29
C UNK Q 781 -123.72 16.40 -13.15
N UNK Q 782 -124.16 16.37 -15.99
CA UNK Q 782 -124.19 14.92 -15.92
C UNK Q 782 -123.70 14.37 -17.23
N UNK Q 783 -122.67 13.55 -17.15
CA UNK Q 783 -122.05 12.99 -18.34
C UNK Q 783 -122.71 11.74 -18.87
N UNK Q 784 -120.70 6.44 -17.96
CA UNK Q 784 -119.36 5.92 -18.23
C UNK Q 784 -118.58 6.48 -17.04
N UNK Q 785 -117.29 6.73 -17.20
CA UNK Q 785 -116.50 7.31 -16.10
C UNK Q 785 -115.48 8.30 -16.61
N UNK Q 786 -115.50 9.51 -16.06
CA UNK Q 786 -114.57 10.55 -16.45
C UNK Q 786 -113.18 10.06 -16.12
N UNK Q 787 -112.31 10.02 -17.13
CA UNK Q 787 -110.94 9.55 -16.93
C UNK Q 787 -109.98 10.68 -16.52
N UNK Q 788 -110.29 11.92 -16.89
CA UNK Q 788 -109.46 13.06 -16.50
C UNK Q 788 -110.14 14.38 -16.84
N UNK Q 789 -109.67 15.46 -16.20
CA UNK Q 789 -110.24 16.79 -16.43
C UNK Q 789 -109.31 17.92 -16.03
N UNK Q 790 -109.75 19.16 -16.23
CA UNK Q 790 -108.96 20.32 -15.83
C UNK Q 790 -109.82 21.54 -15.92
N UNK Q 791 -109.80 22.31 -14.84
CA UNK Q 791 -110.59 23.50 -14.71
C UNK Q 791 -109.79 24.72 -15.19
N UNK Q 792 -110.38 25.49 -16.09
CA UNK Q 792 -109.75 26.67 -16.65
C UNK Q 792 -109.62 27.79 -15.61
N UNK Q 793 -108.95 28.89 -15.97
CA UNK Q 793 -108.84 29.97 -14.99
C UNK Q 793 -109.82 31.09 -15.34
N UNK Q 794 -110.53 30.91 -16.46
CA UNK Q 794 -111.52 31.88 -16.94
C UNK Q 794 -112.75 31.17 -17.48
N UNK Q 795 -113.81 31.93 -17.70
CA UNK Q 795 -115.07 31.40 -18.23
C UNK Q 795 -115.57 30.12 -17.53
N UNK Q 796 -115.09 29.86 -16.33
CA UNK Q 796 -115.49 28.66 -15.56
C UNK Q 796 -115.45 27.44 -16.48
N UNK Q 797 -114.54 27.44 -17.45
CA UNK Q 797 -114.46 26.32 -18.37
C UNK Q 797 -113.78 25.15 -17.72
N UNK Q 798 -114.22 23.96 -18.11
CA UNK Q 798 -113.64 22.74 -17.58
C UNK Q 798 -113.55 21.76 -18.72
N UNK Q 799 -112.39 21.13 -18.89
CA UNK Q 799 -112.23 20.14 -19.95
C UNK Q 799 -112.07 18.80 -19.29
N UNK Q 800 -112.79 17.82 -19.82
CA UNK Q 800 -112.71 16.49 -19.27
C UNK Q 800 -112.62 15.47 -20.37
N UNK Q 801 -111.74 14.49 -20.19
CA UNK Q 801 -111.62 13.43 -21.15
C UNK Q 801 -112.72 12.53 -20.63
N UNK Q 802 -111.47 8.23 -25.69
CA UNK Q 802 -111.28 9.26 -26.71
C UNK Q 802 -112.34 10.37 -26.93
N UNK Q 803 -113.32 10.47 -26.04
CA UNK Q 803 -114.31 11.53 -26.18
C UNK Q 803 -113.84 12.68 -25.35
N UNK Q 804 -113.81 13.88 -25.92
CA UNK Q 804 -113.33 15.02 -25.17
C UNK Q 804 -114.32 16.14 -25.29
N UNK Q 805 -114.87 16.58 -24.17
CA UNK Q 805 -115.81 17.68 -24.21
C UNK Q 805 -115.51 18.69 -23.12
N UNK Q 806 -115.58 19.97 -23.45
CA UNK Q 806 -115.35 20.97 -22.43
C UNK Q 806 -116.69 21.57 -22.06
N UNK Q 807 -116.91 21.68 -20.76
CA UNK Q 807 -118.15 22.18 -20.17
C UNK Q 807 -118.00 23.54 -19.53
N UNK Q 808 -119.14 24.11 -19.21
CA UNK Q 808 -119.23 25.42 -18.59
C UNK Q 808 -119.83 25.24 -17.20
N UNK Q 809 -118.99 25.17 -16.17
CA UNK Q 809 -119.49 25.04 -14.80
C UNK Q 809 -120.29 26.33 -14.62
N UNK Q 810 -121.11 26.42 -13.59
CA UNK Q 810 -121.90 27.64 -13.40
C UNK Q 810 -123.11 27.63 -14.36
N UNK Q 811 -123.48 24.91 -16.16
CA UNK Q 811 -123.68 23.45 -16.07
C UNK Q 811 -124.12 22.84 -17.38
N UNK Q 812 -123.61 23.38 -18.48
CA UNK Q 812 -123.95 22.90 -19.82
C UNK Q 812 -122.71 22.58 -20.67
N UNK Q 813 -122.83 21.62 -21.58
CA UNK Q 813 -121.70 21.33 -22.44
C UNK Q 813 -121.57 22.49 -23.42
N UNK Q 814 -120.34 22.87 -23.71
CA UNK Q 814 -120.02 23.98 -24.60
C UNK Q 814 -119.46 23.53 -25.93
N UNK Q 815 -118.65 22.48 -25.93
CA UNK Q 815 -118.08 22.01 -27.17
C UNK Q 815 -117.69 20.56 -27.15
N UNK Q 816 -117.74 19.94 -28.32
CA UNK Q 816 -117.35 18.56 -28.46
C UNK Q 816 -116.02 18.61 -29.19
N UNK Q 817 -115.01 18.01 -28.59
CA UNK Q 817 -113.69 18.02 -29.18
C UNK Q 817 -113.33 16.63 -29.69
N UNK Q 818 -113.53 16.43 -30.98
CA UNK Q 818 -113.27 15.14 -31.59
C UNK Q 818 -111.87 15.16 -32.18
N UNK Q 819 -110.96 14.36 -31.64
CA UNK Q 819 -109.60 14.34 -32.16
C UNK Q 819 -108.91 12.99 -32.10
N UNK Q 820 -109.34 12.13 -31.17
CA UNK Q 820 -108.72 10.83 -31.02
C UNK Q 820 -109.73 9.69 -31.23
N UNK Q 821 -109.23 8.52 -31.59
CA UNK Q 821 -110.08 7.35 -31.76
C UNK Q 821 -109.51 6.22 -30.89
N UNK Q 822 -107.88 6.51 -30.60
CA UNK Q 822 -107.17 5.87 -29.51
C UNK Q 822 -107.40 6.74 -28.29
N UNK Q 823 -107.45 6.12 -27.13
CA UNK Q 823 -107.66 6.78 -25.85
C UNK Q 823 -107.17 8.20 -25.63
N UNK Q 824 -108.03 9.08 -25.13
CA UNK Q 824 -107.63 10.48 -24.92
C UNK Q 824 -107.40 10.66 -23.44
N UNK Q 825 -106.15 10.92 -23.05
CA UNK Q 825 -105.79 11.07 -21.66
C UNK Q 825 -106.06 12.44 -21.08
N UNK Q 826 -105.76 13.47 -21.85
CA UNK Q 826 -105.95 14.80 -21.35
C UNK Q 826 -106.50 15.74 -22.38
N UNK Q 827 -106.90 16.92 -21.92
CA UNK Q 827 -107.49 17.88 -22.81
C UNK Q 827 -107.64 19.21 -22.07
N UNK Q 828 -107.32 20.33 -22.71
CA UNK Q 828 -107.55 21.59 -22.02
C UNK Q 828 -107.54 22.85 -22.88
N UNK Q 829 -108.13 23.90 -22.33
CA UNK Q 829 -108.25 25.17 -23.03
C UNK Q 829 -106.98 25.98 -22.95
N UNK Q 830 -106.82 26.86 -23.93
CA UNK Q 830 -105.69 27.77 -23.96
C UNK Q 830 -106.06 28.71 -22.84
N UNK Q 831 -105.16 29.60 -22.44
CA UNK Q 831 -105.54 30.49 -21.35
C UNK Q 831 -106.72 31.43 -21.64
N UNK Q 832 -106.84 31.92 -22.87
CA UNK Q 832 -107.96 32.80 -23.19
C UNK Q 832 -109.16 31.98 -23.60
N UNK Q 833 -109.02 30.66 -23.47
CA UNK Q 833 -110.08 29.75 -23.83
C UNK Q 833 -110.48 29.84 -25.29
N UNK Q 834 -109.62 30.44 -26.11
CA UNK Q 834 -109.93 30.58 -27.51
C UNK Q 834 -109.69 29.28 -28.25
N UNK Q 835 -108.90 28.41 -27.66
CA UNK Q 835 -108.63 27.13 -28.31
C UNK Q 835 -108.35 26.10 -27.23
N UNK Q 836 -108.26 24.83 -27.61
CA UNK Q 836 -107.98 23.77 -26.66
C UNK Q 836 -107.12 22.69 -27.32
N UNK Q 837 -106.44 21.89 -26.51
CA UNK Q 837 -105.59 20.84 -27.04
C UNK Q 837 -106.10 19.48 -26.60
N UNK Q 838 -105.75 18.46 -27.36
CA UNK Q 838 -106.16 17.09 -27.07
C UNK Q 838 -104.92 16.22 -26.98
N UNK Q 839 -104.78 15.44 -25.92
CA UNK Q 839 -103.60 14.57 -25.76
C UNK Q 839 -104.02 13.10 -25.70
N UNK Q 840 -103.46 12.26 -26.57
CA UNK Q 840 -103.88 10.87 -26.57
C UNK Q 840 -102.85 9.76 -26.69
N UNK Q 841 -103.38 8.56 -26.60
CA UNK Q 841 -102.62 7.32 -26.68
C UNK Q 841 -102.07 7.09 -28.08
N UNK Q 842 -102.70 7.70 -29.07
CA UNK Q 842 -102.21 7.58 -30.44
C UNK Q 842 -101.00 8.49 -30.54
N UNK Q 843 -100.41 8.76 -29.37
CA UNK Q 843 -99.24 9.61 -29.22
C UNK Q 843 -99.23 10.91 -30.00
N UNK Q 844 -100.38 11.54 -30.12
CA UNK Q 844 -100.44 12.81 -30.81
C UNK Q 844 -101.04 13.85 -29.89
N UNK Q 845 -100.83 15.10 -30.24
CA UNK Q 845 -101.36 16.22 -29.50
C UNK Q 845 -101.95 17.10 -30.57
N UNK Q 846 -103.23 17.42 -30.48
CA UNK Q 846 -103.86 18.24 -31.50
C UNK Q 846 -104.45 19.52 -30.93
N UNK Q 847 -104.24 20.63 -31.64
CA UNK Q 847 -104.77 21.90 -31.18
C UNK Q 847 -105.99 22.26 -31.99
N UNK Q 848 -107.04 22.63 -31.26
CA UNK Q 848 -108.30 23.01 -31.86
C UNK Q 848 -108.67 24.43 -31.48
N UNK Q 849 -109.45 25.08 -32.34
CA UNK Q 849 -109.90 26.43 -32.05
C UNK Q 849 -111.39 26.30 -31.74
N UNK Q 850 -111.75 26.62 -30.50
CA UNK Q 850 -113.12 26.53 -30.02
C UNK Q 850 -114.16 27.06 -30.96
N UNK Q 851 -114.08 28.35 -31.27
CA UNK Q 851 -115.03 28.99 -32.16
C UNK Q 851 -115.39 28.05 -33.33
N UNK Q 852 -114.41 27.73 -34.16
CA UNK Q 852 -114.62 26.86 -35.32
C UNK Q 852 -115.20 25.50 -34.97
N UNK Q 853 -114.86 24.95 -33.82
CA UNK Q 853 -115.37 23.63 -33.44
C UNK Q 853 -116.83 23.65 -33.01
N UNK Q 854 -117.24 24.70 -32.30
CA UNK Q 854 -118.60 24.82 -31.82
C UNK Q 854 -119.62 25.18 -32.89
N UNK Q 855 -119.14 25.67 -34.02
CA UNK Q 855 -120.06 26.03 -35.09
C UNK Q 855 -120.83 24.78 -35.48
N UNK Q 856 -122.13 24.97 -35.70
CA UNK Q 856 -123.01 23.89 -36.09
C UNK Q 856 -122.58 23.37 -37.45
N UNK Q 857 -127.00 17.59 -35.00
CA UNK Q 857 -126.76 17.35 -36.41
C UNK Q 857 -126.55 15.87 -36.75
N UNK Q 858 -126.72 15.60 -38.04
CA UNK Q 858 -126.60 14.27 -38.60
C UNK Q 858 -125.17 13.97 -39.04
N UNK Q 859 -124.24 14.84 -38.69
CA UNK Q 859 -122.89 14.58 -39.10
C UNK Q 859 -122.34 13.35 -38.36
N UNK Q 860 -122.65 13.23 -37.08
CA UNK Q 860 -122.20 12.07 -36.30
C UNK Q 860 -123.37 11.23 -35.83
N UNK Q 861 -123.34 9.95 -36.17
CA UNK Q 861 -124.42 9.05 -35.77
C UNK Q 861 -123.79 7.91 -35.03
N UNK Q 862 -124.66 7.01 -34.58
CA UNK Q 862 -124.23 5.81 -33.86
C UNK Q 862 -124.15 4.78 -34.96
N UNK Q 863 -123.74 3.56 -34.63
CA UNK Q 863 -123.65 2.53 -35.65
C UNK Q 863 -124.97 1.76 -35.84
N UNK Q 864 -125.99 2.18 -35.12
CA UNK Q 864 -127.28 1.58 -35.23
C UNK Q 864 -128.06 2.35 -36.29
N UNK Q 865 -128.08 1.81 -37.51
CA UNK Q 865 -128.76 2.43 -38.63
C UNK Q 865 -129.41 1.40 -39.52
N UNK Q 866 -130.33 1.86 -40.35
CA UNK Q 866 -130.98 0.99 -41.31
C UNK Q 866 -131.11 1.75 -42.63
N UNK Q 867 -130.84 1.03 -43.72
CA UNK Q 867 -130.86 1.61 -45.06
C UNK Q 867 -131.89 1.01 -46.02
N UNK Q 868 -132.43 1.86 -46.88
CA UNK Q 868 -133.41 1.44 -47.88
C UNK Q 868 -133.02 1.97 -49.25
N UNK Q 869 -132.48 1.09 -50.09
CA UNK Q 869 -132.06 1.45 -51.44
C UNK Q 869 -133.25 1.49 -52.40
N UNK Q 870 -133.81 2.68 -52.63
CA UNK Q 870 -134.96 2.79 -53.51
C UNK Q 870 -134.64 3.36 -54.91
N UNK Q 871 -132.54 6.63 -55.52
CA UNK Q 871 -131.79 7.13 -54.37
C UNK Q 871 -131.66 6.14 -53.19
N UNK Q 872 -130.86 6.54 -52.20
CA UNK Q 872 -130.64 5.73 -51.00
C UNK Q 872 -131.17 6.45 -49.76
N UNK Q 873 -131.69 5.67 -48.82
CA UNK Q 873 -132.26 6.21 -47.58
C UNK Q 873 -131.66 5.57 -46.33
N UNK Q 874 -131.15 6.41 -45.44
CA UNK Q 874 -130.56 5.94 -44.20
C UNK Q 874 -131.24 6.57 -42.98
N UNK Q 875 -131.73 5.72 -42.09
CA UNK Q 875 -132.38 6.16 -40.87
C UNK Q 875 -131.35 5.80 -39.82
N UNK Q 876 -130.99 6.75 -38.96
CA UNK Q 876 -129.97 6.42 -37.99
C UNK Q 876 -130.19 7.00 -36.61
N UNK Q 877 -129.71 6.27 -35.60
CA UNK Q 877 -129.80 6.69 -34.21
C UNK Q 877 -128.77 7.80 -34.00
N UNK Q 878 -129.23 9.01 -33.69
CA UNK Q 878 -128.29 10.11 -33.49
C UNK Q 878 -127.28 9.82 -32.37
N UNK Q 879 -126.09 10.38 -32.51
CA UNK Q 879 -125.02 10.20 -31.52
C UNK Q 879 -125.37 10.77 -30.15
N UNK Q 880 -133.00 10.30 -33.76
CA UNK Q 880 -132.57 9.61 -34.95
C UNK Q 880 -132.76 10.51 -36.15
N UNK Q 881 -131.91 10.32 -37.14
CA UNK Q 881 -131.92 11.13 -38.35
C UNK Q 881 -132.41 10.36 -39.58
N UNK Q 882 -133.24 11.02 -40.37
CA UNK Q 882 -133.74 10.42 -41.59
C UNK Q 882 -132.84 11.02 -42.67
N UNK Q 883 -131.73 10.34 -42.93
CA UNK Q 883 -130.74 10.79 -43.92
C UNK Q 883 -131.00 10.25 -45.32
N UNK Q 884 -131.17 11.16 -46.27
CA UNK Q 884 -131.39 10.78 -47.66
C UNK Q 884 -130.09 10.97 -48.43
N UNK Q 885 -129.37 9.88 -48.65
CA UNK Q 885 -128.11 9.97 -49.38
C UNK Q 885 -128.41 10.55 -50.75
N UNK Q 886 -127.43 11.22 -51.36
CA UNK Q 886 -127.66 11.83 -52.67
C UNK Q 886 -128.64 12.99 -52.44
N UNK Q 887 -130.96 16.64 -47.32
CA UNK Q 887 -132.24 16.28 -46.71
C UNK Q 887 -132.15 15.42 -45.44
N UNK Q 888 -131.74 16.05 -44.36
CA UNK Q 888 -131.64 15.41 -43.07
C UNK Q 888 -132.82 15.87 -42.21
N UNK Q 889 -133.59 14.91 -41.74
CA UNK Q 889 -134.75 15.20 -40.92
C UNK Q 889 -134.64 14.54 -39.57
N UNK Q 890 -134.65 15.40 -38.55
CA UNK Q 890 -134.51 15.00 -37.16
C UNK Q 890 -135.83 14.66 -36.49
N UNK Q 891 -135.76 13.66 -35.63
CA UNK Q 891 -136.90 13.19 -34.87
C UNK Q 891 -136.35 12.99 -33.46
N UNK Q 892 -136.66 13.91 -32.55
CA UNK Q 892 -136.20 13.82 -31.16
C UNK Q 892 -136.81 12.63 -30.45
N UNK Q 893 -136.16 12.18 -29.38
CA UNK Q 893 -136.69 11.06 -28.62
C UNK Q 893 -135.80 10.67 -27.45
N UNK Q 894 -132.99 6.67 -28.31
CA UNK Q 894 -133.33 5.36 -28.80
C UNK Q 894 -132.12 4.46 -28.74
N UNK Q 895 -132.33 3.17 -28.96
CA UNK Q 895 -131.24 2.20 -28.93
C UNK Q 895 -131.11 1.43 -30.24
N UNK Q 896 -132.13 1.53 -31.08
CA UNK Q 896 -132.08 0.84 -32.35
C UNK Q 896 -133.10 1.42 -33.30
N UNK Q 897 -132.81 1.35 -34.59
CA UNK Q 897 -133.70 1.93 -35.57
C UNK Q 897 -134.40 0.89 -36.43
N UNK Q 898 -135.31 1.37 -37.29
CA UNK Q 898 -136.06 0.49 -38.16
C UNK Q 898 -136.85 1.29 -39.21
N UNK Q 899 -136.79 0.85 -40.47
CA UNK Q 899 -137.50 1.52 -41.55
C UNK Q 899 -138.50 0.58 -42.20
N UNK Q 900 -139.74 1.05 -42.35
CA UNK Q 900 -140.77 0.23 -42.98
C UNK Q 900 -140.69 0.42 -44.46
N UNK Q 901 -140.42 -0.66 -45.22
CA UNK Q 901 -140.35 -0.48 -46.67
C UNK Q 901 -141.53 0.37 -47.10
N UNK Q 902 -143.24 5.11 -42.35
CA UNK Q 902 -143.19 4.74 -40.93
C UNK Q 902 -141.76 4.42 -40.51
N UNK Q 903 -141.38 4.83 -39.31
CA UNK Q 903 -140.06 4.51 -38.77
C UNK Q 903 -140.33 4.00 -37.37
N UNK Q 904 -139.57 3.02 -36.91
CA UNK Q 904 -139.78 2.50 -35.58
C UNK Q 904 -138.47 2.48 -34.81
N UNK Q 905 -138.55 2.53 -33.49
CA UNK Q 905 -137.31 2.48 -32.72
C UNK Q 905 -137.32 1.84 -31.36
N UNK Q 906 -136.16 1.32 -31.00
CA UNK Q 906 -135.96 0.67 -29.73
C UNK Q 906 -135.69 1.70 -28.67
N UNK Q 907 -135.74 1.30 -27.42
CA UNK Q 907 -135.55 2.23 -26.32
C UNK Q 907 -134.64 1.61 -25.28
N UNK Q 908 -133.97 2.46 -24.50
CA UNK Q 908 -133.06 2.00 -23.46
C UNK Q 908 -133.84 1.23 -22.40
N UNK Q 909 -138.99 0.48 -24.31
CA UNK Q 909 -140.12 1.03 -25.07
C UNK Q 909 -140.01 0.81 -26.58
N UNK Q 910 -141.16 0.75 -27.24
CA UNK Q 910 -141.22 0.56 -28.69
C UNK Q 910 -142.16 1.62 -29.26
N UNK Q 911 -141.76 2.29 -30.33
CA UNK Q 911 -142.61 3.32 -30.93
C UNK Q 911 -142.52 3.41 -32.45
N UNK Q 912 -143.68 3.59 -33.08
CA UNK Q 912 -143.72 3.74 -34.52
C UNK Q 912 -144.10 5.19 -34.73
N UNK Q 913 -143.42 5.86 -35.65
CA UNK Q 913 -143.74 7.23 -35.97
C UNK Q 913 -144.12 7.19 -37.42
N UNK Q 914 -145.13 7.95 -37.82
CA UNK Q 914 -145.52 7.93 -39.21
C UNK Q 914 -145.04 9.20 -39.91
N UNK Q 915 -144.08 9.00 -40.81
CA UNK Q 915 -143.46 10.08 -41.56
C UNK Q 915 -144.40 11.00 -42.35
N UNK Q 916 -145.32 10.43 -43.15
CA UNK Q 916 -146.22 11.30 -43.90
C UNK Q 916 -146.67 12.47 -43.04
N UNK Q 917 -146.81 12.20 -41.75
CA UNK Q 917 -147.23 13.22 -40.80
C UNK Q 917 -146.03 13.77 -40.02
N UNK Q 918 -147.78 12.31 -35.23
CA UNK Q 918 -148.66 11.24 -34.73
C UNK Q 918 -147.97 9.88 -34.80
N UNK Q 919 -147.83 9.24 -33.64
CA UNK Q 919 -147.17 7.94 -33.54
C UNK Q 919 -147.87 7.14 -32.45
N UNK Q 920 -147.24 6.03 -32.06
CA UNK Q 920 -147.88 5.01 -31.24
C UNK Q 920 -146.86 4.32 -30.31
N UNK Q 921 -147.32 3.79 -29.18
CA UNK Q 921 -146.43 3.12 -28.22
C UNK Q 921 -146.94 1.75 -27.78
N UNK Q 922 -146.34 0.69 -28.31
CA UNK Q 922 -146.76 -0.64 -27.95
C UNK Q 922 -146.05 -1.23 -26.76
N UNK Q 923 -146.71 -1.22 -25.61
CA UNK Q 923 -146.18 -1.73 -24.32
C UNK Q 923 -145.47 -3.09 -24.21
N UNK Q 924 -132.89 -4.35 -28.63
CA UNK Q 924 -131.81 -4.65 -29.57
C UNK Q 924 -132.29 -4.60 -31.00
N UNK Q 925 -132.32 -5.73 -31.69
CA UNK Q 925 -132.78 -5.74 -33.07
C UNK Q 925 -134.28 -5.35 -33.11
N UNK Q 926 -134.76 -4.78 -34.23
CA UNK Q 926 -136.18 -4.37 -34.38
C UNK Q 926 -136.58 -4.21 -35.84
N UNK Q 927 -137.56 -4.98 -36.30
CA UNK Q 927 -137.94 -4.89 -37.71
C UNK Q 927 -139.44 -4.95 -38.01
N UNK Q 928 -139.80 -4.47 -39.19
CA UNK Q 928 -141.19 -4.46 -39.65
C UNK Q 928 -141.42 -5.75 -40.43
N UNK Q 929 -142.68 -6.14 -40.60
CA UNK Q 929 -143.00 -7.35 -41.33
C UNK Q 929 -142.90 -6.98 -42.80
N UNK Q 930 -142.89 -7.99 -43.67
CA UNK Q 930 -142.83 -7.75 -45.11
C UNK Q 930 -143.76 -6.55 -45.42
N UNK Q 931 -144.61 -5.49 -35.87
CA UNK Q 931 -143.23 -5.18 -35.57
C UNK Q 931 -142.53 -6.21 -34.71
N UNK Q 932 -141.69 -7.04 -35.31
CA UNK Q 932 -140.96 -8.01 -34.52
C UNK Q 932 -139.79 -7.27 -33.84
N UNK Q 933 -139.55 -7.59 -32.59
CA UNK Q 933 -138.47 -6.94 -31.86
C UNK Q 933 -137.92 -7.83 -30.78
N UNK Q 934 -136.63 -7.72 -30.54
CA UNK Q 934 -135.98 -8.52 -29.52
C UNK Q 934 -135.23 -7.61 -28.57
N UNK Q 935 -134.98 -8.14 -27.38
CA UNK Q 935 -134.23 -7.45 -26.37
C UNK Q 935 -133.25 -8.43 -25.77
N UNK Q 936 -132.73 -8.07 -24.61
CA UNK Q 936 -131.69 -8.85 -23.94
C UNK Q 936 -132.24 -9.96 -23.05
N UNK Q 937 -133.37 -10.53 -23.45
CA UNK Q 937 -134.00 -11.63 -22.71
C UNK Q 937 -134.49 -12.66 -23.74
N UNK Q 938 -135.20 -13.70 -23.30
CA UNK Q 938 -135.64 -14.76 -24.23
C UNK Q 938 -136.98 -14.65 -24.99
N UNK Q 939 -137.68 -13.54 -24.88
CA UNK Q 939 -138.93 -13.42 -25.59
C UNK Q 939 -138.77 -12.52 -26.82
N UNK Q 940 -139.54 -12.78 -27.88
CA UNK Q 940 -139.48 -11.94 -29.08
C UNK Q 940 -140.85 -11.31 -29.37
N UNK Q 941 -141.04 -10.07 -28.98
CA UNK Q 941 -142.30 -9.39 -29.20
C UNK Q 941 -142.76 -9.25 -30.65
N UNK Q 942 -143.96 -9.75 -30.94
CA UNK Q 942 -144.54 -9.64 -32.29
C UNK Q 942 -145.78 -8.77 -32.20
N UNK Q 943 -145.55 -7.46 -32.06
CA UNK Q 943 -146.61 -6.48 -31.91
C UNK Q 943 -147.25 -6.06 -33.21
N UNK Q 944 -148.35 -6.71 -33.53
CA UNK Q 944 -149.09 -6.39 -34.73
C UNK Q 944 -149.84 -5.09 -34.44
N UNK Q 945 -149.09 -3.98 -34.44
CA UNK Q 945 -149.65 -2.66 -34.21
C UNK Q 945 -150.81 -2.43 -35.20
N UNK Q 946 -152.85 -6.10 -31.21
CA UNK Q 946 -152.61 -7.51 -30.92
C UNK Q 946 -151.15 -7.77 -30.65
N UNK Q 947 -150.87 -8.85 -29.93
CA UNK Q 947 -149.51 -9.23 -29.60
C UNK Q 947 -149.35 -10.72 -29.70
N UNK Q 948 -148.18 -11.14 -30.15
CA UNK Q 948 -147.86 -12.55 -30.25
C UNK Q 948 -146.49 -12.62 -29.60
N UNK Q 949 -146.37 -13.43 -28.55
CA UNK Q 949 -145.12 -13.55 -27.83
C UNK Q 949 -144.47 -14.88 -28.12
N UNK Q 950 -143.15 -14.87 -28.25
CA UNK Q 950 -142.41 -16.09 -28.53
C UNK Q 950 -141.47 -16.37 -27.36
N UNK Q 951 -141.96 -17.13 -26.37
CA UNK Q 951 -141.15 -17.47 -25.20
C UNK Q 951 -140.19 -18.57 -25.56
N UNK Q 952 -139.04 -18.14 -26.08
CA UNK Q 952 -137.99 -19.06 -26.50
C UNK Q 952 -137.46 -19.84 -25.31
N UNK Q 953 -137.62 -19.27 -24.12
CA UNK Q 953 -137.16 -19.88 -22.89
C UNK Q 953 -135.66 -20.17 -23.01
N UNK Q 954 -131.90 -18.25 -23.54
CA UNK Q 954 -131.23 -17.45 -22.51
C UNK Q 954 -131.43 -16.00 -22.91
N UNK Q 955 -131.13 -15.73 -24.18
CA UNK Q 955 -131.28 -14.39 -24.77
C UNK Q 955 -131.23 -14.58 -26.28
N UNK Q 956 -132.14 -13.92 -26.98
CA UNK Q 956 -132.17 -13.98 -28.41
C UNK Q 956 -130.97 -13.18 -28.92
N UNK Q 957 -129.99 -13.87 -29.49
CA UNK Q 957 -128.81 -13.19 -30.02
C UNK Q 957 -129.33 -12.22 -31.07
N UNK Q 958 -130.14 -12.74 -31.98
CA UNK Q 958 -130.73 -11.92 -33.03
C UNK Q 958 -131.74 -12.74 -33.81
N UNK Q 959 -132.36 -12.12 -34.81
CA UNK Q 959 -133.35 -12.81 -35.61
C UNK Q 959 -133.49 -12.13 -36.95
N UNK Q 960 -134.35 -12.68 -37.78
CA UNK Q 960 -134.60 -12.10 -39.10
C UNK Q 960 -135.86 -12.71 -39.71
N UNK Q 961 -136.63 -11.86 -40.38
CA UNK Q 961 -137.86 -12.32 -41.02
C UNK Q 961 -137.54 -13.48 -41.93
N UNK Q 962 -138.58 -14.17 -42.40
CA UNK Q 962 -138.38 -15.29 -43.29
C UNK Q 962 -139.50 -15.34 -44.32
N UNK Q 963 -144.55 -15.38 -43.23
CA UNK Q 963 -144.82 -15.14 -41.81
C UNK Q 963 -144.00 -16.03 -40.87
N UNK Q 964 -143.06 -16.77 -41.44
CA UNK Q 964 -142.18 -17.61 -40.65
C UNK Q 964 -140.98 -16.72 -40.25
N UNK Q 965 -140.35 -16.97 -39.10
CA UNK Q 965 -139.23 -16.15 -38.64
C UNK Q 965 -138.10 -16.93 -37.98
N UNK Q 966 -136.91 -16.82 -38.55
CA UNK Q 966 -135.72 -17.50 -38.05
C UNK Q 966 -135.12 -16.80 -36.82
N UNK Q 967 -134.78 -17.57 -35.79
CA UNK Q 967 -134.25 -17.01 -34.57
C UNK Q 967 -133.17 -17.84 -33.91
N UNK Q 968 -132.14 -17.16 -33.39
CA UNK Q 968 -131.03 -17.81 -32.72
C UNK Q 968 -130.67 -17.09 -31.43
N UNK Q 969 -130.50 -17.86 -30.37
CA UNK Q 969 -130.14 -17.30 -29.07
C UNK Q 969 -128.73 -17.78 -28.88
N UNK Q 970 -128.11 -17.39 -27.77
CA UNK Q 970 -126.77 -17.89 -27.55
C UNK Q 970 -126.77 -19.06 -26.59
N UNK Q 971 -127.48 -20.10 -27.03
CA UNK Q 971 -127.63 -21.38 -26.35
C UNK Q 971 -127.49 -22.45 -27.42
N UNK Q 972 -126.82 -22.07 -28.51
CA UNK Q 972 -126.58 -22.98 -29.62
C UNK Q 972 -127.83 -23.31 -30.39
N UNK Q 973 -128.96 -22.82 -29.89
CA UNK Q 973 -130.24 -23.08 -30.51
C UNK Q 973 -130.63 -22.09 -31.58
N UNK Q 974 -131.31 -22.60 -32.60
CA UNK Q 974 -131.81 -21.83 -33.72
C UNK Q 974 -133.22 -22.34 -33.91
N UNK Q 975 -134.20 -21.44 -33.91
CA UNK Q 975 -135.56 -21.91 -34.08
C UNK Q 975 -136.24 -21.29 -35.30
N UNK Q 976 -137.38 -21.85 -35.70
CA UNK Q 976 -138.15 -21.36 -36.85
C UNK Q 976 -139.59 -21.04 -36.47
N UNK Q 977 -139.80 -19.97 -35.69
CA UNK Q 977 -141.13 -19.58 -35.25
C UNK Q 977 -142.08 -19.22 -36.37
N UNK Q 978 -143.36 -19.22 -36.03
CA UNK Q 978 -144.42 -18.86 -36.96
C UNK Q 978 -145.09 -17.66 -36.31
N UNK Q 979 -145.17 -16.53 -37.01
CA UNK Q 979 -145.84 -15.39 -36.42
C UNK Q 979 -147.34 -15.68 -36.60
N UNK Q 980 -145.64 -20.34 -32.66
CA UNK Q 980 -145.43 -21.77 -32.59
C UNK Q 980 -144.09 -22.19 -33.17
N UNK Q 981 -143.26 -22.79 -32.32
CA UNK Q 981 -141.94 -23.26 -32.69
C UNK Q 981 -142.01 -24.46 -33.62
N UNK Q 982 -142.14 -24.19 -34.90
CA UNK Q 982 -142.18 -25.26 -35.88
C UNK Q 982 -140.89 -26.08 -35.76
N UNK Q 983 -139.75 -25.46 -36.07
CA UNK Q 983 -138.45 -26.13 -35.98
C UNK Q 983 -137.62 -25.65 -34.81
N UNK Q 984 -136.74 -26.52 -34.33
CA UNK Q 984 -135.87 -26.21 -33.20
C UNK Q 984 -134.59 -27.05 -33.27
N UNK Q 985 -133.44 -26.40 -33.41
CA UNK Q 985 -132.15 -27.09 -33.50
C UNK Q 985 -131.22 -26.69 -32.36
N UNK Q 986 -130.21 -27.52 -32.11
CA UNK Q 986 -129.20 -27.23 -31.09
C UNK Q 986 -127.90 -27.45 -31.87
N UNK Q 987 -127.70 -26.59 -32.87
CA UNK Q 987 -126.56 -26.63 -33.78
C UNK Q 987 -125.18 -26.19 -33.26
N UNK Q 988 -125.08 -25.79 -32.00
CA UNK Q 988 -123.81 -25.37 -31.41
C UNK Q 988 -123.90 -25.49 -29.90
N UNK Q 989 -122.77 -25.75 -29.24
CA UNK Q 989 -122.77 -25.87 -27.79
C UNK Q 989 -122.42 -24.55 -27.13
N UNK Q 990 -123.78 -15.14 -35.96
CA UNK Q 990 -124.62 -14.81 -37.11
C UNK Q 990 -124.91 -16.05 -37.94
N UNK Q 991 -126.02 -16.05 -38.67
CA UNK Q 991 -126.38 -17.19 -39.48
C UNK Q 991 -127.40 -16.68 -40.51
N UNK Q 992 -127.24 -17.06 -41.76
CA UNK Q 992 -128.15 -16.59 -42.80
C UNK Q 992 -128.78 -17.71 -43.59
N UNK Q 993 -129.77 -17.36 -44.41
CA UNK Q 993 -130.48 -18.32 -45.24
C UNK Q 993 -129.92 -18.30 -46.65
N UNK Q 994 -130.24 -19.35 -47.41
CA UNK Q 994 -129.78 -19.47 -48.78
C UNK Q 994 -130.64 -18.65 -49.72
N UNK Q 995 -134.50 -22.04 -50.01
CA UNK Q 995 -134.38 -21.89 -48.57
C UNK Q 995 -133.96 -23.26 -48.10
N UNK Q 996 -133.69 -24.12 -49.07
CA UNK Q 996 -133.27 -25.48 -48.75
C UNK Q 996 -132.14 -25.41 -47.73
N UNK Q 997 -131.40 -24.32 -47.76
CA UNK Q 997 -130.26 -24.15 -46.87
C UNK Q 997 -130.30 -22.88 -45.99
N UNK Q 998 -129.78 -22.99 -44.77
CA UNK Q 998 -129.73 -21.87 -43.83
C UNK Q 998 -128.63 -22.23 -42.81
N UNK Q 999 -127.46 -21.64 -42.97
CA UNK Q 999 -126.37 -21.97 -42.06
C UNK Q 999 -126.10 -21.01 -40.95
N UNK Q 1000 -125.30 -21.48 -39.99
CA UNK Q 1000 -124.91 -20.74 -38.80
C UNK Q 1000 -123.43 -20.45 -38.75
N UNK Q 1001 -123.03 -19.84 -37.62
CA UNK Q 1001 -121.65 -19.47 -37.34
C UNK Q 1001 -121.67 -19.19 -35.86
N UNK Q 1002 -120.74 -19.74 -35.10
CA UNK Q 1002 -120.79 -19.50 -33.66
C UNK Q 1002 -119.58 -20.00 -32.92
N UNK Q 1003 -116.98 -23.14 -35.46
CA UNK Q 1003 -117.00 -23.29 -36.91
C UNK Q 1003 -118.28 -22.73 -37.50
N UNK Q 1004 -118.60 -23.18 -38.71
CA UNK Q 1004 -119.81 -22.74 -39.40
C UNK Q 1004 -120.60 -23.94 -39.91
N UNK Q 1005 -121.39 -24.53 -39.01
CA UNK Q 1005 -122.23 -25.68 -39.33
C UNK Q 1005 -123.37 -25.23 -40.24
N UNK Q 1006 -123.49 -25.86 -41.41
CA UNK Q 1006 -124.52 -25.52 -42.38
C UNK Q 1006 -125.56 -26.64 -42.52
N UNK Q 1007 -126.85 -26.28 -42.55
CA UNK Q 1007 -127.88 -27.30 -42.71
C UNK Q 1007 -129.07 -27.00 -43.64
N UNK Q 1008 -130.10 -27.86 -43.56
CA UNK Q 1008 -131.30 -27.78 -44.41
C UNK Q 1008 -132.69 -27.59 -43.78
N UNK Q 1009 -125.51 -30.63 -41.92
CA UNK Q 1009 -125.06 -31.30 -43.13
C UNK Q 1009 -123.55 -31.55 -43.00
N UNK Q 1010 -122.79 -30.52 -42.59
CA UNK Q 1010 -121.35 -30.69 -42.38
C UNK Q 1010 -120.66 -29.56 -41.62
N UNK Q 1011 -119.90 -29.95 -40.59
CA UNK Q 1011 -119.15 -29.03 -39.75
C UNK Q 1011 -117.90 -28.54 -40.50
N UNK Q 1012 -117.71 -27.21 -40.55
CA UNK Q 1012 -116.58 -26.58 -41.24
C UNK Q 1012 -115.58 -25.99 -40.26
N UNK Q 1013 -114.81 -26.84 -39.59
CA UNK Q 1013 -113.83 -26.36 -38.61
C UNK Q 1013 -112.58 -25.70 -39.19
N UNK Q 1014 -112.78 -24.75 -40.10
CA UNK Q 1014 -111.65 -24.07 -40.71
C UNK Q 1014 -111.03 -22.96 -39.86
N UNK Q 1015 -111.83 -21.93 -39.56
CA UNK Q 1015 -111.37 -20.78 -38.79
C UNK Q 1015 -110.74 -21.09 -37.43
N UNK Q 1016 -109.65 -20.39 -37.13
CA UNK Q 1016 -108.95 -20.58 -35.86
C UNK Q 1016 -109.37 -19.49 -34.88
N UNK Q 1017 -112.57 -17.94 -34.81
CA UNK Q 1017 -114.00 -18.13 -34.50
C UNK Q 1017 -114.90 -17.31 -35.42
N UNK Q 1018 -115.80 -18.00 -36.13
CA UNK Q 1018 -116.69 -17.33 -37.06
C UNK Q 1018 -117.59 -16.31 -36.37
N UNK Q 1019 -117.94 -15.27 -37.12
CA UNK Q 1019 -118.78 -14.20 -36.61
C UNK Q 1019 -119.79 -13.73 -37.64
N UNK Q 1020 -119.69 -14.24 -38.86
CA UNK Q 1020 -120.64 -13.86 -39.90
C UNK Q 1020 -120.52 -14.79 -41.10
N UNK Q 1021 -121.46 -14.69 -42.04
CA UNK Q 1021 -121.44 -15.53 -43.23
C UNK Q 1021 -122.60 -15.22 -44.17
N UNK Q 1022 -122.47 -15.68 -45.40
CA UNK Q 1022 -123.50 -15.46 -46.40
C UNK Q 1022 -123.42 -16.51 -47.51
N UNK Q 1023 -124.55 -16.72 -48.17
CA UNK Q 1023 -124.63 -17.69 -49.25
C UNK Q 1023 -124.55 -16.98 -50.59
N UNK Q 1024 -123.85 -17.58 -51.54
CA UNK Q 1024 -123.74 -16.98 -52.87
C UNK Q 1024 -125.15 -16.94 -53.40
N UNK Q 1025 -125.51 -15.87 -54.11
CA UNK Q 1025 -126.85 -15.74 -54.66
C UNK Q 1025 -127.14 -16.95 -55.56
N UNK Q 1026 -121.74 -21.31 -52.80
CA UNK Q 1026 -120.72 -20.95 -51.82
C UNK Q 1026 -121.28 -20.30 -50.57
N UNK Q 1027 -120.52 -20.44 -49.49
CA UNK Q 1027 -120.87 -19.88 -48.20
C UNK Q 1027 -119.57 -19.34 -47.59
N UNK Q 1028 -119.42 -18.01 -47.63
CA UNK Q 1028 -118.25 -17.34 -47.08
C UNK Q 1028 -118.48 -17.06 -45.60
N UNK Q 1029 -117.46 -17.31 -44.80
CA UNK Q 1029 -117.58 -17.12 -43.37
C UNK Q 1029 -116.59 -16.11 -42.77
N UNK Q 1030 -117.07 -15.34 -41.80
CA UNK Q 1030 -116.26 -14.31 -41.18
C UNK Q 1030 -115.55 -14.76 -39.92
N UNK Q 1031 -114.23 -14.62 -39.94
CA UNK Q 1031 -113.36 -14.98 -38.84
C UNK Q 1031 -113.17 -13.84 -37.86
N UNK Q 1032 -113.03 -14.19 -36.59
CA UNK Q 1032 -112.84 -13.22 -35.54
C UNK Q 1032 -111.44 -12.62 -35.64
N UNK Q 1033 -110.60 -13.21 -36.48
CA UNK Q 1033 -109.23 -12.72 -36.69
C UNK Q 1033 -108.97 -12.38 -38.14
N UNK Q 1034 -109.82 -11.53 -38.69
CA UNK Q 1034 -109.65 -11.10 -40.05
C UNK Q 1034 -109.55 -12.18 -41.11
N UNK Q 1035 -109.70 -13.44 -40.71
CA UNK Q 1035 -109.64 -14.53 -41.67
C UNK Q 1035 -110.99 -14.64 -42.35
N UNK Q 1036 -111.06 -15.38 -43.44
CA UNK Q 1036 -112.31 -15.53 -44.14
C UNK Q 1036 -111.93 -16.64 -45.10
N UNK Q 1037 -112.62 -17.77 -44.95
CA UNK Q 1037 -112.55 -18.88 -45.89
C UNK Q 1037 -113.84 -18.95 -46.70
N UNK Q 1038 -113.71 -19.39 -47.95
CA UNK Q 1038 -114.86 -19.56 -48.81
C UNK Q 1038 -115.11 -21.06 -48.77
N UNK Q 1039 -116.37 -21.46 -48.65
CA UNK Q 1039 -116.70 -22.87 -48.63
C UNK Q 1039 -117.69 -23.13 -49.77
N UNK Q 1040 -117.91 -24.38 -50.12
CA UNK Q 1040 -118.82 -24.73 -51.22
C UNK Q 1040 -120.08 -25.49 -50.81
N UNK Q 1041 -111.45 -22.25 -50.88
CA UNK Q 1041 -110.23 -21.47 -50.70
C UNK Q 1041 -110.35 -20.53 -49.51
N UNK Q 1042 -109.24 -20.32 -48.81
CA UNK Q 1042 -109.21 -19.44 -47.64
C UNK Q 1042 -108.58 -18.04 -47.85
N UNK Q 1043 -109.10 -17.28 -48.81
CA UNK Q 1043 -108.57 -15.94 -49.06
C UNK Q 1043 -108.72 -15.11 -47.79
N UNK Q 1044 -107.63 -14.91 -47.05
CA UNK Q 1044 -107.69 -14.14 -45.82
C UNK Q 1044 -106.36 -13.60 -45.26
N UNK Q 1045 -105.78 -12.57 -45.91
CA UNK Q 1045 -104.51 -11.98 -45.47
C UNK Q 1045 -104.62 -11.24 -44.13
N UNK Q 1046 -111.35 -8.33 -36.57
CA UNK Q 1046 -112.67 -8.87 -36.84
C UNK Q 1046 -113.02 -8.78 -38.32
N UNK Q 1047 -114.12 -9.43 -38.68
CA UNK Q 1047 -114.70 -9.44 -40.02
C UNK Q 1047 -116.17 -9.63 -39.72
N UNK Q 1048 -116.84 -8.52 -39.45
CA UNK Q 1048 -118.23 -8.58 -39.07
C UNK Q 1048 -119.26 -8.64 -40.19
N UNK Q 1049 -118.87 -9.01 -41.39
CA UNK Q 1049 -119.86 -9.05 -42.45
C UNK Q 1049 -119.29 -9.46 -43.80
N UNK Q 1050 -120.14 -10.07 -44.63
CA UNK Q 1050 -119.77 -10.50 -45.98
C UNK Q 1050 -121.02 -10.42 -46.84
N UNK Q 1051 -120.83 -10.56 -48.15
CA UNK Q 1051 -121.94 -10.52 -49.09
C UNK Q 1051 -121.35 -10.86 -50.45
N UNK Q 1052 -121.95 -11.83 -51.13
CA UNK Q 1052 -121.55 -12.13 -52.48
C UNK Q 1052 -122.26 -11.14 -53.39
N UNK Q 1053 -121.78 -11.04 -54.62
CA UNK Q 1053 -122.36 -10.13 -55.60
C UNK Q 1053 -123.41 -10.90 -56.39
N UNK Q 1054 -124.28 -10.21 -57.13
CA UNK Q 1054 -125.23 -11.03 -57.87
C UNK Q 1054 -124.43 -12.03 -58.69
N UNK Q 1055 -123.56 -11.51 -59.56
CA UNK Q 1055 -122.69 -12.33 -60.41
C UNK Q 1055 -122.03 -13.53 -59.73
N UNK Q 1056 -122.09 -13.58 -58.40
CA UNK Q 1056 -121.50 -14.69 -57.63
C UNK Q 1056 -119.97 -14.79 -57.84
N UNK Q 1057 -119.33 -13.66 -58.10
CA UNK Q 1057 -117.88 -13.64 -58.33
C UNK Q 1057 -117.10 -12.73 -57.36
N UNK Q 1058 -117.66 -11.56 -57.08
CA UNK Q 1058 -117.03 -10.59 -56.17
C UNK Q 1058 -117.63 -10.69 -54.78
N UNK Q 1059 -116.77 -10.90 -53.79
CA UNK Q 1059 -117.23 -10.98 -52.40
C UNK Q 1059 -116.79 -9.71 -51.67
N UNK Q 1060 -117.77 -8.98 -51.10
CA UNK Q 1060 -117.46 -7.76 -50.36
C UNK Q 1060 -117.33 -8.09 -48.88
N UNK Q 1061 -116.33 -7.49 -48.23
CA UNK Q 1061 -116.05 -7.76 -46.82
C UNK Q 1061 -115.99 -6.48 -45.98
N UNK Q 1062 -116.31 -6.59 -44.70
CA UNK Q 1062 -116.29 -5.44 -43.80
C UNK Q 1062 -115.92 -5.83 -42.38
N UNK Q 1063 -112.30 -2.37 -41.91
CA UNK Q 1063 -112.51 -1.56 -43.11
C UNK Q 1063 -113.11 -2.45 -44.18
N UNK Q 1064 -113.59 -1.85 -45.26
CA UNK Q 1064 -114.18 -2.60 -46.36
C UNK Q 1064 -113.04 -3.20 -47.18
N UNK Q 1065 -113.34 -4.25 -47.95
CA UNK Q 1065 -112.29 -4.91 -48.73
C UNK Q 1065 -112.97 -5.90 -49.67
N UNK Q 1066 -112.83 -5.68 -50.98
CA UNK Q 1066 -113.42 -6.56 -51.98
C UNK Q 1066 -112.48 -7.69 -52.38
N UNK Q 1067 -113.03 -8.81 -52.85
CA UNK Q 1067 -112.23 -9.96 -53.26
C UNK Q 1067 -112.63 -10.57 -54.61
N UNK Q 1068 -111.92 -11.63 -54.98
CA UNK Q 1068 -112.13 -12.36 -56.22
C UNK Q 1068 -112.35 -13.84 -55.94
N UNK Q 1069 -113.55 -14.34 -56.27
CA UNK Q 1069 -113.90 -15.74 -56.05
C UNK Q 1069 -112.84 -16.66 -56.66
N UNK Q 1070 -110.57 2.41 -46.99
CA UNK Q 1070 -110.16 2.52 -45.61
C UNK Q 1070 -111.03 3.63 -45.02
N UNK Q 1071 -111.78 3.29 -44.00
CA UNK Q 1071 -112.63 4.27 -43.35
C UNK Q 1071 -111.82 4.83 -42.17
N UNK Q 1072 -112.00 6.11 -41.88
CA UNK Q 1072 -111.29 6.73 -40.77
C UNK Q 1072 -111.36 5.80 -39.54
N UNK Q 1073 -112.57 5.36 -39.22
CA UNK Q 1073 -112.75 4.47 -38.08
C UNK Q 1073 -112.74 3.01 -38.45
N UNK Q 1074 -112.86 2.17 -37.45
CA UNK Q 1074 -112.87 0.73 -37.65
C UNK Q 1074 -114.10 0.10 -37.03
N UNK Q 1075 -113.99 -1.20 -36.79
CA UNK Q 1075 -115.05 -1.98 -36.19
C UNK Q 1075 -116.38 -1.67 -36.79
N UNK Q 1076 -116.51 -1.94 -38.08
CA UNK Q 1076 -117.76 -1.70 -38.76
C UNK Q 1076 -118.62 -2.89 -38.38
N UNK Q 1077 -119.90 -2.86 -38.73
CA UNK Q 1077 -120.79 -3.98 -38.49
C UNK Q 1077 -121.38 -4.78 -39.63
N UNK Q 1078 -122.41 -4.23 -40.26
CA UNK Q 1078 -123.07 -4.87 -41.39
C UNK Q 1078 -123.04 -3.90 -42.56
N UNK Q 1079 -122.38 -4.31 -43.65
CA UNK Q 1079 -122.15 -3.40 -44.75
C UNK Q 1079 -123.43 -3.54 -45.56
N UNK Q 1080 -124.04 -2.43 -45.98
CA UNK Q 1080 -125.25 -2.52 -46.75
C UNK Q 1080 -125.02 -2.41 -48.26
N UNK Q 1081 -124.83 -3.54 -48.92
CA UNK Q 1081 -124.64 -3.53 -50.37
C UNK Q 1081 -126.03 -3.33 -50.95
N UNK Q 1082 -126.14 -3.12 -52.25
CA UNK Q 1082 -127.45 -2.94 -52.85
C UNK Q 1082 -127.66 -3.91 -54.00
N UNK Q 1083 -128.81 -3.78 -54.70
CA UNK Q 1083 -129.07 -4.69 -55.83
C UNK Q 1083 -127.94 -4.64 -56.87
N UNK Q 1084 -127.78 -3.46 -57.48
CA UNK Q 1084 -126.76 -3.24 -58.50
C UNK Q 1084 -125.34 -3.48 -58.03
N UNK Q 1085 -125.15 -3.66 -56.72
CA UNK Q 1085 -123.80 -3.88 -56.14
C UNK Q 1085 -122.92 -2.68 -56.51
N UNK Q 1086 -123.58 -1.53 -56.66
CA UNK Q 1086 -122.93 -0.30 -57.07
C UNK Q 1086 -123.19 0.85 -56.07
N UNK Q 1087 -123.54 0.48 -54.84
CA UNK Q 1087 -123.82 1.45 -53.77
C UNK Q 1087 -123.59 0.74 -52.45
N UNK Q 1088 -122.93 1.41 -51.51
CA UNK Q 1088 -122.66 0.80 -50.22
C UNK Q 1088 -122.88 1.82 -49.11
N UNK Q 1089 -123.32 1.34 -47.95
CA UNK Q 1089 -123.55 2.23 -46.80
C UNK Q 1089 -123.07 1.56 -45.54
N UNK Q 1090 -122.38 2.33 -44.71
CA UNK Q 1090 -121.88 1.79 -43.46
C UNK Q 1090 -121.59 2.92 -42.48
N UNK Q 1091 -121.16 2.55 -41.28
CA UNK Q 1091 -120.88 3.53 -40.25
C UNK Q 1091 -119.81 3.02 -39.33
N UNK Q 1092 -118.71 3.76 -39.21
CA UNK Q 1092 -117.60 3.36 -38.34
C UNK Q 1092 -117.78 3.88 -36.93
N UNK Q 1093 -117.01 3.33 -36.00
CA UNK Q 1093 -117.13 3.77 -34.60
C UNK Q 1093 -116.77 5.23 -34.40
N UNK Q 1094 -116.50 5.93 -35.49
CA UNK Q 1094 -116.22 7.34 -35.38
C UNK Q 1094 -117.52 8.05 -35.67
N UNK Q 1095 -118.58 7.26 -35.87
CA UNK Q 1095 -119.89 7.81 -36.14
C UNK Q 1095 -119.99 8.49 -37.48
N UNK Q 1096 -119.12 8.10 -38.39
CA UNK Q 1096 -119.12 8.69 -39.71
C UNK Q 1096 -119.98 7.84 -40.63
N UNK Q 1097 -120.88 8.50 -41.37
CA UNK Q 1097 -121.78 7.80 -42.28
C UNK Q 1097 -121.23 7.66 -43.71
N UNK Q 1098 -120.73 6.49 -44.04
CA UNK Q 1098 -120.18 6.28 -45.38
C UNK Q 1098 -121.22 5.75 -46.37
N UNK Q 1099 -121.54 6.55 -47.39
CA UNK Q 1099 -122.45 6.14 -48.44
C UNK Q 1099 -121.61 6.13 -49.72
N UNK Q 1100 -120.94 5.01 -49.98
CA UNK Q 1100 -120.08 4.86 -51.14
C UNK Q 1100 -120.89 4.44 -52.37
N UNK Q 1101 -120.32 4.62 -53.56
CA UNK Q 1101 -121.03 4.27 -54.78
C UNK Q 1101 -120.13 4.27 -56.02
N MET R 10 -55.75 8.70 3.33
CA MET R 10 -55.01 7.63 3.98
C MET R 10 -54.37 6.73 2.92
N PRO R 11 -53.57 5.71 3.34
CA PRO R 11 -52.96 4.81 2.34
C PRO R 11 -53.88 4.18 1.28
N LYS R 12 -53.23 3.59 0.27
CA LYS R 12 -53.92 2.93 -0.84
C LYS R 12 -54.58 1.63 -0.39
N ARG R 13 -53.79 0.76 0.24
CA ARG R 13 -54.29 -0.54 0.71
C ARG R 13 -55.45 -0.42 1.72
N HIS R 14 -55.84 0.81 2.05
CA HIS R 14 -56.96 1.05 2.94
C HIS R 14 -58.25 1.32 2.18
N ARG R 15 -58.18 2.19 1.17
CA ARG R 15 -59.34 2.45 0.32
C ARG R 15 -59.84 1.19 -0.37
N GLU R 16 -58.90 0.33 -0.78
CA GLU R 16 -59.25 -0.93 -1.42
C GLU R 16 -59.98 -1.84 -0.48
N HIS R 17 -59.56 -1.81 0.78
CA HIS R 17 -60.19 -2.60 1.83
C HIS R 17 -61.68 -2.34 1.98
N ILE R 18 -62.01 -1.14 2.45
CA ILE R 18 -63.40 -0.75 2.64
C ILE R 18 -64.16 -0.72 1.32
N ARG R 19 -63.41 -0.65 0.21
CA ARG R 19 -64.01 -0.62 -1.11
C ARG R 19 -64.71 -1.94 -1.44
N LYS R 20 -63.93 -3.01 -1.48
CA LYS R 20 -64.47 -4.34 -1.78
C LYS R 20 -65.33 -4.85 -0.64
N ASN R 21 -64.91 -4.56 0.59
CA ASN R 21 -65.64 -5.00 1.77
C ASN R 21 -66.63 -3.94 2.26
N LEU R 22 -67.27 -3.27 1.31
CA LEU R 22 -68.24 -2.23 1.63
C LEU R 22 -69.63 -2.83 1.88
N ASN R 23 -69.74 -4.13 1.67
CA ASN R 23 -71.01 -4.84 1.87
C ASN R 23 -71.18 -5.34 3.28
N ILE R 24 -70.14 -6.01 3.77
CA ILE R 24 -70.14 -6.53 5.12
C ILE R 24 -70.29 -5.37 6.10
N LEU R 25 -69.56 -4.30 5.83
CA LEU R 25 -69.57 -3.15 6.74
C LEU R 25 -70.89 -2.39 6.67
N VAL R 26 -71.54 -2.45 5.52
CA VAL R 26 -72.82 -1.76 5.30
C VAL R 26 -73.94 -2.64 5.83
N GLU R 27 -73.59 -3.87 6.19
CA GLU R 27 -74.61 -4.81 6.63
C GLU R 27 -74.67 -4.90 8.14
N TRP R 28 -73.54 -5.23 8.77
CA TRP R 28 -73.57 -5.55 10.19
C TRP R 28 -73.80 -4.34 11.12
N THR R 29 -73.31 -3.16 10.74
CA THR R 29 -73.52 -1.94 11.54
C THR R 29 -74.86 -1.27 11.23
N ASN R 30 -75.75 -1.14 12.22
CA ASN R 30 -76.87 -0.19 12.12
C ASN R 30 -76.43 1.18 11.59
N TYR R 31 -77.23 1.79 10.73
CA TYR R 31 -76.81 3.02 10.08
C TYR R 31 -77.12 4.25 10.94
N GLU R 32 -78.29 4.26 11.57
CA GLU R 32 -78.67 5.31 12.50
C GLU R 32 -77.58 5.44 13.54
N ARG R 33 -77.31 4.30 14.16
CA ARG R 33 -76.35 4.18 15.24
C ARG R 33 -74.96 4.47 14.74
N LEU R 34 -74.78 4.43 13.43
CA LEU R 34 -73.49 4.74 12.85
C LEU R 34 -73.45 6.19 12.42
N ALA R 35 -74.31 6.61 11.50
CA ALA R 35 -74.33 8.00 11.03
C ALA R 35 -74.30 9.01 12.18
N MET R 36 -75.31 8.94 13.04
CA MET R 36 -75.45 9.90 14.12
C MET R 36 -74.22 9.89 15.06
N GLU R 37 -73.45 8.80 15.00
CA GLU R 37 -72.24 8.61 15.81
C GLU R 37 -70.94 9.05 15.12
N CYS R 38 -70.88 8.82 13.81
CA CYS R 38 -69.72 9.13 12.99
C CYS R 38 -69.61 10.65 12.93
N VAL R 39 -70.71 11.29 12.62
CA VAL R 39 -70.70 12.73 12.55
C VAL R 39 -70.31 13.14 13.96
N GLN R 40 -70.91 12.42 14.88
CA GLN R 40 -70.79 12.62 16.31
C GLN R 40 -69.36 12.33 16.69
N GLN R 41 -68.77 11.36 16.02
CA GLN R 41 -67.39 10.96 16.29
C GLN R 41 -66.28 12.03 16.16
N GLY R 42 -66.41 13.04 15.30
CA GLY R 42 -65.25 13.84 15.01
C GLY R 42 -64.78 13.69 13.59
N ILE R 43 -65.71 13.39 12.69
CA ILE R 43 -65.43 13.32 11.26
C ILE R 43 -66.14 14.28 10.31
N LEU R 44 -67.37 13.96 9.95
CA LEU R 44 -68.16 14.75 9.02
C LEU R 44 -69.01 15.74 9.79
N THR R 45 -69.95 16.39 9.12
CA THR R 45 -70.70 17.50 9.70
C THR R 45 -72.13 17.53 9.16
N VAL R 46 -72.96 18.38 9.76
CA VAL R 46 -74.35 18.51 9.34
C VAL R 46 -74.47 18.59 7.82
N GLN R 47 -73.39 19.05 7.18
CA GLN R 47 -73.37 19.18 5.72
C GLN R 47 -72.97 17.87 5.07
N MET R 48 -71.86 17.30 5.52
CA MET R 48 -71.36 16.04 4.97
C MET R 48 -72.42 14.95 5.06
N LEU R 49 -72.74 14.54 6.27
CA LEU R 49 -73.74 13.50 6.49
C LEU R 49 -75.03 13.78 5.73
N ARG R 50 -75.43 15.03 5.55
CA ARG R 50 -76.61 15.30 4.72
C ARG R 50 -76.44 14.74 3.32
N ASN R 51 -75.37 15.16 2.66
CA ASN R 51 -75.11 14.79 1.27
C ASN R 51 -74.83 13.30 1.12
N THR R 52 -74.32 12.69 2.20
CA THR R 52 -74.06 11.26 2.21
C THR R 52 -75.30 10.42 2.46
N GLN R 53 -75.98 10.72 3.56
CA GLN R 53 -77.31 10.22 3.90
C GLN R 53 -78.34 10.50 2.83
N ASP R 54 -78.31 11.66 2.21
CA ASP R 54 -79.17 11.79 1.05
C ASP R 54 -78.38 11.28 -0.15
N LEU R 55 -78.95 11.38 -1.34
CA LEU R 55 -78.39 10.75 -2.53
C LEU R 55 -78.65 11.70 -3.68
N ASN R 56 -78.67 11.20 -4.90
CA ASN R 56 -78.82 12.07 -6.06
C ASN R 56 -80.24 12.63 -6.18
N GLY R 57 -81.22 11.83 -5.79
CA GLY R 57 -82.61 12.21 -5.94
C GLY R 57 -83.34 11.20 -6.80
N LYS R 58 -82.67 10.73 -7.85
CA LYS R 58 -83.19 9.63 -8.67
C LYS R 58 -83.41 8.32 -7.89
N PRO R 59 -82.61 8.10 -6.85
CA PRO R 59 -82.73 6.88 -6.04
C PRO R 59 -84.18 6.54 -5.73
N PHE R 60 -85.07 7.50 -5.97
CA PHE R 60 -86.50 7.29 -5.70
C PHE R 60 -87.05 6.14 -6.54
N ASN R 61 -86.41 5.87 -7.64
CA ASN R 61 -86.89 4.79 -8.46
C ASN R 61 -86.80 3.52 -7.61
N MET R 62 -85.87 3.59 -6.69
CA MET R 62 -85.47 2.45 -5.92
C MET R 62 -86.28 2.23 -4.65
N ASP R 63 -86.66 0.98 -4.47
CA ASP R 63 -87.53 0.59 -3.37
C ASP R 63 -86.80 0.77 -2.07
N GLU R 64 -87.63 0.85 -1.03
CA GLU R 64 -87.22 1.05 0.35
C GLU R 64 -86.08 0.16 0.73
N LYS R 65 -86.23 -1.16 0.60
CA LYS R 65 -85.10 -1.96 1.07
C LYS R 65 -83.74 -1.37 0.70
N ASP R 66 -83.68 -0.74 -0.48
CA ASP R 66 -82.42 -0.62 -1.19
C ASP R 66 -81.83 0.79 -1.14
N VAL R 67 -82.50 1.69 -0.43
CA VAL R 67 -82.04 3.07 -0.33
C VAL R 67 -81.21 3.28 0.93
N ARG R 68 -81.69 2.73 2.05
CA ARG R 68 -80.92 2.72 3.29
C ARG R 68 -79.57 2.00 3.14
N VAL R 69 -79.57 0.91 2.38
CA VAL R 69 -78.36 0.16 2.13
C VAL R 69 -77.37 0.97 1.30
N GLU R 70 -77.92 1.71 0.33
CA GLU R 70 -77.12 2.59 -0.51
C GLU R 70 -76.52 3.73 0.30
N GLN R 71 -77.39 4.37 1.08
CA GLN R 71 -77.00 5.38 2.06
C GLN R 71 -75.80 4.98 2.90
N HIS R 72 -76.03 3.89 3.62
CA HIS R 72 -75.06 3.30 4.52
C HIS R 72 -73.77 3.00 3.74
N ARG R 73 -73.94 2.59 2.48
CA ARG R 73 -72.79 2.33 1.61
C ARG R 73 -72.14 3.62 1.12
N ARG R 74 -72.86 4.72 1.25
CA ARG R 74 -72.35 6.00 0.79
C ARG R 74 -71.55 6.58 1.93
N LEU R 75 -71.82 6.07 3.13
CA LEU R 75 -71.18 6.61 4.32
C LEU R 75 -69.72 6.27 4.37
N LEU R 76 -69.44 4.98 4.33
CA LEU R 76 -68.08 4.49 4.42
C LEU R 76 -67.21 5.08 3.34
N LEU R 77 -67.80 5.35 2.17
CA LEU R 77 -67.09 5.99 1.08
C LEU R 77 -66.61 7.39 1.45
N LYS R 78 -67.43 8.12 2.19
CA LYS R 78 -67.04 9.44 2.64
C LYS R 78 -66.08 9.35 3.83
N ILE R 79 -66.25 8.33 4.66
CA ILE R 79 -65.36 8.12 5.80
C ILE R 79 -63.95 7.79 5.35
N THR R 80 -63.88 6.98 4.32
CA THR R 80 -62.68 6.62 3.62
C THR R 80 -62.15 7.89 3.04
N GLN R 81 -63.03 8.81 2.70
CA GLN R 81 -62.56 10.03 2.08
C GLN R 81 -61.66 10.79 3.00
N ARG R 82 -61.79 10.55 4.28
CA ARG R 82 -61.21 11.46 5.24
C ARG R 82 -59.75 11.31 5.52
N GLY R 83 -59.29 12.06 6.51
CA GLY R 83 -57.89 12.09 6.88
C GLY R 83 -57.35 10.80 7.46
N PRO R 84 -55.96 10.69 7.47
CA PRO R 84 -55.48 9.33 7.56
C PRO R 84 -55.93 8.57 8.77
N THR R 85 -56.41 9.22 9.81
CA THR R 85 -56.92 8.48 10.95
C THR R 85 -58.11 7.62 10.46
N ALA R 86 -58.69 8.02 9.37
CA ALA R 86 -60.01 7.54 9.00
C ALA R 86 -60.14 6.09 9.41
N TYR R 87 -59.04 5.36 9.29
CA TYR R 87 -59.02 4.00 9.78
C TYR R 87 -59.26 4.04 11.27
N ASN R 88 -58.28 4.58 11.98
CA ASN R 88 -58.33 4.60 13.43
C ASN R 88 -59.59 5.28 13.96
N LEU R 89 -60.18 6.17 13.16
CA LEU R 89 -61.44 6.80 13.52
C LEU R 89 -62.59 5.80 13.40
N LEU R 90 -62.65 5.09 12.28
CA LEU R 90 -63.79 4.26 11.98
C LEU R 90 -63.78 3.00 12.84
N ILE R 91 -62.58 2.47 13.08
CA ILE R 91 -62.42 1.27 13.88
C ILE R 91 -62.98 1.49 15.28
N ASN R 92 -62.80 2.70 15.80
CA ASN R 92 -63.24 3.02 17.16
C ASN R 92 -64.71 3.34 17.19
N ALA R 93 -65.12 4.17 16.24
CA ALA R 93 -66.53 4.51 16.13
C ALA R 93 -67.33 3.21 16.08
N LEU R 94 -66.84 2.26 15.29
CA LEU R 94 -67.50 0.98 15.14
C LEU R 94 -67.32 0.09 16.37
N ARG R 95 -66.21 0.29 17.08
CA ARG R 95 -66.03 -0.38 18.37
C ARG R 95 -67.16 0.02 19.32
N ASN R 96 -67.69 1.22 19.13
CA ASN R 96 -68.81 1.70 19.95
C ASN R 96 -70.18 1.30 19.41
N ILE R 97 -70.39 1.46 18.09
CA ILE R 97 -71.61 0.95 17.43
C ILE R 97 -71.92 -0.49 17.85
N ASN R 98 -70.91 -1.20 18.34
CA ASN R 98 -71.02 -2.55 18.88
C ASN R 98 -71.17 -3.52 17.73
N CYS R 99 -70.60 -3.13 16.61
CA CYS R 99 -70.42 -4.01 15.48
C CYS R 99 -68.98 -4.54 15.44
N LEU R 100 -68.51 -5.06 16.57
CA LEU R 100 -67.17 -5.62 16.73
C LEU R 100 -66.77 -6.53 15.57
N ASP R 101 -67.69 -7.38 15.13
CA ASP R 101 -67.45 -8.28 13.99
C ASP R 101 -67.18 -7.59 12.64
N ALA R 102 -67.21 -6.26 12.62
CA ALA R 102 -66.83 -5.51 11.42
C ALA R 102 -65.65 -4.62 11.79
N ALA R 103 -65.53 -4.29 13.07
CA ALA R 103 -64.34 -3.58 13.54
C ALA R 103 -63.13 -4.49 13.29
N VAL R 104 -63.34 -5.77 13.54
CA VAL R 104 -62.32 -6.77 13.22
C VAL R 104 -62.08 -6.67 11.73
N LEU R 105 -63.13 -6.80 10.93
CA LEU R 105 -63.00 -6.78 9.49
C LEU R 105 -62.11 -5.62 9.00
N LEU R 106 -62.39 -4.44 9.54
CA LEU R 106 -61.72 -3.21 9.16
C LEU R 106 -60.30 -3.09 9.74
N GLU R 107 -59.99 -3.90 10.74
CA GLU R 107 -58.70 -3.80 11.42
C GLU R 107 -57.71 -4.92 11.06
N SER R 108 -58.23 -6.15 10.98
CA SER R 108 -57.48 -7.38 10.78
C SER R 108 -56.60 -7.43 9.54
N VAL R 109 -57.03 -6.76 8.48
CA VAL R 109 -56.18 -6.54 7.31
C VAL R 109 -54.83 -5.89 7.60
N ASP R 110 -54.71 -5.29 8.78
CA ASP R 110 -53.42 -4.76 9.21
C ASP R 110 -52.84 -5.77 10.17
N GLU R 111 -51.80 -5.39 10.88
CA GLU R 111 -51.15 -6.25 11.88
C GLU R 111 -50.42 -7.41 11.21
N TYR S 10 34.59 -39.62 2.43
CA TYR S 10 33.83 -40.79 2.00
C TYR S 10 34.64 -41.66 1.04
N GLN S 11 34.89 -42.90 1.45
CA GLN S 11 35.65 -43.84 0.64
C GLN S 11 34.74 -44.65 -0.28
N TYR S 12 35.27 -45.73 -0.83
CA TYR S 12 34.51 -46.58 -1.73
C TYR S 12 33.93 -47.78 -0.98
N LYS S 13 34.39 -47.99 0.25
CA LYS S 13 33.94 -49.10 1.07
C LYS S 13 32.58 -48.79 1.70
N ASP S 14 32.14 -47.54 1.57
CA ASP S 14 30.87 -47.11 2.13
C ASP S 14 29.90 -46.72 1.03
N ILE S 15 30.42 -46.10 -0.02
CA ILE S 15 29.60 -45.66 -1.15
C ILE S 15 29.22 -46.87 -2.01
N LEU S 16 29.63 -48.07 -1.61
CA LEU S 16 29.32 -49.26 -2.38
C LEU S 16 27.95 -49.84 -2.02
N SER S 17 27.69 -49.97 -0.73
CA SER S 17 26.43 -50.57 -0.28
C SER S 17 25.25 -49.68 -0.64
N VAL S 18 25.55 -48.44 -1.03
CA VAL S 18 24.53 -47.45 -1.39
C VAL S 18 23.73 -47.87 -2.62
N PHE S 19 24.42 -48.26 -3.69
CA PHE S 19 23.70 -48.69 -4.89
C PHE S 19 23.72 -50.21 -5.02
N GLU S 20 23.18 -50.88 -4.01
CA GLU S 20 23.11 -52.33 -4.01
C GLU S 20 21.85 -52.81 -4.74
N ASP S 21 20.86 -51.94 -4.89
CA ASP S 21 19.64 -52.33 -5.61
C ASP S 21 19.96 -52.54 -7.08
N ALA S 22 21.00 -51.85 -7.55
CA ALA S 22 21.38 -51.92 -8.94
C ALA S 22 22.30 -53.11 -9.16
N PHE S 23 23.18 -53.34 -8.20
CA PHE S 23 24.17 -54.39 -8.30
C PHE S 23 23.54 -55.79 -8.39
N VAL S 24 22.21 -55.85 -8.25
CA VAL S 24 21.50 -57.13 -8.36
C VAL S 24 20.73 -57.17 -9.68
N ASP S 25 20.61 -56.01 -10.31
CA ASP S 25 19.93 -55.87 -11.59
C ASP S 25 20.86 -56.27 -12.72
N ASN S 26 21.95 -55.50 -12.84
CA ASN S 26 22.79 -55.61 -14.01
C ASN S 26 24.22 -56.08 -13.75
N PHE S 27 24.43 -56.84 -12.68
CA PHE S 27 25.76 -57.34 -12.37
C PHE S 27 25.77 -58.76 -11.83
N ASP S 28 26.62 -59.60 -12.42
CA ASP S 28 27.11 -60.79 -11.74
C ASP S 28 28.54 -61.05 -12.16
N CYS S 29 29.35 -61.50 -11.21
CA CYS S 29 30.78 -61.71 -11.42
C CYS S 29 31.12 -62.81 -12.41
N LYS S 30 30.10 -63.35 -13.08
CA LYS S 30 30.33 -64.33 -14.13
C LYS S 30 31.22 -63.70 -15.20
N ASP S 31 31.18 -62.38 -15.29
CA ASP S 31 32.04 -61.65 -16.20
C ASP S 31 33.32 -61.23 -15.49
N VAL S 32 33.28 -61.21 -14.15
CA VAL S 32 34.43 -60.83 -13.35
C VAL S 32 35.30 -62.05 -13.04
N GLN S 33 35.82 -62.69 -14.08
CA GLN S 33 36.66 -63.87 -13.90
C GLN S 33 38.09 -63.59 -14.36
N ASP S 34 38.52 -62.35 -14.22
CA ASP S 34 39.87 -61.96 -14.61
C ASP S 34 40.26 -60.62 -13.97
N MET S 35 40.63 -60.67 -12.71
CA MET S 35 41.02 -59.46 -11.98
C MET S 35 42.29 -59.73 -11.16
N PRO S 36 42.81 -58.73 -10.44
CA PRO S 36 43.90 -59.10 -9.53
C PRO S 36 43.44 -60.05 -8.42
N LYS S 37 44.17 -61.15 -8.24
CA LYS S 37 43.91 -62.08 -7.14
C LYS S 37 44.04 -61.36 -5.81
N SER S 38 44.72 -60.21 -5.84
CA SER S 38 44.83 -59.36 -4.67
C SER S 38 43.49 -58.77 -4.25
N ILE S 39 42.49 -58.87 -5.12
CA ILE S 39 41.26 -58.13 -4.92
C ILE S 39 40.20 -59.10 -4.43
N LEU S 40 40.10 -60.21 -5.12
CA LEU S 40 39.21 -61.28 -4.67
C LEU S 40 39.90 -62.63 -4.69
N SER S 41 39.60 -63.50 -3.74
CA SER S 41 40.23 -64.81 -3.69
C SER S 41 39.76 -65.71 -4.83
N LYS S 42 40.70 -66.32 -5.55
CA LYS S 42 40.33 -67.19 -6.64
C LYS S 42 39.29 -68.13 -6.07
N GLU S 43 39.49 -68.54 -4.83
CA GLU S 43 38.56 -69.43 -4.16
C GLU S 43 37.39 -68.64 -3.56
N GLU S 44 37.68 -67.41 -3.15
CA GLU S 44 36.65 -66.53 -2.59
C GLU S 44 35.67 -66.08 -3.66
N ILE S 45 36.18 -65.99 -4.88
CA ILE S 45 35.41 -65.57 -6.04
C ILE S 45 34.49 -66.70 -6.47
N ASP S 46 34.98 -67.93 -6.45
CA ASP S 46 34.10 -69.02 -6.84
C ASP S 46 32.99 -69.04 -5.83
N HIS S 47 33.38 -68.72 -4.60
CA HIS S 47 32.48 -68.61 -3.46
C HIS S 47 31.37 -67.63 -3.79
N ILE S 48 31.75 -66.46 -4.27
CA ILE S 48 30.81 -65.41 -4.65
C ILE S 48 30.09 -65.81 -5.91
N ILE S 49 30.84 -66.20 -6.94
CA ILE S 49 30.20 -66.67 -8.15
C ILE S 49 29.40 -67.91 -7.79
N MET S 50 29.62 -68.35 -6.57
CA MET S 50 29.22 -69.65 -6.15
C MET S 50 27.73 -69.69 -6.36
N SER S 51 27.16 -68.52 -6.11
CA SER S 51 25.99 -68.01 -6.79
C SER S 51 24.72 -68.83 -6.77
N LYS S 52 24.30 -69.23 -5.58
CA LYS S 52 23.03 -69.89 -5.47
C LYS S 52 21.97 -68.90 -5.93
N ASP S 53 22.11 -67.63 -5.54
CA ASP S 53 21.12 -66.62 -5.92
C ASP S 53 21.66 -65.27 -6.37
N ALA S 54 20.95 -64.64 -7.27
CA ALA S 54 21.40 -63.37 -7.79
C ALA S 54 21.49 -62.43 -6.62
N VAL S 55 20.54 -62.49 -5.69
CA VAL S 55 20.58 -61.56 -4.58
C VAL S 55 21.65 -62.01 -3.60
N SER S 56 21.65 -63.30 -3.31
CA SER S 56 22.62 -63.82 -2.35
C SER S 56 24.03 -63.69 -2.88
N GLY S 57 24.24 -63.98 -4.17
CA GLY S 57 25.57 -63.95 -4.74
C GLY S 57 26.15 -62.55 -4.71
N THR S 58 25.32 -61.59 -5.07
CA THR S 58 25.74 -60.18 -5.13
C THR S 58 26.02 -59.73 -3.71
N LEU S 59 25.17 -60.15 -2.78
CA LEU S 59 25.33 -59.72 -1.41
C LEU S 59 26.64 -60.32 -0.94
N ARG S 60 26.87 -61.55 -1.40
CA ARG S 60 28.05 -62.31 -1.05
C ARG S 60 29.28 -61.58 -1.56
N LEU S 61 29.17 -60.91 -2.69
CA LEU S 61 30.30 -60.16 -3.14
C LEU S 61 30.52 -58.91 -2.34
N PHE S 62 29.47 -58.17 -2.00
CA PHE S 62 29.78 -56.97 -1.24
C PHE S 62 30.31 -57.34 0.13
N TRP S 63 29.72 -58.37 0.74
CA TRP S 63 30.15 -58.74 2.08
C TRP S 63 31.60 -59.15 2.13
N THR S 64 32.00 -60.06 1.24
CA THR S 64 33.38 -60.51 1.30
C THR S 64 34.35 -59.38 0.96
N LEU S 65 34.00 -58.58 -0.04
CA LEU S 65 34.89 -57.52 -0.51
C LEU S 65 35.05 -56.39 0.50
N LEU S 66 33.97 -56.07 1.20
CA LEU S 66 33.96 -54.96 2.19
C LEU S 66 35.08 -55.19 3.23
N SER S 67 35.46 -56.46 3.33
CA SER S 67 36.46 -56.97 4.25
C SER S 67 37.92 -56.55 3.96
N LYS S 68 38.17 -56.09 2.72
CA LYS S 68 39.51 -55.72 2.23
C LYS S 68 39.83 -54.24 2.43
N GLN S 69 41.04 -53.80 2.08
CA GLN S 69 41.45 -52.42 2.31
C GLN S 69 40.93 -51.45 1.25
N GLU S 70 41.06 -50.15 1.48
CA GLU S 70 40.61 -49.17 0.50
C GLU S 70 41.17 -49.30 -0.91
N GLU S 71 42.45 -49.51 -1.03
CA GLU S 71 43.01 -49.65 -2.35
C GLU S 71 42.41 -50.88 -2.95
N MET S 72 42.27 -51.89 -2.10
CA MET S 72 41.87 -53.23 -2.53
C MET S 72 40.59 -53.14 -3.32
N VAL S 73 39.60 -52.45 -2.77
CA VAL S 73 38.36 -52.26 -3.49
C VAL S 73 38.54 -51.46 -4.77
N GLN S 74 39.23 -50.34 -4.67
CA GLN S 74 39.27 -49.32 -5.70
C GLN S 74 39.84 -49.88 -6.94
N LYS S 75 40.81 -50.75 -6.79
CA LYS S 75 41.34 -51.38 -7.95
C LYS S 75 40.13 -52.09 -8.53
N PHE S 76 39.30 -52.66 -7.66
CA PHE S 76 38.07 -53.27 -8.12
C PHE S 76 37.11 -52.27 -8.75
N VAL S 77 36.92 -51.13 -8.14
CA VAL S 77 35.98 -50.16 -8.67
C VAL S 77 36.50 -49.57 -9.94
N GLU S 78 37.81 -49.63 -10.13
CA GLU S 78 38.39 -48.97 -11.27
C GLU S 78 38.78 -49.96 -12.33
N GLU S 79 39.88 -50.63 -12.14
CA GLU S 79 40.43 -51.44 -13.20
C GLU S 79 39.55 -52.60 -13.63
N VAL S 80 38.98 -53.32 -12.67
CA VAL S 80 38.20 -54.51 -12.97
C VAL S 80 36.80 -54.26 -13.52
N LEU S 81 36.10 -53.30 -12.92
CA LEU S 81 34.70 -53.05 -13.26
C LEU S 81 34.53 -52.02 -14.36
N ARG S 82 35.64 -51.66 -15.02
CA ARG S 82 35.55 -50.70 -16.10
C ARG S 82 35.67 -51.36 -17.47
N ILE S 83 36.01 -52.63 -17.47
CA ILE S 83 36.16 -53.29 -18.73
C ILE S 83 34.79 -53.37 -19.35
N ASN S 84 33.84 -53.91 -18.62
CA ASN S 84 32.52 -54.14 -19.18
C ASN S 84 31.38 -53.37 -18.55
N TYR S 85 31.36 -53.33 -17.23
CA TYR S 85 30.28 -52.71 -16.51
C TYR S 85 30.56 -51.25 -16.36
N LYS S 86 30.52 -50.55 -17.46
CA LYS S 86 30.86 -49.16 -17.44
C LYS S 86 29.86 -48.47 -16.56
N PHE S 87 28.58 -48.75 -16.77
CA PHE S 87 27.56 -47.88 -16.25
C PHE S 87 27.65 -47.85 -14.75
N LEU S 88 27.93 -48.98 -14.12
CA LEU S 88 27.94 -48.99 -12.69
C LEU S 88 28.98 -48.03 -12.25
N MET S 89 30.12 -48.12 -12.89
CA MET S 89 31.28 -47.43 -12.42
C MET S 89 30.92 -45.97 -12.47
N SER S 90 30.23 -45.59 -13.52
CA SER S 90 29.91 -44.20 -13.69
C SER S 90 29.07 -43.76 -12.53
N PRO S 91 28.09 -44.66 -12.08
CA PRO S 91 27.36 -44.16 -10.91
C PRO S 91 28.33 -44.06 -9.79
N ILE S 92 29.17 -45.07 -9.61
CA ILE S 92 30.01 -45.05 -8.41
C ILE S 92 30.96 -43.87 -8.39
N LYS S 93 31.62 -43.64 -9.50
CA LYS S 93 32.64 -42.63 -9.46
C LYS S 93 31.93 -41.44 -8.87
N THR S 94 30.67 -41.31 -9.19
CA THR S 94 29.98 -40.16 -8.76
C THR S 94 30.00 -40.21 -7.28
N GLU S 95 29.81 -41.40 -6.69
CA GLU S 95 29.61 -41.42 -5.25
C GLU S 95 30.84 -40.92 -4.39
N GLN S 96 32.00 -41.56 -4.48
CA GLN S 96 33.21 -41.12 -3.73
C GLN S 96 33.49 -39.65 -3.86
N ARG S 97 33.29 -39.11 -5.06
CA ARG S 97 33.31 -37.71 -5.21
C ARG S 97 32.06 -37.13 -4.63
N GLN S 98 31.02 -37.94 -4.56
CA GLN S 98 29.76 -37.39 -4.08
C GLN S 98 28.79 -38.12 -3.18
N PRO S 99 28.34 -37.40 -2.19
CA PRO S 99 27.32 -37.99 -1.34
C PRO S 99 25.98 -37.28 -1.39
N SER S 100 24.92 -37.98 -1.77
CA SER S 100 23.58 -37.38 -1.82
C SER S 100 23.09 -37.23 -0.38
N MET S 101 22.14 -36.33 -0.13
CA MET S 101 21.74 -36.16 1.26
C MET S 101 21.45 -37.53 1.86
N MET S 102 20.71 -38.36 1.15
CA MET S 102 20.38 -39.70 1.65
C MET S 102 21.62 -40.58 1.86
N THR S 103 22.47 -40.67 0.86
CA THR S 103 23.55 -41.61 0.98
C THR S 103 24.38 -41.20 2.13
N ARG S 104 24.87 -39.99 2.08
CA ARG S 104 25.66 -39.59 3.19
C ARG S 104 24.74 -39.69 4.38
N MET S 105 23.45 -39.44 4.19
CA MET S 105 22.56 -39.39 5.31
C MET S 105 22.63 -40.74 5.99
N TYR S 106 22.60 -41.80 5.22
CA TYR S 106 22.73 -43.12 5.82
C TYR S 106 24.12 -43.29 6.38
N ILE S 107 25.04 -42.90 5.53
CA ILE S 107 26.38 -43.39 5.61
C ILE S 107 26.90 -43.03 6.95
N GLU S 108 26.44 -41.92 7.48
CA GLU S 108 26.70 -41.64 8.86
C GLU S 108 26.06 -42.65 9.79
N GLN S 109 24.82 -43.07 9.56
CA GLN S 109 24.19 -43.93 10.53
C GLN S 109 24.97 -45.21 10.61
N ARG S 110 25.39 -45.70 9.48
CA ARG S 110 26.07 -46.99 9.53
C ARG S 110 27.21 -46.84 10.53
N ASP S 111 27.91 -45.72 10.43
CA ASP S 111 29.07 -45.49 11.29
C ASP S 111 28.55 -45.47 12.70
N ARG S 112 27.39 -44.83 12.84
CA ARG S 112 26.81 -44.67 14.14
C ARG S 112 26.54 -46.07 14.67
N LEU S 113 26.01 -46.98 13.85
CA LEU S 113 25.70 -48.32 14.33
C LEU S 113 26.96 -49.14 14.67
N TYR S 114 28.05 -48.99 13.91
CA TYR S 114 29.25 -49.73 14.25
C TYR S 114 29.70 -49.26 15.62
N ASN S 115 29.68 -47.95 15.77
CA ASN S 115 30.14 -47.26 16.96
C ASN S 115 29.41 -47.45 18.24
N ASP S 116 28.10 -47.36 18.23
CA ASP S 116 27.39 -47.66 19.46
C ASP S 116 27.59 -49.12 19.75
N ASN S 117 27.49 -49.93 18.71
CA ASN S 117 27.57 -51.34 18.88
C ASN S 117 28.82 -51.64 18.17
N GLN S 118 29.72 -52.36 18.84
CA GLN S 118 31.11 -52.47 18.37
C GLN S 118 31.62 -53.84 17.99
N VAL S 119 31.63 -54.75 18.95
CA VAL S 119 32.40 -55.97 18.92
C VAL S 119 31.86 -56.66 17.72
N PHE S 120 30.70 -56.17 17.33
CA PHE S 120 30.16 -56.47 16.05
C PHE S 120 31.03 -55.81 15.03
N ALA S 121 31.49 -54.62 15.29
CA ALA S 121 32.15 -53.93 14.21
C ALA S 121 33.25 -54.82 13.71
N LYS S 122 33.93 -55.41 14.68
CA LYS S 122 35.23 -56.05 14.60
C LYS S 122 35.10 -57.58 14.64
N TYR S 123 33.90 -58.07 14.88
CA TYR S 123 33.73 -59.51 15.04
C TYR S 123 32.57 -60.12 14.27
N ASN S 124 31.89 -59.34 13.44
CA ASN S 124 30.75 -59.83 12.63
C ASN S 124 31.09 -60.98 11.69
N VAL S 125 30.09 -61.73 11.25
CA VAL S 125 30.33 -62.74 10.21
C VAL S 125 29.27 -62.71 9.11
N SER S 126 29.75 -62.79 7.86
CA SER S 126 28.87 -62.94 6.71
C SER S 126 27.90 -64.08 6.97
N ARG S 127 26.62 -63.75 7.07
CA ARG S 127 25.59 -64.74 7.35
C ARG S 127 24.41 -64.57 6.39
N LEU S 128 24.27 -65.44 5.40
CA LEU S 128 23.22 -65.25 4.39
C LEU S 128 21.79 -65.48 4.84
N GLN S 129 21.57 -66.72 5.25
CA GLN S 129 20.25 -67.31 5.45
C GLN S 129 19.37 -66.41 6.27
N PRO S 130 19.78 -66.14 7.51
CA PRO S 130 18.90 -65.32 8.34
C PRO S 130 18.88 -63.87 7.92
N TYR S 131 19.98 -63.41 7.36
CA TYR S 131 20.13 -62.05 6.92
C TYR S 131 19.10 -61.70 5.86
N LEU S 132 18.98 -62.58 4.88
CA LEU S 132 18.03 -62.41 3.78
C LEU S 132 16.60 -62.66 4.23
N LYS S 133 16.40 -63.60 5.15
CA LYS S 133 15.03 -63.88 5.59
C LYS S 133 14.53 -62.63 6.31
N LEU S 134 15.38 -62.10 7.19
CA LEU S 134 15.03 -60.96 8.01
C LEU S 134 14.87 -59.67 7.21
N ARG S 135 15.68 -59.51 6.17
CA ARG S 135 15.65 -58.29 5.36
C ARG S 135 14.44 -58.31 4.45
N GLN S 136 13.95 -59.52 4.18
CA GLN S 136 12.79 -59.71 3.36
C GLN S 136 11.55 -59.39 4.20
N ALA S 137 11.53 -59.95 5.42
CA ALA S 137 10.39 -59.78 6.32
C ALA S 137 10.24 -58.32 6.75
N LEU S 138 11.41 -57.77 6.99
CA LEU S 138 11.57 -56.44 7.49
C LEU S 138 10.95 -55.42 6.55
N LEU S 139 11.26 -55.53 5.27
CA LEU S 139 10.78 -54.55 4.30
C LEU S 139 9.26 -54.50 4.24
N GLU S 140 8.60 -55.65 4.16
CA GLU S 140 7.16 -55.57 3.99
C GLU S 140 6.56 -54.97 5.24
N LEU S 141 7.21 -55.22 6.37
CA LEU S 141 6.70 -54.92 7.71
C LEU S 141 6.05 -53.54 7.80
N ARG S 142 4.76 -53.51 8.12
CA ARG S 142 3.96 -52.28 8.01
C ARG S 142 4.23 -51.29 9.15
N PRO S 143 3.64 -50.10 9.08
CA PRO S 143 3.87 -49.14 10.16
C PRO S 143 3.35 -49.59 11.53
N ALA S 144 2.55 -50.64 11.60
CA ALA S 144 2.10 -51.10 12.90
C ALA S 144 2.27 -52.59 13.08
N LYS S 145 3.16 -53.24 12.33
CA LYS S 145 3.32 -54.67 12.54
C LYS S 145 4.59 -55.02 13.32
N ASN S 146 4.89 -56.29 13.51
CA ASN S 146 6.13 -56.56 14.20
C ASN S 146 6.72 -57.90 13.91
N VAL S 147 7.93 -57.82 13.40
CA VAL S 147 8.73 -58.93 12.89
C VAL S 147 9.65 -59.45 13.99
N LEU S 148 9.29 -60.58 14.58
CA LEU S 148 10.04 -61.15 15.69
C LEU S 148 11.03 -62.23 15.24
N ILE S 149 12.07 -62.43 16.03
CA ILE S 149 13.07 -63.45 15.75
C ILE S 149 13.52 -64.10 17.06
N ASP S 150 13.44 -65.43 17.11
CA ASP S 150 13.78 -66.18 18.32
C ASP S 150 14.49 -67.50 18.05
N GLY S 151 15.59 -67.71 18.77
CA GLY S 151 16.36 -68.94 18.73
C GLY S 151 16.94 -69.29 20.09
N VAL S 152 17.84 -70.27 20.08
CA VAL S 152 18.51 -70.77 21.28
C VAL S 152 19.38 -69.65 21.90
N LEU S 153 19.68 -69.71 23.19
CA LEU S 153 20.51 -68.66 23.76
C LEU S 153 21.84 -68.64 23.04
N GLY S 154 22.24 -67.45 22.60
CA GLY S 154 23.52 -67.30 21.97
C GLY S 154 23.37 -67.75 20.53
N SER S 155 22.29 -67.35 19.87
CA SER S 155 22.12 -67.78 18.50
C SER S 155 22.62 -66.85 17.41
N GLY S 156 22.82 -65.58 17.76
CA GLY S 156 23.28 -64.60 16.80
C GLY S 156 22.04 -63.83 16.39
N LYS S 157 21.03 -63.87 17.24
CA LYS S 157 19.77 -63.19 16.96
C LYS S 157 19.96 -61.67 16.79
N THR S 158 20.71 -61.07 17.71
CA THR S 158 20.93 -59.64 17.67
C THR S 158 21.93 -59.29 16.57
N TRP S 159 22.99 -60.10 16.40
CA TRP S 159 23.95 -59.82 15.33
C TRP S 159 23.24 -59.89 13.98
N VAL S 160 22.46 -60.93 13.71
CA VAL S 160 21.79 -61.03 12.40
C VAL S 160 20.95 -59.77 12.22
N ALA S 161 20.27 -59.38 13.31
CA ALA S 161 19.37 -58.24 13.25
C ALA S 161 20.18 -56.97 12.93
N LEU S 162 21.33 -56.86 13.58
CA LEU S 162 22.16 -55.69 13.40
C LEU S 162 22.59 -55.66 11.95
N ASP S 163 23.06 -56.80 11.44
CA ASP S 163 23.60 -56.83 10.09
C ASP S 163 22.54 -56.41 9.10
N VAL S 164 21.32 -56.90 9.30
CA VAL S 164 20.24 -56.58 8.39
C VAL S 164 19.98 -55.07 8.47
N CYS S 165 19.93 -54.58 9.69
CA CYS S 165 19.56 -53.21 9.90
C CYS S 165 20.75 -52.29 9.74
N LEU S 166 21.93 -52.82 9.56
CA LEU S 166 22.93 -51.94 9.08
C LEU S 166 22.47 -51.61 7.68
N SER S 167 22.22 -52.68 6.93
CA SER S 167 22.01 -52.63 5.49
C SER S 167 21.18 -51.53 4.85
N TYR S 168 21.78 -50.83 3.90
CA TYR S 168 21.15 -49.62 3.41
C TYR S 168 19.71 -49.84 2.99
N LYS S 169 19.49 -50.88 2.19
CA LYS S 169 18.16 -51.16 1.64
C LYS S 169 17.08 -51.23 2.72
N VAL S 170 17.47 -51.76 3.85
CA VAL S 170 16.60 -51.92 4.98
C VAL S 170 16.74 -50.79 5.93
N GLN S 171 17.43 -49.75 5.54
CA GLN S 171 17.38 -48.59 6.36
C GLN S 171 16.48 -47.57 5.78
N CYS S 172 16.82 -47.12 4.57
CA CYS S 172 16.10 -46.05 3.90
C CYS S 172 14.60 -46.31 3.98
N LYS S 173 14.23 -47.59 3.93
CA LYS S 173 12.85 -48.00 4.05
C LYS S 173 12.34 -47.59 5.41
N MET S 174 13.23 -47.56 6.39
CA MET S 174 12.86 -47.10 7.71
C MET S 174 13.43 -45.75 7.99
N ASP S 175 13.95 -45.13 6.96
CA ASP S 175 14.31 -43.72 7.04
C ASP S 175 15.19 -43.40 8.20
N PHE S 176 16.12 -44.27 8.47
CA PHE S 176 17.23 -43.90 9.27
C PHE S 176 16.82 -43.49 10.65
N LYS S 177 15.82 -44.15 11.21
CA LYS S 177 15.46 -43.90 12.59
C LYS S 177 15.26 -45.21 13.34
N ILE S 178 16.34 -45.96 13.55
CA ILE S 178 16.18 -47.23 14.25
C ILE S 178 16.65 -47.18 15.68
N PHE S 179 15.71 -47.36 16.59
CA PHE S 179 16.02 -47.26 17.99
C PHE S 179 16.21 -48.63 18.53
N TRP S 180 17.40 -48.85 19.03
CA TRP S 180 17.80 -50.11 19.62
C TRP S 180 17.77 -50.06 21.12
N LEU S 181 17.05 -51.00 21.73
CA LEU S 181 17.08 -51.07 23.19
C LEU S 181 17.14 -52.51 23.64
N ASN S 182 17.85 -52.80 24.72
CA ASN S 182 17.89 -54.18 25.20
C ASN S 182 16.99 -54.38 26.41
N LEU S 183 15.90 -55.14 26.27
CA LEU S 183 15.05 -55.30 27.44
C LEU S 183 15.78 -56.15 28.47
N LYS S 184 16.86 -55.79 29.14
CA LYS S 184 17.18 -56.79 30.15
C LYS S 184 16.30 -56.48 31.30
N ASN S 185 16.19 -57.37 32.24
CA ASN S 185 15.69 -56.84 33.44
C ASN S 185 14.66 -55.92 32.89
N CYS S 186 13.59 -56.51 32.35
CA CYS S 186 12.50 -55.73 31.77
C CYS S 186 11.15 -56.21 32.29
N ASN S 187 11.15 -57.39 32.91
CA ASN S 187 9.92 -57.97 33.45
C ASN S 187 9.54 -57.36 34.80
N SER S 188 9.48 -56.04 34.84
CA SER S 188 9.13 -55.33 36.07
C SER S 188 8.60 -53.93 35.76
N PRO S 189 7.55 -53.50 36.60
CA PRO S 189 7.08 -52.14 36.26
C PRO S 189 8.21 -51.11 36.25
N GLU S 190 9.37 -51.51 36.78
CA GLU S 190 10.53 -50.63 36.83
C GLU S 190 11.23 -50.57 35.47
N THR S 191 10.96 -51.55 34.62
CA THR S 191 11.55 -51.60 33.29
C THR S 191 10.88 -50.62 32.34
N VAL S 192 9.56 -50.71 32.24
CA VAL S 192 8.79 -49.84 31.36
C VAL S 192 9.25 -48.38 31.49
N LEU S 193 9.08 -47.82 32.67
CA LEU S 193 9.47 -46.43 32.94
C LEU S 193 10.91 -46.18 32.49
N GLU S 194 11.85 -46.86 33.15
CA GLU S 194 13.27 -46.71 32.85
C GLU S 194 13.51 -46.72 31.34
N MET S 195 13.09 -47.80 30.69
CA MET S 195 13.25 -47.94 29.25
C MET S 195 12.43 -46.96 28.44
N LEU S 196 11.17 -46.80 28.83
CA LEU S 196 10.26 -45.90 28.14
C LEU S 196 10.79 -44.50 28.33
N GLN S 197 11.61 -44.34 29.36
CA GLN S 197 12.27 -43.10 29.60
C GLN S 197 13.38 -43.09 28.56
N LYS S 198 14.08 -44.21 28.42
CA LYS S 198 15.17 -44.21 27.44
C LYS S 198 14.70 -44.00 25.98
N LEU S 199 13.54 -44.52 25.61
CA LEU S 199 13.05 -44.41 24.25
C LEU S 199 12.68 -42.96 23.91
N LEU S 200 12.13 -42.26 24.90
CA LEU S 200 11.78 -40.86 24.73
C LEU S 200 13.09 -40.11 24.59
N TYR S 201 14.00 -40.41 25.49
CA TYR S 201 15.38 -39.98 25.37
C TYR S 201 15.93 -40.07 23.93
N GLN S 202 15.83 -41.21 23.25
CA GLN S 202 16.52 -41.25 21.99
C GLN S 202 15.81 -40.30 21.14
N ILE S 203 14.53 -40.54 20.86
CA ILE S 203 13.75 -39.64 20.01
C ILE S 203 14.13 -38.17 20.16
N ASP S 204 13.96 -37.64 21.37
CA ASP S 204 14.29 -36.25 21.65
C ASP S 204 14.46 -36.03 23.15
N PRO S 205 15.23 -35.02 23.53
CA PRO S 205 15.44 -34.72 24.94
C PRO S 205 14.50 -33.64 25.45
N ASN S 206 13.22 -33.97 25.61
CA ASN S 206 12.27 -32.99 26.11
C ASN S 206 11.02 -33.64 26.68
N TRP S 207 10.85 -33.57 28.00
CA TRP S 207 9.61 -34.08 28.56
C TRP S 207 9.07 -33.31 29.74
N THR S 208 7.78 -33.02 29.67
CA THR S 208 7.11 -32.27 30.72
C THR S 208 6.80 -33.33 31.76
N SER S 209 7.79 -33.59 32.58
CA SER S 209 7.69 -34.66 33.54
C SER S 209 6.90 -34.20 34.75
N ARG S 210 6.23 -33.07 34.58
CA ARG S 210 5.33 -32.56 35.60
C ARG S 210 4.10 -33.47 35.71
N SER S 211 3.87 -34.32 34.71
CA SER S 211 2.75 -35.20 34.75
C SER S 211 3.02 -36.29 35.79
N ASP S 212 4.24 -36.30 36.31
CA ASP S 212 4.61 -37.38 37.21
C ASP S 212 3.80 -37.31 38.49
N HIS S 213 3.16 -38.43 38.76
CA HIS S 213 2.24 -38.61 39.83
C HIS S 213 2.75 -39.93 40.29
N SER S 214 3.00 -40.04 41.59
CA SER S 214 3.78 -41.16 42.13
C SER S 214 2.95 -42.23 42.83
N SER S 215 1.64 -42.17 42.64
CA SER S 215 0.76 -43.18 43.18
C SER S 215 0.94 -44.46 42.38
N ASN S 216 1.22 -44.30 41.09
CA ASN S 216 1.46 -45.43 40.21
C ASN S 216 2.67 -45.22 39.29
N ILE S 217 3.76 -45.90 39.63
CA ILE S 217 4.83 -46.05 38.70
C ILE S 217 4.18 -46.76 37.54
N LYS S 218 2.96 -47.21 37.74
CA LYS S 218 2.26 -47.94 36.70
C LYS S 218 1.39 -47.05 35.86
N LEU S 219 0.54 -46.27 36.53
CA LEU S 219 -0.34 -45.33 35.84
C LEU S 219 0.48 -44.30 35.06
N ARG S 220 1.64 -43.93 35.61
CA ARG S 220 2.52 -42.97 34.97
C ARG S 220 3.12 -43.63 33.76
N ILE S 221 3.29 -44.93 33.87
CA ILE S 221 3.93 -45.70 32.83
C ILE S 221 3.07 -45.49 31.60
N HIS S 222 1.78 -45.47 31.81
CA HIS S 222 0.90 -45.25 30.70
C HIS S 222 1.15 -43.88 30.10
N SER S 223 1.33 -42.89 30.95
CA SER S 223 1.45 -41.54 30.43
C SER S 223 2.63 -41.51 29.52
N ILE S 224 3.73 -42.10 29.96
CA ILE S 224 4.95 -41.97 29.16
C ILE S 224 4.56 -42.49 27.75
N GLN S 225 3.82 -43.59 27.72
CA GLN S 225 3.37 -44.18 26.46
C GLN S 225 2.50 -43.20 25.67
N ALA S 226 1.59 -42.53 26.38
CA ALA S 226 0.70 -41.55 25.75
C ALA S 226 1.50 -40.49 25.01
N GLU S 227 2.55 -40.00 25.65
CA GLU S 227 3.41 -38.98 25.05
C GLU S 227 4.21 -39.57 23.90
N LEU S 228 4.67 -40.80 24.06
CA LEU S 228 5.43 -41.49 23.04
C LEU S 228 4.59 -41.73 21.79
N ARG S 229 3.34 -42.17 22.01
CA ARG S 229 2.43 -42.41 20.90
C ARG S 229 2.16 -41.15 20.12
N ARG S 230 2.03 -40.03 20.83
CA ARG S 230 1.78 -38.75 20.20
C ARG S 230 2.94 -38.38 19.29
N LEU S 231 4.17 -38.51 19.80
CA LEU S 231 5.35 -38.14 19.01
C LEU S 231 5.67 -39.00 17.79
N LEU S 232 5.47 -40.32 17.85
CA LEU S 232 5.80 -41.14 16.67
C LEU S 232 4.98 -40.86 15.42
N LYS S 233 3.69 -40.69 15.52
CA LYS S 233 3.00 -40.46 14.30
C LYS S 233 3.24 -39.00 14.07
N SER S 234 4.48 -38.62 14.27
CA SER S 234 4.92 -37.28 13.90
C SER S 234 5.42 -37.46 12.52
N LYS S 235 5.91 -36.41 11.89
CA LYS S 235 6.49 -36.56 10.58
C LYS S 235 7.98 -36.81 10.57
N PRO S 236 8.66 -36.59 11.79
CA PRO S 236 10.10 -36.84 11.70
C PRO S 236 10.27 -38.29 11.38
N TYR S 237 9.42 -39.09 12.01
CA TYR S 237 9.45 -40.52 11.80
C TYR S 237 8.42 -40.90 10.79
N GLU S 238 7.16 -40.78 11.14
CA GLU S 238 6.10 -41.27 10.28
C GLU S 238 6.31 -42.74 10.36
N ASN S 239 7.54 -43.10 10.04
CA ASN S 239 7.82 -44.54 10.11
C ASN S 239 9.30 -44.90 10.43
N CYS S 240 9.58 -45.75 11.41
CA CYS S 240 10.93 -46.07 11.82
C CYS S 240 10.87 -47.36 12.55
N LEU S 241 11.98 -48.01 12.82
CA LEU S 241 11.93 -49.30 13.47
C LEU S 241 12.62 -49.35 14.80
N LEU S 242 11.84 -49.66 15.82
CA LEU S 242 12.19 -49.89 17.21
C LEU S 242 12.45 -51.37 17.45
N VAL S 243 13.72 -51.76 17.49
CA VAL S 243 14.10 -53.15 17.62
C VAL S 243 14.45 -53.51 19.06
N LEU S 244 13.48 -54.13 19.70
CA LEU S 244 13.60 -54.40 21.08
C LEU S 244 14.62 -55.45 20.93
N LEU S 245 15.36 -55.77 21.97
CA LEU S 245 16.29 -56.85 21.84
C LEU S 245 16.06 -57.67 23.06
N ASN S 246 16.15 -58.98 22.96
CA ASN S 246 16.04 -59.75 24.16
C ASN S 246 14.74 -59.46 24.90
N VAL S 247 13.62 -59.37 24.20
CA VAL S 247 12.36 -59.13 24.90
C VAL S 247 12.17 -60.28 25.86
N GLN S 248 11.85 -59.96 27.11
CA GLN S 248 11.71 -60.95 28.18
C GLN S 248 10.54 -61.94 28.26
N ASN S 249 9.30 -61.45 28.20
CA ASN S 249 8.15 -62.33 28.30
C ASN S 249 7.05 -61.68 27.50
N ALA S 250 5.79 -62.07 27.65
CA ALA S 250 4.85 -61.23 26.95
C ALA S 250 4.72 -59.87 27.58
N LYS S 251 4.73 -59.81 28.90
CA LYS S 251 4.13 -58.67 29.57
C LYS S 251 4.74 -57.36 29.13
N ALA S 252 6.06 -57.31 29.01
CA ALA S 252 6.70 -56.05 28.74
C ALA S 252 6.17 -55.56 27.43
N TRP S 253 6.04 -56.46 26.49
CA TRP S 253 5.79 -56.04 25.15
C TRP S 253 4.46 -55.25 25.12
N ASN S 254 3.38 -55.75 25.71
CA ASN S 254 2.13 -55.09 25.68
C ASN S 254 2.49 -53.67 26.04
N ALA S 255 3.49 -53.51 26.90
CA ALA S 255 3.96 -52.19 27.27
C ALA S 255 4.54 -51.51 26.08
N PHE S 256 5.21 -52.24 25.23
CA PHE S 256 6.07 -51.60 24.25
C PHE S 256 5.59 -51.41 22.85
N ASN S 257 4.33 -51.67 22.56
CA ASN S 257 3.86 -51.55 21.18
C ASN S 257 3.32 -50.16 20.90
N LEU S 258 4.01 -49.41 20.06
CA LEU S 258 3.61 -48.04 19.81
C LEU S 258 3.18 -47.81 18.38
N SER S 259 2.74 -48.83 17.70
CA SER S 259 2.46 -48.54 16.31
C SER S 259 3.78 -48.17 15.70
N CYS S 260 4.81 -48.86 16.12
CA CYS S 260 6.14 -48.59 15.67
C CYS S 260 6.52 -49.81 14.95
N LYS S 261 7.10 -49.69 13.80
CA LYS S 261 7.53 -50.90 13.14
C LYS S 261 8.61 -51.40 14.09
N ILE S 262 8.24 -52.20 15.08
CA ILE S 262 9.29 -52.78 15.90
C ILE S 262 9.58 -54.21 15.44
N LEU S 263 10.81 -54.68 15.67
CA LEU S 263 11.15 -56.08 15.44
C LEU S 263 11.87 -56.59 16.68
N LEU S 264 11.28 -57.59 17.33
CA LEU S 264 11.77 -58.03 18.63
C LEU S 264 12.42 -59.40 18.55
N THR S 265 13.65 -59.49 19.05
CA THR S 265 14.36 -60.73 19.06
C THR S 265 14.38 -61.25 20.50
N THR S 266 13.94 -62.48 20.71
CA THR S 266 13.87 -63.03 22.07
C THR S 266 14.31 -64.48 22.17
N ARG S 267 14.91 -64.81 23.30
CA ARG S 267 15.34 -66.18 23.60
C ARG S 267 14.38 -67.23 24.20
N PHE S 268 13.13 -66.90 24.57
CA PHE S 268 12.24 -68.06 24.87
C PHE S 268 10.86 -68.18 24.21
N LYS S 269 10.32 -69.37 24.41
CA LYS S 269 9.24 -69.91 23.60
C LYS S 269 7.89 -69.33 23.96
N GLN S 270 7.79 -68.74 25.14
CA GLN S 270 6.55 -68.09 25.59
C GLN S 270 6.33 -66.82 24.79
N VAL S 271 7.43 -66.15 24.45
CA VAL S 271 7.36 -64.94 23.64
C VAL S 271 6.91 -65.21 22.19
N THR S 272 7.66 -66.11 21.57
CA THR S 272 7.50 -66.44 20.17
C THR S 272 6.32 -67.36 20.19
N ASP S 273 6.07 -67.86 21.39
CA ASP S 273 4.84 -68.52 21.71
C ASP S 273 3.77 -67.46 21.92
N PHE S 274 4.17 -66.20 22.12
CA PHE S 274 3.12 -65.21 22.22
C PHE S 274 2.46 -64.63 20.99
N LEU S 275 3.25 -64.20 20.02
CA LEU S 275 2.70 -63.37 18.96
C LEU S 275 2.38 -64.12 17.70
N SER S 276 1.09 -64.29 17.51
CA SER S 276 0.60 -65.10 16.45
C SER S 276 1.01 -64.49 15.15
N ALA S 277 1.36 -65.33 14.20
CA ALA S 277 1.66 -64.87 12.86
C ALA S 277 0.36 -64.30 12.39
N ALA S 278 0.40 -63.38 11.45
CA ALA S 278 -0.76 -62.64 10.98
C ALA S 278 -0.95 -61.50 11.92
N THR S 279 -0.06 -61.42 12.89
CA THR S 279 0.53 -60.18 13.36
C THR S 279 2.02 -60.12 13.56
N THR S 280 2.80 -61.05 13.04
CA THR S 280 4.23 -60.83 13.13
C THR S 280 4.89 -61.92 12.29
N THR S 281 6.20 -62.03 12.18
CA THR S 281 6.56 -63.19 11.47
C THR S 281 7.76 -63.66 12.20
N HIS S 282 7.97 -64.95 12.30
CA HIS S 282 9.19 -65.38 12.94
C HIS S 282 10.20 -65.89 11.95
N ILE S 283 11.31 -65.20 11.89
CA ILE S 283 12.54 -65.75 11.43
C ILE S 283 12.88 -66.58 12.61
N SER S 284 13.23 -67.85 12.44
CA SER S 284 13.67 -68.63 13.58
C SER S 284 15.14 -68.77 13.38
N LEU S 285 15.89 -68.13 14.24
CA LEU S 285 17.32 -68.07 14.08
C LEU S 285 18.00 -69.39 14.22
N ASP S 286 17.51 -70.23 15.13
CA ASP S 286 18.17 -71.48 15.50
C ASP S 286 17.61 -72.65 14.75
N HIS S 287 16.83 -72.37 13.73
CA HIS S 287 16.17 -73.37 12.95
C HIS S 287 17.15 -73.91 11.93
N HIS S 288 16.56 -74.60 10.98
CA HIS S 288 17.10 -75.55 10.03
C HIS S 288 18.15 -75.08 9.07
N SER S 289 17.94 -73.92 8.50
CA SER S 289 18.82 -73.47 7.44
C SER S 289 19.62 -72.30 7.90
N MET S 290 19.14 -71.65 8.94
CA MET S 290 19.85 -70.53 9.49
C MET S 290 21.15 -71.04 10.05
N THR S 291 21.14 -72.24 10.59
CA THR S 291 22.29 -72.64 11.38
C THR S 291 23.50 -72.24 10.58
N LEU S 292 24.51 -71.69 11.24
CA LEU S 292 25.57 -71.05 10.51
C LEU S 292 26.08 -72.02 9.51
N THR S 293 26.38 -71.51 8.34
CA THR S 293 26.71 -72.26 7.13
C THR S 293 27.94 -73.16 7.32
N PRO S 294 27.80 -74.45 6.95
CA PRO S 294 28.71 -75.56 7.30
C PRO S 294 30.20 -75.22 7.30
N ASP S 295 30.59 -74.26 6.46
CA ASP S 295 31.99 -73.83 6.39
C ASP S 295 32.14 -72.44 6.98
N GLU S 296 31.01 -71.76 7.19
CA GLU S 296 31.04 -70.45 7.79
C GLU S 296 31.13 -70.61 9.31
N VAL S 297 31.08 -71.84 9.80
CA VAL S 297 31.41 -72.03 11.20
C VAL S 297 32.92 -71.85 11.28
N LYS S 298 33.63 -72.40 10.31
CA LYS S 298 35.08 -72.26 10.26
C LYS S 298 35.44 -70.81 9.98
N SER S 299 34.50 -70.12 9.36
CA SER S 299 34.63 -68.69 9.05
C SER S 299 34.68 -67.90 10.32
N LEU S 300 33.68 -68.13 11.15
CA LEU S 300 33.51 -67.34 12.35
C LEU S 300 34.71 -67.65 13.21
N LEU S 301 35.08 -68.92 13.26
CA LEU S 301 36.10 -69.24 14.19
C LEU S 301 37.24 -68.38 13.74
N LEU S 302 37.35 -68.13 12.46
CA LEU S 302 38.50 -67.33 12.13
C LEU S 302 38.61 -65.96 12.80
N LYS S 303 37.56 -65.14 12.66
CA LYS S 303 37.60 -63.75 13.10
C LYS S 303 38.47 -63.59 14.34
N TYR S 304 38.00 -64.17 15.44
CA TYR S 304 38.72 -64.12 16.70
C TYR S 304 40.04 -64.79 16.46
N LEU S 305 39.98 -65.83 15.63
CA LEU S 305 41.16 -66.63 15.40
C LEU S 305 42.28 -65.88 14.73
N ASP S 306 41.95 -65.07 13.74
CA ASP S 306 42.96 -64.36 12.95
C ASP S 306 43.98 -65.20 12.15
N CYS S 307 43.57 -66.29 11.52
CA CYS S 307 44.38 -66.85 10.45
C CYS S 307 43.66 -67.74 9.47
N ARG S 308 44.22 -67.84 8.27
CA ARG S 308 43.89 -68.89 7.31
C ARG S 308 44.33 -70.32 7.57
N PRO S 309 45.55 -70.58 8.03
CA PRO S 309 45.96 -71.96 7.77
C PRO S 309 45.54 -72.87 8.93
N GLN S 310 45.58 -72.35 10.14
CA GLN S 310 45.20 -73.12 11.32
C GLN S 310 43.72 -73.40 11.35
N ASP S 311 42.94 -72.54 10.69
CA ASP S 311 41.49 -72.69 10.64
C ASP S 311 41.11 -74.14 10.34
N LEU S 312 41.91 -74.81 9.52
CA LEU S 312 41.66 -76.20 9.16
C LEU S 312 42.13 -77.14 10.25
N PRO S 313 43.07 -76.67 11.07
CA PRO S 313 43.61 -77.49 12.16
C PRO S 313 42.66 -77.51 13.35
N ARG S 314 41.45 -76.97 13.15
CA ARG S 314 40.44 -76.94 14.20
C ARG S 314 39.15 -77.60 13.76
N GLU S 315 39.27 -78.81 13.21
CA GLU S 315 38.12 -79.56 12.74
C GLU S 315 37.31 -80.13 13.91
N VAL S 316 36.07 -79.68 14.03
CA VAL S 316 35.19 -80.14 15.10
C VAL S 316 33.73 -79.96 14.73
N LEU S 317 32.87 -79.81 15.75
CA LEU S 317 31.44 -79.64 15.53
C LEU S 317 30.87 -78.60 16.49
N THR S 318 30.10 -77.66 15.96
CA THR S 318 29.49 -76.62 16.77
C THR S 318 28.67 -75.71 15.87
N THR S 319 27.56 -75.16 16.39
CA THR S 319 26.71 -74.31 15.56
C THR S 319 26.20 -73.08 16.32
N ASN S 320 26.56 -72.94 17.59
CA ASN S 320 26.08 -71.79 18.36
C ASN S 320 27.11 -70.67 18.35
N PRO S 321 26.78 -69.53 17.75
CA PRO S 321 27.80 -68.48 17.66
C PRO S 321 28.30 -68.09 19.04
N ARG S 322 27.45 -68.16 20.07
CA ARG S 322 27.93 -67.76 21.38
C ARG S 322 28.94 -68.80 21.85
N ARG S 323 28.62 -70.08 21.66
CA ARG S 323 29.52 -71.12 22.12
C ARG S 323 30.78 -71.09 21.27
N LEU S 324 30.57 -70.84 19.98
CA LEU S 324 31.68 -70.83 19.05
C LEU S 324 32.65 -69.74 19.41
N SER S 325 32.11 -68.56 19.72
CA SER S 325 33.01 -67.44 19.94
C SER S 325 33.61 -67.41 21.32
N ILE S 326 32.89 -67.91 22.33
CA ILE S 326 33.52 -68.01 23.64
C ILE S 326 34.69 -68.98 23.54
N ILE S 327 34.46 -70.09 22.82
CA ILE S 327 35.50 -71.08 22.66
C ILE S 327 36.65 -70.56 21.86
N ALA S 328 36.29 -69.91 20.77
CA ALA S 328 37.27 -69.40 19.81
C ALA S 328 38.16 -68.35 20.52
N GLU S 329 37.51 -67.50 21.31
CA GLU S 329 38.20 -66.46 22.03
C GLU S 329 39.16 -67.11 23.00
N SER S 330 38.67 -68.14 23.66
CA SER S 330 39.48 -68.78 24.67
C SER S 330 40.71 -69.42 24.04
N ILE S 331 40.53 -70.08 22.90
CA ILE S 331 41.69 -70.70 22.26
C ILE S 331 42.75 -69.71 21.74
N ARG S 332 42.34 -68.57 21.18
CA ARG S 332 43.33 -67.60 20.70
C ARG S 332 44.14 -67.08 21.88
N ASP S 333 43.43 -66.77 22.95
CA ASP S 333 43.92 -66.30 24.22
C ASP S 333 43.59 -67.24 25.39
N ALA S 336 44.54 -72.75 24.13
CA ALA S 336 44.99 -74.13 23.92
C ALA S 336 43.84 -75.01 23.43
N THR S 337 43.95 -75.57 22.24
CA THR S 337 42.78 -76.09 21.54
C THR S 337 42.00 -77.24 22.16
N TRP S 338 42.70 -78.31 22.50
CA TRP S 338 42.09 -79.46 23.15
C TRP S 338 41.60 -79.17 24.54
N ASP S 339 42.46 -78.57 25.35
CA ASP S 339 42.12 -78.54 26.75
C ASP S 339 40.88 -77.73 26.92
N ASN S 340 40.99 -76.55 26.30
CA ASN S 340 40.04 -75.46 26.38
C ASN S 340 38.65 -75.76 25.79
N TRP S 341 38.59 -76.48 24.65
CA TRP S 341 37.33 -76.72 23.95
C TRP S 341 36.40 -77.33 24.98
N LYS S 342 36.98 -78.06 25.93
CA LYS S 342 36.19 -78.67 27.01
C LYS S 342 36.40 -78.10 28.43
N HIS S 343 37.53 -78.46 29.04
CA HIS S 343 37.79 -78.27 30.45
C HIS S 343 38.06 -76.79 30.55
N VAL S 344 38.30 -76.21 29.37
CA VAL S 344 38.44 -74.79 29.23
C VAL S 344 37.05 -74.22 29.43
N ASN S 345 36.94 -73.12 30.16
CA ASN S 345 35.65 -72.50 30.36
C ASN S 345 34.81 -73.26 31.36
N CYS S 346 35.43 -74.21 32.05
CA CYS S 346 34.80 -74.77 33.19
C CYS S 346 34.06 -73.68 33.90
N ASP S 347 34.63 -72.50 33.66
CA ASP S 347 34.36 -71.31 34.44
C ASP S 347 33.59 -70.27 33.64
N LYS S 348 33.30 -70.48 32.34
CA LYS S 348 32.52 -69.47 31.65
C LYS S 348 31.26 -69.98 30.96
N LEU S 349 31.39 -70.95 30.05
CA LEU S 349 30.26 -71.42 29.27
C LEU S 349 29.22 -72.07 30.18
N THR S 350 29.70 -72.59 31.30
CA THR S 350 28.86 -73.20 32.28
C THR S 350 27.98 -72.12 32.88
N THR S 351 28.57 -70.96 33.22
CA THR S 351 27.78 -69.90 33.84
C THR S 351 26.73 -69.38 32.87
N ILE S 352 27.08 -69.31 31.59
CA ILE S 352 26.17 -68.83 30.56
C ILE S 352 24.93 -69.70 30.47
N ILE S 353 25.13 -71.02 30.53
CA ILE S 353 24.02 -71.97 30.45
C ILE S 353 23.49 -72.30 31.84
N GLU S 354 23.70 -71.39 32.79
CA GLU S 354 23.25 -71.60 34.15
C GLU S 354 22.44 -70.41 34.65
N SER S 355 22.89 -69.20 34.29
CA SER S 355 22.20 -67.98 34.70
C SER S 355 20.73 -68.01 34.31
N SER S 356 20.35 -69.03 33.55
CA SER S 356 18.97 -69.17 33.10
C SER S 356 18.18 -70.05 34.06
N LEU S 357 18.86 -70.59 35.07
CA LEU S 357 18.21 -71.45 36.06
C LEU S 357 17.52 -70.62 37.13
N ASN S 358 18.00 -69.43 37.40
CA ASN S 358 17.29 -68.67 38.39
C ASN S 358 15.86 -68.40 37.95
N VAL S 359 15.66 -68.20 36.65
CA VAL S 359 14.38 -67.66 36.17
C VAL S 359 13.17 -68.53 36.44
N LEU S 360 13.32 -69.84 36.26
CA LEU S 360 12.27 -70.81 36.58
C LEU S 360 12.35 -71.23 38.04
N GLU S 361 11.24 -71.09 38.77
CA GLU S 361 11.24 -71.40 40.20
C GLU S 361 12.14 -72.59 40.55
N PRO S 362 12.96 -72.43 41.58
CA PRO S 362 13.81 -73.49 42.03
C PRO S 362 13.17 -74.67 42.70
N ALA S 363 12.12 -74.44 43.48
CA ALA S 363 11.48 -75.51 44.24
C ALA S 363 10.96 -76.64 43.36
N GLU S 364 10.45 -76.30 42.18
CA GLU S 364 9.87 -77.29 41.28
C GLU S 364 10.56 -77.33 39.92
N TYR S 365 10.97 -76.16 39.42
CA TYR S 365 11.58 -76.09 38.10
C TYR S 365 13.05 -76.53 38.11
N ARG S 366 13.91 -75.70 38.66
CA ARG S 366 15.34 -75.96 38.69
C ARG S 366 15.67 -77.42 39.02
N LYS S 367 15.18 -77.89 40.17
CA LYS S 367 15.48 -79.23 40.64
C LYS S 367 15.14 -80.38 39.68
N MET S 368 13.93 -80.35 39.15
CA MET S 368 13.52 -81.42 38.28
C MET S 368 14.59 -81.50 37.24
N PHE S 369 14.67 -80.47 36.43
CA PHE S 369 15.55 -80.53 35.27
C PHE S 369 16.86 -81.20 35.66
N ASP S 370 17.32 -80.94 36.88
CA ASP S 370 18.63 -81.38 37.33
C ASP S 370 18.69 -82.90 37.22
N ARG S 371 17.52 -83.49 37.36
CA ARG S 371 17.35 -84.93 37.35
C ARG S 371 17.68 -85.52 35.98
N LEU S 372 17.54 -84.74 34.94
CA LEU S 372 17.71 -85.27 33.60
C LEU S 372 19.15 -85.78 33.45
N SER S 373 19.97 -85.45 34.42
CA SER S 373 21.35 -85.77 34.31
C SER S 373 21.42 -87.29 34.14
N VAL S 374 20.41 -88.00 34.61
CA VAL S 374 20.35 -89.45 34.54
C VAL S 374 20.39 -90.00 33.11
N PHE S 375 19.68 -89.34 32.22
CA PHE S 375 19.50 -89.80 30.84
C PHE S 375 20.58 -89.42 29.83
N PRO S 376 20.61 -90.15 28.73
CA PRO S 376 21.73 -90.09 27.79
C PRO S 376 21.84 -88.66 27.31
N PRO S 377 23.13 -88.21 27.05
CA PRO S 377 23.24 -86.75 27.06
C PRO S 377 22.34 -86.06 26.05
N SER S 378 22.19 -86.64 24.88
CA SER S 378 21.31 -86.03 23.89
C SER S 378 20.35 -87.12 23.50
N ALA S 379 19.46 -87.35 24.45
CA ALA S 379 18.54 -88.47 24.42
C ALA S 379 17.13 -88.02 24.80
N HIS S 380 16.23 -89.00 24.83
CA HIS S 380 14.81 -88.71 25.04
C HIS S 380 14.33 -89.23 26.38
N ILE S 381 13.08 -88.96 26.70
CA ILE S 381 12.52 -89.45 27.95
C ILE S 381 10.99 -89.57 27.96
N PRO S 382 10.50 -90.81 28.07
CA PRO S 382 9.09 -91.17 28.12
C PRO S 382 8.39 -90.52 29.29
N THR S 383 7.07 -90.35 29.18
CA THR S 383 6.40 -89.65 30.26
C THR S 383 6.49 -90.39 31.59
N ILE S 384 6.32 -91.71 31.53
CA ILE S 384 6.33 -92.54 32.72
C ILE S 384 7.64 -92.46 33.53
N LEU S 385 8.76 -92.43 32.81
CA LEU S 385 10.09 -92.33 33.43
C LEU S 385 10.36 -91.00 34.13
N LEU S 386 9.92 -89.90 33.52
CA LEU S 386 10.15 -88.57 34.07
C LEU S 386 9.39 -88.39 35.36
N SER S 387 8.27 -89.08 35.51
CA SER S 387 7.44 -88.84 36.67
C SER S 387 8.20 -89.20 37.93
N LEU S 388 8.82 -90.38 37.92
CA LEU S 388 9.43 -90.89 39.12
C LEU S 388 10.52 -89.96 39.60
N ILE S 389 11.20 -89.33 38.66
CA ILE S 389 12.42 -88.60 38.96
C ILE S 389 12.24 -87.41 39.91
N SER S 396 -1.33 -85.65 36.48
CA SER S 396 -1.06 -84.71 35.39
C SER S 396 0.02 -83.71 35.79
N ASP S 397 0.38 -83.70 37.08
CA ASP S 397 1.35 -82.73 37.56
C ASP S 397 2.68 -82.73 36.82
N VAL S 398 3.27 -83.91 36.56
CA VAL S 398 4.55 -83.91 35.86
C VAL S 398 4.44 -83.36 34.45
N MET S 399 3.32 -83.64 33.80
CA MET S 399 3.07 -83.19 32.44
C MET S 399 3.01 -81.68 32.37
N VAL S 400 2.37 -81.05 33.36
CA VAL S 400 2.29 -79.61 33.37
C VAL S 400 3.63 -79.03 33.79
N VAL S 401 4.26 -79.60 34.82
CA VAL S 401 5.49 -79.00 35.32
C VAL S 401 6.55 -79.04 34.22
N VAL S 402 6.63 -80.13 33.46
CA VAL S 402 7.59 -80.12 32.36
C VAL S 402 7.12 -79.10 31.33
N ASN S 403 5.80 -78.98 31.16
CA ASN S 403 5.28 -78.16 30.06
C ASN S 403 5.75 -76.72 30.25
N LYS S 404 5.70 -76.30 31.51
CA LYS S 404 6.25 -75.02 31.89
C LYS S 404 7.72 -75.02 31.60
N LEU S 405 8.38 -76.11 31.95
CA LEU S 405 9.78 -76.16 31.71
C LEU S 405 10.00 -76.13 30.21
N HIS S 406 8.96 -76.56 29.49
CA HIS S 406 9.16 -76.78 28.08
C HIS S 406 9.66 -75.51 27.55
N LYS S 407 9.04 -74.43 28.02
CA LYS S 407 9.32 -73.09 27.57
C LYS S 407 10.62 -72.52 28.11
N TYR S 408 10.85 -72.55 29.42
CA TYR S 408 12.04 -71.83 29.88
C TYR S 408 13.40 -72.48 29.57
N SER S 409 13.56 -73.76 29.89
CA SER S 409 14.85 -74.43 29.70
C SER S 409 14.81 -75.48 28.62
N LEU S 410 15.91 -76.22 28.45
CA LEU S 410 16.03 -77.01 27.24
C LEU S 410 14.84 -77.95 26.95
N VAL S 411 14.55 -78.94 27.78
CA VAL S 411 13.21 -79.42 28.17
C VAL S 411 12.24 -79.76 27.03
N GLU S 412 12.71 -80.23 25.89
CA GLU S 412 11.95 -79.90 24.70
C GLU S 412 10.87 -80.90 24.53
N LYS S 413 9.67 -80.51 24.92
CA LYS S 413 8.55 -81.42 24.86
C LYS S 413 8.32 -81.74 23.41
N GLN S 414 7.70 -82.87 23.16
CA GLN S 414 7.49 -83.31 21.80
C GLN S 414 6.31 -84.21 21.64
N PRO S 415 5.98 -84.53 20.39
CA PRO S 415 4.82 -85.38 20.10
C PRO S 415 4.58 -86.83 20.53
N SER S 418 4.31 -89.64 23.53
CA SER S 418 4.44 -88.33 24.15
C SER S 418 5.79 -88.18 24.83
N THR S 419 6.80 -88.84 24.27
CA THR S 419 8.15 -88.77 24.83
C THR S 419 8.70 -87.36 24.79
N ILE S 420 9.90 -87.17 25.34
CA ILE S 420 10.49 -85.87 25.47
C ILE S 420 11.92 -85.99 25.03
N SER S 421 12.47 -84.92 24.46
CA SER S 421 13.87 -84.91 24.05
C SER S 421 14.43 -83.59 24.54
N ILE S 422 15.31 -83.66 25.52
CA ILE S 422 15.96 -82.45 26.03
C ILE S 422 17.09 -81.86 25.20
N PRO S 423 17.33 -80.58 25.36
CA PRO S 423 18.30 -79.87 24.53
C PRO S 423 19.63 -79.78 25.23
N SER S 424 20.65 -80.28 24.56
CA SER S 424 21.90 -80.66 25.16
C SER S 424 22.64 -79.55 25.84
N ILE S 425 22.67 -78.39 25.22
CA ILE S 425 23.72 -77.41 25.45
C ILE S 425 23.76 -77.02 26.92
N TYR S 426 22.59 -76.93 27.53
CA TYR S 426 22.43 -76.94 28.98
C TYR S 426 21.97 -78.30 29.48
N LEU S 427 21.69 -79.20 28.55
CA LEU S 427 21.24 -80.55 28.90
C LEU S 427 22.39 -81.40 29.42
N GLU S 428 23.42 -81.57 28.60
CA GLU S 428 24.59 -82.36 28.98
C GLU S 428 25.53 -81.69 29.97
N LEU S 429 25.92 -80.45 29.66
CA LEU S 429 27.00 -79.78 30.37
C LEU S 429 26.60 -79.18 31.72
N LYS S 430 25.63 -78.26 31.69
CA LYS S 430 25.33 -77.50 32.90
C LYS S 430 25.23 -78.40 34.11
N VAL S 431 24.37 -79.40 33.93
CA VAL S 431 23.97 -80.32 34.96
C VAL S 431 25.07 -81.26 35.45
N LYS S 432 25.87 -81.78 34.53
CA LYS S 432 26.88 -82.78 34.86
C LYS S 432 27.82 -82.30 35.95
N LEU S 433 28.26 -81.05 35.84
CA LEU S 433 29.18 -80.47 36.79
C LEU S 433 28.56 -80.32 38.16
N GLU S 434 27.33 -79.81 38.22
CA GLU S 434 26.73 -79.58 39.52
C GLU S 434 25.74 -80.67 39.85
N ASN S 435 26.06 -81.48 40.85
CA ASN S 435 25.13 -82.52 41.21
C ASN S 435 25.41 -82.87 42.67
N GLU S 436 24.48 -83.56 43.32
CA GLU S 436 24.64 -83.92 44.72
C GLU S 436 24.30 -85.39 44.66
N TYR S 437 24.43 -86.14 45.75
CA TYR S 437 24.22 -87.56 45.50
C TYR S 437 22.74 -87.84 45.73
N ALA S 438 21.95 -87.25 44.84
CA ALA S 438 20.56 -87.58 44.62
C ALA S 438 20.54 -88.82 43.75
N LEU S 439 21.63 -88.99 43.01
CA LEU S 439 21.77 -90.03 42.01
C LEU S 439 21.36 -91.41 42.50
N HIS S 440 21.77 -91.77 43.72
CA HIS S 440 21.48 -93.14 44.16
C HIS S 440 19.98 -93.39 44.02
N ARG S 441 19.19 -92.42 44.48
CA ARG S 441 17.75 -92.58 44.44
C ARG S 441 17.27 -92.66 42.98
N SER S 442 17.82 -91.81 42.12
CA SER S 442 17.37 -91.77 40.73
C SER S 442 17.68 -93.09 40.00
N ILE S 443 18.91 -93.55 40.18
CA ILE S 443 19.38 -94.75 39.51
C ILE S 443 18.58 -95.94 40.03
N VAL S 444 18.32 -95.95 41.34
CA VAL S 444 17.59 -97.08 41.94
C VAL S 444 16.20 -97.02 41.32
N ASP S 445 15.71 -95.81 41.07
CA ASP S 445 14.38 -95.64 40.51
C ASP S 445 14.39 -96.34 39.16
N HIS S 446 15.50 -96.17 38.43
CA HIS S 446 15.63 -96.79 37.11
C HIS S 446 15.57 -98.29 37.34
N TYR S 447 16.18 -98.81 38.40
CA TYR S 447 16.05 -100.25 38.58
C TYR S 447 14.60 -100.61 38.75
N ASN S 448 13.88 -99.81 39.53
CA ASN S 448 12.49 -100.11 39.82
C ASN S 448 11.58 -100.12 38.60
N ILE S 449 11.78 -99.19 37.69
CA ILE S 449 10.86 -99.12 36.54
C ILE S 449 10.89 -100.39 35.65
N PRO S 450 12.07 -100.88 35.20
CA PRO S 450 11.88 -102.16 34.50
C PRO S 450 11.42 -103.28 35.42
N LYS S 451 11.64 -103.13 36.71
CA LYS S 451 11.17 -104.15 37.63
C LYS S 451 9.65 -104.17 37.49
N THR S 452 9.04 -102.99 37.48
CA THR S 452 7.59 -102.90 37.39
C THR S 452 7.14 -103.47 36.03
N PHE S 453 7.81 -103.05 34.97
CA PHE S 453 7.49 -103.55 33.63
C PHE S 453 7.80 -105.04 33.62
N ASP S 454 6.81 -105.88 33.36
CA ASP S 454 7.07 -107.30 33.33
C ASP S 454 5.95 -108.04 32.61
N SER S 455 6.32 -108.93 31.72
CA SER S 455 5.35 -109.78 31.05
C SER S 455 5.67 -111.19 31.47
N ASP S 456 4.74 -112.12 31.29
CA ASP S 456 4.95 -113.49 31.74
C ASP S 456 6.21 -114.03 31.06
N ASP S 457 6.26 -113.89 29.74
CA ASP S 457 7.42 -114.36 29.00
C ASP S 457 8.49 -113.27 28.87
N LEU S 458 9.47 -113.57 28.03
CA LEU S 458 10.70 -112.78 27.88
C LEU S 458 10.55 -111.46 27.12
N ILE S 459 9.34 -111.15 26.66
CA ILE S 459 9.09 -109.91 25.92
C ILE S 459 8.65 -108.79 26.86
N PRO S 460 9.42 -107.62 26.82
CA PRO S 460 8.94 -106.58 27.74
C PRO S 460 8.15 -105.51 27.00
N PRO S 461 7.57 -104.56 27.73
CA PRO S 461 6.80 -103.50 27.09
C PRO S 461 7.63 -102.23 26.89
N TYR S 462 8.47 -102.24 25.87
CA TYR S 462 9.50 -101.23 25.71
C TYR S 462 9.04 -100.03 24.91
N LEU S 463 9.03 -98.86 25.55
CA LEU S 463 8.77 -97.63 24.83
C LEU S 463 9.95 -97.54 23.87
N ASP S 464 9.64 -97.12 22.66
CA ASP S 464 10.29 -97.58 21.44
C ASP S 464 11.77 -97.34 21.37
N GLN S 465 12.21 -96.16 21.76
CA GLN S 465 13.63 -95.85 21.65
C GLN S 465 14.31 -95.82 23.01
N TYR S 466 13.71 -95.08 23.93
CA TYR S 466 14.42 -94.85 25.18
C TYR S 466 14.86 -96.10 25.84
N PHE S 467 13.91 -96.98 26.05
CA PHE S 467 14.19 -98.17 26.82
C PHE S 467 15.30 -98.95 26.19
N TYR S 468 15.24 -99.14 24.88
CA TYR S 468 16.21 -99.98 24.21
C TYR S 468 17.63 -99.46 24.41
N SER S 469 17.85 -98.18 24.16
CA SER S 469 19.19 -97.59 24.31
C SER S 469 19.66 -97.45 25.76
N HIS S 470 18.83 -96.74 26.52
CA HIS S 470 19.10 -96.27 27.87
C HIS S 470 19.18 -97.38 28.93
N ILE S 471 18.34 -98.41 28.75
CA ILE S 471 18.13 -99.39 29.83
C ILE S 471 19.47 -99.95 30.22
N GLY S 472 20.29 -100.31 29.25
CA GLY S 472 21.56 -100.93 29.54
C GLY S 472 22.44 -99.98 30.32
N HIS S 473 22.43 -98.70 29.97
CA HIS S 473 23.29 -97.73 30.63
C HIS S 473 22.95 -97.63 32.11
N HIS S 474 21.65 -97.50 32.36
CA HIS S 474 21.17 -97.34 33.73
C HIS S 474 21.47 -98.60 34.50
N LEU S 475 21.30 -99.73 33.82
CA LEU S 475 21.52 -101.04 34.40
C LEU S 475 22.96 -101.19 34.80
N LYS S 476 23.85 -100.73 33.93
CA LYS S 476 25.28 -100.85 34.16
C LYS S 476 25.58 -100.11 35.44
N ASN S 477 24.97 -98.93 35.57
CA ASN S 477 25.23 -98.17 36.79
C ASN S 477 24.68 -98.89 38.02
N ILE S 478 23.47 -99.46 37.94
CA ILE S 478 22.86 -100.03 39.15
C ILE S 478 23.58 -101.29 39.70
N GLU S 479 23.79 -102.30 38.85
CA GLU S 479 24.38 -103.61 39.19
C GLU S 479 24.44 -104.62 38.02
N HIS S 480 25.15 -105.72 38.26
CA HIS S 480 25.29 -106.84 37.30
C HIS S 480 24.03 -107.72 37.06
N PRO S 481 23.37 -108.23 38.14
CA PRO S 481 22.33 -109.25 37.90
C PRO S 481 21.28 -108.82 36.88
N GLU S 482 20.81 -107.59 36.96
CA GLU S 482 19.79 -107.12 36.05
C GLU S 482 20.40 -107.11 34.67
N ARG S 483 21.66 -106.67 34.61
CA ARG S 483 22.35 -106.49 33.36
C ARG S 483 22.31 -107.82 32.63
N MET S 484 22.56 -108.87 33.41
CA MET S 484 22.65 -110.20 32.88
C MET S 484 21.36 -110.61 32.17
N THR S 485 20.23 -110.43 32.84
CA THR S 485 18.95 -110.83 32.25
C THR S 485 18.45 -109.92 31.12
N LEU S 486 18.49 -108.60 31.33
CA LEU S 486 17.94 -107.63 30.36
C LEU S 486 18.70 -107.59 29.06
N PHE S 487 20.03 -107.56 29.16
CA PHE S 487 20.86 -107.47 27.96
C PHE S 487 20.55 -108.66 27.13
N ARG S 488 20.16 -109.75 27.78
CA ARG S 488 19.64 -110.87 27.03
C ARG S 488 20.81 -111.40 26.24
N MET S 489 21.96 -111.34 26.90
CA MET S 489 23.11 -112.07 26.47
C MET S 489 22.71 -113.47 26.90
N VAL S 490 22.08 -113.51 28.07
CA VAL S 490 21.46 -114.71 28.62
C VAL S 490 20.29 -115.07 27.69
N PHE S 491 19.46 -114.07 27.39
CA PHE S 491 18.20 -114.33 26.68
C PHE S 491 18.18 -113.97 25.20
N LEU S 492 17.58 -114.87 24.45
CA LEU S 492 17.72 -114.91 23.01
C LEU S 492 16.66 -113.95 22.50
N ASP S 493 15.69 -113.65 23.37
CA ASP S 493 14.61 -112.72 23.05
C ASP S 493 15.07 -111.30 22.68
N PHE S 494 16.10 -110.72 23.29
CA PHE S 494 16.44 -109.35 22.88
C PHE S 494 17.27 -109.33 21.66
N ARG S 495 17.82 -110.48 21.31
CA ARG S 495 18.37 -110.59 20.00
C ARG S 495 17.24 -110.21 19.05
N PHE S 496 16.15 -110.94 19.21
CA PHE S 496 14.90 -110.66 18.52
C PHE S 496 14.47 -109.20 18.62
N LEU S 497 14.06 -108.76 19.80
CA LEU S 497 13.30 -107.53 19.83
C LEU S 497 14.18 -106.35 19.52
N GLU S 498 15.37 -106.29 20.15
CA GLU S 498 16.19 -105.12 19.94
C GLU S 498 16.50 -105.02 18.45
N GLN S 499 16.88 -106.15 17.87
CA GLN S 499 17.29 -106.14 16.48
C GLN S 499 16.12 -105.74 15.56
N LYS S 500 14.96 -106.39 15.64
CA LYS S 500 13.96 -106.00 14.65
C LYS S 500 13.33 -104.62 14.92
N ILE S 501 13.06 -104.22 16.17
CA ILE S 501 12.45 -102.88 16.31
C ILE S 501 13.48 -101.84 15.86
N ARG S 502 14.75 -101.99 16.21
CA ARG S 502 15.65 -100.93 15.74
C ARG S 502 16.14 -101.21 14.33
N HIS S 503 15.15 -101.50 13.49
CA HIS S 503 15.24 -101.57 12.04
C HIS S 503 14.82 -100.26 11.41
N ASN S 516 20.90 -99.39 13.88
CA ASN S 516 20.63 -100.79 13.58
C ASN S 516 21.42 -101.71 14.49
N THR S 517 22.06 -102.71 13.89
CA THR S 517 22.87 -103.67 14.63
C THR S 517 24.01 -102.93 15.33
N LEU S 518 24.45 -101.83 14.71
CA LEU S 518 25.61 -101.09 15.15
C LEU S 518 25.52 -100.67 16.62
N GLN S 519 24.36 -100.12 16.98
CA GLN S 519 24.12 -99.66 18.34
C GLN S 519 24.03 -100.83 19.29
N GLN S 520 23.41 -101.90 18.83
CA GLN S 520 23.18 -103.09 19.63
C GLN S 520 24.60 -103.55 20.05
N LEU S 521 25.50 -103.61 19.06
CA LEU S 521 26.88 -104.03 19.28
C LEU S 521 27.52 -103.07 20.26
N LYS S 522 27.15 -101.80 20.13
CA LYS S 522 27.69 -100.77 20.99
C LYS S 522 27.28 -101.10 22.41
N PHE S 523 26.04 -101.55 22.62
CA PHE S 523 25.62 -101.81 23.98
C PHE S 523 26.46 -102.94 24.51
N TYR S 524 26.59 -103.99 23.71
CA TYR S 524 27.28 -105.15 24.25
C TYR S 524 28.72 -104.85 24.66
N LYS S 525 29.50 -104.13 23.84
CA LYS S 525 30.91 -103.99 24.20
C LYS S 525 31.26 -103.20 25.52
N PRO S 526 30.82 -101.93 25.69
CA PRO S 526 31.24 -101.34 26.98
C PRO S 526 30.54 -101.88 28.23
N TYR S 527 29.32 -102.38 28.07
CA TYR S 527 28.51 -102.83 29.21
C TYR S 527 29.00 -104.11 29.87
N ILE S 528 29.74 -104.97 29.15
CA ILE S 528 30.03 -106.31 29.68
C ILE S 528 30.71 -106.24 31.04
N CYS S 529 31.46 -105.18 31.30
CA CYS S 529 32.33 -105.08 32.48
C CYS S 529 31.55 -105.32 33.78
N ASP S 530 30.27 -104.98 33.78
CA ASP S 530 29.48 -105.13 34.99
C ASP S 530 29.46 -106.60 35.41
N ASP S 532 28.79 -112.40 36.10
CA ASP S 532 30.18 -112.66 36.45
C ASP S 532 30.97 -112.96 35.16
N PRO S 533 32.24 -113.39 35.26
CA PRO S 533 32.97 -113.71 34.01
C PRO S 533 32.45 -114.90 33.17
N LYS S 534 31.97 -115.98 33.79
CA LYS S 534 31.58 -117.17 33.03
C LYS S 534 30.47 -116.81 32.02
N TYR S 535 29.49 -116.09 32.55
CA TYR S 535 28.39 -115.64 31.73
C TYR S 535 29.01 -114.65 30.75
N GLU S 536 30.02 -113.91 31.19
CA GLU S 536 30.64 -112.87 30.36
C GLU S 536 31.18 -113.43 29.05
N ARG S 537 31.97 -114.49 29.14
CA ARG S 537 32.61 -115.07 27.97
C ARG S 537 31.45 -115.46 27.10
N LEU S 538 30.42 -115.97 27.78
CA LEU S 538 29.26 -116.43 27.04
C LEU S 538 28.64 -115.24 26.25
N VAL S 539 28.46 -114.09 26.89
CA VAL S 539 27.83 -112.95 26.21
C VAL S 539 28.65 -112.52 25.02
N ASN S 540 29.97 -112.57 25.13
CA ASN S 540 30.72 -112.13 23.96
C ASN S 540 30.48 -113.14 22.84
N ALA S 541 30.33 -114.40 23.25
CA ALA S 541 30.11 -115.49 22.31
C ALA S 541 28.82 -115.24 21.51
N ILE S 542 27.76 -114.85 22.23
CA ILE S 542 26.44 -114.58 21.65
C ILE S 542 26.58 -113.37 20.73
N LEU S 543 27.42 -112.44 21.19
CA LEU S 543 27.62 -111.16 20.53
C LEU S 543 28.20 -111.36 19.15
N ASP S 544 29.19 -112.23 18.99
CA ASP S 544 29.76 -112.39 17.66
C ASP S 544 28.69 -112.97 16.75
N PHE S 545 27.86 -113.84 17.29
CA PHE S 545 26.82 -114.49 16.51
C PHE S 545 25.79 -113.51 15.98
N LEU S 546 25.49 -112.53 16.81
CA LEU S 546 24.46 -111.56 16.50
C LEU S 546 24.69 -110.67 15.23
N PRO S 547 25.83 -109.95 15.09
CA PRO S 547 25.97 -109.31 13.78
C PRO S 547 26.18 -110.30 12.64
N LYS S 548 26.56 -111.52 12.98
CA LYS S 548 26.85 -112.55 11.99
C LYS S 548 25.61 -112.84 11.16
N ILE S 549 24.46 -112.94 11.81
CA ILE S 549 23.21 -113.22 11.11
C ILE S 549 22.16 -112.16 11.42
N SER S 556 11.28 -112.90 10.22
CA SER S 556 11.30 -114.32 10.57
C SER S 556 10.36 -114.87 11.74
N LYS S 557 9.21 -115.57 11.48
CA LYS S 557 8.18 -116.26 12.45
C LYS S 557 9.05 -116.89 13.53
N TYR S 558 8.59 -116.78 14.76
CA TYR S 558 9.26 -116.74 15.99
C TYR S 558 10.59 -117.65 16.05
N THR S 559 10.38 -118.73 15.41
CA THR S 559 11.31 -119.82 15.11
C THR S 559 12.80 -119.64 14.67
N ASP S 560 13.07 -118.81 13.70
CA ASP S 560 14.37 -118.76 13.08
C ASP S 560 15.39 -118.44 14.17
N LEU S 561 15.02 -117.55 15.09
CA LEU S 561 15.92 -117.10 16.12
C LEU S 561 16.42 -118.30 16.94
N LEU S 562 15.48 -119.18 17.33
CA LEU S 562 15.83 -120.29 18.20
C LEU S 562 16.70 -121.29 17.41
N ARG S 563 16.37 -121.45 16.12
CA ARG S 563 17.17 -122.40 15.35
C ARG S 563 18.59 -121.93 15.10
N ILE S 564 18.78 -120.64 14.85
CA ILE S 564 20.15 -120.17 14.66
C ILE S 564 20.84 -120.28 16.02
N ALA S 565 20.07 -120.10 17.10
CA ALA S 565 20.63 -120.18 18.46
C ALA S 565 21.25 -121.57 18.62
N LEU S 566 20.63 -122.55 17.96
CA LEU S 566 21.02 -123.96 18.12
C LEU S 566 22.46 -124.29 17.73
N MET S 567 23.07 -123.48 16.86
CA MET S 567 24.39 -123.84 16.31
C MET S 567 25.47 -124.08 17.36
N ALA S 568 25.63 -123.20 18.34
CA ALA S 568 26.71 -123.46 19.29
C ALA S 568 26.10 -123.85 20.63
N GLU S 569 26.51 -125.05 21.07
CA GLU S 569 25.97 -125.70 22.27
C GLU S 569 26.36 -124.99 23.58
N ASP S 570 27.55 -124.37 23.57
CA ASP S 570 28.12 -123.78 24.78
C ASP S 570 27.38 -122.59 25.39
N GLU S 571 26.41 -122.02 24.68
CA GLU S 571 25.90 -120.72 25.12
C GLU S 571 24.49 -120.69 25.74
N ALA S 572 24.29 -119.67 26.58
CA ALA S 572 23.05 -119.39 27.30
C ALA S 572 21.97 -118.98 26.33
N ILE S 573 22.37 -118.30 25.25
CA ILE S 573 21.41 -117.89 24.23
C ILE S 573 20.66 -119.13 23.80
N PHE S 574 21.34 -120.25 23.57
CA PHE S 574 20.59 -121.42 23.16
C PHE S 574 19.59 -121.90 24.23
N GLU S 575 20.01 -121.90 25.50
CA GLU S 575 19.15 -122.38 26.57
C GLU S 575 17.90 -121.53 26.68
N GLU S 576 18.12 -120.23 26.54
CA GLU S 576 17.03 -119.28 26.59
C GLU S 576 16.14 -119.51 25.40
N ALA S 577 16.76 -119.79 24.27
CA ALA S 577 16.06 -119.99 23.02
C ALA S 577 15.10 -121.13 23.22
N HIS S 578 15.59 -122.16 23.91
CA HIS S 578 14.79 -123.32 24.16
C HIS S 578 13.63 -122.91 25.07
N LYS S 579 13.91 -122.05 26.05
CA LYS S 579 12.82 -121.67 26.96
C LYS S 579 11.72 -120.93 26.20
N GLN S 580 12.13 -119.93 25.41
CA GLN S 580 11.19 -119.10 24.67
C GLN S 580 10.41 -119.89 23.60
N VAL S 581 10.97 -120.97 23.04
CA VAL S 581 10.12 -121.84 22.20
C VAL S 581 9.15 -122.59 23.10
N GLN S 582 9.63 -123.02 24.27
CA GLN S 582 8.76 -123.70 25.23
C GLN S 582 7.51 -122.86 25.53
N ARG S 583 7.70 -121.57 25.78
CA ARG S 583 6.56 -120.65 25.86
C ARG S 583 6.51 -119.74 24.64
N UNK S 584 26.25 -113.31 5.09
CA UNK S 584 27.32 -112.43 4.65
C UNK S 584 27.81 -111.63 5.86
N UNK S 585 29.11 -111.41 5.92
CA UNK S 585 29.71 -110.67 7.01
C UNK S 585 29.02 -109.33 7.25
N UNK S 586 28.53 -108.68 6.20
CA UNK S 586 27.87 -107.39 6.36
C UNK S 586 26.79 -107.11 5.32
N UNK S 587 25.71 -106.46 5.76
CA UNK S 587 24.61 -106.11 4.88
C UNK S 587 24.13 -104.68 5.13
N UNK S 588 24.26 -103.85 4.10
CA UNK S 588 23.92 -102.44 4.15
C UNK S 588 22.66 -102.07 3.39
N UNK S 589 21.81 -101.26 4.02
CA UNK S 589 20.56 -100.83 3.40
C UNK S 589 20.46 -99.29 3.44
N UNK S 590 21.07 -98.59 2.45
CA UNK S 590 21.06 -97.14 2.37
C UNK S 590 20.27 -96.50 1.21
N UNK S 591 19.62 -97.32 0.40
CA UNK S 591 18.86 -96.78 -0.72
C UNK S 591 17.38 -97.06 -0.51
N UNK S 592 16.54 -96.31 -1.22
CA UNK S 592 15.11 -96.51 -1.08
C UNK S 592 14.61 -97.15 -2.34
N UNK S 593 15.82 -99.26 -4.94
CA UNK S 593 16.85 -100.20 -5.33
C UNK S 593 18.25 -99.58 -5.33
N UNK S 594 19.24 -100.37 -4.93
CA UNK S 594 20.63 -99.94 -4.90
C UNK S 594 21.23 -100.44 -6.19
N UNK S 595 21.80 -99.56 -6.99
CA UNK S 595 22.37 -100.04 -8.24
C UNK S 595 23.84 -100.39 -8.17
N UNK S 596 24.61 -99.60 -7.44
CA UNK S 596 26.04 -99.83 -7.32
C UNK S 596 26.51 -99.38 -5.94
N UNK S 597 27.62 -99.93 -5.49
CA UNK S 597 28.20 -99.60 -4.19
C UNK S 597 29.67 -99.98 -4.28
N UNK S 598 30.53 -99.34 -3.48
CA UNK S 598 31.94 -99.65 -3.52
C UNK S 598 32.70 -99.17 -2.27
N UNK S 599 33.91 -99.70 -2.08
CA UNK S 599 34.75 -99.37 -0.93
C UNK S 599 35.63 -98.16 -1.18
N UNK S 600 36.02 -97.49 -0.10
CA UNK S 600 36.93 -96.36 -0.21
C UNK S 600 38.27 -97.01 -0.45
N UNK S 601 39.26 -96.25 -0.93
CA UNK S 601 40.56 -96.83 -1.21
C UNK S 601 41.20 -97.53 -0.01
N UNK S 602 40.89 -97.08 1.21
CA UNK S 602 41.45 -97.73 2.38
C UNK S 602 40.47 -98.76 2.94
N UNK S 603 39.36 -98.95 2.23
CA UNK S 603 38.36 -99.92 2.67
C UNK S 603 37.56 -99.54 3.91
N UNK S 604 37.87 -98.40 4.52
CA UNK S 604 37.17 -97.94 5.72
C UNK S 604 35.73 -97.48 5.51
N UNK S 605 35.44 -96.99 4.31
CA UNK S 605 34.11 -96.49 3.99
C UNK S 605 33.50 -97.17 2.76
N UNK S 606 32.20 -96.95 2.57
CA UNK S 606 31.46 -97.49 1.44
C UNK S 606 30.50 -96.45 0.92
N UNK S 607 30.45 -96.27 -0.40
CA UNK S 607 29.52 -95.32 -0.99
C UNK S 607 28.61 -96.17 -1.87
N UNK S 608 27.33 -95.82 -1.91
CA UNK S 608 26.35 -96.57 -2.67
C UNK S 608 25.37 -95.61 -3.30
N UNK S 609 25.02 -95.86 -4.55
CA UNK S 609 24.10 -94.99 -5.26
C UNK S 609 23.02 -95.83 -5.90
N UNK S 610 21.77 -95.42 -5.77
CA UNK S 610 20.71 -96.22 -6.36
C UNK S 610 19.62 -95.40 -7.01
N UNK S 611 18.47 -96.04 -7.18
CA UNK S 611 17.37 -95.44 -7.91
C UNK S 611 16.66 -94.39 -7.06
N UNK S 612 17.08 -94.25 -5.81
CA UNK S 612 16.44 -93.25 -4.97
C UNK S 612 17.03 -91.85 -5.23
N UNK S 613 17.91 -91.76 -6.23
CA UNK S 613 18.56 -90.50 -6.66
C UNK S 613 19.66 -89.93 -5.73
N UNK S 614 19.92 -90.58 -4.60
CA UNK S 614 20.93 -90.06 -3.65
C UNK S 614 22.31 -90.73 -3.64
N UNK S 615 23.27 -90.06 -3.02
CA UNK S 615 24.63 -90.60 -2.88
C UNK S 615 24.71 -90.88 -1.40
N UNK S 616 25.12 -92.08 -1.03
CA UNK S 616 25.20 -92.42 0.38
C UNK S 616 26.57 -92.93 0.75
N UNK S 617 26.99 -92.64 1.98
CA UNK S 617 28.27 -93.10 2.43
C UNK S 617 28.17 -93.47 3.90
N UNK S 618 28.87 -94.54 4.26
CA UNK S 618 28.86 -95.07 5.63
C UNK S 618 30.16 -95.82 5.93
N UNK S 619 30.45 -96.00 7.21
CA UNK S 619 31.64 -96.71 7.62
C UNK S 619 31.52 -98.17 7.17
N UNK S 620 32.63 -98.76 6.72
CA UNK S 620 32.59 -100.15 6.28
C UNK S 620 32.32 -101.05 7.48
N UNK S 621 32.92 -100.68 8.61
CA UNK S 621 32.77 -101.42 9.86
C UNK S 621 31.36 -101.57 10.41
N UNK S 622 30.63 -100.47 10.51
CA UNK S 622 29.29 -100.49 11.10
C UNK S 622 28.07 -99.97 10.34
N UNK S 623 28.25 -99.47 9.12
CA UNK S 623 27.11 -98.95 8.37
C UNK S 623 26.65 -97.60 8.88
N UNK S 624 27.33 -97.14 9.93
CA UNK S 624 27.09 -95.87 10.57
C UNK S 624 27.06 -94.81 9.47
N UNK S 625 25.90 -94.25 9.19
CA UNK S 625 25.80 -93.26 8.13
C UNK S 625 26.78 -92.09 8.25
N UNK S 626 27.44 -91.76 7.13
CA UNK S 626 28.40 -90.67 7.07
C UNK S 626 27.89 -89.54 6.18
N UNK S 627 27.35 -89.87 5.01
CA UNK S 627 26.81 -88.85 4.10
C UNK S 627 25.45 -89.27 3.52
N UNK S 628 24.53 -88.31 3.39
CA UNK S 628 23.21 -88.53 2.82
C UNK S 628 22.91 -87.39 1.83
N UNK S 629 23.55 -87.42 0.67
CA UNK S 629 23.43 -86.40 -0.36
C UNK S 629 22.34 -86.69 -1.40
N UNK S 630 21.76 -85.64 -1.96
CA UNK S 630 20.74 -85.80 -3.00
C UNK S 630 21.48 -85.53 -4.31
N UNK S 631 22.32 -86.49 -4.72
CA UNK S 631 23.17 -86.35 -5.91
C UNK S 631 22.60 -85.95 -7.29
N UNK S 632 21.50 -86.55 -7.72
CA UNK S 632 20.96 -86.19 -9.02
C UNK S 632 19.46 -86.07 -9.10
N UNK S 633 19.00 -85.76 -10.31
CA UNK S 633 17.60 -85.58 -10.60
C UNK S 633 17.10 -86.78 -11.41
N UNK S 634 18.06 -88.10 -11.97
CA UNK S 634 17.69 -89.33 -12.67
C UNK S 634 18.65 -90.45 -12.24
N UNK S 635 18.17 -91.68 -12.34
CA UNK S 635 18.92 -92.85 -11.89
C UNK S 635 20.39 -92.87 -12.28
N UNK S 636 21.21 -93.44 -11.41
CA UNK S 636 22.65 -93.50 -11.63
C UNK S 636 23.03 -94.89 -12.15
N UNK S 637 24.19 -94.98 -12.78
CA UNK S 637 24.65 -96.27 -13.35
C UNK S 637 26.03 -96.80 -12.95
N UNK S 638 26.89 -95.94 -12.43
CA UNK S 638 28.21 -96.37 -12.05
C UNK S 638 28.89 -95.31 -11.20
N UNK S 639 29.89 -95.73 -10.44
CA UNK S 639 30.64 -94.83 -9.56
C UNK S 639 32.03 -95.43 -9.25
N UNK S 640 33.02 -94.58 -9.03
CA UNK S 640 34.37 -95.07 -8.75
C UNK S 640 35.17 -94.07 -7.96
N UNK S 641 36.29 -94.54 -7.41
CA UNK S 641 37.20 -93.70 -6.63
C UNK S 641 38.41 -93.40 -7.51
N UNK S 642 39.13 -92.34 -7.20
CA UNK S 642 40.32 -91.97 -7.97
C UNK S 642 41.47 -92.82 -7.44
N UNK S 643 42.65 -92.63 -8.01
CA UNK S 643 43.83 -93.39 -7.60
C UNK S 643 44.23 -93.19 -6.13
N UNK S 644 43.94 -92.02 -5.57
CA UNK S 644 44.29 -91.76 -4.17
C UNK S 644 43.04 -91.57 -3.31
N UNK S 645 41.92 -92.15 -3.75
CA UNK S 645 40.67 -92.04 -3.02
C UNK S 645 40.32 -90.61 -2.70
N UNK S 646 40.98 -89.67 -3.34
CA UNK S 646 40.69 -88.27 -3.08
C UNK S 646 39.33 -87.88 -3.67
N UNK S 647 38.95 -88.58 -4.72
CA UNK S 647 37.70 -88.30 -5.39
C UNK S 647 36.88 -89.54 -5.68
N UNK S 648 35.63 -89.28 -6.07
CA UNK S 648 34.68 -90.32 -6.43
C UNK S 648 33.90 -89.72 -7.59
N UNK S 649 33.81 -90.42 -8.70
CA UNK S 649 33.04 -89.90 -9.79
C UNK S 649 31.75 -90.71 -9.81
N UNK S 650 30.76 -90.22 -10.56
CA UNK S 650 29.49 -90.91 -10.72
C UNK S 650 28.98 -90.48 -12.06
N UNK S 651 28.49 -91.42 -12.84
CA UNK S 651 27.94 -91.09 -14.14
C UNK S 651 26.51 -91.63 -14.11
N UNK S 652 25.57 -90.91 -14.72
CA UNK S 652 24.17 -91.35 -14.68
C UNK S 652 23.40 -91.22 -15.97
N UNK S 653 22.11 -91.54 -15.87
CA UNK S 653 21.21 -91.48 -17.01
C UNK S 653 20.90 -90.07 -17.46
N UNK S 654 21.29 -89.08 -16.66
CA UNK S 654 21.04 -87.70 -17.04
C UNK S 654 22.14 -87.28 -17.98
N UNK S 655 22.95 -88.26 -18.38
CA UNK S 655 24.04 -88.06 -19.33
C UNK S 655 25.21 -87.27 -18.75
N UNK S 656 25.18 -87.01 -17.45
CA UNK S 656 26.27 -86.27 -16.80
C UNK S 656 27.23 -87.17 -16.04
N UNK S 657 28.42 -86.64 -15.79
CA UNK S 657 29.48 -87.31 -15.03
C UNK S 657 29.82 -86.31 -13.92
N UNK S 658 30.09 -86.78 -12.71
CA UNK S 658 30.38 -85.84 -11.65
C UNK S 658 31.55 -86.25 -10.78
N UNK S 659 32.25 -85.25 -10.24
CA UNK S 659 33.39 -85.53 -9.38
C UNK S 659 33.07 -84.99 -8.01
N UNK S 660 33.37 -85.78 -6.98
CA UNK S 660 33.08 -85.38 -5.61
C UNK S 660 34.31 -85.53 -4.71
N UNK S 661 34.39 -84.67 -3.69
CA UNK S 661 35.47 -84.74 -2.73
C UNK S 661 34.99 -85.91 -1.88
N UNK S 662 35.70 -87.02 -1.92
CA UNK S 662 35.28 -88.20 -1.17
C UNK S 662 35.18 -87.94 0.33
N UNK S 663 35.76 -86.85 0.79
CA UNK S 663 35.75 -86.53 2.21
C UNK S 663 34.53 -85.74 2.64
N UNK S 664 32.08 -84.67 0.29
CA UNK S 664 30.95 -84.92 -0.57
C UNK S 664 30.51 -83.72 -1.37
N UNK S 665 31.30 -82.66 -1.35
CA UNK S 665 30.94 -81.47 -2.11
C UNK S 665 31.23 -81.67 -3.60
N UNK S 666 30.27 -81.29 -4.44
CA UNK S 666 30.40 -81.42 -5.89
C UNK S 666 31.67 -80.67 -6.28
N UNK S 667 32.57 -81.34 -6.98
CA UNK S 667 33.83 -80.73 -7.40
C UNK S 667 33.83 -80.55 -8.93
N UNK S 668 31.03 -80.76 -12.69
CA UNK S 668 30.33 -81.75 -13.49
C UNK S 668 30.69 -81.64 -14.97
N UNK S 669 30.66 -82.76 -15.67
CA UNK S 669 30.99 -82.82 -17.08
C UNK S 669 29.81 -83.32 -17.88
N UNK S 670 29.12 -82.44 -18.59
CA UNK S 670 28.00 -82.86 -19.41
C UNK S 670 28.42 -82.76 -20.86
N UNK S 671 28.58 -83.89 -21.53
CA UNK S 671 28.98 -83.90 -22.93
C UNK S 671 28.50 -85.14 -23.63
N UNK S 672 28.78 -89.47 -21.68
CA UNK S 672 30.09 -90.08 -21.50
C UNK S 672 29.94 -91.33 -20.62
N UNK S 673 30.33 -92.47 -21.19
CA UNK S 673 30.22 -93.79 -20.56
C UNK S 673 31.42 -94.23 -19.73
N UNK S 674 32.62 -94.10 -20.31
CA UNK S 674 33.85 -94.48 -19.62
C UNK S 674 34.44 -93.30 -18.86
N UNK S 675 35.04 -93.60 -17.71
CA UNK S 675 35.81 -92.62 -16.93
C UNK S 675 36.66 -93.34 -15.89
N UNK S 676 37.97 -93.27 -16.11
CA UNK S 676 38.97 -93.92 -15.28
C UNK S 676 40.17 -93.00 -15.00
N UNK S 677 40.75 -93.10 -13.80
CA UNK S 677 41.90 -92.27 -13.41
C UNK S 677 43.22 -92.98 -13.68
N UNK S 678 44.32 -92.26 -13.52
CA UNK S 678 45.64 -92.86 -13.71
C UNK S 678 45.98 -93.64 -12.45
N UNK S 679 46.69 -94.76 -12.58
CA UNK S 679 47.03 -95.60 -11.43
C UNK S 679 48.17 -95.10 -10.58
N UNK S 680 49.26 -94.68 -11.23
CA UNK S 680 50.41 -94.17 -10.51
C UNK S 680 50.12 -92.92 -9.69
N UNK S 681 50.44 -93.03 -8.40
CA UNK S 681 50.26 -91.97 -7.41
C UNK S 681 51.03 -90.71 -7.77
N UNK S 682 51.70 -90.75 -8.91
CA UNK S 682 52.49 -89.61 -9.34
C UNK S 682 51.62 -88.59 -10.07
N UNK S 683 51.30 -88.87 -11.34
CA UNK S 683 50.45 -88.00 -12.15
C UNK S 683 48.97 -88.20 -11.82
N UNK S 684 48.14 -87.21 -12.20
CA UNK S 684 46.71 -87.25 -11.90
C UNK S 684 45.82 -86.94 -13.09
N UNK S 685 45.65 -87.89 -14.00
CA UNK S 685 44.82 -87.66 -15.17
C UNK S 685 43.52 -88.43 -15.14
N UNK S 686 42.57 -87.99 -15.95
CA UNK S 686 41.28 -88.65 -16.03
C UNK S 686 40.98 -88.88 -17.49
N UNK S 687 40.54 -90.09 -17.82
CA UNK S 687 40.23 -90.44 -19.19
C UNK S 687 38.74 -90.72 -19.29
N UNK S 688 38.13 -90.21 -20.33
CA UNK S 688 36.70 -90.40 -20.53
C UNK S 688 36.38 -90.79 -21.97
N UNK S 689 35.43 -91.72 -22.11
CA UNK S 689 34.99 -92.17 -23.42
C UNK S 689 33.54 -91.75 -23.53
N UNK S 690 33.10 -91.34 -24.71
CA UNK S 690 31.71 -90.91 -24.85
C UNK S 690 31.04 -91.39 -26.13
N UNK S 691 29.72 -91.28 -26.17
CA UNK S 691 28.94 -91.67 -27.33
C UNK S 691 29.26 -90.74 -28.50
N UNK S 692 29.97 -89.65 -28.22
CA UNK S 692 30.33 -88.71 -29.27
C UNK S 692 31.56 -89.17 -30.05
N UNK S 693 31.99 -90.40 -29.79
CA UNK S 693 33.14 -91.01 -30.48
C UNK S 693 34.51 -90.57 -29.99
N UNK S 694 34.57 -89.64 -29.05
CA UNK S 694 35.87 -89.20 -28.58
C UNK S 694 36.23 -89.75 -27.23
N UNK S 695 37.50 -89.55 -26.91
CA UNK S 695 38.10 -89.92 -25.65
C UNK S 695 38.75 -88.63 -25.17
N UNK S 696 38.79 -88.39 -23.88
CA UNK S 696 39.41 -87.17 -23.42
C UNK S 696 40.30 -87.37 -22.21
N UNK S 697 41.42 -86.65 -22.20
CA UNK S 697 42.33 -86.70 -21.08
C UNK S 697 42.15 -85.36 -20.41
N UNK S 698 41.95 -85.38 -19.09
CA UNK S 698 41.76 -84.15 -18.34
C UNK S 698 42.89 -84.11 -17.33
N UNK S 699 43.41 -82.91 -17.10
CA UNK S 699 44.49 -82.71 -16.14
C UNK S 699 43.76 -81.99 -15.01
N UNK S 700 43.32 -82.74 -14.01
CA UNK S 700 42.59 -82.17 -12.87
C UNK S 700 43.21 -80.92 -12.29
N UNK S 701 44.49 -80.73 -12.58
CA UNK S 701 45.21 -79.55 -12.11
C UNK S 701 45.08 -78.44 -13.15
N UNK S 702 43.98 -78.45 -13.91
CA UNK S 702 43.79 -77.45 -14.94
C UNK S 702 42.32 -77.32 -15.32
N UNK S 703 41.81 -76.10 -15.28
CA UNK S 703 40.41 -75.85 -15.62
C UNK S 703 40.06 -76.33 -17.03
N UNK S 704 41.05 -76.84 -17.76
CA UNK S 704 40.81 -77.28 -19.13
C UNK S 704 41.09 -78.74 -19.50
N UNK S 705 40.56 -79.11 -20.67
CA UNK S 705 40.72 -80.43 -21.24
C UNK S 705 42.19 -80.45 -21.62
N UNK S 706 42.81 -81.63 -21.67
CA UNK S 706 44.22 -81.69 -22.02
C UNK S 706 44.43 -82.29 -23.39
N UNK S 707 43.53 -83.15 -23.79
CA UNK S 707 43.63 -83.80 -25.08
C UNK S 707 42.28 -84.37 -25.47
N UNK S 708 42.08 -84.56 -26.77
CA UNK S 708 40.84 -85.11 -27.27
C UNK S 708 41.23 -86.11 -28.33
N UNK S 709 41.26 -87.39 -27.95
CA UNK S 709 41.64 -88.42 -28.90
C UNK S 709 40.59 -88.68 -29.96
N UNK S 710 40.86 -88.25 -31.19
CA UNK S 710 39.91 -88.52 -32.26
C UNK S 710 40.32 -89.86 -32.87
N UNK S 711 27.54 -97.97 -28.56
CA UNK S 711 28.85 -98.29 -27.98
C UNK S 711 28.66 -98.25 -26.48
N UNK S 712 28.78 -99.40 -25.82
CA UNK S 712 28.55 -99.46 -24.40
C UNK S 712 29.74 -99.35 -23.50
N UNK S 713 30.94 -99.50 -24.05
CA UNK S 713 32.10 -99.45 -23.18
C UNK S 713 33.36 -99.30 -24.01
N UNK S 714 34.42 -98.79 -23.41
CA UNK S 714 35.69 -98.55 -24.09
C UNK S 714 36.80 -98.28 -23.07
N UNK S 715 37.96 -98.86 -23.31
CA UNK S 715 39.10 -98.69 -22.42
C UNK S 715 40.37 -98.54 -23.22
N UNK S 716 41.25 -97.64 -22.78
CA UNK S 716 42.51 -97.49 -23.47
C UNK S 716 43.34 -98.68 -23.05
N UNK S 717 44.30 -99.07 -23.88
CA UNK S 717 45.17 -100.17 -23.51
C UNK S 717 46.18 -99.61 -22.53
N UNK S 718 46.80 -100.48 -21.72
CA UNK S 718 47.78 -99.97 -20.77
C UNK S 718 48.81 -99.18 -21.56
N UNK S 719 48.52 -97.16 -26.87
CA UNK S 719 48.45 -97.19 -28.32
C UNK S 719 47.14 -97.73 -28.91
N UNK S 720 46.39 -98.48 -28.13
CA UNK S 720 45.13 -99.02 -28.63
C UNK S 720 43.94 -98.61 -27.81
N UNK S 721 42.76 -98.63 -28.44
CA UNK S 721 41.52 -98.27 -27.76
C UNK S 721 40.55 -99.41 -28.00
N UNK S 722 40.26 -100.17 -26.96
CA UNK S 722 39.33 -101.26 -27.11
C UNK S 722 37.91 -100.70 -27.01
N UNK S 723 37.00 -101.27 -27.77
CA UNK S 723 35.64 -100.79 -27.77
C UNK S 723 34.66 -101.95 -27.80
N UNK S 724 33.62 -101.80 -26.98
CA UNK S 724 32.61 -102.82 -26.80
C UNK S 724 31.23 -102.27 -27.13
N UNK S 725 30.46 -103.03 -27.92
CA UNK S 725 29.14 -102.56 -28.34
C UNK S 725 28.03 -103.60 -28.34
N UNK S 726 26.86 -103.16 -28.81
CA UNK S 726 25.68 -103.98 -28.90
C UNK S 726 25.65 -104.71 -30.24
N UNK S 727 26.47 -104.24 -31.17
CA UNK S 727 26.52 -104.87 -32.48
C UNK S 727 27.20 -106.23 -32.44
N UNK S 728 27.51 -106.71 -31.24
CA UNK S 728 28.13 -108.02 -31.09
C UNK S 728 29.62 -108.08 -31.38
N UNK S 729 30.29 -106.95 -31.33
CA UNK S 729 31.73 -106.94 -31.59
C UNK S 729 32.59 -106.37 -30.45
N UNK S 730 33.88 -106.67 -30.52
CA UNK S 730 34.87 -106.12 -29.61
C UNK S 730 35.70 -105.45 -30.70
N UNK S 731 36.30 -104.30 -30.44
CA UNK S 731 37.05 -103.68 -31.51
C UNK S 731 38.26 -102.95 -31.02
N UNK S 732 39.33 -103.00 -31.80
CA UNK S 732 40.54 -102.32 -31.41
C UNK S 732 40.89 -101.20 -32.37
N UNK S 733 40.61 -99.98 -31.96
CA UNK S 733 40.93 -98.84 -32.77
C UNK S 733 42.37 -98.45 -32.45
N UNK S 734 43.00 -97.72 -33.37
CA UNK S 734 44.39 -97.28 -33.20
C UNK S 734 44.39 -95.82 -32.77
N UNK S 735 44.69 -95.58 -31.51
CA UNK S 735 44.67 -94.22 -30.99
C UNK S 735 45.35 -93.15 -31.85
N UNK S 736 46.63 -93.34 -32.13
CA UNK S 736 47.36 -92.37 -32.92
C UNK S 736 46.67 -91.95 -34.22
N UNK S 737 45.82 -92.81 -34.77
CA UNK S 737 45.16 -92.47 -36.02
C UNK S 737 43.65 -92.66 -36.06
N UNK S 738 43.06 -93.08 -34.95
CA UNK S 738 41.62 -93.31 -34.87
C UNK S 738 41.09 -94.23 -35.98
N UNK S 739 41.87 -95.23 -36.36
CA UNK S 739 41.51 -96.19 -37.41
C UNK S 739 41.09 -97.53 -36.83
N UNK S 740 40.17 -98.21 -37.47
CA UNK S 740 39.75 -99.52 -36.95
C UNK S 740 40.82 -100.55 -37.36
N UNK S 741 41.46 -101.18 -36.37
CA UNK S 741 42.49 -102.18 -36.65
C UNK S 741 41.89 -103.59 -36.71
N UNK S 742 41.04 -103.93 -35.76
CA UNK S 742 40.41 -105.25 -35.77
C UNK S 742 38.99 -105.19 -35.24
N UNK S 743 38.27 -106.28 -35.43
CA UNK S 743 36.91 -106.40 -34.97
C UNK S 743 36.71 -107.86 -34.64
N UNK S 744 36.15 -108.15 -33.46
CA UNK S 744 35.94 -109.53 -33.05
C UNK S 744 34.48 -109.83 -32.80
N UNK S 745 33.86 -110.55 -33.72
CA UNK S 745 32.46 -110.91 -33.56
C UNK S 745 32.26 -111.92 -32.44
N UNK S 746 31.26 -111.69 -31.60
CA UNK S 746 30.98 -112.64 -30.54
C UNK S 746 29.82 -113.53 -31.01
N UNK S 747 30.22 -114.76 -31.35
CA UNK S 747 29.35 -115.80 -31.89
C UNK S 747 29.29 -117.04 -30.99
N UNK S 748 29.27 -116.85 -29.68
CA UNK S 748 29.24 -117.97 -28.76
C UNK S 748 27.83 -118.24 -28.30
N UNK S 749 26.87 -117.79 -29.08
CA UNK S 749 25.48 -117.95 -28.72
C UNK S 749 24.64 -118.50 -29.89
N UNK S 750 23.78 -119.47 -29.57
CA UNK S 750 22.96 -120.13 -30.57
C UNK S 750 21.48 -120.12 -30.18
N UNK S 751 29.30 -104.69 -21.44
CA UNK S 751 30.16 -104.52 -20.27
C UNK S 751 31.60 -104.72 -20.72
N UNK S 752 32.54 -103.94 -20.20
CA UNK S 752 33.94 -104.13 -20.58
C UNK S 752 34.89 -103.37 -19.72
N UNK S 753 35.37 -104.06 -18.68
CA UNK S 753 36.28 -103.48 -17.71
C UNK S 753 37.74 -103.89 -17.84
N UNK S 754 38.59 -103.04 -17.27
CA UNK S 754 40.05 -103.22 -17.28
C UNK S 754 40.57 -104.06 -16.14
N UNK S 755 41.80 -104.55 -16.29
CA UNK S 755 42.41 -105.33 -15.23
C UNK S 755 42.98 -104.34 -14.24
N UNK S 756 43.50 -104.85 -13.12
CA UNK S 756 44.05 -104.00 -12.08
C UNK S 756 45.25 -103.18 -12.55
N UNK S 757 46.12 -103.82 -13.31
CA UNK S 757 47.30 -103.18 -13.81
C UNK S 757 47.01 -102.40 -15.09
N UNK S 758 45.78 -102.47 -15.58
CA UNK S 758 45.44 -101.75 -16.80
C UNK S 758 46.11 -102.32 -18.03
N UNK S 759 46.63 -103.53 -17.90
CA UNK S 759 47.32 -104.18 -19.01
C UNK S 759 46.48 -105.26 -19.67
N UNK S 760 45.24 -105.42 -19.23
CA UNK S 760 44.36 -106.42 -19.81
C UNK S 760 42.93 -105.91 -19.72
N UNK S 761 42.07 -106.40 -20.61
CA UNK S 761 40.68 -105.96 -20.64
C UNK S 761 39.78 -107.16 -20.91
N UNK S 762 38.67 -107.28 -20.19
CA UNK S 762 37.78 -108.39 -20.49
C UNK S 762 36.56 -107.78 -21.14
N UNK S 763 35.94 -108.52 -22.07
CA UNK S 763 34.72 -108.06 -22.73
C UNK S 763 33.75 -109.20 -22.89
N UNK S 764 32.49 -108.87 -23.14
CA UNK S 764 31.43 -109.86 -23.27
C UNK S 764 30.60 -109.68 -24.54
N UNK S 765 30.17 -110.81 -25.10
CA UNK S 765 29.35 -110.83 -26.31
C UNK S 765 28.66 -112.19 -26.49
N UNK S 766 27.59 -115.40 -26.26
CA UNK S 766 27.85 -116.40 -25.24
C UNK S 766 29.20 -116.40 -24.55
N UNK S 767 30.07 -115.46 -24.86
CA UNK S 767 31.37 -115.52 -24.22
C UNK S 767 31.94 -114.25 -23.62
N UNK S 768 32.87 -114.45 -22.71
CA UNK S 768 33.61 -113.39 -22.06
C UNK S 768 34.98 -113.62 -22.67
N UNK S 769 35.67 -112.56 -23.06
CA UNK S 769 36.99 -112.70 -23.69
C UNK S 769 38.01 -111.80 -23.01
N UNK S 770 39.20 -112.34 -22.79
CA UNK S 770 40.26 -111.56 -22.17
C UNK S 770 41.31 -111.15 -23.18
N UNK S 771 41.46 -109.85 -23.36
CA UNK S 771 42.43 -109.31 -24.30
C UNK S 771 43.62 -108.64 -23.67
N UNK S 772 44.72 -108.67 -24.42
CA UNK S 772 45.95 -108.05 -23.99
C UNK S 772 45.89 -106.65 -24.59
N UNK S 773 45.73 -105.63 -23.74
CA UNK S 773 45.63 -104.24 -24.17
C UNK S 773 46.72 -103.82 -25.19
N UNK S 774 49.48 -106.13 -27.23
CA UNK S 774 49.45 -107.01 -28.39
C UNK S 774 48.06 -107.18 -29.02
N UNK S 775 47.00 -106.93 -28.25
CA UNK S 775 45.63 -107.08 -28.74
C UNK S 775 45.32 -108.56 -28.92
N UNK S 776 46.04 -109.39 -28.17
CA UNK S 776 45.83 -110.81 -28.26
C UNK S 776 44.73 -111.29 -27.35
N UNK S 777 44.12 -112.39 -27.76
CA UNK S 777 43.04 -112.99 -26.99
C UNK S 777 43.67 -113.93 -26.00
N UNK S 778 43.76 -113.52 -24.74
CA UNK S 778 44.37 -114.35 -23.71
C UNK S 778 43.45 -115.38 -23.10
N UNK S 779 42.15 -115.29 -23.39
CA UNK S 779 41.22 -116.26 -22.82
C UNK S 779 39.82 -116.18 -23.39
N UNK S 780 39.15 -117.32 -23.38
CA UNK S 780 37.81 -117.41 -23.92
C UNK S 780 36.99 -118.42 -23.13
N UNK S 781 36.24 -117.94 -22.14
CA UNK S 781 35.40 -118.84 -21.38
C UNK S 781 34.01 -118.77 -22.01
N UNK S 782 33.15 -120.22 -19.68
CA UNK S 782 31.84 -120.31 -20.29
C UNK S 782 30.82 -120.36 -19.19
N UNK S 783 29.88 -119.42 -19.22
CA UNK S 783 28.87 -119.31 -18.19
C UNK S 783 27.66 -120.21 -18.38
N UNK S 784 22.65 -118.32 -20.47
CA UNK S 784 21.84 -117.20 -20.01
C UNK S 784 22.59 -116.02 -20.60
N UNK S 785 22.54 -114.86 -19.95
CA UNK S 785 23.28 -113.70 -20.45
C UNK S 785 23.85 -112.87 -19.31
N UNK S 786 25.15 -112.62 -19.36
CA UNK S 786 25.82 -111.83 -18.34
C UNK S 786 25.21 -110.44 -18.37
N UNK S 787 24.69 -110.00 -17.23
CA UNK S 787 24.06 -108.69 -17.13
C UNK S 787 25.07 -107.58 -16.77
N UNK S 788 26.15 -107.93 -16.10
CA UNK S 788 27.19 -106.94 -15.75
C UNK S 788 28.43 -107.62 -15.20
N UNK S 789 29.55 -106.89 -15.21
CA UNK S 789 30.82 -107.42 -14.71
C UNK S 789 31.84 -106.33 -14.35
N UNK S 790 33.01 -106.75 -13.87
CA UNK S 790 34.05 -105.80 -13.54
C UNK S 790 35.32 -106.56 -13.29
N UNK S 791 36.38 -106.10 -13.95
CA UNK S 791 37.67 -106.70 -13.88
C UNK S 791 38.51 -106.06 -12.77
N UNK S 792 39.04 -106.90 -11.88
CA UNK S 792 39.85 -106.44 -10.76
C UNK S 792 41.19 -105.88 -11.21
N UNK S 793 41.97 -105.31 -10.29
CA UNK S 793 43.27 -104.79 -10.71
C UNK S 793 44.37 -105.76 -10.31
N UNK S 794 43.99 -106.84 -9.63
CA UNK S 794 44.92 -107.89 -9.17
C UNK S 794 44.31 -109.27 -9.35
N UNK S 795 45.15 -110.28 -9.22
CA UNK S 795 44.72 -111.68 -9.35
C UNK S 795 43.85 -111.98 -10.59
N UNK S 796 43.90 -111.10 -11.58
CA UNK S 796 43.11 -111.25 -12.81
C UNK S 796 41.68 -111.63 -12.44
N UNK S 797 41.19 -111.14 -11.30
CA UNK S 797 39.84 -111.47 -10.89
C UNK S 797 38.83 -110.67 -11.66
N UNK S 798 37.68 -111.29 -11.89
CA UNK S 798 36.62 -110.64 -12.61
C UNK S 798 35.32 -111.03 -11.95
N UNK S 799 34.47 -110.05 -11.66
CA UNK S 799 33.18 -110.35 -11.04
C UNK S 799 32.11 -110.05 -12.05
N UNK S 800 31.17 -110.96 -12.18
CA UNK S 800 30.10 -110.77 -13.12
C UNK S 800 28.78 -111.15 -12.50
N UNK S 801 27.77 -110.32 -12.73
CA UNK S 801 26.44 -110.63 -12.24
C UNK S 801 25.98 -111.51 -13.37
N UNK S 802 20.14 -112.45 -10.11
CA UNK S 802 20.74 -112.58 -8.79
C UNK S 802 21.89 -113.58 -8.54
N UNK S 803 22.46 -114.17 -9.58
CA UNK S 803 23.57 -115.07 -9.39
C UNK S 803 24.83 -114.25 -9.55
N UNK S 804 25.74 -114.37 -8.61
CA UNK S 804 26.95 -113.58 -8.69
C UNK S 804 28.15 -114.47 -8.50
N UNK S 805 29.02 -114.55 -9.49
CA UNK S 805 30.20 -115.38 -9.36
C UNK S 805 31.42 -114.64 -9.84
N UNK S 806 32.53 -114.75 -9.11
CA UNK S 806 33.74 -114.09 -9.56
C UNK S 806 34.66 -115.17 -10.09
N UNK S 807 35.22 -114.90 -11.27
CA UNK S 807 36.10 -115.80 -11.99
C UNK S 807 37.55 -115.35 -12.01
N UNK S 808 38.39 -116.26 -12.45
CA UNK S 808 39.82 -116.04 -12.55
C UNK S 808 40.22 -116.10 -14.03
N UNK S 809 40.32 -114.95 -14.68
CA UNK S 809 40.74 -114.92 -16.08
C UNK S 809 42.14 -115.52 -16.02
N UNK S 810 42.70 -115.90 -17.15
CA UNK S 810 44.04 -116.49 -17.12
C UNK S 810 43.96 -117.96 -16.68
N UNK S 811 40.91 -119.14 -16.22
CA UNK S 811 39.63 -119.37 -16.88
C UNK S 811 38.71 -120.29 -16.10
N UNK S 812 38.77 -120.19 -14.78
CA UNK S 812 37.96 -121.02 -13.89
C UNK S 812 37.16 -120.21 -12.87
N UNK S 813 36.00 -120.71 -12.46
CA UNK S 813 35.24 -119.98 -11.45
C UNK S 813 35.99 -120.16 -10.13
N UNK S 814 36.02 -119.08 -9.34
CA UNK S 814 36.72 -119.04 -8.06
C UNK S 814 35.76 -119.04 -6.88
N UNK S 815 34.65 -118.34 -7.01
CA UNK S 815 33.71 -118.29 -5.91
C UNK S 815 32.29 -118.02 -6.34
N UNK S 816 31.35 -118.53 -5.56
CA UNK S 816 29.94 -118.30 -5.80
C UNK S 816 29.51 -117.33 -4.73
N UNK S 817 28.97 -116.20 -5.15
CA UNK S 817 28.53 -115.19 -4.21
C UNK S 817 27.02 -115.14 -4.15
N UNK S 818 26.46 -115.80 -3.16
CA UNK S 818 25.01 -115.85 -3.01
C UNK S 818 24.59 -114.77 -2.04
N UNK S 819 23.85 -113.78 -2.52
CA UNK S 819 23.41 -112.71 -1.64
C UNK S 819 22.04 -112.12 -1.96
N UNK S 820 21.62 -112.23 -3.22
CA UNK S 820 20.34 -111.68 -3.63
C UNK S 820 19.41 -112.76 -4.18
N UNK S 821 18.11 -112.50 -4.14
CA UNK S 821 17.12 -113.43 -4.69
C UNK S 821 16.26 -112.64 -5.68
N UNK S 822 16.30 -111.01 -5.30
CA UNK S 822 15.93 -109.98 -6.25
C UNK S 822 17.17 -109.71 -7.08
N UNK S 823 16.97 -109.37 -8.34
CA UNK S 823 18.04 -109.06 -9.29
C UNK S 823 19.34 -108.43 -8.81
N UNK S 824 20.47 -109.00 -9.20
CA UNK S 824 21.76 -108.46 -8.74
C UNK S 824 22.36 -107.70 -9.90
N UNK S 825 22.50 -106.40 -9.75
CA UNK S 825 23.00 -105.53 -10.79
C UNK S 825 24.52 -105.48 -10.89
N UNK S 826 25.18 -105.43 -9.74
CA UNK S 826 26.61 -105.35 -9.76
C UNK S 826 27.26 -106.18 -8.69
N UNK S 827 28.58 -106.30 -8.79
CA UNK S 827 29.29 -107.13 -7.85
C UNK S 827 30.79 -106.91 -8.06
N UNK S 828 31.57 -106.78 -6.99
CA UNK S 828 33.00 -106.66 -7.20
C UNK S 828 33.89 -106.89 -6.00
N UNK S 829 35.15 -107.18 -6.28
CA UNK S 829 36.13 -107.46 -5.24
C UNK S 829 36.67 -106.21 -4.61
N UNK S 830 37.15 -106.36 -3.38
CA UNK S 830 37.78 -105.28 -2.67
C UNK S 830 39.08 -105.16 -3.43
N UNK S 831 39.86 -104.11 -3.16
CA UNK S 831 41.11 -104.01 -3.91
C UNK S 831 42.11 -105.15 -3.69
N UNK S 832 42.19 -105.70 -2.48
CA UNK S 832 43.12 -106.79 -2.23
C UNK S 832 42.44 -108.11 -2.55
N UNK S 833 41.24 -108.00 -3.10
CA UNK S 833 40.47 -109.18 -3.46
C UNK S 833 40.17 -110.07 -2.28
N UNK S 834 40.30 -109.54 -1.07
CA UNK S 834 40.05 -110.33 0.12
C UNK S 834 38.55 -110.46 0.35
N UNK S 835 37.78 -109.56 -0.22
CA UNK S 835 36.34 -109.62 -0.03
C UNK S 835 35.68 -109.03 -1.27
N UNK S 836 34.36 -109.17 -1.36
CA UNK S 836 33.62 -108.62 -2.49
C UNK S 836 32.25 -108.13 -2.03
N UNK S 837 31.64 -107.25 -2.82
CA UNK S 837 30.34 -106.72 -2.46
C UNK S 837 29.31 -107.11 -3.51
N UNK S 838 28.05 -107.13 -3.11
CA UNK S 838 26.94 -107.49 -3.99
C UNK S 838 25.94 -106.35 -3.98
N UNK S 839 25.52 -105.88 -5.16
CA UNK S 839 24.55 -104.79 -5.24
C UNK S 839 23.27 -105.24 -5.96
N UNK S 840 22.12 -105.10 -5.32
CA UNK S 840 20.91 -105.56 -5.96
C UNK S 840 19.64 -104.71 -5.92
N UNK S 841 18.65 -105.24 -6.62
CA UNK S 841 17.34 -104.65 -6.76
C UNK S 841 16.58 -104.66 -5.45
N UNK S 842 16.94 -105.57 -4.56
CA UNK S 842 16.31 -105.62 -3.24
C UNK S 842 16.89 -104.47 -2.43
N UNK S 843 17.41 -103.48 -3.17
CA UNK S 843 18.02 -102.29 -2.62
C UNK S 843 18.98 -102.48 -1.46
N UNK S 844 19.74 -103.57 -1.50
CA UNK S 844 20.71 -103.79 -0.45
C UNK S 844 22.09 -103.95 -1.06
N UNK S 845 23.10 -103.81 -0.24
CA UNK S 845 24.48 -103.96 -0.65
C UNK S 845 25.05 -104.84 0.43
N UNK S 846 25.61 -105.98 0.05
CA UNK S 846 26.17 -106.89 1.05
C UNK S 846 27.66 -107.15 0.82
N UNK S 847 28.42 -107.15 1.91
CA UNK S 847 29.85 -107.39 1.81
C UNK S 847 30.15 -108.80 2.26
N UNK S 848 30.93 -109.49 1.42
CA UNK S 848 31.32 -110.87 1.68
C UNK S 848 32.82 -110.98 1.75
N UNK S 849 33.30 -111.97 2.49
CA UNK S 849 34.73 -112.22 2.58
C UNK S 849 34.98 -113.49 1.79
N UNK S 850 35.74 -113.36 0.70
CA UNK S 850 36.06 -114.46 -0.20
C UNK S 850 36.46 -115.73 0.50
N UNK S 851 37.54 -115.68 1.27
CA UNK S 851 38.03 -116.86 1.97
C UNK S 851 36.85 -117.68 2.53
N UNK S 852 36.11 -117.09 3.47
CA UNK S 852 34.96 -117.76 4.09
C UNK S 852 33.91 -118.26 3.10
N UNK S 853 33.71 -117.55 2.00
CA UNK S 853 32.70 -117.97 1.02
C UNK S 853 33.12 -119.17 0.19
N UNK S 854 34.40 -119.22 -0.18
CA UNK S 854 34.93 -120.31 -0.99
C UNK S 854 35.11 -121.63 -0.25
N UNK S 855 35.11 -121.56 1.08
CA UNK S 855 35.27 -122.78 1.85
C UNK S 855 34.13 -123.72 1.49
N UNK S 856 34.48 -124.99 1.33
CA UNK S 856 33.51 -126.02 1.00
C UNK S 856 32.52 -126.14 2.14
N UNK S 857 28.74 -129.72 -3.52
CA UNK S 857 28.03 -130.01 -2.29
C UNK S 857 26.52 -130.04 -2.47
N UNK S 858 25.87 -130.68 -1.49
CA UNK S 858 24.43 -130.84 -1.45
C UNK S 858 23.75 -129.70 -0.72
N UNK S 859 24.50 -128.65 -0.41
CA UNK S 859 23.88 -127.55 0.29
C UNK S 859 22.88 -126.86 -0.63
N UNK S 860 23.22 -126.69 -1.90
CA UNK S 860 22.31 -126.06 -2.86
C UNK S 860 21.90 -127.02 -3.95
N UNK S 861 20.60 -127.20 -4.11
CA UNK S 861 20.09 -128.11 -5.13
C UNK S 861 19.16 -127.33 -6.00
N UNK S 862 18.62 -128.02 -7.00
CA UNK S 862 17.66 -127.43 -7.92
C UNK S 862 16.33 -127.82 -7.31
N UNK S 863 15.22 -127.40 -7.92
CA UNK S 863 13.92 -127.75 -7.37
C UNK S 863 13.39 -129.09 -7.90
N UNK S 864 14.21 -129.75 -8.71
CA UNK S 864 13.84 -131.04 -9.25
C UNK S 864 14.37 -132.09 -8.28
N UNK S 865 13.48 -132.58 -7.42
CA UNK S 865 13.83 -133.59 -6.43
C UNK S 865 12.71 -134.58 -6.23
N UNK S 866 13.04 -135.71 -5.62
CA UNK S 866 12.04 -136.72 -5.32
C UNK S 866 12.35 -137.28 -3.93
N UNK S 867 11.30 -137.47 -3.15
CA UNK S 867 11.41 -137.93 -1.77
C UNK S 867 10.73 -139.27 -1.48
N UNK S 868 11.34 -140.04 -0.59
CA UNK S 868 10.81 -141.34 -0.18
C UNK S 868 10.81 -141.43 1.33
N UNK S 869 9.62 -141.30 1.92
CA UNK S 869 9.45 -141.39 3.36
C UNK S 869 9.39 -142.84 3.83
N UNK S 870 10.53 -143.36 4.30
CA UNK S 870 10.57 -144.74 4.74
C UNK S 870 10.60 -144.92 6.27
N UNK S 871 13.04 -143.01 8.67
CA UNK S 871 13.73 -141.86 8.08
C UNK S 871 13.17 -141.36 6.73
N UNK S 872 13.71 -140.23 6.27
CA UNK S 872 13.30 -139.63 5.00
C UNK S 872 14.47 -139.63 4.01
N UNK S 873 14.14 -139.82 2.73
CA UNK S 873 15.14 -139.86 1.66
C UNK S 873 14.83 -138.90 0.52
N UNK S 874 15.80 -138.05 0.21
CA UNK S 874 15.64 -137.07 -0.85
C UNK S 874 16.75 -137.23 -1.91
N UNK S 875 16.33 -137.41 -3.15
CA UNK S 875 17.25 -137.55 -4.26
C UNK S 875 17.05 -136.22 -4.99
N UNK S 876 18.14 -135.52 -5.28
CA UNK S 876 17.97 -134.23 -5.92
C UNK S 876 18.98 -133.90 -6.99
N UNK S 877 18.53 -133.13 -7.98
CA UNK S 877 19.39 -132.68 -9.07
C UNK S 877 20.30 -131.59 -8.52
N UNK S 878 21.60 -131.82 -8.50
CA UNK S 878 22.52 -130.80 -7.98
C UNK S 878 22.42 -129.49 -8.74
N UNK S 879 22.69 -128.39 -8.04
CA UNK S 879 22.62 -127.05 -8.62
C UNK S 879 23.66 -126.84 -9.73
N UNK S 880 23.48 -135.27 -9.18
CA UNK S 880 22.39 -135.34 -8.25
C UNK S 880 22.87 -135.90 -6.93
N UNK S 881 22.21 -135.48 -5.86
CA UNK S 881 22.59 -135.89 -4.51
C UNK S 881 21.57 -136.84 -3.87
N UNK S 882 22.09 -137.87 -3.21
CA UNK S 882 21.23 -138.81 -2.52
C UNK S 882 21.27 -138.32 -1.07
N UNK S 883 20.35 -137.43 -0.73
CA UNK S 883 20.27 -136.85 0.61
C UNK S 883 19.37 -137.63 1.56
N UNK S 884 19.95 -138.07 2.66
CA UNK S 884 19.20 -138.82 3.67
C UNK S 884 18.88 -137.88 4.83
N UNK S 885 17.66 -137.35 4.86
CA UNK S 885 17.28 -136.45 5.93
C UNK S 885 17.44 -137.17 7.25
N UNK S 886 17.69 -136.45 8.34
CA UNK S 886 17.88 -137.11 9.63
C UNK S 886 19.21 -137.87 9.54
N UNK S 887 24.67 -137.93 5.65
CA UNK S 887 24.76 -138.92 4.58
C UNK S 887 24.35 -138.44 3.18
N UNK S 888 25.22 -137.62 2.59
CA UNK S 888 25.01 -137.09 1.26
C UNK S 888 25.92 -137.85 0.30
N UNK S 889 25.33 -138.45 -0.70
CA UNK S 889 26.07 -139.21 -1.68
C UNK S 889 25.88 -138.67 -3.07
N UNK S 890 27.00 -138.25 -3.66
CA UNK S 890 27.05 -137.64 -4.97
C UNK S 890 27.19 -138.63 -6.10
N UNK S 891 26.52 -138.32 -7.20
CA UNK S 891 26.54 -139.13 -8.40
C UNK S 891 26.70 -138.12 -9.53
N UNK S 892 27.90 -138.02 -10.09
CA UNK S 892 28.18 -137.09 -11.19
C UNK S 892 27.42 -137.47 -12.44
N UNK S 893 27.21 -136.50 -13.32
CA UNK S 893 26.51 -136.78 -14.57
C UNK S 893 26.36 -135.56 -15.46
N UNK S 894 21.85 -133.49 -15.26
CA UNK S 894 20.54 -134.08 -15.42
C UNK S 894 19.49 -132.98 -15.42
N UNK S 895 18.26 -133.33 -15.76
CA UNK S 895 17.17 -132.37 -15.79
C UNK S 895 16.02 -132.77 -14.88
N UNK S 896 16.02 -134.02 -14.43
CA UNK S 896 14.96 -134.48 -13.55
C UNK S 896 15.41 -135.74 -12.84
N UNK S 897 14.86 -135.94 -11.65
CA UNK S 897 15.26 -137.09 -10.87
C UNK S 897 14.15 -138.11 -10.71
N UNK S 898 14.48 -139.24 -10.08
CA UNK S 898 13.53 -140.32 -9.88
C UNK S 898 14.09 -141.39 -8.93
N UNK S 899 13.27 -141.81 -7.97
CA UNK S 899 13.67 -142.83 -7.00
C UNK S 899 12.78 -144.05 -7.09
N UNK S 900 13.39 -145.23 -7.18
CA UNK S 900 12.63 -146.46 -7.26
C UNK S 900 12.32 -146.92 -5.87
N UNK S 901 11.02 -147.01 -5.52
CA UNK S 901 10.69 -147.46 -4.15
C UNK S 901 11.59 -148.66 -3.84
N UNK S 902 17.83 -148.23 -6.82
CA UNK S 902 17.93 -147.69 -8.18
C UNK S 902 17.49 -146.24 -8.21
N UNK S 903 18.19 -145.42 -8.99
CA UNK S 903 17.82 -144.02 -9.16
C UNK S 903 17.84 -143.79 -10.66
N UNK S 904 16.94 -142.97 -11.17
CA UNK S 904 16.92 -142.71 -12.59
C UNK S 904 16.90 -141.21 -12.86
N UNK S 905 17.39 -140.80 -14.02
CA UNK S 905 17.34 -139.37 -14.30
C UNK S 905 17.19 -138.93 -15.74
N UNK S 906 16.61 -137.74 -15.87
CA UNK S 906 16.37 -137.14 -17.16
C UNK S 906 17.63 -136.43 -17.62
N UNK S 907 17.66 -136.06 -18.88
CA UNK S 907 18.83 -135.42 -19.44
C UNK S 907 18.42 -134.23 -20.29
N UNK S 908 19.34 -133.28 -20.45
CA UNK S 908 19.07 -132.08 -21.22
C UNK S 908 18.83 -132.46 -22.69
N UNK S 909 18.49 -137.99 -22.94
CA UNK S 909 18.96 -139.29 -22.43
C UNK S 909 18.25 -139.75 -21.16
N UNK S 910 18.20 -141.05 -20.97
CA UNK S 910 17.58 -141.66 -19.79
C UNK S 910 18.56 -142.67 -19.20
N UNK S 911 18.76 -142.66 -17.89
CA UNK S 911 19.69 -143.59 -17.27
C UNK S 911 19.27 -144.07 -15.88
N UNK S 912 19.45 -145.36 -15.63
CA UNK S 912 19.14 -145.91 -14.32
C UNK S 912 20.48 -146.25 -13.74
N UNK S 913 20.68 -145.91 -12.47
CA UNK S 913 21.92 -146.24 -11.79
C UNK S 913 21.49 -147.13 -10.65
N UNK S 914 22.26 -148.18 -10.36
CA UNK S 914 21.88 -149.04 -9.27
C UNK S 914 22.73 -148.77 -8.04
N UNK S 915 22.09 -148.22 -7.02
CA UNK S 915 22.73 -147.85 -5.77
C UNK S 915 23.51 -148.96 -5.05
N UNK S 916 22.89 -150.14 -4.85
CA UNK S 916 23.63 -151.20 -4.16
C UNK S 916 25.08 -151.22 -4.63
N UNK S 917 25.26 -150.91 -5.90
CA UNK S 917 26.59 -150.89 -6.50
C UNK S 917 27.13 -149.45 -6.59
N UNK S 918 27.63 -149.43 -11.88
CA UNK S 918 26.95 -150.12 -12.98
C UNK S 918 25.54 -149.58 -13.19
N UNK S 919 25.29 -149.08 -14.40
CA UNK S 919 24.00 -148.51 -14.75
C UNK S 919 23.72 -148.80 -16.22
N UNK S 920 22.70 -148.15 -16.77
CA UNK S 920 22.14 -148.50 -18.06
C UNK S 920 21.60 -147.26 -18.80
N UNK S 921 21.56 -147.31 -20.13
CA UNK S 921 21.07 -146.18 -20.93
C UNK S 921 20.04 -146.57 -21.97
N UNK S 922 18.77 -146.27 -21.70
CA UNK S 922 17.72 -146.61 -22.64
C UNK S 922 17.42 -145.54 -23.66
N UNK S 923 17.93 -145.74 -24.88
CA UNK S 923 17.77 -144.82 -26.03
C UNK S 923 16.41 -144.19 -26.39
N UNK S 924 11.48 -134.20 -18.97
CA UNK S 924 10.71 -133.55 -17.91
C UNK S 924 10.39 -134.51 -16.79
N UNK S 925 9.12 -134.86 -16.61
CA UNK S 925 8.76 -135.79 -15.55
C UNK S 925 9.39 -137.17 -15.85
N UNK S 926 9.65 -137.99 -14.82
CA UNK S 926 10.24 -139.34 -15.00
C UNK S 926 9.99 -140.24 -13.78
N UNK S 927 9.33 -141.36 -13.98
CA UNK S 927 9.01 -142.22 -12.83
C UNK S 927 9.14 -143.73 -13.07
N UNK S 928 9.29 -144.47 -11.98
CA UNK S 928 9.40 -145.93 -12.01
C UNK S 928 7.99 -146.50 -11.88
N UNK S 929 7.82 -147.75 -12.27
CA UNK S 929 6.52 -148.39 -12.17
C UNK S 929 6.37 -148.81 -10.73
N UNK S 930 5.16 -149.19 -10.32
CA UNK S 930 4.92 -149.64 -8.96
C UNK S 930 6.10 -150.54 -8.55
N UNK S 931 10.28 -147.80 -16.79
CA UNK S 931 10.43 -146.37 -16.50
C UNK S 931 9.61 -145.48 -17.40
N UNK S 932 8.49 -144.97 -16.91
CA UNK S 932 7.71 -144.05 -17.73
C UNK S 932 8.39 -142.69 -17.67
N UNK S 933 8.45 -142.01 -18.81
CA UNK S 933 9.09 -140.71 -18.86
C UNK S 933 8.50 -139.86 -19.96
N UNK S 934 8.44 -138.56 -19.72
CA UNK S 934 7.90 -137.64 -20.70
C UNK S 934 8.90 -136.53 -20.95
N UNK S 935 8.76 -135.90 -22.11
CA UNK S 935 9.58 -134.79 -22.51
C UNK S 935 8.67 -133.73 -23.06
N UNK S 936 9.28 -132.80 -23.79
CA UNK S 936 8.58 -131.64 -24.32
C UNK S 936 7.93 -131.90 -25.68
N UNK S 937 7.49 -133.12 -25.90
CA UNK S 937 6.82 -133.50 -27.15
C UNK S 937 5.63 -134.40 -26.78
N UNK S 938 4.92 -134.95 -27.77
CA UNK S 938 3.73 -135.77 -27.49
C UNK S 938 3.83 -137.29 -27.21
N UNK S 939 5.03 -137.83 -27.12
CA UNK S 939 5.15 -139.25 -26.85
C UNK S 939 5.56 -139.48 -25.40
N UNK S 940 5.12 -140.60 -24.81
CA UNK S 940 5.51 -140.94 -23.43
C UNK S 940 6.25 -142.28 -23.40
N UNK S 941 7.57 -142.23 -23.34
CA UNK S 941 8.37 -143.45 -23.31
C UNK S 941 8.12 -144.39 -22.14
N UNK S 942 7.78 -145.65 -22.45
CA UNK S 942 7.56 -146.67 -21.41
C UNK S 942 8.64 -147.73 -21.57
N UNK S 943 9.85 -147.40 -21.15
CA UNK S 943 11.01 -148.27 -21.25
C UNK S 943 11.09 -149.30 -20.16
N UNK S 944 10.60 -150.49 -20.48
CA UNK S 944 10.65 -151.60 -19.54
C UNK S 944 12.09 -152.10 -19.56
N UNK S 945 12.98 -151.34 -18.92
CA UNK S 945 14.39 -151.70 -18.82
C UNK S 945 14.51 -153.12 -18.24
N UNK S 946 12.74 -153.79 -23.71
CA UNK S 946 11.48 -153.55 -24.41
C UNK S 946 11.05 -152.10 -24.27
N UNK S 947 10.23 -151.64 -25.21
CA UNK S 947 9.73 -150.29 -25.20
C UNK S 947 8.28 -150.25 -25.61
N UNK S 948 7.53 -149.36 -24.99
CA UNK S 948 6.13 -149.19 -25.31
C UNK S 948 6.02 -147.69 -25.47
N UNK S 949 5.59 -147.24 -26.64
CA UNK S 949 5.47 -145.82 -26.92
C UNK S 949 4.01 -145.40 -26.94
N UNK S 950 3.73 -144.22 -26.41
CA UNK S 950 2.38 -143.70 -26.37
C UNK S 950 2.31 -142.42 -27.21
N UNK S 951 2.01 -142.56 -28.50
CA UNK S 951 1.93 -141.40 -29.39
C UNK S 951 0.61 -140.71 -29.16
N UNK S 952 0.62 -139.80 -28.19
CA UNK S 952 -0.55 -139.05 -27.82
C UNK S 952 -1.00 -138.17 -28.97
N UNK S 953 -0.06 -137.85 -29.85
CA UNK S 953 -0.32 -137.01 -31.01
C UNK S 953 -0.90 -135.68 -30.53
N UNK S 954 0.01 -132.25 -28.17
CA UNK S 954 0.96 -131.21 -28.56
C UNK S 954 2.21 -131.45 -27.74
N UNK S 955 2.01 -131.62 -26.44
CA UNK S 955 3.09 -131.89 -25.49
C UNK S 955 2.43 -132.41 -24.23
N UNK S 956 2.98 -133.47 -23.66
CA UNK S 956 2.46 -134.03 -22.44
C UNK S 956 2.83 -133.06 -21.32
N UNK S 957 1.83 -132.39 -20.75
CA UNK S 957 2.07 -131.44 -19.68
C UNK S 957 2.73 -132.24 -18.57
N UNK S 958 2.11 -133.36 -18.21
CA UNK S 958 2.64 -134.24 -17.19
C UNK S 958 1.82 -135.52 -17.13
N UNK S 959 2.19 -136.42 -16.22
CA UNK S 959 1.49 -137.68 -16.10
C UNK S 959 1.72 -138.25 -14.72
N UNK S 960 1.10 -139.39 -14.47
CA UNK S 960 1.25 -140.06 -13.17
C UNK S 960 0.73 -141.49 -13.27
N UNK S 961 1.45 -142.41 -12.62
CA UNK S 961 1.05 -143.81 -12.62
C UNK S 961 -0.37 -143.91 -12.14
N UNK S 962 -0.97 -145.08 -12.31
CA UNK S 962 -2.34 -145.29 -11.88
C UNK S 962 -2.50 -146.71 -11.36
N UNK S 963 -1.26 -151.01 -13.94
CA UNK S 963 -0.54 -150.74 -15.18
C UNK S 963 -1.21 -149.68 -16.06
N UNK S 964 -2.26 -149.05 -15.53
CA UNK S 964 -2.95 -148.00 -16.25
C UNK S 964 -2.21 -146.69 -15.89
N UNK S 965 -2.20 -145.71 -16.79
CA UNK S 965 -1.49 -144.44 -16.53
C UNK S 965 -2.21 -143.20 -17.04
N UNK S 966 -2.52 -142.29 -16.12
CA UNK S 966 -3.22 -141.04 -16.41
C UNK S 966 -2.29 -140.00 -17.05
N UNK S 967 -2.74 -139.36 -18.12
CA UNK S 967 -1.92 -138.38 -18.82
C UNK S 967 -2.69 -137.19 -19.35
N UNK S 968 -2.07 -136.01 -19.24
CA UNK S 968 -2.67 -134.76 -19.70
C UNK S 968 -1.65 -133.92 -20.45
N UNK S 969 -2.06 -133.42 -21.60
CA UNK S 969 -1.20 -132.58 -22.42
C UNK S 969 -1.84 -131.23 -22.32
N UNK S 970 -1.25 -130.23 -22.94
CA UNK S 970 -1.89 -128.92 -22.88
C UNK S 970 -2.66 -128.65 -24.16
N UNK S 971 -3.64 -129.54 -24.38
CA UNK S 971 -4.58 -129.50 -25.49
C UNK S 971 -5.96 -129.82 -24.90
N UNK S 972 -6.07 -129.58 -23.59
CA UNK S 972 -7.31 -129.81 -22.87
C UNK S 972 -7.63 -131.27 -22.72
N UNK S 973 -6.81 -132.11 -23.34
CA UNK S 973 -7.01 -133.54 -23.30
C UNK S 973 -6.35 -134.25 -22.12
N UNK S 974 -7.04 -135.27 -21.64
CA UNK S 974 -6.59 -136.09 -20.53
C UNK S 974 -6.85 -137.52 -21.00
N UNK S 975 -5.84 -138.37 -20.99
CA UNK S 975 -6.07 -139.72 -21.45
C UNK S 975 -5.76 -140.75 -20.37
N UNK S 976 -6.21 -141.99 -20.59
CA UNK S 976 -5.97 -143.10 -19.65
C UNK S 976 -5.28 -144.28 -20.34
N UNK S 977 -4.01 -144.12 -20.68
CA UNK S 977 -3.26 -145.17 -21.36
C UNK S 977 -3.09 -146.45 -20.54
N UNK S 978 -2.75 -147.52 -21.25
CA UNK S 978 -2.52 -148.82 -20.65
C UNK S 978 -1.07 -149.13 -20.99
N UNK S 979 -0.24 -149.39 -20.00
CA UNK S 979 1.14 -149.73 -20.31
C UNK S 979 1.10 -151.20 -20.73
N UNK S 980 -2.29 -148.48 -25.34
CA UNK S 980 -3.64 -148.33 -25.84
C UNK S 980 -4.46 -147.32 -25.07
N UNK S 981 -4.90 -146.29 -25.77
CA UNK S 981 -5.70 -145.22 -25.19
C UNK S 981 -7.10 -145.69 -24.84
N UNK S 982 -7.24 -146.26 -23.66
CA UNK S 982 -8.54 -146.73 -23.21
C UNK S 982 -9.50 -145.54 -23.20
N UNK S 983 -9.22 -144.55 -22.34
CA UNK S 983 -10.07 -143.36 -22.25
C UNK S 983 -9.40 -142.13 -22.84
N UNK S 984 -10.23 -141.18 -23.28
CA UNK S 984 -9.74 -139.95 -23.89
C UNK S 984 -10.78 -138.83 -23.72
N UNK S 985 -10.43 -137.78 -22.99
CA UNK S 985 -11.34 -136.65 -22.75
C UNK S 985 -10.76 -135.35 -23.31
N UNK S 986 -11.64 -134.38 -23.51
CA UNK S 986 -11.25 -133.04 -23.97
C UNK S 986 -11.93 -132.13 -22.96
N UNK S 987 -11.50 -132.26 -21.70
CA UNK S 987 -12.04 -131.53 -20.56
C UNK S 987 -11.73 -130.03 -20.41
N UNK S 988 -10.96 -129.46 -21.34
CA UNK S 988 -10.62 -128.03 -21.29
C UNK S 988 -10.23 -127.57 -22.69
N UNK S 989 -10.47 -126.31 -23.00
CA UNK S 989 -10.14 -125.78 -24.32
C UNK S 989 -8.75 -125.13 -24.30
N UNK S 990 -2.57 -129.05 -13.58
CA UNK S 990 -2.47 -130.23 -12.72
C UNK S 990 -3.85 -130.87 -12.53
N UNK S 991 -3.86 -132.16 -12.25
CA UNK S 991 -5.12 -132.88 -12.08
C UNK S 991 -4.79 -134.16 -11.32
N UNK S 992 -5.57 -134.49 -10.30
CA UNK S 992 -5.29 -135.69 -9.52
C UNK S 992 -6.47 -136.63 -9.43
N UNK S 993 -6.22 -137.83 -8.90
CA UNK S 993 -7.25 -138.84 -8.75
C UNK S 993 -7.78 -138.83 -7.33
N UNK S 994 -8.94 -139.48 -7.15
CA UNK S 994 -9.58 -139.55 -5.85
C UNK S 994 -8.95 -140.65 -5.01
N UNK S 995 -11.48 -144.54 -7.23
CA UNK S 995 -10.90 -143.90 -8.39
C UNK S 995 -12.10 -143.42 -9.16
N UNK S 996 -13.26 -143.57 -8.55
CA UNK S 996 -14.50 -143.15 -9.18
C UNK S 996 -14.32 -141.73 -9.70
N UNK S 997 -13.45 -140.98 -9.02
CA UNK S 997 -13.23 -139.59 -9.38
C UNK S 997 -11.76 -139.23 -9.70
N UNK S 998 -11.57 -138.31 -10.64
CA UNK S 998 -10.24 -137.85 -11.04
C UNK S 998 -10.45 -136.49 -11.71
N UNK S 999 -10.17 -135.41 -10.99
CA UNK S 999 -10.39 -134.09 -11.56
C UNK S 999 -9.18 -133.37 -12.09
N UNK S 1000 -9.47 -132.31 -12.84
CA UNK S 1000 -8.47 -131.47 -13.49
C UNK S 1000 -8.46 -130.06 -12.96
N UNK S 1001 -7.62 -129.24 -13.59
CA UNK S 1001 -7.43 -127.84 -13.27
C UNK S 1001 -6.69 -127.30 -14.46
N UNK S 1002 -7.15 -126.19 -15.04
CA UNK S 1002 -6.45 -125.70 -16.22
C UNK S 1002 -6.89 -124.33 -16.67
N UNK S 1003 -11.10 -123.03 -14.76
CA UNK S 1003 -11.71 -123.58 -13.55
C UNK S 1003 -11.14 -124.95 -13.24
N UNK S 1004 -11.88 -125.73 -12.45
CA UNK S 1004 -11.47 -127.07 -12.07
C UNK S 1004 -12.59 -128.06 -12.31
N UNK S 1005 -12.71 -128.51 -13.57
CA UNK S 1005 -13.74 -129.48 -13.97
C UNK S 1005 -13.39 -130.83 -13.38
N UNK S 1006 -14.33 -131.40 -12.62
CA UNK S 1006 -14.14 -132.69 -11.98
C UNK S 1006 -15.02 -133.78 -12.59
N UNK S 1007 -14.47 -134.97 -12.85
CA UNK S 1007 -15.27 -136.06 -13.42
C UNK S 1007 -15.06 -137.47 -12.87
N UNK S 1008 -15.64 -138.46 -13.58
CA UNK S 1008 -15.62 -139.88 -13.19
C UNK S 1008 -14.98 -140.93 -14.10
N UNK S 1009 -18.54 -133.76 -14.56
CA UNK S 1009 -19.64 -133.83 -13.60
C UNK S 1009 -20.10 -132.39 -13.33
N UNK S 1010 -19.16 -131.48 -13.07
CA UNK S 1010 -19.52 -130.07 -12.85
C UNK S 1010 -18.36 -129.08 -12.89
N UNK S 1011 -18.53 -128.03 -13.68
CA UNK S 1011 -17.55 -126.97 -13.84
C UNK S 1011 -17.56 -126.04 -12.61
N UNK S 1012 -16.38 -125.81 -12.03
CA UNK S 1012 -16.22 -124.97 -10.83
C UNK S 1012 -15.55 -123.65 -11.14
N UNK S 1013 -16.27 -122.74 -11.78
CA UNK S 1013 -15.69 -121.44 -12.18
C UNK S 1013 -15.49 -120.45 -11.02
N UNK S 1014 -14.87 -120.92 -9.94
CA UNK S 1014 -14.64 -120.05 -8.80
C UNK S 1014 -13.45 -119.10 -8.94
N UNK S 1015 -12.25 -119.66 -9.08
CA UNK S 1015 -11.02 -118.88 -9.20
C UNK S 1015 -11.00 -117.82 -10.29
N UNK S 1016 -10.44 -116.66 -9.96
CA UNK S 1016 -10.34 -115.55 -10.91
C UNK S 1016 -8.95 -115.53 -11.51
N UNK S 1017 -6.90 -118.38 -12.01
CA UNK S 1017 -6.70 -119.61 -12.82
C UNK S 1017 -6.07 -120.73 -12.01
N UNK S 1018 -6.77 -121.86 -11.92
CA UNK S 1018 -6.28 -122.99 -11.15
C UNK S 1018 -4.94 -123.51 -11.66
N UNK S 1019 -4.15 -124.04 -10.74
CA UNK S 1019 -2.84 -124.58 -11.07
C UNK S 1019 -2.53 -125.86 -10.32
N UNK S 1020 -3.42 -126.25 -9.41
CA UNK S 1020 -3.23 -127.48 -8.66
C UNK S 1020 -4.50 -127.86 -7.91
N UNK S 1021 -4.52 -129.08 -7.36
CA UNK S 1021 -5.70 -129.55 -6.61
C UNK S 1021 -5.49 -130.94 -6.04
N UNK S 1022 -6.34 -131.30 -5.09
CA UNK S 1022 -6.26 -132.61 -4.47
C UNK S 1022 -7.60 -133.00 -3.85
N UNK S 1023 -7.81 -134.30 -3.71
CA UNK S 1023 -9.03 -134.83 -3.15
C UNK S 1023 -8.81 -135.21 -1.69
N UNK S 1024 -9.80 -134.93 -0.85
CA UNK S 1024 -9.69 -135.28 0.56
C UNK S 1024 -9.56 -136.78 0.59
N UNK S 1025 -8.73 -137.31 1.49
CA UNK S 1025 -8.53 -138.75 1.58
C UNK S 1025 -9.89 -139.41 1.85
N UNK S 1026 -14.06 -133.66 -0.44
CA UNK S 1026 -13.60 -132.34 -0.84
C UNK S 1026 -12.49 -132.36 -1.88
N UNK S 1027 -12.42 -131.27 -2.63
CA UNK S 1027 -11.42 -131.08 -3.66
C UNK S 1027 -10.97 -129.63 -3.59
N UNK S 1028 -9.77 -129.43 -3.02
CA UNK S 1028 -9.19 -128.10 -2.89
C UNK S 1028 -8.43 -127.76 -4.15
N UNK S 1029 -8.59 -126.53 -4.62
CA UNK S 1029 -7.93 -126.10 -5.84
C UNK S 1029 -6.99 -124.91 -5.68
N UNK S 1030 -5.87 -124.96 -6.39
CA UNK S 1030 -4.86 -123.91 -6.31
C UNK S 1030 -5.01 -122.82 -7.35
N UNK S 1031 -5.13 -121.59 -6.85
CA UNK S 1031 -5.28 -120.40 -7.67
C UNK S 1031 -3.95 -119.80 -8.05
N UNK S 1032 -3.89 -119.23 -9.25
CA UNK S 1032 -2.68 -118.61 -9.75
C UNK S 1032 -2.42 -117.30 -9.00
N UNK S 1033 -3.40 -116.88 -8.21
CA UNK S 1033 -3.26 -115.65 -7.42
C UNK S 1033 -3.46 -115.91 -5.94
N UNK S 1034 -2.69 -116.85 -5.42
CA UNK S 1034 -2.75 -117.16 -4.01
C UNK S 1034 -4.11 -117.52 -3.45
N UNK S 1035 -5.12 -117.59 -4.31
CA UNK S 1035 -6.45 -117.94 -3.84
C UNK S 1035 -6.52 -119.46 -3.72
N UNK S 1036 -7.55 -119.96 -3.06
CA UNK S 1036 -7.67 -121.39 -2.90
C UNK S 1036 -9.08 -121.46 -2.35
N UNK S 1037 -9.95 -122.11 -3.11
CA UNK S 1037 -11.30 -122.46 -2.66
C UNK S 1037 -11.39 -123.95 -2.39
N UNK S 1038 -12.22 -124.31 -1.42
CA UNK S 1038 -12.43 -125.70 -1.10
C UNK S 1038 -13.77 -126.01 -1.76
N UNK S 1039 -13.87 -127.16 -2.42
CA UNK S 1039 -15.12 -127.56 -3.05
C UNK S 1039 -15.54 -128.90 -2.46
N UNK S 1040 -16.78 -129.31 -2.68
CA UNK S 1040 -17.27 -130.57 -2.13
C UNK S 1040 -17.62 -131.64 -3.17
N UNK S 1041 -16.23 -123.46 0.82
CA UNK S 1041 -15.68 -122.20 1.34
C UNK S 1041 -14.39 -121.82 0.60
N UNK S 1042 -14.18 -120.53 0.42
CA UNK S 1042 -13.00 -120.03 -0.27
C UNK S 1042 -11.89 -119.44 0.62
N UNK S 1043 -11.39 -120.21 1.57
CA UNK S 1043 -10.32 -119.74 2.45
C UNK S 1043 -9.12 -119.36 1.60
N UNK S 1044 -8.90 -118.07 1.37
CA UNK S 1044 -7.78 -117.63 0.55
C UNK S 1044 -7.35 -116.15 0.68
N UNK S 1045 -6.70 -115.79 1.81
CA UNK S 1045 -6.24 -114.42 2.05
C UNK S 1045 -5.11 -113.98 1.11
N UNK S 1046 1.26 -117.30 -6.58
CA UNK S 1046 0.92 -118.66 -6.98
C UNK S 1046 0.58 -119.52 -5.75
N UNK S 1047 0.07 -120.72 -6.03
CA UNK S 1047 -0.27 -121.74 -5.04
C UNK S 1047 -0.06 -123.01 -5.85
N UNK S 1048 1.18 -123.47 -5.90
CA UNK S 1048 1.52 -124.63 -6.69
C UNK S 1048 1.29 -126.00 -6.07
N UNK S 1049 0.48 -126.09 -5.03
CA UNK S 1049 0.29 -127.40 -4.43
C UNK S 1049 -0.64 -127.40 -3.22
N UNK S 1050 -1.31 -128.52 -2.99
CA UNK S 1050 -2.19 -128.70 -1.85
C UNK S 1050 -2.18 -130.16 -1.45
N UNK S 1051 -2.76 -130.47 -0.30
CA UNK S 1051 -2.80 -131.84 0.18
C UNK S 1051 -3.67 -131.80 1.44
N UNK S 1052 -4.68 -132.67 1.49
CA UNK S 1052 -5.46 -132.81 2.68
C UNK S 1052 -4.70 -133.74 3.61
N UNK S 1053 -5.08 -133.73 4.88
CA UNK S 1053 -4.44 -134.58 5.88
C UNK S 1053 -5.23 -135.88 5.95
N UNK S 1054 -4.66 -136.92 6.58
CA UNK S 1054 -5.48 -138.13 6.62
C UNK S 1054 -6.83 -137.75 7.24
N UNK S 1055 -6.77 -137.21 8.45
CA UNK S 1055 -7.97 -136.78 9.18
C UNK S 1055 -8.98 -135.98 8.36
N UNK S 1056 -8.61 -135.56 7.16
CA UNK S 1056 -9.49 -134.79 6.28
C UNK S 1056 -9.94 -133.47 6.90
N UNK S 1057 -9.10 -132.88 7.76
CA UNK S 1057 -9.41 -131.62 8.43
C UNK S 1057 -8.41 -130.49 8.16
N UNK S 1058 -7.11 -130.83 8.16
CA UNK S 1058 -6.05 -129.86 7.92
C UNK S 1058 -5.58 -129.92 6.47
N UNK S 1059 -5.62 -128.77 5.80
CA UNK S 1059 -5.17 -128.69 4.41
C UNK S 1059 -3.83 -127.95 4.38
N UNK S 1060 -2.80 -128.61 3.84
CA UNK S 1060 -1.48 -127.97 3.73
C UNK S 1060 -1.34 -127.32 2.35
N UNK S 1061 -0.78 -126.12 2.32
CA UNK S 1061 -0.62 -125.37 1.08
C UNK S 1061 0.83 -124.94 0.84
N UNK S 1062 1.20 -124.77 -0.43
CA UNK S 1062 2.55 -124.35 -0.79
C UNK S 1062 2.57 -123.52 -2.06
N UNK S 1063 5.27 -119.78 -0.05
CA UNK S 1063 5.67 -120.36 1.23
C UNK S 1063 4.61 -121.36 1.65
N UNK S 1064 4.92 -122.17 2.65
CA UNK S 1064 3.98 -123.16 3.16
C UNK S 1064 2.95 -122.43 4.02
N UNK S 1065 1.77 -123.05 4.22
CA UNK S 1065 0.72 -122.41 4.99
C UNK S 1065 -0.37 -123.44 5.24
N UNK S 1066 -0.61 -123.76 6.51
CA UNK S 1066 -1.64 -124.73 6.87
C UNK S 1066 -2.99 -124.07 7.11
N UNK S 1067 -4.07 -124.83 6.93
CA UNK S 1067 -5.43 -124.30 7.14
C UNK S 1067 -6.35 -125.21 7.96
N UNK S 1068 -7.58 -124.73 8.13
CA UNK S 1068 -8.62 -125.43 8.88
C UNK S 1068 -9.86 -125.63 8.02
N UNK S 1069 -10.20 -126.89 7.75
CA UNK S 1069 -11.37 -127.21 6.94
C UNK S 1069 -12.63 -126.52 7.48
N UNK S 1070 7.77 -119.73 6.68
CA UNK S 1070 8.24 -118.84 5.64
C UNK S 1070 9.61 -119.36 5.26
N UNK S 1071 9.76 -119.71 4.01
CA UNK S 1071 11.04 -120.20 3.52
C UNK S 1071 11.78 -118.99 2.95
N UNK S 1072 13.10 -118.96 3.10
CA UNK S 1072 13.90 -117.87 2.58
C UNK S 1072 13.44 -117.54 1.15
N UNK S 1073 13.35 -118.57 0.33
CA UNK S 1073 12.93 -118.38 -1.05
C UNK S 1073 11.45 -118.60 -1.25
N UNK S 1074 11.00 -118.40 -2.48
CA UNK S 1074 9.61 -118.57 -2.83
C UNK S 1074 9.45 -119.52 -4.00
N UNK S 1075 8.29 -119.41 -4.64
CA UNK S 1075 7.96 -120.22 -5.79
C UNK S 1075 8.31 -121.66 -5.58
N UNK S 1076 7.68 -122.26 -4.59
CA UNK S 1076 7.91 -123.66 -4.32
C UNK S 1076 7.08 -124.40 -5.36
N UNK S 1077 7.24 -125.71 -5.44
CA UNK S 1077 6.43 -126.51 -6.35
C UNK S 1077 5.44 -127.53 -5.82
N UNK S 1078 5.94 -128.68 -5.40
CA UNK S 1078 5.10 -129.74 -4.86
C UNK S 1078 5.62 -130.08 -3.47
N UNK S 1079 4.78 -129.90 -2.46
CA UNK S 1079 5.23 -130.03 -1.09
C UNK S 1079 5.08 -131.52 -0.84
N UNK S 1080 6.09 -132.16 -0.26
CA UNK S 1080 5.98 -133.59 -0.01
C UNK S 1080 5.57 -133.91 1.42
N UNK S 1081 4.26 -134.04 1.66
CA UNK S 1081 3.78 -134.39 2.98
C UNK S 1081 4.03 -135.88 3.12
N UNK S 1082 3.83 -136.45 4.30
CA UNK S 1082 4.06 -137.87 4.47
C UNK S 1082 2.82 -138.55 5.05
N UNK S 1083 2.93 -139.86 5.35
CA UNK S 1083 1.77 -140.57 5.92
C UNK S 1083 1.29 -139.90 7.22
N UNK S 1084 2.16 -139.90 8.23
CA UNK S 1084 1.84 -139.32 9.53
C UNK S 1084 1.51 -137.83 9.48
N UNK S 1085 1.72 -137.18 8.33
CA UNK S 1085 1.46 -135.74 8.17
C UNK S 1085 2.28 -134.99 9.21
N UNK S 1086 3.43 -135.58 9.55
CA UNK S 1086 4.33 -135.05 10.57
C UNK S 1086 5.75 -134.87 10.03
N UNK S 1087 5.87 -134.76 8.70
CA UNK S 1087 7.16 -134.56 8.04
C UNK S 1087 6.88 -133.91 6.70
N UNK S 1088 7.68 -132.92 6.33
CA UNK S 1088 7.48 -132.23 5.06
C UNK S 1088 8.82 -131.98 4.39
N UNK S 1089 8.83 -132.00 3.06
CA UNK S 1089 10.07 -131.73 2.31
C UNK S 1089 9.76 -130.86 1.12
N UNK S 1090 10.61 -129.88 0.89
CA UNK S 1090 10.42 -128.99 -0.24
C UNK S 1090 11.72 -128.29 -0.59
N UNK S 1091 11.68 -127.48 -1.64
CA UNK S 1091 12.87 -126.79 -2.10
C UNK S 1091 12.50 -125.49 -2.75
N UNK S 1092 13.02 -124.37 -2.23
CA UNK S 1092 12.71 -123.05 -2.78
C UNK S 1092 13.68 -122.67 -3.89
N UNK S 1093 13.33 -121.65 -4.65
CA UNK S 1093 14.20 -121.23 -5.75
C UNK S 1093 15.56 -120.73 -5.28
N UNK S 1094 15.81 -120.84 -3.98
CA UNK S 1094 17.10 -120.45 -3.48
C UNK S 1094 17.91 -121.73 -3.38
N UNK S 1095 17.30 -122.82 -3.83
CA UNK S 1095 17.97 -124.12 -3.82
C UNK S 1095 18.20 -124.65 -2.43
N UNK S 1096 17.39 -124.19 -1.50
CA UNK S 1096 17.51 -124.64 -0.13
C UNK S 1096 16.58 -125.83 0.10
N UNK S 1097 17.12 -126.89 0.69
CA UNK S 1097 16.36 -128.10 0.95
C UNK S 1097 15.68 -128.11 2.33
N UNK S 1098 14.38 -127.85 2.35
CA UNK S 1098 13.66 -127.84 3.62
C UNK S 1098 13.05 -129.20 3.96
N UNK S 1099 13.52 -129.81 5.04
CA UNK S 1099 12.97 -131.07 5.52
C UNK S 1099 12.40 -130.75 6.91
N UNK S 1100 11.15 -130.30 6.93
CA UNK S 1100 10.48 -129.93 8.17
C UNK S 1100 9.86 -131.15 8.84
N UNK S 1101 9.53 -131.04 10.12
CA UNK S 1101 8.96 -132.17 10.84
C UNK S 1101 8.38 -131.80 12.21
N MET T 10 19.50 -50.07 -17.54
CA MET T 10 18.58 -49.21 -18.27
C MET T 10 17.27 -49.06 -17.46
N PRO T 11 16.32 -48.22 -17.94
CA PRO T 11 15.05 -48.07 -17.21
C PRO T 11 14.30 -49.35 -16.80
N LYS T 12 13.30 -49.16 -15.93
CA LYS T 12 12.47 -50.24 -15.41
C LYS T 12 11.52 -50.76 -16.49
N ARG T 13 10.77 -49.87 -17.11
CA ARG T 13 9.82 -50.23 -18.16
C ARG T 13 10.45 -50.93 -19.36
N HIS T 14 11.77 -51.09 -19.32
CA HIS T 14 12.49 -51.80 -20.38
C HIS T 14 12.73 -53.26 -20.02
N ARG T 15 13.21 -53.51 -18.81
CA ARG T 15 13.40 -54.88 -18.33
C ARG T 15 12.10 -55.67 -18.35
N GLU T 16 11.00 -55.01 -18.00
CA GLU T 16 9.68 -55.64 -18.01
C GLU T 16 9.27 -56.02 -19.40
N HIS T 17 9.62 -55.17 -20.36
CA HIS T 17 9.35 -55.42 -21.77
C HIS T 17 9.92 -56.74 -22.28
N ILE T 18 11.24 -56.81 -22.35
CA ILE T 18 11.92 -58.00 -22.83
C ILE T 18 11.66 -59.18 -21.90
N ARG T 19 11.24 -58.89 -20.67
CA ARG T 19 10.96 -59.93 -19.69
C ARG T 19 9.75 -60.77 -20.11
N LYS T 20 8.59 -60.13 -20.21
CA LYS T 20 7.37 -60.83 -20.60
C LYS T 20 7.42 -61.24 -22.07
N ASN T 21 8.00 -60.38 -22.90
CA ASN T 21 8.11 -60.65 -24.32
C ASN T 21 9.42 -61.33 -24.69
N LEU T 22 9.88 -62.23 -23.81
CA LEU T 22 11.12 -62.95 -24.03
C LEU T 22 10.90 -64.19 -24.90
N ASN T 23 9.64 -64.45 -25.23
CA ASN T 23 9.29 -65.60 -26.07
C ASN T 23 9.30 -65.28 -27.54
N ILE T 24 8.65 -64.17 -27.88
CA ILE T 24 8.59 -63.72 -29.26
C ILE T 24 10.01 -63.43 -29.74
N LEU T 25 10.78 -62.79 -28.88
CA LEU T 25 12.14 -62.38 -29.25
C LEU T 25 13.08 -63.59 -29.34
N VAL T 26 12.76 -64.63 -28.57
CA VAL T 26 13.57 -65.84 -28.53
C VAL T 26 13.13 -66.75 -29.66
N GLU T 27 12.05 -66.36 -30.32
CA GLU T 27 11.49 -67.20 -31.37
C GLU T 27 11.90 -66.72 -32.74
N TRP T 28 11.59 -65.46 -33.06
CA TRP T 28 11.75 -64.99 -34.43
C TRP T 28 13.22 -64.80 -34.87
N THR T 29 14.11 -64.40 -33.95
CA THR T 29 15.53 -64.23 -34.27
C THR T 29 16.31 -65.55 -34.19
N ASN T 30 16.91 -66.02 -35.30
CA ASN T 30 17.97 -67.03 -35.21
C ASN T 30 18.99 -66.73 -34.11
N TYR T 31 19.43 -67.76 -33.40
CA TYR T 31 20.30 -67.53 -32.24
C TYR T 31 21.77 -67.43 -32.64
N GLU T 32 22.18 -68.29 -33.57
CA GLU T 32 23.53 -68.24 -34.12
C GLU T 32 23.78 -66.83 -34.64
N ARG T 33 22.87 -66.43 -35.51
CA ARG T 33 22.92 -65.15 -36.19
C ARG T 33 22.77 -64.02 -35.19
N LEU T 34 22.29 -64.34 -34.01
CA LEU T 34 22.15 -63.32 -32.98
C LEU T 34 23.36 -63.37 -32.07
N ALA T 35 23.61 -64.47 -31.38
CA ALA T 35 24.75 -64.57 -30.47
C ALA T 35 26.06 -64.07 -31.09
N MET T 36 26.45 -64.69 -32.20
CA MET T 36 27.72 -64.37 -32.84
C MET T 36 27.78 -62.89 -33.27
N GLU T 37 26.61 -62.27 -33.36
CA GLU T 37 26.46 -60.85 -33.76
C GLU T 37 26.41 -59.88 -32.58
N CYS T 38 25.76 -60.30 -31.50
CA CYS T 38 25.58 -59.50 -30.30
C CYS T 38 26.95 -59.34 -29.66
N VAL T 39 27.64 -60.44 -29.50
CA VAL T 39 28.96 -60.36 -28.91
C VAL T 39 29.72 -59.45 -29.87
N GLN T 40 29.47 -59.73 -31.15
CA GLN T 40 30.08 -59.08 -32.27
C GLN T 40 29.67 -57.63 -32.26
N GLN T 41 28.43 -57.39 -31.83
CA GLN T 41 27.89 -56.03 -31.77
C GLN T 41 28.64 -54.98 -30.91
N GLY T 42 29.33 -55.36 -29.84
CA GLY T 42 29.77 -54.34 -28.92
C GLY T 42 29.08 -54.41 -27.58
N ILE T 43 28.70 -55.63 -27.20
CA ILE T 43 28.11 -55.89 -25.89
C ILE T 43 28.85 -56.85 -24.94
N LEU T 44 28.65 -58.14 -25.13
CA LEU T 44 29.24 -59.16 -24.28
C LEU T 44 30.57 -59.60 -24.86
N THR T 45 31.13 -60.69 -24.34
CA THR T 45 32.48 -61.11 -24.68
C THR T 45 32.61 -62.63 -24.66
N VAL T 46 33.74 -63.14 -25.14
CA VAL T 46 33.99 -64.58 -25.17
C VAL T 46 33.60 -65.23 -23.84
N GLN T 47 33.62 -64.43 -22.77
CA GLN T 47 33.27 -64.93 -21.45
C GLN T 47 31.77 -64.89 -21.22
N MET T 48 31.19 -63.72 -21.46
CA MET T 48 29.75 -63.53 -21.29
C MET T 48 28.96 -64.55 -22.10
N LEU T 49 29.02 -64.43 -23.42
CA LEU T 49 28.32 -65.34 -24.30
C LEU T 49 28.56 -66.80 -23.94
N ARG T 50 29.74 -67.17 -23.46
CA ARG T 50 29.95 -68.54 -23.01
C ARG T 50 28.95 -68.94 -21.94
N ASN T 51 28.93 -68.16 -20.86
CA ASN T 51 28.09 -68.44 -19.70
C ASN T 51 26.61 -68.32 -20.04
N THR T 52 26.30 -67.50 -21.03
CA THR T 52 24.92 -67.33 -21.47
C THR T 52 24.46 -68.45 -22.40
N GLN T 53 25.21 -68.66 -23.47
CA GLN T 53 25.09 -69.80 -24.37
C GLN T 53 25.20 -71.14 -23.66
N ASP T 54 26.08 -71.27 -22.69
CA ASP T 54 25.99 -72.47 -21.90
C ASP T 54 24.98 -72.21 -20.78
N LEU T 55 24.80 -73.17 -19.89
CA LEU T 55 23.74 -73.12 -18.89
C LEU T 55 24.31 -73.73 -17.62
N ASN T 56 23.44 -74.21 -16.74
CA ASN T 56 23.92 -74.73 -15.46
C ASN T 56 24.66 -76.05 -15.61
N GLY T 57 24.23 -76.87 -16.56
CA GLY T 57 24.78 -78.20 -16.73
C GLY T 57 23.71 -79.26 -16.58
N LYS T 58 22.81 -79.04 -15.62
CA LYS T 58 21.63 -79.88 -15.47
C LYS T 58 20.68 -79.88 -16.69
N PRO T 59 20.67 -78.78 -17.44
CA PRO T 59 19.83 -78.66 -18.62
C PRO T 59 19.88 -79.92 -19.48
N PHE T 60 20.86 -80.78 -19.21
CA PHE T 60 21.02 -82.03 -19.97
C PHE T 60 19.79 -82.91 -19.84
N ASN T 61 19.06 -82.73 -18.77
CA ASN T 61 17.89 -83.54 -18.59
C ASN T 61 16.96 -83.21 -19.77
N MET T 62 17.15 -82.02 -20.26
CA MET T 62 16.26 -81.43 -21.22
C MET T 62 16.61 -81.74 -22.66
N ASP T 63 15.57 -82.10 -23.40
CA ASP T 63 15.73 -82.53 -24.78
C ASP T 63 16.18 -81.37 -25.62
N GLU T 64 16.73 -81.75 -26.77
CA GLU T 64 17.29 -80.87 -27.77
C GLU T 64 16.36 -79.72 -28.06
N LYS T 65 15.12 -79.98 -28.48
CA LYS T 65 14.33 -78.81 -28.82
C LYS T 65 14.50 -77.66 -27.84
N ASP T 66 14.69 -77.98 -26.58
CA ASP T 66 14.35 -77.06 -25.50
C ASP T 66 15.56 -76.42 -24.84
N VAL T 67 16.75 -76.73 -25.35
CA VAL T 67 17.97 -76.17 -24.78
C VAL T 67 18.42 -74.94 -25.55
N ARG T 68 18.36 -75.01 -26.88
CA ARG T 68 18.61 -73.84 -27.72
C ARG T 68 17.63 -72.69 -27.42
N VAL T 69 16.38 -73.03 -27.16
CA VAL T 69 15.37 -72.03 -26.83
C VAL T 69 15.69 -71.37 -25.49
N GLU T 70 16.17 -72.18 -24.55
CA GLU T 70 16.56 -71.70 -23.23
C GLU T 70 17.76 -70.78 -23.34
N GLN T 71 18.78 -71.26 -24.05
CA GLN T 71 19.95 -70.47 -24.42
C GLN T 71 19.62 -69.09 -24.93
N HIS T 72 18.88 -69.11 -26.02
CA HIS T 72 18.44 -67.91 -26.72
C HIS T 72 17.68 -67.02 -25.74
N ARG T 73 16.93 -67.65 -24.83
CA ARG T 73 16.19 -66.92 -23.80
C ARG T 73 17.12 -66.41 -22.69
N ARG T 74 18.31 -66.96 -22.63
CA ARG T 74 19.26 -66.58 -21.60
C ARG T 74 20.02 -65.40 -22.14
N LEU T 75 19.98 -65.24 -23.45
CA LEU T 75 20.74 -64.18 -24.10
C LEU T 75 20.16 -62.82 -23.80
N LEU T 76 18.90 -62.66 -24.14
CA LEU T 76 18.22 -61.39 -23.97
C LEU T 76 18.26 -60.93 -22.53
N LEU T 77 18.26 -61.89 -21.60
CA LEU T 77 18.37 -61.58 -20.19
C LEU T 77 19.70 -60.92 -19.85
N LYS T 78 20.76 -61.38 -20.48
CA LYS T 78 22.07 -60.77 -20.27
C LYS T 78 22.18 -59.44 -21.03
N ILE T 79 21.53 -59.36 -22.19
CA ILE T 79 21.54 -58.14 -22.99
C ILE T 79 20.83 -57.00 -22.26
N THR T 80 19.73 -57.37 -21.63
CA THR T 80 18.95 -56.53 -20.77
C THR T 80 19.84 -56.16 -19.62
N GLN T 81 20.75 -57.05 -19.27
CA GLN T 81 21.60 -56.77 -18.14
C GLN T 81 22.44 -55.56 -18.39
N ARG T 82 22.65 -55.22 -19.63
CA ARG T 82 23.68 -54.29 -19.95
C ARG T 82 23.37 -52.83 -19.78
N GLY T 83 24.29 -52.00 -20.23
CA GLY T 83 24.18 -50.56 -20.09
C GLY T 83 23.07 -49.93 -20.90
N PRO T 84 22.71 -48.64 -20.50
CA PRO T 84 21.38 -48.23 -20.93
C PRO T 84 21.15 -48.26 -22.41
N THR T 85 22.18 -48.29 -23.23
CA THR T 85 21.94 -48.40 -24.66
C THR T 85 21.21 -49.72 -24.92
N ALA T 86 21.35 -50.64 -24.01
CA ALA T 86 21.02 -52.03 -24.28
C ALA T 86 19.82 -52.10 -25.22
N TYR T 87 18.90 -51.17 -25.03
CA TYR T 87 17.79 -51.05 -25.94
C TYR T 87 18.36 -50.71 -27.30
N ASN T 88 18.91 -49.53 -27.42
CA ASN T 88 19.40 -49.04 -28.70
C ASN T 88 20.43 -49.97 -29.31
N LEU T 89 21.11 -50.76 -28.48
CA LEU T 89 22.04 -51.76 -28.97
C LEU T 89 21.29 -52.93 -29.60
N LEU T 90 20.28 -53.43 -28.89
CA LEU T 90 19.62 -54.66 -29.30
C LEU T 90 18.73 -54.40 -30.50
N ILE T 91 18.10 -53.24 -30.52
CA ILE T 91 17.20 -52.87 -31.61
C ILE T 91 17.95 -52.87 -32.94
N ASN T 92 19.21 -52.44 -32.89
CA ASN T 92 20.02 -52.33 -34.10
C ASN T 92 20.60 -53.67 -34.48
N ALA T 93 21.15 -54.35 -33.48
CA ALA T 93 21.69 -55.68 -33.71
C ALA T 93 20.62 -56.52 -34.39
N LEU T 94 19.39 -56.41 -33.90
CA LEU T 94 18.27 -57.16 -34.44
C LEU T 94 17.81 -56.58 -35.78
N ARG T 95 18.01 -55.28 -35.98
CA ARG T 95 17.77 -54.69 -37.29
C ARG T 95 18.65 -55.37 -38.33
N ASN T 96 19.82 -55.86 -37.90
CA ASN T 96 20.71 -56.58 -38.81
C ASN T 96 20.44 -58.07 -38.91
N ILE T 97 20.20 -58.73 -37.77
CA ILE T 97 19.74 -60.13 -37.76
C ILE T 97 18.59 -60.37 -38.76
N ASN T 98 17.91 -59.29 -39.13
CA ASN T 98 16.84 -59.27 -40.12
C ASN T 98 15.59 -59.89 -39.52
N CYS T 99 15.50 -59.75 -38.21
CA CYS T 99 14.28 -60.04 -37.49
C CYS T 99 13.51 -58.76 -37.18
N LEU T 100 13.31 -57.94 -38.22
CA LEU T 100 12.59 -56.67 -38.13
C LEU T 100 11.30 -56.76 -37.32
N ASP T 101 10.53 -57.84 -37.53
CA ASP T 101 9.29 -58.09 -36.79
C ASP T 101 9.45 -58.28 -35.28
N ALA T 102 10.68 -58.24 -34.77
CA ALA T 102 10.94 -58.27 -33.33
C ALA T 102 11.65 -56.99 -32.96
N ALA T 103 12.35 -56.39 -33.92
CA ALA T 103 12.93 -55.07 -33.69
C ALA T 103 11.79 -54.10 -33.42
N VAL T 104 10.72 -54.27 -34.17
CA VAL T 104 9.51 -53.51 -33.93
C VAL T 104 9.07 -53.82 -32.51
N LEU T 105 8.88 -55.09 -32.19
CA LEU T 105 8.43 -55.49 -30.88
C LEU T 105 9.17 -54.77 -29.75
N LEU T 106 10.50 -54.76 -29.88
CA LEU T 106 11.40 -54.21 -28.89
C LEU T 106 11.44 -52.67 -28.90
N GLU T 107 10.94 -52.07 -29.97
CA GLU T 107 11.00 -50.62 -30.12
C GLU T 107 9.66 -49.90 -29.90
N SER T 108 8.59 -50.49 -30.44
CA SER T 108 7.24 -49.94 -30.47
C SER T 108 6.66 -49.57 -29.13
N VAL T 109 7.01 -50.32 -28.09
CA VAL T 109 6.68 -49.94 -26.71
C VAL T 109 7.13 -48.54 -26.30
N ASP T 110 8.04 -47.96 -27.07
CA ASP T 110 8.43 -46.58 -26.84
C ASP T 110 7.69 -45.76 -27.87
N GLU T 111 8.08 -44.49 -28.01
CA GLU T 111 7.48 -43.58 -29.00
C GLU T 111 6.05 -43.22 -28.61
N TYR U 10 1.38 -52.61 1.61
CA TYR U 10 -0.02 -53.00 1.66
C TYR U 10 -0.31 -54.18 0.74
N GLN U 11 -0.74 -55.29 1.32
CA GLN U 11 -1.04 -56.49 0.56
C GLN U 11 -2.50 -56.51 0.12
N TYR U 12 -2.98 -57.68 -0.31
CA TYR U 12 -4.36 -57.83 -0.76
C TYR U 12 -5.24 -58.38 0.36
N LYS U 13 -4.61 -58.85 1.43
CA LYS U 13 -5.33 -59.40 2.57
C LYS U 13 -5.89 -58.30 3.46
N ASP U 14 -5.48 -57.05 3.19
CA ASP U 14 -5.94 -55.92 3.96
C ASP U 14 -6.77 -54.97 3.11
N ILE U 15 -6.39 -54.82 1.84
CA ILE U 15 -7.09 -53.95 0.91
C ILE U 15 -8.40 -54.62 0.46
N LEU U 16 -8.70 -55.80 0.99
CA LEU U 16 -9.91 -56.51 0.61
C LEU U 16 -11.11 -56.07 1.44
N SER U 17 -10.94 -56.01 2.75
CA SER U 17 -12.04 -55.65 3.64
C SER U 17 -12.46 -54.20 3.43
N VAL U 18 -11.63 -53.45 2.71
CA VAL U 18 -11.88 -52.04 2.43
C VAL U 18 -13.13 -51.83 1.58
N PHE U 19 -13.26 -52.55 0.48
CA PHE U 19 -14.45 -52.42 -0.36
C PHE U 19 -15.39 -53.59 -0.15
N GLU U 20 -15.84 -53.76 1.09
CA GLU U 20 -16.77 -54.81 1.41
C GLU U 20 -18.22 -54.36 1.18
N ASP U 21 -18.45 -53.06 1.11
CA ASP U 21 -19.81 -52.57 0.85
C ASP U 21 -20.21 -52.91 -0.57
N ALA U 22 -19.22 -53.06 -1.44
CA ALA U 22 -19.48 -53.35 -2.83
C ALA U 22 -19.62 -54.85 -3.03
N PHE U 23 -18.79 -55.59 -2.31
CA PHE U 23 -18.76 -57.04 -2.44
C PHE U 23 -20.09 -57.69 -2.05
N VAL U 24 -21.04 -56.89 -1.55
CA VAL U 24 -22.36 -57.39 -1.18
C VAL U 24 -23.39 -56.92 -2.21
N ASP U 25 -22.99 -55.96 -3.02
CA ASP U 25 -23.83 -55.40 -4.07
C ASP U 25 -23.79 -56.29 -5.29
N ASN U 26 -22.60 -56.41 -5.86
CA ASN U 26 -22.46 -57.03 -7.17
C ASN U 26 -21.64 -58.31 -7.20
N PHE U 27 -21.60 -59.04 -6.09
CA PHE U 27 -20.83 -60.28 -6.05
C PHE U 27 -21.50 -61.38 -5.24
N ASP U 28 -21.60 -62.56 -5.83
CA ASP U 28 -21.75 -63.79 -5.07
C ASP U 28 -21.04 -64.92 -5.80
N CYS U 29 -20.40 -65.78 -5.02
CA CYS U 29 -19.59 -66.86 -5.55
C CYS U 29 -20.36 -67.92 -6.33
N LYS U 30 -21.64 -67.66 -6.58
CA LYS U 30 -22.44 -68.55 -7.41
C LYS U 30 -21.79 -68.64 -8.79
N ASP U 31 -21.04 -67.60 -9.15
CA ASP U 31 -20.30 -67.59 -10.39
C ASP U 31 -18.88 -68.11 -10.16
N VAL U 32 -18.44 -68.08 -8.90
CA VAL U 32 -17.11 -68.55 -8.54
C VAL U 32 -17.13 -70.04 -8.21
N GLN U 33 -17.51 -70.86 -9.19
CA GLN U 33 -17.56 -72.30 -9.00
C GLN U 33 -16.53 -73.01 -9.87
N ASP U 34 -15.42 -72.35 -10.12
CA ASP U 34 -14.35 -72.92 -10.94
C ASP U 34 -13.04 -72.15 -10.74
N MET U 35 -12.36 -72.44 -9.64
CA MET U 35 -11.10 -71.78 -9.32
C MET U 35 -10.09 -72.81 -8.84
N PRO U 36 -8.84 -72.38 -8.52
CA PRO U 36 -7.99 -73.38 -7.88
C PRO U 36 -8.49 -73.82 -6.51
N LYS U 37 -8.59 -75.13 -6.29
CA LYS U 37 -8.96 -75.68 -4.99
C LYS U 37 -7.97 -75.22 -3.93
N SER U 38 -6.80 -74.79 -4.39
CA SER U 38 -5.79 -74.22 -3.51
C SER U 38 -6.25 -72.91 -2.88
N ILE U 39 -7.32 -72.33 -3.41
CA ILE U 39 -7.69 -70.97 -3.06
C ILE U 39 -8.85 -71.03 -2.10
N LEU U 40 -9.85 -71.82 -2.48
CA LEU U 40 -10.97 -72.05 -1.57
C LEU U 40 -11.30 -73.52 -1.50
N SER U 41 -11.73 -74.00 -0.33
CA SER U 41 -12.06 -75.41 -0.17
C SER U 41 -13.33 -75.78 -0.91
N LYS U 42 -13.29 -76.85 -1.71
CA LYS U 42 -14.46 -77.26 -2.44
C LYS U 42 -15.58 -77.32 -1.43
N GLU U 43 -15.25 -77.77 -0.23
CA GLU U 43 -16.23 -77.85 0.85
C GLU U 43 -16.37 -76.50 1.55
N GLU U 44 -15.27 -75.75 1.59
CA GLU U 44 -15.28 -74.42 2.21
C GLU U 44 -16.07 -73.43 1.36
N ILE U 45 -16.07 -73.68 0.06
CA ILE U 45 -16.77 -72.86 -0.91
C ILE U 45 -18.27 -73.11 -0.82
N ASP U 46 -18.66 -74.37 -0.67
CA ASP U 46 -20.09 -74.63 -0.56
C ASP U 46 -20.54 -73.94 0.69
N HIS U 47 -19.64 -73.95 1.67
CA HIS U 47 -19.82 -73.30 2.96
C HIS U 47 -20.13 -71.83 2.74
N ILE U 48 -19.30 -71.18 1.93
CA ILE U 48 -19.48 -69.77 1.60
C ILE U 48 -20.67 -69.60 0.69
N ILE U 49 -20.73 -70.37 -0.39
CA ILE U 49 -21.89 -70.30 -1.25
C ILE U 49 -23.09 -70.73 -0.43
N MET U 50 -22.78 -71.22 0.75
CA MET U 50 -23.72 -71.96 1.54
C MET U 50 -24.87 -71.02 1.75
N SER U 51 -24.48 -69.76 1.89
CA SER U 51 -25.24 -68.61 1.45
C SER U 51 -26.65 -68.42 1.99
N LYS U 52 -26.77 -68.46 3.31
CA LYS U 52 -28.04 -68.15 3.89
C LYS U 52 -28.35 -66.70 3.54
N ASP U 53 -27.34 -65.83 3.58
CA ASP U 53 -27.57 -64.41 3.28
C ASP U 53 -26.51 -63.73 2.41
N ALA U 54 -26.95 -62.78 1.62
CA ALA U 54 -26.04 -62.10 0.74
C ALA U 54 -24.99 -61.44 1.61
N VAL U 55 -25.39 -60.90 2.74
CA VAL U 55 -24.40 -60.21 3.58
C VAL U 55 -23.58 -61.26 4.30
N SER U 56 -24.26 -62.25 4.85
CA SER U 56 -23.56 -63.28 5.61
C SER U 56 -22.64 -64.09 4.70
N GLY U 57 -23.12 -64.43 3.50
CA GLY U 57 -22.35 -65.27 2.60
C GLY U 57 -21.07 -64.57 2.17
N THR U 58 -21.20 -63.29 1.85
CA THR U 58 -20.08 -62.50 1.37
C THR U 58 -19.11 -62.34 2.53
N LEU U 59 -19.65 -62.12 3.72
CA LEU U 59 -18.81 -61.91 4.88
C LEU U 59 -18.06 -63.21 5.09
N ARG U 60 -18.80 -64.30 4.86
CA ARG U 60 -18.31 -65.65 5.03
C ARG U 60 -17.17 -65.89 4.07
N LEU U 61 -17.22 -65.29 2.89
CA LEU U 61 -16.11 -65.45 2.01
C LEU U 61 -14.92 -64.64 2.43
N PHE U 62 -15.11 -63.40 2.87
CA PHE U 62 -13.89 -62.70 3.23
C PHE U 62 -13.26 -63.33 4.46
N TRP U 63 -14.10 -63.73 5.42
CA TRP U 63 -13.55 -64.31 6.63
C TRP U 63 -12.76 -65.57 6.38
N THR U 64 -13.33 -66.51 5.64
CA THR U 64 -12.59 -67.75 5.42
C THR U 64 -11.34 -67.50 4.60
N LEU U 65 -11.44 -66.67 3.57
CA LEU U 65 -10.32 -66.42 2.66
C LEU U 65 -9.17 -65.67 3.32
N LEU U 66 -9.50 -64.74 4.20
CA LEU U 66 -8.49 -63.91 4.88
C LEU U 66 -7.47 -64.81 5.61
N SER U 67 -7.94 -66.02 5.88
CA SER U 67 -7.22 -67.06 6.59
C SER U 67 -6.02 -67.69 5.83
N LYS U 68 -6.00 -67.49 4.50
CA LYS U 68 -4.99 -68.06 3.60
C LYS U 68 -3.78 -67.14 3.38
N GLN U 69 -2.78 -67.60 2.63
CA GLN U 69 -1.56 -66.80 2.43
C GLN U 69 -1.71 -65.73 1.36
N GLU U 70 -0.75 -64.82 1.27
CA GLU U 70 -0.81 -63.77 0.26
C GLU U 70 -0.98 -64.21 -1.19
N GLU U 71 -0.22 -65.21 -1.60
CA GLU U 71 -0.38 -65.65 -2.95
C GLU U 71 -1.76 -66.20 -3.09
N MET U 72 -2.19 -66.89 -2.03
CA MET U 72 -3.43 -67.65 -2.04
C MET U 72 -4.56 -66.75 -2.46
N VAL U 73 -4.66 -65.59 -1.83
CA VAL U 73 -5.67 -64.64 -2.22
C VAL U 73 -5.50 -64.13 -3.64
N GLN U 74 -4.29 -63.71 -3.97
CA GLN U 74 -4.00 -62.96 -5.17
C GLN U 74 -4.37 -63.76 -6.37
N LYS U 75 -4.14 -65.04 -6.30
CA LYS U 75 -4.57 -65.85 -7.39
C LYS U 75 -6.06 -65.60 -7.45
N PHE U 76 -6.69 -65.51 -6.29
CA PHE U 76 -8.10 -65.18 -6.25
C PHE U 76 -8.40 -63.79 -6.81
N VAL U 77 -7.62 -62.80 -6.43
CA VAL U 77 -7.89 -61.45 -6.88
C VAL U 77 -7.59 -61.33 -8.35
N GLU U 78 -6.77 -62.22 -8.86
CA GLU U 78 -6.34 -62.09 -10.24
C GLU U 78 -7.03 -63.07 -11.12
N GLU U 79 -6.59 -64.31 -11.09
CA GLU U 79 -7.06 -65.26 -12.05
C GLU U 79 -8.54 -65.58 -11.97
N VAL U 80 -9.06 -65.77 -10.76
CA VAL U 80 -10.45 -66.17 -10.57
C VAL U 80 -11.48 -65.06 -10.77
N LEU U 81 -11.18 -63.88 -10.23
CA LEU U 81 -12.14 -62.78 -10.22
C LEU U 81 -12.02 -61.89 -11.43
N ARG U 82 -11.25 -62.32 -12.42
CA ARG U 82 -11.09 -61.52 -13.62
C ARG U 82 -11.88 -62.08 -14.79
N ILE U 83 -12.41 -63.28 -14.62
CA ILE U 83 -13.15 -63.87 -15.69
C ILE U 83 -14.38 -63.04 -15.89
N ASN U 84 -15.14 -62.83 -14.83
CA ASN U 84 -16.42 -62.16 -14.95
C ASN U 84 -16.55 -60.83 -14.22
N TYR U 85 -16.07 -60.81 -12.99
CA TYR U 85 -16.22 -59.63 -12.15
C TYR U 85 -15.08 -58.70 -12.40
N LYS U 86 -15.06 -58.14 -13.58
CA LYS U 86 -13.97 -57.30 -13.96
C LYS U 86 -13.95 -56.13 -13.01
N PHE U 87 -15.11 -55.52 -12.81
CA PHE U 87 -15.13 -54.20 -12.23
C PHE U 87 -14.53 -54.25 -10.86
N LEU U 88 -14.81 -55.30 -10.09
CA LEU U 88 -14.30 -55.32 -8.75
C LEU U 88 -12.82 -55.27 -8.83
N MET U 89 -12.29 -56.08 -9.71
CA MET U 89 -10.88 -56.30 -9.74
C MET U 89 -10.26 -54.94 -10.00
N SER U 90 -10.88 -54.20 -10.88
CA SER U 90 -10.32 -52.94 -11.26
C SER U 90 -10.25 -52.07 -10.05
N PRO U 91 -11.34 -52.12 -9.16
CA PRO U 91 -11.15 -51.28 -7.98
C PRO U 91 -10.01 -51.84 -7.21
N ILE U 92 -9.96 -53.16 -7.05
CA ILE U 92 -8.94 -53.69 -6.15
C ILE U 92 -7.53 -53.40 -6.64
N LYS U 93 -7.31 -53.64 -7.91
CA LYS U 93 -5.96 -53.54 -8.37
C LYS U 93 -5.53 -52.18 -7.88
N THR U 94 -6.46 -51.27 -7.88
CA THR U 94 -6.10 -49.94 -7.54
C THR U 94 -5.62 -50.01 -6.15
N GLU U 95 -6.26 -50.79 -5.28
CA GLU U 95 -5.92 -50.70 -3.87
C GLU U 95 -4.44 -51.11 -3.50
N GLN U 96 -4.04 -52.36 -3.76
CA GLN U 96 -2.66 -52.81 -3.48
C GLN U 96 -1.59 -51.87 -4.00
N ARG U 97 -1.83 -51.32 -5.18
CA ARG U 97 -1.01 -50.25 -5.63
C ARG U 97 -1.35 -49.02 -4.88
N GLN U 98 -2.56 -48.95 -4.35
CA GLN U 98 -2.96 -47.72 -3.69
C GLN U 98 -3.79 -47.67 -2.43
N PRO U 99 -3.32 -46.85 -1.53
CA PRO U 99 -4.11 -46.63 -0.34
C PRO U 99 -4.65 -45.22 -0.17
N SER U 100 -5.98 -45.06 -0.09
CA SER U 100 -6.57 -43.74 0.09
C SER U 100 -6.34 -43.32 1.54
N MET U 101 -6.39 -42.02 1.84
CA MET U 101 -6.08 -41.64 3.21
C MET U 101 -6.91 -42.51 4.15
N MET U 102 -8.20 -42.65 3.83
CA MET U 102 -9.11 -43.44 4.64
C MET U 102 -8.74 -44.91 4.74
N THR U 103 -8.45 -45.55 3.61
CA THR U 103 -8.20 -46.97 3.65
C THR U 103 -6.97 -47.20 4.42
N ARG U 104 -5.90 -46.60 3.97
CA ARG U 104 -4.70 -46.81 4.72
C ARG U 104 -5.01 -46.31 6.10
N MET U 105 -5.85 -45.28 6.21
CA MET U 105 -6.07 -44.68 7.50
C MET U 105 -6.60 -45.75 8.40
N TYR U 106 -7.53 -46.54 7.92
CA TYR U 106 -8.04 -47.64 8.74
C TYR U 106 -6.96 -48.67 8.92
N ILE U 107 -6.36 -48.96 7.79
CA ILE U 107 -5.68 -50.20 7.62
C ILE U 107 -4.62 -50.27 8.66
N GLU U 108 -4.09 -49.13 9.04
CA GLU U 108 -3.26 -49.11 10.20
C GLU U 108 -3.99 -49.46 11.46
N GLN U 109 -5.22 -48.98 11.67
CA GLN U 109 -5.87 -49.23 12.95
C GLN U 109 -6.05 -50.72 13.08
N ARG U 110 -6.45 -51.36 12.01
CA ARG U 110 -6.73 -52.78 12.16
C ARG U 110 -5.47 -53.41 12.76
N ASP U 111 -4.32 -53.01 12.24
CA ASP U 111 -3.07 -53.59 12.68
C ASP U 111 -2.93 -53.24 14.14
N ARG U 112 -3.33 -52.01 14.44
CA ARG U 112 -3.19 -51.52 15.78
C ARG U 112 -4.06 -52.42 16.66
N LEU U 113 -5.28 -52.77 16.23
CA LEU U 113 -6.14 -53.59 17.05
C LEU U 113 -5.62 -55.03 17.22
N TYR U 114 -5.02 -55.62 16.17
CA TYR U 114 -4.50 -56.97 16.33
C TYR U 114 -3.42 -56.90 17.39
N ASN U 115 -2.57 -55.90 17.25
CA ASN U 115 -1.42 -55.69 18.10
C ASN U 115 -1.61 -55.37 19.53
N ASP U 116 -2.49 -54.44 19.86
CA ASP U 116 -2.76 -54.22 21.27
C ASP U 116 -3.41 -55.47 21.81
N ASN U 117 -4.32 -56.01 21.03
CA ASN U 117 -5.08 -57.15 21.48
C ASN U 117 -4.61 -58.17 20.54
N GLN U 118 -4.17 -59.31 21.08
CA GLN U 118 -3.42 -60.28 20.30
C GLN U 118 -4.02 -61.66 20.10
N VAL U 119 -4.24 -62.37 21.19
CA VAL U 119 -4.44 -63.80 21.22
C VAL U 119 -5.66 -63.97 20.40
N PHE U 120 -6.31 -62.83 20.23
CA PHE U 120 -7.33 -62.70 19.25
C PHE U 120 -6.66 -62.75 17.91
N ALA U 121 -5.52 -62.15 17.77
CA ALA U 121 -5.00 -62.04 16.43
C ALA U 121 -4.92 -63.42 15.86
N LYS U 122 -4.47 -64.33 16.72
CA LYS U 122 -3.96 -65.66 16.43
C LYS U 122 -4.96 -66.73 16.84
N TYR U 123 -6.04 -66.34 17.49
CA TYR U 123 -6.98 -67.32 18.00
C TYR U 123 -8.46 -67.04 17.72
N ASN U 124 -8.75 -65.99 16.95
CA ASN U 124 -10.13 -65.62 16.61
C ASN U 124 -10.92 -66.71 15.88
N VAL U 125 -12.25 -66.64 15.90
CA VAL U 125 -13.04 -67.54 15.08
C VAL U 125 -14.17 -66.83 14.33
N SER U 126 -14.31 -67.19 13.05
CA SER U 126 -15.42 -66.72 12.24
C SER U 126 -16.72 -66.97 13.00
N ARG U 127 -17.40 -65.88 13.36
CA ARG U 127 -18.63 -65.99 14.11
C ARG U 127 -19.71 -65.09 13.49
N LEU U 128 -20.68 -65.65 12.79
CA LEU U 128 -21.67 -64.82 12.08
C LEU U 128 -22.67 -64.07 12.94
N GLN U 129 -23.45 -64.87 13.65
CA GLN U 129 -24.67 -64.47 14.32
C GLN U 129 -24.47 -63.22 15.14
N PRO U 130 -23.59 -63.29 16.13
CA PRO U 130 -23.43 -62.11 16.96
C PRO U 130 -22.71 -60.98 16.26
N TYR U 131 -21.83 -61.35 15.34
CA TYR U 131 -21.04 -60.39 14.59
C TYR U 131 -21.93 -59.45 13.79
N LEU U 132 -22.91 -60.04 13.11
CA LEU U 132 -23.84 -59.28 12.29
C LEU U 132 -24.87 -58.55 13.15
N LYS U 133 -25.26 -59.14 14.28
CA LYS U 133 -26.26 -58.49 15.11
C LYS U 133 -25.61 -57.21 15.65
N LEU U 134 -24.38 -57.37 16.13
CA LEU U 134 -23.64 -56.28 16.75
C LEU U 134 -23.25 -55.18 15.76
N ARG U 135 -22.92 -55.57 14.53
CA ARG U 135 -22.49 -54.62 13.52
C ARG U 135 -23.68 -53.84 12.99
N GLN U 136 -24.86 -54.44 13.13
CA GLN U 136 -26.09 -53.82 12.72
C GLN U 136 -26.48 -52.79 13.77
N ALA U 137 -26.42 -53.21 15.04
CA ALA U 137 -26.82 -52.36 16.16
C ALA U 137 -25.89 -51.15 16.28
N LEU U 138 -24.64 -51.50 16.07
CA LEU U 138 -23.53 -50.58 16.21
C LEU U 138 -23.68 -49.40 15.27
N LEU U 139 -23.98 -49.68 14.01
CA LEU U 139 -24.05 -48.61 13.02
C LEU U 139 -25.12 -47.59 13.36
N GLU U 140 -26.33 -48.03 13.71
CA GLU U 140 -27.37 -47.04 13.92
C GLU U 140 -26.99 -46.20 15.12
N LEU U 141 -26.30 -46.83 16.06
CA LEU U 141 -26.01 -46.27 17.39
C LEU U 141 -25.60 -44.81 17.35
N ARG U 142 -26.38 -43.95 17.99
CA ARG U 142 -26.25 -42.50 17.84
C ARG U 142 -25.07 -41.93 18.62
N PRO U 143 -24.78 -40.63 18.45
CA PRO U 143 -23.65 -40.06 19.20
C PRO U 143 -23.82 -40.08 20.71
N ALA U 144 -25.02 -40.36 21.23
CA ALA U 144 -25.17 -40.43 22.67
C ALA U 144 -25.90 -41.68 23.12
N LYS U 145 -25.91 -42.75 22.31
CA LYS U 145 -26.60 -43.94 22.77
C LYS U 145 -25.63 -45.04 23.25
N ASN U 146 -26.13 -46.20 23.61
CA ASN U 146 -25.17 -47.21 23.99
C ASN U 146 -25.66 -48.61 23.85
N VAL U 147 -24.93 -49.33 23.03
CA VAL U 147 -25.21 -50.69 22.58
C VAL U 147 -24.49 -51.68 23.48
N LEU U 148 -25.23 -52.32 24.37
CA LEU U 148 -24.66 -53.26 25.34
C LEU U 148 -24.78 -54.71 24.89
N ILE U 149 -23.87 -55.55 25.38
CA ILE U 149 -23.88 -56.98 25.08
C ILE U 149 -23.50 -57.77 26.33
N ASP U 150 -24.35 -58.73 26.69
CA ASP U 150 -24.14 -59.53 27.89
C ASP U 150 -24.54 -61.00 27.74
N GLY U 151 -23.64 -61.87 28.16
CA GLY U 151 -23.85 -63.31 28.19
C GLY U 151 -23.18 -63.96 29.38
N VAL U 152 -23.13 -65.29 29.35
CA VAL U 152 -22.54 -66.12 30.40
C VAL U 152 -21.03 -65.84 30.50
N LEU U 153 -20.41 -66.08 31.65
CA LEU U 153 -18.97 -65.82 31.73
C LEU U 153 -18.26 -66.67 30.69
N GLY U 154 -17.41 -66.00 29.92
CA GLY U 154 -16.62 -66.72 28.94
C GLY U 154 -17.50 -66.95 27.73
N SER U 155 -18.25 -65.94 27.32
CA SER U 155 -19.11 -66.15 26.16
C SER U 155 -18.56 -65.74 24.81
N GLY U 156 -17.52 -64.92 24.80
CA GLY U 156 -16.93 -64.46 23.57
C GLY U 156 -17.49 -63.08 23.35
N LYS U 157 -17.94 -62.44 24.43
CA LYS U 157 -18.51 -61.11 24.36
C LYS U 157 -17.52 -60.09 23.82
N THR U 158 -16.30 -60.11 24.34
CA THR U 158 -15.29 -59.17 23.94
C THR U 158 -14.74 -59.55 22.56
N TRP U 159 -14.54 -60.83 22.29
CA TRP U 159 -14.05 -61.23 20.97
C TRP U 159 -15.07 -60.81 19.91
N VAL U 160 -16.36 -61.11 20.09
CA VAL U 160 -17.34 -60.73 19.07
C VAL U 160 -17.24 -59.23 18.85
N ALA U 161 -17.11 -58.50 19.96
CA ALA U 161 -17.07 -57.05 19.90
C ALA U 161 -15.83 -56.61 19.11
N LEU U 162 -14.72 -57.27 19.39
CA LEU U 162 -13.49 -56.91 18.74
C LEU U 162 -13.66 -57.16 17.25
N ASP U 163 -14.20 -58.32 16.90
CA ASP U 163 -14.29 -58.68 15.50
C ASP U 163 -15.14 -57.67 14.76
N VAL U 164 -16.23 -57.26 15.38
CA VAL U 164 -17.12 -56.31 14.74
C VAL U 164 -16.35 -54.99 14.57
N CYS U 165 -15.68 -54.59 15.62
CA CYS U 165 -15.04 -53.31 15.62
C CYS U 165 -13.68 -53.37 14.94
N LEU U 166 -13.22 -54.54 14.58
CA LEU U 166 -12.15 -54.52 13.66
C LEU U 166 -12.75 -53.95 12.40
N SER U 167 -13.84 -54.60 11.99
CA SER U 167 -14.46 -54.42 10.69
C SER U 167 -14.61 -53.04 10.07
N TYR U 168 -14.08 -52.87 8.87
CA TYR U 168 -13.97 -51.54 8.32
C TYR U 168 -15.27 -50.78 8.36
N LYS U 169 -16.34 -51.43 7.90
CA LYS U 169 -17.64 -50.77 7.79
C LYS U 169 -18.08 -50.13 9.11
N VAL U 170 -17.73 -50.79 10.18
CA VAL U 170 -18.06 -50.37 11.52
C VAL U 170 -16.94 -49.61 12.12
N GLN U 171 -15.95 -49.25 11.34
CA GLN U 171 -15.00 -48.34 11.88
C GLN U 171 -15.23 -46.98 11.35
N CYS U 172 -15.13 -46.85 10.02
CA CYS U 172 -15.23 -45.56 9.36
C CYS U 172 -16.43 -44.79 9.89
N LYS U 173 -17.48 -45.53 10.22
CA LYS U 173 -18.67 -44.94 10.80
C LYS U 173 -18.32 -44.31 12.13
N MET U 174 -17.32 -44.88 12.80
CA MET U 174 -16.85 -44.30 14.03
C MET U 174 -15.52 -43.64 13.85
N ASP U 175 -15.13 -43.49 12.60
CA ASP U 175 -13.99 -42.65 12.27
C ASP U 175 -12.77 -42.98 13.07
N PHE U 176 -12.53 -44.25 13.25
CA PHE U 176 -11.25 -44.71 13.63
C PHE U 176 -10.81 -44.12 14.94
N LYS U 177 -11.73 -44.00 15.88
CA LYS U 177 -11.36 -43.57 17.22
C LYS U 177 -12.03 -44.45 18.26
N ILE U 178 -11.65 -45.73 18.33
CA ILE U 178 -12.30 -46.60 19.30
C ILE U 178 -11.44 -46.87 20.51
N PHE U 179 -11.91 -46.42 21.66
CA PHE U 179 -11.14 -46.55 22.86
C PHE U 179 -11.65 -47.73 23.62
N TRP U 180 -10.77 -48.67 23.81
CA TRP U 180 -11.04 -49.89 24.53
C TRP U 180 -10.50 -49.84 25.94
N LEU U 181 -11.38 -50.10 26.91
CA LEU U 181 -10.91 -50.18 28.28
C LEU U 181 -11.58 -51.32 29.01
N ASN U 182 -10.87 -52.02 29.89
CA ASN U 182 -11.53 -53.10 30.63
C ASN U 182 -11.87 -52.69 32.05
N LEU U 183 -13.15 -52.56 32.38
CA LEU U 183 -13.45 -52.14 33.74
C LEU U 183 -13.10 -53.27 34.69
N LYS U 184 -11.89 -53.69 34.96
CA LYS U 184 -11.91 -54.67 36.04
C LYS U 184 -11.95 -53.88 37.27
N ASN U 185 -12.24 -54.49 38.39
CA ASN U 185 -11.86 -53.77 39.53
C ASN U 185 -12.23 -52.39 39.10
N CYS U 186 -13.54 -52.15 39.00
CA CYS U 186 -14.05 -50.85 38.59
C CYS U 186 -15.12 -50.35 39.54
N ASN U 187 -15.63 -51.25 40.38
CA ASN U 187 -16.66 -50.90 41.34
C ASN U 187 -16.09 -50.21 42.58
N SER U 188 -15.32 -49.15 42.35
CA SER U 188 -14.71 -48.40 43.43
C SER U 188 -14.35 -46.98 42.99
N PRO U 189 -14.53 -45.98 43.96
CA PRO U 189 -14.17 -44.64 43.47
C PRO U 189 -12.74 -44.60 42.93
N GLU U 190 -11.97 -45.66 43.21
CA GLU U 190 -10.59 -45.74 42.75
C GLU U 190 -10.52 -46.13 41.27
N THR U 191 -11.61 -46.69 40.76
CA THR U 191 -11.67 -47.10 39.36
C THR U 191 -11.88 -45.92 38.44
N VAL U 192 -12.92 -45.13 38.73
CA VAL U 192 -13.24 -43.96 37.91
C VAL U 192 -11.99 -43.15 37.59
N LEU U 193 -11.35 -42.61 38.63
CA LEU U 193 -10.14 -41.81 38.47
C LEU U 193 -9.11 -42.55 37.61
N GLU U 194 -8.63 -43.68 38.12
CA GLU U 194 -7.63 -44.47 37.42
C GLU U 194 -7.98 -44.62 35.94
N MET U 195 -9.17 -45.17 35.68
CA MET U 195 -9.63 -45.38 34.32
C MET U 195 -9.90 -44.08 33.57
N LEU U 196 -10.57 -43.15 34.24
CA LEU U 196 -10.91 -41.87 33.64
C LEU U 196 -9.62 -41.15 33.37
N GLN U 197 -8.58 -41.57 34.08
CA GLN U 197 -7.26 -41.05 33.86
C GLN U 197 -6.81 -41.75 32.59
N LYS U 198 -7.06 -43.07 32.50
CA LYS U 198 -6.61 -43.76 31.29
C LYS U 198 -7.32 -43.29 30.00
N LEU U 199 -8.60 -42.93 30.08
CA LEU U 199 -9.36 -42.51 28.91
C LEU U 199 -8.85 -41.17 28.38
N LEU U 200 -8.48 -40.28 29.30
CA LEU U 200 -7.94 -38.98 28.94
C LEU U 200 -6.60 -39.26 28.28
N TYR U 201 -5.80 -40.09 28.95
CA TYR U 201 -4.60 -40.65 28.37
C TYR U 201 -4.76 -41.05 26.90
N GLN U 202 -5.77 -41.86 26.53
CA GLN U 202 -5.73 -42.33 25.17
C GLN U 202 -5.96 -41.14 24.35
N ILE U 203 -7.11 -40.49 24.49
CA ILE U 203 -7.42 -39.29 23.71
C ILE U 203 -6.20 -38.42 23.43
N ASP U 204 -5.58 -37.92 24.49
CA ASP U 204 -4.40 -37.07 24.36
C ASP U 204 -3.62 -37.03 25.67
N PRO U 205 -2.33 -36.75 25.60
CA PRO U 205 -1.50 -36.67 26.81
C PRO U 205 -1.33 -35.24 27.30
N ASN U 206 -2.39 -34.67 27.87
CA ASN U 206 -2.31 -33.31 28.38
C ASN U 206 -3.40 -33.01 29.40
N TRP U 207 -3.02 -32.85 30.66
CA TRP U 207 -4.02 -32.45 31.63
C TRP U 207 -3.54 -31.52 32.71
N THR U 208 -4.30 -30.46 32.93
CA THR U 208 -3.97 -29.46 33.94
C THR U 208 -4.46 -30.08 35.23
N SER U 209 -3.64 -30.93 35.79
CA SER U 209 -4.03 -31.69 36.94
C SER U 209 -3.89 -30.84 38.19
N ARG U 210 -3.73 -29.54 37.97
CA ARG U 210 -3.72 -28.58 39.06
C ARG U 210 -5.11 -28.47 39.69
N SER U 211 -6.12 -28.97 39.00
CA SER U 211 -7.47 -28.91 39.53
C SER U 211 -7.56 -29.93 40.67
N ASP U 212 -6.53 -30.73 40.83
CA ASP U 212 -6.60 -31.79 41.81
C ASP U 212 -6.71 -31.24 43.22
N HIS U 213 -7.74 -31.67 43.89
CA HIS U 213 -8.15 -31.22 45.18
C HIS U 213 -8.43 -32.56 45.76
N SER U 214 -7.86 -32.83 46.93
CA SER U 214 -7.80 -34.20 47.47
C SER U 214 -8.81 -34.48 48.58
N SER U 215 -9.76 -33.57 48.75
CA SER U 215 -10.83 -33.78 49.72
C SER U 215 -11.75 -34.87 49.19
N ASN U 216 -11.90 -34.90 47.87
CA ASN U 216 -12.72 -35.92 47.23
C ASN U 216 -12.05 -36.53 46.00
N ILE U 217 -11.57 -37.77 46.16
CA ILE U 217 -11.21 -38.58 45.04
C ILE U 217 -12.51 -38.68 44.28
N LYS U 218 -13.59 -38.23 44.89
CA LYS U 218 -14.89 -38.33 44.26
C LYS U 218 -15.26 -37.08 43.52
N LEU U 219 -15.17 -35.94 44.20
CA LEU U 219 -15.45 -34.65 43.59
C LEU U 219 -14.51 -34.39 42.41
N ARG U 220 -13.27 -34.86 42.54
CA ARG U 220 -12.28 -34.69 41.49
C ARG U 220 -12.68 -35.57 40.34
N ILE U 221 -13.31 -36.68 40.68
CA ILE U 221 -13.68 -37.66 39.69
C ILE U 221 -14.58 -36.94 38.73
N HIS U 222 -15.43 -36.09 39.27
CA HIS U 222 -16.31 -35.35 38.42
C HIS U 222 -15.50 -34.46 37.49
N SER U 223 -14.47 -33.83 38.02
CA SER U 223 -13.75 -32.87 37.21
C SER U 223 -13.20 -33.61 36.03
N ILE U 224 -12.63 -34.77 36.27
CA ILE U 224 -11.95 -35.45 35.16
C ILE U 224 -13.03 -35.58 34.06
N GLN U 225 -14.25 -35.94 34.47
CA GLN U 225 -15.36 -36.09 33.54
C GLN U 225 -15.65 -34.77 32.82
N ALA U 226 -15.65 -33.68 33.59
CA ALA U 226 -15.91 -32.36 33.02
C ALA U 226 -14.95 -32.06 31.88
N GLU U 227 -13.67 -32.36 32.10
CA GLU U 227 -12.65 -32.15 31.08
C GLU U 227 -12.84 -33.10 29.91
N LEU U 228 -13.21 -34.33 30.21
CA LEU U 228 -13.43 -35.35 29.19
C LEU U 228 -14.61 -34.97 28.30
N ARG U 229 -15.69 -34.50 28.93
CA ARG U 229 -16.88 -34.09 28.20
C ARG U 229 -16.57 -32.93 27.26
N ARG U 230 -15.73 -32.01 27.72
CA ARG U 230 -15.35 -30.87 26.91
C ARG U 230 -14.61 -31.33 25.67
N LEU U 231 -13.64 -32.23 25.84
CA LEU U 231 -12.85 -32.70 24.70
C LEU U 231 -13.56 -33.56 23.66
N LEU U 232 -14.48 -34.43 24.06
CA LEU U 232 -15.15 -35.26 23.04
C LEU U 232 -16.01 -34.51 22.02
N LYS U 233 -16.79 -33.55 22.43
CA LYS U 233 -17.57 -32.91 21.42
C LYS U 233 -16.58 -31.95 20.83
N SER U 234 -15.39 -32.46 20.59
CA SER U 234 -14.40 -31.73 19.84
C SER U 234 -14.63 -32.18 18.44
N LYS U 235 -13.85 -31.69 17.49
CA LYS U 235 -13.98 -32.17 16.14
C LYS U 235 -13.07 -33.32 15.79
N PRO U 236 -12.04 -33.60 16.71
CA PRO U 236 -11.19 -34.73 16.28
C PRO U 236 -12.06 -35.94 16.25
N TYR U 237 -12.94 -36.01 17.24
CA TYR U 237 -13.86 -37.11 17.35
C TYR U 237 -15.17 -36.72 16.77
N GLU U 238 -15.87 -35.81 17.41
CA GLU U 238 -17.24 -35.50 16.99
C GLU U 238 -17.96 -36.76 17.33
N ASN U 239 -17.40 -37.83 16.78
CA ASN U 239 -18.06 -39.11 17.08
C ASN U 239 -17.11 -40.34 17.07
N CYS U 240 -17.10 -41.18 18.09
CA CYS U 240 -16.18 -42.30 18.18
C CYS U 240 -16.76 -43.25 19.17
N LEU U 241 -16.26 -44.47 19.26
CA LEU U 241 -16.86 -45.43 20.17
C LEU U 241 -15.94 -45.92 21.23
N LEU U 242 -16.33 -45.67 22.47
CA LEU U 242 -15.74 -46.07 23.74
C LEU U 242 -16.38 -47.37 24.21
N VAL U 243 -15.68 -48.49 23.99
CA VAL U 243 -16.23 -49.81 24.31
C VAL U 243 -15.70 -50.31 25.65
N LEU U 244 -16.54 -50.16 26.64
CA LEU U 244 -16.14 -50.46 27.97
C LEU U 244 -16.11 -51.92 27.78
N LEU U 245 -15.43 -52.65 28.63
CA LEU U 245 -15.45 -54.07 28.49
C LEU U 245 -15.70 -54.57 29.87
N ASN U 246 -16.46 -55.61 30.04
CA ASN U 246 -16.60 -56.14 31.37
C ASN U 246 -17.09 -55.08 32.35
N VAL U 247 -18.07 -54.29 31.97
CA VAL U 247 -18.58 -53.29 32.91
C VAL U 247 -19.10 -54.05 34.12
N GLN U 248 -18.69 -53.62 35.31
CA GLN U 248 -19.03 -54.30 36.56
C GLN U 248 -20.44 -54.28 37.17
N ASN U 249 -21.05 -53.12 37.34
CA ASN U 249 -22.37 -53.04 37.94
C ASN U 249 -23.03 -51.83 37.33
N ALA U 250 -24.11 -51.30 37.91
CA ALA U 250 -24.52 -50.05 37.31
C ALA U 250 -23.57 -48.93 37.65
N LYS U 251 -23.07 -48.91 38.87
CA LYS U 251 -22.56 -47.66 39.41
C LYS U 251 -21.49 -47.05 38.55
N ALA U 252 -20.56 -47.87 38.07
CA ALA U 252 -19.42 -47.32 37.36
C ALA U 252 -19.95 -46.59 36.17
N TRP U 253 -20.93 -47.19 35.53
CA TRP U 253 -21.31 -46.69 34.25
C TRP U 253 -21.78 -45.22 34.40
N ASN U 254 -22.66 -44.92 35.35
CA ASN U 254 -23.16 -43.61 35.51
C ASN U 254 -21.90 -42.76 35.45
N ALA U 255 -20.81 -43.28 35.96
CA ALA U 255 -19.54 -42.60 35.89
C ALA U 255 -19.12 -42.43 34.47
N PHE U 256 -19.38 -43.42 33.64
CA PHE U 256 -18.72 -43.47 32.36
C PHE U 256 -19.43 -43.01 31.13
N ASN U 257 -20.59 -42.40 31.25
CA ASN U 257 -21.33 -41.98 30.06
C ASN U 257 -20.96 -40.58 29.64
N LEU U 258 -20.30 -40.44 28.50
CA LEU U 258 -19.84 -39.14 28.07
C LEU U 258 -20.50 -38.67 26.80
N SER U 259 -21.68 -39.16 26.50
CA SER U 259 -22.18 -38.74 25.22
C SER U 259 -21.21 -39.30 24.20
N CYS U 260 -20.76 -40.50 24.47
CA CYS U 260 -19.79 -41.15 23.64
C CYS U 260 -20.52 -42.32 23.13
N LYS U 261 -20.43 -42.60 21.86
CA LYS U 261 -21.08 -43.80 21.39
C LYS U 261 -20.30 -44.88 22.10
N ILE U 262 -20.71 -45.25 23.30
CA ILE U 262 -20.02 -46.39 23.91
C ILE U 262 -20.84 -47.67 23.71
N LEU U 263 -20.18 -48.82 23.70
CA LEU U 263 -20.87 -50.10 23.70
C LEU U 263 -20.24 -50.97 24.78
N LEU U 264 -21.03 -51.35 25.77
CA LEU U 264 -20.51 -52.02 26.96
C LEU U 264 -20.92 -53.49 27.00
N THR U 265 -19.92 -54.35 27.16
CA THR U 265 -20.16 -55.76 27.25
C THR U 265 -19.95 -56.18 28.70
N THR U 266 -20.95 -56.84 29.29
CA THR U 266 -20.86 -57.21 30.70
C THR U 266 -21.41 -58.61 30.99
N ARG U 267 -20.78 -59.27 31.97
CA ARG U 267 -21.21 -60.58 32.43
C ARG U 267 -22.33 -60.77 33.48
N PHE U 268 -22.90 -59.71 34.09
CA PHE U 268 -24.12 -60.03 34.86
C PHE U 268 -25.40 -59.22 34.64
N LYS U 269 -26.46 -59.78 35.24
CA LYS U 269 -27.84 -59.48 34.88
C LYS U 269 -28.33 -58.17 35.46
N GLN U 270 -27.62 -57.66 36.47
CA GLN U 270 -27.96 -56.39 37.07
C GLN U 270 -27.62 -55.25 36.10
N VAL U 271 -26.54 -55.45 35.34
CA VAL U 271 -26.12 -54.48 34.34
C VAL U 271 -27.12 -54.37 33.17
N THR U 272 -27.34 -55.54 32.57
CA THR U 272 -28.15 -55.68 31.38
C THR U 272 -29.54 -55.62 31.91
N ASP U 273 -29.62 -55.85 33.22
CA ASP U 273 -30.78 -55.56 33.99
C ASP U 273 -30.83 -54.06 34.24
N PHE U 274 -29.70 -53.36 34.05
CA PHE U 274 -29.81 -51.92 34.21
C PHE U 274 -30.36 -51.05 33.10
N LEU U 275 -29.87 -51.23 31.89
CA LEU U 275 -30.12 -50.23 30.86
C LEU U 275 -31.25 -50.58 29.93
N SER U 276 -32.34 -49.87 30.14
CA SER U 276 -33.55 -50.17 29.45
C SER U 276 -33.33 -49.95 27.99
N ALA U 277 -33.92 -50.82 27.18
CA ALA U 277 -33.89 -50.64 25.75
C ALA U 277 -34.64 -49.37 25.53
N ALA U 278 -34.37 -48.68 24.44
CA ALA U 278 -34.91 -47.36 24.15
C ALA U 278 -34.02 -46.39 24.83
N THR U 279 -33.00 -46.91 25.48
CA THR U 279 -31.66 -46.34 25.50
C THR U 279 -30.49 -47.27 25.27
N THR U 280 -30.69 -48.47 24.78
CA THR U 280 -29.51 -49.23 24.43
C THR U 280 -29.98 -50.47 23.71
N THR U 281 -29.15 -51.41 23.27
CA THR U 281 -29.85 -52.53 22.76
C THR U 281 -29.02 -53.66 23.23
N HIS U 282 -29.63 -54.78 23.54
CA HIS U 282 -28.80 -55.90 23.92
C HIS U 282 -28.73 -56.94 22.82
N ILE U 283 -27.54 -57.13 22.32
CA ILE U 283 -27.16 -58.34 21.67
C ILE U 283 -27.01 -59.21 22.86
N SER U 284 -27.60 -60.40 22.89
CA SER U 284 -27.36 -61.29 24.01
C SER U 284 -26.47 -62.34 23.46
N LEU U 285 -25.23 -62.35 23.92
CA LEU U 285 -24.24 -63.22 23.38
C LEU U 285 -24.51 -64.68 23.61
N ASP U 286 -25.05 -65.01 24.78
CA ASP U 286 -25.22 -66.39 25.22
C ASP U 286 -26.60 -66.92 24.92
N HIS U 287 -27.32 -66.18 24.12
CA HIS U 287 -28.68 -66.52 23.78
C HIS U 287 -28.67 -67.55 22.68
N HIS U 288 -29.83 -67.69 22.10
CA HIS U 288 -30.35 -68.77 21.27
C HIS U 288 -29.65 -69.07 19.98
N SER U 289 -29.29 -68.04 19.25
CA SER U 289 -28.76 -68.25 17.92
C SER U 289 -27.31 -67.89 17.88
N MET U 290 -26.90 -67.10 18.84
CA MET U 290 -25.53 -66.70 18.93
C MET U 290 -24.71 -67.94 19.21
N THR U 291 -25.26 -68.85 19.98
CA THR U 291 -24.41 -69.91 20.50
C THR U 291 -23.57 -70.37 19.34
N LEU U 292 -22.29 -70.62 19.57
CA LEU U 292 -21.41 -70.81 18.46
C LEU U 292 -21.99 -71.87 17.60
N THR U 293 -21.85 -71.66 16.30
CA THR U 293 -22.50 -72.44 15.24
C THR U 293 -22.11 -73.92 15.29
N PRO U 294 -23.12 -74.81 15.27
CA PRO U 294 -23.03 -76.25 15.58
C PRO U 294 -21.75 -76.95 15.11
N ASP U 295 -21.18 -76.48 14.00
CA ASP U 295 -19.94 -77.04 13.47
C ASP U 295 -18.78 -76.09 13.68
N GLU U 296 -19.11 -74.85 14.03
CA GLU U 296 -18.07 -73.86 14.30
C GLU U 296 -17.58 -74.06 15.74
N VAL U 297 -18.20 -74.97 16.49
CA VAL U 297 -17.59 -75.34 17.74
C VAL U 297 -16.38 -76.18 17.38
N LYS U 298 -16.54 -77.05 16.39
CA LYS U 298 -15.45 -77.89 15.92
C LYS U 298 -14.40 -77.00 15.25
N SER U 299 -14.86 -75.85 14.77
CA SER U 299 -14.02 -74.85 14.14
C SER U 299 -13.05 -74.29 15.14
N LEU U 300 -13.62 -73.83 16.24
CA LEU U 300 -12.83 -73.13 17.23
C LEU U 300 -11.88 -74.15 17.79
N LEU U 301 -12.37 -75.36 18.01
CA LEU U 301 -11.51 -76.27 18.68
C LEU U 301 -10.34 -76.35 17.76
N LEU U 302 -10.55 -76.22 16.48
CA LEU U 302 -9.35 -76.35 15.69
C LEU U 302 -8.21 -75.37 15.99
N LYS U 303 -8.50 -74.07 15.96
CA LYS U 303 -7.48 -73.04 16.06
C LYS U 303 -6.34 -73.50 16.95
N TYR U 304 -6.64 -73.64 18.24
CA TYR U 304 -5.66 -74.08 19.22
C TYR U 304 -5.22 -75.45 18.78
N LEU U 305 -6.17 -76.19 18.25
CA LEU U 305 -5.89 -77.56 17.89
C LEU U 305 -4.87 -77.71 16.79
N ASP U 306 -4.95 -76.87 15.78
CA ASP U 306 -4.08 -76.98 14.61
C ASP U 306 -4.14 -78.26 13.77
N CYS U 307 -5.32 -78.83 13.53
CA CYS U 307 -5.45 -79.78 12.42
C CYS U 307 -6.84 -79.99 11.89
N ARG U 308 -6.92 -80.41 10.64
CA ARG U 308 -8.12 -80.97 10.06
C ARG U 308 -8.60 -82.35 10.49
N PRO U 309 -7.72 -83.35 10.66
CA PRO U 309 -8.36 -84.67 10.60
C PRO U 309 -8.82 -85.11 11.99
N GLN U 310 -8.04 -84.74 13.01
CA GLN U 310 -8.37 -85.10 14.38
C GLN U 310 -9.60 -84.34 14.88
N ASP U 311 -9.86 -83.18 14.27
CA ASP U 311 -11.01 -82.37 14.65
C ASP U 311 -12.26 -83.21 14.79
N LEU U 312 -12.38 -84.23 13.95
CA LEU U 312 -13.54 -85.13 13.99
C LEU U 312 -13.39 -86.16 15.09
N PRO U 313 -12.16 -86.43 15.50
CA PRO U 313 -11.89 -87.40 16.55
C PRO U 313 -12.17 -86.81 17.93
N ARG U 314 -12.76 -85.62 17.95
CA ARG U 314 -13.10 -84.95 19.20
C ARG U 314 -14.58 -84.61 19.28
N GLU U 315 -15.42 -85.61 19.00
CA GLU U 315 -16.87 -85.42 19.03
C GLU U 315 -17.38 -85.35 20.46
N VAL U 316 -17.95 -84.20 20.82
CA VAL U 316 -18.49 -83.99 22.16
C VAL U 316 -19.56 -82.91 22.17
N LEU U 317 -19.72 -82.26 23.31
CA LEU U 317 -20.71 -81.20 23.45
C LEU U 317 -20.16 -80.05 24.29
N THR U 318 -20.32 -78.83 23.79
CA THR U 318 -19.84 -77.64 24.49
C THR U 318 -20.18 -76.40 23.67
N THR U 319 -20.46 -75.28 24.33
CA THR U 319 -20.82 -74.07 23.60
C THR U 319 -20.18 -72.81 24.18
N ASN U 320 -19.41 -72.94 25.24
CA ASN U 320 -18.78 -71.77 25.85
C ASN U 320 -17.36 -71.58 25.32
N PRO U 321 -17.11 -70.49 24.60
CA PRO U 321 -15.78 -70.35 24.01
C PRO U 321 -14.71 -70.38 25.08
N ARG U 322 -15.00 -69.89 26.29
CA ARG U 322 -13.96 -69.92 27.30
C ARG U 322 -13.71 -71.37 27.70
N ARG U 323 -14.79 -72.14 27.89
CA ARG U 323 -14.60 -73.51 28.30
C ARG U 323 -13.99 -74.29 27.16
N LEU U 324 -14.43 -73.96 25.95
CA LEU U 324 -13.95 -74.66 24.78
C LEU U 324 -12.47 -74.46 24.62
N SER U 325 -12.03 -73.22 24.79
CA SER U 325 -10.64 -72.95 24.52
C SER U 325 -9.71 -73.33 25.64
N ILE U 326 -10.17 -73.25 26.88
CA ILE U 326 -9.34 -73.75 27.97
C ILE U 326 -9.13 -75.24 27.78
N ILE U 327 -10.21 -75.93 27.40
CA ILE U 327 -10.14 -77.36 27.19
C ILE U 327 -9.27 -77.70 26.02
N ALA U 328 -9.51 -76.96 24.95
CA ALA U 328 -8.84 -77.19 23.68
C ALA U 328 -7.31 -76.98 23.88
N GLU U 329 -6.98 -75.91 24.60
CA GLU U 329 -5.61 -75.57 24.87
C GLU U 329 -4.99 -76.70 25.66
N SER U 330 -5.74 -77.17 26.64
CA SER U 330 -5.20 -78.20 27.51
C SER U 330 -4.93 -79.48 26.72
N ILE U 331 -5.85 -79.85 25.84
CA ILE U 331 -5.63 -81.07 25.07
C ILE U 331 -4.44 -81.00 24.08
N ARG U 332 -4.23 -79.85 23.42
CA ARG U 332 -3.10 -79.75 22.49
C ARG U 332 -1.79 -79.89 23.26
N ASP U 333 -1.75 -79.19 24.40
CA ASP U 333 -0.66 -79.18 25.35
C ASP U 333 -1.07 -79.68 26.74
N ALA U 336 -4.20 -84.49 26.50
CA ALA U 336 -4.79 -85.83 26.49
C ALA U 336 -6.32 -85.75 26.53
N THR U 337 -6.99 -86.25 25.50
CA THR U 337 -8.38 -85.87 25.27
C THR U 337 -9.43 -86.26 26.31
N TRP U 338 -9.45 -87.53 26.68
CA TRP U 338 -10.37 -88.01 27.71
C TRP U 338 -10.06 -87.49 29.07
N ASP U 339 -8.80 -87.59 29.48
CA ASP U 339 -8.54 -87.36 30.87
C ASP U 339 -8.87 -85.94 31.18
N ASN U 340 -8.29 -85.11 30.32
CA ASN U 340 -8.28 -83.66 30.41
C ASN U 340 -9.65 -82.99 30.29
N TRP U 341 -10.52 -83.49 29.41
CA TRP U 341 -11.83 -82.85 29.14
C TRP U 341 -12.50 -82.73 30.49
N LYS U 342 -12.21 -83.67 31.38
CA LYS U 342 -12.77 -83.63 32.74
C LYS U 342 -11.78 -83.34 33.89
N HIS U 343 -10.97 -84.34 34.24
CA HIS U 343 -10.19 -84.38 35.46
C HIS U 343 -9.05 -83.43 35.14
N VAL U 344 -8.94 -83.13 33.85
CA VAL U 344 -8.02 -82.14 33.38
C VAL U 344 -8.60 -80.81 33.81
N ASN U 345 -7.76 -79.91 34.28
CA ASN U 345 -8.23 -78.60 34.68
C ASN U 345 -8.94 -78.64 36.02
N CYS U 346 -8.84 -79.78 36.69
CA CYS U 346 -9.24 -79.81 38.06
C CYS U 346 -8.85 -78.50 38.69
N ASP U 347 -7.81 -77.97 38.05
CA ASP U 347 -7.01 -76.89 38.60
C ASP U 347 -7.21 -75.60 37.83
N LYS U 348 -7.99 -75.57 36.74
CA LYS U 348 -8.17 -74.28 36.08
C LYS U 348 -9.63 -73.85 35.88
N LEU U 349 -10.43 -74.66 35.20
CA LEU U 349 -11.79 -74.29 34.88
C LEU U 349 -12.61 -74.11 36.15
N THR U 350 -12.20 -74.83 37.18
CA THR U 350 -12.84 -74.76 38.47
C THR U 350 -12.60 -73.38 39.03
N THR U 351 -11.36 -72.87 38.94
CA THR U 351 -11.06 -71.55 39.50
C THR U 351 -11.82 -70.47 38.75
N ILE U 352 -11.97 -70.65 37.44
CA ILE U 352 -12.68 -69.68 36.62
C ILE U 352 -14.14 -69.53 37.06
N ILE U 353 -14.77 -70.66 37.35
CA ILE U 353 -16.17 -70.67 37.78
C ILE U 353 -16.27 -70.60 39.30
N GLU U 354 -15.23 -70.05 39.93
CA GLU U 354 -15.22 -69.92 41.38
C GLU U 354 -14.89 -68.49 41.81
N SER U 355 -13.97 -67.86 41.09
CA SER U 355 -13.56 -66.49 41.39
C SER U 355 -14.77 -65.56 41.43
N SER U 356 -15.92 -66.08 41.04
CA SER U 356 -17.16 -65.29 41.02
C SER U 356 -17.93 -65.46 42.33
N LEU U 357 -17.41 -66.32 43.20
CA LEU U 357 -18.06 -66.57 44.50
C LEU U 357 -17.68 -65.50 45.51
N ASN U 358 -16.52 -64.91 45.37
CA ASN U 358 -16.22 -63.87 46.32
C ASN U 358 -17.22 -62.73 46.23
N VAL U 359 -17.69 -62.44 45.03
CA VAL U 359 -18.45 -61.20 44.80
C VAL U 359 -19.75 -61.09 45.57
N LEU U 360 -20.49 -62.19 45.64
CA LEU U 360 -21.73 -62.24 46.44
C LEU U 360 -21.43 -62.62 47.88
N GLU U 361 -21.87 -61.80 48.84
CA GLU U 361 -21.57 -62.05 50.24
C GLU U 361 -21.53 -63.54 50.59
N PRO U 362 -20.50 -63.96 51.30
CA PRO U 362 -20.38 -65.34 51.72
C PRO U 362 -21.32 -65.82 52.78
N ALA U 363 -21.66 -64.97 53.75
CA ALA U 363 -22.51 -65.37 54.87
C ALA U 363 -23.87 -65.90 54.42
N GLU U 364 -24.43 -65.29 53.38
CA GLU U 364 -25.76 -65.67 52.91
C GLU U 364 -25.77 -66.13 51.45
N TYR U 365 -24.94 -65.51 50.62
CA TYR U 365 -24.91 -65.83 49.20
C TYR U 365 -24.13 -67.11 48.91
N ARG U 366 -22.81 -67.04 49.02
CA ARG U 366 -21.95 -68.18 48.72
C ARG U 366 -22.49 -69.50 49.26
N LYS U 367 -22.71 -69.55 50.57
CA LYS U 367 -23.17 -70.77 51.22
C LYS U 367 -24.44 -71.41 50.67
N MET U 368 -25.47 -70.60 50.49
CA MET U 368 -26.72 -71.16 50.01
C MET U 368 -26.36 -71.91 48.76
N PHE U 369 -25.94 -71.16 47.75
CA PHE U 369 -25.77 -71.76 46.45
C PHE U 369 -25.11 -73.13 46.60
N ASP U 370 -24.20 -73.24 47.57
CA ASP U 370 -23.37 -74.42 47.74
C ASP U 370 -24.29 -75.61 47.95
N ARG U 371 -25.45 -75.32 48.53
CA ARG U 371 -26.44 -76.30 48.87
C ARG U 371 -27.04 -76.95 47.63
N LEU U 372 -27.02 -76.26 46.52
CA LEU U 372 -27.68 -76.76 45.33
C LEU U 372 -27.02 -78.08 44.91
N SER U 373 -25.90 -78.36 45.54
CA SER U 373 -25.15 -79.51 45.13
C SER U 373 -26.07 -80.70 45.28
N VAL U 374 -27.07 -80.59 46.15
CA VAL U 374 -28.02 -81.66 46.41
C VAL U 374 -28.82 -82.09 45.19
N PHE U 375 -29.24 -81.12 44.39
CA PHE U 375 -30.13 -81.35 43.25
C PHE U 375 -29.47 -81.75 41.93
N PRO U 376 -30.28 -82.32 41.04
CA PRO U 376 -29.77 -82.99 39.85
C PRO U 376 -28.98 -81.96 39.06
N PRO U 377 -27.88 -82.46 38.37
CA PRO U 377 -26.91 -81.41 38.03
C PRO U 377 -27.48 -80.30 37.17
N SER U 378 -28.34 -80.64 36.24
CA SER U 378 -28.94 -79.59 35.42
C SER U 378 -30.42 -79.78 35.55
N ALA U 379 -30.87 -79.41 36.72
CA ALA U 379 -32.22 -79.65 37.20
C ALA U 379 -32.83 -78.41 37.83
N HIS U 380 -34.04 -78.56 38.32
CA HIS U 380 -34.82 -77.44 38.83
C HIS U 380 -35.01 -77.54 40.33
N ILE U 381 -35.63 -76.52 40.91
CA ILE U 381 -35.89 -76.54 42.34
C ILE U 381 -37.05 -75.64 42.78
N PRO U 382 -38.11 -76.28 43.29
CA PRO U 382 -39.33 -75.63 43.79
C PRO U 382 -39.04 -74.70 44.94
N THR U 383 -39.90 -73.72 45.15
CA THR U 383 -39.58 -72.76 46.19
C THR U 383 -39.51 -73.39 47.58
N ILE U 384 -40.45 -74.28 47.85
CA ILE U 384 -40.54 -74.94 49.15
C ILE U 384 -39.28 -75.72 49.54
N LEU U 385 -38.71 -76.42 48.56
CA LEU U 385 -37.49 -77.21 48.76
C LEU U 385 -36.25 -76.37 49.05
N LEU U 386 -36.10 -75.25 48.37
CA LEU U 386 -34.93 -74.40 48.52
C LEU U 386 -34.91 -73.77 49.90
N SER U 387 -36.08 -73.57 50.49
CA SER U 387 -36.13 -72.86 51.75
C SER U 387 -35.37 -73.65 52.81
N LEU U 388 -35.65 -74.93 52.89
CA LEU U 388 -35.12 -75.73 53.97
C LEU U 388 -33.61 -75.74 53.91
N ILE U 389 -33.06 -75.69 52.71
CA ILE U 389 -31.64 -75.93 52.50
C ILE U 389 -30.71 -74.91 53.19
N SER U 396 -40.50 -64.75 53.24
CA SER U 396 -40.11 -64.21 51.94
C SER U 396 -38.60 -64.15 51.81
N ASP U 397 -37.89 -64.38 52.92
CA ASP U 397 -36.44 -64.27 52.89
C ASP U 397 -35.75 -65.13 51.84
N VAL U 398 -36.14 -66.40 51.70
CA VAL U 398 -35.47 -67.23 50.70
C VAL U 398 -35.69 -66.72 49.28
N MET U 399 -36.89 -66.21 49.04
CA MET U 399 -37.27 -65.70 47.73
C MET U 399 -36.41 -64.50 47.35
N VAL U 400 -36.15 -63.62 48.31
CA VAL U 400 -35.32 -62.47 48.03
C VAL U 400 -33.87 -62.90 47.93
N VAL U 401 -33.41 -63.75 48.86
CA VAL U 401 -32.00 -64.08 48.87
C VAL U 401 -31.64 -64.79 47.56
N VAL U 402 -32.51 -65.68 47.06
CA VAL U 402 -32.20 -66.27 45.77
C VAL U 402 -32.27 -65.19 44.70
N ASN U 403 -33.20 -64.23 44.88
CA ASN U 403 -33.45 -63.27 43.80
C ASN U 403 -32.16 -62.47 43.55
N LYS U 404 -31.51 -62.14 44.64
CA LYS U 404 -30.22 -61.52 44.57
C LYS U 404 -29.27 -62.47 43.91
N LEU U 405 -29.34 -63.72 44.30
CA LEU U 405 -28.44 -64.66 43.70
C LEU U 405 -28.80 -64.77 42.23
N HIS U 406 -30.04 -64.43 41.93
CA HIS U 406 -30.53 -64.71 40.61
C HIS U 406 -29.58 -64.06 39.70
N LYS U 407 -29.21 -62.84 40.06
CA LYS U 407 -28.34 -61.98 39.28
C LYS U 407 -26.88 -62.41 39.31
N TYR U 408 -26.27 -62.59 40.49
CA TYR U 408 -24.83 -62.81 40.44
C TYR U 408 -24.37 -64.19 39.93
N SER U 409 -24.92 -65.28 40.45
CA SER U 409 -24.48 -66.62 40.08
C SER U 409 -25.52 -67.38 39.31
N LEU U 410 -25.24 -68.64 39.02
CA LEU U 410 -26.05 -69.32 38.02
C LEU U 410 -27.59 -69.27 38.27
N VAL U 411 -28.10 -69.84 39.34
CA VAL U 411 -29.21 -69.35 40.17
C VAL U 411 -30.50 -68.97 39.44
N GLU U 412 -30.85 -69.62 38.35
CA GLU U 412 -31.60 -68.86 37.35
C GLU U 412 -33.03 -68.93 37.71
N LYS U 413 -33.53 -67.86 38.31
CA LYS U 413 -34.91 -67.82 38.75
C LYS U 413 -35.75 -67.91 37.52
N GLN U 414 -36.98 -68.37 37.70
CA GLN U 414 -37.87 -68.55 36.58
C GLN U 414 -39.32 -68.47 36.95
N PRO U 415 -40.18 -68.50 35.93
CA PRO U 415 -41.62 -68.40 36.16
C PRO U 415 -42.52 -69.34 36.94
N SER U 418 -43.40 -71.34 40.44
CA SER U 418 -42.30 -70.43 40.70
C SER U 418 -41.00 -71.20 40.94
N THR U 419 -40.86 -72.35 40.29
CA THR U 419 -39.68 -73.18 40.44
C THR U 419 -38.44 -72.45 39.95
N ILE U 420 -37.28 -73.09 40.09
CA ILE U 420 -36.01 -72.47 39.78
C ILE U 420 -35.22 -73.49 39.01
N SER U 421 -34.38 -73.03 38.09
CA SER U 421 -33.52 -73.93 37.32
C SER U 421 -32.15 -73.29 37.34
N ILE U 422 -31.21 -73.91 38.04
CA ILE U 422 -29.83 -73.41 38.09
C ILE U 422 -28.96 -73.69 36.87
N PRO U 423 -27.95 -72.87 36.68
CA PRO U 423 -27.12 -72.94 35.49
C PRO U 423 -25.87 -73.74 35.77
N SER U 424 -25.67 -74.78 34.97
CA SER U 424 -24.81 -75.89 35.28
C SER U 424 -23.36 -75.53 35.48
N ILE U 425 -22.85 -74.64 34.63
CA ILE U 425 -21.44 -74.58 34.36
C ILE U 425 -20.65 -74.32 35.64
N TYR U 426 -21.23 -73.51 36.51
CA TYR U 426 -20.84 -73.41 37.92
C TYR U 426 -21.84 -74.17 38.81
N LEU U 427 -22.90 -74.67 38.20
CA LEU U 427 -23.92 -75.41 38.94
C LEU U 427 -23.43 -76.80 39.30
N GLU U 428 -23.09 -77.59 38.30
CA GLU U 428 -22.61 -78.96 38.51
C GLU U 428 -21.17 -79.06 39.03
N LEU U 429 -20.25 -78.36 38.38
CA LEU U 429 -18.83 -78.55 38.61
C LEU U 429 -18.29 -77.85 39.85
N LYS U 430 -18.42 -76.52 39.89
CA LYS U 430 -17.76 -75.75 40.93
C LYS U 430 -17.96 -76.39 42.30
N VAL U 431 -19.25 -76.59 42.57
CA VAL U 431 -19.73 -77.05 43.85
C VAL U 431 -19.34 -78.48 44.22
N LYS U 432 -19.41 -79.38 43.24
CA LYS U 432 -19.19 -80.81 43.50
C LYS U 432 -17.84 -81.06 44.17
N LEU U 433 -16.82 -80.39 43.67
CA LEU U 433 -15.47 -80.55 44.19
C LEU U 433 -15.36 -80.04 45.61
N GLU U 434 -15.90 -78.86 45.89
CA GLU U 434 -15.73 -78.30 47.23
C GLU U 434 -16.99 -78.51 48.03
N ASN U 435 -16.90 -79.33 49.06
CA ASN U 435 -18.08 -79.52 49.88
C ASN U 435 -17.59 -79.99 51.25
N GLU U 436 -18.44 -79.92 52.25
CA GLU U 436 -18.08 -80.30 53.61
C GLU U 436 -19.23 -81.20 53.97
N TYR U 437 -19.23 -81.87 55.11
CA TYR U 437 -20.31 -82.82 55.25
C TYR U 437 -21.47 -82.07 55.92
N ALA U 438 -21.98 -81.11 55.17
CA ALA U 438 -23.25 -80.45 55.41
C ALA U 438 -24.32 -81.39 54.87
N LEU U 439 -23.90 -82.21 53.91
CA LEU U 439 -24.78 -83.09 53.17
C LEU U 439 -25.74 -83.87 54.04
N HIS U 440 -25.25 -84.42 55.15
CA HIS U 440 -26.14 -85.29 55.94
C HIS U 440 -27.40 -84.50 56.27
N ARG U 441 -27.22 -83.26 56.70
CA ARG U 441 -28.37 -82.46 57.08
C ARG U 441 -29.26 -82.18 55.86
N SER U 442 -28.64 -81.89 54.72
CA SER U 442 -29.42 -81.56 53.53
C SER U 442 -30.25 -82.75 53.05
N ILE U 443 -29.60 -83.91 52.98
CA ILE U 443 -30.23 -85.11 52.50
C ILE U 443 -31.34 -85.51 53.46
N VAL U 444 -31.09 -85.36 54.76
CA VAL U 444 -32.08 -85.75 55.76
C VAL U 444 -33.25 -84.81 55.54
N ASP U 445 -32.95 -83.56 55.17
CA ASP U 445 -33.99 -82.57 54.97
C ASP U 445 -34.88 -83.11 53.85
N HIS U 446 -34.23 -83.69 52.83
CA HIS U 446 -34.97 -84.23 51.69
C HIS U 446 -35.85 -85.33 52.25
N TYR U 447 -35.37 -86.14 53.19
CA TYR U 447 -36.27 -87.15 53.71
C TYR U 447 -37.48 -86.49 54.34
N ASN U 448 -37.23 -85.42 55.09
CA ASN U 448 -38.30 -84.75 55.81
C ASN U 448 -39.38 -84.16 54.91
N ILE U 449 -38.99 -83.57 53.79
CA ILE U 449 -40.00 -82.92 52.95
C ILE U 449 -41.04 -83.89 52.37
N PRO U 450 -40.67 -85.04 51.74
CA PRO U 450 -41.83 -85.88 51.42
C PRO U 450 -42.52 -86.43 52.65
N LYS U 451 -41.83 -86.48 53.77
CA LYS U 451 -42.46 -86.96 54.98
C LYS U 451 -43.61 -85.99 55.27
N THR U 452 -43.33 -84.70 55.17
CA THR U 452 -44.35 -83.69 55.45
C THR U 452 -45.48 -83.82 54.42
N PHE U 453 -45.12 -83.93 53.15
CA PHE U 453 -46.11 -84.09 52.09
C PHE U 453 -46.79 -85.43 52.32
N ASP U 454 -48.11 -85.42 52.52
CA ASP U 454 -48.80 -86.68 52.73
C ASP U 454 -50.29 -86.50 52.53
N SER U 455 -50.89 -87.41 51.79
CA SER U 455 -52.32 -87.42 51.60
C SER U 455 -52.80 -88.72 52.22
N ASP U 456 -54.10 -88.82 52.50
CA ASP U 456 -54.62 -90.01 53.16
C ASP U 456 -54.29 -91.22 52.31
N ASP U 457 -54.63 -91.14 51.02
CA ASP U 457 -54.34 -92.24 50.12
C ASP U 457 -52.97 -92.10 49.48
N LEU U 458 -52.73 -92.96 48.49
CA LEU U 458 -51.44 -93.15 47.84
C LEU U 458 -50.99 -92.04 46.88
N ILE U 459 -51.82 -91.02 46.71
CA ILE U 459 -51.50 -89.91 45.81
C ILE U 459 -50.82 -88.78 46.57
N PRO U 460 -49.56 -88.39 46.07
CA PRO U 460 -48.95 -87.29 46.83
C PRO U 460 -49.12 -85.95 46.12
N PRO U 461 -48.70 -84.86 46.75
CA PRO U 461 -48.82 -83.54 46.13
C PRO U 461 -47.54 -83.11 45.44
N TYR U 462 -47.30 -83.65 44.26
CA TYR U 462 -46.00 -83.56 43.62
C TYR U 462 -45.87 -82.33 42.72
N LEU U 463 -44.94 -81.44 43.07
CA LEU U 463 -44.63 -80.32 42.20
C LEU U 463 -44.07 -81.01 40.96
N ASP U 464 -44.45 -80.48 39.82
CA ASP U 464 -44.69 -81.24 38.60
C ASP U 464 -43.50 -82.02 38.08
N GLN U 465 -42.34 -81.40 38.07
CA GLN U 465 -41.17 -82.08 37.52
C GLN U 465 -40.21 -82.50 38.61
N TYR U 466 -39.86 -81.56 39.47
CA TYR U 466 -38.78 -81.86 40.41
C TYR U 466 -39.01 -83.11 41.17
N PHE U 467 -40.15 -83.18 41.81
CA PHE U 467 -40.40 -84.25 42.73
C PHE U 467 -40.31 -85.57 42.01
N TYR U 468 -40.91 -85.67 40.84
CA TYR U 468 -40.97 -86.93 40.13
C TYR U 468 -39.57 -87.46 39.81
N SER U 469 -38.71 -86.62 39.25
CA SER U 469 -37.35 -87.04 38.89
C SER U 469 -36.43 -87.24 40.10
N HIS U 470 -36.33 -86.16 40.89
CA HIS U 470 -35.37 -85.99 41.98
C HIS U 470 -35.63 -86.90 43.19
N ILE U 471 -36.92 -87.14 43.48
CA ILE U 471 -37.30 -87.77 44.75
C ILE U 471 -36.54 -89.06 44.88
N GLY U 472 -36.52 -89.86 43.82
CA GLY U 472 -35.88 -91.15 43.90
C GLY U 472 -34.40 -91.01 44.18
N HIS U 473 -33.76 -90.02 43.58
CA HIS U 473 -32.32 -89.84 43.75
C HIS U 473 -31.99 -89.56 45.21
N HIS U 474 -32.75 -88.62 45.78
CA HIS U 474 -32.52 -88.20 47.15
C HIS U 474 -32.81 -89.37 48.07
N LEU U 475 -33.86 -90.10 47.72
CA LEU U 475 -34.31 -91.26 48.49
C LEU U 475 -33.22 -92.31 48.52
N LYS U 476 -32.60 -92.52 47.35
CA LYS U 476 -31.59 -93.54 47.21
C LYS U 476 -30.49 -93.18 48.17
N ASN U 477 -30.15 -91.89 48.20
CA ASN U 477 -29.08 -91.49 49.11
C ASN U 477 -29.48 -91.70 50.57
N ILE U 478 -30.72 -91.34 50.95
CA ILE U 478 -31.08 -91.40 52.37
C ILE U 478 -31.14 -92.82 52.96
N GLU U 479 -31.91 -93.73 52.33
CA GLU U 479 -32.17 -95.11 52.78
C GLU U 479 -33.15 -95.91 51.89
N HIS U 480 -33.23 -97.21 52.15
CA HIS U 480 -34.15 -98.15 51.46
C HIS U 480 -35.66 -98.00 51.77
N PRO U 481 -36.07 -97.97 53.06
CA PRO U 481 -37.51 -98.07 53.35
C PRO U 481 -38.35 -97.06 52.57
N GLU U 482 -37.91 -95.81 52.51
CA GLU U 482 -38.66 -94.79 51.82
C GLU U 482 -38.70 -95.16 50.36
N ARG U 483 -37.56 -95.64 49.88
CA ARG U 483 -37.39 -95.95 48.48
C ARG U 483 -38.48 -96.92 48.09
N MET U 484 -38.67 -97.89 48.99
CA MET U 484 -39.60 -98.96 48.75
C MET U 484 -41.01 -98.43 48.53
N THR U 485 -41.48 -97.56 49.43
CA THR U 485 -42.84 -97.04 49.30
C THR U 485 -43.03 -96.02 48.17
N LEU U 486 -42.13 -95.03 48.07
CA LEU U 486 -42.26 -93.92 47.10
C LEU U 486 -42.14 -94.38 45.67
N PHE U 487 -41.14 -95.22 45.39
CA PHE U 487 -40.91 -95.68 44.03
C PHE U 487 -42.16 -96.38 43.59
N ARG U 488 -42.87 -96.96 44.55
CA ARG U 488 -44.18 -97.47 44.22
C ARG U 488 -43.94 -98.63 43.28
N MET U 489 -42.86 -99.32 43.58
CA MET U 489 -42.62 -100.63 43.03
C MET U 489 -43.61 -101.44 43.84
N VAL U 490 -43.69 -101.07 45.12
CA VAL U 490 -44.68 -101.59 46.06
C VAL U 490 -46.04 -101.11 45.58
N PHE U 491 -46.13 -99.80 45.30
CA PHE U 491 -47.43 -99.18 45.03
C PHE U 491 -47.74 -98.88 43.58
N LEU U 492 -48.97 -99.17 43.22
CA LEU U 492 -49.41 -99.27 41.85
C LEU U 492 -49.75 -97.85 41.44
N ASP U 493 -49.95 -97.01 42.45
CA ASP U 493 -50.28 -95.59 42.24
C ASP U 493 -49.21 -94.81 41.47
N PHE U 494 -47.90 -95.04 41.63
CA PHE U 494 -46.96 -94.20 40.86
C PHE U 494 -46.79 -94.72 39.49
N ARG U 495 -47.22 -95.95 39.26
CA ARG U 495 -47.34 -96.38 37.91
C ARG U 495 -48.24 -95.35 37.24
N PHE U 496 -49.41 -95.20 37.84
CA PHE U 496 -50.37 -94.16 37.48
C PHE U 496 -49.77 -92.79 37.36
N LEU U 497 -49.38 -92.20 38.49
CA LEU U 497 -49.16 -90.77 38.45
C LEU U 497 -47.92 -90.44 37.66
N GLU U 498 -46.82 -91.15 37.92
CA GLU U 498 -45.59 -90.80 37.24
C GLU U 498 -45.82 -90.90 35.75
N GLN U 499 -46.44 -92.02 35.34
CA GLN U 499 -46.63 -92.25 33.92
C GLN U 499 -47.52 -91.19 33.29
N LYS U 500 -48.73 -90.94 33.82
CA LYS U 500 -49.56 -89.97 33.08
C LYS U 500 -49.06 -88.52 33.20
N ILE U 501 -48.58 -88.06 34.35
CA ILE U 501 -48.15 -86.64 34.36
C ILE U 501 -46.94 -86.51 33.44
N ARG U 502 -45.99 -87.45 33.45
CA ARG U 502 -44.87 -87.21 32.54
C ARG U 502 -45.18 -87.73 31.14
N HIS U 503 -46.35 -87.30 30.68
CA HIS U 503 -46.84 -87.41 29.32
C HIS U 503 -46.55 -86.13 28.56
N ASN U 516 -40.84 -89.41 29.05
CA ASN U 516 -41.99 -90.31 29.14
C ASN U 516 -41.67 -91.53 29.98
N THR U 517 -42.03 -92.71 29.47
CA THR U 517 -41.78 -93.96 30.15
C THR U 517 -40.27 -94.14 30.34
N LEU U 518 -39.51 -93.59 29.40
CA LEU U 518 -38.07 -93.77 29.35
C LEU U 518 -37.38 -93.42 30.65
N GLN U 519 -37.75 -92.25 31.18
CA GLN U 519 -37.16 -91.75 32.42
C GLN U 519 -37.61 -92.59 33.60
N GLN U 520 -38.86 -93.00 33.56
CA GLN U 520 -39.47 -93.77 34.63
C GLN U 520 -38.60 -95.04 34.75
N LEU U 521 -38.33 -95.66 33.59
CA LEU U 521 -37.53 -96.88 33.51
C LEU U 521 -36.14 -96.57 34.05
N LYS U 522 -35.69 -95.35 33.76
CA LYS U 522 -34.38 -94.93 34.19
C LYS U 522 -34.37 -94.92 35.71
N PHE U 523 -35.46 -94.48 36.33
CA PHE U 523 -35.44 -94.40 37.79
C PHE U 523 -35.36 -95.82 38.30
N TYR U 524 -36.17 -96.70 37.74
CA TYR U 524 -36.19 -98.03 38.31
C TYR U 524 -34.85 -98.73 38.25
N LYS U 525 -34.14 -98.68 37.12
CA LYS U 525 -32.92 -99.49 37.04
C LYS U 525 -31.74 -99.13 38.01
N PRO U 526 -31.22 -97.87 38.02
CA PRO U 526 -30.11 -97.71 38.98
C PRO U 526 -30.51 -97.68 40.46
N TYR U 527 -31.74 -97.26 40.75
CA TYR U 527 -32.19 -97.10 42.13
C TYR U 527 -32.41 -98.40 42.90
N ILE U 528 -32.65 -99.52 42.21
CA ILE U 528 -33.07 -100.74 42.92
C ILE U 528 -32.08 -101.14 44.00
N CYS U 529 -30.80 -100.82 43.81
CA CYS U 529 -29.72 -101.31 44.66
C CYS U 529 -29.96 -101.00 46.14
N ASP U 530 -30.67 -99.92 46.42
CA ASP U 530 -30.92 -99.53 47.79
C ASP U 530 -31.68 -100.63 48.52
N ASP U 532 -35.44 -104.63 50.61
CA ASP U 532 -34.50 -105.75 50.62
C ASP U 532 -34.56 -106.47 49.26
N PRO U 533 -33.87 -107.62 49.10
CA PRO U 533 -33.98 -108.32 47.81
C PRO U 533 -35.37 -108.88 47.41
N LYS U 534 -36.16 -109.41 48.36
CA LYS U 534 -37.42 -110.05 48.02
C LYS U 534 -38.34 -109.05 47.28
N TYR U 535 -38.42 -107.87 47.89
CA TYR U 535 -39.21 -106.80 47.32
C TYR U 535 -38.51 -106.45 46.01
N GLU U 536 -37.18 -106.53 46.00
CA GLU U 536 -36.40 -106.14 44.83
C GLU U 536 -36.81 -106.91 43.57
N ARG U 537 -36.86 -108.23 43.67
CA ARG U 537 -37.15 -109.08 42.53
C ARG U 537 -38.53 -108.62 42.12
N LEU U 538 -39.33 -108.35 43.14
CA LEU U 538 -40.70 -107.95 42.85
C LEU U 538 -40.69 -106.62 42.02
N VAL U 539 -39.89 -105.63 42.42
CA VAL U 539 -39.89 -104.35 41.71
C VAL U 539 -39.45 -104.54 40.27
N ASN U 540 -38.50 -105.44 40.03
CA ASN U 540 -38.10 -105.58 38.63
C ASN U 540 -39.28 -106.18 37.87
N ALA U 541 -40.01 -107.05 38.57
CA ALA U 541 -41.16 -107.73 37.99
C ALA U 541 -42.20 -106.70 37.53
N ILE U 542 -42.46 -105.72 38.40
CA ILE U 542 -43.45 -104.65 38.15
C ILE U 542 -42.93 -103.82 36.99
N LEU U 543 -41.60 -103.64 36.99
CA LEU U 543 -40.91 -102.79 36.04
C LEU U 543 -41.10 -103.31 34.64
N ASP U 544 -40.97 -104.62 34.42
CA ASP U 544 -41.13 -105.10 33.04
C ASP U 544 -42.55 -104.84 32.60
N PHE U 545 -43.50 -104.98 33.52
CA PHE U 545 -44.90 -104.79 33.21
C PHE U 545 -45.22 -103.37 32.77
N LEU U 546 -44.56 -102.43 33.42
CA LEU U 546 -44.80 -101.02 33.20
C LEU U 546 -44.54 -100.49 31.75
N PRO U 547 -43.34 -100.68 31.15
CA PRO U 547 -43.29 -100.26 29.75
C PRO U 547 -44.14 -101.14 28.84
N LYS U 548 -44.50 -102.33 29.32
CA LYS U 548 -45.27 -103.29 28.54
C LYS U 548 -46.60 -102.70 28.15
N ILE U 549 -47.27 -102.05 29.10
CA ILE U 549 -48.57 -101.44 28.84
C ILE U 549 -48.56 -99.95 29.18
N SER U 556 -57.19 -93.47 31.14
CA SER U 556 -57.93 -94.57 31.78
C SER U 556 -58.52 -94.39 33.25
N LYS U 557 -59.87 -94.17 33.47
CA LYS U 557 -60.68 -94.05 34.80
C LYS U 557 -60.08 -95.10 35.72
N TYR U 558 -59.91 -94.73 36.98
CA TYR U 558 -58.99 -95.14 37.94
C TYR U 558 -58.57 -96.69 37.84
N THR U 559 -59.59 -97.38 37.53
CA THR U 559 -59.70 -98.81 37.23
C THR U 559 -58.68 -99.62 36.38
N ASP U 560 -58.32 -99.16 35.21
CA ASP U 560 -57.57 -99.96 34.27
C ASP U 560 -56.28 -100.39 34.95
N LEU U 561 -55.68 -99.47 35.71
CA LEU U 561 -54.39 -99.73 36.34
C LEU U 561 -54.51 -100.97 37.24
N LEU U 562 -55.56 -101.03 38.05
CA LEU U 562 -55.69 -102.13 39.01
C LEU U 562 -55.95 -103.43 38.26
N ARG U 563 -56.73 -103.34 37.17
CA ARG U 563 -57.01 -104.56 36.44
C ARG U 563 -55.79 -105.13 35.72
N ILE U 564 -54.96 -104.26 35.15
CA ILE U 564 -53.76 -104.78 34.51
C ILE U 564 -52.87 -105.33 35.62
N ALA U 565 -52.93 -104.70 36.81
CA ALA U 565 -52.11 -105.14 37.94
C ALA U 565 -52.46 -106.60 38.23
N LEU U 566 -53.73 -106.94 37.99
CA LEU U 566 -54.26 -108.27 38.34
C LEU U 566 -53.55 -109.45 37.66
N MET U 567 -52.93 -109.22 36.51
CA MET U 567 -52.40 -110.34 35.71
C MET U 567 -51.42 -111.25 36.46
N ALA U 568 -50.43 -110.69 37.14
CA ALA U 568 -49.49 -111.58 37.81
C ALA U 568 -49.69 -111.50 39.31
N GLU U 569 -49.98 -112.67 39.88
CA GLU U 569 -50.34 -112.83 41.29
C GLU U 569 -49.18 -112.56 42.25
N ASP U 570 -47.96 -112.86 41.79
CA ASP U 570 -46.78 -112.78 42.65
C ASP U 570 -46.36 -111.40 43.15
N GLU U 571 -46.96 -110.33 42.62
CA GLU U 571 -46.39 -109.02 42.89
C GLU U 571 -47.15 -108.09 43.85
N ALA U 572 -46.37 -107.19 44.47
CA ALA U 572 -46.84 -106.17 45.42
C ALA U 572 -47.70 -105.16 44.70
N ILE U 573 -47.38 -104.89 43.43
CA ILE U 573 -48.15 -103.95 42.65
C ILE U 573 -49.60 -104.40 42.71
N PHE U 574 -49.87 -105.69 42.57
CA PHE U 574 -51.27 -106.10 42.63
C PHE U 574 -51.90 -105.83 44.01
N GLU U 575 -51.16 -106.12 45.08
CA GLU U 575 -51.69 -105.93 46.43
C GLU U 575 -52.03 -104.47 46.69
N GLU U 576 -51.14 -103.62 46.21
CA GLU U 576 -51.32 -102.19 46.35
C GLU U 576 -52.50 -101.78 45.52
N ALA U 577 -52.62 -102.39 44.35
CA ALA U 577 -53.68 -102.07 43.41
C ALA U 577 -54.99 -102.33 44.11
N HIS U 578 -55.02 -103.43 44.85
CA HIS U 578 -56.22 -103.80 45.55
C HIS U 578 -56.48 -102.76 46.62
N LYS U 579 -55.42 -102.28 47.28
CA LYS U 579 -55.64 -101.29 48.34
C LYS U 579 -56.24 -100.01 47.76
N GLN U 580 -55.62 -99.51 46.70
CA GLN U 580 -56.04 -98.26 46.07
C GLN U 580 -57.45 -98.35 45.45
N VAL U 581 -57.90 -99.53 45.01
CA VAL U 581 -59.33 -99.63 44.64
C VAL U 581 -60.17 -99.59 45.91
N GLN U 582 -59.68 -100.24 46.97
CA GLN U 582 -60.38 -100.20 48.26
C GLN U 582 -60.66 -98.75 48.70
N ARG U 583 -59.65 -97.89 48.59
CA ARG U 583 -59.89 -96.46 48.78
C ARG U 583 -59.78 -95.72 47.44
N UNK U 584 -48.54 -103.41 22.40
CA UNK U 584 -47.38 -103.44 21.50
C UNK U 584 -46.14 -103.16 22.33
N UNK U 585 -45.06 -103.83 21.98
CA UNK U 585 -43.80 -103.67 22.68
C UNK U 585 -43.39 -102.20 22.81
N UNK U 586 -43.71 -101.38 21.81
CA UNK U 586 -43.34 -99.97 21.87
C UNK U 586 -44.31 -99.04 21.12
N UNK U 587 -44.52 -97.86 21.68
CA UNK U 587 -45.40 -96.88 21.06
C UNK U 587 -44.77 -95.47 21.12
N UNK U 588 -44.54 -94.92 19.93
CA UNK U 588 -43.90 -93.63 19.77
C UNK U 588 -44.84 -92.51 19.32
N UNK U 589 -44.74 -91.35 19.96
CA UNK U 589 -45.58 -90.21 19.62
C UNK U 589 -44.71 -88.97 19.35
N UNK U 590 -44.18 -88.83 18.10
CA UNK U 590 -43.33 -87.71 17.71
C UNK U 590 -43.91 -86.71 16.70
N UNK U 591 -45.16 -86.91 16.29
CA UNK U 591 -45.75 -85.99 15.33
C UNK U 591 -46.90 -85.25 15.99
N UNK U 592 -47.30 -84.12 15.39
CA UNK U 592 -48.38 -83.35 15.95
C UNK U 592 -49.57 -83.51 15.03
N UNK U 593 -50.89 -85.88 12.73
CA UNK U 593 -50.87 -87.26 12.29
C UNK U 593 -49.50 -87.69 11.78
N UNK U 594 -49.13 -88.94 12.06
CA UNK U 594 -47.87 -89.51 11.62
C UNK U 594 -48.19 -90.28 10.35
N UNK U 595 -47.52 -89.96 9.26
CA UNK U 595 -47.83 -90.68 8.05
C UNK U 595 -46.98 -91.90 7.79
N UNK U 596 -45.69 -91.80 8.10
CA UNK U 596 -44.77 -92.90 7.88
C UNK U 596 -43.69 -92.87 8.94
N UNK U 597 -43.08 -94.03 9.18
CA UNK U 597 -42.01 -94.16 10.17
C UNK U 597 -41.22 -95.40 9.78
N UNK U 598 -39.94 -95.47 10.16
CA UNK U 598 -39.13 -96.62 9.81
C UNK U 598 -37.87 -96.75 10.67
N UNK U 599 -37.27 -97.94 10.64
CA UNK U 599 -36.07 -98.24 11.42
C UNK U 599 -34.78 -97.89 10.68
N UNK U 600 -33.73 -97.64 11.45
CA UNK U 600 -32.43 -97.36 10.85
C UNK U 600 -31.95 -98.73 10.41
N UNK U 601 -30.96 -98.78 9.53
CA UNK U 601 -30.48 -100.06 9.05
C UNK U 601 -30.02 -101.01 10.15
N UNK U 602 -29.56 -100.49 11.27
CA UNK U 602 -29.14 -101.35 12.37
C UNK U 602 -30.27 -101.51 13.38
N UNK U 603 -31.43 -100.93 13.06
CA UNK U 603 -32.58 -101.02 13.95
C UNK U 603 -32.49 -100.22 15.25
N UNK U 604 -31.36 -99.57 15.48
CA UNK U 604 -31.16 -98.77 16.70
C UNK U 604 -31.99 -97.49 16.79
N UNK U 605 -32.32 -96.92 15.63
CA UNK U 605 -33.07 -95.68 15.58
C UNK U 605 -34.34 -95.79 14.75
N UNK U 606 -35.20 -94.78 14.87
CA UNK U 606 -36.45 -94.71 14.12
C UNK U 606 -36.68 -93.28 13.66
N UNK U 607 -37.07 -93.11 12.40
CA UNK U 607 -37.35 -91.78 11.88
C UNK U 607 -38.81 -91.83 11.50
N UNK U 608 -39.54 -90.73 11.73
CA UNK U 608 -40.96 -90.66 11.44
C UNK U 608 -41.28 -89.29 10.90
N UNK U 609 -42.13 -89.24 9.88
CA UNK U 609 -42.49 -87.97 9.27
C UNK U 609 -44.00 -87.91 9.14
N UNK U 610 -44.59 -86.79 9.51
CA UNK U 610 -46.04 -86.71 9.42
C UNK U 610 -46.55 -85.37 8.92
N UNK U 611 -47.81 -85.11 9.21
CA UNK U 611 -48.49 -83.94 8.70
C UNK U 611 -48.06 -82.69 9.45
N UNK U 612 -47.23 -82.86 10.48
CA UNK U 612 -46.80 -81.69 11.23
C UNK U 612 -45.61 -81.01 10.52
N UNK U 613 -45.28 -81.51 9.32
CA UNK U 613 -44.20 -80.96 8.47
C UNK U 613 -42.75 -81.24 8.92
N UNK U 614 -42.56 -81.91 10.05
CA UNK U 614 -41.20 -82.18 10.56
C UNK U 614 -40.62 -83.58 10.34
N UNK U 615 -39.32 -83.71 10.52
CA UNK U 615 -38.62 -84.99 10.40
C UNK U 615 -38.22 -85.27 11.83
N UNK U 616 -38.53 -86.45 12.34
CA UNK U 616 -38.19 -86.78 13.71
C UNK U 616 -37.39 -88.05 13.80
N UNK U 617 -36.50 -88.11 14.78
CA UNK U 617 -35.70 -89.30 14.95
C UNK U 617 -35.49 -89.53 16.44
N UNK U 618 -35.52 -90.79 16.82
CA UNK U 618 -35.38 -91.21 18.22
C UNK U 618 -34.82 -92.62 18.32
N UNK U 619 -34.27 -92.96 19.49
CA UNK U 619 -33.70 -94.28 19.70
C UNK U 619 -34.83 -95.30 19.62
N UNK U 620 -34.56 -96.47 19.04
CA UNK U 620 -35.59 -97.50 18.93
C UNK U 620 -35.91 -98.03 20.33
N UNK U 621 -34.88 -98.14 21.15
CA UNK U 621 -35.00 -98.61 22.52
C UNK U 621 -35.90 -97.83 23.45
N UNK U 622 -35.72 -96.51 23.51
CA UNK U 622 -36.48 -95.66 24.43
C UNK U 622 -37.30 -94.47 23.92
N UNK U 623 -37.28 -94.19 22.63
CA UNK U 623 -38.04 -93.05 22.12
C UNK U 623 -37.37 -91.73 22.41
N UNK U 624 -36.25 -91.84 23.12
CA UNK U 624 -35.42 -90.71 23.51
C UNK U 624 -35.17 -89.88 22.26
N UNK U 625 -35.77 -88.70 22.18
CA UNK U 625 -35.59 -87.87 20.99
C UNK U 625 -34.14 -87.62 20.59
N UNK U 626 -33.86 -87.77 19.30
CA UNK U 626 -32.53 -87.57 18.74
C UNK U 626 -32.51 -86.36 17.79
N UNK U 627 -33.50 -86.26 16.92
CA UNK U 627 -33.59 -85.12 15.99
C UNK U 627 -35.01 -84.56 15.90
N UNK U 628 -35.12 -83.23 15.81
CA UNK U 628 -36.41 -82.55 15.68
C UNK U 628 -36.25 -81.47 14.59
N UNK U 629 -36.23 -81.91 13.33
CA UNK U 629 -36.04 -81.03 12.18
C UNK U 629 -37.35 -80.53 11.56
N UNK U 630 -37.33 -79.35 10.96
CA UNK U 630 -38.50 -78.81 10.30
C UNK U 630 -38.28 -79.08 8.81
N UNK U 631 -38.39 -80.34 8.40
CA UNK U 631 -38.12 -80.78 7.03
C UNK U 631 -38.76 -80.09 5.81
N UNK U 632 -40.06 -79.84 5.82
CA UNK U 632 -40.67 -79.21 4.66
C UNK U 632 -41.69 -78.14 4.98
N UNK U 633 -42.26 -77.60 3.89
CA UNK U 633 -43.25 -76.55 3.96
C UNK U 633 -44.62 -77.13 3.59
N UNK U 634 -44.94 -78.76 3.10
CA UNK U 634 -46.19 -79.44 2.81
C UNK U 634 -46.03 -80.93 3.20
N UNK U 635 -47.16 -81.56 3.51
CA UNK U 635 -47.19 -82.94 3.98
C UNK U 635 -46.28 -83.90 3.23
N UNK U 636 -45.73 -84.87 3.94
CA UNK U 636 -44.83 -85.85 3.36
C UNK U 636 -45.59 -87.14 3.08
N UNK U 637 -45.03 -87.96 2.19
CA UNK U 637 -45.68 -89.24 1.81
C UNK U 637 -44.88 -90.54 1.93
N UNK U 638 -43.57 -90.43 2.01
CA UNK U 638 -42.75 -91.63 2.09
C UNK U 638 -41.33 -91.27 2.47
N UNK U 639 -40.60 -92.24 3.01
CA UNK U 639 -39.22 -92.05 3.44
C UNK U 639 -38.49 -93.40 3.49
N UNK U 640 -37.18 -93.40 3.25
CA UNK U 640 -36.43 -94.65 3.26
C UNK U 640 -34.98 -94.42 3.56
N UNK U 641 -34.26 -95.50 3.87
CA UNK U 641 -32.84 -95.46 4.19
C UNK U 641 -32.11 -96.00 2.97
N UNK U 642 -30.83 -95.66 2.83
CA UNK U 642 -30.03 -96.15 1.70
C UNK U 642 -29.53 -97.53 2.08
N UNK U 643 -28.77 -98.16 1.19
CA UNK U 643 -28.25 -99.50 1.42
C UNK U 643 -27.34 -99.61 2.64
N UNK U 644 -26.64 -98.54 2.99
CA UNK U 644 -25.74 -98.59 4.16
C UNK U 644 -26.23 -97.64 5.26
N UNK U 645 -27.52 -97.35 5.28
CA UNK U 645 -28.10 -96.46 6.27
C UNK U 645 -27.37 -95.15 6.35
N UNK U 646 -26.55 -94.85 5.37
CA UNK U 646 -25.81 -93.60 5.39
C UNK U 646 -26.74 -92.42 5.12
N UNK U 647 -27.81 -92.70 4.39
CA UNK U 647 -28.76 -91.67 4.03
C UNK U 647 -30.21 -92.08 4.25
N UNK U 648 -31.08 -91.07 4.17
CA UNK U 648 -32.51 -91.25 4.31
C UNK U 648 -33.10 -90.28 3.30
N UNK U 649 -33.97 -90.75 2.44
CA UNK U 649 -34.58 -89.84 1.51
C UNK U 649 -35.99 -89.62 2.01
N UNK U 650 -36.67 -88.61 1.47
CA UNK U 650 -38.05 -88.31 1.81
C UNK U 650 -38.62 -87.64 0.59
N UNK U 651 -39.81 -88.03 0.20
CA UNK U 651 -40.44 -87.41 -0.94
C UNK U 651 -41.79 -86.90 -0.41
N UNK U 652 -42.23 -85.74 -0.90
CA UNK U 652 -43.48 -85.16 -0.38
C UNK U 652 -44.40 -84.56 -1.41
N UNK U 653 -45.48 -83.96 -0.90
CA UNK U 653 -46.49 -83.34 -1.75
C UNK U 653 -46.00 -82.05 -2.39
N UNK U 654 -44.85 -81.55 -1.96
CA UNK U 654 -44.31 -80.34 -2.54
C UNK U 654 -43.60 -80.73 -3.82
N UNK U 655 -43.76 -81.99 -4.20
CA UNK U 655 -43.19 -82.53 -5.42
C UNK U 655 -41.66 -82.70 -5.37
N UNK U 656 -41.08 -82.50 -4.19
CA UNK U 656 -39.64 -82.63 -4.04
C UNK U 656 -39.23 -83.96 -3.39
N UNK U 657 -37.97 -84.32 -3.59
CA UNK U 657 -37.36 -85.52 -3.02
C UNK U 657 -36.12 -84.99 -2.29
N UNK U 658 -35.80 -85.53 -1.12
CA UNK U 658 -34.65 -85.01 -0.41
C UNK U 658 -33.75 -86.08 0.18
N UNK U 659 -32.47 -85.78 0.29
CA UNK U 659 -31.53 -86.74 0.84
C UNK U 659 -30.96 -86.13 2.10
N UNK U 660 -30.88 -86.94 3.16
CA UNK U 660 -30.35 -86.46 4.43
C UNK U 660 -29.26 -87.38 4.98
N UNK U 661 -28.33 -86.78 5.72
CA UNK U 661 -27.27 -87.54 6.36
C UNK U 661 -28.02 -88.13 7.54
N UNK U 662 -28.20 -89.43 7.55
CA UNK U 662 -28.96 -90.06 8.63
C UNK U 662 -28.37 -89.82 10.00
N UNK U 663 -27.12 -89.36 10.04
CA UNK U 663 -26.45 -89.12 11.30
C UNK U 663 -26.69 -87.74 11.86
N UNK U 664 -28.60 -85.31 10.09
CA UNK U 664 -29.86 -84.77 9.63
C UNK U 664 -29.70 -83.56 8.74
N UNK U 665 -28.48 -83.27 8.31
CA UNK U 665 -28.29 -82.11 7.44
C UNK U 665 -28.71 -82.45 6.01
N UNK U 666 -29.47 -81.53 5.40
CA UNK U 666 -29.95 -81.70 4.03
C UNK U 666 -28.73 -81.94 3.16
N UNK U 667 -28.73 -83.04 2.40
CA UNK U 667 -27.61 -83.38 1.54
C UNK U 667 -28.02 -83.23 0.07
N UNK U 668 -31.46 -81.55 -2.66
CA UNK U 668 -32.83 -81.85 -3.01
C UNK U 668 -33.01 -81.98 -4.52
N UNK U 669 -33.97 -82.81 -4.92
CA UNK U 669 -34.25 -83.05 -6.32
C UNK U 669 -35.67 -82.66 -6.65
N UNK U 670 -35.87 -81.54 -7.32
CA UNK U 670 -37.22 -81.13 -7.69
C UNK U 670 -37.35 -81.31 -9.19
N UNK U 671 -38.17 -82.27 -9.61
CA UNK U 671 -38.37 -82.53 -11.03
C UNK U 671 -39.72 -83.15 -11.29
N UNK U 672 -41.48 -86.66 -8.60
CA UNK U 672 -40.85 -87.97 -8.65
C UNK U 672 -41.41 -88.83 -7.51
N UNK U 673 -42.03 -89.95 -7.90
CA UNK U 673 -42.70 -90.89 -6.98
C UNK U 673 -41.81 -92.01 -6.44
N UNK U 674 -41.08 -92.67 -7.33
CA UNK U 674 -40.20 -93.77 -6.93
C UNK U 674 -38.79 -93.27 -6.64
N UNK U 675 -38.15 -93.89 -5.65
CA UNK U 675 -36.74 -93.65 -5.35
C UNK U 675 -36.21 -94.75 -4.44
N UNK U 676 -35.30 -95.54 -5.01
CA UNK U 676 -34.70 -96.70 -4.36
C UNK U 676 -33.19 -96.77 -4.62
N UNK U 677 -32.42 -97.23 -3.63
CA UNK U 677 -30.96 -97.35 -3.75
C UNK U 677 -30.55 -98.74 -4.21
N UNK U 678 -29.27 -98.91 -4.51
CA UNK U 678 -28.75 -100.22 -4.92
C UNK U 678 -28.55 -101.04 -3.65
N UNK U 679 -28.77 -102.35 -3.73
CA UNK U 679 -28.65 -103.22 -2.55
C UNK U 679 -27.22 -103.58 -2.17
N UNK U 680 -26.42 -103.96 -3.16
CA UNK U 680 -25.03 -104.33 -2.91
C UNK U 680 -24.20 -103.19 -2.33
N UNK U 681 -23.59 -103.49 -1.19
CA UNK U 681 -22.74 -102.58 -0.44
C UNK U 681 -21.54 -102.12 -1.26
N UNK U 682 -21.47 -102.56 -2.50
CA UNK U 682 -20.37 -102.20 -3.36
C UNK U 682 -20.63 -100.85 -4.04
N UNK U 683 -21.46 -100.86 -5.08
CA UNK U 683 -21.81 -99.64 -5.81
C UNK U 683 -22.88 -98.83 -5.06
N UNK U 684 -23.00 -97.54 -5.40
CA UNK U 684 -23.94 -96.65 -4.72
C UNK U 684 -24.80 -95.83 -5.68
N UNK U 685 -25.82 -96.44 -6.28
CA UNK U 685 -26.68 -95.71 -7.20
C UNK U 685 -28.05 -95.46 -6.65
N UNK U 686 -28.74 -94.50 -7.25
CA UNK U 686 -30.09 -94.16 -6.84
C UNK U 686 -30.96 -94.13 -8.08
N UNK U 687 -32.12 -94.77 -8.00
CA UNK U 687 -33.03 -94.82 -9.13
C UNK U 687 -34.30 -94.07 -8.76
N UNK U 688 -34.79 -93.28 -9.69
CA UNK U 688 -35.99 -92.50 -9.44
C UNK U 688 -36.97 -92.57 -10.62
N UNK U 689 -38.25 -92.67 -10.30
CA UNK U 689 -39.29 -92.72 -11.31
C UNK U 689 -40.11 -91.46 -11.12
N UNK U 690 -40.58 -90.85 -12.19
CA UNK U 690 -41.35 -89.63 -12.05
C UNK U 690 -42.57 -89.55 -12.96
N UNK U 691 -43.46 -88.60 -12.66
CA UNK U 691 -44.66 -88.39 -13.46
C UNK U 691 -44.27 -87.88 -14.84
N UNK U 692 -42.99 -87.51 -15.01
CA UNK U 692 -42.53 -87.01 -16.30
C UNK U 692 -42.21 -88.16 -17.26
N UNK U 693 -42.55 -89.37 -16.86
CA UNK U 693 -42.35 -90.57 -17.69
C UNK U 693 -40.93 -91.12 -17.69
N UNK U 694 -40.00 -90.46 -17.03
CA UNK U 694 -38.64 -90.97 -17.04
C UNK U 694 -38.25 -91.64 -15.75
N UNK U 695 -37.11 -92.31 -15.83
CA UNK U 695 -36.47 -93.00 -14.73
C UNK U 695 -35.06 -92.43 -14.73
N UNK U 696 -34.43 -92.29 -13.58
CA UNK U 696 -33.09 -91.76 -13.59
C UNK U 696 -32.16 -92.50 -12.65
N UNK U 697 -30.92 -92.67 -13.10
CA UNK U 697 -29.91 -93.32 -12.28
C UNK U 697 -28.99 -92.19 -11.90
N UNK U 698 -28.69 -92.07 -10.60
CA UNK U 698 -27.81 -91.03 -10.11
C UNK U 698 -26.64 -91.73 -9.48
N UNK U 699 -25.45 -91.16 -9.67
CA UNK U 699 -24.23 -91.71 -9.09
C UNK U 699 -23.92 -90.70 -8.00
N UNK U 700 -24.35 -90.99 -6.77
CA UNK U 700 -24.13 -90.10 -5.63
C UNK U 700 -22.72 -89.55 -5.53
N UNK U 701 -21.79 -90.23 -6.18
CA UNK U 701 -20.39 -89.80 -6.20
C UNK U 701 -20.18 -88.86 -7.38
N UNK U 702 -21.23 -88.16 -7.80
CA UNK U 702 -21.11 -87.25 -8.93
C UNK U 702 -22.21 -86.21 -8.92
N UNK U 703 -21.83 -84.94 -9.00
CA UNK U 703 -22.78 -83.84 -9.00
C UNK U 703 -23.81 -83.97 -10.12
N UNK U 704 -23.66 -84.99 -10.96
CA UNK U 704 -24.58 -85.16 -12.10
C UNK U 704 -25.39 -86.45 -12.20
N UNK U 705 -26.40 -86.38 -13.07
CA UNK U 705 -27.29 -87.49 -13.36
C UNK U 705 -26.39 -88.46 -14.11
N UNK U 706 -26.68 -89.76 -14.07
CA UNK U 706 -25.83 -90.72 -14.77
C UNK U 706 -26.52 -91.29 -15.98
N UNK U 707 -27.84 -91.36 -15.92
CA UNK U 707 -28.60 -91.91 -17.02
C UNK U 707 -30.05 -91.47 -16.90
N UNK U 708 -30.75 -91.47 -18.02
CA UNK U 708 -32.15 -91.09 -18.04
C UNK U 708 -32.85 -92.09 -18.91
N UNK U 709 -33.47 -93.09 -18.29
CA UNK U 709 -34.16 -94.11 -19.06
C UNK U 709 -35.43 -93.62 -19.71
N UNK U 710 -35.40 -93.46 -21.04
CA UNK U 710 -36.61 -93.05 -21.72
C UNK U 710 -37.34 -94.33 -22.11
N UNK U 711 -49.92 -92.27 -12.87
CA UNK U 711 -48.99 -93.37 -12.60
C UNK U 711 -48.58 -93.23 -11.15
N UNK U 712 -48.95 -94.19 -10.32
CA UNK U 712 -48.67 -94.10 -8.90
C UNK U 712 -47.43 -94.79 -8.41
N UNK U 713 -46.86 -95.68 -9.21
CA UNK U 713 -45.71 -96.40 -8.72
C UNK U 713 -45.00 -97.09 -9.88
N UNK U 714 -43.73 -97.40 -9.71
CA UNK U 714 -42.91 -98.03 -10.74
C UNK U 714 -41.60 -98.55 -10.14
N UNK U 715 -41.21 -99.74 -10.55
CA UNK U 715 -39.98 -100.35 -10.06
C UNK U 715 -39.26 -101.06 -11.19
N UNK U 716 -37.94 -100.94 -11.20
CA UNK U 716 -37.19 -101.64 -12.22
C UNK U 716 -37.17 -103.09 -11.79
N UNK U 717 -37.00 -103.99 -12.74
CA UNK U 717 -36.94 -105.40 -12.39
C UNK U 717 -35.52 -105.63 -11.86
N UNK U 718 -35.34 -106.71 -11.08
CA UNK U 718 -34.00 -106.96 -10.56
C UNK U 718 -33.05 -107.02 -11.76
N UNK U 719 -33.87 -105.25 -17.10
CA UNK U 719 -34.44 -105.22 -18.44
C UNK U 719 -35.90 -104.77 -18.52
N UNK U 720 -36.63 -104.86 -17.42
CA UNK U 720 -38.03 -104.45 -17.43
C UNK U 720 -38.35 -103.37 -16.43
N UNK U 721 -39.42 -102.63 -16.70
CA UNK U 721 -39.85 -101.56 -15.81
C UNK U 721 -41.31 -101.79 -15.53
N UNK U 722 -41.63 -102.20 -14.31
CA UNK U 722 -43.01 -102.43 -13.96
C UNK U 722 -43.65 -101.08 -13.61
N UNK U 723 -44.91 -100.93 -13.95
CA UNK U 723 -45.58 -99.68 -13.69
C UNK U 723 -47.00 -99.92 -13.20
N UNK U 724 -47.37 -99.15 -12.19
CA UNK U 724 -48.65 -99.27 -11.52
C UNK U 724 -49.41 -97.95 -11.58
N UNK U 725 -50.69 -98.03 -11.95
CA UNK U 725 -51.51 -96.82 -12.09
C UNK U 725 -52.92 -96.88 -11.56
N UNK U 726 -53.64 -95.79 -11.78
CA UNK U 726 -55.03 -95.65 -11.37
C UNK U 726 -55.94 -96.17 -12.46
N UNK U 727 -55.40 -96.34 -13.66
CA UNK U 727 -56.20 -96.85 -14.77
C UNK U 727 -56.53 -98.32 -14.61
N UNK U 728 -56.19 -98.90 -13.47
CA UNK U 728 -56.49 -100.30 -13.21
C UNK U 728 -55.57 -101.31 -13.87
N UNK U 729 -54.37 -100.88 -14.26
CA UNK U 729 -53.45 -101.80 -14.88
C UNK U 729 -52.09 -101.93 -14.17
N UNK U 730 -51.37 -102.99 -14.52
CA UNK U 730 -50.01 -103.22 -14.05
C UNK U 730 -49.40 -103.24 -15.44
N UNK U 731 -48.18 -102.75 -15.61
CA UNK U 731 -47.64 -102.75 -16.95
C UNK U 731 -46.16 -102.99 -16.97
N UNK U 732 -45.69 -103.70 -17.97
CA UNK U 732 -44.28 -103.98 -18.09
C UNK U 732 -43.68 -103.33 -19.32
N UNK U 733 -42.99 -102.23 -19.13
CA UNK U 733 -42.35 -101.57 -20.23
C UNK U 733 -40.98 -102.21 -20.40
N UNK U 734 -40.39 -102.05 -21.59
CA UNK U 734 -39.07 -102.61 -21.91
C UNK U 734 -38.05 -101.50 -21.82
N UNK U 735 -37.24 -101.51 -20.76
CA UNK U 735 -36.24 -100.48 -20.57
C UNK U 735 -35.42 -100.09 -21.79
N UNK U 736 -34.71 -101.06 -22.36
CA UNK U 736 -33.88 -100.79 -23.50
C UNK U 736 -34.55 -100.01 -24.63
N UNK U 737 -35.88 -100.11 -24.73
CA UNK U 737 -36.57 -99.42 -25.80
C UNK U 737 -37.78 -98.58 -25.40
N UNK U 738 -38.07 -98.53 -24.10
CA UNK U 738 -39.21 -97.78 -23.58
C UNK U 738 -40.53 -98.13 -24.29
N UNK U 739 -40.71 -99.40 -24.64
CA UNK U 739 -41.93 -99.88 -25.32
C UNK U 739 -42.84 -100.64 -24.37
N UNK U 740 -44.14 -100.56 -24.57
CA UNK U 740 -45.06 -101.29 -23.69
C UNK U 740 -45.06 -102.75 -24.13
N UNK U 741 -44.64 -103.66 -23.24
CA UNK U 741 -44.62 -105.09 -23.56
C UNK U 741 -45.92 -105.77 -23.15
N UNK U 742 -46.42 -105.49 -21.95
CA UNK U 742 -47.66 -106.09 -21.51
C UNK U 742 -48.46 -105.13 -20.64
N UNK U 743 -49.70 -105.50 -20.39
CA UNK U 743 -50.59 -104.70 -19.56
C UNK U 743 -51.50 -105.69 -18.88
N UNK U 744 -51.66 -105.57 -17.56
CA UNK U 744 -52.52 -106.48 -16.82
C UNK U 744 -53.66 -105.77 -16.13
N UNK U 745 -54.86 -105.91 -16.66
CA UNK U 745 -56.02 -105.28 -16.07
C UNK U 745 -56.39 -105.93 -14.74
N UNK U 746 -56.67 -105.12 -13.73
CA UNK U 746 -57.08 -105.67 -12.45
C UNK U 746 -58.61 -105.59 -12.39
N UNK U 747 -59.20 -106.78 -12.55
CA UNK U 747 -60.65 -107.02 -12.59
C UNK U 747 -61.13 -107.93 -11.47
N UNK U 748 -60.58 -107.78 -10.27
CA UNK U 748 -60.97 -108.63 -9.16
C UNK U 748 -61.97 -107.93 -8.29
N UNK U 749 -62.66 -106.95 -8.86
CA UNK U 749 -63.62 -106.17 -8.11
C UNK U 749 -64.96 -106.04 -8.86
N UNK U 750 -66.05 -106.23 -8.12
CA UNK U 750 -67.38 -106.19 -8.69
C UNK U 750 -68.31 -105.23 -7.93
N UNK U 751 -50.30 -98.59 -5.19
CA UNK U 751 -49.18 -99.03 -4.36
C UNK U 751 -48.42 -100.12 -5.13
N UNK U 752 -47.09 -100.13 -5.07
CA UNK U 752 -46.35 -101.17 -5.76
C UNK U 752 -44.91 -101.22 -5.37
N UNK U 753 -44.62 -102.07 -4.38
CA UNK U 753 -43.28 -102.23 -3.84
C UNK U 753 -42.53 -103.48 -4.26
N UNK U 754 -41.21 -103.40 -4.15
CA UNK U 754 -40.29 -104.47 -4.50
C UNK U 754 -40.04 -105.46 -3.39
N UNK U 755 -39.50 -106.62 -3.76
CA UNK U 755 -39.18 -107.63 -2.76
C UNK U 755 -37.82 -107.24 -2.19
N UNK U 756 -37.38 -107.97 -1.17
CA UNK U 756 -36.11 -107.69 -0.53
C UNK U 756 -34.92 -107.84 -1.47
N UNK U 757 -34.95 -108.89 -2.28
CA UNK U 757 -33.89 -109.16 -3.21
C UNK U 757 -34.06 -108.37 -4.51
N UNK U 758 -35.14 -107.61 -4.61
CA UNK U 758 -35.38 -106.83 -5.82
C UNK U 758 -35.67 -107.70 -7.04
N UNK U 759 -35.99 -108.96 -6.80
CA UNK U 759 -36.29 -109.89 -7.88
C UNK U 759 -37.77 -110.16 -8.03
N UNK U 760 -38.59 -109.49 -7.25
CA UNK U 760 -40.03 -109.67 -7.34
C UNK U 760 -40.72 -108.36 -6.99
N UNK U 761 -41.94 -108.17 -7.48
CA UNK U 761 -42.67 -106.94 -7.23
C UNK U 761 -44.13 -107.26 -6.98
N UNK U 762 -44.75 -106.64 -5.98
CA UNK U 762 -46.17 -106.92 -5.78
C UNK U 762 -46.89 -105.66 -6.20
N UNK U 763 -48.11 -105.80 -6.73
CA UNK U 763 -48.92 -104.67 -7.13
C UNK U 763 -50.37 -104.91 -6.77
N UNK U 764 -51.15 -103.83 -6.73
CA UNK U 764 -52.56 -103.90 -6.36
C UNK U 764 -53.48 -103.22 -7.36
N UNK U 765 -54.67 -103.80 -7.53
CA UNK U 765 -55.68 -103.28 -8.44
C UNK U 765 -57.06 -103.87 -8.13
N UNK U 766 -59.70 -105.62 -6.93
CA UNK U 766 -59.78 -106.56 -5.82
C UNK U 766 -58.58 -107.44 -5.54
N UNK U 767 -57.48 -107.28 -6.27
CA UNK U 767 -56.37 -108.18 -6.00
C UNK U 767 -54.98 -107.57 -5.87
N UNK U 768 -54.13 -108.34 -5.23
CA UNK U 768 -52.73 -108.01 -5.04
C UNK U 768 -52.10 -109.07 -5.93
N UNK U 769 -51.10 -108.72 -6.71
CA UNK U 769 -50.46 -109.66 -7.63
C UNK U 769 -48.95 -109.64 -7.47
N UNK U 770 -48.35 -110.82 -7.46
CA UNK U 770 -46.91 -110.93 -7.33
C UNK U 770 -46.26 -111.29 -8.65
N UNK U 771 -45.42 -110.38 -9.14
CA UNK U 771 -44.73 -110.59 -10.40
C UNK U 771 -43.25 -110.86 -10.28
N UNK U 772 -42.74 -111.58 -11.27
CA UNK U 772 -41.34 -111.91 -11.33
C UNK U 772 -40.74 -110.80 -12.18
N UNK U 773 -39.94 -109.93 -11.57
CA UNK U 773 -39.31 -108.80 -12.25
C UNK U 773 -38.64 -109.17 -13.58
N UNK U 774 -38.78 -112.70 -15.74
CA UNK U 774 -39.73 -113.34 -16.63
C UNK U 774 -41.04 -112.56 -16.81
N UNK U 775 -41.38 -111.69 -15.86
CA UNK U 775 -42.62 -110.92 -15.92
C UNK U 775 -43.81 -111.85 -15.68
N UNK U 776 -43.54 -112.95 -14.99
CA UNK U 776 -44.59 -113.90 -14.71
C UNK U 776 -45.36 -113.56 -13.46
N UNK U 777 -46.60 -114.00 -13.43
CA UNK U 777 -47.47 -113.77 -12.29
C UNK U 777 -47.24 -114.90 -11.32
N UNK U 778 -46.49 -114.66 -10.26
CA UNK U 778 -46.21 -115.69 -9.28
C UNK U 778 -47.29 -115.89 -8.23
N UNK U 779 -48.26 -114.99 -8.17
CA UNK U 779 -49.31 -115.12 -7.17
C UNK U 779 -50.47 -114.15 -7.35
N UNK U 780 -51.63 -114.58 -6.92
CA UNK U 780 -52.83 -113.78 -7.04
C UNK U 780 -53.75 -114.03 -5.85
N UNK U 781 -53.65 -113.19 -4.83
CA UNK U 781 -54.54 -113.34 -3.70
C UNK U 781 -55.71 -112.38 -3.94
N UNK U 782 -56.40 -112.95 -1.20
CA UNK U 782 -57.60 -112.16 -1.39
C UNK U 782 -57.98 -111.55 -0.07
N UNK U 783 -58.09 -110.23 -0.07
CA UNK U 783 -58.38 -109.50 1.15
C UNK U 783 -59.86 -109.40 1.49
N UNK U 784 -63.00 -104.70 0.47
CA UNK U 784 -62.74 -103.32 0.88
C UNK U 784 -61.69 -102.90 -0.13
N UNK U 785 -60.80 -101.99 0.23
CA UNK U 785 -59.73 -101.58 -0.69
C UNK U 785 -58.43 -101.33 0.05
N UNK U 786 -57.36 -101.98 -0.40
CA UNK U 786 -56.05 -101.82 0.20
C UNK U 786 -55.65 -100.37 0.04
N UNK U 787 -55.36 -99.70 1.16
CA UNK U 787 -54.97 -98.29 1.13
C UNK U 787 -53.45 -98.10 0.96
N UNK U 788 -52.66 -99.08 1.37
CA UNK U 788 -51.20 -99.00 1.20
C UNK U 788 -50.53 -100.32 1.53
N UNK U 789 -49.29 -100.49 1.06
CA UNK U 789 -48.53 -101.72 1.30
C UNK U 789 -47.04 -101.56 1.13
N UNK U 790 -46.28 -102.62 1.36
CA UNK U 790 -44.83 -102.58 1.18
C UNK U 790 -44.31 -103.99 1.24
N UNK U 791 -43.51 -104.31 0.24
CA UNK U 791 -42.93 -105.62 0.08
C UNK U 791 -41.56 -105.67 0.76
N UNK U 792 -41.38 -106.66 1.63
CA UNK U 792 -40.14 -106.85 2.37
C UNK U 792 -39.00 -107.29 1.46
N UNK U 793 -37.77 -107.37 1.99
CA UNK U 793 -36.68 -107.81 1.13
C UNK U 793 -36.34 -109.27 1.42
N UNK U 794 -37.04 -109.84 2.40
CA UNK U 794 -36.84 -111.24 2.81
C UNK U 794 -38.18 -111.90 3.11
N UNK U 795 -38.16 -113.23 3.22
CA UNK U 795 -39.37 -114.01 3.52
C UNK U 795 -40.59 -113.66 2.66
N UNK U 796 -40.37 -113.01 1.52
CA UNK U 796 -41.46 -112.61 0.61
C UNK U 796 -42.58 -111.97 1.43
N UNK U 797 -42.23 -111.30 2.52
CA UNK U 797 -43.25 -110.68 3.34
C UNK U 797 -43.75 -109.41 2.72
N UNK U 798 -45.03 -109.14 2.94
CA UNK U 798 -45.64 -107.95 2.41
C UNK U 798 -46.58 -107.41 3.47
N UNK U 799 -46.48 -106.11 3.75
CA UNK U 799 -47.37 -105.52 4.75
C UNK U 799 -48.29 -104.58 4.03
N UNK U 800 -49.57 -104.67 4.36
CA UNK U 800 -50.54 -103.82 3.72
C UNK U 800 -51.51 -103.26 4.74
N UNK U 801 -51.80 -101.98 4.62
CA UNK U 801 -52.76 -101.35 5.50
C UNK U 801 -54.02 -101.72 4.75
N UNK U 802 -57.63 -98.69 9.59
CA UNK U 802 -56.84 -99.19 10.69
C UNK U 802 -56.53 -100.69 10.84
N UNK U 803 -56.85 -101.50 9.84
CA UNK U 803 -56.54 -102.91 9.91
C UNK U 803 -55.20 -103.10 9.25
N UNK U 804 -54.28 -103.79 9.91
CA UNK U 804 -52.96 -103.97 9.33
C UNK U 804 -52.59 -105.42 9.39
N UNK U 805 -52.37 -106.03 8.24
CA UNK U 805 -51.97 -107.43 8.22
C UNK U 805 -50.82 -107.66 7.28
N UNK U 806 -49.85 -108.46 7.69
CA UNK U 806 -48.74 -108.75 6.81
C UNK U 806 -48.93 -110.16 6.29
N UNK U 807 -48.77 -110.30 4.98
CA UNK U 807 -48.94 -111.55 4.26
C UNK U 807 -47.64 -112.14 3.75
N UNK U 808 -47.74 -113.38 3.31
CA UNK U 808 -46.62 -114.13 2.79
C UNK U 808 -46.89 -114.42 1.31
N UNK U 809 -46.34 -113.61 0.42
CA UNK U 809 -46.51 -113.84 -1.01
C UNK U 809 -45.86 -115.20 -1.20
N UNK U 810 -46.08 -115.85 -2.33
CA UNK U 810 -45.47 -117.17 -2.54
C UNK U 810 -46.28 -118.24 -1.78
N UNK U 811 -49.00 -117.17 -0.27
CA UNK U 811 -50.29 -116.51 -0.50
C UNK U 811 -51.23 -116.63 0.68
N UNK U 812 -50.67 -116.60 1.88
CA UNK U 812 -51.45 -116.72 3.12
C UNK U 812 -51.17 -115.59 4.11
N UNK U 813 -52.16 -115.22 4.91
CA UNK U 813 -51.91 -114.19 5.90
C UNK U 813 -51.03 -114.81 6.99
N UNK U 814 -50.08 -114.03 7.48
CA UNK U 814 -49.12 -114.46 8.48
C UNK U 814 -49.39 -113.85 9.85
N UNK U 815 -49.81 -112.59 9.88
CA UNK U 815 -50.07 -111.95 11.15
C UNK U 815 -51.05 -110.82 11.07
N UNK U 816 -51.77 -110.61 12.17
CA UNK U 816 -52.72 -109.53 12.26
C UNK U 816 -52.06 -108.51 13.18
N UNK U 817 -51.91 -107.30 12.69
CA UNK U 817 -51.27 -106.26 13.47
C UNK U 817 -52.30 -105.23 13.91
N UNK U 818 -52.77 -105.38 15.14
CA UNK U 818 -53.78 -104.49 15.68
C UNK U 818 -53.08 -103.40 16.47
N UNK U 819 -53.17 -102.16 16.00
CA UNK U 819 -52.53 -101.06 16.71
C UNK U 819 -53.25 -99.74 16.65
N UNK U 820 -54.06 -99.54 15.61
CA UNK U 820 -54.78 -98.28 15.45
C UNK U 820 -56.30 -98.50 15.41
N UNK U 821 -57.05 -97.46 15.75
CA UNK U 821 -58.51 -97.52 15.70
C UNK U 821 -58.99 -96.35 14.84
N UNK U 822 -57.83 -95.15 14.82
CA UNK U 822 -57.81 -94.12 13.80
C UNK U 822 -57.04 -94.70 12.63
N UNK U 823 -57.41 -94.30 11.42
CA UNK U 823 -56.79 -94.74 10.18
C UNK U 823 -55.31 -95.11 10.15
N UNK U 824 -54.98 -96.28 9.60
CA UNK U 824 -53.58 -96.71 9.56
C UNK U 824 -53.09 -96.51 8.15
N UNK U 825 -52.13 -95.59 7.98
CA UNK U 825 -51.61 -95.26 6.67
C UNK U 825 -50.54 -96.20 6.16
N UNK U 826 -49.64 -96.60 7.05
CA UNK U 826 -48.57 -97.46 6.63
C UNK U 826 -48.24 -98.52 7.64
N UNK U 827 -47.41 -99.47 7.22
CA UNK U 827 -47.08 -100.56 8.09
C UNK U 827 -45.95 -101.37 7.44
N UNK U 828 -44.95 -101.78 8.21
CA UNK U 828 -43.93 -102.62 7.60
C UNK U 828 -43.01 -103.37 8.54
N UNK U 829 -42.38 -104.41 7.99
CA UNK U 829 -41.50 -105.27 8.76
C UNK U 829 -40.13 -104.67 8.94
N UNK U 830 -39.46 -105.11 10.00
CA UNK U 830 -38.11 -104.68 10.26
C UNK U 830 -37.36 -105.43 9.18
N UNK U 831 -36.08 -105.15 8.99
CA UNK U 831 -35.39 -105.87 7.92
C UNK U 831 -35.29 -107.39 8.11
N UNK U 832 -35.14 -107.86 9.35
CA UNK U 832 -35.07 -109.31 9.56
C UNK U 832 -36.46 -109.87 9.73
N UNK U 833 -37.45 -109.01 9.52
CA UNK U 833 -38.83 -109.40 9.65
C UNK U 833 -39.19 -109.90 11.03
N UNK U 834 -38.35 -109.58 12.01
CA UNK U 834 -38.60 -110.04 13.37
C UNK U 834 -39.66 -109.16 14.01
N UNK U 835 -39.86 -107.98 13.49
CA UNK U 835 -40.86 -107.10 14.07
C UNK U 835 -41.40 -106.20 12.96
N UNK U 836 -42.46 -105.46 13.26
CA UNK U 836 -43.05 -104.56 12.28
C UNK U 836 -43.56 -103.30 12.97
N UNK U 837 -43.74 -102.22 12.20
CA UNK U 837 -44.22 -100.97 12.77
C UNK U 837 -45.55 -100.60 12.15
N UNK U 838 -46.32 -99.81 12.87
CA UNK U 838 -47.64 -99.35 12.42
C UNK U 838 -47.66 -97.84 12.45
N UNK U 839 -48.08 -97.20 11.36
CA UNK U 839 -48.14 -95.73 11.31
C UNK U 839 -49.57 -95.25 11.07
N UNK U 840 -50.08 -94.39 11.95
CA UNK U 840 -51.45 -93.96 11.77
C UNK U 840 -51.83 -92.50 11.96
N UNK U 841 -53.10 -92.26 11.70
CA UNK U 841 -53.72 -90.95 11.79
C UNK U 841 -53.82 -90.48 13.23
N UNK U 842 -53.80 -91.41 14.16
CA UNK U 842 -53.84 -91.06 15.58
C UNK U 842 -52.44 -90.56 15.93
N UNK U 843 -51.72 -90.14 14.88
CA UNK U 843 -50.36 -89.63 14.97
C UNK U 843 -49.40 -90.41 15.85
N UNK U 844 -49.52 -91.72 15.84
CA UNK U 844 -48.61 -92.53 16.61
C UNK U 844 -47.94 -93.54 15.70
N UNK U 845 -46.84 -94.09 16.17
CA UNK U 845 -46.09 -95.10 15.46
C UNK U 845 -45.85 -96.15 16.50
N UNK U 846 -46.27 -97.38 16.23
CA UNK U 846 -46.08 -98.45 17.22
C UNK U 846 -45.26 -99.61 16.67
N UNK U 847 -44.34 -100.11 17.48
CA UNK U 847 -43.51 -101.21 17.06
C UNK U 847 -44.00 -102.49 17.70
N UNK U 848 -44.15 -103.51 16.86
CA UNK U 848 -44.62 -104.81 17.30
C UNK U 848 -43.58 -105.87 16.98
N UNK U 849 -43.60 -106.94 17.76
CA UNK U 849 -42.69 -108.05 17.52
C UNK U 849 -43.56 -109.18 16.99
N UNK U 850 -43.31 -109.56 15.73
CA UNK U 850 -44.06 -110.60 15.05
C UNK U 850 -44.32 -111.84 15.87
N UNK U 851 -43.26 -112.51 16.28
CA UNK U 851 -43.38 -113.72 17.07
C UNK U 851 -44.52 -113.59 18.10
N UNK U 852 -44.38 -112.67 19.04
CA UNK U 852 -45.38 -112.44 20.08
C UNK U 852 -46.77 -112.13 19.54
N UNK U 853 -46.87 -111.46 18.41
CA UNK U 853 -48.19 -111.11 17.86
C UNK U 853 -48.90 -112.30 17.23
N UNK U 854 -48.15 -113.16 16.54
CA UNK U 854 -48.72 -114.32 15.88
C UNK U 854 -49.13 -115.44 16.82
N UNK U 855 -48.63 -115.42 18.04
CA UNK U 855 -48.99 -116.45 18.99
C UNK U 855 -50.50 -116.43 19.16
N UNK U 856 -51.09 -117.62 19.20
CA UNK U 856 -52.52 -117.77 19.37
C UNK U 856 -52.91 -117.24 20.74
N UNK U 857 -59.73 -117.48 17.22
CA UNK U 857 -60.00 -117.25 18.63
C UNK U 857 -61.16 -116.28 18.87
N UNK U 858 -61.67 -116.37 20.10
CA UNK U 858 -62.78 -115.57 20.56
C UNK U 858 -62.32 -114.26 21.18
N UNK U 859 -61.04 -113.95 21.04
CA UNK U 859 -60.58 -112.72 21.63
C UNK U 859 -61.19 -111.52 20.88
N UNK U 860 -61.27 -111.61 19.56
CA UNK U 860 -61.86 -110.53 18.77
C UNK U 860 -63.13 -110.99 18.07
N UNK U 861 -64.22 -110.28 18.30
CA UNK U 861 -65.49 -110.64 17.69
C UNK U 861 -65.98 -109.42 16.96
N UNK U 862 -67.13 -109.60 16.31
CA UNK U 862 -67.78 -108.52 15.57
C UNK U 862 -68.75 -107.96 16.59
N UNK U 863 -69.49 -106.92 16.22
CA UNK U 863 -70.45 -106.35 17.17
C UNK U 863 -71.83 -107.03 17.10
N UNK U 864 -71.92 -108.05 16.27
CA UNK U 864 -73.14 -108.79 16.14
C UNK U 864 -73.09 -109.94 17.13
N UNK U 865 -73.72 -109.75 18.29
CA UNK U 865 -73.74 -110.75 19.34
C UNK U 865 -75.08 -110.78 20.05
N UNK U 866 -75.32 -111.87 20.77
CA UNK U 866 -76.54 -111.99 21.55
C UNK U 866 -76.17 -112.63 22.88
N UNK U 867 -76.78 -112.09 23.95
CA UNK U 867 -76.51 -112.53 25.32
C UNK U 867 -77.70 -113.12 26.06
N UNK U 868 -77.43 -114.11 26.89
CA UNK U 868 -78.45 -114.76 27.70
C UNK U 868 -78.00 -114.85 29.15
N UNK U 869 -78.56 -113.98 29.99
CA UNK U 869 -78.23 -113.94 31.41
C UNK U 869 -78.99 -115.02 32.18
N UNK U 870 -78.34 -116.17 32.42
CA UNK U 870 -79.00 -117.24 33.13
C UNK U 870 -78.57 -117.41 34.60
N UNK U 871 -74.82 -117.55 35.77
CA UNK U 871 -73.83 -117.12 34.78
C UNK U 871 -74.40 -116.36 33.56
N UNK U 872 -73.48 -115.85 32.74
CA UNK U 872 -73.85 -115.11 31.53
C UNK U 872 -73.37 -115.86 30.28
N UNK U 873 -74.15 -115.78 29.21
CA UNK U 873 -73.84 -116.45 27.95
C UNK U 873 -73.86 -115.50 26.75
N UNK U 874 -72.75 -115.48 26.01
CA UNK U 874 -72.64 -114.63 24.85
C UNK U 874 -72.31 -115.45 23.59
N UNK U 875 -73.15 -115.31 22.58
CA UNK U 875 -72.96 -116.00 21.32
C UNK U 875 -72.54 -114.86 20.40
N UNK U 876 -71.44 -115.03 19.68
CA UNK U 876 -71.01 -113.93 18.84
C UNK U 876 -70.45 -114.32 17.50
N UNK U 877 -70.64 -113.44 16.52
CA UNK U 877 -70.13 -113.64 15.17
C UNK U 877 -68.63 -113.39 15.21
N UNK U 878 -67.83 -114.42 14.92
CA UNK U 878 -66.38 -114.24 14.95
C UNK U 878 -65.91 -113.16 13.97
N UNK U 879 -64.82 -112.50 14.32
CA UNK U 879 -64.25 -111.44 13.50
C UNK U 879 -63.76 -111.94 12.13
N UNK U 880 -68.83 -118.26 14.53
CA UNK U 880 -69.35 -117.61 15.71
C UNK U 880 -68.88 -118.36 16.95
N UNK U 881 -68.72 -117.63 18.03
CA UNK U 881 -68.23 -118.19 19.29
C UNK U 881 -69.32 -118.26 20.37
N UNK U 882 -69.34 -119.38 21.07
CA UNK U 882 -70.29 -119.55 22.16
C UNK U 882 -69.46 -119.23 23.40
N UNK U 883 -69.46 -117.95 23.77
CA UNK U 883 -68.69 -117.47 24.93
C UNK U 883 -69.48 -117.49 26.22
N UNK U 884 -68.97 -118.21 27.20
CA UNK U 884 -69.60 -118.30 28.51
C UNK U 884 -68.85 -117.39 29.48
N UNK U 885 -69.39 -116.20 29.72
CA UNK U 885 -68.75 -115.27 30.63
C UNK U 885 -68.63 -115.94 31.98
N UNK U 886 -67.63 -115.55 32.78
CA UNK U 886 -67.45 -116.19 34.08
C UNK U 886 -66.99 -117.63 33.81
N UNK U 887 -64.48 -121.18 28.70
CA UNK U 887 -65.38 -121.99 27.89
C UNK U 887 -65.86 -121.34 26.58
N UNK U 888 -64.95 -121.27 25.62
CA UNK U 888 -65.24 -120.72 24.32
C UNK U 888 -65.37 -121.88 23.33
N UNK U 889 -66.52 -121.95 22.68
CA UNK U 889 -66.79 -123.01 21.72
C UNK U 889 -67.07 -122.44 20.36
N UNK U 890 -66.22 -122.85 19.42
CA UNK U 890 -66.27 -122.41 18.04
C UNK U 890 -67.17 -123.24 17.15
N UNK U 891 -67.84 -122.56 16.24
CA UNK U 891 -68.73 -123.18 15.28
C UNK U 891 -68.39 -122.51 13.96
N UNK U 892 -67.66 -123.20 13.09
CA UNK U 892 -67.28 -122.66 11.78
C UNK U 892 -68.49 -122.45 10.90
N UNK U 893 -68.36 -121.58 9.90
CA UNK U 893 -69.46 -121.33 8.98
C UNK U 893 -69.12 -120.29 7.93
N UNK U 894 -71.02 -115.80 8.88
CA UNK U 894 -72.36 -115.39 9.21
C UNK U 894 -72.44 -113.88 9.26
N UNK U 895 -73.65 -113.35 9.34
CA UNK U 895 -73.86 -111.91 9.40
C UNK U 895 -74.61 -111.47 10.65
N UNK U 896 -75.21 -112.43 11.34
CA UNK U 896 -75.94 -112.11 12.55
C UNK U 896 -76.15 -113.35 13.37
N UNK U 897 -76.25 -113.18 14.68
CA UNK U 897 -76.40 -114.31 15.56
C UNK U 897 -77.76 -114.38 16.22
N UNK U 898 -77.98 -115.46 16.97
CA UNK U 898 -79.25 -115.66 17.66
C UNK U 898 -79.17 -116.84 18.63
N UNK U 899 -79.68 -116.64 19.84
CA UNK U 899 -79.68 -117.69 20.87
C UNK U 899 -81.10 -118.05 21.29
N UNK U 900 -81.40 -119.34 21.29
CA UNK U 900 -82.73 -119.79 21.69
C UNK U 900 -82.76 -119.94 23.18
N UNK U 901 -83.61 -119.17 23.88
CA UNK U 901 -83.64 -119.33 25.34
C UNK U 901 -83.64 -120.81 25.66
N UNK U 902 -79.95 -124.50 21.09
CA UNK U 902 -80.02 -124.14 19.67
C UNK U 902 -79.45 -122.75 19.44
N UNK U 903 -78.73 -122.57 18.34
CA UNK U 903 -78.19 -121.26 17.98
C UNK U 903 -78.56 -121.08 16.52
N UNK U 904 -78.88 -119.87 16.11
CA UNK U 904 -79.23 -119.65 14.72
C UNK U 904 -78.42 -118.49 14.15
N UNK U 905 -78.23 -118.49 12.84
CA UNK U 905 -77.48 -117.38 12.27
C UNK U 905 -77.82 -116.92 10.87
N UNK U 906 -77.56 -115.64 10.64
CA UNK U 906 -77.81 -115.02 9.37
C UNK U 906 -76.65 -115.29 8.44
N UNK U 907 -76.82 -115.00 7.17
CA UNK U 907 -75.79 -115.27 6.19
C UNK U 907 -75.65 -114.10 5.25
N UNK U 908 -74.47 -113.96 4.64
CA UNK U 908 -74.20 -112.87 3.73
C UNK U 908 -75.11 -112.99 2.50
N UNK U 909 -78.81 -116.98 3.56
CA UNK U 909 -79.09 -118.28 4.19
C UNK U 909 -79.43 -118.19 5.68
N UNK U 910 -80.21 -119.15 6.15
CA UNK U 910 -80.60 -119.22 7.56
C UNK U 910 -80.32 -120.63 8.07
N UNK U 911 -79.71 -120.76 9.24
CA UNK U 911 -79.41 -122.08 9.78
C UNK U 911 -79.51 -122.18 11.30
N UNK U 912 -80.09 -123.28 11.77
CA UNK U 912 -80.19 -123.52 13.19
C UNK U 912 -79.24 -124.65 13.45
N UNK U 913 -78.45 -124.54 14.52
CA UNK U 913 -77.53 -125.60 14.89
C UNK U 913 -77.99 -126.00 16.27
N UNK U 914 -77.97 -127.29 16.57
CA UNK U 914 -78.40 -127.71 17.88
C UNK U 914 -77.20 -128.08 18.74
N UNK U 915 -76.97 -127.24 19.76
CA UNK U 915 -75.85 -127.39 20.67
C UNK U 915 -75.72 -128.74 21.38
N UNK U 916 -76.81 -129.25 21.99
CA UNK U 916 -76.69 -130.54 22.67
C UNK U 916 -75.84 -131.49 21.84
N UNK U 917 -75.95 -131.36 20.53
CA UNK U 917 -75.20 -132.20 19.61
C UNK U 917 -73.98 -131.45 19.06
N UNK U 918 -75.43 -131.71 13.97
CA UNK U 918 -76.72 -131.80 13.26
C UNK U 918 -77.48 -130.47 13.33
N UNK U 919 -77.76 -129.91 12.15
CA UNK U 919 -78.46 -128.63 12.05
C UNK U 919 -79.34 -128.67 10.81
N UNK U 920 -79.86 -127.51 10.43
CA UNK U 920 -80.93 -127.40 9.44
C UNK U 920 -80.81 -126.10 8.63
N UNK U 921 -81.33 -126.09 7.40
CA UNK U 921 -81.26 -124.91 6.54
C UNK U 921 -82.60 -124.54 5.92
N UNK U 922 -83.23 -123.49 6.45
CA UNK U 922 -84.51 -123.06 5.92
C UNK U 922 -84.43 -122.05 4.81
N UNK U 923 -84.61 -122.51 3.57
CA UNK U 923 -84.55 -121.69 2.35
C UNK U 923 -85.27 -120.34 2.23
N UNK U 924 -80.12 -109.59 8.35
CA UNK U 924 -79.92 -108.61 9.40
C UNK U 924 -80.35 -109.15 10.75
N UNK U 925 -81.40 -108.59 11.33
CA UNK U 925 -81.86 -109.08 12.63
C UNK U 925 -82.36 -110.53 12.48
N UNK U 926 -82.31 -111.34 13.55
CA UNK U 926 -82.77 -112.74 13.52
C UNK U 926 -83.07 -113.28 14.92
N UNK U 927 -84.31 -113.70 15.17
CA UNK U 927 -84.65 -114.17 16.50
C UNK U 927 -85.56 -115.40 16.58
N UNK U 928 -85.53 -116.06 17.73
CA UNK U 928 -86.35 -117.25 17.98
C UNK U 928 -87.65 -116.78 18.61
N UNK U 929 -88.68 -117.62 18.56
CA UNK U 929 -89.97 -117.26 19.14
C UNK U 929 -89.82 -117.50 20.63
N UNK U 930 -90.78 -117.00 21.42
CA UNK U 930 -90.75 -117.20 22.86
C UNK U 930 -90.32 -118.66 23.12
N UNK U 931 -88.51 -119.20 13.67
CA UNK U 931 -87.45 -118.21 13.60
C UNK U 931 -87.79 -116.99 12.78
N UNK U 932 -88.11 -115.89 13.43
CA UNK U 932 -88.40 -114.67 12.67
C UNK U 932 -87.05 -114.07 12.25
N UNK U 933 -87.00 -113.59 11.01
CA UNK U 933 -85.77 -113.01 10.51
C UNK U 933 -86.05 -111.97 9.45
N UNK U 934 -85.22 -110.95 9.41
CA UNK U 934 -85.37 -109.88 8.44
C UNK U 934 -84.08 -109.69 7.68
N UNK U 935 -84.21 -109.10 6.50
CA UNK U 935 -83.07 -108.79 5.66
C UNK U 935 -83.26 -107.38 5.15
N UNK U 936 -82.51 -107.06 4.10
CA UNK U 936 -82.49 -105.72 3.54
C UNK U 936 -83.58 -105.49 2.50
N UNK U 937 -84.72 -106.13 2.68
CA UNK U 937 -85.86 -105.98 1.77
C UNK U 937 -87.13 -105.89 2.63
N UNK U 938 -88.32 -105.85 2.01
CA UNK U 938 -89.57 -105.70 2.78
C UNK U 938 -90.31 -106.93 3.34
N UNK U 939 -89.76 -108.12 3.22
CA UNK U 939 -90.45 -109.28 3.75
C UNK U 939 -89.80 -109.74 5.05
N UNK U 940 -90.59 -110.31 5.96
CA UNK U 940 -90.04 -110.83 7.23
C UNK U 940 -90.31 -112.33 7.35
N UNK U 941 -89.33 -113.15 7.04
CA UNK U 941 -89.49 -114.60 7.13
C UNK U 941 -89.83 -115.16 8.49
N UNK U 942 -90.94 -115.90 8.57
CA UNK U 942 -91.37 -116.54 9.82
C UNK U 942 -91.31 -118.05 9.61
N UNK U 943 -90.08 -118.58 9.61
CA UNK U 943 -89.82 -120.00 9.39
C UNK U 943 -90.02 -120.86 10.61
N UNK U 944 -91.20 -121.43 10.71
CA UNK U 944 -91.52 -122.31 11.82
C UNK U 944 -90.80 -123.63 11.52
N UNK U 945 -89.49 -123.63 11.72
CA UNK U 945 -88.66 -124.82 11.51
C UNK U 945 -89.25 -125.98 12.33
N UNK U 946 -92.81 -125.31 7.82
CA UNK U 946 -93.79 -124.30 7.45
C UNK U 946 -93.18 -122.92 7.38
N UNK U 947 -93.81 -122.03 6.63
CA UNK U 947 -93.34 -120.67 6.47
C UNK U 947 -94.49 -119.71 6.47
N UNK U 948 -94.27 -118.55 7.06
CA UNK U 948 -95.27 -117.51 7.09
C UNK U 948 -94.50 -116.28 6.65
N UNK U 949 -94.94 -115.65 5.57
CA UNK U 949 -94.25 -114.49 5.04
C UNK U 949 -95.04 -113.23 5.31
N UNK U 950 -94.33 -112.16 5.63
CA UNK U 950 -94.98 -110.89 5.92
C UNK U 950 -94.53 -109.86 4.87
N UNK U 951 -95.28 -109.77 3.77
CA UNK U 951 -94.94 -108.81 2.71
C UNK U 951 -95.38 -107.44 3.12
N UNK U 952 -94.48 -106.77 3.83
CA UNK U 952 -94.73 -105.42 4.33
C UNK U 952 -94.91 -104.46 3.18
N UNK U 953 -94.35 -104.82 2.03
CA UNK U 953 -94.42 -103.99 0.84
C UNK U 953 -93.87 -102.61 1.15
N UNK U 954 -90.31 -100.61 2.37
CA UNK U 954 -89.14 -100.43 1.52
C UNK U 954 -88.11 -101.43 2.00
N UNK U 955 -87.90 -101.43 3.32
CA UNK U 955 -86.97 -102.35 3.98
C UNK U 955 -87.32 -102.32 5.46
N UNK U 956 -87.37 -103.50 6.07
CA UNK U 956 -87.65 -103.60 7.48
C UNK U 956 -86.41 -103.10 8.21
N UNK U 957 -86.53 -101.95 8.87
CA UNK U 957 -85.40 -101.39 9.61
C UNK U 957 -85.04 -102.44 10.65
N UNK U 958 -86.04 -102.90 11.39
CA UNK U 958 -85.85 -103.93 12.40
C UNK U 958 -87.19 -104.36 12.96
N UNK U 959 -87.16 -105.29 13.90
CA UNK U 959 -88.38 -105.80 14.48
C UNK U 959 -88.09 -106.39 15.84
N UNK U 960 -89.14 -106.87 16.49
CA UNK U 960 -88.99 -107.49 17.81
C UNK U 960 -90.27 -108.25 18.17
N UNK U 961 -90.09 -109.41 18.78
CA UNK U 961 -91.22 -110.22 19.20
C UNK U 961 -92.15 -109.38 20.05
N UNK U 962 -93.35 -109.89 20.31
CA UNK U 962 -94.30 -109.17 21.13
C UNK U 962 -95.10 -110.15 21.97
N UNK U 963 -97.72 -114.21 20.15
CA UNK U 963 -97.47 -114.46 18.74
C UNK U 963 -97.61 -113.21 17.86
N UNK U 964 -97.79 -112.06 18.50
CA UNK U 964 -97.89 -110.80 17.78
C UNK U 964 -96.44 -110.28 17.64
N UNK U 965 -96.15 -109.53 16.57
CA UNK U 965 -94.79 -109.03 16.36
C UNK U 965 -94.72 -107.61 15.80
N UNK U 966 -94.06 -106.73 16.55
CA UNK U 966 -93.90 -105.33 16.18
C UNK U 966 -92.83 -105.13 15.11
N UNK U 967 -93.12 -104.33 14.09
CA UNK U 967 -92.18 -104.12 13.00
C UNK U 967 -92.19 -102.71 12.44
N UNK U 968 -91.00 -102.19 12.13
CA UNK U 968 -90.83 -100.86 11.59
C UNK U 968 -89.85 -100.87 10.43
N UNK U 969 -90.23 -100.22 9.35
CA UNK U 969 -89.38 -100.13 8.16
C UNK U 969 -88.99 -98.68 8.14
N UNK U 970 -88.16 -98.29 7.18
CA UNK U 970 -87.81 -96.89 7.12
C UNK U 970 -88.64 -96.17 6.07
N UNK U 971 -89.95 -96.21 6.32
CA UNK U 971 -90.99 -95.56 5.53
C UNK U 971 -91.95 -94.93 6.52
N UNK U 972 -91.44 -94.68 7.72
CA UNK U 972 -92.21 -94.06 8.78
C UNK U 972 -93.28 -94.97 9.33
N UNK U 973 -93.42 -96.13 8.70
CA UNK U 973 -94.43 -97.10 9.11
C UNK U 973 -93.97 -98.06 10.19
N UNK U 974 -94.92 -98.41 11.05
CA UNK U 974 -94.72 -99.34 12.15
C UNK U 974 -95.93 -100.24 12.09
N UNK U 975 -95.73 -101.55 12.01
CA UNK U 975 -96.88 -102.43 11.94
C UNK U 975 -96.91 -103.42 13.09
N UNK U 976 -98.06 -104.08 13.27
CA UNK U 976 -98.24 -105.08 14.34
C UNK U 976 -98.71 -106.42 13.77
N UNK U 977 -97.82 -107.13 13.06
CA UNK U 977 -98.16 -108.41 12.46
C UNK U 977 -98.54 -109.49 13.45
N UNK U 978 -99.19 -110.52 12.93
CA UNK U 978 -99.60 -111.67 13.71
C UNK U 978 -98.88 -112.84 13.08
N UNK U 979 -98.09 -113.59 13.84
CA UNK U 979 -97.43 -114.74 13.25
C UNK U 979 -98.51 -115.82 13.19
N UNK U 980 -100.86 -111.51 9.18
CA UNK U 980 -101.91 -110.53 9.04
C UNK U 980 -101.62 -109.24 9.77
N UNK U 981 -101.54 -108.16 9.00
CA UNK U 981 -101.27 -106.83 9.53
C UNK U 981 -102.43 -106.29 10.33
N UNK U 982 -102.46 -106.65 11.61
CA UNK U 982 -103.52 -106.16 12.48
C UNK U 982 -103.47 -104.63 12.49
N UNK U 983 -102.38 -104.06 13.01
CA UNK U 983 -102.22 -102.61 13.06
C UNK U 983 -101.19 -102.09 12.06
N UNK U 984 -101.37 -100.84 11.65
CA UNK U 984 -100.47 -100.20 10.69
C UNK U 984 -100.48 -98.69 10.88
N UNK U 985 -99.33 -98.12 11.24
CA UNK U 985 -99.21 -96.67 11.47
C UNK U 985 -98.21 -96.04 10.51
N UNK U 986 -98.31 -94.72 10.35
CA UNK U 986 -97.37 -93.96 9.51
C UNK U 986 -96.96 -92.83 10.45
N UNK U 987 -96.29 -93.22 11.54
CA UNK U 987 -95.84 -92.33 12.59
C UNK U 987 -94.64 -91.40 12.32
N UNK U 988 -94.07 -91.44 11.12
CA UNK U 988 -92.95 -90.57 10.76
C UNK U 988 -92.87 -90.46 9.25
N UNK U 989 -92.38 -89.34 8.75
CA UNK U 989 -92.27 -89.15 7.30
C UNK U 989 -90.88 -89.55 6.81
N UNK U 990 -85.15 -96.61 16.06
CA UNK U 990 -85.51 -97.59 17.10
C UNK U 990 -86.81 -97.20 17.78
N UNK U 991 -87.52 -98.18 18.33
CA UNK U 991 -88.78 -97.90 18.99
C UNK U 991 -89.07 -99.11 19.89
N UNK U 992 -89.48 -98.86 21.12
CA UNK U 992 -89.73 -99.96 22.05
C UNK U 992 -91.12 -99.92 22.65
N UNK U 993 -91.49 -100.99 23.34
CA UNK U 993 -92.79 -101.10 23.98
C UNK U 993 -92.68 -100.76 25.45
N UNK U 994 -93.83 -100.51 26.07
CA UNK U 994 -93.88 -100.16 27.48
C UNK U 994 -93.81 -101.41 28.34
N UNK U 995 -98.75 -102.73 27.79
CA UNK U 995 -98.34 -102.60 26.40
C UNK U 995 -99.18 -101.45 25.90
N UNK U 996 -99.89 -100.82 26.82
CA UNK U 996 -100.73 -99.69 26.46
C UNK U 996 -99.92 -98.72 25.62
N UNK U 997 -98.61 -98.72 25.86
CA UNK U 997 -97.72 -97.80 25.16
C UNK U 997 -96.57 -98.48 24.38
N UNK U 998 -96.20 -97.88 23.25
CA UNK U 998 -95.11 -98.39 22.42
C UNK U 998 -94.66 -97.21 21.55
N UNK U 999 -93.56 -96.58 21.92
CA UNK U 999 -93.10 -95.43 21.16
C UNK U 999 -91.99 -95.65 20.17
N UNK U 1000 -91.81 -94.65 19.32
CA UNK U 1000 -90.81 -94.65 18.25
C UNK U 1000 -89.76 -93.58 18.44
N UNK U 1001 -88.87 -93.50 17.44
CA UNK U 1001 -87.77 -92.56 17.40
C UNK U 1001 -87.33 -92.61 15.96
N UNK U 1002 -87.17 -91.47 15.29
CA UNK U 1002 -86.79 -91.54 13.89
C UNK U 1002 -86.43 -90.20 13.29
N UNK U 1003 -87.98 -86.50 15.94
CA UNK U 1003 -88.34 -86.54 17.35
C UNK U 1003 -88.65 -87.96 17.79
N UNK U 1004 -89.38 -88.07 18.90
CA UNK U 1004 -89.77 -89.37 19.44
C UNK U 1004 -91.27 -89.39 19.73
N UNK U 1005 -92.06 -89.64 18.68
CA UNK U 1005 -93.51 -89.71 18.79
C UNK U 1005 -93.89 -90.98 19.54
N UNK U 1006 -94.65 -90.82 20.63
CA UNK U 1006 -95.07 -91.93 21.46
C UNK U 1006 -96.59 -92.18 21.37
N UNK U 1007 -96.99 -93.45 21.23
CA UNK U 1007 -98.42 -93.75 21.15
C UNK U 1007 -98.96 -94.97 21.92
N UNK U 1008 -100.21 -95.33 21.62
CA UNK U 1008 -100.92 -96.44 22.29
C UNK U 1008 -101.44 -97.65 21.49
N UNK U 1009 -99.76 -89.87 20.46
CA UNK U 1009 -100.25 -89.22 21.67
C UNK U 1009 -99.62 -87.82 21.74
N UNK U 1010 -98.30 -87.74 21.53
CA UNK U 1010 -97.62 -86.44 21.52
C UNK U 1010 -96.20 -86.43 20.96
N UNK U 1011 -95.95 -85.51 20.03
CA UNK U 1011 -94.66 -85.34 19.38
C UNK U 1011 -93.69 -84.64 20.34
N UNK U 1012 -92.49 -85.23 20.52
CA UNK U 1012 -91.46 -84.71 21.43
C UNK U 1012 -90.28 -84.13 20.66
N UNK U 1013 -90.46 -82.97 20.05
CA UNK U 1013 -89.40 -82.34 19.25
C UNK U 1013 -88.25 -81.73 20.06
N UNK U 1014 -87.72 -82.50 21.01
CA UNK U 1014 -86.62 -81.99 21.82
C UNK U 1014 -85.24 -82.03 21.17
N UNK U 1015 -84.79 -83.25 20.84
CA UNK U 1015 -83.47 -83.44 20.23
C UNK U 1015 -83.19 -82.64 18.96
N UNK U 1016 -81.97 -82.11 18.88
CA UNK U 1016 -81.56 -81.32 17.72
C UNK U 1016 -80.74 -82.20 16.77
N UNK U 1017 -81.20 -85.71 16.36
CA UNK U 1017 -82.09 -86.75 15.82
C UNK U 1017 -82.03 -88.03 16.66
N UNK U 1018 -83.20 -88.44 17.17
CA UNK U 1018 -83.26 -89.63 18.01
C UNK U 1018 -82.81 -90.89 17.29
N UNK U 1019 -82.25 -91.81 18.06
CA UNK U 1019 -81.75 -93.06 17.51
C UNK U 1019 -82.06 -94.24 18.41
N UNK U 1020 -82.61 -93.97 19.59
CA UNK U 1020 -82.97 -95.05 20.51
C UNK U 1020 -83.85 -94.52 21.63
N UNK U 1021 -84.41 -95.43 22.43
CA UNK U 1021 -85.27 -95.04 23.54
C UNK U 1021 -85.78 -96.24 24.32
N UNK U 1022 -86.27 -95.98 25.52
CA UNK U 1022 -86.80 -97.03 26.37
C UNK U 1022 -87.78 -96.46 27.39
N UNK U 1023 -88.68 -97.33 27.86
CA UNK U 1023 -89.68 -96.94 28.84
C UNK U 1023 -89.24 -97.38 30.23
N UNK U 1024 -89.49 -96.54 31.22
CA UNK U 1024 -89.14 -96.89 32.59
C UNK U 1024 -89.95 -98.12 32.91
N UNK U 1025 -89.37 -99.07 33.65
CA UNK U 1025 -90.06 -100.29 33.99
C UNK U 1025 -91.35 -99.93 34.75
N UNK U 1026 -91.61 -92.81 32.48
CA UNK U 1026 -90.62 -92.10 31.69
C UNK U 1026 -90.20 -92.82 30.42
N UNK U 1027 -89.74 -92.04 29.46
CA UNK U 1027 -89.28 -92.53 28.19
C UNK U 1027 -88.04 -91.72 27.81
N UNK U 1028 -86.87 -92.34 27.98
CA UNK U 1028 -85.59 -91.70 27.66
C UNK U 1028 -85.27 -91.93 26.19
N UNK U 1029 -84.81 -90.88 25.54
CA UNK U 1029 -84.50 -90.98 24.12
C UNK U 1029 -83.04 -90.67 23.76
N UNK U 1030 -82.52 -91.42 22.79
CA UNK U 1030 -81.14 -91.28 22.37
C UNK U 1030 -80.94 -90.34 21.20
N UNK U 1031 -80.11 -89.34 21.43
CA UNK U 1031 -79.77 -88.32 20.44
C UNK U 1031 -78.58 -88.73 19.59
N UNK U 1032 -78.61 -88.32 18.34
CA UNK U 1032 -77.55 -88.62 17.40
C UNK U 1032 -76.30 -87.80 17.75
N UNK U 1033 -76.46 -86.85 18.66
CA UNK U 1033 -75.35 -86.01 19.10
C UNK U 1033 -75.14 -86.10 20.60
N UNK U 1034 -74.98 -87.31 21.08
CA UNK U 1034 -74.73 -87.53 22.49
C UNK U 1034 -75.72 -86.92 23.46
N UNK U 1035 -76.78 -86.31 22.95
CA UNK U 1035 -77.79 -85.72 23.82
C UNK U 1035 -78.72 -86.84 24.28
N UNK U 1036 -79.53 -86.56 25.28
CA UNK U 1036 -80.43 -87.57 25.78
C UNK U 1036 -81.29 -86.72 26.69
N UNK U 1037 -82.57 -86.64 26.36
CA UNK U 1037 -83.59 -86.04 27.22
C UNK U 1037 -84.46 -87.13 27.81
N UNK U 1038 -84.94 -86.87 29.03
CA UNK U 1038 -85.84 -87.80 29.69
C UNK U 1038 -87.21 -87.16 29.50
N UNK U 1039 -88.21 -87.97 29.16
CA UNK U 1039 -89.55 -87.45 28.98
C UNK U 1039 -90.47 -88.22 29.94
N UNK U 1040 -91.68 -87.72 30.16
CA UNK U 1040 -92.62 -88.37 31.08
C UNK U 1040 -93.87 -88.95 30.43
N UNK U 1041 -86.51 -83.64 32.02
CA UNK U 1041 -85.17 -83.05 32.09
C UNK U 1041 -84.29 -83.58 30.97
N UNK U 1042 -83.41 -82.73 30.46
CA UNK U 1042 -82.49 -83.10 29.38
C UNK U 1042 -81.03 -83.38 29.79
N UNK U 1043 -80.82 -84.31 30.72
CA UNK U 1043 -79.46 -84.64 31.15
C UNK U 1043 -78.67 -85.13 29.95
N UNK U 1044 -77.81 -84.28 29.39
CA UNK U 1044 -77.02 -84.66 28.23
C UNK U 1044 -75.77 -83.82 27.91
N UNK U 1045 -74.70 -83.97 28.72
CA UNK U 1045 -73.45 -83.22 28.52
C UNK U 1045 -72.70 -83.62 27.24
N UNK U 1046 -72.85 -90.21 19.03
CA UNK U 1046 -74.06 -91.01 19.05
C UNK U 1046 -74.39 -91.47 20.47
N UNK U 1047 -75.58 -92.04 20.61
CA UNK U 1047 -76.10 -92.62 21.85
C UNK U 1047 -77.01 -93.71 21.32
N UNK U 1048 -76.42 -94.85 21.04
CA UNK U 1048 -77.16 -95.95 20.46
C UNK U 1048 -77.95 -96.85 21.40
N UNK U 1049 -78.21 -96.41 22.62
CA UNK U 1049 -78.95 -97.29 23.51
C UNK U 1049 -79.17 -96.70 24.90
N UNK U 1050 -80.26 -97.12 25.54
CA UNK U 1050 -80.61 -96.69 26.89
C UNK U 1050 -81.35 -97.83 27.57
N UNK U 1051 -81.56 -97.70 28.87
CA UNK U 1051 -82.26 -98.71 29.64
C UNK U 1051 -82.43 -98.14 31.04
N UNK U 1052 -83.65 -98.15 31.55
CA UNK U 1052 -83.88 -97.76 32.91
C UNK U 1052 -83.59 -98.96 33.78
N UNK U 1053 -83.42 -98.72 35.07
CA UNK U 1053 -83.13 -99.78 36.03
C UNK U 1053 -84.45 -100.28 36.58
N UNK U 1054 -84.47 -101.45 37.25
CA UNK U 1054 -85.77 -101.84 37.77
C UNK U 1054 -86.28 -100.68 38.62
N UNK U 1055 -85.51 -100.31 39.63
CA UNK U 1055 -85.84 -99.21 40.55
C UNK U 1055 -86.36 -97.94 39.88
N UNK U 1056 -86.24 -97.86 38.56
CA UNK U 1056 -86.72 -96.69 37.80
C UNK U 1056 -86.01 -95.39 38.22
N UNK U 1057 -84.76 -95.51 38.66
CA UNK U 1057 -83.99 -94.34 39.10
C UNK U 1057 -82.67 -94.13 38.34
N UNK U 1058 -81.97 -95.23 38.07
CA UNK U 1058 -80.69 -95.17 37.34
C UNK U 1058 -80.90 -95.50 35.87
N UNK U 1059 -80.46 -94.60 35.00
CA UNK U 1059 -80.57 -94.82 33.56
C UNK U 1059 -79.17 -95.12 33.00
N UNK U 1060 -79.02 -96.28 32.36
CA UNK U 1060 -77.73 -96.65 31.77
C UNK U 1060 -77.72 -96.24 30.30
N UNK U 1061 -76.58 -95.69 29.85
CA UNK U 1061 -76.45 -95.21 28.49
C UNK U 1061 -75.23 -95.81 27.78
N UNK U 1062 -75.31 -95.91 26.44
CA UNK U 1062 -74.21 -96.46 25.65
C UNK U 1062 -74.13 -95.83 24.28
N UNK U 1063 -69.23 -94.73 24.62
CA UNK U 1063 -68.85 -95.46 25.84
C UNK U 1063 -70.08 -95.54 26.73
N UNK U 1064 -70.00 -96.36 27.77
CA UNK U 1064 -71.10 -96.51 28.71
C UNK U 1064 -71.10 -95.29 29.65
N UNK U 1065 -72.24 -95.01 30.28
CA UNK U 1065 -72.33 -93.84 31.15
C UNK U 1065 -73.65 -93.93 31.90
N UNK U 1066 -73.58 -94.03 33.22
CA UNK U 1066 -74.78 -94.11 34.05
C UNK U 1066 -75.26 -92.73 34.50
N UNK U 1067 -76.56 -92.60 34.79
CA UNK U 1067 -77.13 -91.33 35.23
C UNK U 1067 -78.05 -91.43 36.45
N UNK U 1068 -78.59 -90.28 36.83
CA UNK U 1068 -79.49 -90.14 37.97
C UNK U 1068 -80.80 -89.48 37.54
N UNK U 1069 -81.91 -90.21 37.65
CA UNK U 1069 -83.22 -89.70 37.27
C UNK U 1069 -83.50 -88.36 37.96
N UNK U 1070 -65.09 -96.37 30.26
CA UNK U 1070 -64.57 -95.98 28.97
C UNK U 1070 -64.04 -97.28 28.34
N UNK U 1071 -64.58 -97.63 27.20
CA UNK U 1071 -64.14 -98.83 26.51
C UNK U 1071 -63.07 -98.38 25.52
N UNK U 1072 -62.06 -99.21 25.30
CA UNK U 1072 -61.00 -98.89 24.36
C UNK U 1072 -61.62 -98.33 23.07
N UNK U 1073 -62.60 -99.05 22.54
CA UNK U 1073 -63.26 -98.62 21.32
C UNK U 1073 -64.52 -97.83 21.58
N UNK U 1074 -65.13 -97.38 20.49
CA UNK U 1074 -66.36 -96.60 20.58
C UNK U 1074 -67.45 -97.21 19.73
N UNK U 1075 -68.43 -96.38 19.42
CA UNK U 1075 -69.56 -96.77 18.60
C UNK U 1075 -70.12 -98.09 19.03
N UNK U 1076 -70.60 -98.15 20.26
CA UNK U 1076 -71.18 -99.37 20.75
C UNK U 1076 -72.58 -99.39 20.17
N UNK U 1077 -73.30 -100.49 20.33
CA UNK U 1077 -74.68 -100.57 19.87
C UNK U 1077 -75.83 -100.71 20.85
N UNK U 1078 -76.02 -101.92 21.36
CA UNK U 1078 -77.08 -102.19 22.32
C UNK U 1078 -76.44 -102.80 23.56
N UNK U 1079 -76.58 -102.11 24.70
CA UNK U 1079 -75.86 -102.52 25.89
C UNK U 1079 -76.79 -103.56 26.49
N UNK U 1080 -76.27 -104.71 26.90
CA UNK U 1080 -77.12 -105.72 27.48
C UNK U 1080 -77.12 -105.72 29.00
N UNK U 1081 -78.05 -104.98 29.60
CA UNK U 1081 -78.15 -104.94 31.05
C UNK U 1081 -78.82 -106.24 31.44
N UNK U 1082 -78.90 -106.55 32.72
CA UNK U 1082 -79.55 -107.79 33.13
C UNK U 1082 -80.64 -107.52 34.16
N UNK U 1083 -81.26 -108.59 34.69
CA UNK U 1083 -82.32 -108.38 35.69
C UNK U 1083 -81.82 -107.57 36.90
N UNK U 1084 -80.84 -108.14 37.61
CA UNK U 1084 -80.26 -107.50 38.79
C UNK U 1084 -79.61 -106.15 38.50
N UNK U 1085 -79.47 -105.79 37.23
CA UNK U 1085 -78.83 -104.51 36.84
C UNK U 1085 -77.41 -104.48 37.42
N UNK U 1086 -76.85 -105.68 37.57
CA UNK U 1086 -75.53 -105.86 38.17
C UNK U 1086 -74.59 -106.64 37.24
N UNK U 1087 -74.90 -106.62 35.93
CA UNK U 1087 -74.09 -107.31 34.92
C UNK U 1087 -74.35 -106.62 33.59
N UNK U 1088 -73.31 -106.38 32.82
CA UNK U 1088 -73.47 -105.71 31.53
C UNK U 1088 -72.59 -106.38 30.49
N UNK U 1089 -73.05 -106.39 29.25
CA UNK U 1089 -72.28 -106.98 28.15
C UNK U 1089 -72.38 -106.11 26.93
N UNK U 1090 -71.25 -105.90 26.27
CA UNK U 1090 -71.23 -105.09 25.06
C UNK U 1090 -70.00 -105.40 24.23
N UNK U 1091 -69.90 -104.75 23.08
CA UNK U 1091 -68.79 -104.98 22.19
C UNK U 1091 -68.49 -103.75 21.39
N UNK U 1092 -67.26 -103.24 21.49
CA UNK U 1092 -66.86 -102.02 20.77
C UNK U 1092 -66.32 -102.36 19.39
N UNK U 1093 -66.22 -101.34 18.54
CA UNK U 1093 -65.71 -101.58 17.18
C UNK U 1093 -64.28 -102.07 17.15
N UNK U 1094 -63.72 -102.33 18.33
CA UNK U 1094 -62.39 -102.87 18.37
C UNK U 1094 -62.55 -104.37 18.52
N UNK U 1095 -63.80 -104.82 18.50
CA UNK U 1095 -64.11 -106.23 18.61
C UNK U 1095 -63.80 -106.80 19.97
N UNK U 1096 -63.77 -105.93 20.97
CA UNK U 1096 -63.49 -106.36 22.32
C UNK U 1096 -64.79 -106.67 23.04
N UNK U 1097 -64.84 -107.84 23.68
CA UNK U 1097 -66.05 -108.27 24.39
C UNK U 1097 -66.07 -107.85 25.87
N UNK U 1098 -66.82 -106.81 26.18
CA UNK U 1098 -66.89 -106.35 27.56
C UNK U 1098 -68.03 -106.99 28.34
N UNK U 1099 -67.69 -107.77 29.36
CA UNK U 1099 -68.68 -108.38 30.23
C UNK U 1099 -68.42 -107.78 31.62
N UNK U 1100 -69.02 -106.62 31.88
CA UNK U 1100 -68.85 -105.92 33.14
C UNK U 1100 -69.82 -106.45 34.20
N UNK U 1101 -69.53 -106.17 35.47
CA UNK U 1101 -70.39 -106.66 36.55
C UNK U 1101 -70.09 -106.02 37.91
N MET V 10 -22.66 -50.64 -10.79
CA MET V 10 -23.05 -49.38 -11.42
C MET V 10 -23.60 -48.43 -10.35
N PRO V 11 -23.94 -47.17 -10.72
CA PRO V 11 -24.50 -46.25 -9.72
C PRO V 11 -25.68 -46.74 -8.85
N LYS V 12 -25.96 -45.96 -7.82
CA LYS V 12 -27.05 -46.24 -6.87
C LYS V 12 -28.41 -46.02 -7.52
N ARG V 13 -28.61 -44.84 -8.09
CA ARG V 13 -29.88 -44.49 -8.73
C ARG V 13 -30.27 -45.44 -9.88
N HIS V 14 -29.42 -46.41 -10.17
CA HIS V 14 -29.70 -47.40 -11.20
C HIS V 14 -30.29 -48.68 -10.61
N ARG V 15 -29.68 -49.19 -9.54
CA ARG V 15 -30.22 -50.36 -8.84
C ARG V 15 -31.63 -50.12 -8.35
N GLU V 16 -31.90 -48.90 -7.86
CA GLU V 16 -33.22 -48.53 -7.38
C GLU V 16 -34.23 -48.55 -8.49
N HIS V 17 -33.79 -48.12 -9.68
CA HIS V 17 -34.63 -48.12 -10.86
C HIS V 17 -35.20 -49.48 -11.21
N ILE V 18 -34.33 -50.39 -11.62
CA ILE V 18 -34.73 -51.74 -11.99
C ILE V 18 -35.31 -52.49 -10.80
N ARG V 19 -35.02 -52.00 -9.59
CA ARG V 19 -35.51 -52.62 -8.37
C ARG V 19 -37.03 -52.48 -8.25
N LYS V 20 -37.49 -51.24 -8.18
CA LYS V 20 -38.93 -50.97 -8.06
C LYS V 20 -39.65 -51.31 -9.36
N ASN V 21 -39.00 -51.02 -10.48
CA ASN V 21 -39.59 -51.29 -11.79
C ASN V 21 -39.18 -52.66 -12.34
N LEU V 22 -39.11 -53.64 -11.44
CA LEU V 22 -38.74 -55.00 -11.82
C LEU V 22 -39.95 -55.79 -12.31
N ASN V 23 -41.12 -55.17 -12.23
CA ASN V 23 -42.36 -55.81 -12.66
C ASN V 23 -42.66 -55.56 -14.12
N ILE V 24 -42.58 -54.29 -14.51
CA ILE V 24 -42.81 -53.89 -15.88
C ILE V 24 -41.79 -54.58 -16.78
N LEU V 25 -40.55 -54.60 -16.32
CA LEU V 25 -39.46 -55.17 -17.13
C LEU V 25 -39.57 -56.70 -17.19
N VAL V 26 -40.15 -57.29 -16.16
CA VAL V 26 -40.30 -58.74 -16.08
C VAL V 26 -41.56 -59.14 -16.83
N GLU V 27 -42.33 -58.14 -17.23
CA GLU V 27 -43.60 -58.42 -17.89
C GLU V 27 -43.48 -58.30 -19.39
N TRP V 28 -43.05 -57.13 -19.87
CA TRP V 28 -43.12 -56.86 -21.31
C TRP V 28 -42.11 -57.66 -22.16
N THR V 29 -40.92 -57.95 -21.62
CA THR V 29 -39.91 -58.74 -22.34
C THR V 29 -40.13 -60.24 -22.19
N ASN V 30 -40.37 -60.97 -23.28
CA ASN V 30 -40.20 -62.43 -23.27
C ASN V 30 -38.91 -62.87 -22.58
N TYR V 31 -38.97 -63.95 -21.80
CA TYR V 31 -37.82 -64.34 -21.00
C TYR V 31 -36.84 -65.21 -21.79
N GLU V 32 -37.39 -66.13 -22.59
CA GLU V 32 -36.59 -66.96 -23.48
C GLU V 32 -35.73 -66.05 -24.33
N ARG V 33 -36.44 -65.14 -25.00
CA ARG V 33 -35.86 -64.20 -25.93
C ARG V 33 -34.93 -63.25 -25.20
N LEU V 34 -35.06 -63.18 -23.89
CA LEU V 34 -34.19 -62.33 -23.11
C LEU V 34 -33.03 -63.15 -22.56
N ALA V 35 -33.29 -64.17 -21.75
CA ALA V 35 -32.22 -65.00 -21.18
C ALA V 35 -31.20 -65.44 -22.23
N MET V 36 -31.68 -66.17 -23.23
CA MET V 36 -30.80 -66.73 -24.24
C MET V 36 -30.01 -65.64 -24.99
N GLU V 37 -30.49 -64.41 -24.90
CA GLU V 37 -29.88 -63.23 -25.54
C GLU V 37 -28.90 -62.46 -24.63
N CYS V 38 -29.25 -62.38 -23.35
CA CYS V 38 -28.49 -61.66 -22.35
C CYS V 38 -27.18 -62.42 -22.15
N VAL V 39 -27.30 -63.71 -21.95
CA VAL V 39 -26.11 -64.52 -21.77
C VAL V 39 -25.35 -64.31 -23.07
N GLN V 40 -26.14 -64.33 -24.13
CA GLN V 40 -25.70 -64.24 -25.50
C GLN V 40 -25.10 -62.86 -25.69
N GLN V 41 -25.68 -61.88 -25.01
CA GLN V 41 -25.22 -60.50 -25.11
C GLN V 41 -23.75 -60.19 -24.73
N GLY V 42 -23.12 -60.93 -23.83
CA GLY V 42 -21.87 -60.45 -23.30
C GLY V 42 -21.95 -60.08 -21.85
N ILE V 43 -22.83 -60.75 -21.12
CA ILE V 43 -22.95 -60.59 -19.68
C ILE V 43 -22.68 -61.80 -18.77
N LEU V 44 -23.67 -62.65 -18.62
CA LEU V 44 -23.57 -63.82 -17.76
C LEU V 44 -23.11 -65.02 -18.57
N THR V 45 -23.19 -66.21 -17.99
CA THR V 45 -22.60 -67.40 -18.58
C THR V 45 -23.42 -68.65 -18.27
N VAL V 46 -23.09 -69.75 -18.91
CA VAL V 46 -23.79 -71.01 -18.69
C VAL V 46 -24.01 -71.27 -17.20
N GLN V 47 -23.15 -70.69 -16.37
CA GLN V 47 -23.24 -70.86 -14.93
C GLN V 47 -24.21 -69.84 -14.32
N MET V 48 -24.00 -68.58 -14.65
CA MET V 48 -24.85 -67.50 -14.13
C MET V 48 -26.32 -67.77 -14.46
N LEU V 49 -26.66 -67.70 -15.75
CA LEU V 49 -28.02 -67.94 -16.18
C LEU V 49 -28.61 -69.21 -15.60
N ARG V 50 -27.82 -70.26 -15.38
CA ARG V 50 -28.36 -71.45 -14.72
C ARG V 50 -28.93 -71.11 -13.35
N ASN V 51 -28.10 -70.51 -12.51
CA ASN V 51 -28.47 -70.19 -11.14
C ASN V 51 -29.57 -69.13 -11.07
N THR V 52 -29.64 -68.30 -12.10
CA THR V 52 -30.67 -67.28 -12.18
C THR V 52 -32.00 -67.82 -12.68
N GLN V 53 -31.97 -68.46 -13.85
CA GLN V 53 -33.06 -69.26 -14.42
C GLN V 53 -33.54 -70.35 -13.48
N ASP V 54 -32.66 -71.02 -12.78
CA ASP V 54 -33.19 -71.89 -11.76
C ASP V 54 -33.35 -71.05 -10.49
N LEU V 55 -33.76 -71.67 -9.40
CA LEU V 55 -34.15 -70.95 -8.18
C LEU V 55 -33.68 -71.79 -7.01
N ASN V 56 -34.28 -71.62 -5.85
CA ASN V 56 -33.81 -72.32 -4.67
C ASN V 56 -34.14 -73.81 -4.71
N GLY V 57 -35.28 -74.15 -5.31
CA GLY V 57 -35.74 -75.52 -5.34
C GLY V 57 -37.10 -75.63 -4.67
N LYS V 58 -37.28 -74.90 -3.57
CA LYS V 58 -38.59 -74.77 -2.93
C LYS V 58 -39.68 -74.15 -3.83
N PRO V 59 -39.28 -73.30 -4.76
CA PRO V 59 -40.22 -72.65 -5.67
C PRO V 59 -41.25 -73.63 -6.22
N PHE V 60 -40.98 -74.92 -6.04
CA PHE V 60 -41.89 -75.97 -6.52
C PHE V 60 -43.26 -75.84 -5.88
N ASN V 61 -43.30 -75.25 -4.71
CA ASN V 61 -44.57 -75.11 -4.06
C ASN V 61 -45.44 -74.26 -4.98
N MET V 62 -44.74 -73.46 -5.76
CA MET V 62 -45.36 -72.43 -6.54
C MET V 62 -45.79 -72.88 -7.92
N ASP V 63 -47.00 -72.48 -8.27
CA ASP V 63 -47.64 -72.89 -9.50
C ASP V 63 -46.90 -72.29 -10.67
N GLU V 64 -47.14 -72.93 -11.81
CA GLU V 64 -46.55 -72.61 -13.09
C GLU V 64 -46.60 -71.13 -13.37
N LYS V 65 -47.79 -70.52 -13.37
CA LYS V 65 -47.77 -69.11 -13.73
C LYS V 65 -46.60 -68.35 -13.10
N ASP V 66 -46.22 -68.74 -11.90
CA ASP V 66 -45.54 -67.83 -10.99
C ASP V 66 -44.05 -68.13 -10.85
N VAL V 67 -43.57 -69.12 -11.57
CA VAL V 67 -42.15 -69.50 -11.50
C VAL V 67 -41.35 -68.84 -12.61
N ARG V 68 -41.89 -68.84 -13.82
CA ARG V 68 -41.30 -68.10 -14.93
C ARG V 68 -41.19 -66.60 -14.64
N VAL V 69 -42.20 -66.05 -13.98
CA VAL V 69 -42.19 -64.64 -13.62
C VAL V 69 -41.11 -64.35 -12.58
N GLU V 70 -40.94 -65.29 -11.66
CA GLU V 70 -39.90 -65.19 -10.63
C GLU V 70 -38.52 -65.26 -11.26
N GLN V 71 -38.34 -66.28 -12.10
CA GLN V 71 -37.15 -66.44 -12.93
C GLN V 71 -36.71 -65.16 -13.62
N HIS V 72 -37.63 -64.68 -14.44
CA HIS V 72 -37.46 -63.49 -15.24
C HIS V 72 -37.12 -62.31 -14.30
N ARG V 73 -37.73 -62.32 -13.11
CA ARG V 73 -37.45 -61.30 -12.11
C ARG V 73 -36.10 -61.52 -11.43
N ARG V 74 -35.56 -62.72 -11.57
CA ARG V 74 -34.30 -63.05 -10.94
C ARG V 74 -33.22 -62.62 -11.91
N LEU V 75 -33.60 -62.47 -13.16
CA LEU V 75 -32.64 -62.14 -14.21
C LEU V 75 -32.12 -60.74 -14.07
N LEU V 76 -33.04 -59.80 -14.09
CA LEU V 76 -32.69 -58.39 -14.02
C LEU V 76 -31.89 -58.09 -12.78
N LEU V 77 -32.16 -58.82 -11.70
CA LEU V 77 -31.40 -58.67 -10.47
C LEU V 77 -29.93 -59.03 -10.65
N LYS V 78 -29.67 -60.06 -11.43
CA LYS V 78 -28.29 -60.44 -11.72
C LYS V 78 -27.67 -59.50 -12.75
N ILE V 79 -28.48 -59.00 -13.68
CA ILE V 79 -28.01 -58.06 -14.70
C ILE V 79 -27.57 -56.75 -14.07
N THR V 80 -28.36 -56.33 -13.10
CA THR V 80 -28.11 -55.18 -12.27
C THR V 80 -26.86 -55.50 -11.52
N GLN V 81 -26.63 -56.77 -11.24
CA GLN V 81 -25.45 -57.10 -10.47
C GLN V 81 -24.20 -56.72 -11.18
N ARG V 82 -24.28 -56.59 -12.48
CA ARG V 82 -23.07 -56.55 -13.27
C ARG V 82 -22.36 -55.23 -13.34
N GLY V 83 -21.35 -55.19 -14.19
CA GLY V 83 -20.50 -54.03 -14.34
C GLY V 83 -21.19 -52.81 -14.94
N PRO V 84 -20.52 -51.61 -14.75
CA PRO V 84 -21.37 -50.44 -14.88
C PRO V 84 -22.07 -50.29 -16.20
N THR V 85 -21.64 -50.97 -17.24
CA THR V 85 -22.36 -50.89 -18.50
C THR V 85 -23.78 -51.43 -18.26
N ALA V 86 -23.93 -52.22 -17.24
CA ALA V 86 -25.11 -53.07 -17.10
C ALA V 86 -26.31 -52.33 -17.65
N TYR V 87 -26.34 -51.03 -17.42
CA TYR V 87 -27.38 -50.21 -18.01
C TYR V 87 -27.25 -50.31 -19.51
N ASN V 88 -26.17 -49.76 -20.02
CA ASN V 88 -25.97 -49.69 -21.46
C ASN V 88 -26.01 -51.07 -22.11
N LEU V 89 -25.71 -52.12 -21.34
CA LEU V 89 -25.83 -53.49 -21.84
C LEU V 89 -27.30 -53.88 -21.97
N LEU V 90 -28.08 -53.62 -20.92
CA LEU V 90 -29.43 -54.12 -20.86
C LEU V 90 -30.34 -53.35 -21.80
N ILE V 91 -30.09 -52.04 -21.91
CA ILE V 91 -30.88 -51.18 -22.77
C ILE V 91 -30.79 -51.64 -24.22
N ASN V 92 -29.62 -52.13 -24.60
CA ASN V 92 -29.39 -52.57 -25.99
C ASN V 92 -29.93 -53.96 -26.20
N ALA V 93 -29.60 -54.84 -25.26
CA ALA V 93 -30.11 -56.20 -25.34
C ALA V 93 -31.62 -56.14 -25.50
N LEU V 94 -32.26 -55.27 -24.73
CA LEU V 94 -33.70 -55.11 -24.78
C LEU V 94 -34.15 -54.37 -26.04
N ARG V 95 -33.28 -53.50 -26.56
CA ARG V 95 -33.54 -52.88 -27.86
C ARG V 95 -33.68 -53.96 -28.92
N ASN V 96 -33.01 -55.09 -28.72
CA ASN V 96 -33.11 -56.22 -29.66
C ASN V 96 -34.25 -57.17 -29.35
N ILE V 97 -34.44 -57.53 -28.08
CA ILE V 97 -35.62 -58.31 -27.64
C ILE V 97 -36.92 -57.73 -28.21
N ASN V 98 -36.88 -56.46 -28.61
CA ASN V 98 -37.98 -55.75 -29.26
C ASN V 98 -39.03 -55.42 -28.23
N CYS V 99 -38.56 -55.27 -27.00
CA CYS V 99 -39.36 -54.71 -25.94
C CYS V 99 -39.02 -53.23 -25.72
N LEU V 100 -39.02 -52.46 -26.82
CA LEU V 100 -38.73 -51.03 -26.82
C LEU V 100 -39.44 -50.28 -25.69
N ASP V 101 -40.71 -50.60 -25.45
CA ASP V 101 -41.48 -49.99 -24.36
C ASP V 101 -40.97 -50.26 -22.94
N ALA V 102 -39.88 -51.03 -22.82
CA ALA V 102 -39.23 -51.23 -21.52
C ALA V 102 -37.81 -50.71 -21.65
N ALA V 103 -37.28 -50.70 -22.87
CA ALA V 103 -35.98 -50.08 -23.09
C ALA V 103 -36.11 -48.60 -22.74
N VAL V 104 -37.24 -48.03 -23.12
CA VAL V 104 -37.56 -46.66 -22.73
C VAL V 104 -37.57 -46.63 -21.22
N LEU V 105 -38.36 -47.48 -20.59
CA LEU V 105 -38.49 -47.50 -19.15
C LEU V 105 -37.12 -47.45 -18.45
N LEU V 106 -36.22 -48.30 -18.93
CA LEU V 106 -34.89 -48.46 -18.36
C LEU V 106 -33.93 -47.31 -18.71
N GLU V 107 -34.29 -46.53 -19.72
CA GLU V 107 -33.41 -45.46 -20.19
C GLU V 107 -33.85 -44.05 -19.79
N SER V 108 -35.15 -43.80 -19.88
CA SER V 108 -35.79 -42.51 -19.66
C SER V 108 -35.53 -41.85 -18.32
N VAL V 109 -35.37 -42.67 -17.28
CA VAL V 109 -34.90 -42.18 -15.98
C VAL V 109 -33.59 -41.40 -16.02
N ASP V 110 -32.85 -41.55 -17.12
CA ASP V 110 -31.65 -40.74 -17.31
C ASP V 110 -32.03 -39.62 -18.25
N GLU V 111 -31.04 -38.92 -18.77
CA GLU V 111 -31.25 -37.82 -19.73
C GLU V 111 -31.91 -36.62 -19.05
N TYR W 10 -30.51 -41.02 12.59
CA TYR W 10 -31.73 -40.41 13.11
C TYR W 10 -32.97 -41.13 12.57
N GLN W 11 -33.76 -41.69 13.48
CA GLN W 11 -34.98 -42.41 13.11
C GLN W 11 -36.18 -41.46 13.10
N TYR W 12 -37.37 -42.05 13.08
CA TYR W 12 -38.60 -41.28 13.05
C TYR W 12 -39.18 -41.14 14.46
N LYS W 13 -38.65 -41.90 15.40
CA LYS W 13 -39.11 -41.87 16.79
C LYS W 13 -38.53 -40.67 17.53
N ASP W 14 -37.57 -39.99 16.89
CA ASP W 14 -36.93 -38.82 17.49
C ASP W 14 -37.25 -37.55 16.71
N ILE W 15 -37.33 -37.69 15.38
CA ILE W 15 -37.62 -36.56 14.51
C ILE W 15 -39.12 -36.22 14.59
N LEU W 16 -39.86 -36.93 15.42
CA LEU W 16 -41.29 -36.68 15.55
C LEU W 16 -41.59 -35.57 16.56
N SER W 17 -40.98 -35.65 17.72
CA SER W 17 -41.25 -34.68 18.77
C SER W 17 -40.74 -33.29 18.37
N VAL W 18 -39.93 -33.25 17.31
CA VAL W 18 -39.35 -32.02 16.81
C VAL W 18 -40.40 -31.03 16.31
N PHE W 19 -41.31 -31.51 15.46
CA PHE W 19 -42.37 -30.62 14.97
C PHE W 19 -43.69 -30.90 15.67
N GLU W 20 -43.68 -30.75 16.99
CA GLU W 20 -44.88 -30.95 17.78
C GLU W 20 -45.72 -29.68 17.85
N ASP W 21 -45.11 -28.53 17.56
CA ASP W 21 -45.86 -27.27 17.57
C ASP W 21 -46.86 -27.26 16.43
N ALA W 22 -46.53 -28.01 15.37
CA ALA W 22 -47.38 -28.06 14.20
C ALA W 22 -48.46 -29.10 14.38
N PHE W 23 -48.08 -30.21 14.99
CA PHE W 23 -48.98 -31.33 15.18
C PHE W 23 -50.20 -30.97 16.05
N VAL W 24 -50.20 -29.76 16.59
CA VAL W 24 -51.33 -29.29 17.41
C VAL W 24 -52.13 -28.25 16.62
N ASP W 25 -51.54 -27.77 15.54
CA ASP W 25 -52.15 -26.79 14.66
C ASP W 25 -53.11 -27.49 13.70
N ASN W 26 -52.52 -28.34 12.87
CA ASN W 26 -53.26 -28.89 11.74
C ASN W 26 -53.46 -30.40 11.77
N PHE W 27 -53.48 -31.00 12.95
CA PHE W 27 -53.68 -32.44 13.06
C PHE W 27 -54.55 -32.85 14.24
N ASP W 28 -55.55 -33.68 13.97
CA ASP W 28 -56.14 -34.52 14.99
C ASP W 28 -56.56 -35.84 14.36
N CYS W 29 -56.37 -36.91 15.11
CA CYS W 29 -56.63 -38.27 14.62
C CYS W 29 -58.09 -38.57 14.33
N LYS W 30 -58.94 -37.54 14.39
CA LYS W 30 -60.34 -37.69 14.02
C LYS W 30 -60.41 -38.16 12.57
N ASP W 31 -59.37 -37.86 11.80
CA ASP W 31 -59.26 -38.32 10.43
C ASP W 31 -58.49 -39.63 10.38
N VAL W 32 -57.72 -39.90 11.44
CA VAL W 32 -56.93 -41.12 11.52
C VAL W 32 -57.74 -42.25 12.16
N GLN W 33 -58.83 -42.63 11.52
CA GLN W 33 -59.69 -43.68 12.03
C GLN W 33 -59.69 -44.89 11.09
N ASP W 34 -58.58 -45.10 10.41
CA ASP W 34 -58.45 -46.22 9.48
C ASP W 34 -56.98 -46.49 9.15
N MET W 35 -56.29 -47.15 10.06
CA MET W 35 -54.88 -47.47 9.87
C MET W 35 -54.61 -48.92 10.28
N PRO W 36 -53.36 -49.40 10.15
CA PRO W 36 -53.13 -50.72 10.74
C PRO W 36 -53.29 -50.73 12.26
N LYS W 37 -54.08 -51.67 12.77
CA LYS W 37 -54.23 -51.87 14.21
C LYS W 37 -52.88 -52.17 14.84
N SER W 38 -51.93 -52.60 14.00
CA SER W 38 -50.57 -52.82 14.43
C SER W 38 -49.88 -51.53 14.85
N ILE W 39 -50.47 -50.39 14.52
CA ILE W 39 -49.78 -49.12 14.65
C ILE W 39 -50.32 -48.41 15.88
N LEU W 40 -51.63 -48.37 15.96
CA LEU W 40 -52.27 -47.83 17.16
C LEU W 40 -53.38 -48.74 17.65
N SER W 41 -53.56 -48.84 18.96
CA SER W 41 -54.60 -49.70 19.51
C SER W 41 -56.00 -49.15 19.23
N LYS W 42 -56.89 -49.99 18.70
CA LYS W 42 -58.23 -49.54 18.42
C LYS W 42 -58.71 -48.86 19.69
N GLU W 43 -58.34 -49.43 20.83
CA GLU W 43 -58.72 -48.87 22.12
C GLU W 43 -57.75 -47.75 22.52
N GLU W 44 -56.50 -47.89 22.10
CA GLU W 44 -55.48 -46.88 22.39
C GLU W 44 -55.73 -45.60 21.59
N ILE W 45 -56.34 -45.78 20.43
CA ILE W 45 -56.67 -44.69 19.52
C ILE W 45 -57.86 -43.93 20.06
N ASP W 46 -58.86 -44.63 20.59
CA ASP W 46 -59.99 -43.91 21.13
C ASP W 46 -59.46 -43.09 22.28
N HIS W 47 -58.49 -43.70 22.96
CA HIS W 47 -57.78 -43.09 24.07
C HIS W 47 -57.18 -41.77 23.63
N ILE W 48 -56.48 -41.80 22.51
CA ILE W 48 -55.85 -40.62 21.93
C ILE W 48 -56.91 -39.70 21.37
N ILE W 49 -57.80 -40.25 20.54
CA ILE W 49 -58.88 -39.43 20.02
C ILE W 49 -59.72 -38.99 21.21
N MET W 50 -59.39 -39.58 22.35
CA MET W 50 -60.23 -39.54 23.50
C MET W 50 -60.41 -38.08 23.80
N SER W 51 -59.31 -37.37 23.55
CA SER W 51 -59.31 -36.00 23.09
C SER W 51 -60.00 -34.95 23.94
N LYS W 52 -59.66 -34.91 25.22
CA LYS W 52 -60.18 -33.86 26.03
C LYS W 52 -59.64 -32.55 25.47
N ASP W 53 -58.38 -32.53 25.05
CA ASP W 53 -57.77 -31.31 24.52
C ASP W 53 -56.91 -31.46 23.27
N ALA W 54 -56.92 -30.45 22.44
CA ALA W 54 -56.15 -30.52 21.22
C ALA W 54 -54.71 -30.69 21.62
N VAL W 55 -54.26 -30.03 22.66
CA VAL W 55 -52.86 -30.16 23.03
C VAL W 55 -52.66 -31.49 23.72
N SER W 56 -53.56 -31.81 24.64
CA SER W 56 -53.42 -33.06 25.38
C SER W 56 -53.58 -34.26 24.46
N GLY W 57 -54.54 -34.20 23.54
CA GLY W 57 -54.81 -35.32 22.66
C GLY W 57 -53.63 -35.62 21.77
N THR W 58 -53.06 -34.56 21.22
CA THR W 58 -51.93 -34.67 20.30
C THR W 58 -50.74 -35.20 21.09
N LEU W 59 -50.58 -34.69 22.30
CA LEU W 59 -49.45 -35.09 23.11
C LEU W 59 -49.64 -36.56 23.40
N ARG W 60 -50.91 -36.91 23.63
CA ARG W 60 -51.32 -38.25 23.95
C ARG W 60 -50.98 -39.17 22.79
N LEU W 61 -51.07 -38.66 21.57
CA LEU W 61 -50.67 -39.50 20.47
C LEU W 61 -49.19 -39.66 20.37
N PHE W 62 -48.41 -38.60 20.56
CA PHE W 62 -46.99 -38.85 20.42
C PHE W 62 -46.51 -39.75 21.55
N TRP W 63 -47.01 -39.52 22.75
CA TRP W 63 -46.56 -40.32 23.87
C TRP W 63 -46.84 -41.80 23.70
N THR W 64 -48.08 -42.14 23.36
CA THR W 64 -48.38 -43.55 23.23
C THR W 64 -47.62 -44.18 22.06
N LEU W 65 -47.54 -43.46 20.95
CA LEU W 65 -46.91 -43.99 19.74
C LEU W 65 -45.41 -44.17 19.89
N LEU W 66 -44.77 -43.25 20.60
CA LEU W 66 -43.30 -43.27 20.79
C LEU W 66 -42.88 -44.63 21.39
N SER W 67 -43.86 -45.25 22.03
CA SER W 67 -43.73 -46.52 22.73
C SER W 67 -43.52 -47.76 21.83
N LYS W 68 -43.83 -47.62 20.54
CA LYS W 68 -43.78 -48.70 19.54
C LYS W 68 -42.44 -48.78 18.81
N GLN W 69 -42.25 -49.77 17.94
CA GLN W 69 -40.98 -49.95 17.25
C GLN W 69 -40.79 -49.02 16.05
N GLU W 70 -39.58 -48.95 15.51
CA GLU W 70 -39.34 -48.10 14.35
C GLU W 70 -40.23 -48.32 13.13
N GLU W 71 -40.44 -49.55 12.76
CA GLU W 71 -41.29 -49.79 11.63
C GLU W 71 -42.66 -49.32 11.99
N MET W 72 -43.02 -49.58 13.25
CA MET W 72 -44.37 -49.35 13.74
C MET W 72 -44.77 -47.92 13.46
N VAL W 73 -43.91 -46.98 13.82
CA VAL W 73 -44.19 -45.59 13.53
C VAL W 73 -44.25 -45.30 12.03
N GLN W 74 -43.25 -45.78 11.31
CA GLN W 74 -43.00 -45.38 9.94
C GLN W 74 -44.15 -45.73 9.08
N LYS W 75 -44.76 -46.86 9.38
CA LYS W 75 -45.93 -47.20 8.64
C LYS W 75 -46.87 -46.04 8.92
N PHE W 76 -46.86 -45.57 10.17
CA PHE W 76 -47.65 -44.40 10.51
C PHE W 76 -47.21 -43.15 9.76
N VAL W 77 -45.92 -42.90 9.70
CA VAL W 77 -45.45 -41.69 9.05
C VAL W 77 -45.66 -41.78 7.57
N GLU W 78 -45.80 -42.99 7.05
CA GLU W 78 -45.89 -43.15 5.63
C GLU W 78 -47.30 -43.45 5.20
N GLU W 79 -47.71 -44.68 5.37
CA GLU W 79 -48.97 -45.09 4.81
C GLU W 79 -50.19 -44.37 5.35
N VAL W 80 -50.25 -44.20 6.66
CA VAL W 80 -51.42 -43.61 7.30
C VAL W 80 -51.56 -42.09 7.16
N LEU W 81 -50.44 -41.39 7.33
CA LEU W 81 -50.46 -39.93 7.36
C LEU W 81 -50.24 -39.31 5.99
N ARG W 82 -50.29 -40.14 4.94
CA ARG W 82 -50.11 -39.62 3.60
C ARG W 82 -51.42 -39.53 2.84
N ILE W 83 -52.46 -40.09 3.41
CA ILE W 83 -53.72 -40.06 2.72
C ILE W 83 -54.17 -38.63 2.69
N ASN W 84 -54.22 -37.99 3.84
CA ASN W 84 -54.75 -36.64 3.93
C ASN W 84 -53.79 -35.56 4.35
N TYR W 85 -53.01 -35.85 5.39
CA TYR W 85 -52.11 -34.88 5.95
C TYR W 85 -50.82 -34.90 5.21
N LYS W 86 -50.87 -34.48 3.97
CA LYS W 86 -49.70 -34.54 3.14
C LYS W 86 -48.65 -33.66 3.78
N PHE W 87 -49.03 -32.45 4.14
CA PHE W 87 -48.04 -31.43 4.40
C PHE W 87 -47.17 -31.88 5.54
N LEU W 88 -47.74 -32.51 6.55
CA LEU W 88 -46.93 -32.85 7.69
C LEU W 88 -45.87 -33.78 7.21
N MET W 89 -46.29 -34.73 6.41
CA MET W 89 -45.43 -35.80 6.05
C MET W 89 -44.26 -35.18 5.34
N SER W 90 -44.55 -34.20 4.52
CA SER W 90 -43.51 -33.59 3.74
C SER W 90 -42.51 -32.99 4.67
N PRO W 91 -43.01 -32.32 5.81
CA PRO W 91 -41.96 -31.82 6.68
C PRO W 91 -41.22 -32.99 7.22
N ILE W 92 -41.93 -34.02 7.64
CA ILE W 92 -41.22 -35.10 8.33
C ILE W 92 -40.21 -35.79 7.43
N LYS W 93 -40.64 -36.11 6.23
CA LYS W 93 -39.76 -36.90 5.41
C LYS W 93 -38.47 -36.15 5.45
N THR W 94 -38.57 -34.84 5.51
CA THR W 94 -37.39 -34.06 5.45
C THR W 94 -36.60 -34.45 6.64
N GLU W 95 -37.24 -34.64 7.79
CA GLU W 95 -36.45 -34.79 9.00
C GLU W 95 -35.52 -36.07 9.04
N GLN W 96 -36.08 -37.28 8.96
CA GLN W 96 -35.27 -38.52 8.95
C GLN W 96 -34.12 -38.48 7.98
N ARG W 97 -34.36 -37.90 6.80
CA ARG W 97 -33.29 -37.62 5.93
C ARG W 97 -32.51 -36.46 6.46
N GLN W 98 -33.16 -35.64 7.26
CA GLN W 98 -32.46 -34.44 7.73
C GLN W 98 -32.58 -33.87 9.12
N PRO W 99 -31.43 -33.55 9.66
CA PRO W 99 -31.46 -32.89 10.95
C PRO W 99 -30.93 -31.47 10.94
N SER W 100 -31.75 -30.50 11.33
CA SER W 100 -31.31 -29.10 11.38
C SER W 100 -30.38 -28.94 12.59
N MET W 101 -29.52 -27.93 12.59
CA MET W 101 -28.60 -27.85 13.72
C MET W 101 -29.40 -27.98 15.01
N MET W 102 -30.50 -27.26 15.12
CA MET W 102 -31.33 -27.31 16.33
C MET W 102 -31.91 -28.71 16.59
N THR W 103 -32.53 -29.30 15.59
CA THR W 103 -33.21 -30.53 15.86
C THR W 103 -32.20 -31.52 16.30
N ARG W 104 -31.22 -31.75 15.46
CA ARG W 104 -30.24 -32.69 15.89
C ARG W 104 -29.68 -32.12 17.15
N MET W 105 -29.61 -30.79 17.26
CA MET W 105 -28.95 -30.21 18.39
C MET W 105 -29.68 -30.68 19.62
N TYR W 106 -30.99 -30.68 19.59
CA TYR W 106 -31.73 -31.19 20.74
C TYR W 106 -31.52 -32.68 20.84
N ILE W 107 -31.66 -33.28 19.68
CA ILE W 107 -31.99 -34.67 19.61
C ILE W 107 -30.93 -35.42 20.31
N GLU W 108 -29.72 -34.89 20.28
CA GLU W 108 -28.71 -35.43 21.13
C GLU W 108 -29.02 -35.23 22.60
N GLN W 109 -29.53 -34.07 23.02
CA GLN W 109 -29.70 -33.86 24.44
C GLN W 109 -30.69 -34.87 24.95
N ARG W 110 -31.73 -35.09 24.19
CA ARG W 110 -32.75 -35.99 24.72
C ARG W 110 -32.03 -37.29 25.08
N ASP W 111 -31.14 -37.72 24.19
CA ASP W 111 -30.45 -38.98 24.39
C ASP W 111 -29.64 -38.82 25.65
N ARG W 112 -29.06 -37.63 25.77
CA ARG W 112 -28.21 -37.36 26.88
C ARG W 112 -29.07 -37.49 28.13
N LEU W 113 -30.30 -36.96 28.14
CA LEU W 113 -31.13 -37.03 29.32
C LEU W 113 -31.59 -38.47 29.65
N TYR W 114 -31.87 -39.30 28.64
CA TYR W 114 -32.27 -40.67 28.93
C TYR W 114 -31.09 -41.33 29.63
N ASN W 115 -29.92 -41.10 29.05
CA ASN W 115 -28.67 -41.70 29.48
C ASN W 115 -28.12 -41.34 30.82
N ASP W 116 -28.08 -40.06 31.17
CA ASP W 116 -27.64 -39.73 32.51
C ASP W 116 -28.68 -40.28 33.46
N ASN W 117 -29.94 -40.09 33.10
CA ASN W 117 -31.00 -40.47 33.96
C ASN W 117 -31.63 -41.54 33.18
N GLN W 118 -31.82 -42.70 33.82
CA GLN W 118 -32.15 -43.93 33.09
C GLN W 118 -33.48 -44.59 33.36
N VAL W 119 -33.68 -44.99 34.61
CA VAL W 119 -34.69 -45.96 35.00
C VAL W 119 -35.95 -45.29 34.59
N PHE W 120 -35.79 -44.00 34.36
CA PHE W 120 -36.77 -43.23 33.69
C PHE W 120 -36.79 -43.69 32.26
N ALA W 121 -35.65 -43.97 31.69
CA ALA W 121 -35.68 -44.21 30.27
C ALA W 121 -36.67 -45.31 30.02
N LYS W 122 -36.59 -46.30 30.89
CA LYS W 122 -37.14 -47.64 30.78
C LYS W 122 -38.37 -47.81 31.67
N TYR W 123 -38.67 -46.82 32.48
CA TYR W 123 -39.77 -46.97 33.43
C TYR W 123 -40.74 -45.80 33.50
N ASN W 124 -40.58 -44.80 32.63
CA ASN W 124 -41.46 -43.62 32.60
C ASN W 124 -42.94 -43.94 32.37
N VAL W 125 -43.83 -43.02 32.73
CA VAL W 125 -45.24 -43.19 32.37
C VAL W 125 -45.87 -41.91 31.81
N SER W 126 -46.63 -42.09 30.72
CA SER W 126 -47.42 -41.00 30.16
C SER W 126 -48.23 -40.36 31.27
N ARG W 127 -47.94 -39.10 31.56
CA ARG W 127 -48.62 -38.38 32.62
C ARG W 127 -49.05 -36.99 32.14
N LEU W 128 -50.33 -36.79 31.86
CA LEU W 128 -50.77 -35.50 31.28
C LEU W 128 -50.73 -34.30 32.19
N GLN W 129 -51.53 -34.41 33.25
CA GLN W 129 -51.92 -33.32 34.12
C GLN W 129 -50.74 -32.51 34.56
N PRO W 130 -49.80 -33.14 35.26
CA PRO W 130 -48.68 -32.35 35.74
C PRO W 130 -47.72 -31.94 34.65
N TYR W 131 -47.64 -32.78 33.62
CA TYR W 131 -46.77 -32.56 32.50
C TYR W 131 -47.10 -31.26 31.79
N LEU W 132 -48.38 -31.07 31.53
CA LEU W 132 -48.88 -29.88 30.86
C LEU W 132 -48.87 -28.67 31.78
N LYS W 133 -49.12 -28.88 33.07
CA LYS W 133 -49.14 -27.73 33.98
C LYS W 133 -47.71 -27.19 34.03
N LEU W 134 -46.76 -28.11 34.19
CA LEU W 134 -45.36 -27.76 34.33
C LEU W 134 -44.76 -27.16 33.06
N ARG W 135 -45.19 -27.66 31.91
CA ARG W 135 -44.64 -27.21 30.63
C ARG W 135 -45.21 -25.84 30.29
N GLN W 136 -46.37 -25.54 30.87
CA GLN W 136 -47.01 -24.26 30.67
C GLN W 136 -46.29 -23.24 31.54
N ALA W 137 -46.07 -23.61 32.81
CA ALA W 137 -45.44 -22.70 33.78
C ALA W 137 -44.01 -22.39 33.37
N LEU W 138 -43.38 -23.46 32.92
CA LEU W 138 -42.00 -23.48 32.55
C LEU W 138 -41.71 -22.48 31.45
N LEU W 139 -42.52 -22.48 30.42
CA LEU W 139 -42.27 -21.61 29.27
C LEU W 139 -42.30 -20.14 29.66
N GLU W 140 -43.30 -19.71 30.41
CA GLU W 140 -43.37 -18.28 30.67
C GLU W 140 -42.18 -17.89 31.51
N LEU W 141 -41.73 -18.83 32.34
CA LEU W 141 -40.73 -18.60 33.39
C LEU W 141 -39.56 -17.75 32.92
N ARG W 142 -39.38 -16.59 33.55
CA ARG W 142 -38.45 -15.57 33.05
C ARG W 142 -36.98 -15.91 33.34
N PRO W 143 -36.05 -15.11 32.82
CA PRO W 143 -34.64 -15.40 33.10
C PRO W 143 -34.25 -15.32 34.57
N ALA W 144 -35.10 -14.77 35.43
CA ALA W 144 -34.75 -14.74 36.84
C ALA W 144 -35.87 -15.23 37.74
N LYS W 145 -36.81 -16.01 37.21
CA LYS W 145 -37.87 -16.49 38.09
C LYS W 145 -37.69 -17.95 38.51
N ASN W 146 -38.62 -18.52 39.25
CA ASN W 146 -38.42 -19.91 39.56
C ASN W 146 -39.67 -20.67 39.87
N VAL W 147 -39.88 -21.68 39.06
CA VAL W 147 -41.06 -22.53 39.01
C VAL W 147 -40.84 -23.77 39.88
N LEU W 148 -41.45 -23.78 41.05
CA LEU W 148 -41.27 -24.87 42.01
C LEU W 148 -42.39 -25.89 41.93
N ILE W 149 -42.09 -27.12 42.34
CA ILE W 149 -43.07 -28.20 42.36
C ILE W 149 -42.85 -29.06 43.61
N ASP W 150 -43.92 -29.25 44.38
CA ASP W 150 -43.84 -30.01 45.63
C ASP W 150 -45.07 -30.86 45.91
N GLY W 151 -44.81 -32.13 46.25
CA GLY W 151 -45.83 -33.08 46.65
C GLY W 151 -45.34 -34.03 47.73
N VAL W 152 -46.13 -35.07 47.98
CA VAL W 152 -45.85 -36.09 48.99
C VAL W 152 -44.56 -36.85 48.61
N LEU W 153 -43.87 -37.45 49.58
CA LEU W 153 -42.66 -38.18 49.21
C LEU W 153 -43.02 -39.27 48.23
N GLY W 154 -42.29 -39.32 47.13
CA GLY W 154 -42.49 -40.36 46.15
C GLY W 154 -43.68 -39.97 45.31
N SER W 155 -43.74 -38.71 44.90
CA SER W 155 -44.88 -38.30 44.09
C SER W 155 -44.72 -38.33 42.59
N GLY W 156 -43.48 -38.38 42.12
CA GLY W 156 -43.20 -38.40 40.71
C GLY W 156 -42.83 -36.97 40.35
N LYS W 157 -42.39 -36.22 41.35
CA LYS W 157 -42.02 -34.82 41.15
C LYS W 157 -40.86 -34.68 40.14
N THR W 158 -39.83 -35.50 40.31
CA THR W 158 -38.67 -35.43 39.46
C THR W 158 -38.99 -36.05 38.10
N TRP W 159 -39.72 -37.17 38.07
CA TRP W 159 -40.07 -37.79 36.79
C TRP W 159 -40.92 -36.79 35.98
N VAL W 160 -41.94 -36.18 36.56
CA VAL W 160 -42.78 -35.25 35.78
C VAL W 160 -41.87 -34.17 35.22
N ALA W 161 -40.94 -33.71 36.07
CA ALA W 161 -40.05 -32.62 35.69
C ALA W 161 -39.17 -33.08 34.52
N LEU W 162 -38.69 -34.31 34.63
CA LEU W 162 -37.81 -34.83 33.60
C LEU W 162 -38.60 -34.89 32.31
N ASP W 163 -39.81 -35.43 32.37
CA ASP W 163 -40.59 -35.63 31.16
C ASP W 163 -40.83 -34.31 30.48
N VAL W 164 -41.14 -33.28 31.27
CA VAL W 164 -41.42 -31.98 30.70
C VAL W 164 -40.14 -31.48 30.04
N CYS W 165 -39.04 -31.61 30.76
CA CYS W 165 -37.80 -31.06 30.31
C CYS W 165 -37.11 -31.98 29.33
N LEU W 166 -37.62 -33.16 29.11
CA LEU W 166 -37.15 -33.83 27.96
C LEU W 166 -37.68 -32.99 26.82
N SER W 167 -38.99 -32.78 26.87
CA SER W 167 -39.77 -32.22 25.77
C SER W 167 -39.25 -31.08 24.93
N TYR W 168 -39.19 -31.28 23.63
CA TYR W 168 -38.49 -30.34 22.79
C TYR W 168 -38.94 -28.92 23.01
N LYS W 169 -40.25 -28.71 23.00
CA LYS W 169 -40.82 -27.37 23.11
C LYS W 169 -40.29 -26.60 24.33
N VAL W 170 -40.08 -27.35 25.39
CA VAL W 170 -39.59 -26.82 26.63
C VAL W 170 -38.12 -26.97 26.73
N GLN W 171 -37.47 -27.33 25.66
CA GLN W 171 -36.05 -27.26 25.70
C GLN W 171 -35.56 -26.07 24.98
N CYS W 172 -35.86 -26.02 23.68
CA CYS W 172 -35.38 -24.97 22.80
C CYS W 172 -35.58 -23.61 23.45
N LYS W 173 -36.67 -23.49 24.21
CA LYS W 173 -36.97 -22.28 24.94
C LYS W 173 -35.87 -22.04 25.96
N MET W 174 -35.27 -23.12 26.44
CA MET W 174 -34.15 -22.99 27.34
C MET W 174 -32.87 -23.35 26.67
N ASP W 175 -32.93 -23.49 25.37
CA ASP W 175 -31.72 -23.58 24.57
C ASP W 175 -30.78 -24.64 25.05
N PHE W 176 -31.33 -25.75 25.44
CA PHE W 176 -30.54 -26.93 25.54
C PHE W 176 -29.43 -26.78 26.54
N LYS W 177 -29.68 -26.09 27.63
CA LYS W 177 -28.70 -26.02 28.70
C LYS W 177 -29.35 -26.27 30.05
N ILE W 178 -29.84 -27.49 30.29
CA ILE W 178 -30.48 -27.74 31.57
C ILE W 178 -29.63 -28.52 32.53
N PHE W 179 -29.28 -27.88 33.63
CA PHE W 179 -28.39 -28.48 34.58
C PHE W 179 -29.21 -29.05 35.69
N TRP W 180 -29.09 -30.35 35.83
CA TRP W 180 -29.79 -31.11 36.85
C TRP W 180 -28.89 -31.43 38.02
N LEU W 181 -29.34 -31.06 39.22
CA LEU W 181 -28.57 -31.45 40.40
C LEU W 181 -29.50 -31.89 41.50
N ASN W 182 -29.11 -32.88 42.29
CA ASN W 182 -29.97 -33.29 43.40
C ASN W 182 -29.48 -32.76 44.74
N LEU W 183 -30.20 -31.84 45.36
CA LEU W 183 -29.69 -31.34 46.63
C LEU W 183 -29.79 -32.44 47.67
N LYS W 184 -29.09 -33.55 47.69
CA LYS W 184 -29.34 -34.29 48.92
C LYS W 184 -28.45 -33.66 49.92
N ASN W 185 -28.66 -33.95 51.17
CA ASN W 185 -27.55 -33.66 51.99
C ASN W 185 -27.12 -32.37 51.38
N CYS W 186 -27.93 -31.34 51.59
CA CYS W 186 -27.65 -30.02 51.05
C CYS W 186 -27.78 -28.94 52.13
N ASN W 187 -28.40 -29.31 53.25
CA ASN W 187 -28.60 -28.38 54.36
C ASN W 187 -27.34 -28.23 55.21
N SER W 188 -26.23 -27.93 54.55
CA SER W 188 -24.96 -27.75 55.25
C SER W 188 -23.99 -26.91 54.42
N PRO W 189 -23.18 -26.03 55.17
CA PRO W 189 -22.26 -25.24 54.32
C PRO W 189 -21.40 -26.13 53.42
N GLU W 190 -21.41 -27.43 53.70
CA GLU W 190 -20.62 -28.38 52.91
C GLU W 190 -21.33 -28.71 51.60
N THR W 191 -22.62 -28.43 51.53
CA THR W 191 -23.40 -28.70 50.33
C THR W 191 -23.16 -27.64 49.26
N VAL W 192 -23.31 -26.38 49.63
CA VAL W 192 -23.11 -25.27 48.70
C VAL W 192 -21.83 -25.46 47.89
N LEU W 193 -20.70 -25.47 48.57
CA LEU W 193 -19.40 -25.66 47.92
C LEU W 193 -19.40 -26.87 47.00
N GLU W 194 -19.57 -28.05 47.60
CA GLU W 194 -19.59 -29.30 46.84
C GLU W 194 -20.45 -29.17 45.59
N MET W 195 -21.72 -28.82 45.78
CA MET W 195 -22.64 -28.66 44.67
C MET W 195 -22.31 -27.50 43.75
N LEU W 196 -21.98 -26.36 44.36
CA LEU W 196 -21.66 -25.16 43.61
C LEU W 196 -20.38 -25.44 42.85
N GLN W 197 -19.65 -26.44 43.33
CA GLN W 197 -18.47 -26.89 42.66
C GLN W 197 -19.03 -27.70 41.50
N LYS W 198 -20.02 -28.54 41.77
CA LYS W 198 -20.55 -29.35 40.66
C LYS W 198 -21.22 -28.52 39.55
N LEU W 199 -21.89 -27.42 39.88
CA LEU W 199 -22.57 -26.61 38.90
C LEU W 199 -21.57 -25.90 37.97
N LEU W 200 -20.45 -25.48 38.54
CA LEU W 200 -19.40 -24.84 37.77
C LEU W 200 -18.84 -25.91 36.86
N TYR W 201 -18.55 -27.06 37.45
CA TYR W 201 -18.24 -28.26 36.71
C TYR W 201 -19.11 -28.46 35.46
N GLN W 202 -20.44 -28.41 35.55
CA GLN W 202 -21.17 -28.77 34.38
C GLN W 202 -20.88 -27.72 33.41
N ILE W 203 -21.27 -26.48 33.71
CA ILE W 203 -21.02 -25.36 32.80
C ILE W 203 -19.72 -25.48 32.02
N ASP W 204 -18.60 -25.51 32.74
CA ASP W 204 -17.29 -25.62 32.12
C ASP W 204 -16.26 -26.11 33.13
N PRO W 205 -15.20 -26.74 32.65
CA PRO W 205 -14.15 -27.22 33.55
C PRO W 205 -12.98 -26.24 33.65
N ASN W 206 -13.19 -25.13 34.34
CA ASN W 206 -12.12 -24.14 34.50
C ASN W 206 -12.36 -23.22 35.68
N TRP W 207 -11.56 -23.35 36.73
CA TRP W 207 -11.70 -22.41 37.82
C TRP W 207 -10.40 -22.02 38.51
N THR W 208 -10.23 -20.72 38.69
CA THR W 208 -9.04 -20.19 39.32
C THR W 208 -9.32 -20.35 40.80
N SER W 209 -9.05 -21.53 41.29
CA SER W 209 -9.40 -21.87 42.64
C SER W 209 -8.34 -21.32 43.59
N ARG W 210 -7.52 -20.43 43.06
CA ARG W 210 -6.55 -19.71 43.87
C ARG W 210 -7.26 -18.74 44.81
N SER W 211 -8.53 -18.46 44.54
CA SER W 211 -9.26 -17.56 45.39
C SER W 211 -9.56 -18.27 46.71
N ASP W 212 -9.25 -19.56 46.76
CA ASP W 212 -9.62 -20.33 47.93
C ASP W 212 -8.86 -19.85 49.15
N HIS W 213 -9.64 -19.51 50.16
CA HIS W 213 -9.20 -18.92 51.38
C HIS W 213 -10.02 -19.77 52.29
N SER W 214 -9.37 -20.34 53.30
CA SER W 214 -9.97 -21.43 54.08
C SER W 214 -10.47 -21.00 55.45
N SER W 215 -10.55 -19.70 55.68
CA SER W 215 -11.10 -19.18 56.91
C SER W 215 -12.61 -19.40 56.91
N ASN W 216 -13.20 -19.32 55.72
CA ASN W 216 -14.62 -19.56 55.55
C ASN W 216 -14.94 -20.45 54.35
N ILE W 217 -15.29 -21.71 54.65
CA ILE W 217 -15.91 -22.54 53.67
C ILE W 217 -17.17 -21.77 53.33
N LYS W 218 -17.46 -20.74 54.10
CA LYS W 218 -18.67 -19.97 53.88
C LYS W 218 -18.43 -18.77 53.01
N LEU W 219 -17.42 -17.97 53.38
CA LEU W 219 -17.06 -16.79 52.60
C LEU W 219 -16.63 -17.19 51.19
N ARG W 220 -15.99 -18.36 51.07
CA ARG W 220 -15.55 -18.85 49.79
C ARG W 220 -16.76 -19.26 49.00
N ILE W 221 -17.77 -19.70 49.73
CA ILE W 221 -18.97 -20.20 49.12
C ILE W 221 -19.52 -19.07 48.30
N HIS W 222 -19.41 -17.87 48.85
CA HIS W 222 -19.87 -16.73 48.12
C HIS W 222 -19.08 -16.56 46.85
N SER W 223 -17.78 -16.75 46.93
CA SER W 223 -16.96 -16.48 45.77
C SER W 223 -17.43 -17.39 44.67
N ILE W 224 -17.64 -18.65 45.00
CA ILE W 224 -17.96 -19.59 43.93
C ILE W 224 -19.20 -18.99 43.21
N GLN W 225 -20.13 -18.48 44.00
CA GLN W 225 -21.34 -17.87 43.46
C GLN W 225 -21.00 -16.67 42.58
N ALA W 226 -20.07 -15.84 43.05
CA ALA W 226 -19.64 -14.66 42.31
C ALA W 226 -19.16 -15.05 40.92
N GLU W 227 -18.37 -16.11 40.84
CA GLU W 227 -17.85 -16.59 39.56
C GLU W 227 -18.97 -17.19 38.72
N LEU W 228 -19.89 -17.90 39.37
CA LEU W 228 -21.02 -18.51 38.70
C LEU W 228 -21.94 -17.45 38.10
N ARG W 229 -22.20 -16.40 38.88
CA ARG W 229 -23.05 -15.31 38.42
C ARG W 229 -22.46 -14.63 37.20
N ARG W 230 -21.14 -14.47 37.21
CA ARG W 230 -20.44 -13.84 36.10
C ARG W 230 -20.64 -14.65 34.83
N LEU W 231 -20.43 -15.98 34.93
CA LEU W 231 -20.54 -16.83 33.75
C LEU W 231 -21.94 -17.02 33.15
N LEU W 232 -22.99 -17.09 33.97
CA LEU W 232 -24.32 -17.28 33.37
C LEU W 232 -24.82 -16.14 32.48
N LYS W 233 -24.65 -14.90 32.87
CA LYS W 233 -25.17 -13.91 31.99
C LYS W 233 -24.09 -13.81 30.96
N SER W 234 -23.64 -14.97 30.53
CA SER W 234 -22.74 -15.05 29.39
C SER W 234 -23.66 -15.23 28.24
N LYS W 235 -23.13 -15.35 27.04
CA LYS W 235 -23.98 -15.62 25.91
C LYS W 235 -24.17 -17.08 25.59
N PRO W 236 -23.28 -17.98 26.23
CA PRO W 236 -23.51 -19.38 25.85
C PRO W 236 -24.88 -19.74 26.32
N TYR W 237 -25.20 -19.23 27.50
CA TYR W 237 -26.49 -19.47 28.09
C TYR W 237 -27.40 -18.33 27.81
N GLU W 238 -27.13 -17.19 28.41
CA GLU W 238 -28.05 -16.06 28.31
C GLU W 238 -29.21 -16.56 29.09
N ASN W 239 -29.66 -17.73 28.66
CA ASN W 239 -30.80 -18.29 29.40
C ASN W 239 -30.89 -19.84 29.40
N CYS W 240 -31.02 -20.50 30.54
CA CYS W 240 -31.03 -21.94 30.62
C CYS W 240 -31.68 -22.30 31.91
N LEU W 241 -32.03 -23.54 32.13
CA LEU W 241 -32.73 -23.90 33.35
C LEU W 241 -32.00 -24.88 34.21
N LEU W 242 -31.70 -24.44 35.42
CA LEU W 242 -31.09 -25.15 36.54
C LEU W 242 -32.17 -25.73 37.43
N VAL W 243 -32.44 -27.03 37.28
CA VAL W 243 -33.51 -27.68 38.02
C VAL W 243 -32.97 -28.42 39.25
N LEU W 244 -33.14 -27.77 40.37
CA LEU W 244 -32.58 -28.27 41.57
C LEU W 244 -33.51 -29.40 41.70
N LEU W 245 -33.17 -30.41 42.47
CA LEU W 245 -34.11 -31.47 42.66
C LEU W 245 -34.10 -31.71 44.13
N ASN W 246 -35.24 -32.01 44.72
CA ASN W 246 -35.20 -32.33 46.12
C ASN W 246 -34.56 -31.22 46.95
N VAL W 247 -34.91 -29.97 46.68
CA VAL W 247 -34.35 -28.89 47.49
C VAL W 247 -34.75 -29.15 48.92
N GLN W 248 -33.79 -29.09 49.83
CA GLN W 248 -34.00 -29.40 51.25
C GLN W 248 -34.79 -28.49 52.19
N ASN W 249 -34.46 -27.21 52.26
CA ASN W 249 -35.15 -26.29 53.16
C ASN W 249 -35.09 -24.93 52.51
N ALA W 250 -35.35 -23.84 53.22
CA ALA W 250 -35.08 -22.62 52.51
C ALA W 250 -33.61 -22.39 52.31
N LYS W 251 -32.80 -22.70 53.32
CA LYS W 251 -31.50 -22.07 53.42
C LYS W 251 -30.65 -22.30 52.19
N ALA W 252 -30.65 -23.52 51.67
CA ALA W 252 -29.76 -23.83 50.59
C ALA W 252 -30.10 -22.92 49.45
N TRP W 253 -31.38 -22.74 49.24
CA TRP W 253 -31.80 -22.10 48.03
C TRP W 253 -31.19 -20.68 47.99
N ASN W 254 -31.30 -19.89 49.04
CA ASN W 254 -30.80 -18.57 49.05
C ASN W 254 -29.41 -18.72 48.47
N ALA W 255 -28.78 -19.85 48.76
CA ALA W 255 -27.47 -20.14 48.20
C ALA W 255 -27.57 -20.28 46.72
N PHE W 256 -28.64 -20.86 46.24
CA PHE W 256 -28.64 -21.31 44.86
C PHE W 256 -29.29 -20.48 43.80
N ASN W 257 -29.70 -19.27 44.09
CA ASN W 257 -30.40 -18.47 43.08
C ASN W 257 -29.42 -17.62 42.29
N LEU W 258 -29.26 -17.94 41.01
CA LEU W 258 -28.29 -17.24 40.20
C LEU W 258 -28.91 -16.45 39.08
N SER W 259 -30.15 -16.06 39.22
CA SER W 259 -30.70 -15.40 38.06
C SER W 259 -30.71 -16.45 36.97
N CYS W 260 -31.02 -17.67 37.36
CA CYS W 260 -31.02 -18.77 36.46
C CYS W 260 -32.43 -19.19 36.44
N LYS W 261 -32.97 -19.45 35.29
CA LYS W 261 -34.33 -19.93 35.28
C LYS W 261 -34.18 -21.28 35.97
N ILE W 262 -34.29 -21.31 37.29
CA ILE W 262 -34.28 -22.62 37.93
C ILE W 262 -35.71 -23.06 38.24
N LEU W 263 -35.94 -24.37 38.30
CA LEU W 263 -37.21 -24.91 38.76
C LEU W 263 -36.92 -25.98 39.79
N LEU W 264 -37.39 -25.77 41.02
CA LEU W 264 -37.00 -26.62 42.14
C LEU W 264 -38.16 -27.49 42.61
N THR W 265 -37.92 -28.79 42.67
CA THR W 265 -38.93 -29.71 43.13
C THR W 265 -38.54 -30.17 44.53
N THR W 266 -39.44 -30.03 45.49
CA THR W 266 -39.13 -30.39 46.88
C THR W 266 -40.26 -31.11 47.60
N ARG W 267 -39.87 -32.02 48.49
CA ARG W 267 -40.83 -32.75 49.32
C ARG W 267 -41.37 -32.17 50.65
N PHE W 268 -40.92 -31.01 51.15
CA PHE W 268 -41.72 -30.46 52.27
C PHE W 268 -42.22 -29.00 52.23
N LYS W 269 -43.10 -28.76 53.20
CA LYS W 269 -44.03 -27.64 53.17
C LYS W 269 -43.38 -26.33 53.55
N GLN W 270 -42.22 -26.41 54.20
CA GLN W 270 -41.47 -25.22 54.58
C GLN W 270 -40.87 -24.57 53.33
N VAL W 271 -40.49 -25.41 52.38
CA VAL W 271 -39.95 -24.92 51.12
C VAL W 271 -41.00 -24.20 50.25
N THR W 272 -42.08 -24.94 50.01
CA THR W 272 -43.15 -24.51 49.14
C THR W 272 -43.92 -23.57 50.00
N ASP W 273 -43.66 -23.71 51.29
CA ASP W 273 -44.05 -22.74 52.27
C ASP W 273 -43.08 -21.57 52.19
N PHE W 274 -41.92 -21.76 51.55
CA PHE W 274 -41.07 -20.59 51.42
C PHE W 274 -41.31 -19.57 50.34
N LEU W 275 -41.49 -20.01 49.11
CA LEU W 275 -41.41 -19.08 48.00
C LEU W 275 -42.75 -18.61 47.50
N SER W 276 -43.03 -17.37 47.83
CA SER W 276 -44.31 -16.80 47.58
C SER W 276 -44.53 -16.76 46.10
N ALA W 277 -45.75 -17.03 45.69
CA ALA W 277 -46.12 -16.91 44.30
C ALA W 277 -45.96 -15.45 44.02
N ALA W 278 -45.72 -15.10 42.77
CA ALA W 278 -45.40 -13.74 42.36
C ALA W 278 -43.94 -13.57 42.55
N THR W 279 -43.31 -14.63 43.00
CA THR W 279 -42.00 -15.07 42.54
C THR W 279 -41.81 -16.53 42.21
N THR W 280 -42.85 -17.31 42.05
CA THR W 280 -42.59 -18.66 41.58
C THR W 280 -43.95 -19.30 41.30
N THR W 281 -44.07 -20.54 40.87
CA THR W 281 -45.42 -20.94 40.82
C THR W 281 -45.36 -22.33 41.29
N HIS W 282 -46.37 -22.81 41.99
CA HIS W 282 -46.33 -24.20 42.36
C HIS W 282 -47.30 -25.02 41.54
N ILE W 283 -46.73 -25.94 40.78
CA ILE W 283 -47.42 -27.10 40.34
C ILE W 283 -47.44 -27.87 41.61
N SER W 284 -48.57 -28.40 42.05
CA SER W 284 -48.55 -29.23 43.24
C SER W 284 -48.75 -30.62 42.70
N LEU W 285 -47.72 -31.42 42.81
CA LEU W 285 -47.73 -32.72 42.22
C LEU W 285 -48.72 -33.66 42.83
N ASP W 286 -48.91 -33.57 44.14
CA ASP W 286 -49.71 -34.52 44.91
C ASP W 286 -51.12 -34.03 45.11
N HIS W 287 -51.47 -32.99 44.39
CA HIS W 287 -52.77 -32.36 44.51
C HIS W 287 -53.76 -33.15 43.70
N HIS W 288 -54.88 -32.50 43.50
CA HIS W 288 -56.19 -32.97 43.09
C HIS W 288 -56.33 -33.65 41.76
N SER W 289 -55.69 -33.09 40.76
CA SER W 289 -55.90 -33.59 39.41
C SER W 289 -54.66 -34.24 38.91
N MET W 290 -53.55 -33.91 39.53
CA MET W 290 -52.30 -34.51 39.15
C MET W 290 -52.38 -35.98 39.47
N THR W 291 -53.06 -36.32 40.54
CA THR W 291 -52.91 -37.68 41.03
C THR W 291 -53.01 -38.57 39.81
N LEU W 292 -52.16 -39.59 39.74
CA LEU W 292 -52.02 -40.30 38.50
C LEU W 292 -53.38 -40.73 38.07
N THR W 293 -53.61 -40.64 36.78
CA THR W 293 -54.91 -40.81 36.13
C THR W 293 -55.52 -42.19 36.39
N PRO W 294 -56.79 -42.22 36.83
CA PRO W 294 -57.50 -43.38 37.42
C PRO W 294 -57.18 -44.73 36.78
N ASP W 295 -56.86 -44.74 35.49
CA ASP W 295 -56.51 -45.96 34.79
C ASP W 295 -55.02 -45.98 34.46
N GLU W 296 -54.37 -44.83 34.60
CA GLU W 296 -52.95 -44.75 34.37
C GLU W 296 -52.22 -45.22 35.62
N VAL W 297 -52.96 -45.53 36.69
CA VAL W 297 -52.32 -46.21 37.79
C VAL W 297 -52.08 -47.64 37.30
N LYS W 298 -53.07 -48.19 36.61
CA LYS W 298 -52.96 -49.53 36.06
C LYS W 298 -51.91 -49.53 34.95
N SER W 299 -51.71 -48.34 34.38
CA SER W 299 -50.71 -48.13 33.34
C SER W 299 -49.34 -48.33 33.89
N LEU W 300 -49.08 -47.62 34.98
CA LEU W 300 -47.75 -47.60 35.55
C LEU W 300 -47.50 -49.01 36.04
N LEU W 301 -48.50 -49.61 36.64
CA LEU W 301 -48.22 -50.87 37.24
C LEU W 301 -47.74 -51.68 36.07
N LEU W 302 -48.26 -51.43 34.90
CA LEU W 302 -47.76 -52.29 33.86
C LEU W 302 -46.24 -52.30 33.63
N LYS W 303 -45.67 -51.12 33.39
CA LYS W 303 -44.28 -50.99 32.98
C LYS W 303 -43.43 -52.09 33.61
N TYR W 304 -43.29 -52.01 34.94
CA TYR W 304 -42.52 -52.99 35.69
C TYR W 304 -43.19 -54.31 35.46
N LEU W 305 -44.51 -54.26 35.38
CA LEU W 305 -45.27 -55.48 35.27
C LEU W 305 -45.01 -56.24 33.99
N ASP W 306 -44.91 -55.54 32.88
CA ASP W 306 -44.75 -56.18 31.57
C ASP W 306 -45.87 -57.12 31.07
N CYS W 307 -47.14 -56.79 31.29
CA CYS W 307 -48.19 -57.41 30.50
C CYS W 307 -49.50 -56.66 30.41
N ARG W 308 -50.24 -56.93 29.35
CA ARG W 308 -51.65 -56.58 29.26
C ARG W 308 -52.68 -57.33 30.09
N PRO W 309 -52.61 -58.65 30.23
CA PRO W 309 -53.88 -59.24 30.64
C PRO W 309 -53.99 -59.29 32.16
N GLN W 310 -52.87 -59.52 32.83
CA GLN W 310 -52.84 -59.58 34.28
C GLN W 310 -53.09 -58.23 34.91
N ASP W 311 -52.77 -57.17 34.16
CA ASP W 311 -52.96 -55.81 34.64
C ASP W 311 -54.33 -55.64 35.30
N LEU W 312 -55.32 -56.34 34.76
CA LEU W 312 -56.68 -56.28 35.30
C LEU W 312 -56.83 -57.17 36.52
N PRO W 313 -55.96 -58.17 36.63
CA PRO W 313 -56.00 -59.09 37.76
C PRO W 313 -55.36 -58.48 39.00
N ARG W 314 -55.06 -57.18 38.93
CA ARG W 314 -54.46 -56.46 40.04
C ARG W 314 -55.29 -55.25 40.44
N GLU W 315 -56.59 -55.46 40.62
CA GLU W 315 -57.50 -54.39 40.99
C GLU W 315 -57.33 -54.01 42.46
N VAL W 316 -56.91 -52.77 42.70
CA VAL W 316 -56.70 -52.27 44.05
C VAL W 316 -56.80 -50.76 44.11
N LEU W 317 -56.12 -50.16 45.09
CA LEU W 317 -56.13 -48.71 45.26
C LEU W 317 -54.74 -48.20 45.64
N THR W 318 -54.29 -47.16 44.95
CA THR W 318 -52.98 -46.57 45.22
C THR W 318 -52.76 -45.41 44.27
N THR W 319 -52.04 -44.37 44.72
CA THR W 319 -51.82 -43.20 43.88
C THR W 319 -50.39 -42.66 43.97
N ASN W 320 -49.55 -43.28 44.79
CA ASN W 320 -48.18 -42.80 44.93
C ASN W 320 -47.24 -43.57 44.01
N PRO W 321 -46.65 -42.89 43.03
CA PRO W 321 -45.81 -43.64 42.09
C PRO W 321 -44.69 -44.37 42.82
N ARG W 322 -44.19 -43.82 43.92
CA ARG W 322 -43.11 -44.52 44.60
C ARG W 322 -43.68 -45.79 45.22
N ARG W 323 -44.85 -45.67 45.85
CA ARG W 323 -45.42 -46.84 46.49
C ARG W 323 -45.85 -47.83 45.42
N LEU W 324 -46.38 -47.28 44.34
CA LEU W 324 -46.87 -48.11 43.26
C LEU W 324 -45.75 -48.91 42.67
N SER W 325 -44.61 -48.25 42.44
CA SER W 325 -43.54 -48.94 41.76
C SER W 325 -42.73 -49.85 42.64
N ILE W 326 -42.58 -49.50 43.92
CA ILE W 326 -41.91 -50.43 44.81
C ILE W 326 -42.74 -51.71 44.90
N ILE W 327 -44.07 -51.52 45.00
CA ILE W 327 -44.95 -52.66 45.08
C ILE W 327 -44.95 -53.47 43.83
N ALA W 328 -45.04 -52.74 42.73
CA ALA W 328 -45.15 -53.34 41.40
C ALA W 328 -43.86 -54.16 41.13
N GLU W 329 -42.72 -53.58 41.49
CA GLU W 329 -41.44 -54.20 41.30
C GLU W 329 -41.40 -55.48 42.12
N SER W 330 -41.89 -55.36 43.34
CA SER W 330 -41.83 -56.50 44.24
C SER W 330 -42.69 -57.64 43.71
N ILE W 331 -43.88 -57.31 43.21
CA ILE W 331 -44.73 -58.39 42.69
C ILE W 331 -44.19 -59.09 41.42
N ARG W 332 -43.57 -58.35 40.50
CA ARG W 332 -43.02 -58.99 39.31
C ARG W 332 -41.90 -59.95 39.71
N ASP W 333 -41.06 -59.46 40.61
CA ASP W 333 -39.94 -60.15 41.21
C ASP W 333 -40.06 -60.29 42.73
N ALA W 336 -45.30 -61.93 44.39
CA ALA W 336 -46.54 -62.57 44.83
C ALA W 336 -47.57 -61.53 45.26
N THR W 337 -48.71 -61.46 44.58
CA THR W 337 -49.55 -60.27 44.67
C THR W 337 -50.17 -59.90 46.01
N TRP W 338 -50.84 -60.85 46.63
CA TRP W 338 -51.44 -60.64 47.95
C TRP W 338 -50.42 -60.44 49.04
N ASP W 339 -49.45 -61.34 49.10
CA ASP W 339 -48.63 -61.35 50.29
C ASP W 339 -47.90 -60.06 50.36
N ASN W 340 -47.27 -59.79 49.22
CA ASN W 340 -46.35 -58.70 48.98
C ASN W 340 -46.96 -57.29 49.09
N TRP W 341 -48.20 -57.10 48.60
CA TRP W 341 -48.83 -55.77 48.56
C TRP W 341 -48.77 -55.25 49.99
N LYS W 342 -48.82 -56.16 50.94
CA LYS W 342 -48.73 -55.79 52.36
C LYS W 342 -47.45 -56.21 53.11
N HIS W 343 -47.37 -57.50 53.45
CA HIS W 343 -46.41 -58.06 54.38
C HIS W 343 -45.13 -58.06 53.58
N VAL W 344 -45.32 -57.89 52.27
CA VAL W 344 -44.22 -57.73 51.36
C VAL W 344 -43.67 -56.34 51.63
N ASN W 345 -42.35 -56.20 51.65
CA ASN W 345 -41.76 -54.90 51.87
C ASN W 345 -41.83 -54.49 53.33
N CYS W 346 -42.21 -55.42 54.18
CA CYS W 346 -42.04 -55.20 55.58
C CYS W 346 -40.76 -54.45 55.78
N ASP W 347 -39.91 -54.71 54.79
CA ASP W 347 -38.49 -54.42 54.85
C ASP W 347 -38.11 -53.30 53.89
N LYS W 348 -39.03 -52.77 53.07
CA LYS W 348 -38.60 -51.66 52.22
C LYS W 348 -39.44 -50.39 52.33
N LEU W 349 -40.75 -50.48 52.09
CA LEU W 349 -41.60 -49.31 52.08
C LEU W 349 -41.64 -48.65 53.45
N THR W 350 -41.43 -49.47 54.46
CA THR W 350 -41.40 -49.02 55.83
C THR W 350 -40.19 -48.13 55.98
N THR W 351 -39.02 -48.55 55.46
CA THR W 351 -37.81 -47.74 55.61
C THR W 351 -37.96 -46.42 54.89
N ILE W 352 -38.62 -46.43 53.74
CA ILE W 352 -38.83 -45.23 52.94
C ILE W 352 -39.62 -44.18 53.71
N ILE W 353 -40.67 -44.64 54.41
CA ILE W 353 -41.52 -43.75 55.19
C ILE W 353 -41.02 -43.64 56.62
N GLU W 354 -39.73 -43.89 56.82
CA GLU W 354 -39.14 -43.82 58.14
C GLU W 354 -37.89 -42.95 58.15
N SER W 355 -37.09 -43.06 57.08
CA SER W 355 -35.87 -42.27 56.96
C SER W 355 -36.15 -40.78 57.12
N SER W 356 -37.43 -40.44 57.17
CA SER W 356 -37.83 -39.04 57.32
C SER W 356 -38.02 -38.68 58.79
N LEU W 357 -37.88 -39.67 59.66
CA LEU W 357 -38.04 -39.46 61.10
C LEU W 357 -36.77 -38.89 61.72
N ASN W 358 -35.63 -39.19 61.15
CA ASN W 358 -34.45 -38.61 61.73
C ASN W 358 -34.51 -37.09 61.67
N VAL W 359 -35.09 -36.54 60.60
CA VAL W 359 -34.94 -35.11 60.32
C VAL W 359 -35.54 -34.19 61.37
N LEU W 360 -36.72 -34.54 61.88
CA LEU W 360 -37.36 -33.80 62.97
C LEU W 360 -36.87 -34.29 64.32
N GLU W 361 -36.36 -33.39 65.16
CA GLU W 361 -35.81 -33.79 66.45
C GLU W 361 -36.57 -34.95 67.09
N PRO W 362 -35.84 -35.95 67.57
CA PRO W 362 -36.44 -37.07 68.24
C PRO W 362 -37.05 -36.84 69.59
N ALA W 363 -36.44 -35.99 70.40
CA ALA W 363 -36.90 -35.75 71.76
C ALA W 363 -38.35 -35.26 71.83
N GLU W 364 -38.74 -34.43 70.87
CA GLU W 364 -40.08 -33.86 70.87
C GLU W 364 -40.88 -34.20 69.61
N TYR W 365 -40.18 -34.24 68.47
CA TYR W 365 -40.86 -34.50 67.19
C TYR W 365 -41.19 -35.97 67.00
N ARG W 366 -40.17 -36.78 66.73
CA ARG W 366 -40.34 -38.20 66.46
C ARG W 366 -41.34 -38.87 67.40
N LYS W 367 -41.09 -38.76 68.70
CA LYS W 367 -41.92 -39.41 69.70
C LYS W 367 -43.42 -39.07 69.66
N MET W 368 -43.72 -37.79 69.60
CA MET W 368 -45.11 -37.40 69.60
C MET W 368 -45.74 -38.19 68.50
N PHE W 369 -45.34 -37.88 67.28
CA PHE W 369 -46.03 -38.45 66.13
C PHE W 369 -46.34 -39.91 66.40
N ASP W 370 -45.42 -40.60 67.09
CA ASP W 370 -45.50 -42.03 67.29
C ASP W 370 -46.81 -42.35 67.99
N ARG W 371 -47.24 -41.38 68.77
CA ARG W 371 -48.44 -41.49 69.58
C ARG W 371 -49.69 -41.59 68.72
N LEU W 372 -49.64 -41.06 67.52
CA LEU W 372 -50.84 -41.01 66.69
C LEU W 372 -51.31 -42.43 66.41
N SER W 373 -50.47 -43.38 66.75
CA SER W 373 -50.77 -44.74 66.42
C SER W 373 -52.11 -45.05 67.07
N VAL W 374 -52.45 -44.33 68.13
CA VAL W 374 -53.69 -44.53 68.87
C VAL W 374 -54.95 -44.34 68.02
N PHE W 375 -54.93 -43.32 67.18
CA PHE W 375 -56.10 -42.91 66.39
C PHE W 375 -56.33 -43.62 65.07
N PRO W 376 -57.55 -43.53 64.58
CA PRO W 376 -58.00 -44.36 63.47
C PRO W 376 -57.10 -44.08 62.29
N PRO W 377 -56.85 -45.16 61.45
CA PRO W 377 -55.63 -44.99 60.65
C PRO W 377 -55.66 -43.76 59.76
N SER W 378 -56.81 -43.46 59.18
CA SER W 378 -56.88 -42.27 58.35
C SER W 378 -58.02 -41.46 58.91
N ALA W 379 -57.69 -40.88 60.05
CA ALA W 379 -58.65 -40.21 60.91
C ALA W 379 -58.10 -38.87 61.40
N HIS W 380 -58.90 -38.21 62.22
CA HIS W 380 -58.59 -36.86 62.65
C HIS W 380 -58.26 -36.81 64.14
N ILE W 381 -57.89 -35.64 64.63
CA ILE W 381 -57.59 -35.50 66.05
C ILE W 381 -57.72 -34.07 66.58
N PRO W 382 -58.69 -33.86 67.48
CA PRO W 382 -58.99 -32.60 68.14
C PRO W 382 -57.81 -32.08 68.93
N THR W 383 -57.76 -30.77 69.15
CA THR W 383 -56.58 -30.26 69.83
C THR W 383 -56.44 -30.80 71.25
N ILE W 384 -57.57 -30.87 71.96
CA ILE W 384 -57.57 -31.33 73.34
C ILE W 384 -57.02 -32.75 73.54
N LEU W 385 -57.38 -33.64 72.62
CA LEU W 385 -56.92 -35.04 72.65
C LEU W 385 -55.42 -35.21 72.40
N LEU W 386 -54.87 -34.43 71.47
CA LEU W 386 -53.46 -34.54 71.12
C LEU W 386 -52.59 -34.09 72.28
N SER W 387 -53.10 -33.18 73.10
CA SER W 387 -52.26 -32.62 74.14
C SER W 387 -51.83 -33.72 75.10
N LEU W 388 -52.79 -34.52 75.53
CA LEU W 388 -52.52 -35.49 76.57
C LEU W 388 -51.46 -36.47 76.11
N ILE W 389 -51.46 -36.77 74.83
CA ILE W 389 -50.66 -37.87 74.31
C ILE W 389 -49.14 -37.70 74.47
N SER W 396 -49.93 -23.62 74.94
CA SER W 396 -49.77 -23.45 73.50
C SER W 396 -48.70 -24.38 72.96
N ASP W 397 -47.95 -25.02 73.86
CA ASP W 397 -46.86 -25.88 73.42
C ASP W 397 -47.25 -26.97 72.44
N VAL W 398 -48.35 -27.69 72.69
CA VAL W 398 -48.72 -28.75 71.75
C VAL W 398 -49.07 -28.20 70.37
N MET W 399 -49.69 -27.03 70.35
CA MET W 399 -50.10 -26.39 69.11
C MET W 399 -48.90 -26.03 68.27
N VAL W 400 -47.83 -25.54 68.91
CA VAL W 400 -46.65 -25.19 68.17
C VAL W 400 -45.90 -26.46 67.78
N VAL W 401 -45.77 -27.41 68.71
CA VAL W 401 -44.96 -28.58 68.41
C VAL W 401 -45.59 -29.34 67.24
N VAL W 402 -46.92 -29.44 67.20
CA VAL W 402 -47.51 -30.09 66.04
C VAL W 402 -47.27 -29.21 64.82
N ASN W 403 -47.30 -27.88 65.02
CA ASN W 403 -47.25 -26.97 63.87
C ASN W 403 -45.95 -27.20 63.12
N LYS W 404 -44.90 -27.37 63.89
CA LYS W 404 -43.61 -27.73 63.34
C LYS W 404 -43.74 -29.07 62.68
N LEU W 405 -44.43 -29.98 63.33
CA LEU W 405 -44.57 -31.28 62.74
C LEU W 405 -45.39 -31.12 61.47
N HIS W 406 -46.18 -30.05 61.46
CA HIS W 406 -47.16 -29.94 60.40
C HIS W 406 -46.40 -30.05 59.15
N LYS W 407 -45.26 -29.37 59.13
CA LYS W 407 -44.40 -29.26 57.97
C LYS W 407 -43.60 -30.54 57.70
N TYR W 408 -42.87 -31.07 58.68
CA TYR W 408 -42.00 -32.17 58.30
C TYR W 408 -42.68 -33.52 57.99
N SER W 409 -43.55 -33.99 58.87
CA SER W 409 -44.18 -35.30 58.70
C SER W 409 -45.66 -35.20 58.42
N LEU W 410 -46.33 -36.34 58.34
CA LEU W 410 -47.67 -36.33 57.77
C LEU W 410 -48.64 -35.30 58.41
N VAL W 411 -48.98 -35.41 59.68
CA VAL W 411 -49.19 -34.32 60.65
C VAL W 411 -50.14 -33.18 60.23
N GLU W 412 -51.16 -33.45 59.44
CA GLU W 412 -51.58 -32.38 58.55
C GLU W 412 -52.52 -31.50 59.28
N LYS W 413 -52.01 -30.38 59.74
CA LYS W 413 -52.81 -29.46 60.52
C LYS W 413 -53.90 -28.96 59.62
N GLN W 414 -54.99 -28.53 60.21
CA GLN W 414 -56.12 -28.08 59.44
C GLN W 414 -56.99 -27.09 60.16
N PRO W 415 -57.97 -26.54 59.44
CA PRO W 415 -58.85 -25.53 60.02
C PRO W 415 -59.81 -25.68 61.20
N SER W 418 -60.44 -26.66 65.15
CA SER W 418 -59.00 -26.69 64.90
C SER W 418 -58.46 -28.11 64.95
N THR W 419 -59.29 -29.06 64.55
CA THR W 419 -58.90 -30.47 64.55
C THR W 419 -57.74 -30.72 63.60
N ILE W 420 -57.25 -31.95 63.56
CA ILE W 420 -56.09 -32.30 62.79
C ILE W 420 -56.41 -33.58 62.08
N SER W 421 -55.84 -33.76 60.89
CA SER W 421 -56.04 -35.00 60.13
C SER W 421 -54.66 -35.40 59.64
N ILE W 422 -54.14 -36.48 60.18
CA ILE W 422 -52.83 -37.00 59.75
C ILE W 422 -52.80 -37.76 58.43
N PRO W 423 -51.65 -37.79 57.80
CA PRO W 423 -51.51 -38.38 56.48
C PRO W 423 -51.01 -39.80 56.58
N SER W 424 -51.78 -40.71 56.00
CA SER W 424 -51.72 -42.11 56.30
C SER W 424 -50.41 -42.77 56.02
N ILE W 425 -49.80 -42.42 54.90
CA ILE W 425 -48.84 -43.29 54.24
C ILE W 425 -47.69 -43.61 55.18
N TYR W 426 -47.29 -42.63 55.97
CA TYR W 426 -46.48 -42.82 57.17
C TYR W 426 -47.33 -42.76 58.43
N LEU W 427 -48.61 -42.44 58.26
CA LEU W 427 -49.53 -42.35 59.39
C LEU W 427 -49.91 -43.73 59.90
N GLU W 428 -50.49 -44.55 59.04
CA GLU W 428 -50.91 -45.91 59.41
C GLU W 428 -49.77 -46.91 59.54
N LEU W 429 -48.92 -46.97 58.52
CA LEU W 429 -47.94 -48.04 58.40
C LEU W 429 -46.69 -47.87 59.26
N LYS W 430 -45.97 -46.77 59.04
CA LYS W 430 -44.67 -46.62 59.68
C LYS W 430 -44.72 -46.99 61.15
N VAL W 431 -45.67 -46.31 61.80
CA VAL W 431 -45.85 -46.35 63.22
C VAL W 431 -46.32 -47.70 63.78
N LYS W 432 -47.25 -48.34 63.08
CA LYS W 432 -47.87 -49.57 63.57
C LYS W 432 -46.83 -50.63 63.89
N LEU W 433 -45.86 -50.79 63.00
CA LEU W 433 -44.83 -51.78 63.16
C LEU W 433 -43.94 -51.48 64.36
N GLU W 434 -43.51 -50.23 64.50
CA GLU W 434 -42.60 -49.93 65.59
C GLU W 434 -43.34 -49.28 66.73
N ASN W 435 -43.42 -49.96 67.85
CA ASN W 435 -44.09 -49.36 68.98
C ASN W 435 -43.55 -50.05 70.23
N GLU W 436 -43.77 -49.45 71.39
CA GLU W 436 -43.27 -50.00 72.64
C GLU W 436 -44.52 -49.93 73.49
N TYR W 437 -44.53 -50.46 74.71
CA TYR W 437 -45.83 -50.47 75.34
C TYR W 437 -45.97 -49.16 76.11
N ALA W 438 -46.01 -48.10 75.33
CA ALA W 438 -46.44 -46.77 75.76
C ALA W 438 -47.95 -46.79 75.75
N LEU W 439 -48.49 -47.68 74.91
CA LEU W 439 -49.91 -47.77 74.64
C LEU W 439 -50.77 -47.75 75.89
N HIS W 440 -50.37 -48.51 76.92
CA HIS W 440 -51.25 -48.59 78.09
C HIS W 440 -51.57 -47.19 78.56
N ARG W 441 -50.53 -46.36 78.65
CA ARG W 441 -50.72 -45.01 79.14
C ARG W 441 -51.62 -44.22 78.18
N SER W 442 -51.39 -44.37 76.88
CA SER W 442 -52.16 -43.60 75.90
C SER W 442 -53.65 -43.98 75.93
N ILE W 443 -53.90 -45.28 75.95
CA ILE W 443 -55.26 -45.79 75.92
C ILE W 443 -55.97 -45.38 77.21
N VAL W 444 -55.24 -45.45 78.33
CA VAL W 444 -55.84 -45.10 79.62
C VAL W 444 -56.18 -43.62 79.52
N ASP W 445 -55.33 -42.87 78.83
CA ASP W 445 -55.54 -41.44 78.70
C ASP W 445 -56.88 -41.26 78.00
N HIS W 446 -57.13 -42.11 77.00
CA HIS W 446 -58.38 -42.03 76.25
C HIS W 446 -59.50 -42.32 77.24
N TYR W 447 -59.31 -43.25 78.18
CA TYR W 447 -60.39 -43.44 79.13
C TYR W 447 -60.63 -42.16 79.90
N ASN W 448 -59.54 -41.51 80.30
CA ASN W 448 -59.66 -40.32 81.12
C ASN W 448 -60.37 -39.16 80.43
N ILE W 449 -60.12 -38.96 79.15
CA ILE W 449 -60.73 -37.80 78.49
C ILE W 449 -62.28 -37.86 78.45
N PRO W 450 -62.92 -38.96 78.01
CA PRO W 450 -64.37 -38.86 78.20
C PRO W 450 -64.78 -38.84 79.66
N LYS W 451 -63.93 -39.33 80.54
CA LYS W 451 -64.25 -39.30 81.95
C LYS W 451 -64.38 -37.83 82.31
N THR W 452 -63.42 -37.02 81.86
CA THR W 452 -63.44 -35.59 82.17
C THR W 452 -64.68 -34.95 81.55
N PHE W 453 -64.93 -35.27 80.28
CA PHE W 453 -66.11 -34.73 79.59
C PHE W 453 -67.33 -35.30 80.28
N ASP W 454 -68.19 -34.45 80.82
CA ASP W 454 -69.38 -34.97 81.48
C ASP W 454 -70.41 -33.87 81.65
N SER W 455 -71.64 -34.18 81.31
CA SER W 455 -72.75 -33.25 81.53
C SER W 455 -73.66 -33.93 82.52
N ASP W 456 -74.55 -33.17 83.15
CA ASP W 456 -75.41 -33.74 84.17
C ASP W 456 -76.22 -34.88 83.55
N ASP W 457 -76.85 -34.59 82.41
CA ASP W 457 -77.63 -35.60 81.73
C ASP W 457 -76.79 -36.38 80.72
N LEU W 458 -77.48 -37.18 79.92
CA LEU W 458 -76.89 -38.15 79.01
C LEU W 458 -76.24 -37.59 77.74
N ILE W 459 -76.27 -36.27 77.59
CA ILE W 459 -75.67 -35.62 76.42
C ILE W 459 -74.23 -35.21 76.70
N PRO W 460 -73.27 -35.71 75.81
CA PRO W 460 -71.90 -35.29 76.11
C PRO W 460 -71.46 -34.15 75.20
N PRO W 461 -70.28 -33.59 75.44
CA PRO W 461 -69.78 -32.50 74.61
C PRO W 461 -68.83 -33.01 73.52
N TYR W 462 -69.40 -33.57 72.46
CA TYR W 462 -68.63 -34.32 71.49
C TYR W 462 -68.11 -33.46 70.35
N LEU W 463 -66.79 -33.38 70.24
CA LEU W 463 -66.18 -32.73 69.09
C LEU W 463 -66.62 -33.60 67.93
N ASP W 464 -66.97 -32.95 66.84
CA ASP W 464 -68.02 -33.36 65.93
C ASP W 464 -67.83 -34.71 65.29
N GLN W 465 -66.64 -35.01 64.83
CA GLN W 465 -66.40 -36.27 64.16
C GLN W 465 -65.60 -37.23 65.00
N TYR W 466 -64.48 -36.74 65.52
CA TYR W 466 -63.56 -37.68 66.17
C TYR W 466 -64.22 -38.49 67.22
N PHE W 467 -64.85 -37.80 68.15
CA PHE W 467 -65.38 -38.47 69.30
C PHE W 467 -66.36 -39.53 68.89
N TYR W 468 -67.26 -39.19 67.98
CA TYR W 468 -68.31 -40.12 67.60
C TYR W 468 -67.74 -41.42 67.04
N SER W 469 -66.81 -41.33 66.10
CA SER W 469 -66.22 -42.53 65.49
C SER W 469 -65.27 -43.29 66.43
N HIS W 470 -64.27 -42.55 66.90
CA HIS W 470 -63.11 -43.05 67.63
C HIS W 470 -63.42 -43.58 69.03
N ILE W 471 -64.39 -42.93 69.70
CA ILE W 471 -64.60 -43.17 71.14
C ILE W 471 -64.80 -44.65 71.34
N GLY W 472 -65.63 -45.26 70.51
CA GLY W 472 -65.95 -46.66 70.69
C GLY W 472 -64.71 -47.51 70.53
N HIS W 473 -63.86 -47.17 69.57
CA HIS W 473 -62.66 -47.97 69.31
C HIS W 473 -61.75 -47.98 70.53
N HIS W 474 -61.52 -46.77 71.06
CA HIS W 474 -60.63 -46.61 72.19
C HIS W 474 -61.22 -47.32 73.38
N LEU W 475 -62.55 -47.21 73.50
CA LEU W 475 -63.29 -47.80 74.60
C LEU W 475 -63.16 -49.30 74.56
N LYS W 476 -63.25 -49.85 73.35
CA LYS W 476 -63.19 -51.29 73.16
C LYS W 476 -61.85 -51.74 73.69
N ASN W 477 -60.82 -50.97 73.34
CA ASN W 477 -59.49 -51.36 73.82
C ASN W 477 -59.40 -51.27 75.34
N ILE W 478 -59.94 -50.21 75.95
CA ILE W 478 -59.74 -50.02 77.40
C ILE W 478 -60.45 -51.08 78.28
N GLU W 479 -61.76 -51.27 78.09
CA GLU W 479 -62.63 -52.15 78.89
C GLU W 479 -64.13 -52.13 78.48
N HIS W 480 -64.89 -53.07 79.04
CA HIS W 480 -66.34 -53.18 78.84
C HIS W 480 -67.24 -52.10 79.50
N PRO W 481 -67.06 -51.82 80.83
CA PRO W 481 -68.06 -50.97 81.50
C PRO W 481 -68.31 -49.64 80.78
N GLU W 482 -67.25 -48.98 80.33
CA GLU W 482 -67.41 -47.70 79.67
C GLU W 482 -68.17 -47.95 78.39
N ARG W 483 -67.81 -49.06 77.73
CA ARG W 483 -68.36 -49.38 76.43
C ARG W 483 -69.86 -49.42 76.58
N MET W 484 -70.28 -50.04 77.68
CA MET W 484 -71.68 -50.25 77.95
C MET W 484 -72.44 -48.93 78.00
N THR W 485 -71.94 -47.98 78.78
CA THR W 485 -72.63 -46.69 78.91
C THR W 485 -72.53 -45.78 77.68
N LEU W 486 -71.32 -45.61 77.13
CA LEU W 486 -71.08 -44.68 76.02
C LEU W 486 -71.77 -45.09 74.74
N PHE W 487 -71.66 -46.37 74.40
CA PHE W 487 -72.25 -46.85 73.15
C PHE W 487 -73.71 -46.59 73.22
N ARG W 488 -74.24 -46.58 74.44
CA ARG W 488 -75.60 -46.11 74.60
C ARG W 488 -76.46 -47.15 73.90
N MET W 489 -76.02 -48.37 74.05
CA MET W 489 -76.84 -49.52 73.75
C MET W 489 -77.75 -49.51 74.96
N VAL W 490 -77.14 -49.19 76.09
CA VAL W 490 -77.83 -48.95 77.36
C VAL W 490 -78.67 -47.69 77.17
N PHE W 491 -78.04 -46.63 76.65
CA PHE W 491 -78.69 -45.32 76.61
C PHE W 491 -79.23 -44.88 75.26
N LEU W 492 -80.41 -44.30 75.33
CA LEU W 492 -81.26 -44.09 74.17
C LEU W 492 -80.78 -42.78 73.58
N ASP W 493 -80.06 -42.01 74.40
CA ASP W 493 -79.50 -40.73 73.97
C ASP W 493 -78.53 -40.81 72.79
N PHE W 494 -77.68 -41.83 72.65
CA PHE W 494 -76.77 -41.79 71.49
C PHE W 494 -77.43 -42.29 70.26
N ARG W 495 -78.56 -42.94 70.43
CA ARG W 495 -79.38 -43.18 69.29
C ARG W 495 -79.63 -41.81 68.68
N PHE W 496 -80.17 -40.94 69.53
CA PHE W 496 -80.35 -39.53 69.22
C PHE W 496 -79.11 -38.87 68.65
N LEU W 497 -78.08 -38.68 69.47
CA LEU W 497 -77.07 -37.74 69.06
C LEU W 497 -76.26 -38.27 67.92
N GLU W 498 -75.82 -39.54 68.02
CA GLU W 498 -74.96 -40.06 66.98
C GLU W 498 -75.71 -39.97 65.66
N GLN W 499 -76.97 -40.41 65.69
CA GLN W 499 -77.74 -40.47 64.46
C GLN W 499 -77.95 -39.06 63.88
N LYS W 500 -78.47 -38.09 64.64
CA LYS W 500 -78.73 -36.83 63.95
C LYS W 500 -77.45 -36.04 63.62
N ILE W 501 -76.42 -36.01 64.48
CA ILE W 501 -75.26 -35.20 64.06
C ILE W 501 -74.63 -35.88 62.84
N ARG W 502 -74.52 -37.20 62.80
CA ARG W 502 -73.89 -37.74 61.60
C ARG W 502 -74.91 -37.93 60.48
N HIS W 503 -75.65 -36.84 60.27
CA HIS W 503 -76.53 -36.60 59.14
C HIS W 503 -75.81 -35.79 58.08
N ASN W 516 -73.57 -42.01 57.71
CA ASN W 516 -74.90 -41.95 58.30
C ASN W 516 -75.13 -43.09 59.28
N THR W 517 -76.27 -43.75 59.15
CA THR W 517 -76.62 -44.87 59.99
C THR W 517 -75.60 -45.99 59.80
N LEU W 518 -75.03 -46.05 58.60
CA LEU W 518 -74.14 -47.13 58.19
C LEU W 518 -72.97 -47.31 59.16
N GLN W 519 -72.34 -46.19 59.50
CA GLN W 519 -71.19 -46.19 60.40
C GLN W 519 -71.62 -46.56 61.80
N GLN W 520 -72.78 -46.06 62.19
CA GLN W 520 -73.31 -46.25 63.54
C GLN W 520 -73.42 -47.79 63.68
N LEU W 521 -74.01 -48.43 62.66
CA LEU W 521 -74.20 -49.87 62.63
C LEU W 521 -72.84 -50.54 62.70
N LYS W 522 -71.88 -49.91 62.04
CA LYS W 522 -70.53 -50.43 62.00
C LYS W 522 -70.00 -50.44 63.42
N PHE W 523 -70.29 -49.40 64.20
CA PHE W 523 -69.74 -49.37 65.55
C PHE W 523 -70.35 -50.51 66.31
N TYR W 524 -71.67 -50.65 66.20
CA TYR W 524 -72.30 -51.65 67.03
C TYR W 524 -71.79 -53.07 66.76
N LYS W 525 -71.64 -53.47 65.50
CA LYS W 525 -71.29 -54.88 65.27
C LYS W 525 -69.89 -55.38 65.78
N PRO W 526 -68.75 -54.76 65.38
CA PRO W 526 -67.53 -55.36 65.95
C PRO W 526 -67.28 -55.08 67.44
N TYR W 527 -67.81 -53.97 67.95
CA TYR W 527 -67.55 -53.57 69.33
C TYR W 527 -68.23 -54.43 70.39
N ILE W 528 -69.32 -55.12 70.06
CA ILE W 528 -70.12 -55.78 71.11
C ILE W 528 -69.28 -56.74 71.94
N CYS W 529 -68.24 -57.32 71.35
CA CYS W 529 -67.47 -58.40 71.96
C CYS W 529 -66.95 -58.02 73.34
N ASP W 530 -66.70 -56.74 73.56
CA ASP W 530 -66.15 -56.30 74.83
C ASP W 530 -67.12 -56.66 75.96
N ASP W 532 -71.53 -57.29 79.80
CA ASP W 532 -71.52 -58.74 79.80
C ASP W 532 -72.47 -59.24 78.70
N PRO W 533 -72.75 -60.56 78.62
CA PRO W 533 -73.70 -61.01 77.59
C PRO W 533 -75.17 -60.55 77.71
N LYS W 534 -75.71 -60.44 78.92
CA LYS W 534 -77.14 -60.11 79.08
C LYS W 534 -77.44 -58.75 78.43
N TYR W 535 -76.56 -57.80 78.76
CA TYR W 535 -76.68 -56.47 78.20
C TYR W 535 -76.41 -56.64 76.71
N GLU W 536 -75.53 -57.57 76.36
CA GLU W 536 -75.13 -57.77 74.97
C GLU W 536 -76.32 -58.07 74.06
N ARG W 537 -77.13 -59.05 74.46
CA ARG W 537 -78.25 -59.49 73.65
C ARG W 537 -79.09 -58.25 73.53
N LEU W 538 -79.15 -57.53 74.65
CA LEU W 538 -79.97 -56.34 74.66
C LEU W 538 -79.45 -55.33 73.59
N VAL W 539 -78.14 -55.10 73.53
CA VAL W 539 -77.60 -54.12 72.58
C VAL W 539 -77.90 -54.53 71.16
N ASN W 540 -77.86 -55.83 70.88
CA ASN W 540 -78.14 -56.18 69.49
C ASN W 540 -79.61 -55.87 69.22
N ALA W 541 -80.42 -56.06 70.26
CA ALA W 541 -81.86 -55.84 70.17
C ALA W 541 -82.13 -54.37 69.80
N ILE W 542 -81.42 -53.46 70.48
CA ILE W 542 -81.56 -52.01 70.28
C ILE W 542 -81.08 -51.71 68.86
N LEU W 543 -80.04 -52.43 68.47
CA LEU W 543 -79.35 -52.22 67.21
C LEU W 543 -80.28 -52.48 66.05
N ASP W 544 -81.07 -53.55 66.10
CA ASP W 544 -81.94 -53.82 64.95
C ASP W 544 -82.96 -52.69 64.87
N PHE W 545 -83.39 -52.19 66.01
CA PHE W 545 -84.39 -51.13 66.06
C PHE W 545 -83.91 -49.84 65.43
N LEU W 546 -82.63 -49.56 65.65
CA LEU W 546 -82.03 -48.33 65.20
C LEU W 546 -82.02 -48.08 63.66
N PRO W 547 -81.48 -49.00 62.81
CA PRO W 547 -81.68 -48.69 61.40
C PRO W 547 -83.14 -48.81 60.96
N LYS W 548 -83.94 -49.48 61.77
CA LYS W 548 -85.35 -49.72 61.45
C LYS W 548 -86.08 -48.39 61.32
N ILE W 549 -85.83 -47.47 62.24
CA ILE W 549 -86.47 -46.17 62.22
C ILE W 549 -85.45 -45.04 62.21
N SER W 556 -86.98 -34.53 64.96
CA SER W 556 -87.95 -34.90 66.00
C SER W 556 -87.76 -34.39 67.50
N LYS W 557 -88.52 -33.36 68.01
CA LYS W 557 -88.55 -32.74 69.46
C LYS W 557 -88.44 -33.95 70.38
N TYR W 558 -87.67 -33.79 71.44
CA TYR W 558 -86.92 -34.71 72.18
C TYR W 558 -87.60 -36.16 72.31
N THR W 559 -88.86 -36.02 72.45
CA THR W 559 -89.91 -37.03 72.51
C THR W 559 -89.98 -38.31 71.61
N ASP W 560 -89.84 -38.18 70.32
CA ASP W 560 -90.12 -39.27 69.41
C ASP W 560 -89.22 -40.43 69.79
N LEU W 561 -87.97 -40.13 70.15
CA LEU W 561 -86.99 -41.15 70.45
C LEU W 561 -87.52 -42.04 71.59
N LEU W 562 -88.04 -41.41 72.65
CA LEU W 562 -88.46 -42.17 73.82
C LEU W 562 -89.70 -42.99 73.47
N ARG W 563 -90.57 -42.40 72.64
CA ARG W 563 -91.77 -43.16 72.30
C ARG W 563 -91.49 -44.36 71.42
N ILE W 564 -90.58 -44.25 70.47
CA ILE W 564 -90.26 -45.41 69.66
C ILE W 564 -89.57 -46.41 70.58
N ALA W 565 -88.82 -45.91 71.57
CA ALA W 565 -88.11 -46.78 72.51
C ALA W 565 -89.15 -47.67 73.20
N LEU W 566 -90.34 -47.11 73.39
CA LEU W 566 -91.41 -47.78 74.15
C LEU W 566 -91.86 -49.13 73.58
N MET W 567 -91.68 -49.35 72.28
CA MET W 567 -92.26 -50.54 71.63
C MET W 567 -91.84 -51.87 72.26
N ALA W 568 -90.56 -52.09 72.52
CA ALA W 568 -90.20 -53.39 73.08
C ALA W 568 -89.78 -53.20 74.53
N GLU W 569 -90.51 -53.92 75.40
CA GLU W 569 -90.37 -53.82 76.85
C GLU W 569 -89.04 -54.37 77.38
N ASP W 570 -88.52 -55.38 76.69
CA ASP W 570 -87.33 -56.10 77.15
C ASP W 570 -86.02 -55.31 77.22
N GLU W 571 -85.97 -54.11 76.65
CA GLU W 571 -84.67 -53.48 76.46
C GLU W 571 -84.32 -52.29 77.36
N ALA W 572 -83.01 -52.11 77.54
CA ALA W 572 -82.39 -51.04 78.33
C ALA W 572 -82.64 -49.70 77.68
N ILE W 573 -82.67 -49.69 76.34
CA ILE W 573 -82.93 -48.47 75.61
C ILE W 573 -84.22 -47.88 76.15
N PHE W 574 -85.25 -48.69 76.37
CA PHE W 574 -86.47 -48.10 76.90
C PHE W 574 -86.28 -47.49 78.30
N GLU W 575 -85.56 -48.20 79.17
CA GLU W 575 -85.36 -47.72 80.54
C GLU W 575 -84.63 -46.40 80.55
N GLU W 576 -83.63 -46.32 79.68
CA GLU W 576 -82.84 -45.11 79.54
C GLU W 576 -83.72 -44.02 79.00
N ALA W 577 -84.58 -44.40 78.06
CA ALA W 577 -85.47 -43.47 77.40
C ALA W 577 -86.32 -42.83 78.46
N HIS W 578 -86.76 -43.65 79.40
CA HIS W 578 -87.60 -43.16 80.47
C HIS W 578 -86.77 -42.21 81.32
N LYS W 579 -85.49 -42.53 81.54
CA LYS W 579 -84.69 -41.64 82.38
C LYS W 579 -84.54 -40.28 81.72
N GLN W 580 -84.15 -40.29 80.44
CA GLN W 580 -83.91 -39.06 79.70
C GLN W 580 -85.18 -38.20 79.52
N VAL W 581 -86.38 -38.81 79.48
CA VAL W 581 -87.58 -37.97 79.54
C VAL W 581 -87.72 -37.40 80.94
N GLN W 582 -87.40 -38.22 81.95
CA GLN W 582 -87.43 -37.75 83.34
C GLN W 582 -86.60 -36.47 83.51
N ARG W 583 -85.39 -36.46 82.95
CA ARG W 583 -84.61 -35.22 82.88
C ARG W 583 -84.56 -34.71 81.44
N UNK W 584 -89.90 -47.64 56.59
CA UNK W 584 -89.39 -48.40 55.45
C UNK W 584 -88.04 -49.00 55.83
N UNK W 585 -87.80 -50.21 55.36
CA UNK W 585 -86.56 -50.90 55.64
C UNK W 585 -85.33 -50.05 55.33
N UNK W 586 -85.40 -49.21 54.30
CA UNK W 586 -84.26 -48.37 53.94
C UNK W 586 -84.64 -47.04 53.30
N UNK W 587 -83.89 -46.00 53.62
CA UNK W 587 -84.12 -44.68 53.07
C UNK W 587 -82.81 -44.01 52.65
N UNK W 588 -82.71 -43.72 51.36
CA UNK W 588 -81.52 -43.15 50.75
C UNK W 588 -81.68 -41.69 50.33
N UNK W 589 -80.67 -40.87 50.66
CA UNK W 589 -80.69 -39.46 50.32
C UNK W 589 -79.41 -39.08 49.55
N UNK W 590 -79.38 -39.30 48.22
CA UNK W 590 -78.23 -38.99 47.38
C UNK W 590 -78.38 -37.85 46.36
N UNK W 591 -79.53 -37.19 46.36
CA UNK W 591 -79.72 -36.10 45.42
C UNK W 591 -79.87 -34.79 46.18
N UNK W 592 -79.67 -33.68 45.48
CA UNK W 592 -79.79 -32.39 46.13
C UNK W 592 -81.04 -31.73 45.63
N UNK W 593 -84.23 -32.66 44.34
CA UNK W 593 -85.21 -33.73 44.21
C UNK W 593 -84.66 -34.94 43.46
N UNK W 594 -85.06 -36.14 43.90
CA UNK W 594 -84.66 -37.39 43.27
C UNK W 594 -85.79 -37.75 42.33
N UNK W 595 -85.51 -37.93 41.06
CA UNK W 595 -86.59 -38.27 40.16
C UNK W 595 -86.81 -39.75 39.96
N UNK W 596 -85.73 -40.51 39.88
CA UNK W 596 -85.82 -41.94 39.67
C UNK W 596 -84.66 -42.63 40.36
N UNK W 597 -84.84 -43.90 40.68
CA UNK W 597 -83.81 -44.70 41.35
C UNK W 597 -84.15 -46.16 41.04
N UNK W 598 -83.15 -47.04 41.07
CA UNK W 598 -83.39 -48.44 40.78
C UNK W 598 -82.28 -49.37 41.27
N UNK W 599 -82.58 -50.66 41.34
CA UNK W 599 -81.63 -51.67 41.81
C UNK W 599 -80.76 -52.22 40.70
N UNK W 600 -79.59 -52.73 41.08
CA UNK W 600 -78.70 -53.35 40.11
C UNK W 600 -79.35 -54.70 39.86
N UNK W 601 -78.97 -55.38 38.78
CA UNK W 601 -79.57 -56.66 38.48
C UNK W 601 -79.45 -57.69 39.60
N UNK W 602 -78.40 -57.60 40.41
CA UNK W 602 -78.26 -58.54 41.52
C UNK W 602 -78.81 -57.93 42.81
N UNK W 603 -79.39 -56.74 42.69
CA UNK W 603 -79.97 -56.07 43.85
C UNK W 603 -78.97 -55.53 44.87
N UNK W 604 -77.68 -55.76 44.65
CA UNK W 604 -76.63 -55.29 45.56
C UNK W 604 -76.41 -53.78 45.58
N UNK W 605 -76.70 -53.13 44.47
CA UNK W 605 -76.49 -51.69 44.35
C UNK W 605 -77.76 -50.95 43.93
N UNK W 606 -77.71 -49.62 44.06
CA UNK W 606 -78.82 -48.75 43.68
C UNK W 606 -78.28 -47.51 43.00
N UNK W 607 -78.88 -47.12 41.88
CA UNK W 607 -78.45 -45.91 41.19
C UNK W 607 -79.67 -45.00 41.23
N UNK W 608 -79.43 -43.71 41.40
CA UNK W 608 -80.50 -42.73 41.49
C UNK W 608 -80.09 -41.47 40.77
N UNK W 609 -81.00 -40.87 40.04
CA UNK W 609 -80.71 -39.67 39.29
C UNK W 609 -81.80 -38.65 39.56
N UNK W 610 -81.40 -37.41 39.82
CA UNK W 610 -82.42 -36.41 40.11
C UNK W 610 -82.14 -35.06 39.48
N UNK W 611 -82.78 -34.04 40.04
CA UNK W 611 -82.73 -32.71 39.48
C UNK W 611 -81.40 -32.04 39.81
N UNK W 612 -80.56 -32.71 40.59
CA UNK W 612 -79.28 -32.11 40.91
C UNK W 612 -78.27 -32.35 39.78
N UNK W 613 -78.73 -32.93 38.67
CA UNK W 613 -77.93 -33.21 37.47
C UNK W 613 -76.91 -34.37 37.57
N UNK W 614 -76.80 -35.01 38.72
CA UNK W 614 -75.81 -36.10 38.89
C UNK W 614 -76.32 -37.54 38.83
N UNK W 615 -75.40 -38.48 38.68
CA UNK W 615 -75.73 -39.90 38.66
C UNK W 615 -75.12 -40.39 39.95
N UNK W 616 -75.90 -41.10 40.77
CA UNK W 616 -75.38 -41.58 42.03
C UNK W 616 -75.55 -43.06 42.18
N UNK W 617 -74.61 -43.70 42.87
CA UNK W 617 -74.70 -45.12 43.08
C UNK W 617 -74.18 -45.45 44.46
N UNK W 618 -74.84 -46.39 45.11
CA UNK W 618 -74.51 -46.81 46.47
C UNK W 618 -74.93 -48.26 46.73
N UNK W 619 -74.34 -48.88 47.74
CA UNK W 619 -74.67 -50.25 48.08
C UNK W 619 -76.13 -50.30 48.54
N UNK W 620 -76.85 -51.36 48.17
CA UNK W 620 -78.24 -51.48 48.57
C UNK W 620 -78.31 -51.68 50.08
N UNK W 621 -77.36 -52.45 50.60
CA UNK W 621 -77.26 -52.74 52.02
C UNK W 621 -77.10 -51.56 52.97
N UNK W 622 -76.15 -50.68 52.68
CA UNK W 622 -75.87 -49.55 53.57
C UNK W 622 -75.90 -48.11 53.05
N UNK W 623 -76.16 -47.89 51.77
CA UNK W 623 -76.19 -46.53 51.25
C UNK W 623 -74.80 -45.96 51.06
N UNK W 624 -73.81 -46.77 51.45
CA UNK W 624 -72.40 -46.45 51.34
C UNK W 624 -72.16 -45.97 49.92
N UNK W 625 -71.88 -44.68 49.75
CA UNK W 625 -71.67 -44.15 48.41
C UNK W 625 -70.62 -44.89 47.59
N UNK W 626 -70.96 -45.19 46.33
CA UNK W 626 -70.07 -45.88 45.40
C UNK W 626 -69.66 -44.98 44.25
N UNK W 627 -70.61 -44.24 43.67
CA UNK W 627 -70.29 -43.32 42.57
C UNK W 627 -71.00 -41.96 42.75
N UNK W 628 -70.30 -40.88 42.41
CA UNK W 628 -70.84 -39.53 42.48
C UNK W 628 -70.46 -38.79 41.18
N UNK W 629 -71.13 -39.12 40.09
CA UNK W 629 -70.87 -38.57 38.77
C UNK W 629 -71.72 -37.34 38.43
N UNK W 630 -71.19 -36.45 37.61
CA UNK W 630 -71.93 -35.26 37.19
C UNK W 630 -72.44 -35.62 35.78
N UNK W 631 -73.44 -36.49 35.71
CA UNK W 631 -73.99 -36.99 34.44
C UNK W 631 -74.45 -36.05 33.32
N UNK W 632 -75.21 -35.01 33.63
CA UNK W 632 -75.67 -34.12 32.57
C UNK W 632 -75.64 -32.65 32.90
N UNK W 633 -76.08 -31.86 31.92
CA UNK W 633 -76.12 -30.42 32.03
C UNK W 633 -77.59 -29.98 32.17
N UNK W 634 -78.97 -31.01 32.15
CA UNK W 634 -80.38 -30.72 32.36
C UNK W 634 -81.04 -31.95 33.01
N UNK W 635 -82.12 -31.70 33.74
CA UNK W 635 -82.82 -32.75 34.49
C UNK W 635 -83.02 -34.06 33.75
N UNK W 636 -82.98 -35.16 34.49
CA UNK W 636 -83.13 -36.49 33.90
C UNK W 636 -84.56 -36.98 34.13
N UNK W 637 -84.97 -37.96 33.32
CA UNK W 637 -86.33 -38.50 33.42
C UNK W 637 -86.52 -40.01 33.60
N UNK W 638 -85.49 -40.79 33.30
CA UNK W 638 -85.61 -42.23 33.42
C UNK W 638 -84.23 -42.88 33.31
N UNK W 639 -84.13 -44.09 33.84
CA UNK W 639 -82.88 -44.84 33.82
C UNK W 639 -83.16 -46.35 33.97
N UNK W 640 -82.31 -47.19 33.39
CA UNK W 640 -82.53 -48.63 33.47
C UNK W 640 -81.25 -49.39 33.31
N UNK W 641 -81.29 -50.68 33.65
CA UNK W 641 -80.14 -51.58 33.55
C UNK W 641 -80.37 -52.46 32.32
N UNK W 642 -79.30 -53.02 31.78
CA UNK W 642 -79.41 -53.90 30.62
C UNK W 642 -79.78 -55.29 31.13
N UNK W 643 -79.92 -56.24 30.23
CA UNK W 643 -80.28 -57.60 30.60
C UNK W 643 -79.28 -58.29 31.53
N UNK W 644 -78.01 -57.93 31.44
CA UNK W 644 -76.99 -58.55 32.30
C UNK W 644 -76.37 -57.53 33.25
N UNK W 645 -77.12 -56.47 33.56
CA UNK W 645 -76.65 -55.43 34.45
C UNK W 645 -75.30 -54.90 34.05
N UNK W 646 -74.87 -55.19 32.84
CA UNK W 646 -73.58 -54.72 32.38
C UNK W 646 -73.62 -53.21 32.13
N UNK W 647 -74.80 -52.73 31.78
CA UNK W 647 -74.98 -51.33 31.48
C UNK W 647 -76.18 -50.71 32.17
N UNK W 648 -76.21 -49.38 32.10
CA UNK W 648 -77.29 -48.59 32.66
C UNK W 648 -77.48 -47.45 31.66
N UNK W 649 -78.68 -47.23 31.19
CA UNK W 649 -78.89 -46.14 30.28
C UNK W 649 -79.59 -45.06 31.09
N UNK W 650 -79.63 -43.85 30.54
CA UNK W 650 -80.32 -42.73 31.17
C UNK W 650 -80.74 -41.85 30.03
N UNK W 651 -81.97 -41.37 30.07
CA UNK W 651 -82.45 -40.48 29.04
C UNK W 651 -82.90 -39.22 29.78
N UNK W 652 -82.68 -38.05 29.19
CA UNK W 652 -83.04 -36.80 29.89
C UNK W 652 -83.69 -35.74 29.04
N UNK W 653 -83.93 -34.59 29.68
CA UNK W 653 -84.54 -33.46 29.02
C UNK W 653 -83.64 -32.78 28.00
N UNK W 654 -82.36 -33.16 27.99
CA UNK W 654 -81.44 -32.57 27.03
C UNK W 654 -81.61 -33.31 25.73
N UNK W 655 -82.63 -34.17 25.69
CA UNK W 655 -82.97 -34.94 24.50
C UNK W 655 -81.97 -36.05 24.19
N UNK W 656 -81.02 -36.29 25.08
CA UNK W 656 -80.02 -37.34 24.87
C UNK W 656 -80.31 -38.61 25.65
N UNK W 657 -79.70 -39.70 25.21
CA UNK W 657 -79.80 -41.01 25.84
C UNK W 657 -78.34 -41.41 26.08
N UNK W 658 -78.04 -42.04 27.21
CA UNK W 658 -76.66 -42.40 27.46
C UNK W 658 -76.47 -43.79 28.00
N UNK W 659 -75.32 -44.40 27.68
CA UNK W 659 -75.05 -45.74 28.16
C UNK W 659 -73.84 -45.67 29.06
N UNK W 660 -73.90 -46.35 30.20
CA UNK W 660 -72.80 -46.32 31.15
C UNK W 660 -72.38 -47.73 31.57
N UNK W 661 -71.10 -47.89 31.89
CA UNK W 661 -70.59 -49.16 32.37
C UNK W 661 -71.08 -49.13 33.80
N UNK W 662 -72.00 -50.01 34.15
CA UNK W 662 -72.55 -50.01 35.50
C UNK W 662 -71.50 -50.22 36.57
N UNK W 663 -70.32 -50.68 36.17
CA UNK W 663 -69.26 -50.94 37.13
C UNK W 663 -68.39 -49.74 37.41
N UNK W 664 -68.89 -46.64 35.74
CA UNK W 664 -69.61 -45.40 35.53
C UNK W 664 -69.08 -44.57 34.40
N UNK W 665 -68.18 -45.13 33.60
CA UNK W 665 -67.64 -44.38 32.47
C UNK W 665 -68.64 -44.34 31.32
N UNK W 666 -68.83 -43.15 30.75
CA UNK W 666 -69.75 -42.96 29.64
C UNK W 666 -69.33 -43.93 28.54
N UNK W 667 -70.25 -44.74 28.07
CA UNK W 667 -69.97 -45.73 27.03
C UNK W 667 -70.68 -45.34 25.73
N UNK W 668 -73.05 -41.80 23.72
CA UNK W 668 -74.33 -41.14 23.84
C UNK W 668 -75.06 -41.11 22.50
N UNK W 669 -76.39 -41.12 22.55
CA UNK W 669 -77.22 -41.11 21.37
C UNK W 669 -78.12 -39.89 21.36
N UNK W 670 -77.81 -38.90 20.55
CA UNK W 670 -78.65 -37.72 20.46
C UNK W 670 -79.37 -37.75 19.14
N UNK W 671 -80.68 -37.96 19.17
CA UNK W 671 -81.48 -38.01 17.94
C UNK W 671 -82.90 -37.61 18.20
N UNK W 672 -85.36 -39.17 21.96
CA UNK W 672 -85.73 -40.57 22.04
C UNK W 672 -86.27 -40.88 23.44
N UNK W 673 -87.52 -41.33 23.49
CA UNK W 673 -88.26 -41.62 24.73
C UNK W 673 -88.12 -43.05 25.24
N UNK W 674 -88.31 -44.03 24.36
CA UNK W 674 -88.20 -45.43 24.73
C UNK W 674 -86.80 -45.96 24.52
N UNK W 675 -86.38 -46.87 25.40
CA UNK W 675 -85.11 -47.59 25.26
C UNK W 675 -85.10 -48.79 26.21
N UNK W 676 -85.14 -49.97 25.60
CA UNK W 676 -85.17 -51.24 26.30
C UNK W 676 -84.23 -52.29 25.67
N UNK W 677 -83.62 -53.14 26.49
CA UNK W 677 -82.70 -54.17 26.01
C UNK W 677 -83.41 -55.49 25.77
N UNK W 678 -82.70 -56.45 25.18
CA UNK W 678 -83.27 -57.78 24.95
C UNK W 678 -83.19 -58.54 26.26
N UNK W 679 -84.18 -59.40 26.53
CA UNK W 679 -84.21 -60.16 27.79
C UNK W 679 -83.28 -61.36 27.85
N UNK W 680 -83.28 -62.15 26.78
CA UNK W 680 -82.43 -63.32 26.73
C UNK W 680 -80.94 -63.01 26.80
N UNK W 681 -80.29 -63.64 27.77
CA UNK W 681 -78.87 -63.50 28.04
C UNK W 681 -78.02 -63.93 26.85
N UNK W 682 -78.68 -64.29 25.77
CA UNK W 682 -77.97 -64.72 24.58
C UNK W 682 -77.56 -63.52 23.73
N UNK W 683 -78.52 -62.97 22.97
CA UNK W 683 -78.28 -61.81 22.12
C UNK W 683 -78.29 -60.51 22.94
N UNK W 684 -77.71 -59.45 22.37
CA UNK W 684 -77.60 -58.16 23.06
C UNK W 684 -78.04 -56.97 22.22
N UNK W 685 -79.35 -56.77 22.06
CA UNK W 685 -79.83 -55.66 21.27
C UNK W 685 -80.48 -54.58 22.10
N UNK W 686 -80.59 -53.40 21.51
CA UNK W 686 -81.21 -52.26 22.19
C UNK W 686 -82.24 -51.68 21.25
N UNK W 687 -83.43 -51.41 21.77
CA UNK W 687 -84.50 -50.85 20.98
C UNK W 687 -84.82 -49.47 21.49
N UNK W 688 -85.00 -48.53 20.59
CA UNK W 688 -85.30 -47.17 20.97
C UNK W 688 -86.45 -46.59 20.14
N UNK W 689 -87.32 -45.83 20.81
CA UNK W 689 -88.44 -45.18 20.15
C UNK W 689 -88.19 -43.70 20.28
N UNK W 690 -88.52 -42.92 19.26
CA UNK W 690 -88.28 -41.48 19.34
C UNK W 690 -89.41 -40.63 18.80
N UNK W 691 -89.37 -39.34 19.11
CA UNK W 691 -90.37 -38.39 18.63
C UNK W 691 -90.26 -38.24 17.12
N UNK W 692 -89.19 -38.78 16.54
CA UNK W 692 -88.99 -38.69 15.10
C UNK W 692 -89.79 -39.77 14.36
N UNK W 693 -90.65 -40.47 15.09
CA UNK W 693 -91.52 -41.52 14.52
C UNK W 693 -90.85 -42.85 14.25
N UNK W 694 -89.55 -42.96 14.48
CA UNK W 694 -88.89 -44.23 14.22
C UNK W 694 -88.57 -44.99 15.47
N UNK W 695 -88.19 -46.24 15.24
CA UNK W 695 -87.78 -47.19 16.25
C UNK W 695 -86.42 -47.67 15.74
N UNK W 696 -85.49 -47.97 16.62
CA UNK W 696 -84.21 -48.45 16.14
C UNK W 696 -83.68 -49.62 16.93
N UNK W 697 -83.05 -50.55 16.21
CA UNK W 697 -82.44 -51.70 16.85
C UNK W 697 -80.97 -51.43 16.72
N UNK W 698 -80.24 -51.56 17.83
CA UNK W 698 -78.80 -51.33 17.82
C UNK W 698 -78.17 -52.63 18.25
N UNK W 699 -77.04 -52.96 17.63
CA UNK W 699 -76.31 -54.17 17.96
C UNK W 699 -75.09 -53.61 18.69
N UNK W 700 -75.15 -53.57 20.01
CA UNK W 700 -74.06 -53.05 20.83
C UNK W 700 -72.69 -53.54 20.43
N UNK W 701 -72.66 -54.65 19.71
CA UNK W 701 -71.41 -55.23 19.23
C UNK W 701 -71.09 -54.64 17.86
N UNK W 702 -71.55 -53.42 17.60
CA UNK W 702 -71.31 -52.80 16.31
C UNK W 702 -71.45 -51.29 16.38
N UNK W 703 -70.43 -50.58 15.92
CA UNK W 703 -70.45 -49.12 15.94
C UNK W 703 -71.66 -48.54 15.19
N UNK W 704 -72.46 -49.41 14.59
CA UNK W 704 -73.61 -48.93 13.81
C UNK W 704 -75.01 -49.39 14.21
N UNK W 705 -75.99 -48.67 13.66
CA UNK W 705 -77.40 -48.94 13.86
C UNK W 705 -77.60 -50.26 13.13
N UNK W 706 -78.59 -51.05 13.53
CA UNK W 706 -78.81 -52.33 12.85
C UNK W 706 -80.07 -52.31 12.03
N UNK W 707 -81.03 -51.52 12.45
CA UNK W 707 -82.29 -51.43 11.74
C UNK W 707 -83.01 -50.16 12.15
N UNK W 708 -83.90 -49.70 11.29
CA UNK W 708 -84.67 -48.50 11.56
C UNK W 708 -86.09 -48.81 11.15
N UNK W 709 -86.93 -49.17 12.12
CA UNK W 709 -88.30 -49.50 11.80
C UNK W 709 -89.14 -48.30 11.43
N UNK W 710 -89.48 -48.18 10.15
CA UNK W 710 -90.32 -47.08 9.74
C UNK W 710 -91.76 -47.58 9.84
N UNK W 711 -96.29 -37.96 21.45
CA UNK W 711 -96.20 -39.40 21.69
C UNK W 711 -95.31 -39.56 22.91
N UNK W 712 -95.88 -40.06 24.00
CA UNK W 712 -95.14 -40.19 25.23
C UNK W 712 -94.51 -41.52 25.51
N UNK W 713 -94.92 -42.56 24.80
CA UNK W 713 -94.36 -43.86 25.11
C UNK W 713 -94.67 -44.83 23.99
N UNK W 714 -93.89 -45.90 23.87
CA UNK W 714 -94.06 -46.90 22.81
C UNK W 714 -93.23 -48.14 23.14
N UNK W 715 -93.82 -49.31 22.90
CA UNK W 715 -93.15 -50.57 23.17
C UNK W 715 -93.45 -51.57 22.07
N UNK W 716 -92.45 -52.33 21.68
CA UNK W 716 -92.68 -53.34 20.67
C UNK W 716 -93.41 -54.46 21.38
N UNK W 717 -94.17 -55.25 20.65
CA UNK W 717 -94.85 -56.37 21.26
C UNK W 717 -93.81 -57.46 21.43
N UNK W 718 -94.06 -58.41 22.35
CA UNK W 718 -93.08 -59.48 22.53
C UNK W 718 -92.85 -60.12 21.17
N UNK W 719 -94.20 -58.19 15.99
CA UNK W 719 -95.06 -57.79 14.88
C UNK W 719 -95.85 -56.50 15.10
N UNK W 720 -96.05 -56.11 16.35
CA UNK W 720 -96.80 -54.89 16.63
C UNK W 720 -96.03 -53.87 17.41
N UNK W 721 -96.43 -52.61 17.29
CA UNK W 721 -95.77 -51.52 18.00
C UNK W 721 -96.87 -50.76 18.72
N UNK W 722 -96.92 -50.88 20.03
CA UNK W 722 -97.92 -50.16 20.78
C UNK W 722 -97.43 -48.73 20.99
N UNK W 723 -98.35 -47.79 20.97
CA UNK W 723 -97.99 -46.39 21.13
C UNK W 723 -98.98 -45.67 22.02
N UNK W 724 -98.42 -44.85 22.90
CA UNK W 724 -99.18 -44.12 23.90
C UNK W 724 -98.94 -42.62 23.76
N UNK W 725 -100.03 -41.84 23.78
CA UNK W 725 -99.91 -40.39 23.60
C UNK W 725 -100.79 -39.54 24.49
N UNK W 726 -100.72 -38.23 24.24
CA UNK W 726 -101.47 -37.24 24.97
C UNK W 726 -102.83 -37.03 24.30
N UNK W 727 -102.96 -37.51 23.07
CA UNK W 727 -104.21 -37.36 22.36
C UNK W 727 -105.29 -38.27 22.91
N UNK W 728 -105.00 -38.94 24.02
CA UNK W 728 -105.99 -39.81 24.65
C UNK W 728 -106.17 -41.18 24.00
N UNK W 729 -105.19 -41.62 23.23
CA UNK W 729 -105.30 -42.92 22.58
C UNK W 729 -104.16 -43.90 22.92
N UNK W 730 -104.42 -45.18 22.63
CA UNK W 730 -103.43 -46.23 22.76
C UNK W 730 -103.48 -46.63 21.29
N UNK W 731 -102.37 -47.05 20.69
CA UNK W 731 -102.45 -47.39 19.29
C UNK W 731 -101.55 -48.52 18.92
N UNK W 732 -102.01 -49.37 18.01
CA UNK W 732 -101.20 -50.49 17.59
C UNK W 732 -100.81 -50.38 16.13
N UNK W 733 -99.58 -49.97 15.88
CA UNK W 733 -99.09 -49.88 14.53
C UNK W 733 -98.56 -51.25 14.14
N UNK W 734 -98.47 -51.49 12.84
CA UNK W 734 -97.98 -52.77 12.31
C UNK W 734 -96.53 -52.60 11.87
N UNK W 735 -95.61 -53.14 12.65
CA UNK W 735 -94.20 -52.98 12.34
C UNK W 735 -93.79 -53.22 10.88
N UNK W 736 -94.08 -54.41 10.37
CA UNK W 736 -93.70 -54.74 9.01
C UNK W 736 -94.11 -53.70 7.97
N UNK W 737 -95.15 -52.91 8.26
CA UNK W 737 -95.60 -51.93 7.28
C UNK W 737 -95.81 -50.51 7.81
N UNK W 738 -95.53 -50.30 9.09
CA UNK W 738 -95.71 -48.99 9.72
C UNK W 738 -97.11 -48.39 9.49
N UNK W 739 -98.14 -49.23 9.48
CA UNK W 739 -99.53 -48.81 9.28
C UNK W 739 -100.31 -48.81 10.58
N UNK W 740 -101.25 -47.91 10.72
CA UNK W 740 -102.05 -47.88 11.96
C UNK W 740 -103.11 -49.00 11.86
N UNK W 741 -103.06 -49.97 12.78
CA UNK W 741 -104.01 -51.07 12.79
C UNK W 741 -105.21 -50.75 13.67
N UNK W 742 -104.98 -50.23 14.87
CA UNK W 742 -106.09 -49.88 15.75
C UNK W 742 -105.77 -48.64 16.57
N UNK W 743 -106.79 -48.11 17.22
CA UNK W 743 -106.65 -46.95 18.06
C UNK W 743 -107.68 -47.11 19.16
N UNK W 744 -107.26 -46.92 20.41
CA UNK W 744 -108.17 -47.07 21.54
C UNK W 744 -108.30 -45.80 22.34
N UNK W 745 -109.44 -45.13 22.19
CA UNK W 745 -109.67 -43.90 22.92
C UNK W 745 -109.87 -44.17 24.41
N UNK W 746 -109.23 -43.37 25.26
CA UNK W 746 -109.42 -43.54 26.69
C UNK W 746 -110.44 -42.49 27.14
N UNK W 747 -111.64 -43.02 27.41
CA UNK W 747 -112.83 -42.26 27.81
C UNK W 747 -113.34 -42.65 29.19
N UNK W 748 -112.43 -42.91 30.13
CA UNK W 748 -112.85 -43.31 31.47
C UNK W 748 -112.83 -42.13 32.40
N UNK W 749 -112.92 -40.94 31.84
CA UNK W 749 -112.88 -39.73 32.63
C UNK W 749 -114.02 -38.76 32.26
N UNK W 750 -114.65 -38.20 33.29
CA UNK W 750 -115.78 -37.31 33.10
C UNK W 750 -115.59 -35.99 33.85
N UNK W 751 -97.75 -42.60 30.13
CA UNK W 751 -96.93 -43.66 30.70
C UNK W 751 -97.32 -44.97 30.01
N UNK W 752 -96.36 -45.84 29.72
CA UNK W 752 -96.70 -47.11 29.10
C UNK W 752 -95.56 -48.08 29.09
N UNK W 753 -95.54 -48.92 30.12
CA UNK W 753 -94.49 -49.92 30.31
C UNK W 753 -94.87 -51.35 29.98
N UNK W 754 -93.83 -52.14 29.72
CA UNK W 754 -93.95 -53.56 29.37
C UNK W 754 -93.99 -54.48 30.56
N UNK W 755 -94.44 -55.71 30.32
CA UNK W 755 -94.48 -56.69 31.39
C UNK W 755 -93.09 -57.29 31.47
N UNK W 756 -92.87 -58.14 32.47
CA UNK W 756 -91.56 -58.75 32.67
C UNK W 756 -91.12 -59.63 31.50
N UNK W 757 -92.06 -60.39 30.98
CA UNK W 757 -91.79 -61.28 29.88
C UNK W 757 -91.88 -60.55 28.54
N UNK W 758 -92.24 -59.28 28.57
CA UNK W 758 -92.35 -58.52 27.32
C UNK W 758 -93.50 -58.98 26.45
N UNK W 759 -94.42 -59.73 27.04
CA UNK W 759 -95.56 -60.25 26.30
C UNK W 759 -96.85 -59.49 26.62
N UNK W 760 -96.75 -58.45 27.43
CA UNK W 760 -97.92 -57.66 27.77
C UNK W 760 -97.49 -56.23 28.00
N UNK W 761 -98.42 -55.29 27.82
CA UNK W 761 -98.10 -53.88 27.99
C UNK W 761 -99.26 -53.17 28.68
N UNK W 762 -98.97 -52.31 29.66
CA UNK W 762 -100.08 -51.61 30.28
C UNK W 762 -99.97 -50.17 29.81
N UNK W 763 -101.12 -49.50 29.67
CA UNK W 763 -101.14 -48.10 29.26
C UNK W 763 -102.19 -47.34 30.04
N UNK W 764 -102.08 -46.02 30.05
CA UNK W 764 -103.00 -45.18 30.80
C UNK W 764 -103.59 -44.05 29.95
N UNK W 765 -104.85 -43.72 30.25
CA UNK W 765 -105.57 -42.66 29.55
C UNK W 765 -106.81 -42.21 30.34
N UNK W 766 -109.34 -41.85 32.57
CA UNK W 766 -109.59 -42.53 33.82
C UNK W 766 -109.17 -43.98 33.96
N UNK W 767 -108.54 -44.56 32.95
CA UNK W 767 -108.20 -45.96 33.10
C UNK W 767 -106.80 -46.40 32.72
N UNK W 768 -106.43 -47.55 33.25
CA UNK W 768 -105.17 -48.21 32.98
C UNK W 768 -105.69 -49.41 32.21
N UNK W 769 -105.02 -49.78 31.13
CA UNK W 769 -105.45 -50.90 30.30
C UNK W 769 -104.31 -51.87 30.04
N UNK W 770 -104.60 -53.16 30.14
CA UNK W 770 -103.59 -54.17 29.90
C UNK W 770 -103.80 -54.85 28.56
N UNK W 771 -102.82 -54.71 27.68
CA UNK W 771 -102.89 -55.30 26.36
C UNK W 771 -101.96 -56.46 26.14
N UNK W 772 -102.38 -57.34 25.23
CA UNK W 772 -101.59 -58.49 24.86
C UNK W 772 -100.78 -58.03 23.66
N UNK W 773 -99.47 -57.88 23.84
CA UNK W 773 -98.57 -57.42 22.77
C UNK W 773 -98.77 -58.14 21.42
N UNK W 774 -101.78 -60.72 20.21
CA UNK W 774 -103.16 -60.58 19.77
C UNK W 774 -103.68 -59.14 19.78
N UNK W 775 -103.07 -58.27 20.58
CA UNK W 775 -103.50 -56.87 20.69
C UNK W 775 -104.83 -56.81 21.44
N UNK W 776 -105.07 -57.83 22.25
CA UNK W 776 -106.29 -57.88 23.00
C UNK W 776 -106.20 -57.14 24.31
N UNK W 777 -107.35 -56.67 24.76
CA UNK W 777 -107.43 -55.93 26.02
C UNK W 777 -107.63 -56.95 27.11
N UNK W 778 -106.57 -57.26 27.86
CA UNK W 778 -106.67 -58.24 28.92
C UNK W 778 -107.19 -57.71 30.24
N UNK W 779 -107.31 -56.39 30.35
CA UNK W 779 -107.80 -55.81 31.61
C UNK W 779 -108.10 -54.33 31.54
N UNK W 780 -109.04 -53.91 32.35
CA UNK W 780 -109.45 -52.52 32.39
C UNK W 780 -109.85 -52.12 33.80
N UNK W 781 -108.91 -51.55 34.55
CA UNK W 781 -109.24 -51.10 35.89
C UNK W 781 -109.58 -49.61 35.77
N UNK W 782 -109.47 -49.63 38.64
CA UNK W 782 -109.92 -48.25 38.61
C UNK W 782 -109.35 -47.55 39.82
N UNK W 783 -108.62 -46.47 39.57
CA UNK W 783 -107.97 -45.73 40.63
C UNK W 783 -108.84 -44.70 41.33
N UNK W 784 -108.58 -39.08 40.19
CA UNK W 784 -107.41 -38.20 40.21
C UNK W 784 -106.75 -38.55 38.88
N UNK W 785 -105.44 -38.44 38.78
CA UNK W 785 -104.75 -38.80 37.55
C UNK W 785 -103.40 -39.46 37.83
N UNK W 786 -103.20 -40.64 37.27
CA UNK W 786 -101.95 -41.37 37.44
C UNK W 786 -100.84 -40.52 36.86
N UNK W 787 -99.84 -40.22 37.69
CA UNK W 787 -98.72 -39.39 37.25
C UNK W 787 -97.58 -40.23 36.64
N UNK W 788 -97.47 -41.49 37.03
CA UNK W 788 -96.43 -42.37 36.46
C UNK W 788 -96.65 -43.82 36.88
N UNK W 789 -96.03 -44.74 36.15
CA UNK W 789 -96.15 -46.17 36.44
C UNK W 789 -95.03 -47.02 35.83
N UNK W 790 -95.08 -48.33 36.08
CA UNK W 790 -94.09 -49.22 35.51
C UNK W 790 -94.54 -50.63 35.73
N UNK W 791 -94.52 -51.39 34.64
CA UNK W 791 -94.94 -52.77 34.62
C UNK W 791 -93.77 -53.70 34.91
N UNK W 792 -93.95 -54.57 35.89
CA UNK W 792 -92.91 -55.52 36.29
C UNK W 792 -92.68 -56.59 35.22
N UNK W 793 -91.68 -57.44 35.42
CA UNK W 793 -91.46 -58.49 34.41
C UNK W 793 -92.01 -59.82 34.90
N UNK W 794 -92.52 -59.82 36.14
CA UNK W 794 -93.09 -61.01 36.78
C UNK W 794 -94.35 -60.64 37.56
N UNK W 795 -95.09 -61.67 37.95
CA UNK W 795 -96.33 -61.49 38.72
C UNK W 795 -97.29 -60.43 38.17
N UNK W 796 -97.13 -60.07 36.90
CA UNK W 796 -97.97 -59.05 36.25
C UNK W 796 -98.10 -57.85 37.18
N UNK W 797 -97.07 -57.56 37.97
CA UNK W 797 -97.13 -56.44 38.88
C UNK W 797 -96.93 -55.14 38.15
N UNK W 798 -97.60 -54.11 38.64
CA UNK W 798 -97.50 -52.80 38.05
C UNK W 798 -97.47 -51.79 39.18
N UNK W 799 -96.52 -50.87 39.14
CA UNK W 799 -96.44 -49.85 40.18
C UNK W 799 -96.79 -48.53 39.55
N UNK W 800 -97.63 -47.78 40.22
CA UNK W 800 -98.03 -46.49 39.70
C UNK W 800 -98.03 -45.46 40.79
N UNK W 801 -97.49 -44.28 40.48
CA UNK W 801 -97.49 -43.20 41.43
C UNK W 801 -98.87 -42.65 41.15
N UNK W 802 -97.93 -38.04 45.99
CA UNK W 802 -97.28 -38.95 46.92
C UNK W 802 -97.93 -40.30 47.31
N UNK W 803 -98.99 -40.69 46.63
CA UNK W 803 -99.61 -41.98 46.92
C UNK W 803 -98.99 -42.98 45.98
N UNK W 804 -98.53 -44.10 46.50
CA UNK W 804 -97.91 -45.09 45.64
C UNK W 804 -98.51 -46.44 45.92
N UNK W 805 -99.11 -47.05 44.91
CA UNK W 805 -99.69 -48.36 45.10
C UNK W 805 -99.33 -49.26 43.95
N UNK W 806 -98.99 -50.52 44.25
CA UNK W 806 -98.67 -51.44 43.18
C UNK W 806 -99.84 -52.39 43.06
N UNK W 807 -100.28 -52.60 41.81
CA UNK W 807 -101.41 -53.44 41.46
C UNK W 807 -101.02 -54.72 40.76
N UNK W 808 -101.99 -55.59 40.64
CA UNK W 808 -101.84 -56.88 40.02
C UNK W 808 -102.71 -56.93 38.76
N UNK W 809 -102.13 -56.65 37.60
CA UNK W 809 -102.89 -56.71 36.35
C UNK W 809 -103.32 -58.16 36.30
N UNK W 810 -104.26 -58.51 35.44
CA UNK W 810 -104.71 -59.91 35.37
C UNK W 810 -105.67 -60.21 36.53
N UNK W 811 -106.44 -57.64 38.45
CA UNK W 811 -107.04 -56.30 38.43
C UNK W 811 -107.38 -55.79 39.82
N UNK W 812 -106.54 -56.14 40.79
CA UNK W 812 -106.74 -55.74 42.19
C UNK W 812 -105.51 -55.06 42.79
N UNK W 813 -105.72 -54.15 43.73
CA UNK W 813 -104.56 -53.54 44.37
C UNK W 813 -103.95 -54.60 45.28
N UNK W 814 -102.61 -54.61 45.33
CA UNK W 814 -101.84 -55.57 46.10
C UNK W 814 -101.19 -54.94 47.32
N UNK W 815 -100.71 -53.72 47.19
CA UNK W 815 -100.06 -53.07 48.31
C UNK W 815 -100.11 -51.57 48.26
N UNK W 816 -100.12 -50.96 49.43
CA UNK W 816 -100.09 -49.51 49.54
C UNK W 816 -98.70 -49.17 50.00
N UNK W 817 -98.02 -48.35 49.24
CA UNK W 817 -96.66 -47.96 49.57
C UNK W 817 -96.62 -46.52 50.04
N UNK W 818 -96.62 -46.35 51.35
CA UNK W 818 -96.60 -45.02 51.93
C UNK W 818 -95.17 -44.64 52.25
N UNK W 819 -94.64 -43.64 51.57
CA UNK W 819 -93.27 -43.22 51.82
C UNK W 819 -93.00 -41.73 51.67
N UNK W 820 -93.82 -41.06 50.87
CA UNK W 820 -93.62 -39.63 50.63
C UNK W 820 -94.84 -38.81 51.05
N UNK W 821 -94.63 -37.54 51.35
CA UNK W 821 -95.73 -36.64 51.71
C UNK W 821 -95.66 -35.44 50.77
N UNK W 822 -94.11 -35.27 50.18
CA UNK W 822 -93.81 -34.48 48.99
C UNK W 822 -94.02 -35.42 47.82
N UNK W 823 -94.46 -34.86 46.70
CA UNK W 823 -94.72 -35.59 45.46
C UNK W 823 -93.90 -36.83 45.11
N UNK W 824 -94.56 -37.92 44.77
CA UNK W 824 -93.84 -39.16 44.45
C UNK W 824 -93.85 -39.31 42.94
N UNK W 825 -92.69 -39.23 42.33
CA UNK W 825 -92.56 -39.31 40.88
C UNK W 825 -92.53 -40.71 40.33
N UNK W 826 -91.83 -41.60 41.00
CA UNK W 826 -91.74 -42.95 40.51
C UNK W 826 -91.81 -43.98 41.60
N UNK W 827 -91.93 -45.23 41.19
CA UNK W 827 -92.06 -46.29 42.16
C UNK W 827 -91.97 -47.62 41.42
N UNK W 828 -91.24 -48.60 41.96
CA UNK W 828 -91.23 -49.89 41.29
C UNK W 828 -90.72 -51.06 42.10
N UNK W 829 -91.09 -52.26 41.64
CA UNK W 829 -90.71 -53.49 42.31
C UNK W 829 -89.31 -53.92 41.98
N UNK W 830 -88.73 -54.70 42.89
CA UNK W 830 -87.42 -55.26 42.68
C UNK W 830 -87.72 -56.30 41.62
N UNK W 831 -86.69 -56.91 41.04
CA UNK W 831 -87.01 -57.90 40.01
C UNK W 831 -87.80 -59.12 40.49
N UNK W 832 -87.56 -59.59 41.72
CA UNK W 832 -88.31 -60.74 42.21
C UNK W 832 -89.59 -60.26 42.87
N UNK W 833 -89.83 -58.97 42.75
CA UNK W 833 -91.03 -58.38 43.33
C UNK W 833 -91.09 -58.54 44.83
N UNK W 834 -89.97 -58.85 45.45
CA UNK W 834 -89.96 -59.04 46.89
C UNK W 834 -89.96 -57.70 47.59
N UNK W 835 -89.56 -56.66 46.90
CA UNK W 835 -89.54 -55.34 47.52
C UNK W 835 -89.77 -54.30 46.43
N UNK W 836 -89.96 -53.05 46.83
CA UNK W 836 -90.16 -51.97 45.87
C UNK W 836 -89.53 -50.69 46.38
N UNK W 837 -89.27 -49.75 45.48
CA UNK W 837 -88.65 -48.49 45.87
C UNK W 837 -89.60 -47.34 45.57
N UNK W 838 -89.41 -46.24 46.28
CA UNK W 838 -90.23 -45.04 46.11
C UNK W 838 -89.30 -43.87 45.81
N UNK W 839 -89.59 -43.11 44.76
CA UNK W 839 -88.76 -41.95 44.41
C UNK W 839 -89.57 -40.65 44.47
N UNK W 840 -89.12 -39.68 45.24
CA UNK W 840 -89.89 -38.46 45.35
C UNK W 840 -89.19 -37.10 45.31
N UNK W 841 -90.05 -36.09 45.35
CA UNK W 841 -89.67 -34.70 45.32
C UNK W 841 -88.95 -34.29 46.59
N UNK W 842 -89.19 -35.02 47.67
CA UNK W 842 -88.50 -34.74 48.93
C UNK W 842 -87.08 -35.27 48.77
N UNK W 843 -86.67 -35.40 47.50
CA UNK W 843 -85.36 -35.88 47.12
C UNK W 843 -84.84 -37.11 47.85
N UNK W 844 -85.74 -38.03 48.16
CA UNK W 844 -85.31 -39.25 48.81
C UNK W 844 -85.76 -40.45 48.00
N UNK W 845 -85.15 -41.58 48.26
CA UNK W 845 -85.48 -42.83 47.61
C UNK W 845 -85.59 -43.79 48.75
N UNK W 846 -86.73 -44.45 48.89
CA UNK W 846 -86.90 -45.40 50.00
C UNK W 846 -87.21 -46.80 49.51
N UNK W 847 -86.58 -47.79 50.13
CA UNK W 847 -86.80 -49.17 49.75
C UNK W 847 -87.70 -49.84 50.76
N UNK W 848 -88.73 -50.50 50.23
CA UNK W 848 -89.71 -51.20 51.06
C UNK W 848 -89.73 -52.67 50.71
N UNK W 849 -90.11 -53.49 51.68
CA UNK W 849 -90.24 -54.92 51.45
C UNK W 849 -91.72 -55.21 51.43
N UNK W 850 -92.21 -55.65 50.27
CA UNK W 850 -93.62 -55.96 50.06
C UNK W 850 -94.27 -56.74 51.17
N UNK W 851 -93.77 -57.94 51.42
CA UNK W 851 -94.33 -58.79 52.46
C UNK W 851 -94.71 -57.96 53.69
N UNK W 852 -93.71 -57.36 54.34
CA UNK W 852 -93.93 -56.55 55.54
C UNK W 852 -94.93 -55.40 55.34
N UNK W 853 -94.98 -54.82 54.16
CA UNK W 853 -95.90 -53.70 53.92
C UNK W 853 -97.35 -54.14 53.78
N UNK W 854 -97.57 -55.27 53.12
CA UNK W 854 -98.92 -55.79 52.90
C UNK W 854 -99.58 -56.39 54.14
N UNK W 855 -98.77 -56.70 55.15
CA UNK W 855 -99.34 -57.26 56.36
C UNK W 855 -100.34 -56.27 56.92
N UNK W 856 -101.46 -56.80 57.37
CA UNK W 856 -102.52 -55.99 57.95
C UNK W 856 -102.00 -55.34 59.22
N UNK W 857 -108.23 -51.07 57.81
CA UNK W 857 -107.80 -50.74 59.15
C UNK W 857 -107.96 -49.26 59.49
N UNK W 858 -107.94 -49.00 60.79
CA UNK W 858 -108.09 -47.68 61.35
C UNK W 858 -106.75 -46.99 61.52
N UNK W 859 -105.69 -47.57 60.98
CA UNK W 859 -104.40 -46.94 61.13
C UNK W 859 -104.37 -45.63 60.34
N UNK W 860 -104.95 -45.63 59.14
CA UNK W 860 -104.99 -44.41 58.32
C UNK W 860 -106.41 -43.94 58.10
N UNK W 861 -106.68 -42.70 58.47
CA UNK W 861 -108.01 -42.15 58.30
C UNK W 861 -107.88 -40.90 57.49
N UNK W 862 -109.02 -40.28 57.23
CA UNK W 862 -109.09 -39.03 56.47
C UNK W 862 -109.09 -37.98 57.57
N UNK W 863 -109.11 -36.71 57.20
CA UNK W 863 -109.12 -35.66 58.22
C UNK W 863 -110.53 -35.28 58.67
N UNK W 864 -111.52 -35.99 58.14
CA UNK W 864 -112.89 -35.77 58.51
C UNK W 864 -113.20 -36.70 59.68
N UNK W 865 -113.14 -36.15 60.89
CA UNK W 865 -113.40 -36.91 62.10
C UNK W 865 -114.12 -36.07 63.13
N UNK W 866 -114.71 -36.75 64.11
CA UNK W 866 -115.39 -36.06 65.19
C UNK W 866 -115.06 -36.79 66.49
N UNK W 867 -114.80 -36.01 67.53
CA UNK W 867 -114.39 -36.53 68.84
C UNK W 867 -115.34 -36.21 69.99
N UNK W 868 -115.46 -37.15 70.91
CA UNK W 868 -116.31 -36.99 72.09
C UNK W 868 -115.53 -37.36 73.34
N UNK W 869 -115.12 -36.35 74.09
CA UNK W 869 -114.37 -36.54 75.33
C UNK W 869 -115.31 -36.87 76.49
N UNK W 870 -115.45 -38.16 76.79
CA UNK W 870 -116.33 -38.57 77.87
C UNK W 870 -115.62 -38.99 79.16
N UNK W 871 -112.62 -41.53 79.29
CA UNK W 871 -112.00 -41.84 78.00
C UNK W 871 -112.36 -40.88 76.84
N UNK W 872 -111.68 -41.07 75.71
CA UNK W 872 -111.92 -40.26 74.51
C UNK W 872 -112.45 -41.14 73.37
N UNK W 873 -113.34 -40.56 72.57
CA UNK W 873 -113.96 -41.26 71.45
C UNK W 873 -113.82 -40.52 70.12
N UNK W 874 -113.27 -41.21 69.13
CA UNK W 874 -113.07 -40.63 67.82
C UNK W 874 -113.77 -41.45 66.73
N UNK W 875 -114.64 -40.79 65.97
CA UNK W 875 -115.36 -41.43 64.89
C UNK W 875 -114.68 -40.82 63.67
N UNK W 876 -114.24 -41.65 62.74
CA UNK W 876 -113.55 -41.09 61.59
C UNK W 876 -113.86 -41.74 60.27
N UNK W 877 -113.80 -40.94 59.21
CA UNK W 877 -114.03 -41.40 57.85
C UNK W 877 -112.79 -42.19 57.42
N UNK W 878 -112.94 -43.48 57.17
CA UNK W 878 -111.79 -44.29 56.76
C UNK W 878 -111.14 -43.76 55.48
N UNK W 879 -109.83 -43.98 55.37
CA UNK W 879 -109.06 -43.52 54.21
C UNK W 879 -109.49 -44.21 52.91
N UNK W 880 -116.13 -45.77 57.91
CA UNK W 880 -115.69 -44.95 59.01
C UNK W 880 -115.39 -45.84 60.20
N UNK W 881 -114.45 -45.38 61.02
CA UNK W 881 -114.02 -46.14 62.19
C UNK W 881 -114.46 -45.51 63.51
N UNK W 882 -114.92 -46.35 64.42
CA UNK W 882 -115.32 -45.88 65.73
C UNK W 882 -114.10 -46.17 66.60
N UNK W 883 -113.19 -45.20 66.68
CA UNK W 883 -111.96 -45.34 67.45
C UNK W 883 -112.08 -44.85 68.88
N UNK W 884 -111.81 -45.75 69.82
CA UNK W 884 -111.88 -45.42 71.24
C UNK W 884 -110.45 -45.21 71.74
N UNK W 885 -110.02 -43.96 71.86
CA UNK W 885 -108.68 -43.68 72.34
C UNK W 885 -108.53 -44.28 73.72
N UNK W 886 -107.31 -44.64 74.11
CA UNK W 886 -107.12 -45.25 75.42
C UNK W 886 -107.77 -46.65 75.36
N UNK W 887 -109.90 -50.93 70.67
CA UNK W 887 -111.32 -50.95 70.32
C UNK W 887 -111.72 -50.14 69.08
N UNK W 888 -111.37 -50.67 67.92
CA UNK W 888 -111.68 -50.05 66.65
C UNK W 888 -112.83 -50.83 66.02
N UNK W 889 -113.91 -50.14 65.73
CA UNK W 889 -115.07 -50.76 65.14
C UNK W 889 -115.42 -50.14 63.81
N UNK W 890 -115.38 -50.98 62.79
CA UNK W 890 -115.62 -50.61 61.42
C UNK W 890 -117.08 -50.67 61.00
N UNK W 891 -117.45 -49.71 60.17
CA UNK W 891 -118.80 -49.59 59.65
C UNK W 891 -118.61 -49.28 58.18
N UNK W 892 -118.81 -50.28 57.32
CA UNK W 892 -118.66 -50.10 55.87
C UNK W 892 -119.70 -49.15 55.31
N UNK W 893 -119.41 -48.56 54.16
CA UNK W 893 -120.36 -47.65 53.54
C UNK W 893 -119.86 -47.06 52.23
N UNK W 894 -118.14 -42.43 52.65
CA UNK W 894 -118.75 -41.25 53.24
C UNK W 894 -117.86 -40.05 52.97
N UNK W 895 -118.37 -38.86 53.27
CA UNK W 895 -117.63 -37.63 53.06
C UNK W 895 -117.46 -36.82 54.34
N UNK W 896 -118.23 -37.16 55.36
CA UNK W 896 -118.14 -36.46 56.62
C UNK W 896 -118.77 -37.28 57.72
N UNK W 897 -118.27 -37.09 58.93
CA UNK W 897 -118.77 -37.87 60.04
C UNK W 897 -119.55 -37.04 61.05
N UNK W 898 -120.11 -37.73 62.05
CA UNK W 898 -120.90 -37.08 63.07
C UNK W 898 -121.23 -38.03 64.22
N UNK W 899 -121.05 -37.55 65.45
CA UNK W 899 -121.34 -38.37 66.64
C UNK W 899 -122.42 -37.73 67.50
N UNK W 900 -123.42 -38.51 67.86
CA UNK W 900 -124.50 -38.00 68.69
C UNK W 900 -124.10 -38.11 70.13
N UNK W 901 -124.00 -36.99 70.85
CA UNK W 901 -123.61 -37.08 72.26
C UNK W 901 -124.40 -38.23 72.88
N UNK W 902 -125.60 -43.39 68.40
CA UNK W 902 -125.92 -43.06 67.01
C UNK W 902 -124.75 -42.36 66.35
N UNK W 903 -124.50 -42.68 65.08
CA UNK W 903 -123.45 -42.03 64.31
C UNK W 903 -124.11 -41.64 63.00
N UNK W 904 -123.75 -40.51 62.44
CA UNK W 904 -124.33 -40.11 61.18
C UNK W 904 -123.25 -39.74 60.18
N UNK W 905 -123.56 -39.85 58.89
CA UNK W 905 -122.54 -39.47 57.92
C UNK W 905 -123.00 -38.90 56.59
N UNK W 906 -122.11 -38.09 56.03
CA UNK W 906 -122.35 -37.44 54.77
C UNK W 906 -122.00 -38.39 53.65
N UNK W 907 -122.40 -38.05 52.44
CA UNK W 907 -122.17 -38.91 51.30
C UNK W 907 -121.67 -38.10 50.12
N UNK W 908 -120.96 -38.76 49.21
CA UNK W 908 -120.42 -38.09 48.04
C UNK W 908 -121.57 -37.59 47.16
N UNK W 909 -126.28 -38.25 50.02
CA UNK W 909 -127.05 -39.06 50.97
C UNK W 909 -126.72 -38.77 52.43
N UNK W 910 -127.69 -39.02 53.30
CA UNK W 910 -127.53 -38.82 54.74
C UNK W 910 -128.01 -40.09 55.45
N UNK W 911 -127.25 -40.58 56.41
CA UNK W 911 -127.65 -41.80 57.12
C UNK W 911 -127.27 -41.82 58.60
N UNK W 912 -128.18 -42.29 59.43
CA UNK W 912 -127.90 -42.42 60.85
C UNK W 912 -127.83 -43.89 61.09
N UNK W 913 -126.82 -44.33 61.85
CA UNK W 913 -126.68 -45.73 62.18
C UNK W 913 -126.78 -45.75 63.69
N UNK W 914 -127.46 -46.76 64.24
CA UNK W 914 -127.56 -46.82 65.68
C UNK W 914 -126.62 -47.87 66.25
N UNK W 915 -125.61 -47.40 66.95
CA UNK W 915 -124.58 -48.23 67.54
C UNK W 915 -125.07 -49.36 68.47
N UNK W 916 -125.94 -49.05 69.44
CA UNK W 916 -126.41 -50.11 70.33
C UNK W 916 -126.66 -51.38 69.53
N UNK W 917 -127.12 -51.20 68.30
CA UNK W 917 -127.41 -52.32 67.42
C UNK W 917 -126.27 -52.53 66.42
N UNK W 918 -129.23 -51.75 62.08
CA UNK W 918 -130.45 -50.97 61.79
C UNK W 918 -130.15 -49.48 61.76
N UNK W 919 -130.43 -48.85 60.61
CA UNK W 919 -130.18 -47.43 60.43
C UNK W 919 -131.27 -46.87 59.50
N UNK W 920 -131.06 -45.65 59.04
CA UNK W 920 -132.09 -44.87 58.37
C UNK W 920 -131.50 -43.94 57.30
N UNK W 921 -132.29 -43.59 56.29
CA UNK W 921 -131.82 -42.73 55.20
C UNK W 921 -132.76 -41.57 54.90
N UNK W 922 -132.38 -40.37 55.33
CA UNK W 922 -133.22 -39.21 55.09
C UNK W 922 -132.93 -38.48 53.80
N UNK W 923 -133.77 -38.72 52.79
CA UNK W 923 -133.66 -38.11 51.45
C UNK W 923 -133.39 -36.61 51.24
N UNK W 924 -121.05 -31.80 53.25
CA UNK W 924 -119.94 -31.19 53.97
C UNK W 924 -120.11 -31.33 55.47
N UNK W 925 -120.32 -30.23 56.18
CA UNK W 925 -120.49 -30.32 57.63
C UNK W 925 -121.79 -31.11 57.93
N UNK W 926 -121.87 -31.76 59.10
CA UNK W 926 -123.07 -32.53 59.51
C UNK W 926 -123.12 -32.75 61.02
N UNK W 927 -124.18 -32.29 61.67
CA UNK W 927 -124.24 -32.42 63.12
C UNK W 927 -125.61 -32.78 63.71
N UNK W 928 -125.60 -33.32 64.92
CA UNK W 928 -126.82 -33.69 65.64
C UNK W 928 -127.25 -32.49 66.47
N UNK W 929 -128.51 -32.47 66.88
CA UNK W 929 -129.01 -31.37 67.70
C UNK W 929 -128.54 -31.65 69.11
N UNK W 930 -128.65 -30.66 70.00
CA UNK W 930 -128.25 -30.85 71.38
C UNK W 930 -128.74 -32.24 71.83
N UNK W 931 -131.05 -33.74 62.60
CA UNK W 931 -129.71 -33.68 62.02
C UNK W 931 -129.50 -32.52 61.08
N UNK W 932 -128.83 -31.48 61.54
CA UNK W 932 -128.55 -30.36 60.64
C UNK W 932 -127.38 -30.77 59.75
N UNK W 933 -127.47 -30.42 58.47
CA UNK W 933 -126.41 -30.77 57.54
C UNK W 933 -126.35 -29.79 56.40
N UNK W 934 -125.14 -29.54 55.91
CA UNK W 934 -124.94 -28.62 54.81
C UNK W 934 -124.16 -29.31 53.71
N UNK W 935 -124.30 -28.78 52.51
CA UNK W 935 -123.59 -29.26 51.35
C UNK W 935 -123.05 -28.06 50.62
N UNK W 936 -122.68 -28.29 49.36
CA UNK W 936 -122.04 -27.27 48.54
C UNK W 936 -123.04 -26.38 47.80
N UNK W 937 -124.18 -26.14 48.41
CA UNK W 937 -125.21 -25.28 47.84
C UNK W 937 -125.77 -24.40 48.97
N UNK W 938 -126.80 -23.60 48.70
CA UNK W 938 -127.34 -22.68 49.72
C UNK W 938 -128.43 -23.13 50.72
N UNK W 939 -128.80 -24.40 50.71
CA UNK W 939 -129.82 -24.84 51.65
C UNK W 939 -129.18 -25.62 52.80
N UNK W 940 -129.78 -25.57 53.98
CA UNK W 940 -129.26 -26.32 55.14
C UNK W 940 -130.33 -27.29 55.65
N UNK W 941 -130.23 -28.55 55.28
CA UNK W 941 -131.21 -29.55 55.72
C UNK W 941 -131.32 -29.77 57.21
N UNK W 942 -132.54 -29.61 57.75
CA UNK W 942 -132.80 -29.84 59.17
C UNK W 942 -133.74 -31.02 59.29
N UNK W 943 -133.20 -32.22 59.08
CA UNK W 943 -133.95 -33.47 59.11
C UNK W 943 -134.19 -34.01 60.49
N UNK W 944 -135.35 -33.68 61.03
CA UNK W 944 -135.73 -34.15 62.35
C UNK W 944 -136.12 -35.62 62.16
N UNK W 945 -135.12 -36.47 62.00
CA UNK W 945 -135.32 -37.91 61.83
C UNK W 945 -136.16 -38.43 63.01
N UNK W 946 -139.86 -35.57 59.59
CA UNK W 946 -140.08 -34.15 59.30
C UNK W 946 -138.81 -33.50 58.76
N UNK W 947 -138.99 -32.42 58.03
CA UNK W 947 -137.88 -31.68 57.46
C UNK W 947 -138.11 -30.20 57.56
N UNK W 948 -137.04 -29.46 57.80
CA UNK W 948 -137.11 -28.02 57.88
C UNK W 948 -135.97 -27.60 56.98
N UNK W 949 -136.27 -26.82 55.95
CA UNK W 949 -135.26 -26.37 55.01
C UNK W 949 -134.96 -24.89 55.21
N UNK W 950 -133.70 -24.54 55.08
CA UNK W 950 -133.28 -23.16 55.25
C UNK W 950 -132.70 -22.66 53.92
N UNK W 951 -133.55 -22.09 53.07
CA UNK W 951 -133.10 -21.58 51.77
C UNK W 951 -132.43 -20.24 51.99
N UNK W 952 -131.13 -20.32 52.27
CA UNK W 952 -130.33 -19.14 52.50
C UNK W 952 -130.26 -18.27 51.26
N UNK W 953 -130.48 -18.90 50.11
CA UNK W 953 -130.45 -18.22 48.83
C UNK W 953 -129.09 -17.52 48.68
N UNK W 954 -124.91 -18.30 48.43
CA UNK W 954 -124.26 -18.92 47.28
C UNK W 954 -123.96 -20.36 47.67
N UNK W 955 -123.37 -20.51 48.85
CA UNK W 955 -123.03 -21.81 49.42
C UNK W 955 -122.75 -21.58 50.89
N UNK W 956 -123.30 -22.45 51.74
CA UNK W 956 -123.07 -22.35 53.16
C UNK W 956 -121.64 -22.78 53.41
N UNK W 957 -120.79 -21.84 53.80
CA UNK W 957 -119.39 -22.15 54.07
C UNK W 957 -119.40 -23.19 55.18
N UNK W 958 -120.14 -22.89 56.24
CA UNK W 958 -120.28 -23.81 57.36
C UNK W 958 -121.31 -23.28 58.34
N UNK W 959 -121.53 -24.02 59.42
CA UNK W 959 -122.51 -23.62 60.40
C UNK W 959 -122.20 -24.27 61.73
N UNK W 960 -123.01 -23.96 62.73
CA UNK W 960 -122.83 -24.54 64.06
C UNK W 960 -124.08 -24.29 64.90
N UNK W 961 -124.45 -25.31 65.69
CA UNK W 961 -125.60 -25.19 66.55
C UNK W 961 -125.45 -23.96 67.42
N UNK W 962 -126.53 -23.58 68.09
CA UNK W 962 -126.48 -22.41 68.96
C UNK W 962 -127.36 -22.65 70.18
N UNK W 963 -132.34 -24.04 70.06
CA UNK W 963 -132.80 -24.37 68.73
C UNK W 963 -132.44 -23.33 67.67
N UNK W 964 -131.65 -22.34 68.07
CA UNK W 964 -131.20 -21.30 67.15
C UNK W 964 -129.90 -21.85 66.51
N UNK W 965 -129.60 -21.46 65.26
CA UNK W 965 -128.40 -21.96 64.58
C UNK W 965 -127.67 -20.91 63.74
N UNK W 966 -126.41 -20.67 64.07
CA UNK W 966 -125.57 -19.70 63.38
C UNK W 966 -125.05 -20.23 62.04
N UNK W 967 -125.14 -19.42 60.99
CA UNK W 967 -124.71 -19.86 59.67
C UNK W 967 -124.05 -18.78 58.84
N UNK W 968 -123.00 -19.16 58.12
CA UNK W 968 -122.24 -18.24 57.27
C UNK W 968 -121.95 -18.88 55.92
N UNK W 969 -122.20 -18.12 54.87
CA UNK W 969 -121.96 -18.59 53.51
C UNK W 969 -120.80 -17.74 53.06
N UNK W 970 -120.31 -17.97 51.86
CA UNK W 970 -119.22 -17.13 51.40
C UNK W 970 -119.74 -16.04 50.48
N UNK W 971 -120.61 -15.22 51.08
CA UNK W 971 -121.23 -14.05 50.47
C UNK W 971 -121.19 -12.95 51.53
N UNK W 972 -120.25 -13.10 52.46
CA UNK W 972 -120.06 -12.13 53.53
C UNK W 972 -121.19 -12.14 54.53
N UNK W 973 -122.21 -12.93 54.24
CA UNK W 973 -123.37 -13.03 55.09
C UNK W 973 -123.27 -14.06 56.20
N UNK W 974 -123.85 -13.72 57.33
CA UNK W 974 -123.90 -14.57 58.51
C UNK W 974 -125.34 -14.48 58.98
N UNK W 975 -126.02 -15.60 59.14
CA UNK W 975 -127.40 -15.53 59.57
C UNK W 975 -127.63 -16.27 60.88
N UNK W 976 -128.78 -16.03 61.50
CA UNK W 976 -129.15 -16.69 62.76
C UNK W 976 -130.50 -17.41 62.64
N UNK W 977 -130.54 -18.51 61.90
CA UNK W 977 -131.77 -19.26 61.70
C UNK W 977 -132.36 -19.85 62.97
N UNK W 978 -133.63 -20.21 62.89
CA UNK W 978 -134.36 -20.82 63.98
C UNK W 978 -134.78 -22.18 63.44
N UNK W 979 -134.41 -23.26 64.11
CA UNK W 979 -134.84 -24.56 63.63
C UNK W 979 -136.29 -24.70 64.09
N UNK W 980 -136.73 -19.86 60.03
CA UNK W 980 -136.93 -18.43 59.97
C UNK W 980 -135.67 -17.64 60.29
N UNK W 981 -135.23 -16.85 59.31
CA UNK W 981 -134.04 -16.03 59.44
C UNK W 981 -134.26 -14.87 60.39
N UNK W 982 -134.06 -15.12 61.68
CA UNK W 982 -134.22 -14.08 62.68
C UNK W 982 -133.25 -12.94 62.34
N UNK W 983 -131.95 -13.23 62.40
CA UNK W 983 -130.94 -12.22 62.10
C UNK W 983 -130.24 -12.48 60.77
N UNK W 984 -129.73 -11.41 60.16
CA UNK W 984 -129.04 -11.50 58.88
C UNK W 984 -128.05 -10.34 58.73
N UNK W 985 -126.77 -10.65 58.64
CA UNK W 985 -125.71 -9.62 58.50
C UNK W 985 -124.95 -9.79 57.19
N UNK W 986 -124.28 -8.72 56.78
CA UNK W 986 -123.43 -8.73 55.58
C UNK W 986 -122.12 -8.15 56.10
N UNK W 987 -121.51 -8.89 57.03
CA UNK W 987 -120.27 -8.51 57.70
C UNK W 987 -118.95 -8.56 56.93
N UNK W 988 -118.99 -8.96 55.65
CA UNK W 988 -117.78 -9.02 54.83
C UNK W 988 -118.18 -8.97 53.36
N UNK W 989 -117.32 -8.43 52.52
CA UNK W 989 -117.62 -8.34 51.09
C UNK W 989 -117.05 -9.54 50.34
N UNK W 990 -114.06 -18.72 59.02
CA UNK W 990 -114.55 -19.24 60.29
C UNK W 990 -115.00 -18.10 61.20
N UNK W 991 -115.91 -18.40 62.12
CA UNK W 991 -116.43 -17.38 63.02
C UNK W 991 -117.05 -18.11 64.20
N UNK W 992 -116.76 -17.67 65.42
CA UNK W 992 -117.30 -18.35 66.59
C UNK W 992 -118.05 -17.43 67.52
N UNK W 993 -118.73 -18.02 68.50
CA UNK W 993 -119.50 -17.26 69.47
C UNK W 993 -118.71 -17.10 70.75
N UNK W 994 -119.16 -16.16 71.59
CA UNK W 994 -118.50 -15.87 72.85
C UNK W 994 -118.91 -16.88 73.91
N UNK W 995 -123.43 -14.68 75.01
CA UNK W 995 -123.54 -14.83 73.57
C UNK W 995 -123.61 -13.41 73.07
N UNK W 996 -123.41 -12.48 73.99
CA UNK W 996 -123.46 -11.07 73.64
C UNK W 996 -122.57 -10.85 72.42
N UNK W 997 -121.56 -11.70 72.28
CA UNK W 997 -120.61 -11.56 71.19
C UNK W 997 -120.46 -12.82 70.30
N UNK W 998 -120.23 -12.60 69.01
CA UNK W 998 -120.05 -13.68 68.04
C UNK W 998 -119.31 -13.07 66.86
N UNK W 999 -118.01 -13.30 66.76
CA UNK W 999 -117.25 -12.71 65.68
C UNK W 999 -116.93 -13.60 64.50
N UNK W 1000 -116.49 -12.94 63.43
CA UNK W 1000 -116.14 -13.58 62.16
C UNK W 1000 -114.68 -13.44 61.83
N UNK W 1001 -114.34 -13.94 60.64
CA UNK W 1001 -113.00 -13.94 60.09
C UNK W 1001 -113.21 -14.25 58.63
N UNK W 1002 -112.64 -13.47 57.72
CA UNK W 1002 -112.89 -13.76 56.32
C UNK W 1002 -112.03 -12.97 55.37
N UNK W 1003 -109.96 -9.17 57.46
CA UNK W 1003 -109.75 -8.99 58.89
C UNK W 1003 -110.69 -9.87 59.69
N UNK W 1004 -110.89 -9.50 60.95
CA UNK W 1004 -111.78 -10.23 61.85
C UNK W 1004 -112.76 -9.29 62.53
N UNK W 1005 -113.84 -8.96 61.81
CA UNK W 1005 -114.89 -8.07 62.32
C UNK W 1005 -115.66 -8.80 63.41
N UNK W 1006 -115.72 -8.19 64.59
CA UNK W 1006 -116.42 -8.78 65.73
C UNK W 1006 -117.68 -7.99 66.10
N UNK W 1007 -118.79 -8.68 66.36
CA UNK W 1007 -120.03 -7.99 66.74
C UNK W 1007 -120.88 -8.59 67.86
N UNK W 1008 -122.11 -8.05 68.00
CA UNK W 1008 -123.06 -8.43 69.07
C UNK W 1008 -124.43 -9.02 68.71
N UNK W 1009 -118.86 -4.16 65.60
CA UNK W 1009 -118.39 -3.36 66.73
C UNK W 1009 -117.06 -2.71 66.32
N UNK W 1010 -116.14 -3.50 65.75
CA UNK W 1010 -114.87 -2.94 65.28
C UNK W 1010 -114.05 -3.85 64.37
N UNK W 1011 -113.63 -3.29 63.23
CA UNK W 1011 -112.83 -4.00 62.24
C UNK W 1011 -111.37 -4.10 62.72
N UNK W 1012 -110.83 -5.32 62.70
CA UNK W 1012 -109.45 -5.61 63.15
C UNK W 1012 -108.52 -5.91 61.99
N UNK W 1013 -108.15 -4.91 61.21
CA UNK W 1013 -107.29 -5.12 60.03
C UNK W 1013 -105.82 -5.40 60.36
N UNK W 1014 -105.58 -6.33 61.27
CA UNK W 1014 -104.21 -6.66 61.64
C UNK W 1014 -103.48 -7.58 60.66
N UNK W 1015 -104.00 -8.79 60.49
CA UNK W 1015 -103.39 -9.80 59.60
C UNK W 1015 -103.14 -9.35 58.17
N UNK W 1016 -101.98 -9.74 57.64
CA UNK W 1016 -101.61 -9.40 56.27
C UNK W 1016 -101.90 -10.58 55.36
N UNK W 1017 -104.49 -12.96 55.86
CA UNK W 1017 -105.95 -13.18 55.82
C UNK W 1017 -106.40 -14.19 56.88
N UNK W 1018 -107.30 -13.76 57.75
CA UNK W 1018 -107.78 -14.62 58.82
C UNK W 1018 -108.47 -15.87 58.29
N UNK W 1019 -108.37 -16.95 59.06
CA UNK W 1019 -108.97 -18.21 58.69
C UNK W 1019 -109.60 -18.93 59.87
N UNK W 1020 -109.42 -18.38 61.07
CA UNK W 1020 -110.00 -18.97 62.26
C UNK W 1020 -109.93 -18.01 63.44
N UNK W 1021 -110.61 -18.35 64.53
CA UNK W 1021 -110.60 -17.50 65.73
C UNK W 1021 -111.42 -18.09 66.85
N UNK W 1022 -111.20 -17.58 68.06
CA UNK W 1022 -111.93 -18.05 69.22
C UNK W 1022 -111.93 -17.00 70.32
N UNK W 1023 -112.93 -17.09 71.19
CA UNK W 1023 -113.07 -16.14 72.29
C UNK W 1023 -112.55 -16.77 73.58
N UNK W 1024 -111.86 -15.98 74.39
CA UNK W 1024 -111.35 -16.49 75.66
C UNK W 1024 -112.57 -16.90 76.45
N UNK W 1025 -112.48 -18.01 77.18
CA UNK W 1025 -113.60 -18.49 77.96
C UNK W 1025 -114.03 -17.39 78.94
N UNK W 1026 -110.68 -11.78 75.33
CA UNK W 1026 -109.80 -11.87 74.17
C UNK W 1026 -110.39 -12.69 73.02
N UNK W 1027 -109.91 -12.37 71.83
CA UNK W 1027 -110.32 -13.03 70.61
C UNK W 1027 -109.07 -13.21 69.75
N UNK W 1028 -108.56 -14.45 69.73
CA UNK W 1028 -107.37 -14.78 68.95
C UNK W 1028 -107.79 -15.14 67.54
N UNK W 1029 -107.05 -14.65 66.56
CA UNK W 1029 -107.37 -14.91 65.17
C UNK W 1029 -106.28 -15.61 64.38
N UNK W 1030 -106.70 -16.51 63.50
CA UNK W 1030 -105.77 -17.30 62.70
C UNK W 1030 -105.46 -16.70 61.34
N UNK W 1031 -104.17 -16.48 61.11
CA UNK W 1031 -103.66 -15.91 59.87
C UNK W 1031 -103.35 -16.98 58.85
N UNK W 1032 -103.55 -16.64 57.59
CA UNK W 1032 -103.30 -17.55 56.49
C UNK W 1032 -101.79 -17.74 56.31
N UNK W 1033 -101.02 -16.91 57.00
CA UNK W 1033 -99.56 -17.00 56.92
C UNK W 1033 -98.93 -17.21 58.29
N UNK W 1034 -99.40 -18.25 58.97
CA UNK W 1034 -98.86 -18.58 60.27
C UNK W 1034 -98.87 -17.49 61.31
N UNK W 1035 -99.44 -16.33 60.98
CA UNK W 1035 -99.49 -15.24 61.94
C UNK W 1035 -100.67 -15.49 62.87
N UNK W 1036 -100.73 -14.77 63.97
CA UNK W 1036 -101.82 -14.96 64.90
C UNK W 1036 -101.60 -13.76 65.79
N UNK W 1037 -102.58 -12.87 65.81
CA UNK W 1037 -102.65 -11.76 66.76
C UNK W 1037 -103.72 -12.02 67.79
N UNK W 1038 -103.49 -11.53 69.00
CA UNK W 1038 -104.46 -11.67 70.07
C UNK W 1038 -105.11 -10.29 70.12
N UNK W 1039 -106.44 -10.26 70.24
CA UNK W 1039 -107.15 -8.99 70.33
C UNK W 1039 -107.93 -8.99 71.64
N UNK W 1040 -108.42 -7.83 72.07
CA UNK W 1040 -109.16 -7.73 73.32
C UNK W 1040 -110.64 -7.35 73.17
N UNK W 1041 -101.61 -8.08 71.53
CA UNK W 1041 -100.27 -8.50 71.10
C UNK W 1041 -100.34 -9.47 69.93
N UNK W 1042 -99.37 -9.38 69.03
CA UNK W 1042 -99.33 -10.25 67.86
C UNK W 1042 -98.31 -11.41 67.91
N UNK W 1043 -98.40 -12.26 68.92
CA UNK W 1043 -97.49 -13.40 69.04
C UNK W 1043 -97.63 -14.27 67.80
N UNK W 1044 -96.69 -14.17 66.86
CA UNK W 1044 -96.77 -14.96 65.64
C UNK W 1044 -95.47 -15.13 64.83
N UNK W 1045 -94.52 -15.94 65.33
CA UNK W 1045 -93.24 -16.18 64.64
C UNK W 1045 -93.39 -16.95 63.33
N UNK W 1046 -100.35 -21.82 57.09
CA UNK W 1046 -101.69 -21.65 57.62
C UNK W 1046 -101.72 -21.79 59.14
N UNK W 1047 -102.87 -21.46 59.72
CA UNK W 1047 -103.16 -21.56 61.14
C UNK W 1047 -104.66 -21.82 61.12
N UNK W 1048 -105.04 -23.07 60.96
CA UNK W 1048 -106.44 -23.41 60.85
C UNK W 1048 -107.22 -23.61 62.14
N UNK W 1049 -106.72 -23.11 63.26
CA UNK W 1049 -107.47 -23.31 64.48
C UNK W 1049 -106.79 -22.72 65.72
N UNK W 1050 -107.61 -22.35 66.70
CA UNK W 1050 -107.13 -21.81 67.97
C UNK W 1050 -108.11 -22.20 69.05
N UNK W 1051 -107.73 -21.97 70.31
CA UNK W 1051 -108.58 -22.30 71.44
C UNK W 1051 -107.86 -21.77 72.67
N UNK W 1052 -108.57 -21.00 73.47
CA UNK W 1052 -108.02 -20.55 74.73
C UNK W 1052 -108.24 -21.67 75.73
N UNK W 1053 -107.53 -21.61 76.84
CA UNK W 1053 -107.64 -22.62 77.89
C UNK W 1053 -108.70 -22.14 78.88
N UNK W 1054 -109.18 -23.03 79.76
CA UNK W 1054 -110.17 -22.48 80.69
C UNK W 1054 -109.54 -21.27 81.38
N UNK W 1055 -108.41 -21.51 82.03
CA UNK W 1055 -107.67 -20.46 82.75
C UNK W 1055 -107.49 -19.15 81.97
N UNK W 1056 -107.81 -19.14 80.69
CA UNK W 1056 -107.70 -17.95 79.85
C UNK W 1056 -106.27 -17.42 79.77
N UNK W 1057 -105.29 -18.32 79.87
CA UNK W 1057 -103.87 -17.93 79.83
C UNK W 1057 -103.07 -18.61 78.71
N UNK W 1058 -103.33 -19.91 78.50
CA UNK W 1058 -102.64 -20.68 77.47
C UNK W 1058 -103.50 -20.79 76.21
N UNK W 1059 -102.93 -20.38 75.08
CA UNK W 1059 -103.64 -20.47 73.81
C UNK W 1059 -103.02 -21.59 72.97
N UNK W 1060 -103.84 -22.57 72.59
CA UNK W 1060 -103.36 -23.68 71.76
C UNK W 1060 -103.60 -23.36 70.29
N UNK W 1061 -102.61 -23.66 69.45
CA UNK W 1061 -102.70 -23.38 68.03
C UNK W 1061 -102.45 -24.62 67.16
N UNK W 1062 -103.02 -24.63 65.96
CA UNK W 1062 -102.84 -25.76 65.04
C UNK W 1062 -102.88 -25.31 63.60
N UNK W 1063 -98.60 -27.66 62.35
CA UNK W 1063 -98.34 -28.45 63.55
C UNK W 1063 -98.95 -27.74 64.74
N UNK W 1064 -99.04 -28.43 65.87
CA UNK W 1064 -99.59 -27.84 67.08
C UNK W 1064 -98.53 -26.91 67.69
N UNK W 1065 -98.95 -25.96 68.53
CA UNK W 1065 -98.01 -25.02 69.12
C UNK W 1065 -98.74 -24.24 70.20
N UNK W 1066 -98.29 -24.38 71.44
CA UNK W 1066 -98.91 -23.66 72.56
C UNK W 1066 -98.26 -22.31 72.81
N UNK W 1067 -99.01 -21.38 73.40
CA UNK W 1067 -98.49 -20.04 73.69
C UNK W 1067 -98.79 -19.53 75.10
N UNK W 1068 -98.33 -18.30 75.36
CA UNK W 1068 -98.50 -17.62 76.64
C UNK W 1068 -99.18 -16.28 76.44
N UNK W 1069 -100.38 -16.13 77.00
CA UNK W 1069 -101.13 -14.87 76.89
C UNK W 1069 -100.28 -13.68 77.32
N UNK W 1070 -94.69 -31.63 66.88
CA UNK W 1070 -94.53 -31.66 65.45
C UNK W 1070 -95.15 -32.98 65.00
N UNK W 1071 -96.14 -32.90 64.15
CA UNK W 1071 -96.80 -34.08 63.65
C UNK W 1071 -96.11 -34.42 62.33
N UNK W 1072 -95.97 -35.72 62.04
CA UNK W 1072 -95.34 -36.15 60.80
C UNK W 1072 -95.89 -35.31 59.63
N UNK W 1073 -97.21 -35.22 59.56
CA UNK W 1073 -97.84 -34.45 58.50
C UNK W 1073 -98.17 -33.03 58.91
N UNK W 1074 -98.71 -32.28 57.96
CA UNK W 1074 -99.08 -30.90 58.20
C UNK W 1074 -100.53 -30.65 57.83
N UNK W 1075 -100.83 -29.37 57.62
CA UNK W 1075 -102.15 -28.94 57.24
C UNK W 1075 -103.22 -29.60 58.08
N UNK W 1076 -103.16 -29.34 59.37
CA UNK W 1076 -104.16 -29.90 60.26
C UNK W 1076 -105.37 -29.00 60.09
N UNK W 1077 -106.49 -29.37 60.68
CA UNK W 1077 -107.69 -28.54 60.63
C UNK W 1077 -108.25 -27.91 61.89
N UNK W 1078 -108.95 -28.71 62.69
CA UNK W 1078 -109.53 -28.24 63.94
C UNK W 1078 -109.02 -29.13 65.06
N UNK W 1079 -108.31 -28.53 66.01
CA UNK W 1079 -107.63 -29.31 67.02
C UNK W 1079 -108.72 -29.51 68.06
N UNK W 1080 -108.90 -30.73 68.56
CA UNK W 1080 -109.93 -30.95 69.55
C UNK W 1080 -109.39 -30.97 70.98
N UNK W 1081 -109.40 -29.80 71.63
CA UNK W 1081 -108.95 -29.72 73.01
C UNK W 1081 -110.10 -30.28 73.84
N UNK W 1082 -109.90 -30.47 75.13
CA UNK W 1082 -110.97 -31.00 75.96
C UNK W 1082 -111.23 -30.10 77.16
N UNK W 1083 -112.13 -30.51 78.06
CA UNK W 1083 -112.42 -29.68 79.24
C UNK W 1083 -111.15 -29.41 80.05
N UNK W 1084 -110.56 -30.47 80.59
CA UNK W 1084 -109.35 -30.37 81.39
C UNK W 1084 -108.15 -29.76 80.66
N UNK W 1085 -108.27 -29.57 79.34
CA UNK W 1085 -107.18 -29.00 78.53
C UNK W 1085 -105.95 -29.90 78.69
N UNK W 1086 -106.22 -31.18 78.93
CA UNK W 1086 -105.18 -32.18 79.18
C UNK W 1086 -105.31 -33.38 78.22
N UNK W 1087 -105.97 -33.15 77.08
CA UNK W 1087 -106.15 -34.19 76.07
C UNK W 1087 -106.38 -33.48 74.74
N UNK W 1088 -105.75 -33.96 73.68
CA UNK W 1088 -105.91 -33.34 72.36
C UNK W 1088 -106.05 -34.41 71.30
N UNK W 1089 -106.82 -34.11 70.26
CA UNK W 1089 -107.00 -35.05 69.15
C UNK W 1089 -106.97 -34.31 67.84
N UNK W 1090 -106.27 -34.88 66.87
CA UNK W 1090 -106.18 -34.26 65.56
C UNK W 1090 -105.78 -35.29 64.52
N UNK W 1091 -105.70 -34.84 63.27
CA UNK W 1091 -105.37 -35.74 62.18
C UNK W 1091 -104.67 -34.98 61.09
N UNK W 1092 -103.45 -35.39 60.74
CA UNK W 1092 -102.67 -34.72 59.69
C UNK W 1092 -102.97 -35.30 58.33
N UNK W 1093 -102.57 -34.59 57.28
CA UNK W 1093 -102.83 -35.08 55.92
C UNK W 1093 -102.12 -36.39 55.61
N UNK W 1094 -101.46 -36.96 56.62
CA UNK W 1094 -100.83 -38.24 56.42
C UNK W 1094 -101.81 -39.27 56.93
N UNK W 1095 -102.98 -38.80 57.35
CA UNK W 1095 -104.03 -39.68 57.85
C UNK W 1095 -103.67 -40.33 59.16
N UNK W 1096 -102.79 -39.69 59.90
CA UNK W 1096 -102.38 -40.22 61.18
C UNK W 1096 -103.25 -39.61 62.27
N UNK W 1097 -103.77 -40.47 63.15
CA UNK W 1097 -104.65 -40.03 64.23
C UNK W 1097 -103.89 -39.72 65.53
N UNK W 1098 -103.69 -38.44 65.79
CA UNK W 1098 -102.98 -38.05 67.01
C UNK W 1098 -103.92 -37.81 68.19
N UNK W 1099 -103.79 -38.63 69.23
CA UNK W 1099 -104.57 -38.46 70.45
C UNK W 1099 -103.54 -38.19 71.54
N UNK W 1100 -103.18 -36.92 71.70
CA UNK W 1100 -102.19 -36.50 72.68
C UNK W 1100 -102.83 -36.30 74.05
N UNK W 1101 -102.02 -36.27 75.11
CA UNK W 1101 -102.56 -36.10 76.45
C UNK W 1101 -101.49 -35.82 77.51
N MET X 10 -50.76 -23.86 7.00
CA MET X 10 -50.48 -22.65 6.24
C MET X 10 -49.93 -21.57 7.19
N PRO X 11 -49.54 -20.39 6.66
CA PRO X 11 -49.02 -19.33 7.54
C PRO X 11 -49.86 -18.95 8.78
N LYS X 12 -49.23 -18.18 9.66
CA LYS X 12 -49.85 -17.71 10.89
C LYS X 12 -50.91 -16.65 10.61
N ARG X 13 -50.54 -15.61 9.87
CA ARG X 13 -51.45 -14.52 9.54
C ARG X 13 -52.70 -14.97 8.77
N HIS X 14 -52.78 -16.27 8.48
CA HIS X 14 -53.94 -16.84 7.80
C HIS X 14 -54.94 -17.43 8.80
N ARG X 15 -54.45 -18.22 9.74
CA ARG X 15 -55.30 -18.77 10.80
C ARG X 15 -55.99 -17.68 11.59
N GLU X 16 -55.27 -16.59 11.85
CA GLU X 16 -55.83 -15.45 12.58
C GLU X 16 -56.93 -14.80 11.81
N HIS X 17 -56.78 -14.74 10.49
CA HIS X 17 -57.78 -14.20 9.60
C HIS X 17 -59.15 -14.87 9.73
N ILE X 18 -59.22 -16.12 9.30
CA ILE X 18 -60.45 -16.89 9.36
C ILE X 18 -60.91 -17.08 10.80
N ARG X 19 -59.98 -16.91 11.74
CA ARG X 19 -60.29 -17.08 13.16
C ARG X 19 -61.25 -16.00 13.64
N LYS X 20 -60.80 -14.74 13.57
CA LYS X 20 -61.62 -13.61 14.02
C LYS X 20 -62.79 -13.39 13.06
N ASN X 21 -62.54 -13.58 11.77
CA ASN X 21 -63.57 -13.40 10.75
C ASN X 21 -64.30 -14.69 10.43
N LEU X 22 -64.54 -15.51 11.47
CA LEU X 22 -65.23 -16.77 11.30
C LEU X 22 -66.75 -16.59 11.34
N ASN X 23 -67.18 -15.36 11.60
CA ASN X 23 -68.61 -15.04 11.67
C ASN X 23 -69.17 -14.64 10.32
N ILE X 24 -68.47 -13.73 9.66
CA ILE X 24 -68.88 -13.26 8.35
C ILE X 24 -68.88 -14.45 7.39
N LEU X 25 -67.85 -15.27 7.49
CA LEU X 25 -67.70 -16.39 6.56
C LEU X 25 -68.72 -17.49 6.86
N VAL X 26 -69.14 -17.57 8.12
CA VAL X 26 -70.10 -18.58 8.55
C VAL X 26 -71.50 -18.06 8.27
N GLU X 27 -71.58 -16.80 7.88
CA GLU X 27 -72.88 -16.18 7.67
C GLU X 27 -73.25 -16.16 6.20
N TRP X 28 -72.40 -15.54 5.38
CA TRP X 28 -72.78 -15.28 3.99
C TRP X 28 -72.85 -16.54 3.10
N THR X 29 -71.98 -17.53 3.35
CA THR X 29 -71.99 -18.78 2.57
C THR X 29 -73.01 -19.79 3.10
N ASN X 30 -74.01 -20.18 2.29
CA ASN X 30 -74.78 -21.40 2.58
C ASN X 30 -73.88 -22.58 2.98
N TYR X 31 -74.32 -23.37 3.96
CA TYR X 31 -73.45 -24.42 4.48
C TYR X 31 -73.56 -25.70 3.67
N GLU X 32 -74.79 -26.05 3.27
CA GLU X 32 -75.03 -27.19 2.40
C GLU X 32 -74.16 -27.04 1.17
N ARG X 33 -74.34 -25.89 0.54
CA ARG X 33 -73.66 -25.53 -0.70
C ARG X 33 -72.18 -25.42 -0.47
N LEU X 34 -71.78 -25.29 0.78
CA LEU X 34 -70.36 -25.22 1.09
C LEU X 34 -69.86 -26.59 1.47
N ALA X 35 -70.37 -27.21 2.53
CA ALA X 35 -69.91 -28.54 2.95
C ALA X 35 -69.82 -29.53 1.79
N MET X 36 -70.95 -29.76 1.14
CA MET X 36 -71.02 -30.75 0.08
C MET X 36 -70.05 -30.43 -1.08
N GLU X 37 -69.61 -29.17 -1.13
CA GLU X 37 -68.68 -28.67 -2.15
C GLU X 37 -67.20 -28.72 -1.72
N CYS X 38 -66.96 -28.44 -0.45
CA CYS X 38 -65.62 -28.40 0.13
C CYS X 38 -65.09 -29.83 0.13
N VAL X 39 -65.90 -30.73 0.63
CA VAL X 39 -65.47 -32.11 0.65
C VAL X 39 -65.25 -32.44 -0.82
N GLN X 40 -66.20 -31.95 -1.60
CA GLN X 40 -66.29 -32.14 -3.02
C GLN X 40 -65.10 -31.48 -3.66
N GLN X 41 -64.69 -30.36 -3.08
CA GLN X 41 -63.55 -29.61 -3.60
C GLN X 41 -62.17 -30.32 -3.71
N GLY X 42 -61.86 -31.30 -2.86
CA GLY X 42 -60.50 -31.75 -2.82
C GLY X 42 -59.81 -31.42 -1.51
N ILE X 43 -60.61 -31.37 -0.44
CA ILE X 43 -60.10 -31.18 0.91
C ILE X 43 -60.33 -32.29 1.94
N LEU X 44 -61.51 -32.30 2.54
CA LEU X 44 -61.85 -33.26 3.58
C LEU X 44 -62.52 -34.47 2.95
N THR X 45 -63.11 -35.33 3.78
CA THR X 45 -63.62 -36.62 3.32
C THR X 45 -64.85 -37.03 4.12
N VAL X 46 -65.52 -38.09 3.66
CA VAL X 46 -66.71 -38.60 4.33
C VAL X 46 -66.51 -38.66 5.85
N GLN X 47 -65.25 -38.79 6.26
CA GLN X 47 -64.91 -38.87 7.67
C GLN X 47 -64.78 -37.47 8.29
N MET X 48 -63.97 -36.64 7.65
CA MET X 48 -63.74 -35.28 8.12
C MET X 48 -65.06 -34.53 8.27
N LEU X 49 -65.71 -34.25 7.14
CA LEU X 49 -66.98 -33.54 7.15
C LEU X 49 -67.97 -34.13 8.14
N ARG X 50 -67.97 -35.45 8.35
CA ARG X 50 -68.85 -36.01 9.38
C ARG X 50 -68.58 -35.39 10.74
N ASN X 51 -67.34 -35.48 11.18
CA ASN X 51 -66.93 -35.01 12.50
C ASN X 51 -67.05 -33.50 12.62
N THR X 52 -66.95 -32.81 11.50
CA THR X 52 -67.09 -31.36 11.48
C THR X 52 -68.54 -30.90 11.48
N GLN X 53 -69.30 -31.40 10.52
CA GLN X 53 -70.76 -31.30 10.45
C GLN X 53 -71.46 -31.82 11.69
N ASP X 54 -71.00 -32.92 12.26
CA ASP X 54 -71.54 -33.24 13.56
C ASP X 54 -70.71 -32.50 14.60
N LEU X 55 -71.01 -32.72 15.87
CA LEU X 55 -70.42 -31.94 16.96
C LEU X 55 -70.19 -32.90 18.12
N ASN X 56 -70.11 -32.38 19.33
CA ASN X 56 -69.80 -33.23 20.47
C ASN X 56 -70.95 -34.16 20.84
N GLY X 57 -72.18 -33.67 20.66
CA GLY X 57 -73.36 -34.41 21.06
C GLY X 57 -74.17 -33.62 22.07
N LYS X 58 -73.47 -32.96 22.99
CA LYS X 58 -74.10 -32.02 23.91
C LYS X 58 -74.82 -30.84 23.23
N PRO X 59 -74.33 -30.44 22.06
CA PRO X 59 -74.92 -29.33 21.32
C PRO X 59 -76.44 -29.41 21.29
N PHE X 60 -76.98 -30.57 21.67
CA PHE X 60 -78.43 -30.77 21.69
C PHE X 60 -79.11 -29.80 22.64
N ASN X 61 -78.37 -29.33 23.61
CA ASN X 61 -78.96 -28.41 24.54
C ASN X 61 -79.38 -27.18 23.72
N MET X 62 -78.67 -27.02 22.63
CA MET X 62 -78.75 -25.84 21.83
C MET X 62 -79.81 -25.89 20.76
N ASP X 63 -80.56 -24.79 20.67
CA ASP X 63 -81.68 -24.68 19.78
C ASP X 63 -81.20 -24.69 18.35
N GLU X 64 -82.15 -25.02 17.48
CA GLU X 64 -81.98 -25.14 16.05
C GLU X 64 -81.21 -23.97 15.49
N LYS X 65 -81.69 -22.75 15.67
CA LYS X 65 -80.94 -21.68 15.02
C LYS X 65 -79.43 -21.86 15.13
N ASP X 66 -78.98 -22.41 16.24
CA ASP X 66 -77.62 -22.17 16.70
C ASP X 66 -76.69 -23.36 16.51
N VAL X 67 -77.20 -24.43 15.91
CA VAL X 67 -76.40 -25.62 15.69
C VAL X 67 -75.81 -25.63 14.29
N ARG X 68 -76.62 -25.27 13.30
CA ARG X 68 -76.13 -25.08 11.93
C ARG X 68 -75.03 -24.02 11.85
N VAL X 69 -75.19 -22.94 12.62
CA VAL X 69 -74.20 -21.88 12.65
C VAL X 69 -72.89 -22.37 13.26
N GLU X 70 -73.02 -23.21 14.29
CA GLU X 70 -71.86 -23.80 14.96
C GLU X 70 -71.15 -24.75 14.02
N GLN X 71 -71.92 -25.63 13.40
CA GLN X 71 -71.46 -26.52 12.33
C GLN X 71 -70.61 -25.82 11.29
N HIS X 72 -71.26 -24.86 10.66
CA HIS X 72 -70.68 -24.04 9.61
C HIS X 72 -69.41 -23.38 10.14
N ARG X 73 -69.43 -23.00 11.42
CA ARG X 73 -68.25 -22.41 12.07
C ARG X 73 -67.19 -23.46 12.39
N ARG X 74 -67.58 -24.72 12.37
CA ARG X 74 -66.66 -25.79 12.69
C ARG X 74 -65.98 -26.17 11.40
N LEU X 75 -66.59 -25.78 10.29
CA LEU X 75 -66.07 -26.15 8.98
C LEU X 75 -64.79 -25.41 8.67
N LEU X 76 -64.88 -24.10 8.69
CA LEU X 76 -63.76 -23.26 8.36
C LEU X 76 -62.56 -23.55 9.24
N LEU X 77 -62.83 -23.95 10.49
CA LEU X 77 -61.77 -24.33 11.40
C LEU X 77 -61.00 -25.55 10.92
N LYS X 78 -61.71 -26.51 10.33
CA LYS X 78 -61.07 -27.69 9.78
C LYS X 78 -60.40 -27.36 8.44
N ILE X 79 -61.00 -26.45 7.68
CA ILE X 79 -60.44 -26.03 6.39
C ILE X 79 -59.11 -25.32 6.57
N THR X 80 -59.08 -24.49 7.60
CA THR X 80 -57.92 -23.79 8.07
C THR X 80 -56.96 -24.86 8.50
N GLN X 81 -57.46 -25.96 8.98
CA GLN X 81 -56.57 -26.99 9.46
C GLN X 81 -55.70 -27.50 8.37
N ARG X 82 -56.11 -27.34 7.14
CA ARG X 82 -55.51 -28.08 6.07
C ARG X 82 -54.22 -27.54 5.53
N GLY X 83 -53.77 -28.15 4.45
CA GLY X 83 -52.51 -27.81 3.83
C GLY X 83 -52.47 -26.44 3.19
N PRO X 84 -51.19 -25.95 2.92
CA PRO X 84 -51.12 -24.51 2.77
C PRO X 84 -51.99 -23.93 1.69
N THR X 85 -52.46 -24.72 0.75
CA THR X 85 -53.36 -24.18 -0.25
C THR X 85 -54.61 -23.67 0.46
N ALA X 86 -54.85 -24.18 1.63
CA ALA X 86 -56.16 -24.08 2.26
C ALA X 86 -56.77 -22.73 1.92
N TYR X 87 -55.91 -21.72 1.86
CA TYR X 87 -56.36 -20.42 1.41
C TYR X 87 -56.84 -20.57 -0.01
N ASN X 88 -55.92 -20.84 -0.91
CA ASN X 88 -56.23 -20.91 -2.33
C ASN X 88 -57.32 -21.93 -2.62
N LEU X 89 -57.49 -22.92 -1.76
CA LEU X 89 -58.57 -23.89 -1.89
C LEU X 89 -59.91 -23.24 -1.53
N LEU X 90 -59.94 -22.54 -0.40
CA LEU X 90 -61.19 -22.04 0.14
C LEU X 90 -61.69 -20.86 -0.68
N ILE X 91 -60.75 -20.03 -1.12
CA ILE X 91 -61.09 -18.85 -1.91
C ILE X 91 -61.82 -19.25 -3.19
N ASN X 92 -61.41 -20.38 -3.76
CA ASN X 92 -61.99 -20.84 -5.02
C ASN X 92 -63.29 -21.56 -4.78
N ALA X 93 -63.28 -22.46 -3.80
CA ALA X 93 -64.49 -23.16 -3.43
C ALA X 93 -65.59 -22.13 -3.19
N LEU X 94 -65.24 -21.06 -2.49
CA LEU X 94 -66.19 -20.00 -2.17
C LEU X 94 -66.49 -19.14 -3.40
N ARG X 95 -65.53 -19.04 -4.31
CA ARG X 95 -65.79 -18.39 -5.59
C ARG X 95 -66.92 -19.11 -6.32
N ASN X 96 -67.05 -20.41 -6.07
CA ASN X 96 -68.14 -21.18 -6.67
C ASN X 96 -69.43 -21.18 -5.87
N ILE X 97 -69.34 -21.35 -4.55
CA ILE X 97 -70.49 -21.18 -3.65
C ILE X 97 -71.28 -19.90 -3.96
N ASN X 98 -70.61 -18.95 -4.62
CA ASN X 98 -71.18 -17.69 -5.10
C ASN X 98 -71.38 -16.76 -3.91
N CYS X 99 -70.53 -16.96 -2.92
CA CYS X 99 -70.39 -16.03 -1.84
C CYS X 99 -69.17 -15.12 -2.04
N LEU X 100 -69.08 -14.53 -3.24
CA LEU X 100 -68.00 -13.63 -3.63
C LEU X 100 -67.65 -12.61 -2.54
N ASP X 101 -68.68 -12.03 -1.91
CA ASP X 101 -68.49 -11.08 -0.81
C ASP X 101 -67.79 -11.62 0.44
N ALA X 102 -67.44 -12.91 0.44
CA ALA X 102 -66.65 -13.49 1.52
C ALA X 102 -65.36 -14.03 0.91
N ALA X 103 -65.40 -14.35 -0.38
CA ALA X 103 -64.17 -14.71 -1.08
C ALA X 103 -63.24 -13.50 -1.04
N VAL X 104 -63.83 -12.33 -1.21
CA VAL X 104 -63.09 -11.10 -1.07
C VAL X 104 -62.55 -11.07 0.35
N LEU X 105 -63.43 -11.21 1.34
CA LEU X 105 -63.02 -11.16 2.73
C LEU X 105 -61.77 -12.01 3.01
N LEU X 106 -61.81 -13.24 2.50
CA LEU X 106 -60.77 -14.22 2.71
C LEU X 106 -59.51 -13.97 1.87
N GLU X 107 -59.64 -13.12 0.86
CA GLU X 107 -58.52 -12.88 -0.05
C GLU X 107 -57.83 -11.51 0.14
N SER X 108 -58.64 -10.48 0.35
CA SER X 108 -58.24 -9.08 0.44
C SER X 108 -57.19 -8.78 1.48
N VAL X 109 -57.21 -9.50 2.60
CA VAL X 109 -56.13 -9.44 3.58
C VAL X 109 -54.73 -9.70 3.02
N ASP X 110 -54.67 -10.28 1.83
CA ASP X 110 -53.40 -10.45 1.15
C ASP X 110 -53.31 -9.34 0.13
N GLU X 111 -52.34 -9.44 -0.78
CA GLU X 111 -52.17 -8.46 -1.86
C GLU X 111 -51.68 -7.12 -1.31
N TYR Y 10 -42.41 -11.64 28.96
CA TYR Y 10 -42.73 -10.40 29.63
C TYR Y 10 -44.23 -10.13 29.62
N GLN Y 11 -44.82 -10.06 30.81
CA GLN Y 11 -46.25 -9.82 30.94
C GLN Y 11 -46.54 -8.33 31.05
N TYR Y 12 -47.76 -8.00 31.48
CA TYR Y 12 -48.17 -6.60 31.62
C TYR Y 12 -48.01 -6.14 33.06
N LYS Y 13 -47.77 -7.08 33.97
CA LYS Y 13 -47.60 -6.77 35.38
C LYS Y 13 -46.20 -6.24 35.66
N ASP Y 14 -45.32 -6.33 34.66
CA ASP Y 14 -43.96 -5.86 34.80
C ASP Y 14 -43.68 -4.69 33.87
N ILE Y 15 -44.27 -4.72 32.68
CA ILE Y 15 -44.09 -3.66 31.70
C ILE Y 15 -44.93 -2.44 32.10
N LEU Y 16 -45.60 -2.50 33.23
CA LEU Y 16 -46.43 -1.39 33.68
C LEU Y 16 -45.62 -0.35 34.47
N SER Y 17 -44.83 -0.82 35.41
CA SER Y 17 -44.05 0.08 36.26
C SER Y 17 -42.99 0.81 35.44
N VAL Y 18 -42.75 0.33 34.22
CA VAL Y 18 -41.76 0.90 33.33
C VAL Y 18 -42.09 2.33 32.92
N PHE Y 19 -43.32 2.58 32.48
CA PHE Y 19 -43.71 3.93 32.11
C PHE Y 19 -44.58 4.57 33.18
N GLU Y 20 -44.02 4.67 34.39
CA GLU Y 20 -44.72 5.29 35.49
C GLU Y 20 -44.52 6.80 35.50
N ASP Y 21 -43.49 7.29 34.83
CA ASP Y 21 -43.26 8.73 34.77
C ASP Y 21 -44.36 9.38 33.95
N ALA Y 22 -44.95 8.62 33.04
CA ALA Y 22 -45.99 9.14 32.18
C ALA Y 22 -47.33 9.04 32.87
N PHE Y 23 -47.53 7.93 33.58
CA PHE Y 23 -48.79 7.67 34.24
C PHE Y 23 -49.13 8.73 35.30
N VAL Y 24 -48.21 9.65 35.56
CA VAL Y 24 -48.45 10.72 36.51
C VAL Y 24 -48.66 12.05 35.77
N ASP Y 25 -48.32 12.04 34.49
CA ASP Y 25 -48.47 13.20 33.62
C ASP Y 25 -49.90 13.27 33.12
N ASN Y 26 -50.29 12.26 32.37
CA ASN Y 26 -51.53 12.33 31.63
C ASN Y 26 -52.60 11.31 32.04
N PHE Y 27 -52.56 10.86 33.29
CA PHE Y 27 -53.54 9.89 33.76
C PHE Y 27 -54.01 10.12 35.19
N ASP Y 28 -55.32 10.14 35.38
CA ASP Y 28 -55.90 9.86 36.68
C ASP Y 28 -57.23 9.14 36.50
N CYS Y 29 -57.49 8.19 37.38
CA CYS Y 29 -58.66 7.34 37.29
C CYS Y 29 -59.99 8.06 37.47
N LYS Y 30 -59.95 9.39 37.53
CA LYS Y 30 -61.16 10.18 37.59
C LYS Y 30 -62.01 9.87 36.35
N ASP Y 31 -61.34 9.44 35.29
CA ASP Y 31 -62.02 9.03 34.08
C ASP Y 31 -62.29 7.53 34.10
N VAL Y 32 -61.53 6.82 34.95
CA VAL Y 32 -61.69 5.37 35.08
C VAL Y 32 -62.73 5.03 36.14
N GLN Y 33 -63.96 5.47 35.92
CA GLN Y 33 -65.05 5.20 36.86
C GLN Y 33 -66.10 4.30 36.24
N ASP Y 34 -65.68 3.41 35.34
CA ASP Y 34 -66.58 2.49 34.68
C ASP Y 34 -65.81 1.34 34.04
N MET Y 35 -65.41 0.37 34.85
CA MET Y 35 -64.66 -0.78 34.36
C MET Y 35 -65.21 -2.05 34.99
N PRO Y 36 -64.65 -3.23 34.63
CA PRO Y 36 -65.09 -4.39 35.41
C PRO Y 36 -64.69 -4.32 36.88
N LYS Y 37 -65.65 -4.53 37.78
CA LYS Y 37 -65.38 -4.59 39.21
C LYS Y 37 -64.38 -5.70 39.51
N SER Y 38 -64.25 -6.62 38.56
CA SER Y 38 -63.27 -7.68 38.64
C SER Y 38 -61.84 -7.15 38.58
N ILE Y 39 -61.68 -5.90 38.17
CA ILE Y 39 -60.37 -5.38 37.84
C ILE Y 39 -59.91 -4.50 38.98
N LEU Y 40 -60.79 -3.61 39.40
CA LEU Y 40 -60.49 -2.80 40.58
C LEU Y 40 -61.67 -2.78 41.53
N SER Y 41 -61.41 -2.75 42.83
CA SER Y 41 -62.49 -2.74 43.82
C SER Y 41 -63.24 -1.42 43.81
N LYS Y 42 -64.58 -1.46 43.74
CA LYS Y 42 -65.36 -0.26 43.74
C LYS Y 42 -64.85 0.56 44.91
N GLU Y 43 -64.53 -0.12 46.00
CA GLU Y 43 -64.02 0.53 47.19
C GLU Y 43 -62.51 0.76 47.06
N GLU Y 44 -61.84 -0.15 46.36
CA GLU Y 44 -60.40 -0.04 46.14
C GLU Y 44 -60.08 1.10 45.18
N ILE Y 45 -61.02 1.36 44.29
CA ILE Y 45 -60.91 2.42 43.30
C ILE Y 45 -61.10 3.77 43.96
N ASP Y 46 -62.06 3.87 44.87
CA ASP Y 46 -62.24 5.16 45.52
C ASP Y 46 -60.97 5.42 46.28
N HIS Y 47 -60.41 4.32 46.79
CA HIS Y 47 -59.15 4.31 47.51
C HIS Y 47 -58.07 4.94 46.65
N ILE Y 48 -57.97 4.47 45.41
CA ILE Y 48 -57.01 4.98 44.45
C ILE Y 48 -57.40 6.38 44.01
N ILE Y 49 -58.65 6.53 43.58
CA ILE Y 49 -59.11 7.86 43.21
C ILE Y 49 -59.02 8.72 44.46
N MET Y 50 -58.75 8.05 45.56
CA MET Y 50 -58.93 8.62 46.86
C MET Y 50 -58.06 9.84 46.87
N SER Y 51 -56.94 9.67 46.19
CA SER Y 51 -56.26 10.72 45.46
C SER Y 51 -55.82 11.97 46.21
N LYS Y 52 -55.11 11.77 47.31
CA LYS Y 52 -54.55 12.90 47.99
C LYS Y 52 -53.57 13.55 47.03
N ASP Y 53 -52.81 12.75 46.29
CA ASP Y 53 -51.82 13.30 45.36
C ASP Y 53 -51.73 12.63 43.99
N ALA Y 54 -51.39 13.41 42.99
CA ALA Y 54 -51.32 12.88 41.66
C ALA Y 54 -50.26 11.81 41.68
N VAL Y 55 -49.18 12.01 42.40
CA VAL Y 55 -48.12 11.00 42.40
C VAL Y 55 -48.56 9.85 43.28
N SER Y 56 -49.07 10.18 44.45
CA SER Y 56 -49.47 9.14 45.38
C SER Y 56 -50.64 8.33 44.82
N GLY Y 57 -51.61 9.01 44.21
CA GLY Y 57 -52.79 8.33 43.70
C GLY Y 57 -52.43 7.35 42.61
N THR Y 58 -51.56 7.79 41.71
CA THR Y 58 -51.16 6.98 40.56
C THR Y 58 -50.35 5.81 41.10
N LEU Y 59 -49.50 6.09 42.09
CA LEU Y 59 -48.65 5.05 42.63
C LEU Y 59 -49.59 4.04 43.27
N ARG Y 60 -50.63 4.59 43.90
CA ARG Y 60 -51.64 3.82 44.60
C ARG Y 60 -52.35 2.93 43.63
N LEU Y 61 -52.53 3.37 42.39
CA LEU Y 61 -53.14 2.49 41.44
C LEU Y 61 -52.20 1.41 40.98
N PHE Y 62 -50.95 1.71 40.72
CA PHE Y 62 -50.13 0.60 40.26
C PHE Y 62 -49.94 -0.40 41.38
N TRP Y 63 -49.75 0.09 42.60
CA TRP Y 63 -49.52 -0.83 43.70
C TRP Y 63 -50.69 -1.77 43.93
N THR Y 64 -51.90 -1.22 44.03
CA THR Y 64 -53.02 -2.11 44.29
C THR Y 64 -53.26 -3.06 43.13
N LEU Y 65 -53.15 -2.56 41.91
CA LEU Y 65 -53.44 -3.36 40.72
C LEU Y 65 -52.43 -4.48 40.49
N LEU Y 66 -51.16 -4.19 40.79
CA LEU Y 66 -50.07 -5.16 40.57
C LEU Y 66 -50.38 -6.47 41.32
N SER Y 67 -51.24 -6.32 42.33
CA SER Y 67 -51.67 -7.38 43.22
C SER Y 67 -52.60 -8.46 42.59
N LYS Y 68 -53.18 -8.12 41.43
CA LYS Y 68 -54.14 -8.98 40.72
C LYS Y 68 -53.49 -9.90 39.69
N GLN Y 69 -54.26 -10.76 39.04
CA GLN Y 69 -53.69 -11.73 38.08
C GLN Y 69 -53.42 -11.13 36.71
N GLU Y 70 -52.70 -11.85 35.85
CA GLU Y 70 -52.41 -11.36 34.51
C GLU Y 70 -53.60 -10.93 33.66
N GLU Y 71 -54.63 -11.74 33.64
CA GLU Y 71 -55.77 -11.35 32.86
C GLU Y 71 -56.33 -10.10 33.46
N MET Y 72 -56.31 -10.08 34.80
CA MET Y 72 -56.97 -9.04 35.58
C MET Y 72 -56.48 -7.68 35.11
N VAL Y 73 -55.17 -7.53 35.01
CA VAL Y 73 -54.63 -6.30 34.50
C VAL Y 73 -55.01 -6.02 33.06
N GLN Y 74 -54.83 -7.02 32.21
CA GLN Y 74 -54.89 -6.87 30.78
C GLN Y 74 -56.23 -6.38 30.36
N LYS Y 75 -57.24 -6.86 31.04
CA LYS Y 75 -58.54 -6.34 30.74
C LYS Y 75 -58.40 -4.86 31.00
N PHE Y 76 -57.68 -4.52 32.07
CA PHE Y 76 -57.41 -3.12 32.35
C PHE Y 76 -56.60 -2.44 31.26
N VAL Y 77 -55.55 -3.09 30.79
CA VAL Y 77 -54.70 -2.47 29.79
C VAL Y 77 -55.42 -2.38 28.48
N GLU Y 78 -56.43 -3.20 28.30
CA GLU Y 78 -57.09 -3.27 27.02
C GLU Y 78 -58.42 -2.58 27.06
N GLU Y 79 -59.41 -3.24 27.61
CA GLU Y 79 -60.75 -2.74 27.50
C GLU Y 79 -61.00 -1.41 28.18
N VAL Y 80 -60.48 -1.25 29.39
CA VAL Y 80 -60.73 -0.05 30.18
C VAL Y 80 -59.95 1.20 29.75
N LEU Y 81 -58.67 1.01 29.45
CA LEU Y 81 -57.78 2.13 29.17
C LEU Y 81 -57.73 2.47 27.69
N ARG Y 82 -58.63 1.89 26.91
CA ARG Y 82 -58.64 2.18 25.49
C ARG Y 82 -59.79 3.10 25.10
N ILE Y 83 -60.68 3.33 26.04
CA ILE Y 83 -61.80 4.18 25.73
C ILE Y 83 -61.26 5.57 25.51
N ASN Y 84 -60.50 6.07 26.46
CA ASN Y 84 -60.04 7.45 26.40
C ASN Y 84 -58.53 7.65 26.30
N TYR Y 85 -57.80 6.91 27.12
CA TYR Y 85 -56.37 7.06 27.19
C TYR Y 85 -55.72 6.21 26.15
N LYS Y 86 -55.93 6.59 24.92
CA LYS Y 86 -55.42 5.79 23.84
C LYS Y 86 -53.92 5.78 23.96
N PHE Y 87 -53.32 6.94 24.14
CA PHE Y 87 -51.91 7.07 23.90
C PHE Y 87 -51.17 6.16 24.83
N LEU Y 88 -51.60 6.05 26.07
CA LEU Y 88 -50.85 5.25 26.99
C LEU Y 88 -50.82 3.86 26.46
N MET Y 89 -51.97 3.41 26.02
CA MET Y 89 -52.13 2.04 25.69
C MET Y 89 -51.16 1.76 24.57
N SER Y 90 -51.06 2.71 23.67
CA SER Y 90 -50.22 2.51 22.53
C SER Y 90 -48.82 2.31 23.00
N PRO Y 91 -48.37 3.13 24.06
CA PRO Y 91 -47.01 2.82 24.48
C PRO Y 91 -47.01 1.45 25.05
N ILE Y 92 -48.01 1.12 25.86
CA ILE Y 92 -47.91 -0.17 26.55
C ILE Y 92 -47.92 -1.34 25.58
N LYS Y 93 -48.83 -1.30 24.64
CA LYS Y 93 -48.98 -2.46 23.81
C LYS Y 93 -47.58 -2.72 23.34
N THR Y 94 -46.85 -1.66 23.14
CA THR Y 94 -45.55 -1.84 22.59
C THR Y 94 -44.81 -2.64 23.58
N GLU Y 95 -44.98 -2.38 24.87
CA GLU Y 95 -44.09 -3.03 25.83
C GLU Y 95 -44.19 -4.60 25.89
N GLN Y 96 -45.36 -5.16 26.23
CA GLN Y 96 -45.54 -6.62 26.28
C GLN Y 96 -45.03 -7.34 25.04
N ARG Y 97 -45.26 -6.72 23.88
CA ARG Y 97 -44.61 -7.20 22.71
C ARG Y 97 -43.18 -6.82 22.75
N GLN Y 98 -42.85 -5.78 23.49
CA GLN Y 98 -41.47 -5.33 23.48
C GLN Y 98 -40.73 -4.83 24.70
N PRO Y 99 -39.53 -5.33 24.83
CA PRO Y 99 -38.70 -4.82 25.90
C PRO Y 99 -37.45 -4.08 25.43
N SER Y 100 -37.31 -2.81 25.81
CA SER Y 100 -36.13 -2.03 25.44
C SER Y 100 -34.96 -2.52 26.28
N MET Y 101 -33.72 -2.30 25.84
CA MET Y 101 -32.62 -2.84 26.63
C MET Y 101 -32.82 -2.45 28.08
N MET Y 102 -33.14 -1.18 28.33
CA MET Y 102 -33.35 -0.70 29.70
C MET Y 102 -34.52 -1.39 30.40
N THR Y 103 -35.67 -1.43 29.75
CA THR Y 103 -36.81 -1.94 30.46
C THR Y 103 -36.53 -3.34 30.82
N ARG Y 104 -36.27 -4.14 29.82
CA ARG Y 104 -36.00 -5.50 30.16
C ARG Y 104 -34.81 -5.43 31.07
N MET Y 105 -33.92 -4.47 30.86
CA MET Y 105 -32.70 -4.46 31.63
C MET Y 105 -33.07 -4.37 33.07
N TYR Y 106 -34.02 -3.51 33.40
CA TYR Y 106 -34.47 -3.43 34.79
C TYR Y 106 -35.20 -4.70 35.15
N ILE Y 107 -36.06 -5.06 34.23
CA ILE Y 107 -37.17 -5.90 34.56
C ILE Y 107 -36.61 -7.17 35.09
N GLU Y 108 -35.45 -7.55 34.62
CA GLU Y 108 -34.76 -8.61 35.27
C GLU Y 108 -34.34 -8.28 36.68
N GLN Y 109 -33.86 -7.07 36.96
CA GLN Y 109 -33.36 -6.81 38.30
C GLN Y 109 -34.51 -6.95 39.25
N ARG Y 110 -35.65 -6.43 38.87
CA ARG Y 110 -36.74 -6.47 39.84
C ARG Y 110 -36.89 -7.93 40.26
N ASP Y 111 -36.84 -8.83 39.28
CA ASP Y 111 -37.04 -10.23 39.57
C ASP Y 111 -35.92 -10.64 40.49
N ARG Y 112 -34.75 -10.10 40.19
CA ARG Y 112 -33.58 -10.47 40.94
C ARG Y 112 -33.85 -10.01 42.38
N LEU Y 113 -34.40 -8.82 42.60
CA LEU Y 113 -34.63 -8.34 43.95
C LEU Y 113 -35.71 -9.15 44.69
N TYR Y 114 -36.77 -9.58 44.00
CA TYR Y 114 -37.79 -10.38 44.68
C TYR Y 114 -37.11 -11.65 45.16
N ASN Y 115 -36.34 -12.23 44.26
CA ASN Y 115 -35.66 -13.49 44.46
C ASN Y 115 -34.59 -13.59 45.48
N ASP Y 116 -33.66 -12.66 45.51
CA ASP Y 116 -32.69 -12.69 46.59
C ASP Y 116 -33.42 -12.43 47.88
N ASN Y 117 -34.33 -11.49 47.83
CA ASN Y 117 -35.03 -11.09 49.02
C ASN Y 117 -36.40 -11.50 48.69
N GLN Y 118 -37.02 -12.27 49.59
CA GLN Y 118 -38.24 -12.98 49.26
C GLN Y 118 -39.51 -12.62 50.02
N VAL Y 119 -39.47 -12.81 51.33
CA VAL Y 119 -40.65 -12.89 52.18
C VAL Y 119 -41.27 -11.56 51.99
N PHE Y 120 -40.44 -10.69 51.45
CA PHE Y 120 -40.92 -9.46 50.91
C PHE Y 120 -41.70 -9.79 49.68
N ALA Y 121 -41.26 -10.73 48.89
CA ALA Y 121 -41.92 -10.88 47.62
C ALA Y 121 -43.38 -11.09 47.89
N LYS Y 122 -43.63 -11.89 48.91
CA LYS Y 122 -44.87 -12.56 49.24
C LYS Y 122 -45.55 -11.90 50.44
N TYR Y 123 -44.88 -10.96 51.08
CA TYR Y 123 -45.42 -10.37 52.29
C TYR Y 123 -45.38 -8.84 52.36
N ASN Y 124 -44.95 -8.18 51.29
CA ASN Y 124 -44.87 -6.71 51.24
C ASN Y 124 -46.21 -6.00 51.48
N VAL Y 125 -46.17 -4.72 51.86
CA VAL Y 125 -47.39 -3.94 51.95
C VAL Y 125 -47.26 -2.56 51.31
N SER Y 126 -48.28 -2.18 50.53
CA SER Y 126 -48.38 -0.84 49.98
C SER Y 126 -48.18 0.17 51.10
N ARG Y 127 -47.10 0.93 51.02
CA ARG Y 127 -46.79 1.91 52.04
C ARG Y 127 -46.42 3.25 51.40
N LEU Y 128 -47.30 4.24 51.44
CA LEU Y 128 -47.03 5.51 50.74
C LEU Y 128 -45.95 6.39 51.32
N GLN Y 129 -46.23 6.81 52.55
CA GLN Y 129 -45.54 7.89 53.23
C GLN Y 129 -44.05 7.75 53.15
N PRO Y 130 -43.53 6.66 53.70
CA PRO Y 130 -42.08 6.53 53.68
C PRO Y 130 -41.53 6.23 52.30
N TYR Y 131 -42.34 5.54 51.50
CA TYR Y 131 -41.96 5.14 50.16
C TYR Y 131 -41.65 6.36 49.30
N LEU Y 132 -42.54 7.34 49.37
CA LEU Y 132 -42.40 8.57 48.61
C LEU Y 132 -41.34 9.48 49.20
N LYS Y 133 -41.19 9.48 50.52
CA LYS Y 133 -40.20 10.36 51.14
C LYS Y 133 -38.83 9.84 50.68
N LEU Y 134 -38.66 8.53 50.78
CA LEU Y 134 -37.40 7.89 50.45
C LEU Y 134 -37.05 7.96 48.97
N ARG Y 135 -38.05 7.87 48.11
CA ARG Y 135 -37.84 7.88 46.67
C ARG Y 135 -37.52 9.28 46.20
N GLN Y 136 -37.96 10.26 46.99
CA GLN Y 136 -37.71 11.65 46.71
C GLN Y 136 -36.28 11.96 47.11
N ALA Y 137 -35.90 11.53 48.32
CA ALA Y 137 -34.58 11.80 48.86
C ALA Y 137 -33.49 11.11 48.03
N LEU Y 138 -33.87 9.90 47.66
CA LEU Y 138 -33.01 8.99 46.95
C LEU Y 138 -32.57 9.58 45.63
N LEU Y 139 -33.52 10.11 44.87
CA LEU Y 139 -33.20 10.61 43.53
C LEU Y 139 -32.19 11.75 43.59
N GLU Y 140 -32.38 12.74 44.47
CA GLU Y 140 -31.47 13.86 44.42
C GLU Y 140 -30.09 13.37 44.81
N LEU Y 141 -30.06 12.37 45.67
CA LEU Y 141 -28.84 11.88 46.33
C LEU Y 141 -27.65 11.78 45.40
N ARG Y 142 -26.59 12.54 45.69
CA ARG Y 142 -25.49 12.72 44.74
C ARG Y 142 -24.55 11.52 44.70
N PRO Y 143 -23.57 11.53 43.79
CA PRO Y 143 -22.65 10.38 43.72
C PRO Y 143 -21.81 10.18 44.98
N ALA Y 144 -21.78 11.14 45.90
CA ALA Y 144 -21.02 10.93 47.12
C ALA Y 144 -21.81 11.29 48.37
N LYS Y 145 -23.15 11.28 48.30
CA LYS Y 145 -23.89 11.61 49.52
C LYS Y 145 -24.50 10.36 50.18
N ASN Y 146 -25.26 10.53 51.25
CA ASN Y 146 -25.86 9.34 51.78
C ASN Y 146 -27.11 9.57 52.58
N VAL Y 147 -28.15 8.94 52.09
CA VAL Y 147 -29.52 9.05 52.55
C VAL Y 147 -29.82 7.96 53.57
N LEU Y 148 -29.86 8.33 54.84
CA LEU Y 148 -30.07 7.38 55.93
C LEU Y 148 -31.52 7.33 56.38
N ILE Y 149 -31.91 6.19 56.95
CA ILE Y 149 -33.26 6.00 57.47
C ILE Y 149 -33.20 5.19 58.77
N ASP Y 150 -33.81 5.73 59.82
CA ASP Y 150 -33.78 5.10 61.14
C ASP Y 150 -35.08 5.23 61.92
N GLY Y 151 -35.55 4.11 62.45
CA GLY Y 151 -36.72 4.03 63.30
C GLY Y 151 -36.57 2.98 64.38
N VAL Y 152 -37.68 2.69 65.06
CA VAL Y 152 -37.75 1.72 66.15
C VAL Y 152 -37.43 0.32 65.62
N LEU Y 153 -36.96 -0.59 66.47
CA LEU Y 153 -36.67 -1.93 65.96
C LEU Y 153 -37.94 -2.53 65.37
N GLY Y 154 -37.82 -3.02 64.15
CA GLY Y 154 -38.94 -3.68 63.52
C GLY Y 154 -39.84 -2.60 62.96
N SER Y 155 -39.25 -1.59 62.32
CA SER Y 155 -40.10 -0.54 61.78
C SER Y 155 -40.52 -0.66 60.33
N GLY Y 156 -39.82 -1.50 59.57
CA GLY Y 156 -40.13 -1.68 58.17
C GLY Y 156 -39.13 -0.83 57.43
N LYS Y 157 -38.00 -0.54 58.08
CA LYS Y 157 -36.96 0.28 57.49
C LYS Y 157 -36.40 -0.35 56.21
N THR Y 158 -36.10 -1.64 56.27
CA THR Y 158 -35.53 -2.33 55.14
C THR Y 158 -36.61 -2.59 54.09
N TRP Y 159 -37.81 -2.97 54.49
CA TRP Y 159 -38.88 -3.19 53.53
C TRP Y 159 -39.16 -1.89 52.77
N VAL Y 160 -39.33 -0.76 53.47
CA VAL Y 160 -39.62 0.49 52.75
C VAL Y 160 -38.50 0.73 51.75
N ALA Y 161 -37.27 0.48 52.20
CA ALA Y 161 -36.11 0.73 51.36
C ALA Y 161 -36.16 -0.18 50.13
N LEU Y 162 -36.53 -1.43 50.36
CA LEU Y 162 -36.57 -2.38 49.29
C LEU Y 162 -37.62 -1.91 48.29
N ASP Y 163 -38.79 -1.53 48.80
CA ASP Y 163 -39.88 -1.18 47.92
C ASP Y 163 -39.49 0.00 47.05
N VAL Y 164 -38.82 0.97 47.65
CA VAL Y 164 -38.42 2.15 46.91
C VAL Y 164 -37.41 1.71 45.83
N CYS Y 165 -36.48 0.89 46.24
CA CYS Y 165 -35.41 0.53 45.37
C CYS Y 165 -35.81 -0.62 44.46
N LEU Y 166 -36.97 -1.20 44.65
CA LEU Y 166 -37.45 -1.99 43.60
C LEU Y 166 -37.71 -1.01 42.48
N SER Y 167 -38.50 0.00 42.83
CA SER Y 167 -39.10 0.94 41.90
C SER Y 167 -38.31 1.49 40.72
N TYR Y 168 -38.85 1.30 39.52
CA TYR Y 168 -38.06 1.57 38.34
C TYR Y 168 -37.44 2.94 38.36
N LYS Y 169 -38.25 3.96 38.66
CA LYS Y 169 -37.80 5.35 38.63
C LYS Y 169 -36.54 5.57 39.46
N VAL Y 170 -36.47 4.86 40.55
CA VAL Y 170 -35.37 4.93 41.47
C VAL Y 170 -34.38 3.87 41.21
N GLN Y 171 -34.51 3.18 40.10
CA GLN Y 171 -33.43 2.32 39.75
C GLN Y 171 -32.61 2.92 38.68
N CYS Y 172 -33.26 3.17 37.53
CA CYS Y 172 -32.57 3.66 36.34
C CYS Y 172 -31.66 4.82 36.72
N LYS Y 173 -32.11 5.60 37.69
CA LYS Y 173 -31.32 6.72 38.20
C LYS Y 173 -30.04 6.19 38.80
N MET Y 174 -30.11 4.96 39.33
CA MET Y 174 -28.92 4.33 39.85
C MET Y 174 -28.46 3.23 38.95
N ASP Y 175 -29.03 3.19 37.77
CA ASP Y 175 -28.50 2.34 36.72
C ASP Y 175 -28.30 0.91 37.15
N PHE Y 176 -29.23 0.41 37.90
CA PHE Y 176 -29.36 -0.99 38.05
C PHE Y 176 -28.13 -1.61 38.64
N LYS Y 177 -27.51 -0.93 39.59
CA LYS Y 177 -26.40 -1.52 40.31
C LYS Y 177 -26.55 -1.29 41.81
N ILE Y 178 -27.55 -1.91 42.43
CA ILE Y 178 -27.73 -1.70 43.86
C ILE Y 178 -27.25 -2.85 44.70
N PHE Y 179 -26.24 -2.60 45.50
CA PHE Y 179 -25.64 -3.64 46.28
C PHE Y 179 -26.20 -3.55 47.67
N TRP Y 180 -26.85 -4.62 48.05
CA TRP Y 180 -27.46 -4.76 49.36
C TRP Y 180 -26.60 -5.60 50.28
N LEU Y 181 -26.29 -5.05 51.44
CA LEU Y 181 -25.56 -5.84 52.43
C LEU Y 181 -26.11 -5.60 53.82
N ASN Y 182 -26.17 -6.60 54.67
CA ASN Y 182 -26.66 -6.36 56.03
C ASN Y 182 -25.52 -6.29 57.04
N LEU Y 183 -25.26 -5.12 57.62
CA LEU Y 183 -24.14 -5.09 58.55
C LEU Y 183 -24.53 -5.86 59.81
N LYS Y 184 -24.70 -7.16 59.87
CA LYS Y 184 -24.89 -7.57 61.26
C LYS Y 184 -23.54 -7.69 61.82
N ASN Y 185 -23.42 -7.79 63.11
CA ASN Y 185 -22.17 -8.29 63.52
C ASN Y 185 -21.29 -7.58 62.55
N CYS Y 186 -21.18 -6.26 62.74
CA CYS Y 186 -20.35 -5.43 61.88
C CYS Y 186 -19.42 -4.54 62.68
N ASN Y 187 -19.70 -4.42 63.98
CA ASN Y 187 -18.89 -3.60 64.87
C ASN Y 187 -17.60 -4.31 65.30
N SER Y 188 -16.85 -4.79 64.32
CA SER Y 188 -15.60 -5.49 64.59
C SER Y 188 -14.68 -5.46 63.37
N PRO Y 189 -13.31 -5.32 63.66
CA PRO Y 189 -12.47 -5.31 62.45
C PRO Y 189 -12.71 -6.53 61.56
N GLU Y 190 -13.41 -7.52 62.11
CA GLU Y 190 -13.71 -8.75 61.37
C GLU Y 190 -14.86 -8.53 60.40
N THR Y 191 -15.63 -7.48 60.63
CA THR Y 191 -16.77 -7.17 59.76
C THR Y 191 -16.32 -6.51 58.47
N VAL Y 192 -15.53 -5.45 58.59
CA VAL Y 192 -15.04 -4.74 57.41
C VAL Y 192 -14.53 -5.70 56.35
N LEU Y 193 -13.48 -6.45 56.68
CA LEU Y 193 -12.89 -7.41 55.77
C LEU Y 193 -13.96 -8.33 55.17
N GLU Y 194 -14.59 -9.13 56.03
CA GLU Y 194 -15.62 -10.07 55.60
C GLU Y 194 -16.58 -9.40 54.62
N MET Y 195 -17.21 -8.31 55.07
CA MET Y 195 -18.16 -7.58 54.24
C MET Y 195 -17.53 -6.90 53.04
N LEU Y 196 -16.39 -6.25 53.27
CA LEU Y 196 -15.68 -5.54 52.22
C LEU Y 196 -15.21 -6.57 51.23
N GLN Y 197 -15.14 -7.81 51.70
CA GLN Y 197 -14.80 -8.90 50.85
C GLN Y 197 -16.09 -9.17 50.08
N LYS Y 198 -17.23 -9.16 50.79
CA LYS Y 198 -18.47 -9.42 50.07
C LYS Y 198 -18.83 -8.36 49.02
N LEU Y 199 -18.52 -7.09 49.27
CA LEU Y 199 -18.85 -6.01 48.36
C LEU Y 199 -18.04 -6.11 47.07
N LEU Y 200 -16.78 -6.53 47.21
CA LEU Y 200 -15.91 -6.71 46.07
C LEU Y 200 -16.48 -7.88 45.29
N TYR Y 201 -16.76 -8.95 46.02
CA TYR Y 201 -17.52 -10.06 45.50
C TYR Y 201 -18.70 -9.64 44.60
N GLN Y 202 -19.59 -8.74 45.04
CA GLN Y 202 -20.74 -8.54 44.22
C GLN Y 202 -20.24 -7.91 43.00
N ILE Y 203 -19.64 -6.72 43.11
CA ILE Y 203 -19.10 -6.01 41.95
C ILE Y 203 -18.52 -6.94 40.89
N ASP Y 204 -17.49 -7.69 41.28
CA ASP Y 204 -16.84 -8.63 40.36
C ASP Y 204 -16.05 -9.67 41.14
N PRO Y 205 -15.83 -10.83 40.54
CA PRO Y 205 -15.07 -11.89 41.20
C PRO Y 205 -13.60 -11.89 40.78
N ASN Y 206 -12.83 -10.92 41.24
CA ASN Y 206 -11.42 -10.86 40.89
C ASN Y 206 -10.62 -10.00 41.86
N TRP Y 207 -9.77 -10.64 42.66
CA TRP Y 207 -8.91 -9.84 43.51
C TRP Y 207 -7.52 -10.39 43.72
N THR Y 208 -6.54 -9.51 43.56
CA THR Y 208 -5.14 -9.88 43.72
C THR Y 208 -4.93 -9.83 45.22
N SER Y 209 -5.29 -10.91 45.86
CA SER Y 209 -5.28 -10.96 47.30
C SER Y 209 -3.86 -11.23 47.79
N ARG Y 210 -2.92 -11.08 46.87
CA ARG Y 210 -1.50 -11.16 47.21
C ARG Y 210 -1.09 -9.98 48.08
N SER Y 211 -1.92 -8.94 48.10
CA SER Y 211 -1.60 -7.77 48.90
C SER Y 211 -1.79 -8.14 50.38
N ASP Y 212 -2.34 -9.32 50.62
CA ASP Y 212 -2.66 -9.69 51.98
C ASP Y 212 -1.41 -9.82 52.82
N HIS Y 213 -1.41 -9.07 53.90
CA HIS Y 213 -0.32 -8.91 54.80
C HIS Y 213 -1.10 -9.03 56.06
N SER Y 214 -0.64 -9.90 56.95
CA SER Y 214 -1.46 -10.34 58.09
C SER Y 214 -1.09 -9.71 59.42
N SER Y 215 -0.26 -8.66 59.37
CA SER Y 215 0.08 -7.92 60.56
C SER Y 215 -1.13 -7.12 61.01
N ASN Y 216 -1.90 -6.66 60.03
CA ASN Y 216 -3.13 -5.93 60.31
C ASN Y 216 -4.31 -6.39 59.46
N ILE Y 217 -5.23 -7.12 60.11
CA ILE Y 217 -6.52 -7.34 59.55
C ILE Y 217 -7.06 -5.94 59.40
N LYS Y 218 -6.37 -4.97 59.97
CA LYS Y 218 -6.84 -3.60 59.92
C LYS Y 218 -6.24 -2.84 58.78
N LEU Y 219 -4.91 -2.88 58.68
CA LEU Y 219 -4.20 -2.22 57.59
C LEU Y 219 -4.63 -2.79 56.24
N ARG Y 220 -4.92 -4.08 56.21
CA ARG Y 220 -5.35 -4.74 54.99
C ARG Y 220 -6.74 -4.25 54.68
N ILE Y 221 -7.47 -3.94 55.73
CA ILE Y 221 -8.84 -3.55 55.59
C ILE Y 221 -8.82 -2.32 54.72
N HIS Y 222 -7.83 -1.48 54.94
CA HIS Y 222 -7.72 -0.30 54.14
C HIS Y 222 -7.50 -0.68 52.69
N SER Y 223 -6.66 -1.68 52.46
CA SER Y 223 -6.31 -1.98 51.09
C SER Y 223 -7.58 -2.36 50.38
N ILE Y 224 -8.38 -3.19 51.03
CA ILE Y 224 -9.55 -3.70 50.31
C ILE Y 224 -10.31 -2.43 49.84
N GLN Y 225 -10.40 -1.44 50.72
CA GLN Y 225 -11.07 -0.19 50.40
C GLN Y 225 -10.40 0.51 49.22
N ALA Y 226 -9.07 0.54 49.24
CA ALA Y 226 -8.31 1.17 48.17
C ALA Y 226 -8.69 0.58 46.82
N GLU Y 227 -8.79 -0.75 46.76
CA GLU Y 227 -9.16 -1.43 45.53
C GLU Y 227 -10.61 -1.16 45.18
N LEU Y 228 -11.47 -1.11 46.19
CA LEU Y 228 -12.89 -0.84 45.99
C LEU Y 228 -13.10 0.56 45.44
N ARG Y 229 -12.38 1.53 46.02
CA ARG Y 229 -12.49 2.92 45.58
C ARG Y 229 -12.06 3.06 44.13
N ARG Y 230 -11.02 2.33 43.74
CA ARG Y 230 -10.53 2.36 42.38
C ARG Y 230 -11.60 1.88 41.42
N LEU Y 231 -12.22 0.74 41.74
CA LEU Y 231 -13.24 0.17 40.86
C LEU Y 231 -14.55 0.94 40.71
N LEU Y 232 -15.06 1.55 41.77
CA LEU Y 232 -16.33 2.27 41.62
C LEU Y 232 -16.31 3.47 40.67
N LYS Y 233 -15.30 4.31 40.72
CA LYS Y 233 -15.37 5.41 39.82
C LYS Y 233 -14.89 4.79 38.53
N SER Y 234 -15.42 3.62 38.26
CA SER Y 234 -15.22 2.99 36.97
C SER Y 234 -16.39 3.46 36.18
N LYS Y 235 -16.50 3.03 34.93
CA LYS Y 235 -17.66 3.39 34.17
C LYS Y 235 -18.79 2.40 34.23
N PRO Y 236 -18.49 1.14 34.79
CA PRO Y 236 -19.63 0.21 34.80
C PRO Y 236 -20.66 0.82 35.68
N TYR Y 237 -20.18 1.41 36.77
CA TYR Y 237 -21.05 2.05 37.72
C TYR Y 237 -21.09 3.51 37.46
N GLU Y 238 -19.99 4.20 37.69
CA GLU Y 238 -20.01 5.66 37.60
C GLU Y 238 -20.87 6.03 38.76
N ASN Y 239 -22.05 5.43 38.73
CA ASN Y 239 -22.94 5.74 39.86
C ASN Y 239 -23.95 4.60 40.21
N CYS Y 240 -24.06 4.19 41.47
CA CYS Y 240 -24.91 3.08 41.85
C CYS Y 240 -25.14 3.22 43.31
N LEU Y 241 -26.08 2.49 43.89
CA LEU Y 241 -26.37 2.67 45.30
C LEU Y 241 -26.15 1.45 46.12
N LEU Y 242 -25.26 1.57 47.08
CA LEU Y 242 -24.86 0.63 48.12
C LEU Y 242 -25.68 0.88 49.38
N VAL Y 243 -26.71 0.06 49.59
CA VAL Y 243 -27.63 0.25 50.72
C VAL Y 243 -27.27 -0.67 51.88
N LEU Y 244 -26.60 -0.08 52.84
CA LEU Y 244 -26.09 -0.83 53.93
C LEU Y 244 -27.40 -1.09 54.54
N LEU Y 245 -27.50 -2.08 55.40
CA LEU Y 245 -28.75 -2.30 56.05
C LEU Y 245 -28.38 -2.48 57.48
N ASN Y 246 -29.17 -2.00 58.41
CA ASN Y 246 -28.85 -2.28 59.78
C ASN Y 246 -27.43 -1.85 60.14
N VAL Y 247 -27.01 -0.67 59.71
CA VAL Y 247 -25.67 -0.21 60.08
C VAL Y 247 -25.63 -0.16 61.60
N GLN Y 248 -24.59 -0.74 62.17
CA GLN Y 248 -24.44 -0.85 63.63
C GLN Y 248 -24.12 0.34 64.53
N ASN Y 249 -23.08 1.11 64.22
CA ASN Y 249 -22.70 2.24 65.05
C ASN Y 249 -22.06 3.25 64.14
N ALA Y 250 -21.32 4.24 64.63
CA ALA Y 250 -20.64 5.00 63.62
C ALA Y 250 -19.51 4.23 63.00
N LYS Y 251 -18.78 3.46 63.80
CA LYS Y 251 -17.44 3.09 63.40
C LYS Y 251 -17.40 2.39 62.07
N ALA Y 252 -18.33 1.46 61.85
CA ALA Y 252 -18.25 0.65 60.65
C ALA Y 252 -18.34 1.58 59.49
N TRP Y 253 -19.22 2.55 59.59
CA TRP Y 253 -19.54 3.31 58.43
C TRP Y 253 -18.25 4.00 57.91
N ASN Y 254 -17.48 4.67 58.76
CA ASN Y 254 -16.32 5.35 58.34
C ASN Y 254 -15.63 4.33 57.46
N ALA Y 255 -15.75 3.07 57.81
CA ALA Y 255 -15.20 2.01 57.00
C ALA Y 255 -15.85 1.98 55.67
N PHE Y 256 -17.15 2.23 55.62
CA PHE Y 256 -17.90 1.89 54.44
C PHE Y 256 -18.23 2.95 53.43
N ASN Y 257 -17.68 4.15 53.56
CA ASN Y 257 -18.03 5.22 52.62
C ASN Y 257 -17.10 5.23 51.42
N LEU Y 258 -17.62 4.91 50.26
CA LEU Y 258 -16.78 4.82 49.08
C LEU Y 258 -17.13 5.83 48.03
N SER Y 259 -17.73 6.93 48.41
CA SER Y 259 -18.12 7.80 47.32
C SER Y 259 -19.14 7.01 46.53
N CYS Y 260 -19.96 6.28 47.25
CA CYS Y 260 -20.95 5.44 46.64
C CYS Y 260 -22.22 6.03 47.08
N LYS Y 261 -23.17 6.20 46.21
CA LYS Y 261 -24.43 6.71 46.67
C LYS Y 261 -24.90 5.59 47.57
N ILE Y 262 -24.54 5.62 48.85
CA ILE Y 262 -25.12 4.60 49.73
C ILE Y 262 -26.30 5.19 50.50
N LEU Y 263 -27.24 4.34 50.91
CA LEU Y 263 -28.31 4.76 51.80
C LEU Y 263 -28.40 3.74 52.92
N LEU Y 264 -28.17 4.18 54.15
CA LEU Y 264 -28.04 3.28 55.29
C LEU Y 264 -29.24 3.37 56.23
N THR Y 265 -29.83 2.23 56.51
CA THR Y 265 -30.95 2.16 57.41
C THR Y 265 -30.47 1.55 58.71
N THR Y 266 -30.70 2.23 59.83
CA THR Y 266 -30.20 1.74 61.12
C THR Y 266 -31.21 1.92 62.26
N ARG Y 267 -31.18 0.98 63.19
CA ARG Y 267 -32.01 1.03 64.39
C ARG Y 267 -31.59 1.80 65.66
N PHE Y 268 -30.39 2.40 65.75
CA PHE Y 268 -30.24 3.32 66.90
C PHE Y 268 -29.73 4.75 66.68
N LYS Y 269 -29.87 5.50 67.77
CA LYS Y 269 -29.86 6.96 67.75
C LYS Y 269 -28.46 7.54 67.65
N GLN Y 270 -27.46 6.72 67.96
CA GLN Y 270 -26.07 7.14 67.86
C GLN Y 270 -25.68 7.26 66.38
N VAL Y 271 -26.25 6.38 65.57
CA VAL Y 271 -26.01 6.40 64.13
C VAL Y 271 -26.61 7.65 63.44
N THR Y 272 -27.91 7.78 63.67
CA THR Y 272 -28.72 8.81 63.05
C THR Y 272 -28.40 10.02 63.86
N ASP Y 273 -27.85 9.74 65.04
CA ASP Y 273 -27.20 10.72 65.84
C ASP Y 273 -25.83 10.98 65.25
N PHE Y 274 -25.33 10.09 64.38
CA PHE Y 274 -24.06 10.43 63.77
C PHE Y 274 -23.98 11.38 62.60
N LEU Y 275 -24.80 11.17 61.59
CA LEU Y 275 -24.57 11.84 60.32
C LEU Y 275 -25.41 13.07 60.12
N SER Y 276 -24.73 14.18 60.23
CA SER Y 276 -25.39 15.45 60.22
C SER Y 276 -26.04 15.64 58.88
N ALA Y 277 -27.22 16.22 58.88
CA ALA Y 277 -27.89 16.56 57.65
C ALA Y 277 -26.97 17.58 57.03
N ALA Y 278 -27.02 17.71 55.72
CA ALA Y 278 -26.11 18.54 54.95
C ALA Y 278 -24.90 17.72 54.69
N THR Y 279 -24.94 16.50 55.18
CA THR Y 279 -24.43 15.32 54.49
C THR Y 279 -25.30 14.08 54.44
N THR Y 280 -26.57 14.17 54.75
CA THR Y 280 -27.38 12.98 54.53
C THR Y 280 -28.82 13.37 54.77
N THR Y 281 -29.82 12.50 54.67
CA THR Y 281 -31.04 13.08 55.08
C THR Y 281 -31.69 11.97 55.80
N HIS Y 282 -32.45 12.26 56.84
CA HIS Y 282 -33.14 11.17 57.48
C HIS Y 282 -34.62 11.17 57.14
N ILE Y 283 -35.03 10.11 56.48
CA ILE Y 283 -36.39 9.67 56.51
C ILE Y 283 -36.43 9.09 57.87
N SER Y 284 -37.40 9.42 58.70
CA SER Y 284 -37.50 8.75 59.99
C SER Y 284 -38.66 7.83 59.85
N LEU Y 285 -38.37 6.55 59.84
CA LEU Y 285 -39.38 5.57 59.58
C LEU Y 285 -40.45 5.50 60.62
N ASP Y 286 -40.08 5.67 61.88
CA ASP Y 286 -40.97 5.46 63.02
C ASP Y 286 -41.60 6.74 63.48
N HIS Y 287 -41.47 7.77 62.68
CA HIS Y 287 -41.97 9.08 63.00
C HIS Y 287 -43.43 9.13 62.69
N HIS Y 288 -43.91 10.36 62.66
CA HIS Y 288 -45.28 10.84 62.73
C HIS Y 288 -46.24 10.43 61.66
N SER Y 289 -45.80 10.45 60.43
CA SER Y 289 -46.71 10.22 59.33
C SER Y 289 -46.40 8.92 58.66
N MET Y 290 -45.20 8.45 58.87
CA MET Y 290 -44.80 7.20 58.32
C MET Y 290 -45.64 6.11 58.95
N THR Y 291 -45.96 6.28 60.21
CA THR Y 291 -46.52 5.15 60.93
C THR Y 291 -47.54 4.54 60.01
N LEU Y 292 -47.58 3.23 59.93
CA LEU Y 292 -48.35 2.60 58.89
C LEU Y 292 -49.72 3.16 58.95
N THR Y 293 -50.29 3.38 57.78
CA THR Y 293 -51.55 4.10 57.55
C THR Y 293 -52.73 3.44 58.26
N PRO Y 294 -53.50 4.24 59.03
CA PRO Y 294 -54.50 3.80 60.02
C PRO Y 294 -55.32 2.57 59.63
N ASP Y 295 -55.55 2.38 58.33
CA ASP Y 295 -56.28 1.22 57.84
C ASP Y 295 -55.35 0.24 57.15
N GLU Y 296 -54.14 0.71 56.86
CA GLU Y 296 -53.15 -0.16 56.23
C GLU Y 296 -52.49 -1.01 57.32
N VAL Y 297 -52.83 -0.76 58.58
CA VAL Y 297 -52.41 -1.71 59.59
C VAL Y 297 -53.28 -2.95 59.38
N LYS Y 298 -54.56 -2.72 59.12
CA LYS Y 298 -55.49 -3.81 58.86
C LYS Y 298 -55.11 -4.48 57.54
N SER Y 299 -54.45 -3.71 56.69
CA SER Y 299 -53.97 -4.17 55.40
C SER Y 299 -52.92 -5.22 55.60
N LEU Y 300 -51.93 -4.86 56.40
CA LEU Y 300 -50.77 -5.71 56.56
C LEU Y 300 -51.28 -6.95 57.26
N LEU Y 301 -52.16 -6.77 58.22
CA LEU Y 301 -52.51 -7.91 58.98
C LEU Y 301 -53.07 -8.82 57.94
N LEU Y 302 -53.70 -8.29 56.92
CA LEU Y 302 -54.22 -9.27 56.00
C LEU Y 302 -53.22 -10.24 55.38
N LYS Y 303 -52.17 -9.71 54.75
CA LYS Y 303 -51.24 -10.51 53.96
C LYS Y 303 -51.09 -11.90 54.56
N TYR Y 304 -50.49 -11.95 55.75
CA TYR Y 304 -50.27 -13.20 56.46
C TYR Y 304 -51.64 -13.77 56.71
N LEU Y 305 -52.57 -12.88 56.98
CA LEU Y 305 -53.90 -13.32 57.34
C LEU Y 305 -54.62 -14.06 56.25
N ASP Y 306 -54.50 -13.58 55.02
CA ASP Y 306 -55.24 -14.15 53.89
C ASP Y 306 -56.77 -14.13 53.93
N CYS Y 307 -57.40 -13.06 54.41
CA CYS Y 307 -58.81 -12.86 54.08
C CYS Y 307 -59.31 -11.43 54.19
N ARG Y 308 -60.38 -11.15 53.45
CA ARG Y 308 -61.19 -9.98 53.67
C ARG Y 308 -62.10 -9.89 54.89
N PRO Y 309 -62.81 -10.95 55.28
CA PRO Y 309 -63.93 -10.57 56.14
C PRO Y 309 -63.52 -10.55 57.61
N GLN Y 310 -62.63 -11.47 57.98
CA GLN Y 310 -62.15 -11.55 59.35
C GLN Y 310 -61.27 -10.35 59.71
N ASP Y 311 -60.66 -9.74 58.69
CA ASP Y 311 -59.81 -8.58 58.90
C ASP Y 311 -60.45 -7.58 59.85
N LEU Y 312 -61.77 -7.46 59.77
CA LEU Y 312 -62.51 -6.54 60.62
C LEU Y 312 -62.73 -7.14 62.00
N PRO Y 313 -62.70 -8.46 62.09
CA PRO Y 313 -62.89 -9.14 63.36
C PRO Y 313 -61.64 -9.10 64.22
N ARG Y 314 -60.65 -8.30 63.79
CA ARG Y 314 -59.40 -8.16 64.51
C ARG Y 314 -59.11 -6.70 64.84
N GLU Y 315 -60.11 -6.02 65.41
CA GLU Y 315 -59.97 -4.62 65.77
C GLU Y 315 -59.11 -4.46 67.02
N VAL Y 316 -57.98 -3.79 66.86
CA VAL Y 316 -57.06 -3.55 67.97
C VAL Y 316 -56.18 -2.33 67.72
N LEU Y 317 -55.01 -2.32 68.33
CA LEU Y 317 -54.07 -1.22 68.17
C LEU Y 317 -52.64 -1.72 68.05
N THR Y 318 -51.92 -1.22 67.05
CA THR Y 318 -50.53 -1.62 66.82
C THR Y 318 -49.98 -0.86 65.62
N THR Y 319 -48.69 -0.54 65.62
CA THR Y 319 -48.12 0.21 64.51
C THR Y 319 -46.73 -0.30 64.10
N ASN Y 320 -46.22 -1.32 64.78
CA ASN Y 320 -44.90 -1.84 64.44
C ASN Y 320 -45.02 -3.03 63.49
N PRO Y 321 -44.52 -2.90 62.26
CA PRO Y 321 -44.71 -3.99 61.31
C PRO Y 321 -44.11 -5.28 61.85
N ARG Y 322 -43.02 -5.20 62.64
CA ARG Y 322 -42.45 -6.43 63.13
C ARG Y 322 -43.42 -7.04 64.14
N ARG Y 323 -43.96 -6.19 65.03
CA ARG Y 323 -44.86 -6.73 66.03
C ARG Y 323 -46.13 -7.19 65.36
N LEU Y 324 -46.55 -6.42 64.37
CA LEU Y 324 -47.78 -6.73 63.67
C LEU Y 324 -47.67 -8.07 62.99
N SER Y 325 -46.55 -8.30 62.33
CA SER Y 325 -46.45 -9.50 61.55
C SER Y 325 -46.11 -10.72 62.36
N ILE Y 326 -45.35 -10.57 63.44
CA ILE Y 326 -45.12 -11.72 64.30
C ILE Y 326 -46.46 -12.15 64.88
N ILE Y 327 -47.26 -11.16 65.29
CA ILE Y 327 -48.56 -11.45 65.86
C ILE Y 327 -49.48 -12.06 64.86
N ALA Y 328 -49.49 -11.44 63.69
CA ALA Y 328 -50.38 -11.82 62.60
C ALA Y 328 -50.06 -13.28 62.18
N GLU Y 329 -48.76 -13.57 62.09
CA GLU Y 329 -48.30 -14.87 61.70
C GLU Y 329 -48.77 -15.87 62.74
N SER Y 330 -48.62 -15.48 63.99
CA SER Y 330 -48.96 -16.39 65.06
C SER Y 330 -50.46 -16.70 65.05
N ILE Y 331 -51.28 -15.68 64.83
CA ILE Y 331 -52.71 -15.94 64.80
C ILE Y 331 -53.19 -16.82 63.62
N ARG Y 332 -52.61 -16.65 62.42
CA ARG Y 332 -53.04 -17.48 61.30
C ARG Y 332 -52.68 -18.95 61.58
N ASP Y 333 -51.46 -19.12 62.09
CA ASP Y 333 -50.89 -20.37 62.51
C ASP Y 333 -50.53 -20.42 63.99
N ALA Y 336 -54.70 -18.29 67.32
CA ALA Y 336 -55.82 -17.98 68.20
C ALA Y 336 -55.77 -16.52 68.66
N THR Y 337 -56.78 -15.73 68.32
CA THR Y 337 -56.62 -14.28 68.36
C THR Y 337 -56.37 -13.60 69.71
N TRP Y 338 -57.21 -13.90 70.68
CA TRP Y 338 -57.05 -13.37 72.03
C TRP Y 338 -55.84 -13.89 72.73
N ASP Y 339 -55.66 -15.19 72.73
CA ASP Y 339 -54.68 -15.74 73.63
C ASP Y 339 -53.34 -15.23 73.21
N ASN Y 340 -53.13 -15.43 71.91
CA ASN Y 340 -51.89 -15.18 71.21
C ASN Y 340 -51.43 -13.72 71.17
N TRP Y 341 -52.36 -12.77 71.00
CA TRP Y 341 -52.02 -11.35 70.84
C TRP Y 341 -51.17 -11.01 72.05
N LYS Y 342 -51.43 -11.67 73.16
CA LYS Y 342 -50.64 -11.45 74.39
C LYS Y 342 -49.73 -12.61 74.84
N HIS Y 343 -50.33 -13.66 75.41
CA HIS Y 343 -49.66 -14.70 76.15
C HIS Y 343 -49.03 -15.53 75.05
N VAL Y 344 -49.51 -15.27 73.84
CA VAL Y 344 -48.95 -15.85 72.65
C VAL Y 344 -47.62 -15.14 72.46
N ASN Y 345 -46.59 -15.89 72.09
CA ASN Y 345 -45.29 -15.29 71.85
C ASN Y 345 -44.59 -14.94 73.15
N CYS Y 346 -45.14 -15.41 74.26
CA CYS Y 346 -44.40 -15.36 75.48
C CYS Y 346 -42.96 -15.63 75.15
N ASP Y 347 -42.86 -16.37 74.05
CA ASP Y 347 -41.64 -17.06 73.67
C ASP Y 347 -41.02 -16.44 72.42
N LYS Y 348 -41.63 -15.43 71.78
CA LYS Y 348 -40.95 -14.86 70.63
C LYS Y 348 -40.73 -13.35 70.68
N LEU Y 349 -41.80 -12.57 70.83
CA LEU Y 349 -41.71 -11.12 70.79
C LEU Y 349 -40.87 -10.61 71.94
N THR Y 350 -40.86 -11.39 73.02
CA THR Y 350 -40.09 -11.07 74.19
C THR Y 350 -38.63 -11.17 73.82
N THR Y 351 -38.23 -12.24 73.11
CA THR Y 351 -36.82 -12.40 72.75
C THR Y 351 -36.37 -11.30 71.82
N ILE Y 352 -37.26 -10.88 70.92
CA ILE Y 352 -36.95 -9.82 69.97
C ILE Y 352 -36.61 -8.51 70.68
N ILE Y 353 -37.39 -8.19 71.70
CA ILE Y 353 -37.18 -6.97 72.47
C ILE Y 353 -36.27 -7.22 73.66
N GLU Y 354 -35.43 -8.25 73.56
CA GLU Y 354 -34.51 -8.59 74.62
C GLU Y 354 -33.08 -8.73 74.10
N SER Y 355 -32.95 -9.33 72.91
CA SER Y 355 -31.64 -9.52 72.29
C SER Y 355 -30.88 -8.20 72.19
N SER Y 356 -31.55 -7.11 72.51
CA SER Y 356 -30.94 -5.78 72.45
C SER Y 356 -30.35 -5.39 73.81
N LEU Y 357 -30.56 -6.25 74.81
CA LEU Y 357 -30.04 -5.99 76.15
C LEU Y 357 -28.58 -6.39 76.26
N ASN Y 358 -28.14 -7.35 75.49
CA ASN Y 358 -26.74 -7.67 75.59
C ASN Y 358 -25.88 -6.48 75.22
N VAL Y 359 -26.33 -5.68 74.25
CA VAL Y 359 -25.45 -4.68 73.64
C VAL Y 359 -24.95 -3.59 74.59
N LEU Y 360 -25.83 -3.11 75.45
CA LEU Y 360 -25.46 -2.13 76.49
C LEU Y 360 -24.94 -2.84 77.73
N GLU Y 361 -23.74 -2.49 78.19
CA GLU Y 361 -23.14 -3.16 79.34
C GLU Y 361 -24.18 -3.56 80.40
N PRO Y 362 -24.09 -4.79 80.87
CA PRO Y 362 -24.98 -5.27 81.90
C PRO Y 362 -24.81 -4.71 83.28
N ALA Y 363 -23.56 -4.46 83.69
CA ALA Y 363 -23.28 -4.00 85.04
C ALA Y 363 -24.00 -2.69 85.38
N GLU Y 364 -24.09 -1.79 84.41
CA GLU Y 364 -24.70 -0.48 84.65
C GLU Y 364 -25.91 -0.22 83.75
N TYR Y 365 -25.85 -0.69 82.50
CA TYR Y 365 -26.92 -0.45 81.54
C TYR Y 365 -28.12 -1.36 81.77
N ARG Y 366 -27.97 -2.63 81.42
CA ARG Y 366 -29.06 -3.60 81.52
C ARG Y 366 -29.85 -3.46 82.82
N LYS Y 367 -29.16 -3.56 83.95
CA LYS Y 367 -29.81 -3.52 85.25
C LYS Y 367 -30.68 -2.29 85.54
N MET Y 368 -30.13 -1.11 85.29
CA MET Y 368 -30.89 0.08 85.58
C MET Y 368 -32.21 -0.11 84.88
N PHE Y 369 -32.16 -0.12 83.57
CA PHE Y 369 -33.38 -0.09 82.80
C PHE Y 369 -34.40 -1.02 83.46
N ASP Y 370 -33.93 -2.13 84.00
CA ASP Y 370 -34.79 -3.18 84.52
C ASP Y 370 -35.67 -2.58 85.60
N ARG Y 371 -35.13 -1.56 86.25
CA ARG Y 371 -35.76 -0.89 87.35
C ARG Y 371 -37.02 -0.14 86.90
N LEU Y 372 -37.08 0.23 85.64
CA LEU Y 372 -38.18 1.05 85.18
C LEU Y 372 -39.48 0.27 85.35
N SER Y 373 -39.34 -1.00 85.65
CA SER Y 373 -40.50 -1.83 85.72
C SER Y 373 -41.41 -1.21 86.75
N VAL Y 374 -40.86 -0.45 87.68
CA VAL Y 374 -41.61 0.19 88.75
C VAL Y 374 -42.67 1.16 88.25
N PHE Y 375 -42.34 1.93 87.24
CA PHE Y 375 -43.19 3.02 86.73
C PHE Y 375 -44.25 2.63 85.70
N PRO Y 376 -45.24 3.50 85.55
CA PRO Y 376 -46.46 3.16 84.81
C PRO Y 376 -46.03 2.80 83.40
N PRO Y 377 -46.82 1.82 82.78
CA PRO Y 377 -46.13 1.18 81.66
C PRO Y 377 -45.70 2.14 80.57
N SER Y 378 -46.53 3.11 80.27
CA SER Y 378 -46.14 4.08 79.25
C SER Y 378 -46.27 5.42 79.91
N ALA Y 379 -45.30 5.65 80.77
CA ALA Y 379 -45.26 6.77 81.68
C ALA Y 379 -43.90 7.43 81.70
N HIS Y 380 -43.77 8.45 82.53
CA HIS Y 380 -42.58 9.28 82.57
C HIS Y 380 -41.81 9.07 83.86
N ILE Y 381 -40.66 9.73 83.97
CA ILE Y 381 -39.87 9.63 85.19
C ILE Y 381 -38.91 10.80 85.41
N PRO Y 382 -39.16 11.57 86.47
CA PRO Y 382 -38.37 12.73 86.89
C PRO Y 382 -36.95 12.35 87.21
N THR Y 383 -36.04 13.31 87.12
CA THR Y 383 -34.65 12.94 87.33
C THR Y 383 -34.39 12.41 88.73
N ILE Y 384 -34.99 13.09 89.72
CA ILE Y 384 -34.80 12.73 91.12
C ILE Y 384 -35.19 11.29 91.46
N LEU Y 385 -36.31 10.85 90.89
CA LEU Y 385 -36.82 9.50 91.10
C LEU Y 385 -35.93 8.40 90.50
N LEU Y 386 -35.39 8.64 89.31
CA LEU Y 386 -34.58 7.65 88.63
C LEU Y 386 -33.28 7.42 89.38
N SER Y 387 -32.81 8.43 90.09
CA SER Y 387 -31.51 8.30 90.72
C SER Y 387 -31.55 7.18 91.74
N LEU Y 388 -32.56 7.19 92.58
CA LEU Y 388 -32.60 6.27 93.69
C LEU Y 388 -32.60 4.84 93.20
N ILE Y 389 -33.23 4.62 92.05
CA ILE Y 389 -33.51 3.27 91.59
C ILE Y 389 -32.27 2.42 91.30
N SER Y 396 -24.08 13.66 88.89
CA SER Y 396 -24.36 13.70 87.46
C SER Y 396 -24.35 12.30 86.86
N ASP Y 397 -23.90 11.32 87.64
CA ASP Y 397 -23.79 9.95 87.13
C ASP Y 397 -25.08 9.39 86.55
N VAL Y 398 -26.21 9.55 87.23
CA VAL Y 398 -27.45 8.99 86.68
C VAL Y 398 -27.84 9.64 85.36
N MET Y 399 -27.58 10.93 85.25
CA MET Y 399 -27.91 11.71 84.07
C MET Y 399 -27.12 11.21 82.87
N VAL Y 400 -25.85 10.89 83.08
CA VAL Y 400 -25.04 10.39 81.99
C VAL Y 400 -25.42 8.95 81.71
N VAL Y 401 -25.58 8.13 82.75
CA VAL Y 401 -25.82 6.71 82.50
C VAL Y 401 -27.14 6.55 81.74
N VAL Y 402 -28.17 7.34 82.09
CA VAL Y 402 -29.38 7.23 81.29
C VAL Y 402 -29.10 7.76 79.89
N ASN Y 403 -28.23 8.79 79.80
CA ASN Y 403 -28.06 9.46 78.51
C ASN Y 403 -27.51 8.45 77.50
N LYS Y 404 -26.61 7.63 77.98
CA LYS Y 404 -26.10 6.53 77.20
C LYS Y 404 -27.24 5.61 76.90
N LEU Y 405 -28.05 5.34 77.90
CA LEU Y 405 -29.15 4.45 77.66
C LEU Y 405 -30.08 5.12 76.67
N HIS Y 406 -29.99 6.45 76.63
CA HIS Y 406 -30.99 7.17 75.87
C HIS Y 406 -30.94 6.61 74.52
N LYS Y 407 -29.72 6.39 74.04
CA LYS Y 407 -29.46 5.91 72.71
C LYS Y 407 -29.74 4.44 72.51
N TYR Y 408 -29.21 3.55 73.35
CA TYR Y 408 -29.39 2.14 73.00
C TYR Y 408 -30.81 1.56 73.19
N SER Y 409 -31.42 1.76 74.35
CA SER Y 409 -32.72 1.17 74.64
C SER Y 409 -33.81 2.20 74.75
N LEU Y 410 -35.01 1.77 75.12
CA LEU Y 410 -36.15 2.65 74.94
C LEU Y 410 -36.00 4.06 75.57
N VAL Y 411 -35.87 4.18 76.88
CA VAL Y 411 -35.02 5.14 77.61
C VAL Y 411 -35.15 6.63 77.22
N GLU Y 412 -36.32 7.08 76.81
CA GLU Y 412 -36.27 8.18 75.85
C GLU Y 412 -36.15 9.45 76.60
N LYS Y 413 -34.95 9.98 76.66
CA LYS Y 413 -34.70 11.18 77.40
C LYS Y 413 -35.48 12.28 76.74
N GLN Y 414 -35.79 13.31 77.49
CA GLN Y 414 -36.59 14.39 76.98
C GLN Y 414 -36.35 15.70 77.67
N PRO Y 415 -36.97 16.76 77.14
CA PRO Y 415 -36.79 18.10 77.70
C PRO Y 415 -37.15 18.59 79.09
N SER Y 418 -36.83 18.22 83.19
CA SER Y 418 -35.90 17.28 82.58
C SER Y 418 -36.37 15.84 82.78
N THR Y 419 -37.68 15.65 82.84
CA THR Y 419 -38.26 14.32 83.04
C THR Y 419 -37.91 13.40 81.89
N ILE Y 420 -38.33 12.14 81.99
CA ILE Y 420 -37.96 11.12 81.03
C ILE Y 420 -39.23 10.36 80.72
N SER Y 421 -39.35 9.86 79.50
CA SER Y 421 -40.50 9.05 79.11
C SER Y 421 -39.94 7.87 78.37
N ILE Y 422 -40.03 6.69 78.97
CA ILE Y 422 -39.56 5.46 78.32
C ILE Y 422 -40.47 4.87 77.25
N PRO Y 423 -39.88 4.11 76.35
CA PRO Y 423 -40.59 3.58 75.20
C PRO Y 423 -41.06 2.18 75.47
N SER Y 424 -42.37 1.99 75.33
CA SER Y 424 -43.08 0.87 75.91
C SER Y 424 -42.65 -0.49 75.43
N ILE Y 425 -42.38 -0.59 74.14
CA ILE Y 425 -42.45 -1.87 73.46
C ILE Y 425 -41.50 -2.87 74.09
N TYR Y 426 -40.35 -2.37 74.52
CA TYR Y 426 -39.47 -3.06 75.46
C TYR Y 426 -39.61 -2.47 76.87
N LEU Y 427 -40.39 -1.40 76.98
CA LEU Y 427 -40.60 -0.75 78.27
C LEU Y 427 -41.53 -1.56 79.15
N GLU Y 428 -42.74 -1.80 78.68
CA GLU Y 428 -43.74 -2.57 79.43
C GLU Y 428 -43.50 -4.08 79.46
N LEU Y 429 -43.27 -4.67 78.29
CA LEU Y 429 -43.26 -6.12 78.15
C LEU Y 429 -41.97 -6.80 78.58
N LYS Y 430 -40.86 -6.42 77.95
CA LYS Y 430 -39.62 -7.16 78.16
C LYS Y 430 -39.37 -7.41 79.63
N VAL Y 431 -39.41 -6.29 80.35
CA VAL Y 431 -39.08 -6.22 81.74
C VAL Y 431 -40.04 -6.95 82.68
N LYS Y 432 -41.34 -6.82 82.43
CA LYS Y 432 -42.36 -7.36 83.32
C LYS Y 432 -42.17 -8.85 83.57
N LEU Y 433 -41.87 -9.58 82.51
CA LEU Y 433 -41.68 -11.02 82.60
C LEU Y 433 -40.45 -11.37 83.41
N GLU Y 434 -39.34 -10.71 83.16
CA GLU Y 434 -38.11 -11.07 83.87
C GLU Y 434 -37.85 -10.11 85.00
N ASN Y 435 -37.95 -10.59 86.22
CA ASN Y 435 -37.67 -9.70 87.32
C ASN Y 435 -37.26 -10.59 88.50
N GLU Y 436 -36.66 -9.99 89.52
CA GLU Y 436 -36.20 -10.73 90.68
C GLU Y 436 -36.76 -9.89 91.80
N TYR Y 437 -36.66 -10.30 93.06
CA TYR Y 437 -37.38 -9.46 94.00
C TYR Y 437 -36.42 -8.39 94.48
N ALA Y 438 -36.07 -7.54 93.53
CA ALA Y 438 -35.41 -6.27 93.75
C ALA Y 438 -36.51 -5.29 94.15
N LEU Y 439 -37.72 -5.62 93.71
CA LEU Y 439 -38.89 -4.77 93.86
C LEU Y 439 -39.06 -4.21 95.25
N HIS Y 440 -38.88 -5.05 96.28
CA HIS Y 440 -39.16 -4.56 97.63
C HIS Y 440 -38.35 -3.28 97.85
N ARG Y 441 -37.09 -3.32 97.48
CA ARG Y 441 -36.23 -2.17 97.70
C ARG Y 441 -36.71 -0.98 96.86
N SER Y 442 -37.10 -1.24 95.62
CA SER Y 442 -37.52 -0.14 94.74
C SER Y 442 -38.79 0.53 95.25
N ILE Y 443 -39.77 -0.30 95.61
CA ILE Y 443 -41.05 0.19 96.06
C ILE Y 443 -40.86 0.95 97.37
N VAL Y 444 -40.00 0.42 98.24
CA VAL Y 444 -39.77 1.06 99.54
C VAL Y 444 -39.15 2.41 99.22
N ASP Y 445 -38.32 2.44 98.17
CA ASP Y 445 -37.64 3.67 97.80
C ASP Y 445 -38.74 4.67 97.47
N HIS Y 446 -39.78 4.20 96.78
CA HIS Y 446 -40.89 5.07 96.40
C HIS Y 446 -41.50 5.57 97.69
N TYR Y 447 -41.62 4.73 98.72
CA TYR Y 447 -42.18 5.27 99.94
C TYR Y 447 -41.31 6.40 100.45
N ASN Y 448 -39.99 6.19 100.40
CA ASN Y 448 -39.05 7.16 100.93
C ASN Y 448 -39.10 8.51 100.23
N ILE Y 449 -39.24 8.52 98.92
CA ILE Y 449 -39.20 9.81 98.21
C ILE Y 449 -40.35 10.76 98.60
N PRO Y 450 -41.65 10.33 98.60
CA PRO Y 450 -42.55 11.35 99.14
C PRO Y 450 -42.32 11.62 100.62
N LYS Y 451 -41.71 10.68 101.32
CA LYS Y 451 -41.43 10.91 102.73
C LYS Y 451 -40.50 12.12 102.78
N THR Y 452 -39.49 12.12 101.92
CA THR Y 452 -38.52 13.21 101.92
C THR Y 452 -39.23 14.51 101.52
N PHE Y 453 -40.04 14.44 100.46
CA PHE Y 453 -40.79 15.62 100.01
C PHE Y 453 -41.78 15.95 101.12
N ASP Y 454 -41.68 17.16 101.67
CA ASP Y 454 -42.62 17.53 102.72
C ASP Y 454 -42.62 19.03 102.92
N SER Y 455 -43.80 19.61 103.00
CA SER Y 455 -43.95 21.01 103.30
C SER Y 455 -44.68 21.08 104.62
N ASP Y 456 -44.64 22.23 105.29
CA ASP Y 456 -45.24 22.35 106.61
C ASP Y 456 -46.72 22.00 106.48
N ASP Y 457 -47.39 22.65 105.53
CA ASP Y 457 -48.80 22.38 105.31
C ASP Y 457 -49.02 21.25 104.31
N LEU Y 458 -50.28 21.10 103.92
CA LEU Y 458 -50.78 19.98 103.12
C LEU Y 458 -50.40 20.00 101.64
N ILE Y 459 -49.67 21.03 101.21
CA ILE Y 459 -49.26 21.14 99.81
C ILE Y 459 -47.88 20.53 99.59
N PRO Y 460 -47.82 19.53 98.61
CA PRO Y 460 -46.47 18.97 98.44
C PRO Y 460 -45.77 19.55 97.21
N PRO Y 461 -44.50 19.21 97.00
CA PRO Y 461 -43.77 19.72 95.85
C PRO Y 461 -43.78 18.74 94.68
N TYR Y 462 -44.89 18.69 93.96
CA TYR Y 462 -45.15 17.63 93.01
C TYR Y 462 -44.64 17.95 91.61
N LEU Y 463 -43.69 17.15 91.13
CA LEU Y 463 -43.25 17.27 89.75
C LEU Y 463 -44.51 16.90 88.97
N ASP Y 464 -44.73 17.64 87.90
CA ASP Y 464 -46.05 18.01 87.42
C ASP Y 464 -46.96 16.86 87.06
N GLN Y 465 -46.43 15.86 86.37
CA GLN Y 465 -47.27 14.76 85.95
C GLN Y 465 -46.99 13.50 86.74
N TYR Y 466 -45.72 13.15 86.81
CA TYR Y 466 -45.41 11.83 87.38
C TYR Y 466 -46.01 11.63 88.72
N PHE Y 467 -45.73 12.55 89.61
CA PHE Y 467 -46.10 12.38 90.98
C PHE Y 467 -47.59 12.21 91.09
N TYR Y 468 -48.35 13.05 90.41
CA TYR Y 468 -49.79 13.03 90.53
C TYR Y 468 -50.37 11.67 90.14
N SER Y 469 -49.98 11.14 88.99
CA SER Y 469 -50.50 9.86 88.52
C SER Y 469 -49.96 8.66 89.31
N HIS Y 470 -48.63 8.57 89.32
CA HIS Y 470 -47.85 7.43 89.80
C HIS Y 470 -47.91 7.22 91.32
N ILE Y 471 -47.98 8.33 92.06
CA ILE Y 471 -47.78 8.27 93.52
C ILE Y 471 -48.76 7.28 94.09
N GLY Y 472 -50.02 7.35 93.67
CA GLY Y 472 -51.02 6.48 94.22
C GLY Y 472 -50.71 5.03 93.92
N HIS Y 473 -50.22 4.75 92.72
CA HIS Y 473 -49.95 3.37 92.33
C HIS Y 473 -48.88 2.77 93.23
N HIS Y 474 -47.80 3.53 93.40
CA HIS Y 474 -46.68 3.07 94.19
C HIS Y 474 -47.13 2.91 95.63
N LEU Y 475 -47.95 3.85 96.07
CA LEU Y 475 -48.47 3.87 97.42
C LEU Y 475 -49.31 2.63 97.68
N LYS Y 476 -50.13 2.28 96.68
CA LYS Y 476 -51.03 1.14 96.81
C LYS Y 476 -50.16 -0.06 97.04
N ASN Y 477 -49.08 -0.15 96.27
CA ASN Y 477 -48.20 -1.30 96.45
C ASN Y 477 -47.55 -1.30 97.83
N ILE Y 478 -47.08 -0.15 98.32
CA ILE Y 478 -46.33 -0.15 99.58
C ILE Y 478 -47.16 -0.51 100.83
N GLU Y 479 -48.28 0.21 101.05
CA GLU Y 479 -49.17 0.09 102.22
C GLU Y 479 -50.36 1.07 102.23
N HIS Y 480 -51.28 0.83 103.16
CA HIS Y 480 -52.46 1.71 103.40
C HIS Y 480 -52.20 3.10 104.02
N PRO Y 481 -51.46 3.19 105.15
CA PRO Y 481 -51.41 4.47 105.86
C PRO Y 481 -51.03 5.65 104.97
N GLU Y 482 -50.03 5.48 104.13
CA GLU Y 482 -49.59 6.56 103.26
C GLU Y 482 -50.73 6.87 102.32
N ARG Y 483 -51.37 5.80 101.85
CA ARG Y 483 -52.42 5.92 100.85
C ARG Y 483 -53.45 6.87 101.40
N MET Y 484 -53.75 6.65 102.68
CA MET Y 484 -54.79 7.39 103.35
C MET Y 484 -54.51 8.89 103.32
N THR Y 485 -53.29 9.29 103.71
CA THR Y 485 -52.96 10.72 103.74
C THR Y 485 -52.77 11.36 102.36
N LEU Y 486 -51.99 10.71 101.48
CA LEU Y 486 -51.63 11.27 100.17
C LEU Y 486 -52.82 11.42 99.24
N PHE Y 487 -53.65 10.37 99.17
CA PHE Y 487 -54.79 10.39 98.27
C PHE Y 487 -55.64 11.55 98.67
N ARG Y 488 -55.60 11.88 99.96
CA ARG Y 488 -56.22 13.12 100.38
C ARG Y 488 -57.71 12.90 100.17
N MET Y 489 -58.09 11.66 100.45
CA MET Y 489 -59.47 11.31 100.64
C MET Y 489 -59.70 11.92 102.02
N VAL Y 490 -58.68 11.75 102.85
CA VAL Y 490 -58.59 12.37 104.17
C VAL Y 490 -58.49 13.88 103.95
N PHE Y 491 -57.58 14.28 103.06
CA PHE Y 491 -57.25 15.70 102.91
C PHE Y 491 -57.83 16.40 101.69
N LEU Y 492 -58.30 17.60 101.95
CA LEU Y 492 -59.17 18.32 101.05
C LEU Y 492 -58.23 19.02 100.07
N ASP Y 493 -56.97 19.13 100.48
CA ASP Y 493 -55.93 19.76 99.66
C ASP Y 493 -55.71 19.06 98.30
N PHE Y 494 -55.77 17.74 98.16
CA PHE Y 494 -55.50 17.20 96.82
C PHE Y 494 -56.70 17.25 95.96
N ARG Y 495 -57.85 17.49 96.57
CA ARG Y 495 -58.97 17.84 95.77
C ARG Y 495 -58.52 19.05 94.96
N PHE Y 496 -58.08 20.05 95.71
CA PHE Y 496 -57.46 21.25 95.16
C PHE Y 496 -56.38 20.96 94.15
N LEU Y 497 -55.25 20.43 94.60
CA LEU Y 497 -54.09 20.50 93.75
C LEU Y 497 -54.23 19.57 92.57
N GLU Y 498 -54.65 18.33 92.82
CA GLU Y 498 -54.72 17.39 91.73
C GLU Y 498 -55.65 17.94 90.67
N GLN Y 499 -56.81 18.42 91.13
CA GLN Y 499 -57.81 18.89 90.20
C GLN Y 499 -57.32 20.10 89.40
N LYS Y 500 -56.84 21.17 90.05
CA LYS Y 500 -56.48 22.31 89.20
C LYS Y 500 -55.21 22.09 88.37
N ILE Y 501 -54.16 21.44 88.89
CA ILE Y 501 -52.98 21.30 88.01
C ILE Y 501 -53.37 20.39 86.84
N ARG Y 502 -54.11 19.31 87.06
CA ARG Y 502 -54.40 18.50 85.89
C ARG Y 502 -55.63 19.03 85.16
N HIS Y 503 -55.57 20.34 84.92
CA HIS Y 503 -56.44 21.11 84.04
C HIS Y 503 -55.81 21.25 82.67
N ASN Y 516 -58.11 15.07 83.08
CA ASN Y 516 -58.83 15.97 83.98
C ASN Y 516 -59.34 15.24 85.20
N THR Y 517 -60.61 15.48 85.53
CA THR Y 517 -61.25 14.85 86.67
C THR Y 517 -61.26 13.33 86.46
N LEU Y 518 -61.32 12.94 85.19
CA LEU Y 518 -61.47 11.54 84.80
C LEU Y 518 -60.42 10.64 85.44
N GLN Y 519 -59.17 11.09 85.35
CA GLN Y 519 -58.04 10.32 85.88
C GLN Y 519 -58.08 10.31 87.39
N GLN Y 520 -58.47 11.44 87.96
CA GLN Y 520 -58.51 11.62 89.40
C GLN Y 520 -59.47 10.52 89.90
N LEU Y 521 -60.63 10.42 89.24
CA LEU Y 521 -61.66 9.44 89.58
C LEU Y 521 -61.07 8.05 89.42
N LYS Y 522 -60.22 7.92 88.41
CA LYS Y 522 -59.60 6.65 88.12
C LYS Y 522 -58.74 6.28 89.32
N PHE Y 523 -58.04 7.25 89.90
CA PHE Y 523 -57.15 6.91 91.00
C PHE Y 523 -58.03 6.44 92.14
N TYR Y 524 -59.09 7.18 92.42
CA TYR Y 524 -59.86 6.81 93.58
C TYR Y 524 -60.45 5.42 93.50
N LYS Y 525 -61.03 5.02 92.37
CA LYS Y 525 -61.71 3.73 92.37
C LYS Y 525 -60.84 2.43 92.58
N PRO Y 526 -59.79 2.16 91.75
CA PRO Y 526 -59.08 0.92 92.10
C PRO Y 526 -58.23 0.95 93.37
N TYR Y 527 -57.75 2.14 93.74
CA TYR Y 527 -56.84 2.27 94.88
C TYR Y 527 -57.49 2.03 96.25
N ILE Y 528 -58.81 2.22 96.38
CA ILE Y 528 -59.41 2.23 97.72
C ILE Y 528 -59.12 0.95 98.49
N CYS Y 529 -58.92 -0.17 97.78
CA CYS Y 529 -58.82 -1.49 98.38
C CYS Y 529 -57.74 -1.55 99.46
N ASP Y 530 -56.71 -0.73 99.31
CA ASP Y 530 -55.61 -0.76 100.27
C ASP Y 530 -56.13 -0.42 101.66
N ASP Y 532 -58.32 1.92 106.59
CA ASP Y 532 -59.21 0.80 106.90
C ASP Y 532 -60.57 1.05 106.23
N PRO Y 533 -61.60 0.22 106.52
CA PRO Y 533 -62.91 0.50 105.90
C PRO Y 533 -63.63 1.80 106.31
N LYS Y 534 -63.55 2.23 107.58
CA LYS Y 534 -64.29 3.40 108.04
C LYS Y 534 -63.91 4.63 107.20
N TYR Y 535 -62.59 4.79 107.07
CA TYR Y 535 -62.05 5.88 106.29
C TYR Y 535 -62.48 5.59 104.86
N GLU Y 536 -62.53 4.32 104.49
CA GLU Y 536 -62.86 3.92 103.12
C GLU Y 536 -64.21 4.47 102.66
N ARG Y 537 -65.24 4.24 103.46
CA ARG Y 537 -66.60 4.63 103.10
C ARG Y 537 -66.48 6.12 102.95
N LEU Y 538 -65.70 6.70 103.85
CA LEU Y 538 -65.56 8.15 103.83
C LEU Y 538 -64.94 8.59 102.47
N VAL Y 539 -63.88 7.92 102.01
CA VAL Y 539 -63.23 8.33 100.76
C VAL Y 539 -64.19 8.22 99.60
N ASN Y 540 -65.04 7.20 99.60
CA ASN Y 540 -65.94 7.12 98.45
C ASN Y 540 -66.89 8.32 98.53
N ALA Y 541 -67.23 8.68 99.76
CA ALA Y 541 -68.15 9.78 100.02
C ALA Y 541 -67.58 11.08 99.42
N ILE Y 542 -66.28 11.31 99.67
CA ILE Y 542 -65.57 12.51 99.20
C ILE Y 542 -65.52 12.45 97.68
N LEU Y 543 -65.35 11.22 97.18
CA LEU Y 543 -65.18 10.95 95.77
C LEU Y 543 -66.40 11.36 94.99
N ASP Y 544 -67.60 11.05 95.48
CA ASP Y 544 -68.78 11.43 94.70
C ASP Y 544 -68.85 12.94 94.65
N PHE Y 545 -68.46 13.60 95.73
CA PHE Y 545 -68.51 15.04 95.81
C PHE Y 545 -67.60 15.72 94.81
N LEU Y 546 -66.44 15.11 94.62
CA LEU Y 546 -65.41 15.66 93.76
C LEU Y 546 -65.79 15.86 92.26
N PRO Y 547 -66.26 14.82 91.52
CA PRO Y 547 -66.70 15.19 90.18
C PRO Y 547 -67.96 16.05 90.19
N LYS Y 548 -68.67 16.06 91.31
CA LYS Y 548 -69.93 16.79 91.44
C LYS Y 548 -69.69 18.26 91.22
N ILE Y 549 -68.63 18.79 91.82
CA ILE Y 549 -68.31 20.22 91.69
C ILE Y 549 -66.88 20.40 91.16
N SER Y 556 -60.62 29.39 91.86
CA SER Y 556 -61.18 29.73 93.18
C SER Y 556 -60.22 29.98 94.42
N LYS Y 557 -59.95 31.25 94.88
CA LYS Y 557 -59.10 31.73 96.12
C LYS Y 557 -59.44 30.74 97.22
N TYR Y 558 -58.41 30.35 97.96
CA TYR Y 558 -58.19 29.16 98.66
C TYR Y 558 -59.52 28.49 99.28
N THR Y 559 -60.28 29.41 99.72
CA THR Y 559 -61.63 29.31 100.27
C THR Y 559 -62.76 28.39 99.73
N ASP Y 560 -63.03 28.41 98.46
CA ASP Y 560 -64.20 27.78 97.91
C ASP Y 560 -64.14 26.31 98.29
N LEU Y 561 -62.95 25.72 98.22
CA LEU Y 561 -62.77 24.30 98.46
C LEU Y 561 -63.29 23.96 99.87
N LEU Y 562 -62.91 24.76 100.86
CA LEU Y 562 -63.27 24.44 102.24
C LEU Y 562 -64.77 24.63 102.42
N ARG Y 563 -65.33 25.65 101.75
CA ARG Y 563 -66.76 25.85 101.91
C ARG Y 563 -67.60 24.76 101.28
N ILE Y 564 -67.20 24.26 100.11
CA ILE Y 564 -67.96 23.18 99.52
C ILE Y 564 -67.77 21.95 100.42
N ALA Y 565 -66.58 21.85 101.04
CA ALA Y 565 -66.28 20.72 101.92
C ALA Y 565 -67.32 20.71 103.03
N LEU Y 566 -67.77 21.91 103.41
CA LEU Y 566 -68.68 22.08 104.56
C LEU Y 566 -70.02 21.34 104.44
N MET Y 567 -70.47 21.07 103.22
CA MET Y 567 -71.83 20.54 103.03
C MET Y 567 -72.13 19.26 103.80
N ALA Y 568 -71.26 18.26 103.74
CA ALA Y 568 -71.60 17.03 104.46
C ALA Y 568 -70.69 16.89 105.66
N GLU Y 569 -71.34 16.80 106.82
CA GLU Y 569 -70.68 16.78 108.13
C GLU Y 569 -69.88 15.50 108.40
N ASP Y 570 -70.36 14.39 107.82
CA ASP Y 570 -69.79 13.06 108.09
C ASP Y 570 -68.36 12.82 107.63
N GLU Y 571 -67.79 13.71 106.82
CA GLU Y 571 -66.54 13.35 106.16
C GLU Y 571 -65.25 14.03 106.64
N ALA Y 572 -64.15 13.31 106.42
CA ALA Y 572 -62.78 13.72 106.77
C ALA Y 572 -62.37 14.90 105.93
N ILE Y 573 -62.86 14.95 104.69
CA ILE Y 573 -62.54 16.05 103.80
C ILE Y 573 -62.91 17.32 104.53
N PHE Y 574 -64.07 17.38 105.18
CA PHE Y 574 -64.39 18.62 105.88
C PHE Y 574 -63.41 18.93 107.01
N GLU Y 575 -63.02 17.93 107.79
CA GLU Y 575 -62.11 18.15 108.92
C GLU Y 575 -60.78 18.68 108.44
N GLU Y 576 -60.32 18.11 107.34
CA GLU Y 576 -59.07 18.52 106.74
C GLU Y 576 -59.22 19.92 106.22
N ALA Y 577 -60.40 20.20 105.66
CA ALA Y 577 -60.68 21.49 105.07
C ALA Y 577 -60.54 22.52 106.16
N HIS Y 578 -61.02 22.17 107.34
CA HIS Y 578 -60.95 23.08 108.46
C HIS Y 578 -59.50 23.26 108.82
N LYS Y 579 -58.70 22.18 108.76
CA LYS Y 579 -57.29 22.33 109.14
C LYS Y 579 -56.58 23.28 108.18
N GLN Y 580 -56.76 23.04 106.88
CA GLN Y 580 -56.09 23.82 105.85
C GLN Y 580 -56.54 25.30 105.84
N VAL Y 581 -57.78 25.61 106.25
CA VAL Y 581 -58.10 27.04 106.46
C VAL Y 581 -57.37 27.55 107.68
N GLN Y 582 -57.29 26.71 108.72
CA GLN Y 582 -56.54 27.07 109.93
C GLN Y 582 -55.11 27.50 109.58
N ARG Y 583 -54.43 26.74 108.74
CA ARG Y 583 -53.16 27.19 108.19
C ARG Y 583 -53.30 27.54 106.71
N UNK Y 584 -73.58 21.35 87.65
CA UNK Y 584 -74.08 20.45 86.61
C UNK Y 584 -73.36 19.12 86.74
N UNK Y 585 -74.08 18.05 86.49
CA UNK Y 585 -73.52 16.71 86.58
C UNK Y 585 -72.23 16.57 85.76
N UNK Y 586 -72.13 17.27 84.63
CA UNK Y 586 -70.93 17.18 83.81
C UNK Y 586 -70.61 18.45 83.02
N UNK Y 587 -69.32 18.74 82.89
CA UNK Y 587 -68.88 19.91 82.15
C UNK Y 587 -67.68 19.57 81.26
N UNK Y 588 -67.89 19.73 79.95
CA UNK Y 588 -66.90 19.41 78.94
C UNK Y 588 -66.26 20.62 78.27
N UNK Y 589 -64.94 20.59 78.13
CA UNK Y 589 -64.21 21.69 77.51
C UNK Y 589 -63.33 21.16 76.37
N UNK Y 590 -63.90 20.98 75.15
CA UNK Y 590 -63.18 20.47 73.98
C UNK Y 590 -62.94 21.45 72.82
N UNK Y 591 -63.36 22.70 72.99
CA UNK Y 591 -63.17 23.67 71.92
C UNK Y 591 -62.21 24.74 72.39
N UNK Y 592 -61.63 25.48 71.44
CA UNK Y 592 -60.70 26.53 71.79
C UNK Y 592 -61.37 27.85 71.52
N UNK Y 593 -64.66 29.20 71.36
CA UNK Y 593 -66.04 29.03 71.75
C UNK Y 593 -66.66 27.76 71.16
N UNK Y 594 -67.52 27.11 71.94
CA UNK Y 594 -68.21 25.90 71.51
C UNK Y 594 -69.57 26.37 71.02
N UNK Y 595 -69.92 26.05 69.78
CA UNK Y 595 -71.20 26.50 69.31
C UNK Y 595 -72.33 25.52 69.50
N UNK Y 596 -72.05 24.24 69.30
CA UNK Y 596 -73.06 23.20 69.43
C UNK Y 596 -72.41 21.93 69.93
N UNK Y 597 -73.21 21.07 70.55
CA UNK Y 597 -72.74 19.79 71.07
C UNK Y 597 -73.96 18.90 71.19
N UNK Y 598 -73.77 17.58 71.14
CA UNK Y 598 -74.91 16.67 71.24
C UNK Y 598 -74.50 15.24 71.60
N UNK Y 599 -75.48 14.44 72.03
CA UNK Y 599 -75.26 13.06 72.44
C UNK Y 599 -75.36 12.08 71.28
N UNK Y 600 -74.70 10.94 71.44
CA UNK Y 600 -74.78 9.90 70.42
C UNK Y 600 -76.15 9.28 70.65
N UNK Y 601 -76.67 8.53 69.68
CA UNK Y 601 -77.98 7.95 69.85
C UNK Y 601 -78.13 7.08 71.09
N UNK Y 602 -77.06 6.46 71.55
CA UNK Y 602 -77.13 5.64 72.75
C UNK Y 602 -76.72 6.45 73.98
N UNK Y 603 -76.45 7.74 73.77
CA UNK Y 603 -76.05 8.60 74.86
C UNK Y 603 -74.65 8.37 75.44
N UNK Y 604 -73.95 7.36 74.93
CA UNK Y 604 -72.60 7.03 75.40
C UNK Y 604 -71.51 8.03 75.03
N UNK Y 605 -71.70 8.73 73.92
CA UNK Y 605 -70.73 9.69 73.44
C UNK Y 605 -71.32 11.08 73.23
N UNK Y 606 -70.44 12.07 73.05
CA UNK Y 606 -70.83 13.45 72.80
C UNK Y 606 -69.92 14.05 71.75
N UNK Y 607 -70.49 14.75 70.78
CA UNK Y 607 -69.70 15.39 69.74
C UNK Y 607 -69.99 16.87 69.91
N UNK Y 608 -68.98 17.71 69.72
CA UNK Y 608 -69.11 19.15 69.89
C UNK Y 608 -68.30 19.84 68.83
N UNK Y 609 -68.85 20.89 68.25
CA UNK Y 609 -68.16 21.64 67.21
C UNK Y 609 -68.21 23.11 67.53
N UNK Y 610 -67.10 23.80 67.40
CA UNK Y 610 -67.12 25.22 67.73
C UNK Y 610 -66.31 26.08 66.78
N UNK Y 611 -65.95 27.26 67.25
CA UNK Y 611 -65.29 28.25 66.42
C UNK Y 611 -63.82 27.90 66.22
N UNK Y 612 -63.36 26.83 66.87
CA UNK Y 612 -61.97 26.46 66.70
C UNK Y 612 -61.78 25.62 65.42
N UNK Y 613 -62.87 25.50 64.64
CA UNK Y 613 -62.87 24.78 63.35
C UNK Y 613 -62.82 23.23 63.42
N UNK Y 614 -62.73 22.66 64.61
CA UNK Y 614 -62.62 21.19 64.74
C UNK Y 614 -63.89 20.43 65.14
N UNK Y 615 -63.87 19.11 64.95
CA UNK Y 615 -64.98 18.24 65.33
C UNK Y 615 -64.39 17.47 66.49
N UNK Y 616 -65.08 17.41 67.61
CA UNK Y 616 -64.57 16.70 68.77
C UNK Y 616 -65.55 15.68 69.27
N UNK Y 617 -65.02 14.59 69.81
CA UNK Y 617 -65.88 13.56 70.34
C UNK Y 617 -65.23 12.96 71.57
N UNK Y 618 -66.05 12.66 72.56
CA UNK Y 618 -65.60 12.11 73.84
C UNK Y 618 -66.70 11.28 74.50
N UNK Y 619 -66.30 10.43 75.44
CA UNK Y 619 -67.26 9.58 76.14
C UNK Y 619 -68.17 10.48 76.97
N UNK Y 620 -69.45 10.15 77.05
CA UNK Y 620 -70.38 10.95 77.83
C UNK Y 620 -70.04 10.82 79.31
N UNK Y 621 -69.64 9.63 79.70
CA UNK Y 621 -69.26 9.32 81.08
C UNK Y 621 -68.10 10.11 81.66
N UNK Y 622 -66.98 10.17 80.94
CA UNK Y 622 -65.78 10.84 81.45
C UNK Y 622 -65.11 11.97 80.67
N UNK Y 623 -65.60 12.31 79.48
CA UNK Y 623 -64.97 13.38 78.71
C UNK Y 623 -63.70 12.91 78.03
N UNK Y 624 -63.36 11.66 78.31
CA UNK Y 624 -62.19 10.98 77.76
C UNK Y 624 -62.22 11.21 76.25
N UNK Y 625 -61.30 12.02 75.74
CA UNK Y 625 -61.28 12.29 74.31
C UNK Y 625 -61.27 11.06 73.42
N UNK Y 626 -62.13 11.06 72.40
CA UNK Y 626 -62.24 9.96 71.44
C UNK Y 626 -61.79 10.40 70.05
N UNK Y 627 -62.22 11.57 69.60
CA UNK Y 627 -61.81 12.09 68.29
C UNK Y 627 -61.43 13.57 68.34
N UNK Y 628 -60.39 13.95 67.60
CA UNK Y 628 -59.93 15.33 67.52
C UNK Y 628 -59.65 15.66 66.04
N UNK Y 629 -60.72 15.84 65.27
CA UNK Y 629 -60.66 16.11 63.84
C UNK Y 629 -60.62 17.60 63.48
N UNK Y 630 -59.98 17.94 62.37
CA UNK Y 630 -59.94 19.32 61.91
C UNK Y 630 -61.01 19.41 60.82
N UNK Y 631 -62.27 19.38 61.20
CA UNK Y 631 -63.41 19.36 60.27
C UNK Y 631 -63.54 20.39 59.13
N UNK Y 632 -63.36 21.67 59.40
CA UNK Y 632 -63.51 22.65 58.34
C UNK Y 632 -62.47 23.75 58.32
N UNK Y 633 -62.66 24.66 57.36
CA UNK Y 633 -61.77 25.78 57.15
C UNK Y 633 -62.49 27.06 57.58
N UNK Y 634 -64.12 27.18 58.16
CA UNK Y 634 -64.87 28.31 58.68
C UNK Y 634 -65.87 27.79 59.73
N UNK Y 635 -66.24 28.67 60.65
CA UNK Y 635 -67.11 28.32 61.77
C UNK Y 635 -68.31 27.45 61.41
N UNK Y 636 -68.70 26.58 62.33
CA UNK Y 636 -69.82 25.67 62.12
C UNK Y 636 -71.05 26.21 62.81
N UNK Y 637 -72.22 25.74 62.39
CA UNK Y 637 -73.50 26.21 62.96
C UNK Y 637 -74.49 25.18 63.51
N UNK Y 638 -74.33 23.92 63.12
CA UNK Y 638 -75.25 22.89 63.58
C UNK Y 638 -74.70 21.52 63.25
N UNK Y 639 -75.18 20.52 63.98
CA UNK Y 639 -74.75 19.14 63.80
C UNK Y 639 -75.82 18.17 64.33
N UNK Y 640 -75.93 16.98 63.75
CA UNK Y 640 -76.93 16.02 64.19
C UNK Y 640 -76.54 14.62 63.86
N UNK Y 641 -77.24 13.65 64.47
CA UNK Y 641 -76.99 12.23 64.27
C UNK Y 641 -78.12 11.72 63.37
N UNK Y 642 -77.89 10.60 62.70
CA UNK Y 642 -78.91 10.02 61.82
C UNK Y 642 -79.82 9.19 62.71
N UNK Y 643 -80.83 8.56 62.11
CA UNK Y 643 -81.79 7.76 62.85
C UNK Y 643 -81.17 6.57 63.60
N UNK Y 644 -80.08 6.02 63.09
CA UNK Y 644 -79.43 4.89 63.77
C UNK Y 644 -78.04 5.27 64.27
N UNK Y 645 -77.82 6.55 64.53
CA UNK Y 645 -76.54 7.04 65.01
C UNK Y 645 -75.39 6.57 64.15
N UNK Y 646 -75.68 6.07 62.97
CA UNK Y 646 -74.63 5.60 62.09
C UNK Y 646 -73.83 6.78 61.53
N UNK Y 647 -74.50 7.92 61.43
CA UNK Y 647 -73.87 9.10 60.89
C UNK Y 647 -74.12 10.35 61.72
N UNK Y 648 -73.35 11.39 61.38
CA UNK Y 648 -73.45 12.68 62.02
C UNK Y 648 -73.23 13.67 60.88
N UNK Y 649 -74.13 14.62 60.72
CA UNK Y 649 -73.92 15.59 59.68
C UNK Y 649 -73.49 16.86 60.39
N UNK Y 650 -72.98 17.83 59.63
CA UNK Y 650 -72.57 19.12 60.16
C UNK Y 650 -72.71 20.07 59.01
N UNK Y 651 -73.28 21.23 59.27
CA UNK Y 651 -73.43 22.22 58.23
C UNK Y 651 -72.75 23.47 58.78
N UNK Y 652 -72.07 24.23 57.92
CA UNK Y 652 -71.33 25.41 58.39
C UNK Y 652 -71.44 26.64 57.54
N UNK Y 653 -70.68 27.66 57.95
CA UNK Y 653 -70.67 28.94 57.25
C UNK Y 653 -69.96 28.87 55.91
N UNK Y 654 -69.28 27.77 55.64
CA UNK Y 654 -68.60 27.63 54.36
C UNK Y 654 -69.63 27.18 53.35
N UNK Y 655 -70.88 27.18 53.77
CA UNK Y 655 -72.01 26.83 52.92
C UNK Y 655 -72.09 25.33 52.59
N UNK Y 656 -71.24 24.53 53.23
CA UNK Y 656 -71.24 23.09 52.99
C UNK Y 656 -71.95 22.31 54.08
N UNK Y 657 -72.33 21.08 53.74
CA UNK Y 657 -72.98 20.13 54.64
C UNK Y 657 -72.10 18.89 54.56
N UNK Y 658 -71.89 18.19 55.67
CA UNK Y 658 -71.03 17.03 55.62
C UNK Y 658 -71.55 15.84 56.38
N UNK Y 659 -71.22 14.64 55.91
CA UNK Y 659 -71.68 13.44 56.57
C UNK Y 659 -70.45 12.70 57.07
N UNK Y 660 -70.51 12.22 58.31
CA UNK Y 660 -69.38 11.51 58.90
C UNK Y 660 -69.81 10.16 59.49
N UNK Y 661 -68.88 9.21 59.48
CA UNK Y 661 -69.12 7.91 60.06
C UNK Y 661 -68.95 8.23 61.53
N UNK Y 662 -70.02 8.16 62.29
CA UNK Y 662 -69.95 8.50 63.71
C UNK Y 662 -68.96 7.65 64.48
N UNK Y 663 -68.53 6.54 63.89
CA UNK Y 663 -67.60 5.65 64.56
C UNK Y 663 -66.15 6.01 64.33
N UNK Y 664 -65.20 8.71 62.22
CA UNK Y 664 -65.04 10.12 61.95
C UNK Y 664 -64.54 10.41 60.56
N UNK Y 665 -64.52 9.41 59.69
CA UNK Y 665 -64.06 9.64 58.32
C UNK Y 665 -65.15 10.33 57.50
N UNK Y 666 -64.76 11.37 56.76
CA UNK Y 666 -65.69 12.12 55.92
C UNK Y 666 -66.35 11.11 54.99
N UNK Y 667 -67.69 11.09 54.97
CA UNK Y 667 -68.43 10.17 54.14
C UNK Y 667 -69.15 10.94 53.03
N UNK Y 668 -69.38 15.18 51.01
CA UNK Y 668 -69.86 16.51 51.32
C UNK Y 668 -70.83 17.02 50.25
N UNK Y 669 -71.75 17.87 50.66
CA UNK Y 669 -72.76 18.43 49.77
C UNK Y 669 -72.65 19.94 49.74
N UNK Y 670 -72.11 20.50 48.67
CA UNK Y 670 -72.01 21.95 48.57
C UNK Y 670 -73.01 22.40 47.53
N UNK Y 671 -74.06 23.09 47.95
CA UNK Y 671 -75.09 23.58 47.03
C UNK Y 671 -75.77 24.80 47.57
N UNK Y 672 -77.17 25.17 52.10
CA UNK Y 672 -78.27 24.34 52.57
C UNK Y 672 -78.35 24.44 54.10
N UNK Y 673 -79.50 24.91 54.58
CA UNK Y 673 -79.77 25.15 56.00
C UNK Y 673 -80.37 23.97 56.76
N UNK Y 674 -81.40 23.36 56.20
CA UNK Y 674 -82.06 22.21 56.83
C UNK Y 674 -81.45 20.89 56.36
N UNK Y 675 -81.39 19.94 57.28
CA UNK Y 675 -80.99 18.56 56.97
C UNK Y 675 -81.38 17.62 58.10
N UNK Y 676 -82.33 16.76 57.80
CA UNK Y 676 -82.90 15.81 58.75
C UNK Y 676 -83.07 14.41 58.13
N UNK Y 677 -82.88 13.36 58.92
CA UNK Y 677 -83.01 11.97 58.44
C UNK Y 677 -84.40 11.43 58.70
N UNK Y 678 -84.68 10.26 58.16
CA UNK Y 678 -85.98 9.61 58.39
C UNK Y 678 -85.94 8.96 59.76
N UNK Y 679 -87.07 8.94 60.47
CA UNK Y 679 -87.12 8.38 61.83
C UNK Y 679 -87.16 6.86 61.89
N UNK Y 680 -88.02 6.26 61.07
CA UNK Y 680 -88.15 4.82 61.04
C UNK Y 680 -86.86 4.10 60.63
N UNK Y 681 -86.45 3.19 61.52
CA UNK Y 681 -85.26 2.37 61.36
C UNK Y 681 -85.32 1.50 60.10
N UNK Y 682 -86.39 1.65 59.34
CA UNK Y 682 -86.56 0.88 58.13
C UNK Y 682 -85.83 1.54 56.96
N UNK Y 683 -86.44 2.58 56.39
CA UNK Y 683 -85.86 3.32 55.27
C UNK Y 683 -84.79 4.31 55.75
N UNK Y 684 -83.92 4.75 54.84
CA UNK Y 684 -82.82 5.66 55.17
C UNK Y 684 -82.71 6.85 54.24
N UNK Y 685 -83.57 7.86 54.41
CA UNK Y 685 -83.51 9.03 53.55
C UNK Y 685 -83.03 10.26 54.26
N UNK Y 686 -82.59 11.24 53.49
CA UNK Y 686 -82.11 12.49 54.04
C UNK Y 686 -82.81 13.62 53.32
N UNK Y 687 -83.32 14.59 54.07
CA UNK Y 687 -84.01 15.71 53.48
C UNK Y 687 -83.22 16.97 53.75
N UNK Y 688 -83.10 17.81 52.75
CA UNK Y 688 -82.35 19.04 52.89
C UNK Y 688 -83.09 20.24 52.30
N UNK Y 689 -83.02 21.37 52.99
CA UNK Y 689 -83.66 22.58 52.53
C UNK Y 689 -82.53 23.56 52.26
N UNK Y 690 -82.64 24.39 51.23
CA UNK Y 690 -81.57 25.32 50.92
C UNK Y 690 -82.05 26.71 50.54
N UNK Y 691 -81.12 27.66 50.53
CA UNK Y 691 -81.42 29.04 50.15
C UNK Y 691 -81.77 29.09 48.67
N UNK Y 692 -81.54 27.98 47.96
CA UNK Y 692 -81.85 27.94 46.53
C UNK Y 692 -83.33 27.65 46.29
N UNK Y 693 -84.12 27.65 47.36
CA UNK Y 693 -85.57 27.43 47.29
C UNK Y 693 -85.99 25.98 47.14
N UNK Y 694 -85.05 25.05 47.03
CA UNK Y 694 -85.45 23.66 46.89
C UNK Y 694 -85.26 22.86 48.14
N UNK Y 695 -85.83 21.66 48.09
CA UNK Y 695 -85.76 20.67 49.13
C UNK Y 695 -85.26 19.43 48.40
N UNK Y 696 -84.48 18.59 49.04
CA UNK Y 696 -84.02 17.40 48.35
C UNK Y 696 -84.08 16.15 49.20
N UNK Y 697 -84.45 15.05 48.56
CA UNK Y 697 -84.49 13.77 49.25
C UNK Y 697 -83.32 13.02 48.66
N UNK Y 698 -82.49 12.45 49.54
CA UNK Y 698 -81.34 11.69 49.10
C UNK Y 698 -81.53 10.29 49.62
N UNK Y 699 -81.13 9.31 48.80
CA UNK Y 699 -81.24 7.91 49.18
C UNK Y 699 -79.78 7.54 49.41
N UNK Y 700 -79.34 7.60 50.66
CA UNK Y 700 -77.95 7.29 51.02
C UNK Y 700 -77.41 6.02 50.38
N UNK Y 701 -78.32 5.16 49.94
CA UNK Y 701 -77.94 3.92 49.28
C UNK Y 701 -77.83 4.17 47.77
N UNK Y 702 -77.51 5.41 47.39
CA UNK Y 702 -77.40 5.74 45.98
C UNK Y 702 -76.56 6.98 45.76
N UNK Y 703 -75.56 6.87 44.90
CA UNK Y 703 -74.67 7.99 44.60
C UNK Y 703 -75.44 9.21 44.10
N UNK Y 704 -76.75 9.08 43.94
CA UNK Y 704 -77.55 10.19 43.41
C UNK Y 704 -78.69 10.75 44.27
N UNK Y 705 -79.14 11.93 43.85
CA UNK Y 705 -80.25 12.63 44.48
C UNK Y 705 -81.45 11.77 44.14
N UNK Y 706 -82.50 11.79 44.95
CA UNK Y 706 -83.67 10.97 44.66
C UNK Y 706 -84.84 11.81 44.21
N UNK Y 707 -84.89 13.03 44.70
CA UNK Y 707 -85.99 13.92 44.36
C UNK Y 707 -85.59 15.36 44.66
N UNK Y 708 -86.24 16.29 43.98
CA UNK Y 708 -85.96 17.70 44.19
C UNK Y 708 -87.30 18.38 44.25
N UNK Y 709 -87.79 18.64 45.46
CA UNK Y 709 -89.08 19.28 45.61
C UNK Y 709 -89.08 20.74 45.22
N UNK Y 710 -89.69 21.07 44.08
CA UNK Y 710 -89.76 22.45 43.68
C UNK Y 710 -91.06 23.00 44.28
N UNK Y 711 -84.40 33.17 54.29
CA UNK Y 711 -85.14 32.01 54.81
C UNK Y 711 -84.19 31.30 55.75
N UNK Y 712 -84.52 31.28 57.04
CA UNK Y 712 -83.63 30.69 58.02
C UNK Y 712 -83.90 29.26 58.40
N UNK Y 713 -85.07 28.74 58.07
CA UNK Y 713 -85.37 27.39 58.49
C UNK Y 713 -86.57 26.86 57.74
N UNK Y 714 -86.70 25.54 57.64
CA UNK Y 714 -87.79 24.90 56.92
C UNK Y 714 -87.84 23.41 57.27
N UNK Y 715 -89.05 22.91 57.46
CA UNK Y 715 -89.25 21.50 57.81
C UNK Y 715 -90.45 20.95 57.08
N UNK Y 716 -90.34 19.72 56.60
CA UNK Y 716 -91.47 19.12 55.95
C UNK Y 716 -92.42 18.73 57.05
N UNK Y 717 -93.70 18.62 56.74
CA UNK Y 717 -94.66 18.21 57.74
C UNK Y 717 -94.53 16.69 57.85
N UNK Y 718 -94.97 16.12 58.99
CA UNK Y 718 -94.85 14.67 59.13
C UNK Y 718 -95.55 14.05 57.93
N UNK Y 719 -97.14 16.43 53.02
CA UNK Y 719 -97.88 17.31 52.12
C UNK Y 719 -97.59 18.80 52.26
N UNK Y 720 -97.06 19.21 53.40
CA UNK Y 720 -96.76 20.63 53.59
C UNK Y 720 -95.31 20.90 53.90
N UNK Y 721 -94.87 22.13 53.62
CA UNK Y 721 -93.50 22.53 53.88
C UNK Y 721 -93.56 23.80 54.67
N UNK Y 722 -93.22 23.74 55.94
CA UNK Y 722 -93.24 24.92 56.76
C UNK Y 722 -91.95 25.71 56.51
N UNK Y 723 -92.04 27.02 56.54
CA UNK Y 723 -90.87 27.84 56.28
C UNK Y 723 -90.83 29.02 57.23
N UNK Y 724 -89.63 29.28 57.73
CA UNK Y 724 -89.37 30.31 58.71
C UNK Y 724 -88.34 31.30 58.19
N UNK Y 725 -88.64 32.61 58.33
CA UNK Y 725 -87.74 33.64 57.82
C UNK Y 725 -87.52 34.85 58.70
N UNK Y 726 -86.77 35.80 58.16
CA UNK Y 726 -86.45 37.04 58.83
C UNK Y 726 -87.52 38.08 58.52
N UNK Y 727 -88.33 37.81 57.50
CA UNK Y 727 -89.39 38.74 57.14
C UNK Y 727 -90.52 38.74 58.15
N UNK Y 728 -90.34 38.04 59.26
CA UNK Y 728 -91.35 38.00 60.31
C UNK Y 728 -92.54 37.09 60.04
N UNK Y 729 -92.38 36.12 59.15
CA UNK Y 729 -93.47 35.21 58.86
C UNK Y 729 -93.15 33.72 59.08
N UNK Y 730 -94.20 32.92 59.16
CA UNK Y 730 -94.10 31.47 59.24
C UNK Y 730 -94.89 31.21 57.97
N UNK Y 731 -94.55 30.19 57.20
CA UNK Y 731 -95.29 29.99 55.98
C UNK Y 731 -95.47 28.54 55.64
N UNK Y 732 -96.62 28.20 55.09
CA UNK Y 732 -96.88 26.83 54.72
C UNK Y 732 -97.03 26.67 53.22
N UNK Y 733 -96.00 26.18 52.57
CA UNK Y 733 -96.07 25.95 51.15
C UNK Y 733 -96.67 24.57 50.95
N UNK Y 734 -97.19 24.32 49.74
CA UNK Y 734 -97.80 23.05 49.40
C UNK Y 734 -96.81 22.25 48.56
N UNK Y 735 -96.21 21.23 49.15
CA UNK Y 735 -95.23 20.43 48.45
C UNK Y 735 -95.58 20.01 47.03
N UNK Y 736 -96.69 19.28 46.89
CA UNK Y 736 -97.09 18.81 45.58
C UNK Y 736 -97.10 19.87 44.48
N UNK Y 737 -97.27 21.14 44.86
CA UNK Y 737 -97.32 22.19 43.85
C UNK Y 737 -96.43 23.41 44.10
N UNK Y 738 -95.66 23.37 45.18
CA UNK Y 738 -94.77 24.48 45.53
C UNK Y 738 -95.49 25.84 45.56
N UNK Y 739 -96.74 25.87 46.02
CA UNK Y 739 -97.54 27.09 46.11
C UNK Y 739 -97.65 27.58 47.54
N UNK Y 740 -97.73 28.89 47.73
CA UNK Y 740 -97.85 29.41 49.10
C UNK Y 740 -99.31 29.24 49.53
N UNK Y 741 -99.54 28.46 50.59
CA UNK Y 741 -100.91 28.24 51.10
C UNK Y 741 -101.26 29.26 52.18
N UNK Y 742 -100.36 29.50 53.13
CA UNK Y 742 -100.63 30.46 54.18
C UNK Y 742 -99.37 31.20 54.58
N UNK Y 743 -99.55 32.25 55.36
CA UNK Y 743 -98.44 33.05 55.86
C UNK Y 743 -98.90 33.57 57.20
N UNK Y 744 -98.05 33.44 58.22
CA UNK Y 744 -98.41 33.91 59.56
C UNK Y 744 -97.45 34.96 60.07
N UNK Y 745 -97.90 36.20 60.09
CA UNK Y 745 -97.07 37.28 60.57
C UNK Y 745 -96.86 37.20 62.08
N UNK Y 746 -95.62 37.38 62.52
CA UNK Y 746 -95.36 37.36 63.95
C UNK Y 746 -95.30 38.82 64.43
N UNK Y 747 -96.38 39.19 65.11
CA UNK Y 747 -96.63 40.53 65.65
C UNK Y 747 -96.75 40.56 67.16
N UNK Y 748 -95.94 39.77 67.86
CA UNK Y 748 -96.02 39.72 69.31
C UNK Y 748 -94.97 40.60 69.93
N UNK Y 749 -94.51 41.57 69.17
CA UNK Y 749 -93.46 42.46 69.63
C UNK Y 749 -93.80 43.94 69.37
N UNK Y 750 -93.56 44.76 70.39
CA UNK Y 750 -93.89 46.18 70.33
C UNK Y 750 -92.69 47.05 70.69
N UNK Y 751 -85.27 30.50 63.84
CA UNK Y 751 -85.14 29.15 64.38
C UNK Y 751 -86.45 28.42 64.13
N UNK Y 752 -86.40 27.13 63.79
CA UNK Y 752 -87.63 26.39 63.57
C UNK Y 752 -87.42 24.92 63.47
N UNK Y 753 -87.55 24.25 64.61
CA UNK Y 753 -87.34 22.82 64.72
C UNK Y 753 -88.60 21.97 64.83
N UNK Y 754 -88.43 20.70 64.48
CA UNK Y 754 -89.51 19.70 64.49
C UNK Y 754 -89.69 19.00 65.81
N UNK Y 755 -90.83 18.36 65.98
CA UNK Y 755 -91.10 17.63 67.21
C UNK Y 755 -90.43 16.27 67.04
N UNK Y 756 -90.44 15.47 68.10
CA UNK Y 756 -89.82 14.16 68.08
C UNK Y 756 -90.45 13.22 67.05
N UNK Y 757 -91.77 13.25 66.98
CA UNK Y 757 -92.49 12.41 66.07
C UNK Y 757 -92.58 13.03 64.68
N UNK Y 758 -92.04 14.22 64.52
CA UNK Y 758 -92.09 14.88 63.22
C UNK Y 758 -93.50 15.29 62.81
N UNK Y 759 -94.41 15.30 63.77
CA UNK Y 759 -95.79 15.66 63.51
C UNK Y 759 -96.14 17.06 63.98
N UNK Y 760 -95.16 17.79 64.48
CA UNK Y 760 -95.39 19.14 64.95
C UNK Y 760 -94.12 19.96 64.74
N UNK Y 761 -94.27 21.28 64.62
CA UNK Y 761 -93.14 22.14 64.38
C UNK Y 761 -93.29 23.42 65.19
N UNK Y 762 -92.23 23.89 65.84
CA UNK Y 762 -92.37 25.14 66.57
C UNK Y 762 -91.58 26.16 65.79
N UNK Y 763 -92.04 27.43 65.81
CA UNK Y 763 -91.35 28.51 65.14
C UNK Y 763 -91.37 29.76 65.99
N UNK Y 764 -90.47 30.70 65.68
CA UNK Y 764 -90.36 31.93 66.45
C UNK Y 764 -90.38 33.18 65.56
N UNK Y 765 -90.99 34.24 66.10
CA UNK Y 765 -91.09 35.52 65.41
C UNK Y 765 -91.43 36.65 66.39
N UNK Y 766 -92.25 38.55 69.08
CA UNK Y 766 -92.40 38.18 70.47
C UNK Y 766 -92.94 36.81 70.81
N UNK Y 767 -93.19 35.96 69.81
CA UNK Y 767 -93.76 34.68 70.17
C UNK Y 767 -93.15 33.43 69.53
N UNK Y 768 -93.41 32.32 70.18
CA UNK Y 768 -93.00 31.01 69.73
C UNK Y 768 -94.36 30.43 69.41
N UNK Y 769 -94.49 29.72 68.29
CA UNK Y 769 -95.77 29.15 67.88
C UNK Y 769 -95.63 27.68 67.54
N UNK Y 770 -96.59 26.88 67.99
CA UNK Y 770 -96.57 25.46 67.71
C UNK Y 770 -97.60 25.08 66.66
N UNK Y 771 -97.11 24.57 65.54
CA UNK Y 771 -97.98 24.17 64.45
C UNK Y 771 -98.11 22.68 64.24
N UNK Y 772 -99.25 22.30 63.69
CA UNK Y 772 -99.52 20.92 63.39
C UNK Y 772 -99.08 20.75 61.94
N UNK Y 773 -98.00 20.01 61.73
CA UNK Y 773 -97.44 19.79 60.39
C UNK Y 773 -98.48 19.40 59.33
N UNK Y 774 -102.61 19.38 59.56
CA UNK Y 774 -103.67 20.38 59.49
C UNK Y 774 -103.16 21.82 59.33
N UNK Y 775 -101.91 22.07 59.72
CA UNK Y 775 -101.34 23.42 59.64
C UNK Y 775 -101.99 24.31 60.68
N UNK Y 776 -102.50 23.69 61.73
CA UNK Y 776 -103.15 24.44 62.78
C UNK Y 776 -102.18 24.94 63.82
N UNK Y 777 -102.55 26.04 64.45
CA UNK Y 777 -101.73 26.63 65.49
C UNK Y 777 -102.11 25.97 66.79
N UNK Y 778 -101.29 25.05 67.27
CA UNK Y 778 -101.59 24.35 68.51
C UNK Y 778 -101.18 25.09 69.77
N UNK Y 779 -100.42 26.18 69.63
CA UNK Y 779 -99.99 26.91 70.80
C UNK Y 779 -99.32 28.24 70.50
N UNK Y 780 -99.45 29.17 71.42
CA UNK Y 780 -98.89 30.49 71.27
C UNK Y 780 -98.44 31.04 72.61
N UNK Y 781 -97.17 30.86 72.94
CA UNK Y 781 -96.67 31.40 74.18
C UNK Y 781 -96.04 32.75 73.84
N UNK Y 782 -94.97 32.65 76.51
CA UNK Y 782 -94.46 33.99 76.30
C UNK Y 782 -93.21 34.15 77.13
N UNK Y 783 -92.13 34.50 76.47
CA UNK Y 783 -90.85 34.63 77.13
C UNK Y 783 -90.60 35.98 77.79
N UNK Y 784 -87.38 40.11 75.42
CA UNK Y 784 -86.00 40.02 74.94
C UNK Y 784 -86.20 39.34 73.59
N UNK Y 785 -85.22 38.57 73.12
CA UNK Y 785 -85.39 37.85 71.85
C UNK Y 785 -84.73 36.49 71.90
N UNK Y 786 -85.50 35.45 71.57
CA UNK Y 786 -85.00 34.10 71.57
C UNK Y 786 -83.89 34.02 70.53
N UNK Y 787 -82.70 33.61 70.98
CA UNK Y 787 -81.55 33.51 70.08
C UNK Y 787 -81.45 32.14 69.39
N UNK Y 788 -82.01 31.10 69.99
CA UNK Y 788 -82.01 29.77 69.38
C UNK Y 788 -82.90 28.79 70.14
N UNK Y 789 -83.27 27.70 69.48
CA UNK Y 789 -84.13 26.69 70.10
C UNK Y 789 -84.06 25.33 69.43
N UNK Y 790 -84.79 24.35 69.95
CA UNK Y 790 -84.83 23.03 69.34
C UNK Y 790 -85.94 22.26 69.98
N UNK Y 791 -86.76 21.66 69.12
CA UNK Y 791 -87.91 20.90 69.52
C UNK Y 791 -87.54 19.43 69.67
N UNK Y 792 -87.86 18.86 70.83
CA UNK Y 792 -87.56 17.47 71.14
C UNK Y 792 -88.42 16.51 70.30
N UNK Y 793 -88.16 15.20 70.40
CA UNK Y 793 -88.98 14.28 69.62
C UNK Y 793 -90.02 13.62 70.53
N UNK Y 794 -89.95 13.94 71.82
CA UNK Y 794 -90.86 13.39 72.83
C UNK Y 794 -91.27 14.47 73.82
N UNK Y 795 -92.30 14.17 74.61
CA UNK Y 795 -92.79 15.10 75.63
C UNK Y 795 -93.02 16.54 75.14
N UNK Y 796 -93.13 16.72 73.83
CA UNK Y 796 -93.34 18.05 73.23
C UNK Y 796 -92.38 19.05 73.87
N UNK Y 797 -91.19 18.58 74.27
CA UNK Y 797 -90.24 19.47 74.89
C UNK Y 797 -89.56 20.35 73.88
N UNK Y 798 -89.24 21.55 74.29
CA UNK Y 798 -88.57 22.49 73.42
C UNK Y 798 -87.55 23.23 74.26
N UNK Y 799 -86.32 23.32 73.76
CA UNK Y 799 -85.28 24.04 74.49
C UNK Y 799 -84.94 25.27 73.71
N UNK Y 800 -84.86 26.39 74.40
CA UNK Y 800 -84.54 27.63 73.74
C UNK Y 800 -83.52 28.41 74.54
N UNK Y 801 -82.54 28.96 73.84
CA UNK Y 801 -81.55 29.78 74.50
C UNK Y 801 -82.30 31.09 74.49
N UNK Y 802 -77.14 33.96 77.78
CA UNK Y 802 -76.91 32.84 78.67
C UNK Y 802 -78.06 32.22 79.50
N UNK Y 803 -79.30 32.62 79.23
CA UNK Y 803 -80.41 32.03 79.96
C UNK Y 803 -80.91 30.88 79.13
N UNK Y 804 -81.09 29.72 79.74
CA UNK Y 804 -81.53 28.57 78.98
C UNK Y 804 -82.69 27.94 79.69
N UNK Y 805 -83.84 27.87 79.04
CA UNK Y 805 -84.99 27.24 79.65
C UNK Y 805 -85.69 26.32 78.68
N UNK Y 806 -86.10 25.14 79.14
CA UNK Y 806 -86.81 24.25 78.26
C UNK Y 806 -88.27 24.28 78.66
N UNK Y 807 -89.12 24.41 77.66
CA UNK Y 807 -90.57 24.50 77.81
C UNK Y 807 -91.31 23.28 77.33
N UNK Y 808 -92.58 23.25 77.67
CA UNK Y 808 -93.47 22.17 77.33
C UNK Y 808 -94.55 22.72 76.39
N UNK Y 809 -94.37 22.56 75.09
CA UNK Y 809 -95.38 23.02 74.13
C UNK Y 809 -96.60 22.18 74.51
N UNK Y 810 -97.78 22.54 74.04
CA UNK Y 810 -98.97 21.76 74.40
C UNK Y 810 -99.44 22.15 75.81
N UNK Y 811 -97.76 24.58 77.25
CA UNK Y 811 -97.38 25.99 77.11
C UNK Y 811 -96.83 26.59 78.39
N UNK Y 812 -96.11 25.77 79.16
CA UNK Y 812 -95.52 26.20 80.43
C UNK Y 812 -94.03 25.91 80.52
N UNK Y 813 -93.29 26.73 81.26
CA UNK Y 813 -91.87 26.45 81.42
C UNK Y 813 -91.75 25.23 82.34
N UNK Y 814 -90.81 24.36 82.02
CA UNK Y 814 -90.57 23.12 82.75
C UNK Y 814 -89.30 23.17 83.58
N UNK Y 815 -88.26 23.79 83.06
CA UNK Y 815 -87.02 23.87 83.80
C UNK Y 815 -86.15 25.04 83.43
N UNK Y 816 -85.37 25.50 84.41
CA UNK Y 816 -84.45 26.59 84.19
C UNK Y 816 -83.08 25.93 84.17
N UNK Y 817 -82.35 26.14 83.09
CA UNK Y 817 -81.04 25.54 82.95
C UNK Y 817 -79.96 26.61 83.07
N UNK Y 818 -79.40 26.73 84.26
CA UNK Y 818 -78.39 27.73 84.52
C UNK Y 818 -77.02 27.09 84.35
N UNK Y 819 -76.27 27.52 83.34
CA UNK Y 819 -74.95 26.94 83.12
C UNK Y 819 -73.91 27.90 82.58
N UNK Y 820 -74.35 28.95 81.89
CA UNK Y 820 -73.42 29.92 81.31
C UNK Y 820 -73.66 31.33 81.86
N UNK Y 821 -72.63 32.16 81.81
CA UNK Y 821 -72.74 33.55 82.25
C UNK Y 821 -72.28 34.43 81.08
N UNK Y 822 -71.26 33.56 80.07
CA UNK Y 822 -71.00 33.98 78.71
C UNK Y 822 -72.12 33.42 77.87
N UNK Y 823 -72.48 34.13 76.82
CA UNK Y 823 -73.54 33.76 75.88
C UNK Y 823 -73.82 32.28 75.61
N UNK Y 824 -75.09 31.88 75.70
CA UNK Y 824 -75.43 30.47 75.47
C UNK Y 824 -76.06 30.38 74.10
N UNK Y 825 -75.38 29.68 73.18
CA UNK Y 825 -75.84 29.56 71.82
C UNK Y 825 -76.87 28.48 71.60
N UNK Y 826 -76.68 27.34 72.23
CA UNK Y 826 -77.60 26.26 72.04
C UNK Y 826 -77.90 25.51 73.30
N UNK Y 827 -78.90 24.64 73.22
CA UNK Y 827 -79.30 23.90 74.40
C UNK Y 827 -80.31 22.83 73.97
N UNK Y 828 -80.19 21.62 74.49
CA UNK Y 828 -81.21 20.63 74.15
C UNK Y 828 -81.28 19.39 75.01
N UNK Y 829 -82.42 18.73 74.95
CA UNK Y 829 -82.68 17.54 75.75
C UNK Y 829 -82.05 16.31 75.16
N UNK Y 830 -81.80 15.33 76.02
CA UNK Y 830 -81.27 14.06 75.59
C UNK Y 830 -82.48 13.47 74.91
N UNK Y 831 -82.33 12.34 74.22
CA UNK Y 831 -83.52 11.80 73.55
C UNK Y 831 -84.66 11.38 74.48
N UNK Y 832 -84.34 10.86 75.67
CA UNK Y 832 -85.41 10.45 76.59
C UNK Y 832 -85.81 11.64 77.45
N UNK Y 833 -85.24 12.79 77.12
CA UNK Y 833 -85.52 14.00 77.85
C UNK Y 833 -85.16 13.92 79.31
N UNK Y 834 -84.32 12.94 79.66
CA UNK Y 834 -83.93 12.78 81.05
C UNK Y 834 -82.87 13.80 81.42
N UNK Y 835 -82.20 14.34 80.43
CA UNK Y 835 -81.16 15.32 80.72
C UNK Y 835 -81.07 16.27 79.53
N UNK Y 836 -80.31 17.35 79.68
CA UNK Y 836 -80.13 18.31 78.61
C UNK Y 836 -78.71 18.88 78.64
N UNK Y 837 -78.26 19.42 77.51
CA UNK Y 837 -76.93 19.99 77.44
C UNK Y 837 -77.00 21.47 77.16
N UNK Y 838 -75.95 22.19 77.53
CA UNK Y 838 -75.86 23.63 77.34
C UNK Y 838 -74.60 23.94 76.56
N UNK Y 839 -74.71 24.70 75.48
CA UNK Y 839 -73.52 25.06 74.67
C UNK Y 839 -73.29 26.57 74.67
N UNK Y 840 -72.10 27.02 75.06
CA UNK Y 840 -71.87 28.44 75.10
C UNK Y 840 -70.57 29.03 74.58
N UNK Y 841 -70.55 30.35 74.63
CA UNK Y 841 -69.44 31.16 74.19
C UNK Y 841 -68.23 31.00 75.10
N UNK Y 842 -68.47 30.59 76.34
CA UNK Y 842 -67.37 30.35 77.28
C UNK Y 842 -66.74 29.04 76.86
N UNK Y 843 -66.97 28.68 75.59
CA UNK Y 843 -66.47 27.46 74.98
C UNK Y 843 -66.59 26.18 75.79
N UNK Y 844 -67.68 26.05 76.53
CA UNK Y 844 -67.89 24.84 77.29
C UNK Y 844 -69.23 24.24 76.91
N UNK Y 845 -69.39 22.97 77.24
CA UNK Y 845 -70.61 22.24 76.99
C UNK Y 845 -70.88 21.57 78.30
N UNK Y 846 -72.05 21.80 78.88
CA UNK Y 846 -72.36 21.18 80.17
C UNK Y 846 -73.62 20.31 80.10
N UNK Y 847 -73.54 19.14 80.73
CA UNK Y 847 -74.68 18.24 80.74
C UNK Y 847 -75.38 18.31 82.07
N UNK Y 848 -76.70 18.47 82.00
CA UNK Y 848 -77.53 18.56 83.18
C UNK Y 848 -78.56 17.45 83.18
N UNK Y 849 -79.01 17.08 84.38
CA UNK Y 849 -80.04 16.06 84.50
C UNK Y 849 -81.29 16.80 84.95
N UNK Y 850 -82.30 16.80 84.09
CA UNK Y 850 -83.57 17.47 84.33
C UNK Y 850 -84.13 17.29 85.72
N UNK Y 851 -84.42 16.05 86.08
CA UNK Y 851 -84.98 15.75 87.39
C UNK Y 851 -84.31 16.62 88.47
N UNK Y 852 -83.01 16.43 88.68
CA UNK Y 852 -82.26 17.18 89.69
C UNK Y 852 -82.34 18.69 89.52
N UNK Y 853 -82.43 19.19 88.30
CA UNK Y 853 -82.49 20.63 88.07
C UNK Y 853 -83.83 21.24 88.43
N UNK Y 854 -84.92 20.52 88.12
CA UNK Y 854 -86.26 21.01 88.39
C UNK Y 854 -86.66 20.97 89.86
N UNK Y 855 -85.93 20.20 90.65
CA UNK Y 855 -86.26 20.12 92.07
C UNK Y 855 -86.18 21.52 92.65
N UNK Y 856 -87.15 21.85 93.49
CA UNK Y 856 -87.21 23.14 94.14
C UNK Y 856 -86.00 23.29 95.05
N UNK Y 857 -88.34 30.59 94.48
CA UNK Y 857 -87.36 30.55 95.54
C UNK Y 857 -86.45 31.78 95.57
N UNK Y 858 -85.84 31.95 96.74
CA UNK Y 858 -84.94 33.05 97.02
C UNK Y 858 -83.50 32.71 96.67
N UNK Y 859 -83.30 31.59 96.01
CA UNK Y 859 -81.94 31.24 95.66
C UNK Y 859 -81.40 32.21 94.62
N UNK Y 860 -82.22 32.60 93.65
CA UNK Y 860 -81.79 33.56 92.63
C UNK Y 860 -82.59 34.84 92.71
N UNK Y 861 -81.90 35.96 92.85
CA UNK Y 861 -82.57 37.25 92.94
C UNK Y 861 -82.00 38.12 91.86
N UNK Y 862 -82.53 39.34 91.79
CA UNK Y 862 -82.07 40.33 90.83
C UNK Y 862 -81.06 41.12 91.63
N UNK Y 863 -80.43 42.11 91.01
CA UNK Y 863 -79.44 42.90 91.74
C UNK Y 863 -80.07 44.11 92.47
N UNK Y 864 -81.38 44.21 92.38
CA UNK Y 864 -82.08 45.27 93.05
C UNK Y 864 -82.48 44.75 94.43
N UNK Y 865 -81.68 45.12 95.43
CA UNK Y 865 -81.91 44.69 96.81
C UNK Y 865 -81.56 45.79 97.78
N UNK Y 866 -82.05 45.65 99.01
CA UNK Y 866 -81.74 46.60 100.05
C UNK Y 866 -81.50 45.81 101.34
N UNK Y 867 -80.47 46.24 102.07
CA UNK Y 867 -80.05 45.57 103.31
C UNK Y 867 -80.14 46.42 104.57
N UNK Y 868 -80.48 45.77 105.68
CA UNK Y 868 -80.58 46.43 106.97
C UNK Y 868 -79.82 45.64 108.02
N UNK Y 869 -78.64 46.13 108.39
CA UNK Y 869 -77.80 45.49 109.39
C UNK Y 869 -78.27 45.83 110.81
N UNK Y 870 -79.06 44.94 111.41
CA UNK Y 870 -79.56 45.19 112.75
C UNK Y 870 -78.86 44.40 113.86
N UNK Y 871 -78.22 40.52 113.73
CA UNK Y 871 -78.41 39.89 112.42
C UNK Y 871 -78.49 40.87 111.22
N UNK Y 872 -78.51 40.29 110.02
CA UNK Y 872 -78.60 41.07 108.78
C UNK Y 872 -79.92 40.77 108.05
N UNK Y 873 -80.47 41.79 107.40
CA UNK Y 873 -81.73 41.66 106.67
C UNK Y 873 -81.63 42.14 105.23
N UNK Y 874 -82.01 41.27 104.30
CA UNK Y 874 -81.96 41.60 102.89
C UNK Y 874 -83.34 41.43 102.24
N UNK Y 875 -83.82 42.50 101.61
CA UNK Y 875 -85.10 42.48 100.93
C UNK Y 875 -84.67 42.52 99.47
N UNK Y 876 -85.19 41.61 98.66
CA UNK Y 876 -84.75 41.61 97.28
C UNK Y 876 -85.82 41.32 96.26
N UNK Y 877 -85.65 41.90 95.08
CA UNK Y 877 -86.57 41.71 93.96
C UNK Y 877 -86.31 40.31 93.40
N UNK Y 878 -87.31 39.42 93.48
CA UNK Y 878 -87.11 38.07 92.97
C UNK Y 878 -86.76 38.06 91.48
N UNK Y 879 -86.00 37.06 91.07
CA UNK Y 879 -85.58 36.91 89.68
C UNK Y 879 -86.75 36.68 88.72
N UNK Y 880 -90.71 39.74 95.53
CA UNK Y 880 -89.52 40.07 96.28
C UNK Y 880 -89.43 39.19 97.51
N UNK Y 881 -88.21 38.92 97.92
CA UNK Y 881 -87.95 38.06 99.07
C UNK Y 881 -87.42 38.82 100.29
N UNK Y 882 -87.94 38.46 101.45
CA UNK Y 882 -87.49 39.07 102.69
C UNK Y 882 -86.50 38.05 103.24
N UNK Y 883 -85.24 38.20 102.85
CA UNK Y 883 -84.17 37.28 103.27
C UNK Y 883 -83.47 37.73 104.54
N UNK Y 884 -83.50 36.87 105.54
CA UNK Y 884 -82.84 37.14 106.82
C UNK Y 884 -81.53 36.36 106.86
N UNK Y 885 -80.42 37.05 106.59
CA UNK Y 885 -79.13 36.39 106.61
C UNK Y 885 -78.91 35.82 108.00
N UNK Y 886 -78.12 34.76 108.12
CA UNK Y 886 -77.91 34.15 109.43
C UNK Y 886 -79.24 33.51 109.85
N UNK Y 887 -84.99 31.67 106.95
CA UNK Y 887 -86.14 32.57 107.01
C UNK Y 887 -86.36 33.46 105.78
N UNK Y 888 -86.83 32.83 104.71
CA UNK Y 888 -87.12 33.53 103.48
C UNK Y 888 -88.64 33.67 103.36
N UNK Y 889 -89.08 34.91 103.23
CA UNK Y 889 -90.50 35.19 103.12
C UNK Y 889 -90.82 35.90 101.83
N UNK Y 890 -91.66 35.23 101.05
CA UNK Y 890 -92.08 35.68 99.74
C UNK Y 890 -93.29 36.59 99.76
N UNK Y 891 -93.27 37.57 98.87
CA UNK Y 891 -94.34 38.53 98.72
C UNK Y 891 -94.52 38.65 97.21
N UNK Y 892 -95.57 38.04 96.68
CA UNK Y 892 -95.86 38.09 95.25
C UNK Y 892 -96.21 39.49 94.80
N UNK Y 893 -96.05 39.76 93.51
CA UNK Y 893 -96.39 41.08 92.98
C UNK Y 893 -96.13 41.21 91.49
N UNK Y 894 -91.93 43.64 90.42
CA UNK Y 894 -91.44 44.92 90.87
C UNK Y 894 -90.17 45.26 90.12
N UNK Y 895 -89.71 46.50 90.28
CA UNK Y 895 -88.49 46.96 89.61
C UNK Y 895 -87.44 47.46 90.59
N UNK Y 896 -87.86 47.68 91.83
CA UNK Y 896 -86.92 48.16 92.84
C UNK Y 896 -87.49 47.92 94.22
N UNK Y 897 -86.60 47.73 95.18
CA UNK Y 897 -87.04 47.45 96.52
C UNK Y 897 -86.75 48.58 97.50
N UNK Y 898 -87.22 48.41 98.74
CA UNK Y 898 -87.03 49.42 99.77
C UNK Y 898 -87.45 48.88 101.14
N UNK Y 899 -86.61 49.12 102.15
CA UNK Y 899 -86.89 48.67 103.52
C UNK Y 899 -86.98 49.86 104.47
N UNK Y 900 -88.05 49.91 105.26
CA UNK Y 900 -88.22 50.99 106.21
C UNK Y 900 -87.50 50.63 107.48
N UNK Y 901 -86.49 51.42 107.88
CA UNK Y 901 -85.79 51.07 109.12
C UNK Y 901 -86.84 50.71 110.17
N UNK Y 902 -92.38 47.59 107.41
CA UNK Y 902 -92.89 48.06 106.12
C UNK Y 902 -91.86 47.84 105.03
N UNK Y 903 -92.32 47.45 103.84
CA UNK Y 903 -91.43 47.27 102.70
C UNK Y 903 -92.12 48.00 101.56
N UNK Y 904 -91.36 48.64 100.68
CA UNK Y 904 -91.98 49.35 99.58
C UNK Y 904 -91.33 48.93 98.27
N UNK Y 905 -92.06 49.06 97.17
CA UNK Y 905 -91.45 48.69 95.90
C UNK Y 905 -91.88 49.43 94.65
N UNK Y 906 -90.95 49.48 93.71
CA UNK Y 906 -91.16 50.14 92.45
C UNK Y 906 -91.88 49.19 91.51
N UNK Y 907 -92.37 49.72 90.41
CA UNK Y 907 -93.12 48.93 89.47
C UNK Y 907 -92.69 49.24 88.05
N UNK Y 908 -92.89 48.29 87.14
CA UNK Y 908 -92.50 48.46 85.76
C UNK Y 908 -93.32 49.59 85.13
N UNK Y 909 -96.09 52.11 89.22
CA UNK Y 909 -96.81 51.97 90.49
C UNK Y 909 -95.90 51.96 91.72
N UNK Y 910 -96.44 52.41 92.85
CA UNK Y 910 -95.70 52.44 94.12
C UNK Y 910 -96.57 51.78 95.19
N UNK Y 911 -96.01 50.90 95.99
CA UNK Y 911 -96.78 50.23 97.03
C UNK Y 911 -96.00 49.95 98.32
N UNK Y 912 -96.66 50.17 99.45
CA UNK Y 912 -96.05 49.89 100.73
C UNK Y 912 -96.82 48.71 101.26
N UNK Y 913 -96.10 47.72 101.79
CA UNK Y 913 -96.74 46.56 102.38
C UNK Y 913 -96.31 46.59 103.82
N UNK Y 914 -97.20 46.26 104.74
CA UNK Y 914 -96.81 46.27 106.13
C UNK Y 914 -96.60 44.85 106.64
N UNK Y 915 -95.33 44.56 106.92
CA UNK Y 915 -94.91 43.24 107.38
C UNK Y 915 -95.62 42.69 108.63
N UNK Y 916 -95.71 43.48 109.71
CA UNK Y 916 -96.39 42.97 110.90
C UNK Y 916 -97.62 42.18 110.50
N UNK Y 917 -98.26 42.62 109.42
CA UNK Y 917 -99.45 41.97 108.92
C UNK Y 917 -99.13 41.07 107.72
N UNK Y 918 -102.26 43.62 104.28
CA UNK Y 918 -102.76 45.00 104.16
C UNK Y 918 -101.64 45.95 103.73
N UNK Y 919 -101.85 46.61 102.59
CA UNK Y 919 -100.87 47.54 102.04
C UNK Y 919 -101.63 48.67 101.34
N UNK Y 920 -100.89 49.48 100.58
CA UNK Y 920 -101.39 50.75 100.07
C UNK Y 920 -100.77 51.07 98.69
N UNK Y 921 -101.48 51.87 97.88
CA UNK Y 921 -100.99 52.23 96.55
C UNK Y 921 -101.06 53.72 96.27
N UNK Y 922 -99.91 54.39 96.32
CA UNK Y 922 -99.89 55.82 96.06
C UNK Y 922 -99.68 56.20 94.62
N UNK Y 923 -100.77 56.58 93.95
CA UNK Y 923 -100.79 56.97 92.52
C UNK Y 923 -99.75 57.94 91.92
N UNK Y 924 -87.32 53.61 89.44
CA UNK Y 924 -85.91 53.35 89.69
C UNK Y 924 -85.60 53.34 91.17
N UNK Y 925 -84.83 54.31 91.65
CA UNK Y 925 -84.50 54.34 93.08
C UNK Y 925 -85.80 54.58 93.89
N UNK Y 926 -85.86 54.13 95.15
CA UNK Y 926 -87.04 54.31 96.02
C UNK Y 926 -86.70 54.16 97.50
N UNK Y 927 -86.93 55.19 98.29
CA UNK Y 927 -86.57 55.11 99.70
C UNK Y 927 -87.56 55.73 100.70
N UNK Y 928 -87.46 55.30 101.95
CA UNK Y 928 -88.31 55.80 103.03
C UNK Y 928 -87.59 56.98 103.67
N UNK Y 929 -88.33 57.81 104.39
CA UNK Y 929 -87.74 58.97 105.05
C UNK Y 929 -87.09 58.43 106.31
N UNK Y 930 -86.25 59.25 106.95
CA UNK Y 930 -85.60 58.84 108.19
C UNK Y 930 -86.64 58.09 109.04
N UNK Y 931 -92.41 58.51 101.33
CA UNK Y 931 -91.61 57.71 100.42
C UNK Y 931 -91.08 58.47 99.22
N UNK Y 932 -89.80 58.82 99.24
CA UNK Y 932 -89.24 59.50 98.09
C UNK Y 932 -88.95 58.44 97.02
N UNK Y 933 -89.25 58.77 95.77
CA UNK Y 933 -89.03 57.83 94.69
C UNK Y 933 -88.79 58.55 93.39
N UNK Y 934 -87.95 57.96 92.55
CA UNK Y 934 -87.62 58.54 91.27
C UNK Y 934 -87.87 57.52 90.17
N UNK Y 935 -88.05 58.03 88.97
CA UNK Y 935 -88.24 57.22 87.79
C UNK Y 935 -87.38 57.78 86.70
N UNK Y 936 -87.69 57.38 85.47
CA UNK Y 936 -86.90 57.75 84.31
C UNK Y 936 -87.32 59.08 83.69
N UNK Y 937 -87.78 60.00 84.52
CA UNK Y 937 -88.19 61.33 84.07
C UNK Y 937 -87.66 62.35 85.09
N UNK Y 938 -88.01 63.63 84.94
CA UNK Y 938 -87.47 64.67 85.84
C UNK Y 938 -88.19 65.02 87.17
N UNK Y 939 -89.22 64.30 87.54
CA UNK Y 939 -89.89 64.60 88.79
C UNK Y 939 -89.52 63.59 89.87
N UNK Y 940 -89.49 64.02 91.13
CA UNK Y 940 -89.19 63.09 92.23
C UNK Y 940 -90.37 63.04 93.21
N UNK Y 941 -91.19 62.02 93.11
CA UNK Y 941 -92.34 61.88 94.00
C UNK Y 941 -92.04 61.77 95.49
N UNK Y 942 -92.63 62.67 96.27
CA UNK Y 942 -92.46 62.66 97.73
C UNK Y 942 -93.82 62.37 98.36
N UNK Y 943 -94.22 61.10 98.27
CA UNK Y 943 -95.51 60.64 98.77
C UNK Y 943 -95.53 60.37 100.26
N UNK Y 944 -95.98 61.37 101.00
CA UNK Y 944 -96.08 61.24 102.44
C UNK Y 944 -97.32 60.37 102.70
N UNK Y 945 -97.18 59.07 102.45
CA UNK Y 945 -98.26 58.11 102.67
C UNK Y 945 -98.76 58.26 104.12
N UNK Y 946 -100.84 62.85 101.27
CA UNK Y 946 -100.24 64.07 100.75
C UNK Y 946 -99.13 63.76 99.77
N UNK Y 947 -98.84 64.71 98.89
CA UNK Y 947 -97.80 64.55 97.90
C UNK Y 947 -97.03 65.84 97.73
N UNK Y 948 -95.74 65.71 97.51
CA UNK Y 948 -94.88 66.85 97.28
C UNK Y 948 -94.11 66.44 96.05
N UNK Y 949 -94.21 67.24 94.99
CA UNK Y 949 -93.54 66.94 93.74
C UNK Y 949 -92.36 67.86 93.52
N UNK Y 950 -91.29 67.31 92.98
CA UNK Y 950 -90.09 68.10 92.73
C UNK Y 950 -89.82 68.11 91.22
N UNK Y 951 -90.39 69.11 90.53
CA UNK Y 951 -90.20 69.22 89.08
C UNK Y 951 -88.84 69.80 88.81
N UNK Y 952 -87.86 68.90 88.73
CA UNK Y 952 -86.48 69.28 88.48
C UNK Y 952 -86.34 69.90 87.11
N UNK Y 953 -87.28 69.58 86.23
CA UNK Y 953 -87.27 70.08 84.87
C UNK Y 953 -85.94 69.74 84.21
N UNK Y 954 -83.52 66.44 83.02
CA UNK Y 954 -83.83 65.56 81.90
C UNK Y 954 -84.37 64.27 82.51
N UNK Y 955 -83.61 63.76 83.48
CA UNK Y 955 -83.97 62.54 84.21
C UNK Y 955 -83.12 62.53 85.47
N UNK Y 956 -83.75 62.21 86.60
CA UNK Y 956 -83.04 62.13 87.84
C UNK Y 956 -82.18 60.86 87.78
N UNK Y 957 -80.87 61.03 87.72
CA UNK Y 957 -79.96 59.89 87.67
C UNK Y 957 -80.23 59.10 88.94
N UNK Y 958 -80.21 59.79 90.07
CA UNK Y 958 -80.48 59.17 91.35
C UNK Y 958 -80.55 60.23 92.44
N UNK Y 959 -80.79 59.80 93.67
CA UNK Y 959 -80.90 60.74 94.77
C UNK Y 959 -80.62 60.02 96.07
N UNK Y 960 -80.66 60.78 97.15
CA UNK Y 960 -80.43 60.20 98.48
C UNK Y 960 -80.88 61.19 99.56
N UNK Y 961 -81.48 60.66 100.61
CA UNK Y 961 -81.94 61.48 101.71
C UNK Y 961 -80.78 62.32 102.22
N UNK Y 962 -81.08 63.30 103.06
CA UNK Y 962 -80.04 64.15 103.60
C UNK Y 962 -80.39 64.53 105.04
N UNK Y 963 -84.82 66.69 106.57
CA UNK Y 963 -85.82 66.74 105.51
C UNK Y 963 -85.29 67.32 104.19
N UNK Y 964 -83.99 67.56 104.14
CA UNK Y 964 -83.36 68.06 102.93
C UNK Y 964 -82.98 66.82 102.10
N UNK Y 965 -82.96 66.93 100.77
CA UNK Y 965 -82.64 65.78 99.91
C UNK Y 965 -81.78 66.12 98.70
N UNK Y 966 -80.62 65.48 98.62
CA UNK Y 966 -79.67 65.68 97.53
C UNK Y 966 -80.09 64.95 96.25
N UNK Y 967 -80.02 65.62 95.11
CA UNK Y 967 -80.44 65.03 93.85
C UNK Y 967 -79.59 65.44 92.66
N UNK Y 968 -79.32 64.47 91.78
CA UNK Y 968 -78.53 64.69 90.59
C UNK Y 968 -79.17 64.03 89.38
N UNK Y 969 -79.25 64.78 88.29
CA UNK Y 969 -79.83 64.27 87.05
C UNK Y 969 -78.64 64.17 86.14
N UNK Y 970 -78.85 63.69 84.93
CA UNK Y 970 -77.72 63.63 84.02
C UNK Y 970 -77.74 64.81 83.06
N UNK Y 971 -77.65 65.98 83.68
CA UNK Y 971 -77.59 67.29 83.02
C UNK Y 971 -76.53 68.09 83.76
N UNK Y 972 -75.63 67.37 84.42
CA UNK Y 972 -74.54 67.97 85.16
C UNK Y 972 -75.00 68.68 86.40
N UNK Y 973 -76.32 68.74 86.57
CA UNK Y 973 -76.90 69.42 87.71
C UNK Y 973 -77.08 68.55 88.95
N UNK Y 974 -76.90 69.18 90.09
CA UNK Y 974 -77.03 68.56 91.40
C UNK Y 974 -77.84 69.55 92.20
N UNK Y 975 -78.96 69.12 92.77
CA UNK Y 975 -79.75 70.07 93.54
C UNK Y 975 -79.92 69.64 94.99
N UNK Y 976 -80.38 70.56 95.83
CA UNK Y 976 -80.61 70.30 97.26
C UNK Y 976 -82.05 70.62 97.67
N UNK Y 977 -83.01 69.81 97.22
CA UNK Y 977 -84.41 70.04 97.53
C UNK Y 977 -84.74 69.96 99.01
N UNK Y 978 -85.91 70.51 99.35
CA UNK Y 978 -86.42 70.50 100.70
C UNK Y 978 -87.73 69.74 100.61
N UNK Y 979 -87.89 68.68 101.37
CA UNK Y 979 -89.16 67.96 101.31
C UNK Y 979 -90.12 68.80 102.17
N UNK Y 980 -88.89 72.80 97.42
CA UNK Y 980 -88.18 74.03 97.10
C UNK Y 980 -86.69 73.82 96.90
N UNK Y 981 -86.23 74.13 95.69
CA UNK Y 981 -84.84 73.99 95.32
C UNK Y 981 -83.96 75.01 96.02
N UNK Y 982 -83.53 74.68 97.22
CA UNK Y 982 -82.66 75.56 97.97
C UNK Y 982 -81.39 75.81 97.15
N UNK Y 983 -80.61 74.75 96.92
CA UNK Y 983 -79.38 74.86 96.14
C UNK Y 983 -79.50 74.22 94.76
N UNK Y 984 -78.70 74.72 93.82
CA UNK Y 984 -78.70 74.21 92.45
C UNK Y 984 -77.34 74.46 91.80
N UNK Y 985 -76.65 73.39 91.43
CA UNK Y 985 -75.32 73.50 90.80
C UNK Y 985 -75.32 72.89 89.40
N UNK Y 986 -74.33 73.27 88.60
CA UNK Y 986 -74.16 72.72 87.25
C UNK Y 986 -72.69 72.32 87.26
N UNK Y 987 -72.38 71.34 88.13
CA UNK Y 987 -71.03 70.84 88.34
C UNK Y 987 -70.40 69.94 87.27
N UNK Y 988 -71.10 69.67 86.17
CA UNK Y 988 -70.56 68.85 85.08
C UNK Y 988 -71.32 69.16 83.81
N UNK Y 989 -70.67 69.02 82.66
CA UNK Y 989 -71.33 69.30 81.39
C UNK Y 989 -71.91 68.03 80.79
N UNK Y 990 -72.37 59.02 90.13
CA UNK Y 990 -72.59 58.93 91.57
C UNK Y 990 -71.91 60.08 92.30
N UNK Y 991 -72.42 60.44 93.47
CA UNK Y 991 -71.85 61.54 94.22
C UNK Y 991 -72.34 61.37 95.66
N UNK Y 992 -71.45 61.51 96.63
CA UNK Y 992 -71.83 61.33 98.03
C UNK Y 992 -71.49 62.52 98.90
N UNK Y 993 -71.99 62.49 100.13
CA UNK Y 993 -71.75 63.56 101.09
C UNK Y 993 -70.63 63.17 102.04
N UNK Y 994 -70.10 64.16 102.74
CA UNK Y 994 -69.02 63.95 103.68
C UNK Y 994 -69.55 63.43 105.00
N UNK Y 995 -71.06 68.03 106.77
CA UNK Y 995 -71.73 67.99 105.48
C UNK Y 995 -71.09 69.13 104.73
N UNK Y 996 -70.07 69.70 105.33
CA UNK Y 996 -69.36 70.80 104.71
C UNK Y 996 -69.01 70.41 103.27
N UNK Y 997 -68.85 69.11 103.06
CA UNK Y 997 -68.47 68.60 101.75
C UNK Y 997 -69.44 67.56 101.15
N UNK Y 998 -69.59 67.59 99.83
CA UNK Y 998 -70.45 66.65 99.11
C UNK Y 998 -69.96 66.65 97.66
N UNK Y 999 -69.21 65.64 97.28
CA UNK Y 999 -68.68 65.61 95.92
C UNK Y 999 -69.40 64.74 94.93
N UNK Y 1000 -69.05 64.95 93.66
CA UNK Y 1000 -69.63 64.26 92.52
C UNK Y 1000 -68.62 63.41 91.78
N UNK Y 1001 -69.10 62.82 90.68
CA UNK Y 1001 -68.33 61.96 89.80
C UNK Y 1001 -69.18 61.88 88.56
N UNK Y 1002 -68.61 62.11 87.39
CA UNK Y 1002 -69.45 62.06 86.20
C UNK Y 1002 -68.68 62.11 84.90
N UNK Y 1003 -64.16 63.66 85.48
CA UNK Y 1003 -63.41 63.65 86.73
C UNK Y 1003 -64.34 63.58 87.93
N UNK Y 1004 -63.82 63.98 89.08
CA UNK Y 1004 -64.59 63.99 90.32
C UNK Y 1004 -64.48 65.34 91.02
N UNK Y 1005 -65.29 66.29 90.56
CA UNK Y 1005 -65.32 67.64 91.13
C UNK Y 1005 -65.95 67.58 92.52
N UNK Y 1006 -65.21 68.07 93.52
CA UNK Y 1006 -65.67 68.07 94.90
C UNK Y 1006 -65.96 69.49 95.41
N UNK Y 1007 -67.09 69.67 96.11
CA UNK Y 1007 -67.41 70.99 96.64
C UNK Y 1007 -68.00 71.08 98.05
N UNK Y 1008 -68.49 72.29 98.40
CA UNK Y 1008 -69.04 72.59 99.73
C UNK Y 1008 -70.50 73.04 99.90
N UNK Y 1009 -64.64 73.16 94.43
CA UNK Y 1009 -63.43 73.46 95.18
C UNK Y 1009 -62.23 73.11 94.30
N UNK Y 1010 -62.25 71.92 93.69
CA UNK Y 1010 -61.17 71.51 92.78
C UNK Y 1010 -61.45 70.30 91.91
N UNK Y 1011 -61.21 70.46 90.60
CA UNK Y 1011 -61.41 69.42 89.61
C UNK Y 1011 -60.26 68.39 89.70
N UNK Y 1012 -60.62 67.11 89.79
CA UNK Y 1012 -59.66 66.00 89.91
C UNK Y 1012 -59.59 65.17 88.64
N UNK Y 1013 -58.98 65.71 87.59
CA UNK Y 1013 -58.89 65.01 86.30
C UNK Y 1013 -57.91 63.83 86.27
N UNK Y 1014 -57.99 62.95 87.26
CA UNK Y 1014 -57.09 61.81 87.31
C UNK Y 1014 -57.46 60.65 86.39
N UNK Y 1015 -58.64 60.06 86.64
CA UNK Y 1015 -59.12 58.92 85.87
C UNK Y 1015 -59.17 59.10 84.35
N UNK Y 1016 -58.75 58.06 83.63
CA UNK Y 1016 -58.75 58.10 82.17
C UNK Y 1016 -59.99 57.38 81.65
N UNK Y 1017 -63.12 57.24 83.34
CA UNK Y 1017 -64.31 58.02 83.74
C UNK Y 1017 -64.88 57.53 85.07
N UNK Y 1018 -64.96 58.44 86.04
CA UNK Y 1018 -65.47 58.08 87.36
C UNK Y 1018 -66.90 57.58 87.32
N UNK Y 1019 -67.22 56.69 88.25
CA UNK Y 1019 -68.54 56.11 88.34
C UNK Y 1019 -69.02 55.97 89.78
N UNK Y 1020 -68.14 56.26 90.73
CA UNK Y 1020 -68.51 56.18 92.14
C UNK Y 1020 -67.46 56.85 93.01
N UNK Y 1021 -67.77 57.02 94.29
CA UNK Y 1021 -66.84 57.65 95.22
C UNK Y 1021 -67.40 57.72 96.64
N UNK Y 1022 -66.51 57.95 97.59
CA UNK Y 1022 -66.91 58.06 98.98
C UNK Y 1022 -65.88 58.85 99.79
N UNK Y 1023 -66.35 59.43 100.89
CA UNK Y 1023 -65.50 60.22 101.76
C UNK Y 1023 -65.07 59.40 102.96
N UNK Y 1024 -63.82 59.55 103.36
CA UNK Y 1024 -63.32 58.83 104.52
C UNK Y 1024 -64.17 59.29 105.68
N UNK Y 1025 -64.52 58.38 106.59
CA UNK Y 1025 -65.35 58.73 107.73
C UNK Y 1025 -64.65 59.85 108.52
N UNK Y 1026 -60.08 61.98 103.01
CA UNK Y 1026 -59.91 61.36 101.70
C UNK Y 1026 -61.22 61.12 100.96
N UNK Y 1027 -61.11 61.07 99.65
CA UNK Y 1027 -62.23 60.84 98.76
C UNK Y 1027 -61.74 59.89 97.66
N UNK Y 1028 -62.13 58.62 97.76
CA UNK Y 1028 -61.76 57.60 96.79
C UNK Y 1028 -62.77 57.61 95.65
N UNK Y 1029 -62.27 57.52 94.43
CA UNK Y 1029 -63.15 57.54 93.27
C UNK Y 1029 -63.07 56.30 92.38
N UNK Y 1030 -64.22 55.89 91.87
CA UNK Y 1030 -64.31 54.70 91.04
C UNK Y 1030 -64.20 54.97 89.55
N UNK Y 1031 -63.22 54.31 88.94
CA UNK Y 1031 -62.94 54.42 87.52
C UNK Y 1031 -63.73 53.41 86.71
N UNK Y 1032 -64.10 53.82 85.51
CA UNK Y 1032 -64.85 52.97 84.61
C UNK Y 1032 -63.96 51.85 84.07
N UNK Y 1033 -62.66 51.97 84.33
CA UNK Y 1033 -61.69 50.96 83.89
C UNK Y 1033 -60.92 50.38 85.05
N UNK Y 1034 -61.64 49.89 86.03
CA UNK Y 1034 -61.01 49.28 87.18
C UNK Y 1034 -59.98 50.10 87.92
N UNK Y 1035 -59.80 51.36 87.51
CA UNK Y 1035 -58.84 52.22 88.19
C UNK Y 1035 -59.52 52.78 89.44
N UNK Y 1036 -58.74 53.37 90.33
CA UNK Y 1036 -59.31 53.92 91.54
C UNK Y 1036 -58.11 54.67 92.05
N UNK Y 1037 -58.27 55.99 92.14
CA UNK Y 1037 -57.30 56.87 92.80
C UNK Y 1037 -57.88 57.37 94.12
N UNK Y 1038 -56.99 57.57 95.09
CA UNK Y 1038 -57.40 58.09 96.38
C UNK Y 1038 -57.01 59.56 96.30
N UNK Y 1039 -57.89 60.44 96.77
CA UNK Y 1039 -57.60 61.86 96.76
C UNK Y 1039 -57.70 62.36 98.20
N UNK Y 1040 -57.20 63.56 98.48
CA UNK Y 1040 -57.23 64.11 99.84
C UNK Y 1040 -58.11 65.35 100.02
N UNK Y 1041 -52.67 58.97 96.20
CA UNK Y 1041 -52.12 57.79 95.53
C UNK Y 1041 -53.17 57.11 94.66
N UNK Y 1042 -52.73 56.55 93.54
CA UNK Y 1042 -53.63 55.87 92.61
C UNK Y 1042 -53.60 54.32 92.64
N UNK Y 1043 -53.83 53.73 93.81
CA UNK Y 1043 -53.83 52.27 93.91
C UNK Y 1043 -54.90 51.71 92.98
N UNK Y 1044 -54.50 51.18 91.82
CA UNK Y 1044 -55.45 50.63 90.87
C UNK Y 1044 -54.91 49.68 89.80
N UNK Y 1045 -54.55 48.44 90.19
CA UNK Y 1045 -54.02 47.44 89.25
C UNK Y 1045 -55.05 46.95 88.23
N UNK Y 1046 -65.14 47.80 85.31
CA UNK Y 1046 -65.82 48.79 86.12
C UNK Y 1046 -65.39 48.69 87.59
N UNK Y 1047 -65.81 49.68 88.37
CA UNK Y 1047 -65.60 49.77 89.81
C UNK Y 1047 -66.82 50.55 90.25
N UNK Y 1048 -67.90 49.85 90.47
CA UNK Y 1048 -69.15 50.49 90.82
C UNK Y 1048 -69.38 50.84 92.28
N UNK Y 1049 -68.34 50.89 93.09
CA UNK Y 1049 -68.57 51.20 94.49
C UNK Y 1049 -67.30 51.20 95.33
N UNK Y 1050 -67.31 52.01 96.39
CA UNK Y 1050 -66.20 52.10 97.33
C UNK Y 1050 -66.77 52.43 98.70
N UNK Y 1051 -65.93 52.34 99.72
CA UNK Y 1051 -66.34 52.64 101.09
C UNK Y 1051 -65.09 52.56 101.93
N UNK Y 1052 -64.83 53.61 102.71
CA UNK Y 1052 -63.74 53.58 103.65
C UNK Y 1052 -64.23 52.86 104.89
N UNK Y 1053 -63.30 52.44 105.73
CA UNK Y 1053 -63.63 51.73 106.96
C UNK Y 1053 -63.75 52.77 108.06
N UNK Y 1054 -64.34 52.41 109.22
CA UNK Y 1054 -64.39 53.45 110.23
C UNK Y 1054 -62.97 53.95 110.44
N UNK Y 1055 -62.07 53.04 110.81
CA UNK Y 1055 -60.65 53.34 111.04
C UNK Y 1055 -60.00 54.25 109.99
N UNK Y 1056 -60.67 54.46 108.87
CA UNK Y 1056 -60.15 55.32 107.80
C UNK Y 1056 -58.83 54.79 107.21
N UNK Y 1057 -58.65 53.47 107.25
CA UNK Y 1057 -57.42 52.85 106.74
C UNK Y 1057 -57.65 51.82 105.62
N UNK Y 1058 -58.69 51.01 105.78
CA UNK Y 1058 -59.03 49.97 104.79
C UNK Y 1058 -60.14 50.46 103.87
N UNK Y 1059 -59.88 50.42 102.57
CA UNK Y 1059 -60.88 50.82 101.58
C UNK Y 1059 -61.41 49.57 100.88
N UNK Y 1060 -62.73 49.35 100.95
CA UNK Y 1060 -63.34 48.21 100.28
C UNK Y 1060 -63.83 48.62 98.90
N UNK Y 1061 -63.61 47.75 97.91
CA UNK Y 1061 -63.98 48.03 96.54
C UNK Y 1061 -64.85 46.93 95.93
N UNK Y 1062 -65.69 47.31 94.96
CA UNK Y 1062 -66.57 46.34 94.29
C UNK Y 1062 -66.82 46.71 92.85
N UNK Y 1063 -65.62 42.17 91.04
CA UNK Y 1063 -65.52 41.38 92.28
C UNK Y 1063 -65.11 42.32 93.40
N UNK Y 1064 -65.19 41.84 94.63
CA UNK Y 1064 -64.81 42.63 95.78
C UNK Y 1064 -63.28 42.64 95.87
N UNK Y 1065 -62.72 43.63 96.57
CA UNK Y 1065 -61.26 43.74 96.66
C UNK Y 1065 -60.93 44.80 97.70
N UNK Y 1066 -60.27 44.40 98.78
CA UNK Y 1066 -59.89 45.33 99.83
C UNK Y 1066 -58.51 45.94 99.60
N UNK Y 1067 -58.27 47.13 100.15
CA UNK Y 1067 -56.99 47.81 99.99
C UNK Y 1067 -56.39 48.38 101.28
N UNK Y 1068 -55.24 49.02 101.14
CA UNK Y 1068 -54.50 49.64 102.24
C UNK Y 1068 -54.22 51.10 101.94
N UNK Y 1069 -54.80 52.00 102.75
CA UNK Y 1069 -54.62 53.43 102.58
C UNK Y 1069 -53.13 53.79 102.50
N UNK Y 1070 -63.69 36.57 95.11
CA UNK Y 1070 -64.09 36.46 93.72
C UNK Y 1070 -65.50 35.85 93.76
N UNK Y 1071 -66.44 36.57 93.22
CA UNK Y 1071 -67.81 36.09 93.17
C UNK Y 1071 -67.98 35.40 91.83
N UNK Y 1072 -68.77 34.33 91.80
CA UNK Y 1072 -69.02 33.60 90.56
C UNK Y 1072 -69.30 34.61 89.43
N UNK Y 1073 -70.22 35.53 89.70
CA UNK Y 1073 -70.56 36.53 88.70
C UNK Y 1073 -69.79 37.82 88.87
N UNK Y 1074 -70.05 38.75 87.96
CA UNK Y 1074 -69.38 40.04 87.98
C UNK Y 1074 -70.40 41.17 87.97
N UNK Y 1075 -69.90 42.34 87.57
CA UNK Y 1075 -70.71 43.53 87.48
C UNK Y 1075 -71.58 43.72 88.70
N UNK Y 1076 -70.94 43.87 89.85
CA UNK Y 1076 -71.67 44.08 91.06
C UNK Y 1076 -72.05 45.54 91.03
N UNK Y 1077 -72.88 45.98 91.97
CA UNK Y 1077 -73.24 47.39 92.07
C UNK Y 1077 -72.82 48.22 93.26
N UNK Y 1078 -73.54 48.07 94.37
CA UNK Y 1078 -73.24 48.78 95.60
C UNK Y 1078 -73.02 47.76 96.71
N UNK Y 1079 -71.82 47.75 97.28
CA UNK Y 1079 -71.46 46.71 98.22
C UNK Y 1079 -72.00 47.25 99.53
N UNK Y 1080 -72.71 46.44 100.31
CA UNK Y 1080 -73.23 46.92 101.56
C UNK Y 1080 -72.36 46.56 102.76
N UNK Y 1081 -71.44 47.45 103.12
CA UNK Y 1081 -70.58 47.20 104.28
C UNK Y 1081 -71.45 47.51 105.48
N UNK Y 1082 -70.99 47.22 106.68
CA UNK Y 1082 -71.78 47.50 107.87
C UNK Y 1082 -71.00 48.36 108.86
N UNK Y 1083 -71.59 48.62 110.05
CA UNK Y 1083 -70.88 49.42 111.04
C UNK Y 1083 -69.52 48.81 111.40
N UNK Y 1084 -69.56 47.60 111.98
CA UNK Y 1084 -68.36 46.89 112.39
C UNK Y 1084 -67.39 46.59 111.25
N UNK Y 1085 -67.81 46.83 110.00
CA UNK Y 1085 -66.97 46.56 108.82
C UNK Y 1085 -66.58 45.07 108.84
N UNK Y 1086 -67.47 44.27 109.42
CA UNK Y 1086 -67.26 42.84 109.59
C UNK Y 1086 -68.41 42.01 108.98
N UNK Y 1087 -69.13 42.62 108.04
CA UNK Y 1087 -70.25 41.96 107.37
C UNK Y 1087 -70.45 42.66 106.03
N UNK Y 1088 -70.67 41.90 104.97
CA UNK Y 1088 -70.85 42.49 103.64
C UNK Y 1088 -71.96 41.77 102.92
N UNK Y 1089 -72.69 42.50 102.08
CA UNK Y 1089 -73.78 41.91 101.30
C UNK Y 1089 -73.75 42.46 99.90
N UNK Y 1090 -73.93 41.59 98.92
CA UNK Y 1090 -73.95 42.01 97.53
C UNK Y 1090 -74.65 40.98 96.67
N UNK Y 1091 -74.76 41.28 95.38
CA UNK Y 1091 -75.43 40.39 94.46
C UNK Y 1091 -74.86 40.52 93.08
N UNK Y 1092 -74.36 39.43 92.52
CA UNK Y 1092 -73.76 39.45 91.18
C UNK Y 1092 -74.80 39.21 90.11
N UNK Y 1093 -74.44 39.49 88.86
CA UNK Y 1093 -75.39 39.30 87.77
C UNK Y 1093 -75.79 37.85 87.57
N UNK Y 1094 -75.32 36.98 88.47
CA UNK Y 1094 -75.72 35.60 88.39
C UNK Y 1094 -76.87 35.44 89.35
N UNK Y 1095 -77.28 36.56 89.96
CA UNK Y 1095 -78.38 36.55 90.89
C UNK Y 1095 -78.07 35.82 92.17
N UNK Y 1096 -76.80 35.72 92.49
CA UNK Y 1096 -76.38 35.05 93.70
C UNK Y 1096 -76.26 36.06 94.82
N UNK Y 1097 -76.86 35.74 95.97
CA UNK Y 1097 -76.83 36.63 97.13
C UNK Y 1097 -75.65 36.38 98.08
N UNK Y 1098 -74.64 37.22 97.99
CA UNK Y 1098 -73.47 37.04 98.86
C UNK Y 1098 -73.58 37.82 100.16
N UNK Y 1099 -73.64 37.11 101.29
CA UNK Y 1099 -73.67 37.73 102.60
C UNK Y 1099 -72.39 37.26 103.29
N UNK Y 1100 -71.30 37.99 103.06
CA UNK Y 1100 -70.01 37.66 103.63
C UNK Y 1100 -69.86 38.23 105.04
N UNK Y 1101 -68.91 37.71 105.81
CA UNK Y 1101 -68.72 38.17 107.18
C UNK Y 1101 -67.41 37.69 107.82
N MET Z 10 -48.33 14.58 25.42
CA MET Z 10 -47.66 15.34 24.37
C MET Z 10 -46.28 15.79 24.88
N PRO Z 11 -45.46 16.44 24.01
CA PRO Z 11 -44.15 16.91 24.47
C PRO Z 11 -44.08 17.73 25.78
N LYS Z 12 -42.86 17.90 26.26
CA LYS Z 12 -42.58 18.66 27.49
C LYS Z 12 -42.80 20.15 27.27
N ARG Z 13 -42.15 20.70 26.25
CA ARG Z 13 -42.25 22.13 25.95
C ARG Z 13 -43.69 22.59 25.66
N HIS Z 14 -44.64 21.67 25.70
CA HIS Z 14 -46.05 22.00 25.50
C HIS Z 14 -46.78 22.18 26.83
N ARG Z 15 -46.58 21.25 27.76
CA ARG Z 15 -47.16 21.37 29.10
C ARG Z 15 -46.71 22.64 29.79
N GLU Z 16 -45.44 23.01 29.60
CA GLU Z 16 -44.89 24.23 30.18
C GLU Z 16 -45.56 25.45 29.62
N HIS Z 17 -45.86 25.40 28.33
CA HIS Z 17 -46.55 26.48 27.64
C HIS Z 17 -47.89 26.85 28.27
N ILE Z 18 -48.85 25.94 28.17
CA ILE Z 18 -50.18 26.16 28.72
C ILE Z 18 -50.14 26.28 30.24
N ARG Z 19 -49.04 25.81 30.84
CA ARG Z 19 -48.87 25.87 32.28
C ARG Z 19 -48.72 27.31 32.76
N LYS Z 20 -47.67 27.97 32.30
CA LYS Z 20 -47.41 29.36 32.69
C LYS Z 20 -48.44 30.30 32.06
N ASN Z 21 -48.83 30.01 30.82
CA ASN Z 21 -49.80 30.82 30.11
C ASN Z 21 -51.23 30.31 30.29
N LEU Z 22 -51.53 29.84 31.50
CA LEU Z 22 -52.86 29.32 31.81
C LEU Z 22 -53.81 30.44 32.21
N ASN Z 23 -53.28 31.66 32.30
CA ASN Z 23 -54.08 32.81 32.68
C ASN Z 23 -54.71 33.50 31.48
N ILE Z 24 -53.88 33.75 30.48
CA ILE Z 24 -54.33 34.38 29.25
C ILE Z 24 -55.39 33.49 28.61
N LEU Z 25 -55.12 32.19 28.60
CA LEU Z 25 -56.02 31.24 27.94
C LEU Z 25 -57.32 31.06 28.73
N VAL Z 26 -57.23 31.26 30.04
CA VAL Z 26 -58.38 31.11 30.93
C VAL Z 26 -59.16 32.42 30.93
N GLU Z 27 -58.59 33.44 30.31
CA GLU Z 27 -59.22 34.74 30.32
C GLU Z 27 -59.96 35.02 29.04
N TRP Z 28 -59.27 34.94 27.90
CA TRP Z 28 -59.86 35.40 26.65
C TRP Z 28 -60.98 34.49 26.10
N THR Z 29 -60.88 33.18 26.32
CA THR Z 29 -61.92 32.23 25.86
C THR Z 29 -63.07 32.12 26.85
N ASN Z 30 -64.30 32.47 26.46
CA ASN Z 30 -65.49 32.04 27.19
C ASN Z 30 -65.44 30.56 27.59
N TYR Z 31 -65.88 30.22 28.79
CA TYR Z 31 -65.73 28.86 29.28
C TYR Z 31 -66.88 27.96 28.83
N GLU Z 32 -68.10 28.49 28.85
CA GLU Z 32 -69.27 27.78 28.35
C GLU Z 32 -68.98 27.34 26.93
N ARG Z 33 -68.63 28.35 26.14
CA ARG Z 33 -68.36 28.20 24.72
C ARG Z 33 -67.15 27.32 24.51
N LEU Z 34 -66.35 27.14 25.55
CA LEU Z 34 -65.19 26.28 25.44
C LEU Z 34 -65.53 24.90 25.96
N ALA Z 35 -65.91 24.76 27.23
CA ALA Z 35 -66.25 23.45 27.79
C ALA Z 35 -67.19 22.64 26.90
N MET Z 36 -68.37 23.20 26.64
CA MET Z 36 -69.38 22.50 25.87
C MET Z 36 -68.89 22.13 24.46
N GLU Z 37 -67.83 22.80 24.02
CA GLU Z 37 -67.21 22.59 22.70
C GLU Z 37 -66.04 21.59 22.71
N CYS Z 38 -65.26 21.64 23.79
CA CYS Z 38 -64.08 20.80 23.96
C CYS Z 38 -64.57 19.36 24.12
N VAL Z 39 -65.52 19.18 25.01
CA VAL Z 39 -66.06 17.87 25.22
C VAL Z 39 -66.60 17.49 23.85
N GLN Z 40 -67.24 18.48 23.26
CA GLN Z 40 -67.93 18.41 22.00
C GLN Z 40 -66.89 18.15 20.93
N GLN Z 41 -65.71 18.73 21.12
CA GLN Z 41 -64.62 18.57 20.16
C GLN Z 41 -64.11 17.14 19.85
N GLY Z 42 -64.20 16.19 20.77
CA GLY Z 42 -63.48 14.95 20.54
C GLY Z 42 -62.35 14.75 21.52
N ILE Z 43 -62.51 15.29 22.72
CA ILE Z 43 -61.57 15.09 23.81
C ILE Z 43 -62.04 14.39 25.08
N LEU Z 44 -62.68 15.14 25.96
CA LEU Z 44 -63.16 14.62 27.24
C LEU Z 44 -64.59 14.13 27.09
N THR Z 45 -65.25 13.85 28.21
CA THR Z 45 -66.55 13.21 28.21
C THR Z 45 -67.41 13.69 29.37
N VAL Z 46 -68.68 13.31 29.35
CA VAL Z 46 -69.61 13.69 30.42
C VAL Z 46 -68.99 13.50 31.79
N GLN Z 47 -68.02 12.58 31.87
CA GLN Z 47 -67.35 12.30 33.13
C GLN Z 47 -66.18 13.26 33.36
N MET Z 48 -65.32 13.38 32.37
CA MET Z 48 -64.16 14.28 32.45
C MET Z 48 -64.60 15.70 32.78
N LEU Z 49 -65.28 16.34 31.84
CA LEU Z 49 -65.75 17.69 32.02
C LEU Z 49 -66.48 17.88 33.35
N ARG Z 50 -67.21 16.88 33.84
CA ARG Z 50 -67.82 17.01 35.16
C ARG Z 50 -66.78 17.30 36.24
N ASN Z 51 -65.80 16.42 36.33
CA ASN Z 51 -64.76 16.50 37.35
C ASN Z 51 -63.88 17.73 37.17
N THR Z 52 -63.77 18.20 35.94
CA THR Z 52 -63.00 19.40 35.64
C THR Z 52 -63.76 20.68 35.94
N GLN Z 53 -64.95 20.81 35.35
CA GLN Z 53 -65.95 21.82 35.65
C GLN Z 53 -66.33 21.86 37.12
N ASP Z 54 -66.46 20.73 37.77
CA ASP Z 54 -66.62 20.82 39.21
C ASP Z 54 -65.21 20.83 39.80
N LEU Z 55 -65.11 20.85 41.12
CA LEU Z 55 -63.84 21.06 41.81
C LEU Z 55 -63.85 20.18 43.05
N ASN Z 56 -63.07 20.51 44.05
CA ASN Z 56 -62.97 19.64 45.22
C ASN Z 56 -64.23 19.68 46.07
N GLY Z 57 -64.87 20.85 46.13
CA GLY Z 57 -66.02 21.05 46.98
C GLY Z 57 -65.76 22.15 47.98
N LYS Z 58 -64.55 22.20 48.51
CA LYS Z 58 -64.11 23.32 49.34
C LYS Z 58 -64.13 24.69 48.63
N PRO Z 59 -63.95 24.69 47.32
CA PRO Z 59 -63.95 25.93 46.54
C PRO Z 59 -65.09 26.85 46.95
N PHE Z 60 -66.05 26.31 47.70
CA PHE Z 60 -67.20 27.09 48.15
C PHE Z 60 -66.76 28.27 49.01
N ASN Z 61 -65.62 28.14 49.62
CA ASN Z 61 -65.16 29.22 50.45
C ASN Z 61 -65.00 30.43 49.53
N MET Z 62 -64.76 30.09 48.28
CA MET Z 62 -64.37 31.06 47.29
C MET Z 62 -65.54 31.72 46.58
N ASP Z 63 -65.42 33.04 46.46
CA ASP Z 63 -66.48 33.86 45.90
C ASP Z 63 -66.62 33.55 44.44
N GLU Z 64 -67.81 33.92 43.95
CA GLU Z 64 -68.25 33.73 42.59
C GLU Z 64 -67.19 34.13 41.59
N LYS Z 65 -66.72 35.38 41.63
CA LYS Z 65 -65.76 35.70 40.59
C LYS Z 65 -64.76 34.58 40.32
N ASP Z 66 -64.39 33.87 41.36
CA ASP Z 66 -63.10 33.17 41.38
C ASP Z 66 -63.24 31.66 41.20
N VAL Z 67 -64.45 31.19 41.02
CA VAL Z 67 -64.69 29.75 40.85
C VAL Z 67 -64.76 29.37 39.38
N ARG Z 68 -65.46 30.18 38.59
CA ARG Z 68 -65.47 30.03 37.14
C ARG Z 68 -64.06 30.13 36.53
N VAL Z 69 -63.25 31.04 37.06
CA VAL Z 69 -61.89 31.21 36.59
C VAL Z 69 -61.04 29.99 36.92
N GLU Z 70 -61.29 29.43 38.11
CA GLU Z 70 -60.60 28.21 38.55
C GLU Z 70 -60.99 27.03 37.67
N GLN Z 71 -62.30 26.87 37.50
CA GLN Z 71 -62.87 25.91 36.57
C GLN Z 71 -62.20 25.90 35.21
N HIS Z 72 -62.30 27.05 34.58
CA HIS Z 72 -61.75 27.31 33.26
C HIS Z 72 -60.25 26.98 33.27
N ARG Z 73 -59.60 27.28 34.40
CA ARG Z 73 -58.18 26.97 34.56
C ARG Z 73 -57.95 25.48 34.81
N ARG Z 74 -59.00 24.78 35.17
CA ARG Z 74 -58.89 23.36 35.46
C ARG Z 74 -59.07 22.64 34.14
N LEU Z 75 -59.66 23.33 33.19
CA LEU Z 75 -59.96 22.73 31.89
C LEU Z 75 -58.71 22.46 31.09
N LEU Z 76 -57.97 23.52 30.86
CA LEU Z 76 -56.77 23.44 30.05
C LEU Z 76 -55.79 22.44 30.63
N LEU Z 77 -55.79 22.30 31.95
CA LEU Z 77 -54.95 21.31 32.62
C LEU Z 77 -55.32 19.88 32.21
N LYS Z 78 -56.61 19.63 32.07
CA LYS Z 78 -57.05 18.31 31.63
C LYS Z 78 -56.85 18.14 30.12
N ILE Z 79 -56.98 19.24 29.37
CA ILE Z 79 -56.77 19.20 27.92
C ILE Z 79 -55.33 18.89 27.59
N THR Z 80 -54.45 19.48 28.36
CA THR Z 80 -53.03 19.26 28.33
C THR Z 80 -52.84 17.83 28.71
N GLN Z 81 -53.72 17.31 29.54
CA GLN Z 81 -53.53 15.94 29.97
C GLN Z 81 -53.59 14.99 28.82
N ARG Z 82 -54.22 15.40 27.75
CA ARG Z 82 -54.61 14.45 26.74
C ARG Z 82 -53.55 14.04 25.77
N GLY Z 83 -53.97 13.28 24.77
CA GLY Z 83 -53.09 12.73 23.77
C GLY Z 83 -52.44 13.76 22.86
N PRO Z 84 -51.33 13.30 22.15
CA PRO Z 84 -50.45 14.36 21.69
C PRO Z 84 -51.09 15.37 20.78
N THR Z 85 -52.23 15.08 20.20
CA THR Z 85 -52.89 16.08 19.38
C THR Z 85 -53.23 17.28 20.28
N ALA Z 86 -53.31 17.03 21.56
CA ALA Z 86 -53.96 17.96 22.48
C ALA Z 86 -53.69 19.37 22.02
N TYR Z 87 -52.48 19.59 21.51
CA TYR Z 87 -52.17 20.88 20.93
C TYR Z 87 -53.10 21.10 19.76
N ASN Z 88 -52.91 20.29 18.73
CA ASN Z 88 -53.67 20.45 17.49
C ASN Z 88 -55.16 20.39 17.73
N LEU Z 89 -55.59 19.72 18.81
CA LEU Z 89 -57.00 19.69 19.18
C LEU Z 89 -57.43 21.05 19.74
N LEU Z 90 -56.64 21.59 20.66
CA LEU Z 90 -57.05 22.78 21.39
C LEU Z 90 -56.96 24.01 20.50
N ILE Z 91 -55.94 24.04 19.65
CA ILE Z 91 -55.74 25.16 18.75
C ILE Z 91 -56.94 25.34 17.83
N ASN Z 92 -57.53 24.22 17.43
CA ASN Z 92 -58.67 24.25 16.50
C ASN Z 92 -59.95 24.55 17.24
N ALA Z 93 -60.14 23.85 18.35
CA ALA Z 93 -61.31 24.09 19.17
C ALA Z 93 -61.39 25.59 19.47
N LEU Z 94 -60.25 26.17 19.80
CA LEU Z 94 -60.17 27.58 20.12
C LEU Z 94 -60.29 28.45 18.86
N ARG Z 95 -59.85 27.91 17.73
CA ARG Z 95 -60.08 28.59 16.45
C ARG Z 95 -61.58 28.77 16.23
N ASN Z 96 -62.38 27.87 16.79
CA ASN Z 96 -63.84 27.98 16.68
C ASN Z 96 -64.47 28.81 17.78
N ILE Z 97 -64.05 28.62 19.03
CA ILE Z 97 -64.48 29.48 20.15
C ILE Z 97 -64.35 30.98 19.79
N ASN Z 98 -63.53 31.28 18.78
CA ASN Z 98 -63.33 32.61 18.22
C ASN Z 98 -62.50 33.43 19.18
N CYS Z 99 -61.67 32.72 19.92
CA CYS Z 99 -60.63 33.33 20.70
C CYS Z 99 -59.28 33.23 19.99
N LEU Z 100 -59.26 33.64 18.71
CA LEU Z 100 -58.08 33.63 17.86
C LEU Z 100 -56.84 34.18 18.56
N ASP Z 101 -56.99 35.27 19.30
CA ASP Z 101 -55.89 35.87 20.07
C ASP Z 101 -55.30 34.99 21.18
N ALA Z 102 -55.83 33.78 21.36
CA ALA Z 102 -55.25 32.82 22.29
C ALA Z 102 -54.87 31.58 21.49
N ALA Z 103 -55.54 31.37 20.36
CA ALA Z 103 -55.12 30.31 19.45
C ALA Z 103 -53.71 30.62 18.98
N VAL Z 104 -53.48 31.90 18.72
CA VAL Z 104 -52.14 32.36 18.39
C VAL Z 104 -51.26 32.03 19.57
N LEU Z 105 -51.62 32.47 20.76
CA LEU Z 105 -50.83 32.24 21.95
C LEU Z 105 -50.36 30.78 22.05
N LEU Z 106 -51.31 29.88 21.86
CA LEU Z 106 -51.09 28.44 21.99
C LEU Z 106 -50.32 27.84 20.81
N GLU Z 107 -50.25 28.56 19.70
CA GLU Z 107 -49.62 28.04 18.49
C GLU Z 107 -48.23 28.64 18.20
N SER Z 108 -48.11 29.94 18.39
CA SER Z 108 -46.94 30.74 18.05
C SER Z 108 -45.64 30.29 18.68
N VAL Z 109 -45.71 29.74 19.89
CA VAL Z 109 -44.56 29.08 20.52
C VAL Z 109 -43.92 27.99 19.67
N ASP Z 110 -44.64 27.51 18.66
CA ASP Z 110 -44.06 26.57 17.72
C ASP Z 110 -43.68 27.37 16.49
N GLU Z 111 -43.37 26.68 15.40
CA GLU Z 111 -43.02 27.32 14.13
C GLU Z 111 -41.66 28.01 14.22
N TYR AA 10 -27.33 18.31 41.11
CA TYR AA 10 -26.57 19.46 41.56
C TYR AA 10 -27.49 20.64 41.89
N GLN AA 11 -27.46 21.06 43.16
CA GLN AA 11 -28.28 22.18 43.61
C GLN AA 11 -27.54 23.50 43.46
N TYR AA 12 -28.06 24.53 44.12
CA TYR AA 12 -27.46 25.86 44.06
C TYR AA 12 -26.56 26.10 45.27
N LYS AA 13 -26.64 25.22 46.26
CA LYS AA 13 -25.85 25.34 47.48
C LYS AA 13 -24.42 24.83 47.24
N ASP AA 14 -24.20 24.21 46.09
CA ASP AA 14 -22.89 23.68 45.75
C ASP AA 14 -22.29 24.40 44.55
N ILE AA 15 -23.16 24.77 43.60
CA ILE AA 15 -22.72 25.47 42.40
C ILE AA 15 -22.44 26.94 42.73
N LEU AA 16 -22.57 27.32 44.00
CA LEU AA 16 -22.32 28.69 44.39
C LEU AA 16 -20.84 28.95 44.69
N SER AA 17 -20.23 28.07 45.46
CA SER AA 17 -18.84 28.26 45.85
C SER AA 17 -17.92 28.13 44.65
N VAL AA 18 -18.46 27.62 43.54
CA VAL AA 18 -17.72 27.42 42.31
C VAL AA 18 -17.22 28.73 41.70
N PHE AA 19 -18.11 29.71 41.57
CA PHE AA 19 -17.68 31.00 41.02
C PHE AA 19 -17.54 32.04 42.13
N GLU AA 20 -16.67 31.75 43.09
CA GLU AA 20 -16.42 32.66 44.18
C GLU AA 20 -15.35 33.69 43.81
N ASP AA 21 -14.55 33.39 42.79
CA ASP AA 21 -13.52 34.35 42.35
C ASP AA 21 -14.18 35.56 41.74
N ALA AA 22 -15.39 35.37 41.21
CA ALA AA 22 -16.11 36.44 40.57
C ALA AA 22 -16.89 37.23 41.60
N PHE AA 23 -17.46 36.52 42.56
CA PHE AA 23 -18.29 37.12 43.58
C PHE AA 23 -17.53 38.14 44.44
N VAL AA 24 -16.22 38.24 44.22
CA VAL AA 24 -15.40 39.21 44.95
C VAL AA 24 -15.01 40.36 44.02
N ASP AA 25 -15.21 40.14 42.73
CA ASP AA 25 -14.91 41.12 41.70
C ASP AA 25 -16.05 42.12 41.60
N ASN AA 26 -17.22 41.60 41.23
CA ASN AA 26 -18.31 42.47 40.86
C ASN AA 26 -19.55 42.38 41.75
N PHE AA 27 -19.38 42.00 43.01
CA PHE AA 27 -20.51 41.89 43.92
C PHE AA 27 -20.19 42.36 45.33
N ASP AA 28 -21.05 43.22 45.87
CA ASP AA 28 -21.18 43.38 47.30
C ASP AA 28 -22.63 43.68 47.64
N CYS AA 29 -23.09 43.12 48.75
CA CYS AA 29 -24.49 43.23 49.17
C CYS AA 29 -24.93 44.63 49.54
N LYS AA 30 -24.07 45.62 49.29
CA LYS AA 30 -24.44 47.01 49.50
C LYS AA 30 -25.65 47.34 48.64
N ASP AA 31 -25.81 46.59 47.55
CA ASP AA 31 -26.96 46.72 46.69
C ASP AA 31 -28.05 45.75 47.11
N VAL AA 32 -27.66 44.71 47.85
CA VAL AA 32 -28.60 43.71 48.33
C VAL AA 32 -29.19 44.11 49.69
N GLN AA 33 -29.88 45.24 49.71
CA GLN AA 33 -30.48 45.74 50.94
C GLN AA 33 -32.01 45.73 50.85
N ASP AA 34 -32.55 44.79 50.08
CA ASP AA 34 -33.99 44.68 49.91
C ASP AA 34 -34.37 43.31 49.34
N MET AA 35 -34.38 42.31 50.21
CA MET AA 35 -34.73 40.95 49.80
C MET AA 35 -35.68 40.32 50.81
N PRO AA 36 -36.12 39.07 50.59
CA PRO AA 36 -36.87 38.46 51.69
C PRO AA 36 -36.02 38.25 52.94
N LYS AA 37 -36.53 38.70 54.09
CA LYS AA 37 -35.88 38.46 55.37
C LYS AA 37 -35.74 36.97 55.62
N SER AA 38 -36.54 36.20 54.91
CA SER AA 38 -36.45 34.75 54.95
C SER AA 38 -35.13 34.23 54.38
N ILE AA 39 -34.40 35.09 53.69
CA ILE AA 39 -33.26 34.64 52.91
C ILE AA 39 -32.00 35.00 53.66
N LEU AA 40 -31.94 36.24 54.10
CA LEU AA 40 -30.83 36.66 54.96
C LEU AA 40 -31.33 37.43 56.16
N SER AA 41 -30.67 37.27 57.30
CA SER AA 41 -31.10 37.97 58.51
C SER AA 41 -30.83 39.47 58.42
N LYS AA 42 -31.84 40.29 58.72
CA LYS AA 42 -31.66 41.71 58.67
C LYS AA 42 -30.39 41.99 59.45
N GLU AA 43 -30.20 41.26 60.54
CA GLU AA 43 -29.02 41.42 61.38
C GLU AA 43 -27.86 40.62 60.80
N GLU AA 44 -28.18 39.50 60.16
CA GLU AA 44 -27.16 38.65 59.54
C GLU AA 44 -26.56 39.32 58.31
N ILE AA 45 -27.38 40.14 57.67
CA ILE AA 45 -27.01 40.88 56.48
C ILE AA 45 -26.09 42.03 56.85
N ASP AA 46 -26.40 42.72 57.95
CA ASP AA 46 -25.52 43.81 58.33
C ASP AA 46 -24.19 43.18 58.64
N HIS AA 47 -24.28 41.99 59.21
CA HIS AA 47 -23.14 41.15 59.54
C HIS AA 47 -22.29 40.94 58.31
N ILE AA 48 -22.93 40.53 57.22
CA ILE AA 48 -22.26 40.29 55.95
C ILE AA 48 -21.85 41.62 55.34
N ILE AA 49 -22.79 42.55 55.24
CA ILE AA 49 -22.44 43.86 54.73
C ILE AA 49 -21.42 44.46 55.69
N MET AA 50 -21.25 43.76 56.79
CA MET AA 50 -20.59 44.30 57.93
C MET AA 50 -19.21 44.68 57.45
N SER AA 51 -18.75 43.83 56.54
CA SER AA 51 -17.88 44.18 55.45
C SER AA 51 -16.55 44.85 55.76
N LYS AA 52 -15.79 44.22 56.65
CA LYS AA 52 -14.47 44.72 56.89
C LYS AA 52 -13.70 44.59 55.58
N ASP AA 53 -13.89 43.49 54.86
CA ASP AA 53 -13.17 43.28 53.60
C ASP AA 53 -13.99 42.72 52.44
N ALA AA 54 -13.63 43.11 51.24
CA ALA AA 54 -14.35 42.66 50.08
C ALA AA 54 -14.24 41.17 50.05
N VAL AA 55 -13.09 40.61 50.39
CA VAL AA 55 -12.96 39.16 50.32
C VAL AA 55 -13.67 38.55 51.52
N SER AA 56 -13.43 39.13 52.68
CA SER AA 56 -14.03 38.59 53.89
C SER AA 56 -15.55 38.74 53.86
N GLY AA 57 -16.04 39.88 53.39
CA GLY AA 57 -17.47 40.14 53.38
C GLY AA 57 -18.19 39.16 52.48
N THR AA 58 -17.62 38.95 51.31
CA THR AA 58 -18.21 38.07 50.29
C THR AA 58 -18.16 36.65 50.84
N LEU AA 59 -17.06 36.31 51.48
CA LEU AA 59 -16.90 34.96 51.98
C LEU AA 59 -17.95 34.80 53.06
N ARG AA 60 -18.14 35.89 53.81
CA ARG AA 60 -19.08 35.94 54.90
C ARG AA 60 -20.48 35.73 54.37
N LEU AA 61 -20.76 36.20 53.16
CA LEU AA 61 -22.06 35.93 52.63
C LEU AA 61 -22.21 34.50 52.18
N PHE AA 62 -21.22 33.92 51.53
CA PHE AA 62 -21.47 32.55 51.12
C PHE AA 62 -21.56 31.65 52.35
N TRP AA 63 -20.71 31.89 53.33
CA TRP AA 63 -20.72 31.04 54.50
C TRP AA 63 -22.04 31.07 55.24
N THR AA 64 -22.54 32.27 55.53
CA THR AA 64 -23.79 32.32 56.27
C THR AA 64 -24.95 31.75 55.46
N LEU AA 65 -24.98 32.08 54.17
CA LEU AA 65 -26.09 31.67 53.31
C LEU AA 65 -26.12 30.16 53.06
N LEU AA 66 -24.94 29.56 52.94
CA LEU AA 66 -24.83 28.11 52.66
C LEU AA 66 -25.59 27.31 53.73
N SER AA 67 -25.76 27.97 54.87
CA SER AA 67 -26.41 27.44 56.06
C SER AA 67 -27.94 27.22 55.95
N LYS AA 68 -28.56 27.86 54.94
CA LYS AA 68 -30.02 27.84 54.72
C LYS AA 68 -30.46 26.72 53.78
N GLN AA 69 -31.77 26.57 53.56
CA GLN AA 69 -32.28 25.48 52.73
C GLN AA 69 -32.19 25.76 51.23
N GLU AA 70 -32.41 24.75 50.39
CA GLU AA 70 -32.37 24.96 48.96
C GLU AA 70 -33.26 26.06 48.38
N GLU AA 71 -34.49 26.11 48.81
CA GLU AA 71 -35.34 27.15 48.30
C GLU AA 71 -34.78 28.45 48.75
N MET AA 72 -34.29 28.45 49.99
CA MET AA 72 -33.85 29.66 50.67
C MET AA 72 -32.84 30.38 49.81
N VAL AA 73 -31.84 29.65 49.33
CA VAL AA 73 -30.87 30.25 48.44
C VAL AA 73 -31.48 30.72 47.13
N GLN AA 74 -32.26 29.85 46.50
CA GLN AA 74 -32.70 30.01 45.13
C GLN AA 74 -33.50 31.25 45.00
N LYS AA 75 -34.28 31.54 46.01
CA LYS AA 75 -35.00 32.77 45.97
C LYS AA 75 -33.91 33.82 45.86
N PHE AA 76 -32.81 33.60 46.59
CA PHE AA 76 -31.68 34.49 46.47
C PHE AA 76 -31.05 34.49 45.08
N VAL AA 77 -30.86 33.32 44.50
CA VAL AA 77 -30.23 33.25 43.20
C VAL AA 77 -31.14 33.80 42.15
N GLU AA 78 -32.42 33.82 42.43
CA GLU AA 78 -33.37 34.22 41.42
C GLU AA 78 -33.89 35.60 41.66
N GLU AA 79 -34.81 35.72 42.59
CA GLU AA 79 -35.50 36.98 42.74
C GLU AA 79 -34.63 38.14 43.16
N VAL AA 80 -33.74 37.93 44.12
CA VAL AA 80 -32.92 39.00 44.66
C VAL AA 80 -31.76 39.45 43.78
N LEU AA 81 -31.05 38.48 43.20
CA LEU AA 81 -29.84 38.76 42.45
C LEU AA 81 -30.10 39.00 40.97
N ARG AA 82 -31.38 39.14 40.60
CA ARG AA 82 -31.70 39.38 39.21
C ARG AA 82 -32.09 40.83 38.96
N ILE AA 83 -32.25 41.58 40.03
CA ILE AA 83 -32.64 42.95 39.85
C ILE AA 83 -31.49 43.66 39.20
N ASN AA 84 -30.31 43.55 39.78
CA ASN AA 84 -29.16 44.29 39.29
C ASN AA 84 -28.01 43.48 38.75
N TYR AA 85 -27.65 42.43 39.49
CA TYR AA 85 -26.51 41.63 39.14
C TYR AA 85 -26.92 40.57 38.17
N LYS AA 86 -27.27 40.99 36.99
CA LYS AA 86 -27.77 40.07 36.01
C LYS AA 86 -26.66 39.08 35.72
N PHE AA 87 -25.46 39.59 35.48
CA PHE AA 87 -24.45 38.77 34.84
C PHE AA 87 -24.16 37.59 35.71
N LEU AA 88 -24.11 37.78 37.03
CA LEU AA 88 -23.74 36.66 37.86
C LEU AA 88 -24.75 35.59 37.65
N MET AA 89 -26.00 36.00 37.65
CA MET AA 89 -27.07 35.06 37.68
C MET AA 89 -26.93 34.24 36.44
N SER AA 90 -26.59 34.90 35.35
CA SER AA 90 -26.51 34.20 34.10
C SER AA 90 -25.46 33.15 34.21
N PRO AA 91 -24.28 33.48 34.90
CA PRO AA 91 -23.35 32.36 35.00
C PRO AA 91 -23.99 31.31 35.83
N ILE AA 92 -24.62 31.68 36.93
CA ILE AA 92 -25.11 30.65 37.83
C ILE AA 92 -26.16 29.77 37.18
N LYS AA 93 -27.11 30.40 36.53
CA LYS AA 93 -28.21 29.61 36.05
C LYS AA 93 -27.54 28.50 35.29
N THR AA 94 -26.43 28.84 34.67
CA THR AA 94 -25.80 27.88 33.84
C THR AA 94 -25.42 26.77 34.75
N GLU AA 95 -24.94 27.07 35.95
CA GLU AA 95 -24.37 25.99 36.75
C GLU AA 95 -25.38 24.86 37.18
N GLN AA 96 -26.43 25.18 37.93
CA GLN AA 96 -27.44 24.18 38.34
C GLN AA 96 -27.94 23.32 37.20
N ARG AA 97 -28.13 23.95 36.04
CA ARG AA 97 -28.37 23.18 34.88
C ARG AA 97 -27.09 22.54 34.44
N GLN AA 98 -25.97 23.12 34.83
CA GLN AA 98 -24.71 22.57 34.35
C GLN AA 98 -23.45 22.46 35.18
N PRO AA 99 -22.86 21.30 35.09
CA PRO AA 99 -21.58 21.15 35.76
C PRO AA 99 -20.41 20.91 34.83
N SER AA 100 -19.41 21.78 34.87
CA SER AA 100 -18.21 21.61 34.03
C SER AA 100 -17.38 20.47 34.61
N MET AA 101 -16.52 19.84 33.81
CA MET AA 101 -15.80 18.71 34.38
C MET AA 101 -15.19 19.13 35.71
N MET AA 102 -14.56 20.30 35.75
CA MET AA 102 -13.94 20.78 36.98
C MET AA 102 -14.96 21.01 38.11
N THR AA 103 -16.02 21.73 37.82
CA THR AA 103 -16.90 22.08 38.90
C THR AA 103 -17.45 20.83 39.47
N ARG AA 104 -18.08 20.05 38.63
CA ARG AA 104 -18.60 18.84 39.17
C ARG AA 104 -17.40 18.11 39.70
N MET AA 105 -16.24 18.27 39.05
CA MET AA 105 -15.10 17.49 39.44
C MET AA 105 -14.82 17.79 40.88
N TYR AA 106 -14.86 19.05 41.25
CA TYR AA 106 -14.65 19.39 42.66
C TYR AA 106 -15.81 18.88 43.47
N ILE AA 107 -16.97 19.18 42.92
CA ILE AA 107 -18.16 19.25 43.70
C ILE AA 107 -18.36 17.92 44.33
N GLU AA 108 -17.92 16.88 43.66
CA GLU AA 108 -17.85 15.61 44.31
C GLU AA 108 -16.86 15.60 45.46
N GLN AA 109 -15.68 16.20 45.32
CA GLN AA 109 -14.70 16.07 46.39
C GLN AA 109 -15.27 16.70 47.62
N ARG AA 110 -15.90 17.83 47.46
CA ARG AA 110 -16.37 18.50 48.67
C ARG AA 110 -17.22 17.49 49.43
N ASP AA 111 -18.06 16.77 48.69
CA ASP AA 111 -18.97 15.82 49.31
C ASP AA 111 -18.11 14.78 49.97
N ARG AA 112 -17.05 14.43 49.25
CA ARG AA 112 -16.17 13.40 49.73
C ARG AA 112 -15.59 13.90 51.05
N LEU AA 113 -15.18 15.17 51.14
CA LEU AA 113 -14.58 15.67 52.36
C LEU AA 113 -15.59 15.74 53.53
N TYR AA 114 -16.86 16.11 53.26
CA TYR AA 114 -17.82 16.15 54.35
C TYR AA 114 -17.95 14.74 54.89
N ASN AA 115 -18.06 13.81 53.96
CA ASN AA 115 -18.29 12.40 54.24
C ASN AA 115 -17.22 11.62 54.93
N ASP AA 116 -15.97 11.74 54.51
CA ASP AA 116 -14.93 11.07 55.26
C ASP AA 116 -14.86 11.73 56.62
N ASN AA 117 -14.94 13.05 56.61
CA ASN AA 117 -14.79 13.79 57.83
C ASN AA 117 -16.13 14.37 57.97
N GLN AA 118 -16.73 14.18 59.15
CA GLN AA 118 -18.16 14.43 59.33
C GLN AA 118 -18.57 15.51 60.30
N VAL AA 119 -18.20 15.33 61.56
CA VAL AA 119 -18.81 16.02 62.70
C VAL AA 119 -18.51 17.44 62.40
N PHE AA 120 -17.57 17.58 61.48
CA PHE AA 120 -17.34 18.83 60.83
C PHE AA 120 -18.53 19.10 59.96
N ALA AA 121 -19.06 18.10 59.31
CA ALA AA 121 -20.06 18.42 58.33
C ALA AA 121 -21.13 19.21 59.02
N LYS AA 122 -21.45 18.74 60.21
CA LYS AA 122 -22.63 19.03 61.00
C LYS AA 122 -22.30 19.97 62.17
N TYR AA 123 -21.03 20.24 62.38
CA TYR AA 123 -20.64 21.04 63.53
C TYR AA 123 -19.65 22.17 63.26
N ASN AA 124 -19.32 22.41 61.99
CA ASN AA 124 -18.38 23.48 61.61
C ASN AA 124 -18.81 24.88 62.04
N VAL AA 125 -17.87 25.82 62.10
CA VAL AA 125 -18.24 27.22 62.34
C VAL AA 125 -17.52 28.19 61.40
N SER AA 126 -18.29 29.14 60.87
CA SER AA 126 -17.74 30.24 60.09
C SER AA 126 -16.59 30.86 60.87
N ARG AA 127 -15.39 30.75 60.33
CA ARG AA 127 -14.21 31.28 60.99
C ARG AA 127 -13.35 32.07 60.00
N LEU AA 128 -13.36 33.40 60.06
CA LEU AA 128 -12.65 34.19 59.05
C LEU AA 128 -11.14 34.17 59.12
N GLN AA 129 -10.65 34.66 60.25
CA GLN AA 129 -9.27 35.03 60.47
C GLN AA 129 -8.32 33.96 60.03
N PRO AA 130 -8.42 32.78 60.64
CA PRO AA 130 -7.47 31.74 60.25
C PRO AA 130 -7.74 31.17 58.88
N TYR AA 131 -9.01 31.17 58.50
CA TYR AA 131 -9.44 30.65 57.23
C TYR AA 131 -8.78 31.38 56.07
N LEU AA 132 -8.80 32.70 56.16
CA LEU AA 132 -8.21 33.56 55.14
C LEU AA 132 -6.70 33.56 55.21
N LYS AA 133 -6.14 33.45 56.42
CA LYS AA 133 -4.67 33.47 56.53
C LYS AA 133 -4.17 32.20 55.85
N LEU AA 134 -4.82 31.08 56.18
CA LEU AA 134 -4.42 29.78 55.68
C LEU AA 134 -4.64 29.62 54.17
N ARG AA 135 -5.71 30.21 53.66
CA ARG AA 135 -6.05 30.09 52.25
C ARG AA 135 -5.13 30.96 51.42
N GLN AA 136 -4.57 31.99 52.07
CA GLN AA 136 -3.65 32.88 51.43
C GLN AA 136 -2.30 32.19 51.35
N ALA AA 137 -1.88 31.61 52.48
CA ALA AA 137 -0.57 30.95 52.57
C ALA AA 137 -0.51 29.73 51.65
N LEU AA 138 -1.64 29.05 51.67
CA LEU AA 138 -1.83 27.82 50.97
C LEU AA 138 -1.62 27.99 49.48
N LEU AA 139 -2.23 29.01 48.91
CA LEU AA 139 -2.16 29.21 47.46
C LEU AA 139 -0.72 29.42 46.99
N GLU AA 140 0.03 30.28 47.66
CA GLU AA 140 1.36 30.55 47.12
C GLU AA 140 2.19 29.29 47.22
N LEU AA 141 1.89 28.49 48.24
CA LEU AA 141 2.69 27.33 48.64
C LEU AA 141 3.15 26.48 47.46
N ARG AA 142 4.47 26.38 47.28
CA ARG AA 142 5.05 25.81 46.06
C ARG AA 142 4.96 24.28 46.03
N PRO AA 143 5.35 23.67 44.91
CA PRO AA 143 5.30 22.20 44.85
C PRO AA 143 6.21 21.49 45.85
N ALA AA 144 7.13 22.19 46.49
CA ALA AA 144 7.95 21.54 47.48
C ALA AA 144 8.04 22.30 48.79
N LYS AA 145 7.07 23.17 49.08
CA LYS AA 145 7.16 23.88 50.35
C LYS AA 145 6.19 23.33 51.41
N ASN AA 146 6.12 23.94 52.58
CA ASN AA 146 5.16 23.41 53.51
C ASN AA 146 4.68 24.39 54.54
N VAL AA 147 3.39 24.58 54.50
CA VAL AA 147 2.63 25.56 55.27
C VAL AA 147 2.11 24.91 56.55
N LEU AA 148 2.75 25.21 57.67
CA LEU AA 148 2.40 24.61 58.95
C LEU AA 148 1.49 25.50 59.78
N ILE AA 149 0.71 24.88 60.66
CA ILE AA 149 -0.19 25.60 61.56
C ILE AA 149 -0.19 24.94 62.94
N ASP AA 150 0.07 25.74 63.97
CA ASP AA 150 0.15 25.21 65.33
C ASP AA 150 -0.42 26.16 66.39
N GLY AA 151 -1.26 25.60 67.25
CA GLY AA 151 -1.84 26.29 68.39
C GLY AA 151 -2.00 25.39 69.59
N VAL AA 152 -2.73 25.88 70.59
CA VAL AA 152 -2.99 25.18 71.84
C VAL AA 152 -3.80 23.90 71.56
N LEU AA 153 -3.74 22.89 72.43
CA LEU AA 153 -4.52 21.69 72.17
C LEU AA 153 -5.99 22.07 72.09
N GLY AA 154 -6.63 21.62 71.02
CA GLY AA 154 -8.05 21.85 70.87
C GLY AA 154 -8.23 23.25 70.35
N SER AA 155 -7.42 23.65 69.38
CA SER AA 155 -7.57 25.00 68.87
C SER AA 155 -8.44 25.20 67.65
N GLY AA 156 -8.71 24.12 66.93
CA GLY AA 156 -9.53 24.19 65.74
C GLY AA 156 -8.55 24.19 64.58
N LYS AA 157 -7.35 23.68 64.83
CA LYS AA 157 -6.31 23.64 63.82
C LYS AA 157 -6.73 22.80 62.60
N THR AA 158 -7.29 21.63 62.86
CA THR AA 158 -7.70 20.73 61.79
C THR AA 158 -8.98 21.24 61.15
N TRP AA 159 -9.93 21.74 61.95
CA TRP AA 159 -11.17 22.26 61.37
C TRP AA 159 -10.83 23.45 60.46
N VAL AA 160 -10.02 24.40 60.90
CA VAL AA 160 -9.72 25.56 60.04
C VAL AA 160 -9.12 25.03 58.75
N ALA AA 161 -8.24 24.03 58.89
CA ALA AA 161 -7.54 23.47 57.74
C ALA AA 161 -8.56 22.84 56.79
N LEU AA 162 -9.51 22.11 57.39
CA LEU AA 162 -10.49 21.43 56.59
C LEU AA 162 -11.29 22.47 55.84
N ASP AA 163 -11.73 23.51 56.55
CA ASP AA 163 -12.60 24.50 55.94
C ASP AA 163 -11.90 25.14 54.76
N VAL AA 164 -10.62 25.44 54.93
CA VAL AA 164 -9.87 26.10 53.88
C VAL AA 164 -9.80 25.12 52.69
N CYS AA 165 -9.48 23.89 53.00
CA CYS AA 165 -9.25 22.92 51.97
C CYS AA 165 -10.55 22.32 51.48
N LEU AA 166 -11.66 22.63 52.10
CA LEU AA 166 -12.85 22.33 51.41
C LEU AA 166 -12.82 23.27 50.22
N SER AA 167 -12.65 24.54 50.54
CA SER AA 167 -12.82 25.65 49.62
C SER AA 167 -12.35 25.57 48.18
N TYR AA 168 -13.25 25.79 47.24
CA TYR AA 168 -12.94 25.50 45.87
C TYR AA 168 -11.64 26.14 45.42
N LYS AA 169 -11.51 27.43 45.70
CA LYS AA 169 -10.35 28.20 45.24
C LYS AA 169 -9.02 27.55 45.64
N VAL AA 170 -9.03 26.96 46.80
CA VAL AA 170 -7.88 26.30 47.35
C VAL AA 170 -7.91 24.84 47.06
N GLN AA 171 -8.81 24.41 46.21
CA GLN AA 171 -8.69 23.06 45.78
C GLN AA 171 -8.11 22.99 44.42
N CYS AA 172 -8.81 23.60 43.47
CA CYS AA 172 -8.44 23.55 42.06
C CYS AA 172 -6.95 23.84 41.91
N LYS AA 173 -6.45 24.72 42.78
CA LYS AA 173 -5.04 25.06 42.80
C LYS AA 173 -4.24 23.82 43.14
N MET AA 174 -4.85 22.93 43.92
CA MET AA 174 -4.21 21.67 44.22
C MET AA 174 -4.85 20.54 43.49
N ASP AA 175 -5.70 20.89 42.55
CA ASP AA 175 -6.21 19.90 41.60
C ASP AA 175 -6.78 18.69 42.27
N PHE AA 176 -7.49 18.91 43.33
CA PHE AA 176 -8.39 17.92 43.81
C PHE AA 176 -7.68 16.65 44.17
N LYS AA 177 -6.50 16.76 44.75
CA LYS AA 177 -5.82 15.58 45.25
C LYS AA 177 -5.27 15.83 46.65
N ILE AA 178 -6.15 16.01 47.63
CA ILE AA 178 -5.64 16.27 48.97
C ILE AA 178 -5.72 15.08 49.89
N PHE AA 179 -4.56 14.60 50.31
CA PHE AA 179 -4.50 13.42 51.12
C PHE AA 179 -4.36 13.83 52.54
N TRP AA 180 -5.34 13.44 53.31
CA TRP AA 180 -5.41 13.71 54.73
C TRP AA 180 -4.99 12.52 55.55
N LEU AA 181 -4.03 12.72 56.43
CA LEU AA 181 -3.66 11.64 57.34
C LEU AA 181 -3.42 12.18 58.74
N ASN AA 182 -3.78 11.43 59.77
CA ASN AA 182 -3.51 11.92 61.12
C ASN AA 182 -2.30 11.23 61.74
N LEU AA 183 -1.20 11.94 61.96
CA LEU AA 183 -0.06 11.24 62.54
C LEU AA 183 -0.38 10.89 63.98
N LYS AA 184 -1.27 10.02 64.38
CA LYS AA 184 -1.18 9.81 65.82
C LYS AA 184 -0.09 8.84 66.00
N ASN AA 185 0.38 8.68 67.21
CA ASN AA 185 1.11 7.49 67.36
C ASN AA 185 1.83 7.47 66.06
N CYS AA 186 2.78 8.39 65.92
CA CYS AA 186 3.57 8.50 64.71
C CYS AA 186 5.07 8.57 65.02
N ASN AA 187 5.39 8.83 66.29
CA ASN AA 187 6.78 8.93 66.73
C ASN AA 187 7.41 7.55 66.94
N SER AA 188 7.31 6.70 65.92
CA SER AA 188 7.88 5.36 65.99
C SER AA 188 8.13 4.79 64.59
N PRO AA 189 9.29 4.02 64.47
CA PRO AA 189 9.48 3.49 63.10
C PRO AA 189 8.26 2.72 62.60
N GLU AA 190 7.34 2.41 63.52
CA GLU AA 190 6.13 1.67 63.17
C GLU AA 190 5.10 2.59 62.52
N THR AA 191 5.26 3.89 62.71
CA THR AA 191 4.35 4.88 62.14
C THR AA 191 4.61 5.09 60.66
N VAL AA 192 5.86 5.39 60.33
CA VAL AA 192 6.25 5.63 58.94
C VAL AA 192 5.66 4.57 58.01
N LEU AA 193 6.07 3.32 58.21
CA LEU AA 193 5.57 2.21 57.40
C LEU AA 193 4.06 2.21 57.33
N GLU AA 194 3.41 2.00 58.48
CA GLU AA 194 1.96 1.96 58.55
C GLU AA 194 1.34 3.10 57.75
N MET AA 195 1.71 4.33 58.10
CA MET AA 195 1.19 5.51 57.43
C MET AA 195 1.64 5.63 55.98
N LEU AA 196 2.92 5.39 55.75
CA LEU AA 196 3.50 5.48 54.42
C LEU AA 196 2.87 4.40 53.59
N GLN AA 197 2.32 3.40 54.28
CA GLN AA 197 1.60 2.35 53.63
C GLN AA 197 0.26 3.00 53.32
N LYS AA 198 -0.30 3.73 54.28
CA LYS AA 198 -1.60 4.34 54.00
C LYS AA 198 -1.56 5.39 52.88
N LEU AA 199 -0.48 6.16 52.76
CA LEU AA 199 -0.39 7.20 51.75
C LEU AA 199 -0.31 6.61 50.34
N LEU AA 200 0.39 5.48 50.23
CA LEU AA 200 0.50 4.78 48.96
C LEU AA 200 -0.89 4.26 48.64
N TYR AA 201 -1.49 3.63 49.63
CA TYR AA 201 -2.89 3.28 49.60
C TYR AA 201 -3.78 4.37 48.97
N GLN AA 202 -3.71 5.63 49.43
CA GLN AA 202 -4.70 6.52 48.92
C GLN AA 202 -4.37 6.69 47.51
N ILE AA 203 -3.19 7.22 47.20
CA ILE AA 203 -2.78 7.42 45.81
C ILE AA 203 -3.29 6.34 44.86
N ASP AA 204 -2.89 5.10 45.10
CA ASP AA 204 -3.30 3.98 44.28
C ASP AA 204 -3.10 2.66 45.02
N PRO AA 205 -3.87 1.64 44.66
CA PRO AA 205 -3.74 0.34 45.30
C PRO AA 205 -2.84 -0.62 44.50
N ASN AA 206 -1.54 -0.37 44.52
CA ASN AA 206 -0.61 -1.24 43.80
C ASN AA 206 0.81 -1.12 44.31
N TRP AA 207 1.31 -2.15 44.96
CA TRP AA 207 2.71 -2.11 45.36
C TRP AA 207 3.43 -3.43 45.30
N THR AA 208 4.61 -3.39 44.70
CA THR AA 208 5.43 -4.58 44.55
C THR AA 208 6.14 -4.69 45.89
N SER AA 209 5.44 -5.29 46.83
CA SER AA 209 5.93 -5.34 48.19
C SER AA 209 6.94 -6.47 48.32
N ARG AA 210 7.40 -6.96 47.17
CA ARG AA 210 8.46 -7.94 47.13
C ARG AA 210 9.78 -7.31 47.57
N SER AA 211 9.83 -5.98 47.59
CA SER AA 211 11.04 -5.31 48.00
C SER AA 211 11.20 -5.48 49.51
N ASP AA 212 10.17 -6.03 50.15
CA ASP AA 212 10.19 -6.10 51.59
C ASP AA 212 11.29 -7.03 52.07
N HIS AA 213 12.12 -6.46 52.92
CA HIS AA 213 13.31 -7.05 53.43
C HIS AA 213 13.11 -6.65 54.86
N SER AA 214 13.22 -7.62 55.76
CA SER AA 214 12.76 -7.44 57.14
C SER AA 214 13.88 -7.20 58.15
N SER AA 215 15.07 -6.93 57.66
CA SER AA 215 16.19 -6.61 58.52
C SER AA 215 15.97 -5.22 59.09
N ASN AA 216 15.34 -4.36 58.29
CA ASN AA 216 15.02 -3.01 58.72
C ASN AA 216 13.60 -2.58 58.34
N ILE AA 217 12.73 -2.56 59.35
CA ILE AA 217 11.48 -1.89 59.22
C ILE AA 217 11.89 -0.47 58.92
N LYS AA 218 13.17 -0.18 59.06
CA LYS AA 218 13.66 1.17 58.84
C LYS AA 218 14.15 1.37 57.44
N LEU AA 219 15.04 0.48 57.00
CA LEU AA 219 15.58 0.54 55.65
C LEU AA 219 14.46 0.39 54.61
N ARG AA 220 13.45 -0.40 54.95
CA ARG AA 220 12.32 -0.62 54.07
C ARG AA 220 11.51 0.65 54.04
N ILE AA 221 11.54 1.35 55.15
CA ILE AA 221 10.76 2.55 55.31
C ILE AA 221 11.22 3.48 54.22
N HIS AA 222 12.52 3.47 53.98
CA HIS AA 222 13.03 4.30 52.94
C HIS AA 222 12.47 3.89 51.60
N SER AA 223 12.39 2.58 51.37
CA SER AA 223 11.97 2.13 50.06
C SER AA 223 10.59 2.67 49.82
N ILE AA 224 9.73 2.56 50.82
CA ILE AA 224 8.34 2.94 50.57
C ILE AA 224 8.41 4.40 50.06
N GLN AA 225 9.25 5.21 50.70
CA GLN AA 225 9.42 6.60 50.31
C GLN AA 225 9.92 6.70 48.87
N ALA AA 226 10.89 5.86 48.52
CA ALA AA 226 11.45 5.85 47.17
C ALA AA 226 10.36 5.66 46.13
N GLU AA 227 9.45 4.72 46.40
CA GLU AA 227 8.35 4.45 45.49
C GLU AA 227 7.35 5.60 45.49
N LEU AA 228 7.12 6.19 46.66
CA LEU AA 228 6.20 7.30 46.80
C LEU AA 228 6.71 8.53 46.04
N ARG AA 229 8.02 8.79 46.17
CA ARG AA 229 8.64 9.91 45.48
C ARG AA 229 8.52 9.77 43.98
N ARG AA 230 8.69 8.54 43.50
CA ARG AA 230 8.60 8.26 42.08
C ARG AA 230 7.20 8.59 41.57
N LEU AA 231 6.17 8.12 42.29
CA LEU AA 231 4.80 8.34 41.86
C LEU AA 231 4.27 9.78 41.90
N LEU AA 232 4.65 10.58 42.91
CA LEU AA 232 4.13 11.95 42.94
C LEU AA 232 4.56 12.85 41.79
N LYS AA 233 5.80 12.83 41.38
CA LYS AA 233 6.10 13.73 40.31
C LYS AA 233 5.62 12.96 39.11
N SER AA 234 4.44 12.41 39.26
CA SER AA 234 3.75 11.81 38.13
C SER AA 234 2.93 12.93 37.60
N LYS AA 235 2.16 12.69 36.55
CA LYS AA 235 1.28 13.72 36.07
C LYS AA 235 -0.11 13.70 36.65
N PRO AA 236 -0.47 12.53 37.36
CA PRO AA 236 -1.84 12.57 37.88
C PRO AA 236 -1.90 13.70 38.86
N TYR AA 237 -0.82 13.82 39.62
CA TYR AA 237 -0.71 14.86 40.61
C TYR AA 237 0.05 16.01 40.05
N GLU AA 238 1.33 15.82 39.82
CA GLU AA 238 2.19 16.94 39.43
C GLU AA 238 2.19 17.76 40.66
N ASN AA 239 0.98 18.07 41.09
CA ASN AA 239 0.91 18.88 42.31
C ASN AA 239 -0.38 18.67 43.17
N CYS AA 240 -0.27 18.40 44.46
CA CYS AA 240 -1.42 18.10 45.29
C CYS AA 240 -1.00 18.36 46.70
N LEU AA 241 -1.90 18.40 47.65
CA LEU AA 241 -1.52 18.71 49.01
C LEU AA 241 -1.82 17.63 49.99
N LEU AA 242 -0.77 17.13 50.62
CA LEU AA 242 -0.70 16.15 51.70
C LEU AA 242 -0.70 16.86 53.04
N VAL AA 243 -1.86 16.91 53.70
CA VAL AA 243 -2.01 17.63 54.95
C VAL AA 243 -1.91 16.68 56.15
N LEU AA 244 -0.75 16.70 56.75
CA LEU AA 244 -0.46 15.79 57.79
C LEU AA 244 -1.34 16.43 58.78
N LEU AA 245 -1.72 15.74 59.83
CA LEU AA 245 -2.52 16.38 60.82
C LEU AA 245 -1.88 15.98 62.11
N ASN AA 246 -1.82 16.86 63.08
CA ASN AA 246 -1.29 16.42 64.34
C ASN AA 246 0.11 15.83 64.20
N VAL AA 247 0.98 16.46 63.43
CA VAL AA 247 2.34 15.94 63.32
C VAL AA 247 2.93 15.93 64.72
N GLN AA 248 3.52 14.81 65.11
CA GLN AA 248 4.06 14.62 66.46
C GLN AA 248 5.33 15.32 66.96
N ASN AA 249 6.42 15.23 66.22
CA ASN AA 249 7.68 15.84 66.65
C ASN AA 249 8.43 16.20 65.40
N ALA AA 250 9.73 16.48 65.45
CA ALA AA 250 10.33 16.63 64.15
C ALA AA 250 10.45 15.32 63.43
N LYS AA 251 10.78 14.25 64.15
CA LYS AA 251 11.38 13.10 63.50
C LYS AA 251 10.52 12.54 62.39
N ALA AA 252 9.22 12.45 62.64
CA ALA AA 252 8.36 11.79 61.67
C ALA AA 252 8.46 12.56 60.40
N TRP AA 253 8.46 13.87 60.52
CA TRP AA 253 8.29 14.67 59.35
C TRP AA 253 9.45 14.37 58.37
N ASN AA 254 10.70 14.37 58.82
CA ASN AA 254 11.81 14.15 57.96
C ASN AA 254 11.38 12.93 57.17
N ALA AA 255 10.63 12.04 57.80
CA ALA AA 255 10.10 10.88 57.13
C ALA AA 255 9.15 11.30 56.06
N PHE AA 256 8.37 12.32 56.31
CA PHE AA 256 7.22 12.57 55.47
C PHE AA 256 7.29 13.59 54.39
N ASN AA 257 8.45 14.15 54.10
CA ASN AA 257 8.52 15.20 53.08
C ASN AA 257 8.78 14.62 51.71
N LEU AA 258 7.80 14.71 50.82
CA LEU AA 258 7.95 14.11 49.51
C LEU AA 258 7.95 15.11 48.39
N SER AA 259 8.32 16.34 48.67
CA SER AA 259 8.19 17.26 47.57
C SER AA 259 6.71 17.33 47.28
N CYS AA 260 5.93 17.31 48.33
CA CYS AA 260 4.50 17.31 48.21
C CYS AA 260 4.11 18.58 48.84
N LYS AA 261 3.24 19.32 48.23
CA LYS AA 261 2.80 20.53 48.90
C LYS AA 261 2.09 19.97 50.11
N ILE AA 262 2.81 19.75 51.21
CA ILE AA 262 2.09 19.34 52.41
C ILE AA 262 1.87 20.54 53.32
N LEU AA 263 0.83 20.50 54.14
CA LEU AA 263 0.62 21.51 55.18
C LEU AA 263 0.32 20.78 56.48
N LEU AA 264 1.18 20.97 57.48
CA LEU AA 264 1.12 20.18 58.70
C LEU AA 264 0.65 21.00 59.88
N THR AA 265 -0.38 20.52 60.55
CA THR AA 265 -0.90 21.19 61.71
C THR AA 265 -0.48 20.40 62.94
N THR AA 266 0.15 21.05 63.90
CA THR AA 266 0.66 20.36 65.09
C THR AA 266 0.44 21.12 66.39
N ARG AA 267 0.21 20.38 67.46
CA ARG AA 267 0.06 20.95 68.80
C ARG AA 267 1.27 21.26 69.71
N PHE AA 268 2.52 20.93 69.34
CA PHE AA 268 3.59 21.53 70.17
C PHE AA 268 4.76 22.29 69.52
N LYS AA 269 5.48 22.94 70.41
CA LYS AA 269 6.37 24.05 70.08
C LYS AA 269 7.68 23.58 69.48
N GLN AA 270 8.02 22.31 69.68
CA GLN AA 270 9.23 21.73 69.12
C GLN AA 270 9.06 21.58 67.61
N VAL AA 271 7.84 21.29 67.19
CA VAL AA 271 7.54 21.16 65.77
C VAL AA 271 7.62 22.51 65.02
N THR AA 272 6.86 23.46 65.55
CA THR AA 272 6.69 24.76 64.96
C THR AA 272 7.94 25.47 65.37
N ASP AA 273 8.55 24.89 66.39
CA ASP AA 273 9.91 25.21 66.76
C ASP AA 273 10.84 24.53 65.77
N PHE AA 274 10.35 23.54 65.02
CA PHE AA 274 11.26 22.98 64.03
C PHE AA 274 11.49 23.66 62.71
N LEU AA 275 10.42 24.04 62.02
CA LEU AA 275 10.56 24.41 60.63
C LEU AA 275 10.63 25.89 60.39
N SER AA 276 11.84 26.31 60.07
CA SER AA 276 12.13 27.70 59.96
C SER AA 276 11.32 28.26 58.84
N ALA AA 277 10.84 29.48 59.03
CA ALA AA 277 10.14 30.18 57.98
C ALA AA 277 11.19 30.37 56.93
N ALA AA 278 10.78 30.51 55.68
CA ALA AA 278 11.68 30.56 54.54
C ALA AA 278 11.95 29.15 54.15
N THR AA 279 11.35 28.24 54.88
CA THR AA 279 10.75 27.03 54.36
C THR AA 279 9.37 26.64 54.81
N THR AA 280 8.61 27.53 55.43
CA THR AA 280 7.24 27.14 55.69
C THR AA 280 6.53 28.38 56.23
N THR AA 281 5.26 28.36 56.59
CA THR AA 281 4.87 29.59 57.17
C THR AA 281 3.99 29.15 58.27
N HIS AA 282 3.97 29.85 59.38
CA HIS AA 282 3.04 29.47 60.41
C HIS AA 282 1.87 30.43 60.49
N ILE AA 283 0.70 29.89 60.21
CA ILE AA 283 -0.52 30.44 60.70
C ILE AA 283 -0.44 30.00 62.11
N SER AA 284 -0.64 30.88 63.08
CA SER AA 284 -0.66 30.42 64.46
C SER AA 284 -2.11 30.47 64.84
N LEU AA 285 -2.68 29.31 65.04
CA LEU AA 285 -4.09 29.22 65.28
C LEU AA 285 -4.54 29.84 66.56
N ASP AA 286 -3.73 29.73 67.60
CA ASP AA 286 -4.09 30.13 68.95
C ASP AA 286 -3.61 31.51 69.28
N HIS AA 287 -3.17 32.22 68.27
CA HIS AA 287 -2.61 33.54 68.42
C HIS AA 287 -3.74 34.53 68.51
N HIS AA 288 -3.34 35.77 68.34
CA HIS AA 288 -3.99 37.02 68.66
C HIS AA 288 -5.31 37.35 68.02
N SER AA 289 -5.40 37.09 66.73
CA SER AA 289 -6.58 37.51 66.00
C SER AA 289 -7.38 36.32 65.58
N MET AA 290 -6.72 35.19 65.55
CA MET AA 290 -7.41 33.96 65.19
C MET AA 290 -8.44 33.69 66.25
N THR AA 291 -8.13 34.02 67.49
CA THR AA 291 -8.97 33.50 68.56
C THR AA 291 -10.39 33.72 68.10
N LEU AA 292 -11.25 32.73 68.32
CA LEU AA 292 -12.54 32.76 67.69
C LEU AA 292 -13.16 34.08 68.00
N THR AA 293 -13.83 34.62 67.00
CA THR AA 293 -14.37 35.98 66.97
C THR AA 293 -15.37 36.24 68.09
N PRO AA 294 -15.17 37.34 68.85
CA PRO AA 294 -15.80 37.65 70.14
C PRO AA 294 -17.27 37.25 70.27
N ASP AA 295 -18.00 37.25 69.15
CA ASP AA 295 -19.40 36.85 69.14
C ASP AA 295 -19.57 35.51 68.45
N GLU AA 296 -18.53 35.08 67.75
CA GLU AA 296 -18.56 33.79 67.09
C GLU AA 296 -18.23 32.70 68.11
N VAL AA 297 -17.89 33.10 69.34
CA VAL AA 297 -17.82 32.10 70.38
C VAL AA 297 -19.27 31.71 70.68
N LYS AA 298 -20.13 32.72 70.73
CA LYS AA 298 -21.55 32.49 70.98
C LYS AA 298 -22.15 31.76 69.79
N SER AA 299 -21.49 31.92 68.64
CA SER AA 299 -21.89 31.26 67.41
C SER AA 299 -21.70 29.78 67.53
N LEU AA 300 -20.50 29.41 67.94
CA LEU AA 300 -20.13 28.02 67.97
C LEU AA 300 -21.01 27.39 69.02
N LEU AA 301 -21.18 28.09 70.13
CA LEU AA 301 -21.88 27.44 71.19
C LEU AA 301 -23.19 27.11 70.56
N LEU AA 302 -23.67 27.93 69.65
CA LEU AA 302 -24.95 27.54 69.15
C LEU AA 302 -25.06 26.15 68.51
N LYS AA 303 -24.20 25.89 67.51
CA LYS AA 303 -24.30 24.68 66.70
C LYS AA 303 -24.83 23.51 67.53
N TYR AA 304 -24.01 23.08 68.48
CA TYR AA 304 -24.37 21.98 69.37
C TYR AA 304 -25.61 22.42 70.09
N LEU AA 305 -25.64 23.71 70.41
CA LEU AA 305 -26.73 24.23 71.20
C LEU AA 305 -28.07 24.14 70.52
N ASP AA 306 -28.13 24.44 69.24
CA ASP AA 306 -29.39 24.48 68.50
C ASP AA 306 -30.46 25.49 68.95
N CYS AA 307 -30.10 26.71 69.33
CA CYS AA 307 -31.08 27.78 69.35
C CYS AA 307 -30.54 29.19 69.29
N ARG AA 308 -31.38 30.10 68.82
CA ARG AA 308 -31.18 31.53 68.98
C ARG AA 308 -31.34 32.17 70.35
N PRO AA 309 -32.36 31.82 71.15
CA PRO AA 309 -32.64 32.82 72.17
C PRO AA 309 -31.82 32.55 73.43
N GLN AA 310 -31.60 31.28 73.74
CA GLN AA 310 -30.83 30.90 74.91
C GLN AA 310 -29.37 31.24 74.76
N ASP AA 311 -28.91 31.32 73.50
CA ASP AA 311 -27.52 31.64 73.21
C ASP AA 311 -27.04 32.82 74.06
N LEU AA 312 -27.94 33.76 74.31
CA LEU AA 312 -27.61 34.94 75.12
C LEU AA 312 -27.66 34.62 76.60
N PRO AA 313 -28.41 33.58 76.96
CA PRO AA 313 -28.53 33.18 78.36
C PRO AA 313 -27.30 32.39 78.81
N ARG AA 314 -26.27 32.37 77.97
CA ARG AA 314 -25.03 31.66 78.28
C ARG AA 314 -23.83 32.58 78.20
N GLU AA 315 -23.93 33.74 78.85
CA GLU AA 315 -22.86 34.72 78.84
C GLU AA 315 -21.71 34.28 79.75
N VAL AA 316 -20.54 34.06 79.15
CA VAL AA 316 -19.36 33.63 79.89
C VAL AA 316 -18.08 33.99 79.15
N LEU AA 317 -17.02 33.23 79.40
CA LEU AA 317 -15.73 33.47 78.77
C LEU AA 317 -15.06 32.16 78.37
N THR AA 318 -14.59 32.09 77.13
CA THR AA 318 -13.92 30.89 76.64
C THR AA 318 -13.49 31.12 75.19
N THR AA 319 -12.37 30.53 74.78
CA THR AA 319 -11.88 30.74 73.42
C THR AA 319 -11.35 29.46 72.77
N ASN AA 320 -11.38 28.35 73.49
CA ASN AA 320 -10.87 27.10 72.93
C ASN AA 320 -12.00 26.27 72.34
N PRO AA 321 -11.99 26.06 71.01
CA PRO AA 321 -13.12 25.36 70.42
C PRO AA 321 -13.29 23.98 71.04
N ARG AA 322 -12.20 23.34 71.47
CA ARG AA 322 -12.36 22.03 72.05
C ARG AA 322 -13.07 22.18 73.39
N ARG AA 323 -12.65 23.16 74.18
CA ARG AA 323 -13.26 23.33 75.48
C ARG AA 323 -14.69 23.81 75.30
N LEU AA 324 -14.86 24.67 74.31
CA LEU AA 324 -16.16 25.24 74.06
C LEU AA 324 -17.13 24.16 73.68
N SER AA 325 -16.70 23.26 72.80
CA SER AA 325 -17.63 22.28 72.31
C SER AA 325 -17.85 21.12 73.24
N ILE AA 326 -16.84 20.74 74.01
CA ILE AA 326 -17.08 19.72 75.02
C ILE AA 326 -18.11 20.24 76.02
N ILE AA 327 -17.93 21.51 76.39
CA ILE AA 327 -18.84 22.12 77.34
C ILE AA 327 -20.21 22.27 76.79
N ALA AA 328 -20.24 22.75 75.55
CA ALA AA 328 -21.49 23.06 74.86
C ALA AA 328 -22.29 21.73 74.70
N GLU AA 329 -21.58 20.68 74.32
CA GLU AA 329 -22.18 19.39 74.12
C GLU AA 329 -22.76 18.92 75.43
N SER AA 330 -21.98 19.11 76.48
CA SER AA 330 -22.41 18.63 77.78
C SER AA 330 -23.67 19.35 78.23
N ILE AA 331 -23.71 20.67 78.03
CA ILE AA 331 -24.90 21.40 78.45
C ILE AA 331 -26.19 21.05 77.66
N ARG AA 332 -26.09 20.82 76.35
CA ARG AA 332 -27.29 20.46 75.58
C ARG AA 332 -27.82 19.11 76.07
N ASP AA 333 -26.89 18.19 76.26
CA ASP AA 333 -27.10 16.86 76.77
C ASP AA 333 -26.35 16.58 78.08
N ALA AA 336 -26.87 20.86 81.86
CA ALA AA 336 -27.18 21.82 82.92
C ALA AA 336 -26.10 22.89 83.02
N THR AA 337 -26.45 24.15 82.79
CA THR AA 337 -25.44 25.16 82.48
C THR AA 337 -24.39 25.50 83.52
N TRP AA 338 -24.84 25.81 84.73
CA TRP AA 338 -23.93 26.11 85.84
C TRP AA 338 -23.13 24.92 86.28
N ASP AA 339 -23.82 23.81 86.52
CA ASP AA 339 -23.13 22.75 87.21
C ASP AA 339 -22.01 22.27 86.35
N ASN AA 340 -22.42 22.00 85.12
CA ASN AA 340 -21.64 21.39 84.07
C ASN AA 340 -20.43 22.21 83.59
N TRP AA 341 -20.57 23.54 83.48
CA TRP AA 341 -19.52 24.40 82.93
C TRP AA 341 -18.28 24.10 83.75
N LYS AA 342 -18.49 23.75 85.01
CA LYS AA 342 -17.38 23.39 85.91
C LYS AA 342 -17.27 21.91 86.33
N HIS AA 343 -18.15 21.52 87.26
CA HIS AA 343 -18.05 20.27 88.00
C HIS AA 343 -18.48 19.25 86.99
N VAL AA 344 -19.09 19.77 85.92
CA VAL AA 344 -19.44 18.97 84.78
C VAL AA 344 -18.14 18.65 84.09
N ASN AA 345 -17.97 17.42 83.63
CA ASN AA 345 -16.77 17.04 82.93
C ASN AA 345 -15.61 16.84 83.88
N CYS AA 346 -15.90 16.83 85.17
CA CYS AA 346 -14.92 16.37 86.10
C CYS AA 346 -14.17 15.24 85.46
N ASP AA 347 -14.93 14.62 84.57
CA ASP AA 347 -14.61 13.31 84.03
C ASP AA 347 -14.23 13.38 82.56
N LYS AA 348 -14.27 14.56 81.91
CA LYS AA 348 -13.83 14.56 80.51
C LYS AA 348 -12.74 15.57 80.18
N LEU AA 349 -12.98 16.86 80.43
CA LEU AA 349 -12.04 17.90 80.05
C LEU AA 349 -10.73 17.73 80.80
N THR AA 350 -10.82 17.13 81.97
CA THR AA 350 -9.68 16.86 82.80
C THR AA 350 -8.83 15.84 82.08
N THR AA 351 -9.44 14.79 81.54
CA THR AA 351 -8.66 13.75 80.86
C THR AA 351 -7.99 14.31 79.62
N ILE AA 352 -8.67 15.21 78.93
CA ILE AA 352 -8.13 15.82 77.72
C ILE AA 352 -6.85 16.59 78.01
N ILE AA 353 -6.86 17.34 79.12
CA ILE AA 353 -5.70 18.13 79.51
C ILE AA 353 -4.78 17.34 80.44
N GLU AA 354 -4.85 16.01 80.34
CA GLU AA 354 -4.03 15.14 81.16
C GLU AA 354 -3.28 14.12 80.32
N SER AA 355 -3.96 13.59 79.30
CA SER AA 355 -3.35 12.60 78.41
C SER AA 355 -2.05 13.11 77.82
N SER AA 356 -1.76 14.38 78.07
CA SER AA 356 -0.53 15.00 77.56
C SER AA 356 0.59 14.90 78.58
N LEU AA 357 0.28 14.37 79.76
CA LEU AA 357 1.26 14.22 80.83
C LEU AA 357 2.11 12.97 80.63
N ASN AA 358 1.56 11.96 79.99
CA ASN AA 358 2.40 10.81 79.78
C ASN AA 358 3.61 11.17 78.94
N VAL AA 359 3.45 12.08 77.99
CA VAL AA 359 4.47 12.27 76.96
C VAL AA 359 5.81 12.77 77.47
N LEU AA 360 5.79 13.70 78.42
CA LEU AA 360 7.00 14.19 79.07
C LEU AA 360 7.36 13.31 80.26
N GLU AA 361 8.59 12.80 80.29
CA GLU AA 361 9.01 11.89 81.35
C GLU AA 361 8.40 12.24 82.70
N PRO AA 362 7.86 11.25 83.40
CA PRO AA 362 7.31 11.46 84.71
C PRO AA 362 8.24 11.74 85.83
N ALA AA 363 9.42 11.13 85.83
CA ALA AA 363 10.38 11.30 86.92
C ALA AA 363 10.79 12.75 87.15
N GLU AA 364 10.92 13.51 86.07
CA GLU AA 364 11.37 14.89 86.16
C GLU AA 364 10.35 15.89 85.59
N TYR AA 365 9.68 15.49 84.51
CA TYR AA 365 8.73 16.39 83.84
C TYR AA 365 7.41 16.47 84.58
N ARG AA 366 6.61 15.41 84.48
CA ARG AA 366 5.28 15.37 85.08
C ARG AA 366 5.24 15.97 86.49
N LYS AA 367 6.07 15.44 87.38
CA LYS AA 367 6.08 15.88 88.76
C LYS AA 367 6.31 17.37 89.01
N MET AA 368 7.32 17.92 88.36
CA MET AA 368 7.62 19.31 88.58
C MET AA 368 6.33 20.03 88.32
N PHE AA 369 5.90 20.00 87.08
CA PHE AA 369 4.77 20.82 86.69
C PHE AA 369 3.71 20.77 87.77
N ASP AA 370 3.55 19.61 88.40
CA ASP AA 370 2.48 19.36 89.35
C ASP AA 370 2.59 20.38 90.47
N ARG AA 371 3.83 20.79 90.70
CA ARG AA 371 4.16 21.72 91.76
C ARG AA 371 3.57 23.10 91.51
N LEU AA 372 3.32 23.44 90.27
CA LEU AA 372 2.87 24.78 89.96
C LEU AA 372 1.53 25.03 90.64
N SER AA 373 0.96 23.97 91.16
CA SER AA 373 -0.35 24.08 91.71
C SER AA 373 -0.27 25.14 92.79
N VAL AA 374 0.92 25.35 93.35
CA VAL AA 374 1.14 26.31 94.41
C VAL AA 374 0.79 27.75 94.03
N PHE AA 375 1.15 28.12 92.81
CA PHE AA 375 1.03 29.51 92.33
C PHE AA 375 -0.33 29.90 91.73
N PRO AA 376 -0.55 31.21 91.67
CA PRO AA 376 -1.87 31.74 91.37
C PRO AA 376 -2.29 31.21 90.02
N PRO AA 377 -3.65 30.97 89.86
CA PRO AA 377 -3.94 30.04 88.77
C PRO AA 377 -3.43 30.51 87.41
N SER AA 378 -3.53 31.80 87.15
CA SER AA 378 -3.02 32.29 85.88
C SER AA 378 -2.06 33.39 86.23
N ALA AA 379 -0.94 32.92 86.73
CA ALA AA 379 0.09 33.76 87.34
C ALA AA 379 1.47 33.37 86.84
N HIS AA 380 2.47 34.06 87.37
CA HIS AA 380 3.83 33.91 86.90
C HIS AA 380 4.72 33.26 87.95
N ILE AA 381 5.97 33.00 87.60
CA ILE AA 381 6.89 32.41 88.55
C ILE AA 381 8.37 32.68 88.24
N PRO AA 382 9.03 33.42 89.14
CA PRO AA 382 10.44 33.79 89.07
C PRO AA 382 11.34 32.58 89.06
N THR AA 383 12.55 32.72 88.53
CA THR AA 383 13.38 31.54 88.43
C THR AA 383 13.74 30.97 89.80
N ILE AA 384 14.06 31.86 90.73
CA ILE AA 384 14.46 31.45 92.07
C ILE AA 384 13.42 30.60 92.82
N LEU AA 385 12.15 31.00 92.68
CA LEU AA 385 11.03 30.29 93.31
C LEU AA 385 10.79 28.89 92.75
N LEU AA 386 10.91 28.73 91.44
CA LEU AA 386 10.65 27.45 90.79
C LEU AA 386 11.70 26.43 91.20
N SER AA 387 12.89 26.88 91.51
CA SER AA 387 13.97 25.95 91.78
C SER AA 387 13.61 25.10 92.99
N LEU AA 388 13.17 25.76 94.05
CA LEU AA 388 12.97 25.08 95.31
C LEU AA 388 11.93 23.99 95.15
N ILE AA 389 10.96 24.24 94.30
CA ILE AA 389 9.77 23.40 94.23
C ILE AA 389 10.04 21.94 93.81
N SER AA 396 21.89 25.24 86.90
CA SER AA 396 21.22 25.46 85.62
C SER AA 396 20.17 24.39 85.36
N ASP AA 397 20.16 23.35 86.19
CA ASP AA 397 19.23 22.25 85.98
C ASP AA 397 17.77 22.65 85.90
N VAL AA 398 17.29 23.51 86.81
CA VAL AA 398 15.88 23.88 86.75
C VAL AA 398 15.54 24.64 85.48
N MET AA 399 16.48 25.46 85.02
CA MET AA 399 16.30 26.27 83.83
C MET AA 399 16.15 25.39 82.60
N VAL AA 400 16.94 24.32 82.52
CA VAL AA 400 16.83 23.43 81.39
C VAL AA 400 15.58 22.57 81.54
N VAL AA 401 15.33 22.05 82.74
CA VAL AA 401 14.21 21.12 82.89
C VAL AA 401 12.91 21.86 82.56
N VAL AA 402 12.77 23.12 82.99
CA VAL AA 402 11.56 23.84 82.59
C VAL AA 402 11.61 24.06 81.09
N ASN AA 403 12.82 24.29 80.55
CA ASN AA 403 12.91 24.70 79.14
C ASN AA 403 12.33 23.59 78.27
N LYS AA 404 12.65 22.37 78.65
CA LYS AA 404 12.07 21.21 78.03
C LYS AA 404 10.59 21.24 78.25
N LEU AA 405 10.19 21.56 79.47
CA LEU AA 405 8.79 21.60 79.73
C LEU AA 405 8.18 22.71 78.90
N HIS AA 406 9.04 23.66 78.55
CA HIS AA 406 8.51 24.87 77.96
C HIS AA 406 7.73 24.43 76.80
N LYS AA 407 8.30 23.48 76.07
CA LYS AA 407 7.75 22.95 74.85
C LYS AA 407 6.56 22.01 75.07
N TYR AA 408 6.70 20.98 75.91
CA TYR AA 408 5.59 20.03 75.93
C TYR AA 408 4.29 20.50 76.61
N SER AA 409 4.39 21.03 77.82
CA SER AA 409 3.20 21.42 78.57
C SER AA 409 3.08 22.92 78.75
N LEU AA 410 2.08 23.37 79.51
CA LEU AA 410 1.75 24.77 79.45
C LEU AA 410 2.93 25.74 79.70
N VAL AA 411 3.55 25.75 80.87
CA VAL AA 411 5.00 25.92 81.12
C VAL AA 411 5.67 27.13 80.46
N GLU AA 412 4.98 28.25 80.29
CA GLU AA 412 5.35 29.06 79.14
C GLU AA 412 6.47 29.95 79.53
N LYS AA 413 7.67 29.57 79.15
CA LYS AA 413 8.84 30.32 79.51
C LYS AA 413 8.72 31.67 78.86
N GLN AA 414 9.39 32.64 79.43
CA GLN AA 414 9.30 33.99 78.93
C GLN AA 414 10.50 34.83 79.23
N PRO AA 415 10.52 36.04 78.66
CA PRO AA 415 11.67 36.94 78.85
C PRO AA 415 12.19 37.53 80.14
N SER AA 418 13.61 37.02 83.99
CA SER AA 418 13.47 35.70 83.37
C SER AA 418 12.35 34.90 84.00
N THR AA 419 11.31 35.61 84.45
CA THR AA 419 10.16 34.96 85.08
C THR AA 419 9.45 34.04 84.10
N ILE AA 420 8.42 33.35 84.59
CA ILE AA 420 7.73 32.36 83.82
C ILE AA 420 6.26 32.60 84.03
N SER AA 421 5.44 32.30 83.02
CA SER AA 421 3.99 32.43 83.15
C SER AA 421 3.42 31.16 82.55
N ILE AA 422 2.84 30.33 83.40
CA ILE AA 422 2.20 29.10 82.94
C ILE AA 422 0.83 29.24 82.30
N PRO AA 423 0.47 28.28 81.46
CA PRO AA 423 -0.76 28.35 80.69
C PRO AA 423 -1.87 27.59 81.38
N SER AA 424 -2.96 28.28 81.64
CA SER AA 424 -3.94 27.89 82.62
C SER AA 424 -4.62 26.58 82.34
N ILE AA 425 -4.95 26.34 81.09
CA ILE AA 425 -6.02 25.42 80.75
C ILE AA 425 -5.73 24.03 81.31
N TYR AA 426 -4.46 23.66 81.28
CA TYR AA 426 -3.92 22.56 82.09
C TYR AA 426 -3.17 23.08 83.31
N LEU AA 427 -3.03 24.40 83.39
CA LEU AA 427 -2.34 25.03 84.51
C LEU AA 427 -3.20 25.00 85.77
N GLU AA 428 -4.37 25.61 85.70
CA GLU AA 428 -5.29 25.66 86.85
C GLU AA 428 -6.02 24.35 87.14
N LEU AA 429 -6.63 23.77 86.11
CA LEU AA 429 -7.56 22.66 86.28
C LEU AA 429 -6.90 21.30 86.49
N LYS AA 430 -6.10 20.88 85.52
CA LYS AA 430 -5.59 19.52 85.54
C LYS AA 430 -5.06 19.15 86.92
N VAL AA 431 -4.16 20.02 87.36
CA VAL AA 431 -3.39 19.84 88.56
C VAL AA 431 -4.19 19.91 89.86
N LYS AA 432 -5.13 20.84 89.93
CA LYS AA 432 -5.88 21.08 91.17
C LYS AA 432 -6.56 19.81 91.67
N LEU AA 433 -7.17 19.08 90.76
CA LEU AA 433 -7.87 17.86 91.10
C LEU AA 433 -6.93 16.79 91.62
N GLU AA 434 -5.81 16.58 90.93
CA GLU AA 434 -4.93 15.51 91.35
C GLU AA 434 -3.76 16.06 92.13
N ASN AA 435 -3.69 15.75 93.40
CA ASN AA 435 -2.57 16.23 94.17
C ASN AA 435 -2.41 15.29 95.36
N GLU AA 436 -1.26 15.34 96.03
CA GLU AA 436 -1.00 14.46 97.15
C GLU AA 436 -0.50 15.46 98.17
N TYR AA 437 -0.24 15.08 99.41
CA TYR AA 437 0.08 16.17 100.31
C TYR AA 437 1.59 16.36 100.27
N ALA AA 438 2.03 16.79 99.09
CA ALA AA 438 3.35 17.34 98.85
C ALA AA 438 3.30 18.78 99.31
N LEU AA 439 2.08 19.32 99.29
CA LEU AA 439 1.82 20.72 99.56
C LEU AA 439 2.52 21.25 100.79
N HIS AA 440 2.49 20.48 101.88
CA HIS AA 440 3.07 21.03 103.12
C HIS AA 440 4.49 21.49 102.84
N ARG AA 441 5.24 20.63 102.15
CA ARG AA 441 6.63 20.95 101.88
C ARG AA 441 6.72 22.18 100.97
N SER AA 442 5.86 22.25 99.96
CA SER AA 442 5.92 23.36 99.01
C SER AA 442 5.60 24.70 99.68
N ILE AA 443 4.53 24.69 100.46
CA ILE AA 443 4.06 25.89 101.13
C ILE AA 443 5.11 26.34 102.14
N VAL AA 444 5.70 25.36 102.84
CA VAL AA 444 6.71 25.70 103.86
C VAL AA 444 7.87 26.32 103.09
N ASP AA 445 8.11 25.82 101.88
CA ASP AA 445 9.21 26.33 101.08
C ASP AA 445 8.94 27.80 100.85
N HIS AA 446 7.66 28.11 100.58
CA HIS AA 446 7.27 29.50 100.33
C HIS AA 446 7.58 30.27 101.61
N TYR AA 447 7.35 29.69 102.78
CA TYR AA 447 7.70 30.46 103.97
C TYR AA 447 9.18 30.75 103.96
N ASN AA 448 9.97 29.74 103.60
CA ASN AA 448 11.42 29.88 103.64
C ASN AA 448 11.97 30.94 102.70
N ILE AA 449 11.41 31.04 101.50
CA ILE AA 449 11.98 32.00 100.55
C ILE AA 449 11.88 33.48 101.02
N PRO AA 450 10.70 33.98 101.45
CA PRO AA 450 10.86 35.34 101.99
C PRO AA 450 11.69 35.39 103.26
N LYS AA 451 11.80 34.27 103.95
CA LYS AA 451 12.63 34.25 105.14
C LYS AA 451 14.04 34.57 104.68
N THR AA 452 14.47 33.92 103.60
CA THR AA 452 15.82 34.13 103.10
C THR AA 452 15.97 35.58 102.64
N PHE AA 453 14.99 36.06 101.88
CA PHE AA 453 15.02 37.45 101.40
C PHE AA 453 14.91 38.33 102.63
N ASP AA 454 15.89 39.19 102.86
CA ASP AA 454 15.81 40.06 104.02
C ASP AA 454 16.80 41.21 103.87
N SER AA 455 16.32 42.41 104.15
CA SER AA 455 17.18 43.58 104.16
C SER AA 455 17.17 44.09 105.58
N ASP AA 456 18.13 44.93 105.95
CA ASP AA 456 18.22 45.40 107.32
C ASP AA 456 16.91 46.11 107.68
N ASP AA 457 16.49 47.03 106.82
CA ASP AA 457 15.25 47.75 107.06
C ASP AA 457 14.06 47.03 106.43
N LEU AA 458 12.93 47.74 106.43
CA LEU AA 458 11.63 47.21 106.05
C LEU AA 458 11.39 46.99 104.55
N ILE AA 459 12.39 47.31 103.73
CA ILE AA 459 12.27 47.14 102.29
C ILE AA 459 12.80 45.78 101.85
N PRO AA 460 11.90 44.99 101.12
CA PRO AA 460 12.46 43.69 100.72
C PRO AA 460 12.89 43.69 99.26
N PRO AA 461 13.51 42.62 98.79
CA PRO AA 461 13.95 42.55 97.40
C PRO AA 461 12.94 41.81 96.52
N TYR AA 462 11.86 42.50 96.16
CA TYR AA 462 10.71 41.86 95.57
C TYR AA 462 10.78 41.79 94.05
N LEU AA 463 10.81 40.57 93.51
CA LEU AA 463 10.71 40.39 92.08
C LEU AA 463 9.33 40.93 91.76
N ASP AA 464 9.24 41.64 90.66
CA ASP AA 464 8.36 42.78 90.48
C ASP AA 464 6.89 42.50 90.64
N GLN AA 465 6.42 41.41 90.07
CA GLN AA 465 5.00 41.11 90.14
C GLN AA 465 4.70 39.96 91.08
N TYR AA 466 5.42 38.86 90.88
CA TYR AA 466 5.04 37.66 91.62
C TYR AA 466 4.95 37.88 93.08
N PHE AA 467 6.03 38.39 93.64
CA PHE AA 467 6.12 38.49 95.07
C PHE AA 467 4.99 39.32 95.61
N TYR AA 468 4.74 40.46 94.98
CA TYR AA 468 3.74 41.38 95.49
C TYR AA 468 2.36 40.72 95.58
N SER AA 469 1.92 40.08 94.51
CA SER AA 469 0.60 39.44 94.49
C SER AA 469 0.52 38.16 95.34
N HIS AA 470 1.42 37.24 95.01
CA HIS AA 470 1.45 35.86 95.50
C HIS AA 470 1.80 35.73 96.99
N ILE AA 471 2.69 36.61 97.47
CA ILE AA 471 3.30 36.42 98.79
C ILE AA 471 2.19 36.29 99.80
N GLY AA 472 1.20 37.16 99.73
CA GLY AA 472 0.15 37.16 100.71
C GLY AA 472 -0.62 35.85 100.66
N HIS AA 473 -0.86 35.33 99.47
CA HIS AA 473 -1.64 34.11 99.33
C HIS AA 473 -0.94 32.94 100.01
N HIS AA 474 0.36 32.83 99.72
CA HIS AA 474 1.15 31.74 100.26
C HIS AA 474 1.23 31.89 101.76
N LEU AA 475 1.36 33.14 102.19
CA LEU AA 475 1.48 33.48 103.60
C LEU AA 475 0.22 33.08 104.33
N LYS AA 476 -0.92 33.35 103.70
CA LYS AA 476 -2.21 33.07 104.30
C LYS AA 476 -2.25 31.58 104.55
N ASN AA 477 -1.79 30.83 103.55
CA ASN AA 477 -1.81 29.37 103.73
C ASN AA 477 -0.87 28.94 104.86
N ILE AA 478 0.33 29.51 104.94
CA ILE AA 478 1.31 29.01 105.92
C ILE AA 478 0.93 29.27 107.39
N GLU AA 479 0.64 30.53 107.74
CA GLU AA 479 0.34 31.01 109.11
C GLU AA 479 0.09 32.52 109.23
N HIS AA 480 -0.38 32.94 110.40
CA HIS AA 480 -0.62 34.36 110.75
C HIS AA 480 0.63 35.26 110.96
N PRO AA 481 1.62 34.83 111.80
CA PRO AA 481 2.67 35.78 112.18
C PRO AA 481 3.35 36.44 110.98
N GLU AA 482 3.67 35.66 109.95
CA GLU AA 482 4.34 36.21 108.79
C GLU AA 482 3.40 37.19 108.15
N ARG AA 483 2.12 36.80 108.11
CA ARG AA 483 1.11 37.57 107.43
C ARG AA 483 1.12 38.96 108.02
N MET AA 484 1.23 38.98 109.35
CA MET AA 484 1.17 40.21 110.10
C MET AA 484 2.27 41.16 109.66
N THR AA 485 3.51 40.69 109.61
CA THR AA 485 4.63 41.56 109.24
C THR AA 485 4.69 41.93 107.75
N LEU AA 486 4.54 40.94 106.86
CA LEU AA 486 4.68 41.15 105.41
C LEU AA 486 3.61 42.04 104.83
N PHE AA 487 2.36 41.77 105.21
CA PHE AA 487 1.24 42.54 104.67
C PHE AA 487 1.47 43.97 105.03
N ARG AA 488 2.16 44.18 106.15
CA ARG AA 488 2.60 45.52 106.44
C ARG AA 488 1.34 46.32 106.70
N MET AA 489 0.42 45.62 107.33
CA MET AA 489 -0.72 46.26 107.96
C MET AA 489 -0.04 46.84 109.18
N VAL AA 490 0.88 46.06 109.72
CA VAL AA 490 1.78 46.46 110.80
C VAL AA 490 2.69 47.54 110.23
N PHE AA 491 3.28 47.26 109.07
CA PHE AA 491 4.33 48.14 108.53
C PHE AA 491 3.91 49.06 107.40
N LEU AA 492 4.40 50.27 107.49
CA LEU AA 492 3.90 51.39 106.73
C LEU AA 492 4.66 51.33 105.41
N ASP AA 493 5.77 50.59 105.43
CA ASP AA 493 6.60 50.40 104.24
C ASP AA 493 5.88 49.74 103.06
N PHE AA 494 4.98 48.78 103.23
CA PHE AA 494 4.38 48.19 102.02
C PHE AA 494 3.26 49.02 101.52
N ARG AA 495 2.79 49.93 102.35
CA ARG AA 495 1.93 50.95 101.83
C ARG AA 495 2.71 51.59 100.68
N PHE AA 496 3.89 52.06 101.06
CA PHE AA 496 4.87 52.58 100.11
C PHE AA 496 5.12 51.65 98.93
N LEU AA 497 5.76 50.52 99.17
CA LEU AA 497 6.33 49.83 98.04
C LEU AA 497 5.26 49.22 97.17
N GLU AA 498 4.29 48.55 97.80
CA GLU AA 498 3.29 47.88 96.99
C GLU AA 498 2.60 48.92 96.13
N GLN AA 499 2.22 50.03 96.77
CA GLN AA 499 1.46 51.04 96.07
C GLN AA 499 2.29 51.65 94.92
N LYS AA 500 3.51 52.15 95.16
CA LYS AA 500 4.15 52.79 94.02
C LYS AA 500 4.64 51.81 92.95
N ILE AA 501 5.18 50.63 93.30
CA ILE AA 501 5.63 49.77 92.18
C ILE AA 501 4.39 49.34 91.39
N ARG AA 502 3.28 48.99 92.03
CA ARG AA 502 2.17 48.58 91.18
C ARG AA 502 1.36 49.78 90.71
N HIS AA 503 2.12 50.74 90.19
CA HIS AA 503 1.67 51.89 89.44
C HIS AA 503 1.74 51.61 87.94
N ASN AA 516 -3.54 48.39 90.30
CA ASN AA 516 -3.18 49.52 91.13
C ASN AA 516 -3.58 49.29 92.58
N THR AA 517 -4.22 50.30 93.18
CA THR AA 517 -4.67 50.21 94.55
C THR AA 517 -5.68 49.07 94.69
N LEU AA 518 -6.40 48.81 93.60
CA LEU AA 518 -7.49 47.85 93.59
C LEU AA 518 -7.07 46.47 94.09
N GLN AA 519 -5.94 46.00 93.57
CA GLN AA 519 -5.41 44.69 93.93
C GLN AA 519 -4.93 44.70 95.36
N GLN AA 520 -4.32 45.80 95.76
CA GLN AA 520 -3.73 45.95 97.08
C GLN AA 520 -4.92 45.73 98.05
N LEU AA 521 -6.04 46.41 97.76
CA LEU AA 521 -7.24 46.33 98.57
C LEU AA 521 -7.72 44.89 98.57
N LYS AA 522 -7.56 44.25 97.42
CA LYS AA 522 -7.99 42.88 97.26
C LYS AA 522 -7.17 42.03 98.23
N PHE AA 523 -5.88 42.31 98.38
CA PHE AA 523 -5.09 41.47 99.25
C PHE AA 523 -5.60 41.67 100.65
N TYR AA 524 -5.81 42.92 101.04
CA TYR AA 524 -6.18 43.13 102.42
C TYR AA 524 -7.49 42.45 102.80
N LYS AA 525 -8.53 42.53 101.98
CA LYS AA 525 -9.81 41.98 102.45
C LYS AA 525 -9.90 40.43 102.69
N PRO AA 526 -9.59 39.56 101.70
CA PRO AA 526 -9.74 38.14 102.10
C PRO AA 526 -8.66 37.60 103.05
N TYR AA 527 -7.47 38.20 103.02
CA TYR AA 527 -6.35 37.70 103.82
C TYR AA 527 -6.47 37.93 105.32
N ILE AA 528 -7.26 38.92 105.76
CA ILE AA 528 -7.22 39.31 107.18
C ILE AA 528 -7.52 38.13 108.09
N CYS AA 529 -8.31 37.16 107.62
CA CYS AA 529 -8.84 36.08 108.45
C CYS AA 529 -7.73 35.33 109.18
N ASP AA 530 -6.54 35.29 108.59
CA ASP AA 530 -5.45 34.54 109.19
C ASP AA 530 -5.13 35.13 110.56
N ASP AA 532 -3.57 38.29 115.27
CA ASP AA 532 -4.77 38.01 116.04
C ASP AA 532 -5.82 39.09 115.74
N PRO AA 533 -6.96 39.12 116.46
CA PRO AA 533 -7.94 40.18 116.17
C PRO AA 533 -7.52 41.64 116.47
N LYS AA 534 -6.76 41.89 117.53
CA LYS AA 534 -6.43 43.27 117.92
C LYS AA 534 -5.68 43.96 116.76
N TYR AA 535 -4.70 43.24 116.25
CA TYR AA 535 -3.92 43.74 115.14
C TYR AA 535 -4.90 43.80 113.97
N GLU AA 536 -5.84 42.87 113.92
CA GLU AA 536 -6.78 42.78 112.80
C GLU AA 536 -7.58 44.07 112.61
N ARG AA 537 -8.17 44.56 113.69
CA ARG AA 537 -9.02 45.75 113.64
C ARG AA 537 -8.08 46.81 113.13
N LEU AA 538 -6.85 46.74 113.65
CA LEU AA 538 -5.88 47.74 113.27
C LEU AA 538 -5.65 47.69 111.73
N VAL AA 539 -5.46 46.50 111.16
CA VAL AA 539 -5.18 46.40 109.72
C VAL AA 539 -6.33 46.95 108.91
N ASN AA 540 -7.56 46.73 109.37
CA ASN AA 540 -8.64 47.26 108.55
C ASN AA 540 -8.57 48.78 108.62
N ALA AA 541 -8.16 49.26 109.79
CA ALA AA 541 -8.06 50.70 110.04
C ALA AA 541 -7.07 51.32 109.04
N ILE AA 542 -5.91 50.66 108.87
CA ILE AA 542 -4.84 51.11 107.98
C ILE AA 542 -5.38 51.06 106.56
N LEU AA 543 -6.17 50.02 106.31
CA LEU AA 543 -6.70 49.70 105.00
C LEU AA 543 -7.59 50.81 104.51
N ASP AA 544 -8.46 51.34 105.35
CA ASP AA 544 -9.35 52.41 104.86
C ASP AA 544 -8.49 53.61 104.50
N PHE AA 545 -7.44 53.84 105.27
CA PHE AA 545 -6.57 54.98 105.04
C PHE AA 545 -5.85 54.92 103.71
N LEU AA 546 -5.46 53.70 103.35
CA LEU AA 546 -4.69 53.47 102.15
C LEU AA 546 -5.36 53.87 100.79
N PRO AA 547 -6.58 53.39 100.46
CA PRO AA 547 -7.13 53.98 99.24
C PRO AA 547 -7.51 55.44 99.40
N LYS AA 548 -7.62 55.89 100.64
CA LYS AA 548 -8.03 57.26 100.94
C LYS AA 548 -7.03 58.23 100.35
N ILE AA 549 -5.74 57.95 100.51
CA ILE AA 549 -4.69 58.82 99.99
C ILE AA 549 -3.75 58.06 99.07
N SER AA 556 6.43 60.85 96.09
CA SER AA 556 6.70 61.46 97.40
C SER AA 556 7.97 61.02 98.26
N LYS AA 557 9.09 61.81 98.34
CA LYS AA 557 10.42 61.61 99.16
C LYS AA 557 9.95 61.06 100.50
N TYR AA 558 10.70 60.10 101.01
CA TYR AA 558 10.38 59.04 101.86
C TYR AA 558 9.24 59.39 102.95
N THR AA 559 9.41 60.58 103.36
CA THR AA 559 8.58 61.37 104.27
C THR AA 559 7.02 61.41 104.27
N ASP AA 560 6.40 61.60 103.14
CA ASP AA 560 4.98 61.89 103.08
C ASP AA 560 4.26 60.72 103.74
N LEU AA 561 4.74 59.50 103.48
CA LEU AA 561 4.09 58.30 103.97
C LEU AA 561 3.99 58.36 105.50
N LEU AA 562 5.09 58.73 106.16
CA LEU AA 562 5.13 58.69 107.61
C LEU AA 562 4.22 59.82 108.15
N ARG AA 563 4.22 60.96 107.45
CA ARG AA 563 3.38 62.04 107.94
C ARG AA 563 1.90 61.75 107.81
N ILE AA 564 1.47 61.13 106.72
CA ILE AA 564 0.06 60.80 106.60
C ILE AA 564 -0.23 59.73 107.66
N ALA AA 565 0.76 58.88 107.94
CA ALA AA 565 0.60 57.81 108.94
C ALA AA 565 0.23 58.47 110.26
N LEU AA 566 0.77 59.67 110.48
CA LEU AA 566 0.62 60.37 111.76
C LEU AA 566 -0.82 60.69 112.17
N MET AA 567 -1.73 60.78 111.21
CA MET AA 567 -3.09 61.26 111.51
C MET AA 567 -3.82 60.46 112.59
N ALA AA 568 -3.83 59.14 112.52
CA ALA AA 568 -4.57 58.42 113.55
C ALA AA 568 -3.59 57.71 114.47
N GLU AA 569 -3.71 58.06 115.75
CA GLU AA 569 -2.80 57.60 116.80
C GLU AA 569 -2.92 56.11 117.12
N ASP AA 570 -4.13 55.58 116.95
CA ASP AA 570 -4.44 54.20 117.34
C ASP AA 570 -3.72 53.09 116.57
N GLU AA 571 -3.05 53.40 115.47
CA GLU AA 571 -2.61 52.33 114.59
C GLU AA 571 -1.12 52.01 114.55
N ALA AA 572 -0.84 50.75 114.20
CA ALA AA 572 0.51 50.17 114.07
C ALA AA 572 1.23 50.81 112.91
N ILE AA 573 0.48 51.17 111.86
CA ILE AA 573 1.07 51.82 110.71
C ILE AA 573 1.83 53.03 111.22
N PHE AA 574 1.27 53.81 112.13
CA PHE AA 574 2.03 54.96 112.60
C PHE AA 574 3.33 54.55 113.32
N GLU AA 575 3.25 53.53 114.18
CA GLU AA 575 4.43 53.10 114.94
C GLU AA 575 5.54 52.65 114.02
N GLU AA 576 5.13 51.92 112.99
CA GLU AA 576 6.06 51.44 112.00
C GLU AA 576 6.64 52.60 111.24
N ALA AA 577 5.77 53.58 110.98
CA ALA AA 577 6.15 54.76 110.22
C ALA AA 577 7.26 55.43 110.97
N HIS AA 578 7.10 55.48 112.29
CA HIS AA 578 8.09 56.11 113.13
C HIS AA 578 9.38 55.30 113.03
N LYS AA 579 9.26 53.97 113.00
CA LYS AA 579 10.49 53.17 112.94
C LYS AA 579 11.24 53.44 111.64
N GLN AA 580 10.52 53.38 110.53
CA GLN AA 580 11.12 53.56 109.21
C GLN AA 580 11.69 54.97 108.99
N VAL AA 581 11.14 56.01 109.65
CA VAL AA 581 11.84 57.30 109.62
C VAL AA 581 13.11 57.20 110.46
N GLN AA 582 13.01 56.50 111.60
CA GLN AA 582 14.18 56.29 112.45
C GLN AA 582 15.35 55.70 111.65
N ARG AA 583 15.07 54.69 110.84
CA ARG AA 583 16.06 54.20 109.88
C ARG AA 583 15.67 54.58 108.46
N UNK AA 584 -9.17 63.14 97.38
CA UNK AA 584 -10.43 62.79 96.73
C UNK AA 584 -10.68 61.30 96.94
N UNK AA 585 -11.94 60.95 97.14
CA UNK AA 585 -12.32 59.57 97.36
C UNK AA 585 -11.77 58.64 96.28
N UNK AA 586 -11.66 59.11 95.04
CA UNK AA 586 -11.15 58.27 93.97
C UNK AA 586 -10.42 59.04 92.86
N UNK AA 587 -9.37 58.44 92.34
CA UNK AA 587 -8.59 59.04 91.27
C UNK AA 587 -8.25 58.02 90.18
N UNK AA 588 -8.75 58.28 88.97
CA UNK AA 588 -8.59 57.41 87.83
C UNK AA 588 -7.63 57.93 86.77
N UNK AA 589 -6.75 57.05 86.28
CA UNK AA 589 -5.78 57.42 85.26
C UNK AA 589 -5.88 56.45 84.07
N UNK AA 590 -6.81 56.70 83.12
CA UNK AA 590 -7.01 55.86 81.95
C UNK AA 590 -6.64 56.46 80.58
N UNK AA 591 -6.13 57.68 80.58
CA UNK AA 591 -5.77 58.30 79.31
C UNK AA 591 -4.26 58.50 79.26
N UNK AA 592 -3.74 58.69 78.05
CA UNK AA 592 -2.31 58.89 77.91
C UNK AA 592 -2.08 60.33 77.54
N UNK AA 593 -3.64 63.50 77.99
CA UNK AA 593 -4.62 64.25 78.76
C UNK AA 593 -6.03 63.69 78.65
N UNK AA 594 -6.77 63.74 79.75
CA UNK AA 594 -8.15 63.27 79.80
C UNK AA 594 -9.00 64.50 79.60
N UNK AA 595 -9.87 64.50 78.60
CA UNK AA 595 -10.68 65.69 78.41
C UNK AA 595 -12.02 65.66 79.10
N UNK AA 596 -12.67 64.51 79.12
CA UNK AA 596 -13.97 64.37 79.74
C UNK AA 596 -14.12 62.97 80.31
N UNK AA 597 -14.99 62.82 81.29
CA UNK AA 597 -15.25 61.54 81.93
C UNK AA 597 -16.63 61.65 82.57
N UNK AA 598 -17.32 60.53 82.76
CA UNK AA 598 -18.64 60.57 83.35
C UNK AA 598 -19.10 59.21 83.90
N UNK AA 599 -20.14 59.24 84.74
CA UNK AA 599 -20.68 58.03 85.37
C UNK AA 599 -21.74 57.36 84.52
N UNK AA 600 -21.92 56.06 84.73
CA UNK AA 600 -22.96 55.33 84.03
C UNK AA 600 -24.23 55.75 84.75
N UNK AA 601 -25.39 55.52 84.14
CA UNK AA 601 -26.63 55.92 84.77
C UNK AA 601 -26.84 55.34 86.17
N UNK AA 602 -26.29 54.17 86.45
CA UNK AA 602 -26.43 53.59 87.78
C UNK AA 602 -25.21 53.92 88.63
N UNK AA 603 -24.31 54.73 88.08
CA UNK AA 603 -23.11 55.12 88.82
C UNK AA 603 -22.07 54.03 89.03
N UNK AA 604 -22.36 52.82 88.59
CA UNK AA 604 -21.43 51.69 88.74
C UNK AA 604 -20.17 51.75 87.88
N UNK AA 605 -20.27 52.42 86.74
CA UNK AA 605 -19.14 52.52 85.81
C UNK AA 605 -18.80 53.97 85.47
N UNK AA 606 -17.64 54.15 84.85
CA UNK AA 606 -17.15 55.46 84.42
C UNK AA 606 -16.51 55.34 83.06
N UNK AA 607 -16.83 56.25 82.15
CA UNK AA 607 -16.22 56.24 80.83
C UNK AA 607 -15.47 57.56 80.74
N UNK AA 608 -14.30 57.53 80.11
CA UNK AA 608 -13.47 58.72 79.99
C UNK AA 608 -12.83 58.73 78.63
N UNK AA 609 -12.78 59.90 78.00
CA UNK AA 609 -12.20 60.02 76.68
C UNK AA 609 -11.23 61.18 76.68
N UNK AA 610 -10.05 60.98 76.10
CA UNK AA 610 -9.09 62.07 76.10
C UNK AA 610 -8.32 62.21 74.80
N UNK AA 611 -7.18 62.88 74.90
CA UNK AA 611 -6.40 63.21 73.73
C UNK AA 611 -5.64 62.00 73.22
N UNK AA 612 -5.73 60.89 73.94
CA UNK AA 612 -5.02 59.70 73.49
C UNK AA 612 -5.84 58.96 72.42
N UNK AA 613 -6.95 59.56 72.00
CA UNK AA 613 -7.85 59.03 70.95
C UNK AA 613 -8.73 57.82 71.34
N UNK AA 614 -8.60 57.31 72.55
CA UNK AA 614 -9.38 56.12 72.97
C UNK AA 614 -10.61 56.36 73.85
N UNK AA 615 -11.45 55.34 73.95
CA UNK AA 615 -12.64 55.39 74.80
C UNK AA 615 -12.29 54.41 75.89
N UNK AA 616 -12.44 54.82 77.15
CA UNK AA 616 -12.10 53.93 78.25
C UNK AA 616 -13.25 53.78 79.21
N UNK AA 617 -13.36 52.60 79.81
CA UNK AA 617 -14.41 52.37 80.76
C UNK AA 617 -13.89 51.48 81.87
N UNK AA 618 -14.31 51.77 83.09
CA UNK AA 618 -13.88 51.05 84.28
C UNK AA 618 -14.94 51.12 85.38
N UNK AA 619 -14.86 50.20 86.34
CA UNK AA 619 -15.80 50.17 87.44
C UNK AA 619 -15.62 51.44 88.27
N UNK AA 620 -16.72 52.01 88.76
CA UNK AA 620 -16.62 53.22 89.56
C UNK AA 620 -15.93 52.90 90.89
N UNK AA 621 -16.25 51.72 91.41
CA UNK AA 621 -15.68 51.23 92.67
C UNK AA 621 -14.17 51.07 92.73
N UNK AA 622 -13.59 50.41 91.74
CA UNK AA 622 -12.15 50.14 91.75
C UNK AA 622 -11.25 50.56 90.59
N UNK AA 623 -11.81 51.16 89.54
CA UNK AA 623 -10.98 51.57 88.41
C UNK AA 623 -10.58 50.40 87.53
N UNK AA 624 -11.01 49.21 87.97
CA UNK AA 624 -10.78 47.95 87.29
C UNK AA 624 -11.18 48.15 85.84
N UNK AA 625 -10.22 48.17 84.93
CA UNK AA 625 -10.53 48.39 83.52
C UNK AA 625 -11.58 47.44 82.96
N UNK AA 626 -12.55 48.01 82.22
CA UNK AA 626 -13.62 47.26 81.60
C UNK AA 626 -13.52 47.31 80.07
N UNK AA 627 -13.26 48.49 79.52
CA UNK AA 627 -13.12 48.62 78.06
C UNK AA 627 -11.92 49.52 77.69
N UNK AA 628 -11.20 49.13 76.63
CA UNK AA 628 -10.05 49.89 76.13
C UNK AA 628 -10.18 49.97 74.59
N UNK AA 629 -11.08 50.81 74.12
CA UNK AA 629 -11.37 50.98 72.70
C UNK AA 629 -10.57 52.11 72.03
N UNK AA 630 -10.29 51.96 70.75
CA UNK AA 630 -9.57 52.99 70.00
C UNK AA 630 -10.67 53.75 69.24
N UNK AA 631 -11.45 54.54 69.95
CA UNK AA 631 -12.59 55.28 69.39
C UNK AA 631 -12.46 56.16 68.13
N UNK AA 632 -11.45 57.02 68.05
CA UNK AA 632 -11.32 57.87 66.88
C UNK AA 632 -9.92 58.04 66.35
N UNK AA 633 -9.84 58.84 65.29
CA UNK AA 633 -8.59 59.13 64.62
C UNK AA 633 -8.18 60.58 64.94
N UNK AA 634 -9.07 61.71 65.89
CA UNK AA 634 -8.74 63.05 66.34
C UNK AA 634 -9.40 63.30 67.70
N UNK AA 635 -8.81 64.20 68.47
CA UNK AA 635 -9.26 64.48 69.84
C UNK AA 635 -10.77 64.60 70.01
N UNK AA 636 -11.25 64.18 71.17
CA UNK AA 636 -12.68 64.22 71.47
C UNK AA 636 -13.00 65.43 72.34
N UNK AA 637 -14.26 65.82 72.35
CA UNK AA 637 -14.69 66.99 73.13
C UNK AA 637 -15.83 66.84 74.14
N UNK AA 638 -16.62 65.79 74.00
CA UNK AA 638 -17.74 65.60 74.90
C UNK AA 638 -18.31 64.20 74.75
N UNK AA 639 -19.00 63.74 75.78
CA UNK AA 639 -19.61 62.41 75.79
C UNK AA 639 -20.77 62.36 76.80
N UNK AA 640 -21.77 61.53 76.53
CA UNK AA 640 -22.92 61.44 77.42
C UNK AA 640 -23.61 60.12 77.32
N UNK AA 641 -24.48 59.84 78.29
CA UNK AA 641 -25.25 58.59 78.34
C UNK AA 641 -26.67 58.94 77.91
N UNK AA 642 -27.43 57.94 77.46
CA UNK AA 642 -28.81 58.16 77.04
C UNK AA 642 -29.67 58.12 78.31
N UNK AA 643 -30.97 58.30 78.15
CA UNK AA 643 -31.88 58.29 79.28
C UNK AA 643 -31.90 56.99 80.07
N UNK AA 644 -31.64 55.86 79.42
CA UNK AA 644 -31.63 54.57 80.13
C UNK AA 644 -30.24 53.95 80.14
N UNK AA 645 -29.21 54.79 80.05
CA UNK AA 645 -27.83 54.33 80.05
C UNK AA 645 -27.60 53.24 79.04
N UNK AA 646 -28.52 53.06 78.11
CA UNK AA 646 -28.36 52.03 77.11
C UNK AA 646 -27.26 52.41 76.11
N UNK AA 647 -27.08 53.71 75.94
CA UNK AA 647 -26.10 54.21 75.01
C UNK AA 647 -25.23 55.31 75.58
N UNK AA 648 -24.17 55.62 74.84
CA UNK AA 648 -23.23 56.66 75.18
C UNK AA 648 -22.86 57.29 73.84
N UNK AA 649 -22.98 58.59 73.72
CA UNK AA 649 -22.59 59.21 72.48
C UNK AA 649 -21.26 59.89 72.75
N UNK AA 650 -20.58 60.29 71.69
CA UNK AA 650 -19.31 61.01 71.79
C UNK AA 650 -19.24 61.84 70.55
N UNK AA 651 -18.85 63.10 70.70
CA UNK AA 651 -18.71 63.97 69.55
C UNK AA 651 -17.26 64.46 69.60
N UNK AA 652 -16.62 64.61 68.44
CA UNK AA 652 -15.21 65.03 68.44
C UNK AA 652 -14.83 66.04 67.40
N UNK AA 653 -13.53 66.34 67.36
CA UNK AA 653 -12.98 67.30 66.42
C UNK AA 653 -12.98 66.81 64.98
N UNK AA 654 -13.27 65.52 64.79
CA UNK AA 654 -13.30 64.98 63.44
C UNK AA 654 -14.66 65.31 62.86
N UNK AA 655 -15.41 66.13 63.60
CA UNK AA 655 -16.73 66.59 63.18
C UNK AA 655 -17.80 65.50 63.21
N UNK AA 656 -17.47 64.34 63.76
CA UNK AA 656 -18.43 63.24 63.84
C UNK AA 656 -19.04 63.09 65.23
N UNK AA 657 -20.17 62.41 65.28
CA UNK AA 657 -20.90 62.10 66.51
C UNK AA 657 -21.06 60.59 66.47
N UNK AA 658 -20.94 59.91 67.61
CA UNK AA 658 -21.06 58.47 67.57
C UNK AA 658 -21.90 57.88 68.69
N UNK AA 659 -22.55 56.76 68.42
CA UNK AA 659 -23.38 56.13 69.43
C UNK AA 659 -22.79 54.78 69.73
N UNK AA 660 -22.70 54.44 71.01
CA UNK AA 660 -22.12 53.17 71.42
C UNK AA 660 -23.03 52.40 72.38
N UNK AA 661 -22.95 51.08 72.32
CA UNK AA 661 -23.72 50.23 73.22
C UNK AA 661 -22.90 50.36 74.48
N UNK AA 662 -23.44 51.00 75.50
CA UNK AA 662 -22.69 51.20 76.74
C UNK AA 662 -22.23 49.90 77.38
N UNK AA 663 -22.81 48.79 76.95
CA UNK AA 663 -22.46 47.50 77.52
C UNK AA 663 -21.28 46.83 76.84
N UNK AA 664 -19.70 48.29 74.02
CA UNK AA 664 -18.81 49.26 73.41
C UNK AA 664 -18.75 49.19 71.91
N UNK AA 665 -19.65 48.41 71.31
CA UNK AA 665 -19.66 48.31 69.85
C UNK AA 665 -20.30 49.54 69.22
N UNK AA 666 -19.64 50.08 68.20
CA UNK AA 666 -20.14 51.26 67.49
C UNK AA 666 -21.55 50.93 67.02
N UNK AA 667 -22.51 51.78 67.37
CA UNK AA 667 -23.90 51.56 66.99
C UNK AA 667 -24.33 52.63 65.97
N UNK AA 668 -22.61 56.03 63.21
CA UNK AA 668 -22.02 57.35 63.34
C UNK AA 668 -22.77 58.37 62.49
N UNK AA 669 -22.78 59.62 62.94
CA UNK AA 669 -23.46 60.70 62.26
C UNK AA 669 -22.48 61.78 61.87
N UNK AA 670 -22.12 61.87 60.60
CA UNK AA 670 -21.21 62.91 60.16
C UNK AA 670 -22.01 63.91 59.35
N UNK AA 671 -22.18 65.11 59.88
CA UNK AA 671 -22.94 66.15 59.19
C UNK AA 671 -22.50 67.52 59.60
N UNK AA 672 -21.70 68.67 64.16
CA UNK AA 672 -22.82 68.75 65.08
C UNK AA 672 -22.30 68.86 66.51
N UNK AA 673 -22.66 69.96 67.17
CA UNK AA 673 -22.22 70.31 68.52
C UNK AA 673 -23.10 69.79 69.65
N UNK AA 674 -24.41 70.00 69.53
CA UNK AA 674 -25.36 69.55 70.55
C UNK AA 674 -25.88 68.15 70.24
N UNK AA 675 -26.12 67.37 71.29
CA UNK AA 675 -26.77 66.06 71.18
C UNK AA 675 -27.21 65.59 72.56
N UNK AA 676 -28.54 65.55 72.73
CA UNK AA 676 -29.19 65.18 73.97
C UNK AA 676 -30.39 64.24 73.74
N UNK AA 677 -30.61 63.30 74.66
CA UNK AA 677 -31.71 62.34 74.55
C UNK AA 677 -32.95 62.82 75.29
N UNK AA 678 -34.06 62.11 75.11
CA UNK AA 678 -35.29 62.46 75.82
C UNK AA 678 -35.18 61.92 77.24
N UNK AA 679 -35.75 62.63 78.21
CA UNK AA 679 -35.67 62.22 79.61
C UNK AA 679 -36.60 61.10 80.02
N UNK AA 680 -37.86 61.20 79.60
CA UNK AA 680 -38.84 60.18 79.93
C UNK AA 680 -38.50 58.82 79.37
N UNK AA 681 -38.46 57.84 80.27
CA UNK AA 681 -38.16 56.44 79.98
C UNK AA 681 -39.17 55.84 79.01
N UNK AA 682 -40.09 56.65 78.55
CA UNK AA 682 -41.11 56.18 77.63
C UNK AA 682 -40.60 56.22 76.19
N UNK AA 683 -40.59 57.42 75.59
CA UNK AA 683 -40.11 57.60 74.22
C UNK AA 683 -38.58 57.67 74.18
N UNK AA 684 -38.01 57.45 72.99
CA UNK AA 684 -36.56 57.43 72.81
C UNK AA 684 -36.07 58.28 71.65
N UNK AA 685 -36.01 59.59 71.81
CA UNK AA 685 -35.56 60.46 70.74
C UNK AA 685 -34.21 61.08 71.01
N UNK AA 686 -33.57 61.55 69.95
CA UNK AA 686 -32.27 62.19 70.07
C UNK AA 686 -32.34 63.51 69.33
N UNK AA 687 -31.86 64.56 69.96
CA UNK AA 687 -31.87 65.88 69.36
C UNK AA 687 -30.44 66.33 69.12
N UNK AA 688 -30.19 66.89 67.96
CA UNK AA 688 -28.86 67.34 67.62
C UNK AA 688 -28.87 68.75 67.01
N UNK AA 689 -27.88 69.55 67.39
CA UNK AA 689 -27.75 70.90 66.87
C UNK AA 689 -26.45 70.91 66.10
N UNK AA 690 -26.39 71.62 64.98
CA UNK AA 690 -25.16 71.64 64.20
C UNK AA 690 -24.78 73.02 63.67
N UNK AA 691 -23.55 73.14 63.21
CA UNK AA 691 -23.05 74.39 62.63
C UNK AA 691 -23.78 74.68 61.33
N UNK AA 692 -24.54 73.69 60.83
CA UNK AA 692 -25.28 73.86 59.59
C UNK AA 692 -26.59 74.60 59.82
N UNK AA 693 -26.78 75.10 61.03
CA UNK AA 693 -27.99 75.87 61.41
C UNK AA 693 -29.22 75.04 61.70
N UNK AA 694 -29.16 73.73 61.55
CA UNK AA 694 -30.33 72.93 61.82
C UNK AA 694 -30.25 72.18 63.12
N UNK AA 695 -31.40 71.64 63.49
CA UNK AA 695 -31.60 70.82 64.66
C UNK AA 695 -32.26 69.56 64.11
N UNK AA 696 -31.99 68.41 64.68
CA UNK AA 696 -32.62 67.22 64.17
C UNK AA 696 -33.13 66.29 65.25
N UNK AA 697 -34.29 65.69 65.00
CA UNK AA 697 -34.86 64.74 65.93
C UNK AA 697 -34.68 63.42 65.23
N UNK AA 698 -34.14 62.44 65.96
CA UNK AA 698 -33.92 61.11 65.39
C UNK AA 698 -34.74 60.16 66.24
N UNK AA 699 -35.33 59.17 65.58
CA UNK AA 699 -36.13 58.17 66.27
C UNK AA 699 -35.23 56.94 66.17
N UNK AA 700 -34.45 56.69 67.21
CA UNK AA 700 -33.53 55.56 67.25
C UNK AA 700 -34.13 54.25 66.77
N UNK AA 701 -35.46 54.18 66.79
CA UNK AA 701 -36.17 53.00 66.35
C UNK AA 701 -36.46 53.13 64.85
N UNK AA 702 -35.61 53.87 64.13
CA UNK AA 702 -35.83 54.06 62.71
C UNK AA 702 -34.54 54.46 62.01
N UNK AA 703 -34.20 53.74 60.95
CA UNK AA 703 -32.99 54.02 60.19
C UNK AA 703 -32.96 55.45 59.66
N UNK AA 704 -34.03 56.21 59.89
CA UNK AA 704 -34.10 57.58 59.37
C UNK AA 704 -34.28 58.73 60.36
N UNK AA 705 -34.03 59.93 59.84
CA UNK AA 705 -34.17 61.17 60.57
C UNK AA 705 -35.67 61.30 60.76
N UNK AA 706 -36.12 61.98 61.80
CA UNK AA 706 -37.56 62.11 62.01
C UNK AA 706 -38.05 63.52 61.73
N UNK AA 707 -37.17 64.48 61.93
CA UNK AA 707 -37.53 65.86 61.71
C UNK AA 707 -36.26 66.70 61.57
N UNK AA 708 -36.39 67.84 60.91
CA UNK AA 708 -35.27 68.73 60.73
C UNK AA 708 -35.78 70.12 61.00
N UNK AA 709 -35.55 70.62 62.21
CA UNK AA 709 -36.03 71.94 62.55
C UNK AA 709 -35.28 73.06 61.87
N UNK AA 710 -35.91 73.71 60.90
CA UNK AA 710 -35.25 74.82 60.24
C UNK AA 710 -35.63 76.07 61.03
N UNK AA 711 -21.23 79.44 66.42
CA UNK AA 711 -22.29 79.02 67.35
C UNK AA 711 -21.71 77.85 68.13
N UNK AA 712 -21.51 78.05 69.43
CA UNK AA 712 -20.90 77.02 70.25
C UNK AA 712 -21.83 76.10 70.99
N UNK AA 713 -23.10 76.45 71.10
CA UNK AA 713 -23.99 75.61 71.87
C UNK AA 713 -25.43 75.99 71.60
N UNK AA 714 -26.35 75.08 71.84
CA UNK AA 714 -27.78 75.30 71.60
C UNK AA 714 -28.60 74.19 72.26
N UNK AA 715 -29.71 74.59 72.88
CA UNK AA 715 -30.58 73.65 73.56
C UNK AA 715 -32.03 74.01 73.32
N UNK AA 716 -32.87 73.01 73.11
CA UNK AA 716 -34.27 73.28 72.93
C UNK AA 716 -34.80 73.59 74.31
N UNK AA 717 -35.89 74.34 74.38
CA UNK AA 717 -36.47 74.63 75.67
C UNK AA 717 -37.26 73.39 76.07
N UNK AA 718 -37.53 73.23 77.38
CA UNK AA 718 -38.28 72.05 77.79
C UNK AA 718 -39.58 72.04 76.99
N UNK AA 719 -40.95 74.92 72.29
CA UNK AA 719 -41.26 76.08 71.46
C UNK AA 719 -40.10 77.03 71.19
N UNK AA 720 -39.07 76.99 72.02
CA UNK AA 720 -37.93 77.87 71.81
C UNK AA 720 -36.63 77.14 71.66
N UNK AA 721 -35.67 77.79 71.00
CA UNK AA 721 -34.35 77.20 70.79
C UNK AA 721 -33.34 78.22 71.28
N UNK AA 722 -32.70 77.93 72.39
CA UNK AA 722 -31.70 78.84 72.90
C UNK AA 722 -30.39 78.60 72.15
N UNK AA 723 -29.65 79.66 71.92
CA UNK AA 723 -28.40 79.54 71.19
C UNK AA 723 -27.33 80.41 71.81
N UNK AA 724 -26.14 79.81 71.89
CA UNK AA 724 -24.99 80.44 72.52
C UNK AA 724 -23.83 80.53 71.54
N UNK AA 725 -23.20 81.71 71.46
CA UNK AA 725 -22.10 81.92 70.51
C UNK AA 725 -20.91 82.70 71.03
N UNK AA 726 -19.98 82.94 70.11
CA UNK AA 726 -18.76 83.67 70.38
C UNK AA 726 -19.00 85.16 70.16
N UNK AA 727 -20.09 85.49 69.47
CA UNK AA 727 -20.40 86.88 69.22
C UNK AA 727 -20.86 87.61 70.47
N UNK AA 728 -20.78 86.94 71.61
CA UNK AA 728 -21.16 87.56 72.87
C UNK AA 728 -22.66 87.63 73.15
N UNK AA 729 -23.44 86.80 72.48
CA UNK AA 729 -24.88 86.81 72.70
C UNK AA 729 -25.47 85.47 73.14
N UNK AA 730 -26.69 85.54 73.67
CA UNK AA 730 -27.47 84.37 74.04
C UNK AA 730 -28.63 84.69 73.11
N UNK AA 731 -29.29 83.69 72.53
CA UNK AA 731 -30.36 84.04 71.62
C UNK AA 731 -31.49 83.05 71.66
N UNK AA 732 -32.70 83.55 71.54
CA UNK AA 732 -33.85 82.66 71.55
C UNK AA 732 -34.58 82.67 70.22
N UNK AA 733 -34.36 81.62 69.44
CA UNK AA 733 -35.03 81.50 68.18
C UNK AA 733 -36.37 80.83 68.44
N UNK AA 734 -37.31 81.01 67.51
CA UNK AA 734 -38.65 80.42 67.63
C UNK AA 734 -38.73 79.18 66.76
N UNK AA 735 -38.71 78.01 67.37
CA UNK AA 735 -38.73 76.77 66.62
C UNK AA 735 -39.74 76.69 65.48
N UNK AA 736 -41.02 76.86 65.80
CA UNK AA 736 -42.05 76.76 64.79
C UNK AA 736 -41.79 77.60 63.53
N UNK AA 737 -41.00 78.67 63.65
CA UNK AA 737 -40.75 79.51 62.49
C UNK AA 737 -39.29 79.85 62.21
N UNK AA 738 -38.38 79.33 63.03
CA UNK AA 738 -36.95 79.60 62.88
C UNK AA 738 -36.62 81.09 62.80
N UNK AA 739 -37.34 81.91 63.56
CA UNK AA 739 -37.14 83.37 63.60
C UNK AA 739 -36.42 83.80 64.86
N UNK AA 740 -35.62 84.84 64.78
CA UNK AA 740 -34.91 85.31 65.98
C UNK AA 740 -35.91 86.13 66.82
N UNK AA 741 -36.18 85.68 68.05
CA UNK AA 741 -37.11 86.39 68.93
C UNK AA 741 -36.38 87.37 69.82
N UNK AA 742 -35.26 86.96 70.42
CA UNK AA 742 -34.50 87.88 71.26
C UNK AA 742 -33.01 87.61 71.15
N UNK AA 743 -32.23 88.53 71.69
CA UNK AA 743 -30.79 88.42 71.69
C UNK AA 743 -30.32 89.10 72.96
N UNK AA 744 -29.45 88.44 73.72
CA UNK AA 744 -28.95 89.01 74.96
C UNK AA 744 -27.45 89.19 74.95
N UNK AA 745 -27.01 90.43 74.82
CA UNK AA 745 -25.59 90.71 74.82
C UNK AA 745 -24.97 90.50 76.20
N UNK AA 746 -23.82 89.83 76.24
CA UNK AA 746 -23.16 89.64 77.51
C UNK AA 746 -22.06 90.70 77.62
N UNK AA 747 -22.36 91.68 78.48
CA UNK AA 747 -21.54 92.86 78.75
C UNK AA 747 -21.09 92.95 80.20
N UNK AA 748 -20.75 91.81 80.81
CA UNK AA 748 -20.33 91.81 82.20
C UNK AA 748 -18.83 91.80 82.31
N UNK AA 749 -18.17 92.25 81.25
CA UNK AA 749 -16.73 92.25 81.22
C UNK AA 749 -16.16 93.60 80.75
N UNK AA 750 -15.13 94.06 81.46
CA UNK AA 750 -14.53 95.36 81.18
C UNK AA 750 -13.01 95.24 81.01
N UNK AA 751 -20.17 77.89 76.19
CA UNK AA 751 -20.71 76.77 76.96
C UNK AA 751 -22.18 77.05 77.23
N UNK AA 752 -23.05 76.05 77.18
CA UNK AA 752 -24.45 76.29 77.47
C UNK AA 752 -25.24 75.01 77.63
N UNK AA 753 -25.33 74.58 78.89
CA UNK AA 753 -26.03 73.35 79.25
C UNK AA 753 -27.40 73.52 79.87
N UNK AA 754 -28.18 72.45 79.77
CA UNK AA 754 -29.55 72.37 80.29
C UNK AA 754 -29.64 71.95 81.73
N UNK AA 755 -30.79 72.21 82.34
CA UNK AA 755 -31.00 71.80 83.72
C UNK AA 755 -31.41 70.35 83.68
N UNK AA 756 -31.54 69.73 84.86
CA UNK AA 756 -31.91 68.32 84.95
C UNK AA 756 -33.28 68.02 84.35
N UNK AA 757 -34.23 68.90 84.64
CA UNK AA 757 -35.58 68.74 84.16
C UNK AA 757 -35.74 69.28 82.74
N UNK AA 758 -34.68 69.85 82.19
CA UNK AA 758 -34.76 70.39 80.84
C UNK AA 758 -35.66 71.61 80.74
N UNK AA 759 -35.97 72.20 81.89
CA UNK AA 759 -36.83 73.37 81.93
C UNK AA 759 -36.06 74.66 82.17
N UNK AA 760 -34.74 74.58 82.22
CA UNK AA 760 -33.92 75.76 82.43
C UNK AA 760 -32.61 75.56 81.71
N UNK AA 761 -31.95 76.67 81.35
CA UNK AA 761 -30.69 76.59 80.63
C UNK AA 761 -29.74 77.66 81.15
N UNK AA 762 -28.47 77.33 81.37
CA UNK AA 762 -27.56 78.36 81.83
C UNK AA 762 -26.64 78.64 80.66
N UNK AA 763 -26.20 79.89 80.53
CA UNK AA 763 -25.27 80.28 79.47
C UNK AA 763 -24.23 81.24 80.00
N UNK AA 764 -23.13 81.38 79.27
CA UNK AA 764 -22.03 82.24 79.69
C UNK AA 764 -21.60 83.21 78.60
N UNK AA 765 -21.19 84.41 79.03
CA UNK AA 765 -20.72 85.46 78.13
C UNK AA 765 -19.93 86.53 78.90
N UNK AA 766 -18.43 88.49 81.22
CA UNK AA 766 -18.29 88.30 82.66
C UNK AA 766 -19.39 87.59 83.41
N UNK AA 767 -20.43 87.12 82.74
CA UNK AA 767 -21.49 86.50 83.50
C UNK AA 767 -22.04 85.17 83.01
N UNK AA 768 -22.67 84.48 83.93
CA UNK AA 768 -23.34 83.21 83.68
C UNK AA 768 -24.78 83.66 83.87
N UNK AA 769 -25.68 83.21 83.01
CA UNK AA 769 -27.09 83.61 83.10
C UNK AA 769 -28.01 82.40 83.06
N UNK AA 770 -29.02 82.41 83.92
CA UNK AA 770 -29.96 81.31 83.96
C UNK AA 770 -31.29 81.71 83.34
N UNK AA 771 -31.65 81.00 82.26
CA UNK AA 771 -32.89 81.28 81.56
C UNK AA 771 -33.95 80.22 81.72
N UNK AA 772 -35.19 80.68 81.60
CA UNK AA 772 -36.33 79.80 81.69
C UNK AA 772 -36.62 79.40 80.25
N UNK AA 773 -36.37 78.13 79.91
CA UNK AA 773 -36.57 77.61 78.55
C UNK AA 773 -37.93 77.99 77.93
N UNK AA 774 -40.81 80.66 79.26
CA UNK AA 774 -40.97 82.10 79.27
C UNK AA 774 -39.79 82.87 78.66
N UNK AA 775 -38.61 82.26 78.64
CA UNK AA 775 -37.40 82.91 78.11
C UNK AA 775 -36.96 84.01 79.07
N UNK AA 776 -37.35 83.85 80.33
CA UNK AA 776 -36.99 84.83 81.32
C UNK AA 776 -35.63 84.57 81.93
N UNK AA 777 -35.01 85.65 82.39
CA UNK AA 777 -33.70 85.57 83.00
C UNK AA 777 -33.93 85.30 84.48
N UNK AA 778 -33.74 84.06 84.91
CA UNK AA 778 -33.94 83.70 86.30
C UNK AA 778 -32.76 84.00 87.21
N UNK AA 779 -31.62 84.33 86.63
CA UNK AA 779 -30.44 84.61 87.46
C UNK AA 779 -29.27 85.19 86.71
N UNK AA 780 -28.48 85.97 87.41
CA UNK AA 780 -27.32 86.61 86.82
C UNK AA 780 -26.21 86.73 87.84
N UNK AA 781 -25.29 85.77 87.85
CA UNK AA 781 -24.17 85.85 88.76
C UNK AA 781 -23.02 86.48 87.98
N UNK AA 782 -21.40 85.69 90.21
CA UNK AA 782 -20.29 86.39 89.59
C UNK AA 782 -19.02 85.69 90.00
N UNK AA 783 -18.25 85.26 89.00
CA UNK AA 783 -17.03 84.52 89.25
C UNK AA 783 -15.80 85.38 89.51
N UNK AA 784 -11.81 86.47 85.53
CA UNK AA 784 -11.06 85.52 84.72
C UNK AA 784 -12.08 85.14 83.66
N UNK AA 785 -12.01 83.93 83.13
CA UNK AA 785 -13.00 83.50 82.13
C UNK AA 785 -13.35 82.03 82.31
N UNK AA 786 -14.64 81.74 82.42
CA UNK AA 786 -15.11 80.38 82.58
C UNK AA 786 -14.72 79.62 81.33
N UNK AA 787 -13.97 78.53 81.52
CA UNK AA 787 -13.52 77.72 80.39
C UNK AA 787 -14.53 76.62 80.01
N UNK AA 788 -15.35 76.17 80.95
CA UNK AA 788 -16.37 75.16 80.66
C UNK AA 788 -17.33 75.00 81.83
N UNK AA 789 -18.49 74.41 81.56
CA UNK AA 789 -19.51 74.18 82.59
C UNK AA 789 -20.53 73.11 82.23
N UNK AA 790 -21.47 72.84 83.13
CA UNK AA 790 -22.50 71.86 82.86
C UNK AA 790 -23.55 71.98 83.92
N UNK AA 791 -24.79 72.06 83.47
CA UNK AA 791 -25.95 72.22 84.32
C UNK AA 791 -26.52 70.85 84.68
N UNK AA 792 -26.69 70.62 85.98
CA UNK AA 792 -27.23 69.36 86.49
C UNK AA 792 -28.71 69.20 86.15
N UNK AA 793 -29.28 68.02 86.44
CA UNK AA 793 -30.70 67.86 86.14
C UNK AA 793 -31.54 68.02 87.42
N UNK AA 794 -30.84 68.21 88.54
CA UNK AA 794 -31.48 68.37 89.85
C UNK AA 794 -30.76 69.46 90.66
N UNK AA 795 -31.40 69.88 91.74
CA UNK AA 795 -30.84 70.91 92.63
C UNK AA 795 -30.30 72.15 91.91
N UNK AA 796 -30.72 72.38 90.67
CA UNK AA 796 -30.26 73.52 89.88
C UNK AA 796 -28.75 73.66 90.01
N UNK AA 797 -28.05 72.54 90.16
CA UNK AA 797 -26.61 72.59 90.30
C UNK AA 797 -25.95 72.82 88.97
N UNK AA 798 -24.83 73.53 89.01
CA UNK AA 798 -24.09 73.83 87.81
C UNK AA 798 -22.62 73.72 88.16
N UNK AA 799 -21.86 73.00 87.34
CA UNK AA 799 -20.43 72.87 87.59
C UNK AA 799 -19.71 73.60 86.50
N UNK AA 800 -18.72 74.39 86.88
CA UNK AA 800 -17.97 75.13 85.90
C UNK AA 800 -16.50 75.07 86.21
N UNK AA 801 -15.70 74.85 85.17
CA UNK AA 801 -14.26 74.84 85.34
C UNK AA 801 -14.00 76.32 85.25
N UNK AA 802 -7.44 75.14 86.32
CA UNK AA 802 -7.65 74.12 87.35
C UNK AA 802 -8.56 74.39 88.56
N UNK AA 803 -9.29 75.49 88.56
CA UNK AA 803 -10.19 75.77 89.67
C UNK AA 803 -11.54 75.22 89.27
N UNK AA 804 -12.15 74.44 90.15
CA UNK AA 804 -13.45 73.87 89.81
C UNK AA 804 -14.41 74.12 90.92
N UNK AA 805 -15.50 74.82 90.64
CA UNK AA 805 -16.48 75.08 91.66
C UNK AA 805 -17.87 74.84 91.13
N UNK AA 806 -18.73 74.20 91.93
CA UNK AA 806 -20.09 73.98 91.49
C UNK AA 806 -20.97 74.95 92.25
N UNK AA 807 -21.85 75.62 91.51
CA UNK AA 807 -22.77 76.62 92.02
C UNK AA 807 -24.21 76.16 92.04
N UNK AA 808 -25.02 76.96 92.71
CA UNK AA 808 -26.43 76.72 92.86
C UNK AA 808 -27.20 77.85 92.16
N UNK AA 809 -27.61 77.62 90.92
CA UNK AA 809 -28.39 78.63 90.20
C UNK AA 809 -29.62 78.78 91.06
N UNK AA 810 -30.42 79.81 90.85
CA UNK AA 810 -31.62 79.99 91.68
C UNK AA 810 -31.23 80.57 93.05
N UNK AA 811 -28.05 81.34 93.42
CA UNK AA 811 -26.96 82.16 92.88
C UNK AA 811 -25.76 82.25 93.80
N UNK AA 812 -25.48 81.15 94.50
CA UNK AA 812 -24.37 81.09 95.45
C UNK AA 812 -23.44 79.90 95.20
N UNK AA 813 -22.16 80.05 95.51
CA UNK AA 813 -21.27 78.91 95.34
C UNK AA 813 -21.61 77.91 96.43
N UNK AA 814 -21.57 76.62 96.07
CA UNK AA 814 -21.91 75.52 96.96
C UNK AA 814 -20.68 74.73 97.39
N UNK AA 815 -19.74 74.54 96.49
CA UNK AA 815 -18.56 73.77 96.83
C UNK AA 815 -17.35 74.12 96.00
N UNK AA 816 -16.18 73.96 96.60
CA UNK AA 816 -14.93 74.18 95.91
C UNK AA 816 -14.36 72.81 95.67
N UNK AA 817 -14.09 72.50 94.41
CA UNK AA 817 -13.56 71.20 94.06
C UNK AA 817 -12.11 71.32 93.65
N UNK AA 818 -11.22 71.04 94.59
CA UNK AA 818 -9.79 71.14 94.34
C UNK AA 818 -9.27 69.77 93.95
N UNK AA 819 -8.82 69.62 92.71
CA UNK AA 819 -8.31 68.33 92.28
C UNK AA 819 -7.16 68.39 91.28
N UNK AA 820 -7.08 69.49 90.53
CA UNK AA 820 -6.03 69.63 89.53
C UNK AA 820 -5.14 70.84 89.79
N UNK AA 821 -3.92 70.82 89.28
CA UNK AA 821 -3.00 71.95 89.42
C UNK AA 821 -2.54 72.33 88.02
N UNK AA 822 -2.70 71.03 86.99
CA UNK AA 822 -2.72 71.17 85.54
C UNK AA 822 -4.16 71.48 85.18
N UNK AA 823 -4.34 72.26 84.13
CA UNK AA 823 -5.65 72.67 83.62
C UNK AA 823 -6.85 71.73 83.76
N UNK AA 824 -7.96 72.25 84.27
CA UNK AA 824 -9.14 71.39 84.46
C UNK AA 824 -10.12 71.74 83.36
N UNK AA 825 -10.38 70.79 82.48
CA UNK AA 825 -11.26 71.00 81.34
C UNK AA 825 -12.73 70.84 81.64
N UNK AA 826 -13.06 69.84 82.44
CA UNK AA 826 -14.45 69.62 82.74
C UNK AA 826 -14.68 69.23 84.17
N UNK AA 827 -15.95 69.21 84.56
CA UNK AA 827 -16.28 68.90 85.92
C UNK AA 827 -17.79 68.74 86.03
N UNK AA 828 -18.27 67.73 86.75
CA UNK AA 828 -19.72 67.63 86.91
C UNK AA 828 -20.22 66.73 88.02
N UNK AA 829 -21.47 66.97 88.41
CA UNK AA 829 -22.09 66.22 89.49
C UNK AA 829 -22.61 64.88 89.03
N UNK AA 830 -22.72 63.97 89.99
CA UNK AA 830 -23.27 62.66 89.72
C UNK AA 830 -24.73 63.00 89.53
N UNK AA 831 -25.55 62.04 89.09
CA UNK AA 831 -26.95 62.40 88.90
C UNK AA 831 -27.70 62.82 90.17
N UNK AA 832 -27.39 62.20 91.32
CA UNK AA 832 -28.07 62.58 92.55
C UNK AA 832 -27.33 63.72 93.20
N UNK AA 833 -26.34 64.24 92.49
CA UNK AA 833 -25.55 65.35 92.99
C UNK AA 833 -24.84 65.03 94.28
N UNK AA 834 -24.71 63.75 94.60
CA UNK AA 834 -24.06 63.36 95.83
C UNK AA 834 -22.55 63.45 95.67
N UNK AA 835 -22.08 63.43 94.44
CA UNK AA 835 -20.65 63.51 94.22
C UNK AA 835 -20.41 64.18 92.88
N UNK AA 836 -19.16 64.51 92.58
CA UNK AA 836 -18.82 65.13 91.31
C UNK AA 836 -17.45 64.65 90.84
N UNK AA 837 -17.19 64.79 89.55
CA UNK AA 837 -15.92 64.35 89.00
C UNK AA 837 -15.16 65.54 88.43
N UNK AA 838 -13.85 65.40 88.34
CA UNK AA 838 -12.97 66.45 87.82
C UNK AA 838 -12.16 65.86 86.68
N UNK AA 839 -12.13 66.53 85.53
CA UNK AA 839 -11.36 66.04 84.38
C UNK AA 839 -10.27 67.04 83.98
N UNK AA 840 -9.02 66.61 83.93
CA UNK AA 840 -7.97 67.55 83.60
C UNK AA 840 -6.86 67.15 82.63
N UNK AA 841 -6.03 68.15 82.38
CA UNK AA 841 -4.89 68.06 81.50
C UNK AA 841 -3.81 67.15 82.07
N UNK AA 842 -3.81 66.97 83.37
CA UNK AA 842 -2.85 66.08 84.01
C UNK AA 842 -3.34 64.66 83.74
N UNK AA 843 -4.16 64.55 82.69
CA UNK AA 843 -4.75 63.31 82.24
C UNK AA 843 -5.34 62.40 83.32
N UNK AA 844 -5.94 63.00 84.33
CA UNK AA 844 -6.56 62.21 85.37
C UNK AA 844 -8.02 62.61 85.50
N UNK AA 845 -8.79 61.75 86.13
CA UNK AA 845 -10.20 61.99 86.38
C UNK AA 845 -10.34 61.63 87.83
N UNK AA 846 -10.84 62.56 88.63
CA UNK AA 846 -10.99 62.28 90.07
C UNK AA 846 -12.43 62.43 90.53
N UNK AA 847 -12.88 61.48 91.35
CA UNK AA 847 -14.24 61.53 91.86
C UNK AA 847 -14.23 62.03 93.29
N UNK AA 848 -15.10 63.00 93.54
CA UNK AA 848 -15.23 63.61 94.85
C UNK AA 848 -16.64 63.43 95.38
N UNK AA 849 -16.77 63.41 96.69
CA UNK AA 849 -18.09 63.32 97.32
C UNK AA 849 -18.37 64.68 97.91
N UNK AA 850 -19.40 65.34 97.38
CA UNK AA 850 -19.80 66.68 97.80
C UNK AA 850 -19.83 66.88 99.28
N UNK AA 851 -20.67 66.12 99.97
CA UNK AA 851 -20.80 66.24 101.42
C UNK AA 851 -19.42 66.47 102.07
N UNK AA 852 -18.54 65.48 101.95
CA UNK AA 852 -17.20 65.55 102.53
C UNK AA 852 -16.38 66.77 102.07
N UNK AA 853 -16.57 67.20 100.84
CA UNK AA 853 -15.81 68.35 100.33
C UNK AA 853 -16.28 69.69 100.89
N UNK AA 854 -17.59 69.84 101.05
CA UNK AA 854 -18.17 71.07 101.56
C UNK AA 854 -17.98 71.30 103.05
N UNK AA 855 -17.64 70.23 103.77
CA UNK AA 855 -17.43 70.37 105.20
C UNK AA 855 -16.32 71.38 105.42
N UNK AA 856 -16.53 72.25 106.39
CA UNK AA 856 -15.56 73.27 106.74
C UNK AA 856 -14.29 72.60 107.24
N UNK AA 857 -11.71 79.67 105.74
CA UNK AA 857 -10.67 79.00 106.48
C UNK AA 857 -9.26 79.35 106.00
N UNK AA 858 -8.31 79.08 106.89
CA UNK AA 858 -6.90 79.33 106.67
C UNK AA 858 -6.21 78.15 106.03
N UNK AA 859 -6.97 77.16 105.60
CA UNK AA 859 -6.34 76.01 104.99
C UNK AA 859 -5.71 76.42 103.65
N UNK AA 860 -6.40 77.25 102.88
CA UNK AA 860 -5.86 77.72 101.60
C UNK AA 860 -5.63 79.21 101.60
N UNK AA 861 -4.40 79.62 101.31
CA UNK AA 861 -4.07 81.03 101.29
C UNK AA 861 -3.50 81.34 99.94
N UNK AA 862 -3.17 82.61 99.75
CA UNK AA 862 -2.56 83.08 98.51
C UNK AA 862 -1.08 83.02 98.82
N UNK AA 863 -0.24 83.37 97.85
CA UNK AA 863 1.20 83.33 98.09
C UNK AA 863 1.74 84.64 98.68
N UNK AA 864 0.83 85.57 98.94
CA UNK AA 864 1.20 86.84 99.53
C UNK AA 864 1.08 86.68 101.03
N UNK AA 865 2.22 86.43 101.68
CA UNK AA 865 2.27 86.25 103.12
C UNK AA 865 3.54 86.85 103.71
N UNK AA 866 3.52 87.05 105.02
CA UNK AA 866 4.68 87.57 105.71
C UNK AA 866 4.82 86.80 107.02
N UNK AA 867 6.07 86.46 107.35
CA UNK AA 867 6.39 85.66 108.54
C UNK AA 867 7.28 86.35 109.56
N UNK AA 868 7.03 86.07 110.83
CA UNK AA 868 7.80 86.62 111.92
C UNK AA 868 8.22 85.53 112.88
N UNK AA 869 9.50 85.14 112.80
CA UNK AA 869 10.05 84.09 113.65
C UNK AA 869 10.41 84.64 115.03
N UNK AA 870 9.52 84.46 116.01
CA UNK AA 870 9.78 84.97 117.34
C UNK AA 870 10.18 83.91 118.37
N UNK AA 871 8.22 80.54 118.92
CA UNK AA 871 7.25 80.19 117.87
C UNK AA 871 7.38 81.00 116.56
N UNK AA 872 6.60 80.59 115.56
CA UNK AA 872 6.58 81.25 114.26
C UNK AA 872 5.20 81.87 113.99
N UNK AA 873 5.20 83.01 113.31
CA UNK AA 873 3.97 83.73 112.99
C UNK AA 873 3.83 84.05 111.51
N UNK AA 874 2.72 83.64 110.92
CA UNK AA 874 2.46 83.87 109.52
C UNK AA 874 1.15 84.64 109.31
N UNK AA 875 1.25 85.78 108.63
CA UNK AA 875 0.09 86.60 108.33
C UNK AA 875 -0.08 86.35 106.83
N UNK AA 876 -1.29 86.00 106.41
CA UNK AA 876 -1.46 85.73 105.00
C UNK AA 876 -2.75 86.21 104.39
N UNK AA 877 -2.69 86.56 103.11
CA UNK AA 877 -3.85 87.01 102.36
C UNK AA 877 -4.71 85.79 102.07
N UNK AA 878 -5.92 85.75 102.60
CA UNK AA 878 -6.80 84.59 102.36
C UNK AA 878 -7.06 84.38 100.87
N UNK AA 879 -7.28 83.12 100.50
CA UNK AA 879 -7.54 82.75 99.12
C UNK AA 879 -8.85 83.33 98.59
N UNK AA 880 -7.45 88.18 105.38
CA UNK AA 880 -6.15 87.65 105.68
C UNK AA 880 -6.20 86.91 107.00
N UNK AA 881 -5.34 85.91 107.12
CA UNK AA 881 -5.29 85.07 108.31
C UNK AA 881 -4.03 85.30 109.15
N UNK AA 882 -4.22 85.36 110.46
CA UNK AA 882 -3.10 85.52 111.36
C UNK AA 882 -2.82 84.09 111.83
N UNK AA 883 -1.96 83.39 111.10
CA UNK AA 883 -1.61 82.01 111.41
C UNK AA 883 -0.40 81.88 112.32
N UNK AA 884 -0.60 81.23 113.45
CA UNK AA 884 0.47 81.01 114.42
C UNK AA 884 0.96 79.57 114.27
N UNK AA 885 2.07 79.37 113.56
CA UNK AA 885 2.60 78.03 113.38
C UNK AA 885 2.89 77.45 114.75
N UNK AA 886 2.84 76.13 114.88
CA UNK AA 886 3.09 75.51 116.18
C UNK AA 886 1.89 75.88 117.07
N UNK AA 887 -4.35 78.23 116.31
CA UNK AA 887 -4.59 79.65 116.47
C UNK AA 887 -4.63 80.49 115.19
N UNK AA 888 -5.72 80.33 114.45
CA UNK AA 888 -5.93 81.05 113.21
C UNK AA 888 -6.96 82.14 113.48
N UNK AA 889 -6.58 83.37 113.21
CA UNK AA 889 -7.45 84.50 113.43
C UNK AA 889 -7.70 85.26 112.15
N UNK AA 890 -8.97 85.30 111.78
CA UNK AA 890 -9.45 85.94 110.58
C UNK AA 890 -9.76 87.41 110.72
N UNK AA 891 -9.45 88.15 109.67
CA UNK AA 891 -9.68 89.58 109.61
C UNK AA 891 -10.25 89.81 108.22
N UNK AA 892 -11.57 90.02 108.13
CA UNK AA 892 -12.24 90.25 106.85
C UNK AA 892 -11.79 91.55 106.22
N UNK AA 893 -11.95 91.66 104.90
CA UNK AA 893 -11.57 92.89 104.21
C UNK AA 893 -11.82 92.83 102.72
N UNK AA 894 -7.72 91.98 100.05
CA UNK AA 894 -6.44 92.64 100.07
C UNK AA 894 -5.58 92.08 98.95
N UNK AA 895 -4.44 92.73 98.70
CA UNK AA 895 -3.53 92.30 97.65
C UNK AA 895 -2.14 91.99 98.18
N UNK AA 896 -1.85 92.41 99.40
CA UNK AA 896 -0.56 92.16 99.99
C UNK AA 896 -0.63 92.34 101.49
N UNK AA 897 0.23 91.61 102.20
CA UNK AA 897 0.20 91.67 103.64
C UNK AA 897 1.43 92.33 104.23
N UNK AA 898 1.43 92.50 105.55
CA UNK AA 898 2.52 93.14 106.25
C UNK AA 898 2.38 93.00 107.77
N UNK AA 899 3.48 92.62 108.43
CA UNK AA 899 3.47 92.46 109.89
C UNK AA 899 4.46 93.41 110.55
N UNK AA 900 4.00 94.12 111.57
CA UNK AA 900 4.87 95.05 112.27
C UNK AA 900 5.60 94.30 113.35
N UNK AA 901 6.93 94.25 113.28
CA UNK AA 901 7.66 93.52 114.33
C UNK AA 901 7.05 93.91 115.67
N UNK AA 902 0.24 95.14 115.26
CA UNK AA 902 -0.28 95.84 114.08
C UNK AA 902 -0.06 95.02 112.83
N UNK AA 903 -1.04 95.02 111.92
CA UNK AA 903 -0.91 94.33 110.65
C UNK AA 903 -1.35 95.34 109.61
N UNK AA 904 -0.73 95.34 108.45
CA UNK AA 904 -1.12 96.28 107.42
C UNK AA 904 -1.36 95.56 106.10
N UNK AA 905 -2.19 96.14 105.24
CA UNK AA 905 -2.40 95.47 103.96
C UNK AA 905 -2.70 96.33 102.75
N UNK AA 906 -2.32 95.77 101.60
CA UNK AA 906 -2.51 96.42 100.33
C UNK AA 906 -3.92 96.18 99.86
N UNK AA 907 -4.33 96.91 98.84
CA UNK AA 907 -5.68 96.79 98.33
C UNK AA 907 -5.67 96.76 96.82
N UNK AA 908 -6.72 96.17 96.23
CA UNK AA 908 -6.81 96.07 94.79
C UNK AA 908 -6.92 97.47 94.17
N UNK AA 909 -5.95 101.14 98.21
CA UNK AA 909 -6.10 101.50 99.62
C UNK AA 909 -5.03 100.89 100.53
N UNK AA 910 -4.76 101.56 101.64
CA UNK AA 910 -3.78 101.10 102.62
C UNK AA 910 -4.43 101.15 104.01
N UNK AA 911 -4.28 100.11 104.80
CA UNK AA 911 -4.88 100.08 106.13
C UNK AA 911 -4.06 99.36 107.19
N UNK AA 912 -3.99 99.95 108.38
CA UNK AA 912 -3.29 99.32 109.47
C UNK AA 912 -4.37 98.91 110.43
N UNK AA 913 -4.27 97.69 110.96
CA UNK AA 913 -5.24 97.22 111.93
C UNK AA 913 -4.41 96.95 113.16
N UNK AA 914 -4.93 97.27 114.34
CA UNK AA 914 -4.17 97.01 115.54
C UNK AA 914 -4.70 95.79 116.26
N UNK AA 915 -3.88 94.74 116.26
CA UNK AA 915 -4.22 93.47 116.86
C UNK AA 915 -4.63 93.49 118.34
N UNK AA 916 -3.84 94.15 119.20
CA UNK AA 916 -4.23 94.19 120.61
C UNK AA 916 -5.73 94.37 120.74
N UNK AA 917 -6.28 95.14 119.81
CA UNK AA 917 -7.71 95.41 119.80
C UNK AA 917 -8.43 94.53 118.78
N UNK AA 918 -10.30 98.53 115.84
CA UNK AA 918 -9.86 99.91 115.56
C UNK AA 918 -8.64 99.91 114.65
N UNK AA 919 -8.78 100.56 113.49
CA UNK AA 919 -7.71 100.64 112.51
C UNK AA 919 -7.79 102.00 111.82
N UNK AA 920 -7.04 102.15 110.73
CA UNK AA 920 -6.80 103.44 110.10
C UNK AA 920 -6.64 103.30 108.58
N UNK AA 921 -6.93 104.37 107.83
CA UNK AA 921 -6.83 104.35 106.38
C UNK AA 921 -6.07 105.53 105.80
N UNK AA 922 -4.82 105.29 105.39
CA UNK AA 922 -4.02 106.37 104.84
C UNK AA 922 -4.15 106.53 103.34
N UNK AA 923 -4.93 107.53 102.92
CA UNK AA 923 -5.19 107.86 101.51
C UNK AA 923 -4.07 107.93 100.45
N UNK AA 924 1.31 96.62 95.73
CA UNK AA 924 2.24 95.49 95.63
C UNK AA 924 2.97 95.27 96.95
N UNK AA 925 4.27 95.52 96.98
CA UNK AA 925 5.02 95.32 98.22
C UNK AA 925 4.51 96.33 99.28
N UNK AA 926 4.63 96.01 100.57
CA UNK AA 926 4.20 96.91 101.67
C UNK AA 926 4.87 96.56 103.00
N UNK AA 927 5.61 97.49 103.58
CA UNK AA 927 6.31 97.18 104.82
C UNK AA 927 6.32 98.28 105.89
N UNK AA 928 6.57 97.88 107.13
CA UNK AA 928 6.64 98.80 108.26
C UNK AA 928 8.09 99.24 108.41
N UNK AA 929 8.31 100.34 109.11
CA UNK AA 929 9.66 100.83 109.31
C UNK AA 929 10.25 100.00 110.44
N UNK AA 930 11.56 100.07 110.64
CA UNK AA 930 12.20 99.33 111.72
C UNK AA 930 11.30 99.42 112.96
N UNK AA 931 4.78 103.54 107.18
CA UNK AA 931 4.53 102.42 106.28
C UNK AA 931 4.96 102.66 104.86
N UNK AA 932 6.09 102.11 104.46
CA UNK AA 932 6.51 102.28 103.07
C UNK AA 932 5.70 101.29 102.23
N UNK AA 933 5.26 101.74 101.06
CA UNK AA 933 4.46 100.89 100.19
C UNK AA 933 4.63 101.29 98.75
N UNK AA 934 4.58 100.30 97.87
CA UNK AA 934 4.72 100.55 96.45
C UNK AA 934 3.55 99.94 95.71
N UNK AA 935 3.31 100.45 94.52
CA UNK AA 935 2.27 99.97 93.64
C UNK AA 935 2.86 99.85 92.26
N UNK AA 936 1.96 99.76 91.28
CA UNK AA 936 2.35 99.54 89.89
C UNK AA 936 2.64 100.82 89.13
N UNK AA 937 3.16 101.82 89.84
CA UNK AA 937 3.52 103.10 89.23
C UNK AA 937 4.88 103.53 89.83
N UNK AA 938 5.36 104.73 89.50
CA UNK AA 938 6.69 105.17 89.98
C UNK AA 938 6.85 105.89 91.34
N UNK AA 939 5.80 106.00 92.12
CA UNK AA 939 5.94 106.66 93.41
C UNK AA 939 5.96 105.63 94.54
N UNK AA 940 6.67 105.94 95.63
CA UNK AA 940 6.71 105.02 96.78
C UNK AA 940 6.18 105.74 98.03
N UNK AA 941 4.93 105.49 98.38
CA UNK AA 941 4.33 106.13 99.55
C UNK AA 941 5.00 105.83 100.89
N UNK AA 942 5.41 106.90 101.59
CA UNK AA 942 6.02 106.76 102.92
C UNK AA 942 5.09 107.41 103.93
N UNK AA 943 4.00 106.72 104.24
CA UNK AA 943 2.97 107.19 105.15
C UNK AA 943 3.30 106.98 106.61
N UNK AA 944 3.85 108.03 107.21
CA UNK AA 944 4.19 107.98 108.61
C UNK AA 944 2.88 108.12 109.38
N UNK AA 945 2.10 107.05 109.40
CA UNK AA 945 0.82 107.01 110.10
C UNK AA 945 1.04 107.43 111.56
N UNK AA 946 1.38 112.30 108.45
CA UNK AA 946 2.37 112.85 107.53
C UNK AA 946 2.64 111.90 106.38
N UNK AA 947 3.11 112.44 105.27
CA UNK AA 947 3.42 111.66 104.09
C UNK AA 947 4.69 112.14 103.45
N UNK AA 948 5.46 111.21 102.92
CA UNK AA 948 6.69 111.53 102.23
C UNK AA 948 6.56 110.73 100.95
N UNK AA 949 6.61 111.41 99.82
CA UNK AA 949 6.47 110.76 98.53
C UNK AA 949 7.80 110.70 97.81
N UNK AA 950 8.05 109.60 97.13
CA UNK AA 950 9.29 109.42 96.40
C UNK AA 950 8.97 109.27 94.91
N UNK AA 951 8.93 110.40 94.19
CA UNK AA 951 8.63 110.39 92.76
C UNK AA 951 9.86 109.94 92.01
N UNK AA 952 9.99 108.62 91.88
CA UNK AA 952 11.11 108.02 91.19
C UNK AA 952 11.12 108.42 89.73
N UNK AA 953 9.95 108.78 89.22
CA UNK AA 953 9.78 109.18 87.84
C UNK AA 953 10.30 108.06 86.93
N UNK AA 954 9.61 103.99 85.89
CA UNK AA 954 8.47 103.53 85.11
C UNK AA 954 7.51 102.88 86.10
N UNK AA 955 8.07 102.01 86.93
CA UNK AA 955 7.33 101.30 87.97
C UNK AA 955 8.35 100.73 88.93
N UNK AA 956 8.10 100.88 90.23
CA UNK AA 956 9.00 100.35 91.22
C UNK AA 956 8.82 98.84 91.21
N UNK AA 957 9.84 98.11 90.76
CA UNK AA 957 9.76 96.66 90.72
C UNK AA 957 9.53 96.22 92.15
N UNK AA 958 10.36 96.72 93.06
CA UNK AA 958 10.23 96.41 94.47
C UNK AA 958 11.20 97.26 95.27
N UNK AA 959 11.20 97.07 96.59
CA UNK AA 959 12.06 97.84 97.44
C UNK AA 959 12.28 97.11 98.75
N UNK AA 960 13.09 97.70 99.61
CA UNK AA 960 13.37 97.10 100.92
C UNK AA 960 14.02 98.14 101.83
N UNK AA 961 13.62 98.11 103.10
CA UNK AA 961 14.18 99.03 104.08
C UNK AA 961 15.69 98.91 104.06
N UNK AA 962 16.37 99.85 104.71
CA UNK AA 962 17.82 99.82 104.76
C UNK AA 962 18.29 100.32 106.12
N UNK AA 963 16.98 104.83 108.27
CA UNK AA 963 15.93 105.52 107.54
C UNK AA 963 16.20 105.63 106.03
N UNK AA 964 17.26 104.97 105.58
CA UNK AA 964 17.60 104.96 104.17
C UNK AA 964 16.82 103.77 103.56
N UNK AA 965 16.44 103.85 102.28
CA UNK AA 965 15.67 102.77 101.64
C UNK AA 965 16.07 102.48 100.20
N UNK AA 966 16.49 101.24 99.94
CA UNK AA 966 16.92 100.79 98.63
C UNK AA 966 15.73 100.52 97.70
N UNK AA 967 15.80 101.00 96.46
CA UNK AA 967 14.70 100.83 95.53
C UNK AA 967 15.13 100.60 94.09
N UNK AA 968 14.43 99.70 93.41
CA UNK AA 968 14.73 99.35 92.02
C UNK AA 968 13.44 99.28 91.20
N UNK AA 969 13.47 99.91 90.05
CA UNK AA 969 12.32 99.91 89.15
C UNK AA 969 12.79 99.07 87.99
N UNK AA 970 11.92 98.85 87.01
CA UNK AA 970 12.38 98.08 85.88
C UNK AA 970 12.75 99.00 84.72
N UNK AA 971 13.74 99.85 85.03
CA UNK AA 971 14.35 100.80 84.11
C UNK AA 971 15.86 100.72 84.34
N UNK AA 972 16.28 99.58 84.88
CA UNK AA 972 17.69 99.32 85.14
C UNK AA 972 18.22 100.16 86.28
N UNK AA 973 17.38 101.05 86.78
CA UNK AA 973 17.77 101.95 87.86
C UNK AA 973 17.54 101.38 89.25
N UNK AA 974 18.45 101.73 90.14
CA UNK AA 974 18.42 101.33 91.54
C UNK AA 974 18.73 102.61 92.30
N UNK AA 975 17.88 103.00 93.22
CA UNK AA 975 18.15 104.23 93.95
C UNK AA 975 18.27 104.00 95.45
N UNK AA 976 18.80 104.99 96.16
CA UNK AA 976 18.96 104.92 97.62
C UNK AA 976 18.27 106.10 98.32
N UNK AA 977 16.94 106.11 98.33
CA UNK AA 977 16.19 107.18 98.95
C UNK AA 977 16.41 107.33 100.45
N UNK AA 978 16.03 108.49 100.96
CA UNK AA 978 16.13 108.81 102.37
C UNK AA 978 14.70 109.08 102.80
N UNK AA 979 14.20 108.37 103.79
CA UNK AA 979 12.84 108.64 104.23
C UNK AA 979 12.96 109.89 105.11
N UNK AA 980 14.64 112.19 99.46
CA UNK AA 980 15.78 112.67 98.70
C UNK AA 980 16.64 111.54 98.15
N UNK AA 981 16.74 111.50 96.83
CA UNK AA 981 17.53 110.49 96.13
C UNK AA 981 19.01 110.70 96.33
N UNK AA 982 19.53 110.15 97.42
CA UNK AA 982 20.95 110.26 97.70
C UNK AA 982 21.73 109.63 96.53
N UNK AA 983 21.55 108.33 96.33
CA UNK AA 983 22.23 107.63 95.25
C UNK AA 983 21.28 107.23 94.13
N UNK AA 984 21.83 107.09 92.92
CA UNK AA 984 21.04 106.73 91.75
C UNK AA 984 21.94 106.04 90.71
N UNK AA 985 21.66 104.77 90.41
CA UNK AA 985 22.45 104.00 89.44
C UNK AA 985 21.59 103.55 88.26
N UNK AA 986 22.25 103.21 87.16
CA UNK AA 986 21.58 102.69 85.97
C UNK AA 986 22.38 101.43 85.67
N UNK AA 987 22.31 100.48 86.61
CA UNK AA 987 23.04 99.22 86.56
C UNK AA 987 22.58 98.13 85.57
N UNK AA 988 21.53 98.39 84.80
CA UNK AA 988 21.04 97.43 83.81
C UNK AA 988 20.24 98.17 82.75
N UNK AA 989 20.23 97.65 81.53
CA UNK AA 989 19.49 98.30 80.45
C UNK AA 989 18.09 97.70 80.33
N UNK AA 990 15.50 91.06 91.17
CA UNK AA 990 15.78 91.12 92.61
C UNK AA 990 17.23 91.55 92.85
N UNK AA 991 17.48 92.14 94.00
CA UNK AA 991 18.82 92.61 94.33
C UNK AA 991 18.88 92.78 95.84
N UNK AA 992 19.93 92.30 96.48
CA UNK AA 992 20.03 92.41 97.93
C UNK AA 992 21.29 93.07 98.40
N UNK AA 993 21.35 93.37 99.70
CA UNK AA 993 22.50 94.02 100.29
C UNK AA 993 23.38 92.99 100.97
N UNK AA 994 24.62 93.40 101.27
CA UNK AA 994 25.59 92.53 101.91
C UNK AA 994 25.34 92.48 103.41
N UNK AA 995 27.68 96.94 104.47
CA UNK AA 995 26.74 97.36 103.45
C UNK AA 995 27.62 97.81 102.32
N UNK AA 996 28.91 97.58 102.49
CA UNK AA 996 29.88 97.97 101.47
C UNK AA 996 29.39 97.46 100.12
N UNK AA 997 28.64 96.36 100.16
CA UNK AA 997 28.15 95.73 98.93
C UNK AA 997 26.62 95.58 98.86
N UNK AA 998 26.07 95.71 97.66
CA UNK AA 998 24.63 95.56 97.42
C UNK AA 998 24.48 95.25 95.93
N UNK AA 999 24.26 93.99 95.58
CA UNK AA 999 24.16 93.64 94.18
C UNK AA 999 22.77 93.45 93.63
N UNK AA 1000 22.71 93.41 92.30
CA UNK AA 1000 21.48 93.26 91.54
C UNK AA 1000 21.43 91.97 90.75
N UNK AA 1001 20.35 91.84 89.98
CA UNK AA 1001 20.07 90.69 89.14
C UNK AA 1001 18.98 91.18 88.22
N UNK AA 1002 19.12 91.00 86.91
CA UNK AA 1002 18.08 91.51 86.04
C UNK AA 1002 18.21 91.07 84.60
N UNK AA 1003 22.57 89.33 83.60
CA UNK AA 1003 23.54 88.82 84.56
C UNK AA 1003 23.25 89.35 85.95
N UNK AA 1004 24.27 89.32 86.81
CA UNK AA 1004 24.15 89.81 88.17
C UNK AA 1004 25.29 90.76 88.51
N UNK AA 1005 25.13 92.02 88.09
CA UNK AA 1005 26.13 93.07 88.34
C UNK AA 1005 26.13 93.41 89.82
N UNK AA 1006 27.30 93.30 90.45
CA UNK AA 1006 27.44 93.58 91.87
C UNK AA 1006 28.27 94.84 92.12
N UNK AA 1007 27.83 95.71 93.04
CA UNK AA 1007 28.59 96.93 93.34
C UNK AA 1007 28.71 97.36 94.80
N UNK AA 1008 29.21 98.60 95.00
CA UNK AA 1008 29.47 99.18 96.33
C UNK AA 1008 28.76 100.45 96.78
N UNK AA 1009 31.12 96.81 90.05
CA UNK AA 1009 32.43 96.25 90.36
C UNK AA 1009 32.76 95.20 89.29
N UNK AA 1010 31.81 94.31 88.98
CA UNK AA 1010 32.03 93.31 87.92
C UNK AA 1010 30.78 92.58 87.44
N UNK AA 1011 30.61 92.56 86.12
CA UNK AA 1011 29.48 91.89 85.47
C UNK AA 1011 29.70 90.38 85.47
N UNK AA 1012 28.70 89.63 85.93
CA UNK AA 1012 28.75 88.17 86.03
C UNK AA 1012 27.86 87.49 84.99
N UNK AA 1013 28.25 87.51 83.73
CA UNK AA 1013 27.43 86.94 82.65
C UNK AA 1013 27.42 85.40 82.61
N UNK AA 1014 27.17 84.78 83.76
CA UNK AA 1014 27.14 83.33 83.81
C UNK AA 1014 25.84 82.69 83.30
N UNK AA 1015 24.73 83.00 83.98
CA UNK AA 1015 23.42 82.44 83.63
C UNK AA 1015 22.98 82.62 82.18
N UNK AA 1016 22.39 81.57 81.62
CA UNK AA 1016 21.90 81.61 80.24
C UNK AA 1016 20.41 81.88 80.24
N UNK AA 1017 18.68 83.78 82.70
CA UNK AA 1017 18.44 85.14 83.23
C UNK AA 1017 18.19 85.13 84.74
N UNK AA 1018 19.02 85.85 85.47
CA UNK AA 1018 18.90 85.89 86.92
C UNK AA 1018 17.56 86.44 87.38
N UNK AA 1019 17.11 85.96 88.53
CA UNK AA 1019 15.84 86.38 89.09
C UNK AA 1019 15.91 86.56 90.60
N UNK AA 1020 17.05 86.21 91.20
CA UNK AA 1020 17.22 86.37 92.63
C UNK AA 1020 18.68 86.20 93.02
N UNK AA 1021 19.01 86.52 94.28
CA UNK AA 1021 20.38 86.39 94.76
C UNK AA 1021 20.51 86.79 96.22
N UNK AA 1022 21.62 86.39 96.83
CA UNK AA 1022 21.88 86.71 98.22
C UNK AA 1022 23.37 86.65 98.52
N UNK AA 1023 23.77 87.38 99.56
CA UNK AA 1023 25.16 87.43 99.97
C UNK AA 1023 25.38 86.51 101.16
N UNK AA 1024 26.51 85.81 101.17
CA UNK AA 1024 26.83 84.94 102.29
C UNK AA 1024 26.90 85.83 103.50
N UNK AA 1025 26.41 85.35 104.64
CA UNK AA 1025 26.43 86.14 105.86
C UNK AA 1025 27.89 86.54 106.17
N UNK AA 1026 30.53 85.26 99.31
CA UNK AA 1026 29.82 84.68 98.17
C UNK AA 1026 28.49 85.36 97.88
N UNK AA 1027 28.08 85.25 96.62
CA UNK AA 1027 26.83 85.81 96.15
C UNK AA 1027 26.23 84.78 95.18
N UNK AA 1028 25.21 84.07 95.67
CA UNK AA 1028 24.52 83.06 94.87
C UNK AA 1028 23.41 83.73 94.08
N UNK AA 1029 23.28 83.35 92.82
CA UNK AA 1029 22.28 83.94 91.96
C UNK AA 1029 21.27 82.95 91.38
N UNK AA 1030 20.02 83.39 91.29
CA UNK AA 1030 18.94 82.55 90.80
C UNK AA 1030 18.67 82.69 89.32
N UNK AA 1031 18.75 81.55 88.62
CA UNK AA 1031 18.53 81.47 87.19
C UNK AA 1031 17.07 81.21 86.86
N UNK AA 1032 16.64 81.78 85.74
CA UNK AA 1032 15.27 81.63 85.29
C UNK AA 1032 15.04 80.20 84.78
N UNK AA 1033 16.14 79.45 84.65
CA UNK AA 1033 16.05 78.06 84.20
C UNK AA 1033 16.67 77.11 85.21
N UNK AA 1034 16.18 77.19 86.43
CA UNK AA 1034 16.66 76.30 87.47
C UNK AA 1034 18.14 76.26 87.71
N UNK AA 1035 18.90 77.11 87.01
CA UNK AA 1035 20.34 77.14 87.20
C UNK AA 1035 20.64 77.99 88.42
N UNK AA 1036 21.85 77.93 88.92
CA UNK AA 1036 22.20 78.71 90.09
C UNK AA 1036 23.70 78.50 90.09
N UNK AA 1037 24.42 79.61 89.92
CA UNK AA 1037 25.87 79.65 90.10
C UNK AA 1037 26.21 80.38 91.38
N UNK AA 1038 27.31 79.96 92.00
CA UNK AA 1038 27.78 80.61 93.21
C UNK AA 1038 28.93 81.48 92.71
N UNK AA 1039 29.00 82.72 93.19
CA UNK AA 1039 30.08 83.62 92.80
C UNK AA 1039 30.80 84.05 94.07
N UNK AA 1040 31.99 84.63 93.94
CA UNK AA 1040 32.77 85.06 95.10
C UNK AA 1040 32.96 86.57 95.23
N UNK AA 1041 31.62 78.22 91.58
CA UNK AA 1041 31.07 76.97 91.06
C UNK AA 1041 29.60 77.14 90.68
N UNK AA 1042 29.19 76.44 89.63
CA UNK AA 1042 27.81 76.52 89.15
C UNK AA 1042 26.91 75.31 89.50
N UNK AA 1043 26.78 75.00 90.79
CA UNK AA 1043 25.92 73.89 91.21
C UNK AA 1043 24.51 74.15 90.74
N UNK AA 1044 24.07 73.50 89.66
CA UNK AA 1044 22.73 73.72 89.15
C UNK AA 1044 22.16 72.64 88.20
N UNK AA 1045 21.79 71.46 88.74
CA UNK AA 1045 21.24 70.36 87.93
C UNK AA 1045 19.85 70.68 87.36
N UNK AA 1046 12.16 77.86 87.15
CA UNK AA 1046 12.56 79.05 87.88
C UNK AA 1046 13.31 78.69 89.16
N UNK AA 1047 13.89 79.71 89.79
CA UNK AA 1047 14.60 79.63 91.06
C UNK AA 1047 14.35 81.01 91.63
N UNK AA 1048 13.22 81.17 92.29
CA UNK AA 1048 12.84 82.47 92.81
C UNK AA 1048 13.39 82.87 94.17
N UNK AA 1049 14.45 82.22 94.63
CA UNK AA 1049 14.96 82.60 95.94
C UNK AA 1049 16.16 81.78 96.39
N UNK AA 1050 17.00 82.39 97.22
CA UNK AA 1050 18.18 81.73 97.78
C UNK AA 1050 18.45 82.34 99.15
N UNK AA 1051 19.35 81.72 99.89
CA UNK AA 1051 19.70 82.20 101.22
C UNK AA 1051 20.85 81.32 101.69
N UNK AA 1052 21.93 81.95 102.12
CA UNK AA 1052 23.02 81.21 102.72
C UNK AA 1052 22.66 80.97 104.17
N UNK AA 1053 23.36 80.04 104.80
CA UNK AA 1053 23.12 79.71 106.20
C UNK AA 1053 24.05 80.57 107.04
N UNK AA 1054 23.81 80.65 108.36
CA UNK AA 1054 24.76 81.48 109.10
C UNK AA 1054 26.16 80.94 108.81
N UNK AA 1055 26.36 79.66 109.10
CA UNK AA 1055 27.64 78.97 108.88
C UNK AA 1055 28.29 79.25 107.52
N UNK AA 1056 27.56 79.86 106.60
CA UNK AA 1056 28.07 80.18 105.27
C UNK AA 1056 28.50 78.93 104.48
N UNK AA 1057 27.83 77.80 104.75
CA UNK AA 1057 28.16 76.54 104.08
C UNK AA 1057 26.98 75.92 103.32
N UNK AA 1058 25.79 75.97 103.92
CA UNK AA 1058 24.58 75.41 103.31
C UNK AA 1058 23.76 76.50 102.64
N UNK AA 1059 23.47 76.31 101.36
CA UNK AA 1059 22.67 77.28 100.61
C UNK AA 1059 21.29 76.68 100.37
N UNK AA 1060 20.24 77.36 100.83
CA UNK AA 1060 18.87 76.88 100.63
C UNK AA 1060 18.29 77.52 99.37
N UNK AA 1061 17.59 76.73 98.57
CA UNK AA 1061 17.02 77.20 97.32
C UNK AA 1061 15.51 76.93 97.23
N UNK AA 1062 14.80 77.76 96.45
CA UNK AA 1062 13.36 77.60 96.28
C UNK AA 1062 12.91 78.06 94.91
N UNK AA 1063 10.36 73.84 93.89
CA UNK AA 1063 10.40 73.15 95.18
C UNK AA 1063 11.64 73.60 95.92
N UNK AA 1064 11.72 73.28 97.20
CA UNK AA 1064 12.86 73.62 98.01
C UNK AA 1064 14.01 72.64 97.68
N UNK AA 1065 15.25 73.02 97.97
CA UNK AA 1065 16.38 72.16 97.64
C UNK AA 1065 17.62 72.76 98.30
N UNK AA 1066 18.22 72.00 99.21
CA UNK AA 1066 19.43 72.47 99.90
C UNK AA 1066 20.71 72.04 99.17
N UNK AA 1067 21.79 72.79 99.37
CA UNK AA 1067 23.07 72.47 98.72
C UNK AA 1067 24.28 72.51 99.66
N UNK AA 1068 25.45 72.26 99.07
CA UNK AA 1068 26.73 72.24 99.77
C UNK AA 1068 27.71 73.18 99.10
N UNK AA 1069 28.12 74.23 99.82
CA UNK AA 1069 29.08 75.20 99.30
C UNK AA 1069 30.32 74.52 98.74
N UNK AA 1070 9.74 68.29 98.40
CA UNK AA 1070 8.91 68.47 97.23
C UNK AA 1070 7.56 68.92 97.78
N UNK AA 1071 7.12 70.08 97.36
CA UNK AA 1071 5.85 70.60 97.80
C UNK AA 1071 4.83 70.19 96.73
N UNK AA 1072 3.61 69.88 97.14
CA UNK AA 1072 2.56 69.50 96.21
C UNK AA 1072 2.58 70.46 95.01
N UNK AA 1073 2.58 71.75 95.30
CA UNK AA 1073 2.61 72.75 94.24
C UNK AA 1073 3.99 73.24 93.91
N UNK AA 1074 4.07 74.12 92.92
CA UNK AA 1074 5.33 74.67 92.49
C UNK AA 1074 5.29 76.19 92.51
N UNK AA 1075 6.22 76.77 91.75
CA UNK AA 1075 6.34 78.20 91.62
C UNK AA 1075 6.25 78.89 92.95
N UNK AA 1076 7.19 78.58 93.82
CA UNK AA 1076 7.21 79.21 95.12
C UNK AA 1076 7.83 80.58 94.87
N UNK AA 1077 7.83 81.43 95.88
CA UNK AA 1077 8.47 82.74 95.76
C UNK AA 1077 9.69 83.09 96.58
N UNK AA 1078 9.46 83.42 97.85
CA UNK AA 1078 10.54 83.77 98.76
C UNK AA 1078 10.46 82.84 99.97
N UNK AA 1079 11.51 82.05 100.19
CA UNK AA 1079 11.45 81.02 101.20
C UNK AA 1079 11.85 81.77 102.45
N UNK AA 1080 11.12 81.59 103.55
CA UNK AA 1080 11.48 82.30 104.77
C UNK AA 1080 12.29 81.44 105.73
N UNK AA 1081 13.61 81.51 105.63
CA UNK AA 1081 14.47 80.77 106.54
C UNK AA 1081 14.46 81.56 107.84
N UNK AA 1082 15.03 81.02 108.90
CA UNK AA 1082 15.04 81.75 110.16
C UNK AA 1082 16.47 81.88 110.70
N UNK AA 1083 16.62 82.45 111.91
CA UNK AA 1083 17.96 82.60 112.48
C UNK AA 1083 18.67 81.25 112.59
N UNK AA 1084 18.11 80.35 113.41
CA UNK AA 1084 18.68 79.02 113.61
C UNK AA 1084 18.79 78.18 112.35
N UNK AA 1085 18.20 78.64 111.25
CA UNK AA 1085 18.23 77.91 109.97
C UNK AA 1085 17.61 76.52 110.20
N UNK AA 1086 16.69 76.48 111.16
CA UNK AA 1086 16.03 75.25 111.58
C UNK AA 1086 14.50 75.37 111.50
N UNK AA 1087 14.02 76.30 110.67
CA UNK AA 1087 12.59 76.53 110.49
C UNK AA 1087 12.42 77.20 109.13
N UNK AA 1088 11.43 76.77 108.36
CA UNK AA 1088 11.19 77.35 107.04
C UNK AA 1088 9.71 77.53 106.82
N UNK AA 1089 9.35 78.57 106.07
CA UNK AA 1089 7.94 78.83 105.75
C UNK AA 1089 7.81 79.24 104.31
N UNK AA 1090 6.81 78.70 103.64
CA UNK AA 1090 6.58 79.05 102.25
C UNK AA 1090 5.15 78.73 101.85
N UNK AA 1091 4.81 79.03 100.61
CA UNK AA 1091 3.46 78.80 100.12
C UNK AA 1091 3.48 78.54 98.64
N UNK AA 1092 2.98 77.38 98.22
CA UNK AA 1092 2.95 77.02 96.79
C UNK AA 1092 1.70 77.52 96.12
N UNK AA 1093 1.69 77.52 94.79
CA UNK AA 1093 0.52 78.00 94.06
C UNK AA 1093 -0.72 77.14 94.30
N UNK AA 1094 -0.61 76.18 95.21
CA UNK AA 1094 -1.76 75.38 95.54
C UNK AA 1094 -2.34 76.00 96.79
N UNK AA 1095 -1.74 77.10 97.22
CA UNK AA 1095 -2.21 77.81 98.40
C UNK AA 1095 -2.00 77.04 99.68
N UNK AA 1096 -1.03 76.14 99.65
CA UNK AA 1096 -0.73 75.34 100.82
C UNK AA 1096 0.37 76.03 101.62
N UNK AA 1097 0.14 76.16 102.93
CA UNK AA 1097 1.10 76.82 103.81
C UNK AA 1097 2.11 75.84 104.44
N UNK AA 1098 3.32 75.83 103.91
CA UNK AA 1098 4.34 74.94 104.45
C UNK AA 1098 5.19 75.59 105.53
N UNK AA 1099 5.11 75.07 106.75
CA UNK AA 1099 5.92 75.56 107.85
C UNK AA 1099 6.79 74.37 108.26
N UNK AA 1100 7.93 74.23 107.60
CA UNK AA 1100 8.85 73.13 107.85
C UNK AA 1100 9.79 73.46 109.02
N UNK AA 1101 10.42 72.43 109.59
CA UNK AA 1101 11.31 72.65 110.72
C UNK AA 1101 12.16 71.44 111.08
N MET BA 10 -16.81 42.17 33.67
CA MET BA 10 -16.23 42.32 32.34
C MET BA 10 -14.79 41.77 32.35
N PRO BA 11 -14.11 41.75 31.18
CA PRO BA 11 -12.73 41.25 31.15
C PRO BA 11 -11.73 41.82 32.18
N LYS BA 12 -10.59 41.16 32.27
CA LYS BA 12 -9.51 41.54 33.18
C LYS BA 12 -8.82 42.82 32.71
N ARG BA 13 -8.38 42.84 31.47
CA ARG BA 13 -7.69 43.99 30.89
C ARG BA 13 -8.53 45.28 30.91
N HIS BA 14 -9.76 45.18 31.40
CA HIS BA 14 -10.63 46.34 31.52
C HIS BA 14 -10.58 46.94 32.92
N ARG BA 15 -10.69 46.10 33.94
CA ARG BA 15 -10.56 46.56 35.33
C ARG BA 15 -9.23 47.23 35.58
N GLU BA 16 -8.17 46.69 34.98
CA GLU BA 16 -6.82 47.26 35.12
C GLU BA 16 -6.75 48.62 34.50
N HIS BA 17 -7.45 48.80 33.38
CA HIS BA 17 -7.52 50.07 32.69
C HIS BA 17 -8.04 51.22 33.56
N ILE BA 18 -9.31 51.14 33.92
CA ILE BA 18 -9.94 52.17 34.75
C ILE BA 18 -9.29 52.22 36.13
N ARG BA 19 -8.60 51.14 36.50
CA ARG BA 19 -7.94 51.07 37.80
C ARG BA 19 -6.80 52.07 37.89
N LYS BA 20 -5.79 51.90 37.04
CA LYS BA 20 -4.63 52.79 37.03
C LYS BA 20 -5.01 54.17 36.51
N ASN BA 21 -5.89 54.21 35.51
CA ASN BA 21 -6.35 55.46 34.93
C ASN BA 21 -7.61 55.99 35.59
N LEU BA 22 -7.69 55.82 36.92
CA LEU BA 22 -8.85 56.27 37.67
C LEU BA 22 -8.71 57.75 38.06
N ASN BA 23 -7.55 58.32 37.74
CA ASN BA 23 -7.29 59.73 38.06
C ASN BA 23 -7.73 60.67 36.96
N ILE BA 24 -7.34 60.33 35.73
CA ILE BA 24 -7.71 61.12 34.57
C ILE BA 24 -9.23 61.12 34.45
N LEU BA 25 -9.82 59.96 34.65
CA LEU BA 25 -11.27 59.82 34.48
C LEU BA 25 -12.03 60.52 35.61
N VAL BA 26 -11.39 60.61 36.77
CA VAL BA 26 -12.00 61.23 37.94
C VAL BA 26 -11.76 62.73 37.87
N GLU BA 27 -10.95 63.14 36.91
CA GLU BA 27 -10.59 64.54 36.81
C GLU BA 27 -11.40 65.25 35.75
N TRP BA 28 -11.35 64.75 34.51
CA TRP BA 28 -11.93 65.48 33.39
C TRP BA 28 -13.47 65.53 33.38
N THR BA 29 -14.12 64.46 33.84
CA THR BA 29 -15.59 64.41 33.90
C THR BA 29 -16.15 65.07 35.17
N ASN BA 30 -16.95 66.14 35.05
CA ASN BA 30 -17.81 66.57 36.16
C ASN BA 30 -18.53 65.40 36.83
N TYR BA 31 -18.64 65.43 38.16
CA TYR BA 31 -19.19 64.29 38.87
C TYR BA 31 -20.71 64.34 38.95
N GLU BA 32 -21.25 65.54 39.18
CA GLU BA 32 -22.68 65.76 39.18
C GLU BA 32 -23.24 65.25 37.87
N ARG BA 33 -22.65 65.79 36.81
CA ARG BA 33 -23.04 65.51 35.44
C ARG BA 33 -22.79 64.06 35.10
N LEU BA 34 -21.97 63.41 35.91
CA LEU BA 34 -21.70 62.00 35.68
C LEU BA 34 -22.61 61.17 36.56
N ALA BA 35 -22.53 61.29 37.88
CA ALA BA 35 -23.37 60.50 38.78
C ALA BA 35 -24.85 60.50 38.38
N MET BA 36 -25.43 61.69 38.33
CA MET BA 36 -26.85 61.82 38.04
C MET BA 36 -27.22 61.23 36.66
N GLU BA 37 -26.20 61.07 35.82
CA GLU BA 37 -26.34 60.51 34.45
C GLU BA 37 -26.11 59.00 34.37
N CYS BA 38 -25.15 58.51 35.16
CA CYS BA 38 -24.77 57.11 35.18
C CYS BA 38 -25.93 56.34 35.79
N VAL BA 39 -26.41 56.81 36.91
CA VAL BA 39 -27.52 56.14 37.53
C VAL BA 39 -28.62 56.22 36.48
N GLN BA 40 -28.68 57.41 35.89
CA GLN BA 40 -29.64 57.79 34.90
C GLN BA 40 -29.44 56.93 33.68
N GLN BA 41 -28.18 56.61 33.41
CA GLN BA 41 -27.82 55.79 32.26
C GLN BA 41 -28.44 54.38 32.14
N GLY BA 42 -28.77 53.70 33.23
CA GLY BA 42 -29.07 52.30 33.09
C GLY BA 42 -28.05 51.40 33.75
N ILE BA 43 -27.43 51.91 34.80
CA ILE BA 43 -26.50 51.14 35.61
C ILE BA 43 -26.83 50.90 37.09
N LEU BA 44 -26.52 51.88 37.92
CA LEU BA 44 -26.73 51.78 39.36
C LEU BA 44 -28.10 52.33 39.71
N THR BA 45 -28.35 52.54 41.01
CA THR BA 45 -29.68 52.89 41.49
C THR BA 45 -29.60 53.79 42.71
N VAL BA 46 -30.74 54.34 43.12
CA VAL BA 46 -30.81 55.22 44.28
C VAL BA 46 -30.00 54.65 45.44
N GLN BA 47 -29.84 53.33 45.46
CA GLN BA 47 -29.09 52.67 46.52
C GLN BA 47 -27.60 52.64 46.21
N MET BA 48 -27.26 52.18 45.02
CA MET BA 48 -25.86 52.12 44.60
C MET BA 48 -25.19 53.48 44.71
N LEU BA 49 -25.61 54.42 43.87
CA LEU BA 49 -25.06 55.76 43.88
C LEU BA 49 -25.00 56.36 45.28
N ARG BA 50 -25.96 56.06 46.15
CA ARG BA 50 -25.87 56.54 47.53
C ARG BA 50 -24.58 56.08 48.19
N ASN BA 51 -24.38 54.77 48.21
CA ASN BA 51 -23.23 54.16 48.87
C ASN BA 51 -21.92 54.53 48.19
N THR BA 52 -21.98 54.83 46.91
CA THR BA 52 -20.81 55.24 46.16
C THR BA 52 -20.46 56.72 46.36
N GLN BA 53 -21.44 57.58 46.10
CA GLN BA 53 -21.42 59.00 46.44
C GLN BA 53 -21.16 59.27 47.91
N ASP BA 54 -21.73 58.48 48.80
CA ASP BA 54 -21.28 58.63 50.16
C ASP BA 54 -20.06 57.74 50.34
N LEU BA 55 -19.53 57.67 51.55
CA LEU BA 55 -18.26 57.00 51.81
C LEU BA 55 -18.38 56.33 53.17
N ASN BA 56 -17.27 56.06 53.82
CA ASN BA 56 -17.32 55.33 55.08
C ASN BA 56 -17.90 56.17 56.22
N GLY BA 57 -17.62 57.47 56.19
CA GLY BA 57 -18.03 58.36 57.26
C GLY BA 57 -16.83 59.03 57.88
N LYS BA 58 -15.74 58.27 58.04
CA LYS BA 58 -14.46 58.83 58.46
C LYS BA 58 -13.89 59.90 57.50
N PRO BA 59 -14.21 59.79 56.22
CA PRO BA 59 -13.73 60.74 55.22
C PRO BA 59 -13.85 62.18 55.71
N PHE BA 60 -14.60 62.39 56.79
CA PHE BA 60 -14.79 63.72 57.35
C PHE BA 60 -13.46 64.33 57.78
N ASN BA 61 -12.51 63.49 58.08
CA ASN BA 61 -11.24 64.00 58.49
C ASN BA 61 -10.70 64.83 57.32
N MET BA 62 -11.17 64.44 56.16
CA MET BA 62 -10.65 64.93 54.92
C MET BA 62 -11.32 66.19 54.42
N ASP BA 63 -10.48 67.12 54.00
CA ASP BA 63 -10.92 68.43 53.57
C ASP BA 63 -11.73 68.31 52.31
N GLU BA 64 -12.51 69.36 52.08
CA GLU BA 64 -13.42 69.51 50.97
C GLU BA 64 -12.76 69.14 49.67
N LYS BA 65 -11.65 69.79 49.30
CA LYS BA 65 -11.13 69.42 47.99
C LYS BA 65 -11.18 67.92 47.72
N ASP BA 66 -10.99 67.13 48.75
CA ASP BA 66 -10.51 65.77 48.57
C ASP BA 66 -11.58 64.70 48.77
N VAL BA 67 -12.80 65.14 49.03
CA VAL BA 67 -13.90 64.20 49.25
C VAL BA 67 -14.68 63.97 47.97
N ARG BA 68 -14.96 65.04 47.24
CA ARG BA 68 -15.58 64.93 45.91
C ARG BA 68 -14.72 64.11 44.94
N VAL BA 69 -13.40 64.28 45.03
CA VAL BA 69 -12.48 63.53 44.18
C VAL BA 69 -12.52 62.05 44.53
N GLU BA 70 -12.63 61.76 45.83
CA GLU BA 70 -12.71 60.39 46.32
C GLU BA 70 -14.01 59.76 45.86
N GLN BA 71 -15.10 60.47 46.08
CA GLN BA 71 -16.43 60.12 45.58
C GLN BA 71 -16.42 59.69 44.13
N HIS BA 72 -16.00 60.64 43.31
CA HIS BA 72 -15.91 60.49 41.87
C HIS BA 72 -15.04 59.27 41.55
N ARG BA 73 -14.01 59.07 42.36
CA ARG BA 73 -13.12 57.91 42.20
C ARG BA 73 -13.78 56.63 42.70
N ARG BA 74 -14.84 56.77 43.47
CA ARG BA 74 -15.52 55.60 44.02
C ARG BA 74 -16.55 55.18 42.99
N LEU BA 75 -16.87 56.11 42.10
CA LEU BA 75 -17.91 55.85 41.10
C LEU BA 75 -17.45 54.85 40.07
N LEU BA 76 -16.36 55.18 39.42
CA LEU BA 76 -15.83 54.35 38.36
C LEU BA 76 -15.54 52.94 38.85
N LEU BA 77 -15.17 52.82 40.13
CA LEU BA 77 -14.94 51.52 40.74
C LEU BA 77 -16.21 50.67 40.77
N LYS BA 78 -17.34 51.31 41.04
CA LYS BA 78 -18.61 50.61 41.04
C LYS BA 78 -19.09 50.35 39.60
N ILE BA 79 -18.77 51.29 38.70
CA ILE BA 79 -19.15 51.13 37.29
C ILE BA 79 -18.43 49.95 36.65
N THR BA 80 -17.16 49.84 37.01
CA THR BA 80 -16.30 48.75 36.65
C THR BA 80 -16.91 47.53 37.27
N GLN BA 81 -17.56 47.69 38.39
CA GLN BA 81 -18.12 46.53 39.05
C GLN BA 81 -19.14 45.86 38.19
N ARG BA 82 -19.71 46.59 37.27
CA ARG BA 82 -20.91 46.13 36.64
C ARG BA 82 -20.74 45.12 35.52
N GLY BA 83 -21.85 44.84 34.87
CA GLY BA 83 -21.89 43.85 33.81
C GLY BA 83 -21.13 44.23 32.56
N PRO BA 84 -20.85 43.16 31.70
CA PRO BA 84 -19.74 43.40 30.79
C PRO BA 84 -19.90 44.60 29.89
N THR BA 85 -21.10 45.12 29.71
CA THR BA 85 -21.23 46.32 28.91
C THR BA 85 -20.43 47.44 29.58
N ALA BA 86 -20.20 47.29 30.85
CA ALA BA 86 -19.78 48.40 31.69
C ALA BA 86 -18.88 49.32 30.88
N TYR BA 87 -18.07 48.71 30.03
CA TYR BA 87 -17.26 49.49 29.12
C TYR BA 87 -18.20 50.26 28.23
N ASN BA 88 -18.92 49.53 27.38
CA ASN BA 88 -19.78 50.17 26.39
C ASN BA 88 -20.81 51.09 27.04
N LEU BA 89 -21.14 50.85 28.30
CA LEU BA 89 -22.03 51.73 29.04
C LEU BA 89 -21.33 53.04 29.38
N LEU BA 90 -20.11 52.93 29.92
CA LEU BA 90 -19.43 54.09 30.45
C LEU BA 90 -18.92 54.98 29.33
N ILE BA 91 -18.47 54.35 28.25
CA ILE BA 91 -17.95 55.08 27.10
C ILE BA 91 -19.02 56.00 26.52
N ASN BA 92 -20.26 55.54 26.55
CA ASN BA 92 -21.38 56.31 25.98
C ASN BA 92 -21.86 57.36 26.95
N ALA BA 93 -22.04 56.93 28.20
CA ALA BA 93 -22.44 57.87 29.23
C ALA BA 93 -21.48 59.05 29.20
N LEU BA 94 -20.19 58.76 29.08
CA LEU BA 94 -19.16 59.79 29.05
C LEU BA 94 -19.16 60.53 27.71
N ARG BA 95 -19.57 59.85 26.65
CA ARG BA 95 -19.76 60.53 25.37
C ARG BA 95 -20.79 61.64 25.52
N ASN BA 96 -21.72 61.46 26.46
CA ASN BA 96 -22.73 62.49 26.73
C ASN BA 96 -22.30 63.53 27.75
N ILE BA 97 -21.68 63.10 28.85
CA ILE BA 97 -21.06 64.02 29.82
C ILE BA 97 -20.20 65.08 29.13
N ASN BA 98 -19.78 64.79 27.90
CA ASN BA 98 -19.02 65.68 27.03
C ASN BA 98 -17.59 65.76 27.53
N CYS BA 99 -17.17 64.67 28.15
CA CYS BA 99 -15.79 64.46 28.47
C CYS BA 99 -15.13 63.52 27.46
N LEU BA 100 -15.32 63.83 26.17
CA LEU BA 100 -14.77 63.07 25.05
C LEU BA 100 -13.31 62.67 25.26
N ASP BA 101 -12.49 63.60 25.76
CA ASP BA 101 -11.09 63.34 26.06
C ASP BA 101 -10.81 62.27 27.12
N ALA BA 102 -11.86 61.70 27.70
CA ALA BA 102 -11.72 60.58 28.63
C ALA BA 102 -12.47 59.40 28.04
N ALA BA 103 -13.47 59.68 27.21
CA ALA BA 103 -14.14 58.60 26.47
C ALA BA 103 -13.10 57.93 25.58
N VAL BA 104 -12.25 58.76 25.00
CA VAL BA 104 -11.13 58.26 24.23
C VAL BA 104 -10.29 57.41 25.17
N LEU BA 105 -9.87 57.98 26.29
CA LEU BA 105 -9.03 57.27 27.24
C LEU BA 105 -9.54 55.86 27.53
N LEU BA 106 -10.85 55.78 27.80
CA LEU BA 106 -11.51 54.55 28.18
C LEU BA 106 -11.75 53.61 27.00
N GLU BA 107 -11.64 54.13 25.78
CA GLU BA 107 -11.92 53.32 24.59
C GLU BA 107 -10.68 52.88 23.81
N SER BA 108 -9.72 53.80 23.67
CA SER BA 108 -8.51 53.66 22.87
C SER BA 108 -7.64 52.46 23.21
N VAL BA 109 -7.61 52.08 24.48
CA VAL BA 109 -6.98 50.83 24.90
C VAL BA 109 -7.48 49.58 24.17
N ASP BA 110 -8.63 49.70 23.52
CA ASP BA 110 -9.13 48.62 22.69
C ASP BA 110 -8.79 48.99 21.26
N GLU BA 111 -9.36 48.27 20.30
CA GLU BA 111 -9.17 48.54 18.88
C GLU BA 111 -7.74 48.19 18.44
N TYR CA 10 5.88 31.30 41.94
CA TYR CA 10 7.28 31.68 41.90
C TYR CA 10 7.46 33.16 42.20
N GLN CA 11 8.18 33.45 43.28
CA GLN CA 11 8.42 34.83 43.69
C GLN CA 11 9.70 35.37 43.07
N TYR CA 12 10.19 36.49 43.60
CA TYR CA 12 11.41 37.11 43.09
C TYR CA 12 12.62 36.70 43.93
N LYS CA 13 12.36 36.08 45.08
CA LYS CA 13 13.42 35.63 45.98
C LYS CA 13 14.04 34.34 45.49
N ASP CA 14 13.43 33.72 44.48
CA ASP CA 14 13.92 32.48 43.92
C ASP CA 14 14.36 32.65 42.48
N ILE CA 15 13.65 33.49 41.74
CA ILE CA 15 13.97 33.76 40.34
C ILE CA 15 15.18 34.69 40.26
N LEU CA 16 15.76 35.05 41.40
CA LEU CA 16 16.92 35.94 41.40
C LEU CA 16 18.23 35.18 41.23
N SER CA 17 18.40 34.11 41.98
CA SER CA 17 19.63 33.35 41.93
C SER CA 17 19.80 32.67 40.58
N VAL CA 18 18.72 32.64 39.80
CA VAL CA 18 18.70 32.01 38.48
C VAL CA 18 19.64 32.69 37.50
N PHE CA 19 19.57 34.01 37.39
CA PHE CA 19 20.47 34.73 36.49
C PHE CA 19 21.58 35.42 37.26
N GLU CA 20 22.35 34.62 37.99
CA GLU CA 20 23.48 35.15 38.75
C GLU CA 20 24.73 35.24 37.89
N ASP CA 21 24.78 34.51 36.78
CA ASP CA 21 25.93 34.58 35.89
C ASP CA 21 25.98 35.94 35.23
N ALA CA 22 24.83 36.58 35.10
CA ALA CA 22 24.75 37.87 34.46
C ALA CA 22 25.03 38.97 35.47
N PHE CA 23 24.51 38.78 36.68
CA PHE CA 23 24.64 39.77 37.72
C PHE CA 23 26.11 40.04 38.10
N VAL CA 24 27.03 39.28 37.52
CA VAL CA 24 28.45 39.48 37.78
C VAL CA 24 29.12 40.11 36.55
N ASP CA 25 28.39 40.09 35.44
CA ASP CA 25 28.85 40.66 34.18
C ASP CA 25 28.60 42.15 34.18
N ASN CA 26 27.33 42.51 34.25
CA ASN CA 26 26.95 43.89 34.01
C ASN CA 26 26.31 44.61 35.20
N PHE CA 27 26.65 44.19 36.41
CA PHE CA 27 26.09 44.83 37.60
C PHE CA 27 27.09 44.98 38.74
N ASP CA 28 27.18 46.19 39.28
CA ASP CA 28 27.67 46.37 40.63
C ASP CA 28 26.95 47.55 41.27
N CYS CA 29 26.65 47.41 42.56
CA CYS CA 29 25.88 48.38 43.30
C CYS CA 29 26.55 49.75 43.46
N LYS CA 30 27.68 49.94 42.78
CA LYS CA 30 28.34 51.23 42.78
C LYS CA 30 27.36 52.28 42.22
N ASP CA 31 26.42 51.81 41.41
CA ASP CA 31 25.38 52.67 40.88
C ASP CA 31 24.15 52.63 41.78
N VAL CA 32 24.07 51.58 42.60
CA VAL CA 32 22.94 51.43 43.52
C VAL CA 32 23.23 52.10 44.86
N GLN CA 33 23.44 53.41 44.83
CA GLN CA 33 23.74 54.17 46.04
C GLN CA 33 22.62 55.14 46.35
N ASP CA 34 21.39 54.79 45.99
CA ASP CA 34 20.24 55.64 46.24
C ASP CA 34 18.94 54.84 46.11
N MET CA 35 18.61 54.08 47.14
CA MET CA 35 17.40 53.26 47.14
C MET CA 35 16.69 53.39 48.48
N PRO CA 36 15.53 52.73 48.67
CA PRO CA 36 15.01 52.74 50.03
C PRO CA 36 15.91 52.02 51.03
N LYS CA 37 16.23 52.68 52.15
CA LYS CA 37 17.00 52.07 53.23
C LYS CA 37 16.27 50.84 53.75
N SER CA 38 14.97 50.77 53.45
CA SER CA 38 14.17 49.61 53.79
C SER CA 38 14.60 48.37 53.02
N ILE CA 39 15.41 48.55 51.98
CA ILE CA 39 15.67 47.48 51.04
C ILE CA 39 17.05 46.93 51.33
N LEU CA 40 18.01 47.84 51.46
CA LEU CA 40 19.35 47.43 51.87
C LEU CA 40 19.88 48.33 52.96
N SER CA 41 20.65 47.78 53.89
CA SER CA 41 21.19 48.58 54.99
C SER CA 41 22.26 49.55 54.51
N LYS CA 42 22.15 50.82 54.88
CA LYS CA 42 23.13 51.79 54.48
C LYS CA 42 24.47 51.18 54.81
N GLU CA 43 24.53 50.49 55.94
CA GLU CA 43 25.76 49.84 56.37
C GLU CA 43 25.91 48.48 55.69
N GLU CA 44 24.77 47.84 55.42
CA GLU CA 44 24.78 46.54 54.75
C GLU CA 44 25.18 46.68 53.29
N ILE CA 45 24.87 47.83 52.73
CA ILE CA 45 25.18 48.17 51.35
C ILE CA 45 26.67 48.45 51.20
N ASP CA 46 27.24 49.16 52.17
CA ASP CA 46 28.66 49.42 52.05
C ASP CA 46 29.34 48.08 52.12
N HIS CA 47 28.74 47.22 52.94
CA HIS CA 47 29.16 45.85 53.13
C HIS CA 47 29.22 45.14 51.78
N ILE CA 48 28.13 45.25 51.03
CA ILE CA 48 28.02 44.66 49.71
C ILE CA 48 28.92 45.40 48.73
N ILE CA 49 28.78 46.72 48.69
CA ILE CA 49 29.65 47.50 47.83
C ILE CA 49 31.07 47.28 48.32
N MET CA 50 31.15 46.63 49.47
CA MET CA 50 32.35 46.61 50.25
C MET CA 50 33.38 46.00 49.34
N SER CA 51 32.88 45.07 48.55
CA SER CA 51 33.35 44.79 47.21
C SER CA 51 34.82 44.43 47.00
N LYS CA 52 35.28 43.45 47.76
CA LYS CA 52 36.61 42.98 47.52
C LYS CA 52 36.62 42.39 46.12
N ASP CA 53 35.56 41.69 45.74
CA ASP CA 53 35.51 41.07 44.41
C ASP CA 53 34.18 41.18 43.66
N ALA CA 54 34.27 41.25 42.35
CA ALA CA 54 33.08 41.40 41.56
C ALA CA 54 32.23 40.18 41.83
N VAL CA 55 32.83 39.01 41.96
CA VAL CA 55 32.02 37.82 42.17
C VAL CA 55 31.56 37.81 43.61
N SER CA 56 32.49 38.08 44.52
CA SER CA 56 32.15 38.04 45.93
C SER CA 56 31.14 39.13 46.27
N GLY CA 57 31.33 40.33 45.72
CA GLY CA 57 30.45 41.44 46.04
C GLY CA 57 29.03 41.19 45.60
N THR CA 58 28.91 40.65 44.39
CA THR CA 58 27.60 40.39 43.79
C THR CA 58 26.96 39.27 44.60
N LEU CA 59 27.76 38.28 44.97
CA LEU CA 59 27.23 37.15 45.70
C LEU CA 59 26.75 37.70 47.03
N ARG CA 60 27.54 38.64 47.54
CA ARG CA 60 27.28 39.29 48.81
C ARG CA 60 25.97 40.03 48.74
N LEU CA 61 25.63 40.58 47.58
CA LEU CA 61 24.36 41.22 47.49
C LEU CA 61 23.23 40.23 47.42
N PHE CA 62 23.35 39.15 46.67
CA PHE CA 62 22.20 38.28 46.65
C PHE CA 62 22.01 37.64 48.02
N TRP CA 63 23.11 37.26 48.66
CA TRP CA 63 22.98 36.61 49.95
C TRP CA 63 22.32 37.48 50.98
N THR CA 64 22.79 38.72 51.14
CA THR CA 64 22.18 39.56 52.16
C THR CA 64 20.74 39.88 51.82
N LEU CA 65 20.46 40.17 50.56
CA LEU CA 65 19.12 40.57 50.13
C LEU CA 65 18.09 39.45 50.24
N LEU CA 66 18.52 38.23 49.94
CA LEU CA 66 17.63 37.06 49.96
C LEU CA 66 16.96 36.93 51.34
N SER CA 67 17.64 37.53 52.32
CA SER CA 67 17.27 37.53 53.72
C SER CA 67 16.00 38.36 54.08
N LYS CA 68 15.61 39.25 53.16
CA LYS CA 68 14.48 40.18 53.35
C LYS CA 68 13.15 39.63 52.83
N GLN CA 69 12.06 40.36 53.01
CA GLN CA 69 10.73 39.87 52.61
C GLN CA 69 10.45 40.04 51.12
N GLU CA 70 9.39 39.42 50.61
CA GLU CA 70 9.04 39.56 49.20
C GLU CA 70 8.88 40.97 48.66
N GLU CA 71 8.19 41.81 49.39
CA GLU CA 71 8.04 43.15 48.91
C GLU CA 71 9.39 43.78 48.89
N MET CA 72 10.17 43.45 49.93
CA MET CA 72 11.45 44.08 50.18
C MET CA 72 12.32 43.99 48.95
N VAL CA 73 12.42 42.79 48.39
CA VAL CA 73 13.16 42.63 47.16
C VAL CA 73 12.56 43.39 45.99
N GLN CA 74 11.26 43.23 45.80
CA GLN CA 74 10.57 43.66 44.60
C GLN CA 74 10.71 45.13 44.42
N LYS CA 75 10.67 45.84 45.52
CA LYS CA 75 10.90 47.24 45.40
C LYS CA 75 12.28 47.32 44.78
N PHE CA 76 13.18 46.45 45.21
CA PHE CA 76 14.49 46.40 44.61
C PHE CA 76 14.46 46.01 43.14
N VAL CA 77 13.68 44.99 42.79
CA VAL CA 77 13.64 44.54 41.42
C VAL CA 77 12.95 45.56 40.56
N GLU CA 78 12.15 46.41 41.16
CA GLU CA 78 11.36 47.33 40.39
C GLU CA 78 11.92 48.71 40.45
N GLU CA 79 11.67 49.40 41.54
CA GLU CA 79 11.98 50.80 41.60
C GLU CA 79 13.46 51.12 41.50
N VAL CA 80 14.29 50.37 42.21
CA VAL CA 80 15.72 50.66 42.26
C VAL CA 80 16.52 50.25 41.02
N LEU CA 81 16.23 49.06 40.50
CA LEU CA 81 17.01 48.49 39.40
C LEU CA 81 16.46 48.86 38.04
N ARG CA 82 15.51 49.79 38.01
CA ARG CA 82 14.94 50.21 36.74
C ARG CA 82 15.46 51.56 36.29
N ILE CA 83 16.17 52.23 37.18
CA ILE CA 83 16.67 53.53 36.82
C ILE CA 83 17.69 53.33 35.74
N ASN CA 84 18.66 52.47 35.99
CA ASN CA 84 19.77 52.31 35.06
C ASN CA 84 19.91 50.94 34.42
N TYR CA 85 19.78 49.91 35.24
CA TYR CA 85 19.98 48.56 34.79
C TYR CA 85 18.71 48.03 34.22
N LYS CA 86 18.31 48.59 33.11
CA LYS CA 86 17.06 48.21 32.52
C LYS CA 86 17.16 46.75 32.18
N PHE CA 87 18.22 46.36 31.51
CA PHE CA 87 18.23 45.09 30.83
C PHE CA 87 18.01 43.99 31.82
N LEU CA 88 18.62 44.09 32.99
CA LEU CA 88 18.50 43.00 33.92
C LEU CA 88 17.05 42.83 34.23
N MET CA 89 16.41 43.95 34.48
CA MET CA 89 15.09 43.93 35.00
C MET CA 89 14.25 43.21 33.97
N SER CA 90 14.53 43.52 32.72
CA SER CA 90 13.73 42.94 31.67
C SER CA 90 13.86 41.46 31.72
N PRO CA 91 15.15 40.94 31.99
CA PRO CA 91 15.16 39.48 32.07
C PRO CA 91 14.35 39.09 33.25
N ILE CA 92 14.52 39.78 34.37
CA ILE CA 92 13.85 39.29 35.57
C ILE CA 92 12.33 39.31 35.44
N LYS CA 93 11.81 40.41 34.95
CA LYS CA 93 10.39 40.52 34.96
C LYS CA 93 9.93 39.25 34.30
N THR CA 94 10.70 38.79 33.35
CA THR CA 94 10.28 37.66 32.62
C THR CA 94 10.19 36.56 33.61
N GLU CA 95 11.14 36.47 34.54
CA GLU CA 95 11.16 35.28 35.37
C GLU CA 95 9.91 35.06 36.30
N GLN CA 96 9.61 35.99 37.21
CA GLN CA 96 8.43 35.87 38.09
C GLN CA 96 7.15 35.54 37.34
N ARG CA 97 7.00 36.16 36.17
CA ARG CA 97 5.95 35.73 35.30
C ARG CA 97 6.32 34.43 34.69
N GLN CA 98 7.60 34.13 34.63
CA GLN CA 98 8.00 32.90 33.96
C GLN CA 98 9.12 32.00 34.42
N PRO CA 99 8.81 30.74 34.43
CA PRO CA 99 9.85 29.79 34.75
C PRO CA 99 10.23 28.85 33.61
N SER CA 100 11.48 28.86 33.19
CA SER CA 100 11.94 27.97 32.11
C SER CA 100 12.04 26.56 32.69
N MET CA 101 12.00 25.53 31.84
CA MET CA 101 12.02 24.20 32.43
C MET CA 101 13.17 24.11 33.42
N MET CA 102 14.35 24.60 33.03
CA MET CA 102 15.51 24.56 33.92
C MET CA 102 15.31 25.37 35.20
N THR CA 103 14.89 26.62 35.06
CA THR CA 103 14.85 27.44 36.23
C THR CA 103 13.90 26.83 37.18
N ARG CA 104 12.68 26.66 36.74
CA ARG CA 104 11.76 26.07 37.65
C ARG CA 104 12.36 24.73 37.98
N MET CA 105 13.05 24.11 37.03
CA MET CA 105 13.52 22.77 37.25
C MET CA 105 14.41 22.80 38.46
N TYR CA 106 15.28 23.79 38.55
CA TYR CA 106 16.12 23.90 39.74
C TYR CA 106 15.26 24.26 40.93
N ILE CA 107 14.43 25.24 40.65
CA ILE CA 107 13.89 26.06 41.69
C ILE CA 107 13.17 25.16 42.63
N GLU CA 108 12.61 24.09 42.11
CA GLU CA 108 12.12 23.08 42.97
C GLU CA 108 13.20 22.41 43.79
N GLN CA 109 14.36 22.11 43.21
CA GLN CA 109 15.35 21.36 43.97
C GLN CA 109 15.75 22.21 45.15
N ARG CA 110 15.94 23.48 44.92
CA ARG CA 110 16.42 24.28 46.03
C ARG CA 110 15.46 24.05 47.20
N ASP CA 111 14.17 24.06 46.89
CA ASP CA 111 13.17 23.92 47.92
C ASP CA 111 13.38 22.56 48.53
N ARG CA 112 13.67 21.62 47.65
CA ARG CA 112 13.83 20.25 48.08
C ARG CA 112 15.01 20.25 49.06
N LEU CA 113 16.10 20.95 48.76
CA LEU CA 113 17.26 20.94 49.64
C LEU CA 113 16.99 21.64 50.98
N TYR CA 114 16.22 22.73 50.99
CA TYR CA 114 15.93 23.38 52.26
C TYR CA 114 15.16 22.38 53.12
N ASN CA 115 14.19 21.75 52.47
CA ASN CA 115 13.29 20.83 53.11
C ASN CA 115 13.80 19.54 53.64
N ASP CA 116 14.61 18.83 52.88
CA ASP CA 116 15.22 17.64 53.45
C ASP CA 116 16.14 18.08 54.56
N ASN CA 117 16.87 19.13 54.29
CA ASN CA 117 17.86 19.59 55.23
C ASN CA 117 17.30 20.90 55.60
N GLN CA 118 17.16 21.13 56.91
CA GLN CA 118 16.37 22.24 57.40
C GLN CA 118 17.06 23.33 58.19
N VAL CA 119 17.65 22.95 59.32
CA VAL CA 119 18.04 23.85 60.39
C VAL CA 119 19.01 24.74 59.72
N PHE CA 120 19.44 24.25 58.57
CA PHE CA 120 20.14 25.06 57.64
C PHE CA 120 19.16 26.04 57.08
N ALA CA 121 17.95 25.63 56.83
CA ALA CA 121 17.09 26.53 56.11
C ALA CA 121 17.04 27.82 56.87
N LYS CA 122 16.95 27.66 58.18
CA LYS CA 122 16.56 28.64 59.18
C LYS CA 122 17.76 29.13 59.98
N TYR CA 123 18.91 28.51 59.77
CA TYR CA 123 20.07 28.85 60.58
C TYR CA 123 21.38 29.08 59.81
N ASN CA 124 21.32 29.06 58.48
CA ASN CA 124 22.50 29.27 57.63
C ASN CA 124 23.20 30.62 57.84
N VAL CA 125 24.47 30.73 57.45
CA VAL CA 125 25.13 32.02 57.47
C VAL CA 125 25.92 32.31 56.18
N SER CA 126 25.77 33.54 55.68
CA SER CA 126 26.55 34.02 54.56
C SER CA 126 28.02 33.75 54.85
N ARG CA 127 28.63 32.89 54.04
CA ARG CA 127 30.02 32.53 54.23
C ARG CA 127 30.77 32.58 52.90
N LEU CA 128 31.59 33.60 52.67
CA LEU CA 128 32.24 33.76 51.36
C LEU CA 128 33.32 32.76 51.01
N GLN CA 129 34.36 32.81 51.85
CA GLN CA 129 35.65 32.20 51.60
C GLN CA 129 35.52 30.77 51.16
N PRO CA 130 34.94 29.93 52.02
CA PRO CA 130 34.86 28.53 51.63
C PRO CA 130 33.84 28.27 50.53
N TYR CA 131 32.80 29.11 50.52
CA TYR CA 131 31.73 28.99 49.56
C TYR CA 131 32.25 29.13 48.13
N LEU CA 132 33.08 30.15 47.93
CA LEU CA 132 33.66 30.43 46.63
C LEU CA 132 34.77 29.45 46.29
N LYS CA 133 35.52 29.00 47.30
CA LYS CA 133 36.61 28.06 47.01
C LYS CA 133 35.96 26.78 46.51
N LEU CA 134 34.94 26.34 47.23
CA LEU CA 134 34.25 25.10 46.94
C LEU CA 134 33.48 25.13 45.62
N ARG CA 135 32.90 26.28 45.30
CA ARG CA 135 32.09 26.42 44.09
C ARG CA 135 32.99 26.49 42.88
N GLN CA 136 34.24 26.91 43.11
CA GLN CA 136 35.22 27.00 42.07
C GLN CA 136 35.74 25.60 41.78
N ALA CA 137 36.08 24.87 42.85
CA ALA CA 137 36.63 23.53 42.73
C ALA CA 137 35.62 22.57 42.12
N LEU CA 138 34.41 22.78 42.59
CA LEU CA 138 33.28 21.96 42.26
C LEU CA 138 33.02 21.97 40.76
N LEU CA 139 33.01 23.15 40.17
CA LEU CA 139 32.67 23.26 38.75
C LEU CA 139 33.66 22.50 37.88
N GLU CA 140 34.97 22.66 38.11
CA GLU CA 140 35.89 22.01 37.19
C GLU CA 140 35.73 20.52 37.34
N LEU CA 141 35.40 20.10 38.55
CA LEU CA 141 35.40 18.68 38.96
C LEU CA 141 34.81 17.75 37.92
N ARG CA 142 35.63 16.83 37.42
CA ARG CA 142 35.26 16.02 36.24
C ARG CA 142 34.27 14.91 36.56
N PRO CA 143 33.78 14.21 35.54
CA PRO CA 143 32.82 13.12 35.82
C PRO CA 143 33.38 11.98 36.67
N ALA CA 144 34.70 11.92 36.87
CA ALA CA 144 35.23 10.87 37.72
C ALA CA 144 36.22 11.39 38.75
N LYS CA 145 36.14 12.68 39.10
CA LYS CA 145 37.08 13.15 40.11
C LYS CA 145 36.42 13.35 41.49
N ASN CA 146 37.14 13.84 42.47
CA ASN CA 146 36.45 14.06 43.71
C ASN CA 146 37.06 15.10 44.59
N VAL CA 147 36.25 16.09 44.87
CA VAL CA 147 36.57 17.32 45.58
C VAL CA 147 36.24 17.15 47.06
N LEU CA 148 37.27 16.95 47.87
CA LEU CA 148 37.09 16.71 49.31
C LEU CA 148 37.28 17.98 50.14
N ILE CA 149 36.65 18.00 51.31
CA ILE CA 149 36.76 19.12 52.23
C ILE CA 149 36.83 18.61 53.67
N ASP CA 150 37.86 19.04 54.39
CA ASP CA 150 38.08 18.57 55.76
C ASP CA 150 38.61 19.66 56.70
N GLY CA 151 37.97 19.76 57.86
CA GLY CA 151 38.36 20.66 58.93
C GLY CA 151 38.12 20.06 60.30
N VAL CA 152 38.24 20.90 61.32
CA VAL CA 152 38.06 20.53 62.72
C VAL CA 152 36.61 20.08 62.96
N LEU CA 153 36.35 19.26 63.98
CA LEU CA 153 34.96 18.85 64.20
C LEU CA 153 34.11 20.09 64.44
N GLY CA 154 33.01 20.17 63.70
CA GLY CA 154 32.09 21.27 63.90
C GLY CA 154 32.64 22.46 63.15
N SER CA 155 33.13 22.24 61.93
CA SER CA 155 33.67 23.38 61.20
C SER CA 155 32.74 24.10 60.25
N GLY CA 156 31.63 23.46 59.88
CA GLY CA 156 30.69 24.05 58.97
C GLY CA 156 30.98 23.44 57.63
N LYS CA 157 31.62 22.26 57.64
CA LYS CA 157 31.98 21.56 56.42
C LYS CA 157 30.75 21.22 55.58
N THR CA 158 29.72 20.67 56.22
CA THR CA 158 28.53 20.26 55.53
C THR CA 158 27.69 21.50 55.16
N TRP CA 159 27.58 22.47 56.05
CA TRP CA 159 26.83 23.68 55.73
C TRP CA 159 27.47 24.37 54.53
N VAL CA 160 28.79 24.57 54.52
CA VAL CA 160 29.41 25.26 53.38
C VAL CA 160 29.06 24.49 52.12
N ALA CA 161 29.14 23.16 52.23
CA ALA CA 161 28.90 22.30 51.09
C ALA CA 161 27.45 22.47 50.62
N LEU CA 162 26.54 22.53 51.58
CA LEU CA 162 25.15 22.64 51.25
C LEU CA 162 24.95 23.97 50.54
N ASP CA 163 25.52 25.03 51.09
CA ASP CA 163 25.29 26.35 50.53
C ASP CA 163 25.78 26.40 49.10
N VAL CA 164 26.94 25.81 48.86
CA VAL CA 164 27.50 25.83 47.52
C VAL CA 164 26.55 25.04 46.60
N CYS CA 165 26.12 23.90 47.08
CA CYS CA 165 25.35 23.02 46.26
C CYS CA 165 23.88 23.40 46.27
N LEU CA 166 23.49 24.35 47.08
CA LEU CA 166 22.23 24.91 46.82
C LEU CA 166 22.40 25.61 45.49
N SER CA 167 23.41 26.47 45.48
CA SER CA 167 23.65 27.44 44.42
C SER CA 167 23.45 27.08 42.95
N TYR CA 168 22.60 27.83 42.27
CA TYR CA 168 22.18 27.42 40.96
C TYR CA 168 23.33 27.08 40.05
N LYS CA 169 24.32 27.98 40.00
CA LYS CA 169 25.45 27.82 39.09
C LYS CA 169 26.14 26.46 39.24
N VAL CA 170 26.17 26.00 40.46
CA VAL CA 170 26.77 24.75 40.82
C VAL CA 170 25.77 23.66 40.87
N GLN CA 171 24.58 23.92 40.41
CA GLN CA 171 23.69 22.81 40.26
C GLN CA 171 23.59 22.40 38.85
N CYS CA 172 23.14 23.34 38.01
CA CYS CA 172 22.89 23.06 36.60
C CYS CA 172 24.07 22.32 36.00
N LYS CA 173 25.26 22.66 36.48
CA LYS CA 173 26.48 22.01 36.05
C LYS CA 173 26.41 20.54 36.43
N MET CA 174 25.70 20.25 37.51
CA MET CA 174 25.50 18.87 37.90
C MET CA 174 24.10 18.44 37.64
N ASP CA 175 23.38 19.25 36.91
CA ASP CA 175 22.10 18.84 36.37
C ASP CA 175 21.17 18.29 37.41
N PHE CA 176 21.17 18.90 38.55
CA PHE CA 176 20.09 18.72 39.46
C PHE CA 176 19.94 17.28 39.88
N LYS CA 177 21.05 16.60 40.08
CA LYS CA 177 21.00 15.25 40.62
C LYS CA 177 22.03 15.08 41.73
N ILE CA 178 21.85 15.78 42.86
CA ILE CA 178 22.83 15.64 43.92
C ILE CA 178 22.37 14.77 45.06
N PHE CA 179 23.06 13.67 45.25
CA PHE CA 179 22.65 12.71 46.24
C PHE CA 179 23.50 12.93 47.46
N TRP CA 180 22.82 13.25 48.53
CA TRP CA 180 23.43 13.49 49.82
C TRP CA 180 23.28 12.30 50.73
N LEU CA 181 24.40 11.84 51.26
CA LEU CA 181 24.33 10.75 52.24
C LEU CA 181 25.30 11.00 53.37
N ASN CA 182 24.95 10.65 54.60
CA ASN CA 182 25.90 10.84 55.70
C ASN CA 182 26.56 9.53 56.10
N LEU CA 183 27.85 9.35 55.86
CA LEU CA 183 28.44 8.08 56.24
C LEU CA 183 28.50 8.01 57.76
N LYS CA 184 27.47 7.91 58.56
CA LYS CA 184 27.91 7.69 59.93
C LYS CA 184 28.16 6.25 60.03
N ASN CA 185 28.81 5.80 61.06
CA ASN CA 185 28.66 4.42 61.27
C ASN CA 185 28.71 3.95 59.86
N CYS CA 186 29.91 4.04 59.27
CA CYS CA 186 30.13 3.62 57.89
C CYS CA 186 31.33 2.70 57.77
N ASN CA 187 32.16 2.69 58.82
CA ASN CA 187 33.36 1.86 58.84
C ASN CA 187 33.05 0.40 59.16
N SER CA 188 32.11 -0.18 58.42
CA SER CA 188 31.72 -1.57 58.63
C SER CA 188 31.07 -2.15 57.37
N PRO CA 189 31.37 -3.50 57.11
CA PRO CA 189 30.72 -4.00 55.89
C PRO CA 189 29.21 -3.79 55.92
N GLU CA 190 28.69 -3.45 57.09
CA GLU CA 190 27.25 -3.22 57.25
C GLU CA 190 26.85 -1.85 56.72
N THR CA 191 27.83 -0.97 56.57
CA THR CA 191 27.57 0.38 56.07
C THR CA 191 27.39 0.39 54.56
N VAL CA 192 28.35 -0.19 53.85
CA VAL CA 192 28.28 -0.25 52.39
C VAL CA 192 26.90 -0.67 51.91
N LEU CA 193 26.49 -1.89 52.26
CA LEU CA 193 25.19 -2.41 51.87
C LEU CA 193 24.08 -1.42 52.21
N GLU CA 194 23.89 -1.19 53.51
CA GLU CA 194 22.85 -0.27 53.98
C GLU CA 194 22.83 1.01 53.15
N MET CA 195 23.96 1.70 53.11
CA MET CA 195 24.07 2.94 52.36
C MET CA 195 23.97 2.75 50.85
N LEU CA 196 24.66 1.74 50.34
CA LEU CA 196 24.67 1.45 48.92
C LEU CA 196 23.27 1.04 48.55
N GLN CA 197 22.52 0.62 49.56
CA GLN CA 197 21.14 0.30 49.37
C GLN CA 197 20.46 1.66 49.29
N LYS CA 198 20.84 2.57 50.19
CA LYS CA 198 20.19 3.89 50.14
C LYS CA 198 20.46 4.67 48.85
N LEU CA 199 21.66 4.56 48.29
CA LEU CA 199 22.02 5.30 47.09
C LEU CA 199 21.23 4.81 45.88
N LEU CA 200 20.99 3.50 45.83
CA LEU CA 200 20.22 2.91 44.75
C LEU CA 200 18.80 3.41 44.94
N TYR CA 201 18.32 3.31 46.18
CA TYR CA 201 17.09 3.95 46.59
C TYR CA 201 16.91 5.36 46.01
N GLN CA 202 17.88 6.28 46.15
CA GLN CA 202 17.55 7.61 45.74
C GLN CA 202 17.40 7.54 44.29
N ILE CA 203 18.45 7.17 43.56
CA ILE CA 203 18.39 7.07 42.11
C ILE CA 203 17.03 6.59 41.59
N ASP CA 204 16.66 5.37 41.98
CA ASP CA 204 15.38 4.79 41.56
C ASP CA 204 14.98 3.66 42.49
N PRO CA 205 13.69 3.37 42.58
CA PRO CA 205 13.21 2.29 43.43
C PRO CA 205 13.00 0.99 42.65
N ASN CA 206 14.08 0.33 42.26
CA ASN CA 206 13.96 -0.92 41.53
C ASN CA 206 15.23 -1.75 41.59
N TRP CA 207 15.18 -2.87 42.30
CA TRP CA 207 16.34 -3.74 42.29
C TRP CA 207 16.04 -5.22 42.33
N THR CA 208 16.69 -5.95 41.43
CA THR CA 208 16.51 -7.39 41.33
C THR CA 208 17.40 -7.94 42.42
N SER CA 209 16.87 -7.96 43.62
CA SER CA 209 17.65 -8.32 44.78
C SER CA 209 17.73 -9.83 44.88
N ARG CA 210 17.36 -10.48 43.79
CA ARG CA 210 17.51 -11.93 43.67
C ARG CA 210 18.99 -12.30 43.59
N SER CA 211 19.84 -11.32 43.31
CA SER CA 211 21.26 -11.59 43.22
C SER CA 211 21.79 -11.84 44.64
N ASP CA 212 20.94 -11.60 45.63
CA ASP CA 212 21.40 -11.68 46.99
C ASP CA 212 21.80 -13.10 47.35
N HIS CA 213 23.02 -13.21 47.80
CA HIS CA 213 23.69 -14.44 48.09
C HIS CA 213 24.29 -14.02 49.39
N SER CA 214 24.08 -14.83 50.42
CA SER CA 214 24.35 -14.41 51.80
C SER CA 214 25.63 -14.96 52.40
N SER CA 215 26.48 -15.52 51.55
CA SER CA 215 27.78 -16.01 51.99
C SER CA 215 28.66 -14.80 52.28
N ASN CA 216 28.47 -13.75 51.50
CA ASN CA 216 29.20 -12.51 51.70
C ASN CA 216 28.32 -11.27 51.64
N ILE CA 217 28.06 -10.69 52.82
CA ILE CA 217 27.54 -9.37 52.88
C ILE CA 217 28.59 -8.55 52.18
N LYS CA 218 29.73 -9.16 51.91
CA LYS CA 218 30.82 -8.44 51.28
C LYS CA 218 30.81 -8.60 49.78
N LEU CA 219 30.76 -9.85 49.33
CA LEU CA 219 30.70 -10.14 47.90
C LEU CA 219 29.45 -9.51 47.26
N ARG CA 220 28.37 -9.48 48.03
CA ARG CA 220 27.12 -8.90 47.55
C ARG CA 220 27.31 -7.41 47.46
N ILE CA 221 28.15 -6.91 48.34
CA ILE CA 221 28.36 -5.49 48.44
C ILE CA 221 28.88 -5.07 47.09
N HIS CA 222 29.72 -5.91 46.52
CA HIS CA 222 30.24 -5.60 45.22
C HIS CA 222 29.12 -5.54 44.21
N SER CA 223 28.18 -6.47 44.31
CA SER CA 223 27.16 -6.54 43.28
C SER CA 223 26.42 -5.24 43.31
N ILE CA 224 26.09 -4.78 44.50
CA ILE CA 224 25.24 -3.59 44.56
C ILE CA 224 25.99 -2.51 43.75
N GLN CA 225 27.31 -2.45 43.94
CA GLN CA 225 28.15 -1.49 43.22
C GLN CA 225 28.07 -1.72 41.72
N ALA CA 226 28.13 -2.99 41.31
CA ALA CA 226 28.06 -3.35 39.90
C ALA CA 226 26.80 -2.77 39.27
N GLU CA 227 25.68 -2.91 39.96
CA GLU CA 227 24.41 -2.39 39.47
C GLU CA 227 24.40 -0.87 39.48
N LEU CA 228 24.99 -0.29 40.51
CA LEU CA 228 25.07 1.16 40.65
C LEU CA 228 25.91 1.76 39.53
N ARG CA 229 27.05 1.12 39.25
CA ARG CA 229 27.95 1.59 38.19
C ARG CA 229 27.25 1.55 36.84
N ARG CA 230 26.45 0.52 36.61
CA ARG CA 230 25.72 0.38 35.37
C ARG CA 230 24.75 1.53 35.20
N LEU CA 231 23.99 1.84 36.25
CA LEU CA 231 22.99 2.90 36.16
C LEU CA 231 23.51 4.34 36.03
N LEU CA 232 24.61 4.69 36.70
CA LEU CA 232 25.09 6.07 36.58
C LEU CA 232 25.54 6.50 35.18
N LYS CA 233 26.27 5.69 34.47
CA LYS CA 233 26.67 6.18 33.19
C LYS CA 233 25.45 5.91 32.36
N SER CA 234 24.31 6.26 32.93
CA SER CA 234 23.07 6.25 32.19
C SER CA 234 22.98 7.65 31.67
N LYS CA 235 21.92 7.97 30.95
CA LYS CA 235 21.76 9.33 30.50
C LYS CA 235 20.95 10.20 31.43
N PRO CA 236 20.23 9.54 32.45
CA PRO CA 236 19.45 10.45 33.30
C PRO CA 236 20.44 11.35 33.99
N TYR CA 237 21.54 10.73 34.38
CA TYR CA 237 22.59 11.45 35.05
C TYR CA 237 23.65 11.83 34.07
N GLU CA 238 24.37 10.86 33.56
CA GLU CA 238 25.52 11.17 32.72
C GLU CA 238 26.46 11.78 33.69
N ASN CA 239 25.92 12.80 34.35
CA ASN CA 239 26.80 13.45 35.34
C ASN CA 239 26.04 14.10 36.53
N CYS CA 240 26.41 13.83 37.78
CA CYS CA 240 25.70 14.34 38.93
C CYS CA 240 26.63 14.24 40.08
N LEU CA 241 26.34 14.86 41.21
CA LEU CA 241 27.27 14.84 42.31
C LEU CA 241 26.74 14.20 43.55
N LEU CA 242 27.40 13.14 43.97
CA LEU CA 242 27.23 12.34 45.17
C LEU CA 242 28.13 12.86 46.28
N VAL CA 243 27.55 13.64 47.20
CA VAL CA 243 28.32 14.28 48.26
C VAL CA 243 28.23 13.49 49.57
N LEU CA 244 29.27 12.74 49.80
CA LEU CA 244 29.28 11.85 50.91
C LEU CA 244 29.39 12.90 51.93
N LEU CA 245 29.06 12.61 53.16
CA LEU CA 245 29.22 13.60 54.17
C LEU CA 245 29.88 12.86 55.29
N ASN CA 246 30.79 13.49 56.00
CA ASN CA 246 31.35 12.81 57.14
C ASN CA 246 31.94 11.46 56.76
N VAL CA 247 32.67 11.38 55.66
CA VAL CA 247 33.29 10.10 55.31
C VAL CA 247 34.19 9.70 56.46
N GLN CA 248 34.06 8.47 56.91
CA GLN CA 248 34.80 7.96 58.07
C GLN CA 248 36.30 7.67 58.05
N ASN CA 249 36.78 6.89 57.08
CA ASN CA 249 38.19 6.55 57.02
C ASN CA 249 38.52 6.35 55.56
N ALA CA 250 39.62 5.71 55.20
CA ALA CA 250 39.70 5.45 53.79
C ALA CA 250 38.73 4.38 53.36
N LYS CA 251 38.57 3.35 54.18
CA LYS CA 251 38.07 2.09 53.66
C LYS CA 251 36.74 2.24 52.98
N ALA CA 252 35.83 3.00 53.58
CA ALA CA 252 34.49 3.06 53.04
C ALA CA 252 34.59 3.59 51.66
N TRP CA 253 35.43 4.59 51.49
CA TRP CA 253 35.39 5.31 50.26
C TRP CA 253 35.69 4.35 49.09
N ASN CA 254 36.74 3.54 49.18
CA ASN CA 254 37.09 2.66 48.12
C ASN CA 254 35.77 2.02 47.76
N ALA CA 255 34.93 1.82 48.75
CA ALA CA 255 33.60 1.28 48.51
C ALA CA 255 32.81 2.21 47.67
N PHE CA 256 32.96 3.50 47.90
CA PHE CA 256 32.00 4.44 47.37
C PHE CA 256 32.30 5.19 46.11
N ASN CA 257 33.37 4.87 45.40
CA ASN CA 257 33.70 5.63 44.20
C ASN CA 257 33.06 5.03 42.97
N LEU CA 258 32.12 5.73 42.38
CA LEU CA 258 31.40 5.20 41.24
C LEU CA 258 31.63 5.98 39.98
N SER CA 259 32.74 6.66 39.87
CA SER CA 259 32.83 7.46 38.67
C SER CA 259 31.71 8.47 38.77
N CYS CA 260 31.50 8.95 39.98
CA CYS CA 260 30.44 9.87 40.24
C CYS CA 260 31.15 11.09 40.67
N LYS CA 261 30.77 12.23 40.17
CA LYS CA 261 31.42 13.42 40.65
C LYS CA 261 31.00 13.44 42.10
N ILE CA 262 31.76 12.81 42.98
CA ILE CA 262 31.40 12.94 44.39
C ILE CA 262 32.30 14.00 45.05
N LEU CA 263 31.81 14.63 46.11
CA LEU CA 263 32.64 15.53 46.92
C LEU CA 263 32.43 15.15 48.37
N LEU CA 264 33.50 14.74 49.04
CA LEU CA 264 33.40 14.16 50.37
C LEU CA 264 33.98 15.09 51.43
N THR CA 265 33.18 15.37 52.44
CA THR CA 265 33.61 16.21 53.52
C THR CA 265 33.86 15.33 54.74
N THR CA 266 35.05 15.42 55.33
CA THR CA 266 35.39 14.54 56.45
C THR CA 266 36.16 15.26 57.56
N ARG CA 267 35.91 14.83 58.80
CA ARG CA 267 36.61 15.34 59.96
C ARG CA 267 37.97 14.79 60.42
N PHE CA 268 38.55 13.74 59.81
CA PHE CA 268 39.96 13.50 60.18
C PHE CA 268 41.02 13.33 59.09
N LYS CA 269 42.26 13.35 59.59
CA LYS CA 269 43.45 13.62 58.79
C LYS CA 269 43.90 12.42 57.98
N GLN CA 270 43.42 11.24 58.36
CA GLN CA 270 43.74 10.02 57.63
C GLN CA 270 43.01 10.02 56.29
N VAL CA 271 41.81 10.59 56.29
CA VAL CA 271 41.02 10.70 55.07
C VAL CA 271 41.65 11.68 54.04
N THR CA 272 41.86 12.89 54.55
CA THR CA 272 42.33 14.00 53.75
C THR CA 272 43.79 13.74 53.65
N ASP CA 273 44.25 12.88 54.56
CA ASP CA 273 45.52 12.25 54.48
C ASP CA 273 45.44 11.13 53.45
N PHE CA 274 44.22 10.70 53.09
CA PHE CA 274 44.19 9.69 52.04
C PHE CA 274 44.30 10.08 50.59
N LEU CA 275 43.54 11.06 50.15
CA LEU CA 275 43.38 11.27 48.72
C LEU CA 275 44.26 12.35 48.16
N SER CA 276 45.25 11.89 47.44
CA SER CA 276 46.28 12.76 46.96
C SER CA 276 45.66 13.73 46.00
N ALA CA 277 46.12 14.97 46.05
CA ALA CA 277 45.69 15.96 45.10
C ALA CA 277 46.19 15.43 43.79
N ALA CA 278 45.56 15.82 42.70
CA ALA CA 278 45.82 15.28 41.37
C ALA CA 278 45.03 14.04 41.24
N THR CA 279 44.30 13.73 42.29
CA THR CA 279 42.95 13.19 42.22
C THR CA 279 41.88 13.79 43.10
N THR CA 280 42.10 14.95 43.69
CA THR CA 280 40.97 15.54 44.40
C THR CA 280 41.40 16.93 44.81
N THR CA 281 40.61 17.75 45.50
CA THR CA 281 41.29 18.92 45.88
C THR CA 281 40.76 19.15 47.25
N HIS CA 282 41.58 19.69 48.14
CA HIS CA 282 41.03 19.99 49.44
C HIS CA 282 40.80 21.47 49.62
N ILE CA 283 39.55 21.83 49.79
CA ILE CA 283 39.17 23.03 50.46
C ILE CA 283 39.46 22.63 51.86
N SER CA 284 40.18 23.42 52.63
CA SER CA 284 40.37 23.08 54.03
C SER CA 284 39.50 24.05 54.76
N LEU CA 285 38.45 23.53 55.36
CA LEU CA 285 37.47 24.38 55.98
C LEU CA 285 37.97 25.13 57.17
N ASP CA 286 38.84 24.51 57.95
CA ASP CA 286 39.29 25.04 59.23
C ASP CA 286 40.60 25.78 59.11
N HIS CA 287 40.99 26.04 57.89
CA HIS CA 287 42.24 26.68 57.59
C HIS CA 287 42.07 28.17 57.75
N HIS CA 288 43.06 28.86 57.22
CA HIS CA 288 43.47 30.24 57.43
C HIS CA 288 42.50 31.33 57.11
N SER CA 289 41.83 31.21 55.99
CA SER CA 289 41.00 32.30 55.52
C SER CA 289 39.56 31.91 55.60
N MET CA 290 39.32 30.63 55.65
CA MET CA 290 37.97 30.14 55.76
C MET CA 290 37.42 30.58 57.09
N THR CA 291 38.27 30.62 58.10
CA THR CA 291 37.73 30.77 59.44
C THR CA 291 36.68 31.85 59.34
N LEU CA 292 35.56 31.66 60.00
CA LEU CA 292 34.44 32.52 59.74
C LEU CA 292 34.90 33.92 59.91
N THR CA 293 34.41 34.78 59.04
CA THR CA 293 34.84 36.17 58.86
C THR CA 293 34.68 37.00 60.13
N PRO CA 294 35.75 37.70 60.54
CA PRO CA 294 35.93 38.34 61.86
C PRO CA 294 34.68 38.97 62.45
N ASP CA 295 33.78 39.47 61.61
CA ASP CA 295 32.53 40.06 62.06
C ASP CA 295 31.35 39.16 61.75
N GLU CA 296 31.60 38.16 60.91
CA GLU CA 296 30.55 37.20 60.58
C GLU CA 296 30.48 36.15 61.68
N VAL CA 297 31.39 36.22 62.66
CA VAL CA 297 31.19 35.40 63.83
C VAL CA 297 30.03 36.05 64.59
N LYS CA 298 30.04 37.37 64.65
CA LYS CA 298 28.98 38.11 65.31
C LYS CA 298 27.70 37.95 64.52
N SER CA 299 27.86 37.66 63.23
CA SER CA 299 26.76 37.42 62.32
C SER CA 299 26.03 36.18 62.71
N LEU CA 300 26.80 35.11 62.84
CA LEU CA 300 26.21 33.81 63.08
C LEU CA 300 25.58 33.89 64.44
N LEU CA 301 26.26 34.53 65.38
CA LEU CA 301 25.74 34.47 66.70
C LEU CA 301 24.38 35.08 66.53
N LEU CA 302 24.23 36.02 65.63
CA LEU CA 302 22.89 36.56 65.59
C LEU CA 302 21.76 35.57 65.32
N LYS CA 303 21.86 34.82 64.21
CA LYS CA 303 20.78 33.97 63.74
C LYS CA 303 19.98 33.42 64.91
N TYR CA 304 20.62 32.55 65.68
CA TYR CA 304 20.00 31.94 66.85
C TYR CA 304 19.64 33.07 67.77
N LEU CA 305 20.50 34.07 67.79
CA LEU CA 305 20.32 35.16 68.71
C LEU CA 305 19.08 35.97 68.46
N ASP CA 306 18.78 36.24 67.20
CA ASP CA 306 17.65 37.10 66.84
C ASP CA 306 17.66 38.56 67.33
N CYS CA 307 18.79 39.25 67.32
CA CYS CA 307 18.75 40.71 67.38
C CYS CA 307 19.97 41.43 66.86
N ARG CA 308 19.77 42.67 66.45
CA ARG CA 308 20.84 43.63 66.24
C ARG CA 308 21.58 44.21 67.43
N PRO CA 309 20.92 44.59 68.52
CA PRO CA 309 21.68 45.53 69.34
C PRO CA 309 22.54 44.79 70.36
N GLN CA 310 22.02 43.67 70.87
CA GLN CA 310 22.74 42.88 71.85
C GLN CA 310 23.95 42.18 71.23
N ASP CA 311 23.89 41.96 69.92
CA ASP CA 311 24.98 41.31 69.20
C ASP CA 311 26.32 41.89 69.61
N LEU CA 312 26.35 43.19 69.88
CA LEU CA 312 27.58 43.87 70.29
C LEU CA 312 27.86 43.64 71.76
N PRO CA 313 26.82 43.33 72.53
CA PRO CA 313 26.97 43.08 73.96
C PRO CA 313 27.52 41.69 74.23
N ARG CA 314 27.96 41.01 73.16
CA ARG CA 314 28.51 39.68 73.28
C ARG CA 314 29.90 39.60 72.67
N GLU CA 315 30.76 40.54 73.06
CA GLU CA 315 32.13 40.59 72.55
C GLU CA 315 32.99 39.50 73.20
N VAL CA 316 33.47 38.59 72.36
CA VAL CA 316 34.31 37.49 72.83
C VAL CA 316 35.20 36.95 71.72
N LEU CA 317 35.57 35.67 71.83
CA LEU CA 317 36.42 35.03 70.84
C LEU CA 317 35.96 33.60 70.58
N THR CA 318 35.83 33.25 69.30
CA THR CA 318 35.40 31.91 68.92
C THR CA 318 35.35 31.82 67.40
N THR CA 319 35.65 30.64 66.84
CA THR CA 319 35.65 30.51 65.39
C THR CA 319 35.03 29.19 64.91
N ASN CA 320 34.58 28.35 65.84
CA ASN CA 320 33.99 27.08 65.45
C ASN CA 320 32.47 27.18 65.37
N PRO CA 321 31.90 27.03 64.18
CA PRO CA 321 30.46 27.23 64.07
C PRO CA 321 29.71 26.28 65.01
N ARG CA 322 30.25 25.08 65.25
CA ARG CA 322 29.53 24.18 66.12
C ARG CA 322 29.58 24.75 67.54
N ARG CA 323 30.76 25.21 67.96
CA ARG CA 323 30.87 25.73 69.30
C ARG CA 323 30.08 27.01 69.41
N LEU CA 324 30.14 27.79 68.34
CA LEU CA 324 29.47 29.07 68.33
C LEU CA 324 27.98 28.88 68.47
N SER CA 325 27.44 27.92 67.73
CA SER CA 325 26.01 27.79 67.73
C SER CA 325 25.47 27.04 68.92
N ILE CA 326 26.23 26.09 69.45
CA ILE CA 326 25.77 25.45 70.68
C ILE CA 326 25.72 26.50 71.78
N ILE CA 327 26.75 27.36 71.81
CA ILE CA 327 26.80 28.40 72.81
C ILE CA 327 25.71 29.40 72.63
N ALA CA 328 25.56 29.80 71.37
CA ALA CA 328 24.61 30.84 70.99
C ALA CA 328 23.18 30.36 71.34
N GLU CA 329 22.92 29.09 71.03
CA GLU CA 329 21.63 28.50 71.28
C GLU CA 329 21.39 28.51 72.77
N SER CA 330 22.42 28.14 73.50
CA SER CA 330 22.27 28.04 74.94
C SER CA 330 21.98 29.41 75.55
N ILE CA 331 22.67 30.44 75.08
CA ILE CA 331 22.41 31.76 75.64
C ILE CA 331 21.01 32.33 75.32
N ARG CA 332 20.48 32.10 74.11
CA ARG CA 332 19.15 32.61 73.79
C ARG CA 332 18.11 31.93 74.69
N ASP CA 333 18.29 30.62 74.82
CA ASP CA 333 17.50 29.73 75.64
C ASP CA 333 18.31 29.03 76.73
N ALA CA 336 21.86 32.60 79.49
CA ALA CA 336 22.59 33.52 80.35
C ALA CA 336 24.05 33.64 79.92
N THR CA 337 24.49 34.83 79.53
CA THR CA 337 25.71 34.95 78.74
C THR CA 337 27.04 34.52 79.37
N TRP CA 338 27.32 35.03 80.55
CA TRP CA 338 28.53 34.66 81.28
C TRP CA 338 28.52 33.23 81.75
N ASP CA 339 27.45 32.82 82.39
CA ASP CA 339 27.53 31.57 83.09
C ASP CA 339 27.75 30.49 82.08
N ASN CA 340 26.85 30.56 81.10
CA ASN CA 340 26.68 29.59 80.03
C ASN CA 340 27.87 29.44 79.09
N TRP CA 341 28.54 30.55 78.73
CA TRP CA 341 29.63 30.52 77.73
C TRP CA 341 30.62 29.49 78.25
N LYS CA 342 30.69 29.36 79.56
CA LYS CA 342 31.58 28.35 80.18
C LYS CA 342 30.90 27.15 80.87
N HIS CA 343 30.35 27.40 82.06
CA HIS CA 343 29.93 26.39 83.00
C HIS CA 343 28.64 25.89 82.39
N VAL CA 344 28.15 26.70 81.44
CA VAL CA 344 27.01 26.33 80.64
C VAL CA 344 27.52 25.24 79.71
N ASN CA 345 26.71 24.20 79.51
CA ASN CA 345 27.10 23.13 78.60
C ASN CA 345 28.14 22.22 79.22
N CYS CA 346 28.37 22.40 80.52
CA CYS CA 346 29.12 21.41 81.23
C CYS CA 346 28.74 20.06 80.68
N ASP CA 347 27.51 20.09 80.17
CA ASP CA 347 26.75 18.89 79.87
C ASP CA 347 26.57 18.71 78.37
N LYS CA 348 27.03 19.63 77.51
CA LYS CA 348 26.86 19.37 76.09
C LYS CA 348 28.14 19.44 75.26
N LEU CA 349 28.84 20.57 75.28
CA LEU CA 349 30.01 20.77 74.45
C LEU CA 349 31.11 19.78 74.83
N THR CA 350 31.08 19.37 76.09
CA THR CA 350 32.02 18.42 76.61
C THR CA 350 31.75 17.10 75.93
N THR CA 351 30.49 16.69 75.82
CA THR CA 351 30.17 15.40 75.19
C THR CA 351 30.57 15.40 73.73
N ILE CA 352 30.38 16.54 73.07
CA ILE CA 352 30.72 16.67 71.66
C ILE CA 352 32.21 16.42 71.41
N ILE CA 353 33.04 16.98 72.29
CA ILE CA 353 34.49 16.83 72.18
C ILE CA 353 34.97 15.63 72.98
N GLU CA 354 34.09 14.67 73.19
CA GLU CA 354 34.42 13.47 73.93
C GLU CA 354 34.05 12.21 73.16
N SER CA 355 32.89 12.25 72.50
CA SER CA 355 32.41 11.12 71.72
C SER CA 355 33.46 10.66 70.71
N SER CA 356 34.52 11.44 70.58
CA SER CA 356 35.59 11.12 69.64
C SER CA 356 36.69 10.31 70.32
N LEU CA 357 36.55 10.10 71.63
CA LEU CA 357 37.53 9.34 72.40
C LEU CA 357 37.30 7.85 72.26
N ASN CA 358 36.08 7.43 72.02
CA ASN CA 358 35.91 6.01 71.85
C ASN CA 358 36.69 5.50 70.66
N VAL CA 359 36.80 6.31 69.61
CA VAL CA 359 37.30 5.82 68.32
C VAL CA 359 38.74 5.32 68.33
N LEU CA 360 39.60 6.04 69.03
CA LEU CA 360 41.00 5.62 69.21
C LEU CA 360 41.14 4.70 70.41
N GLU CA 361 41.71 3.51 70.22
CA GLU CA 361 41.82 2.54 71.30
C GLU CA 361 42.07 3.20 72.67
N PRO CA 362 41.32 2.77 73.67
CA PRO CA 362 41.50 3.29 75.01
C PRO CA 362 42.74 2.90 75.75
N ALA CA 363 43.21 1.66 75.56
CA ALA CA 363 44.36 1.16 76.29
C ALA CA 363 45.61 2.01 76.08
N GLU CA 364 45.80 2.50 74.87
CA GLU CA 364 47.00 3.27 74.54
C GLU CA 364 46.68 4.69 74.05
N TYR CA 365 45.59 4.84 73.31
CA TYR CA 365 45.22 6.13 72.74
C TYR CA 365 44.58 7.05 73.77
N ARG CA 366 43.33 6.75 74.13
CA ARG CA 366 42.57 7.59 75.06
C ARG CA 366 43.40 8.05 76.25
N LYS CA 367 43.97 7.10 76.98
CA LYS CA 367 44.73 7.42 78.18
C LYS CA 367 45.88 8.41 78.02
N MET CA 368 46.72 8.17 77.03
CA MET CA 368 47.86 9.05 76.85
C MET CA 368 47.27 10.43 76.80
N PHE CA 369 46.52 10.70 75.75
CA PHE CA 369 46.09 12.05 75.51
C PHE CA 369 45.67 12.70 76.83
N ASP CA 370 45.07 11.91 77.71
CA ASP CA 370 44.48 12.40 78.94
C ASP CA 370 45.57 13.10 79.74
N ARG CA 371 46.79 12.62 79.54
CA ARG CA 371 47.96 13.09 80.24
C ARG CA 371 48.28 14.53 79.87
N LEU CA 372 47.87 14.96 78.69
CA LEU CA 372 48.27 16.27 78.22
C LEU CA 372 47.70 17.33 79.17
N SER CA 373 46.82 16.88 80.04
CA SER CA 373 46.15 17.81 80.90
C SER CA 373 47.23 18.56 81.66
N VAL CA 374 48.40 17.95 81.81
CA VAL CA 374 49.51 18.53 82.54
C VAL CA 374 50.01 19.84 81.96
N PHE CA 375 50.07 19.91 80.64
CA PHE CA 375 50.66 21.06 79.92
C PHE CA 375 49.73 22.23 79.64
N PRO CA 376 50.34 23.38 79.35
CA PRO CA 376 49.62 24.65 79.32
C PRO CA 376 48.54 24.51 78.27
N PRO CA 377 47.36 25.22 78.55
CA PRO CA 377 46.21 24.70 77.80
C PRO CA 377 46.39 24.75 76.29
N SER CA 378 47.00 25.79 75.79
CA SER CA 378 47.23 25.85 74.35
C SER CA 378 48.71 26.06 74.18
N ALA CA 379 49.40 24.98 74.45
CA ALA CA 379 50.84 24.94 74.56
C ALA CA 379 51.43 23.76 73.81
N HIS CA 380 52.74 23.63 73.89
CA HIS CA 380 53.47 22.64 73.11
C HIS CA 380 54.05 21.56 74.01
N ILE CA 381 54.68 20.56 73.39
CA ILE CA 381 55.30 19.50 74.16
C ILE CA 381 56.41 18.76 73.42
N PRO CA 382 57.65 18.89 73.92
CA PRO CA 382 58.86 18.26 73.40
C PRO CA 382 58.76 16.76 73.41
N THR CA 383 59.52 16.09 72.56
CA THR CA 383 59.36 14.65 72.50
C THR CA 383 59.73 13.97 73.81
N ILE CA 384 60.82 14.43 74.41
CA ILE CA 384 61.33 13.84 75.65
C ILE CA 384 60.33 13.87 76.80
N LEU CA 385 59.62 14.99 76.93
CA LEU CA 385 58.61 15.17 77.97
C LEU CA 385 57.39 14.26 77.82
N LEU CA 386 56.92 14.07 76.59
CA LEU CA 386 55.74 13.27 76.33
C LEU CA 386 56.00 11.81 76.65
N SER CA 387 57.25 11.38 76.53
CA SER CA 387 57.53 9.97 76.70
C SER CA 387 57.18 9.55 78.12
N LEU CA 388 57.64 10.32 79.09
CA LEU CA 388 57.52 9.92 80.46
C LEU CA 388 56.06 9.76 80.83
N ILE CA 389 55.21 10.60 80.24
CA ILE CA 389 53.83 10.72 80.68
C ILE CA 389 52.99 9.44 80.53
N SER CA 396 61.06 4.35 70.14
CA SER CA 396 60.28 4.96 69.07
C SER CA 396 58.79 4.83 69.35
N ASP CA 397 58.44 4.02 70.35
CA ASP CA 397 57.02 3.79 70.64
C ASP CA 397 56.20 5.05 70.88
N VAL CA 398 56.70 5.99 71.67
CA VAL CA 398 55.90 7.20 71.92
C VAL CA 398 55.68 8.01 70.65
N MET CA 399 56.69 8.03 69.79
CA MET CA 399 56.64 8.77 68.54
C MET CA 399 55.57 8.21 67.62
N VAL CA 400 55.46 6.89 67.57
CA VAL CA 400 54.44 6.29 66.73
C VAL CA 400 53.09 6.44 67.40
N VAL CA 401 53.00 6.19 68.71
CA VAL CA 401 51.69 6.22 69.34
C VAL CA 401 51.10 7.61 69.22
N VAL CA 402 51.92 8.67 69.39
CA VAL CA 402 51.35 9.99 69.18
C VAL CA 402 51.00 10.15 67.71
N ASN CA 403 51.81 9.55 66.83
CA ASN CA 403 51.65 9.81 65.40
C ASN CA 403 50.25 9.34 64.98
N LYS CA 404 49.87 8.21 65.52
CA LYS CA 404 48.53 7.71 65.34
C LYS CA 404 47.58 8.69 65.94
N LEU CA 405 47.90 9.17 67.12
CA LEU CA 405 47.01 10.11 67.74
C LEU CA 405 46.98 11.36 66.88
N HIS CA 406 48.05 11.54 66.11
CA HIS CA 406 48.20 12.80 65.43
C HIS CA 406 46.97 12.97 64.65
N LYS CA 407 46.55 11.88 64.02
CA LYS CA 407 45.40 11.86 63.14
C LYS CA 407 44.07 11.90 63.87
N TYR CA 408 43.83 11.02 64.84
CA TYR CA 408 42.46 11.01 65.37
C TYR CA 408 42.06 12.20 66.26
N SER CA 409 42.87 12.54 67.26
CA SER CA 409 42.52 13.61 68.20
C SER CA 409 43.41 14.81 68.06
N LEU CA 410 43.23 15.79 68.94
CA LEU CA 410 43.83 17.08 68.68
C LEU CA 410 45.36 17.06 68.38
N VAL CA 411 46.20 16.65 69.31
CA VAL CA 411 47.42 15.84 69.11
C VAL CA 411 48.43 16.34 68.05
N GLU CA 412 48.54 17.64 67.84
CA GLU CA 412 48.90 18.03 66.48
C GLU CA 412 50.37 17.98 66.36
N LYS CA 413 50.87 16.91 65.75
CA LYS CA 413 52.29 16.73 65.62
C LYS CA 413 52.80 17.84 64.75
N GLN CA 414 54.07 18.14 64.89
CA GLN CA 414 54.65 19.24 64.14
C GLN CA 414 56.13 19.09 63.92
N PRO CA 415 56.69 20.01 63.12
CA PRO CA 415 58.11 19.96 62.80
C PRO CA 415 59.30 20.06 63.74
N SER CA 418 61.32 18.71 67.08
CA SER CA 418 60.21 17.80 66.81
C SER CA 418 59.14 17.92 67.89
N THR CA 419 58.98 19.12 68.43
CA THR CA 419 57.99 19.37 69.48
C THR CA 419 56.58 19.13 68.95
N ILE CA 420 55.59 19.27 69.84
CA ILE CA 420 54.22 18.96 69.51
C ILE CA 420 53.40 20.09 70.05
N SER CA 421 52.29 20.41 69.39
CA SER CA 421 51.38 21.45 69.87
C SER CA 421 49.99 20.85 69.74
N ILE CA 422 49.36 20.59 70.88
CA ILE CA 422 47.99 20.06 70.88
C ILE CA 422 46.87 21.07 70.63
N PRO CA 423 45.75 20.58 70.14
CA PRO CA 423 44.65 21.43 69.73
C PRO CA 423 43.63 21.55 70.84
N SER CA 424 43.37 22.78 71.23
CA SER CA 424 42.77 23.12 72.50
C SER CA 424 41.39 22.56 72.71
N ILE CA 425 40.57 22.59 71.67
CA ILE CA 425 39.13 22.58 71.84
C ILE CA 425 38.69 21.34 72.58
N TYR CA 426 39.36 20.23 72.30
CA TYR CA 426 39.35 19.04 73.15
C TYR CA 426 40.63 18.94 73.98
N LEU CA 427 41.55 19.87 73.74
CA LEU CA 427 42.82 19.88 74.47
C LEU CA 427 42.63 20.41 75.89
N GLU CA 428 42.14 21.63 76.00
CA GLU CA 428 41.91 22.25 77.31
C GLU CA 428 40.68 21.73 78.07
N LEU CA 429 39.54 21.68 77.40
CA LEU CA 429 38.27 21.44 78.05
C LEU CA 429 37.98 19.97 78.36
N LYS CA 430 37.96 19.14 77.33
CA LYS CA 430 37.50 17.77 77.51
C LYS CA 430 38.13 17.13 78.74
N VAL CA 431 39.46 17.21 78.71
CA VAL CA 431 40.31 16.57 79.67
C VAL CA 431 40.23 17.13 81.10
N LYS CA 432 40.16 18.45 81.21
CA LYS CA 432 40.19 19.11 82.52
C LYS CA 432 39.11 18.58 83.46
N LEU CA 433 37.92 18.41 82.92
CA LEU CA 433 36.78 17.94 83.70
C LEU CA 433 36.98 16.51 84.16
N GLU CA 434 37.41 15.64 83.27
CA GLU CA 434 37.54 14.23 83.65
C GLU CA 434 38.98 13.89 83.94
N ASN CA 435 39.27 13.61 85.19
CA ASN CA 435 40.64 13.24 85.51
C ASN CA 435 40.58 12.41 86.79
N GLU CA 436 41.66 11.70 87.09
CA GLU CA 436 41.72 10.85 88.27
C GLU CA 436 43.03 11.28 88.87
N TYR CA 437 43.41 10.81 90.05
CA TYR CA 437 44.62 11.43 90.57
C TYR CA 437 45.79 10.59 90.08
N ALA CA 438 45.96 10.65 88.77
CA ALA CA 438 47.16 10.21 88.06
C ALA CA 438 48.16 11.35 88.19
N LEU CA 439 47.61 12.54 88.38
CA LEU CA 439 48.37 13.78 88.40
C LEU CA 439 49.62 13.71 89.25
N HIS CA 440 49.52 13.14 90.45
CA HIS CA 440 50.68 13.18 91.35
C HIS CA 440 51.87 12.60 90.60
N ARG CA 441 51.65 11.48 89.94
CA ARG CA 441 52.75 10.82 89.23
C ARG CA 441 53.24 11.71 88.09
N SER CA 442 52.32 12.33 87.36
CA SER CA 442 52.72 13.15 86.21
C SER CA 442 53.53 14.36 86.63
N ILE CA 443 53.03 15.05 87.66
CA ILE CA 443 53.66 16.26 88.15
C ILE CA 443 55.03 15.91 88.72
N VAL CA 444 55.10 14.78 89.42
CA VAL CA 444 56.37 14.37 90.04
C VAL CA 444 57.32 14.11 88.87
N ASP CA 445 56.77 13.58 87.78
CA ASP CA 445 57.59 13.25 86.62
C ASP CA 445 58.20 14.57 86.16
N HIS CA 446 57.39 15.63 86.18
CA HIS CA 446 57.88 16.94 85.75
C HIS CA 446 59.00 17.31 86.69
N TYR CA 447 58.89 17.02 87.99
CA TYR CA 447 60.02 17.36 88.83
C TYR CA 447 61.26 16.63 88.37
N ASN CA 448 61.08 15.34 88.04
CA ASN CA 448 62.21 14.51 87.66
C ASN CA 448 62.92 14.98 86.40
N ILE CA 449 62.18 15.42 85.40
CA ILE CA 449 62.84 15.79 84.14
C ILE CA 449 63.83 16.98 84.29
N PRO CA 450 63.44 18.14 84.91
CA PRO CA 450 64.57 19.05 85.07
C PRO CA 450 65.63 18.54 86.02
N LYS CA 451 65.27 17.61 86.89
CA LYS CA 451 66.25 17.06 87.79
C LYS CA 451 67.31 16.39 86.91
N THR CA 452 66.84 15.62 85.92
CA THR CA 452 67.76 14.91 85.04
C THR CA 452 68.59 15.93 84.25
N PHE CA 453 67.92 16.93 83.69
CA PHE CA 453 68.61 17.98 82.94
C PHE CA 453 69.50 18.72 83.93
N ASP CA 454 70.80 18.73 83.70
CA ASP CA 454 71.68 19.44 84.61
C ASP CA 454 73.03 19.68 83.96
N SER CA 455 73.53 20.90 84.08
CA SER CA 455 74.85 21.23 83.61
C SER CA 455 75.64 21.62 84.84
N ASP CA 456 76.96 21.64 84.74
CA ASP CA 456 77.79 21.92 85.90
C ASP CA 456 77.41 23.30 86.43
N ASP CA 457 77.38 24.29 85.54
CA ASP CA 457 77.01 25.63 85.94
C ASP CA 457 75.51 25.86 85.82
N LEU CA 458 75.14 27.13 85.98
CA LEU CA 458 73.75 27.58 86.09
C LEU CA 458 72.94 27.58 84.79
N ILE CA 459 73.55 27.18 83.69
CA ILE CA 459 72.87 27.14 82.40
C ILE CA 459 72.27 25.77 82.14
N PRO CA 460 70.88 25.75 81.88
CA PRO CA 460 70.36 24.40 81.63
C PRO CA 460 70.16 24.13 80.14
N PRO CA 461 69.79 22.91 79.77
CA PRO CA 461 69.57 22.59 78.36
C PRO CA 461 68.10 22.69 77.97
N TYR CA 462 67.63 23.91 77.77
CA TYR CA 462 66.21 24.18 77.67
C TYR CA 462 65.70 24.09 76.23
N LEU CA 463 64.78 23.15 75.99
CA LEU CA 463 64.11 23.09 74.71
C LEU CA 463 63.34 24.40 74.67
N ASP CA 464 63.33 25.00 73.50
CA ASP CA 464 63.34 26.44 73.32
C ASP CA 464 62.17 27.18 73.93
N GLN CA 465 60.97 26.65 73.76
CA GLN CA 465 59.80 27.35 74.27
C GLN CA 465 59.22 26.66 75.48
N TYR CA 466 59.00 25.36 75.35
CA TYR CA 466 58.24 24.68 76.40
C TYR CA 466 58.82 24.89 77.75
N PHE CA 467 60.09 24.58 77.87
CA PHE CA 467 60.71 24.58 79.16
C PHE CA 467 60.61 25.94 79.79
N TYR CA 468 60.90 26.98 79.02
CA TYR CA 468 60.91 28.33 79.57
C TYR CA 468 59.56 28.71 80.17
N SER CA 469 58.48 28.52 79.42
CA SER CA 469 57.15 28.88 79.90
C SER CA 469 56.62 27.95 81.00
N HIS CA 470 56.58 26.67 80.64
CA HIS CA 470 55.94 25.60 81.40
C HIS CA 470 56.62 25.25 82.73
N ILE CA 471 57.95 25.35 82.74
CA ILE CA 471 58.73 24.80 83.86
C ILE CA 471 58.21 25.41 85.14
N GLY CA 472 58.01 26.72 85.15
CA GLY CA 472 57.59 27.38 86.35
C GLY CA 472 56.23 26.89 86.80
N HIS CA 473 55.32 26.65 85.86
CA HIS CA 473 53.97 26.22 86.20
C HIS CA 473 54.00 24.88 86.91
N HIS CA 474 54.76 23.95 86.31
CA HIS CA 474 54.85 22.61 86.84
C HIS CA 474 55.52 22.66 88.19
N LEU CA 475 56.52 23.52 88.29
CA LEU CA 475 57.30 23.69 89.51
C LEU CA 475 56.41 24.19 90.62
N LYS CA 476 55.54 25.15 90.27
CA LYS CA 476 54.65 25.76 91.25
C LYS CA 476 53.81 24.65 91.81
N ASN CA 477 53.32 23.79 90.92
CA ASN CA 477 52.50 22.69 91.41
C ASN CA 477 53.29 21.74 92.31
N ILE CA 478 54.53 21.39 91.94
CA ILE CA 478 55.26 20.38 92.70
C ILE CA 478 55.65 20.81 94.13
N GLU CA 479 56.34 21.96 94.26
CA GLU CA 479 56.88 22.50 95.52
C GLU CA 479 57.68 23.82 95.37
N HIS CA 480 57.99 24.44 96.51
CA HIS CA 480 58.82 25.66 96.59
C HIS CA 480 60.32 25.53 96.25
N PRO CA 481 61.05 24.57 96.87
CA PRO CA 481 62.51 24.60 96.73
C PRO CA 481 62.99 24.67 95.28
N GLU CA 482 62.39 23.89 94.40
CA GLU CA 482 62.80 23.88 93.01
C GLU CA 482 62.49 25.24 92.45
N ARG CA 483 61.33 25.77 92.84
CA ARG CA 483 60.85 27.02 92.31
C ARG CA 483 61.91 28.06 92.55
N MET CA 484 62.46 28.00 93.77
CA MET CA 484 63.42 28.97 94.22
C MET CA 484 64.64 28.99 93.31
N THR CA 485 65.22 27.82 93.03
CA THR CA 485 66.43 27.76 92.19
C THR CA 485 66.17 28.03 90.70
N LEU CA 486 65.16 27.37 90.12
CA LEU CA 486 64.89 27.46 88.68
C LEU CA 486 64.45 28.83 88.23
N PHE CA 487 63.54 29.44 88.98
CA PHE CA 487 63.01 30.75 88.61
C PHE CA 487 64.18 31.68 88.56
N ARG CA 488 65.18 31.39 89.38
CA ARG CA 488 66.43 32.12 89.24
C ARG CA 488 66.09 33.54 89.65
N MET CA 489 65.23 33.61 90.65
CA MET CA 489 65.01 34.81 91.40
C MET CA 489 66.29 34.82 92.24
N VAL CA 490 66.65 33.62 92.67
CA VAL CA 490 67.91 33.33 93.36
C VAL CA 490 69.02 33.58 92.35
N PHE CA 491 68.87 33.00 91.15
CA PHE CA 491 69.97 32.98 90.18
C PHE CA 491 69.83 33.96 89.02
N LEU CA 492 70.96 34.58 88.72
CA LEU CA 492 71.03 35.76 87.89
C LEU CA 492 71.07 35.23 86.46
N ASP CA 493 71.42 33.95 86.34
CA ASP CA 493 71.49 33.28 85.04
C ASP CA 493 70.16 33.25 84.27
N PHE CA 494 68.99 33.09 84.89
CA PHE CA 494 67.79 33.05 84.04
C PHE CA 494 67.32 34.41 83.69
N ARG CA 495 67.83 35.40 84.40
CA ARG CA 495 67.65 36.74 83.92
C ARG CA 495 68.20 36.73 82.50
N PHE CA 496 69.45 36.32 82.42
CA PHE CA 496 70.14 36.08 81.16
C PHE CA 496 69.36 35.24 80.19
N LEU CA 497 69.20 33.95 80.49
CA LEU CA 497 68.80 33.07 79.42
C LEU CA 497 67.36 33.30 79.03
N GLU CA 498 66.47 33.41 80.02
CA GLU CA 498 65.07 33.56 79.69
C GLU CA 498 64.92 34.80 78.83
N GLN CA 499 65.54 35.89 79.30
CA GLN CA 499 65.38 37.16 78.62
C GLN CA 499 65.93 37.10 77.19
N LYS CA 500 67.19 36.69 76.98
CA LYS CA 500 67.67 36.77 75.59
C LYS CA 500 67.04 35.71 74.67
N ILE CA 501 66.82 34.47 75.11
CA ILE CA 501 66.23 33.53 74.13
C ILE CA 501 64.82 34.00 73.81
N ARG CA 502 64.03 34.45 74.79
CA ARG CA 502 62.69 34.86 74.38
C ARG CA 502 62.69 36.31 73.90
N HIS CA 503 63.63 36.55 72.99
CA HIS CA 503 63.75 37.73 72.16
C HIS CA 503 63.11 37.49 70.80
N ASN CA 516 58.19 38.41 75.13
CA ASN CA 516 59.43 39.05 75.57
C ASN CA 516 59.51 39.11 77.09
N THR CA 517 59.87 40.29 77.60
CA THR CA 517 59.98 40.51 79.03
C THR CA 517 58.61 40.28 79.68
N LEU CA 518 57.56 40.56 78.91
CA LEU CA 518 56.19 40.53 79.39
C LEU CA 518 55.83 39.22 80.06
N GLN CA 519 56.17 38.13 79.37
CA GLN CA 519 55.87 36.78 79.85
C GLN CA 519 56.71 36.46 81.06
N GLN CA 520 57.96 36.90 81.02
CA GLN CA 520 58.92 36.63 82.08
C GLN CA 520 58.28 37.22 83.36
N LEU CA 521 57.79 38.47 83.24
CA LEU CA 521 57.16 39.18 84.34
C LEU CA 521 55.94 38.39 84.78
N LYS CA 522 55.27 37.80 83.79
CA LYS CA 522 54.08 37.04 84.06
C LYS CA 522 54.47 35.86 84.93
N PHE CA 523 55.62 35.23 84.66
CA PHE CA 523 55.98 34.07 85.45
C PHE CA 523 56.22 34.54 86.86
N TYR CA 524 56.96 35.63 87.01
CA TYR CA 524 57.30 36.02 88.36
C TYR CA 524 56.09 36.33 89.22
N LYS CA 525 55.11 37.08 88.71
CA LYS CA 525 54.03 37.49 89.61
C LYS CA 525 53.10 36.36 90.20
N PRO CA 526 52.44 35.51 89.38
CA PRO CA 526 51.62 34.51 90.10
C PRO CA 526 52.39 33.40 90.82
N TYR CA 527 53.58 33.08 90.34
CA TYR CA 527 54.36 31.97 90.90
C TYR CA 527 54.93 32.21 92.29
N ILE CA 528 55.13 33.48 92.70
CA ILE CA 528 55.88 33.73 93.94
C ILE CA 528 55.27 33.03 95.13
N CYS CA 529 53.95 32.81 95.11
CA CYS CA 529 53.20 32.31 96.26
C CYS CA 529 53.78 31.02 96.82
N ASP CA 530 54.40 30.22 95.95
CA ASP CA 530 54.94 28.94 96.39
C ASP CA 530 56.00 29.17 97.46
N ASP CA 532 60.67 30.52 100.76
CA ASP CA 532 59.90 31.09 101.88
C ASP CA 532 59.70 32.59 101.63
N PRO CA 533 59.15 33.35 102.61
CA PRO CA 533 59.01 34.79 102.38
C PRO CA 533 60.30 35.63 102.22
N LYS CA 534 61.37 35.33 102.96
CA LYS CA 534 62.58 36.15 102.93
C LYS CA 534 63.13 36.21 101.50
N TYR CA 535 63.22 35.02 100.91
CA TYR CA 535 63.69 34.90 99.55
C TYR CA 535 62.62 35.60 98.70
N GLU CA 536 61.36 35.50 99.11
CA GLU CA 536 60.26 36.05 98.34
C GLU CA 536 60.42 37.55 98.09
N ARG CA 537 60.66 38.30 99.16
CA ARG CA 537 60.75 39.76 99.08
C ARG CA 537 61.89 39.96 98.12
N LEU CA 538 62.90 39.11 98.29
CA LEU CA 538 64.08 39.25 97.45
C LEU CA 538 63.68 39.07 95.96
N VAL CA 539 62.90 38.05 95.64
CA VAL CA 539 62.54 37.80 94.23
C VAL CA 539 61.77 38.97 93.66
N ASN CA 540 60.91 39.59 94.47
CA ASN CA 540 60.18 40.70 93.87
C ASN CA 540 61.19 41.81 93.58
N ALA CA 541 62.18 41.92 94.47
CA ALA CA 541 63.21 42.94 94.36
C ALA CA 541 63.96 42.78 93.02
N ILE CA 542 64.31 41.53 92.70
CA ILE CA 542 65.05 41.19 91.48
C ILE CA 542 64.14 41.50 90.30
N LEU CA 543 62.85 41.22 90.51
CA LEU CA 543 61.83 41.34 89.49
C LEU CA 543 61.70 42.77 89.03
N ASP CA 544 61.69 43.74 89.94
CA ASP CA 544 61.55 45.12 89.48
C ASP CA 544 62.76 45.48 88.65
N PHE CA 545 63.92 44.97 89.04
CA PHE CA 545 65.15 45.29 88.34
C PHE CA 545 65.17 44.78 86.91
N LEU CA 546 64.58 43.61 86.74
CA LEU CA 546 64.57 42.93 85.45
C LEU CA 546 63.88 43.69 84.27
N PRO CA 547 62.59 44.11 84.39
CA PRO CA 547 62.12 44.93 83.27
C PRO CA 547 62.81 46.29 83.20
N LYS CA 548 63.44 46.70 84.30
CA LYS CA 548 64.09 48.00 84.39
C LYS CA 548 65.18 48.10 83.36
N ILE CA 549 65.98 47.05 83.23
CA ILE CA 549 67.08 47.05 82.26
C ILE CA 549 66.97 45.85 81.31
N SER CA 556 74.90 41.42 75.17
CA SER CA 556 75.92 41.70 76.19
C SER CA 556 76.85 40.54 76.75
N LYS CA 557 78.17 40.41 76.35
CA LYS CA 557 79.28 39.40 76.82
C LYS CA 557 79.08 39.27 78.31
N TYR CA 558 79.21 38.05 78.80
CA TYR CA 558 78.63 37.44 79.92
C TYR CA 558 78.40 38.43 81.17
N THR CA 559 79.38 39.23 81.25
CA THR CA 559 79.59 40.36 82.15
C THR CA 559 78.50 41.40 82.56
N ASP CA 560 77.78 41.96 81.63
CA ASP CA 560 76.93 43.09 81.89
C ASP CA 560 75.93 42.66 82.95
N LEU CA 561 75.43 41.43 82.85
CA LEU CA 561 74.41 40.93 83.75
C LEU CA 561 74.91 41.03 85.19
N LEU CA 562 76.14 40.58 85.43
CA LEU CA 562 76.65 40.52 86.80
C LEU CA 562 76.88 41.95 87.30
N ARG CA 563 77.33 42.84 86.40
CA ARG CA 563 77.55 44.20 86.85
C ARG CA 563 76.28 44.95 87.19
N ILE CA 564 75.21 44.75 86.41
CA ILE CA 564 73.97 45.41 86.76
C ILE CA 564 73.47 44.78 88.06
N ALA CA 565 73.76 43.48 88.24
CA ALA CA 565 73.34 42.77 89.45
C ALA CA 565 73.94 43.50 90.65
N LEU CA 566 75.13 44.06 90.45
CA LEU CA 566 75.90 44.68 91.54
C LEU CA 566 75.20 45.85 92.24
N MET CA 567 74.27 46.52 91.56
CA MET CA 567 73.70 47.77 92.11
C MET CA 567 73.08 47.63 93.49
N ALA CA 568 72.23 46.62 93.72
CA ALA CA 568 71.63 46.54 95.04
C ALA CA 568 72.20 45.36 95.79
N GLU CA 569 72.78 45.69 96.95
CA GLU CA 569 73.51 44.74 97.79
C GLU CA 569 72.62 43.68 98.45
N ASP CA 570 71.38 44.06 98.73
CA ASP CA 570 70.45 43.20 99.48
C ASP CA 570 70.02 41.90 98.81
N GLU CA 571 70.31 41.72 97.52
CA GLU CA 571 69.67 40.62 96.81
C GLU CA 571 70.52 39.40 96.44
N ALA CA 572 69.83 38.27 96.32
CA ALA CA 572 70.39 36.96 95.96
C ALA CA 572 70.90 36.99 94.54
N ILE CA 573 70.23 37.76 93.68
CA ILE CA 573 70.64 37.88 92.29
C ILE CA 573 72.09 38.30 92.30
N PHE CA 574 72.48 39.26 93.14
CA PHE CA 574 73.89 39.64 93.13
C PHE CA 574 74.81 38.49 93.55
N GLU CA 575 74.44 37.74 94.59
CA GLU CA 575 75.27 36.65 95.08
C GLU CA 575 75.47 35.59 94.01
N GLU CA 576 74.39 35.31 93.31
CA GLU CA 576 74.42 34.35 92.24
C GLU CA 576 75.27 34.88 91.13
N ALA CA 577 75.16 36.18 90.90
CA ALA CA 577 75.88 36.84 89.83
C ALA CA 577 77.35 36.63 90.09
N HIS CA 578 77.71 36.75 91.36
CA HIS CA 578 79.10 36.60 91.74
C HIS CA 578 79.49 35.15 91.48
N LYS CA 579 78.59 34.20 91.77
CA LYS CA 579 78.96 32.81 91.56
C LYS CA 579 79.21 32.53 90.08
N GLN CA 580 78.27 32.96 89.24
CA GLN CA 580 78.35 32.72 87.81
C GLN CA 580 79.54 33.43 87.14
N VAL CA 581 80.01 34.57 87.68
CA VAL CA 581 81.30 35.10 87.17
C VAL CA 581 82.43 34.21 87.65
N GLN CA 582 82.32 33.72 88.89
CA GLN CA 582 83.32 32.79 89.42
C GLN CA 582 83.51 31.59 88.49
N ARG CA 583 82.42 31.00 88.02
CA ARG CA 583 82.51 30.00 86.96
C ARG CA 583 81.96 30.56 85.65
N UNK CA 584 65.62 53.25 80.07
CA UNK CA 584 64.28 53.80 79.88
C UNK CA 584 63.27 52.83 80.47
N UNK CA 585 62.23 53.37 81.07
CA UNK CA 585 61.19 52.57 81.68
C UNK CA 585 60.64 51.51 80.72
N UNK CA 586 60.58 51.82 79.43
CA UNK CA 586 60.06 50.84 78.47
C UNK CA 586 60.67 50.97 77.07
N UNK CA 587 60.86 49.83 76.42
CA UNK CA 587 61.42 49.81 75.08
C UNK CA 587 60.66 48.81 74.19
N UNK CA 588 60.05 49.35 73.14
CA UNK CA 588 59.23 48.58 72.21
C UNK CA 588 59.87 48.37 70.84
N UNK CA 589 59.79 47.14 70.34
CA UNK CA 589 60.35 46.80 69.04
C UNK CA 589 59.29 46.13 68.16
N UNK CA 590 58.44 46.94 67.47
CA UNK CA 590 57.38 46.43 66.60
C UNK CA 590 57.54 46.67 65.09
N UNK CA 591 58.65 47.26 64.68
CA UNK CA 591 58.84 47.51 63.26
C UNK CA 591 60.02 46.69 62.77
N UNK CA 592 60.10 46.51 61.45
CA UNK CA 592 61.19 45.74 60.89
C UNK CA 592 62.10 46.69 60.17
N UNK CA 593 63.06 50.11 60.32
CA UNK CA 593 63.11 51.31 61.13
C UNK CA 593 61.71 51.80 61.54
N UNK CA 594 61.60 52.31 62.76
CA UNK CA 594 60.35 52.84 63.28
C UNK CA 594 60.42 54.34 63.05
N UNK CA 595 59.45 54.90 62.35
CA UNK CA 595 59.53 56.33 62.13
C UNK CA 595 58.80 57.17 63.15
N UNK CA 596 57.64 56.71 63.59
CA UNK CA 596 56.84 57.44 64.55
C UNK CA 596 56.08 56.47 65.43
N UNK CA 597 55.71 56.91 66.62
CA UNK CA 597 54.96 56.10 67.57
C UNK CA 597 54.27 57.07 68.51
N UNK CA 598 53.16 56.65 69.12
CA UNK CA 598 52.44 57.54 70.02
C UNK CA 598 51.47 56.79 70.96
N UNK CA 599 51.04 57.47 72.02
CA UNK CA 599 50.14 56.90 73.01
C UNK CA 599 48.67 57.09 72.65
N UNK CA 600 47.83 56.21 73.18
CA UNK CA 600 46.39 56.32 72.96
C UNK CA 600 45.99 57.46 73.89
N UNK CA 601 44.81 58.04 73.68
CA UNK CA 601 44.40 59.15 74.52
C UNK CA 601 44.38 58.83 76.01
N UNK CA 602 44.16 57.58 76.38
CA UNK CA 602 44.16 57.21 77.79
C UNK CA 602 45.53 56.68 78.20
N UNK CA 603 46.48 56.71 77.26
CA UNK CA 603 47.82 56.23 77.54
C UNK CA 603 47.98 54.72 77.70
N UNK CA 604 46.87 53.99 77.62
CA UNK CA 604 46.90 52.53 77.76
C UNK CA 604 47.54 51.77 76.61
N UNK CA 605 47.49 52.35 75.41
CA UNK CA 605 48.03 51.71 74.23
C UNK CA 605 49.04 52.59 73.49
N UNK CA 606 49.77 51.98 72.55
CA UNK CA 606 50.76 52.67 71.74
C UNK CA 606 50.68 52.17 70.31
N UNK CA 607 50.69 53.08 69.35
CA UNK CA 607 50.65 52.69 67.95
C UNK CA 607 51.96 53.21 67.38
N UNK CA 608 52.57 52.45 66.48
CA UNK CA 608 53.84 52.80 65.88
C UNK CA 608 53.83 52.42 64.43
N UNK CA 609 54.36 53.28 63.58
CA UNK CA 609 54.39 53.01 62.14
C UNK CA 609 55.79 53.26 61.63
N UNK CA 610 56.31 52.36 60.82
CA UNK CA 610 57.67 52.57 60.33
C UNK CA 610 57.85 52.19 58.87
N UNK CA 611 59.10 51.96 58.51
CA UNK CA 611 59.46 51.72 57.12
C UNK CA 611 59.09 50.30 56.70
N UNK CA 612 58.59 49.50 57.65
CA UNK CA 612 58.22 48.15 57.29
C UNK CA 612 56.81 48.12 56.67
N UNK CA 613 56.24 49.31 56.45
CA UNK CA 613 54.92 49.49 55.82
C UNK CA 613 53.68 49.12 56.68
N UNK CA 614 53.88 48.64 57.90
CA UNK CA 614 52.75 48.24 58.76
C UNK CA 614 52.32 49.21 59.87
N UNK CA 615 51.13 48.98 60.41
CA UNK CA 615 50.60 49.78 61.51
C UNK CA 615 50.63 48.80 62.66
N UNK CA 616 51.21 49.19 63.79
CA UNK CA 616 51.29 48.29 64.92
C UNK CA 616 50.71 48.91 66.17
N UNK CA 617 50.13 48.07 67.01
CA UNK CA 617 49.56 48.57 68.24
C UNK CA 617 49.79 47.54 69.33
N UNK CA 618 50.08 48.03 70.53
CA UNK CA 618 50.36 47.19 71.69
C UNK CA 618 50.03 47.92 72.99
N UNK CA 619 49.86 47.16 74.06
CA UNK CA 619 49.54 47.74 75.36
C UNK CA 619 50.73 48.58 75.81
N UNK CA 620 50.48 49.72 76.44
CA UNK CA 620 51.56 50.58 76.91
C UNK CA 620 52.30 49.87 78.04
N UNK CA 621 51.54 49.17 78.87
CA UNK CA 621 52.08 48.42 80.00
C UNK CA 621 53.09 47.33 79.69
N UNK CA 622 52.76 46.44 78.75
CA UNK CA 622 53.62 45.30 78.43
C UNK CA 622 54.12 45.06 77.00
N UNK CA 623 53.72 45.88 76.04
CA UNK CA 623 54.17 45.67 74.67
C UNK CA 623 53.44 44.53 74.00
N UNK CA 624 52.57 43.91 74.78
CA UNK CA 624 51.73 42.80 74.36
C UNK CA 624 51.06 43.22 73.05
N UNK CA 625 51.45 42.62 71.94
CA UNK CA 625 50.86 43.00 70.66
C UNK CA 625 49.35 42.97 70.61
N UNK CA 626 48.75 44.03 70.06
CA UNK CA 626 47.30 44.16 69.93
C UNK CA 626 46.88 44.14 68.46
N UNK CA 627 47.59 44.88 67.61
CA UNK CA 627 47.28 44.90 66.17
C UNK CA 627 48.54 44.81 65.31
N UNK CA 628 48.45 44.06 64.20
CA UNK CA 628 49.56 43.90 63.27
C UNK CA 628 48.99 44.05 61.83
N UNK CA 629 48.69 45.29 61.46
CA UNK CA 629 48.10 45.62 60.16
C UNK CA 629 49.12 45.95 59.07
N UNK CA 630 48.79 45.67 57.82
CA UNK CA 630 49.67 46.00 56.71
C UNK CA 630 49.10 47.30 56.12
N UNK CA 631 49.26 48.41 56.83
CA UNK CA 631 48.70 49.70 56.45
C UNK CA 631 48.90 50.30 55.04
N UNK CA 632 50.11 50.31 54.51
CA UNK CA 632 50.31 50.89 53.20
C UNK CA 632 51.23 50.11 52.28
N UNK CA 633 51.43 50.68 51.09
CA UNK CA 633 52.25 50.10 50.06
C UNK CA 633 53.54 50.93 49.93
N UNK CA 634 53.92 52.36 50.82
CA UNK CA 634 55.13 53.17 50.85
C UNK CA 634 55.28 53.78 52.27
N UNK CA 635 56.52 54.07 52.63
CA UNK CA 635 56.85 54.57 53.97
C UNK CA 635 55.90 55.63 54.51
N UNK CA 636 55.69 55.61 55.82
CA UNK CA 636 54.80 56.56 56.48
C UNK CA 636 55.61 57.68 57.11
N UNK CA 637 54.96 58.80 57.38
CA UNK CA 637 55.64 59.97 57.97
C UNK CA 637 55.08 60.59 59.26
N UNK CA 638 53.83 60.29 59.57
CA UNK CA 638 53.22 60.86 60.76
C UNK CA 638 51.92 60.16 61.07
N UNK CA 639 51.49 60.25 62.33
CA UNK CA 639 50.26 59.62 62.78
C UNK CA 639 49.75 60.34 64.06
N UNK CA 640 48.43 60.35 64.26
CA UNK CA 640 47.87 61.02 65.42
C UNK CA 640 46.53 60.46 65.80
N UNK CA 641 46.07 60.80 67.01
CA UNK CA 641 44.79 60.35 67.53
C UNK CA 641 43.84 61.53 67.43
N UNK CA 642 42.54 61.26 67.43
CA UNK CA 642 41.54 62.33 67.37
C UNK CA 642 41.34 62.84 68.78
N UNK CA 643 40.46 63.82 68.95
CA UNK CA 643 40.20 64.41 70.26
C UNK CA 643 39.66 63.41 71.29
N UNK CA 644 38.94 62.39 70.86
CA UNK CA 644 38.40 61.40 71.80
C UNK CA 644 39.03 60.03 71.57
N UNK CA 645 40.24 60.00 71.02
CA UNK CA 645 40.94 58.75 70.76
C UNK CA 645 40.09 57.78 69.98
N UNK CA 646 39.01 58.24 69.40
CA UNK CA 646 38.14 57.36 68.64
C UNK CA 646 38.81 56.96 67.33
N UNK CA 647 39.68 57.83 66.83
CA UNK CA 647 40.36 57.59 65.59
C UNK CA 647 41.86 57.86 65.65
N UNK CA 648 42.53 57.41 64.60
CA UNK CA 648 43.96 57.59 64.44
C UNK CA 648 44.14 57.85 62.95
N UNK CA 649 44.81 58.92 62.58
CA UNK CA 649 45.03 59.15 61.18
C UNK CA 649 46.48 58.80 60.93
N UNK CA 650 46.86 58.69 59.66
CA UNK CA 650 48.23 58.41 59.27
C UNK CA 650 48.36 59.01 57.89
N UNK CA 651 49.45 59.70 57.66
CA UNK CA 651 49.68 60.28 56.35
C UNK CA 651 51.04 59.73 55.91
N UNK CA 652 51.19 59.44 54.62
CA UNK CA 652 52.44 58.85 54.14
C UNK CA 652 52.97 59.38 52.84
N UNK CA 653 54.06 58.77 52.39
CA UNK CA 653 54.72 59.16 51.15
C UNK CA 653 53.92 58.78 49.91
N UNK CA 654 52.87 57.99 50.08
CA UNK CA 654 52.05 57.62 48.94
C UNK CA 654 51.08 58.76 48.70
N UNK CA 655 51.29 59.85 49.41
CA UNK CA 655 50.50 61.07 49.27
C UNK CA 655 49.07 60.93 49.83
N UNK CA 656 48.80 59.82 50.51
CA UNK CA 656 47.48 59.60 51.08
C UNK CA 656 47.43 59.86 52.58
N UNK CA 657 46.21 60.09 53.08
CA UNK CA 657 45.94 60.31 54.50
C UNK CA 657 44.88 59.26 54.84
N UNK CA 658 44.94 58.66 56.02
CA UNK CA 658 43.97 57.63 56.33
C UNK CA 658 43.41 57.72 57.73
N UNK CA 659 42.16 57.29 57.89
CA UNK CA 659 41.54 57.34 59.20
C UNK CA 659 41.24 55.92 59.61
N UNK CA 660 41.54 55.59 60.87
CA UNK CA 660 41.32 54.24 61.37
C UNK CA 660 40.54 54.25 62.69
N UNK CA 661 39.76 53.19 62.90
CA UNK CA 661 39.02 53.03 64.13
C UNK CA 661 40.12 52.58 65.07
N UNK CA 662 40.47 53.41 66.03
CA UNK CA 662 41.56 53.07 66.95
C UNK CA 662 41.31 51.78 67.71
N UNK CA 663 40.07 51.30 67.70
CA UNK CA 663 39.74 50.09 68.43
C UNK CA 663 39.93 48.83 67.62
N UNK CA 664 40.98 48.93 64.22
CA UNK CA 664 41.99 49.11 63.21
C UNK CA 664 41.46 49.03 61.80
N UNK CA 665 40.14 49.02 61.65
CA UNK CA 665 39.57 48.95 60.30
C UNK CA 665 39.65 50.32 59.62
N UNK CA 666 40.10 50.32 58.36
CA UNK CA 666 40.22 51.54 57.58
C UNK CA 666 38.84 52.21 57.58
N UNK CA 667 38.79 53.48 57.98
CA UNK CA 667 37.54 54.21 58.05
C UNK CA 667 37.53 55.31 56.97
N UNK CA 668 39.88 56.81 53.19
CA UNK CA 668 41.14 57.45 52.86
C UNK CA 668 40.93 58.72 52.04
N UNK CA 669 41.84 59.66 52.19
CA UNK CA 669 41.78 60.93 51.50
C UNK CA 669 43.01 61.12 50.63
N UNK CA 670 42.87 60.97 49.33
CA UNK CA 670 44.01 61.18 48.44
C UNK CA 670 43.77 62.46 47.68
N UNK CA 671 44.56 63.49 47.97
CA UNK CA 671 44.41 64.78 47.29
C UNK CA 671 45.71 65.54 47.27
N UNK CA 672 48.56 65.86 51.07
CA UNK CA 672 48.11 66.64 52.22
C UNK CA 672 49.05 66.36 53.40
N UNK CA 673 49.69 67.44 53.87
CA UNK CA 673 50.69 67.40 54.95
C UNK CA 673 50.13 67.57 56.36
N UNK CA 674 49.29 68.57 56.56
CA UNK CA 674 48.69 68.83 57.86
C UNK CA 674 47.35 68.12 58.02
N UNK CA 675 47.08 67.66 59.23
CA UNK CA 675 45.78 67.09 59.60
C UNK CA 675 45.64 67.01 61.11
N UNK CA 676 44.74 67.83 61.63
CA UNK CA 676 44.48 67.96 63.06
C UNK CA 676 42.98 68.01 63.37
N UNK CA 677 42.56 67.44 64.49
CA UNK CA 677 41.14 67.42 64.90
C UNK CA 677 40.82 68.57 65.81
N UNK CA 678 39.53 68.75 66.10
CA UNK CA 678 39.10 69.82 67.02
C UNK CA 678 39.34 69.32 68.44
N UNK CA 679 39.71 70.22 69.35
CA UNK CA 679 40.01 69.84 70.74
C UNK CA 679 38.79 69.58 71.61
N UNK CA 680 37.82 70.49 71.54
CA UNK CA 680 36.61 70.34 72.33
C UNK CA 680 35.81 69.08 72.00
N UNK CA 681 35.57 68.30 73.06
CA UNK CA 681 34.83 67.05 73.01
C UNK CA 681 33.41 67.24 72.50
N UNK CA 682 33.07 68.47 72.14
CA UNK CA 682 31.75 68.77 71.65
C UNK CA 682 31.65 68.48 70.16
N UNK CA 683 32.17 69.40 69.34
CA UNK CA 683 32.16 69.25 67.88
C UNK CA 683 33.27 68.30 67.41
N UNK CA 684 33.13 67.78 66.19
CA UNK CA 684 34.09 66.82 65.64
C UNK CA 684 34.55 67.16 64.23
N UNK CA 685 35.45 68.13 64.08
CA UNK CA 685 35.94 68.51 62.77
C UNK CA 685 37.36 68.11 62.53
N UNK CA 686 37.74 68.06 61.26
CA UNK CA 686 39.10 67.70 60.88
C UNK CA 686 39.60 68.76 59.91
N UNK CA 687 40.81 69.25 60.14
CA UNK CA 687 41.39 70.26 59.29
C UNK CA 687 42.60 69.68 58.59
N UNK CA 688 42.73 69.96 57.31
CA UNK CA 688 43.84 69.45 56.54
C UNK CA 688 44.47 70.52 55.66
N UNK CA 689 45.80 70.50 55.58
CA UNK CA 689 46.53 71.45 54.76
C UNK CA 689 47.20 70.62 53.68
N UNK CA 690 47.29 71.13 52.46
CA UNK CA 690 47.91 70.36 51.40
C UNK CA 690 48.83 71.17 50.49
N UNK CA 691 49.63 70.47 49.70
CA UNK CA 691 50.54 71.10 48.76
C UNK CA 691 49.74 71.80 47.67
N UNK CA 692 48.43 71.55 47.63
CA UNK CA 692 47.58 72.17 46.62
C UNK CA 692 47.17 73.58 47.03
N UNK CA 693 47.76 74.08 48.11
CA UNK CA 693 47.50 75.43 48.61
C UNK CA 693 46.22 75.60 49.41
N UNK CA 694 45.41 74.55 49.52
CA UNK CA 694 44.18 74.70 50.27
C UNK CA 694 44.23 74.07 51.63
N UNK CA 695 43.20 74.40 52.41
CA UNK CA 695 42.97 73.90 53.74
C UNK CA 695 41.55 73.37 53.67
N UNK CA 696 41.23 72.31 54.39
CA UNK CA 696 39.88 71.81 54.34
C UNK CA 696 39.33 71.43 55.69
N UNK CA 697 38.05 71.72 55.89
CA UNK CA 697 37.39 71.36 57.13
C UNK CA 697 36.46 70.24 56.72
N UNK CA 698 36.50 69.13 57.46
CA UNK CA 698 35.66 67.99 57.17
C UNK CA 698 34.79 67.79 58.38
N UNK CA 699 33.53 67.42 58.15
CA UNK CA 699 32.59 67.17 59.22
C UNK CA 699 32.45 65.65 59.16
N UNK CA 700 33.21 64.94 59.98
CA UNK CA 700 33.19 63.49 60.01
C UNK CA 700 31.80 62.88 60.01
N UNK CA 701 30.82 63.69 60.40
CA UNK CA 701 29.43 63.25 60.43
C UNK CA 701 28.79 63.55 59.08
N UNK CA 702 29.60 63.57 58.02
CA UNK CA 702 29.07 63.87 56.70
C UNK CA 702 29.99 63.35 55.60
N UNK CA 703 29.44 62.58 54.68
CA UNK CA 703 30.21 62.02 53.58
C UNK CA 703 30.91 63.10 52.76
N UNK CA 704 30.69 64.36 53.10
CA UNK CA 704 31.28 65.46 52.34
C UNK CA 704 32.20 66.45 53.06
N UNK CA 705 32.93 67.20 52.24
CA UNK CA 705 33.84 68.23 52.69
C UNK CA 705 32.91 69.30 53.24
N UNK CA 706 33.37 70.11 54.20
CA UNK CA 706 32.50 71.14 54.75
C UNK CA 706 32.91 72.52 54.32
N UNK CA 707 34.19 72.69 54.06
CA UNK CA 707 34.71 73.98 53.65
C UNK CA 707 36.07 73.79 52.99
N UNK CA 708 36.44 74.75 52.16
CA UNK CA 708 37.72 74.71 51.49
C UNK CA 708 38.29 76.10 51.58
N UNK CA 709 39.18 76.32 52.54
CA UNK CA 709 39.77 77.64 52.71
C UNK CA 709 40.75 78.01 51.62
N UNK CA 710 40.36 78.92 50.74
CA UNK CA 710 41.27 79.35 49.70
C UNK CA 710 42.03 80.54 50.27
N UNK CA 711 56.23 73.74 50.72
CA UNK CA 711 55.55 74.10 51.97
C UNK CA 711 55.52 72.83 52.81
N UNK CA 712 56.22 72.84 53.93
CA UNK CA 712 56.31 71.65 54.75
C UNK CA 712 55.34 71.54 55.90
N UNK CA 713 54.70 72.64 56.27
CA UNK CA 713 53.82 72.56 57.42
C UNK CA 713 52.93 73.79 57.47
N UNK CA 714 51.79 73.69 58.14
CA UNK CA 714 50.83 74.77 58.24
C UNK CA 714 49.80 74.46 59.33
N UNK CA 715 49.47 75.47 60.12
CA UNK CA 715 48.50 75.31 61.20
C UNK CA 715 47.61 76.53 61.28
N UNK CA 716 46.33 76.31 61.53
CA UNK CA 716 45.43 77.43 61.68
C UNK CA 716 45.71 77.99 63.05
N UNK CA 717 45.42 79.27 63.25
CA UNK CA 717 45.63 79.86 64.55
C UNK CA 717 44.45 79.42 65.41
N UNK CA 718 44.61 79.46 66.74
CA UNK CA 718 43.50 79.04 67.59
C UNK CA 718 42.29 79.88 67.19
N UNK CA 719 41.44 83.01 62.52
CA UNK CA 719 41.63 84.10 61.57
C UNK CA 719 42.95 84.07 60.80
N UNK CA 720 43.94 83.37 61.31
CA UNK CA 720 45.22 83.31 60.62
C UNK CA 720 45.65 81.91 60.28
N UNK CA 721 46.52 81.79 59.26
CA UNK CA 721 47.02 80.49 58.84
C UNK CA 721 48.52 80.61 58.80
N UNK CA 722 49.20 79.96 59.74
CA UNK CA 722 50.64 80.01 59.76
C UNK CA 722 51.17 78.98 58.75
N UNK CA 723 52.26 79.31 58.10
CA UNK CA 723 52.82 78.42 57.11
C UNK CA 723 54.33 78.37 57.20
N UNK CA 724 54.86 77.17 57.10
CA UNK CA 724 56.27 76.88 57.24
C UNK CA 724 56.81 76.21 55.99
N UNK CA 725 57.95 76.71 55.49
CA UNK CA 725 58.53 76.16 54.26
C UNK CA 725 60.04 75.98 54.25
N UNK CA 726 60.53 75.57 53.09
CA UNK CA 726 61.94 75.34 52.85
C UNK CA 726 62.60 76.63 52.38
N UNK CA 727 61.78 77.59 51.96
CA UNK CA 727 62.32 78.86 51.51
C UNK CA 727 62.87 79.70 52.65
N UNK CA 728 62.92 79.13 53.84
CA UNK CA 728 63.46 79.84 54.99
C UNK CA 728 62.53 80.86 55.64
N UNK CA 729 61.23 80.74 55.40
CA UNK CA 729 60.29 81.67 55.99
C UNK CA 729 59.20 81.03 56.86
N UNK CA 730 58.56 81.86 57.67
CA UNK CA 730 57.41 81.47 58.48
C UNK CA 730 56.47 82.48 57.84
N UNK CA 731 55.19 82.15 57.69
CA UNK CA 731 54.32 83.11 57.06
C UNK CA 731 52.93 83.09 57.62
N UNK CA 732 52.32 84.26 57.72
CA UNK CA 732 50.97 84.32 58.23
C UNK CA 732 49.99 84.81 57.18
N UNK CA 733 49.23 83.87 56.61
CA UNK CA 733 48.25 84.23 55.64
C UNK CA 733 46.98 84.59 56.40
N UNK CA 734 46.08 85.33 55.74
CA UNK CA 734 44.82 85.75 56.33
C UNK CA 734 43.71 84.86 55.80
N UNK CA 735 43.22 83.95 56.63
CA UNK CA 735 42.18 83.03 56.21
C UNK CA 735 41.03 83.63 55.42
N UNK CA 736 40.32 84.58 56.02
CA UNK CA 736 39.19 85.18 55.37
C UNK CA 736 39.44 85.66 53.94
N UNK CA 737 40.69 85.97 53.61
CA UNK CA 737 40.98 86.46 52.27
C UNK CA 737 42.15 85.78 51.54
N UNK CA 738 42.75 84.79 52.19
CA UNK CA 738 43.88 84.06 51.60
C UNK CA 738 45.00 85.00 51.11
N UNK CA 739 45.26 86.08 51.84
CA UNK CA 739 46.29 87.06 51.50
C UNK CA 739 47.51 86.92 52.40
N UNK CA 740 48.69 87.19 51.88
CA UNK CA 740 49.89 87.08 52.72
C UNK CA 740 49.97 88.33 53.59
N UNK CA 741 49.92 88.15 54.91
CA UNK CA 741 50.00 89.29 55.84
C UNK CA 741 51.44 89.56 56.26
N UNK CA 742 52.19 88.53 56.61
CA UNK CA 742 53.57 88.72 57.00
C UNK CA 742 54.44 87.55 56.55
N UNK CA 743 55.74 87.74 56.64
CA UNK CA 743 56.71 86.72 56.28
C UNK CA 743 57.89 86.93 57.20
N UNK CA 744 58.38 85.87 57.82
CA UNK CA 744 59.51 85.97 58.73
C UNK CA 744 60.68 85.13 58.28
N UNK CA 745 61.71 85.79 57.77
CA UNK CA 745 62.89 85.09 57.32
C UNK CA 745 63.69 84.51 58.49
N UNK CA 746 64.11 83.26 58.37
CA UNK CA 746 64.91 82.67 59.43
C UNK CA 746 66.38 82.77 59.00
N UNK CA 747 67.05 83.71 59.68
CA UNK CA 747 68.46 84.08 59.46
C UNK CA 747 69.33 83.83 60.68
N UNK CA 748 69.10 82.75 61.40
CA UNK CA 748 69.87 82.46 62.59
C UNK CA 748 70.97 81.49 62.29
N UNK CA 749 71.35 81.41 61.03
CA UNK CA 749 72.37 80.47 60.60
C UNK CA 749 73.43 81.14 59.72
N UNK CA 750 74.69 80.82 60.01
CA UNK CA 750 75.82 81.42 59.30
C UNK CA 750 76.77 80.35 58.76
N UNK CA 751 59.42 71.79 59.94
CA UNK CA 751 58.61 71.28 61.05
C UNK CA 751 57.84 72.45 61.64
N UNK CA 752 56.59 72.24 62.04
CA UNK CA 752 55.83 73.33 62.64
C UNK CA 752 54.56 72.87 63.29
N UNK CA 753 54.65 72.59 64.59
CA UNK CA 753 53.54 72.10 65.37
C UNK CA 753 52.87 73.11 66.29
N UNK CA 754 51.64 72.80 66.64
CA UNK CA 754 50.79 73.62 67.51
C UNK CA 754 50.96 73.35 68.98
N UNK CA 755 50.51 74.28 69.81
CA UNK CA 755 50.59 74.10 71.25
C UNK CA 755 49.39 73.25 71.64
N UNK CA 756 49.33 72.85 72.91
CA UNK CA 756 48.25 72.02 73.40
C UNK CA 756 46.89 72.69 73.28
N UNK CA 757 46.84 73.97 73.61
CA UNK CA 757 45.61 74.72 73.56
C UNK CA 757 45.33 75.25 72.16
N UNK CA 758 46.24 75.00 71.23
CA UNK CA 758 46.05 75.48 69.87
C UNK CA 758 46.12 77.00 69.75
N UNK CA 759 46.66 77.64 70.79
CA UNK CA 759 46.77 79.09 70.80
C UNK CA 759 48.18 79.56 70.53
N UNK CA 760 49.09 78.65 70.24
CA UNK CA 760 50.46 79.02 69.96
C UNK CA 760 51.05 78.01 68.97
N UNK CA 761 52.06 78.44 68.22
CA UNK CA 761 52.66 77.57 67.22
C UNK CA 761 54.17 77.76 67.22
N UNK CA 762 54.94 76.69 67.16
CA UNK CA 762 56.39 76.89 67.12
C UNK CA 762 56.81 76.52 65.71
N UNK CA 763 57.85 77.18 65.20
CA UNK CA 763 58.38 76.89 63.87
C UNK CA 763 59.89 76.95 63.89
N UNK CA 764 60.50 76.34 62.87
CA UNK CA 764 61.96 76.28 62.78
C UNK CA 764 62.49 76.75 61.42
N UNK CA 765 63.65 77.40 61.47
CA UNK CA 765 64.32 77.91 60.26
C UNK CA 765 65.80 78.21 60.54
N UNK CA 766 68.86 78.71 61.89
CA UNK CA 766 69.34 78.45 63.24
C UNK CA 766 68.39 78.62 64.39
N UNK CA 767 67.12 78.94 64.14
CA UNK CA 767 66.25 79.15 65.28
C UNK CA 767 64.88 78.49 65.25
N UNK CA 768 64.33 78.37 66.44
CA UNK CA 768 63.00 77.84 66.67
C UNK CA 768 62.31 79.11 67.13
N UNK CA 769 61.09 79.36 66.67
CA UNK CA 769 60.36 80.57 67.04
C UNK CA 769 58.96 80.24 67.51
N UNK CA 770 58.54 80.89 68.59
CA UNK CA 770 57.20 80.68 69.12
C UNK CA 770 56.28 81.84 68.81
N UNK CA 771 55.23 81.54 68.05
CA UNK CA 771 54.27 82.56 67.66
C UNK CA 771 52.92 82.44 68.33
N UNK CA 772 52.27 83.58 68.45
CA UNK CA 772 50.96 83.66 69.03
C UNK CA 772 50.00 83.55 67.84
N UNK CA 773 49.30 82.43 67.74
CA UNK CA 773 48.37 82.18 66.63
C UNK CA 773 47.42 83.34 66.33
N UNK CA 774 47.45 87.22 67.77
CA UNK CA 774 48.21 88.44 67.51
C UNK CA 774 49.31 88.26 66.45
N UNK CA 775 49.77 87.03 66.24
CA UNK CA 775 50.85 86.75 65.29
C UNK CA 775 52.16 87.30 65.83
N UNK CA 776 52.23 87.42 67.15
CA UNK CA 776 53.43 87.92 67.77
C UNK CA 776 54.45 86.84 68.03
N UNK CA 777 55.71 87.26 68.06
CA UNK CA 777 56.80 86.34 68.30
C UNK CA 777 56.99 86.27 69.80
N UNK CA 778 56.52 85.20 70.43
CA UNK CA 778 56.64 85.05 71.86
C UNK CA 778 57.97 84.50 72.34
N UNK CA 779 58.80 84.02 71.41
CA UNK CA 779 60.08 83.47 71.82
C UNK CA 779 61.02 83.15 70.67
N UNK CA 780 62.30 83.23 70.94
CA UNK CA 780 63.32 82.99 69.94
C UNK CA 780 64.54 82.34 70.57
N UNK CA 781 64.60 81.02 70.54
CA UNK CA 781 65.77 80.35 71.08
C UNK CA 781 66.70 80.09 69.90
N UNK CA 782 68.15 78.42 71.73
CA UNK CA 782 69.15 78.24 70.70
C UNK CA 782 69.78 76.88 70.89
N UNK CA 783 69.71 76.07 69.85
CA UNK CA 783 70.22 74.71 69.91
C UNK CA 783 71.71 74.57 69.64
N UNK CA 784 73.84 72.85 64.59
CA UNK CA 784 73.53 71.64 63.83
C UNK CA 784 72.20 72.03 63.20
N UNK CA 785 71.33 71.07 62.94
CA UNK CA 785 70.01 71.39 62.37
C UNK CA 785 68.92 70.49 62.94
N UNK CA 786 67.87 71.10 63.47
CA UNK CA 786 66.76 70.37 64.04
C UNK CA 786 66.14 69.54 62.92
N UNK CA 787 66.07 68.23 63.14
CA UNK CA 787 65.51 67.32 62.13
C UNK CA 787 63.99 67.14 62.29
N UNK CA 788 63.47 67.33 63.49
CA UNK CA 788 62.02 67.22 63.71
C UNK CA 788 61.63 67.70 65.11
N UNK CA 789 60.35 68.01 65.29
CA UNK CA 789 59.84 68.49 66.58
C UNK CA 789 58.35 68.32 66.74
N UNK CA 790 57.82 68.71 67.90
CA UNK CA 790 56.39 68.65 68.14
C UNK CA 790 56.08 69.41 69.40
N UNK CA 791 55.09 70.28 69.28
CA UNK CA 791 54.67 71.13 70.35
C UNK CA 791 53.55 70.47 71.15
N UNK CA 792 53.72 70.38 72.46
CA UNK CA 792 52.76 69.77 73.36
C UNK CA 792 51.48 70.60 73.47
N UNK CA 793 50.46 70.08 74.17
CA UNK CA 793 49.25 70.88 74.30
C UNK CA 793 49.19 71.52 75.68
N UNK CA 794 50.18 71.21 76.51
CA UNK CA 794 50.29 71.74 77.88
C UNK CA 794 51.73 72.09 78.20
N UNK CA 795 51.91 72.83 79.30
CA UNK CA 795 53.24 73.23 79.76
C UNK CA 795 54.14 73.84 78.67
N UNK CA 796 53.54 74.29 77.57
CA UNK CA 796 54.30 74.87 76.45
C UNK CA 796 55.50 74.00 76.13
N UNK CA 797 55.37 72.69 76.34
CA UNK CA 797 56.48 71.80 76.06
C UNK CA 797 56.64 71.56 74.59
N UNK CA 798 57.88 71.38 74.17
CA UNK CA 798 58.17 71.13 72.79
C UNK CA 798 59.27 70.10 72.74
N UNK CA 799 59.09 69.06 71.92
CA UNK CA 799 60.13 68.04 71.80
C UNK CA 799 60.70 68.13 70.42
N UNK CA 800 62.02 68.10 70.35
CA UNK CA 800 62.67 68.18 69.06
C UNK CA 800 63.79 67.18 68.97
N UNK CA 801 63.88 66.51 67.83
CA UNK CA 801 64.94 65.56 67.61
C UNK CA 801 66.00 66.53 67.12
N UNK CA 802 70.33 61.37 66.62
CA UNK CA 802 69.93 60.73 67.86
C UNK CA 802 69.86 61.51 69.19
N UNK CA 803 70.01 62.83 69.15
CA UNK CA 803 69.91 63.61 70.37
C UNK CA 803 68.49 64.06 70.48
N UNK CA 804 67.87 63.87 71.63
CA UNK CA 804 66.48 64.27 71.79
C UNK CA 804 66.34 65.07 73.04
N UNK CA 805 65.89 66.30 72.91
CA UNK CA 805 65.69 67.13 74.08
C UNK CA 805 64.37 67.86 74.01
N UNK CA 806 63.65 67.92 75.13
CA UNK CA 806 62.40 68.63 75.13
C UNK CA 806 62.62 69.94 75.87
N UNK CA 807 62.14 71.01 75.27
CA UNK CA 807 62.27 72.37 75.77
C UNK CA 807 60.98 72.96 76.28
N UNK CA 808 61.12 74.09 76.95
CA UNK CA 808 60.01 74.81 77.53
C UNK CA 808 59.92 76.18 76.82
N UNK CA 809 59.05 76.28 75.82
CA UNK CA 809 58.86 77.55 75.13
C UNK CA 809 58.36 78.47 76.25
N UNK CA 810 58.36 79.77 76.04
CA UNK CA 810 57.90 80.67 77.10
C UNK CA 810 59.00 80.85 78.15
N UNK CA 811 61.86 79.37 77.48
CA UNK CA 811 62.96 79.31 76.50
C UNK CA 811 64.18 78.59 77.02
N UNK CA 812 63.96 77.57 77.84
CA UNK CA 812 65.04 76.79 78.44
C UNK CA 812 64.89 75.28 78.22
N UNK CA 813 66.00 74.56 78.14
CA UNK CA 813 65.89 73.12 77.98
C UNK CA 813 65.41 72.56 79.32
N UNK CA 814 64.53 71.57 79.25
CA UNK CA 814 63.93 70.94 80.41
C UNK CA 814 64.47 69.54 80.66
N UNK CA 815 64.71 68.78 79.60
CA UNK CA 815 65.22 67.44 79.77
C UNK CA 815 65.99 66.92 78.59
N UNK CA 816 66.94 66.04 78.87
CA UNK CA 816 67.73 65.41 77.84
C UNK CA 816 67.21 63.99 77.76
N UNK CA 817 66.79 63.60 76.58
CA UNK CA 817 66.25 62.27 76.39
C UNK CA 817 67.22 61.42 75.59
N UNK CA 818 68.01 60.62 76.29
CA UNK CA 818 69.00 59.78 75.65
C UNK CA 818 68.40 58.40 75.44
N UNK CA 819 68.20 58.00 74.19
CA UNK CA 819 67.63 56.69 73.92
C UNK CA 819 68.14 56.01 72.67
N UNK CA 820 68.60 56.79 71.71
CA UNK CA 820 69.09 56.23 70.45
C UNK CA 820 70.56 56.59 70.20
N UNK CA 821 71.24 55.78 69.40
CA UNK CA 821 72.63 56.05 69.04
C UNK CA 821 72.71 56.04 67.50
N UNK CA 822 71.44 55.16 66.86
CA UNK CA 822 71.02 55.30 65.49
C UNK CA 822 70.05 56.47 65.46
N UNK CA 823 70.04 57.20 64.36
CA UNK CA 823 69.17 58.35 64.15
C UNK CA 823 67.80 58.42 64.80
N UNK CA 824 67.49 59.52 65.47
CA UNK CA 824 66.20 59.64 66.15
C UNK CA 824 65.33 60.54 65.31
N UNK CA 825 64.25 59.99 64.75
CA UNK CA 825 63.37 60.73 63.88
C UNK CA 825 62.33 61.56 64.59
N UNK CA 826 61.76 61.01 65.64
CA UNK CA 826 60.73 61.73 66.35
C UNK CA 826 60.82 61.56 67.84
N UNK CA 827 60.04 62.37 68.55
CA UNK CA 827 60.09 62.34 69.99
C UNK CA 827 58.94 63.19 70.53
N UNK CA 828 58.24 62.73 71.55
CA UNK CA 828 57.21 63.59 72.12
C UNK CA 828 56.68 63.22 73.48
N UNK CA 829 56.07 64.20 74.13
CA UNK CA 829 55.54 64.03 75.48
C UNK CA 829 54.20 63.34 75.48
N UNK CA 830 53.89 62.71 76.60
CA UNK CA 830 52.61 62.07 76.79
C UNK CA 830 51.71 63.27 76.93
N UNK CA 831 50.40 63.08 76.94
CA UNK CA 831 49.55 64.26 77.07
C UNK CA 831 49.70 65.05 78.37
N UNK CA 832 49.96 64.37 79.49
CA UNK CA 832 50.12 65.09 80.75
C UNK CA 832 51.57 65.49 80.92
N UNK CA 833 52.35 65.24 79.87
CA UNK CA 833 53.75 65.57 79.88
C UNK CA 833 54.52 64.86 80.97
N UNK CA 834 53.93 63.79 81.52
CA UNK CA 834 54.59 63.06 82.58
C UNK CA 834 55.66 62.16 82.00
N UNK CA 835 55.56 61.85 80.73
CA UNK CA 835 56.56 60.99 80.13
C UNK CA 835 56.67 61.35 78.65
N UNK CA 836 57.66 60.80 77.97
CA UNK CA 836 57.85 61.06 76.54
C UNK CA 836 58.37 59.82 75.84
N UNK CA 837 58.19 59.76 74.52
CA UNK CA 837 58.64 58.61 73.76
C UNK CA 837 59.70 59.03 72.77
N UNK CA 838 60.53 58.08 72.36
CA UNK CA 838 61.61 58.32 71.41
C UNK CA 838 61.44 57.35 70.25
N UNK CA 839 61.46 57.86 69.02
CA UNK CA 839 61.32 56.99 67.84
C UNK CA 839 62.57 57.05 66.95
N UNK CA 840 63.19 55.91 66.66
CA UNK CA 840 64.39 55.95 65.86
C UNK CA 840 64.61 54.94 64.75
N UNK CA 841 65.72 55.16 64.07
CA UNK CA 841 66.17 54.36 62.95
C UNK CA 841 66.58 52.97 63.39
N UNK CA 842 66.93 52.82 64.66
CA UNK CA 842 67.30 51.51 65.19
C UNK CA 842 65.99 50.77 65.39
N UNK CA 843 64.97 51.21 64.64
CA UNK CA 843 63.63 50.65 64.65
C UNK CA 843 63.04 50.33 66.02
N UNK CA 844 63.32 51.17 67.00
CA UNK CA 844 62.75 50.96 68.31
C UNK CA 844 62.01 52.20 68.74
N UNK CA 845 61.15 52.04 69.72
CA UNK CA 845 60.38 53.12 70.28
C UNK CA 845 60.56 52.95 71.76
N UNK CA 846 61.05 53.97 72.45
CA UNK CA 846 61.26 53.84 73.89
C UNK CA 846 60.48 54.88 74.68
N UNK CA 847 59.88 54.44 75.78
CA UNK CA 847 59.12 55.35 76.61
C UNK CA 847 59.92 55.71 77.84
N UNK CA 848 59.97 57.02 78.10
CA UNK CA 848 60.70 57.55 79.24
C UNK CA 848 59.77 58.32 80.14
N UNK CA 849 60.12 58.39 81.42
CA UNK CA 849 59.34 59.15 82.37
C UNK CA 849 60.17 60.37 82.71
N UNK CA 850 59.66 61.54 82.34
CA UNK CA 850 60.33 62.82 82.56
C UNK CA 850 60.95 62.99 83.92
N UNK CA 851 60.13 62.95 84.96
CA UNK CA 851 60.61 63.11 86.32
C UNK CA 851 61.95 62.38 86.50
N UNK CA 852 61.94 61.06 86.38
CA UNK CA 852 63.14 60.24 86.54
C UNK CA 852 64.29 60.64 85.62
N UNK CA 853 64.01 61.11 84.42
CA UNK CA 853 65.07 61.49 83.49
C UNK CA 853 65.74 62.81 83.85
N UNK CA 854 64.96 63.78 84.32
CA UNK CA 854 65.48 65.09 84.69
C UNK CA 854 66.26 65.11 85.99
N UNK CA 855 66.10 64.09 86.81
CA UNK CA 855 66.83 64.04 88.06
C UNK CA 855 68.32 64.09 87.75
N UNK CA 856 69.04 64.88 88.53
CA UNK CA 856 70.47 65.02 88.37
C UNK CA 856 71.14 63.69 88.64
N UNK CA 857 76.77 67.43 85.00
CA UNK CA 857 77.36 66.24 85.57
C UNK CA 857 78.41 65.60 84.66
N UNK CA 858 79.23 64.76 85.30
CA UNK CA 858 80.32 64.05 84.66
C UNK CA 858 79.87 62.70 84.13
N UNK CA 859 78.57 62.45 84.14
CA UNK CA 859 78.12 61.18 83.65
C UNK CA 859 78.34 61.09 82.14
N UNK CA 860 78.10 62.17 81.42
CA UNK CA 860 78.32 62.19 79.97
C UNK CA 860 79.40 63.18 79.59
N UNK CA 861 80.42 62.70 78.89
CA UNK CA 861 81.51 63.56 78.48
C UNK CA 861 81.64 63.43 76.99
N UNK CA 862 82.59 64.19 76.44
CA UNK CA 862 82.87 64.17 75.01
C UNK CA 862 84.00 63.16 74.92
N UNK CA 863 84.47 62.90 73.71
CA UNK CA 863 85.56 61.94 73.56
C UNK CA 863 86.95 62.58 73.68
N UNK CA 864 86.96 63.87 73.96
CA UNK CA 864 88.20 64.58 74.14
C UNK CA 864 88.54 64.53 75.62
N UNK CA 865 89.43 63.61 75.97
CA UNK CA 865 89.85 63.41 77.35
C UNK CA 865 91.32 63.06 77.43
N UNK CA 866 91.89 63.21 78.62
CA UNK CA 866 93.27 62.85 78.85
C UNK CA 866 93.35 62.16 80.21
N UNK CA 867 94.14 61.09 80.25
CA UNK CA 867 94.30 60.26 81.45
C UNK CA 867 95.71 60.21 82.02
N UNK CA 868 95.79 60.15 83.34
CA UNK CA 868 97.07 60.06 84.04
C UNK CA 868 97.03 58.93 85.06
N UNK CA 869 97.67 57.81 84.73
CA UNK CA 869 97.73 56.65 85.61
C UNK CA 869 98.80 56.82 86.68
N UNK CA 870 98.39 57.27 87.88
CA UNK CA 870 99.34 57.47 88.95
C UNK CA 870 99.34 56.39 90.04
N UNK CA 871 96.08 55.09 91.82
CA UNK CA 871 94.81 55.45 91.17
C UNK CA 871 94.94 56.00 89.73
N UNK CA 872 93.78 56.20 89.09
CA UNK CA 872 93.73 56.73 87.73
C UNK CA 872 93.03 58.09 87.72
N UNK CA 873 93.49 58.97 86.83
CA UNK CA 873 92.94 60.32 86.70
C UNK CA 873 92.53 60.66 85.27
N UNK CA 874 91.27 61.07 85.12
CA UNK CA 874 90.75 61.43 83.82
C UNK CA 874 90.21 62.86 83.81
N UNK CA 875 90.73 63.67 82.89
CA UNK CA 875 90.30 65.06 82.75
C UNK CA 875 89.51 65.00 81.45
N UNK CA 876 88.29 65.51 81.45
CA UNK CA 876 87.52 65.42 80.23
C UNK CA 876 86.68 66.63 79.91
N UNK CA 877 86.49 66.87 78.61
CA UNK CA 877 85.68 67.97 78.11
C UNK CA 877 84.21 67.59 78.34
N UNK CA 878 83.51 68.35 79.18
CA UNK CA 878 82.11 68.03 79.44
C UNK CA 878 81.26 68.06 78.16
N UNK CA 879 80.23 67.23 78.14
CA UNK CA 879 79.33 67.13 77.00
C UNK CA 879 78.57 68.44 76.73
N UNK CA 880 84.86 71.17 81.66
CA UNK CA 880 85.58 69.92 81.71
C UNK CA 880 85.55 69.37 83.12
N UNK CA 881 85.59 68.06 83.23
CA UNK CA 881 85.54 67.36 84.51
C UNK CA 881 86.87 66.73 84.91
N UNK CA 882 87.21 66.88 86.17
CA UNK CA 882 88.43 66.26 86.68
C UNK CA 882 87.92 65.00 87.37
N UNK CA 883 87.85 63.92 86.60
CA UNK CA 883 87.36 62.63 87.10
C UNK CA 883 88.46 61.74 87.65
N UNK CA 884 88.32 61.36 88.91
CA UNK CA 884 89.28 60.49 89.57
C UNK CA 884 88.69 59.08 89.62
N UNK CA 885 89.13 58.22 88.70
CA UNK CA 885 88.63 56.86 88.68
C UNK CA 885 88.94 56.21 90.01
N UNK CA 886 88.16 55.23 90.43
CA UNK CA 886 88.40 54.60 91.73
C UNK CA 886 88.08 55.65 92.80
N UNK CA 887 84.80 61.47 93.25
CA UNK CA 887 85.55 62.72 93.17
C UNK CA 887 85.59 63.39 91.79
N UNK CA 888 84.45 63.97 91.42
CA UNK CA 888 84.32 64.67 90.16
C UNK CA 888 84.33 66.17 90.45
N UNK CA 889 85.27 66.87 89.83
CA UNK CA 889 85.41 68.30 90.02
C UNK CA 889 85.26 69.04 88.72
N UNK CA 890 84.24 69.91 88.72
CA UNK CA 890 83.87 70.70 87.57
C UNK CA 890 84.60 72.02 87.46
N UNK CA 891 84.91 72.40 86.23
CA UNK CA 891 85.59 73.63 85.92
C UNK CA 891 84.83 74.19 84.73
N UNK CA 892 84.00 75.20 84.95
CA UNK CA 892 83.22 75.83 83.88
C UNK CA 892 84.12 76.54 82.89
N UNK CA 893 83.61 76.74 81.67
CA UNK CA 893 84.39 77.44 80.66
C UNK CA 893 83.66 77.57 79.33
N UNK CA 894 85.15 74.28 75.92
CA UNK CA 894 86.47 73.95 75.44
C UNK CA 894 86.36 72.98 74.28
N UNK CA 895 87.47 72.74 73.60
CA UNK CA 895 87.50 71.83 72.46
C UNK CA 895 88.49 70.69 72.65
N UNK CA 896 89.37 70.83 73.63
CA UNK CA 896 90.35 69.79 73.89
C UNK CA 896 90.92 69.95 75.28
N UNK CA 897 91.34 68.85 75.87
CA UNK CA 897 91.85 68.89 77.21
C UNK CA 897 93.34 68.59 77.29
N UNK CA 898 93.89 68.72 78.50
CA UNK CA 898 95.31 68.49 78.72
C UNK CA 898 95.64 68.45 80.21
N UNK CA 899 96.42 67.46 80.62
CA UNK CA 899 96.83 67.32 82.03
C UNK CA 899 98.34 67.40 82.18
N UNK CA 900 98.80 68.23 83.10
CA UNK CA 900 100.23 68.38 83.32
C UNK CA 900 100.67 67.32 84.30
N UNK CA 901 101.57 66.42 83.88
CA UNK CA 901 102.00 65.39 84.84
C UNK CA 901 102.27 66.06 86.17
N UNK CA 902 98.02 71.41 87.35
CA UNK CA 902 97.66 72.29 86.23
C UNK CA 902 96.88 71.53 85.18
N UNK CA 903 95.88 72.18 84.59
CA UNK CA 903 95.11 71.57 83.51
C UNK CA 903 95.05 72.64 82.43
N UNK CA 904 95.09 72.24 81.17
CA UNK CA 904 95.04 73.22 80.11
C UNK CA 904 93.96 72.84 79.10
N UNK CA 905 93.43 73.82 78.38
CA UNK CA 905 92.42 73.48 77.39
C UNK CA 905 92.32 74.32 76.14
N UNK CA 906 91.85 73.67 75.09
CA UNK CA 906 91.67 74.29 73.81
C UNK CA 906 90.34 75.03 73.79
N UNK CA 907 90.14 75.85 72.79
CA UNK CA 907 88.94 76.65 72.70
C UNK CA 907 88.41 76.63 71.29
N UNK CA 908 87.10 76.86 71.14
CA UNK CA 908 86.46 76.85 69.84
C UNK CA 908 87.03 78.00 68.99
N UNK CA 909 91.35 80.13 71.71
CA UNK CA 909 91.95 80.49 73.00
C UNK CA 909 92.66 79.33 73.70
N UNK CA 910 93.65 79.66 74.52
CA UNK CA 910 94.41 78.66 75.28
C UNK CA 910 94.46 79.11 76.74
N UNK CA 911 94.19 78.21 77.67
CA UNK CA 911 94.22 78.58 79.08
C UNK CA 911 94.73 77.48 80.02
N UNK CA 912 95.54 77.87 80.98
CA UNK CA 912 96.05 76.93 81.96
C UNK CA 912 95.35 77.31 83.24
N UNK CA 913 94.86 76.32 83.97
CA UNK CA 913 94.22 76.57 85.25
C UNK CA 913 95.07 75.82 86.24
N UNK CA 914 95.30 76.39 87.41
CA UNK CA 914 96.11 75.69 88.39
C UNK CA 914 95.23 75.09 89.48
N UNK CA 915 95.18 73.76 89.48
CA UNK CA 915 94.36 73.01 90.42
C UNK CA 915 94.60 73.28 91.90
N UNK CA 916 95.86 73.26 92.36
CA UNK CA 916 96.10 73.53 93.78
C UNK CA 916 95.19 74.65 94.27
N UNK CA 917 94.93 75.59 93.38
CA UNK CA 917 94.08 76.73 93.69
C UNK CA 917 92.67 76.53 93.12
N UNK CA 918 92.76 80.81 89.99
CA UNK CA 918 93.81 81.58 89.31
C UNK CA 918 94.38 80.80 88.13
N UNK CA 919 94.27 81.40 86.94
CA UNK CA 919 94.75 80.77 85.71
C UNK CA 919 95.27 81.87 84.79
N UNK CA 920 95.52 81.51 83.53
CA UNK CA 920 96.27 82.34 82.60
C UNK CA 920 95.76 82.14 81.16
N UNK CA 921 95.94 83.15 80.31
CA UNK CA 921 95.50 83.08 78.91
C UNK CA 921 96.57 83.49 77.91
N UNK CA 922 97.17 82.52 77.24
CA UNK CA 922 98.20 82.82 76.27
C UNK CA 922 97.70 83.04 74.87
N UNK CA 923 97.61 84.31 74.47
CA UNK CA 923 97.13 84.74 73.14
C UNK CA 923 97.61 84.08 71.83
N UNK CA 924 92.91 72.01 68.42
CA UNK CA 924 92.87 70.56 68.32
C UNK CA 924 93.70 69.90 69.41
N UNK CA 925 94.79 69.24 69.04
CA UNK CA 925 95.64 68.60 70.04
C UNK CA 925 96.26 69.69 70.95
N UNK CA 926 96.60 69.36 72.20
CA UNK CA 926 97.22 70.31 73.15
C UNK CA 926 97.94 69.60 74.30
N UNK CA 927 99.24 69.83 74.44
CA UNK CA 927 99.97 69.13 75.48
C UNK CA 927 101.03 69.95 76.24
N UNK CA 928 101.38 69.48 77.42
CA UNK CA 928 102.39 70.13 78.27
C UNK CA 928 103.74 69.52 77.92
N UNK CA 929 104.82 70.21 78.27
CA UNK CA 929 106.16 69.71 78.00
C UNK CA 929 106.44 68.68 79.08
N UNK CA 930 107.49 67.89 78.90
CA UNK CA 930 107.88 66.90 79.89
C UNK CA 930 107.72 67.54 81.28
N UNK CA 931 103.57 74.95 76.72
CA UNK CA 931 102.41 74.25 76.19
C UNK CA 931 102.37 74.18 74.68
N UNK CA 932 102.70 73.03 74.12
CA UNK CA 932 102.62 72.89 72.67
C UNK CA 932 101.15 72.68 72.32
N UNK CA 933 100.71 73.32 71.24
CA UNK CA 933 99.32 73.19 70.82
C UNK CA 933 99.18 73.40 69.34
N UNK CA 934 98.24 72.68 68.74
CA UNK CA 934 98.00 72.80 67.31
C UNK CA 934 96.53 73.09 67.07
N UNK CA 935 96.27 73.65 65.91
CA UNK CA 935 94.93 73.96 65.47
C UNK CA 935 94.79 73.50 64.04
N UNK CA 936 93.76 74.02 63.38
CA UNK CA 936 93.42 73.61 62.03
C UNK CA 936 94.15 74.41 60.95
N UNK CA 937 95.38 74.83 61.26
CA UNK CA 937 96.21 75.58 60.32
C UNK CA 937 97.64 75.02 60.41
N UNK CA 938 98.60 75.63 59.72
CA UNK CA 938 99.98 75.10 59.72
C UNK CA 938 101.00 75.53 60.79
N UNK CA 939 100.60 76.29 61.78
CA UNK CA 939 101.54 76.69 62.81
C UNK CA 939 101.32 75.89 64.09
N UNK CA 940 102.39 75.64 64.85
CA UNK CA 940 102.26 74.92 66.12
C UNK CA 940 102.75 75.79 67.28
N UNK CA 941 101.83 76.42 68.00
CA UNK CA 941 102.19 77.27 69.12
C UNK CA 941 102.96 76.62 70.26
N UNK CA 942 104.13 77.15 70.58
CA UNK CA 942 104.95 76.64 71.69
C UNK CA 942 105.04 77.73 72.74
N UNK CA 943 103.93 77.90 73.47
CA UNK CA 943 103.81 78.92 74.51
C UNK CA 943 104.42 78.54 75.83
N UNK CA 944 105.66 78.97 76.02
CA UNK CA 944 106.36 78.70 77.26
C UNK CA 944 105.77 79.66 78.30
N UNK CA 945 104.56 79.34 78.76
CA UNK CA 945 103.87 80.13 79.77
C UNK CA 945 104.80 80.29 80.99
N UNK CA 946 106.93 83.82 76.92
CA UNK CA 946 107.65 83.60 75.67
C UNK CA 946 106.86 82.71 74.72
N UNK CA 947 107.15 82.83 73.44
CA UNK CA 947 106.49 82.04 72.42
C UNK CA 947 107.47 81.60 71.38
N UNK CA 948 107.26 80.39 70.87
CA UNK CA 948 108.09 79.85 69.83
C UNK CA 948 107.07 79.33 68.83
N UNK CA 949 107.13 79.83 67.60
CA UNK CA 949 106.19 79.43 66.58
C UNK CA 949 106.85 78.54 65.55
N UNK CA 950 106.12 77.54 65.10
CA UNK CA 950 106.65 76.60 64.11
C UNK CA 950 105.81 76.71 62.83
N UNK CA 951 106.22 77.60 61.93
CA UNK CA 951 105.50 77.79 60.66
C UNK CA 951 105.85 76.67 59.73
N UNK CA 952 105.09 75.59 59.85
CA UNK CA 952 105.29 74.40 59.04
C UNK CA 952 105.04 74.72 57.58
N UNK CA 953 104.25 75.75 57.34
CA UNK CA 953 103.90 76.18 56.00
C UNK CA 953 103.27 74.99 55.25
N UNK CA 954 99.93 72.34 55.34
CA UNK CA 954 98.56 72.74 55.02
C UNK CA 954 97.83 72.86 56.35
N UNK CA 955 97.98 71.82 57.17
CA UNK CA 955 97.38 71.76 58.50
C UNK CA 955 98.10 70.64 59.24
N UNK CA 956 98.46 70.91 60.49
CA UNK CA 956 99.11 69.93 61.31
C UNK CA 956 98.06 68.89 61.67
N UNK CA 957 98.19 67.68 61.14
CA UNK CA 957 97.24 66.61 61.43
C UNK CA 957 97.30 66.42 62.93
N UNK CA 958 98.51 66.26 63.45
CA UNK CA 958 98.72 66.09 64.88
C UNK CA 958 100.21 66.10 65.19
N UNK CA 959 100.55 65.95 66.46
CA UNK CA 959 101.94 65.97 66.86
C UNK CA 959 102.09 65.26 68.19
N UNK CA 960 103.33 65.18 68.65
CA UNK CA 960 103.61 64.54 69.94
C UNK CA 960 105.03 64.89 70.39
N UNK CA 961 105.17 65.12 71.69
CA UNK CA 961 106.47 65.45 72.26
C UNK CA 961 107.46 64.38 71.86
N UNK CA 962 108.74 64.66 72.09
CA UNK CA 962 109.77 63.70 71.75
C UNK CA 962 110.89 63.76 72.79
N UNK CA 963 113.44 68.02 74.18
CA UNK CA 963 112.86 69.24 73.62
C UNK CA 963 112.60 69.16 72.12
N UNK CA 964 112.80 67.98 71.55
CA UNK CA 964 112.54 67.76 70.14
C UNK CA 964 111.05 67.36 70.03
N UNK CA 965 110.39 67.68 68.91
CA UNK CA 965 108.97 67.36 68.76
C UNK CA 965 108.57 66.89 67.35
N UNK CA 966 108.03 65.68 67.28
CA UNK CA 966 107.60 65.07 66.03
C UNK CA 966 106.27 65.64 65.54
N UNK CA 967 106.18 65.98 64.26
CA UNK CA 967 104.97 66.56 63.71
C UNK CA 967 104.65 66.12 62.29
N UNK CA 968 103.36 65.88 62.04
CA UNK CA 968 102.88 65.46 60.73
C UNK CA 968 101.64 66.23 60.33
N UNK CA 969 101.64 66.70 59.10
CA UNK CA 969 100.50 67.45 58.56
C UNK CA 969 99.93 66.52 57.54
N UNK CA 970 98.84 66.92 56.90
CA UNK CA 970 98.31 66.05 55.88
C UNK CA 970 98.73 66.52 54.49
N UNK CA 971 100.05 66.51 54.33
CA UNK CA 971 100.76 66.86 53.10
C UNK CA 971 101.85 65.82 52.92
N UNK CA 972 101.66 64.67 53.56
CA UNK CA 972 102.59 63.57 53.49
C UNK CA 972 103.88 63.85 54.23
N UNK CA 973 103.99 65.08 54.73
CA UNK CA 973 105.18 65.49 55.45
C UNK CA 973 105.16 65.20 56.94
N UNK CA 974 106.33 64.87 57.45
CA UNK CA 974 106.56 64.57 58.86
C UNK CA 974 107.81 65.34 59.20
N UNK CA 975 107.76 66.18 60.22
CA UNK CA 975 108.96 66.93 60.56
C UNK CA 975 109.42 66.67 61.98
N UNK CA 976 110.65 67.08 62.30
CA UNK CA 976 111.23 66.91 63.63
C UNK CA 976 111.70 68.24 64.22
N UNK CA 977 110.76 69.11 64.59
CA UNK CA 977 111.09 70.42 65.14
C UNK CA 977 111.85 70.37 66.45
N UNK CA 978 112.47 71.50 66.78
CA UNK CA 978 113.22 71.66 68.01
C UNK CA 978 112.51 72.79 68.73
N UNK CA 979 112.07 72.56 69.95
CA UNK CA 979 111.42 73.65 70.67
C UNK CA 979 112.57 74.51 71.20
N UNK CA 980 113.21 75.23 64.94
CA UNK CA 980 114.05 74.87 63.82
C UNK CA 980 113.80 73.46 63.32
N UNK CA 981 113.38 73.37 62.06
CA UNK CA 981 113.09 72.10 61.41
C UNK CA 981 114.34 71.29 61.15
N UNK CA 982 114.76 70.53 62.15
CA UNK CA 982 115.93 69.69 62.01
C UNK CA 982 115.70 68.72 60.84
N UNK CA 983 114.71 67.83 60.99
CA UNK CA 983 114.38 66.87 59.94
C UNK CA 983 113.07 67.19 59.23
N UNK CA 984 112.97 66.75 57.99
CA UNK CA 984 111.78 66.98 57.17
C UNK CA 984 111.64 65.89 56.11
N UNK CA 985 110.56 65.11 56.18
CA UNK CA 985 110.32 64.02 55.22
C UNK CA 985 109.03 64.24 54.44
N UNK CA 986 108.92 63.56 53.31
CA UNK CA 986 107.70 63.61 52.49
C UNK CA 986 107.41 62.13 52.26
N UNK CA 987 107.10 61.44 53.37
CA UNK CA 987 106.83 60.02 53.40
C UNK CA 987 105.50 59.49 52.84
N UNK CA 988 104.64 60.37 52.33
CA UNK CA 988 103.36 59.97 51.75
C UNK CA 988 102.88 61.05 50.81
N UNK CA 989 102.13 60.68 49.79
CA UNK CA 989 101.62 61.67 48.83
C UNK CA 989 100.23 62.12 49.22
N UNK CA 990 98.08 58.62 61.53
CA UNK CA 990 98.82 58.48 62.79
C UNK CA 990 100.20 57.88 62.54
N UNK CA 991 101.14 58.15 63.43
CA UNK CA 991 102.49 57.63 63.26
C UNK CA 991 103.15 57.72 64.64
N UNK CA 992 103.84 56.67 65.05
CA UNK CA 992 104.47 56.67 66.37
C UNK CA 992 105.95 56.36 66.32
N UNK CA 993 106.61 56.54 67.46
CA UNK CA 993 108.04 56.29 67.57
C UNK CA 993 108.28 54.92 68.19
N UNK CA 994 109.51 54.43 68.05
CA UNK CA 994 109.89 53.14 68.58
C UNK CA 994 110.20 53.23 70.06
N UNK CA 995 114.96 55.12 69.46
CA UNK CA 995 114.18 56.06 68.66
C UNK CA 995 114.71 55.84 67.26
N UNK CA 996 115.54 54.83 67.12
CA UNK CA 996 116.11 54.51 65.83
C UNK CA 996 114.99 54.45 64.80
N UNK CA 997 113.80 54.09 65.27
CA UNK CA 997 112.64 53.95 64.40
C UNK CA 997 111.42 54.82 64.78
N UNK CA 998 110.70 55.29 63.76
CA UNK CA 998 109.50 56.10 63.96
C UNK CA 998 108.69 55.99 62.67
N UNK CA 999 107.65 55.16 62.68
CA UNK CA 999 106.87 54.97 61.47
C UNK CA 999 105.58 55.73 61.37
N UNK CA 1000 105.05 55.75 60.15
CA UNK CA 1000 103.82 56.44 59.79
C UNK CA 1000 102.72 55.50 59.35
N UNK CA 1001 101.60 56.10 58.95
CA UNK CA 1001 100.41 55.41 58.48
C UNK CA 1001 99.62 56.50 57.80
N UNK CA 1002 99.16 56.28 56.58
CA UNK CA 1002 98.42 57.36 55.92
C UNK CA 1002 97.75 56.94 54.64
N UNK CA 1003 99.45 52.79 52.90
CA UNK CA 1003 100.17 51.78 53.66
C UNK CA 1003 100.77 52.36 54.92
N UNK CA 1004 101.77 51.67 55.46
CA UNK CA 1004 102.45 52.11 56.67
C UNK CA 1004 103.96 52.09 56.47
N UNK CA 1005 104.48 53.16 55.84
CA UNK CA 1005 105.90 53.32 55.58
C UNK CA 1005 106.63 53.56 56.90
N UNK CA 1006 107.62 52.72 57.20
CA UNK CA 1006 108.38 52.82 58.43
C UNK CA 1006 109.84 53.25 58.17
N UNK CA 1007 110.36 54.19 58.96
CA UNK CA 1007 111.74 54.62 58.77
C UNK CA 1007 112.60 54.86 60.02
N UNK CA 1008 113.78 55.47 59.80
CA UNK CA 1008 114.78 55.74 60.85
C UNK CA 1008 115.21 57.17 61.19
N UNK CA 1009 112.34 52.92 55.02
CA UNK CA 1009 113.04 51.64 55.09
C UNK CA 1009 112.27 50.63 54.22
N UNK CA 1010 110.95 50.58 54.38
CA UNK CA 1010 110.12 49.69 53.55
C UNK CA 1010 108.62 49.93 53.60
N UNK CA 1011 108.02 50.04 52.41
CA UNK CA 1011 106.59 50.27 52.24
C UNK CA 1011 105.83 48.97 52.51
N UNK CA 1012 104.81 49.06 53.39
CA UNK CA 1012 103.99 47.89 53.77
C UNK CA 1012 102.59 47.97 53.19
N UNK CA 1013 102.45 47.74 51.90
CA UNK CA 1013 101.14 47.84 51.23
C UNK CA 1013 100.18 46.68 51.53
N UNK CA 1014 100.02 46.36 52.81
CA UNK CA 1014 99.12 45.27 53.18
C UNK CA 1014 97.64 45.63 53.19
N UNK CA 1015 97.27 46.58 54.06
CA UNK CA 1015 95.88 47.00 54.21
C UNK CA 1015 95.17 47.44 52.93
N UNK CA 1016 93.91 47.02 52.79
CA UNK CA 1016 93.11 47.38 51.62
C UNK CA 1016 92.20 48.55 51.96
N UNK CA 1017 92.97 51.10 54.32
CA UNK CA 1017 93.82 52.29 54.58
C UNK CA 1017 94.15 52.42 56.07
N UNK CA 1018 95.45 52.44 56.37
CA UNK CA 1018 95.89 52.53 57.76
C UNK CA 1018 95.43 53.82 58.43
N UNK CA 1019 95.22 53.73 59.74
CA UNK CA 1019 94.76 54.86 60.51
C UNK CA 1019 95.44 54.94 61.87
N UNK CA 1020 96.24 53.93 62.20
CA UNK CA 1020 96.96 53.93 63.46
C UNK CA 1020 98.04 52.85 63.48
N UNK CA 1021 98.90 52.87 64.49
CA UNK CA 1021 99.96 51.89 64.61
C UNK CA 1021 100.80 52.09 65.85
N UNK CA 1022 101.56 51.07 66.22
CA UNK CA 1022 102.42 51.14 67.38
C UNK CA 1022 103.56 50.12 67.27
N UNK CA 1023 104.65 50.41 67.98
CA UNK CA 1023 105.81 49.54 67.98
C UNK CA 1023 105.82 48.69 69.24
N UNK CA 1024 106.21 47.43 69.10
CA UNK CA 1024 106.27 46.54 70.25
C UNK CA 1024 107.29 47.16 71.17
N UNK CA 1025 107.05 47.11 72.48
CA UNK CA 1025 107.97 47.69 73.45
C UNK CA 1025 109.35 47.05 73.26
N UNK CA 1026 108.09 44.41 66.38
CA UNK CA 1026 106.84 44.44 65.64
C UNK CA 1026 106.19 45.82 65.58
N UNK CA 1027 105.41 46.02 64.53
CA UNK CA 1027 104.70 47.25 64.30
C UNK CA 1027 103.30 46.87 63.78
N UNK CA 1028 102.30 46.98 64.66
CA UNK CA 1028 100.92 46.67 64.32
C UNK CA 1028 100.26 47.90 63.73
N UNK CA 1029 99.50 47.70 62.67
CA UNK CA 1029 98.85 48.81 62.01
C UNK CA 1029 97.32 48.71 61.94
N UNK CA 1030 96.67 49.86 62.10
CA UNK CA 1030 95.22 49.92 62.12
C UNK CA 1030 94.60 50.21 60.77
N UNK CA 1031 93.73 49.30 60.34
CA UNK CA 1031 93.02 49.40 59.07
C UNK CA 1031 91.71 50.15 59.21
N UNK CA 1032 91.36 50.87 58.16
CA UNK CA 1032 90.13 51.64 58.13
C UNK CA 1032 88.93 50.70 58.03
N UNK CA 1033 89.20 49.43 57.78
CA UNK CA 1033 88.14 48.42 57.68
C UNK CA 1033 88.34 47.29 58.67
N UNK CA 1034 88.47 47.65 59.92
CA UNK CA 1034 88.64 46.67 60.97
C UNK CA 1034 89.76 45.67 60.80
N UNK CA 1035 90.56 45.82 59.75
CA UNK CA 1035 91.68 44.92 59.54
C UNK CA 1035 92.84 45.37 60.42
N UNK CA 1036 93.83 44.53 60.57
CA UNK CA 1036 94.96 44.89 61.41
C UNK CA 1036 95.91 43.76 61.05
N UNK CA 1037 97.04 44.14 60.46
CA UNK CA 1037 98.16 43.23 60.22
C UNK CA 1037 99.30 43.55 61.17
N UNK CA 1038 100.04 42.52 61.55
CA UNK CA 1038 101.18 42.70 62.42
C UNK CA 1038 102.36 42.63 61.45
N UNK CA 1039 103.33 43.52 61.62
CA UNK CA 1039 104.51 43.51 60.77
C UNK CA 1039 105.73 43.36 61.67
N UNK CA 1040 106.88 43.04 61.09
CA UNK CA 1040 108.11 42.86 61.88
C UNK CA 1040 109.21 43.88 61.62
N UNK CA 1041 101.91 38.41 60.37
CA UNK CA 1041 100.57 37.82 60.31
C UNK CA 1041 99.50 38.90 60.31
N UNK CA 1042 98.41 38.64 59.59
CA UNK CA 1042 97.30 39.59 59.49
C UNK CA 1042 96.05 39.26 60.33
N UNK CA 1043 96.21 39.09 61.64
CA UNK CA 1043 95.07 38.79 62.50
C UNK CA 1043 94.06 39.92 62.39
N UNK CA 1044 92.98 39.71 61.64
CA UNK CA 1044 91.96 40.75 61.47
C UNK CA 1044 90.58 40.31 60.97
N UNK CA 1045 89.79 39.64 61.83
CA UNK CA 1045 88.44 39.16 61.46
C UNK CA 1045 87.45 40.30 61.23
N UNK CA 1046 86.27 50.76 61.53
CA UNK CA 1046 87.53 51.40 61.85
C UNK CA 1046 88.28 50.63 62.93
N UNK CA 1047 89.54 51.03 63.15
CA UNK CA 1047 90.43 50.49 64.16
C UNK CA 1047 91.30 51.71 64.47
N UNK CA 1048 90.81 52.56 65.35
CA UNK CA 1048 91.51 53.78 65.66
C UNK CA 1048 92.62 53.72 66.69
N UNK CA 1049 93.14 52.54 66.99
CA UNK CA 1049 94.19 52.49 67.99
C UNK CA 1049 94.70 51.09 68.28
N UNK CA 1050 95.96 50.99 68.69
CA UNK CA 1050 96.59 49.72 69.04
C UNK CA 1050 97.63 50.00 70.12
N UNK CA 1051 98.15 48.94 70.72
CA UNK CA 1051 99.16 49.07 71.76
C UNK CA 1051 99.60 47.65 72.08
N UNK CA 1052 100.91 47.42 72.06
CA UNK CA 1052 101.45 46.15 72.49
C UNK CA 1052 101.55 46.20 74.00
N UNK CA 1053 101.69 45.03 74.61
CA UNK CA 1053 101.80 44.91 76.05
C UNK CA 1053 103.28 44.96 76.40
N UNK CA 1054 103.62 45.18 77.69
CA UNK CA 1054 105.05 45.18 77.95
C UNK CA 1054 105.62 43.87 77.42
N UNK CA 1055 105.09 42.76 77.92
CA UNK CA 1055 105.51 41.41 77.51
C UNK CA 1055 105.67 41.21 76.00
N UNK CA 1056 105.20 42.16 75.21
CA UNK CA 1056 105.31 42.08 73.74
C UNK CA 1056 104.57 40.86 73.17
N UNK CA 1057 103.51 40.43 73.84
CA UNK CA 1057 102.74 39.26 73.40
C UNK CA 1057 101.24 39.56 73.14
N UNK CA 1058 100.65 40.35 74.01
CA UNK CA 1058 99.23 40.71 73.89
C UNK CA 1058 99.08 42.08 73.24
N UNK CA 1059 98.31 42.14 72.16
CA UNK CA 1059 98.07 43.40 71.47
C UNK CA 1059 96.63 43.84 71.74
N UNK CA 1060 96.46 45.04 72.31
CA UNK CA 1060 95.12 45.56 72.59
C UNK CA 1060 94.67 46.44 71.42
N UNK CA 1061 93.40 46.30 71.04
CA UNK CA 1061 92.85 47.03 69.91
C UNK CA 1061 91.57 47.81 70.29
N UNK CA 1062 91.31 48.90 69.58
CA UNK CA 1062 90.12 49.71 69.83
C UNK CA 1062 89.60 50.37 68.57
N UNK CA 1063 84.86 48.79 69.21
CA UNK CA 1063 84.92 48.26 70.57
C UNK CA 1063 86.33 47.77 70.83
N UNK CA 1064 86.63 47.47 72.09
CA UNK CA 1064 87.95 46.98 72.46
C UNK CA 1064 88.04 45.50 72.06
N UNK CA 1065 89.27 44.99 71.91
CA UNK CA 1065 89.43 43.60 71.48
C UNK CA 1065 90.90 43.24 71.63
N UNK CA 1066 91.20 42.27 72.50
CA UNK CA 1066 92.57 41.83 72.72
C UNK CA 1066 92.97 40.69 71.79
N UNK CA 1067 94.27 40.56 71.52
CA UNK CA 1067 94.77 39.50 70.64
C UNK CA 1067 95.99 38.74 71.17
N UNK CA 1068 96.45 37.80 70.36
CA UNK CA 1068 97.60 36.95 70.68
C UNK CA 1068 98.65 37.03 69.58
N UNK CA 1069 99.83 37.55 69.92
CA UNK CA 1069 100.93 37.69 68.96
C UNK CA 1069 101.20 36.36 68.25
N UNK CA 1070 82.60 44.93 74.82
CA UNK CA 1070 81.72 45.62 73.92
C UNK CA 1070 81.21 46.83 74.69
N UNK CA 1071 81.47 48.01 74.17
CA UNK CA 1071 81.02 49.23 74.80
C UNK CA 1071 79.68 49.57 74.16
N UNK CA 1072 78.77 50.13 74.95
CA UNK CA 1072 77.46 50.53 74.44
C UNK CA 1072 77.64 51.25 73.09
N UNK CA 1073 78.53 52.24 73.09
CA UNK CA 1073 78.79 52.99 71.87
C UNK CA 1073 79.96 52.46 71.08
N UNK CA 1074 80.20 53.10 69.95
CA UNK CA 1074 81.30 52.70 69.08
C UNK CA 1074 82.20 53.88 68.77
N UNK CA 1075 82.95 53.73 67.68
CA UNK CA 1075 83.86 54.75 67.22
C UNK CA 1075 84.68 55.32 68.34
N UNK CA 1076 85.47 54.47 68.97
CA UNK CA 1076 86.32 54.92 70.05
C UNK CA 1076 87.50 55.56 69.35
N UNK CA 1077 88.37 56.21 70.11
CA UNK CA 1077 89.58 56.80 69.54
C UNK CA 1077 90.95 56.27 69.91
N UNK CA 1078 91.44 56.66 71.09
CA UNK CA 1078 92.73 56.22 71.58
C UNK CA 1078 92.52 55.56 72.94
N UNK CA 1079 92.86 54.27 73.03
CA UNK CA 1079 92.54 53.51 74.22
C UNK CA 1079 93.72 53.81 75.12
N UNK CA 1080 93.48 54.15 76.39
CA UNK CA 1080 94.58 54.44 77.28
C UNK CA 1080 94.98 53.26 78.16
N UNK CA 1081 95.93 52.46 77.69
CA UNK CA 1081 96.40 51.32 78.47
C UNK CA 1081 97.31 51.92 79.52
N UNK CA 1082 97.76 51.13 80.48
CA UNK CA 1082 98.65 51.67 81.50
C UNK CA 1082 99.94 50.84 81.60
N UNK CA 1083 100.81 51.17 82.57
CA UNK CA 1083 102.05 50.41 82.71
C UNK CA 1083 101.78 48.91 82.91
N UNK CA 1084 101.11 48.59 84.02
CA UNK CA 1084 100.78 47.21 84.36
C UNK CA 1084 99.91 46.50 83.33
N UNK CA 1085 99.39 47.24 82.35
CA UNK CA 1085 98.52 46.67 81.30
C UNK CA 1085 97.31 46.02 81.99
N UNK CA 1086 96.96 46.58 83.15
CA UNK CA 1086 95.89 46.06 83.98
C UNK CA 1086 94.84 47.14 84.29
N UNK CA 1087 94.79 48.18 83.45
CA UNK CA 1087 93.84 49.28 83.60
C UNK CA 1087 93.66 49.91 82.23
N UNK CA 1088 92.42 50.23 81.87
CA UNK CA 1088 92.15 50.83 80.57
C UNK CA 1088 91.12 51.93 80.72
N UNK CA 1089 91.24 52.97 79.89
CA UNK CA 1089 90.28 54.07 79.91
C UNK CA 1089 89.95 54.49 78.51
N UNK CA 1090 88.67 54.72 78.26
CA UNK CA 1090 88.23 55.15 76.94
C UNK CA 1090 86.88 55.83 77.03
N UNK CA 1091 86.39 56.29 75.88
CA UNK CA 1091 85.12 56.99 75.84
C UNK CA 1091 84.46 56.80 74.50
N UNK CA 1092 83.26 56.25 74.49
CA UNK CA 1092 82.53 56.00 73.24
C UNK CA 1092 81.70 57.20 72.84
N UNK CA 1093 81.23 57.22 71.60
CA UNK CA 1093 80.43 58.34 71.12
C UNK CA 1093 79.12 58.49 71.87
N UNK CA 1094 78.92 57.67 72.89
CA UNK CA 1094 77.73 57.81 73.69
C UNK CA 1094 78.12 58.65 74.89
N UNK CA 1095 79.38 59.10 74.89
CA UNK CA 1095 79.87 59.93 75.97
C UNK CA 1095 80.00 59.19 77.27
N UNK CA 1096 80.13 57.88 77.18
CA UNK CA 1096 80.27 57.07 78.37
C UNK CA 1096 81.74 56.87 78.69
N UNK CA 1097 82.11 57.11 79.95
CA UNK CA 1097 83.50 56.98 80.37
C UNK CA 1097 83.86 55.58 80.90
N UNK CA 1098 84.52 54.78 80.07
CA UNK CA 1098 84.89 53.45 80.50
C UNK CA 1098 86.28 53.38 81.14
N UNK CA 1099 86.32 53.04 82.43
CA UNK CA 1099 87.57 52.87 83.14
C UNK CA 1099 87.61 51.39 83.55
N UNK CA 1100 88.11 50.55 82.65
CA UNK CA 1100 88.18 49.12 82.88
C UNK CA 1100 89.46 48.75 83.65
N UNK CA 1101 89.48 47.56 84.24
CA UNK CA 1101 90.64 47.15 85.02
C UNK CA 1101 90.63 45.66 85.38
N MET DA 10 25.35 42.75 26.93
CA MET DA 10 25.40 42.49 25.49
C MET DA 10 26.08 41.15 25.23
N PRO DA 11 26.15 40.69 23.95
CA PRO DA 11 26.83 39.42 23.67
C PRO DA 11 28.24 39.20 24.24
N LYS DA 12 28.68 37.95 24.16
CA LYS DA 12 30.01 37.54 24.64
C LYS DA 12 31.11 38.08 23.74
N ARG DA 13 31.00 37.81 22.44
CA ARG DA 13 32.01 38.25 21.47
C ARG DA 13 32.19 39.78 21.43
N HIS DA 14 31.43 40.50 22.25
CA HIS DA 14 31.56 41.95 22.34
C HIS DA 14 32.44 42.36 23.51
N ARG DA 15 32.21 41.78 24.68
CA ARG DA 15 33.05 42.03 25.84
C ARG DA 15 34.50 41.68 25.58
N GLU DA 16 34.73 40.59 24.85
CA GLU DA 16 36.07 40.15 24.49
C GLU DA 16 36.75 41.15 23.59
N HIS DA 17 35.96 41.74 22.70
CA HIS DA 17 36.45 42.77 21.79
C HIS DA 17 37.08 43.96 22.49
N ILE DA 18 36.26 44.73 23.19
CA ILE DA 18 36.72 45.91 23.91
C ILE DA 18 37.68 45.53 25.03
N ARG DA 19 37.65 44.25 25.42
CA ARG DA 19 38.53 43.75 26.47
C ARG DA 19 39.99 43.77 26.04
N LYS DA 20 40.30 43.01 25.00
CA LYS DA 20 41.67 42.93 24.49
C LYS DA 20 42.06 44.24 23.80
N ASN DA 21 41.11 44.84 23.10
CA ASN DA 21 41.35 46.10 22.40
C ASN DA 21 41.00 47.32 23.25
N LEU DA 22 41.30 47.22 24.55
CA LEU DA 22 41.01 48.32 25.47
C LEU DA 22 42.14 49.34 25.48
N ASN DA 23 43.21 49.04 24.74
CA ASN DA 23 44.35 49.94 24.66
C ASN DA 23 44.23 50.95 23.54
N ILE DA 24 43.88 50.44 22.36
CA ILE DA 24 43.70 51.29 21.19
C ILE DA 24 42.58 52.29 21.49
N LEU DA 25 41.51 51.78 22.09
CA LEU DA 25 40.33 52.62 22.35
C LEU DA 25 40.60 53.63 23.46
N VAL DA 26 41.51 53.27 24.36
CA VAL DA 26 41.87 54.13 25.49
C VAL DA 26 42.93 55.12 25.03
N GLU DA 27 43.43 54.91 23.82
CA GLU DA 27 44.50 55.76 23.33
C GLU DA 27 43.98 56.83 22.39
N TRP DA 28 43.29 56.42 21.33
CA TRP DA 28 42.95 57.37 20.28
C TRP DA 28 41.86 58.39 20.67
N THR DA 29 40.90 58.00 21.51
CA THR DA 29 39.84 58.91 21.97
C THR DA 29 40.29 59.77 23.17
N ASN DA 30 40.33 61.09 23.03
CA ASN DA 30 40.36 61.97 24.21
C ASN DA 30 39.37 61.54 25.29
N TYR DA 31 39.77 61.62 26.56
CA TYR DA 31 38.92 61.10 27.63
C TYR DA 31 37.89 62.13 28.10
N GLU DA 32 38.32 63.38 28.20
CA GLU DA 32 37.43 64.48 28.54
C GLU DA 32 36.27 64.47 27.57
N ARG DA 33 36.66 64.51 26.30
CA ARG DA 33 35.73 64.56 25.18
C ARG DA 33 34.92 63.30 25.11
N LEU DA 34 35.37 62.25 25.79
CA LEU DA 34 34.64 61.01 25.81
C LEU DA 34 33.78 60.95 27.06
N ALA DA 35 34.38 60.98 28.25
CA ALA DA 35 33.61 60.93 29.50
C ALA DA 35 32.41 61.88 29.51
N MET DA 36 32.70 63.17 29.36
CA MET DA 36 31.67 64.18 29.44
C MET DA 36 30.58 63.98 28.38
N GLU DA 37 30.90 63.20 27.35
CA GLU DA 37 29.99 62.89 26.23
C GLU DA 37 29.20 61.58 26.42
N CYS DA 38 29.87 60.59 27.00
CA CYS DA 38 29.30 59.27 27.23
C CYS DA 38 28.20 59.42 28.28
N VAL DA 39 28.53 60.09 29.36
CA VAL DA 39 27.56 60.30 30.39
C VAL DA 39 26.45 61.07 29.68
N GLN DA 40 26.93 62.01 28.88
CA GLN DA 40 26.13 62.94 28.13
C GLN DA 40 25.34 62.17 27.11
N GLN DA 41 25.95 61.11 26.59
CA GLN DA 41 25.30 60.27 25.59
C GLN DA 41 23.96 59.59 25.96
N GLY DA 42 23.69 59.27 27.22
CA GLY DA 42 22.56 58.40 27.48
C GLY DA 42 22.97 57.06 28.01
N ILE DA 43 24.10 57.03 28.72
CA ILE DA 43 24.57 55.83 29.40
C ILE DA 43 24.71 55.86 30.93
N LEU DA 44 25.80 56.39 31.41
CA LEU DA 44 26.09 56.44 32.84
C LEU DA 44 25.57 57.75 33.42
N THR DA 45 25.96 58.05 34.65
CA THR DA 45 25.40 59.17 35.39
C THR DA 45 26.43 59.81 36.32
N VAL DA 46 26.08 60.95 36.89
CA VAL DA 46 26.98 61.65 37.80
C VAL DA 46 27.61 60.69 38.80
N GLN DA 47 26.93 59.58 39.06
CA GLN DA 47 27.42 58.59 40.00
C GLN DA 47 28.37 57.61 39.32
N MET DA 48 27.93 57.04 38.20
CA MET DA 48 28.73 56.09 37.44
C MET DA 48 30.09 56.70 37.08
N LEU DA 49 30.06 57.69 36.19
CA LEU DA 49 31.27 58.35 35.76
C LEU DA 49 32.16 58.77 36.93
N ARG DA 50 31.60 59.15 38.07
CA ARG DA 50 32.44 59.45 39.23
C ARG DA 50 33.31 58.25 39.61
N ASN DA 51 32.66 57.13 39.85
CA ASN DA 51 33.33 55.91 40.31
C ASN DA 51 34.26 55.35 39.23
N THR DA 52 33.95 55.64 37.99
CA THR DA 52 34.79 55.19 36.87
C THR DA 52 36.00 56.09 36.65
N GLN DA 53 35.74 57.38 36.48
CA GLN DA 53 36.72 58.46 36.48
C GLN DA 53 37.58 58.48 37.73
N ASP DA 54 37.01 58.23 38.89
CA ASP DA 54 37.90 58.06 40.02
C ASP DA 54 38.28 56.57 40.05
N LEU DA 55 39.04 56.18 41.06
CA LEU DA 55 39.63 54.83 41.10
C LEU DA 55 39.60 54.39 42.55
N ASN DA 56 40.46 53.46 42.93
CA ASN DA 56 40.41 52.93 44.28
C ASN DA 56 40.90 53.93 45.32
N GLY DA 57 41.88 54.74 44.94
CA GLY DA 57 42.50 55.68 45.86
C GLY DA 57 43.98 55.41 45.97
N LYS DA 58 44.35 54.13 45.99
CA LYS DA 58 45.75 53.72 45.92
C LYS DA 58 46.48 54.18 44.64
N PRO DA 59 45.74 54.31 43.54
CA PRO DA 59 46.32 54.73 42.27
C PRO DA 59 47.29 55.90 42.44
N PHE DA 60 47.24 56.54 43.62
CA PHE DA 60 48.12 57.67 43.90
C PHE DA 60 49.59 57.27 43.82
N ASN DA 61 49.85 56.00 44.03
CA ASN DA 61 51.22 55.57 43.96
C ASN DA 61 51.70 55.87 42.54
N MET DA 62 50.72 55.88 41.66
CA MET DA 62 50.96 55.93 40.25
C MET DA 62 51.08 57.33 39.69
N ASP DA 63 52.10 57.50 38.86
CA ASP DA 63 52.43 58.79 38.30
C ASP DA 63 51.35 59.22 37.35
N GLU DA 64 51.36 60.54 37.12
CA GLU DA 64 50.41 61.25 36.29
C GLU DA 64 50.20 60.55 34.97
N LYS DA 65 51.26 60.33 34.19
CA LYS DA 65 50.96 59.73 32.90
C LYS DA 65 49.91 58.62 32.98
N ASP DA 66 49.92 57.89 34.07
CA ASP DA 66 49.38 56.53 34.07
C ASP DA 66 48.03 56.41 34.78
N VAL DA 67 47.51 57.53 35.25
CA VAL DA 67 46.23 57.52 35.96
C VAL DA 67 45.08 57.86 35.02
N ARG DA 68 45.29 58.87 34.18
CA ARG DA 68 44.34 59.20 33.12
C ARG DA 68 44.10 58.02 32.16
N VAL DA 69 45.18 57.30 31.85
CA VAL DA 69 45.09 56.14 30.97
C VAL DA 69 44.29 55.03 31.63
N GLU DA 70 44.48 54.87 32.94
CA GLU DA 70 43.75 53.88 33.72
C GLU DA 70 42.27 54.24 33.78
N GLN DA 71 42.01 55.49 34.13
CA GLN DA 71 40.68 56.08 34.09
C GLN DA 71 39.92 55.76 32.82
N HIS DA 72 40.51 56.22 31.73
CA HIS DA 72 39.98 56.07 30.39
C HIS DA 72 39.75 54.57 30.11
N ARG DA 73 40.65 53.74 30.65
CA ARG DA 73 40.52 52.29 30.51
C ARG DA 73 39.44 51.73 31.43
N ARG DA 74 39.04 52.51 32.41
CA ARG DA 74 38.03 52.07 33.36
C ARG DA 74 36.69 52.41 32.76
N LEU DA 75 36.71 53.34 31.82
CA LEU DA 75 35.47 53.82 31.21
C LEU DA 75 34.83 52.77 30.34
N LEU DA 76 35.58 52.32 29.37
CA LEU DA 76 35.09 51.35 28.41
C LEU DA 76 34.61 50.09 29.10
N LEU DA 77 35.24 49.75 30.22
CA LEU DA 77 34.83 48.61 31.02
C LEU DA 77 33.41 48.78 31.58
N LYS DA 78 33.09 50.00 31.99
CA LYS DA 78 31.75 50.28 32.48
C LYS DA 78 30.76 50.41 31.32
N ILE DA 79 31.24 50.92 30.18
CA ILE DA 79 30.39 51.06 29.00
C ILE DA 79 29.97 49.70 28.46
N THR DA 80 30.92 48.79 28.49
CA THR DA 80 30.75 47.41 28.15
C THR DA 80 29.80 46.87 29.16
N GLN DA 81 29.81 47.41 30.36
CA GLN DA 81 28.93 46.87 31.37
C GLN DA 81 27.50 47.02 30.99
N ARG DA 82 27.22 47.95 30.12
CA ARG DA 82 25.85 48.38 29.95
C ARG DA 82 24.99 47.52 29.08
N GLY DA 83 23.79 48.02 28.82
CA GLY DA 83 22.79 47.31 28.06
C GLY DA 83 23.14 47.11 26.59
N PRO DA 84 22.38 46.13 25.95
CA PRO DA 84 23.01 45.61 24.74
C PRO DA 84 23.32 46.63 23.68
N THR DA 85 22.72 47.80 23.72
CA THR DA 85 23.07 48.81 22.74
C THR DA 85 24.56 49.15 22.92
N ALA DA 86 25.07 48.87 24.08
CA ALA DA 86 26.34 49.45 24.51
C ALA DA 86 27.26 49.56 23.31
N TYR DA 87 27.17 48.58 22.43
CA TYR DA 87 27.91 48.66 21.19
C TYR DA 87 27.41 49.86 20.43
N ASN DA 88 26.16 49.77 19.99
CA ASN DA 88 25.58 50.82 19.15
C ASN DA 88 25.63 52.18 19.83
N LEU DA 89 25.68 52.20 21.17
CA LEU DA 89 25.84 53.45 21.91
C LEU DA 89 27.26 53.99 21.75
N LEU DA 90 28.25 53.12 21.95
CA LEU DA 90 29.63 53.56 22.01
C LEU DA 90 30.14 53.92 20.63
N ILE DA 91 29.71 53.15 19.63
CA ILE DA 91 30.12 53.39 18.26
C ILE DA 91 29.73 54.78 17.80
N ASN DA 92 28.56 55.23 18.26
CA ASN DA 92 28.04 56.55 17.87
C ASN DA 92 28.67 57.65 18.67
N ALA DA 93 28.72 57.43 19.99
CA ALA DA 93 29.36 58.40 20.86
C ALA DA 93 30.76 58.68 20.31
N LEU DA 94 31.46 57.63 19.92
CA LEU DA 94 32.80 57.75 19.39
C LEU DA 94 32.80 58.31 17.97
N ARG DA 95 31.73 58.07 17.23
CA ARG DA 95 31.56 58.72 15.94
C ARG DA 95 31.55 60.23 16.11
N ASN DA 96 31.11 60.69 17.28
CA ASN DA 96 31.10 62.13 17.58
C ASN DA 96 32.40 62.63 18.19
N ILE DA 97 32.95 61.90 19.16
CA ILE DA 97 34.29 62.20 19.70
C ILE DA 97 35.32 62.44 18.58
N ASN DA 98 35.01 61.96 17.38
CA ASN DA 98 35.80 62.16 16.17
C ASN DA 98 37.03 61.29 16.24
N CYS DA 99 36.89 60.19 16.95
CA CYS DA 99 37.86 59.13 16.92
C CYS DA 99 37.40 57.99 16.00
N LEU DA 100 37.01 58.36 14.77
CA LEU DA 100 36.55 57.43 13.74
C LEU DA 100 37.43 56.19 13.63
N ASP DA 101 38.75 56.36 13.67
CA ASP DA 101 39.69 55.25 13.63
C ASP DA 101 39.61 54.25 14.79
N ALA DA 102 38.71 54.49 15.75
CA ALA DA 102 38.45 53.53 16.82
C ALA DA 102 36.99 53.12 16.73
N ALA DA 103 36.16 53.99 16.15
CA ALA DA 103 34.78 53.61 15.88
C ALA DA 103 34.80 52.43 14.91
N VAL DA 104 35.71 52.51 13.95
CA VAL DA 104 35.93 51.41 13.04
C VAL DA 104 36.35 50.22 13.88
N LEU DA 105 37.38 50.37 14.69
CA LEU DA 105 37.88 49.29 15.51
C LEU DA 105 36.75 48.54 16.23
N LEU DA 106 35.87 49.32 16.85
CA LEU DA 106 34.77 48.81 17.65
C LEU DA 106 33.61 48.25 16.81
N GLU DA 107 33.59 48.58 15.53
CA GLU DA 107 32.48 48.17 14.67
C GLU DA 107 32.84 47.03 13.69
N SER DA 108 34.03 47.11 13.11
CA SER DA 108 34.53 46.23 12.06
C SER DA 108 34.53 44.75 12.41
N VAL DA 109 34.77 44.43 13.67
CA VAL DA 109 34.60 43.06 14.17
C VAL DA 109 33.24 42.44 13.89
N ASP DA 110 32.26 43.29 13.57
CA ASP DA 110 30.96 42.78 13.15
C ASP DA 110 30.93 42.86 11.64
N GLU DA 111 29.75 42.69 11.06
CA GLU DA 111 29.56 42.78 9.60
C GLU DA 111 30.22 41.60 8.89
N TYR EA 10 37.77 19.70 30.95
CA TYR EA 10 38.99 19.09 30.45
C TYR EA 10 40.13 20.10 30.37
N GLN EA 11 41.19 19.86 31.13
CA GLN EA 11 42.35 20.74 31.14
C GLN EA 11 43.38 20.33 30.09
N TYR EA 12 44.58 20.86 30.22
CA TYR EA 12 45.66 20.55 29.28
C TYR EA 12 46.56 19.44 29.83
N LYS EA 13 46.40 19.13 31.11
CA LYS EA 13 47.20 18.10 31.77
C LYS EA 13 46.68 16.71 31.42
N ASP EA 14 45.52 16.65 30.77
CA ASP EA 14 44.91 15.38 30.39
C ASP EA 14 44.85 15.24 28.88
N ILE EA 15 44.59 16.36 28.20
CA ILE EA 15 44.49 16.36 26.74
C ILE EA 15 45.90 16.29 26.13
N LEU EA 16 46.93 16.18 26.96
CA LEU EA 16 48.29 16.11 26.47
C LEU EA 16 48.70 14.68 26.12
N SER EA 17 48.43 13.75 27.01
CA SER EA 17 48.84 12.37 26.79
C SER EA 17 48.07 11.75 25.63
N VAL EA 18 47.01 12.44 25.20
CA VAL EA 18 46.16 11.98 24.10
C VAL EA 18 46.91 11.90 22.78
N PHE EA 19 47.62 12.96 22.41
CA PHE EA 19 48.39 12.93 21.17
C PHE EA 19 49.87 12.73 21.44
N GLU EA 20 50.19 11.62 22.09
CA GLU EA 20 51.57 11.29 22.39
C GLU EA 20 52.23 10.54 21.22
N ASP EA 21 51.42 9.98 20.33
CA ASP EA 21 51.99 9.29 19.17
C ASP EA 21 52.62 10.29 18.23
N ALA EA 22 52.14 11.53 18.29
CA ALA EA 22 52.64 12.58 17.42
C ALA EA 22 53.86 13.22 18.05
N PHE EA 23 53.81 13.39 19.36
CA PHE EA 23 54.86 14.06 20.10
C PHE EA 23 56.21 13.32 20.00
N VAL EA 24 56.20 12.15 19.38
CA VAL EA 24 57.43 11.37 19.19
C VAL EA 24 57.85 11.44 17.72
N ASP EA 25 56.94 11.90 16.88
CA ASP EA 25 57.17 12.05 15.45
C ASP EA 25 57.91 13.35 15.19
N ASN EA 26 57.25 14.45 15.52
CA ASN EA 26 57.73 15.74 15.10
C ASN EA 26 58.13 16.69 16.23
N PHE EA 27 58.53 16.15 17.37
CA PHE EA 27 58.94 16.99 18.49
C PHE EA 27 60.13 16.44 19.26
N ASP EA 28 61.12 17.30 19.48
CA ASP EA 28 62.06 17.11 20.57
C ASP EA 28 62.47 18.47 21.12
N CYS EA 29 62.63 18.54 22.43
CA CYS EA 29 62.92 19.79 23.13
C CYS EA 29 64.28 20.39 22.80
N LYS EA 30 64.97 19.81 21.82
CA LYS EA 30 66.24 20.38 21.35
C LYS EA 30 65.98 21.80 20.86
N ASP EA 31 64.75 22.06 20.46
CA ASP EA 31 64.34 23.40 20.05
C ASP EA 31 63.76 24.15 21.24
N VAL EA 32 63.33 23.40 22.26
CA VAL EA 32 62.76 24.00 23.46
C VAL EA 32 63.84 24.31 24.49
N GLN EA 33 64.77 25.18 24.12
CA GLN EA 33 65.87 25.55 25.01
C GLN EA 33 65.77 27.02 25.40
N ASP EA 34 64.56 27.54 25.46
CA ASP EA 34 64.33 28.94 25.82
C ASP EA 34 62.87 29.17 26.22
N MET EA 35 62.54 28.79 27.44
CA MET EA 35 61.18 28.95 27.95
C MET EA 35 61.22 29.51 29.37
N PRO EA 36 60.05 29.74 30.00
CA PRO EA 36 60.15 30.08 31.42
C PRO EA 36 60.71 28.93 32.26
N LYS EA 37 61.72 29.23 33.08
CA LYS EA 37 62.26 28.26 34.02
C LYS EA 37 61.18 27.78 34.98
N SER EA 38 60.12 28.57 35.07
CA SER EA 38 58.95 28.21 35.85
C SER EA 38 58.23 26.98 35.28
N ILE EA 39 58.56 26.61 34.05
CA ILE EA 39 57.77 25.63 33.33
C ILE EA 39 58.52 24.31 33.35
N LEU EA 40 59.79 24.39 33.01
CA LEU EA 40 60.65 23.21 33.13
C LEU EA 40 61.96 23.54 33.81
N SER EA 41 62.49 22.62 34.60
CA SER EA 41 63.74 22.86 35.31
C SER EA 41 64.93 22.91 34.36
N LYS EA 42 65.75 23.95 34.47
CA LYS EA 42 66.90 24.07 33.61
C LYS EA 42 67.60 22.73 33.69
N GLU EA 43 67.62 22.15 34.88
CA GLU EA 43 68.25 20.86 35.10
C GLU EA 43 67.29 19.73 34.72
N GLU EA 44 66.00 19.98 34.91
CA GLU EA 44 64.97 18.99 34.57
C GLU EA 44 64.84 18.85 33.05
N ILE EA 45 65.13 19.94 32.37
CA ILE EA 45 65.08 20.00 30.91
C ILE EA 45 66.25 19.26 30.32
N ASP EA 46 67.44 19.42 30.91
CA ASP EA 46 68.57 18.70 30.36
C ASP EA 46 68.26 17.23 30.53
N HIS EA 47 67.59 16.97 31.65
CA HIS EA 47 67.12 15.64 32.01
C HIS EA 47 66.26 15.08 30.89
N ILE EA 48 65.30 15.87 30.45
CA ILE EA 48 64.40 15.50 29.37
C ILE EA 48 65.15 15.50 28.05
N ILE EA 49 65.84 16.60 27.76
CA ILE EA 49 66.64 16.63 26.56
C ILE EA 49 67.70 15.54 26.68
N MET EA 50 67.76 14.99 27.88
CA MET EA 50 68.86 14.18 28.29
C MET EA 50 68.92 13.06 27.29
N SER EA 51 67.72 12.68 26.89
CA SER EA 51 67.41 12.18 25.57
C SER EA 51 68.17 10.96 25.06
N LYS EA 52 68.17 9.91 25.86
CA LYS EA 52 68.74 8.69 25.38
C LYS EA 52 67.91 8.24 24.19
N ASP EA 53 66.60 8.39 24.26
CA ASP EA 53 65.72 7.96 23.16
C ASP EA 53 64.59 8.91 22.79
N ALA EA 54 64.24 8.92 21.53
CA ALA EA 54 63.20 9.81 21.08
C ALA EA 54 61.95 9.43 21.82
N VAL EA 55 61.71 8.15 22.03
CA VAL EA 55 60.48 7.76 22.71
C VAL EA 55 60.64 8.04 24.19
N SER EA 56 61.78 7.64 24.73
CA SER EA 56 62.01 7.83 26.16
C SER EA 56 62.07 9.30 26.51
N GLY EA 57 62.74 10.10 25.68
CA GLY EA 57 62.92 11.51 25.98
C GLY EA 57 61.59 12.23 26.00
N THR EA 58 60.76 11.92 25.02
CA THR EA 58 59.45 12.56 24.86
C THR EA 58 58.59 12.12 26.04
N LEU EA 59 58.69 10.85 26.39
CA LEU EA 59 57.87 10.33 27.46
C LEU EA 59 58.33 11.04 28.72
N ARG EA 60 59.64 11.25 28.78
CA ARG EA 60 60.29 11.89 29.90
C ARG EA 60 59.78 13.31 30.03
N LEU EA 61 59.48 13.95 28.90
CA LEU EA 61 58.92 15.27 29.02
C LEU EA 61 57.49 15.25 29.48
N PHE EA 62 56.66 14.35 28.97
CA PHE EA 62 55.30 14.42 29.46
C PHE EA 62 55.25 14.05 30.93
N TRP EA 63 56.03 13.05 31.32
CA TRP EA 63 55.98 12.62 32.71
C TRP EA 63 56.40 13.71 33.67
N THR EA 64 57.54 14.34 33.41
CA THR EA 64 57.97 15.37 34.35
C THR EA 64 57.02 16.56 34.36
N LEU EA 65 56.56 16.96 33.18
CA LEU EA 65 55.71 18.14 33.06
C LEU EA 65 54.33 17.95 33.68
N LEU EA 66 53.79 16.74 33.55
CA LEU EA 66 52.44 16.42 34.05
C LEU EA 66 52.37 16.74 35.56
N SER EA 67 53.55 16.76 36.16
CA SER EA 67 53.78 17.00 37.58
C SER EA 67 53.50 18.43 38.07
N LYS EA 68 53.44 19.39 37.13
CA LYS EA 68 53.27 20.82 37.41
C LYS EA 68 51.80 21.26 37.40
N GLN EA 69 51.53 22.52 37.70
CA GLN EA 69 50.15 23.01 37.79
C GLN EA 69 49.53 23.33 36.42
N GLU EA 70 48.22 23.55 36.37
CA GLU EA 70 47.58 23.89 35.11
C GLU EA 70 48.14 25.08 34.34
N GLU EA 71 48.40 26.16 35.03
CA GLU EA 71 48.95 27.30 34.33
C GLU EA 71 50.29 26.89 33.81
N MET EA 72 51.00 26.13 34.65
CA MET EA 72 52.39 25.78 34.40
C MET EA 72 52.52 25.16 33.03
N VAL EA 73 51.67 24.19 32.74
CA VAL EA 73 51.68 23.59 31.42
C VAL EA 73 51.31 24.57 30.32
N GLN EA 74 50.23 25.30 30.53
CA GLN EA 74 49.57 26.07 29.50
C GLN EA 74 50.50 27.10 28.97
N LYS EA 75 51.29 27.66 29.85
CA LYS EA 75 52.27 28.59 29.38
C LYS EA 75 53.09 27.77 28.40
N PHE EA 76 53.35 26.51 28.76
CA PHE EA 76 54.04 25.63 27.85
C PHE EA 76 53.26 25.36 26.56
N VAL EA 77 51.98 25.09 26.67
CA VAL EA 77 51.19 24.79 25.49
C VAL EA 77 51.03 26.01 24.64
N GLU EA 78 51.18 27.17 25.24
CA GLU EA 78 50.91 28.39 24.52
C GLU EA 78 52.18 29.09 24.13
N GLU EA 79 52.79 29.77 25.07
CA GLU EA 79 53.89 30.63 24.74
C GLU EA 79 55.11 29.92 24.18
N VAL EA 80 55.49 28.81 24.78
CA VAL EA 80 56.70 28.09 24.39
C VAL EA 80 56.60 27.28 23.10
N LEU EA 81 55.48 26.57 22.94
CA LEU EA 81 55.32 25.64 21.83
C LEU EA 81 54.67 26.28 20.62
N ARG EA 82 54.55 27.62 20.64
CA ARG EA 82 53.96 28.30 19.51
C ARG EA 82 55.00 29.01 18.66
N ILE EA 83 56.22 29.05 19.15
CA ILE EA 83 57.24 29.72 18.40
C ILE EA 83 57.48 28.91 17.15
N ASN EA 84 57.74 27.63 17.31
CA ASN EA 84 58.10 26.80 16.18
C ASN EA 84 57.15 25.67 15.84
N TYR EA 85 56.71 24.95 16.87
CA TYR EA 85 55.88 23.80 16.68
C TYR EA 85 54.45 24.22 16.61
N LYS EA 86 54.12 24.92 15.55
CA LYS EA 86 52.80 25.45 15.43
C LYS EA 86 51.85 24.28 15.40
N PHE EA 87 52.15 23.29 14.57
CA PHE EA 87 51.14 22.33 14.20
C PHE EA 87 50.66 21.61 15.42
N LEU EA 88 51.57 21.29 16.34
CA LEU EA 88 51.13 20.53 17.48
C LEU EA 88 50.11 21.34 18.20
N MET EA 89 50.41 22.60 18.36
CA MET EA 89 49.63 23.44 19.21
C MET EA 89 48.25 23.44 18.62
N SER EA 90 48.19 23.51 17.31
CA SER EA 90 46.91 23.60 16.67
C SER EA 90 46.12 22.37 17.00
N PRO EA 91 46.82 21.15 17.02
CA PRO EA 91 45.97 20.02 17.41
C PRO EA 91 45.56 20.24 18.82
N ILE EA 92 46.48 20.65 19.68
CA ILE EA 92 46.12 20.70 21.09
C ILE EA 92 45.01 21.69 21.37
N LYS EA 93 45.14 22.87 20.81
CA LYS EA 93 44.20 23.88 21.18
C LYS EA 93 42.86 23.21 20.96
N THR EA 94 42.81 22.37 19.96
CA THR EA 94 41.57 21.78 19.63
C THR EA 94 41.17 21.00 20.83
N GLU EA 95 42.12 20.31 21.47
CA GLU EA 95 41.69 19.37 22.50
C GLU EA 95 40.99 20.02 23.75
N GLN EA 96 41.65 20.90 24.49
CA GLN EA 96 41.03 21.58 25.66
C GLN EA 96 39.67 22.16 25.37
N ARG EA 97 39.53 22.74 24.18
CA ARG EA 97 38.23 23.10 23.74
C ARG EA 97 37.48 21.87 23.35
N GLN EA 98 38.20 20.82 23.01
CA GLN EA 98 37.51 19.62 22.54
C GLN EA 98 37.92 18.21 22.87
N PRO EA 99 36.92 17.45 23.24
CA PRO EA 99 37.20 16.04 23.46
C PRO EA 99 36.50 15.10 22.50
N SER EA 100 37.27 14.30 21.76
CA SER EA 100 36.68 13.33 20.83
C SER EA 100 36.08 12.18 21.65
N MET EA 101 35.14 11.44 21.09
CA MET EA 101 34.54 10.40 21.92
C MET EA 101 35.65 9.58 22.56
N MET EA 102 36.65 9.19 21.78
CA MET EA 102 37.76 8.40 22.31
C MET EA 102 38.57 9.14 23.38
N THR EA 103 38.97 10.36 23.09
CA THR EA 103 39.85 11.01 24.02
C THR EA 103 39.14 11.15 25.31
N ARG EA 104 38.01 11.81 25.25
CA ARG EA 104 37.30 11.95 26.48
C ARG EA 104 37.02 10.54 26.92
N MET EA 105 36.81 9.63 25.98
CA MET EA 105 36.41 8.30 26.36
C MET EA 105 37.48 7.74 27.24
N TYR EA 106 38.73 7.93 26.88
CA TYR EA 106 39.81 7.46 27.74
C TYR EA 106 39.83 8.28 29.00
N ILE EA 107 39.73 9.57 28.76
CA ILE EA 107 40.21 10.53 29.71
C ILE EA 107 39.47 10.31 30.97
N GLU EA 108 38.24 9.86 30.87
CA GLU EA 108 37.56 9.39 32.03
C GLU EA 108 38.23 8.18 32.65
N GLN EA 109 38.67 7.20 31.86
CA GLN EA 109 39.19 5.99 32.47
C GLN EA 109 40.39 6.36 33.29
N ARG EA 110 41.22 7.21 32.74
CA ARG EA 110 42.44 7.50 33.48
C ARG EA 110 42.02 7.93 34.88
N ASP EA 111 41.00 8.77 34.93
CA ASP EA 111 40.55 9.31 36.21
C ASP EA 111 40.08 8.14 37.02
N ARG EA 112 39.41 7.23 36.32
CA ARG EA 112 38.85 6.09 36.98
C ARG EA 112 40.02 5.32 37.58
N LEU EA 113 41.13 5.15 36.85
CA LEU EA 113 42.25 4.38 37.37
C LEU EA 113 42.94 5.08 38.55
N TYR EA 114 43.07 6.42 38.53
CA TYR EA 114 43.69 7.09 39.66
C TYR EA 114 42.83 6.81 40.88
N ASN EA 115 41.54 6.96 40.67
CA ASN EA 115 40.53 6.83 41.71
C ASN EA 115 40.31 5.51 42.35
N ASP EA 116 40.20 4.46 41.59
CA ASP EA 116 40.10 3.16 42.22
C ASP EA 116 41.41 2.89 42.91
N ASN EA 117 42.49 3.21 42.23
CA ASN EA 117 43.79 2.92 42.75
C ASN EA 117 44.32 4.27 42.96
N GLN EA 118 44.81 4.52 44.17
CA GLN EA 118 45.09 5.89 44.61
C GLN EA 118 46.52 6.26 44.93
N VAL EA 119 47.10 5.58 45.90
CA VAL EA 119 48.29 6.01 46.61
C VAL EA 119 49.30 6.06 45.53
N PHE EA 120 48.92 5.42 44.44
CA PHE EA 120 49.58 5.59 43.20
C PHE EA 120 49.28 6.98 42.73
N ALA EA 121 48.08 7.45 42.91
CA ALA EA 121 47.77 8.70 42.27
C ALA EA 121 48.79 9.70 42.71
N LYS EA 122 49.07 9.63 44.00
CA LYS EA 122 49.74 10.62 44.83
C LYS EA 122 51.17 10.21 45.15
N TYR EA 123 51.54 9.00 44.78
CA TYR EA 123 52.86 8.50 45.15
C TYR EA 123 53.66 7.84 44.03
N ASN EA 124 53.15 7.87 42.80
CA ASN EA 124 53.84 7.27 41.64
C ASN EA 124 55.22 7.84 41.36
N VAL EA 125 56.06 7.11 40.62
CA VAL EA 125 57.33 7.67 40.18
C VAL EA 125 57.62 7.39 38.70
N SER EA 126 58.08 8.44 38.01
CA SER EA 126 58.55 8.30 36.64
C SER EA 126 59.54 7.14 36.57
N ARG EA 127 59.17 6.10 35.84
CA ARG EA 127 60.00 4.92 35.72
C ARG EA 127 60.11 4.49 34.25
N LEU EA 128 61.24 4.74 33.60
CA LEU EA 128 61.34 4.45 32.16
C LEU EA 128 61.39 2.99 31.76
N GLN EA 129 62.44 2.35 32.25
CA GLN EA 129 62.91 1.04 31.81
C GLN EA 129 61.79 0.05 31.74
N PRO EA 130 61.16 -0.23 32.88
CA PRO EA 130 60.11 -1.23 32.85
C PRO EA 130 58.86 -0.76 32.15
N TYR EA 131 58.61 0.54 32.23
CA TYR EA 131 57.45 1.16 31.65
C TYR EA 131 57.42 0.94 30.14
N LEU EA 132 58.55 1.19 29.51
CA LEU EA 132 58.70 1.03 28.07
C LEU EA 132 58.77 -0.43 27.67
N LYS EA 133 59.38 -1.27 28.51
CA LYS EA 133 59.49 -2.69 28.14
C LYS EA 133 58.07 -3.24 28.13
N LEU EA 134 57.32 -2.92 29.18
CA LEU EA 134 55.97 -3.42 29.36
C LEU EA 134 54.99 -2.89 28.32
N ARG EA 135 55.16 -1.63 27.93
CA ARG EA 135 54.24 -0.99 26.99
C ARG EA 135 54.52 -1.51 25.58
N GLN EA 136 55.74 -2.00 25.38
CA GLN EA 136 56.14 -2.55 24.12
C GLN EA 136 55.55 -3.96 24.01
N ALA EA 137 55.72 -4.73 25.09
CA ALA EA 137 55.25 -6.13 25.11
C ALA EA 137 53.74 -6.19 25.02
N LEU EA 138 53.16 -5.26 25.74
CA LEU EA 138 51.75 -5.14 25.91
C LEU EA 138 51.05 -4.95 24.58
N LEU EA 139 51.55 -4.05 23.77
CA LEU EA 139 50.90 -3.73 22.50
C LEU EA 139 50.84 -4.94 21.58
N GLU EA 140 51.94 -5.66 21.41
CA GLU EA 140 51.88 -6.74 20.44
C GLU EA 140 50.92 -7.79 20.95
N LEU EA 141 50.83 -7.90 22.27
CA LEU EA 141 50.12 -8.99 22.96
C LEU EA 141 48.77 -9.31 22.34
N ARG EA 142 48.61 -10.54 21.85
CA ARG EA 142 47.46 -10.90 21.02
C ARG EA 142 46.18 -11.10 21.84
N PRO EA 143 45.05 -11.32 21.16
CA PRO EA 143 43.81 -11.53 21.92
C PRO EA 143 43.81 -12.78 22.81
N ALA EA 144 44.77 -13.67 22.66
CA ALA EA 144 44.81 -14.83 23.54
C ALA EA 144 46.18 -15.07 24.14
N LYS EA 145 47.04 -14.05 24.20
CA LYS EA 145 48.35 -14.30 24.80
C LYS EA 145 48.48 -13.74 26.22
N ASN EA 146 49.63 -13.83 26.84
CA ASN EA 146 49.70 -13.23 28.14
C ASN EA 146 51.08 -12.84 28.58
N VAL EA 147 51.19 -11.56 28.84
CA VAL EA 147 52.42 -10.84 29.15
C VAL EA 147 52.60 -10.77 30.67
N LEU EA 148 53.49 -11.59 31.20
CA LEU EA 148 53.71 -11.67 32.64
C LEU EA 148 54.90 -10.83 33.09
N ILE EA 149 54.87 -10.43 34.35
CA ILE EA 149 55.95 -9.65 34.95
C ILE EA 149 56.18 -10.10 36.39
N ASP EA 150 57.43 -10.44 36.70
CA ASP EA 150 57.77 -10.94 38.03
C ASP EA 150 59.14 -10.47 38.53
N GLY EA 151 59.15 -9.98 39.77
CA GLY EA 151 60.35 -9.57 40.47
C GLY EA 151 60.28 -9.88 41.95
N VAL EA 152 61.24 -9.32 42.69
CA VAL EA 152 61.36 -9.50 44.14
C VAL EA 152 60.13 -8.91 44.85
N LEU EA 153 59.80 -9.36 46.05
CA LEU EA 153 58.64 -8.79 46.72
C LEU EA 153 58.87 -7.30 46.90
N GLY EA 154 57.89 -6.51 46.50
CA GLY EA 154 57.96 -5.09 46.69
C GLY EA 154 58.82 -4.53 45.58
N SER EA 155 58.61 -4.99 44.35
CA SER EA 155 59.44 -4.47 43.27
C SER EA 155 58.89 -3.31 42.47
N GLY EA 156 57.59 -3.08 42.56
CA GLY EA 156 56.95 -2.01 41.83
C GLY EA 156 56.32 -2.67 40.62
N LYS EA 157 56.07 -3.96 40.73
CA LYS EA 157 55.48 -4.73 39.63
C LYS EA 157 54.09 -4.19 39.25
N THR EA 158 53.26 -3.95 40.25
CA THR EA 158 51.91 -3.47 40.01
C THR EA 158 51.94 -2.00 39.62
N TRP EA 159 52.78 -1.19 40.27
CA TRP EA 159 52.86 0.23 39.92
C TRP EA 159 53.32 0.35 38.46
N VAL EA 160 54.38 -0.34 38.05
CA VAL EA 160 54.85 -0.21 36.67
C VAL EA 160 53.69 -0.57 35.75
N ALA EA 161 52.97 -1.64 36.12
CA ALA EA 161 51.87 -2.13 35.30
C ALA EA 161 50.79 -1.06 35.21
N LEU EA 162 50.51 -0.44 36.35
CA LEU EA 162 49.47 0.56 36.39
C LEU EA 162 49.89 1.70 35.48
N ASP EA 163 51.14 2.14 35.61
CA ASP EA 163 51.59 3.31 34.87
C ASP EA 163 51.47 3.04 33.38
N VAL EA 164 51.84 1.84 32.97
CA VAL EA 164 51.80 1.50 31.56
C VAL EA 164 50.32 1.52 31.12
N CYS EA 165 49.49 0.92 31.93
CA CYS EA 165 48.11 0.76 31.57
C CYS EA 165 47.31 2.00 31.89
N LEU EA 166 47.89 2.97 32.55
CA LEU EA 166 47.23 4.21 32.53
C LEU EA 166 47.33 4.65 31.08
N SER EA 167 48.57 4.65 30.60
CA SER EA 167 48.96 5.25 29.34
C SER EA 167 48.09 5.12 28.10
N TYR EA 168 47.71 6.25 27.52
CA TYR EA 168 46.70 6.22 26.49
C TYR EA 168 47.00 5.22 25.40
N LYS EA 169 48.23 5.26 24.89
CA LYS EA 169 48.63 4.41 23.77
C LYS EA 169 48.35 2.93 24.02
N VAL EA 170 48.52 2.55 25.26
CA VAL EA 170 48.31 1.20 25.70
C VAL EA 170 46.95 1.02 26.26
N GLN EA 171 46.09 2.00 26.09
CA GLN EA 171 44.74 1.73 26.44
C GLN EA 171 43.92 1.49 25.23
N CYS EA 172 43.87 2.50 24.36
CA CYS EA 172 43.04 2.47 23.16
C CYS EA 172 43.23 1.14 22.44
N LYS EA 173 44.45 0.63 22.50
CA LYS EA 173 44.78 -0.65 21.91
C LYS EA 173 43.96 -1.73 22.60
N MET EA 174 43.65 -1.51 23.87
CA MET EA 174 42.81 -2.43 24.59
C MET EA 174 41.45 -1.85 24.81
N ASP EA 175 41.18 -0.75 24.14
CA ASP EA 175 39.82 -0.23 24.07
C ASP EA 175 39.19 -0.07 25.42
N PHE EA 176 39.96 0.39 26.36
CA PHE EA 176 39.39 0.94 27.54
C PHE EA 176 38.56 -0.06 28.29
N LYS EA 177 39.01 -1.30 28.33
CA LYS EA 177 38.33 -2.29 29.15
C LYS EA 177 39.35 -3.10 29.94
N ILE EA 178 40.03 -2.47 30.89
CA ILE EA 178 41.02 -3.22 31.66
C ILE EA 178 40.55 -3.59 33.04
N PHE EA 179 40.42 -4.88 33.27
CA PHE EA 179 39.91 -5.35 34.52
C PHE EA 179 41.06 -5.75 35.39
N TRP EA 180 41.15 -5.07 36.50
CA TRP EA 180 42.18 -5.29 37.50
C TRP EA 180 41.67 -6.11 38.66
N LEU EA 181 42.35 -7.20 38.95
CA LEU EA 181 41.98 -7.98 40.13
C LEU EA 181 43.22 -8.44 40.87
N ASN EA 182 43.18 -8.48 42.20
CA ASN EA 182 44.36 -8.97 42.92
C ASN EA 182 44.17 -10.40 43.41
N LEU EA 183 44.90 -11.36 42.87
CA LEU EA 183 44.68 -12.72 43.35
C LEU EA 183 45.20 -12.82 44.78
N LYS EA 184 44.69 -12.23 45.83
CA LYS EA 184 45.33 -12.70 47.05
C LYS EA 184 44.66 -13.97 47.38
N ASN EA 185 45.23 -14.73 48.27
CA ASN EA 185 44.34 -15.69 48.81
C ASN EA 185 43.61 -16.07 47.57
N CYS EA 186 44.31 -16.77 46.69
CA CYS EA 186 43.73 -17.22 45.43
C CYS EA 186 44.00 -18.70 45.19
N ASN EA 187 44.93 -19.25 45.95
CA ASN EA 187 45.29 -20.66 45.82
C ASN EA 187 44.30 -21.58 46.53
N SER EA 188 43.02 -21.40 46.21
CA SER EA 188 41.96 -22.21 46.81
C SER EA 188 40.71 -22.22 45.93
N PRO EA 189 40.02 -23.45 45.90
CA PRO EA 189 38.82 -23.40 45.04
C PRO EA 189 37.87 -22.27 45.43
N GLU EA 190 38.12 -21.67 46.60
CA GLU EA 190 37.29 -20.58 47.08
C GLU EA 190 37.66 -19.26 46.39
N THR EA 191 38.84 -19.22 45.80
CA THR EA 191 39.31 -18.03 45.10
C THR EA 191 38.65 -17.89 43.74
N VAL EA 192 38.74 -18.94 42.94
CA VAL EA 192 38.16 -18.94 41.60
C VAL EA 192 36.74 -18.35 41.61
N LEU EA 193 35.84 -19.02 42.31
CA LEU EA 193 34.45 -18.58 42.41
C LEU EA 193 34.37 -17.10 42.82
N GLU EA 194 34.84 -16.81 44.04
CA GLU EA 194 34.82 -15.45 44.56
C GLU EA 194 35.29 -14.45 43.50
N MET EA 195 36.51 -14.65 43.01
CA MET EA 195 37.09 -13.78 42.00
C MET EA 195 36.38 -13.83 40.66
N LEU EA 196 36.08 -15.05 40.22
CA LEU EA 196 35.41 -15.26 38.94
C LEU EA 196 34.04 -14.67 39.06
N GLN EA 197 33.59 -14.50 40.31
CA GLN EA 197 32.34 -13.86 40.57
C GLN EA 197 32.67 -12.38 40.38
N LYS EA 198 33.80 -11.94 40.93
CA LYS EA 198 34.12 -10.52 40.77
C LYS EA 198 34.36 -10.09 39.31
N LEU EA 199 34.94 -10.95 38.48
CA LEU EA 199 35.23 -10.60 37.10
C LEU EA 199 33.95 -10.45 36.28
N LEU EA 200 32.97 -11.30 36.58
CA LEU EA 200 31.68 -11.23 35.92
C LEU EA 200 31.04 -9.94 36.37
N TYR EA 201 31.07 -9.72 37.67
CA TYR EA 201 30.73 -8.44 38.26
C TYR EA 201 31.25 -7.24 37.45
N GLN EA 202 32.56 -7.17 37.12
CA GLN EA 202 32.98 -5.94 36.54
C GLN EA 202 32.32 -5.89 35.23
N ILE EA 203 32.61 -6.84 34.35
CA ILE EA 203 31.99 -6.86 33.02
C ILE EA 203 30.55 -6.35 33.00
N ASP EA 204 29.68 -7.03 33.74
CA ASP EA 204 28.28 -6.65 33.81
C ASP EA 204 27.62 -7.27 35.04
N PRO EA 205 26.56 -6.65 35.53
CA PRO EA 205 25.85 -7.17 36.70
C PRO EA 205 24.63 -8.01 36.31
N ASN EA 206 24.88 -9.22 35.79
CA ASN EA 206 23.77 -10.08 35.41
C ASN EA 206 24.19 -11.54 35.31
N TRP EA 207 23.72 -12.37 36.23
CA TRP EA 207 24.01 -13.78 36.10
C TRP EA 207 22.91 -14.71 36.53
N THR EA 208 22.62 -15.68 35.68
CA THR EA 208 21.58 -16.66 35.95
C THR EA 208 22.26 -17.67 36.85
N SER EA 209 22.28 -17.34 38.12
CA SER EA 209 23.02 -18.14 39.07
C SER EA 209 22.18 -19.35 39.47
N ARG EA 210 21.15 -19.60 38.69
CA ARG EA 210 20.33 -20.79 38.86
C ARG EA 210 21.14 -22.03 38.47
N SER EA 211 22.23 -21.84 37.76
CA SER EA 211 23.05 -22.96 37.36
C SER EA 211 23.77 -23.50 38.60
N ASP EA 212 23.66 -22.77 39.70
CA ASP EA 212 24.42 -23.15 40.88
C ASP EA 212 23.95 -24.49 41.41
N HIS EA 213 24.92 -25.37 41.53
CA HIS EA 213 24.74 -26.74 41.89
C HIS EA 213 25.87 -26.82 42.86
N SER EA 214 25.59 -27.32 44.06
CA SER EA 214 26.51 -27.17 45.19
C SER EA 214 27.31 -28.44 45.52
N SER EA 215 27.28 -29.41 44.62
CA SER EA 215 28.05 -30.61 44.79
C SER EA 215 29.52 -30.28 44.56
N ASN EA 216 29.76 -29.33 43.66
CA ASN EA 216 31.11 -28.87 43.38
C ASN EA 216 31.21 -27.35 43.29
N ILE EA 217 31.78 -26.75 44.34
CA ILE EA 217 32.23 -25.40 44.25
C ILE EA 217 33.25 -25.45 43.13
N LYS EA 218 33.59 -26.65 42.70
CA LYS EA 218 34.59 -26.81 41.66
C LYS EA 218 33.97 -26.91 40.29
N LEU EA 219 33.01 -27.82 40.15
CA LEU EA 219 32.30 -28.00 38.89
C LEU EA 219 31.57 -26.71 38.49
N ARG EA 220 31.08 -25.98 39.49
CA ARG EA 220 30.38 -24.74 39.25
C ARG EA 220 31.39 -23.72 38.80
N ILE EA 221 32.60 -23.88 39.29
CA ILE EA 221 33.66 -22.94 39.01
C ILE EA 221 33.81 -22.96 37.51
N HIS EA 222 33.70 -24.13 36.94
CA HIS EA 222 33.81 -24.22 35.51
C HIS EA 222 32.70 -23.43 34.85
N SER EA 223 31.49 -23.55 35.39
CA SER EA 223 30.37 -22.92 34.73
C SER EA 223 30.65 -21.45 34.67
N ILE EA 224 31.10 -20.90 35.78
CA ILE EA 224 31.24 -19.44 35.80
C ILE EA 224 32.16 -19.11 34.60
N GLN EA 225 33.20 -19.91 34.41
CA GLN EA 225 34.13 -19.72 33.31
C GLN EA 225 33.42 -19.83 31.96
N ALA EA 226 32.55 -20.82 31.85
CA ALA EA 226 31.79 -21.04 30.62
C ALA EA 226 31.02 -19.79 30.23
N GLU EA 227 30.38 -19.17 31.22
CA GLU EA 227 29.61 -17.95 30.98
C GLU EA 227 30.54 -16.78 30.67
N LEU EA 228 31.68 -16.73 31.35
CA LEU EA 228 32.65 -15.68 31.14
C LEU EA 228 33.25 -15.75 29.73
N ARG EA 229 33.56 -16.98 29.30
CA ARG EA 229 34.12 -17.19 27.97
C ARG EA 229 33.14 -16.75 26.90
N ARG EA 230 31.86 -17.03 27.12
CA ARG EA 230 30.82 -16.65 26.18
C ARG EA 230 30.78 -15.14 26.03
N LEU EA 231 30.77 -14.42 27.16
CA LEU EA 231 30.68 -12.96 27.11
C LEU EA 231 31.88 -12.20 26.54
N LEU EA 232 33.12 -12.65 26.79
CA LEU EA 232 34.26 -11.91 26.24
C LEU EA 232 34.35 -11.86 24.72
N LYS EA 233 34.13 -12.95 24.03
CA LYS EA 233 34.27 -12.82 22.62
C LYS EA 233 32.95 -12.23 22.23
N SER EA 234 32.56 -11.23 23.00
CA SER EA 234 31.41 -10.42 22.64
C SER EA 234 32.01 -9.30 21.87
N LYS EA 235 31.21 -8.37 21.40
CA LYS EA 235 31.76 -7.22 20.74
C LYS EA 235 32.04 -6.03 21.63
N PRO EA 236 31.47 -6.09 22.93
CA PRO EA 236 31.77 -4.90 23.73
C PRO EA 236 33.25 -4.86 23.92
N TYR EA 237 33.80 -6.05 24.12
CA TYR EA 237 35.23 -6.18 24.32
C TYR EA 237 35.87 -6.56 23.03
N GLU EA 238 35.62 -7.77 22.56
CA GLU EA 238 36.33 -8.27 21.40
C GLU EA 238 37.71 -8.42 21.93
N ASN EA 239 38.18 -7.30 22.46
CA ASN EA 239 39.54 -7.38 23.02
C ASN EA 239 39.81 -6.41 24.20
N CYS EA 240 40.33 -6.86 25.33
CA CYS EA 240 40.54 -6.02 26.50
C CYS EA 240 41.55 -6.71 27.34
N LEU EA 241 42.11 -6.06 28.34
CA LEU EA 241 43.14 -6.69 29.13
C LEU EA 241 42.79 -6.84 30.58
N LEU EA 242 42.77 -8.09 31.02
CA LEU EA 242 42.57 -8.59 32.37
C LEU EA 242 43.92 -8.78 33.06
N VAL EA 243 44.30 -7.82 33.90
CA VAL EA 243 45.60 -7.84 34.55
C VAL EA 243 45.51 -8.40 35.97
N LEU EA 244 45.88 -9.65 36.07
CA LEU EA 244 45.73 -10.34 37.30
C LEU EA 244 46.79 -9.62 38.01
N LEU EA 245 46.81 -9.63 39.32
CA LEU EA 245 47.89 -9.00 40.00
C LEU EA 245 48.30 -9.99 41.03
N ASN EA 246 49.57 -10.11 41.31
CA ASN EA 246 49.94 -11.00 42.38
C ASN EA 246 49.41 -12.41 42.16
N VAL EA 247 49.51 -12.94 40.95
CA VAL EA 247 49.05 -14.30 40.73
C VAL EA 247 49.84 -15.20 41.66
N GLN EA 248 49.15 -16.06 42.39
CA GLN EA 248 49.77 -16.93 43.39
C GLN EA 248 50.66 -18.13 43.03
N ASN EA 249 50.19 -19.02 42.16
CA ASN EA 249 50.97 -20.20 41.79
C ASN EA 249 50.57 -20.55 40.38
N ALA EA 250 50.86 -21.74 39.88
CA ALA EA 250 50.26 -21.98 38.59
C ALA EA 250 48.77 -22.17 38.69
N LYS EA 251 48.31 -22.86 39.73
CA LYS EA 251 47.01 -23.49 39.65
C LYS EA 251 45.90 -22.50 39.34
N ALA EA 252 45.93 -21.35 39.97
CA ALA EA 252 44.82 -20.43 39.82
C ALA EA 252 44.74 -20.08 38.38
N TRP EA 253 45.89 -19.86 37.77
CA TRP EA 253 45.88 -19.27 36.48
C TRP EA 253 45.11 -20.20 35.51
N ASN EA 254 45.38 -21.49 35.48
CA ASN EA 254 44.75 -22.38 34.59
C ASN EA 254 43.28 -22.01 34.74
N ALA EA 255 42.89 -21.62 35.95
CA ALA EA 255 41.54 -21.18 36.20
C ALA EA 255 41.26 -19.94 35.42
N PHE EA 256 42.23 -19.06 35.31
CA PHE EA 256 41.93 -17.72 34.86
C PHE EA 256 42.17 -17.32 33.44
N ASN EA 257 42.48 -18.26 32.56
CA ASN EA 257 42.77 -17.89 31.18
C ASN EA 257 41.52 -17.92 30.32
N LEU EA 258 41.07 -16.76 29.87
CA LEU EA 258 39.84 -16.70 29.12
C LEU EA 258 40.03 -16.24 27.70
N SER EA 259 41.21 -16.43 27.15
CA SER EA 259 41.34 -15.87 25.83
C SER EA 259 41.20 -14.38 26.00
N CYS EA 260 41.76 -13.89 27.09
CA CYS EA 260 41.67 -12.50 27.42
C CYS EA 260 43.06 -12.04 27.36
N LYS EA 261 43.31 -10.93 26.75
CA LYS EA 261 44.67 -10.44 26.76
C LYS EA 261 44.88 -10.15 28.24
N ILE EA 262 45.33 -11.14 29.00
CA ILE EA 262 45.66 -10.82 30.38
C ILE EA 262 47.16 -10.60 30.53
N LEU EA 263 47.57 -9.81 31.51
CA LEU EA 263 48.99 -9.67 31.85
C LEU EA 263 49.11 -9.84 33.36
N LEU EA 264 49.85 -10.86 33.79
CA LEU EA 264 49.89 -11.24 35.19
C LEU EA 264 51.23 -10.91 35.83
N THR EA 265 51.19 -10.19 36.93
CA THR EA 265 52.39 -9.84 37.64
C THR EA 265 52.44 -10.68 38.91
N THR EA 266 53.54 -11.39 39.12
CA THR EA 266 53.65 -12.28 40.28
C THR EA 266 55.01 -12.25 40.96
N ARG EA 267 55.00 -12.42 42.27
CA ARG EA 267 56.22 -12.49 43.07
C ARG EA 267 57.02 -13.80 43.25
N PHE EA 268 56.57 -14.96 42.76
CA PHE EA 268 57.55 -16.07 42.77
C PHE EA 268 57.84 -16.88 41.49
N LYS EA 269 58.90 -17.66 41.63
CA LYS EA 269 59.64 -18.22 40.51
C LYS EA 269 58.95 -19.42 39.89
N GLN EA 270 58.02 -20.01 40.63
CA GLN EA 270 57.25 -21.15 40.12
C GLN EA 270 56.27 -20.66 39.06
N VAL EA 271 55.76 -19.45 39.25
CA VAL EA 271 54.85 -18.85 38.29
C VAL EA 271 55.53 -18.50 36.96
N THR EA 272 56.60 -17.71 37.11
CA THR EA 272 57.34 -17.17 35.99
C THR EA 272 58.18 -18.32 35.56
N ASP EA 273 58.29 -19.26 36.48
CA ASP EA 273 58.80 -20.58 36.19
C ASP EA 273 57.70 -21.36 35.50
N PHE EA 274 56.44 -20.90 35.58
CA PHE EA 274 55.44 -21.63 34.83
C PHE EA 274 55.26 -21.41 33.35
N LEU EA 275 55.16 -20.15 32.93
CA LEU EA 275 54.67 -19.89 31.59
C LEU EA 275 55.76 -19.62 30.59
N SER EA 276 55.96 -20.62 29.75
CA SER EA 276 57.04 -20.60 28.83
C SER EA 276 56.86 -19.46 27.89
N ALA EA 277 57.96 -18.82 27.54
CA ALA EA 277 57.93 -17.77 26.54
C ALA EA 277 57.51 -18.48 25.30
N ALA EA 278 56.91 -17.77 24.36
CA ALA EA 278 56.32 -18.34 23.16
C ALA EA 278 54.94 -18.78 23.52
N THR EA 279 54.60 -18.55 24.77
CA THR EA 279 53.29 -18.08 25.18
C THR EA 279 53.20 -16.95 26.17
N THR EA 280 54.26 -16.21 26.41
CA THR EA 280 54.06 -15.03 27.24
C THR EA 280 55.37 -14.25 27.22
N THR EA 281 55.53 -13.13 27.90
CA THR EA 281 56.86 -12.67 27.82
C THR EA 281 57.11 -12.17 29.19
N HIS EA 282 58.31 -12.29 29.69
CA HIS EA 282 58.56 -11.71 30.99
C HIS EA 282 59.37 -10.44 30.91
N ILE EA 283 58.74 -9.36 31.33
CA ILE EA 283 59.44 -8.21 31.78
C ILE EA 283 59.88 -8.72 33.11
N SER EA 284 61.15 -8.58 33.47
CA SER EA 284 61.56 -8.97 34.81
C SER EA 284 61.78 -7.68 35.52
N LEU EA 285 60.93 -7.40 36.47
CA LEU EA 285 60.95 -6.13 37.13
C LEU EA 285 62.18 -5.89 37.95
N ASP EA 286 62.70 -6.93 38.59
CA ASP EA 286 63.78 -6.83 39.55
C ASP EA 286 65.12 -7.11 38.92
N HIS EA 287 65.14 -7.16 37.61
CA HIS EA 287 66.32 -7.47 36.85
C HIS EA 287 67.16 -6.23 36.74
N HIS EA 288 68.10 -6.33 35.82
CA HIS EA 288 69.30 -5.56 35.60
C HIS EA 288 69.17 -4.09 35.32
N SER EA 289 68.23 -3.74 34.48
CA SER EA 289 68.14 -2.36 34.03
C SER EA 289 66.90 -1.73 34.57
N MET EA 290 65.97 -2.56 34.96
CA MET EA 290 64.74 -2.06 35.54
C MET EA 290 65.09 -1.38 36.83
N THR EA 291 66.07 -1.90 37.54
CA THR EA 291 66.23 -1.46 38.91
C THR EA 291 66.12 0.05 38.87
N LEU EA 292 65.41 0.63 39.83
CA LEU EA 292 65.05 2.01 39.70
C LEU EA 292 66.30 2.78 39.44
N THR EA 293 66.16 3.76 38.56
CA THR EA 293 67.26 4.53 37.97
C THR EA 293 68.09 5.27 39.03
N PRO EA 294 69.43 5.11 38.97
CA PRO EA 294 70.40 5.46 40.02
C PRO EA 294 70.10 6.76 40.78
N ASP EA 295 69.45 7.71 40.12
CA ASP EA 295 69.09 8.98 40.75
C ASP EA 295 67.59 9.05 40.97
N GLU EA 296 66.86 8.14 40.33
CA GLU EA 296 65.42 8.09 40.51
C GLU EA 296 65.12 7.32 41.80
N VAL EA 297 66.15 6.78 42.45
CA VAL EA 297 65.91 6.28 43.79
C VAL EA 297 65.73 7.51 44.67
N LYS EA 298 66.58 8.51 44.43
CA LYS EA 298 66.49 9.76 45.18
C LYS EA 298 65.20 10.47 44.81
N SER EA 299 64.71 10.16 43.63
CA SER EA 299 63.45 10.70 43.12
C SER EA 299 62.31 10.22 43.95
N LEU EA 300 62.26 8.90 44.10
CA LEU EA 300 61.13 8.28 44.77
C LEU EA 300 61.20 8.75 46.20
N LEU EA 301 62.40 8.78 46.75
CA LEU EA 301 62.44 9.07 48.14
C LEU EA 301 61.79 10.41 48.22
N LEU EA 302 61.94 11.23 47.21
CA LEU EA 302 61.30 12.50 47.41
C LEU EA 302 59.79 12.49 47.68
N LYS EA 303 59.03 11.87 46.78
CA LYS EA 303 57.58 11.93 46.82
C LYS EA 303 57.07 12.01 48.25
N TYR EA 304 57.28 10.92 48.99
CA TYR EA 304 56.86 10.85 50.38
C TYR EA 304 57.61 11.94 51.10
N LEU EA 305 58.85 12.14 50.66
CA LEU EA 305 59.70 13.08 51.34
C LEU EA 305 59.21 14.50 51.26
N ASP EA 306 58.73 14.92 50.10
CA ASP EA 306 58.32 16.31 49.88
C ASP EA 306 59.39 17.41 50.02
N CYS EA 307 60.61 17.20 49.56
CA CYS EA 307 61.48 18.34 49.30
C CYS EA 307 62.62 18.11 48.34
N ARG EA 308 63.09 19.19 47.73
CA ARG EA 308 64.36 19.22 47.04
C ARG EA 308 65.66 19.18 47.83
N PRO EA 309 65.80 19.89 48.95
CA PRO EA 309 67.20 20.10 49.31
C PRO EA 309 67.71 18.97 50.20
N GLN EA 310 66.84 18.45 51.06
CA GLN EA 310 67.21 17.37 51.95
C GLN EA 310 67.43 16.07 51.20
N ASP EA 311 66.80 15.95 50.03
CA ASP EA 311 66.93 14.75 49.21
C ASP EA 311 68.39 14.32 49.10
N LEU EA 312 69.29 15.29 49.07
CA LEU EA 312 70.72 15.02 48.98
C LEU EA 312 71.30 14.64 50.33
N PRO EA 313 70.63 15.07 51.39
CA PRO EA 313 71.08 14.78 52.75
C PRO EA 313 70.72 13.36 53.16
N ARG EA 314 70.24 12.57 52.19
CA ARG EA 314 69.87 11.18 52.44
C ARG EA 314 70.61 10.23 51.52
N GLU EA 315 71.93 10.39 51.44
CA GLU EA 315 72.76 9.55 50.59
C GLU EA 315 72.93 8.16 51.19
N VAL EA 316 72.43 7.15 50.48
CA VAL EA 316 72.53 5.77 50.94
C VAL EA 316 72.43 4.80 49.78
N LEU EA 317 71.97 3.58 50.06
CA LEU EA 317 71.84 2.54 49.03
C LEU EA 317 70.55 1.75 49.22
N THR EA 318 69.80 1.59 48.14
CA THR EA 318 68.54 0.84 48.19
C THR EA 318 67.93 0.82 46.79
N THR EA 319 67.23 -0.26 46.45
CA THR EA 319 66.65 -0.36 45.11
C THR EA 319 65.24 -0.96 45.12
N ASN EA 320 64.73 -1.31 46.29
CA ASN EA 320 63.39 -1.90 46.36
C ASN EA 320 62.35 -0.83 46.68
N PRO EA 321 61.43 -0.57 45.74
CA PRO EA 321 60.49 0.51 45.99
C PRO EA 321 59.70 0.26 47.27
N ARG EA 322 59.44 -1.00 47.62
CA ARG EA 322 58.69 -1.22 48.83
C ARG EA 322 59.55 -0.84 50.02
N ARG EA 323 60.82 -1.25 49.99
CA ARG EA 323 61.68 -0.94 51.11
C ARG EA 323 61.94 0.55 51.15
N LEU EA 324 62.09 1.12 49.96
CA LEU EA 324 62.38 2.53 49.85
C LEU EA 324 61.26 3.34 50.42
N SER EA 325 60.03 2.96 50.08
CA SER EA 325 58.92 3.79 50.50
C SER EA 325 58.48 3.55 51.92
N ILE EA 326 58.64 2.33 52.42
CA ILE EA 326 58.36 2.13 53.83
C ILE EA 326 59.33 2.96 54.65
N ILE EA 327 60.59 2.95 54.22
CA ILE EA 327 61.62 3.70 54.92
C ILE EA 327 61.39 5.17 54.82
N ALA EA 328 61.09 5.59 53.60
CA ALA EA 328 60.92 7.00 53.27
C ALA EA 328 59.72 7.55 54.09
N GLU EA 329 58.66 6.76 54.14
CA GLU EA 329 57.46 7.13 54.85
C GLU EA 329 57.81 7.28 56.32
N SER EA 330 58.58 6.33 56.80
CA SER EA 330 58.90 6.34 58.21
C SER EA 330 59.73 7.57 58.57
N ILE EA 331 60.70 7.90 57.71
CA ILE EA 331 61.51 9.08 58.02
C ILE EA 331 60.75 10.43 57.97
N ARG EA 332 59.82 10.60 57.03
CA ARG EA 332 59.07 11.85 56.98
C ARG EA 332 58.22 12.00 58.25
N ASP EA 333 57.59 10.89 58.61
CA ASP EA 333 56.77 10.71 59.79
C ASP EA 333 57.30 9.63 60.74
N ALA EA 336 62.96 10.04 61.59
CA ALA EA 336 64.34 10.27 62.01
C ALA EA 336 65.31 9.41 61.19
N THR EA 337 66.21 10.04 60.44
CA THR EA 337 66.88 9.35 59.35
C THR EA 337 67.78 8.16 59.67
N TRP EA 338 68.70 8.35 60.60
CA TRP EA 338 69.60 7.29 61.04
C TRP EA 338 68.89 6.19 61.78
N ASP EA 339 68.09 6.58 62.77
CA ASP EA 339 67.62 5.56 63.67
C ASP EA 339 66.77 4.60 62.91
N ASN EA 340 65.84 5.24 62.20
CA ASN EA 340 64.76 4.63 61.47
C ASN EA 340 65.19 3.74 60.29
N TRP EA 341 66.22 4.16 59.53
CA TRP EA 341 66.64 3.45 58.31
C TRP EA 341 66.89 2.02 58.75
N LYS EA 342 67.31 1.85 60.00
CA LYS EA 342 67.54 0.51 60.55
C LYS EA 342 66.57 0.03 61.65
N HIS EA 343 66.75 0.56 62.86
CA HIS EA 343 66.15 0.06 64.08
C HIS EA 343 64.72 0.52 63.95
N VAL EA 344 64.53 1.45 63.02
CA VAL EA 344 63.22 1.91 62.66
C VAL EA 344 62.59 0.77 61.89
N ASN EA 345 61.32 0.49 62.13
CA ASN EA 345 60.63 -0.56 61.41
C ASN EA 345 61.04 -1.93 61.91
N CYS EA 346 61.75 -1.96 63.03
CA CYS EA 346 61.92 -3.21 63.71
C CYS EA 346 60.65 -3.98 63.59
N ASP EA 347 59.61 -3.17 63.44
CA ASP EA 347 58.23 -3.58 63.62
C ASP EA 347 57.47 -3.59 62.31
N LYS EA 348 58.07 -3.18 61.17
CA LYS EA 348 57.29 -3.26 59.94
C LYS EA 348 57.96 -4.02 58.80
N LEU EA 349 59.16 -3.61 58.39
CA LEU EA 349 59.82 -4.22 57.25
C LEU EA 349 60.13 -5.68 57.53
N THR EA 350 60.30 -5.98 58.81
CA THR EA 350 60.57 -7.32 59.25
C THR EA 350 59.34 -8.15 58.97
N THR EA 351 58.16 -7.64 59.30
CA THR EA 351 56.93 -8.41 59.08
C THR EA 351 56.71 -8.66 57.60
N ILE EA 352 57.04 -7.67 56.78
CA ILE EA 352 56.87 -7.78 55.33
C ILE EA 352 57.70 -8.92 54.76
N ILE EA 353 58.94 -9.04 55.24
CA ILE EA 353 59.84 -10.09 54.78
C ILE EA 353 59.73 -11.33 55.65
N GLU EA 354 58.58 -11.49 56.30
CA GLU EA 354 58.35 -12.63 57.17
C GLU EA 354 57.05 -13.34 56.83
N SER EA 355 56.02 -12.55 56.50
CA SER EA 355 54.72 -13.10 56.15
C SER EA 355 54.83 -14.11 55.02
N SER EA 356 56.03 -14.21 54.44
CA SER EA 356 56.27 -15.14 53.34
C SER EA 356 56.79 -16.47 53.86
N LEU EA 357 57.02 -16.55 55.17
CA LEU EA 357 57.52 -17.77 55.79
C LEU EA 357 56.39 -18.76 56.05
N ASN EA 358 55.19 -18.29 56.25
CA ASN EA 358 54.15 -19.25 56.44
C ASN EA 358 53.99 -20.14 55.22
N VAL EA 359 54.19 -19.58 54.03
CA VAL EA 359 53.79 -20.27 52.80
C VAL EA 359 54.52 -21.58 52.54
N LEU EA 360 55.83 -21.60 52.79
CA LEU EA 360 56.63 -22.82 52.68
C LEU EA 360 56.58 -23.62 53.98
N GLU EA 361 56.20 -24.90 53.90
CA GLU EA 361 56.06 -25.72 55.09
C GLU EA 361 57.11 -25.39 56.16
N PRO EA 362 56.67 -25.24 57.40
CA PRO EA 362 57.57 -24.98 58.49
C PRO EA 362 58.46 -26.08 58.94
N ALA EA 363 57.99 -27.32 58.91
CA ALA EA 363 58.76 -28.46 59.40
C ALA EA 363 60.09 -28.63 58.67
N GLU EA 364 60.11 -28.36 57.37
CA GLU EA 364 61.32 -28.54 56.58
C GLU EA 364 61.79 -27.26 55.90
N TYR EA 365 60.83 -26.43 55.46
CA TYR EA 365 61.18 -25.20 54.75
C TYR EA 365 61.63 -24.08 55.69
N ARG EA 366 60.69 -23.51 56.42
CA ARG EA 366 60.96 -22.40 57.31
C ARG EA 366 62.26 -22.58 58.11
N LYS EA 367 62.34 -23.68 58.85
CA LYS EA 367 63.48 -23.94 59.70
C LYS EA 367 64.86 -23.93 59.03
N MET EA 368 64.97 -24.64 57.92
CA MET EA 368 66.24 -24.71 57.26
C MET EA 368 66.66 -23.29 57.06
N PHE EA 369 65.92 -22.59 56.22
CA PHE EA 369 66.35 -21.26 55.82
C PHE EA 369 66.91 -20.52 57.03
N ASP EA 370 66.30 -20.74 58.19
CA ASP EA 370 66.61 -19.99 59.40
C ASP EA 370 68.09 -20.17 59.71
N ARG EA 371 68.58 -21.32 59.29
CA ARG EA 371 69.95 -21.72 59.53
C ARG EA 371 70.94 -20.83 58.78
N LEU EA 372 70.51 -20.24 57.69
CA LEU EA 372 71.42 -19.48 56.86
C LEU EA 372 71.98 -18.32 57.68
N SER EA 373 71.39 -18.10 58.83
CA SER EA 373 71.77 -16.96 59.60
C SER EA 373 73.26 -17.10 59.86
N VAL EA 374 73.78 -18.32 59.83
CA VAL EA 374 75.17 -18.60 60.09
C VAL EA 374 76.13 -17.91 59.12
N PHE EA 375 75.76 -17.89 57.85
CA PHE EA 375 76.63 -17.39 56.77
C PHE EA 375 76.58 -15.89 56.50
N PRO EA 376 77.62 -15.41 55.82
CA PRO EA 376 77.86 -13.98 55.70
C PRO EA 376 76.65 -13.37 55.04
N PRO EA 377 76.33 -12.08 55.46
CA PRO EA 377 74.93 -11.72 55.18
C PRO EA 377 74.57 -11.79 53.71
N SER EA 378 75.48 -11.39 52.84
CA SER EA 378 75.17 -11.47 51.42
C SER EA 378 76.30 -12.27 50.82
N ALA EA 379 76.22 -13.54 51.12
CA ALA EA 379 77.27 -14.51 50.85
C ALA EA 379 76.70 -15.78 50.24
N HIS EA 380 77.60 -16.73 49.99
CA HIS EA 380 77.24 -17.95 49.28
C HIS EA 380 77.32 -19.16 50.19
N ILE EA 381 76.93 -20.31 49.67
CA ILE EA 381 77.01 -21.53 50.46
C ILE EA 381 77.08 -22.82 49.62
N PRO EA 382 78.22 -23.52 49.73
CA PRO EA 382 78.51 -24.78 49.06
C PRO EA 382 77.53 -25.86 49.42
N THR EA 383 77.37 -26.86 48.56
CA THR EA 383 76.36 -27.85 48.86
C THR EA 383 76.67 -28.62 50.14
N ILE EA 384 77.94 -28.98 50.30
CA ILE EA 384 78.37 -29.77 51.46
C ILE EA 384 78.07 -29.11 52.81
N LEU EA 385 78.29 -27.79 52.87
CA LEU EA 385 78.04 -27.01 54.09
C LEU EA 385 76.56 -26.91 54.47
N LEU EA 386 75.69 -26.74 53.48
CA LEU EA 386 74.26 -26.59 53.73
C LEU EA 386 73.68 -27.87 54.28
N SER EA 387 74.26 -29.00 53.92
CA SER EA 387 73.67 -30.27 54.31
C SER EA 387 73.65 -30.38 55.83
N LEU EA 388 74.77 -30.09 56.45
CA LEU EA 388 74.92 -30.32 57.86
C LEU EA 388 73.92 -29.50 58.63
N ILE EA 389 73.61 -28.32 58.12
CA ILE EA 389 72.85 -27.34 58.88
C ILE EA 389 71.43 -27.77 59.24
N SER EA 396 70.49 -36.78 48.44
CA SER EA 396 69.93 -35.80 47.51
C SER EA 396 68.88 -34.94 48.20
N ASP EA 397 68.49 -35.33 49.41
CA ASP EA 397 67.44 -34.60 50.11
C ASP EA 397 67.70 -33.11 50.28
N VAL EA 398 68.91 -32.71 50.69
CA VAL EA 398 69.15 -31.28 50.86
C VAL EA 398 69.05 -30.51 49.56
N MET EA 399 69.49 -31.14 48.48
CA MET EA 399 69.48 -30.53 47.16
C MET EA 399 68.05 -30.26 46.71
N VAL EA 400 67.14 -31.20 46.98
CA VAL EA 400 65.77 -30.99 46.59
C VAL EA 400 65.12 -30.01 47.55
N VAL EA 401 65.36 -30.15 48.85
CA VAL EA 401 64.66 -29.29 49.80
C VAL EA 401 65.05 -27.83 49.55
N VAL EA 402 66.32 -27.57 49.25
CA VAL EA 402 66.67 -26.19 48.92
C VAL EA 402 66.00 -25.83 47.60
N ASN EA 403 65.91 -26.80 46.69
CA ASN EA 403 65.45 -26.49 45.33
C ASN EA 403 64.04 -25.93 45.41
N LYS EA 404 63.25 -26.56 46.27
CA LYS EA 404 61.93 -26.08 46.57
C LYS EA 404 62.05 -24.72 47.18
N LEU EA 405 62.99 -24.56 48.09
CA LEU EA 405 63.14 -23.28 48.70
C LEU EA 405 63.58 -22.30 47.64
N HIS EA 406 64.18 -22.85 46.59
CA HIS EA 406 64.83 -21.98 45.64
C HIS EA 406 63.79 -21.04 45.20
N LYS EA 407 62.61 -21.59 44.96
CA LYS EA 407 61.46 -20.88 44.44
C LYS EA 407 60.79 -19.98 45.47
N TYR EA 408 60.42 -20.50 46.64
CA TYR EA 408 59.63 -19.63 47.51
C TYR EA 408 60.37 -18.47 48.19
N SER EA 409 61.50 -18.74 48.83
CA SER EA 409 62.22 -17.71 49.58
C SER EA 409 63.55 -17.36 48.95
N LEU EA 410 64.32 -16.51 49.61
CA LEU EA 410 65.44 -15.91 48.92
C LEU EA 410 66.41 -16.91 48.24
N VAL EA 411 67.09 -17.78 48.97
CA VAL EA 411 67.40 -19.19 48.64
C VAL EA 411 68.05 -19.44 47.26
N GLU EA 412 68.85 -18.53 46.74
CA GLU EA 412 68.88 -18.46 45.29
C GLU EA 412 69.86 -19.45 44.79
N LYS EA 413 69.35 -20.57 44.32
CA LYS EA 413 70.20 -21.63 43.85
C LYS EA 413 70.95 -21.11 42.66
N GLN EA 414 72.09 -21.70 42.38
CA GLN EA 414 72.91 -21.23 41.29
C GLN EA 414 73.79 -22.29 40.71
N PRO EA 415 74.47 -21.95 39.62
CA PRO EA 415 75.34 -22.91 38.94
C PRO EA 415 76.58 -23.61 39.48
N SER EA 418 78.36 -25.98 42.36
CA SER EA 418 76.92 -25.95 42.61
C SER EA 418 76.59 -25.17 43.88
N THR EA 419 77.41 -24.16 44.17
CA THR EA 419 77.21 -23.34 45.36
C THR EA 419 75.89 -22.60 45.30
N ILE EA 420 75.57 -21.87 46.37
CA ILE EA 420 74.30 -21.21 46.50
C ILE EA 420 74.58 -19.82 46.98
N SER EA 421 73.75 -18.86 46.59
CA SER EA 421 73.90 -17.48 47.06
C SER EA 421 72.50 -17.03 47.45
N ILE EA 422 72.28 -16.84 48.73
CA ILE EA 422 70.99 -16.35 49.22
C ILE EA 422 70.72 -14.87 49.06
N PRO EA 423 69.45 -14.50 49.02
CA PRO EA 423 69.04 -13.14 48.75
C PRO EA 423 68.78 -12.39 50.03
N SER EA 424 69.47 -11.29 50.20
CA SER EA 424 69.68 -10.65 51.48
C SER EA 424 68.43 -10.19 52.17
N ILE EA 425 67.52 -9.62 51.41
CA ILE EA 425 66.54 -8.70 51.96
C ILE EA 425 65.72 -9.37 53.05
N TYR EA 426 65.42 -10.64 52.84
CA TYR EA 426 64.99 -11.56 53.90
C TYR EA 426 66.13 -12.46 54.36
N LEU EA 427 67.26 -12.36 53.68
CA LEU EA 427 68.43 -13.18 54.02
C LEU EA 427 69.11 -12.66 55.28
N GLU EA 428 69.54 -11.41 55.26
CA GLU EA 428 70.21 -10.80 56.42
C GLU EA 428 69.28 -10.42 57.57
N LEU EA 429 68.21 -9.71 57.25
CA LEU EA 429 67.37 -9.07 58.26
C LEU EA 429 66.38 -10.00 58.95
N LYS EA 430 65.50 -10.62 58.17
CA LYS EA 430 64.40 -11.37 58.76
C LYS EA 430 64.89 -12.27 59.88
N VAL EA 431 65.88 -13.06 59.49
CA VAL EA 431 66.43 -14.12 60.30
C VAL EA 431 67.20 -13.65 61.53
N LYS EA 432 67.99 -12.60 61.38
CA LYS EA 432 68.87 -12.13 62.45
C LYS EA 432 68.10 -11.85 63.73
N LEU EA 433 66.96 -11.19 63.59
CA LEU EA 433 66.14 -10.83 64.73
C LEU EA 433 65.57 -12.05 65.42
N GLU EA 434 65.03 -12.99 64.65
CA GLU EA 434 64.40 -14.14 65.28
C GLU EA 434 65.32 -15.34 65.24
N ASN EA 435 65.79 -15.76 66.40
CA ASN EA 435 66.65 -16.92 66.41
C ASN EA 435 66.55 -17.53 67.80
N GLU EA 436 66.99 -18.78 67.95
CA GLU EA 436 66.92 -19.46 69.23
C GLU EA 436 68.32 -19.99 69.34
N TYR EA 437 68.72 -20.61 70.45
CA TYR EA 437 70.13 -20.91 70.48
C TYR EA 437 70.30 -22.31 69.88
N ALA EA 438 70.00 -22.37 68.60
CA ALA EA 438 70.34 -23.46 67.71
C ALA EA 438 71.79 -23.25 67.32
N LEU EA 439 72.20 -21.98 67.38
CA LEU EA 439 73.50 -21.53 66.93
C LEU EA 439 74.65 -22.40 67.40
N HIS EA 440 74.63 -22.78 68.69
CA HIS EA 440 75.80 -23.51 69.20
C HIS EA 440 76.04 -24.71 68.30
N ARG EA 441 74.97 -25.43 67.98
CA ARG EA 441 75.10 -26.62 67.17
C ARG EA 441 75.60 -26.26 65.77
N SER EA 442 75.07 -25.19 65.20
CA SER EA 442 75.45 -24.81 63.84
C SER EA 442 76.92 -24.41 63.75
N ILE EA 443 77.34 -23.58 64.70
CA ILE EA 443 78.69 -23.06 64.73
C ILE EA 443 79.66 -24.23 64.96
N VAL EA 444 79.26 -25.14 65.86
CA VAL EA 444 80.14 -26.28 66.18
C VAL EA 444 80.24 -27.08 64.89
N ASP EA 445 79.15 -27.12 64.13
CA ASP EA 445 79.14 -27.88 62.89
C ASP EA 445 80.21 -27.28 62.00
N HIS EA 446 80.29 -25.95 62.01
CA HIS EA 446 81.28 -25.26 61.19
C HIS EA 446 82.64 -25.71 61.69
N TYR EA 447 82.83 -25.87 63.00
CA TYR EA 447 84.15 -26.34 63.42
C TYR EA 447 84.42 -27.70 62.81
N ASN EA 448 83.39 -28.56 62.83
CA ASN EA 448 83.56 -29.92 62.35
C ASN EA 448 83.92 -30.02 60.87
N ILE EA 449 83.31 -29.19 60.04
CA ILE EA 449 83.57 -29.32 58.60
C ILE EA 449 85.05 -29.05 58.21
N PRO EA 450 85.69 -27.94 58.64
CA PRO EA 450 87.11 -27.97 58.29
C PRO EA 450 87.89 -29.05 59.01
N LYS EA 451 87.36 -29.53 60.13
CA LYS EA 451 88.04 -30.59 60.83
C LYS EA 451 88.07 -31.78 59.87
N THR EA 452 86.93 -32.06 59.23
CA THR EA 452 86.85 -33.18 58.31
C THR EA 452 87.79 -32.94 57.13
N PHE EA 453 87.73 -31.74 56.56
CA PHE EA 453 88.61 -31.38 55.44
C PHE EA 453 90.03 -31.40 55.97
N ASP EA 454 90.89 -32.24 55.40
CA ASP EA 454 92.26 -32.27 55.86
C ASP EA 454 93.15 -32.95 54.84
N SER EA 455 94.28 -32.34 54.56
CA SER EA 455 95.28 -32.94 53.68
C SER EA 455 96.50 -33.17 54.54
N ASP EA 456 97.42 -34.01 54.08
CA ASP EA 456 98.59 -34.34 54.89
C ASP EA 456 99.34 -33.05 55.19
N ASP EA 457 99.60 -32.26 54.15
CA ASP EA 457 100.30 -31.01 54.33
C ASP EA 457 99.33 -29.85 54.57
N LEU EA 458 99.89 -28.65 54.54
CA LEU EA 458 99.21 -27.41 54.93
C LEU EA 458 98.18 -26.87 53.93
N ILE EA 459 98.00 -27.57 52.81
CA ILE EA 459 97.04 -27.14 51.79
C ILE EA 459 95.68 -27.80 52.01
N PRO EA 460 94.59 -26.92 52.14
CA PRO EA 460 93.31 -27.61 52.34
C PRO EA 460 92.49 -27.67 51.05
N PRO EA 461 91.36 -28.35 51.08
CA PRO EA 461 90.52 -28.45 49.89
C PRO EA 461 89.40 -27.41 49.89
N TYR EA 462 89.73 -26.18 49.56
CA TYR EA 462 88.84 -25.05 49.79
C TYR EA 462 87.93 -24.78 48.60
N LEU EA 463 86.63 -24.90 48.82
CA LEU EA 463 85.66 -24.51 47.82
C LEU EA 463 85.89 -23.00 47.70
N ASP EA 464 85.85 -22.53 46.48
CA ASP EA 464 86.67 -21.43 45.99
C ASP EA 464 86.50 -20.12 46.72
N GLN EA 465 85.27 -19.75 46.99
CA GLN EA 465 85.03 -18.47 47.64
C GLN EA 465 84.61 -18.63 49.08
N TYR EA 466 83.61 -19.47 49.30
CA TYR EA 466 83.03 -19.51 50.64
C TYR EA 466 84.04 -19.73 51.70
N PHE EA 467 84.79 -20.80 51.53
CA PHE EA 467 85.69 -21.21 52.58
C PHE EA 467 86.65 -20.10 52.91
N TYR EA 468 87.23 -19.49 51.88
CA TYR EA 468 88.26 -18.49 52.10
C TYR EA 468 87.73 -17.32 52.94
N SER EA 469 86.58 -16.77 52.57
CA SER EA 469 86.02 -15.63 53.30
C SER EA 469 85.45 -16.00 54.68
N HIS EA 470 84.52 -16.95 54.63
CA HIS EA 470 83.67 -17.36 55.75
C HIS EA 470 84.41 -18.07 56.89
N ILE EA 471 85.42 -18.86 56.52
CA ILE EA 471 86.03 -19.80 57.48
C ILE EA 471 86.47 -19.01 58.69
N GLY EA 472 87.12 -17.88 58.46
CA GLY EA 472 87.65 -17.11 59.56
C GLY EA 472 86.53 -16.62 60.45
N HIS EA 473 85.42 -16.20 59.86
CA HIS EA 473 84.32 -15.65 60.64
C HIS EA 473 83.76 -16.71 61.59
N HIS EA 474 83.53 -17.89 61.03
CA HIS EA 474 82.96 -18.98 61.79
C HIS EA 474 83.93 -19.39 62.87
N LEU EA 475 85.21 -19.38 62.51
CA LEU EA 475 86.28 -19.76 63.40
C LEU EA 475 86.34 -18.81 64.58
N LYS EA 476 86.19 -17.52 64.28
CA LYS EA 476 86.26 -16.49 65.30
C LYS EA 476 85.18 -16.80 66.30
N ASN EA 477 84.00 -17.14 65.78
CA ASN EA 477 82.91 -17.44 66.70
C ASN EA 477 83.21 -18.68 67.54
N ILE EA 478 83.75 -19.74 66.93
CA ILE EA 478 83.92 -21.00 67.67
C ILE EA 478 84.96 -20.94 68.81
N GLU EA 479 86.19 -20.50 68.50
CA GLU EA 479 87.34 -20.45 69.42
C GLU EA 479 88.66 -19.96 68.77
N HIS EA 480 89.66 -19.71 69.62
CA HIS EA 480 91.01 -19.30 69.21
C HIS EA 480 91.90 -20.37 68.52
N PRO EA 481 92.05 -21.59 69.11
CA PRO EA 481 93.06 -22.51 68.58
C PRO EA 481 92.94 -22.75 67.07
N GLU EA 482 91.73 -22.95 66.58
CA GLU EA 482 91.54 -23.21 65.17
C GLU EA 482 91.96 -21.97 64.43
N ARG EA 483 91.59 -20.82 64.99
CA ARG EA 483 91.82 -19.54 64.35
C ARG EA 483 93.30 -19.44 64.07
N MET EA 484 94.07 -19.85 65.08
CA MET EA 484 95.50 -19.74 65.03
C MET EA 484 96.06 -20.51 63.84
N THR EA 485 95.68 -21.77 63.68
CA THR EA 485 96.21 -22.58 62.58
C THR EA 485 95.67 -22.21 61.19
N LEU EA 486 94.35 -22.04 61.06
CA LEU EA 486 93.71 -21.79 59.76
C LEU EA 486 94.08 -20.46 59.16
N PHE EA 487 94.05 -19.42 59.98
CA PHE EA 487 94.35 -18.08 59.48
C PHE EA 487 95.74 -18.11 58.93
N ARG EA 488 96.56 -18.99 59.49
CA ARG EA 488 97.84 -19.23 58.86
C ARG EA 488 98.62 -17.94 59.03
N MET EA 489 98.39 -17.34 60.18
CA MET EA 489 99.23 -16.30 60.68
C MET EA 489 100.42 -17.12 61.12
N VAL EA 490 100.10 -18.27 61.69
CA VAL EA 490 101.06 -19.31 62.06
C VAL EA 490 101.66 -19.84 60.76
N PHE EA 491 100.78 -20.17 59.80
CA PHE EA 491 101.22 -20.88 58.60
C PHE EA 491 101.33 -20.04 57.34
N LEU EA 492 102.39 -20.30 56.61
CA LEU EA 492 102.87 -19.43 55.57
C LEU EA 492 102.09 -19.84 54.33
N ASP EA 493 101.52 -21.05 54.40
CA ASP EA 493 100.71 -21.59 53.31
C ASP EA 493 99.48 -20.75 52.95
N PHE EA 494 98.76 -20.12 53.88
CA PHE EA 494 97.58 -19.36 53.42
C PHE EA 494 97.96 -18.02 52.92
N ARG EA 495 99.17 -17.60 53.23
CA ARG EA 495 99.69 -16.46 52.54
C ARG EA 495 99.58 -16.81 51.06
N PHE EA 496 100.21 -17.94 50.74
CA PHE EA 496 100.12 -18.55 49.42
C PHE EA 496 98.70 -18.68 48.91
N LEU EA 497 97.91 -19.57 49.50
CA LEU EA 497 96.71 -19.97 48.80
C LEU EA 497 95.70 -18.86 48.77
N GLU EA 498 95.47 -18.20 49.92
CA GLU EA 498 94.45 -17.19 49.95
C GLU EA 498 94.80 -16.13 48.92
N GLN EA 499 96.07 -15.71 48.95
CA GLN EA 499 96.49 -14.63 48.08
C GLN EA 499 96.36 -15.03 46.60
N LYS EA 500 96.93 -16.15 46.16
CA LYS EA 500 96.83 -16.37 44.71
C LYS EA 500 95.43 -16.77 44.25
N ILE EA 501 94.66 -17.59 44.99
CA ILE EA 501 93.33 -17.92 44.43
C ILE EA 501 92.50 -16.63 44.41
N ARG EA 502 92.56 -15.79 45.44
CA ARG EA 502 91.71 -14.61 45.33
C ARG EA 502 92.41 -13.50 44.56
N HIS EA 503 92.93 -13.92 43.40
CA HIS EA 503 93.44 -13.08 42.33
C HIS EA 503 92.37 -12.84 41.29
N ASN EA 516 90.92 -8.99 46.46
CA ASN EA 516 92.34 -9.32 46.41
C ASN EA 516 92.97 -9.33 47.79
N THR EA 517 94.12 -8.67 47.92
CA THR EA 517 94.82 -8.58 49.19
C THR EA 517 93.93 -7.87 50.21
N LEU EA 518 93.08 -6.98 49.71
CA LEU EA 518 92.26 -6.11 50.55
C LEU EA 518 91.42 -6.89 51.55
N GLN EA 519 90.76 -7.94 51.05
CA GLN EA 519 89.90 -8.77 51.88
C GLN EA 519 90.72 -9.57 52.86
N GLN EA 520 91.87 -10.04 52.39
CA GLN EA 520 92.76 -10.89 53.18
C GLN EA 520 93.10 -10.03 54.42
N LEU EA 521 93.47 -8.76 54.17
CA LEU EA 521 93.84 -7.82 55.22
C LEU EA 521 92.64 -7.64 56.13
N LYS EA 522 91.46 -7.64 55.51
CA LYS EA 522 90.23 -7.46 56.25
C LYS EA 522 90.10 -8.62 57.22
N PHE EA 523 90.45 -9.83 56.79
CA PHE EA 523 90.26 -10.96 57.69
C PHE EA 523 91.21 -10.76 58.85
N TYR EA 524 92.45 -10.42 58.55
CA TYR EA 524 93.41 -10.36 59.63
C TYR EA 524 93.03 -9.34 60.70
N LYS EA 525 92.61 -8.13 60.33
CA LYS EA 525 92.39 -7.12 61.38
C LYS EA 525 91.25 -7.39 62.42
N PRO EA 526 89.98 -7.61 62.01
CA PRO EA 526 89.03 -7.84 63.13
C PRO EA 526 89.15 -9.19 63.84
N TYR EA 527 89.65 -10.20 63.14
CA TYR EA 527 89.72 -11.56 63.69
C TYR EA 527 90.75 -11.75 64.80
N ILE EA 528 91.80 -10.92 64.85
CA ILE EA 528 92.93 -11.22 65.75
C ILE EA 528 92.46 -11.38 67.20
N CYS EA 529 91.39 -10.69 67.58
CA CYS EA 529 90.96 -10.59 68.97
C CYS EA 529 90.77 -11.97 69.61
N ASP EA 530 90.43 -12.97 68.81
CA ASP EA 530 90.18 -14.29 69.35
C ASP EA 530 91.45 -14.81 70.02
N ASP EA 532 96.75 -16.82 71.57
CA ASP EA 532 96.93 -15.92 72.70
C ASP EA 532 97.63 -14.64 72.19
N PRO EA 533 98.03 -13.71 73.10
CA PRO EA 533 98.72 -12.52 72.60
C PRO EA 533 100.11 -12.71 71.92
N LYS EA 534 100.93 -13.64 72.40
CA LYS EA 534 102.29 -13.79 71.87
C LYS EA 534 102.22 -14.09 70.35
N TYR EA 535 101.36 -15.04 70.04
CA TYR EA 535 101.15 -15.43 68.66
C TYR EA 535 100.52 -14.21 68.00
N GLU EA 536 99.71 -13.47 68.75
CA GLU EA 536 98.98 -12.33 68.20
C GLU EA 536 99.92 -11.28 67.60
N ARG EA 537 100.93 -10.87 68.37
CA ARG EA 537 101.85 -9.83 67.95
C ARG EA 537 102.46 -10.40 66.70
N LEU EA 538 102.72 -11.71 66.78
CA LEU EA 538 103.35 -12.36 65.65
C LEU EA 538 102.44 -12.22 64.39
N VAL EA 539 101.14 -12.49 64.52
CA VAL EA 539 100.25 -12.44 63.35
C VAL EA 539 100.22 -11.04 62.77
N ASN EA 540 100.27 -10.02 63.62
CA ASN EA 540 100.22 -8.69 63.02
C ASN EA 540 101.52 -8.49 62.24
N ALA EA 541 102.59 -9.07 62.78
CA ALA EA 541 103.91 -8.95 62.17
C ALA EA 541 103.88 -9.54 60.75
N ILE EA 542 103.27 -10.72 60.63
CA ILE EA 542 103.16 -11.45 59.35
C ILE EA 542 102.29 -10.61 58.42
N LEU EA 543 101.28 -9.99 59.03
CA LEU EA 543 100.27 -9.24 58.32
C LEU EA 543 100.89 -8.06 57.61
N ASP EA 544 101.78 -7.32 58.26
CA ASP EA 544 102.36 -6.17 57.57
C ASP EA 544 103.16 -6.67 56.38
N PHE EA 545 103.81 -7.81 56.55
CA PHE EA 545 104.65 -8.37 55.49
C PHE EA 545 103.85 -8.75 54.26
N LEU EA 546 102.66 -9.26 54.51
CA LEU EA 546 101.80 -9.76 53.45
C LEU EA 546 101.35 -8.72 52.37
N PRO EA 547 100.73 -7.57 52.73
CA PRO EA 547 100.52 -6.64 51.62
C PRO EA 547 101.81 -6.04 51.08
N LYS EA 548 102.88 -6.15 51.85
CA LYS EA 548 104.17 -5.57 51.48
C LYS EA 548 104.66 -6.20 50.19
N ILE EA 549 104.54 -7.52 50.08
CA ILE EA 549 104.99 -8.23 48.89
C ILE EA 549 103.86 -9.05 48.29
N SER EA 556 104.69 -17.51 41.35
CA SER EA 556 105.94 -17.96 41.98
C SER EA 556 106.09 -19.46 42.50
N LYS EA 557 106.82 -20.40 41.81
CA LYS EA 557 107.15 -21.90 42.16
C LYS EA 557 107.44 -21.88 43.65
N TYR EA 558 106.96 -22.89 44.34
CA TYR EA 558 106.56 -22.99 45.67
C TYR EA 558 107.43 -22.10 46.70
N THR EA 559 108.65 -22.13 46.33
CA THR EA 559 109.80 -21.41 46.87
C THR EA 559 109.80 -19.92 47.33
N ASP EA 560 109.31 -19.02 46.52
CA ASP EA 560 109.48 -17.61 46.76
C ASP EA 560 108.87 -17.29 48.11
N LEU EA 561 107.73 -17.92 48.41
CA LEU EA 561 107.01 -17.64 49.64
C LEU EA 561 107.92 -17.89 50.85
N LEU EA 562 108.61 -19.04 50.83
CA LEU EA 562 109.41 -19.42 51.99
C LEU EA 562 110.63 -18.48 52.09
N ARG EA 563 111.17 -18.09 50.93
CA ARG EA 563 112.32 -17.20 50.99
C ARG EA 563 111.97 -15.81 51.50
N ILE EA 564 110.83 -15.28 51.09
CA ILE EA 564 110.46 -13.96 51.61
C ILE EA 564 110.18 -14.14 53.10
N ALA EA 565 109.66 -15.31 53.48
CA ALA EA 565 109.34 -15.59 54.88
C ALA EA 565 110.62 -15.43 55.69
N LEU EA 566 111.74 -15.77 55.06
CA LEU EA 566 113.05 -15.80 55.73
C LEU EA 566 113.51 -14.47 56.32
N MET EA 567 113.02 -13.35 55.79
CA MET EA 567 113.56 -12.04 56.19
C MET EA 567 113.50 -11.75 57.69
N ALA EA 568 112.36 -11.98 58.34
CA ALA EA 568 112.34 -11.65 59.76
C ALA EA 568 112.30 -12.94 60.57
N GLU EA 569 113.31 -13.07 61.43
CA GLU EA 569 113.54 -14.27 62.23
C GLU EA 569 112.49 -14.52 63.31
N ASP EA 570 111.93 -13.42 63.83
CA ASP EA 570 111.01 -13.48 64.97
C ASP EA 570 109.68 -14.19 64.74
N GLU EA 571 109.33 -14.50 63.50
CA GLU EA 571 107.95 -14.92 63.24
C GLU EA 571 107.70 -16.40 62.93
N ALA EA 572 106.47 -16.82 63.25
CA ALA EA 572 105.95 -18.17 63.04
C ALA EA 572 105.84 -18.47 61.56
N ILE EA 573 105.52 -17.43 60.77
CA ILE EA 573 105.42 -17.60 59.34
C ILE EA 573 106.72 -18.22 58.86
N PHE EA 574 107.86 -17.75 59.34
CA PHE EA 574 109.09 -18.37 58.86
C PHE EA 574 109.20 -19.86 59.26
N GLU EA 575 108.83 -20.18 60.49
CA GLU EA 575 108.94 -21.56 60.97
C GLU EA 575 108.07 -22.49 60.15
N GLU EA 576 106.88 -21.99 59.85
CA GLU EA 576 105.94 -22.73 59.04
C GLU EA 576 106.49 -22.87 57.66
N ALA EA 577 107.12 -21.81 57.18
CA ALA EA 577 107.67 -21.76 55.84
C ALA EA 577 108.68 -22.87 55.74
N HIS EA 578 109.46 -23.03 56.80
CA HIS EA 578 110.47 -24.05 56.82
C HIS EA 578 109.78 -25.41 56.79
N LYS EA 579 108.66 -25.54 57.51
CA LYS EA 579 108.00 -26.85 57.52
C LYS EA 579 107.51 -27.20 56.12
N GLN EA 580 106.80 -26.26 55.49
CA GLN EA 580 106.22 -26.48 54.18
C GLN EA 580 107.28 -26.70 53.08
N VAL EA 581 108.49 -26.15 53.21
CA VAL EA 581 109.55 -26.56 52.28
C VAL EA 581 109.97 -27.99 52.61
N GLN EA 582 110.04 -28.30 53.91
CA GLN EA 582 110.37 -29.66 54.34
C GLN EA 582 109.46 -30.69 53.67
N ARG EA 583 108.16 -30.42 53.66
CA ARG EA 583 107.23 -31.23 52.86
C ARG EA 583 106.74 -30.45 51.65
N UNK EA 584 106.97 -2.52 45.88
CA UNK EA 584 106.29 -1.24 45.93
C UNK EA 584 105.17 -1.33 46.97
N UNK EA 585 104.97 -0.25 47.70
CA UNK EA 585 103.95 -0.19 48.73
C UNK EA 585 102.58 -0.64 48.21
N UNK EA 586 102.27 -0.36 46.94
CA UNK EA 586 100.98 -0.75 46.39
C UNK EA 586 101.00 -1.03 44.89
N UNK EA 587 100.23 -2.03 44.47
CA UNK EA 587 100.14 -2.39 43.07
C UNK EA 587 98.69 -2.65 42.66
N UNK EA 588 98.22 -1.84 41.71
CA UNK EA 588 96.85 -1.89 41.23
C UNK EA 588 96.70 -2.45 39.82
N UNK EA 589 95.72 -3.33 39.65
CA UNK EA 589 95.47 -3.95 38.35
C UNK EA 589 93.99 -3.76 37.96
N UNK EA 590 93.64 -2.59 37.36
CA UNK EA 590 92.28 -2.29 36.94
C UNK EA 590 92.01 -2.19 35.43
N UNK EA 591 93.02 -2.45 34.61
CA UNK EA 591 92.82 -2.38 33.18
C UNK EA 591 92.99 -3.76 32.57
N UNK EA 592 92.48 -3.94 31.35
CA UNK EA 592 92.59 -5.23 30.70
C UNK EA 592 93.58 -5.09 29.57
N UNK EA 593 96.40 -3.10 28.71
CA UNK EA 593 97.44 -2.21 29.21
C UNK EA 593 96.88 -0.95 29.85
N UNK EA 594 97.53 -0.50 30.92
CA UNK EA 594 97.14 0.72 31.63
C UNK EA 594 98.03 1.81 31.07
N UNK EA 595 97.44 2.87 30.55
CA UNK EA 595 98.29 3.91 30.01
C UNK EA 595 98.63 5.02 30.98
N UNK EA 596 97.68 5.42 31.80
CA UNK EA 596 97.89 6.48 32.76
C UNK EA 596 97.05 6.22 34.00
N UNK EA 597 97.47 6.79 35.12
CA UNK EA 597 96.77 6.64 36.39
C UNK EA 597 97.19 7.83 37.25
N UNK EA 598 96.36 8.22 38.21
CA UNK EA 598 96.70 9.35 39.06
C UNK EA 598 95.88 9.40 40.36
N UNK EA 599 96.35 10.19 41.32
CA UNK EA 599 95.70 10.33 42.62
C UNK EA 599 94.65 11.43 42.64
N UNK EA 600 93.69 11.30 43.55
CA UNK EA 600 92.67 12.31 43.70
C UNK EA 600 93.39 13.43 44.43
N UNK EA 601 92.84 14.64 44.43
CA UNK EA 601 93.50 15.75 45.09
C UNK EA 601 93.81 15.51 46.56
N UNK EA 602 93.01 14.69 47.24
CA UNK EA 602 93.29 14.40 48.64
C UNK EA 602 94.07 13.09 48.77
N UNK EA 603 94.44 12.52 47.63
CA UNK EA 603 95.21 11.28 47.64
C UNK EA 603 94.46 10.03 48.07
N UNK EA 604 93.20 10.18 48.46
CA UNK EA 604 92.37 9.05 48.90
C UNK EA 604 91.97 8.06 47.81
N UNK EA 605 91.87 8.56 46.58
CA UNK EA 605 91.46 7.72 45.45
C UNK EA 605 92.46 7.75 44.31
N UNK EA 606 92.28 6.82 43.37
CA UNK EA 606 93.13 6.71 42.18
C UNK EA 606 92.27 6.40 40.98
N UNK EA 607 92.50 7.10 39.87
CA UNK EA 607 91.75 6.83 38.65
C UNK EA 607 92.81 6.39 37.65
N UNK EA 608 92.46 5.42 36.81
CA UNK EA 608 93.38 4.88 35.82
C UNK EA 608 92.63 4.59 34.55
N UNK EA 609 93.24 4.91 33.42
CA UNK EA 609 92.61 4.71 32.13
C UNK EA 609 93.59 4.00 31.22
N UNK EA 610 93.12 2.98 30.51
CA UNK EA 610 94.04 2.26 29.64
C UNK EA 610 93.43 1.87 28.31
N UNK EA 611 94.07 0.89 27.68
CA UNK EA 611 93.69 0.49 26.34
C UNK EA 611 92.42 -0.35 26.35
N UNK EA 612 91.92 -0.65 27.54
CA UNK EA 612 90.70 -1.43 27.61
C UNK EA 612 89.46 -0.54 27.40
N UNK EA 613 89.69 0.73 27.09
CA UNK EA 613 88.64 1.74 26.82
C UNK EA 613 87.84 2.25 28.04
N UNK EA 614 88.12 1.74 29.23
CA UNK EA 614 87.36 2.16 30.43
C UNK EA 614 88.02 3.17 31.37
N UNK EA 615 87.22 3.76 32.26
CA UNK EA 615 87.72 4.70 33.26
C UNK EA 615 87.54 3.92 34.54
N UNK EA 616 88.58 3.83 35.36
CA UNK EA 616 88.48 3.08 36.59
C UNK EA 616 88.88 3.92 37.78
N UNK EA 617 88.24 3.66 38.92
CA UNK EA 617 88.57 4.39 40.11
C UNK EA 617 88.47 3.45 41.30
N UNK EA 618 89.40 3.63 42.24
CA UNK EA 618 89.49 2.80 43.43
C UNK EA 618 90.15 3.56 44.59
N UNK EA 619 89.93 3.08 45.81
CA UNK EA 619 90.51 3.71 46.98
C UNK EA 619 92.03 3.58 46.90
N UNK EA 620 92.75 4.61 47.32
CA UNK EA 620 94.21 4.55 47.27
C UNK EA 620 94.70 3.52 48.28
N UNK EA 621 94.02 3.48 49.42
CA UNK EA 621 94.34 2.55 50.50
C UNK EA 621 94.28 1.07 50.18
N UNK EA 622 93.19 0.62 49.58
CA UNK EA 622 93.01 -0.81 49.29
C UNK EA 622 92.71 -1.30 47.87
N UNK EA 623 92.60 -0.41 46.90
CA UNK EA 623 92.32 -0.85 45.53
C UNK EA 623 90.86 -1.25 45.35
N UNK EA 624 90.13 -1.16 46.46
CA UNK EA 624 88.71 -1.46 46.52
C UNK EA 624 88.04 -0.69 45.39
N UNK EA 625 87.57 -1.39 44.37
CA UNK EA 625 86.94 -0.72 43.24
C UNK EA 625 85.81 0.24 43.62
N UNK EA 626 85.85 1.44 43.03
CA UNK EA 626 84.85 2.47 43.26
C UNK EA 626 84.03 2.75 42.00
N UNK EA 627 84.69 2.86 40.85
CA UNK EA 627 83.98 3.09 39.59
C UNK EA 627 84.53 2.21 38.45
N UNK EA 628 83.63 1.70 37.61
CA UNK EA 628 84.00 0.87 36.46
C UNK EA 628 83.19 1.37 35.24
N UNK EA 629 83.59 2.51 34.70
CA UNK EA 629 82.93 3.15 33.57
C UNK EA 629 83.49 2.76 32.20
N UNK EA 630 82.65 2.78 31.18
CA UNK EA 630 83.10 2.47 29.83
C UNK EA 630 83.26 3.82 29.15
N UNK EA 631 84.30 4.56 29.52
CA UNK EA 631 84.56 5.92 29.03
C UNK EA 631 84.59 6.26 27.53
N UNK EA 632 85.26 5.47 26.70
CA UNK EA 632 85.31 5.79 25.29
C UNK EA 632 85.18 4.62 24.35
N UNK EA 633 85.24 4.94 23.06
CA UNK EA 633 85.13 3.98 22.00
C UNK EA 633 86.51 3.77 21.35
N UNK EA 634 87.96 4.61 21.77
CA UNK EA 634 89.33 4.45 21.30
C UNK EA 634 90.29 4.80 22.45
N UNK EA 635 91.48 4.23 22.40
CA UNK EA 635 92.48 4.38 23.46
C UNK EA 635 92.64 5.79 23.99
N UNK EA 636 92.94 5.90 25.27
CA UNK EA 636 93.11 7.19 25.92
C UNK EA 636 94.59 7.52 26.06
N UNK EA 637 94.89 8.80 26.24
CA UNK EA 637 96.29 9.24 26.36
C UNK EA 637 96.71 10.06 27.58
N UNK EA 638 95.75 10.65 28.28
CA UNK EA 638 96.08 11.46 29.43
C UNK EA 638 94.82 11.77 30.23
N UNK EA 639 95.01 12.10 31.50
CA UNK EA 639 93.91 12.42 32.40
C UNK EA 639 94.42 13.28 33.57
N UNK EA 640 93.56 14.14 34.11
CA UNK EA 640 93.97 15.01 35.21
C UNK EA 640 92.80 15.44 36.05
N UNK EA 641 93.10 15.98 37.23
CA UNK EA 641 92.09 16.47 38.17
C UNK EA 641 92.10 17.99 38.08
N UNK EA 642 91.00 18.63 38.48
CA UNK EA 642 90.92 20.08 38.45
C UNK EA 642 91.59 20.59 39.73
N UNK EA 643 91.61 21.90 39.91
CA UNK EA 643 92.23 22.51 41.08
C UNK EA 643 91.60 22.09 42.41
N UNK EA 644 90.31 21.78 42.41
CA UNK EA 644 89.65 21.36 43.66
C UNK EA 644 89.18 19.91 43.58
N UNK EA 645 89.84 19.11 42.74
CA UNK EA 645 89.49 17.72 42.58
C UNK EA 645 88.02 17.52 42.29
N UNK EA 646 87.33 18.59 41.93
CA UNK EA 646 85.91 18.48 41.64
C UNK EA 646 85.69 17.75 40.32
N UNK EA 647 86.67 17.86 39.44
CA UNK EA 647 86.58 17.24 38.14
C UNK EA 647 87.82 16.49 37.74
N UNK EA 648 87.67 15.71 36.66
CA UNK EA 648 88.75 14.93 36.09
C UNK EA 648 88.52 15.02 34.59
N UNK EA 649 89.52 15.40 33.83
CA UNK EA 649 89.34 15.45 32.41
C UNK EA 649 90.08 14.25 31.85
N UNK EA 650 89.82 13.92 30.59
CA UNK EA 650 90.50 12.83 29.91
C UNK EA 650 90.48 13.21 28.45
N UNK EA 651 91.61 13.05 27.79
CA UNK EA 651 91.68 13.35 26.37
C UNK EA 651 92.15 12.05 25.72
N UNK EA 652 91.63 11.74 24.53
CA UNK EA 652 92.00 10.48 23.87
C UNK EA 652 92.26 10.56 22.39
N UNK EA 653 92.50 9.39 21.81
CA UNK EA 653 92.77 9.27 20.39
C UNK EA 653 91.56 9.51 19.52
N UNK EA 654 90.38 9.59 20.14
CA UNK EA 654 89.17 9.85 19.37
C UNK EA 654 89.09 11.34 19.15
N UNK EA 655 90.16 12.04 19.52
CA UNK EA 655 90.28 13.48 19.34
C UNK EA 655 89.38 14.28 20.28
N UNK EA 656 88.74 13.61 21.23
CA UNK EA 656 87.86 14.31 22.18
C UNK EA 656 88.51 14.52 23.54
N UNK EA 657 87.95 15.47 24.28
CA UNK EA 657 88.38 15.81 25.64
C UNK EA 657 87.10 15.68 26.46
N UNK EA 658 87.19 15.17 27.69
CA UNK EA 658 85.98 15.02 28.47
C UNK EA 658 86.11 15.44 29.91
N UNK EA 659 85.02 15.92 30.50
CA UNK EA 659 85.05 16.35 31.88
C UNK EA 659 84.12 15.45 32.66
N UNK EA 660 84.57 15.00 33.83
CA UNK EA 660 83.77 14.11 34.65
C UNK EA 660 83.66 14.61 36.09
N UNK EA 661 82.54 14.29 36.73
CA UNK EA 661 82.33 14.65 38.13
C UNK EA 661 83.17 13.59 38.81
N UNK EA 662 84.26 13.98 39.44
CA UNK EA 662 85.15 13.01 40.07
C UNK EA 662 84.45 12.18 41.13
N UNK EA 663 83.27 12.62 41.57
CA UNK EA 663 82.54 11.91 42.60
C UNK EA 663 81.63 10.82 42.07
N UNK EA 664 81.27 10.26 38.57
CA UNK EA 664 81.75 9.74 37.31
C UNK EA 664 80.84 10.03 36.15
N UNK EA 665 79.83 10.88 36.36
CA UNK EA 665 78.93 11.22 35.27
C UNK EA 665 79.57 12.21 34.31
N UNK EA 666 79.45 11.93 33.01
CA UNK EA 666 80.02 12.79 31.97
C UNK EA 666 79.45 14.19 32.20
N UNK EA 667 80.32 15.18 32.32
CA UNK EA 667 79.89 16.56 32.55
C UNK EA 667 80.19 17.41 31.31
N UNK EA 668 81.46 17.07 26.80
CA UNK EA 668 82.64 16.73 26.01
C UNK EA 668 82.98 17.84 25.02
N UNK EA 669 84.27 17.98 24.72
CA UNK EA 669 84.75 19.00 23.81
C UNK EA 669 85.45 18.35 22.62
N UNK EA 670 84.81 18.33 21.47
CA UNK EA 670 85.44 17.77 20.29
C UNK EA 670 85.79 18.91 19.36
N UNK EA 671 87.07 19.18 19.19
CA UNK EA 671 87.52 20.26 18.31
C UNK EA 671 88.90 20.01 17.78
N UNK EA 672 92.44 18.38 20.51
CA UNK EA 672 93.00 19.24 21.54
C UNK EA 672 93.91 18.42 22.45
N UNK EA 673 95.18 18.82 22.49
CA UNK EA 673 96.25 18.14 23.24
C UNK EA 673 96.44 18.61 24.67
N UNK EA 674 96.51 19.93 24.87
CA UNK EA 674 96.70 20.50 26.20
C UNK EA 674 95.36 20.81 26.86
N UNK EA 675 95.30 20.63 28.17
CA UNK EA 675 94.15 21.03 28.99
C UNK EA 675 94.54 21.04 30.46
N UNK EA 676 94.57 22.25 31.02
CA UNK EA 676 94.96 22.51 32.39
C UNK EA 676 94.02 23.52 33.08
N UNK EA 677 93.77 23.34 34.37
CA UNK EA 677 92.88 24.24 35.14
C UNK EA 677 93.67 25.33 35.84
N UNK EA 678 92.96 26.29 36.41
CA UNK EA 678 93.62 27.37 37.16
C UNK EA 678 93.99 26.82 38.53
N UNK EA 679 95.11 27.27 39.09
CA UNK EA 679 95.57 26.78 40.39
C UNK EA 679 94.86 27.36 41.60
N UNK EA 680 94.67 28.68 41.60
CA UNK EA 680 94.00 29.33 42.69
C UNK EA 680 92.56 28.89 42.88
N UNK EA 681 92.27 28.45 44.10
CA UNK EA 681 90.96 27.97 44.53
C UNK EA 681 89.89 29.04 44.39
N UNK EA 682 90.28 30.20 43.87
CA UNK EA 682 89.35 31.29 43.71
C UNK EA 682 88.58 31.15 42.39
N UNK EA 683 89.23 31.51 41.28
CA UNK EA 683 88.61 31.42 39.95
C UNK EA 683 88.68 29.98 39.42
N UNK EA 684 87.84 29.69 38.42
CA UNK EA 684 87.75 28.34 37.86
C UNK EA 684 87.80 28.31 36.33
N UNK EA 685 88.98 28.47 35.74
CA UNK EA 685 89.10 28.46 34.30
C UNK EA 685 89.79 27.22 33.77
N UNK EA 686 89.59 26.96 32.49
CA UNK EA 686 90.22 25.81 31.85
C UNK EA 686 90.88 26.30 30.58
N UNK EA 687 92.12 25.89 30.37
CA UNK EA 687 92.86 26.29 29.19
C UNK EA 687 93.12 25.07 28.34
N UNK EA 688 92.94 25.22 27.04
CA UNK EA 688 93.15 24.11 26.13
C UNK EA 688 93.95 24.54 24.90
N UNK EA 689 94.86 23.66 24.47
CA UNK EA 689 95.68 23.91 23.30
C UNK EA 689 95.28 22.86 22.29
N UNK EA 690 95.24 23.20 21.01
CA UNK EA 690 94.83 22.21 20.01
C UNK EA 690 95.67 22.25 18.74
N UNK EA 691 95.54 21.20 17.93
CA UNK EA 691 96.25 21.11 16.66
C UNK EA 691 95.74 22.17 15.71
N UNK EA 692 94.62 22.81 16.07
CA UNK EA 692 94.05 23.85 15.22
C UNK EA 692 94.76 25.19 15.41
N UNK EA 693 95.85 25.18 16.16
CA UNK EA 693 96.67 26.38 16.41
C UNK EA 693 96.13 27.33 17.46
N UNK EA 694 94.96 27.06 18.01
CA UNK EA 694 94.43 27.96 19.02
C UNK EA 694 94.55 27.43 20.41
N UNK EA 695 94.29 28.34 21.34
CA UNK EA 695 94.28 28.09 22.77
C UNK EA 695 92.91 28.61 23.20
N UNK EA 696 92.29 28.00 24.19
CA UNK EA 696 91.00 28.49 24.61
C UNK EA 696 90.85 28.55 26.12
N UNK EA 697 90.18 29.60 26.59
CA UNK EA 697 89.92 29.74 28.00
C UNK EA 697 88.43 29.49 28.11
N UNK EA 698 88.05 28.61 29.04
CA UNK EA 698 86.64 28.29 29.24
C UNK EA 698 86.32 28.69 30.66
N UNK EA 699 85.12 29.22 30.85
CA UNK EA 699 84.66 29.63 32.17
C UNK EA 699 83.62 28.57 32.47
N UNK EA 700 84.02 27.53 33.20
CA UNK EA 700 83.13 26.42 33.54
C UNK EA 700 81.76 26.86 34.06
N UNK EA 701 81.69 28.11 34.51
CA UNK EA 701 80.45 28.67 35.00
C UNK EA 701 79.70 29.33 33.84
N UNK EA 702 79.92 28.83 32.63
CA UNK EA 702 79.27 29.41 31.46
C UNK EA 702 79.23 28.43 30.30
N UNK EA 703 78.05 28.22 29.75
CA UNK EA 703 77.87 27.30 28.64
C UNK EA 703 78.75 27.67 27.44
N UNK EA 704 79.48 28.78 27.55
CA UNK EA 704 80.31 29.23 26.43
C UNK EA 704 81.82 29.38 26.65
N UNK EA 705 82.52 29.50 25.51
CA UNK EA 705 83.95 29.69 25.47
C UNK EA 705 84.13 31.10 26.01
N UNK EA 706 85.27 31.41 26.60
CA UNK EA 706 85.47 32.75 27.14
C UNK EA 706 86.46 33.55 26.31
N UNK EA 707 87.38 32.85 25.69
CA UNK EA 707 88.39 33.50 24.89
C UNK EA 707 89.03 32.49 23.95
N UNK EA 708 89.59 32.98 22.86
CA UNK EA 708 90.25 32.13 21.89
C UNK EA 708 91.53 32.82 21.52
N UNK EA 709 92.64 32.40 22.13
CA UNK EA 709 93.91 33.03 21.84
C UNK EA 709 94.46 32.68 20.48
N UNK EA 710 94.43 33.64 19.56
CA UNK EA 710 94.99 33.38 18.24
C UNK EA 710 96.46 33.79 18.31
N UNK EA 711 102.60 19.42 16.40
CA UNK EA 711 102.76 20.13 17.68
C UNK EA 711 102.25 19.17 18.75
N UNK EA 712 103.15 18.71 19.61
CA UNK EA 712 102.78 17.74 20.62
C UNK EA 712 102.42 18.27 21.97
N UNK EA 713 102.75 19.52 22.26
CA UNK EA 713 102.47 20.02 23.59
C UNK EA 713 102.61 21.53 23.61
N UNK EA 714 101.96 22.19 24.56
CA UNK EA 714 101.97 23.64 24.68
C UNK EA 714 101.43 24.06 26.05
N UNK EA 715 102.08 25.03 26.66
CA UNK EA 715 101.67 25.53 27.97
C UNK EA 715 101.80 27.03 28.02
N UNK EA 716 100.83 27.69 28.65
CA UNK EA 716 100.93 29.12 28.78
C UNK EA 716 101.95 29.37 29.87
N UNK EA 717 102.59 30.52 29.86
CA UNK EA 717 103.55 30.83 30.89
C UNK EA 717 102.73 31.25 32.11
N UNK EA 718 103.33 31.16 33.31
CA UNK EA 718 102.58 31.56 34.50
C UNK EA 718 102.09 32.98 34.26
N UNK EA 719 101.77 35.96 29.43
CA UNK EA 719 102.24 36.67 28.25
C UNK EA 719 102.90 35.80 27.18
N UNK EA 720 103.36 34.63 27.55
CA UNK EA 720 104.00 33.75 26.56
C UNK EA 720 103.34 32.41 26.43
N UNK EA 721 103.52 31.77 25.28
CA UNK EA 721 102.94 30.46 25.02
C UNK EA 721 104.08 29.57 24.56
N UNK EA 722 104.49 28.64 25.40
CA UNK EA 722 105.55 27.74 25.02
C UNK EA 722 104.96 26.63 24.15
N UNK EA 723 105.71 26.17 23.18
CA UNK EA 723 105.22 25.14 22.29
C UNK EA 723 106.31 24.13 21.98
N UNK EA 724 105.90 22.87 22.01
CA UNK EA 724 106.80 21.74 21.82
C UNK EA 724 106.34 20.88 20.65
N UNK EA 725 107.28 20.53 19.77
CA UNK EA 725 106.94 19.75 18.58
C UNK EA 725 107.90 18.64 18.20
N UNK EA 726 107.60 18.01 17.06
CA UNK EA 726 108.38 16.93 16.52
C UNK EA 726 109.48 17.49 15.62
N UNK EA 727 109.34 18.75 15.23
CA UNK EA 727 110.33 19.37 14.38
C UNK EA 727 111.63 19.65 15.12
N UNK EA 728 111.73 19.17 16.36
CA UNK EA 728 112.95 19.36 17.13
C UNK EA 728 113.13 20.73 17.77
N UNK EA 729 112.05 21.47 17.92
CA UNK EA 729 112.15 22.80 18.52
C UNK EA 729 111.28 23.00 19.77
N UNK EA 730 111.61 24.05 20.52
CA UNK EA 730 110.84 24.48 21.67
C UNK EA 730 110.55 25.87 21.12
N UNK EA 731 109.39 26.45 21.39
CA UNK EA 731 109.14 27.75 20.82
C UNK EA 731 108.32 28.62 21.72
N UNK EA 732 108.63 29.91 21.73
CA UNK EA 732 107.89 30.83 22.56
C UNK EA 732 107.12 31.84 21.73
N UNK EA 733 105.82 31.62 21.60
CA UNK EA 733 104.99 32.54 20.87
C UNK EA 733 104.56 33.63 21.85
N UNK EA 734 104.16 34.78 21.31
CA UNK EA 734 103.71 35.92 22.12
C UNK EA 734 102.19 35.96 22.11
N UNK EA 735 101.58 35.58 23.22
CA UNK EA 735 100.13 35.54 23.30
C UNK EA 735 99.40 36.76 22.75
N UNK EA 736 99.69 37.93 23.29
CA UNK EA 736 99.01 39.14 22.86
C UNK EA 736 98.99 39.34 21.34
N UNK EA 737 99.96 38.77 20.63
CA UNK EA 737 100.01 38.97 19.19
C UNK EA 737 100.16 37.70 18.34
N UNK EA 738 100.21 36.55 18.99
CA UNK EA 738 100.38 35.27 18.30
C UNK EA 738 101.58 35.26 17.33
N UNK EA 739 102.67 35.92 17.71
CA UNK EA 739 103.89 35.99 16.90
C UNK EA 739 104.98 35.09 17.45
N UNK EA 740 105.80 34.54 16.58
CA UNK EA 740 106.89 33.67 17.07
C UNK EA 740 108.01 34.58 17.60
N UNK EA 741 108.33 34.46 18.89
CA UNK EA 741 109.40 35.26 19.49
C UNK EA 741 110.73 34.54 19.44
N UNK EA 742 110.76 33.26 19.79
CA UNK EA 742 112.00 32.50 19.74
C UNK EA 742 111.75 31.06 19.34
N UNK EA 743 112.83 30.36 19.04
CA UNK EA 743 112.77 28.97 18.66
C UNK EA 743 114.07 28.35 19.16
N UNK EA 744 113.97 27.21 19.84
CA UNK EA 744 115.16 26.55 20.37
C UNK EA 744 115.33 25.16 19.82
N UNK EA 745 116.29 25.00 18.92
CA UNK EA 745 116.54 23.71 18.33
C UNK EA 745 117.17 22.75 19.34
N UNK EA 746 116.67 21.52 19.39
CA UNK EA 746 117.24 20.54 20.29
C UNK EA 746 118.21 19.67 19.47
N UNK EA 747 119.49 19.94 19.72
CA UNK EA 747 120.63 19.32 19.05
C UNK EA 747 121.54 18.56 20.02
N UNK EA 748 120.95 17.87 21.00
CA UNK EA 748 121.75 17.15 21.97
C UNK EA 748 121.83 15.69 21.60
N UNK EA 749 121.62 15.40 20.34
CA UNK EA 749 121.63 14.03 19.87
C UNK EA 749 122.49 13.86 18.60
N UNK EA 750 123.30 12.79 18.60
CA UNK EA 750 124.22 12.53 17.51
C UNK EA 750 124.06 11.10 16.97
N UNK EA 751 106.88 15.79 24.62
CA UNK EA 751 106.38 15.91 25.99
C UNK EA 751 106.73 17.30 26.50
N UNK EA 752 105.86 17.95 27.25
CA UNK EA 752 106.19 19.26 27.78
C UNK EA 752 105.21 19.73 28.83
N UNK EA 753 105.57 19.44 30.08
CA UNK EA 753 104.74 19.79 31.23
C UNK EA 753 105.21 20.98 32.05
N UNK EA 754 104.25 21.54 32.78
CA UNK EA 754 104.45 22.71 33.64
C UNK EA 754 104.92 22.37 35.03
N UNK EA 755 105.45 23.37 35.73
CA UNK EA 755 105.89 23.16 37.10
C UNK EA 755 104.66 23.29 37.97
N UNK EA 756 104.82 23.02 39.26
CA UNK EA 756 103.70 23.08 40.20
C UNK EA 756 103.09 24.47 40.31
N UNK EA 757 103.95 25.47 40.35
CA UNK EA 757 103.51 26.84 40.47
C UNK EA 757 103.16 27.43 39.11
N UNK EA 758 103.34 26.66 38.05
CA UNK EA 758 103.02 27.17 36.72
C UNK EA 758 103.95 28.28 36.26
N UNK EA 759 105.08 28.41 36.95
CA UNK EA 759 106.05 29.44 36.62
C UNK EA 759 107.26 28.90 35.88
N UNK EA 760 107.25 27.61 35.57
CA UNK EA 760 108.36 27.00 34.85
C UNK EA 760 107.81 25.88 33.99
N UNK EA 761 108.54 25.55 32.91
CA UNK EA 761 108.09 24.51 32.00
C UNK EA 761 109.29 23.68 31.56
N UNK EA 762 109.17 22.36 31.53
CA UNK EA 762 110.30 21.58 31.06
C UNK EA 762 109.89 21.04 29.70
N UNK EA 763 110.85 20.88 28.80
CA UNK EA 763 110.60 20.32 27.48
C UNK EA 763 111.71 19.38 27.07
N UNK EA 764 111.44 18.54 26.08
CA UNK EA 764 112.41 17.55 25.62
C UNK EA 764 112.60 17.58 24.10
N UNK EA 765 113.84 17.31 23.69
CA UNK EA 765 114.20 17.28 22.27
C UNK EA 765 115.54 16.55 22.06
N UNK EA 766 118.50 14.94 22.40
CA UNK EA 766 119.16 14.42 23.59
C UNK EA 766 118.97 15.17 24.90
N UNK EA 767 118.19 16.22 24.93
CA UNK EA 767 118.08 16.94 26.18
C UNK EA 767 116.70 17.33 26.67
N UNK EA 768 116.64 17.58 27.97
CA UNK EA 768 115.44 18.03 28.65
C UNK EA 768 115.88 19.45 28.99
N UNK EA 769 115.01 20.42 28.83
CA UNK EA 769 115.35 21.82 29.11
C UNK EA 769 114.31 22.47 30.01
N UNK EA 770 114.79 23.23 30.99
CA UNK EA 770 113.88 23.92 31.89
C UNK EA 770 113.83 25.40 31.59
N UNK EA 771 112.63 25.87 31.23
CA UNK EA 771 112.43 27.27 30.90
C UNK EA 771 111.63 28.04 31.92
N UNK EA 772 111.91 29.34 31.96
CA UNK EA 772 111.21 30.24 32.84
C UNK EA 772 110.06 30.78 32.00
N UNK EA 773 108.83 30.38 32.34
CA UNK EA 773 107.63 30.80 31.61
C UNK EA 773 107.56 32.32 31.32
N UNK EA 774 110.45 35.24 31.83
CA UNK EA 774 111.64 35.67 31.11
C UNK EA 774 111.96 34.84 29.86
N UNK EA 775 111.46 33.60 29.80
CA UNK EA 775 111.72 32.70 28.68
C UNK EA 775 113.19 32.26 28.71
N UNK EA 776 113.76 32.30 29.91
CA UNK EA 776 115.13 31.90 30.06
C UNK EA 776 115.29 30.42 30.27
N UNK EA 777 116.46 29.92 29.86
CA UNK EA 777 116.77 28.51 30.00
C UNK EA 777 117.38 28.32 31.37
N UNK EA 778 116.60 27.80 32.31
CA UNK EA 778 117.09 27.60 33.67
C UNK EA 778 117.88 26.32 33.87
N UNK EA 779 117.85 25.42 32.89
CA UNK EA 779 118.58 24.16 33.04
C UNK EA 779 118.65 23.34 31.78
N UNK EA 780 119.71 22.56 31.67
CA UNK EA 780 119.93 21.73 30.52
C UNK EA 780 120.63 20.44 30.92
N UNK EA 781 119.86 19.38 31.16
CA UNK EA 781 120.47 18.12 31.50
C UNK EA 781 120.57 17.32 30.19
N UNK EA 782 121.22 15.10 31.89
CA UNK EA 782 121.47 14.32 30.69
C UNK EA 782 121.15 12.88 30.99
N UNK EA 783 120.25 12.31 30.21
CA UNK EA 783 119.81 10.95 30.43
C UNK EA 783 120.69 9.87 29.80
N UNK EA 784 119.42 7.23 24.87
CA UNK EA 784 118.20 6.52 24.51
C UNK EA 784 117.26 7.68 24.19
N UNK EA 785 115.96 7.51 24.39
CA UNK EA 785 115.02 8.60 24.13
C UNK EA 785 113.90 8.62 25.16
N UNK EA 786 113.71 9.76 25.80
CA UNK EA 786 112.66 9.92 26.79
C UNK EA 786 111.33 9.70 26.09
N UNK EA 787 110.56 8.74 26.60
CA UNK EA 787 109.26 8.42 26.01
C UNK EA 787 108.12 9.27 26.60
N UNK EA 788 108.26 9.74 27.83
CA UNK EA 788 107.25 10.59 28.45
C UNK EA 788 107.75 11.19 29.75
N UNK EA 789 107.09 12.26 30.21
CA UNK EA 789 107.46 12.94 31.44
C UNK EA 789 106.36 13.79 32.05
N UNK EA 790 106.62 14.42 33.19
CA UNK EA 790 105.64 15.28 33.81
C UNK EA 790 106.31 16.05 34.91
N UNK EA 791 106.10 17.36 34.87
CA UNK EA 791 106.68 18.28 35.81
C UNK EA 791 105.75 18.49 37.00
N UNK EA 792 106.29 18.30 38.20
CA UNK EA 792 105.53 18.45 39.44
C UNK EA 792 105.17 19.91 39.71
N UNK EA 793 104.36 20.16 40.74
CA UNK EA 793 104.02 21.56 41.02
C UNK EA 793 104.85 22.07 42.19
N UNK EA 794 105.67 21.19 42.77
CA UNK EA 794 106.53 21.51 43.91
C UNK EA 794 107.90 20.84 43.75
N UNK EA 795 108.85 21.27 44.57
CA UNK EA 795 110.20 20.72 44.56
C UNK EA 795 110.84 20.61 43.16
N UNK EA 796 110.31 21.35 42.19
CA UNK EA 796 110.81 21.32 40.81
C UNK EA 796 111.03 19.88 40.38
N UNK EA 797 110.21 18.96 40.89
CA UNK EA 797 110.36 17.56 40.53
C UNK EA 797 109.82 17.29 39.16
N UNK EA 798 110.45 16.36 38.48
CA UNK EA 798 110.03 15.99 37.15
C UNK EA 798 110.17 14.48 37.03
N UNK EA 799 109.13 13.82 36.54
CA UNK EA 799 109.20 12.37 36.37
C UNK EA 799 109.19 12.08 34.90
N UNK EA 800 110.08 11.21 34.48
CA UNK EA 800 110.16 10.86 33.08
C UNK EA 800 110.31 9.37 32.92
N UNK EA 801 109.56 8.81 31.97
CA UNK EA 801 109.68 7.41 31.68
C UNK EA 801 110.85 7.46 30.73
N UNK EA 802 110.63 0.73 30.22
CA UNK EA 802 110.37 0.49 31.63
C UNK EA 802 111.26 1.12 32.73
N UNK EA 803 112.15 2.03 32.36
CA UNK EA 803 112.99 2.68 33.36
C UNK EA 803 112.28 3.95 33.75
N UNK EA 804 112.12 4.18 35.04
CA UNK EA 804 111.42 5.37 35.47
C UNK EA 804 112.24 6.08 36.51
N UNK EA 805 112.64 7.32 36.24
CA UNK EA 805 113.41 8.06 37.21
C UNK EA 805 112.88 9.47 37.34
N UNK EA 806 112.79 9.97 38.57
CA UNK EA 806 112.33 11.33 38.75
C UNK EA 806 113.54 12.17 39.11
N UNK EA 807 113.65 13.31 38.43
CA UNK EA 807 114.75 14.25 38.58
C UNK EA 807 114.35 15.54 39.27
N UNK EA 808 115.36 16.30 39.62
CA UNK EA 808 115.22 17.56 40.30
C UNK EA 808 115.73 18.68 39.37
N UNK EA 809 114.84 19.32 38.64
CA UNK EA 809 115.24 20.42 37.76
C UNK EA 809 115.83 21.43 38.75
N UNK EA 810 116.54 22.43 38.27
CA UNK EA 810 117.13 23.40 39.19
C UNK EA 810 118.39 22.82 39.84
N UNK EA 811 119.31 19.84 38.76
CA UNK EA 811 119.70 19.09 37.56
C UNK EA 811 120.32 17.75 37.88
N UNK EA 812 119.83 17.11 38.94
CA UNK EA 812 120.33 15.81 39.37
C UNK EA 812 119.23 14.76 39.53
N UNK EA 813 119.56 13.49 39.32
CA UNK EA 813 118.54 12.47 39.51
C UNK EA 813 118.33 12.35 41.02
N UNK EA 814 117.06 12.15 41.40
CA UNK EA 814 116.65 12.05 42.80
C UNK EA 814 116.27 10.63 43.19
N UNK EA 815 115.62 9.91 42.29
CA UNK EA 815 115.21 8.56 42.61
C UNK EA 815 115.05 7.67 41.40
N UNK EA 816 115.29 6.38 41.61
CA UNK EA 816 115.11 5.40 40.56
C UNK EA 816 113.86 4.65 40.94
N UNK EA 817 112.89 4.64 40.03
CA UNK EA 817 111.63 3.97 40.29
C UNK EA 817 111.54 2.71 39.46
N UNK EA 818 111.85 1.59 40.08
CA UNK EA 818 111.82 0.31 39.39
C UNK EA 818 110.48 -0.36 39.66
N UNK EA 819 109.67 -0.52 38.63
CA UNK EA 819 108.37 -1.15 38.82
C UNK EA 819 107.88 -2.00 37.65
N UNK EA 820 108.36 -1.69 36.45
CA UNK EA 820 107.94 -2.42 35.26
C UNK EA 820 109.11 -3.10 34.55
N UNK EA 821 108.82 -4.15 33.80
CA UNK EA 821 109.85 -4.84 33.02
C UNK EA 821 109.38 -4.87 31.57
N UNK EA 822 107.72 -4.73 31.50
CA UNK EA 822 107.02 -4.33 30.29
C UNK EA 822 107.03 -2.81 30.28
N UNK EA 823 107.09 -2.25 29.08
CA UNK EA 823 107.11 -0.80 28.87
C UNK EA 823 106.38 0.14 29.84
N UNK EA 824 107.07 1.17 30.31
CA UNK EA 824 106.45 2.09 31.27
C UNK EA 824 106.09 3.35 30.51
N UNK EA 825 104.80 3.62 30.40
CA UNK EA 825 104.31 4.76 29.66
C UNK EA 825 104.32 6.07 30.43
N UNK EA 826 103.94 6.01 31.69
CA UNK EA 826 103.90 7.22 32.47
C UNK EA 826 104.38 7.02 33.88
N UNK EA 827 104.56 8.14 34.58
CA UNK EA 827 105.07 8.06 35.92
C UNK EA 827 104.96 9.45 36.55
N UNK EA 828 104.53 9.55 37.80
CA UNK EA 828 104.51 10.87 38.42
C UNK EA 828 104.38 10.91 39.93
N UNK EA 829 104.77 12.05 40.49
CA UNK EA 829 104.75 12.25 41.93
C UNK EA 829 103.37 12.59 42.44
N UNK EA 830 103.16 12.30 43.71
CA UNK EA 830 101.92 12.64 44.37
C UNK EA 830 102.07 14.14 44.48
N UNK EA 831 101.01 14.84 44.89
CA UNK EA 831 101.17 16.29 44.98
C UNK EA 831 102.21 16.78 45.99
N UNK EA 832 102.36 16.10 47.12
CA UNK EA 832 103.36 16.52 48.10
C UNK EA 832 104.69 15.88 47.78
N UNK EA 833 104.73 15.21 46.64
CA UNK EA 833 105.95 14.54 46.21
C UNK EA 833 106.42 13.49 47.18
N UNK EA 834 105.56 13.06 48.08
CA UNK EA 834 105.95 12.07 49.06
C UNK EA 834 105.96 10.69 48.43
N UNK EA 835 105.26 10.53 47.33
CA UNK EA 835 105.24 9.23 46.67
C UNK EA 835 105.03 9.45 45.18
N UNK EA 836 105.16 8.39 44.39
CA UNK EA 836 104.97 8.49 42.95
C UNK EA 836 104.33 7.21 42.42
N UNK EA 837 103.72 7.29 41.25
CA UNK EA 837 103.07 6.13 40.66
C UNK EA 837 103.74 5.77 39.35
N UNK EA 838 103.61 4.51 38.96
CA UNK EA 838 104.19 4.00 37.72
C UNK EA 838 103.08 3.38 36.89
N UNK EA 839 102.99 3.76 35.61
CA UNK EA 839 101.95 3.21 34.74
C UNK EA 839 102.57 2.45 33.56
N UNK EA 840 102.22 1.19 33.37
CA UNK EA 840 102.82 0.45 32.28
C UNK EA 840 101.97 -0.45 31.40
N UNK EA 841 102.67 -1.00 30.42
CA UNK EA 841 102.12 -1.89 29.42
C UNK EA 841 101.72 -3.22 30.03
N UNK EA 842 102.31 -3.57 31.16
CA UNK EA 842 101.96 -4.81 31.85
C UNK EA 842 100.63 -4.54 32.54
N UNK EA 843 99.92 -3.53 32.01
CA UNK EA 843 98.63 -3.10 32.51
C UNK EA 843 98.48 -2.97 34.01
N UNK EA 844 99.54 -2.52 34.68
CA UNK EA 844 99.46 -2.32 36.10
C UNK EA 844 99.83 -0.89 36.44
N UNK EA 845 99.46 -0.47 37.63
CA UNK EA 845 99.77 0.85 38.13
C UNK EA 845 100.29 0.58 39.50
N UNK EA 846 101.50 1.04 39.79
CA UNK EA 846 102.08 0.79 41.12
C UNK EA 846 102.43 2.08 41.84
N UNK EA 847 102.11 2.13 43.14
CA UNK EA 847 102.41 3.31 43.92
C UNK EA 847 103.63 3.06 44.78
N UNK EA 848 104.55 4.02 44.72
CA UNK EA 848 105.79 3.94 45.48
C UNK EA 848 105.91 5.12 46.41
N UNK EA 849 106.64 4.93 47.50
CA UNK EA 849 106.88 6.02 48.44
C UNK EA 849 108.33 6.41 48.26
N UNK EA 850 108.56 7.64 47.81
CA UNK EA 850 109.89 8.17 47.54
C UNK EA 850 110.90 7.89 48.62
N UNK EA 851 110.64 8.38 49.83
CA UNK EA 851 111.56 8.18 50.94
C UNK EA 851 112.14 6.75 50.91
N UNK EA 852 111.28 5.75 51.08
CA UNK EA 852 111.70 4.35 51.09
C UNK EA 852 112.45 3.92 49.83
N UNK EA 853 112.11 4.47 48.68
CA UNK EA 853 112.78 4.08 47.43
C UNK EA 853 114.19 4.65 47.31
N UNK EA 854 114.38 5.89 47.75
CA UNK EA 854 115.67 6.56 47.67
C UNK EA 854 116.71 6.05 48.67
N UNK EA 855 116.24 5.37 49.70
CA UNK EA 855 117.18 4.85 50.69
C UNK EA 855 118.16 3.93 49.98
N UNK EA 856 119.41 4.06 50.36
CA UNK EA 856 120.48 3.25 49.79
C UNK EA 856 120.23 1.79 50.16
N UNK EA 857 125.26 1.03 44.41
CA UNK EA 857 125.16 -0.27 45.04
C UNK EA 857 125.21 -1.42 44.05
N UNK EA 858 125.51 -2.60 44.61
CA UNK EA 858 125.62 -3.84 43.87
C UNK EA 858 124.30 -4.57 43.79
N UNK EA 859 123.22 -3.93 44.21
CA UNK EA 859 121.95 -4.60 44.14
C UNK EA 859 121.54 -4.80 42.68
N UNK EA 860 121.77 -3.81 41.83
CA UNK EA 860 121.44 -3.93 40.41
C UNK EA 860 122.68 -3.86 39.55
N UNK EA 861 122.87 -4.89 38.73
CA UNK EA 861 124.03 -4.93 37.86
C UNK EA 861 123.53 -5.09 36.46
N UNK EA 862 124.48 -5.13 35.53
CA UNK EA 862 124.18 -5.32 34.11
C UNK EA 862 124.34 -6.81 33.93
N UNK EA 863 124.10 -7.32 32.73
CA UNK EA 863 124.24 -8.75 32.51
C UNK EA 863 125.66 -9.16 32.11
N UNK EA 864 126.55 -8.18 32.09
CA UNK EA 864 127.93 -8.43 31.77
C UNK EA 864 128.66 -8.71 33.07
N UNK EA 865 128.84 -10.00 33.37
CA UNK EA 865 129.51 -10.44 34.59
C UNK EA 865 130.37 -11.65 34.35
N UNK EA 866 131.27 -11.92 35.28
CA UNK EA 866 132.12 -13.09 35.20
C UNK EA 866 132.23 -13.68 36.60
N UNK EA 867 132.16 -15.00 36.66
CA UNK EA 867 132.18 -15.74 37.93
C UNK EA 867 133.35 -16.71 38.09
N UNK EA 868 133.83 -16.82 39.32
CA UNK EA 868 134.92 -17.72 39.66
C UNK EA 868 134.57 -18.56 40.87
N UNK EA 869 134.23 -19.82 40.63
CA UNK EA 869 133.86 -20.75 41.69
C UNK EA 869 135.11 -21.32 42.38
N UNK EA 870 135.49 -20.73 43.51
CA UNK EA 870 136.68 -21.20 44.21
C UNK EA 870 136.39 -22.03 45.47
N UNK EA 871 133.88 -20.94 48.30
CA UNK EA 871 132.99 -19.83 47.95
C UNK EA 871 132.90 -19.48 46.45
N UNK EA 872 131.99 -18.57 46.12
CA UNK EA 872 131.79 -18.12 44.74
C UNK EA 872 132.12 -16.63 44.62
N UNK EA 873 132.68 -16.25 43.47
CA UNK EA 873 133.06 -14.87 43.21
C UNK EA 873 132.48 -14.32 41.91
N UNK EA 874 131.79 -13.20 42.01
CA UNK EA 874 131.17 -12.58 40.85
C UNK EA 874 131.67 -11.14 40.67
N UNK EA 875 132.21 -10.85 39.50
CA UNK EA 875 132.70 -9.52 39.18
C UNK EA 875 131.65 -9.04 38.18
N UNK EA 876 131.09 -7.86 38.40
CA UNK EA 876 130.06 -7.41 37.49
C UNK EA 876 130.09 -5.95 37.14
N UNK EA 877 129.65 -5.65 35.92
CA UNK EA 877 129.57 -4.27 35.44
C UNK EA 877 128.38 -3.61 36.13
N UNK EA 878 128.62 -2.59 36.93
CA UNK EA 878 127.52 -1.92 37.63
C UNK EA 878 126.49 -1.35 36.65
N UNK EA 879 125.24 -1.29 37.10
CA UNK EA 879 124.14 -0.78 36.28
C UNK EA 879 124.30 0.70 35.95
N UNK EA 880 132.16 -1.33 38.29
CA UNK EA 880 131.92 -2.74 38.41
C UNK EA 880 132.06 -3.15 39.87
N UNK EA 881 131.33 -4.19 40.24
CA UNK EA 881 131.31 -4.68 41.61
C UNK EA 881 132.01 -6.03 41.76
N UNK EA 882 132.79 -6.16 42.82
CA UNK EA 882 133.46 -7.41 43.11
C UNK EA 882 132.56 -8.06 44.16
N UNK EA 883 131.58 -8.84 43.69
CA UNK EA 883 130.63 -9.51 44.57
C UNK EA 883 131.06 -10.90 44.99
N UNK EA 884 131.16 -11.10 46.30
CA UNK EA 884 131.55 -12.39 46.84
C UNK EA 884 130.29 -13.09 47.35
N UNK EA 885 129.75 -14.02 46.56
CA UNK EA 885 128.56 -14.73 46.97
C UNK EA 885 128.86 -15.44 48.28
N UNK EA 886 127.84 -15.68 49.11
CA UNK EA 886 128.08 -16.34 50.39
C UNK EA 886 128.86 -15.34 51.25
N UNK EA 887 130.22 -8.78 51.29
CA UNK EA 887 131.49 -8.32 50.73
C UNK EA 887 131.45 -7.81 49.28
N UNK EA 888 130.87 -6.63 49.12
CA UNK EA 888 130.76 -6.00 47.82
C UNK EA 888 131.79 -4.87 47.76
N UNK EA 889 132.66 -4.94 46.77
CA UNK EA 889 133.69 -3.94 46.61
C UNK EA 889 133.59 -3.26 45.27
N UNK EA 890 133.39 -1.95 45.35
CA UNK EA 890 133.22 -1.09 44.20
C UNK EA 890 134.51 -0.55 43.61
N UNK EA 891 134.53 -0.46 42.30
CA UNK EA 891 135.66 0.04 41.55
C UNK EA 891 135.05 0.97 40.51
N UNK EA 892 135.15 2.28 40.73
CA UNK EA 892 134.60 3.27 39.80
C UNK EA 892 135.33 3.24 38.47
N UNK EA 893 134.67 3.73 37.42
CA UNK EA 893 135.30 3.76 36.10
C UNK EA 893 134.40 4.34 35.03
N UNK EA 894 132.27 0.91 32.14
CA UNK EA 894 132.85 -0.19 31.41
C UNK EA 894 131.78 -0.85 30.56
N UNK EA 895 132.20 -1.75 29.68
CA UNK EA 895 131.27 -2.45 28.80
C UNK EA 895 131.34 -3.96 28.96
N UNK EA 896 132.40 -4.43 29.62
CA UNK EA 896 132.55 -5.86 29.82
C UNK EA 896 133.54 -6.11 30.93
N UNK EA 897 133.36 -7.24 31.62
CA UNK EA 897 134.22 -7.55 32.73
C UNK EA 897 135.13 -8.74 32.47
N UNK EA 898 136.02 -9.01 33.42
CA UNK EA 898 136.96 -10.11 33.30
C UNK EA 898 137.71 -10.36 34.62
N UNK EA 899 137.80 -11.62 35.01
CA UNK EA 899 138.49 -12.01 36.25
C UNK EA 899 139.67 -12.93 35.97
N UNK EA 900 140.82 -12.59 36.52
CA UNK EA 900 142.00 -13.41 36.32
C UNK EA 900 142.01 -14.50 37.35
N UNK EA 901 141.96 -15.77 36.92
CA UNK EA 901 141.97 -16.86 37.91
C UNK EA 901 143.03 -16.52 38.95
N UNK EA 902 143.67 -9.70 40.03
CA UNK EA 902 143.56 -8.79 38.88
C UNK EA 902 142.18 -8.86 38.27
N UNK EA 903 141.65 -7.71 37.85
CA UNK EA 903 140.36 -7.66 37.18
C UNK EA 903 140.60 -6.80 35.95
N UNK EA 904 139.95 -7.11 34.85
CA UNK EA 904 140.13 -6.32 33.65
C UNK EA 904 138.79 -5.92 33.07
N UNK EA 905 138.76 -4.81 32.33
CA UNK EA 905 137.48 -4.43 31.74
C UNK EA 905 137.49 -3.70 30.42
N UNK EA 906 136.39 -3.89 29.70
CA UNK EA 906 136.21 -3.28 28.41
C UNK EA 906 135.71 -1.87 28.59
N UNK EA 907 135.73 -1.09 27.52
CA UNK EA 907 135.31 0.29 27.59
C UNK EA 907 134.43 0.63 26.41
N UNK EA 908 133.59 1.66 26.58
CA UNK EA 908 132.68 2.07 25.53
C UNK EA 908 133.48 2.59 24.33
N UNK EA 909 138.82 1.40 25.25
CA UNK EA 909 139.91 1.27 26.22
C UNK EA 909 139.94 -0.09 26.94
N UNK EA 910 141.13 -0.47 27.37
CA UNK EA 910 141.33 -1.73 28.10
C UNK EA 910 142.14 -1.43 29.36
N UNK EA 911 141.73 -1.96 30.50
CA UNK EA 911 142.45 -1.71 31.74
C UNK EA 911 142.48 -2.88 32.71
N UNK EA 912 143.64 -3.12 33.32
CA UNK EA 912 143.76 -4.17 34.30
C UNK EA 912 143.94 -3.44 35.61
N UNK EA 913 143.23 -3.89 36.64
CA UNK EA 913 143.37 -3.30 37.96
C UNK EA 913 143.86 -4.43 38.82
N UNK EA 914 144.78 -4.15 39.74
CA UNK EA 914 145.27 -5.21 40.59
C UNK EA 914 144.66 -5.11 41.98
N UNK EA 915 143.81 -6.08 42.28
CA UNK EA 915 143.09 -6.15 43.54
C UNK EA 915 143.95 -6.11 44.82
N UNK EA 916 144.99 -6.94 44.91
CA UNK EA 916 145.82 -6.90 46.12
C UNK EA 916 146.01 -5.46 46.58
N UNK EA 917 146.10 -4.57 45.61
CA UNK EA 917 146.29 -3.16 45.88
C UNK EA 917 144.97 -2.39 45.77
N UNK EA 918 146.56 0.85 41.88
CA UNK EA 918 147.54 0.75 40.79
C UNK EA 918 147.06 -0.19 39.70
N UNK EA 919 146.94 0.34 38.48
CA UNK EA 919 146.47 -0.43 37.33
C UNK EA 919 147.19 0.07 36.09
N UNK EA 920 146.71 -0.35 34.92
CA UNK EA 920 147.43 -0.19 33.67
C UNK EA 920 146.46 -0.01 32.49
N UNK EA 921 146.91 0.66 31.42
CA UNK EA 921 146.06 0.90 30.25
C UNK EA 921 146.73 0.53 28.93
N UNK EA 922 146.33 -0.60 28.36
CA UNK EA 922 146.92 -1.03 27.11
C UNK EA 922 146.20 -0.53 25.87
N UNK EA 923 146.77 0.51 25.25
CA UNK EA 923 146.24 1.16 24.03
C UNK EA 923 145.73 0.35 22.82
N UNK EA 924 133.85 -5.79 23.51
CA UNK EA 924 132.89 -6.86 23.75
C UNK EA 924 133.46 -7.91 24.69
N UNK EA 925 133.71 -9.12 24.19
CA UNK EA 925 134.27 -10.16 25.05
C UNK EA 925 135.69 -9.73 25.49
N UNK EA 926 136.16 -10.22 26.65
CA UNK EA 926 137.51 -9.90 27.17
C UNK EA 926 137.99 -10.92 28.20
N UNK EA 927 139.11 -11.58 27.94
CA UNK EA 927 139.57 -12.61 28.86
C UNK EA 927 141.08 -12.67 29.11
N UNK EA 928 141.46 -13.27 30.23
CA UNK EA 928 142.86 -13.44 30.61
C UNK EA 928 143.33 -14.77 30.06
N UNK EA 929 144.65 -14.94 29.95
CA UNK EA 929 145.19 -16.18 29.44
C UNK EA 929 145.16 -17.16 30.60
N UNK EA 930 145.36 -18.45 30.32
CA UNK EA 930 145.37 -19.45 31.37
C UNK EA 930 146.13 -18.88 32.57
N UNK EA 931 146.11 -10.51 27.79
CA UNK EA 931 144.67 -10.27 27.76
C UNK EA 931 144.07 -10.29 26.38
N UNK EA 932 143.42 -11.38 26.01
CA UNK EA 932 142.78 -11.42 24.70
C UNK EA 932 141.47 -10.63 24.81
N UNK EA 933 141.17 -9.84 23.78
CA UNK EA 933 139.96 -9.04 23.79
C UNK EA 933 139.48 -8.78 22.39
N UNK EA 934 138.17 -8.71 22.24
CA UNK EA 934 137.57 -8.46 20.94
C UNK EA 934 136.62 -7.29 21.04
N UNK EA 935 136.36 -6.67 19.90
CA UNK EA 935 135.44 -5.57 19.78
C UNK EA 935 134.58 -5.82 18.58
N UNK EA 936 133.93 -4.75 18.13
CA UNK EA 936 132.97 -4.83 17.03
C UNK EA 936 133.60 -4.68 15.66
N UNK EA 937 134.84 -5.16 15.52
CA UNK EA 937 135.56 -5.12 14.25
C UNK EA 937 136.28 -6.47 14.08
N UNK EA 938 137.09 -6.63 13.03
CA UNK EA 938 137.76 -7.92 12.77
C UNK EA 938 139.12 -8.27 13.41
N UNK EA 939 139.63 -7.43 14.29
CA UNK EA 939 140.91 -7.75 14.91
C UNK EA 939 140.70 -8.23 16.34
N UNK EA 940 141.58 -9.11 16.82
CA UNK EA 940 141.49 -9.59 18.21
C UNK EA 940 142.77 -9.25 18.98
N UNK EA 941 142.74 -8.19 19.76
CA UNK EA 941 143.91 -7.78 20.53
C UNK EA 941 144.44 -8.78 21.54
N UNK EA 942 145.72 -9.14 21.40
CA UNK EA 942 146.38 -10.07 22.33
C UNK EA 942 147.47 -9.30 23.07
N UNK EA 943 147.04 -8.46 24.01
CA UNK EA 943 147.93 -7.61 24.80
C UNK EA 943 148.59 -8.32 25.95
N UNK EA 944 149.81 -8.78 25.70
CA UNK EA 944 150.57 -9.45 26.73
C UNK EA 944 151.09 -8.35 27.66
N UNK EA 945 150.19 -7.82 28.48
CA UNK EA 945 150.53 -6.78 29.44
C UNK EA 945 151.71 -7.26 30.30
N UNK EA 946 153.98 -5.92 25.15
CA UNK EA 946 153.93 -6.54 23.83
C UNK EA 946 152.50 -6.69 23.35
N UNK EA 947 152.33 -6.78 22.04
CA UNK EA 947 151.02 -6.94 21.43
C UNK EA 947 151.08 -7.91 20.29
N UNK EA 948 150.03 -8.69 20.14
CA UNK EA 948 149.93 -9.64 19.05
C UNK EA 948 148.55 -9.36 18.50
N UNK EA 949 148.46 -9.01 17.22
CA UNK EA 949 147.20 -8.69 16.60
C UNK EA 949 146.77 -9.79 15.66
N UNK EA 950 145.48 -10.09 15.64
CA UNK EA 950 144.95 -11.13 14.78
C UNK EA 950 143.98 -10.49 13.78
N UNK EA 951 144.49 -10.08 12.62
CA UNK EA 951 143.67 -9.45 11.59
C UNK EA 951 142.90 -10.53 10.87
N UNK EA 952 141.75 -10.86 11.42
CA UNK EA 952 140.89 -11.88 10.86
C UNK EA 952 140.39 -11.47 9.49
N UNK EA 953 140.37 -10.16 9.26
CA UNK EA 953 139.92 -9.60 8.00
C UNK EA 953 138.49 -10.09 7.73
N UNK EA 954 134.53 -9.95 9.29
CA UNK EA 954 133.68 -8.77 9.27
C UNK EA 954 133.69 -8.21 10.68
N UNK EA 955 133.45 -9.11 11.64
CA UNK EA 955 133.44 -8.78 13.06
C UNK EA 955 133.53 -10.10 13.81
N UNK EA 956 134.39 -10.14 14.83
CA UNK EA 956 134.54 -11.33 15.63
C UNK EA 956 133.28 -11.44 16.48
N UNK EA 957 132.45 -12.44 16.21
CA UNK EA 957 131.23 -12.64 16.97
C UNK EA 957 131.67 -12.84 18.41
N UNK EA 958 132.62 -13.75 18.60
CA UNK EA 958 133.15 -14.02 19.92
C UNK EA 958 134.33 -14.97 19.81
N UNK EA 959 134.92 -15.33 20.95
CA UNK EA 959 136.06 -16.21 20.94
C UNK EA 959 136.20 -16.86 22.30
N UNK EA 960 137.19 -17.72 22.42
CA UNK EA 960 137.45 -18.42 23.68
C UNK EA 960 138.83 -19.06 23.66
N UNK EA 961 139.52 -18.99 24.79
CA UNK EA 961 140.84 -19.58 24.90
C UNK EA 961 140.77 -21.04 24.49
N UNK EA 962 141.92 -21.66 24.30
CA UNK EA 962 141.96 -23.06 23.91
C UNK EA 962 143.15 -23.74 24.58
N UNK EA 963 148.05 -22.15 24.27
CA UNK EA 963 148.19 -20.85 23.63
C UNK EA 963 147.43 -20.72 22.31
N UNK EA 964 146.65 -21.75 21.98
CA UNK EA 964 145.85 -21.74 20.77
C UNK EA 964 144.51 -21.07 21.16
N UNK EA 965 143.85 -20.39 20.22
CA UNK EA 965 142.58 -19.71 20.53
C UNK EA 965 141.53 -19.80 19.42
N UNK EA 966 140.37 -20.37 19.76
CA UNK EA 966 139.27 -20.55 18.83
C UNK EA 966 138.49 -19.25 18.61
N UNK EA 967 138.19 -18.93 17.35
CA UNK EA 967 137.49 -17.69 17.04
C UNK EA 967 136.50 -17.82 15.89
N UNK EA 968 135.36 -17.15 16.05
CA UNK EA 968 134.29 -17.16 15.05
C UNK EA 968 133.74 -15.76 14.84
N UNK EA 969 133.60 -15.39 13.58
CA UNK EA 969 133.07 -14.08 13.22
C UNK EA 969 131.74 -14.41 12.61
N UNK EA 970 130.98 -13.40 12.22
CA UNK EA 970 129.72 -13.71 11.59
C UNK EA 970 129.83 -13.61 10.08
N UNK EA 971 130.72 -14.47 9.57
CA UNK EA 971 131.00 -14.65 8.15
C UNK EA 971 131.09 -16.16 7.92
N UNK EA 972 130.47 -16.90 8.82
CA UNK EA 972 130.44 -18.35 8.74
C UNK EA 972 131.78 -18.98 9.03
N UNK EA 973 132.78 -18.13 9.20
CA UNK EA 973 134.14 -18.58 9.46
C UNK EA 973 134.46 -18.80 10.94
N UNK EA 974 135.27 -19.82 11.17
CA UNK EA 974 135.73 -20.20 12.49
C UNK EA 974 137.22 -20.42 12.31
N UNK EA 975 138.05 -19.77 13.09
CA UNK EA 975 139.48 -19.97 12.93
C UNK EA 975 140.14 -20.48 14.20
N UNK EA 976 141.37 -20.96 14.07
CA UNK EA 976 142.15 -21.48 15.21
C UNK EA 976 143.50 -20.77 15.34
N UNK EA 977 143.48 -19.51 15.75
CA UNK EA 977 144.70 -18.73 15.90
C UNK EA 977 145.68 -19.27 16.93
N UNK EA 978 146.91 -18.81 16.82
CA UNK EA 978 147.98 -19.18 17.74
C UNK EA 978 148.41 -17.87 18.37
N UNK EA 979 148.37 -17.76 19.68
CA UNK EA 979 148.82 -16.52 20.30
C UNK EA 979 150.35 -16.61 20.29
N UNK EA 980 149.08 -16.43 14.08
CA UNK EA 980 149.07 -17.24 12.89
C UNK EA 980 147.85 -18.14 12.80
N UNK EA 981 147.07 -17.94 11.75
CA UNK EA 981 145.86 -18.70 11.49
C UNK EA 981 146.17 -20.13 11.09
N UNK EA 982 146.35 -20.99 12.08
CA UNK EA 982 146.63 -22.38 11.81
C UNK EA 982 145.47 -22.96 10.99
N UNK EA 983 144.28 -23.00 11.59
CA UNK EA 983 143.10 -23.52 10.90
C UNK EA 983 142.12 -22.42 10.52
N UNK EA 984 141.33 -22.69 9.47
CA UNK EA 984 140.35 -21.72 8.98
C UNK EA 984 139.22 -22.46 8.26
N UNK EA 985 138.00 -22.36 8.78
CA UNK EA 985 136.83 -23.03 8.19
C UNK EA 985 135.77 -22.01 7.76
N UNK EA 986 134.89 -22.44 6.87
CA UNK EA 986 133.76 -21.62 6.42
C UNK EA 986 132.57 -22.55 6.61
N UNK EA 987 132.33 -22.89 7.88
CA UNK EA 987 131.27 -23.81 8.30
C UNK EA 987 129.81 -23.35 8.24
N UNK EA 988 129.56 -22.11 7.80
CA UNK EA 988 128.19 -21.58 7.69
C UNK EA 988 128.19 -20.44 6.70
N UNK EA 989 127.07 -20.23 6.02
CA UNK EA 989 126.98 -19.15 5.04
C UNK EA 989 126.38 -17.89 5.69
N UNK EA 990 126.99 -19.27 18.58
CA UNK EA 990 127.86 -19.87 19.59
C UNK EA 990 128.38 -21.22 19.12
N UNK EA 991 129.53 -21.63 19.64
CA UNK EA 991 130.13 -22.89 19.23
C UNK EA 991 131.13 -23.27 20.32
N UNK EA 992 131.12 -24.52 20.76
CA UNK EA 992 132.03 -24.94 21.82
C UNK EA 992 132.88 -26.13 21.45
N UNK EA 993 133.86 -26.43 22.30
CA UNK EA 993 134.75 -27.55 22.07
C UNK EA 993 134.31 -28.75 22.89
N UNK EA 994 134.84 -29.92 22.53
CA UNK EA 994 134.51 -31.16 23.21
C UNK EA 994 135.31 -31.29 24.49
N UNK EA 995 139.64 -32.93 22.24
CA UNK EA 995 139.38 -31.71 21.49
C UNK EA 995 139.13 -32.20 20.09
N UNK EA 996 139.07 -33.51 19.95
CA UNK EA 996 138.84 -34.11 18.65
C UNK EA 996 137.64 -33.42 18.01
N UNK EA 997 136.74 -32.92 18.85
CA UNK EA 997 135.52 -32.28 18.37
C UNK EA 997 135.32 -30.84 18.86
N UNK EA 998 134.73 -30.00 18.00
CA UNK EA 998 134.44 -28.60 18.33
C UNK EA 998 133.34 -28.16 17.37
N UNK EA 999 132.10 -28.11 17.84
CA UNK EA 999 131.02 -27.74 16.95
C UNK EA 999 130.52 -26.32 17.04
N UNK EA 1000 129.73 -25.96 16.03
CA UNK EA 1000 129.15 -24.63 15.88
C UNK EA 1000 127.64 -24.63 15.97
N UNK EA 1001 127.07 -23.45 15.75
CA UNK EA 1001 125.64 -23.21 15.79
C UNK EA 1001 125.51 -21.86 15.13
N UNK EA 1002 124.61 -21.71 14.16
CA UNK EA 1002 124.52 -20.42 13.50
C UNK EA 1002 123.35 -20.28 12.57
N UNK EA 1003 121.43 -24.53 11.38
CA UNK EA 1003 121.58 -25.78 12.12
C UNK EA 1003 122.80 -25.73 13.02
N UNK EA 1004 123.28 -26.91 13.41
CA UNK EA 1004 124.46 -27.03 14.26
C UNK EA 1004 125.45 -28.02 13.67
N UNK EA 1005 126.26 -27.53 12.71
CA UNK EA 1005 127.28 -28.34 12.04
C UNK EA 1005 128.40 -28.63 13.03
N UNK EA 1006 128.69 -29.91 13.23
CA UNK EA 1006 129.73 -30.34 14.16
C UNK EA 1006 130.93 -30.95 13.43
N UNK EA 1007 132.15 -30.58 13.83
CA UNK EA 1007 133.34 -31.14 13.18
C UNK EA 1007 134.53 -31.52 14.07
N UNK EA 1008 135.68 -31.81 13.41
CA UNK EA 1008 136.91 -32.27 14.07
C UNK EA 1008 138.20 -31.46 13.97
N UNK EA 1009 131.44 -32.79 9.88
CA UNK EA 1009 131.18 -34.22 10.03
C UNK EA 1009 129.72 -34.48 9.64
N UNK EA 1010 128.79 -33.67 10.16
CA UNK EA 1010 127.38 -33.81 9.80
C UNK EA 1010 126.47 -32.65 10.19
N UNK EA 1011 125.70 -32.17 9.21
CA UNK EA 1011 124.76 -31.07 9.39
C UNK EA 1011 123.51 -31.57 10.13
N UNK EA 1012 123.14 -30.85 11.21
CA UNK EA 1012 121.99 -31.21 12.05
C UNK EA 1012 120.83 -30.24 11.86
N UNK EA 1013 120.14 -30.32 10.73
CA UNK EA 1013 119.03 -29.39 10.44
C UNK EA 1013 117.75 -29.65 11.23
N UNK EA 1014 117.88 -29.81 12.54
CA UNK EA 1014 116.71 -30.06 13.37
C UNK EA 1014 115.87 -28.82 13.71
N UNK EA 1015 116.48 -27.87 14.41
CA UNK EA 1015 115.80 -26.65 14.83
C UNK EA 1015 115.12 -25.84 13.73
N UNK EA 1016 113.92 -25.35 14.02
CA UNK EA 1016 113.16 -24.54 13.07
C UNK EA 1016 113.35 -23.07 13.37
N UNK EA 1017 116.27 -21.65 14.82
CA UNK EA 1017 117.68 -21.29 14.58
C UNK EA 1017 118.52 -21.42 15.85
N UNK EA 1018 119.55 -22.25 15.79
CA UNK EA 1018 120.41 -22.47 16.95
C UNK EA 1018 121.09 -21.20 17.43
N UNK EA 1019 121.33 -21.14 18.73
CA UNK EA 1019 121.97 -19.99 19.34
C UNK EA 1019 122.98 -20.37 20.41
N UNK EA 1020 123.05 -21.66 20.72
CA UNK EA 1020 123.99 -22.14 21.72
C UNK EA 1020 124.11 -23.66 21.67
N UNK EA 1021 125.10 -24.21 22.39
CA UNK EA 1021 125.29 -25.66 22.42
C UNK EA 1021 126.45 -26.05 23.32
N UNK EA 1022 126.48 -27.33 23.68
CA UNK EA 1022 127.55 -27.84 24.52
C UNK EA 1022 127.70 -29.35 24.35
N UNK EA 1023 128.89 -29.84 24.65
CA UNK EA 1023 129.20 -31.26 24.53
C UNK EA 1023 129.12 -31.92 25.89
N UNK EA 1024 128.58 -33.13 25.93
CA UNK EA 1024 128.49 -33.86 27.18
C UNK EA 1024 129.91 -34.06 27.64
N UNK EA 1025 130.16 -33.95 28.94
CA UNK EA 1025 131.50 -34.11 29.48
C UNK EA 1025 132.04 -35.50 29.07
N UNK EA 1026 127.15 -36.62 23.53
CA UNK EA 1026 126.02 -35.78 23.17
C UNK EA 1026 126.38 -34.32 22.98
N UNK EA 1027 125.57 -33.65 22.17
CA UNK EA 1027 125.73 -32.24 21.87
C UNK EA 1027 124.33 -31.63 21.84
N UNK EA 1028 124.00 -30.91 22.92
CA UNK EA 1028 122.70 -30.26 23.04
C UNK EA 1028 122.78 -28.88 22.39
N UNK EA 1029 121.75 -28.54 21.64
CA UNK EA 1029 121.72 -27.26 20.95
C UNK EA 1029 120.56 -26.34 21.32
N UNK EA 1030 120.85 -25.05 21.40
CA UNK EA 1030 119.85 -24.07 21.79
C UNK EA 1030 119.12 -23.43 20.63
N UNK EA 1031 117.79 -23.56 20.66
CA UNK EA 1031 116.91 -23.02 19.64
C UNK EA 1031 116.47 -21.60 19.96
N UNK EA 1032 116.30 -20.81 18.91
CA UNK EA 1032 115.89 -19.43 19.05
C UNK EA 1032 114.42 -19.37 19.48
N UNK EA 1033 113.75 -20.51 19.45
CA UNK EA 1033 112.35 -20.59 19.86
C UNK EA 1033 112.15 -21.60 20.97
N UNK EA 1034 112.90 -21.41 22.04
CA UNK EA 1034 112.77 -22.28 23.19
C UNK EA 1034 112.90 -23.76 22.95
N UNK EA 1035 113.22 -24.16 21.72
CA UNK EA 1035 113.38 -25.57 21.41
C UNK EA 1035 114.78 -25.98 21.83
N UNK EA 1036 115.04 -27.27 21.89
CA UNK EA 1036 116.35 -27.73 22.29
C UNK EA 1036 116.22 -29.19 21.95
N UNK EA 1037 117.05 -29.63 21.01
CA UNK EA 1037 117.22 -31.04 20.68
C UNK EA 1037 118.55 -31.54 21.20
N UNK EA 1038 118.58 -32.82 21.58
CA UNK EA 1038 119.81 -33.43 22.05
C UNK EA 1038 120.27 -34.24 20.84
N UNK EA 1039 121.57 -34.19 20.54
CA UNK EA 1039 122.11 -34.95 19.42
C UNK EA 1039 123.20 -35.86 19.97
N UNK EA 1040 123.62 -36.85 19.19
CA UNK EA 1040 124.65 -37.78 19.64
C UNK EA 1040 125.98 -37.72 18.88
N UNK EA 1041 117.00 -37.15 20.87
CA UNK EA 1041 115.66 -36.74 21.29
C UNK EA 1041 115.55 -35.22 21.35
N UNK EA 1042 114.38 -34.70 21.02
CA UNK EA 1042 114.14 -33.26 21.02
C UNK EA 1042 113.33 -32.71 22.21
N UNK EA 1043 113.79 -32.96 23.44
CA UNK EA 1043 113.10 -32.45 24.62
C UNK EA 1043 113.02 -30.94 24.54
N UNK EA 1044 111.86 -30.39 24.17
CA UNK EA 1044 111.72 -28.95 24.05
C UNK EA 1044 110.28 -28.39 24.05
N UNK EA 1045 109.61 -28.39 25.22
CA UNK EA 1045 108.24 -27.88 25.34
C UNK EA 1045 108.14 -26.36 25.14
N UNK EA 1046 113.77 -17.62 23.47
CA UNK EA 1046 115.17 -17.96 23.29
C UNK EA 1046 115.61 -19.05 24.27
N UNK EA 1047 116.83 -19.55 24.04
CA UNK EA 1047 117.49 -20.55 24.87
C UNK EA 1047 118.95 -20.19 24.66
N UNK EA 1048 119.43 -19.23 25.43
CA UNK EA 1048 120.79 -18.74 25.27
C UNK EA 1048 121.90 -19.52 25.96
N UNK EA 1049 121.65 -20.76 26.35
CA UNK EA 1049 122.72 -21.49 27.02
C UNK EA 1049 122.32 -22.90 27.46
N UNK EA 1050 123.31 -23.79 27.52
CA UNK EA 1050 123.11 -25.16 27.96
C UNK EA 1050 124.39 -25.63 28.63
N UNK EA 1051 124.32 -26.78 29.28
CA UNK EA 1051 125.48 -27.34 29.97
C UNK EA 1051 125.04 -28.72 30.46
N UNK EA 1052 125.83 -29.74 30.13
CA UNK EA 1052 125.59 -31.05 30.67
C UNK EA 1052 126.20 -31.09 32.05
N UNK EA 1053 125.80 -32.09 32.84
CA UNK EA 1053 126.32 -32.25 34.19
C UNK EA 1053 127.52 -33.18 34.11
N UNK EA 1054 128.34 -33.25 35.18
CA UNK EA 1054 129.46 -34.17 35.03
C UNK EA 1054 128.88 -35.54 34.66
N UNK EA 1055 128.00 -36.04 35.52
CA UNK EA 1055 127.33 -37.34 35.32
C UNK EA 1055 126.80 -37.58 33.91
N UNK EA 1056 126.77 -36.55 33.08
CA UNK EA 1056 126.29 -36.66 31.70
C UNK EA 1056 124.83 -37.12 31.62
N UNK EA 1057 124.03 -36.77 32.63
CA UNK EA 1057 122.62 -37.15 32.68
C UNK EA 1057 121.65 -35.96 32.77
N UNK EA 1058 122.01 -34.97 33.58
CA UNK EA 1058 121.17 -33.77 33.76
C UNK EA 1058 121.68 -32.63 32.90
N UNK EA 1059 120.79 -32.08 32.08
CA UNK EA 1059 121.14 -30.95 31.22
C UNK EA 1059 120.48 -29.69 31.76
N UNK EA 1060 121.29 -28.68 32.08
CA UNK EA 1060 120.74 -27.41 32.59
C UNK EA 1060 120.55 -26.44 31.43
N UNK EA 1061 119.42 -25.73 31.44
CA UNK EA 1061 119.09 -24.80 30.37
C UNK EA 1061 118.79 -23.39 30.90
N UNK EA 1062 119.02 -22.38 30.06
CA UNK EA 1062 118.75 -20.99 30.45
C UNK EA 1062 118.35 -20.15 29.26
N UNK EA 1063 114.23 -18.28 31.48
CA UNK EA 1063 114.40 -18.75 32.86
C UNK EA 1063 115.21 -20.03 32.83
N UNK EA 1064 115.68 -20.46 33.99
CA UNK EA 1064 116.44 -21.69 34.09
C UNK EA 1064 115.48 -22.87 34.01
N UNK EA 1065 115.98 -24.06 33.65
CA UNK EA 1065 115.11 -25.22 33.51
C UNK EA 1065 116.00 -26.45 33.34
N UNK EA 1066 115.91 -27.38 34.28
CA UNK EA 1066 116.71 -28.61 34.21
C UNK EA 1066 115.97 -29.73 33.48
N UNK EA 1067 116.73 -30.67 32.90
CA UNK EA 1067 116.13 -31.79 32.17
C UNK EA 1067 116.71 -33.16 32.52
N UNK EA 1068 116.20 -34.18 31.83
CA UNK EA 1068 116.60 -35.57 32.01
C UNK EA 1068 117.03 -36.17 30.68
N UNK EA 1069 118.30 -36.54 30.57
CA UNK EA 1069 118.83 -37.14 29.34
C UNK EA 1069 117.98 -38.33 28.89
N UNK EA 1070 112.20 -19.81 38.20
CA UNK EA 1070 111.67 -18.70 37.43
C UNK EA 1070 112.32 -17.46 38.03
N UNK EA 1071 113.03 -16.73 37.21
CA UNK EA 1071 113.68 -15.52 37.66
C UNK EA 1071 112.72 -14.38 37.35
N UNK EA 1072 112.67 -13.36 38.21
CA UNK EA 1072 111.81 -12.22 37.99
C UNK EA 1072 111.92 -11.77 36.53
N UNK EA 1073 113.14 -11.60 36.07
CA UNK EA 1073 113.37 -11.17 34.70
C UNK EA 1073 113.61 -12.33 33.75
N UNK EA 1074 113.78 -12.00 32.48
CA UNK EA 1074 114.02 -13.00 31.46
C UNK EA 1074 115.27 -12.68 30.67
N UNK EA 1075 115.34 -13.27 29.48
CA UNK EA 1075 116.45 -13.08 28.58
C UNK EA 1075 117.77 -13.18 29.29
N UNK EA 1076 118.03 -14.34 29.86
CA UNK EA 1076 119.28 -14.56 30.53
C UNK EA 1076 120.29 -14.83 29.43
N UNK EA 1077 121.56 -14.91 29.76
CA UNK EA 1077 122.58 -15.23 28.78
C UNK EA 1077 123.37 -16.53 28.87
N UNK EA 1078 124.36 -16.55 29.76
CA UNK EA 1078 125.18 -17.73 29.97
C UNK EA 1078 125.10 -18.11 31.44
N UNK EA 1079 124.59 -19.32 31.71
CA UNK EA 1079 124.31 -19.70 33.08
C UNK EA 1079 125.65 -20.23 33.55
N UNK EA 1080 126.11 -19.84 34.73
CA UNK EA 1080 127.39 -20.34 35.21
C UNK EA 1080 127.25 -21.50 36.18
N UNK EA 1081 127.28 -22.72 35.66
CA UNK EA 1081 127.20 -23.90 36.51
C UNK EA 1081 128.59 -24.04 37.12
N UNK EA 1082 128.75 -24.94 38.07
CA UNK EA 1082 130.07 -25.12 38.68
C UNK EA 1082 130.52 -26.58 38.60
N UNK EA 1083 131.68 -26.89 39.21
CA UNK EA 1083 132.15 -28.28 39.17
C UNK EA 1083 131.11 -29.25 39.76
N UNK EA 1084 130.83 -29.08 41.05
CA UNK EA 1084 129.86 -29.92 41.76
C UNK EA 1084 128.45 -29.88 41.17
N UNK EA 1085 128.19 -28.97 40.23
CA UNK EA 1085 126.86 -28.83 39.61
C UNK EA 1085 125.84 -28.56 40.72
N UNK EA 1086 126.33 -27.92 41.78
CA UNK EA 1086 125.54 -27.62 42.97
C UNK EA 1086 125.56 -26.12 43.31
N UNK EA 1087 125.85 -25.30 42.30
CA UNK EA 1087 125.90 -23.84 42.46
C UNK EA 1087 125.68 -23.23 41.09
N UNK EA 1088 124.86 -22.19 41.01
CA UNK EA 1088 124.59 -21.55 39.73
C UNK EA 1088 124.58 -20.03 39.91
N UNK EA 1089 125.01 -19.32 38.87
CA UNK EA 1089 125.01 -17.85 38.91
C UNK EA 1089 124.53 -17.30 37.59
N UNK EA 1090 123.68 -16.30 37.65
CA UNK EA 1090 123.18 -15.68 36.44
C UNK EA 1090 122.66 -14.29 36.74
N UNK EA 1091 122.19 -13.61 35.69
CA UNK EA 1091 121.70 -12.25 35.84
C UNK EA 1091 120.65 -11.97 34.81
N UNK EA 1092 119.44 -11.60 35.24
CA UNK EA 1092 118.34 -11.31 34.32
C UNK EA 1092 118.34 -9.85 33.91
N UNK EA 1093 117.59 -9.54 32.86
CA UNK EA 1093 117.54 -8.15 32.39
C UNK EA 1093 116.95 -7.19 33.41
N UNK EA 1094 116.67 -7.70 34.60
CA UNK EA 1094 116.17 -6.83 35.64
C UNK EA 1094 117.38 -6.46 36.47
N UNK EA 1095 118.54 -6.92 36.04
CA UNK EA 1095 119.79 -6.62 36.74
C UNK EA 1095 119.88 -7.27 38.09
N UNK EA 1096 119.14 -8.36 38.26
CA UNK EA 1096 119.16 -9.08 39.51
C UNK EA 1096 120.20 -10.19 39.45
N UNK EA 1097 121.04 -10.26 40.48
CA UNK EA 1097 122.10 -11.25 40.53
C UNK EA 1097 121.68 -12.55 41.24
N UNK EA 1098 121.39 -13.58 40.46
CA UNK EA 1098 120.99 -14.85 41.05
C UNK EA 1098 122.16 -15.79 41.30
N UNK EA 1099 122.42 -16.10 42.57
CA UNK EA 1099 123.46 -17.05 42.93
C UNK EA 1099 122.73 -18.20 43.63
N UNK EA 1100 122.27 -19.16 42.83
CA UNK EA 1100 121.52 -20.30 43.34
C UNK EA 1100 122.48 -21.41 43.80
N UNK EA 1101 121.97 -22.34 44.61
CA UNK EA 1101 122.82 -23.41 45.12
C UNK EA 1101 122.03 -24.54 45.78
N MET FA 10 53.45 15.97 9.13
CA MET FA 10 52.83 15.76 7.83
C MET FA 10 52.41 14.28 7.69
N PRO FA 11 51.74 13.91 6.58
CA PRO FA 11 51.34 12.50 6.40
C PRO FA 11 52.42 11.42 6.61
N LYS FA 12 51.95 10.17 6.68
CA LYS FA 12 52.81 9.01 6.87
C LYS FA 12 53.61 8.71 5.61
N ARG FA 13 52.93 8.58 4.48
CA ARG FA 13 53.57 8.29 3.20
C ARG FA 13 54.62 9.32 2.78
N HIS FA 14 54.79 10.36 3.60
CA HIS FA 14 55.80 11.38 3.33
C HIS FA 14 57.09 11.11 4.10
N ARG FA 15 56.97 10.81 5.39
CA ARG FA 15 58.13 10.45 6.20
C ARG FA 15 58.86 9.25 5.64
N GLU FA 16 58.10 8.27 5.13
CA GLU FA 16 58.68 7.08 4.53
C GLU FA 16 59.45 7.41 3.29
N HIS FA 17 58.94 8.37 2.53
CA HIS FA 17 59.60 8.85 1.32
C HIS FA 17 61.03 9.34 1.55
N ILE FA 18 61.14 10.46 2.26
CA ILE FA 18 62.44 11.05 2.56
C ILE FA 18 63.28 10.12 3.43
N ARG FA 19 62.62 9.17 4.08
CA ARG FA 19 63.30 8.22 4.95
C ARG FA 19 64.21 7.28 4.14
N LYS FA 20 63.61 6.50 3.25
CA LYS FA 20 64.36 5.58 2.42
C LYS FA 20 65.20 6.32 1.38
N ASN FA 21 64.64 7.40 0.85
CA ASN FA 21 65.34 8.21 -0.15
C ASN FA 21 66.12 9.35 0.47
N LEU FA 22 66.72 9.09 1.64
CA LEU FA 22 67.50 10.09 2.34
C LEU FA 22 68.94 10.14 1.82
N ASN FA 23 69.26 9.23 0.90
CA ASN FA 23 70.60 9.17 0.32
C ASN FA 23 70.74 10.03 -0.91
N ILE FA 24 69.78 9.89 -1.81
CA ILE FA 24 69.76 10.66 -3.04
C ILE FA 24 69.66 12.14 -2.68
N LEU FA 25 68.81 12.44 -1.72
CA LEU FA 25 68.57 13.84 -1.34
C LEU FA 25 69.76 14.42 -0.59
N VAL FA 26 70.51 13.55 0.09
CA VAL FA 26 71.67 13.97 0.87
C VAL FA 26 72.87 14.04 -0.07
N GLU FA 27 72.68 13.58 -1.29
CA GLU FA 27 73.79 13.52 -2.23
C GLU FA 27 73.75 14.69 -3.20
N TRP FA 28 72.64 14.83 -3.92
CA TRP FA 28 72.60 15.79 -5.02
C TRP FA 28 72.60 17.27 -4.59
N THR FA 29 71.96 17.58 -3.45
CA THR FA 29 71.92 18.96 -2.94
C THR FA 29 73.17 19.31 -2.12
N ASN FA 30 73.97 20.30 -2.54
CA ASN FA 30 74.93 20.94 -1.64
C ASN FA 30 74.33 21.25 -0.26
N TYR FA 31 75.11 21.04 0.80
CA TYR FA 31 74.56 21.18 2.14
C TYR FA 31 74.61 22.63 2.64
N GLU FA 32 75.72 23.30 2.35
CA GLU FA 32 75.87 24.71 2.66
C GLU FA 32 74.70 25.46 2.07
N ARG FA 33 74.55 25.25 0.76
CA ARG FA 33 73.54 25.89 -0.05
C ARG FA 33 72.16 25.46 0.38
N LEU FA 34 72.10 24.36 1.12
CA LEU FA 34 70.81 23.89 1.61
C LEU FA 34 70.61 24.39 3.03
N ALA FA 35 71.45 24.02 3.98
CA ALA FA 35 71.30 24.46 5.36
C ALA FA 35 71.03 25.97 5.49
N MET FA 36 71.98 26.76 4.99
CA MET FA 36 71.89 28.21 5.13
C MET FA 36 70.61 28.77 4.47
N GLU FA 37 70.02 27.97 3.58
CA GLU FA 37 68.79 28.33 2.84
C GLU FA 37 67.50 27.84 3.52
N CYS FA 38 67.57 26.65 4.11
CA CYS FA 38 66.44 26.01 4.76
C CYS FA 38 66.11 26.83 6.00
N VAL FA 39 67.13 27.10 6.78
CA VAL FA 39 66.90 27.89 7.97
C VAL FA 39 66.35 29.20 7.43
N GLN FA 40 66.99 29.62 6.35
CA GLN FA 40 66.73 30.85 5.65
C GLN FA 40 65.33 30.78 5.08
N GLN FA 41 64.95 29.58 4.66
CA GLN FA 41 63.62 29.36 4.08
C GLN FA 41 62.38 29.72 4.93
N GLY FA 42 62.43 29.64 6.26
CA GLY FA 42 61.19 29.70 6.99
C GLY FA 42 60.85 28.40 7.67
N ILE FA 43 61.88 27.66 8.05
CA ILE FA 43 61.72 26.43 8.81
C ILE FA 43 62.35 26.35 10.21
N LEU FA 44 63.64 26.04 10.25
CA LEU FA 44 64.36 25.87 11.50
C LEU FA 44 64.99 27.20 11.90
N THR FA 45 65.88 27.18 12.89
CA THR FA 45 66.42 28.39 13.48
C THR FA 45 67.86 28.19 13.93
N VAL FA 46 68.51 29.29 14.32
CA VAL FA 46 69.89 29.24 14.78
C VAL FA 46 70.11 28.08 15.76
N GLN FA 47 69.03 27.68 16.43
CA GLN FA 47 69.10 26.59 17.39
C GLN FA 47 68.94 25.24 16.71
N MET FA 48 67.89 25.11 15.91
CA MET FA 48 67.63 23.87 15.19
C MET FA 48 68.83 23.45 14.35
N LEU FA 49 69.12 24.24 13.31
CA LEU FA 49 70.24 23.96 12.43
C LEU FA 49 71.53 23.69 13.20
N ARG FA 50 71.75 24.34 14.34
CA ARG FA 50 72.93 24.01 15.14
C ARG FA 50 72.96 22.54 15.52
N ASN FA 51 71.89 22.10 16.16
CA ASN FA 51 71.79 20.73 16.67
C ASN FA 51 71.74 19.71 15.54
N THR FA 52 71.26 20.14 14.39
CA THR FA 52 71.20 19.27 13.22
C THR FA 52 72.54 19.17 12.49
N GLN FA 53 73.08 20.32 12.12
CA GLN FA 53 74.44 20.50 11.61
C GLN FA 53 75.50 19.95 12.55
N ASP FA 54 75.35 20.13 13.85
CA ASP FA 54 76.25 19.41 14.71
C ASP FA 54 75.64 18.03 14.96
N LEU FA 55 76.28 17.23 15.78
CA LEU FA 55 75.90 15.83 15.96
C LEU FA 55 76.12 15.50 17.43
N ASN FA 56 76.29 14.23 17.75
CA ASN FA 56 76.40 13.84 19.15
C ASN FA 56 77.72 14.28 19.77
N GLY FA 57 78.78 14.27 18.97
CA GLY FA 57 80.11 14.57 19.46
C GLY FA 57 81.05 13.40 19.23
N LYS FA 58 80.54 12.19 19.43
CA LYS FA 58 81.26 10.98 19.08
C LYS FA 58 81.61 10.85 17.57
N PRO FA 59 80.79 11.45 16.72
CA PRO FA 59 81.02 11.41 15.28
C PRO FA 59 82.48 11.68 14.93
N PHE FA 60 83.24 12.17 15.90
CA PHE FA 60 84.65 12.48 15.69
C PHE FA 60 85.43 11.22 15.31
N ASN FA 61 84.92 10.08 15.70
CA ASN FA 61 85.61 8.87 15.36
C ASN FA 61 85.64 8.79 13.83
N MET FA 62 84.65 9.44 13.27
CA MET FA 62 84.37 9.34 11.87
C MET FA 62 85.11 10.34 11.01
N ASP FA 63 85.65 9.81 9.92
CA ASP FA 63 86.48 10.59 9.02
C ASP FA 63 85.64 11.63 8.33
N GLU FA 64 86.37 12.62 7.83
CA GLU FA 64 85.84 13.79 7.15
C GLU FA 64 84.81 13.40 6.12
N LYS FA 65 85.16 12.55 5.15
CA LYS FA 65 84.13 12.30 4.15
C LYS FA 65 82.74 12.13 4.75
N ASP FA 66 82.67 11.55 5.93
CA ASP FA 66 81.46 10.87 6.37
C ASP FA 66 80.67 11.64 7.42
N VAL FA 67 81.15 12.83 7.77
CA VAL FA 67 80.48 13.64 8.77
C VAL FA 67 79.55 14.65 8.13
N ARG FA 68 80.01 15.30 7.06
CA ARG FA 68 79.16 16.18 6.26
C ARG FA 68 77.95 15.43 5.67
N VAL FA 69 78.17 14.19 5.25
CA VAL FA 69 77.09 13.38 4.70
C VAL FA 69 76.07 13.05 5.78
N GLU FA 70 76.56 12.79 6.99
CA GLU FA 70 75.71 12.49 8.14
C GLU FA 70 74.90 13.72 8.51
N GLN FA 71 75.59 14.85 8.63
CA GLN FA 71 74.98 16.16 8.82
C GLN FA 71 73.81 16.42 7.91
N HIS FA 72 74.14 16.39 6.63
CA HIS FA 72 73.20 16.62 5.54
C HIS FA 72 72.03 15.64 5.67
N ARG FA 73 72.35 14.42 6.12
CA ARG FA 73 71.32 13.40 6.34
C ARG FA 73 70.53 13.66 7.61
N ARG FA 74 71.07 14.51 8.47
CA ARG FA 74 70.40 14.81 9.73
C ARG FA 74 69.44 15.96 9.46
N LEU FA 75 69.70 16.65 8.36
CA LEU FA 75 68.90 17.83 8.02
C LEU FA 75 67.50 17.45 7.61
N LEU FA 76 67.43 16.62 6.58
CA LEU FA 76 66.16 16.21 6.03
C LEU FA 76 65.28 15.56 7.08
N LEU FA 77 65.91 14.88 8.04
CA LEU FA 77 65.19 14.27 9.15
C LEU FA 77 64.49 15.32 10.01
N LYS FA 78 65.14 16.44 10.22
CA LYS FA 78 64.53 17.52 10.99
C LYS FA 78 63.49 18.27 10.13
N ILE FA 79 63.76 18.36 8.83
CA ILE FA 79 62.83 19.03 7.91
C ILE FA 79 61.51 18.27 7.82
N THR FA 80 61.65 16.96 7.78
CA THR FA 80 60.57 16.01 7.81
C THR FA 80 59.89 16.21 9.14
N GLN FA 81 60.65 16.60 10.14
CA GLN FA 81 60.06 16.75 11.45
C GLN FA 81 59.00 17.81 11.44
N ARG FA 82 59.06 18.70 10.49
CA ARG FA 82 58.29 19.91 10.60
C ARG FA 82 56.84 19.83 10.21
N GLY FA 83 56.21 20.98 10.18
CA GLY FA 83 54.79 21.09 9.89
C GLY FA 83 54.41 20.73 8.47
N PRO FA 84 53.05 20.47 8.27
CA PRO FA 84 52.76 19.68 7.09
C PRO FA 84 53.23 20.27 5.79
N THR FA 85 53.54 21.55 5.74
CA THR FA 85 54.07 22.10 4.50
C THR FA 85 55.39 21.39 4.19
N ALA FA 86 55.99 20.84 5.21
CA ALA FA 86 57.39 20.45 5.14
C ALA FA 86 57.71 19.95 3.74
N TYR FA 87 56.75 19.27 3.15
CA TYR FA 87 56.89 18.86 1.77
C TYR FA 87 57.00 20.12 0.94
N ASN FA 88 55.90 20.86 0.88
CA ASN FA 88 55.85 22.04 0.02
C ASN FA 88 56.95 23.04 0.35
N LEU FA 89 57.46 23.01 1.58
CA LEU FA 89 58.58 23.85 1.96
C LEU FA 89 59.87 23.34 1.32
N LEU FA 90 60.11 22.04 1.43
CA LEU FA 90 61.39 21.48 1.02
C LEU FA 90 61.49 21.44 -0.49
N ILE FA 91 60.38 21.15 -1.15
CA ILE FA 91 60.34 21.06 -2.60
C ILE FA 91 60.74 22.39 -3.22
N ASN FA 92 60.35 23.48 -2.58
CA ASN FA 92 60.64 24.82 -3.10
C ASN FA 92 62.04 25.25 -2.75
N ALA FA 93 62.39 25.04 -1.48
CA ALA FA 93 63.74 25.36 -1.04
C ALA FA 93 64.72 24.68 -1.99
N LEU FA 94 64.44 23.42 -2.32
CA LEU FA 94 65.30 22.64 -3.21
C LEU FA 94 65.15 23.09 -4.66
N ARG FA 95 63.97 23.60 -5.02
CA ARG FA 95 63.80 24.23 -6.33
C ARG FA 95 64.78 25.38 -6.49
N ASN FA 96 65.15 26.01 -5.37
CA ASN FA 96 66.12 27.10 -5.41
C ASN FA 96 67.57 26.64 -5.29
N ILE FA 97 67.85 25.71 -4.37
CA ILE FA 97 69.17 25.07 -4.29
C ILE FA 97 69.68 24.61 -5.66
N ASN FA 98 68.74 24.44 -6.60
CA ASN FA 98 69.00 24.10 -8.00
C ASN FA 98 69.38 22.64 -8.08
N CYS FA 99 68.85 21.88 -7.13
CA CYS FA 99 68.89 20.45 -7.19
C CYS FA 99 67.55 19.88 -7.68
N LEU FA 100 67.08 20.43 -8.81
CA LEU FA 100 65.82 20.03 -9.45
C LEU FA 100 65.64 18.51 -9.52
N ASP FA 101 66.71 17.79 -9.87
CA ASP FA 101 66.70 16.32 -9.92
C ASP FA 101 66.43 15.61 -8.59
N ALA FA 102 66.26 16.37 -7.51
CA ALA FA 102 65.86 15.80 -6.22
C ALA FA 102 64.54 16.43 -5.83
N ALA FA 103 64.28 17.63 -6.33
CA ALA FA 103 62.96 18.24 -6.13
C ALA FA 103 61.93 17.34 -6.80
N VAL FA 104 62.30 16.82 -7.96
CA VAL FA 104 61.47 15.85 -8.63
C VAL FA 104 61.33 14.66 -7.69
N LEU FA 105 62.44 14.10 -7.24
CA LEU FA 105 62.41 12.95 -6.37
C LEU FA 105 61.40 13.10 -5.23
N LEU FA 106 61.46 14.26 -4.58
CA LEU FA 106 60.65 14.57 -3.42
C LEU FA 106 59.20 14.90 -3.77
N GLU FA 107 58.94 15.18 -5.05
CA GLU FA 107 57.60 15.58 -5.47
C GLU FA 107 56.81 14.50 -6.23
N SER FA 108 57.52 13.80 -7.12
CA SER FA 108 56.98 12.81 -8.04
C SER FA 108 56.20 11.67 -7.40
N VAL FA 109 56.61 11.27 -6.20
CA VAL FA 109 55.83 10.33 -5.39
C VAL FA 109 54.37 10.75 -5.15
N ASP FA 110 54.08 12.02 -5.38
CA ASP FA 110 52.70 12.48 -5.31
C ASP FA 110 52.21 12.57 -6.73
N GLU FA 111 51.06 13.21 -6.93
CA GLU FA 111 50.48 13.41 -8.26
C GLU FA 111 49.98 12.09 -8.85
PB ADP GA . 50.91 -39.07 27.15
O1B ADP GA . 51.26 -38.05 26.09
O2B ADP GA . 49.49 -38.98 27.69
O3B ADP GA . 51.38 -40.46 26.81
PA ADP GA . 51.61 -37.86 29.64
O1A ADP GA . 50.67 -36.78 29.16
O2A ADP GA . 51.22 -38.75 30.80
O3A ADP GA . 51.94 -38.76 28.36
O5' ADP GA . 53.05 -37.18 29.90
C5' ADP GA . 53.69 -36.55 28.82
C4' ADP GA . 54.95 -35.88 29.34
O4' ADP GA . 56.06 -36.32 28.54
C3' ADP GA . 54.85 -34.38 29.24
O3' ADP GA . 54.84 -33.78 30.54
C2' ADP GA . 56.03 -33.95 28.40
O2' ADP GA . 56.93 -33.16 29.16
C1' ADP GA . 56.74 -35.22 27.95
N9 ADP GA . 56.60 -35.37 26.48
C8 ADP GA . 55.87 -36.32 25.88
N7 ADP GA . 55.95 -36.23 24.53
C5 ADP GA . 56.74 -35.19 24.26
C6 ADP GA . 57.22 -34.55 23.03
N6 ADP GA . 56.85 -35.05 21.84
N1 ADP GA . 58.04 -33.48 23.15
C2 ADP GA . 58.40 -33.02 24.35
N3 ADP GA . 58.00 -33.54 25.52
C4 ADP GA . 57.18 -34.63 25.54
PB ADP HA . -37.09 54.84 -21.73
O1B ADP HA . -38.58 55.08 -21.79
O2B ADP HA . -36.57 53.73 -22.62
O3B ADP HA . -36.55 54.84 -20.32
PA ADP HA . -35.30 56.46 -23.25
O1A ADP HA . -35.70 56.48 -24.71
O2A ADP HA . -34.28 55.48 -22.73
O3A ADP HA . -36.61 56.25 -22.35
O5' ADP HA . -34.86 57.93 -22.77
C5' ADP HA . -34.73 58.19 -21.38
C4' ADP HA . -34.18 59.59 -21.20
O4' ADP HA . -35.05 60.29 -20.30
C3' ADP HA . -32.79 59.54 -20.60
O3' ADP HA . -31.83 60.05 -21.52
C2' ADP HA . -32.88 60.36 -19.32
O2' ADP HA . -32.08 61.53 -19.42
C1' ADP HA . -34.34 60.78 -19.17
N9 ADP HA . -34.92 60.11 -17.98
C8 ADP HA . -35.86 59.16 -18.03
N7 ADP HA . -36.22 58.74 -16.80
C5 ADP HA . -35.48 59.44 -15.93
C6 ADP HA . -35.38 59.48 -14.46
N6 ADP HA . -36.15 58.66 -13.72
N1 ADP HA . -34.49 60.34 -13.92
C2 ADP HA . -33.75 61.14 -14.69
N3 ADP HA . -33.80 61.18 -16.03
C4 ADP HA . -34.64 60.35 -16.71
PB ADP IA . -0.57 65.99 -22.36
O1B ADP IA . -1.52 67.14 -22.06
O2B ADP IA . -1.19 64.82 -23.09
O3B ADP IA . 0.30 65.63 -21.18
PA ADP IA . 1.18 66.09 -24.61
O1A ADP IA . 0.40 66.36 -25.88
O2A ADP IA . 1.48 64.67 -24.19
O3A ADP IA . 0.42 66.77 -23.37
O5' ADP IA . 2.55 66.92 -24.61
C5' ADP IA . 3.27 67.02 -23.39
C4' ADP IA . 4.58 67.73 -23.67
O4' ADP IA . 4.70 68.82 -22.75
C3' ADP IA . 5.75 66.79 -23.47
O3' ADP IA . 6.43 66.56 -24.71
C2' ADP IA . 6.63 67.46 -22.43
O2' ADP IA . 7.88 67.82 -22.99
C1' ADP IA . 5.89 68.72 -21.99
N9 ADP IA . 5.48 68.58 -20.57
C8 ADP IA . 4.21 68.46 -20.15
N7 ADP IA . 4.12 68.37 -18.81
C5 ADP IA . 5.38 68.42 -18.34
C6 ADP IA . 5.99 68.36 -17.01
N6 ADP IA . 5.20 68.23 -15.93
N1 ADP IA . 7.33 68.45 -16.92
C2 ADP IA . 8.08 68.58 -18.02
N3 ADP IA . 7.61 68.64 -19.27
C4 ADP IA . 6.27 68.57 -19.50
PB ADP JA . 32.06 50.88 -35.19
O1B ADP JA . 32.19 52.36 -34.92
O2B ADP JA . 30.65 50.39 -35.46
O3B ADP JA . 32.87 50.03 -34.25
PA ADP JA . 32.58 49.84 -37.80
O1A ADP JA . 31.75 50.56 -38.84
O2A ADP JA . 32.09 48.56 -37.18
O3A ADP JA . 32.89 50.84 -36.58
O5' ADP JA . 34.07 49.59 -38.34
C5' ADP JA . 35.07 49.19 -37.42
C4' ADP JA . 36.35 48.89 -38.19
O4' ADP JA . 37.41 49.63 -37.60
C3' ADP JA . 36.67 47.41 -38.11
O3' ADP JA . 36.59 46.80 -39.41
C2' ADP JA . 38.07 47.35 -37.51
O2' ADP JA . 38.99 46.82 -38.46
C1' ADP JA . 38.47 48.77 -37.18
N9 ADP JA . 38.58 48.92 -35.71
C8 ADP JA . 37.74 49.65 -34.95
N7 ADP JA . 38.08 49.62 -33.65
C5 ADP JA . 39.17 48.84 -33.56
C6 ADP JA . 40.04 48.40 -32.46
N6 ADP JA . 39.76 48.80 -31.20
N1 ADP JA . 41.08 47.59 -32.76
C2 ADP JA . 41.31 47.21 -34.02
N3 ADP JA . 40.59 47.58 -35.08
C4 ADP JA . 39.50 48.39 -34.92
PB ADP KA . 41.70 18.35 -52.72
O1B ADP KA . 42.79 19.40 -52.82
O2B ADP KA . 40.30 18.89 -52.48
O3B ADP KA . 42.08 17.17 -51.87
PA ADP KA . 40.54 17.24 -55.09
O1A ADP KA . 40.03 18.34 -56.00
O2A ADP KA . 39.62 16.58 -54.09
O3A ADP KA . 41.78 17.80 -54.24
O5' ADP KA . 41.26 16.09 -55.94
C5' ADP KA . 42.04 15.13 -55.26
C4' ADP KA . 42.50 14.08 -56.25
O4' ADP KA . 43.92 13.96 -56.14
C3' ADP KA . 41.86 12.74 -55.95
O3' ADP KA . 40.99 12.35 -57.01
C2' ADP KA . 43.02 11.79 -55.75
O2' ADP KA . 43.03 10.80 -56.77
C1' ADP KA . 44.29 12.62 -55.85
N9 ADP KA . 44.97 12.65 -54.53
C8 ADP KA . 45.08 13.74 -53.76
N7 ADP KA . 45.76 13.48 -52.62
C5 ADP KA . 46.10 12.19 -52.66
C6 ADP KA . 46.82 11.27 -51.76
N6 ADP KA . 47.31 11.75 -50.60
N1 ADP KA . 46.97 9.99 -52.14
C2 ADP KA . 46.47 9.55 -53.31
N3 ADP KA . 45.80 10.33 -54.18
C4 ADP KA . 45.58 11.64 -53.92
PB ADP LA . 22.69 -12.53 -64.68
O1B ADP LA . 24.07 -12.44 -65.29
O2B ADP LA . 22.11 -11.23 -64.20
O3B ADP LA . 22.54 -13.69 -63.72
PA ADP LA . 20.37 -12.60 -66.34
O1A ADP LA . 20.35 -11.43 -67.29
O2A ADP LA . 19.66 -12.52 -65.01
O3A ADP LA . 21.89 -13.00 -66.00
O5' ADP LA . 19.88 -13.95 -67.09
C5' ADP LA . 20.10 -15.19 -66.45
C4' ADP LA . 19.45 -16.28 -67.28
O4' ADP LA . 20.41 -17.29 -67.53
C3' ADP LA . 18.28 -16.89 -66.52
O3' ADP LA . 17.04 -16.62 -67.20
C2' ADP LA . 18.60 -18.37 -66.45
O2' ADP LA . 17.64 -19.13 -67.19
C1' ADP LA . 19.97 -18.56 -67.06
N9 ADP LA . 20.93 -18.99 -66.01
C8 ADP LA . 21.94 -18.23 -65.55
N7 ADP LA . 22.66 -18.88 -64.61
C5 ADP LA . 22.09 -20.09 -64.46
C6 ADP LA . 22.37 -21.25 -63.61
N6 ADP LA . 23.41 -21.22 -62.75
N1 ADP LA . 21.55 -22.33 -63.73
C2 ADP LA . 20.53 -22.32 -64.60
N3 ADP LA . 20.23 -21.31 -65.41
C4 ADP LA . 20.96 -20.16 -65.39
PB ADP MA . -13.83 -23.69 -64.05
O1B ADP MA . -12.99 -24.50 -65.02
O2B ADP MA . -13.27 -22.32 -63.73
O3B ADP MA . -14.30 -24.48 -62.87
PA ADP MA . -16.10 -22.23 -64.98
O1A ADP MA . -15.73 -21.32 -66.12
O2A ADP MA . -16.10 -21.72 -63.55
O3A ADP MA . -15.14 -23.51 -64.98
O5' ADP MA . -17.52 -22.93 -65.25
C5' ADP MA . -17.91 -24.03 -64.44
C4' ADP MA . -19.32 -24.42 -64.80
O4' ADP MA . -19.33 -25.82 -65.08
C3' ADP MA . -20.27 -24.14 -63.65
O3' ADP MA . -21.21 -23.13 -64.01
C2' ADP MA . -20.92 -25.47 -63.34
O2' ADP MA . -22.31 -25.43 -63.62
C1' ADP MA . -20.26 -26.50 -64.25
N9 ADP MA . -19.48 -27.46 -63.43
C8 ADP MA . -18.14 -27.54 -63.43
N7 ADP MA . -17.69 -28.51 -62.60
C5 ADP MA . -18.77 -29.06 -62.04
C6 ADP MA . -19.00 -30.14 -61.07
N6 ADP MA . -17.94 -30.79 -60.55
N1 ADP MA . -20.27 -30.43 -60.73
C2 ADP MA . -21.31 -29.76 -61.27
N3 ADP MA . -21.17 -28.77 -62.16
C4 ADP MA . -19.95 -28.38 -62.59
PB ADP NA . -46.46 -8.57 -51.22
O1B ADP NA . -46.70 -9.72 -52.17
O2B ADP NA . -45.12 -7.89 -51.36
O3B ADP NA . -46.88 -8.88 -49.80
PA ADP NA . -47.51 -5.98 -51.79
O1A ADP NA . -47.09 -5.53 -53.17
O2A ADP NA . -46.71 -5.61 -50.57
O3A ADP NA . -47.61 -7.59 -51.77
O5' ADP NA . -49.05 -5.59 -51.51
C5' ADP NA . -49.71 -6.19 -50.41
C4' ADP NA . -51.08 -5.56 -50.28
O4' ADP NA . -52.04 -6.63 -50.23
C3' ADP NA . -51.19 -4.75 -49.01
O3' ADP NA . -51.38 -3.37 -49.31
C2' ADP NA . -52.36 -5.35 -48.25
O2' ADP NA . -53.42 -4.42 -48.14
C1' ADP NA . -52.84 -6.56 -49.05
N9 ADP NA . -52.57 -7.80 -48.29
C8 ADP NA . -51.66 -8.73 -48.64
N7 ADP NA . -51.65 -9.76 -47.77
C5 ADP NA . -52.57 -9.48 -46.83
C6 ADP NA . -53.05 -10.17 -45.62
N6 ADP NA . -52.51 -11.36 -45.28
N1 ADP NA . -54.02 -9.57 -44.89
C2 ADP NA . -54.53 -8.40 -45.27
N3 ADP NA . -54.16 -7.71 -46.36
C4 ADP NA . -53.18 -8.20 -47.17
PB ADP OA . -56.09 23.95 -33.68
O1B ADP OA . -57.30 23.24 -34.26
O2B ADP OA . -54.77 23.61 -34.33
O3B ADP OA . -56.09 23.97 -32.18
PA ADP OA . -55.47 26.62 -34.50
O1A ADP OA . -55.36 26.70 -36.01
O2A ADP OA . -54.24 26.38 -33.65
O3A ADP OA . -56.50 25.45 -34.11
O5' ADP OA . -56.23 27.90 -33.91
C5' ADP OA . -56.68 27.87 -32.57
C4' ADP OA . -57.24 29.23 -32.22
O4' ADP OA . -58.55 29.04 -31.69
C3' ADP OA . -56.38 29.91 -31.17
O3' ADP OA . -55.77 31.09 -31.71
C2' ADP OA . -57.31 30.20 -30.02
O2' ADP OA . -57.47 31.60 -29.84
C1' ADP OA . -58.66 29.60 -30.38
N9 ADP OA . -58.97 28.47 -29.46
C8 ADP OA . -59.01 27.18 -29.83
N7 ADP OA . -59.33 26.38 -28.80
C5 ADP OA . -59.49 27.17 -27.73
C6 ADP OA . -59.83 26.95 -26.32
N6 ADP OA . -60.05 25.70 -25.88
N1 ADP OA . -59.91 28.02 -25.51
C2 ADP OA . -59.69 29.26 -25.98
N3 ADP OA . -59.37 29.55 -27.25
C4 ADP OA . -59.26 28.55 -28.17
PB ADP PA . 21.92 -62.95 20.29
O1B ADP PA . 22.42 -62.40 18.98
O2B ADP PA . 21.15 -61.98 21.15
O3B ADP PA . 21.29 -64.32 20.15
PA ADP PA . 24.01 -62.50 22.17
O1A ADP PA . 23.83 -61.07 21.73
O2A ADP PA . 23.59 -62.95 23.55
O3A ADP PA . 23.25 -63.40 21.07
O5' ADP PA . 25.54 -62.92 21.88
C5' ADP PA . 26.02 -62.85 20.55
C4' ADP PA . 27.50 -63.16 20.56
O4' ADP PA . 27.74 -64.20 19.61
C3' ADP PA . 28.31 -61.94 20.17
O3' ADP PA . 29.12 -61.50 21.26
C2' ADP PA . 29.12 -62.37 18.97
O2' ADP PA . 30.51 -62.36 19.27
C1' ADP PA . 28.70 -63.80 18.63
N9 ADP PA . 28.00 -63.81 17.32
C8 ADP PA . 26.69 -64.06 17.16
N7 ADP PA . 26.33 -64.03 15.86
C5 ADP PA . 27.44 -63.74 15.16
C6 ADP PA . 27.75 -63.56 13.74
N6 ADP PA . 26.76 -63.68 12.83
N1 ADP PA . 29.03 -63.27 13.40
C2 ADP PA . 29.98 -63.16 14.33
N3 ADP PA . 29.78 -63.32 15.64
C4 ADP PA . 28.55 -63.61 16.13
PB ADP QA . -15.69 -62.35 26.85
O1B ADP QA . -15.45 -62.24 25.36
O2B ADP QA . -15.35 -61.12 27.65
O3B ADP QA . -17.03 -62.99 27.19
PA ADP QA . -13.27 -63.39 27.95
O1A ADP QA . -12.68 -62.17 27.28
O2A ADP QA . -13.36 -63.46 29.46
O3A ADP QA . -14.74 -63.56 27.32
O5' ADP QA . -12.54 -64.69 27.36
C5' ADP QA . -12.62 -64.94 25.97
C4' ADP QA . -11.74 -66.13 25.65
O4' ADP QA . -12.54 -67.07 24.91
C3' ADP QA . -10.56 -65.72 24.80
O3' ADP QA . -9.33 -65.91 25.51
C2' ADP QA . -10.66 -66.56 23.54
O2' ADP QA . -9.56 -67.46 23.45
C1' ADP QA . -11.94 -67.37 23.66
N9 ADP QA . -12.91 -66.92 22.62
C8 ADP QA . -14.05 -66.26 22.87
N7 ADP QA . -14.73 -65.99 21.74
C5 ADP QA . -14.01 -66.49 20.73
C6 ADP QA . -14.17 -66.53 19.27
N6 ADP QA . -15.26 -65.98 18.71
N1 ADP QA . -13.21 -67.13 18.54
C2 ADP QA . -12.14 -67.68 19.13
N3 ADP QA . -11.91 -67.68 20.46
C4 ADP QA . -12.81 -67.10 21.31
PB ADP RA . -39.90 -37.62 42.99
O1B ADP RA . -40.17 -37.68 41.51
O2B ADP RA . -38.62 -36.91 43.38
O3B ADP RA . -41.12 -37.25 43.80
PA ADP RA . -38.41 -39.98 43.60
O1A ADP RA . -37.48 -39.43 42.55
O2A ADP RA . -38.01 -39.99 45.06
O3A ADP RA . -39.79 -39.16 43.44
O5' ADP RA . -38.89 -41.45 43.13
C5' ADP RA . -39.57 -41.57 41.90
C4' ADP RA . -39.79 -43.04 41.62
O4' ADP RA . -41.18 -43.24 41.35
C3' ADP RA . -38.99 -43.48 40.42
O3' ADP RA . -37.99 -44.44 40.80
C2' ADP RA . -40.01 -44.05 39.45
O2' ADP RA . -39.80 -45.45 39.26
C1' ADP RA . -41.38 -43.84 40.08
N9 ADP RA . -42.15 -42.87 39.26
C8 ADP RA . -42.47 -41.62 39.67
N7 ADP RA . -43.19 -40.97 38.73
C5 ADP RA . -43.33 -41.81 37.69
C6 ADP RA . -43.98 -41.73 36.38
N6 ADP RA . -44.62 -40.59 36.03
N1 ADP RA . -43.90 -42.81 35.57
C2 ADP RA . -43.27 -43.91 35.96
N3 ADP RA . -42.66 -44.07 37.14
C4 ADP RA . -42.65 -43.06 38.05
PB ADP SA . -36.51 -3.24 59.26
O1B ADP SA . -37.25 -3.09 57.95
O2B ADP SA . -35.03 -3.52 59.13
O3B ADP SA . -36.87 -2.17 60.27
PA ADP SA . -36.68 -6.00 59.95
O1A ADP SA . -36.05 -6.18 58.59
O2A ADP SA . -35.89 -6.29 61.21
O3A ADP SA . -37.22 -4.49 59.99
O5' ADP SA . -38.07 -6.81 59.95
C5' ADP SA . -39.07 -6.45 59.01
C4' ADP SA . -40.21 -7.43 59.13
O4' ADP SA . -41.42 -6.68 59.29
C3' ADP SA . -40.33 -8.28 57.88
O3' ADP SA . -40.06 -9.65 58.17
C2' ADP SA . -41.74 -8.04 57.37
O2' ADP SA . -42.50 -9.24 57.44
C1' ADP SA . -42.37 -7.00 58.28
N9 ADP SA . -42.61 -5.75 57.51
C8 ADP SA . -41.95 -4.60 57.71
N7 ADP SA . -42.38 -3.63 56.88
C5 ADP SA . -43.35 -4.17 56.13
C6 ADP SA . -44.21 -3.68 55.05
N6 ADP SA . -44.10 -2.40 54.64
N1 ADP SA . -45.10 -4.53 54.50
C2 ADP SA . -45.19 -5.80 54.93
N3 ADP SA . -44.43 -6.32 55.92
C4 ADP SA . -43.50 -5.56 56.55
PB ADP TA . -7.52 20.65 66.12
O1B ADP TA . -8.42 21.25 65.07
O2B ADP TA . -6.68 19.47 65.67
O3B ADP TA . -6.78 21.69 66.94
PA ADP TA . -9.08 18.64 67.41
O1A ADP TA . -9.21 18.11 66.01
O2A ADP TA . -8.26 17.90 68.45
O3A ADP TA . -8.53 20.15 67.27
O5' ADP TA . -10.57 18.93 67.97
C5' ADP TA . -11.39 19.85 67.28
C4' ADP TA . -12.76 19.86 67.91
O4' ADP TA . -13.11 21.20 68.22
C3' ADP TA . -13.79 19.29 66.95
O3' ADP TA . -14.34 18.06 67.45
C2' ADP TA . -14.82 20.39 66.81
O2' ADP TA . -16.08 19.96 67.34
C1' ADP TA . -14.33 21.58 67.60
N9 ADP TA . -14.01 22.69 66.67
C8 ADP TA . -12.76 23.14 66.42
N7 ADP TA . -12.77 24.17 65.55
C5 ADP TA . -14.05 24.39 65.22
C6 ADP TA . -14.74 25.34 64.34
N6 ADP TA . -14.02 26.24 63.65
N1 ADP TA . -16.09 25.25 64.25
C2 ADP TA . -16.77 24.34 64.95
N3 ADP TA . -16.21 23.45 65.79
C4 ADP TA . -14.87 23.42 65.97
PB ADP UA . 30.09 20.05 59.56
O1B ADP UA . 29.46 21.09 58.68
O2B ADP UA . 29.82 18.61 59.16
O3B ADP UA . 31.54 20.36 59.90
PA ADP UA . 28.20 19.53 61.64
O1A ADP UA . 27.30 19.21 60.46
O2A ADP UA . 28.69 18.42 62.54
O3A ADP UA . 29.46 20.31 61.02
O5' ADP UA . 27.51 20.70 62.49
C5' ADP UA . 27.25 21.93 61.86
C4' ADP UA . 26.48 22.81 62.82
O4' ADP UA . 27.17 24.07 62.92
C3' ADP UA . 25.08 23.07 62.32
O3' ADP UA . 24.12 22.48 63.21
C2' ADP UA . 24.95 24.57 62.22
O2' ADP UA . 23.99 25.05 63.15
C1' ADP UA . 26.31 25.15 62.57
N9 ADP UA . 26.90 25.80 61.38
C8 ADP UA . 27.97 25.34 60.71
N7 ADP UA . 28.30 26.13 59.67
C5 ADP UA . 27.40 27.13 59.66
C6 ADP UA . 27.18 28.31 58.81
N6 ADP UA . 28.01 28.54 57.77
N1 ADP UA . 26.15 29.12 59.11
C2 ADP UA . 25.34 28.86 60.15
N3 ADP UA . 25.49 27.80 60.97
C4 ADP UA . 26.49 26.91 60.79
PB ADP VA . 54.29 -4.69 43.42
O1B ADP VA . 54.18 -3.47 42.54
O2B ADP VA . 53.09 -5.60 43.43
O3B ADP VA . 55.63 -5.38 43.28
PA ADP VA . 53.34 -3.88 45.99
O1A ADP VA . 52.10 -3.53 45.19
O2A ADP VA . 53.33 -5.05 46.95
O3A ADP VA . 54.51 -4.09 44.90
O5' ADP VA . 53.86 -2.55 46.72
C5' ADP VA . 54.21 -1.43 45.93
C4' ADP VA . 54.54 -0.27 46.84
O4' ADP VA . 55.82 0.24 46.48
C3' ADP VA . 53.51 0.83 46.70
O3' ADP VA . 52.77 1.00 47.92
C2' ADP VA . 54.31 2.06 46.31
O2' ADP VA . 54.23 3.05 47.34
C1' ADP VA . 55.75 1.62 46.15
N9 ADP VA . 56.15 1.75 44.73
C8 ADP VA . 56.40 0.71 43.92
N7 ADP VA . 56.76 1.11 42.68
C5 ADP VA . 56.72 2.46 42.69
C6 ADP VA . 56.99 3.50 41.70
N6 ADP VA . 57.36 3.15 40.45
N1 ADP VA . 56.84 4.79 42.08
C2 ADP VA . 56.47 5.10 43.33
N3 ADP VA . 56.23 4.20 44.30
C4 ADP VA . 56.33 2.87 44.04
#